data_6X62
#
_entry.id   6X62
#
_cell.length_a   1.00
_cell.length_b   1.00
_cell.length_c   1.00
_cell.angle_alpha   90.00
_cell.angle_beta   90.00
_cell.angle_gamma   90.00
#
_symmetry.space_group_name_H-M   'P 1'
#
loop_
_entity.id
_entity.type
_entity.pdbx_description
1 polymer DotC
2 polymer 'Type IV secretion protein IcmK'
3 polymer 'Inner membrane lipoprotein YiaD'
4 polymer 'Type IV secretion system unknown protein fragment'
5 polymer DotD
#
loop_
_entity_poly.entity_id
_entity_poly.type
_entity_poly.pdbx_seq_one_letter_code
_entity_poly.pdbx_strand_id
1 'polypeptide(L)'
;MRKFILSLSILLSALLVACSSRNHYGDTGSLAGLQAMADSKYTRAQKKQKMGKIREMALKETALSVGAQAGLAWRAKIID
EQLNKQARNLDAIYDFNSLVLEHNILPPVLLEGRNTLNLADAQSIRISDRTYKVAKQAHFITTPPTWRQYLWMDYVKPEA
PNVTLLPKTKAEKEIWCIYTERGWKNGIDQANTILEENIARIKEDFGGMILYRKLLAMNMVSPPYVSHTDLGVTGDGSEI
HIDDRVLRITALPELNVNSAEWRAAVAKDENALERFKNMEKLANQAKIVITNKSWQPIIAPVS
;
AC,EC,FC,GC,HC,IC,JC,KC,LC,MC,BC,CC,DC
2 'polypeptide(L)'
;MMKKYDQLCKYCLVIGLTFSMSCSIYAADQSDDAQQALQQLRMLQQKLSQNPSPDAQSGAGDGGDNAASDSTQQPNQSGQ
ANAPAANQTATAGGDGQIISQDDAEVIDKKAFKDMTRNLYPLNPEQVVKLKQIYETSEYAKAATPGTPPKPTATSQFVNL
SPGSTPPVIRLSQGFVSSLVFLDSTGAPWPIAAYDLGDPSSFNIQWDKTSNTLMIQATKLYNYGNLAVRLRGLNTPVMLT
LIPGQKAVDYRVDLRVQGYGPNAKSMPTEEGIPPSANDLLLHVLEGVPPPGSRRLVVSGGDARAWLSNEKMYVRTNLTIL
SPGWLASMTSADGTHAYEMQKSPVLLVSWHGKVMQLKVEGL
;
DH,EH,FH,GH,HH,IH,JH,AH,KH,LH,MH,BH,CH
3 'polypeptide(L)'
;MRSLRTNYIYVLFKTTGLLFLLLLSACNRSGYIPENEVPKLPCRVDGACDATIIKMMTDLNKKGIKVASVGQNYLISIPA
SALFADQSPRLNWASYSLLNEIAAFLKQFRKIAITVTSYSSKYVSVKRERALTLARSRVVSEYLWSQGVDSRIIFTQGLG
SDKPITSYTLGGDRSPNARVEITFRRAVA
;
DK,EK,FK,GK,HK,IK,JK,KK,LK,MK,AK,BK,CK
4 'polypeptide(L)'
;AAAAAAAAAAAAAAAAAAAAAAAAAAAAAAAAAAAAAAAAAAAAAAAAAAAAAAAAAAAAAAAAAAAAAAAAAAAAAAAA
AAAAAAAAAAAAAAAAAAAAAAAAAAAAAAAAAAAAAAAAAAAAAAAAAAAAAAAAAAAAAAAAAAAAAAAAAAAAAAAA
AAAAAAAAAAAAAAAAAAAAAAAAAAAAAAAAAAAAAAAAAAAAAAAAAAAAAAAAAAAAAAAAAAAAAAAAAAAAAAAA
AAAAAAAAAAAAAAAAAAAAAAAAAAAAAAAAAAAAAAAAAAAAAAAAAAAAAAAAAAAAAAAAAAAAAAAAAAAAAAAA
AAAAAAAAAAMRNLMRCLIMIKSLIKGVDMSRKLAKTRILGYGLMICFLAGCFHPPYNNFQPDRRAVKRVGVDTGIGAVA
GAIASGTASGTLIGAAAGGTVGLVASIYRDSKRKIIRDLQKQDIQYVEYGDTRTLIIPTDKYFMFSSPRLNEICYPGLNN
VIRLLNFYPQSTIYVAGFTDNVGSRSHKRKLSQAQAETMMTFLWANGIAAKRLKAEGYGDKNAISDNAIIHGSAQNRRIE
IQWFTSPAQPPQPQMAYVK
;
DX,DY,DZ,EX,EY,EZ,FX,FY,FZ,GX,GY,GZ,HX,HY,HZ,IX,IY,IZ,JX,JY,JZ,KX,KY,KZ,LX,LY,LZ,MX,MY,MZ,N,O,P,Q,R,S,T,U,V,W,X,Y,Z,AX,AY,AZ,BX,BY,BZ,CX,CY,CZ
5 'polypeptide(L)'
;MNNNKIVIMFIFSALLAGCAGTMKFKKPPINNPSDDATIKLAEAAVSVSDSMLEMAKVEKVITPPSKDNTLTIPNAYNLQ
ARASVDWSGPIEELTARIAKAAHFRFRVLGKSPSVPVLISISTKDESLAEILRDIDYQAGKKASIHVYPNSQVVELRYAK
IYS
;
Dd,ED,Ed,FD,Fd,GD,AD,Gd,HD,Hd,ID,Id,JD,Jd,KD,Kd,LD,Ld,MD,Md,Ad,BD,Bd,CD,Cd,DD
#
# COMPACT_ATOMS: atom_id res chain seq x y z
N ALA A 58 -36.61 66.96 -12.58
CA ALA A 58 -36.20 65.96 -13.55
C ALA A 58 -37.32 65.70 -14.55
N LEU A 59 -38.54 65.52 -14.02
CA LEU A 59 -39.72 65.49 -14.88
C LEU A 59 -39.97 66.86 -15.50
N LYS A 60 -39.61 67.91 -14.78
CA LYS A 60 -39.63 69.27 -15.31
C LYS A 60 -38.61 69.45 -16.44
N GLU A 61 -37.46 68.76 -16.34
CA GLU A 61 -36.40 68.82 -17.33
C GLU A 61 -36.80 68.07 -18.59
N THR A 62 -37.41 66.89 -18.44
CA THR A 62 -37.86 66.20 -19.63
C THR A 62 -39.13 66.82 -20.21
N ALA A 63 -39.89 67.59 -19.43
CA ALA A 63 -40.95 68.42 -20.00
C ALA A 63 -40.40 69.52 -20.90
N LEU A 64 -39.29 70.14 -20.48
CA LEU A 64 -38.58 71.12 -21.30
C LEU A 64 -38.02 70.48 -22.58
N SER A 65 -37.49 69.27 -22.46
CA SER A 65 -36.97 68.56 -23.62
C SER A 65 -38.06 68.07 -24.57
N VAL A 66 -39.27 67.79 -24.07
CA VAL A 66 -40.40 67.56 -24.97
C VAL A 66 -40.76 68.83 -25.72
N GLY A 67 -40.82 69.97 -25.02
CA GLY A 67 -41.21 71.23 -25.66
C GLY A 67 -40.23 71.80 -26.66
N ALA A 68 -38.94 71.44 -26.53
CA ALA A 68 -37.88 72.00 -27.36
C ALA A 68 -37.98 71.59 -28.82
N GLN A 69 -38.10 70.29 -29.09
CA GLN A 69 -38.07 69.82 -30.47
C GLN A 69 -39.38 70.10 -31.18
N ALA A 70 -40.48 70.16 -30.44
CA ALA A 70 -41.75 70.55 -31.01
C ALA A 70 -41.76 72.02 -31.41
N GLY A 71 -41.16 72.88 -30.57
CA GLY A 71 -41.02 74.28 -30.92
C GLY A 71 -40.08 74.53 -32.08
N LEU A 72 -39.00 73.75 -32.17
CA LEU A 72 -38.09 73.79 -33.30
C LEU A 72 -38.76 73.40 -34.60
N ALA A 73 -39.53 72.31 -34.58
CA ALA A 73 -40.19 71.86 -35.81
C ALA A 73 -41.32 72.77 -36.23
N TRP A 74 -42.02 73.36 -35.26
CA TRP A 74 -43.08 74.31 -35.58
C TRP A 74 -42.52 75.59 -36.17
N ARG A 75 -41.43 76.11 -35.59
CA ARG A 75 -40.79 77.32 -36.11
C ARG A 75 -40.16 77.07 -37.46
N ALA A 76 -39.66 75.85 -37.68
CA ALA A 76 -39.14 75.42 -38.97
C ALA A 76 -40.23 75.43 -40.04
N LYS A 77 -41.43 74.94 -39.68
CA LYS A 77 -42.59 74.97 -40.58
C LYS A 77 -43.00 76.37 -40.97
N ILE A 78 -43.15 77.26 -39.96
CA ILE A 78 -43.61 78.64 -40.17
C ILE A 78 -42.63 79.42 -41.04
N ILE A 79 -41.34 79.23 -40.82
CA ILE A 79 -40.42 79.93 -41.70
C ILE A 79 -40.21 79.21 -43.02
N ASP A 80 -40.61 77.94 -43.17
CA ASP A 80 -40.56 77.35 -44.51
C ASP A 80 -41.62 77.92 -45.43
N GLU A 81 -42.89 78.08 -44.99
CA GLU A 81 -43.78 78.69 -46.00
C GLU A 81 -43.68 80.20 -45.92
N GLN A 82 -43.01 80.73 -44.91
CA GLN A 82 -42.72 82.15 -44.95
C GLN A 82 -41.59 82.44 -45.96
N LEU A 83 -40.66 81.49 -46.13
CA LEU A 83 -39.72 81.53 -47.25
C LEU A 83 -40.42 81.35 -48.59
N ASN A 84 -41.36 80.40 -48.67
CA ASN A 84 -42.04 80.11 -49.93
C ASN A 84 -43.03 81.19 -50.34
N LYS A 85 -43.46 82.03 -49.40
CA LYS A 85 -44.24 83.19 -49.78
C LYS A 85 -43.38 84.22 -50.48
N GLN A 86 -42.10 84.28 -50.16
CA GLN A 86 -41.18 85.23 -50.77
C GLN A 86 -40.25 84.54 -51.75
N ALA A 87 -40.77 83.55 -52.49
CA ALA A 87 -39.93 82.70 -53.31
C ALA A 87 -39.35 83.44 -54.53
N ARG A 88 -40.17 84.21 -55.24
CA ARG A 88 -39.65 84.96 -56.39
C ARG A 88 -38.78 86.14 -55.96
N ASN A 89 -39.05 86.69 -54.79
CA ASN A 89 -38.24 87.75 -54.23
C ASN A 89 -36.84 87.24 -53.87
N LEU A 90 -36.76 86.02 -53.36
CA LEU A 90 -35.46 85.45 -53.02
C LEU A 90 -34.68 85.00 -54.25
N ASP A 91 -35.37 84.61 -55.33
CA ASP A 91 -34.70 84.46 -56.61
C ASP A 91 -34.19 85.77 -57.18
N ALA A 92 -34.85 86.88 -56.85
CA ALA A 92 -34.29 88.16 -57.25
C ALA A 92 -33.07 88.52 -56.41
N ILE A 93 -33.14 88.32 -55.09
CA ILE A 93 -32.03 88.63 -54.17
C ILE A 93 -30.82 87.76 -54.47
N TYR A 94 -30.96 86.46 -54.30
CA TYR A 94 -29.86 85.51 -54.42
C TYR A 94 -29.83 84.92 -55.81
N ASP A 95 -29.68 85.81 -56.80
CA ASP A 95 -29.64 85.43 -58.19
C ASP A 95 -28.23 84.98 -58.51
N PHE A 96 -27.95 83.70 -58.28
CA PHE A 96 -26.64 83.16 -58.62
C PHE A 96 -26.51 82.91 -60.11
N ASN A 97 -27.66 82.81 -60.79
CA ASN A 97 -27.77 82.37 -62.17
C ASN A 97 -27.09 83.33 -63.13
N SER A 98 -27.28 84.62 -62.92
CA SER A 98 -26.60 85.60 -63.73
C SER A 98 -25.40 86.18 -63.02
N LEU A 99 -24.80 85.43 -62.11
CA LEU A 99 -23.48 85.74 -61.60
C LEU A 99 -22.41 84.80 -62.11
N VAL A 100 -22.78 83.75 -62.83
CA VAL A 100 -21.80 82.79 -63.27
C VAL A 100 -21.00 83.35 -64.44
N LEU A 101 -19.88 82.71 -64.71
CA LEU A 101 -18.93 83.26 -65.64
C LEU A 101 -19.24 82.78 -67.05
N GLU A 102 -18.31 83.00 -67.97
CA GLU A 102 -18.56 82.76 -69.38
C GLU A 102 -18.61 81.29 -69.75
N HIS A 103 -17.95 80.41 -69.04
CA HIS A 103 -18.03 79.01 -69.42
C HIS A 103 -18.78 78.24 -68.37
N ASN A 104 -19.90 78.83 -67.89
CA ASN A 104 -20.75 78.38 -66.75
C ASN A 104 -19.94 77.99 -65.52
N ILE A 105 -18.97 78.82 -65.20
CA ILE A 105 -18.10 78.62 -64.06
C ILE A 105 -18.68 79.39 -62.90
N LEU A 106 -18.90 78.69 -61.81
CA LEU A 106 -19.32 79.33 -60.59
C LEU A 106 -18.14 80.14 -60.06
N PRO A 107 -18.36 81.42 -59.79
CA PRO A 107 -17.28 82.29 -59.32
C PRO A 107 -16.89 81.96 -57.89
N PRO A 108 -15.65 82.26 -57.48
CA PRO A 108 -15.22 81.90 -56.13
C PRO A 108 -15.67 82.94 -55.12
N VAL A 109 -15.58 82.55 -53.85
CA VAL A 109 -16.09 83.38 -52.78
C VAL A 109 -14.90 84.11 -52.16
N LEU A 110 -14.84 85.42 -52.36
CA LEU A 110 -13.76 86.20 -51.79
C LEU A 110 -14.21 86.80 -50.48
N LEU A 111 -13.33 86.85 -49.52
CA LEU A 111 -13.68 87.43 -48.24
C LEU A 111 -12.81 88.64 -47.98
N GLU A 112 -13.45 89.74 -47.63
CA GLU A 112 -12.80 91.00 -47.33
C GLU A 112 -12.75 91.18 -45.83
N GLY A 113 -11.58 91.48 -45.33
CA GLY A 113 -11.52 91.89 -43.96
C GLY A 113 -10.67 93.13 -43.88
N ARG A 114 -11.27 94.26 -43.55
CA ARG A 114 -10.47 95.45 -43.46
C ARG A 114 -9.95 95.59 -42.05
N ASN A 115 -8.78 96.23 -41.96
CA ASN A 115 -8.28 97.00 -40.81
C ASN A 115 -7.97 96.04 -39.65
N THR A 116 -7.05 95.13 -39.93
CA THR A 116 -6.89 93.89 -39.18
C THR A 116 -5.74 94.03 -38.20
N LEU A 117 -5.95 93.61 -36.96
CA LEU A 117 -4.85 93.46 -36.01
C LEU A 117 -4.77 92.02 -35.57
N ASN A 118 -3.55 91.54 -35.37
CA ASN A 118 -3.28 90.37 -34.55
C ASN A 118 -2.26 90.72 -33.50
N LEU A 119 -2.63 90.55 -32.24
CA LEU A 119 -1.71 90.60 -31.11
C LEU A 119 -1.07 89.24 -31.01
N ALA A 120 0.17 89.11 -31.48
CA ALA A 120 0.76 87.77 -31.49
C ALA A 120 1.26 87.38 -30.12
N ASP A 121 1.99 88.29 -29.48
CA ASP A 121 2.44 88.09 -28.12
C ASP A 121 2.55 89.48 -27.51
N ALA A 122 3.28 89.57 -26.40
CA ALA A 122 3.52 90.86 -25.77
C ALA A 122 4.45 91.72 -26.60
N GLN A 123 5.32 91.12 -27.40
CA GLN A 123 6.38 91.82 -28.04
C GLN A 123 5.97 92.36 -29.40
N SER A 124 4.92 91.82 -30.02
CA SER A 124 4.70 92.06 -31.44
C SER A 124 3.24 91.95 -31.84
N ILE A 125 2.80 92.90 -32.65
CA ILE A 125 1.53 92.82 -33.34
C ILE A 125 1.80 92.85 -34.83
N ARG A 126 0.81 92.41 -35.59
CA ARG A 126 0.80 92.66 -37.02
C ARG A 126 -0.53 93.30 -37.38
N ILE A 127 -0.48 94.47 -37.96
CA ILE A 127 -1.66 95.01 -38.57
C ILE A 127 -1.53 94.85 -40.08
N SER A 128 -2.66 94.70 -40.72
CA SER A 128 -2.72 94.82 -42.16
C SER A 128 -3.97 95.63 -42.46
N ASP A 129 -3.98 96.30 -43.61
CA ASP A 129 -5.13 97.16 -43.83
C ASP A 129 -6.29 96.41 -44.45
N ARG A 130 -6.06 95.60 -45.46
CA ARG A 130 -7.11 94.76 -46.00
C ARG A 130 -6.59 93.36 -46.22
N THR A 131 -7.49 92.41 -46.13
CA THR A 131 -7.20 91.02 -46.35
C THR A 131 -8.25 90.46 -47.30
N TYR A 132 -7.80 89.90 -48.40
CA TYR A 132 -8.69 89.21 -49.31
C TYR A 132 -8.35 87.73 -49.31
N LYS A 133 -9.36 86.91 -49.10
CA LYS A 133 -9.15 85.47 -49.07
C LYS A 133 -10.00 84.82 -50.15
N VAL A 134 -9.41 83.92 -50.89
CA VAL A 134 -10.16 83.10 -51.81
C VAL A 134 -10.65 81.88 -51.03
N ALA A 135 -11.96 81.76 -50.88
CA ALA A 135 -12.56 80.61 -50.24
C ALA A 135 -13.49 79.94 -51.24
N LYS A 136 -13.34 78.60 -51.29
CA LYS A 136 -14.04 77.63 -52.14
C LYS A 136 -14.07 78.10 -53.60
N GLN A 137 -12.89 77.95 -54.20
CA GLN A 137 -12.39 78.41 -55.48
C GLN A 137 -13.34 78.07 -56.64
N ALA A 138 -13.24 78.87 -57.72
CA ALA A 138 -14.11 78.81 -58.89
C ALA A 138 -14.08 77.49 -59.61
N HIS A 139 -15.25 77.05 -60.03
CA HIS A 139 -15.33 75.70 -60.57
C HIS A 139 -16.54 75.58 -61.48
N PHE A 140 -16.50 74.56 -62.32
CA PHE A 140 -17.50 74.33 -63.37
C PHE A 140 -18.83 73.95 -62.74
N ILE A 141 -19.81 74.83 -62.78
CA ILE A 141 -21.09 74.46 -62.24
C ILE A 141 -21.98 74.09 -63.43
N THR A 142 -22.86 73.10 -63.24
CA THR A 142 -23.78 72.77 -64.31
C THR A 142 -25.03 73.63 -64.22
N THR A 143 -25.76 73.52 -63.13
CA THR A 143 -26.88 74.38 -62.87
C THR A 143 -26.61 75.22 -61.63
N PRO A 144 -26.91 76.51 -61.65
CA PRO A 144 -26.45 77.43 -60.60
C PRO A 144 -27.18 77.21 -59.30
N PRO A 145 -26.58 77.57 -58.16
CA PRO A 145 -27.23 77.32 -56.88
C PRO A 145 -28.43 78.23 -56.68
N THR A 146 -29.44 77.68 -56.05
CA THR A 146 -30.58 78.49 -55.67
C THR A 146 -30.38 78.97 -54.25
N TRP A 147 -31.39 79.63 -53.72
CA TRP A 147 -31.36 79.93 -52.30
C TRP A 147 -31.83 78.75 -51.48
N ARG A 148 -32.46 77.77 -52.11
CA ARG A 148 -33.11 76.71 -51.35
C ARG A 148 -32.15 75.68 -50.81
N GLN A 149 -30.93 75.59 -51.34
CA GLN A 149 -29.96 74.73 -50.69
C GLN A 149 -29.39 75.38 -49.46
N TYR A 150 -29.48 76.69 -49.38
CA TYR A 150 -28.77 77.41 -48.35
C TYR A 150 -29.72 77.81 -47.23
N LEU A 151 -31.00 78.02 -47.54
CA LEU A 151 -31.94 78.62 -46.59
C LEU A 151 -33.02 77.70 -46.05
N TRP A 152 -33.33 76.60 -46.73
CA TRP A 152 -34.48 75.77 -46.37
C TRP A 152 -34.18 74.96 -45.12
N MET A 153 -34.88 75.24 -44.03
CA MET A 153 -34.71 74.37 -42.88
C MET A 153 -35.58 73.14 -43.00
N ASP A 154 -35.19 72.12 -42.27
CA ASP A 154 -35.69 70.77 -42.50
C ASP A 154 -36.95 70.54 -41.71
N TYR A 155 -37.99 70.10 -42.38
CA TYR A 155 -39.25 69.79 -41.74
C TYR A 155 -39.43 68.28 -41.61
N VAL A 156 -39.34 67.81 -40.38
CA VAL A 156 -39.92 66.55 -40.00
C VAL A 156 -41.05 66.86 -39.03
N LYS A 157 -42.04 65.97 -38.98
CA LYS A 157 -43.20 66.19 -38.14
C LYS A 157 -43.00 65.28 -36.93
N PRO A 158 -42.69 65.81 -35.75
CA PRO A 158 -42.34 64.94 -34.62
C PRO A 158 -43.58 64.36 -33.98
N GLU A 159 -43.65 63.03 -33.97
CA GLU A 159 -44.81 62.31 -33.47
C GLU A 159 -44.56 61.70 -32.10
N ALA A 160 -43.60 62.23 -31.35
CA ALA A 160 -43.24 61.65 -30.06
C ALA A 160 -43.67 62.57 -28.93
N PRO A 161 -44.74 62.26 -28.19
CA PRO A 161 -45.07 63.05 -27.00
C PRO A 161 -44.17 62.68 -25.83
N LYS A 173 -47.59 68.36 -14.56
CA LYS A 173 -48.83 68.91 -15.10
C LYS A 173 -48.69 70.42 -15.29
N GLU A 174 -48.73 71.15 -14.17
CA GLU A 174 -48.60 72.60 -14.20
C GLU A 174 -47.15 73.02 -14.48
N ILE A 175 -46.20 72.30 -13.89
CA ILE A 175 -44.78 72.53 -14.10
C ILE A 175 -44.39 72.06 -15.49
N TRP A 176 -45.06 70.98 -15.95
CA TRP A 176 -44.98 70.51 -17.32
C TRP A 176 -45.43 71.56 -18.31
N CYS A 177 -46.52 72.28 -17.98
CA CYS A 177 -47.07 73.28 -18.90
C CYS A 177 -46.18 74.53 -18.97
N ILE A 178 -45.67 74.99 -17.82
CA ILE A 178 -44.82 76.17 -17.86
C ILE A 178 -43.44 75.87 -18.46
N TYR A 179 -42.91 74.65 -18.26
CA TYR A 179 -41.64 74.40 -18.91
C TYR A 179 -41.81 73.88 -20.31
N THR A 180 -43.00 73.47 -20.74
CA THR A 180 -43.12 73.22 -22.17
C THR A 180 -43.33 74.52 -22.92
N GLU A 181 -43.81 75.58 -22.25
CA GLU A 181 -43.74 76.88 -22.90
C GLU A 181 -42.32 77.45 -22.94
N ARG A 182 -41.52 77.22 -21.89
CA ARG A 182 -40.14 77.69 -21.98
C ARG A 182 -39.27 76.79 -22.87
N GLY A 183 -39.63 75.51 -22.98
CA GLY A 183 -39.07 74.68 -24.03
C GLY A 183 -39.52 75.10 -25.42
N TRP A 184 -40.74 75.59 -25.56
CA TRP A 184 -41.28 75.99 -26.84
C TRP A 184 -40.60 77.26 -27.36
N LYS A 185 -40.36 78.23 -26.49
CA LYS A 185 -39.58 79.38 -26.97
C LYS A 185 -38.10 79.06 -27.10
N ASN A 186 -37.58 78.06 -26.38
CA ASN A 186 -36.20 77.64 -26.61
C ASN A 186 -36.04 76.96 -27.96
N GLY A 187 -37.03 76.17 -28.36
CA GLY A 187 -37.02 75.61 -29.69
C GLY A 187 -37.22 76.65 -30.78
N ILE A 188 -38.04 77.68 -30.50
CA ILE A 188 -38.29 78.74 -31.45
C ILE A 188 -37.04 79.56 -31.70
N ASP A 189 -36.35 80.02 -30.64
CA ASP A 189 -35.20 80.87 -30.93
C ASP A 189 -33.96 80.05 -31.30
N GLN A 190 -33.95 78.74 -31.01
CA GLN A 190 -32.87 77.93 -31.52
C GLN A 190 -33.05 77.65 -33.02
N ALA A 191 -34.30 77.52 -33.49
CA ALA A 191 -34.56 77.48 -34.93
C ALA A 191 -34.25 78.81 -35.62
N ASN A 192 -34.50 79.91 -34.91
CA ASN A 192 -34.09 81.23 -35.39
C ASN A 192 -32.60 81.38 -35.53
N THR A 193 -31.80 80.78 -34.64
CA THR A 193 -30.36 80.88 -34.82
C THR A 193 -29.87 80.00 -35.96
N ILE A 194 -30.55 78.87 -36.22
CA ILE A 194 -30.23 78.05 -37.39
C ILE A 194 -30.52 78.80 -38.69
N LEU A 195 -31.66 79.49 -38.74
CA LEU A 195 -32.02 80.32 -39.88
C LEU A 195 -31.08 81.52 -40.04
N GLU A 196 -30.64 82.10 -38.93
CA GLU A 196 -29.69 83.21 -38.94
C GLU A 196 -28.35 82.80 -39.52
N GLU A 197 -27.88 81.61 -39.19
CA GLU A 197 -26.66 81.10 -39.83
C GLU A 197 -26.88 80.70 -41.27
N ASN A 198 -28.10 80.31 -41.65
CA ASN A 198 -28.37 79.97 -43.04
C ASN A 198 -28.34 81.21 -43.95
N ILE A 199 -28.99 82.28 -43.50
CA ILE A 199 -28.88 83.61 -44.10
C ILE A 199 -27.45 84.14 -44.09
N ALA A 200 -26.70 83.85 -43.04
CA ALA A 200 -25.31 84.23 -42.96
C ALA A 200 -24.45 83.51 -43.99
N ARG A 201 -24.74 82.24 -44.23
CA ARG A 201 -23.97 81.45 -45.18
C ARG A 201 -24.26 81.87 -46.61
N ILE A 202 -25.53 82.17 -46.92
CA ILE A 202 -25.85 82.62 -48.26
C ILE A 202 -25.35 84.05 -48.49
N LYS A 203 -25.24 84.86 -47.43
CA LYS A 203 -24.73 86.20 -47.60
C LYS A 203 -23.21 86.21 -47.78
N GLU A 204 -22.51 85.32 -47.06
CA GLU A 204 -21.10 85.00 -47.33
C GLU A 204 -20.85 84.56 -48.76
N ASP A 205 -21.59 83.57 -49.24
CA ASP A 205 -21.29 82.96 -50.53
C ASP A 205 -21.62 83.88 -51.69
N PHE A 206 -22.77 84.54 -51.59
CA PHE A 206 -23.21 85.40 -52.66
C PHE A 206 -22.39 86.68 -52.69
N GLY A 207 -22.17 87.33 -51.53
CA GLY A 207 -21.35 88.53 -51.49
C GLY A 207 -19.87 88.29 -51.74
N GLY A 208 -19.41 87.05 -51.57
CA GLY A 208 -18.10 86.69 -52.06
C GLY A 208 -18.01 86.67 -53.56
N MET A 209 -19.06 86.21 -54.23
CA MET A 209 -19.07 86.25 -55.69
C MET A 209 -19.18 87.70 -56.21
N ILE A 210 -19.88 88.53 -55.44
CA ILE A 210 -19.99 89.95 -55.75
C ILE A 210 -18.65 90.64 -55.55
N LEU A 211 -17.93 90.21 -54.52
CA LEU A 211 -16.61 90.73 -54.23
C LEU A 211 -15.61 90.30 -55.27
N TYR A 212 -15.84 89.15 -55.93
CA TYR A 212 -15.03 88.78 -57.09
C TYR A 212 -15.27 89.82 -58.16
N ARG A 213 -16.53 90.08 -58.49
CA ARG A 213 -16.84 90.91 -59.67
C ARG A 213 -16.40 92.36 -59.49
N LYS A 214 -16.38 92.82 -58.24
CA LYS A 214 -15.56 93.97 -57.84
C LYS A 214 -14.09 93.78 -58.16
N LEU A 215 -13.45 92.70 -57.71
CA LEU A 215 -12.01 92.63 -57.92
C LEU A 215 -11.61 92.18 -59.31
N LEU A 216 -12.55 91.66 -60.10
CA LEU A 216 -12.28 91.32 -61.48
C LEU A 216 -12.35 92.57 -62.33
N ALA A 217 -13.30 93.46 -62.00
CA ALA A 217 -13.21 94.81 -62.50
C ALA A 217 -11.96 95.50 -62.00
N MET A 218 -11.64 95.34 -60.73
CA MET A 218 -10.63 96.14 -60.07
C MET A 218 -9.26 95.49 -60.13
N ASN A 219 -9.11 94.45 -60.96
CA ASN A 219 -7.87 93.84 -61.40
C ASN A 219 -7.04 93.24 -60.27
N MET A 220 -7.68 92.87 -59.17
CA MET A 220 -6.97 92.23 -58.09
C MET A 220 -6.99 90.72 -58.20
N VAL A 221 -7.79 90.16 -59.09
CA VAL A 221 -7.82 88.73 -59.36
C VAL A 221 -7.68 88.48 -60.86
N SER A 222 -7.30 87.28 -61.19
CA SER A 222 -7.34 86.82 -62.55
C SER A 222 -8.74 86.30 -62.88
N PRO A 223 -9.18 86.39 -64.13
CA PRO A 223 -10.32 85.60 -64.56
C PRO A 223 -9.87 84.16 -64.80
N PRO A 224 -10.76 83.17 -64.85
CA PRO A 224 -10.29 81.82 -65.13
C PRO A 224 -9.96 81.67 -66.60
N TYR A 225 -8.91 80.93 -66.88
CA TYR A 225 -8.52 80.74 -68.26
C TYR A 225 -8.92 79.32 -68.59
N VAL A 226 -9.94 79.22 -69.41
CA VAL A 226 -10.37 77.95 -69.93
C VAL A 226 -9.53 77.55 -71.12
N SER A 227 -9.61 76.27 -71.46
CA SER A 227 -9.01 75.72 -72.67
C SER A 227 -10.02 74.74 -73.24
N HIS A 228 -10.42 74.96 -74.47
CA HIS A 228 -11.27 74.00 -75.15
C HIS A 228 -10.46 73.23 -76.20
N THR A 229 -10.05 72.03 -75.84
CA THR A 229 -9.45 71.14 -76.82
C THR A 229 -10.60 70.51 -77.59
N ASP A 230 -10.81 70.99 -78.80
CA ASP A 230 -11.81 70.44 -79.68
C ASP A 230 -11.28 69.13 -80.21
N LEU A 231 -12.16 68.14 -80.30
CA LEU A 231 -11.86 66.87 -80.90
C LEU A 231 -12.95 66.58 -81.91
N GLY A 232 -12.58 65.87 -82.97
CA GLY A 232 -13.57 65.51 -83.95
C GLY A 232 -14.37 64.29 -83.55
N VAL A 233 -14.62 63.42 -84.49
CA VAL A 233 -15.36 62.21 -84.19
C VAL A 233 -14.47 61.24 -83.44
N THR A 234 -15.02 60.67 -82.40
CA THR A 234 -14.20 60.12 -81.34
C THR A 234 -14.73 58.76 -80.94
N GLY A 235 -13.87 57.78 -80.97
CA GLY A 235 -14.17 56.49 -80.38
C GLY A 235 -13.87 55.37 -81.36
N ASP A 236 -14.28 54.20 -80.95
CA ASP A 236 -14.20 53.03 -81.80
C ASP A 236 -15.46 52.94 -82.65
N GLY A 237 -15.70 51.78 -83.26
CA GLY A 237 -16.90 51.63 -84.03
C GLY A 237 -18.11 51.22 -83.24
N SER A 238 -17.97 50.95 -81.96
CA SER A 238 -19.15 50.64 -81.17
C SER A 238 -19.75 51.86 -80.54
N GLU A 239 -19.06 53.00 -80.61
CA GLU A 239 -19.44 54.20 -79.86
C GLU A 239 -18.78 55.38 -80.53
N ILE A 240 -19.56 56.31 -81.05
CA ILE A 240 -18.97 57.54 -81.54
C ILE A 240 -19.58 58.72 -80.79
N HIS A 241 -18.76 59.73 -80.61
CA HIS A 241 -19.18 61.05 -80.18
C HIS A 241 -18.69 62.01 -81.22
N ILE A 242 -19.60 62.84 -81.72
CA ILE A 242 -19.35 63.49 -83.00
C ILE A 242 -18.54 64.75 -82.83
N ASP A 243 -19.04 65.71 -82.08
CA ASP A 243 -18.28 66.93 -81.81
C ASP A 243 -17.85 66.89 -80.35
N ASP A 244 -16.59 66.54 -80.13
CA ASP A 244 -16.11 66.11 -78.83
C ASP A 244 -15.21 67.19 -78.24
N ARG A 245 -15.80 68.13 -77.52
CA ARG A 245 -15.03 69.24 -76.98
C ARG A 245 -14.74 68.98 -75.51
N VAL A 246 -13.47 68.94 -75.14
CA VAL A 246 -13.05 68.82 -73.76
C VAL A 246 -12.68 70.20 -73.26
N LEU A 247 -13.35 70.64 -72.21
CA LEU A 247 -13.15 71.98 -71.66
C LEU A 247 -12.50 71.84 -70.30
N ARG A 248 -11.37 72.49 -70.12
CA ARG A 248 -10.68 72.51 -68.85
C ARG A 248 -10.51 73.93 -68.36
N ILE A 249 -10.36 74.05 -67.06
CA ILE A 249 -9.87 75.27 -66.46
C ILE A 249 -8.38 75.07 -66.22
N THR A 250 -7.56 75.89 -66.86
CA THR A 250 -6.13 75.83 -66.65
C THR A 250 -5.71 76.74 -65.52
N ALA A 251 -6.07 78.01 -65.61
CA ALA A 251 -5.69 79.01 -64.63
C ALA A 251 -6.88 79.29 -63.75
N LEU A 252 -6.71 79.17 -62.48
CA LEU A 252 -7.83 79.45 -61.59
C LEU A 252 -7.87 80.95 -61.33
N PRO A 253 -9.03 81.49 -60.94
CA PRO A 253 -9.07 82.87 -60.49
C PRO A 253 -8.33 83.02 -59.19
N GLU A 254 -7.53 84.08 -59.11
CA GLU A 254 -6.38 84.00 -58.25
C GLU A 254 -5.89 85.43 -58.08
N LEU A 255 -5.64 85.85 -56.83
CA LEU A 255 -5.32 87.24 -56.52
C LEU A 255 -3.89 87.57 -56.97
N ASN A 256 -3.72 88.65 -57.73
CA ASN A 256 -2.35 88.99 -58.11
C ASN A 256 -1.71 89.83 -57.04
N VAL A 257 -0.44 89.56 -56.78
CA VAL A 257 0.33 90.34 -55.84
C VAL A 257 1.21 91.35 -56.53
N ASN A 258 1.31 91.28 -57.85
CA ASN A 258 2.08 92.26 -58.59
C ASN A 258 1.03 93.36 -58.65
N SER A 259 1.21 94.40 -57.85
CA SER A 259 0.08 95.21 -57.45
C SER A 259 -0.02 96.51 -58.22
N ALA A 260 0.91 96.78 -59.14
CA ALA A 260 0.90 98.04 -59.86
C ALA A 260 -0.19 98.15 -60.90
N GLU A 261 -0.77 97.03 -61.35
CA GLU A 261 -1.85 97.05 -62.33
C GLU A 261 -3.20 97.01 -61.67
N TRP A 262 -3.29 97.36 -60.41
CA TRP A 262 -4.57 97.35 -59.72
C TRP A 262 -5.39 98.55 -60.15
N ARG A 263 -6.64 98.56 -59.73
CA ARG A 263 -7.54 99.64 -60.08
C ARG A 263 -8.03 100.21 -58.75
N ALA A 264 -8.96 101.14 -58.82
CA ALA A 264 -9.44 101.92 -57.70
C ALA A 264 -10.84 102.40 -58.06
N ALA A 265 -11.75 102.34 -57.11
CA ALA A 265 -13.16 102.49 -57.43
C ALA A 265 -13.68 103.92 -57.51
N VAL A 266 -13.08 104.81 -58.29
CA VAL A 266 -13.53 106.20 -58.23
C VAL A 266 -14.68 106.42 -59.21
N ALA A 267 -15.78 106.97 -58.68
CA ALA A 267 -17.00 107.20 -59.45
C ALA A 267 -17.38 108.66 -59.30
N LYS A 268 -18.58 109.01 -59.74
CA LYS A 268 -19.08 110.37 -59.58
C LYS A 268 -20.47 110.39 -58.99
N ILE B 272 47.94 72.81 35.17
CA ILE B 272 47.24 74.09 35.29
C ILE B 272 45.77 73.89 35.64
N PRO B 273 45.33 74.51 36.73
CA PRO B 273 43.95 74.38 37.14
C PRO B 273 43.02 75.20 36.26
N PRO B 274 41.74 74.89 36.26
CA PRO B 274 40.77 75.83 35.70
C PRO B 274 40.63 77.06 36.56
N SER B 275 40.13 78.13 35.94
CA SER B 275 40.17 79.46 36.53
C SER B 275 39.16 79.63 37.64
N ALA B 276 37.90 79.51 37.29
CA ALA B 276 36.76 79.34 38.16
C ALA B 276 35.79 78.53 37.32
N ASN B 277 34.52 78.58 37.63
CA ASN B 277 33.58 78.29 36.58
C ASN B 277 33.10 79.66 36.15
N ASP B 278 32.95 79.84 34.85
CA ASP B 278 32.39 81.06 34.29
C ASP B 278 30.88 81.17 34.44
N LEU B 279 30.23 80.10 34.92
CA LEU B 279 28.80 80.14 35.16
C LEU B 279 28.51 80.74 36.53
N LEU B 280 29.55 80.91 37.34
CA LEU B 280 29.47 81.70 38.55
C LEU B 280 29.22 83.17 38.29
N LEU B 281 29.60 83.67 37.10
CA LEU B 281 29.20 84.99 36.67
C LEU B 281 27.70 85.09 36.48
N HIS B 282 27.06 84.04 35.99
CA HIS B 282 25.61 84.04 35.86
C HIS B 282 24.93 83.92 37.21
N VAL B 283 25.46 83.07 38.10
CA VAL B 283 24.78 82.97 39.38
C VAL B 283 25.31 83.98 40.38
N LEU B 284 26.20 84.85 39.95
CA LEU B 284 26.46 86.08 40.68
C LEU B 284 25.41 87.11 40.39
N GLU B 285 24.80 87.03 39.22
CA GLU B 285 23.53 87.67 38.98
C GLU B 285 22.45 86.73 39.51
N GLY B 286 21.19 87.10 39.41
CA GLY B 286 20.21 86.16 39.90
C GLY B 286 19.84 85.05 38.96
N VAL B 287 20.37 85.07 37.74
CA VAL B 287 19.86 84.21 36.67
C VAL B 287 20.39 82.79 36.88
N PRO B 288 19.54 81.77 36.71
CA PRO B 288 19.99 80.39 36.85
C PRO B 288 20.90 80.00 35.71
N PRO B 289 21.67 78.92 35.87
CA PRO B 289 22.41 78.36 34.75
C PRO B 289 21.49 77.76 33.72
N PRO B 290 21.89 77.70 32.45
CA PRO B 290 21.04 77.08 31.42
C PRO B 290 20.95 75.58 31.61
N GLY B 291 19.72 75.08 31.62
CA GLY B 291 19.46 73.68 31.86
C GLY B 291 19.69 73.30 33.31
N SER B 292 18.89 73.83 34.21
CA SER B 292 19.09 73.64 35.63
C SER B 292 17.88 73.00 36.28
N ARG B 293 17.96 72.85 37.59
CA ARG B 293 16.80 72.56 38.40
C ARG B 293 16.83 73.51 39.58
N ARG B 294 15.68 74.09 39.88
CA ARG B 294 15.57 75.04 40.97
C ARG B 294 15.64 74.28 42.28
N LEU B 295 16.30 74.86 43.26
CA LEU B 295 16.22 74.32 44.61
C LEU B 295 15.64 75.38 45.52
N VAL B 296 14.62 75.01 46.27
CA VAL B 296 14.03 75.94 47.22
C VAL B 296 14.93 75.99 48.44
N VAL B 297 15.08 77.19 48.99
CA VAL B 297 15.98 77.44 50.10
C VAL B 297 15.13 77.99 51.23
N SER B 298 15.20 77.39 52.39
CA SER B 298 14.44 77.86 53.53
C SER B 298 15.37 78.47 54.56
N GLY B 299 14.85 79.41 55.33
CA GLY B 299 15.55 79.93 56.46
C GLY B 299 16.70 80.88 56.17
N GLY B 300 16.73 81.51 55.01
CA GLY B 300 17.76 82.48 54.74
C GLY B 300 17.62 83.02 53.34
N ASP B 301 18.22 84.18 53.12
CA ASP B 301 18.19 84.80 51.80
C ASP B 301 19.26 84.19 50.92
N ALA B 302 18.90 83.10 50.26
CA ALA B 302 19.77 82.53 49.25
C ALA B 302 18.92 81.89 48.18
N ARG B 303 19.49 81.78 46.99
CA ARG B 303 18.86 81.07 45.89
C ARG B 303 19.83 79.99 45.44
N ALA B 304 19.32 78.81 45.13
CA ALA B 304 20.18 77.71 44.77
C ALA B 304 19.65 77.01 43.54
N TRP B 305 20.55 76.68 42.63
CA TRP B 305 20.19 75.92 41.44
C TRP B 305 21.12 74.73 41.33
N LEU B 306 20.68 73.70 40.66
CA LEU B 306 21.49 72.50 40.50
C LEU B 306 21.67 72.26 39.01
N SER B 307 22.90 72.37 38.53
CA SER B 307 23.11 72.25 37.10
C SER B 307 23.38 70.81 36.70
N ASN B 308 24.49 70.26 37.19
CA ASN B 308 24.86 68.88 36.91
C ASN B 308 25.66 68.33 38.11
N GLU B 309 24.90 67.75 39.05
CA GLU B 309 25.35 67.22 40.35
C GLU B 309 26.17 68.20 41.18
N LYS B 310 25.93 69.51 41.02
CA LYS B 310 26.61 70.59 41.70
C LYS B 310 25.56 71.65 41.90
N MET B 311 25.48 72.22 43.09
CA MET B 311 24.57 73.32 43.25
C MET B 311 25.35 74.62 43.31
N TYR B 312 24.65 75.68 42.97
CA TYR B 312 25.20 77.02 42.89
C TYR B 312 24.29 77.89 43.73
N VAL B 313 24.86 78.67 44.62
CA VAL B 313 24.12 79.45 45.58
C VAL B 313 24.48 80.90 45.40
N ARG B 314 23.47 81.71 45.10
CA ARG B 314 23.54 83.16 45.21
C ARG B 314 23.11 83.54 46.61
N THR B 315 24.01 84.16 47.35
CA THR B 315 23.65 84.64 48.67
C THR B 315 24.46 85.89 48.94
N ASN B 316 24.21 86.50 50.08
CA ASN B 316 25.16 87.44 50.64
C ASN B 316 25.54 87.04 52.06
N LEU B 317 25.12 85.84 52.47
CA LEU B 317 25.52 85.26 53.73
C LEU B 317 26.86 84.57 53.55
N THR B 318 27.42 84.06 54.63
CA THR B 318 28.70 83.39 54.48
C THR B 318 28.59 81.90 54.80
N ILE B 319 28.70 81.05 53.80
CA ILE B 319 28.57 79.61 54.00
C ILE B 319 29.82 79.07 54.68
N LEU B 320 29.60 78.33 55.78
CA LEU B 320 30.63 77.91 56.72
C LEU B 320 30.88 76.41 56.70
N SER B 321 29.86 75.57 56.88
CA SER B 321 30.23 74.17 57.10
C SER B 321 30.56 73.33 55.86
N PRO B 322 29.71 73.16 54.83
CA PRO B 322 29.94 72.00 53.96
C PRO B 322 30.97 72.21 52.87
N GLY B 323 31.52 73.41 52.71
CA GLY B 323 32.66 73.61 51.85
C GLY B 323 32.28 73.77 50.39
N TRP B 324 32.86 74.75 49.73
CA TRP B 324 32.48 75.01 48.36
C TRP B 324 33.68 74.87 47.46
N LEU B 325 33.40 74.64 46.19
CA LEU B 325 34.48 74.43 45.24
C LEU B 325 34.89 75.71 44.56
N ALA B 326 33.96 76.65 44.36
CA ALA B 326 34.34 77.88 43.69
C ALA B 326 33.51 79.02 44.23
N SER B 327 34.04 80.23 44.16
CA SER B 327 33.33 81.39 44.67
C SER B 327 33.68 82.63 43.87
N MET B 328 32.66 83.47 43.68
CA MET B 328 32.84 84.83 43.22
C MET B 328 32.03 85.75 44.11
N THR B 329 32.26 87.05 43.94
CA THR B 329 31.55 88.06 44.71
C THR B 329 31.38 89.27 43.81
N SER B 330 30.17 89.83 43.78
CA SER B 330 29.88 91.01 42.98
C SER B 330 30.34 92.29 43.65
N ALA B 331 29.86 93.41 43.12
CA ALA B 331 30.25 94.72 43.65
C ALA B 331 29.62 94.99 45.00
N ASP B 332 28.42 94.47 45.23
CA ASP B 332 27.64 94.76 46.41
C ASP B 332 27.72 93.67 47.48
N GLY B 333 28.74 92.83 47.42
CA GLY B 333 28.90 91.81 48.44
C GLY B 333 28.05 90.59 48.28
N THR B 334 27.34 90.46 47.17
CA THR B 334 26.67 89.23 46.84
C THR B 334 27.71 88.21 46.43
N HIS B 335 27.66 87.02 46.99
CA HIS B 335 28.56 85.95 46.59
C HIS B 335 27.82 84.89 45.81
N ALA B 336 28.58 84.14 45.02
CA ALA B 336 28.09 83.03 44.23
C ALA B 336 29.02 81.85 44.42
N TYR B 337 28.47 80.74 44.89
CA TYR B 337 29.22 79.56 45.27
C TYR B 337 28.85 78.34 44.45
N GLU B 338 29.87 77.66 43.95
CA GLU B 338 29.78 76.32 43.39
C GLU B 338 30.17 75.32 44.46
N MET B 339 29.31 74.34 44.71
CA MET B 339 29.57 73.34 45.72
C MET B 339 28.84 72.07 45.37
N GLN B 340 29.19 70.97 46.04
CA GLN B 340 28.44 69.74 45.85
C GLN B 340 27.10 69.81 46.56
N LYS B 341 26.20 68.91 46.21
CA LYS B 341 24.84 68.97 46.76
C LYS B 341 24.85 68.41 48.19
N SER B 342 24.61 69.30 49.11
CA SER B 342 24.41 69.07 50.53
C SER B 342 23.06 69.62 50.92
N PRO B 343 22.25 68.87 51.66
CA PRO B 343 20.87 69.29 51.90
C PRO B 343 20.73 70.37 52.93
N VAL B 344 21.79 70.70 53.65
CA VAL B 344 21.77 71.78 54.61
C VAL B 344 23.00 72.63 54.32
N LEU B 345 22.83 73.93 54.48
CA LEU B 345 23.89 74.90 54.37
C LEU B 345 23.99 75.55 55.74
N LEU B 346 25.18 75.80 56.19
CA LEU B 346 25.37 76.52 57.44
C LEU B 346 25.96 77.86 57.06
N VAL B 347 25.38 78.95 57.51
CA VAL B 347 25.97 80.24 57.18
C VAL B 347 26.22 80.99 58.47
N SER B 348 27.00 82.04 58.36
CA SER B 348 26.97 83.14 59.28
C SER B 348 26.12 84.24 58.66
N TRP B 349 25.22 84.79 59.46
CA TRP B 349 24.39 85.91 59.02
C TRP B 349 25.04 87.23 59.42
N HIS B 350 25.11 87.48 60.72
CA HIS B 350 25.82 88.63 61.24
C HIS B 350 26.55 88.21 62.49
N GLY B 351 27.33 87.15 62.39
CA GLY B 351 27.93 86.53 63.54
C GLY B 351 27.11 85.41 64.12
N LYS B 352 25.82 85.37 63.83
CA LYS B 352 25.01 84.23 64.20
C LYS B 352 25.22 83.08 63.24
N VAL B 353 25.49 81.91 63.80
CA VAL B 353 25.49 80.67 63.05
C VAL B 353 24.05 80.31 62.77
N MET B 354 23.76 80.01 61.52
CA MET B 354 22.44 79.97 60.92
C MET B 354 22.36 78.75 60.02
N GLN B 355 21.17 78.20 59.85
CA GLN B 355 21.00 77.04 59.00
C GLN B 355 20.02 77.34 57.88
N LEU B 356 20.35 76.82 56.71
CA LEU B 356 19.55 76.95 55.50
C LEU B 356 19.34 75.56 54.97
N LYS B 357 18.18 75.31 54.42
CA LYS B 357 17.75 73.96 54.13
C LYS B 357 17.28 73.88 52.68
N VAL B 358 17.84 72.95 51.92
CA VAL B 358 17.54 72.89 50.49
C VAL B 358 16.95 71.54 50.13
N GLU B 359 15.96 71.57 49.26
CA GLU B 359 15.22 70.38 48.83
C GLU B 359 15.57 70.10 47.37
N GLY B 360 16.15 68.94 47.12
CA GLY B 360 16.63 68.57 45.80
C GLY B 360 18.05 68.07 45.80
N LEU C 41 8.88 71.87 59.43
CA LEU C 41 8.42 73.11 58.81
C LEU C 41 9.22 74.30 59.31
N PRO C 42 9.36 75.34 58.49
CA PRO C 42 9.89 76.61 59.00
C PRO C 42 8.90 77.27 59.96
N CYS C 43 9.45 78.07 60.87
CA CYS C 43 8.69 78.66 61.95
C CYS C 43 8.05 79.97 61.50
N ARG C 44 6.81 80.20 61.91
CA ARG C 44 6.14 81.46 61.61
C ARG C 44 6.60 82.55 62.58
N VAL C 45 6.34 82.36 63.87
CA VAL C 45 6.83 83.30 64.87
C VAL C 45 8.19 82.82 65.36
N ASP C 46 9.06 83.78 65.68
CA ASP C 46 10.38 83.45 66.20
C ASP C 46 10.45 83.52 67.73
N GLY C 47 9.53 82.84 68.41
CA GLY C 47 9.47 82.90 69.86
C GLY C 47 8.96 84.22 70.40
N ALA C 48 8.16 84.94 69.61
CA ALA C 48 7.74 86.29 69.97
C ALA C 48 6.45 86.59 69.25
N CYS C 49 5.64 87.49 69.81
CA CYS C 49 4.44 87.97 69.12
C CYS C 49 4.33 89.47 69.29
N ASP C 50 3.73 90.11 68.27
CA ASP C 50 3.67 91.57 68.21
C ASP C 50 2.71 92.14 69.23
N ALA C 51 1.68 91.36 69.59
CA ALA C 51 0.78 91.71 70.68
C ALA C 51 1.52 91.76 72.01
N THR C 52 2.44 90.82 72.22
CA THR C 52 3.24 90.84 73.44
C THR C 52 4.28 91.95 73.43
N ILE C 53 4.78 92.31 72.23
CA ILE C 53 5.71 93.45 72.10
C ILE C 53 5.04 94.75 72.51
N ILE C 54 3.83 94.98 72.01
CA ILE C 54 3.18 96.23 72.40
C ILE C 54 2.57 96.14 73.80
N LYS C 55 2.33 94.93 74.31
CA LYS C 55 1.87 94.79 75.69
C LYS C 55 2.96 95.13 76.68
N MET C 56 4.18 94.63 76.44
CA MET C 56 5.33 95.05 77.25
C MET C 56 5.67 96.52 77.02
N MET C 57 5.39 97.05 75.84
CA MET C 57 5.77 98.42 75.54
C MET C 57 4.85 99.42 76.24
N THR C 58 3.54 99.15 76.26
CA THR C 58 2.62 99.87 77.14
C THR C 58 2.91 99.68 78.63
N ASP C 59 3.28 98.48 79.07
CA ASP C 59 3.52 98.28 80.49
C ASP C 59 4.80 98.95 80.96
N LEU C 60 5.82 99.00 80.12
CA LEU C 60 7.05 99.71 80.46
C LEU C 60 6.84 101.21 80.45
N ASN C 61 6.02 101.72 79.53
CA ASN C 61 5.70 103.15 79.57
C ASN C 61 4.76 103.50 80.72
N LYS C 62 3.95 102.55 81.19
CA LYS C 62 3.16 102.81 82.40
C LYS C 62 4.01 102.81 83.65
N LYS C 63 4.99 101.92 83.74
CA LYS C 63 5.92 102.01 84.86
C LYS C 63 7.05 103.02 84.65
N GLY C 64 7.02 103.82 83.60
CA GLY C 64 7.86 104.98 83.53
C GLY C 64 9.17 104.74 82.84
N ILE C 65 9.37 103.54 82.32
CA ILE C 65 10.55 103.24 81.54
C ILE C 65 10.19 103.56 80.10
N LYS C 66 10.77 104.62 79.56
CA LYS C 66 10.12 105.17 78.39
C LYS C 66 10.71 104.49 77.16
N VAL C 67 9.84 103.88 76.35
CA VAL C 67 10.26 103.18 75.14
C VAL C 67 10.03 104.09 73.95
N ALA C 68 11.10 104.60 73.37
CA ALA C 68 11.07 105.28 72.09
C ALA C 68 11.30 104.29 70.96
N SER C 69 10.59 104.51 69.86
CA SER C 69 10.52 103.54 68.78
C SER C 69 10.63 104.29 67.46
N VAL C 70 11.86 104.51 67.00
CA VAL C 70 12.11 105.37 65.85
C VAL C 70 12.72 104.50 64.76
N GLY C 71 11.96 104.24 63.70
CA GLY C 71 12.47 103.46 62.59
C GLY C 71 12.59 101.99 62.91
N GLN C 72 13.81 101.50 63.06
CA GLN C 72 14.02 100.33 63.87
C GLN C 72 14.97 100.58 65.01
N ASN C 73 15.41 101.81 65.22
CA ASN C 73 16.13 102.13 66.43
C ASN C 73 15.17 102.13 67.61
N TYR C 74 15.42 101.24 68.54
CA TYR C 74 14.66 101.17 69.76
C TYR C 74 15.50 101.70 70.89
N LEU C 75 14.84 102.48 71.72
CA LEU C 75 15.42 103.08 72.90
C LEU C 75 14.52 102.71 74.06
N ILE C 76 15.07 102.12 75.10
CA ILE C 76 14.38 102.11 76.37
C ILE C 76 15.25 102.90 77.35
N SER C 77 14.61 103.87 78.00
CA SER C 77 15.30 104.80 78.87
C SER C 77 14.83 104.51 80.28
N ILE C 78 15.79 104.28 81.17
CA ILE C 78 15.53 103.84 82.52
C ILE C 78 16.10 104.89 83.46
N PRO C 79 15.30 105.50 84.33
CA PRO C 79 15.87 106.35 85.38
C PRO C 79 16.66 105.54 86.39
N ALA C 80 17.75 106.14 86.85
CA ALA C 80 18.66 105.45 87.76
C ALA C 80 18.10 105.33 89.17
N SER C 81 17.09 106.12 89.51
CA SER C 81 16.28 105.84 90.69
C SER C 81 15.58 104.52 90.59
N ALA C 82 15.08 104.18 89.41
CA ALA C 82 14.29 102.96 89.27
C ALA C 82 15.14 101.72 89.25
N LEU C 83 16.46 101.82 89.10
CA LEU C 83 17.28 100.63 89.31
C LEU C 83 18.14 100.73 90.56
N PHE C 84 19.04 101.72 90.66
CA PHE C 84 20.11 101.49 91.61
C PHE C 84 19.82 102.23 92.91
N ALA C 85 20.80 102.20 93.80
CA ALA C 85 20.88 103.13 94.90
C ALA C 85 21.63 104.37 94.43
N ASP C 86 21.61 105.43 95.23
CA ASP C 86 22.09 106.73 94.76
C ASP C 86 23.61 106.80 94.81
N GLN C 87 24.19 107.22 93.67
CA GLN C 87 25.63 107.39 93.42
C GLN C 87 26.43 106.11 93.65
N SER C 88 25.82 104.98 93.36
CA SER C 88 26.38 103.68 93.65
C SER C 88 26.36 102.88 92.37
N PRO C 89 27.31 102.00 92.17
CA PRO C 89 27.18 100.97 91.13
C PRO C 89 26.58 99.67 91.64
N ARG C 90 25.45 99.74 92.33
CA ARG C 90 24.88 98.55 92.95
C ARG C 90 23.38 98.48 92.72
N LEU C 91 22.90 97.35 92.20
CA LEU C 91 21.47 97.13 92.05
C LEU C 91 20.77 96.96 93.38
N ASN C 92 19.54 97.45 93.43
CA ASN C 92 18.58 97.01 94.41
C ASN C 92 18.02 95.66 94.00
N TRP C 93 17.54 94.91 94.99
CA TRP C 93 17.05 93.58 94.72
C TRP C 93 15.71 93.57 94.01
N ALA C 94 14.87 94.59 94.23
CA ALA C 94 13.58 94.60 93.57
C ALA C 94 13.67 95.02 92.12
N SER C 95 14.76 95.69 91.74
CA SER C 95 14.91 96.23 90.40
C SER C 95 15.29 95.18 89.35
N TYR C 96 15.59 93.96 89.77
CA TYR C 96 15.77 92.90 88.80
C TYR C 96 14.45 92.44 88.21
N SER C 97 13.32 92.73 88.86
CA SER C 97 12.03 92.55 88.20
C SER C 97 11.83 93.55 87.08
N LEU C 98 12.34 94.78 87.27
CA LEU C 98 12.29 95.75 86.19
C LEU C 98 13.18 95.33 85.04
N LEU C 99 14.34 94.78 85.38
CA LEU C 99 15.19 94.11 84.41
C LEU C 99 14.59 92.85 83.82
N ASN C 100 13.59 92.24 84.48
CA ASN C 100 12.94 91.06 83.91
C ASN C 100 12.07 91.39 82.74
N GLU C 101 11.18 92.41 82.86
CA GLU C 101 10.54 92.71 81.56
C GLU C 101 11.41 93.57 80.62
N ILE C 102 12.53 94.15 81.09
CA ILE C 102 13.52 94.66 80.12
C ILE C 102 14.12 93.53 79.30
N ALA C 103 14.52 92.44 79.94
CA ALA C 103 15.10 91.31 79.22
C ALA C 103 14.07 90.51 78.44
N ALA C 104 12.85 90.39 78.95
CA ALA C 104 11.81 89.71 78.20
C ALA C 104 11.27 90.56 77.07
N PHE C 105 11.43 91.87 77.15
CA PHE C 105 11.19 92.71 75.99
C PHE C 105 12.31 92.54 74.97
N LEU C 106 13.53 92.36 75.44
CA LEU C 106 14.66 92.16 74.54
C LEU C 106 14.75 90.75 73.98
N LYS C 107 13.95 89.81 74.49
CA LYS C 107 13.71 88.55 73.79
C LYS C 107 13.12 88.73 72.41
N GLN C 108 12.26 89.71 72.26
CA GLN C 108 11.28 89.71 71.18
C GLN C 108 11.84 90.15 69.85
N PHE C 109 13.03 90.74 69.82
CA PHE C 109 13.55 91.30 68.59
C PHE C 109 14.81 90.57 68.15
N ARG C 110 15.02 90.55 66.84
CA ARG C 110 16.27 90.09 66.27
C ARG C 110 17.19 91.28 66.24
N LYS C 111 18.33 91.15 66.89
CA LYS C 111 19.19 92.28 67.13
C LYS C 111 20.63 91.83 67.04
N ILE C 112 21.50 92.78 66.71
CA ILE C 112 22.89 92.49 66.42
C ILE C 112 23.78 93.04 67.51
N ALA C 113 23.62 94.32 67.82
CA ALA C 113 24.37 94.94 68.89
C ALA C 113 23.43 95.81 69.69
N ILE C 114 23.26 95.47 70.95
CA ILE C 114 22.69 96.36 71.94
C ILE C 114 23.83 97.22 72.45
N THR C 115 23.65 98.53 72.50
CA THR C 115 24.56 99.30 73.32
C THR C 115 23.81 99.89 74.51
N VAL C 116 24.43 99.75 75.67
CA VAL C 116 23.88 100.20 76.94
C VAL C 116 24.83 101.26 77.46
N THR C 117 24.32 102.45 77.66
CA THR C 117 25.16 103.50 78.17
C THR C 117 24.45 104.27 79.27
N SER C 118 25.22 104.62 80.28
CA SER C 118 24.68 105.17 81.50
C SER C 118 25.34 106.51 81.75
N TYR C 119 24.57 107.45 82.31
CA TYR C 119 25.14 108.71 82.77
C TYR C 119 24.26 109.29 83.86
N SER C 120 24.89 109.92 84.85
CA SER C 120 24.14 110.53 85.93
C SER C 120 24.54 111.98 86.10
N SER C 121 24.02 112.60 87.15
CA SER C 121 24.37 113.97 87.45
C SER C 121 25.69 114.03 88.21
N LYS C 122 26.19 115.24 88.42
CA LYS C 122 27.53 115.44 89.00
C LYS C 122 27.51 115.15 90.49
N TYR C 123 28.48 114.36 90.96
CA TYR C 123 28.58 114.10 92.40
C TYR C 123 29.89 114.56 93.01
N VAL C 124 31.02 114.07 92.55
CA VAL C 124 32.29 114.60 93.04
C VAL C 124 33.03 115.24 91.88
N SER C 125 33.40 114.43 90.91
CA SER C 125 34.14 114.90 89.76
C SER C 125 33.65 114.12 88.56
N VAL C 126 34.08 114.56 87.39
CA VAL C 126 33.76 113.82 86.18
C VAL C 126 34.53 112.51 86.08
N LYS C 127 35.69 112.39 86.73
CA LYS C 127 36.47 111.16 86.69
C LYS C 127 35.83 110.08 87.56
N ARG C 128 35.40 110.46 88.77
CA ARG C 128 34.62 109.59 89.64
C ARG C 128 33.27 109.27 89.03
N GLU C 129 32.70 110.25 88.34
CA GLU C 129 31.43 110.08 87.67
C GLU C 129 31.50 109.10 86.51
N ARG C 130 32.56 109.15 85.72
CA ARG C 130 32.68 108.27 84.58
C ARG C 130 33.05 106.86 84.99
N ALA C 131 33.80 106.73 86.10
CA ALA C 131 34.01 105.42 86.70
C ALA C 131 32.72 104.80 87.22
N LEU C 132 31.86 105.64 87.85
CA LEU C 132 30.54 105.22 88.31
C LEU C 132 29.65 104.76 87.17
N THR C 133 29.64 105.49 86.07
CA THR C 133 28.68 105.17 85.02
C THR C 133 29.18 104.03 84.15
N LEU C 134 30.49 103.85 84.08
CA LEU C 134 31.06 102.69 83.40
C LEU C 134 30.79 101.41 84.18
N ALA C 135 30.96 101.45 85.51
CA ALA C 135 30.61 100.31 86.36
C ALA C 135 29.11 100.04 86.36
N ARG C 136 28.32 101.10 86.26
CA ARG C 136 26.87 101.06 86.23
C ARG C 136 26.34 100.33 85.00
N SER C 137 26.82 100.74 83.84
CA SER C 137 26.42 100.11 82.60
C SER C 137 26.99 98.71 82.46
N ARG C 138 28.20 98.46 82.97
CA ARG C 138 28.75 97.11 82.83
C ARG C 138 28.08 96.12 83.76
N VAL C 139 27.54 96.60 84.88
CA VAL C 139 26.78 95.75 85.78
C VAL C 139 25.43 95.40 85.16
N VAL C 140 24.77 96.37 84.52
CA VAL C 140 23.46 96.06 83.95
C VAL C 140 23.58 95.25 82.65
N SER C 141 24.69 95.37 81.91
CA SER C 141 24.88 94.48 80.78
C SER C 141 25.35 93.08 81.19
N GLU C 142 26.07 92.96 82.32
CA GLU C 142 26.36 91.64 82.89
C GLU C 142 25.08 90.92 83.29
N TYR C 143 24.11 91.65 83.85
CA TYR C 143 22.84 90.98 84.11
C TYR C 143 22.05 90.73 82.85
N LEU C 144 22.20 91.56 81.82
CA LEU C 144 21.40 91.35 80.62
C LEU C 144 21.89 90.21 79.74
N TRP C 145 23.18 89.89 79.81
CA TRP C 145 23.64 88.66 79.16
C TRP C 145 23.74 87.51 80.16
N SER C 146 23.52 87.77 81.45
CA SER C 146 23.04 86.65 82.27
C SER C 146 21.64 86.27 81.84
N GLN C 147 20.80 87.26 81.59
CA GLN C 147 19.49 86.97 81.07
C GLN C 147 19.55 86.83 79.56
N GLY C 148 18.37 86.77 78.97
CA GLY C 148 18.29 86.38 77.58
C GLY C 148 18.28 87.58 76.68
N VAL C 149 19.38 87.79 75.99
CA VAL C 149 19.35 88.58 74.78
C VAL C 149 19.85 87.67 73.68
N ASP C 150 19.38 87.91 72.48
CA ASP C 150 19.91 87.22 71.31
C ASP C 150 20.83 88.14 70.54
N SER C 151 21.32 89.16 71.22
CA SER C 151 22.28 90.07 70.66
C SER C 151 23.63 89.38 70.53
N ARG C 152 24.39 89.85 69.55
CA ARG C 152 25.72 89.32 69.34
C ARG C 152 26.76 90.17 70.06
N ILE C 153 26.54 91.47 70.13
CA ILE C 153 27.37 92.34 70.94
C ILE C 153 26.45 93.08 71.88
N ILE C 154 26.84 93.22 73.13
CA ILE C 154 26.41 94.36 73.92
C ILE C 154 27.62 95.23 74.12
N PHE C 155 27.60 96.41 73.53
CA PHE C 155 28.56 97.44 73.89
C PHE C 155 28.00 98.10 75.10
N THR C 156 28.87 98.54 75.99
CA THR C 156 28.47 99.11 77.25
C THR C 156 29.45 100.18 77.70
N GLN C 157 28.93 101.34 78.06
CA GLN C 157 29.79 102.48 78.39
C GLN C 157 29.03 103.47 79.26
N GLY C 158 29.79 104.38 79.86
CA GLY C 158 29.20 105.39 80.71
C GLY C 158 29.81 106.74 80.45
N LEU C 159 29.04 107.80 80.64
CA LEU C 159 29.50 109.15 80.37
C LEU C 159 29.27 110.04 81.59
N GLY C 160 30.00 111.15 81.62
CA GLY C 160 29.96 112.06 82.75
C GLY C 160 29.06 113.25 82.65
N SER C 161 27.74 113.00 82.50
CA SER C 161 26.69 114.00 82.23
C SER C 161 27.01 114.80 80.99
N ASP C 162 27.63 114.14 80.04
CA ASP C 162 28.06 114.80 78.85
C ASP C 162 26.94 114.92 77.87
N LYS C 163 25.82 114.26 78.11
CA LYS C 163 24.71 114.34 77.17
C LYS C 163 23.38 114.54 77.91
N PRO C 164 23.14 115.66 78.63
CA PRO C 164 22.00 115.58 79.56
C PRO C 164 20.69 116.05 78.94
N ILE C 165 19.63 115.28 79.15
CA ILE C 165 18.38 115.52 78.41
C ILE C 165 17.53 116.64 78.98
N THR C 166 17.86 117.20 80.14
CA THR C 166 17.20 118.42 80.60
C THR C 166 18.27 119.30 81.24
N SER C 167 17.97 120.58 81.31
CA SER C 167 18.85 121.52 81.98
C SER C 167 18.56 121.64 83.46
N TYR C 168 17.55 120.94 83.95
CA TYR C 168 17.16 121.04 85.34
C TYR C 168 17.85 119.93 86.12
N THR C 169 18.66 120.33 87.10
CA THR C 169 19.73 119.54 87.68
C THR C 169 19.50 119.34 89.18
N LEU C 170 18.36 118.75 89.55
CA LEU C 170 17.79 118.78 90.91
C LEU C 170 18.70 118.15 91.96
N GLY C 171 19.38 117.07 91.62
CA GLY C 171 20.01 116.25 92.64
C GLY C 171 20.85 115.14 92.08
N GLY C 172 20.77 113.98 92.70
CA GLY C 172 21.65 112.90 92.37
C GLY C 172 21.01 111.92 91.41
N ASP C 173 20.62 110.74 91.90
CA ASP C 173 19.93 109.81 91.03
C ASP C 173 18.44 110.06 90.91
N ARG C 174 17.89 111.07 91.59
CA ARG C 174 16.49 111.39 91.36
C ARG C 174 16.33 112.35 90.19
N SER C 175 17.44 112.83 89.62
CA SER C 175 17.37 113.66 88.43
C SER C 175 16.88 112.81 87.26
N PRO C 176 16.08 113.37 86.36
CA PRO C 176 15.74 112.63 85.14
C PRO C 176 16.87 112.58 84.14
N ASN C 177 17.90 113.41 84.31
CA ASN C 177 19.16 113.21 83.62
C ASN C 177 19.85 111.94 84.04
N ALA C 178 19.69 111.51 85.29
CA ALA C 178 20.42 110.35 85.80
C ALA C 178 19.74 109.09 85.32
N ARG C 179 20.31 108.46 84.31
CA ARG C 179 19.57 107.43 83.60
C ARG C 179 20.55 106.51 82.90
N VAL C 180 20.07 105.31 82.59
CA VAL C 180 20.74 104.42 81.68
C VAL C 180 19.84 104.34 80.46
N GLU C 181 20.43 104.14 79.30
CA GLU C 181 19.66 103.95 78.09
C GLU C 181 20.18 102.75 77.33
N ILE C 182 19.24 101.96 76.84
CA ILE C 182 19.52 100.73 76.14
C ILE C 182 18.99 100.94 74.74
N THR C 183 19.88 101.11 73.78
CA THR C 183 19.48 101.39 72.41
C THR C 183 20.02 100.30 71.51
N PHE C 184 19.20 99.92 70.55
CA PHE C 184 19.62 98.94 69.56
C PHE C 184 18.87 99.20 68.27
N ARG C 185 19.20 98.44 67.25
CA ARG C 185 18.45 98.46 66.01
C ARG C 185 17.93 97.06 65.75
N ARG C 186 16.64 96.96 65.52
CA ARG C 186 16.02 95.68 65.25
C ARG C 186 16.39 95.21 63.86
N ALA C 187 17.07 94.08 63.78
CA ALA C 187 17.53 93.58 62.49
C ALA C 187 16.38 92.90 61.77
N VAL C 188 16.24 93.23 60.48
CA VAL C 188 15.18 92.88 59.50
C VAL C 188 13.77 92.73 60.04
N ALA D 1 60.98 129.98 128.00
CA ALA D 1 61.68 128.80 128.50
C ALA D 1 62.38 128.06 127.38
N ALA D 2 63.18 128.79 126.61
CA ALA D 2 63.85 128.26 125.43
C ALA D 2 65.02 127.35 125.80
N ALA D 3 65.34 126.44 124.88
CA ALA D 3 66.51 125.57 125.02
C ALA D 3 66.97 125.23 123.60
N ALA D 4 67.99 125.97 123.13
CA ALA D 4 68.48 125.83 121.75
C ALA D 4 70.00 125.67 121.80
N ALA D 5 70.47 124.43 121.77
CA ALA D 5 71.90 124.15 121.83
C ALA D 5 72.20 122.83 121.14
N ALA D 6 73.45 122.68 120.70
CA ALA D 6 73.94 121.48 120.05
C ALA D 6 75.04 120.88 120.94
N ALA D 7 74.67 119.90 121.75
CA ALA D 7 75.53 119.33 122.76
C ALA D 7 75.17 117.85 122.90
N ALA D 8 75.54 117.25 124.02
CA ALA D 8 75.11 115.89 124.35
C ALA D 8 74.35 115.94 125.67
N ALA D 9 73.06 116.26 125.60
CA ALA D 9 72.21 116.17 126.79
C ALA D 9 71.89 114.72 127.09
N ALA D 10 71.33 114.01 126.10
CA ALA D 10 71.34 112.55 125.92
C ALA D 10 70.54 111.71 126.93
N ALA D 11 69.96 112.32 127.96
CA ALA D 11 69.12 111.59 128.91
C ALA D 11 68.08 112.58 129.43
N ALA D 12 66.92 112.59 128.77
CA ALA D 12 65.88 113.56 129.10
C ALA D 12 64.53 112.97 128.73
N ALA D 13 63.78 112.52 129.74
CA ALA D 13 62.35 112.25 129.56
C ALA D 13 61.58 113.51 129.94
N ALA D 14 61.76 114.53 129.11
CA ALA D 14 61.44 115.90 129.46
C ALA D 14 59.98 116.18 129.13
N ALA D 15 59.13 116.14 130.15
CA ALA D 15 57.73 116.55 130.02
C ALA D 15 57.66 118.03 130.38
N ALA D 16 57.96 118.87 129.39
CA ALA D 16 58.06 120.30 129.60
C ALA D 16 56.69 120.94 129.75
N ALA D 17 56.67 122.12 130.37
CA ALA D 17 55.45 122.88 130.59
C ALA D 17 55.23 123.83 129.42
N ALA D 18 54.30 124.77 129.59
CA ALA D 18 53.93 125.70 128.53
C ALA D 18 55.02 126.74 128.30
N ALA D 19 55.02 127.29 127.08
CA ALA D 19 55.98 128.26 126.53
C ALA D 19 57.43 127.77 126.62
N ALA D 20 57.63 126.47 126.44
CA ALA D 20 58.97 125.90 126.43
C ALA D 20 59.44 125.81 124.98
N ALA D 21 59.89 126.96 124.46
CA ALA D 21 60.21 127.09 123.04
C ALA D 21 61.63 126.59 122.77
N ALA D 22 61.78 125.26 122.85
CA ALA D 22 63.08 124.61 122.81
C ALA D 22 63.38 124.23 121.37
N ALA D 23 64.20 125.04 120.70
CA ALA D 23 64.75 124.69 119.39
C ALA D 23 66.14 124.07 119.51
N ALA D 24 66.25 123.04 120.36
CA ALA D 24 67.52 122.36 120.57
C ALA D 24 67.92 121.50 119.36
N ALA D 25 69.24 121.33 119.22
CA ALA D 25 69.80 120.43 118.22
C ALA D 25 70.82 119.47 118.86
N ALA D 26 70.72 119.28 120.17
CA ALA D 26 71.64 118.46 120.93
C ALA D 26 71.47 116.98 120.65
N ALA D 27 72.54 116.22 120.93
CA ALA D 27 72.51 114.77 120.77
C ALA D 27 71.72 114.14 121.90
N ALA D 28 70.39 114.11 121.75
CA ALA D 28 69.49 113.62 122.78
C ALA D 28 69.18 112.16 122.47
N ALA D 29 69.97 111.25 123.05
CA ALA D 29 69.83 109.83 122.77
C ALA D 29 68.62 109.24 123.48
N ALA D 30 68.62 109.27 124.82
CA ALA D 30 67.49 108.76 125.59
C ALA D 30 66.50 109.91 125.77
N ALA D 31 65.76 110.19 124.70
CA ALA D 31 64.94 111.38 124.61
C ALA D 31 63.46 111.03 124.61
N ALA D 32 62.67 111.86 125.30
CA ALA D 32 61.21 111.88 125.18
C ALA D 32 60.77 113.32 125.47
N ALA D 33 60.61 114.11 124.42
CA ALA D 33 60.36 115.54 124.56
C ALA D 33 58.86 115.78 124.45
N ALA D 34 58.16 115.73 125.59
CA ALA D 34 56.72 115.95 125.63
C ALA D 34 56.43 117.41 125.96
N ALA D 35 56.72 118.27 124.99
CA ALA D 35 56.54 119.71 125.13
C ALA D 35 55.06 120.07 125.11
N ALA D 36 54.73 121.22 125.72
CA ALA D 36 53.33 121.59 125.91
C ALA D 36 52.92 122.84 125.14
N ALA D 37 53.86 123.65 124.67
CA ALA D 37 53.59 124.78 123.79
C ALA D 37 54.87 125.14 123.03
N ALA D 38 54.66 125.80 121.89
CA ALA D 38 55.60 126.74 121.26
C ALA D 38 56.89 126.12 120.78
N ALA D 39 56.91 124.80 120.52
CA ALA D 39 58.13 124.14 120.08
C ALA D 39 58.41 124.47 118.63
N ALA D 40 59.63 124.90 118.34
CA ALA D 40 60.04 125.37 117.02
C ALA D 40 61.37 124.75 116.62
N ALA D 41 61.46 123.43 116.76
CA ALA D 41 62.74 122.74 116.71
C ALA D 41 63.12 122.35 115.29
N ALA D 42 64.38 122.63 114.92
CA ALA D 42 64.94 122.24 113.64
C ALA D 42 66.31 121.62 113.92
N ALA D 43 66.32 120.32 114.17
CA ALA D 43 67.50 119.62 114.65
C ALA D 43 68.05 118.68 113.59
N ALA D 44 69.15 118.02 113.94
CA ALA D 44 69.67 116.87 113.20
C ALA D 44 70.13 115.89 114.27
N ALA D 45 69.22 115.03 114.72
CA ALA D 45 69.40 114.24 115.93
C ALA D 45 69.33 112.75 115.62
N ALA D 46 69.42 111.96 116.69
CA ALA D 46 69.33 110.51 116.61
C ALA D 46 68.80 110.03 117.95
N ALA D 47 67.58 109.50 117.98
CA ALA D 47 66.92 109.13 119.22
C ALA D 47 66.74 107.64 119.39
N ALA D 48 66.14 106.97 118.40
CA ALA D 48 65.93 105.52 118.20
C ALA D 48 64.98 104.86 119.21
N ALA D 49 64.48 105.57 120.22
CA ALA D 49 63.43 105.03 121.07
C ALA D 49 62.44 106.11 121.49
N ALA D 50 62.21 107.11 120.64
CA ALA D 50 61.48 108.30 121.03
C ALA D 50 59.98 108.04 121.06
N ALA D 51 59.38 108.20 122.24
CA ALA D 51 57.93 108.25 122.37
C ALA D 51 57.53 109.72 122.50
N ALA D 52 57.58 110.42 121.37
CA ALA D 52 57.39 111.86 121.37
C ALA D 52 55.91 112.22 121.47
N ALA D 53 55.63 113.27 122.24
CA ALA D 53 54.31 113.86 122.31
C ALA D 53 54.47 115.35 122.05
N ALA D 54 53.52 115.94 121.33
CA ALA D 54 53.62 117.36 120.98
C ALA D 54 52.26 118.01 121.06
N ALA D 55 52.16 119.06 121.85
CA ALA D 55 50.99 119.91 121.96
C ALA D 55 51.15 121.09 120.99
N ALA D 56 50.38 122.16 121.23
CA ALA D 56 50.11 123.23 120.26
C ALA D 56 51.35 124.03 119.88
N ALA D 57 51.35 124.47 118.61
CA ALA D 57 52.40 125.25 117.94
C ALA D 57 53.76 124.55 117.98
N ALA D 58 53.77 123.31 117.52
CA ALA D 58 54.98 122.49 117.48
C ALA D 58 55.37 122.27 116.02
N ALA D 59 56.26 123.11 115.52
CA ALA D 59 56.86 122.93 114.21
C ALA D 59 58.24 122.30 114.40
N ALA D 60 58.48 121.19 113.74
CA ALA D 60 59.70 120.42 113.97
C ALA D 60 60.28 119.91 112.66
N ALA D 61 61.59 119.74 112.66
CA ALA D 61 62.31 119.21 111.50
C ALA D 61 63.49 118.39 112.02
N ALA D 62 63.32 117.08 112.06
CA ALA D 62 64.27 116.20 112.73
C ALA D 62 64.60 114.98 111.89
N ALA D 63 65.82 114.48 112.04
CA ALA D 63 66.30 113.30 111.33
C ALA D 63 66.57 112.14 112.30
N ALA D 64 65.68 111.96 113.25
CA ALA D 64 65.86 110.98 114.32
C ALA D 64 64.76 109.93 114.27
N ALA D 65 65.11 108.71 114.65
CA ALA D 65 64.16 107.62 114.68
C ALA D 65 63.29 107.70 115.93
N ALA D 66 62.00 107.47 115.77
CA ALA D 66 61.04 107.51 116.87
C ALA D 66 60.42 106.13 117.06
N ALA D 67 59.61 106.01 118.11
CA ALA D 67 58.91 104.77 118.38
C ALA D 67 57.42 105.02 118.53
N ALA D 68 57.06 106.16 119.10
CA ALA D 68 55.66 106.51 119.26
C ALA D 68 55.50 108.01 119.04
N ALA D 69 54.32 108.39 118.56
CA ALA D 69 54.02 109.79 118.27
C ALA D 69 52.63 110.11 118.79
N ALA D 70 52.51 111.23 119.49
CA ALA D 70 51.23 111.68 120.00
C ALA D 70 51.06 113.15 119.68
N ALA D 71 49.87 113.53 119.21
CA ALA D 71 49.55 114.91 118.91
C ALA D 71 48.35 115.35 119.72
N ALA D 72 48.34 116.60 120.15
CA ALA D 72 47.33 117.09 121.09
C ALA D 72 46.42 118.17 120.51
N ALA D 73 46.98 119.29 120.02
CA ALA D 73 46.13 120.36 119.50
C ALA D 73 46.38 120.68 118.03
N ALA D 74 47.61 121.07 117.67
CA ALA D 74 47.95 121.53 116.33
C ALA D 74 49.46 121.51 116.20
N ALA D 75 49.96 121.01 115.07
CA ALA D 75 51.40 120.83 114.90
C ALA D 75 51.75 120.91 113.42
N ALA D 76 53.06 120.86 113.15
CA ALA D 76 53.61 120.70 111.80
C ALA D 76 54.98 120.05 111.97
N ALA D 77 55.03 118.74 111.76
CA ALA D 77 56.28 118.01 111.92
C ALA D 77 56.89 117.69 110.57
N ALA D 78 58.19 117.43 110.58
CA ALA D 78 58.89 116.85 109.43
C ALA D 78 60.00 115.98 110.02
N ALA D 79 59.69 114.72 110.23
CA ALA D 79 60.59 113.82 110.93
C ALA D 79 61.01 112.67 110.02
N ALA D 80 62.21 112.16 110.29
CA ALA D 80 62.77 111.04 109.53
C ALA D 80 62.95 109.85 110.48
N ALA D 81 61.88 109.08 110.67
CA ALA D 81 61.91 107.94 111.58
C ALA D 81 62.37 106.69 110.84
N ALA D 82 62.65 105.62 111.60
CA ALA D 82 63.24 104.46 110.94
C ALA D 82 62.59 103.12 111.22
N ALA D 83 62.18 102.85 112.46
CA ALA D 83 62.01 101.47 112.89
C ALA D 83 60.56 101.04 113.10
N ALA D 84 59.84 101.72 113.99
CA ALA D 84 58.46 101.39 114.27
C ALA D 84 57.76 102.64 114.74
N ALA D 85 56.44 102.67 114.62
CA ALA D 85 55.69 103.84 115.01
C ALA D 85 54.32 103.45 115.53
N ALA D 86 54.04 103.86 116.76
CA ALA D 86 52.69 103.84 117.31
C ALA D 86 52.22 105.29 117.38
N ALA D 87 51.35 105.68 116.47
CA ALA D 87 51.01 107.09 116.29
C ALA D 87 49.53 107.32 116.59
N ALA D 88 49.26 108.43 117.27
CA ALA D 88 47.90 108.86 117.57
C ALA D 88 47.87 110.39 117.59
N ALA D 89 46.78 110.95 117.08
CA ALA D 89 46.68 112.39 116.91
C ALA D 89 45.38 112.91 117.49
N ALA D 90 45.29 114.24 117.58
CA ALA D 90 44.08 114.92 118.01
C ALA D 90 44.06 116.30 117.36
N ALA D 91 43.28 116.41 116.27
CA ALA D 91 42.93 117.67 115.56
C ALA D 91 44.14 118.41 115.00
N ALA D 92 45.22 117.69 114.71
CA ALA D 92 46.49 118.30 114.36
C ALA D 92 46.86 117.97 112.92
N ALA D 93 48.05 118.40 112.54
CA ALA D 93 48.64 118.08 111.25
C ALA D 93 50.05 117.58 111.46
N ALA D 94 50.47 116.62 110.64
CA ALA D 94 51.76 115.99 110.82
C ALA D 94 52.28 115.48 109.49
N ALA D 95 53.60 115.56 109.31
CA ALA D 95 54.25 114.99 108.14
C ALA D 95 55.52 114.27 108.58
N ALA D 96 55.80 113.14 107.94
CA ALA D 96 57.00 112.38 108.21
C ALA D 96 57.63 112.00 106.88
N ALA D 97 58.95 111.77 106.90
CA ALA D 97 59.72 111.74 105.66
C ALA D 97 60.30 110.38 105.32
N ALA D 98 61.09 109.77 106.20
CA ALA D 98 61.90 108.62 105.82
C ALA D 98 61.10 107.33 105.90
N ALA D 99 61.79 106.21 105.74
CA ALA D 99 61.15 104.90 105.68
C ALA D 99 60.76 104.47 107.08
N ALA D 100 59.46 104.39 107.34
CA ALA D 100 58.93 103.99 108.63
C ALA D 100 58.12 102.70 108.48
N ALA D 101 57.82 102.08 109.62
CA ALA D 101 56.97 100.90 109.65
C ALA D 101 55.88 101.15 110.69
N ALA D 102 54.81 101.81 110.25
CA ALA D 102 53.71 102.14 111.14
C ALA D 102 52.80 100.92 111.25
N ALA D 103 52.78 100.30 112.43
CA ALA D 103 51.97 99.11 112.60
C ALA D 103 50.50 99.47 112.82
N ALA D 104 50.23 100.42 113.70
CA ALA D 104 48.86 100.81 113.98
C ALA D 104 48.75 102.33 113.99
N ALA D 105 47.64 102.83 113.45
CA ALA D 105 47.35 104.26 113.49
C ALA D 105 45.86 104.43 113.75
N ALA D 106 45.55 105.08 114.87
CA ALA D 106 44.17 105.35 115.27
C ALA D 106 43.98 106.85 115.32
N ALA D 107 43.15 107.37 114.43
CA ALA D 107 42.89 108.81 114.35
C ALA D 107 41.41 109.03 114.62
N ALA D 108 41.10 109.59 115.79
CA ALA D 108 39.72 109.82 116.20
C ALA D 108 39.34 111.29 116.17
N ALA D 109 40.07 112.10 115.41
CA ALA D 109 39.84 113.55 115.37
C ALA D 109 40.21 114.06 113.99
N ALA D 110 40.46 115.36 113.87
CA ALA D 110 40.83 115.99 112.60
C ALA D 110 42.34 115.95 112.47
N ALA D 111 42.84 114.91 111.81
CA ALA D 111 44.27 114.67 111.71
C ALA D 111 44.69 114.68 110.25
N ALA D 112 45.51 115.65 109.88
CA ALA D 112 46.11 115.69 108.55
C ALA D 112 47.48 115.02 108.65
N ALA D 113 47.46 113.70 108.63
CA ALA D 113 48.66 112.90 108.80
C ALA D 113 49.22 112.49 107.44
N ALA D 114 50.51 112.70 107.25
CA ALA D 114 51.17 112.34 106.00
C ALA D 114 52.48 111.65 106.30
N ALA D 115 52.78 110.60 105.54
CA ALA D 115 54.06 109.90 105.65
C ALA D 115 54.55 109.61 104.25
N ALA D 116 55.73 110.14 103.91
CA ALA D 116 56.25 110.01 102.55
C ALA D 116 56.81 108.63 102.24
N ALA D 117 57.07 107.82 103.27
CA ALA D 117 57.50 106.44 103.06
C ALA D 117 57.04 105.63 104.25
N ALA D 118 56.19 104.63 103.99
CA ALA D 118 55.76 103.68 105.00
C ALA D 118 56.00 102.29 104.44
N ALA D 119 57.02 101.61 104.94
CA ALA D 119 57.36 100.25 104.53
C ALA D 119 57.09 99.35 105.71
N ALA D 120 55.85 98.90 105.85
CA ALA D 120 55.42 98.13 107.00
C ALA D 120 55.02 96.73 106.56
N ALA D 121 54.51 95.95 107.51
CA ALA D 121 54.06 94.59 107.24
C ALA D 121 52.57 94.42 107.44
N ALA D 122 51.98 95.10 108.42
CA ALA D 122 50.54 95.04 108.63
C ALA D 122 50.12 96.37 109.23
N ALA D 123 49.64 97.27 108.39
CA ALA D 123 49.24 98.60 108.83
C ALA D 123 47.74 98.61 109.07
N ALA D 124 47.34 98.72 110.33
CA ALA D 124 45.94 98.80 110.70
C ALA D 124 45.63 100.27 110.99
N ALA D 125 44.80 100.88 110.15
CA ALA D 125 44.44 102.27 110.30
C ALA D 125 42.95 102.35 110.61
N ALA D 126 42.63 102.81 111.81
CA ALA D 126 41.26 103.03 112.22
C ALA D 126 41.00 104.53 112.28
N ALA D 127 39.90 104.96 111.66
CA ALA D 127 39.61 106.38 111.52
C ALA D 127 38.21 106.69 112.00
N ALA D 128 38.05 107.84 112.64
CA ALA D 128 36.79 108.22 113.27
C ALA D 128 36.51 109.70 113.03
N ALA D 129 35.66 109.95 112.05
CA ALA D 129 34.78 111.10 111.81
C ALA D 129 35.38 112.41 111.32
N ALA D 130 36.70 112.59 111.36
CA ALA D 130 37.20 113.89 110.88
C ALA D 130 38.53 113.89 110.13
N ALA D 131 39.34 112.83 110.28
CA ALA D 131 40.74 112.86 109.90
C ALA D 131 40.96 112.82 108.39
N ALA D 132 42.23 112.92 108.01
CA ALA D 132 42.66 112.85 106.61
C ALA D 132 44.08 112.29 106.58
N ALA D 133 44.18 110.98 106.40
CA ALA D 133 45.47 110.32 106.35
C ALA D 133 45.92 110.11 104.91
N ALA D 134 47.18 110.45 104.63
CA ALA D 134 47.74 110.28 103.29
C ALA D 134 49.11 109.65 103.43
N ALA D 135 49.15 108.33 103.49
CA ALA D 135 50.37 107.57 103.73
C ALA D 135 50.61 106.64 102.56
N ALA D 136 51.76 106.75 101.91
CA ALA D 136 51.94 106.01 100.66
C ALA D 136 53.41 105.67 100.41
N ALA D 137 53.82 104.46 100.84
CA ALA D 137 54.82 103.79 100.01
C ALA D 137 54.45 102.36 99.63
N ALA D 138 54.47 101.44 100.60
CA ALA D 138 54.35 100.01 100.33
C ALA D 138 54.03 99.28 101.63
N ALA D 139 52.82 98.77 101.74
CA ALA D 139 52.48 97.92 102.88
C ALA D 139 52.45 96.47 102.41
N ALA D 140 52.19 95.56 103.33
CA ALA D 140 51.99 94.17 102.97
C ALA D 140 50.64 93.62 103.41
N ALA D 141 50.00 94.21 104.41
CA ALA D 141 48.63 93.90 104.77
C ALA D 141 48.03 95.15 105.37
N ALA D 142 47.20 95.85 104.60
CA ALA D 142 46.56 97.06 105.08
C ALA D 142 45.16 96.72 105.55
N ALA D 143 44.77 97.27 106.70
CA ALA D 143 43.43 97.09 107.25
C ALA D 143 42.91 98.48 107.58
N ALA D 144 42.17 99.06 106.64
CA ALA D 144 41.66 100.43 106.78
C ALA D 144 40.22 100.34 107.23
N ALA D 145 40.01 100.46 108.53
CA ALA D 145 38.66 100.53 109.09
C ALA D 145 38.33 102.00 109.27
N ALA D 146 37.66 102.58 108.28
CA ALA D 146 37.17 103.95 108.39
C ALA D 146 35.75 103.86 108.91
N ALA D 147 35.58 104.07 110.22
CA ALA D 147 34.27 104.05 110.87
C ALA D 147 33.68 105.45 110.95
N ALA D 148 33.86 106.22 109.88
CA ALA D 148 34.20 107.62 109.88
C ALA D 148 33.34 108.37 108.88
N ALA D 149 33.24 109.68 109.07
CA ALA D 149 32.82 110.61 108.03
C ALA D 149 34.04 111.30 107.42
N ALA D 150 35.12 110.54 107.24
CA ALA D 150 36.43 111.11 107.01
C ALA D 150 37.06 110.43 105.79
N ALA D 151 38.29 110.83 105.50
CA ALA D 151 38.96 110.47 104.26
C ALA D 151 40.27 109.75 104.55
N ALA D 152 40.56 108.72 103.78
CA ALA D 152 41.82 107.97 103.87
C ALA D 152 42.34 107.81 102.44
N ALA D 153 43.09 108.80 101.99
CA ALA D 153 43.64 108.79 100.65
C ALA D 153 44.95 108.01 100.65
N ALA D 154 45.19 107.25 99.58
CA ALA D 154 46.41 106.44 99.53
C ALA D 154 46.81 106.19 98.09
N ALA D 155 48.11 106.27 97.87
CA ALA D 155 48.78 105.64 96.74
C ALA D 155 49.73 104.57 97.26
N ALA D 156 49.39 104.01 98.42
CA ALA D 156 50.21 102.99 99.08
C ALA D 156 49.99 101.67 98.37
N ALA D 157 51.04 101.17 97.70
CA ALA D 157 50.93 99.92 96.94
C ALA D 157 51.00 98.77 97.92
N ALA D 158 49.86 98.41 98.50
CA ALA D 158 49.79 97.32 99.44
C ALA D 158 49.60 96.00 98.72
N ALA D 159 50.23 94.95 99.24
CA ALA D 159 50.09 93.62 98.66
C ALA D 159 48.72 93.02 98.95
N ALA D 160 48.20 93.22 100.15
CA ALA D 160 46.85 92.83 100.48
C ALA D 160 46.17 93.99 101.18
N ALA D 161 44.91 94.23 100.85
CA ALA D 161 44.17 95.36 101.39
C ALA D 161 42.81 94.91 101.86
N ALA D 162 42.38 95.46 102.99
CA ALA D 162 41.07 95.17 103.58
C ALA D 162 40.52 96.49 104.09
N ALA D 163 39.67 97.13 103.29
CA ALA D 163 39.17 98.46 103.60
C ALA D 163 37.67 98.39 103.77
N ALA D 164 37.20 98.80 104.95
CA ALA D 164 35.78 98.86 105.25
C ALA D 164 35.42 100.28 105.65
N ALA D 165 34.52 100.90 104.90
CA ALA D 165 34.07 102.27 105.15
C ALA D 165 32.63 102.22 105.65
N ALA D 166 32.35 102.93 106.73
CA ALA D 166 31.11 102.67 107.47
C ALA D 166 30.01 103.71 107.27
N ALA D 167 30.30 105.02 107.28
CA ALA D 167 29.21 106.01 107.16
C ALA D 167 29.74 107.28 106.50
N ALA D 168 29.62 107.34 105.16
CA ALA D 168 30.07 108.45 104.29
C ALA D 168 31.53 108.80 104.48
N ALA D 169 32.37 107.78 104.55
CA ALA D 169 33.81 107.93 104.45
C ALA D 169 34.23 107.96 103.00
N ALA D 170 35.51 108.19 102.76
CA ALA D 170 36.05 108.17 101.40
C ALA D 170 37.48 107.66 101.45
N ALA D 171 37.70 106.47 100.89
CA ALA D 171 39.00 105.83 100.97
C ALA D 171 39.53 105.54 99.58
N ALA D 172 40.76 105.94 99.32
CA ALA D 172 41.41 105.72 98.04
C ALA D 172 42.52 104.70 98.25
N ALA D 173 42.31 103.49 97.73
CA ALA D 173 43.21 102.38 97.95
C ALA D 173 43.92 101.98 96.67
N ALA D 174 44.96 101.16 96.82
CA ALA D 174 45.70 100.62 95.68
C ALA D 174 46.28 99.27 96.12
N ALA D 175 45.73 98.19 95.57
CA ALA D 175 46.09 96.85 96.00
C ALA D 175 46.90 96.15 94.92
N ALA D 176 47.99 95.51 95.33
CA ALA D 176 48.81 94.79 94.36
C ALA D 176 48.24 93.41 94.06
N ALA D 177 48.13 92.56 95.09
CA ALA D 177 47.70 91.19 94.87
C ALA D 177 46.30 90.90 95.36
N ALA D 178 45.88 91.52 96.46
CA ALA D 178 44.61 91.18 97.10
C ALA D 178 43.85 92.44 97.43
N ALA D 179 42.65 92.58 96.88
CA ALA D 179 41.78 93.71 97.20
C ALA D 179 40.55 93.22 97.92
N ALA D 180 40.27 93.80 99.08
CA ALA D 180 39.13 93.43 99.90
C ALA D 180 38.42 94.71 100.29
N ALA D 181 37.17 94.86 99.87
CA ALA D 181 36.49 96.12 100.10
C ALA D 181 35.08 95.89 100.58
N ALA D 182 34.69 96.61 101.63
CA ALA D 182 33.30 96.70 102.03
C ALA D 182 32.96 98.16 102.23
N ALA D 183 31.85 98.59 101.64
CA ALA D 183 31.45 99.98 101.77
C ALA D 183 30.03 100.05 102.30
N ALA D 184 29.75 101.10 103.06
CA ALA D 184 28.41 101.35 103.57
C ALA D 184 28.16 102.85 103.53
N ALA D 185 27.26 103.29 102.63
CA ALA D 185 26.86 104.69 102.38
C ALA D 185 28.03 105.62 102.03
N ALA D 186 29.09 105.07 101.45
CA ALA D 186 30.39 105.73 101.41
C ALA D 186 31.02 105.47 100.05
N ALA D 187 32.31 105.78 99.95
CA ALA D 187 33.03 105.65 98.68
C ALA D 187 34.38 104.98 98.91
N ALA D 188 34.67 103.97 98.08
CA ALA D 188 35.97 103.31 98.07
C ALA D 188 36.49 103.31 96.64
N ALA D 189 37.57 104.05 96.39
CA ALA D 189 38.10 104.24 95.04
C ALA D 189 39.35 103.38 94.87
N ALA D 190 39.29 102.44 93.94
CA ALA D 190 40.38 101.52 93.67
C ALA D 190 41.25 102.09 92.56
N ALA D 191 42.43 102.55 92.91
CA ALA D 191 43.30 103.20 91.93
C ALA D 191 44.24 102.24 91.23
N ALA D 192 44.20 100.94 91.55
CA ALA D 192 44.97 99.94 90.83
C ALA D 192 44.21 98.62 90.86
N ALA D 193 44.17 97.95 89.72
CA ALA D 193 43.47 96.67 89.63
C ALA D 193 44.34 95.59 90.25
N ALA D 194 43.81 94.90 91.26
CA ALA D 194 44.57 93.90 91.96
C ALA D 194 44.64 92.61 91.17
N ALA D 195 45.46 91.68 91.65
CA ALA D 195 45.51 90.35 91.06
C ALA D 195 44.24 89.56 91.36
N ALA D 196 43.66 89.75 92.54
CA ALA D 196 42.34 89.25 92.84
C ALA D 196 41.61 90.30 93.66
N ALA D 197 40.44 90.70 93.18
CA ALA D 197 39.69 91.79 93.80
C ALA D 197 38.32 91.28 94.24
N ALA D 198 37.84 91.78 95.37
CA ALA D 198 36.50 91.50 95.81
C ALA D 198 35.97 92.69 96.60
N ALA D 199 34.80 93.18 96.18
CA ALA D 199 34.23 94.37 96.76
C ALA D 199 32.75 94.14 96.99
N ALA D 200 32.27 94.51 98.16
CA ALA D 200 30.86 94.39 98.52
C ALA D 200 30.36 95.76 98.94
N ALA D 201 29.23 96.15 98.39
CA ALA D 201 28.63 97.44 98.66
C ALA D 201 27.34 97.24 99.43
N ALA D 202 27.14 98.05 100.45
CA ALA D 202 25.94 98.08 101.27
C ALA D 202 24.98 99.12 100.69
N ALA D 203 24.02 99.57 101.51
CA ALA D 203 23.05 100.57 101.11
C ALA D 203 23.71 101.91 100.77
N ALA D 204 23.46 102.36 99.53
CA ALA D 204 23.92 103.63 98.94
C ALA D 204 25.45 103.76 98.96
N ALA D 205 26.13 102.65 98.71
CA ALA D 205 27.57 102.53 98.90
C ALA D 205 28.27 102.30 97.56
N ALA D 206 29.43 102.90 97.38
CA ALA D 206 30.08 102.93 96.08
C ALA D 206 31.51 102.43 96.15
N ALA D 207 31.74 101.20 95.72
CA ALA D 207 33.11 100.71 95.53
C ALA D 207 33.43 100.80 94.05
N ALA D 208 33.66 102.02 93.59
CA ALA D 208 33.92 102.28 92.18
C ALA D 208 35.42 102.26 91.93
N ALA D 209 35.86 101.38 91.03
CA ALA D 209 37.28 101.23 90.73
C ALA D 209 37.67 102.37 89.80
N ALA D 210 38.01 103.50 90.39
CA ALA D 210 38.24 104.74 89.64
C ALA D 210 39.70 104.88 89.25
N ALA D 211 40.14 103.96 88.39
CA ALA D 211 41.45 104.09 87.78
C ALA D 211 41.38 105.08 86.63
N ALA D 212 42.53 105.60 86.25
CA ALA D 212 42.60 106.57 85.15
C ALA D 212 42.51 105.82 83.84
N ALA D 213 41.40 106.00 83.13
CA ALA D 213 41.29 105.54 81.75
C ALA D 213 42.23 106.36 80.87
N ALA D 214 42.68 105.73 79.78
CA ALA D 214 43.89 106.06 79.02
C ALA D 214 45.10 106.16 79.94
N ALA D 215 45.48 105.00 80.46
CA ALA D 215 46.84 104.84 80.92
C ALA D 215 47.77 104.54 79.74
N ALA D 216 49.04 104.32 80.05
CA ALA D 216 49.95 103.86 79.01
C ALA D 216 49.65 102.43 78.62
N ALA D 217 49.49 101.56 79.60
CA ALA D 217 48.96 100.21 79.39
C ALA D 217 48.12 99.88 80.62
N ALA D 218 46.84 100.20 80.55
CA ALA D 218 45.91 99.81 81.61
C ALA D 218 45.58 98.35 81.42
N ALA D 219 45.91 97.52 82.41
CA ALA D 219 45.62 96.10 82.33
C ALA D 219 44.13 95.87 82.55
N ALA D 220 43.54 95.06 81.68
CA ALA D 220 42.11 94.82 81.77
C ALA D 220 41.79 93.83 82.88
N ALA D 221 40.52 93.78 83.24
CA ALA D 221 40.06 92.86 84.26
C ALA D 221 40.00 91.46 83.66
N ALA D 222 40.84 90.56 84.17
CA ALA D 222 40.96 89.22 83.64
C ALA D 222 39.84 88.32 84.16
N ALA D 223 39.94 87.02 83.90
CA ALA D 223 38.90 86.08 84.31
C ALA D 223 38.90 85.83 85.81
N ALA D 224 40.01 86.07 86.48
CA ALA D 224 40.08 85.94 87.92
C ALA D 224 39.78 87.24 88.65
N ALA D 225 39.62 88.35 87.95
CA ALA D 225 39.43 89.63 88.61
C ALA D 225 38.18 90.37 88.15
N ALA D 226 37.40 89.80 87.24
CA ALA D 226 36.22 90.49 86.73
C ALA D 226 35.09 90.32 87.72
N ALA D 227 34.97 91.27 88.65
CA ALA D 227 33.79 91.35 89.50
C ALA D 227 32.88 92.44 88.96
N ALA D 228 31.63 92.39 89.39
CA ALA D 228 30.61 93.31 88.93
C ALA D 228 30.76 94.68 89.61
N ALA E 1 64.51 113.32 90.74
CA ALA E 1 64.26 113.54 92.17
C ALA E 1 63.73 112.27 92.82
N ALA E 2 64.42 111.16 92.59
CA ALA E 2 64.00 109.87 93.10
C ALA E 2 64.73 109.55 94.39
N ALA E 3 64.58 108.30 94.86
CA ALA E 3 65.32 107.79 96.01
C ALA E 3 65.45 106.28 95.79
N ALA E 4 66.61 105.86 95.28
CA ALA E 4 66.81 104.45 94.98
C ALA E 4 67.10 103.67 96.27
N ALA E 5 66.93 102.35 96.18
CA ALA E 5 67.29 101.46 97.26
C ALA E 5 68.47 100.60 96.81
N ALA E 6 69.14 100.01 97.79
CA ALA E 6 70.38 99.29 97.56
C ALA E 6 70.17 97.85 97.13
N ALA E 7 68.92 97.39 97.01
CA ALA E 7 68.64 96.01 96.68
C ALA E 7 68.62 95.84 95.16
N ALA E 8 68.11 94.71 94.68
CA ALA E 8 67.97 94.49 93.25
C ALA E 8 66.81 95.33 92.70
N ALA E 9 67.13 96.57 92.36
CA ALA E 9 66.38 97.43 91.43
C ALA E 9 65.01 97.87 91.96
N ALA E 10 64.98 98.45 93.15
CA ALA E 10 63.80 99.12 93.66
C ALA E 10 64.11 100.59 93.91
N ALA E 11 63.12 101.45 93.71
CA ALA E 11 63.35 102.89 93.88
C ALA E 11 62.03 103.56 94.25
N ALA E 12 62.01 104.25 95.38
CA ALA E 12 60.89 105.13 95.64
C ALA E 12 61.09 106.43 94.87
N ALA E 13 60.01 107.19 94.73
CA ALA E 13 60.09 108.46 94.03
C ALA E 13 59.08 109.42 94.65
N ALA E 14 59.52 110.67 94.82
CA ALA E 14 58.73 111.64 95.57
C ALA E 14 58.34 112.84 94.72
N ALA E 15 57.88 112.60 93.49
CA ALA E 15 57.22 113.66 92.74
C ALA E 15 55.87 113.97 93.36
N ALA E 16 54.97 112.99 93.35
CA ALA E 16 53.86 112.97 94.28
C ALA E 16 53.96 111.78 95.22
N ALA E 17 53.94 110.56 94.66
CA ALA E 17 54.08 109.30 95.38
C ALA E 17 54.38 108.17 94.40
N ALA E 18 55.50 107.47 94.58
CA ALA E 18 55.77 106.27 93.79
C ALA E 18 56.70 105.35 94.56
N ALA E 19 56.51 104.04 94.37
CA ALA E 19 57.50 103.03 94.79
C ALA E 19 57.63 102.03 93.64
N ALA E 20 58.50 102.34 92.68
CA ALA E 20 58.59 101.57 91.45
C ALA E 20 59.85 100.71 91.47
N ALA E 21 60.05 99.98 90.37
CA ALA E 21 61.17 99.07 90.25
C ALA E 21 61.90 99.32 88.95
N ALA E 22 63.23 99.33 89.03
CA ALA E 22 64.11 99.49 87.89
C ALA E 22 64.46 98.11 87.33
N ALA E 23 65.50 98.02 86.51
CA ALA E 23 66.09 96.74 86.13
C ALA E 23 67.48 96.54 86.69
N ALA E 24 68.27 97.63 86.80
CA ALA E 24 69.66 97.67 87.31
C ALA E 24 70.60 96.73 86.54
N ALA E 25 70.38 96.63 85.23
CA ALA E 25 71.30 95.94 84.34
C ALA E 25 71.80 96.80 83.20
N ALA E 26 70.99 97.76 82.74
CA ALA E 26 71.43 98.77 81.80
C ALA E 26 72.01 100.00 82.48
N ALA E 27 71.75 100.14 83.79
CA ALA E 27 72.33 101.16 84.70
C ALA E 27 72.02 102.60 84.26
N ALA E 28 70.73 102.91 84.16
CA ALA E 28 70.29 104.27 83.83
C ALA E 28 70.16 105.06 85.12
N ALA E 29 71.30 105.37 85.72
CA ALA E 29 71.36 106.15 86.95
C ALA E 29 71.59 107.63 86.62
N ALA E 30 70.66 108.18 85.85
CA ALA E 30 70.76 109.57 85.42
C ALA E 30 70.43 110.54 86.54
N ALA E 31 69.59 110.09 87.50
CA ALA E 31 69.03 110.87 88.62
C ALA E 31 68.30 112.14 88.16
N ALA E 32 67.64 112.05 87.00
CA ALA E 32 66.98 113.20 86.38
C ALA E 32 65.90 112.65 85.47
N ALA E 33 64.65 112.96 85.77
CA ALA E 33 63.53 112.32 85.12
C ALA E 33 62.31 113.22 85.22
N ALA E 34 61.22 112.78 84.61
CA ALA E 34 59.90 113.39 84.77
C ALA E 34 59.03 112.31 85.40
N ALA E 35 59.06 112.25 86.73
CA ALA E 35 58.29 111.26 87.48
C ALA E 35 56.86 111.72 87.62
N ALA E 36 55.92 110.83 87.35
CA ALA E 36 54.50 111.15 87.36
C ALA E 36 53.74 110.15 88.21
N ALA E 37 52.51 110.52 88.57
CA ALA E 37 51.60 109.62 89.29
C ALA E 37 50.69 108.87 88.32
N ALA E 38 51.31 108.24 87.33
CA ALA E 38 50.68 107.29 86.43
C ALA E 38 51.63 106.15 86.16
N ALA E 39 52.54 105.89 87.13
CA ALA E 39 53.58 104.87 87.12
C ALA E 39 54.52 105.02 85.92
N ALA E 40 55.22 106.15 85.90
CA ALA E 40 56.12 106.43 84.78
C ALA E 40 57.28 107.27 85.30
N ALA E 41 58.42 106.62 85.50
CA ALA E 41 59.67 107.32 85.79
C ALA E 41 60.42 107.44 84.48
N ALA E 42 60.12 108.49 83.72
CA ALA E 42 60.67 108.68 82.37
C ALA E 42 62.04 109.34 82.50
N ALA E 43 63.08 108.51 82.51
CA ALA E 43 64.44 108.98 82.73
C ALA E 43 65.05 109.49 81.43
N ALA E 44 66.36 109.75 81.46
CA ALA E 44 67.07 110.22 80.27
C ALA E 44 67.27 109.09 79.28
N ALA E 45 67.55 107.88 79.77
CA ALA E 45 67.75 106.75 78.87
C ALA E 45 66.42 106.14 78.45
N ALA E 46 65.65 105.63 79.40
CA ALA E 46 64.41 104.92 79.12
C ALA E 46 63.38 105.32 80.16
N ALA E 47 62.28 104.56 80.22
CA ALA E 47 61.21 104.80 81.17
C ALA E 47 61.07 103.61 82.11
N ALA E 48 60.75 103.91 83.36
CA ALA E 48 60.61 102.90 84.39
C ALA E 48 59.23 103.01 85.04
N ALA E 49 58.71 101.87 85.45
CA ALA E 49 57.37 101.77 86.02
C ALA E 49 57.41 100.88 87.25
N ALA E 50 56.27 100.78 87.93
CA ALA E 50 56.10 99.82 89.01
C ALA E 50 55.99 98.44 88.39
N ALA E 51 57.05 97.65 88.49
CA ALA E 51 57.14 96.39 87.76
C ALA E 51 56.29 95.31 88.42
N ALA E 52 55.78 94.41 87.59
CA ALA E 52 54.97 93.31 88.08
C ALA E 52 55.16 92.08 87.19
N ALA F 1 -1.26 86.11 63.75
CA ALA F 1 -0.32 86.76 62.84
C ALA F 1 0.10 88.11 63.42
N ALA F 2 0.07 89.17 62.60
CA ALA F 2 0.34 90.51 63.10
C ALA F 2 -0.86 90.99 63.90
N ALA F 3 -0.86 90.72 65.19
CA ALA F 3 -2.03 90.89 66.03
C ALA F 3 -1.87 92.13 66.88
N ALA F 4 -2.95 92.91 66.94
CA ALA F 4 -3.28 93.99 67.87
C ALA F 4 -2.50 95.28 67.67
N ALA F 5 -1.44 95.30 66.84
CA ALA F 5 -0.90 96.59 66.41
C ALA F 5 -1.86 97.20 65.40
N ALA F 6 -2.01 96.53 64.28
CA ALA F 6 -3.10 96.67 63.33
C ALA F 6 -3.15 95.37 62.55
N ALA F 7 -3.85 95.36 61.43
CA ALA F 7 -3.73 94.22 60.55
C ALA F 7 -2.45 94.31 59.73
N ALA F 8 -2.12 93.22 59.05
CA ALA F 8 -0.91 93.13 58.26
C ALA F 8 -1.06 93.96 56.99
N ALA F 9 -0.21 94.97 56.83
CA ALA F 9 -0.35 95.88 55.69
C ALA F 9 0.24 95.28 54.42
N ALA F 10 1.53 95.06 54.41
CA ALA F 10 2.21 94.49 53.25
C ALA F 10 2.85 93.18 53.67
N ALA F 11 3.62 92.59 52.78
CA ALA F 11 4.45 91.44 53.10
C ALA F 11 5.80 91.73 52.43
N ALA F 12 6.71 92.35 53.18
CA ALA F 12 7.97 92.80 52.62
C ALA F 12 8.88 91.62 52.36
N ALA F 13 9.20 91.42 51.09
CA ALA F 13 10.16 90.38 50.74
C ALA F 13 11.55 90.79 51.18
N ALA F 14 12.39 89.76 51.39
CA ALA F 14 13.65 89.79 52.16
C ALA F 14 13.44 90.31 53.59
N ALA F 15 12.29 90.02 54.18
CA ALA F 15 11.95 90.46 55.51
C ALA F 15 10.79 89.60 56.03
N ALA F 16 10.26 90.00 57.17
CA ALA F 16 9.06 89.43 57.77
C ALA F 16 7.84 90.19 57.25
N ALA F 17 6.66 89.89 57.78
CA ALA F 17 5.45 90.61 57.37
C ALA F 17 5.45 91.99 57.98
N ALA F 18 4.78 92.91 57.30
CA ALA F 18 4.77 94.31 57.70
C ALA F 18 3.37 94.67 58.19
N ALA F 19 3.23 94.80 59.50
CA ALA F 19 1.97 95.23 60.08
C ALA F 19 1.74 96.71 59.80
N ALA F 20 0.50 97.15 59.98
CA ALA F 20 0.16 98.54 59.69
C ALA F 20 0.39 99.47 60.88
N ALA F 21 1.20 99.07 61.85
CA ALA F 21 1.94 99.98 62.69
C ALA F 21 3.44 99.85 62.45
N ALA F 22 4.00 98.65 62.62
CA ALA F 22 5.45 98.41 62.58
C ALA F 22 5.77 97.11 61.85
N ALA F 23 6.99 96.60 61.98
CA ALA F 23 7.37 95.35 61.35
C ALA F 23 7.06 94.20 62.29
N ALA F 24 6.37 93.18 61.78
CA ALA F 24 5.86 92.13 62.64
C ALA F 24 6.94 91.10 62.93
N ALA F 25 6.59 90.12 63.75
CA ALA F 25 7.48 89.03 64.09
C ALA F 25 7.13 87.75 63.34
N ALA F 26 6.17 87.81 62.43
CA ALA F 26 5.77 86.64 61.66
C ALA F 26 6.45 86.69 60.29
N ALA F 27 7.08 85.59 59.90
CA ALA F 27 7.90 85.58 58.71
C ALA F 27 7.05 85.53 57.45
N ALA F 28 7.37 86.40 56.49
CA ALA F 28 6.56 86.53 55.28
C ALA F 28 6.89 85.44 54.26
N ALA F 29 8.14 85.41 53.81
CA ALA F 29 8.57 84.50 52.77
C ALA F 29 9.27 83.29 53.37
N ALA F 30 9.67 82.37 52.49
CA ALA F 30 10.51 81.26 52.93
C ALA F 30 11.94 81.69 53.20
N ALA F 31 12.37 82.77 52.54
CA ALA F 31 13.76 83.16 52.51
C ALA F 31 14.09 84.28 53.48
N ALA F 32 13.38 84.37 54.59
CA ALA F 32 13.72 85.32 55.63
C ALA F 32 14.70 84.68 56.60
N ALA F 33 15.12 85.41 57.62
CA ALA F 33 16.15 84.92 58.53
C ALA F 33 15.53 84.20 59.73
N ALA F 34 14.79 83.13 59.43
CA ALA F 34 14.15 82.32 60.46
C ALA F 34 15.20 81.45 61.12
N ALA F 35 15.20 81.41 62.46
CA ALA F 35 16.28 80.76 63.23
C ALA F 35 16.14 79.25 63.20
N ALA F 36 16.50 78.66 62.07
CA ALA F 36 16.67 77.22 62.02
C ALA F 36 17.97 76.89 62.74
N ALA F 37 17.90 75.97 63.69
CA ALA F 37 19.11 75.43 64.29
C ALA F 37 19.01 73.92 64.49
N ALA F 38 17.84 73.33 64.27
CA ALA F 38 17.66 71.88 64.36
C ALA F 38 17.04 71.42 63.05
N ALA F 39 17.84 70.81 62.19
CA ALA F 39 17.32 70.25 60.97
C ALA F 39 16.68 68.89 61.24
N ALA F 40 15.98 68.37 60.23
CA ALA F 40 15.38 67.04 60.32
C ALA F 40 15.54 66.39 58.95
N ALA F 41 16.63 65.66 58.77
CA ALA F 41 16.90 65.03 57.48
C ALA F 41 17.80 63.83 57.68
N ALA F 42 17.68 62.86 56.78
CA ALA F 42 18.63 61.76 56.72
C ALA F 42 19.90 62.26 56.06
N ALA F 43 21.03 62.00 56.72
CA ALA F 43 22.40 62.34 56.30
C ALA F 43 22.60 63.83 56.09
N ALA F 44 21.94 64.65 56.91
CA ALA F 44 22.25 66.07 56.95
C ALA F 44 23.60 66.25 57.62
N ALA F 45 24.38 67.22 57.10
CA ALA F 45 25.70 67.73 57.47
C ALA F 45 26.84 66.79 57.10
N ALA F 46 26.51 65.59 56.62
CA ALA F 46 27.23 64.95 55.55
C ALA F 46 26.45 65.29 54.28
N ALA F 47 26.79 64.69 53.15
CA ALA F 47 26.00 64.95 51.95
C ALA F 47 24.71 64.14 52.01
N ALA F 48 23.78 64.47 51.11
CA ALA F 48 22.40 64.00 51.17
C ALA F 48 22.27 62.51 50.85
N ALA F 49 21.03 62.01 50.94
CA ALA F 49 20.76 60.60 50.73
C ALA F 49 20.84 60.26 49.24
N ALA F 50 21.78 59.38 48.88
CA ALA F 50 21.95 58.96 47.50
C ALA F 50 20.78 58.09 47.10
N ALA F 51 19.87 58.65 46.31
CA ALA F 51 18.52 58.13 46.16
C ALA F 51 18.42 56.88 45.30
N ALA F 52 19.49 56.51 44.59
CA ALA F 52 19.42 55.39 43.67
C ALA F 52 19.45 54.02 44.35
N ALA F 53 19.80 53.97 45.64
CA ALA F 53 19.91 52.70 46.33
C ALA F 53 18.54 52.13 46.67
N ALA F 54 18.43 50.81 46.61
CA ALA F 54 17.25 50.08 47.08
C ALA F 54 17.78 48.84 47.82
N ALA F 55 18.06 49.00 49.10
CA ALA F 55 18.62 47.95 49.93
C ALA F 55 18.17 48.20 51.36
N ALA F 56 18.84 47.58 52.32
CA ALA F 56 18.50 47.82 53.72
C ALA F 56 19.05 49.15 54.21
N ALA F 57 20.34 49.40 54.01
CA ALA F 57 20.99 50.56 54.56
C ALA F 57 20.67 51.81 53.74
N ALA F 58 20.94 52.97 54.32
CA ALA F 58 20.77 54.26 53.66
C ALA F 58 22.15 54.88 53.49
N ALA F 59 22.59 55.02 52.25
CA ALA F 59 23.91 55.55 51.96
C ALA F 59 23.83 57.03 51.63
N ALA F 60 24.74 57.80 52.19
CA ALA F 60 24.81 59.21 51.88
C ALA F 60 25.49 59.42 50.53
N ALA F 61 25.37 60.63 49.99
CA ALA F 61 26.07 60.98 48.75
C ALA F 61 27.55 61.21 48.97
N ALA F 62 28.01 61.36 50.21
CA ALA F 62 29.41 61.34 50.54
C ALA F 62 29.89 59.95 50.95
N ALA F 63 29.11 58.92 50.59
CA ALA F 63 29.40 57.49 50.77
C ALA F 63 29.57 57.10 52.23
N ALA F 64 28.84 57.75 53.12
CA ALA F 64 28.70 57.27 54.48
C ALA F 64 27.38 56.55 54.59
N ALA F 65 27.33 55.53 55.44
CA ALA F 65 26.09 54.81 55.70
C ALA F 65 25.39 55.46 56.87
N ALA F 66 24.19 55.97 56.65
CA ALA F 66 23.42 56.62 57.70
C ALA F 66 22.85 55.53 58.58
N ALA F 67 23.62 55.12 59.58
CA ALA F 67 23.22 54.03 60.45
C ALA F 67 22.18 54.46 61.47
N ALA F 68 22.02 55.76 61.68
CA ALA F 68 20.94 56.29 62.49
C ALA F 68 19.63 56.40 61.73
N ALA F 69 19.60 56.10 60.43
CA ALA F 69 18.36 56.12 59.69
C ALA F 69 18.15 54.89 58.83
N ALA F 70 18.88 53.81 59.09
CA ALA F 70 18.73 52.59 58.30
C ALA F 70 17.84 51.58 59.02
N LYS G 24 20.04 62.11 108.21
CA LYS G 24 20.03 62.44 106.79
C LYS G 24 21.43 62.71 106.29
N PHE G 25 21.82 62.06 105.21
CA PHE G 25 23.16 62.18 104.66
C PHE G 25 23.11 62.70 103.25
N LYS G 26 23.97 63.67 102.95
CA LYS G 26 23.99 64.34 101.65
C LYS G 26 25.40 64.80 101.34
N LYS G 27 25.89 64.46 100.15
CA LYS G 27 27.04 65.09 99.54
C LYS G 27 26.65 66.48 99.05
N PRO G 28 27.59 67.43 98.93
CA PRO G 28 27.21 68.82 98.63
C PRO G 28 26.66 69.06 97.23
N PRO G 29 27.36 68.73 96.08
CA PRO G 29 26.78 69.23 94.82
C PRO G 29 25.68 68.34 94.28
N ILE G 30 24.44 68.76 94.49
CA ILE G 30 23.32 68.06 93.91
C ILE G 30 22.86 68.92 92.76
N ASN G 31 23.37 68.66 91.58
CA ASN G 31 23.18 69.50 90.42
C ASN G 31 21.94 69.02 89.65
N ASN G 32 21.80 69.48 88.42
CA ASN G 32 20.74 69.01 87.57
C ASN G 32 21.02 67.59 87.08
N PRO G 33 20.00 66.88 86.59
CA PRO G 33 20.28 65.64 85.88
C PRO G 33 20.89 65.93 84.52
N SER G 34 22.11 65.47 84.33
CA SER G 34 22.76 65.50 83.02
C SER G 34 22.51 64.20 82.29
N ASP G 35 22.67 64.22 80.98
CA ASP G 35 22.59 63.00 80.20
C ASP G 35 23.95 62.60 79.67
N ASP G 36 23.99 61.38 79.13
CA ASP G 36 25.24 60.75 78.73
C ASP G 36 25.89 61.38 77.52
N ALA G 37 25.12 62.13 76.73
CA ALA G 37 25.66 62.91 75.63
C ALA G 37 26.63 63.97 76.11
N THR G 38 26.21 64.78 77.08
CA THR G 38 27.13 65.75 77.63
C THR G 38 28.13 65.15 78.60
N ILE G 39 27.86 63.94 79.13
CA ILE G 39 28.88 63.21 79.90
C ILE G 39 30.06 62.86 79.00
N LYS G 40 29.78 62.23 77.86
CA LYS G 40 30.89 61.80 77.03
C LYS G 40 31.45 62.93 76.18
N LEU G 41 30.67 63.98 75.97
CA LEU G 41 31.21 65.22 75.42
C LEU G 41 32.19 65.87 76.37
N ALA G 42 31.89 65.85 77.68
CA ALA G 42 32.79 66.45 78.65
C ALA G 42 34.05 65.63 78.83
N GLU G 43 33.94 64.30 78.80
CA GLU G 43 35.15 63.53 78.98
C GLU G 43 35.95 63.37 77.69
N ALA G 44 35.39 63.77 76.55
CA ALA G 44 36.25 64.07 75.41
C ALA G 44 36.90 65.43 75.58
N ALA G 45 36.13 66.37 76.11
CA ALA G 45 36.48 67.78 76.13
C ALA G 45 37.64 68.06 77.05
N VAL G 46 37.77 67.26 78.11
CA VAL G 46 38.90 67.43 79.01
C VAL G 46 40.20 66.93 78.40
N SER G 47 40.18 65.87 77.60
CA SER G 47 41.41 65.39 77.02
C SER G 47 41.82 66.20 75.82
N VAL G 48 40.86 66.78 75.09
CA VAL G 48 41.27 67.70 74.04
C VAL G 48 41.80 68.99 74.66
N SER G 49 41.25 69.41 75.82
CA SER G 49 41.80 70.55 76.56
C SER G 49 43.15 70.23 77.21
N ASP G 50 43.43 68.97 77.47
CA ASP G 50 44.70 68.65 78.10
C ASP G 50 45.83 68.49 77.10
N SER G 51 45.55 67.84 75.95
CA SER G 51 46.47 67.79 74.81
C SER G 51 46.73 69.17 74.25
N MET G 52 45.71 70.01 74.36
CA MET G 52 45.74 71.37 73.95
C MET G 52 46.72 72.16 74.76
N LEU G 53 46.55 71.98 76.09
CA LEU G 53 47.28 72.70 77.11
C LEU G 53 48.75 72.42 77.05
N GLU G 54 49.10 71.14 76.86
CA GLU G 54 50.52 70.80 76.78
C GLU G 54 51.10 71.20 75.43
N MET G 55 50.25 71.35 74.43
CA MET G 55 50.80 71.63 73.13
C MET G 55 51.04 73.15 73.05
N ALA G 56 50.21 73.94 73.73
CA ALA G 56 50.49 75.37 73.90
C ALA G 56 51.69 75.62 74.79
N LYS G 57 51.91 74.73 75.77
CA LYS G 57 53.13 74.73 76.58
C LYS G 57 54.40 74.53 75.73
N VAL G 58 54.39 73.55 74.82
CA VAL G 58 55.62 73.31 74.04
C VAL G 58 55.82 74.38 72.97
N GLU G 59 54.74 74.97 72.41
CA GLU G 59 54.88 76.13 71.50
C GLU G 59 55.49 77.35 72.18
N LYS G 60 54.99 77.70 73.37
CA LYS G 60 55.52 78.89 74.01
C LYS G 60 56.86 78.67 74.68
N VAL G 61 57.33 77.42 74.81
CA VAL G 61 58.71 77.29 75.23
C VAL G 61 59.68 77.13 74.06
N ILE G 62 59.27 76.60 72.92
CA ILE G 62 60.21 76.37 71.84
C ILE G 62 60.35 77.61 70.94
N THR G 63 59.37 78.51 70.91
CA THR G 63 59.76 79.87 70.63
C THR G 63 59.22 80.70 71.79
N PRO G 64 60.04 81.54 72.40
CA PRO G 64 59.52 82.46 73.38
C PRO G 64 58.76 83.55 72.67
N PRO G 65 57.57 83.89 73.14
CA PRO G 65 56.91 85.09 72.61
C PRO G 65 57.64 86.33 73.12
N SER G 66 58.28 87.02 72.19
CA SER G 66 59.12 88.14 72.56
C SER G 66 58.31 89.40 72.80
N LYS G 67 57.02 89.39 72.49
CA LYS G 67 56.39 90.62 72.12
C LYS G 67 54.88 90.49 72.24
N ASP G 68 54.25 91.57 72.66
CA ASP G 68 52.81 91.70 72.81
C ASP G 68 52.13 92.11 71.51
N ASN G 69 50.89 92.59 71.62
CA ASN G 69 50.31 93.42 70.59
C ASN G 69 49.69 94.69 71.18
N THR G 70 50.04 95.03 72.43
CA THR G 70 49.61 96.30 72.99
C THR G 70 50.43 97.45 72.45
N LEU G 71 51.60 97.16 71.88
CA LEU G 71 52.39 98.17 71.19
C LEU G 71 51.73 98.62 69.90
N THR G 72 50.89 97.78 69.29
CA THR G 72 50.33 98.10 68.00
C THR G 72 48.82 98.26 68.00
N ILE G 73 48.14 97.78 69.02
CA ILE G 73 46.85 98.30 69.42
C ILE G 73 47.04 98.92 70.78
N PRO G 74 47.21 100.20 70.87
CA PRO G 74 47.31 100.80 72.20
C PRO G 74 45.96 101.29 72.68
N ASN G 75 45.74 101.29 73.98
CA ASN G 75 44.44 101.64 74.52
C ASN G 75 44.25 103.14 74.48
N ALA G 76 42.99 103.55 74.57
CA ALA G 76 42.68 104.96 74.44
C ALA G 76 41.46 105.29 75.26
N TYR G 77 41.42 106.51 75.74
CA TYR G 77 40.18 107.03 76.25
C TYR G 77 39.25 107.32 75.10
N ASN G 78 38.08 106.68 75.15
CA ASN G 78 36.99 106.25 74.27
C ASN G 78 37.26 104.89 73.62
N LEU G 79 38.40 104.26 73.86
CA LEU G 79 38.53 102.83 73.63
C LEU G 79 38.42 102.05 74.92
N GLN G 80 38.34 102.72 76.05
CA GLN G 80 38.12 102.07 77.35
C GLN G 80 36.65 101.84 77.66
N ALA G 81 35.77 101.97 76.68
CA ALA G 81 34.45 101.40 76.78
C ALA G 81 34.54 99.89 76.69
N ARG G 82 33.48 99.22 77.10
CA ARG G 82 33.55 97.78 77.28
C ARG G 82 32.51 97.11 76.40
N ALA G 83 32.72 95.85 76.09
CA ALA G 83 31.77 95.13 75.26
C ALA G 83 31.80 93.66 75.63
N SER G 84 30.73 92.98 75.27
CA SER G 84 30.61 91.55 75.47
C SER G 84 30.14 91.00 74.14
N VAL G 85 30.78 89.95 73.63
CA VAL G 85 30.70 89.55 72.23
C VAL G 85 30.53 88.04 72.14
N ASP G 86 29.49 87.57 71.45
CA ASP G 86 29.65 86.30 70.75
C ASP G 86 29.41 86.48 69.26
N TRP G 87 30.23 85.81 68.47
CA TRP G 87 30.37 86.11 67.06
C TRP G 87 31.10 84.98 66.38
N SER G 88 30.64 84.64 65.18
CA SER G 88 31.30 83.58 64.45
C SER G 88 31.53 83.92 62.99
N GLY G 89 31.21 85.13 62.55
CA GLY G 89 31.30 85.45 61.16
C GLY G 89 32.66 85.96 60.75
N PRO G 90 32.72 86.69 59.64
CA PRO G 90 33.96 87.31 59.22
C PRO G 90 34.29 88.52 60.07
N ILE G 91 35.49 89.04 59.86
CA ILE G 91 36.11 89.88 60.86
C ILE G 91 35.71 91.35 60.71
N GLU G 92 35.46 91.80 59.47
CA GLU G 92 35.26 93.20 59.11
C GLU G 92 34.02 93.76 59.69
N GLU G 93 32.97 92.94 59.61
CA GLU G 93 31.69 93.29 60.14
C GLU G 93 31.78 93.56 61.63
N LEU G 94 32.44 92.64 62.36
CA LEU G 94 32.76 92.80 63.78
C LEU G 94 33.56 94.04 64.10
N THR G 95 34.74 94.20 63.50
CA THR G 95 35.58 95.34 63.85
C THR G 95 35.06 96.67 63.30
N ALA G 96 34.20 96.64 62.29
CA ALA G 96 33.48 97.84 61.90
C ALA G 96 32.47 98.25 62.95
N ARG G 97 31.78 97.29 63.58
CA ARG G 97 30.90 97.64 64.70
C ARG G 97 31.68 98.08 65.94
N ILE G 98 32.87 97.49 66.17
CA ILE G 98 33.71 97.91 67.31
C ILE G 98 34.21 99.33 67.12
N ALA G 99 34.64 99.67 65.89
CA ALA G 99 35.13 101.01 65.64
C ALA G 99 34.02 102.03 65.59
N LYS G 100 32.82 101.63 65.12
CA LYS G 100 31.63 102.48 65.15
C LYS G 100 31.24 102.82 66.58
N ALA G 101 31.29 101.85 67.47
CA ALA G 101 30.95 102.16 68.84
C ALA G 101 32.12 102.69 69.64
N ALA G 102 33.31 102.66 69.08
CA ALA G 102 34.46 103.32 69.68
C ALA G 102 34.63 104.73 69.17
N HIS G 103 33.79 105.14 68.20
CA HIS G 103 33.86 106.39 67.44
C HIS G 103 35.20 106.54 66.76
N PHE G 104 35.69 105.43 66.23
CA PHE G 104 36.90 105.38 65.44
C PHE G 104 36.49 105.13 64.02
N ARG G 105 37.07 105.88 63.10
CA ARG G 105 36.85 105.56 61.71
C ARG G 105 37.61 104.30 61.33
N PHE G 106 36.95 103.41 60.61
CA PHE G 106 37.48 102.09 60.33
C PHE G 106 37.92 102.03 58.88
N ARG G 107 39.14 101.55 58.67
CA ARG G 107 39.75 101.52 57.35
C ARG G 107 40.39 100.17 57.09
N VAL G 108 40.15 99.67 55.89
CA VAL G 108 40.62 98.37 55.46
C VAL G 108 41.83 98.58 54.58
N LEU G 109 42.89 97.84 54.87
CA LEU G 109 44.12 97.80 54.12
C LEU G 109 44.24 96.42 53.48
N GLY G 110 44.28 96.40 52.16
CA GLY G 110 44.40 95.16 51.45
C GLY G 110 43.09 94.55 51.10
N LYS G 111 43.06 93.84 49.99
CA LYS G 111 41.86 93.17 49.57
C LYS G 111 41.64 91.93 50.43
N SER G 112 40.40 91.70 50.76
CA SER G 112 40.03 90.52 51.50
C SER G 112 40.20 89.29 50.62
N PRO G 113 40.65 88.17 51.18
CA PRO G 113 40.88 86.98 50.37
C PRO G 113 39.56 86.33 50.01
N SER G 114 39.66 85.37 49.13
CA SER G 114 38.47 84.83 48.52
C SER G 114 37.77 83.84 49.42
N VAL G 115 38.53 83.11 50.22
CA VAL G 115 37.96 82.47 51.39
C VAL G 115 37.80 83.59 52.41
N PRO G 116 36.78 83.59 53.23
CA PRO G 116 36.73 84.56 54.32
C PRO G 116 37.74 84.16 55.38
N VAL G 117 38.28 85.16 56.04
CA VAL G 117 38.92 84.93 57.32
C VAL G 117 37.86 85.08 58.41
N LEU G 118 37.71 84.01 59.17
CA LEU G 118 36.59 83.86 60.08
C LEU G 118 37.15 83.83 61.48
N ILE G 119 36.62 84.69 62.34
CA ILE G 119 36.94 84.65 63.73
C ILE G 119 35.70 84.21 64.47
N SER G 120 35.86 83.88 65.74
CA SER G 120 34.73 83.46 66.55
C SER G 120 35.04 83.91 67.98
N ILE G 121 34.55 85.10 68.32
CA ILE G 121 34.80 85.67 69.63
C ILE G 121 33.67 85.25 70.53
N SER G 122 33.99 84.62 71.65
CA SER G 122 32.99 84.37 72.67
C SER G 122 33.60 84.86 73.97
N THR G 123 33.24 86.08 74.34
CA THR G 123 33.67 86.64 75.59
C THR G 123 32.58 87.49 76.19
N LYS G 124 32.77 87.81 77.47
CA LYS G 124 31.80 88.55 78.24
C LYS G 124 32.53 89.59 79.05
N ASP G 125 32.28 90.86 78.74
CA ASP G 125 32.85 92.07 79.35
C ASP G 125 34.37 92.07 79.24
N GLU G 126 34.90 92.31 78.05
CA GLU G 126 36.23 92.90 78.00
C GLU G 126 36.11 94.33 77.53
N SER G 127 37.23 95.04 77.61
CA SER G 127 37.35 96.34 76.99
C SER G 127 37.44 96.19 75.48
N LEU G 128 37.15 97.28 74.79
CA LEU G 128 37.21 97.32 73.33
C LEU G 128 38.62 97.12 72.80
N ALA G 129 39.61 97.59 73.53
CA ALA G 129 40.99 97.44 73.10
C ALA G 129 41.47 96.00 73.26
N GLU G 130 41.11 95.34 74.35
CA GLU G 130 41.49 93.94 74.50
C GLU G 130 40.67 92.99 73.65
N ILE G 131 39.42 93.32 73.33
CA ILE G 131 38.76 92.48 72.34
C ILE G 131 39.31 92.72 70.96
N LEU G 132 39.79 93.93 70.63
CA LEU G 132 40.50 94.13 69.37
C LEU G 132 41.83 93.39 69.33
N ARG G 133 42.46 93.25 70.48
CA ARG G 133 43.70 92.49 70.56
C ARG G 133 43.49 90.98 70.41
N ASP G 134 42.39 90.42 70.91
CA ASP G 134 42.26 89.00 70.59
C ASP G 134 41.48 88.72 69.30
N ILE G 135 40.80 89.71 68.71
CA ILE G 135 40.47 89.65 67.28
C ILE G 135 41.73 89.56 66.44
N ASP G 136 42.74 90.38 66.79
CA ASP G 136 44.06 90.38 66.15
C ASP G 136 44.76 89.04 66.34
N TYR G 137 44.65 88.46 67.53
CA TYR G 137 45.29 87.18 67.76
C TYR G 137 44.59 86.04 67.04
N GLN G 138 43.25 86.01 67.09
CA GLN G 138 42.49 84.93 66.47
C GLN G 138 42.55 84.96 64.95
N ALA G 139 42.73 86.13 64.37
CA ALA G 139 43.07 86.19 62.96
C ALA G 139 44.57 86.29 62.77
N GLY G 140 45.29 85.27 63.25
CA GLY G 140 46.74 85.28 63.14
C GLY G 140 47.19 84.93 61.74
N LYS G 141 48.16 85.72 61.24
CA LYS G 141 48.84 85.60 59.94
C LYS G 141 47.90 85.70 58.74
N LYS G 142 46.70 86.23 58.90
CA LYS G 142 45.76 86.37 57.81
C LYS G 142 45.35 87.83 57.83
N ALA G 143 45.37 88.41 59.02
CA ALA G 143 44.95 89.78 59.23
C ALA G 143 45.69 90.33 60.44
N SER G 144 45.55 91.63 60.64
CA SER G 144 46.01 92.29 61.87
C SER G 144 45.23 93.57 62.09
N ILE G 145 44.72 93.74 63.29
CA ILE G 145 44.15 94.99 63.76
C ILE G 145 45.28 95.89 64.23
N HIS G 146 45.30 97.13 63.77
CA HIS G 146 46.11 98.16 64.41
C HIS G 146 45.22 99.35 64.72
N VAL G 147 45.60 100.10 65.75
CA VAL G 147 44.82 101.26 66.19
C VAL G 147 45.78 102.43 66.24
N TYR G 148 45.42 103.54 65.60
CA TYR G 148 46.27 104.71 65.76
C TYR G 148 45.53 105.73 66.60
N PRO G 149 45.93 105.93 67.86
CA PRO G 149 45.06 106.64 68.81
C PRO G 149 45.30 108.14 68.96
N ASN G 150 46.34 108.74 68.37
CA ASN G 150 46.30 110.19 68.29
C ASN G 150 45.45 110.66 67.11
N SER G 151 45.24 109.80 66.13
CA SER G 151 44.11 109.89 65.22
C SER G 151 42.96 109.10 65.83
N GLN G 152 41.92 108.85 65.08
CA GLN G 152 40.93 107.87 65.52
C GLN G 152 40.69 106.95 64.35
N VAL G 153 41.60 106.02 64.13
CA VAL G 153 41.44 104.99 63.11
C VAL G 153 41.65 103.62 63.73
N VAL G 154 40.74 102.72 63.42
CA VAL G 154 40.94 101.29 63.58
C VAL G 154 41.18 100.74 62.18
N GLU G 155 42.29 100.06 62.02
CA GLU G 155 42.81 99.58 60.76
C GLU G 155 42.77 98.07 60.73
N LEU G 156 42.25 97.51 59.65
CA LEU G 156 42.31 96.07 59.46
C LEU G 156 43.19 95.82 58.26
N ARG G 157 44.33 95.22 58.50
CA ARG G 157 45.29 94.80 57.50
C ARG G 157 45.13 93.36 57.08
N TYR G 158 45.29 93.11 55.79
CA TYR G 158 45.22 91.75 55.32
C TYR G 158 46.59 91.16 55.01
N ALA G 159 46.59 89.86 54.79
CA ALA G 159 47.85 89.24 54.43
C ALA G 159 48.18 89.56 52.99
N LYS G 160 49.43 89.30 52.61
CA LYS G 160 49.97 89.67 51.30
C LYS G 160 49.71 88.61 50.27
N ILE G 161 48.88 87.66 50.62
CA ILE G 161 48.79 86.44 49.95
C ILE G 161 47.31 86.30 49.50
N ALA H 58 13.95 1.38 76.03
CA ALA H 58 14.26 2.40 75.03
C ALA H 58 13.86 3.77 75.55
N LEU H 59 12.65 3.87 76.11
CA LEU H 59 12.27 5.06 76.86
C LEU H 59 13.08 5.21 78.12
N LYS H 60 13.47 4.08 78.71
CA LYS H 60 14.40 4.07 79.83
C LYS H 60 15.80 4.57 79.43
N GLU H 61 16.21 4.27 78.17
CA GLU H 61 17.49 4.69 77.64
C GLU H 61 17.49 6.17 77.35
N THR H 62 16.41 6.70 76.77
CA THR H 62 16.38 8.13 76.57
C THR H 62 16.10 8.91 77.84
N ALA H 63 15.55 8.26 78.87
CA ALA H 63 15.51 8.86 80.20
C ALA H 63 16.91 9.04 80.79
N LEU H 64 17.76 8.03 80.60
CA LEU H 64 19.18 8.11 81.00
C LEU H 64 19.91 9.19 80.22
N SER H 65 19.62 9.32 78.93
CA SER H 65 20.25 10.35 78.12
C SER H 65 19.74 11.76 78.43
N VAL H 66 18.51 11.90 78.91
CA VAL H 66 18.07 13.19 79.46
C VAL H 66 18.84 13.52 80.73
N GLY H 67 19.00 12.54 81.63
CA GLY H 67 19.67 12.79 82.90
C GLY H 67 21.15 13.07 82.82
N ALA H 68 21.81 12.57 81.76
CA ALA H 68 23.26 12.68 81.61
C ALA H 68 23.75 14.11 81.42
N GLN H 69 23.16 14.83 80.47
CA GLN H 69 23.67 16.16 80.15
C GLN H 69 23.27 17.19 81.20
N ALA H 70 22.15 16.95 81.87
CA ALA H 70 21.76 17.80 82.98
C ALA H 70 22.67 17.62 84.18
N GLY H 71 23.08 16.37 84.45
CA GLY H 71 24.04 16.12 85.51
C GLY H 71 25.42 16.66 85.21
N LEU H 72 25.84 16.59 83.94
CA LEU H 72 27.09 17.19 83.48
C LEU H 72 27.11 18.69 83.63
N ALA H 73 26.03 19.37 83.25
CA ALA H 73 25.99 20.81 83.34
C ALA H 73 25.86 21.30 84.78
N TRP H 74 25.15 20.53 85.62
CA TRP H 74 25.05 20.88 87.03
C TRP H 74 26.38 20.71 87.74
N ARG H 75 27.10 19.61 87.46
CA ARG H 75 28.40 19.38 88.07
C ARG H 75 29.43 20.38 87.56
N ALA H 76 29.29 20.80 86.31
CA ALA H 76 30.12 21.85 85.73
C ALA H 76 29.92 23.17 86.44
N LYS H 77 28.66 23.51 86.75
CA LYS H 77 28.32 24.72 87.52
C LYS H 77 28.93 24.72 88.91
N ILE H 78 28.74 23.61 89.65
CA ILE H 78 29.21 23.48 91.03
C ILE H 78 30.73 23.57 91.11
N ILE H 79 31.43 22.93 90.18
CA ILE H 79 32.87 23.08 90.24
C ILE H 79 33.35 24.38 89.61
N ASP H 80 32.52 25.11 88.84
CA ASP H 80 32.97 26.43 88.42
C ASP H 80 32.99 27.44 89.56
N GLU H 81 31.95 27.50 90.42
CA GLU H 81 32.16 28.49 91.50
C GLU H 81 32.92 27.85 92.64
N GLN H 82 33.14 26.53 92.60
CA GLN H 82 34.05 25.96 93.57
C GLN H 82 35.50 26.28 93.17
N LEU H 83 35.78 26.39 91.86
CA LEU H 83 37.04 26.97 91.39
C LEU H 83 37.15 28.45 91.74
N ASN H 84 36.08 29.21 91.55
CA ASN H 84 36.11 30.65 91.80
C ASN H 84 36.17 31.01 93.28
N LYS H 85 35.79 30.08 94.15
CA LYS H 85 36.02 30.30 95.57
C LYS H 85 37.49 30.21 95.91
N GLN H 86 38.25 29.40 95.17
CA GLN H 86 39.68 29.24 95.40
C GLN H 86 40.49 29.95 94.34
N ALA H 87 40.04 31.12 93.92
CA ALA H 87 40.63 31.81 92.78
C ALA H 87 42.03 32.36 93.08
N ARG H 88 42.21 33.01 94.23
CA ARG H 88 43.54 33.51 94.58
C ARG H 88 44.51 32.40 94.96
N ASN H 89 43.96 31.31 95.51
CA ASN H 89 44.77 30.14 95.84
C ASN H 89 45.30 29.48 94.56
N LEU H 90 44.50 29.44 93.51
CA LEU H 90 44.95 28.85 92.27
C LEU H 90 45.90 29.74 91.49
N ASP H 91 45.80 31.07 91.66
CA ASP H 91 46.86 31.95 91.20
C ASP H 91 48.15 31.77 91.99
N ALA H 92 48.08 31.37 93.24
CA ALA H 92 49.30 31.03 93.94
C ALA H 92 49.89 29.71 93.46
N ILE H 93 49.05 28.68 93.26
CA ILE H 93 49.50 27.37 92.79
C ILE H 93 50.08 27.45 91.39
N TYR H 94 49.26 27.82 90.43
CA TYR H 94 49.60 27.84 89.02
C TYR H 94 50.07 29.22 88.60
N ASP H 95 51.11 29.68 89.26
CA ASP H 95 51.69 31.00 89.02
C ASP H 95 52.62 30.87 87.84
N PHE H 96 52.06 31.01 86.64
CA PHE H 96 52.90 30.98 85.44
C PHE H 96 53.63 32.29 85.24
N ASN H 97 53.14 33.35 85.88
CA ASN H 97 53.57 34.72 85.68
C ASN H 97 55.01 34.93 86.08
N SER H 98 55.41 34.37 87.22
CA SER H 98 56.79 34.46 87.62
C SER H 98 57.54 33.18 87.33
N LEU H 99 57.11 32.43 86.32
CA LEU H 99 57.91 31.38 85.75
C LEU H 99 58.47 31.73 84.38
N VAL H 100 58.07 32.86 83.81
CA VAL H 100 58.51 33.19 82.47
C VAL H 100 59.96 33.68 82.50
N LEU H 101 60.56 33.70 81.35
CA LEU H 101 61.99 33.92 81.25
C LEU H 101 62.26 35.41 81.14
N GLU H 102 63.50 35.75 80.81
CA GLU H 102 63.95 37.13 80.84
C GLU H 102 63.38 37.99 79.73
N HIS H 103 63.04 37.43 78.57
CA HIS H 103 62.50 38.28 77.53
C HIS H 103 61.05 37.95 77.32
N ASN H 104 60.31 37.78 78.43
CA ASN H 104 58.90 37.30 78.52
C ASN H 104 58.63 36.07 77.64
N ILE H 105 59.55 35.14 77.72
CA ILE H 105 59.46 33.90 76.97
C ILE H 105 58.82 32.86 77.87
N LEU H 106 57.76 32.26 77.39
CA LEU H 106 57.14 31.15 78.07
C LEU H 106 58.08 29.96 78.00
N PRO H 107 58.43 29.36 79.13
CA PRO H 107 59.35 28.24 79.14
C PRO H 107 58.72 26.99 78.57
N PRO H 108 59.52 26.05 78.03
CA PRO H 108 58.94 24.86 77.42
C PRO H 108 58.60 23.81 78.46
N VAL H 109 57.81 22.83 78.04
CA VAL H 109 57.31 21.81 78.94
C VAL H 109 58.17 20.57 78.78
N LEU H 110 58.95 20.26 79.79
CA LEU H 110 59.81 19.08 79.73
C LEU H 110 59.10 17.94 80.42
N LEU H 111 59.24 16.75 79.87
CA LEU H 111 58.61 15.60 80.47
C LEU H 111 59.68 14.62 80.90
N GLU H 112 59.57 14.18 82.15
CA GLU H 112 60.50 13.22 82.74
C GLU H 112 59.84 11.88 82.76
N GLY H 113 60.55 10.88 82.28
CA GLY H 113 60.07 9.53 82.48
C GLY H 113 61.23 8.70 82.97
N ARG H 114 61.20 8.28 84.21
CA ARG H 114 62.29 7.45 84.67
C ARG H 114 61.99 5.99 84.39
N ASN H 115 63.07 5.25 84.19
CA ASN H 115 63.19 3.81 84.44
C ASN H 115 62.34 3.03 83.43
N THR H 116 62.68 3.23 82.17
CA THR H 116 61.79 2.97 81.05
C THR H 116 62.15 1.64 80.41
N LEU H 117 61.15 0.81 80.14
CA LEU H 117 61.35 -0.37 79.30
C LEU H 117 60.46 -0.27 78.08
N ASN H 118 60.98 -0.74 76.95
CA ASN H 118 60.15 -1.14 75.82
C ASN H 118 60.50 -2.55 75.41
N LEU H 119 59.50 -3.43 75.44
CA LEU H 119 59.57 -4.75 74.87
C LEU H 119 59.30 -4.60 73.39
N ALA H 120 60.35 -4.65 72.56
CA ALA H 120 60.10 -4.40 71.15
C ALA H 120 59.55 -5.62 70.47
N ASP H 121 60.16 -6.77 70.70
CA ASP H 121 59.68 -8.03 70.21
C ASP H 121 60.11 -9.09 71.20
N ALA H 122 60.09 -10.34 70.78
CA ALA H 122 60.55 -11.42 71.63
C ALA H 122 62.06 -11.39 71.81
N GLN H 123 62.78 -10.84 70.84
CA GLN H 123 64.22 -10.95 70.81
C GLN H 123 64.90 -9.82 71.55
N SER H 124 64.22 -8.69 71.78
CA SER H 124 64.93 -7.49 72.18
C SER H 124 64.06 -6.54 73.00
N ILE H 125 64.65 -6.01 74.07
CA ILE H 125 64.08 -4.91 74.80
C ILE H 125 65.07 -3.75 74.76
N ARG H 126 64.55 -2.57 75.03
CA ARG H 126 65.41 -1.43 75.32
C ARG H 126 65.00 -0.84 76.64
N ILE H 127 65.90 -0.77 77.57
CA ILE H 127 65.67 0.03 78.76
C ILE H 127 66.46 1.30 78.62
N SER H 128 65.94 2.35 79.23
CA SER H 128 66.70 3.56 79.45
C SER H 128 66.39 4.02 80.84
N ASP H 129 67.32 4.75 81.44
CA ASP H 129 67.06 5.09 82.84
C ASP H 129 66.19 6.33 82.98
N ARG H 130 66.49 7.39 82.25
CA ARG H 130 65.62 8.56 82.24
C ARG H 130 65.41 9.02 80.82
N THR H 131 64.27 9.64 80.60
CA THR H 131 63.89 10.21 79.32
C THR H 131 63.39 11.60 79.56
N TYR H 132 64.01 12.58 78.91
CA TYR H 132 63.52 13.94 78.95
C TYR H 132 63.04 14.33 77.56
N LYS H 133 61.82 14.83 77.50
CA LYS H 133 61.23 15.23 76.24
C LYS H 133 60.89 16.71 76.28
N VAL H 134 61.25 17.44 75.24
CA VAL H 134 60.80 18.80 75.10
C VAL H 134 59.45 18.75 74.38
N ALA H 135 58.41 19.17 75.06
CA ALA H 135 57.09 19.27 74.47
C ALA H 135 56.63 20.71 74.55
N LYS H 136 56.11 21.17 73.40
CA LYS H 136 55.58 22.52 73.09
C LYS H 136 56.55 23.61 73.57
N GLN H 137 57.61 23.70 72.76
CA GLN H 137 58.86 24.44 72.91
C GLN H 137 58.63 25.92 73.26
N ALA H 138 59.65 26.51 73.91
CA ALA H 138 59.63 27.87 74.44
C ALA H 138 59.38 28.93 73.41
N HIS H 139 58.57 29.91 73.79
CA HIS H 139 58.14 30.87 72.79
C HIS H 139 57.71 32.15 73.46
N PHE H 140 57.68 33.22 72.68
CA PHE H 140 57.41 34.57 73.16
C PHE H 140 55.97 34.69 73.61
N ILE H 141 55.74 34.80 74.91
CA ILE H 141 54.38 34.97 75.36
C ILE H 141 54.20 36.45 75.66
N THR H 142 53.01 36.98 75.39
CA THR H 142 52.75 38.36 75.74
C THR H 142 52.26 38.48 77.18
N THR H 143 51.13 37.88 77.46
CA THR H 143 50.64 37.78 78.81
C THR H 143 50.58 36.33 79.24
N PRO H 144 51.02 36.00 80.46
CA PRO H 144 51.25 34.61 80.85
C PRO H 144 49.94 33.87 81.05
N PRO H 145 49.95 32.53 80.92
CA PRO H 145 48.70 31.79 81.05
C PRO H 145 48.21 31.77 82.47
N THR H 146 46.91 31.81 82.61
CA THR H 146 46.31 31.64 83.92
C THR H 146 45.94 30.19 84.10
N TRP H 147 45.28 29.90 85.21
CA TRP H 147 44.72 28.58 85.35
C TRP H 147 43.38 28.48 84.65
N ARG H 148 42.79 29.61 84.28
CA ARG H 148 41.42 29.58 83.80
C ARG H 148 41.31 29.11 82.37
N GLN H 149 42.39 29.12 81.58
CA GLN H 149 42.30 28.49 80.28
C GLN H 149 42.38 26.99 80.38
N TYR H 150 42.91 26.50 81.48
CA TYR H 150 43.23 25.09 81.58
C TYR H 150 42.17 24.37 82.40
N LEU H 151 41.53 25.06 83.36
CA LEU H 151 40.69 24.41 84.35
C LEU H 151 39.21 24.69 84.24
N TRP H 152 38.80 25.77 83.58
CA TRP H 152 37.41 26.20 83.60
C TRP H 152 36.57 25.31 82.71
N MET H 153 35.64 24.55 83.29
CA MET H 153 34.73 23.82 82.43
C MET H 153 33.57 24.69 81.98
N ASP H 154 32.97 24.28 80.88
CA ASP H 154 32.08 25.13 80.13
C ASP H 154 30.67 25.03 80.67
N TYR H 155 30.09 26.18 80.98
CA TYR H 155 28.72 26.23 81.44
C TYR H 155 27.78 26.72 80.35
N VAL H 156 26.97 25.80 79.85
CA VAL H 156 25.76 26.14 79.18
C VAL H 156 24.61 25.66 80.05
N LYS H 157 23.47 26.31 79.94
CA LYS H 157 22.32 25.97 80.76
C LYS H 157 21.38 25.20 79.85
N PRO H 158 21.25 23.87 80.02
CA PRO H 158 20.47 23.07 79.07
C PRO H 158 18.98 23.23 79.31
N GLU H 159 18.27 23.72 78.29
CA GLU H 159 16.85 23.98 78.39
C GLU H 159 16.01 22.93 77.68
N ALA H 160 16.55 21.74 77.50
CA ALA H 160 15.84 20.71 76.74
C ALA H 160 15.40 19.59 77.66
N PRO H 161 14.13 19.49 78.02
CA PRO H 161 13.67 18.33 78.78
C PRO H 161 13.49 17.11 77.88
N LYS H 173 8.01 6.84 83.85
CA LYS H 173 7.70 7.58 85.07
C LYS H 173 8.64 7.16 86.20
N GLU H 174 8.38 5.98 86.75
CA GLU H 174 9.21 5.44 87.82
C GLU H 174 10.57 4.97 87.30
N ILE H 175 10.57 4.35 86.12
CA ILE H 175 11.79 3.89 85.47
C ILE H 175 12.54 5.09 84.93
N TRP H 176 11.79 6.12 84.50
CA TRP H 176 12.33 7.42 84.15
C TRP H 176 13.04 8.07 85.32
N CYS H 177 12.48 7.96 86.52
CA CYS H 177 13.06 8.60 87.70
C CYS H 177 14.32 7.88 88.16
N ILE H 178 14.31 6.54 88.16
CA ILE H 178 15.51 5.83 88.59
C ILE H 178 16.63 5.90 87.55
N TYR H 179 16.29 5.96 86.25
CA TYR H 179 17.40 6.10 85.32
C TYR H 179 17.77 7.55 85.08
N THR H 180 16.95 8.52 85.51
CA THR H 180 17.49 9.87 85.45
C THR H 180 18.37 10.13 86.67
N GLU H 181 18.21 9.37 87.75
CA GLU H 181 19.24 9.45 88.78
C GLU H 181 20.52 8.72 88.38
N ARG H 182 20.43 7.61 87.66
CA ARG H 182 21.67 6.98 87.21
C ARG H 182 22.29 7.71 86.02
N GLY H 183 21.48 8.40 85.22
CA GLY H 183 22.01 9.36 84.28
C GLY H 183 22.62 10.57 84.95
N TRP H 184 22.08 11.00 86.09
CA TRP H 184 22.57 12.16 86.81
C TRP H 184 23.94 11.89 87.43
N LYS H 185 24.13 10.71 88.02
CA LYS H 185 25.49 10.41 88.49
C LYS H 185 26.44 10.06 87.35
N ASN H 186 25.93 9.60 86.20
CA ASN H 186 26.80 9.40 85.06
C ASN H 186 27.29 10.72 84.48
N GLY H 187 26.42 11.73 84.47
CA GLY H 187 26.85 13.07 84.10
C GLY H 187 27.78 13.71 85.10
N ILE H 188 27.56 13.41 86.39
CA ILE H 188 28.41 13.95 87.45
C ILE H 188 29.83 13.38 87.37
N ASP H 189 29.98 12.05 87.25
CA ASP H 189 31.35 11.55 87.24
C ASP H 189 32.00 11.67 85.88
N GLN H 190 31.21 11.89 84.82
CA GLN H 190 31.84 12.18 83.55
C GLN H 190 32.36 13.62 83.51
N ALA H 191 31.66 14.56 84.18
CA ALA H 191 32.21 15.90 84.38
C ALA H 191 33.43 15.90 85.30
N ASN H 192 33.45 15.00 86.28
CA ASN H 192 34.62 14.78 87.12
C ASN H 192 35.82 14.27 86.35
N THR H 193 35.61 13.42 85.34
CA THR H 193 36.76 12.97 84.55
C THR H 193 37.27 14.07 83.63
N ILE H 194 36.37 14.95 83.15
CA ILE H 194 36.80 16.11 82.36
C ILE H 194 37.64 17.06 83.21
N LEU H 195 37.21 17.30 84.45
CA LEU H 195 37.97 18.13 85.39
C LEU H 195 39.29 17.48 85.79
N GLU H 196 39.30 16.15 85.92
CA GLU H 196 40.51 15.40 86.25
C GLU H 196 41.55 15.52 85.14
N GLU H 197 41.12 15.47 83.89
CA GLU H 197 42.05 15.72 82.79
C GLU H 197 42.47 17.18 82.68
N ASN H 198 41.61 18.11 83.12
CA ASN H 198 41.99 19.52 83.09
C ASN H 198 43.09 19.84 84.11
N ILE H 199 42.93 19.34 85.33
CA ILE H 199 43.97 19.34 86.35
C ILE H 199 45.23 18.60 85.91
N ALA H 200 45.05 17.51 85.17
CA ALA H 200 46.17 16.76 84.64
C ALA H 200 46.96 17.55 83.60
N ARG H 201 46.25 18.31 82.77
CA ARG H 201 46.91 19.10 81.73
C ARG H 201 47.65 20.29 82.32
N ILE H 202 47.07 20.94 83.33
CA ILE H 202 47.77 22.04 83.97
C ILE H 202 48.94 21.55 84.81
N LYS H 203 48.86 20.32 85.34
CA LYS H 203 49.97 19.78 86.10
C LYS H 203 51.12 19.35 85.21
N GLU H 204 50.79 18.78 84.03
CA GLU H 204 51.76 18.57 82.95
C GLU H 204 52.47 19.84 82.53
N ASP H 205 51.71 20.88 82.20
CA ASP H 205 52.30 22.08 81.61
C ASP H 205 53.12 22.88 82.60
N PHE H 206 52.60 23.01 83.83
CA PHE H 206 53.28 23.78 84.83
C PHE H 206 54.49 23.04 85.36
N GLY H 207 54.35 21.74 85.67
CA GLY H 207 55.49 20.97 86.14
C GLY H 207 56.54 20.69 85.08
N GLY H 208 56.16 20.80 83.81
CA GLY H 208 57.15 20.83 82.75
C GLY H 208 58.00 22.08 82.75
N MET H 209 57.39 23.23 83.07
CA MET H 209 58.17 24.46 83.18
C MET H 209 59.06 24.43 84.43
N ILE H 210 58.58 23.75 85.47
CA ILE H 210 59.37 23.56 86.68
C ILE H 210 60.53 22.62 86.43
N LEU H 211 60.29 21.62 85.59
CA LEU H 211 61.31 20.68 85.20
C LEU H 211 62.35 21.32 84.30
N TYR H 212 61.96 22.38 83.56
CA TYR H 212 62.96 23.18 82.83
C TYR H 212 63.85 23.82 83.86
N ARG H 213 63.27 24.50 84.86
CA ARG H 213 64.07 25.33 85.77
C ARG H 213 65.00 24.50 86.65
N LYS H 214 64.59 23.26 86.93
CA LYS H 214 65.53 22.21 87.33
C LYS H 214 66.63 21.97 86.32
N LEU H 215 66.30 21.72 85.05
CA LEU H 215 67.38 21.35 84.14
C LEU H 215 68.16 22.55 83.62
N LEU H 216 67.66 23.76 83.81
CA LEU H 216 68.41 24.95 83.45
C LEU H 216 69.42 25.27 84.53
N ALA H 217 69.01 25.05 85.79
CA ALA H 217 70.00 24.95 86.85
C ALA H 217 70.95 23.80 86.61
N MET H 218 70.43 22.65 86.23
CA MET H 218 71.18 21.41 86.22
C MET H 218 71.86 21.16 84.89
N ASN H 219 71.88 22.17 84.01
CA ASN H 219 72.68 22.28 82.80
C ASN H 219 72.37 21.20 81.77
N MET H 220 71.17 20.66 81.79
CA MET H 220 70.79 19.68 80.79
C MET H 220 70.09 20.31 79.60
N VAL H 221 69.72 21.58 79.69
CA VAL H 221 69.14 22.34 78.59
C VAL H 221 69.90 23.63 78.39
N SER H 222 69.74 24.19 77.22
CA SER H 222 70.20 25.54 76.95
C SER H 222 69.14 26.54 77.39
N PRO H 223 69.53 27.74 77.80
CA PRO H 223 68.57 28.83 77.87
C PRO H 223 68.31 29.36 76.47
N PRO H 224 67.23 30.10 76.22
CA PRO H 224 67.04 30.63 74.87
C PRO H 224 67.96 31.81 74.64
N TYR H 225 68.47 31.89 73.43
CA TYR H 225 69.37 32.99 73.12
C TYR H 225 68.57 33.92 72.25
N VAL H 226 68.24 35.05 72.83
CA VAL H 226 67.58 36.12 72.11
C VAL H 226 68.59 36.95 71.34
N SER H 227 68.08 37.71 70.39
CA SER H 227 68.86 38.69 69.65
C SER H 227 67.98 39.91 69.51
N HIS H 228 68.45 41.05 69.99
CA HIS H 228 67.74 42.30 69.78
C HIS H 228 68.47 43.14 68.74
N THR H 229 67.98 43.11 67.51
CA THR H 229 68.47 44.02 66.50
C THR H 229 67.76 45.34 66.72
N ASP H 230 68.49 46.28 67.31
CA ASP H 230 67.97 47.62 67.52
C ASP H 230 67.98 48.31 66.17
N LEU H 231 66.94 49.09 65.93
CA LEU H 231 66.82 49.93 64.77
C LEU H 231 66.45 51.31 65.25
N GLY H 232 66.92 52.32 64.52
CA GLY H 232 66.56 53.67 64.89
C GLY H 232 65.20 54.07 64.36
N VAL H 233 65.09 55.27 63.87
CA VAL H 233 63.82 55.74 63.34
C VAL H 233 63.58 55.10 61.99
N THR H 234 62.37 54.61 61.80
CA THR H 234 62.11 53.59 60.81
C THR H 234 60.86 53.93 60.03
N GLY H 235 61.01 53.97 58.73
CA GLY H 235 59.86 54.04 57.85
C GLY H 235 60.03 55.15 56.84
N ASP H 236 58.95 55.37 56.13
CA ASP H 236 58.88 56.49 55.20
C ASP H 236 58.39 57.73 55.93
N GLY H 237 57.97 58.75 55.18
CA GLY H 237 57.47 59.92 55.83
C GLY H 237 56.00 59.86 56.19
N SER H 238 55.31 58.81 55.81
CA SER H 238 53.91 58.71 56.23
C SER H 238 53.77 57.97 57.55
N GLU H 239 54.85 57.37 58.03
CA GLU H 239 54.78 56.46 59.17
C GLU H 239 56.18 56.35 59.75
N ILE H 240 56.35 56.77 61.00
CA ILE H 240 57.63 56.52 61.65
C ILE H 240 57.39 55.71 62.90
N HIS H 241 58.37 54.88 63.22
CA HIS H 241 58.48 54.22 64.49
C HIS H 241 59.85 54.57 65.03
N ILE H 242 59.88 55.05 66.26
CA ILE H 242 61.04 55.82 66.69
C ILE H 242 62.15 54.91 67.21
N ASP H 243 61.87 54.13 68.23
CA ASP H 243 62.85 53.18 68.73
C ASP H 243 62.38 51.79 68.36
N ASP H 244 62.96 51.23 67.31
CA ASP H 244 62.41 50.09 66.62
C ASP H 244 63.26 48.86 66.89
N ARG H 245 62.94 48.15 67.96
CA ARG H 245 63.74 47.00 68.35
C ARG H 245 63.05 45.71 67.89
N VAL H 246 63.72 44.93 67.07
CA VAL H 246 63.23 43.63 66.65
C VAL H 246 63.90 42.57 67.50
N LEU H 247 63.10 41.78 68.21
CA LEU H 247 63.62 40.77 69.11
C LEU H 247 63.28 39.41 68.54
N ARG H 248 64.30 38.58 68.37
CA ARG H 248 64.12 37.22 67.88
C ARG H 248 64.69 36.24 68.90
N ILE H 249 64.18 35.03 68.83
CA ILE H 249 64.81 33.90 69.49
C ILE H 249 65.62 33.20 68.41
N THR H 250 66.93 33.12 68.61
CA THR H 250 67.78 32.42 67.68
C THR H 250 67.94 30.96 68.10
N ALA H 251 68.36 30.74 69.33
CA ALA H 251 68.61 29.41 69.84
C ALA H 251 67.45 29.02 70.74
N LEU H 252 66.85 27.91 70.47
CA LEU H 252 65.74 27.50 71.31
C LEU H 252 66.30 26.77 72.53
N PRO H 253 65.56 26.69 73.63
CA PRO H 253 65.97 25.83 74.73
C PRO H 253 65.89 24.38 74.33
N GLU H 254 66.93 23.63 74.68
CA GLU H 254 67.24 22.48 73.89
C GLU H 254 68.20 21.64 74.72
N LEU H 255 67.93 20.34 74.84
CA LEU H 255 68.68 19.46 75.74
C LEU H 255 70.06 19.17 75.17
N ASN H 256 71.11 19.37 75.97
CA ASN H 256 72.43 19.05 75.43
C ASN H 256 72.73 17.58 75.66
N VAL H 257 73.35 16.96 74.66
CA VAL H 257 73.78 15.59 74.77
C VAL H 257 75.24 15.48 75.10
N ASN H 258 75.98 16.58 75.04
CA ASN H 258 77.38 16.56 75.40
C ASN H 258 77.21 16.65 76.92
N SER H 259 77.43 15.53 77.58
CA SER H 259 76.83 15.34 78.89
C SER H 259 77.81 15.57 80.03
N ALA H 260 79.05 15.91 79.74
CA ALA H 260 80.05 16.07 80.78
C ALA H 260 79.88 17.35 81.59
N GLU H 261 79.17 18.35 81.06
CA GLU H 261 78.94 19.59 81.78
C GLU H 261 77.64 19.58 82.53
N TRP H 262 77.08 18.41 82.79
CA TRP H 262 75.84 18.33 83.52
C TRP H 262 76.07 18.59 84.99
N ARG H 263 74.98 18.71 85.72
CA ARG H 263 75.07 18.99 87.15
C ARG H 263 74.31 17.85 87.82
N ALA H 264 74.16 17.94 89.13
CA ALA H 264 73.61 16.90 89.99
C ALA H 264 73.07 17.58 91.23
N ALA H 265 71.91 17.14 91.68
CA ALA H 265 71.16 17.92 92.65
C ALA H 265 71.54 17.69 94.12
N VAL H 266 72.81 17.80 94.51
CA VAL H 266 73.15 17.44 95.88
C VAL H 266 72.96 18.64 96.81
N ALA H 267 72.19 18.42 97.87
CA ALA H 267 71.86 19.47 98.83
C ALA H 267 72.23 18.98 100.22
N LYS H 268 71.79 19.71 101.23
CA LYS H 268 72.04 19.29 102.61
C LYS H 268 70.77 19.30 103.44
N PHE I 25 30.93 38.66 120.27
CA PHE I 25 31.18 37.36 119.64
C PHE I 25 31.83 37.52 118.27
N LYS I 26 32.76 36.62 117.97
CA LYS I 26 33.52 36.66 116.74
C LYS I 26 32.88 35.80 115.68
N LYS I 27 33.46 35.85 114.49
CA LYS I 27 33.14 35.00 113.38
C LYS I 27 34.42 34.35 112.88
N PRO I 28 34.34 33.20 112.21
CA PRO I 28 35.50 32.69 111.47
C PRO I 28 35.72 33.51 110.22
N PRO I 29 36.88 33.39 109.57
CA PRO I 29 37.05 33.99 108.25
C PRO I 29 36.17 33.31 107.20
N ILE I 30 35.93 34.03 106.12
CA ILE I 30 34.76 33.79 105.29
C ILE I 30 35.03 32.80 104.18
N ASN I 31 36.05 33.03 103.36
CA ASN I 31 36.58 31.93 102.56
C ASN I 31 37.83 31.36 103.24
N ASN I 32 37.64 30.99 104.49
CA ASN I 32 38.65 30.31 105.26
C ASN I 32 38.81 28.90 104.74
N PRO I 33 39.99 28.36 104.81
CA PRO I 33 40.15 26.92 104.67
C PRO I 33 39.61 26.22 105.91
N SER I 34 38.32 25.93 105.91
CA SER I 34 37.64 25.28 107.01
C SER I 34 37.20 23.88 106.61
N ASP I 35 37.93 23.29 105.69
CA ASP I 35 37.47 22.15 104.93
C ASP I 35 38.68 21.32 104.57
N ASP I 36 38.55 19.99 104.67
CA ASP I 36 39.73 19.12 104.75
C ASP I 36 40.49 18.99 103.45
N ALA I 37 39.88 19.31 102.32
CA ALA I 37 40.63 19.38 101.08
C ALA I 37 41.18 20.78 100.82
N THR I 38 40.42 21.80 101.20
CA THR I 38 40.83 23.17 100.96
C THR I 38 41.96 23.61 101.88
N ILE I 39 42.12 22.98 103.04
CA ILE I 39 43.28 23.24 103.88
C ILE I 39 44.53 22.70 103.22
N LYS I 40 44.42 21.60 102.49
CA LYS I 40 45.58 21.02 101.84
C LYS I 40 45.95 21.81 100.62
N LEU I 41 44.94 22.27 99.89
CA LEU I 41 45.12 23.14 98.74
C LEU I 41 45.75 24.46 99.13
N ALA I 42 45.35 25.02 100.27
CA ALA I 42 45.93 26.28 100.66
C ALA I 42 47.26 26.16 101.40
N GLU I 43 47.55 25.03 102.07
CA GLU I 43 48.92 24.83 102.53
C GLU I 43 49.88 24.50 101.41
N ALA I 44 49.38 23.90 100.34
CA ALA I 44 50.20 23.80 99.15
C ALA I 44 50.41 25.16 98.52
N ALA I 45 49.42 26.06 98.64
CA ALA I 45 49.56 27.43 98.16
C ALA I 45 50.59 28.22 98.93
N VAL I 46 50.62 28.08 100.26
CA VAL I 46 51.61 28.80 101.02
C VAL I 46 53.00 28.18 100.80
N SER I 47 53.08 26.88 100.56
CA SER I 47 54.37 26.25 100.25
C SER I 47 54.90 26.61 98.88
N VAL I 48 54.02 26.70 97.88
CA VAL I 48 54.49 27.06 96.54
C VAL I 48 54.81 28.55 96.48
N SER I 49 54.14 29.41 97.26
CA SER I 49 54.46 30.84 97.21
C SER I 49 55.73 31.15 97.96
N ASP I 50 55.97 30.42 99.06
CA ASP I 50 57.29 30.37 99.68
C ASP I 50 58.36 29.96 98.70
N SER I 51 58.15 28.85 97.98
CA SER I 51 59.17 28.27 97.13
C SER I 51 59.44 29.13 95.88
N MET I 52 58.40 29.85 95.40
CA MET I 52 58.57 30.93 94.43
C MET I 52 59.45 32.05 94.95
N LEU I 53 59.26 32.44 96.23
CA LEU I 53 60.01 33.55 96.79
C LEU I 53 61.49 33.22 96.89
N GLU I 54 61.86 31.99 97.27
CA GLU I 54 63.31 31.80 97.30
C GLU I 54 63.87 31.31 95.96
N MET I 55 63.02 30.94 94.99
CA MET I 55 63.49 30.90 93.61
C MET I 55 63.85 32.30 93.14
N ALA I 56 63.04 33.28 93.54
CA ALA I 56 63.31 34.66 93.20
C ALA I 56 64.52 35.19 93.95
N LYS I 57 64.73 34.75 95.19
CA LYS I 57 65.92 35.10 95.95
C LYS I 57 67.17 34.51 95.34
N VAL I 58 67.09 33.33 94.74
CA VAL I 58 68.31 32.79 94.17
C VAL I 58 68.62 33.39 92.80
N GLU I 59 67.61 33.66 91.95
CA GLU I 59 67.98 34.24 90.66
C GLU I 59 67.85 35.75 90.58
N LYS I 60 67.51 36.44 91.66
CA LYS I 60 67.39 37.88 91.59
C LYS I 60 68.78 38.47 91.63
N VAL I 61 69.31 38.85 90.46
CA VAL I 61 70.55 39.61 90.44
C VAL I 61 70.22 41.05 90.78
N ILE I 62 70.92 41.59 91.76
CA ILE I 62 70.92 43.01 92.00
C ILE I 62 72.37 43.47 92.04
N THR I 63 72.57 44.78 92.08
CA THR I 63 73.89 45.26 92.37
C THR I 63 73.81 46.08 93.65
N PRO I 64 74.91 46.16 94.41
CA PRO I 64 74.90 46.99 95.61
C PRO I 64 74.81 48.47 95.25
N PRO I 65 74.25 49.29 96.15
CA PRO I 65 74.12 50.73 95.83
C PRO I 65 75.44 51.50 95.88
N SER I 66 76.49 50.91 96.45
CA SER I 66 77.83 51.46 96.31
C SER I 66 78.45 51.15 94.96
N LYS I 67 77.90 50.21 94.19
CA LYS I 67 78.41 49.90 92.86
C LYS I 67 77.18 49.86 91.92
N ASP I 68 76.41 50.94 91.93
CA ASP I 68 75.20 50.94 91.10
C ASP I 68 75.41 51.59 89.75
N ASN I 69 76.51 52.34 89.63
CA ASN I 69 77.14 53.12 88.53
C ASN I 69 76.18 53.96 87.69
N THR I 70 75.04 54.34 88.26
CA THR I 70 74.17 55.36 87.70
C THR I 70 74.54 56.70 88.30
N LEU I 71 73.91 57.76 87.80
CA LEU I 71 74.18 59.11 88.29
C LEU I 71 73.52 59.29 89.64
N THR I 72 74.04 60.22 90.44
CA THR I 72 73.38 60.66 91.66
C THR I 72 72.44 61.82 91.35
N ILE I 73 71.86 62.42 92.38
CA ILE I 73 71.27 63.74 92.27
C ILE I 73 72.38 64.75 92.55
N PRO I 74 72.72 65.64 91.61
CA PRO I 74 73.87 66.52 91.80
C PRO I 74 73.59 67.79 92.60
N ASN I 75 72.46 67.84 93.32
CA ASN I 75 71.96 68.75 94.37
C ASN I 75 72.27 70.24 94.15
N ALA I 76 72.30 70.70 92.91
CA ALA I 76 72.44 72.13 92.63
C ALA I 76 71.07 72.76 92.48
N TYR I 77 70.96 74.02 92.93
CA TYR I 77 69.68 74.72 93.04
C TYR I 77 69.06 75.01 91.69
N ASN I 78 69.87 75.16 90.66
CA ASN I 78 69.34 75.20 89.30
C ASN I 78 68.84 73.83 88.87
N LEU I 79 69.47 72.77 89.37
CA LEU I 79 69.04 71.43 89.00
C LEU I 79 67.88 70.92 89.82
N GLN I 80 67.47 71.63 90.86
CA GLN I 80 66.23 71.24 91.52
C GLN I 80 65.05 72.11 91.07
N ALA I 81 65.07 72.63 89.85
CA ALA I 81 63.94 73.39 89.34
C ALA I 81 62.88 72.43 88.84
N ARG I 82 61.72 72.96 88.51
CA ARG I 82 60.53 72.13 88.40
C ARG I 82 60.01 72.11 86.96
N ALA I 83 60.29 71.02 86.24
CA ALA I 83 60.22 70.97 84.77
C ALA I 83 59.29 69.86 84.31
N SER I 84 58.99 69.86 83.01
CA SER I 84 58.02 68.94 82.42
C SER I 84 58.36 68.66 80.97
N VAL I 85 58.61 67.40 80.61
CA VAL I 85 59.08 67.05 79.27
C VAL I 85 58.48 65.71 78.85
N ASP I 86 58.04 65.64 77.59
CA ASP I 86 57.44 64.43 77.03
C ASP I 86 57.98 64.24 75.63
N TRP I 87 58.87 63.26 75.45
CA TRP I 87 59.66 63.16 74.24
C TRP I 87 60.36 61.81 74.19
N SER I 88 60.52 61.28 72.98
CA SER I 88 61.46 60.18 72.81
C SER I 88 62.26 60.39 71.53
N GLY I 89 63.58 60.42 71.65
CA GLY I 89 64.47 60.41 70.52
C GLY I 89 65.93 60.51 70.99
N PRO I 90 66.79 61.19 70.23
CA PRO I 90 68.22 61.12 70.53
C PRO I 90 68.69 62.04 71.64
N ILE I 91 69.48 61.42 72.52
CA ILE I 91 69.77 61.81 73.89
C ILE I 91 70.43 63.18 74.02
N GLU I 92 71.24 63.57 73.02
CA GLU I 92 72.08 64.75 73.09
C GLU I 92 71.27 66.03 72.99
N GLU I 93 70.09 65.93 72.44
CA GLU I 93 69.25 67.07 72.28
C GLU I 93 68.52 67.40 73.57
N LEU I 94 68.14 66.38 74.38
CA LEU I 94 67.46 66.71 75.63
C LEU I 94 68.50 67.19 76.62
N THR I 95 69.68 66.57 76.59
CA THR I 95 70.71 67.00 77.52
C THR I 95 71.29 68.36 77.17
N ALA I 96 71.28 68.72 75.88
CA ALA I 96 71.48 70.11 75.48
C ALA I 96 70.40 71.03 76.02
N ARG I 97 69.15 70.57 76.02
CA ARG I 97 68.12 71.53 76.39
C ARG I 97 67.80 71.53 77.85
N ILE I 98 68.15 70.48 78.55
CA ILE I 98 68.09 70.53 79.98
C ILE I 98 69.31 71.23 80.52
N ALA I 99 70.40 71.30 79.74
CA ALA I 99 71.50 72.17 80.12
C ALA I 99 71.12 73.62 79.97
N LYS I 100 70.48 73.99 78.85
CA LYS I 100 70.20 75.41 78.77
C LYS I 100 68.87 75.76 79.42
N ALA I 101 68.11 74.76 79.87
CA ALA I 101 67.00 75.02 80.78
C ALA I 101 67.50 75.12 82.22
N ALA I 102 68.61 74.47 82.53
CA ALA I 102 69.19 74.55 83.85
C ALA I 102 70.24 75.63 83.96
N HIS I 103 70.45 76.39 82.89
CA HIS I 103 71.51 77.40 82.72
C HIS I 103 72.88 76.79 82.94
N PHE I 104 73.06 75.61 82.38
CA PHE I 104 74.31 74.87 82.48
C PHE I 104 74.90 74.78 81.09
N ARG I 105 76.22 74.71 81.02
CA ARG I 105 76.81 74.44 79.74
C ARG I 105 76.70 72.95 79.43
N PHE I 106 76.87 72.62 78.16
CA PHE I 106 76.71 71.25 77.70
C PHE I 106 77.95 70.86 76.91
N ARG I 107 78.68 69.89 77.42
CA ARG I 107 79.78 69.31 76.66
C ARG I 107 79.42 67.89 76.24
N VAL I 108 79.94 67.50 75.09
CA VAL I 108 79.89 66.11 74.66
C VAL I 108 81.33 65.62 74.46
N LEU I 109 81.64 64.46 75.05
CA LEU I 109 82.86 63.73 74.75
C LEU I 109 82.45 62.39 74.19
N GLY I 110 83.18 61.92 73.21
CA GLY I 110 82.77 60.73 72.52
C GLY I 110 82.03 61.09 71.26
N LYS I 111 81.73 60.02 70.52
CA LYS I 111 81.27 60.11 69.15
C LYS I 111 79.88 59.49 69.11
N SER I 112 78.95 60.20 68.53
CA SER I 112 77.63 59.60 68.44
C SER I 112 77.60 58.62 67.28
N PRO I 113 77.09 57.41 67.47
CA PRO I 113 77.11 56.42 66.38
C PRO I 113 76.03 56.66 65.34
N SER I 114 76.01 55.80 64.33
CA SER I 114 75.08 55.93 63.21
C SER I 114 73.65 55.64 63.66
N VAL I 115 73.44 54.54 64.36
CA VAL I 115 72.20 54.44 65.12
C VAL I 115 72.29 55.36 66.34
N PRO I 116 71.30 56.19 66.59
CA PRO I 116 71.39 57.10 67.74
C PRO I 116 70.93 56.41 69.00
N VAL I 117 71.49 56.87 70.11
CA VAL I 117 71.06 56.38 71.42
C VAL I 117 69.73 57.07 71.71
N LEU I 118 68.68 56.28 71.82
CA LEU I 118 67.33 56.82 71.94
C LEU I 118 66.83 56.61 73.36
N ILE I 119 66.28 57.67 73.94
CA ILE I 119 65.73 57.64 75.29
C ILE I 119 64.24 57.90 75.18
N SER I 120 63.52 57.90 76.30
CA SER I 120 62.11 58.25 76.33
C SER I 120 61.79 58.82 77.70
N ILE I 121 61.53 60.11 77.78
CA ILE I 121 61.16 60.75 79.03
C ILE I 121 59.78 61.33 78.85
N SER I 122 58.82 60.86 79.62
CA SER I 122 57.43 61.30 79.42
C SER I 122 56.81 61.62 80.76
N THR I 123 57.09 62.82 81.25
CA THR I 123 56.62 63.22 82.56
C THR I 123 56.10 64.63 82.48
N LYS I 124 54.88 64.81 82.96
CA LYS I 124 54.19 66.05 82.74
C LYS I 124 54.40 67.04 83.87
N ASP I 125 55.08 66.62 84.96
CA ASP I 125 56.01 67.39 85.78
C ASP I 125 56.93 66.37 86.49
N GLU I 126 58.28 66.52 86.44
CA GLU I 126 59.26 66.03 87.44
C GLU I 126 60.64 66.64 87.21
N SER I 127 61.42 66.65 88.29
CA SER I 127 62.45 67.64 88.48
C SER I 127 63.70 67.26 87.72
N LEU I 128 64.49 68.25 87.37
CA LEU I 128 65.24 68.08 86.14
C LEU I 128 66.57 67.40 86.33
N ALA I 129 67.09 67.35 87.56
CA ALA I 129 68.25 66.50 87.85
C ALA I 129 67.88 65.03 87.81
N GLU I 130 66.61 64.75 87.99
CA GLU I 130 66.14 63.41 88.05
C GLU I 130 65.72 62.98 86.66
N ILE I 131 65.33 63.97 85.82
CA ILE I 131 65.21 63.76 84.39
C ILE I 131 66.55 63.29 83.83
N LEU I 132 67.63 64.00 84.22
CA LEU I 132 69.01 63.64 83.90
C LEU I 132 69.43 62.27 84.39
N ARG I 133 68.97 61.86 85.58
CA ARG I 133 69.25 60.48 86.00
C ARG I 133 68.51 59.45 85.16
N ASP I 134 67.25 59.73 84.79
CA ASP I 134 66.50 58.83 83.92
C ASP I 134 67.07 58.75 82.51
N ILE I 135 67.74 59.81 82.07
CA ILE I 135 68.50 59.77 80.83
C ILE I 135 69.76 58.92 80.97
N ASP I 136 70.44 59.00 82.14
CA ASP I 136 71.60 58.13 82.39
C ASP I 136 71.17 56.67 82.43
N TYR I 137 69.98 56.40 83.00
CA TYR I 137 69.47 55.04 83.06
C TYR I 137 69.10 54.52 81.67
N GLN I 138 68.34 55.30 80.90
CA GLN I 138 67.91 54.79 79.61
C GLN I 138 69.00 54.86 78.57
N ALA I 139 70.05 55.63 78.81
CA ALA I 139 71.29 55.45 78.08
C ALA I 139 71.91 54.11 78.45
N GLY I 140 72.03 53.85 79.75
CA GLY I 140 72.64 52.63 80.22
C GLY I 140 74.13 52.61 79.99
N LYS I 141 74.57 51.77 79.06
CA LYS I 141 75.97 51.64 78.75
C LYS I 141 76.31 52.09 77.34
N LYS I 142 75.34 52.59 76.58
CA LYS I 142 75.66 53.21 75.32
C LYS I 142 76.26 54.59 75.52
N ALA I 143 75.88 55.26 76.60
CA ALA I 143 76.37 56.59 76.96
C ALA I 143 76.16 56.77 78.45
N SER I 144 76.71 57.86 78.98
CA SER I 144 76.43 58.23 80.36
C SER I 144 76.54 59.74 80.52
N ILE I 145 76.05 60.22 81.66
CA ILE I 145 75.94 61.64 81.96
C ILE I 145 76.79 61.93 83.18
N HIS I 146 77.64 62.96 83.10
CA HIS I 146 78.24 63.54 84.28
C HIS I 146 77.75 64.96 84.47
N VAL I 147 77.65 65.39 85.72
CA VAL I 147 77.32 66.77 86.07
C VAL I 147 78.45 67.30 86.94
N TYR I 148 79.06 68.41 86.52
CA TYR I 148 79.95 69.14 87.38
C TYR I 148 79.23 70.40 87.83
N PRO I 149 78.79 70.48 89.09
CA PRO I 149 77.92 71.59 89.49
C PRO I 149 78.68 72.84 89.90
N ASN I 150 79.95 72.72 90.28
CA ASN I 150 80.75 73.91 90.54
C ASN I 150 81.09 74.64 89.26
N SER I 151 81.38 73.90 88.20
CA SER I 151 81.64 74.45 86.89
C SER I 151 80.37 74.71 86.11
N GLN I 152 79.24 74.20 86.61
CA GLN I 152 77.88 74.32 86.05
C GLN I 152 77.82 73.82 84.61
N VAL I 153 78.31 72.61 84.42
CA VAL I 153 78.33 72.01 83.10
C VAL I 153 77.88 70.55 83.22
N VAL I 154 76.97 70.15 82.35
CA VAL I 154 76.67 68.76 82.22
C VAL I 154 77.39 68.25 80.97
N GLU I 155 77.52 66.95 80.93
CA GLU I 155 78.38 66.34 79.94
C GLU I 155 77.78 65.01 79.58
N LEU I 156 77.79 64.72 78.28
CA LEU I 156 77.32 63.45 77.75
C LEU I 156 78.52 62.74 77.16
N ARG I 157 78.83 61.58 77.70
CA ARG I 157 79.98 60.81 77.27
C ARG I 157 79.53 59.55 76.55
N TYR I 158 80.10 59.30 75.40
CA TYR I 158 79.85 58.05 74.71
C TYR I 158 80.86 56.98 75.12
N ALA I 159 80.93 55.90 74.36
CA ALA I 159 81.93 54.85 74.60
C ALA I 159 82.42 54.26 73.28
N ILE J 272 61.97 39.70 58.39
CA ILE J 272 61.58 40.93 59.07
C ILE J 272 60.09 40.93 59.41
N PRO J 273 59.78 41.13 60.68
CA PRO J 273 58.40 41.14 61.11
C PRO J 273 57.71 42.43 60.71
N PRO J 274 56.38 42.44 60.67
CA PRO J 274 55.66 43.71 60.61
C PRO J 274 55.79 44.48 61.91
N SER J 275 55.57 45.79 61.81
CA SER J 275 55.89 46.71 62.88
C SER J 275 54.92 46.63 64.04
N ALA J 276 53.66 46.93 63.75
CA ALA J 276 52.50 46.68 64.56
C ALA J 276 51.40 46.52 63.54
N ASN J 277 50.16 46.71 63.93
CA ASN J 277 49.21 47.08 62.92
C ASN J 277 49.06 48.58 63.12
N ASP J 278 48.99 49.31 62.02
CA ASP J 278 48.73 50.74 62.05
C ASP J 278 47.28 51.09 62.34
N LEU J 279 46.40 50.10 62.39
CA LEU J 279 45.01 50.34 62.73
C LEU J 279 44.83 50.38 64.23
N LEU J 280 45.86 49.96 64.97
CA LEU J 280 45.93 50.19 66.40
C LEU J 280 46.04 51.65 66.78
N LEU J 281 46.54 52.49 65.87
CA LEU J 281 46.46 53.93 66.04
C LEU J 281 45.02 54.43 66.03
N HIS J 282 44.18 53.83 65.18
CA HIS J 282 42.77 54.20 65.18
C HIS J 282 42.05 53.68 66.41
N VAL J 283 42.35 52.46 66.84
CA VAL J 283 41.63 51.97 68.01
C VAL J 283 42.35 52.35 69.30
N LEU J 284 43.44 53.11 69.19
CA LEU J 284 43.95 53.84 70.34
C LEU J 284 43.16 55.11 70.57
N GLU J 285 42.58 55.64 69.51
CA GLU J 285 41.49 56.57 69.64
C GLU J 285 40.22 55.76 69.82
N GLY J 286 39.08 56.41 69.97
CA GLY J 286 37.90 55.58 70.12
C GLY J 286 37.32 55.07 68.83
N VAL J 287 37.85 55.47 67.69
CA VAL J 287 37.19 55.26 66.39
C VAL J 287 37.37 53.80 65.98
N PRO J 288 36.32 53.16 65.48
CA PRO J 288 36.44 51.78 65.01
C PRO J 288 37.27 51.70 63.74
N PRO J 289 37.77 50.51 63.39
CA PRO J 289 38.40 50.33 62.10
C PRO J 289 37.38 50.41 60.98
N PRO J 290 37.79 50.79 59.77
CA PRO J 290 36.84 50.86 58.65
C PRO J 290 36.42 49.47 58.21
N GLY J 291 35.10 49.28 58.10
CA GLY J 291 34.52 48.00 57.77
C GLY J 291 34.63 47.03 58.93
N SER J 292 33.94 47.30 60.03
CA SER J 292 34.07 46.50 61.22
C SER J 292 32.73 45.93 61.64
N ARG J 293 32.75 45.23 62.77
CA ARG J 293 31.53 44.90 63.48
C ARG J 293 31.74 45.25 64.93
N ARG J 294 30.74 45.89 65.54
CA ARG J 294 30.83 46.30 66.91
C ARG J 294 30.70 45.08 67.80
N LEU J 295 31.44 45.05 68.87
CA LEU J 295 31.22 44.03 69.89
C LEU J 295 30.87 44.72 71.18
N VAL J 296 29.77 44.30 71.80
CA VAL J 296 29.39 44.86 73.08
C VAL J 296 30.24 44.21 74.15
N VAL J 297 30.66 45.01 75.12
CA VAL J 297 31.56 44.59 76.17
C VAL J 297 30.82 44.80 77.48
N SER J 298 30.74 43.76 78.30
CA SER J 298 30.06 43.88 79.57
C SER J 298 31.08 43.80 80.69
N GLY J 299 30.77 44.42 81.82
CA GLY J 299 31.55 44.27 83.01
C GLY J 299 32.89 44.98 83.05
N GLY J 300 33.09 46.01 82.24
CA GLY J 300 34.33 46.76 82.32
C GLY J 300 34.34 47.83 81.27
N ASP J 301 35.19 48.82 81.50
CA ASP J 301 35.33 49.93 80.55
C ASP J 301 36.25 49.52 79.42
N ALA J 302 35.68 48.90 78.40
CA ALA J 302 36.42 48.63 77.19
C ALA J 302 35.47 48.68 76.02
N ARG J 303 36.03 48.94 74.85
CA ARG J 303 35.29 48.90 73.60
C ARG J 303 36.00 47.94 72.68
N ALA J 304 35.24 47.13 71.96
CA ALA J 304 35.84 46.11 71.12
C ALA J 304 35.19 46.11 69.75
N TRP J 305 36.00 46.00 68.72
CA TRP J 305 35.52 45.89 67.37
C TRP J 305 36.16 44.68 66.71
N LEU J 306 35.50 44.14 65.71
CA LEU J 306 36.02 42.97 65.02
C LEU J 306 36.17 43.33 63.55
N SER J 307 37.41 43.36 63.07
CA SER J 307 37.64 43.80 61.70
C SER J 307 37.58 42.63 60.74
N ASN J 308 38.52 41.70 60.89
CA ASN J 308 38.58 40.50 60.04
C ASN J 308 39.19 39.35 60.85
N GLU J 309 38.30 38.61 61.53
CA GLU J 309 38.58 37.51 62.47
C GLU J 309 39.58 37.87 63.56
N LYS J 310 39.65 39.14 63.96
CA LYS J 310 40.55 39.66 64.98
C LYS J 310 39.77 40.76 65.66
N MET J 311 39.78 40.79 66.98
CA MET J 311 39.14 41.90 67.65
C MET J 311 40.20 42.85 68.16
N TYR J 312 39.77 44.08 68.33
CA TYR J 312 40.61 45.17 68.77
C TYR J 312 39.89 45.81 69.95
N VAL J 313 40.62 46.00 71.03
CA VAL J 313 40.04 46.46 72.28
C VAL J 313 40.73 47.75 72.68
N ARG J 314 39.94 48.81 72.81
CA ARG J 314 40.33 50.02 73.49
C ARG J 314 39.97 49.88 74.94
N THR J 315 40.96 49.93 75.81
CA THR J 315 40.70 49.89 77.24
C THR J 315 41.76 50.72 77.92
N ASN J 316 41.63 50.84 79.23
CA ASN J 316 42.75 51.23 80.07
C ASN J 316 42.98 50.21 81.16
N LEU J 317 42.31 49.07 81.08
CA LEU J 317 42.53 47.95 81.96
C LEU J 317 43.69 47.13 81.42
N THR J 318 44.08 46.10 82.16
CA THR J 318 45.18 45.29 81.65
C THR J 318 44.72 43.88 81.36
N ILE J 319 44.67 43.51 80.08
CA ILE J 319 44.20 42.18 79.70
C ILE J 319 45.28 41.15 80.01
N LEU J 320 44.89 40.10 80.73
CA LEU J 320 45.76 39.11 81.33
C LEU J 320 45.67 37.74 80.70
N SER J 321 44.47 37.14 80.60
CA SER J 321 44.51 35.72 80.20
C SER J 321 44.67 35.42 78.71
N PRO J 322 43.84 35.87 77.76
CA PRO J 322 43.81 35.16 76.47
C PRO J 322 44.90 35.57 75.49
N GLY J 323 45.70 36.58 75.79
CA GLY J 323 46.88 36.85 75.01
C GLY J 323 46.59 37.68 73.77
N TRP J 324 47.38 38.69 73.53
CA TRP J 324 47.11 39.57 72.42
C TRP J 324 48.26 39.57 71.45
N LEU J 325 47.97 39.93 70.21
CA LEU J 325 49.00 39.92 69.20
C LEU J 325 49.70 41.24 69.06
N ALA J 326 49.03 42.35 69.32
CA ALA J 326 49.69 43.63 69.19
C ALA J 326 49.11 44.61 70.20
N SER J 327 49.91 45.59 70.58
CA SER J 327 49.48 46.56 71.57
C SER J 327 50.10 47.91 71.32
N MET J 328 49.32 48.95 71.57
CA MET J 328 49.80 50.31 71.68
C MET J 328 49.21 50.93 72.93
N THR J 329 49.74 52.10 73.27
CA THR J 329 49.26 52.83 74.44
C THR J 329 49.38 54.32 74.13
N SER J 330 48.34 55.09 74.40
CA SER J 330 48.35 56.52 74.18
C SER J 330 49.07 57.27 75.28
N ALA J 331 48.86 58.59 75.29
CA ALA J 331 49.52 59.44 76.26
C ALA J 331 48.94 59.27 77.65
N ASP J 332 47.65 58.97 77.73
CA ASP J 332 46.92 58.91 79.00
C ASP J 332 46.74 57.50 79.51
N GLY J 333 47.54 56.55 79.05
CA GLY J 333 47.44 55.20 79.56
C GLY J 333 46.33 54.36 78.97
N THR J 334 45.64 54.86 77.96
CA THR J 334 44.71 54.04 77.21
C THR J 334 45.51 53.09 76.35
N HIS J 335 45.18 51.82 76.38
CA HIS J 335 45.82 50.84 75.52
C HIS J 335 44.87 50.37 74.43
N ALA J 336 45.46 49.88 73.34
CA ALA J 336 44.74 49.32 72.21
C ALA J 336 45.39 48.00 71.85
N TYR J 337 44.59 46.95 71.86
CA TYR J 337 45.04 45.58 71.68
C TYR J 337 44.41 44.91 70.46
N GLU J 338 45.27 44.30 69.65
CA GLU J 338 44.90 43.36 68.61
C GLU J 338 45.02 41.94 69.15
N MET J 339 43.95 41.17 69.04
CA MET J 339 43.96 39.81 69.54
C MET J 339 42.96 38.99 68.75
N GLN J 340 43.03 37.67 68.90
CA GLN J 340 42.04 36.81 68.27
C GLN J 340 40.74 36.88 69.05
N LYS J 341 39.66 36.43 68.43
CA LYS J 341 38.34 36.54 69.05
C LYS J 341 38.18 35.46 70.13
N SER J 342 38.12 35.91 71.35
CA SER J 342 37.85 35.17 72.55
C SER J 342 36.65 35.79 73.24
N PRO J 343 35.68 35.00 73.67
CA PRO J 343 34.42 35.57 74.15
C PRO J 343 34.50 36.13 75.55
N VAL J 344 35.60 35.90 76.26
CA VAL J 344 35.80 36.47 77.57
C VAL J 344 37.19 37.08 77.57
N LEU J 345 37.32 38.20 78.25
CA LEU J 345 38.57 38.87 78.46
C LEU J 345 38.78 38.86 79.96
N LEU J 346 39.99 38.63 80.40
CA LEU J 346 40.31 38.72 81.81
C LEU J 346 41.21 39.93 81.96
N VAL J 347 40.86 40.84 82.87
CA VAL J 347 41.74 41.99 83.04
C VAL J 347 42.13 42.06 84.50
N SER J 348 43.13 42.88 84.76
CA SER J 348 43.32 43.49 86.06
C SER J 348 42.77 44.89 85.99
N TRP J 349 41.99 45.24 87.01
CA TRP J 349 41.45 46.59 87.13
C TRP J 349 42.37 47.45 87.99
N HIS J 350 42.46 47.14 89.26
CA HIS J 350 43.40 47.79 90.16
C HIS J 350 44.00 46.74 91.07
N GLY J 351 44.52 45.67 90.48
CA GLY J 351 44.93 44.52 91.24
C GLY J 351 43.87 43.46 91.38
N LYS J 352 42.61 43.83 91.18
CA LYS J 352 41.54 42.86 91.12
C LYS J 352 41.51 42.18 89.76
N VAL J 353 41.49 40.85 89.78
CA VAL J 353 41.24 40.06 88.59
C VAL J 353 39.75 40.17 88.30
N MET J 354 39.43 40.48 87.06
CA MET J 354 38.16 40.98 86.59
C MET J 354 37.82 40.28 85.28
N GLN J 355 36.54 40.13 84.99
CA GLN J 355 36.14 39.49 83.76
C GLN J 355 35.27 40.42 82.93
N LEU J 356 35.50 40.38 81.63
CA LEU J 356 34.79 41.16 80.64
C LEU J 356 34.28 40.19 79.60
N LYS J 357 33.10 40.45 79.09
CA LYS J 357 32.38 39.46 78.30
C LYS J 357 31.96 40.09 76.99
N VAL J 358 32.29 39.46 75.87
CA VAL J 358 32.03 40.06 74.57
C VAL J 358 31.16 39.13 73.74
N GLU J 359 30.21 39.75 73.02
CA GLU J 359 29.25 39.01 72.21
C GLU J 359 29.55 39.30 70.74
N GLY J 360 29.86 38.25 69.99
CA GLY J 360 30.27 38.37 68.61
C GLY J 360 31.55 37.60 68.30
N LEU K 41 23.15 37.26 82.80
CA LEU K 41 22.99 38.71 82.78
C LEU K 41 24.01 39.39 83.67
N PRO K 42 24.40 40.61 83.33
CA PRO K 42 25.17 41.43 84.28
C PRO K 42 24.34 41.81 85.49
N CYS K 43 25.03 42.03 86.60
CA CYS K 43 24.38 42.26 87.88
C CYS K 43 24.07 43.74 88.07
N ARG K 44 22.88 44.02 88.62
CA ARG K 44 22.51 45.40 88.91
C ARG K 44 23.18 45.87 90.21
N VAL K 45 22.86 45.23 91.31
CA VAL K 45 23.51 45.54 92.58
C VAL K 45 24.73 44.64 92.72
N ASP K 46 25.78 45.16 93.35
CA ASP K 46 26.98 44.38 93.60
C ASP K 46 27.03 43.80 95.01
N GLY K 47 25.97 43.11 95.41
CA GLY K 47 25.90 42.58 96.76
C GLY K 47 25.67 43.62 97.83
N ALA K 48 25.08 44.74 97.47
CA ALA K 48 24.95 45.87 98.38
C ALA K 48 23.76 46.71 97.93
N CYS K 49 23.16 47.44 98.87
CA CYS K 49 22.11 48.40 98.53
C CYS K 49 22.34 49.69 99.30
N ASP K 50 21.89 50.80 98.68
CA ASP K 50 22.15 52.13 99.23
C ASP K 50 21.32 52.41 100.46
N ALA K 51 20.14 51.78 100.54
CA ALA K 51 19.33 51.82 101.74
C ALA K 51 20.02 51.16 102.92
N THR K 52 20.71 50.05 102.66
CA THR K 52 21.47 49.41 103.72
C THR K 52 22.72 50.18 104.09
N ILE K 53 23.32 50.88 103.12
CA ILE K 53 24.47 51.76 103.39
C ILE K 53 24.09 52.88 104.35
N ILE K 54 22.97 53.54 104.08
CA ILE K 54 22.60 54.62 104.99
C ILE K 54 21.96 54.09 106.27
N LYS K 55 21.45 52.85 106.26
CA LYS K 55 20.93 52.24 107.48
C LYS K 55 22.05 51.91 108.44
N MET K 56 23.15 51.31 107.94
CA MET K 56 24.34 51.12 108.76
C MET K 56 25.00 52.44 109.14
N MET K 57 24.86 53.46 108.29
CA MET K 57 25.54 54.71 108.56
C MET K 57 24.84 55.50 109.68
N THR K 58 23.50 55.52 109.67
CA THR K 58 22.74 55.99 110.84
C THR K 58 22.95 55.15 112.08
N ASP K 59 23.04 53.81 111.96
CA ASP K 59 23.21 53.00 113.16
C ASP K 59 24.59 53.14 113.77
N LEU K 60 25.62 53.33 112.95
CA LEU K 60 26.95 53.55 113.47
C LEU K 60 27.08 54.93 114.09
N ASN K 61 26.41 55.94 113.52
CA ASN K 61 26.41 57.25 114.16
C ASN K 61 25.55 57.27 115.43
N LYS K 62 24.54 56.40 115.52
CA LYS K 62 23.80 56.30 116.78
C LYS K 62 24.60 55.61 117.86
N LYS K 63 25.36 54.57 117.50
CA LYS K 63 26.27 53.99 118.49
C LYS K 63 27.59 54.74 118.64
N GLY K 64 27.76 55.88 118.01
CA GLY K 64 28.84 56.77 118.37
C GLY K 64 30.07 56.57 117.55
N ILE K 65 30.02 55.70 116.57
CA ILE K 65 31.12 55.51 115.64
C ILE K 65 30.87 56.47 114.50
N LYS K 66 31.68 57.50 114.39
CA LYS K 66 31.19 58.62 113.60
C LYS K 66 31.64 58.40 112.17
N VAL K 67 30.68 58.38 111.24
CA VAL K 67 30.97 58.18 109.83
C VAL K 67 30.96 59.53 109.13
N ALA K 68 32.13 59.99 108.73
CA ALA K 68 32.27 61.14 107.86
C ALA K 68 32.30 60.69 106.41
N SER K 69 31.69 61.48 105.55
CA SER K 69 31.43 61.09 104.17
C SER K 69 31.73 62.27 103.27
N VAL K 70 32.98 62.41 102.85
CA VAL K 70 33.45 63.59 102.15
C VAL K 70 33.87 63.16 100.76
N GLY K 71 33.10 63.52 99.74
CA GLY K 71 33.44 63.18 98.37
C GLY K 71 33.24 61.72 98.05
N GLN K 72 34.33 60.99 97.89
CA GLN K 72 34.25 59.56 98.13
C GLN K 72 35.21 59.11 99.21
N ASN K 73 35.90 60.02 99.88
CA ASN K 73 36.65 59.64 101.06
C ASN K 73 35.69 59.36 102.19
N TYR K 74 35.72 58.14 102.67
CA TYR K 74 34.93 57.72 103.79
C TYR K 74 35.84 57.55 104.99
N LEU K 75 35.35 58.03 106.10
CA LEU K 75 36.02 57.95 107.38
C LEU K 75 35.04 57.33 108.35
N ILE K 76 35.42 56.26 109.01
CA ILE K 76 34.73 55.86 110.22
C ILE K 76 35.72 55.98 111.37
N SER K 77 35.29 56.69 112.41
CA SER K 77 36.15 57.02 113.52
C SER K 77 35.60 56.28 114.72
N ILE K 78 36.47 55.50 115.36
CA ILE K 78 36.10 54.60 116.44
C ILE K 78 36.86 55.02 117.68
N PRO K 79 36.18 55.37 118.77
CA PRO K 79 36.90 55.57 120.03
C PRO K 79 37.48 54.27 120.57
N ALA K 80 38.66 54.37 121.15
CA ALA K 80 39.39 53.20 121.63
C ALA K 80 38.79 52.63 122.90
N SER K 81 37.95 53.39 123.61
CA SER K 81 37.08 52.83 124.62
C SER K 81 36.11 51.83 124.05
N ALA K 82 35.57 52.12 122.87
CA ALA K 82 34.55 51.28 122.30
C ALA K 82 35.10 50.01 121.71
N LEU K 83 36.42 49.89 121.52
CA LEU K 83 36.95 48.59 121.17
C LEU K 83 37.79 47.97 122.28
N PHE K 84 38.87 48.62 122.71
CA PHE K 84 39.86 47.80 123.41
C PHE K 84 39.71 47.98 124.91
N ALA K 85 40.63 47.37 125.63
CA ALA K 85 40.89 47.72 127.02
C ALA K 85 41.91 48.86 127.04
N ASP K 86 42.10 49.48 128.20
CA ASP K 86 42.86 50.72 128.28
C ASP K 86 44.36 50.45 128.23
N GLN K 87 45.03 51.18 127.33
CA GLN K 87 46.49 51.13 127.08
C GLN K 87 46.98 49.74 126.71
N SER K 88 46.14 48.98 126.02
CA SER K 88 46.40 47.59 125.72
C SER K 88 46.24 47.42 124.22
N PRO K 89 46.97 46.53 123.61
CA PRO K 89 46.65 46.07 122.26
C PRO K 89 45.77 44.84 122.22
N ARG K 90 44.67 44.85 122.96
CA ARG K 90 43.84 43.65 123.08
C ARG K 90 42.37 44.00 122.95
N LEU K 91 41.67 43.30 122.05
CA LEU K 91 40.23 43.48 121.92
C LEU K 91 39.48 42.91 123.12
N ASN K 92 38.38 43.57 123.44
CA ASN K 92 37.32 42.98 124.23
C ASN K 92 36.49 42.08 123.34
N TRP K 93 35.84 41.10 123.97
CA TRP K 93 35.08 40.13 123.21
C TRP K 93 33.79 40.69 122.65
N ALA K 94 33.19 41.67 123.32
CA ALA K 94 31.93 42.23 122.83
C ALA K 94 32.15 43.19 121.67
N SER K 95 33.36 43.71 121.53
CA SER K 95 33.66 44.71 120.51
C SER K 95 33.83 44.14 119.11
N TYR K 96 33.85 42.82 118.96
CA TYR K 96 33.81 42.26 117.64
C TYR K 96 32.43 42.37 117.01
N SER K 97 31.38 42.59 117.80
CA SER K 97 30.10 42.97 117.22
C SER K 97 30.14 44.36 116.63
N LEU K 98 30.91 45.25 117.25
CA LEU K 98 31.10 46.59 116.68
C LEU K 98 31.89 46.50 115.40
N LEU K 99 32.90 45.63 115.40
CA LEU K 99 33.61 45.28 114.18
C LEU K 99 32.76 44.51 113.17
N ASN K 100 31.64 43.91 113.59
CA ASN K 100 30.77 43.24 112.64
C ASN K 100 30.01 44.20 111.78
N GLU K 101 29.35 45.23 112.36
CA GLU K 101 28.83 46.17 111.34
C GLU K 101 29.88 47.14 110.79
N ILE K 102 31.09 47.24 111.37
CA ILE K 102 32.18 47.89 110.62
C ILE K 102 32.55 47.10 109.37
N ALA K 103 32.67 45.79 109.48
CA ALA K 103 33.03 44.96 108.32
C ALA K 103 31.86 44.78 107.36
N ALA K 104 30.63 44.73 107.86
CA ALA K 104 29.49 44.64 106.97
C ALA K 104 29.17 45.98 106.34
N PHE K 105 29.60 47.09 106.93
CA PHE K 105 29.57 48.35 106.24
C PHE K 105 30.65 48.40 105.15
N LEU K 106 31.80 47.79 105.42
CA LEU K 106 32.87 47.76 104.45
C LEU K 106 32.67 46.72 103.35
N LYS K 107 31.67 45.84 103.49
CA LYS K 107 31.18 45.06 102.36
C LYS K 107 30.68 45.92 101.21
N GLN K 108 30.05 47.03 101.54
CA GLN K 108 29.12 47.67 100.64
C GLN K 108 29.80 48.51 99.56
N PHE K 109 31.08 48.79 99.69
CA PHE K 109 31.74 49.69 98.75
C PHE K 109 32.81 48.97 97.97
N ARG K 110 33.03 49.45 96.76
CA ARG K 110 34.17 49.03 95.96
C ARG K 110 35.33 49.91 96.36
N LYS K 111 36.40 49.28 96.81
CA LYS K 111 37.48 50.00 97.44
C LYS K 111 38.79 49.35 97.06
N ILE K 112 39.85 50.15 97.09
CA ILE K 112 41.15 49.73 96.62
C ILE K 112 42.11 49.58 97.77
N ALA K 113 42.23 50.61 98.59
CA ALA K 113 43.07 50.56 99.76
C ALA K 113 42.33 51.20 100.91
N ILE K 114 42.07 50.40 101.93
CA ILE K 114 41.68 50.89 103.24
C ILE K 114 42.97 51.21 103.97
N THR K 115 43.08 52.39 104.56
CA THR K 115 44.11 52.55 105.57
C THR K 115 43.48 52.73 106.94
N VAL K 116 44.03 51.99 107.89
CA VAL K 116 43.57 51.98 109.27
C VAL K 116 44.71 52.50 110.11
N THR K 117 44.46 53.57 110.82
CA THR K 117 45.50 54.13 111.66
C THR K 117 44.96 54.50 113.02
N SER K 118 45.77 54.22 114.02
CA SER K 118 45.33 54.32 115.40
C SER K 118 46.25 55.26 116.13
N TYR K 119 45.70 56.02 117.08
CA TYR K 119 46.52 56.83 117.97
C TYR K 119 45.77 57.07 119.26
N SER K 120 46.49 57.09 120.38
CA SER K 120 45.86 57.33 121.66
C SER K 120 46.58 58.46 122.39
N SER K 121 46.18 58.68 123.63
CA SER K 121 46.82 59.71 124.45
C SER K 121 48.10 59.17 125.06
N LYS K 122 48.85 60.05 125.71
CA LYS K 122 50.17 59.71 126.22
C LYS K 122 50.06 58.83 127.46
N TYR K 123 50.83 57.74 127.51
CA TYR K 123 50.84 56.90 128.69
C TYR K 123 52.21 56.78 129.35
N VAL K 124 53.22 56.30 128.64
CA VAL K 124 54.56 56.30 129.21
C VAL K 124 55.43 57.21 128.38
N SER K 125 55.64 56.82 127.12
CA SER K 125 56.50 57.54 126.22
C SER K 125 55.88 57.46 124.85
N VAL K 126 56.43 58.25 123.92
CA VAL K 126 55.97 58.16 122.56
C VAL K 126 56.44 56.88 121.87
N LYS K 127 57.52 56.27 122.33
CA LYS K 127 58.01 55.03 121.73
C LYS K 127 57.14 53.85 122.12
N ARG K 128 56.78 53.76 123.41
CA ARG K 128 55.81 52.79 123.90
C ARG K 128 54.44 53.05 123.31
N GLU K 129 54.11 54.32 123.13
CA GLU K 129 52.84 54.71 122.54
C GLU K 129 52.73 54.30 121.08
N ARG K 130 53.79 54.47 120.31
CA ARG K 130 53.74 54.13 118.90
C ARG K 130 53.79 52.64 118.67
N ALA K 131 54.47 51.91 119.57
CA ALA K 131 54.37 50.45 119.56
C ALA K 131 52.97 49.96 119.88
N LEU K 132 52.30 50.61 120.84
CA LEU K 132 50.91 50.32 121.18
C LEU K 132 49.97 50.57 120.03
N THR K 133 50.14 51.68 119.33
CA THR K 133 49.17 52.03 118.31
C THR K 133 49.41 51.28 117.01
N LEU K 134 50.66 50.87 116.78
CA LEU K 134 50.98 50.01 115.66
C LEU K 134 50.41 48.61 115.85
N ALA K 135 50.56 48.06 117.07
CA ALA K 135 49.95 46.77 117.40
C ALA K 135 48.44 46.84 117.40
N ARG K 136 47.90 47.99 117.80
CA ARG K 136 46.47 48.27 117.85
C ARG K 136 45.82 48.23 116.48
N SER K 137 46.41 48.98 115.55
CA SER K 137 45.90 49.02 114.20
C SER K 137 46.16 47.72 113.46
N ARG K 138 47.28 47.03 113.73
CA ARG K 138 47.52 45.79 113.00
C ARG K 138 46.64 44.67 113.50
N VAL K 139 46.19 44.73 114.76
CA VAL K 139 45.24 43.77 115.27
C VAL K 139 43.86 43.99 114.67
N VAL K 140 43.45 45.26 114.53
CA VAL K 140 42.12 45.49 113.97
C VAL K 140 42.08 45.28 112.44
N SER K 141 43.20 45.46 111.75
CA SER K 141 43.22 45.09 110.34
C SER K 141 43.36 43.60 110.12
N GLU K 142 44.02 42.87 111.04
CA GLU K 142 44.00 41.41 111.00
C GLU K 142 42.60 40.87 111.15
N TYR K 143 41.79 41.48 112.03
CA TYR K 143 40.39 41.05 112.09
C TYR K 143 39.59 41.51 110.88
N LEU K 144 39.94 42.65 110.29
CA LEU K 144 39.14 43.12 109.17
C LEU K 144 39.39 42.37 107.87
N TRP K 145 40.58 41.79 107.70
CA TRP K 145 40.78 40.88 106.57
C TRP K 145 40.60 39.42 107.00
N SER K 146 40.42 39.15 108.29
CA SER K 146 39.70 37.93 108.62
C SER K 146 38.25 38.06 108.17
N GLN K 147 37.65 39.21 108.41
CA GLN K 147 36.32 39.44 107.90
C GLN K 147 36.38 39.93 106.47
N GLY K 148 35.24 40.38 106.00
CA GLY K 148 35.09 40.64 104.59
C GLY K 148 35.38 42.06 104.26
N VAL K 149 36.50 42.30 103.63
CA VAL K 149 36.67 43.52 102.87
C VAL K 149 36.99 43.06 101.46
N ASP K 150 36.60 43.88 100.49
CA ASP K 150 37.00 43.64 99.11
C ASP K 150 38.11 44.58 98.73
N SER K 151 38.79 45.10 99.72
CA SER K 151 39.95 45.94 99.52
C SER K 151 41.11 45.11 99.02
N ARG K 152 41.98 45.78 98.26
CA ARG K 152 43.16 45.12 97.77
C ARG K 152 44.34 45.36 98.70
N ILE K 153 44.41 46.52 99.32
CA ILE K 153 45.40 46.78 100.34
C ILE K 153 44.63 47.25 101.56
N ILE K 154 45.02 46.77 102.73
CA ILE K 154 44.83 47.54 103.94
C ILE K 154 46.20 47.97 104.41
N PHE K 155 46.45 49.27 104.34
CA PHE K 155 47.61 49.84 105.03
C PHE K 155 47.17 50.04 106.45
N THR K 156 48.10 49.87 107.37
CA THR K 156 47.81 49.94 108.78
C THR K 156 48.99 50.49 109.55
N GLN K 157 48.73 51.48 110.39
CA GLN K 157 49.80 52.18 111.10
C GLN K 157 49.26 52.85 112.35
N GLY K 158 50.18 53.24 113.21
CA GLY K 158 49.81 53.91 114.44
C GLY K 158 50.70 55.10 114.72
N LEU K 159 50.16 56.11 115.37
CA LEU K 159 50.92 57.31 115.67
C LEU K 159 50.87 57.65 117.15
N GLY K 160 51.82 58.47 117.58
CA GLY K 160 51.95 58.81 118.98
C GLY K 160 51.34 60.10 119.44
N SER K 161 50.00 60.20 119.30
CA SER K 161 49.19 61.42 119.54
C SER K 161 49.70 62.59 118.72
N ASP K 162 50.19 62.27 117.54
CA ASP K 162 50.78 63.25 116.70
C ASP K 162 49.73 64.00 115.93
N LYS K 163 48.49 63.54 115.96
CA LYS K 163 47.46 64.24 115.22
C LYS K 163 46.18 64.38 116.08
N PRO K 164 46.17 65.12 117.19
CA PRO K 164 45.02 64.90 118.10
C PRO K 164 43.86 65.84 117.81
N ILE K 165 42.65 65.29 117.76
CA ILE K 165 41.50 66.07 117.29
C ILE K 165 40.89 67.01 118.32
N THR K 166 41.32 66.95 119.57
CA THR K 166 40.93 67.97 120.54
C THR K 166 42.15 68.26 121.41
N SER K 167 42.13 69.43 122.03
CA SER K 167 43.18 69.81 122.96
C SER K 167 42.89 69.35 124.37
N TYR K 168 41.74 68.74 124.60
CA TYR K 168 41.35 68.33 125.93
C TYR K 168 41.77 66.88 126.14
N THR K 169 42.63 66.66 127.13
CA THR K 169 43.48 65.49 127.26
C THR K 169 43.19 64.74 128.56
N LEU K 170 41.93 64.31 128.73
CA LEU K 170 41.36 63.88 130.02
C LEU K 170 42.09 62.70 130.66
N GLY K 171 42.52 61.74 129.85
CA GLY K 171 42.94 60.46 130.41
C GLY K 171 43.52 59.55 129.38
N GLY K 172 43.18 58.27 129.47
CA GLY K 172 43.82 57.27 128.66
C GLY K 172 43.00 56.93 127.43
N ASP K 173 42.36 55.77 127.43
CA ASP K 173 41.49 55.44 126.30
C ASP K 173 40.10 56.02 126.41
N ARG K 174 39.77 56.75 127.48
CA ARG K 174 38.48 57.43 127.50
C ARG K 174 38.55 58.79 126.84
N SER K 175 39.75 59.22 126.43
CA SER K 175 39.89 60.47 125.69
C SER K 175 39.25 60.29 124.32
N PRO K 176 38.61 61.33 123.79
CA PRO K 176 38.14 61.26 122.41
C PRO K 176 39.26 61.39 121.39
N ASN K 177 40.44 61.85 121.82
CA ASN K 177 41.63 61.70 121.02
C ASN K 177 42.03 60.25 120.82
N ALA K 178 41.77 59.38 121.80
CA ALA K 178 42.21 58.00 121.73
C ALA K 178 41.27 57.22 120.83
N ARG K 179 41.71 56.97 119.60
CA ARG K 179 40.79 56.51 118.60
C ARG K 179 41.56 55.77 117.51
N VAL K 180 40.84 54.94 116.78
CA VAL K 180 41.32 54.39 115.53
C VAL K 180 40.44 55.02 114.46
N GLU K 181 41.01 55.20 113.28
CA GLU K 181 40.24 55.69 112.16
C GLU K 181 40.51 54.84 110.94
N ILE K 182 39.43 54.54 110.23
CA ILE K 182 39.45 53.68 109.08
C ILE K 182 39.00 54.55 107.93
N THR K 183 39.94 54.93 107.05
CA THR K 183 39.63 55.82 105.95
C THR K 183 39.94 55.12 104.65
N PHE K 184 39.08 55.35 103.67
CA PHE K 184 39.30 54.80 102.34
C PHE K 184 38.66 55.73 101.34
N ARG K 185 38.82 55.41 100.07
CA ARG K 185 38.13 56.10 99.01
C ARG K 185 37.32 55.09 98.23
N ARG K 186 36.04 55.35 98.07
CA ARG K 186 35.16 54.46 97.35
C ARG K 186 35.46 54.54 95.86
N ALA K 187 35.88 53.43 95.27
CA ALA K 187 36.24 53.42 93.87
C ALA K 187 34.99 53.36 93.01
N VAL K 188 34.95 54.22 91.99
CA VAL K 188 33.87 54.54 91.03
C VAL K 188 32.44 54.47 91.56
N ALA L 1 84.99 49.28 165.39
CA ALA L 1 85.40 47.88 165.32
C ALA L 1 85.94 47.54 163.94
N ALA L 2 86.91 48.32 163.49
CA ALA L 2 87.47 48.20 162.16
C ALA L 2 88.40 47.00 162.05
N ALA L 3 88.54 46.50 160.81
CA ALA L 3 89.47 45.42 160.50
C ALA L 3 89.89 45.60 159.04
N ALA L 4 91.05 46.23 158.84
CA ALA L 4 91.54 46.57 157.51
C ALA L 4 92.98 46.09 157.37
N ALA L 5 93.16 44.90 156.81
CA ALA L 5 94.49 44.32 156.66
C ALA L 5 94.50 43.36 155.47
N ALA L 6 95.70 43.14 154.92
CA ALA L 6 95.94 42.24 153.80
C ALA L 6 96.84 41.12 154.30
N ALA L 7 96.24 39.99 154.66
CA ALA L 7 96.93 38.88 155.29
C ALA L 7 96.24 37.60 154.85
N ALA L 8 96.43 36.52 155.60
CA ALA L 8 95.70 35.27 155.37
C ALA L 8 94.95 34.93 156.64
N ALA L 9 93.76 35.52 156.79
CA ALA L 9 92.88 35.14 157.89
C ALA L 9 92.23 33.80 157.61
N ALA L 10 91.55 33.70 156.45
CA ALA L 10 91.24 32.48 155.70
C ALA L 10 90.26 31.49 156.32
N ALA L 11 89.79 31.74 157.55
CA ALA L 11 88.79 30.88 158.18
C ALA L 11 87.98 31.76 159.12
N ALA L 12 86.87 32.29 158.61
CA ALA L 12 86.06 33.23 159.37
C ALA L 12 84.63 33.15 158.88
N ALA L 13 83.77 32.51 159.66
CA ALA L 13 82.32 32.63 159.50
C ALA L 13 81.83 33.77 160.41
N ALA L 14 82.26 34.98 160.05
CA ALA L 14 82.25 36.12 160.96
C ALA L 14 80.90 36.81 160.86
N ALA L 15 80.03 36.54 161.84
CA ALA L 15 78.77 37.26 161.97
C ALA L 15 79.02 38.43 162.92
N ALA L 16 79.53 39.52 162.34
CA ALA L 16 79.95 40.69 163.10
C ALA L 16 78.74 41.48 163.59
N ALA L 17 78.96 42.27 164.64
CA ALA L 17 77.95 43.11 165.23
C ALA L 17 77.98 44.49 164.57
N ALA L 18 77.27 45.44 165.17
CA ALA L 18 77.16 46.78 164.61
C ALA L 18 78.46 47.57 164.76
N ALA L 19 78.60 48.56 163.86
CA ALA L 19 79.78 49.44 163.70
C ALA L 19 81.08 48.66 163.48
N ALA L 20 80.99 47.54 162.76
CA ALA L 20 82.17 46.75 162.43
C ALA L 20 82.64 47.17 161.05
N ALA L 21 83.34 48.30 161.00
CA ALA L 21 83.74 48.94 159.74
C ALA L 21 85.01 48.29 159.20
N ALA L 22 84.85 47.06 158.73
CA ALA L 22 85.99 46.22 158.33
C ALA L 22 86.23 46.41 156.84
N ALA L 23 87.23 47.22 156.50
CA ALA L 23 87.71 47.34 155.13
C ALA L 23 88.92 46.44 154.90
N ALA L 24 88.79 45.15 155.24
CA ALA L 24 89.86 44.18 155.07
C ALA L 24 90.09 43.85 153.60
N ALA L 25 91.34 43.46 153.31
CA ALA L 25 91.72 42.95 151.99
C ALA L 25 92.47 41.63 152.12
N ALA L 26 92.30 40.94 153.24
CA ALA L 26 93.00 39.70 153.53
C ALA L 26 92.50 38.55 152.68
N ALA L 27 93.36 37.53 152.56
CA ALA L 27 93.02 36.31 151.83
C ALA L 27 92.07 35.46 152.65
N ALA L 28 90.79 35.79 152.59
CA ALA L 28 89.76 35.12 153.39
C ALA L 28 89.14 34.02 152.53
N ALA L 29 89.69 32.81 152.64
CA ALA L 29 89.25 31.69 151.82
C ALA L 29 87.91 31.14 152.31
N ALA L 30 87.89 30.61 153.53
CA ALA L 30 86.65 30.09 154.11
C ALA L 30 85.94 31.25 154.80
N ALA L 31 85.31 32.09 154.00
CA ALA L 31 84.78 33.36 154.46
C ALA L 31 83.26 33.37 154.42
N ALA L 32 82.66 33.99 155.44
CA ALA L 32 81.25 34.37 155.43
C ALA L 32 81.13 35.61 156.31
N ALA L 33 81.19 36.78 155.68
CA ALA L 33 81.24 38.05 156.42
C ALA L 33 79.84 38.63 156.52
N ALA L 34 79.13 38.27 157.58
CA ALA L 34 77.76 38.74 157.81
C ALA L 34 77.80 39.97 158.72
N ALA L 35 78.31 41.07 158.16
CA ALA L 35 78.44 42.33 158.90
C ALA L 35 77.08 42.97 159.13
N ALA L 36 77.00 43.81 160.17
CA ALA L 36 75.73 44.36 160.59
C ALA L 36 75.62 45.87 160.43
N ALA L 37 76.74 46.57 160.26
CA ALA L 37 76.75 48.00 159.93
C ALA L 37 78.09 48.36 159.32
N ALA L 38 78.07 49.45 158.55
CA ALA L 38 79.20 50.35 158.30
C ALA L 38 80.35 49.71 157.51
N ALA L 39 80.07 48.66 156.75
CA ALA L 39 81.13 47.99 155.99
C ALA L 39 81.51 48.82 154.78
N ALA L 40 82.80 49.06 154.62
CA ALA L 40 83.34 49.92 153.57
C ALA L 40 84.51 49.25 152.88
N ALA L 41 84.30 48.01 152.45
CA ALA L 41 85.39 47.14 152.04
C ALA L 41 85.72 47.31 150.57
N ALA L 42 87.01 47.43 150.27
CA ALA L 42 87.51 47.50 148.88
C ALA L 42 88.69 46.54 148.80
N ALA L 43 88.41 45.28 148.50
CA ALA L 43 89.40 44.21 148.57
C ALA L 43 89.74 43.70 147.18
N ALA L 44 90.66 42.74 147.16
CA ALA L 44 90.93 41.90 145.98
C ALA L 44 91.13 40.49 146.53
N ALA L 45 90.03 39.74 146.64
CA ALA L 45 90.01 38.51 147.40
C ALA L 45 89.60 37.33 146.53
N ALA L 46 89.49 36.17 147.17
CA ALA L 46 89.08 34.94 146.52
C ALA L 46 88.42 34.07 147.58
N ALA L 47 87.12 33.85 147.47
CA ALA L 47 86.35 33.16 148.50
C ALA L 47 85.84 31.80 148.05
N ALA L 48 85.12 31.76 146.92
CA ALA L 48 84.61 30.61 146.17
C ALA L 48 83.52 29.80 146.87
N ALA L 49 83.15 30.11 148.12
CA ALA L 49 81.98 29.52 148.75
C ALA L 49 81.25 30.51 149.64
N ALA L 50 81.28 31.80 149.28
CA ALA L 50 80.82 32.85 150.18
C ALA L 50 79.30 32.93 150.20
N ALA L 51 78.72 32.72 151.37
CA ALA L 51 77.31 33.02 151.62
C ALA L 51 77.25 34.34 152.36
N ALA L 52 77.48 35.42 151.62
CA ALA L 52 77.62 36.74 152.21
C ALA L 52 76.26 37.34 152.54
N ALA L 53 76.20 38.01 153.69
CA ALA L 53 75.04 38.79 154.09
C ALA L 53 75.54 40.18 154.46
N ALA L 54 74.77 41.20 154.11
CA ALA L 54 75.19 42.57 154.36
C ALA L 54 74.00 43.41 154.79
N ALA L 55 74.13 44.03 155.95
CA ALA L 55 73.17 45.01 156.46
C ALA L 55 73.61 46.41 156.06
N ALA L 56 73.10 47.43 156.76
CA ALA L 56 73.10 48.83 156.33
C ALA L 56 74.50 49.43 156.23
N ALA L 57 74.63 50.34 155.25
CA ALA L 57 75.85 51.09 154.88
C ALA L 57 77.01 50.16 154.55
N ALA L 58 76.76 49.24 153.62
CA ALA L 58 77.75 48.27 153.17
C ALA L 58 78.12 48.60 151.72
N ALA L 59 79.19 49.35 151.55
CA ALA L 59 79.78 49.61 150.24
C ALA L 59 80.98 48.68 150.06
N ALA L 60 80.98 47.91 148.98
CA ALA L 60 81.98 46.86 148.81
C ALA L 60 82.48 46.84 147.38
N ALA L 61 83.73 46.40 147.21
CA ALA L 61 84.33 46.26 145.88
C ALA L 61 85.27 45.07 145.94
N ALA L 62 84.82 43.92 145.45
CA ALA L 62 85.53 42.67 145.65
C ALA L 62 85.60 41.86 144.35
N ALA L 63 86.68 41.09 144.21
CA ALA L 63 86.90 40.24 143.06
C ALA L 63 86.87 38.76 143.44
N ALA L 64 85.94 38.39 144.30
CA ALA L 64 85.86 37.06 144.86
C ALA L 64 84.56 36.37 144.46
N ALA L 65 84.62 35.06 144.29
CA ALA L 65 83.45 34.29 143.93
C ALA L 65 82.59 34.03 145.17
N ALA L 66 81.29 34.17 145.01
CA ALA L 66 80.33 33.96 146.10
C ALA L 66 79.42 32.79 145.75
N ALA L 67 78.57 32.43 146.71
CA ALA L 67 77.60 31.36 146.50
C ALA L 67 76.20 31.85 146.83
N ALA L 68 76.09 32.70 147.85
CA ALA L 68 74.80 33.24 148.23
C ALA L 68 74.98 34.70 148.65
N ALA L 69 73.94 35.48 148.45
CA ALA L 69 73.96 36.90 148.78
C ALA L 69 72.66 37.27 149.47
N ALA L 70 72.78 38.00 150.58
CA ALA L 70 71.62 38.47 151.32
C ALA L 70 71.80 39.94 151.64
N ALA L 71 70.73 40.72 151.43
CA ALA L 71 70.73 42.15 151.74
C ALA L 71 69.63 42.45 152.75
N ALA L 72 69.90 43.39 153.65
CA ALA L 72 69.01 43.65 154.77
C ALA L 72 68.37 45.04 154.74
N ALA L 73 69.17 46.11 154.71
CA ALA L 73 68.61 47.45 154.74
C ALA L 73 68.96 48.28 153.52
N ALA L 74 70.25 48.52 153.26
CA ALA L 74 70.72 49.41 152.20
C ALA L 74 72.20 49.11 151.97
N ALA L 75 72.60 49.03 150.70
CA ALA L 75 73.97 48.64 150.39
C ALA L 75 74.37 49.24 149.04
N ALA L 76 75.64 49.03 148.69
CA ALA L 76 76.17 49.33 147.36
C ALA L 76 77.35 48.39 147.15
N ALA L 77 77.13 47.30 146.43
CA ALA L 77 78.17 46.33 146.20
C ALA L 77 78.73 46.46 144.79
N ALA L 78 79.94 45.95 144.60
CA ALA L 78 80.52 45.76 143.27
C ALA L 78 81.40 44.51 143.38
N ALA L 79 80.80 43.37 143.08
CA ALA L 79 81.46 42.09 143.29
C ALA L 79 81.64 41.36 141.97
N ALA L 80 82.69 40.54 141.92
CA ALA L 80 83.00 39.73 140.73
C ALA L 80 82.89 38.26 141.11
N ALA L 81 81.67 37.72 141.03
CA ALA L 81 81.41 36.33 141.39
C ALA L 81 81.60 35.43 140.18
N ALA L 82 81.61 34.11 140.42
CA ALA L 82 81.95 33.23 139.30
C ALA L 82 81.01 32.07 139.06
N ALA L 83 80.51 31.40 140.10
CA ALA L 83 80.03 30.03 139.95
C ALA L 83 78.52 29.89 140.07
N ALA L 84 77.94 30.28 141.19
CA ALA L 84 76.51 30.16 141.40
C ALA L 84 76.10 31.23 142.40
N ALA L 85 74.82 31.58 142.39
CA ALA L 85 74.35 32.63 143.28
C ALA L 85 72.91 32.36 143.68
N ALA L 86 72.69 32.28 144.98
CA ALA L 86 71.35 32.32 145.57
C ALA L 86 71.23 33.67 146.25
N ALA L 87 70.48 34.59 145.64
CA ALA L 87 70.47 35.98 146.08
C ALA L 87 69.08 36.37 146.55
N ALA L 88 69.04 37.14 147.64
CA ALA L 88 67.81 37.69 148.18
C ALA L 88 68.11 39.03 148.81
N ALA L 89 67.20 39.98 148.67
CA ALA L 89 67.42 41.35 149.09
C ALA L 89 66.25 41.85 149.92
N ALA L 90 66.47 43.01 150.56
CA ALA L 90 65.43 43.69 151.31
C ALA L 90 65.73 45.19 151.27
N ALA L 91 65.03 45.91 150.38
CA ALA L 91 64.99 47.38 150.28
C ALA L 91 66.35 48.01 149.97
N ALA L 92 67.24 47.27 149.35
CA ALA L 92 68.63 47.67 149.19
C ALA L 92 68.95 47.89 147.72
N ALA L 93 70.23 48.17 147.47
CA ALA L 93 70.76 48.30 146.12
C ALA L 93 72.02 47.46 146.02
N ALA L 94 72.24 46.86 144.85
CA ALA L 94 73.35 45.95 144.68
C ALA L 94 73.78 45.94 143.22
N ALA L 95 75.08 45.80 143.00
CA ALA L 95 75.62 45.63 141.66
C ALA L 95 76.68 44.55 141.67
N ALA L 96 76.72 43.75 140.61
CA ALA L 96 77.72 42.71 140.46
C ALA L 96 78.29 42.78 139.06
N ALA L 97 79.51 42.29 138.89
CA ALA L 97 80.29 42.61 137.70
C ALA L 97 80.56 41.42 136.79
N ALA L 98 81.18 40.35 137.30
CA ALA L 98 81.71 39.32 136.43
C ALA L 98 80.64 38.31 136.02
N ALA L 99 81.07 37.23 135.38
CA ALA L 99 80.15 36.23 134.83
C ALA L 99 79.64 35.36 135.97
N ALA L 100 78.35 35.47 136.26
CA ALA L 100 77.71 34.68 137.30
C ALA L 100 76.64 33.79 136.69
N ALA L 101 76.17 32.83 137.50
CA ALA L 101 75.08 31.94 137.10
C ALA L 101 74.05 31.99 138.22
N ALA L 102 73.17 32.97 138.17
CA ALA L 102 72.14 33.14 139.19
C ALA L 102 70.98 32.22 138.86
N ALA L 103 70.79 31.18 139.67
CA ALA L 103 69.73 30.23 139.41
C ALA L 103 68.37 30.77 139.85
N ALA L 104 68.30 31.31 141.06
CA ALA L 104 67.04 31.83 141.58
C ALA L 104 67.28 33.20 142.19
N ALA L 105 66.32 34.11 141.99
CA ALA L 105 66.35 35.41 142.62
C ALA L 105 64.94 35.79 143.04
N ALA L 106 64.75 35.96 144.35
CA ALA L 106 63.45 36.33 144.90
C ALA L 106 63.60 37.68 145.58
N ALA L 107 62.93 38.69 145.04
CA ALA L 107 63.00 40.04 145.57
C ALA L 107 61.61 40.45 146.01
N ALA L 108 61.39 40.52 147.31
CA ALA L 108 60.09 40.86 147.88
C ALA L 108 60.05 42.26 148.47
N ALA L 109 60.96 43.13 148.06
CA ALA L 109 61.07 44.47 148.64
C ALA L 109 61.57 45.42 147.55
N ALA L 110 62.11 46.57 147.97
CA ALA L 110 62.65 47.56 147.04
C ALA L 110 64.12 47.26 146.80
N ALA L 111 64.40 46.52 145.74
CA ALA L 111 65.73 46.02 145.45
C ALA L 111 66.17 46.55 144.10
N ALA L 112 67.20 47.39 144.10
CA ALA L 112 67.84 47.84 142.87
C ALA L 112 69.02 46.91 142.59
N ALA L 113 68.71 45.74 142.03
CA ALA L 113 69.71 44.72 141.79
C ALA L 113 70.18 44.80 140.34
N ALA L 114 71.49 44.78 140.16
CA ALA L 114 72.08 44.82 138.83
C ALA L 114 73.21 43.81 138.74
N ALA L 115 73.28 43.13 137.60
CA ALA L 115 74.36 42.19 137.32
C ALA L 115 74.82 42.42 135.90
N ALA L 116 76.09 42.78 135.72
CA ALA L 116 76.60 43.11 134.39
C ALA L 116 76.86 41.88 133.52
N ALA L 117 76.90 40.69 134.10
CA ALA L 117 77.02 39.46 133.32
C ALA L 117 76.35 38.35 134.10
N ALA L 118 75.31 37.76 133.52
CA ALA L 118 74.65 36.59 134.08
C ALA L 118 74.58 35.54 132.99
N ALA L 119 75.42 34.52 133.11
CA ALA L 119 75.45 33.41 132.15
C ALA L 119 74.96 32.17 132.88
N ALA L 120 73.65 32.00 132.91
CA ALA L 120 73.02 30.92 133.66
C ALA L 120 72.33 29.95 132.72
N ALA L 121 71.63 28.98 133.31
CA ALA L 121 70.90 27.99 132.54
C ALA L 121 69.41 28.07 132.75
N ALA L 122 68.95 28.39 133.96
CA ALA L 122 67.53 28.57 134.22
C ALA L 122 67.40 29.59 135.35
N ALA L 123 67.16 30.84 134.98
CA ALA L 123 67.06 31.92 135.95
C ALA L 123 65.60 32.15 136.27
N ALA L 124 65.20 31.81 137.49
CA ALA L 124 63.83 32.04 137.95
C ALA L 124 63.85 33.27 138.84
N ALA L 125 63.21 34.34 138.38
CA ALA L 125 63.16 35.59 139.11
C ALA L 125 61.73 35.85 139.52
N ALA L 126 61.48 35.84 140.83
CA ALA L 126 60.18 36.16 141.38
C ALA L 126 60.26 37.52 142.06
N ALA L 127 59.30 38.39 141.75
CA ALA L 127 59.34 39.77 142.22
C ALA L 127 58.03 40.14 142.88
N ALA L 128 58.12 40.93 143.95
CA ALA L 128 56.96 41.28 144.76
C ALA L 128 57.03 42.74 145.17
N ALA L 129 56.28 43.57 144.43
CA ALA L 129 55.68 44.86 144.74
C ALA L 129 56.57 46.09 144.78
N ALA L 130 57.90 45.96 144.81
CA ALA L 130 58.69 47.20 144.85
C ALA L 130 60.01 47.21 144.09
N ALA L 131 60.55 46.06 143.73
CA ALA L 131 61.94 45.92 143.31
C ALA L 131 62.19 46.46 141.90
N ALA L 132 63.46 46.45 141.50
CA ALA L 132 63.89 46.87 140.18
C ALA L 132 65.15 46.08 139.82
N ALA L 133 64.96 44.97 139.12
CA ALA L 133 66.07 44.13 138.72
C ALA L 133 66.50 44.43 137.29
N ALA L 134 67.80 44.59 137.09
CA ALA L 134 68.36 44.86 135.76
C ALA L 134 69.55 43.95 135.54
N ALA L 135 69.29 42.74 135.05
CA ALA L 135 70.30 41.71 134.88
C ALA L 135 70.36 41.33 133.42
N ALA L 136 71.53 41.44 132.80
CA ALA L 136 71.56 41.27 131.34
C ALA L 136 72.92 40.75 130.87
N ALA L 137 73.05 39.42 130.75
CA ALA L 137 73.89 38.95 129.64
C ALA L 137 73.23 37.92 128.75
N ALA L 138 73.00 36.70 129.26
CA ALA L 138 72.58 35.57 128.43
C ALA L 138 72.07 34.46 129.35
N ALA L 139 70.77 34.22 129.33
CA ALA L 139 70.23 33.07 130.03
C ALA L 139 69.88 32.00 129.02
N ALA L 140 69.40 30.85 129.50
CA ALA L 140 68.90 29.81 128.63
C ALA L 140 67.45 29.44 128.89
N ALA L 141 66.94 29.69 130.09
CA ALA L 141 65.52 29.55 130.38
C ALA L 141 65.20 30.55 131.48
N ALA L 142 64.58 31.67 131.12
CA ALA L 142 64.20 32.68 132.08
C ALA L 142 62.74 32.49 132.48
N ALA L 143 62.46 32.58 133.77
CA ALA L 143 61.10 32.48 134.29
C ALA L 143 60.90 33.69 135.19
N ALA L 144 60.34 34.74 134.62
CA ALA L 144 60.13 36.00 135.33
C ALA L 144 58.70 36.06 135.81
N ALA L 145 58.49 35.67 137.06
CA ALA L 145 57.17 35.79 137.68
C ALA L 145 57.17 37.09 138.47
N ALA L 146 56.68 38.15 137.86
CA ALA L 146 56.51 39.42 138.54
C ALA L 146 55.09 39.44 139.07
N ALA L 147 54.93 39.13 140.37
CA ALA L 147 53.64 39.12 141.05
C ALA L 147 53.38 40.46 141.73
N ALA L 148 53.75 41.53 141.05
CA ALA L 148 54.39 42.69 141.59
C ALA L 148 53.75 43.96 141.06
N ALA L 149 53.95 45.06 141.77
CA ALA L 149 53.77 46.41 141.23
C ALA L 149 55.13 47.01 140.87
N ALA L 150 56.01 46.18 140.33
CA ALA L 150 57.43 46.48 140.26
C ALA L 150 57.92 46.27 138.83
N ALA L 151 59.22 46.47 138.64
CA ALA L 151 59.82 46.51 137.31
C ALA L 151 60.93 45.48 137.21
N ALA L 152 61.00 44.82 136.06
CA ALA L 152 62.06 43.86 135.75
C ALA L 152 62.57 44.19 134.36
N ALA L 153 63.53 45.09 134.29
CA ALA L 153 64.10 45.51 133.02
C ALA L 153 65.21 44.55 132.62
N ALA L 154 65.30 44.25 131.32
CA ALA L 154 66.30 43.30 130.87
C ALA L 154 66.68 43.58 129.43
N ALA L 155 67.98 43.46 129.16
CA ALA L 155 68.51 43.23 127.83
C ALA L 155 69.18 41.87 127.81
N ALA L 156 68.69 40.96 128.66
CA ALA L 156 69.25 39.62 128.79
C ALA L 156 68.76 38.79 127.61
N ALA L 157 69.68 38.39 126.73
CA ALA L 157 69.33 37.63 125.55
C ALA L 157 69.11 36.18 125.96
N ALA L 158 67.91 35.88 126.42
CA ALA L 158 67.55 34.53 126.84
C ALA L 158 67.10 33.70 125.65
N ALA L 159 67.47 32.43 125.67
CA ALA L 159 67.04 31.52 124.60
C ALA L 159 65.58 31.16 124.71
N ALA L 160 65.08 30.95 125.92
CA ALA L 160 63.66 30.76 126.15
C ALA L 160 63.24 31.65 127.31
N ALA L 161 62.07 32.27 127.20
CA ALA L 161 61.60 33.20 128.19
C ALA L 161 60.16 32.90 128.54
N ALA L 162 59.83 33.02 129.82
CA ALA L 162 58.47 32.79 130.32
C ALA L 162 58.21 33.87 131.36
N ALA L 163 57.56 34.95 130.96
CA ALA L 163 57.36 36.11 131.81
C ALA L 163 55.87 36.30 132.05
N ALA L 164 55.48 36.28 133.31
CA ALA L 164 54.10 36.52 133.71
C ALA L 164 54.06 37.69 134.68
N ALA L 165 53.33 38.73 134.31
CA ALA L 165 53.20 39.93 135.12
C ALA L 165 51.77 40.00 135.65
N ALA L 166 51.62 40.24 136.95
CA ALA L 166 50.34 39.98 137.60
C ALA L 166 49.51 41.21 137.91
N ALA L 167 50.09 42.31 138.44
CA ALA L 167 49.25 43.46 138.81
C ALA L 167 50.06 44.76 138.69
N ALA L 168 50.00 45.38 137.50
CA ALA L 168 50.70 46.63 137.13
C ALA L 168 52.21 46.55 137.34
N ALA L 169 52.79 45.43 136.93
CA ALA L 169 54.23 45.30 136.81
C ALA L 169 54.69 45.83 135.46
N ALA L 170 56.00 45.86 135.26
CA ALA L 170 56.55 46.29 133.98
C ALA L 170 57.82 45.51 133.71
N ALA L 171 57.79 44.64 132.70
CA ALA L 171 58.91 43.75 132.43
C ALA L 171 59.40 43.97 131.01
N ALA L 172 60.70 44.16 130.86
CA ALA L 172 61.32 44.36 129.55
C ALA L 172 62.16 43.12 129.26
N ALA L 173 61.70 42.31 128.30
CA ALA L 173 62.32 41.04 127.98
C ALA L 173 62.96 41.06 126.60
N ALA L 174 63.78 40.05 126.34
CA ALA L 174 64.41 39.88 125.04
C ALA L 174 64.66 38.39 124.85
N ALA L 175 63.91 37.77 123.95
CA ALA L 175 63.95 36.33 123.76
C ALA L 175 64.60 35.98 122.44
N ALA L 176 65.52 35.02 122.47
CA ALA L 176 66.18 34.60 121.24
C ALA L 176 65.32 33.61 120.45
N ALA L 177 65.01 32.47 121.05
CA ALA L 177 64.28 31.44 120.32
C ALA L 177 62.83 31.28 120.75
N ALA L 178 62.53 31.47 122.03
CA ALA L 178 61.21 31.17 122.55
C ALA L 178 60.73 32.31 123.42
N ALA L 179 59.62 32.93 123.07
CA ALA L 179 59.02 33.99 123.88
C ALA L 179 57.69 33.52 124.41
N ALA L 180 57.51 33.62 125.72
CA ALA L 180 56.30 33.19 126.39
C ALA L 180 55.88 34.31 127.32
N ALA L 181 54.70 34.88 127.09
CA ALA L 181 54.33 36.06 127.86
C ALA L 181 52.87 35.96 128.29
N ALA L 182 52.63 36.25 129.56
CA ALA L 182 51.29 36.46 130.06
C ALA L 182 51.27 37.74 130.87
N ALA L 183 50.31 38.61 130.58
CA ALA L 183 50.22 39.87 131.28
C ALA L 183 48.85 40.01 131.91
N ALA L 184 48.78 40.70 133.03
CA ALA L 184 47.51 41.00 133.70
C ALA L 184 47.62 42.40 134.30
N ALA L 185 46.87 43.35 133.71
CA ALA L 185 46.79 44.78 134.08
C ALA L 185 48.15 45.49 134.07
N ALA L 186 49.07 45.02 133.23
CA ALA L 186 50.49 45.34 133.38
C ALA L 186 51.08 45.53 131.99
N ALA L 187 52.42 45.57 131.93
CA ALA L 187 53.12 45.82 130.68
C ALA L 187 54.27 44.85 130.51
N ALA L 188 54.36 44.24 129.33
CA ALA L 188 55.48 43.38 128.97
C ALA L 188 56.02 43.85 127.63
N ALA L 189 57.24 44.38 127.63
CA ALA L 189 57.83 44.99 126.45
C ALA L 189 58.87 44.03 125.85
N ALA L 190 58.62 43.60 124.62
CA ALA L 190 59.50 42.64 123.93
C ALA L 190 60.48 43.42 123.09
N ALA L 191 61.74 43.44 123.51
CA ALA L 191 62.76 44.23 122.83
C ALA L 191 63.48 43.46 121.73
N ALA L 192 63.14 42.19 121.51
CA ALA L 192 63.69 41.44 120.39
C ALA L 192 62.66 40.43 119.94
N ALA L 193 62.49 40.30 118.62
CA ALA L 193 61.53 39.36 118.07
C ALA L 193 62.12 37.96 118.13
N ALA L 194 61.42 37.05 118.80
CA ALA L 194 61.92 35.70 118.99
C ALA L 194 61.71 34.88 117.74
N ALA L 195 62.29 33.67 117.74
CA ALA L 195 62.06 32.74 116.66
C ALA L 195 60.65 32.18 116.69
N ALA L 196 60.09 31.99 117.89
CA ALA L 196 58.68 31.71 118.04
C ALA L 196 58.18 32.45 119.27
N ALA L 197 57.14 33.26 119.08
CA ALA L 197 56.64 34.12 120.14
C ALA L 197 55.18 33.79 120.41
N ALA L 198 54.80 33.88 121.69
CA ALA L 198 53.41 33.74 122.06
C ALA L 198 53.13 34.58 123.30
N ALA L 199 52.13 35.44 123.20
CA ALA L 199 51.81 36.37 124.27
C ALA L 199 50.31 36.39 124.47
N ALA L 200 49.90 36.34 125.72
CA ALA L 200 48.50 36.39 126.10
C ALA L 200 48.29 37.53 127.07
N ALA L 201 47.30 38.36 126.80
CA ALA L 201 47.00 39.51 127.62
C ALA L 201 45.67 39.28 128.33
N ALA L 202 45.63 39.63 129.60
CA ALA L 202 44.44 39.58 130.43
C ALA L 202 43.76 40.95 130.39
N ALA L 203 42.91 41.21 131.38
CA ALA L 203 42.19 42.47 131.50
C ALA L 203 43.14 43.65 131.69
N ALA L 204 43.04 44.62 130.76
CA ALA L 204 43.79 45.89 130.72
C ALA L 204 45.30 45.66 130.67
N ALA L 205 45.72 44.64 129.95
CA ALA L 205 47.09 44.15 129.98
C ALA L 205 47.75 44.33 128.62
N ALA L 206 49.03 44.70 128.62
CA ALA L 206 49.71 45.12 127.40
C ALA L 206 50.99 44.34 127.17
N ALA L 207 50.95 43.38 126.25
CA ALA L 207 52.18 42.74 125.79
C ALA L 207 52.54 43.36 124.45
N ALA L 208 53.06 44.59 124.52
CA ALA L 208 53.41 45.33 123.32
C ALA L 208 54.87 45.09 122.98
N ALA L 209 55.13 44.58 121.78
CA ALA L 209 56.49 44.29 121.35
C ALA L 209 57.14 45.59 120.93
N ALA L 210 57.70 46.28 121.92
CA ALA L 210 58.24 47.62 121.72
C ALA L 210 59.71 47.59 121.32
N ALA L 211 59.95 47.04 120.14
CA ALA L 211 61.28 47.12 119.55
C ALA L 211 61.45 48.49 118.91
N ALA L 212 62.71 48.86 118.69
CA ALA L 212 63.01 50.16 118.09
C ALA L 212 62.79 50.06 116.58
N ALA L 213 61.76 50.75 116.08
CA ALA L 213 61.60 50.93 114.66
C ALA L 213 62.71 51.81 114.12
N ALA L 214 63.04 51.61 112.84
CA ALA L 214 64.33 51.96 112.20
C ALA L 214 65.51 51.40 112.99
N ALA L 215 65.60 50.08 112.97
CA ALA L 215 66.88 49.46 113.23
C ALA L 215 67.74 49.48 111.98
N ALA L 216 68.92 48.89 112.08
CA ALA L 216 69.74 48.70 110.89
C ALA L 216 69.13 47.67 109.97
N ALA L 217 68.75 46.52 110.51
CA ALA L 217 67.95 45.54 109.80
C ALA L 217 67.01 44.92 110.85
N ALA L 218 65.84 45.50 111.00
CA ALA L 218 64.83 44.92 111.88
C ALA L 218 64.17 43.78 111.14
N ALA L 219 64.30 42.57 111.68
CA ALA L 219 63.69 41.40 111.04
C ALA L 219 62.19 41.43 111.24
N ALA L 220 61.45 41.19 110.17
CA ALA L 220 60.00 41.25 110.24
C ALA L 220 59.44 39.99 110.88
N ALA L 221 58.18 40.06 111.28
CA ALA L 221 57.49 38.93 111.86
C ALA L 221 57.14 37.95 110.75
N ALA L 222 57.74 36.77 110.79
CA ALA L 222 57.58 35.76 109.75
C ALA L 222 56.27 35.00 109.94
N ALA L 223 56.07 33.94 109.15
CA ALA L 223 54.85 33.15 109.22
C ALA L 223 54.74 32.32 110.48
N ALA L 224 55.87 32.01 111.11
CA ALA L 224 55.87 31.29 112.37
C ALA L 224 55.84 32.21 113.58
N ALA L 225 55.96 33.52 113.41
CA ALA L 225 56.04 34.42 114.54
C ALA L 225 55.00 35.52 114.51
N ALA L 226 54.13 35.57 113.51
CA ALA L 226 53.15 36.64 113.40
C ALA L 226 51.99 36.32 114.33
N ALA L 227 52.06 36.81 115.55
CA ALA L 227 50.92 36.79 116.44
C ALA L 227 50.28 38.17 116.46
N ALA L 228 49.04 38.20 116.91
CA ALA L 228 48.26 39.44 116.94
C ALA L 228 48.69 40.33 118.10
N ALA M 1 85.68 49.13 124.54
CA ALA M 1 85.43 48.80 125.94
C ALA M 1 84.61 47.52 126.05
N ALA M 2 85.05 46.48 125.35
CA ALA M 2 84.34 45.21 125.31
C ALA M 2 84.94 44.25 126.33
N ALA M 3 84.51 42.99 126.26
CA ALA M 3 85.07 41.90 127.07
C ALA M 3 84.89 40.63 126.26
N ALA M 4 85.95 40.21 125.55
CA ALA M 4 85.85 39.04 124.70
C ALA M 4 85.92 37.76 125.53
N ALA M 5 85.47 36.67 124.94
CA ALA M 5 85.59 35.35 125.54
C ALA M 5 86.57 34.52 124.72
N ALA M 6 87.06 33.46 125.34
CA ALA M 6 88.13 32.65 124.77
C ALA M 6 87.63 31.58 123.81
N ALA M 7 86.32 31.49 123.58
CA ALA M 7 85.75 30.46 122.74
C ALA M 7 85.77 30.93 121.28
N ALA M 8 85.04 30.22 120.41
CA ALA M 8 84.90 30.65 119.03
C ALA M 8 83.98 31.86 118.93
N ALA M 9 84.57 33.04 119.10
CA ALA M 9 84.05 34.34 118.64
C ALA M 9 82.78 34.79 119.37
N ALA M 10 82.84 34.83 120.70
CA ALA M 10 81.81 35.48 121.50
C ALA M 10 82.43 36.62 122.31
N ALA M 11 81.66 37.68 122.52
CA ALA M 11 82.18 38.83 123.24
C ALA M 11 81.02 39.55 123.93
N ALA M 12 81.11 39.72 125.24
CA ALA M 12 80.19 40.63 125.89
C ALA M 12 80.70 42.05 125.71
N ALA M 13 79.82 43.01 125.94
CA ALA M 13 80.18 44.41 125.82
C ALA M 13 79.39 45.23 126.83
N ALA M 14 80.08 46.18 127.46
CA ALA M 14 79.49 46.89 128.58
C ALA M 14 79.40 48.39 128.31
N ALA M 15 78.94 48.76 127.12
CA ALA M 15 78.56 50.16 126.90
C ALA M 15 77.28 50.48 127.66
N ALA M 16 76.19 49.79 127.31
CA ALA M 16 75.07 49.64 128.21
C ALA M 16 74.88 48.17 128.58
N ALA M 17 74.61 47.32 127.58
CA ALA M 17 74.46 45.88 127.72
C ALA M 17 74.54 45.21 126.35
N ALA M 18 75.48 44.28 126.16
CA ALA M 18 75.52 43.48 124.95
C ALA M 18 76.20 42.15 125.23
N ALA M 19 75.73 41.10 124.54
CA ALA M 19 76.47 39.83 124.46
C ALA M 19 76.43 39.37 123.00
N ALA M 20 77.37 39.85 122.20
CA ALA M 20 77.34 39.65 120.77
C ALA M 20 78.37 38.61 120.35
N ALA M 21 78.46 38.38 119.05
CA ALA M 21 79.37 37.38 118.51
C ALA M 21 80.18 37.97 117.38
N ALA M 22 81.48 37.66 117.39
CA ALA M 22 82.42 38.08 116.36
C ALA M 22 82.48 37.00 115.28
N ALA M 23 83.50 37.05 114.44
CA ALA M 23 83.81 35.94 113.53
C ALA M 23 85.11 35.23 113.89
N ALA M 24 86.11 35.99 114.39
CA ALA M 24 87.46 35.53 114.79
C ALA M 24 88.20 34.80 113.67
N ALA M 25 88.02 35.29 112.44
CA ALA M 25 88.79 34.85 111.29
C ALA M 25 89.51 35.97 110.58
N ALA M 26 88.94 37.18 110.58
CA ALA M 26 89.64 38.37 110.11
C ALA M 26 90.44 39.06 111.20
N ALA M 27 90.16 38.71 112.47
CA ALA M 27 90.91 39.13 113.68
C ALA M 27 90.93 40.65 113.87
N ALA M 28 89.74 41.24 113.99
CA ALA M 28 89.62 42.67 114.25
C ALA M 28 89.61 42.89 115.76
N ALA M 29 90.78 42.67 116.37
CA ALA M 29 90.96 42.86 117.80
C ALA M 29 91.50 44.25 118.09
N ALA M 30 90.75 45.26 117.65
CA ALA M 30 91.16 46.64 117.82
C ALA M 30 91.00 47.12 119.25
N ALA M 31 90.05 46.52 119.99
CA ALA M 31 89.63 46.87 121.36
C ALA M 31 89.21 48.34 121.49
N ALA M 32 88.60 48.87 120.44
CA ALA M 32 88.22 50.28 120.37
C ALA M 32 87.09 50.38 119.37
N ALA M 33 85.91 50.81 119.85
CA ALA M 33 84.71 50.74 119.05
C ALA M 33 83.71 51.75 119.57
N ALA M 34 82.57 51.84 118.89
CA ALA M 34 81.41 52.59 119.36
C ALA M 34 80.30 51.57 119.56
N ALA M 35 80.26 50.96 120.74
CA ALA M 35 79.28 49.94 121.06
C ALA M 35 77.97 50.60 121.46
N ALA M 36 76.87 50.11 120.90
CA ALA M 36 75.56 50.70 121.12
C ALA M 36 74.57 49.62 121.53
N ALA M 37 73.44 50.05 122.08
CA ALA M 37 72.34 49.17 122.42
C ALA M 37 71.32 49.08 121.29
N ALA M 38 71.82 48.79 120.09
CA ALA M 38 71.04 48.45 118.92
C ALA M 38 71.73 47.34 118.16
N ALA M 39 72.52 46.53 118.89
CA ALA M 39 73.32 45.40 118.42
C ALA M 39 74.32 45.82 117.32
N ALA M 40 75.24 46.69 117.71
CA ALA M 40 76.22 47.21 116.76
C ALA M 40 77.52 47.50 117.51
N ALA M 41 78.48 46.59 117.38
CA ALA M 41 79.84 46.84 117.86
C ALA M 41 80.64 47.31 116.66
N ALA M 42 80.60 48.62 116.41
CA ALA M 42 81.24 49.22 115.23
C ALA M 42 82.71 49.46 115.54
N ALA M 43 83.55 48.51 115.15
CA ALA M 43 84.97 48.55 115.48
C ALA M 43 85.73 49.40 114.45
N ALA M 44 87.06 49.34 114.52
CA ALA M 44 87.89 50.09 113.59
C ALA M 44 87.88 49.45 112.21
N ALA M 45 87.88 48.12 112.15
CA ALA M 45 87.86 47.42 110.87
C ALA M 45 86.45 47.34 110.31
N ALA M 46 85.55 46.66 111.02
CA ALA M 46 84.19 46.41 110.54
C ALA M 46 83.23 46.56 111.70
N ALA M 47 82.00 46.10 111.51
CA ALA M 47 80.97 46.15 112.54
C ALA M 47 80.54 44.74 112.91
N ALA M 48 80.25 44.57 114.20
CA ALA M 48 79.85 43.28 114.74
C ALA M 48 78.51 43.40 115.45
N ALA M 49 77.73 42.32 115.39
CA ALA M 49 76.40 42.30 115.96
C ALA M 49 76.19 40.99 116.71
N ALA M 50 75.03 40.88 117.35
CA ALA M 50 74.63 39.61 117.96
C ALA M 50 74.24 38.65 116.84
N ALA M 51 75.11 37.69 116.56
CA ALA M 51 74.95 36.86 115.38
C ALA M 51 73.87 35.80 115.58
N ALA M 52 73.20 35.44 114.49
CA ALA M 52 72.15 34.44 114.53
C ALA M 52 72.11 33.67 113.22
N ALA N 1 16.27 50.19 93.28
CA ALA N 1 17.35 50.95 92.66
C ALA N 1 18.05 51.82 93.71
N ALA N 2 18.26 53.10 93.40
CA ALA N 2 18.81 54.02 94.38
C ALA N 2 17.73 54.36 95.39
N ALA N 3 17.65 53.59 96.45
CA ALA N 3 16.52 53.64 97.38
C ALA N 3 16.93 54.37 98.65
N ALA N 4 16.05 55.25 99.09
CA ALA N 4 15.95 55.89 100.41
C ALA N 4 17.00 56.95 100.69
N ALA N 5 18.04 57.09 99.87
CA ALA N 5 18.86 58.29 99.97
C ALA N 5 18.09 59.46 99.37
N ALA N 6 17.82 59.36 98.07
CA ALA N 6 16.81 60.10 97.36
C ALA N 6 16.48 59.28 96.12
N ALA N 7 15.83 59.89 95.15
CA ALA N 7 15.71 59.21 93.87
C ALA N 7 17.01 59.37 93.07
N ALA N 8 17.09 58.61 91.98
CA ALA N 8 18.27 58.61 91.13
C ALA N 8 18.34 59.91 90.34
N ALA N 9 19.40 60.69 90.54
CA ALA N 9 19.48 61.99 89.88
C ALA N 9 19.95 61.86 88.44
N ALA N 10 21.17 61.40 88.25
CA ALA N 10 21.73 61.23 86.92
C ALA N 10 22.05 59.77 86.72
N ALA N 11 22.70 59.45 85.60
CA ALA N 11 23.25 58.13 85.37
C ALA N 11 24.64 58.37 84.78
N ALA N 12 25.65 58.42 85.65
CA ALA N 12 26.98 58.80 85.24
C ALA N 12 27.62 57.66 84.44
N ALA N 13 27.93 57.94 83.19
CA ALA N 13 28.63 56.97 82.38
C ALA N 13 30.07 56.87 82.85
N ALA N 14 30.66 55.69 82.57
CA ALA N 14 31.87 55.12 83.19
C ALA N 14 31.76 55.04 84.71
N ALA N 15 30.55 54.78 85.21
CA ALA N 15 30.28 54.68 86.63
C ALA N 15 28.96 53.95 86.83
N ALA N 16 28.50 53.96 88.08
CA ALA N 16 27.20 53.46 88.48
C ALA N 16 26.19 54.59 88.39
N ALA N 17 24.96 54.36 88.84
CA ALA N 17 23.94 55.41 88.85
C ALA N 17 24.23 56.39 89.97
N ALA N 18 23.80 57.63 89.77
CA ALA N 18 24.09 58.70 90.70
C ALA N 18 22.80 59.11 91.40
N ALA N 19 22.65 58.71 92.65
CA ALA N 19 21.51 59.11 93.45
C ALA N 19 21.61 60.58 93.81
N ALA N 20 20.50 61.17 94.25
CA ALA N 20 20.47 62.59 94.57
C ALA N 20 20.87 62.87 96.01
N ALA N 21 21.55 61.94 96.67
CA ALA N 21 22.46 62.25 97.77
C ALA N 21 23.90 61.92 97.38
N ALA N 22 24.19 60.66 97.01
CA ALA N 22 25.54 60.17 96.77
C ALA N 22 25.58 59.26 95.56
N ALA N 23 26.66 58.50 95.38
CA ALA N 23 26.76 57.57 94.26
C ALA N 23 26.20 56.21 94.67
N ALA N 24 25.31 55.68 93.84
CA ALA N 24 24.56 54.50 94.23
C ALA N 24 25.38 53.24 94.00
N ALA N 25 24.80 52.10 94.37
CA ALA N 25 25.43 50.81 94.17
C ALA N 25 24.82 50.06 92.99
N ALA N 26 23.92 50.69 92.25
CA ALA N 26 23.29 50.05 91.11
C ALA N 26 23.99 50.53 89.84
N ALA N 27 24.37 49.58 88.99
CA ALA N 27 25.20 49.89 87.83
C ALA N 27 24.38 50.56 86.73
N ALA N 28 24.91 51.65 86.19
CA ALA N 28 24.17 52.43 85.20
C ALA N 28 24.29 51.81 83.81
N ALA N 29 25.50 51.72 83.29
CA ALA N 29 25.74 51.25 81.94
C ALA N 29 26.15 49.79 81.95
N ALA N 30 26.37 49.26 80.74
CA ALA N 30 26.92 47.90 80.63
C ALA N 30 28.39 47.89 80.94
N ALA N 31 29.07 49.02 80.76
CA ALA N 31 30.52 49.08 80.79
C ALA N 31 31.07 49.61 82.11
N ALA N 32 30.36 49.38 83.21
CA ALA N 32 30.87 49.71 84.51
C ALA N 32 31.68 48.54 85.06
N ALA N 33 32.23 48.69 86.26
CA ALA N 33 33.10 47.65 86.81
C ALA N 33 32.32 46.65 87.65
N ALA N 34 31.36 45.98 87.00
CA ALA N 34 30.54 44.97 87.65
C ALA N 34 31.36 43.70 87.82
N ALA N 35 31.32 43.11 89.02
CA ALA N 35 32.21 42.00 89.38
C ALA N 35 31.75 40.70 88.75
N ALA N 36 31.99 40.57 87.46
CA ALA N 36 31.85 39.28 86.81
C ALA N 36 33.02 38.42 87.24
N ALA N 37 32.72 37.22 87.73
CA ALA N 37 33.77 36.24 87.96
C ALA N 37 33.34 34.85 87.54
N ALA N 38 32.07 34.65 87.19
CA ALA N 38 31.58 33.38 86.69
C ALA N 38 30.90 33.64 85.35
N ALA N 39 31.57 33.28 84.27
CA ALA N 39 30.95 33.40 82.96
C ALA N 39 30.04 32.22 82.70
N ALA N 40 29.26 32.32 81.62
CA ALA N 40 28.38 31.23 81.20
C ALA N 40 28.42 31.20 79.68
N ALA N 41 29.33 30.39 79.13
CA ALA N 41 29.49 30.31 77.69
C ALA N 41 30.10 28.97 77.32
N ALA N 42 29.78 28.51 76.11
CA ALA N 42 30.48 27.37 75.55
C ALA N 42 31.83 27.82 75.05
N ALA N 43 32.86 27.07 75.46
CA ALA N 43 34.28 27.26 75.12
C ALA N 43 34.82 28.63 75.53
N ALA N 44 34.32 29.16 76.65
CA ALA N 44 34.95 30.32 77.25
C ALA N 44 36.29 29.93 77.83
N ALA N 45 37.26 30.84 77.69
CA ALA N 45 38.66 30.87 78.16
C ALA N 45 39.57 29.94 77.35
N ALA N 46 39.01 29.15 76.45
CA ALA N 46 39.59 28.88 75.15
C ALA N 46 38.93 29.87 74.20
N ALA N 47 39.15 29.74 72.90
CA ALA N 47 38.46 30.63 71.98
C ALA N 47 37.03 30.15 71.79
N ALA N 48 36.21 31.01 71.17
CA ALA N 48 34.76 30.87 71.13
C ALA N 48 34.31 29.70 70.24
N ALA N 49 32.99 29.48 70.20
CA ALA N 49 32.43 28.37 69.46
C ALA N 49 32.46 28.67 67.97
N ALA N 50 33.19 27.85 67.21
CA ALA N 50 33.30 28.01 65.76
C ALA N 50 31.98 27.65 65.13
N ALA N 51 31.23 28.67 64.71
CA ALA N 51 29.79 28.55 64.45
C ALA N 51 29.45 27.82 63.17
N ALA N 52 30.41 27.55 62.29
CA ALA N 52 30.13 26.96 61.00
C ALA N 52 29.85 25.46 61.07
N ALA N 53 30.14 24.81 62.18
CA ALA N 53 29.96 23.36 62.28
C ALA N 53 28.48 23.01 62.47
N ALA N 54 28.10 21.89 61.88
CA ALA N 54 26.78 21.29 62.09
C ALA N 54 27.00 19.78 62.22
N ALA N 55 27.29 19.34 63.43
CA ALA N 55 27.58 17.95 63.72
C ALA N 55 27.15 17.67 65.16
N ALA N 56 27.66 16.58 65.73
CA ALA N 56 27.34 16.28 67.12
C ALA N 56 28.16 17.15 68.07
N ALA N 57 29.48 17.17 67.90
CA ALA N 57 30.36 17.85 68.83
C ALA N 57 30.34 19.36 68.61
N ALA N 58 30.84 20.09 69.60
CA ALA N 58 30.97 21.54 69.54
C ALA N 58 32.46 21.87 69.53
N ALA N 59 32.94 22.42 68.43
CA ALA N 59 34.36 22.73 68.30
C ALA N 59 34.62 24.19 68.59
N ALA N 60 35.66 24.46 69.36
CA ALA N 60 36.04 25.82 69.65
C ALA N 60 36.79 26.42 68.46
N ALA N 61 36.94 27.75 68.47
CA ALA N 61 37.73 28.41 67.44
C ALA N 61 39.22 28.23 67.62
N ALA N 62 39.67 27.75 68.78
CA ALA N 62 41.04 27.30 68.98
C ALA N 62 41.18 25.79 68.75
N ALA N 63 40.20 25.20 68.05
CA ALA N 63 40.16 23.79 67.61
C ALA N 63 40.22 22.80 68.77
N ALA N 64 39.63 23.16 69.89
CA ALA N 64 39.36 22.20 70.95
C ALA N 64 37.90 21.80 70.85
N ALA N 65 37.61 20.56 71.22
CA ALA N 65 36.25 20.07 71.24
C ALA N 65 35.68 20.31 72.62
N ALA N 66 34.62 21.10 72.71
CA ALA N 66 33.99 21.40 73.99
C ALA N 66 33.17 20.18 74.39
N ALA N 67 33.82 19.25 75.07
CA ALA N 67 33.16 18.01 75.44
C ALA N 67 32.23 18.20 76.62
N ALA N 68 32.35 19.29 77.35
CA ALA N 68 31.40 19.66 78.38
C ALA N 68 30.15 20.33 77.84
N ALA N 69 30.09 20.61 76.53
CA ALA N 69 28.89 21.20 75.96
C ALA N 69 28.45 20.50 74.69
N ALA N 70 28.91 19.29 74.43
CA ALA N 70 28.51 18.56 73.23
C ALA N 70 27.41 17.56 73.54
N LYS O 24 30.45 6.13 122.48
CA LYS O 24 30.57 7.03 121.34
C LYS O 24 32.03 7.16 120.91
N PHE O 25 32.28 6.95 119.62
CA PHE O 25 33.63 6.99 119.09
C PHE O 25 33.72 8.07 118.03
N LYS O 26 34.78 8.87 118.10
CA LYS O 26 34.97 9.99 117.19
C LYS O 26 36.46 10.21 117.00
N LYS O 27 36.88 10.32 115.76
CA LYS O 27 38.16 10.88 115.38
C LYS O 27 38.09 12.40 115.52
N PRO O 28 39.22 13.09 115.74
CA PRO O 28 39.15 14.53 116.05
C PRO O 28 38.70 15.43 114.90
N PRO O 29 39.34 15.45 113.67
CA PRO O 29 38.93 16.53 112.76
C PRO O 29 37.68 16.21 111.97
N ILE O 30 36.55 16.74 112.41
CA ILE O 30 35.32 16.60 111.68
C ILE O 30 35.12 17.96 111.01
N ASN O 31 35.64 18.07 109.80
CA ASN O 31 35.64 19.33 109.08
C ASN O 31 34.36 19.46 108.29
N ASN O 32 34.33 20.39 107.35
CA ASN O 32 33.21 20.55 106.45
C ASN O 32 33.19 19.43 105.41
N PRO O 33 32.07 19.23 104.76
CA PRO O 33 32.09 18.36 103.58
C PRO O 33 32.80 19.01 102.41
N SER O 34 33.95 18.47 102.05
CA SER O 34 34.60 18.89 100.81
C SER O 34 34.01 18.13 99.63
N ASP O 35 34.34 18.59 98.43
CA ASP O 35 33.98 17.84 97.25
C ASP O 35 35.22 17.37 96.51
N ASP O 36 34.97 16.54 95.51
CA ASP O 36 36.06 15.88 94.81
C ASP O 36 36.82 16.80 93.89
N ALA O 37 36.22 17.95 93.53
CA ALA O 37 36.92 19.00 92.80
C ALA O 37 38.10 19.53 93.59
N THR O 38 37.86 19.94 94.84
CA THR O 38 38.94 20.41 95.69
C THR O 38 39.83 19.28 96.17
N ILE O 39 39.31 18.05 96.21
CA ILE O 39 40.12 16.89 96.56
C ILE O 39 41.19 16.64 95.51
N LYS O 40 40.81 16.61 94.24
CA LYS O 40 41.83 16.37 93.23
C LYS O 40 42.62 17.63 92.87
N LEU O 41 42.08 18.82 93.17
CA LEU O 41 42.90 20.03 93.11
C LEU O 41 43.99 20.03 94.16
N ALA O 42 43.68 19.55 95.36
CA ALA O 42 44.68 19.48 96.42
C ALA O 42 45.69 18.37 96.15
N GLU O 43 45.23 17.26 95.57
CA GLU O 43 46.14 16.18 95.24
C GLU O 43 47.05 16.52 94.08
N ALA O 44 46.62 17.40 93.16
CA ALA O 44 47.55 18.02 92.24
C ALA O 44 48.49 18.99 92.92
N ALA O 45 47.95 19.75 93.87
CA ALA O 45 48.65 20.86 94.47
C ALA O 45 49.79 20.42 95.35
N VAL O 46 49.69 19.24 95.94
CA VAL O 46 50.77 18.67 96.73
C VAL O 46 51.95 18.23 95.85
N SER O 47 51.65 17.65 94.69
CA SER O 47 52.71 17.21 93.78
C SER O 47 53.40 18.39 93.10
N VAL O 48 52.64 19.46 92.82
CA VAL O 48 53.33 20.63 92.29
C VAL O 48 54.09 21.34 93.40
N SER O 49 53.62 21.23 94.66
CA SER O 49 54.30 21.80 95.81
C SER O 49 55.65 21.15 96.07
N ASP O 50 55.71 19.82 96.02
CA ASP O 50 57.00 19.22 96.32
C ASP O 50 57.94 19.19 95.12
N SER O 51 57.43 19.14 93.87
CA SER O 51 58.31 19.27 92.71
C SER O 51 58.91 20.66 92.60
N MET O 52 58.07 21.67 92.84
CA MET O 52 58.43 23.05 93.09
C MET O 52 59.50 23.24 94.16
N LEU O 53 59.32 22.53 95.27
CA LEU O 53 60.18 22.63 96.43
C LEU O 53 61.59 22.15 96.15
N GLU O 54 61.71 20.98 95.52
CA GLU O 54 63.03 20.49 95.20
C GLU O 54 63.65 21.25 94.03
N MET O 55 62.85 21.92 93.20
CA MET O 55 63.43 22.81 92.20
C MET O 55 64.06 24.06 92.83
N ALA O 56 63.43 24.58 93.89
CA ALA O 56 64.05 25.68 94.64
C ALA O 56 65.27 25.21 95.43
N LYS O 57 65.25 23.95 95.86
CA LYS O 57 66.38 23.34 96.56
C LYS O 57 67.61 23.22 95.66
N VAL O 58 67.42 22.71 94.44
CA VAL O 58 68.56 22.56 93.54
C VAL O 58 69.07 23.91 93.02
N GLU O 59 68.20 24.93 92.86
CA GLU O 59 68.72 26.21 92.37
C GLU O 59 69.47 26.96 93.45
N LYS O 60 68.98 26.87 94.68
CA LYS O 60 69.70 27.50 95.76
C LYS O 60 70.93 26.72 96.19
N VAL O 61 71.08 25.45 95.76
CA VAL O 61 72.36 24.86 96.10
C VAL O 61 73.41 25.13 95.01
N ILE O 62 73.07 25.18 93.72
CA ILE O 62 74.16 25.25 92.76
C ILE O 62 74.33 26.63 92.15
N THR O 63 73.52 27.62 92.51
CA THR O 63 74.09 28.94 92.68
C THR O 63 73.73 29.34 94.10
N PRO O 64 74.69 29.58 94.98
CA PRO O 64 74.35 30.08 96.30
C PRO O 64 73.92 31.53 96.20
N PRO O 65 72.85 31.93 96.91
CA PRO O 65 72.46 33.34 96.91
C PRO O 65 73.47 34.18 97.67
N SER O 66 74.11 35.08 96.93
CA SER O 66 75.24 35.84 97.44
C SER O 66 74.80 36.88 98.46
N LYS O 67 73.74 37.61 98.14
CA LYS O 67 73.32 38.78 98.90
C LYS O 67 71.80 38.77 98.99
N ASP O 68 71.29 39.63 99.86
CA ASP O 68 69.85 39.79 100.03
C ASP O 68 69.34 40.87 99.07
N ASN O 69 68.20 41.48 99.38
CA ASN O 69 67.89 42.75 98.76
C ASN O 69 67.58 43.83 99.78
N THR O 70 67.87 43.58 101.06
CA THR O 70 67.75 44.61 102.08
C THR O 70 68.90 45.59 102.08
N LEU O 71 70.00 45.25 101.39
CA LEU O 71 71.02 46.21 100.98
C LEU O 71 70.45 47.36 100.17
N THR O 72 69.54 47.07 99.24
CA THR O 72 69.08 48.09 98.34
C THR O 72 67.68 48.57 98.65
N ILE O 73 66.94 47.84 99.47
CA ILE O 73 65.73 48.36 100.08
C ILE O 73 66.00 48.34 101.58
N PRO O 74 66.53 49.38 102.19
CA PRO O 74 66.70 49.37 103.64
C PRO O 74 65.49 49.98 104.33
N ASN O 75 65.28 49.56 105.57
CA ASN O 75 64.07 49.95 106.25
C ASN O 75 64.16 51.37 106.80
N ALA O 76 63.01 51.91 107.18
CA ALA O 76 62.97 53.26 107.71
C ALA O 76 61.82 53.41 108.69
N TYR O 77 62.03 54.20 109.71
CA TYR O 77 60.91 54.73 110.47
C TYR O 77 60.15 55.68 109.58
N ASN O 78 58.87 55.37 109.36
CA ASN O 78 57.79 55.67 108.39
C ASN O 78 57.79 54.70 107.21
N LEU O 79 58.71 53.74 107.15
CA LEU O 79 58.49 52.58 106.31
C LEU O 79 58.14 51.36 107.15
N GLN O 80 58.22 51.47 108.49
CA GLN O 80 57.85 50.42 109.41
C GLN O 80 56.37 50.36 109.72
N ALA O 81 55.53 51.03 108.94
CA ALA O 81 54.11 50.76 108.94
C ALA O 81 53.84 49.40 108.32
N ARG O 82 52.65 48.88 108.55
CA ARG O 82 52.36 47.57 108.01
C ARG O 82 51.28 47.67 106.94
N ALA O 83 51.15 46.60 106.16
CA ALA O 83 50.06 46.48 105.21
C ALA O 83 49.78 45.01 104.99
N SER O 84 48.60 44.75 104.46
CA SER O 84 48.20 43.42 104.03
C SER O 84 47.70 43.61 102.62
N VAL O 85 48.11 42.75 101.68
CA VAL O 85 47.95 43.03 100.24
C VAL O 85 47.49 41.76 99.54
N ASP O 86 46.38 41.83 98.79
CA ASP O 86 46.27 40.98 97.61
C ASP O 86 46.12 41.86 96.37
N TRP O 87 46.75 41.42 95.30
CA TRP O 87 47.01 42.28 94.17
C TRP O 87 47.43 41.41 93.01
N SER O 88 46.98 41.76 91.82
CA SER O 88 47.39 40.99 90.66
C SER O 88 47.67 41.86 89.45
N GLY O 89 47.81 43.15 89.62
CA GLY O 89 48.00 44.03 88.49
C GLY O 89 49.43 44.24 88.12
N PRO O 90 49.71 45.31 87.39
CA PRO O 90 51.09 45.70 87.16
C PRO O 90 51.70 46.30 88.42
N ILE O 91 53.01 46.45 88.36
CA ILE O 91 53.79 46.79 89.55
C ILE O 91 53.65 48.28 89.90
N GLU O 92 53.25 49.10 88.92
CA GLU O 92 53.31 50.56 89.01
C GLU O 92 52.32 51.09 90.01
N GLU O 93 51.08 50.63 89.91
CA GLU O 93 49.99 51.08 90.74
C GLU O 93 50.18 50.66 92.17
N LEU O 94 50.71 49.45 92.35
CA LEU O 94 50.92 48.91 93.68
C LEU O 94 52.02 49.64 94.40
N THR O 95 53.18 49.83 93.75
CA THR O 95 54.27 50.53 94.42
C THR O 95 54.04 52.02 94.55
N ALA O 96 53.23 52.61 93.68
CA ALA O 96 52.79 53.98 93.88
C ALA O 96 51.89 54.10 95.09
N ARG O 97 51.04 53.10 95.33
CA ARG O 97 50.21 53.12 96.52
C ARG O 97 51.00 52.85 97.79
N ILE O 98 52.01 51.96 97.71
CA ILE O 98 52.92 51.67 98.83
C ILE O 98 53.71 52.92 99.23
N ALA O 99 54.25 53.63 98.24
CA ALA O 99 55.02 54.83 98.53
C ALA O 99 54.15 56.00 98.97
N LYS O 100 52.91 56.08 98.44
CA LYS O 100 51.94 57.08 98.88
C LYS O 100 51.59 56.92 100.34
N ALA O 101 51.39 55.68 100.79
CA ALA O 101 51.10 55.53 102.21
C ALA O 101 52.35 55.32 103.04
N ALA O 102 53.51 55.25 102.42
CA ALA O 102 54.76 55.33 103.15
C ALA O 102 55.24 56.75 103.30
N HIS O 103 54.55 57.71 102.66
CA HIS O 103 54.93 59.12 102.52
C HIS O 103 56.29 59.26 101.87
N PHE O 104 56.55 58.40 100.90
CA PHE O 104 57.74 58.48 100.08
C PHE O 104 57.28 59.04 98.75
N ARG O 105 58.10 59.84 98.13
CA ARG O 105 57.88 60.15 96.74
C ARG O 105 58.18 58.91 95.91
N PHE O 106 57.43 58.70 94.84
CA PHE O 106 57.61 57.53 94.01
C PHE O 106 58.08 57.95 92.64
N ARG O 107 59.01 57.19 92.09
CA ARG O 107 59.69 57.50 90.84
C ARG O 107 59.96 56.27 90.01
N VAL O 108 59.67 56.37 88.72
CA VAL O 108 60.11 55.39 87.74
C VAL O 108 61.44 55.84 87.15
N LEU O 109 62.39 54.91 87.09
CA LEU O 109 63.56 55.02 86.22
C LEU O 109 63.39 54.00 85.11
N GLY O 110 63.57 54.44 83.87
CA GLY O 110 63.44 53.52 82.76
C GLY O 110 62.02 53.48 82.27
N LYS O 111 61.83 53.29 80.97
CA LYS O 111 60.50 53.31 80.43
C LYS O 111 59.84 51.96 80.63
N SER O 112 58.52 51.97 80.63
CA SER O 112 57.76 50.76 80.90
C SER O 112 57.82 49.84 79.70
N PRO O 113 57.89 48.54 79.92
CA PRO O 113 57.82 47.61 78.80
C PRO O 113 56.42 47.55 78.25
N SER O 114 56.37 47.15 77.00
CA SER O 114 55.15 46.99 76.23
C SER O 114 54.23 45.90 76.73
N VAL O 115 54.77 44.73 77.04
CA VAL O 115 54.04 43.81 77.87
C VAL O 115 54.08 44.39 79.28
N PRO O 116 53.06 44.21 80.09
CA PRO O 116 53.18 44.62 81.48
C PRO O 116 54.08 43.64 82.21
N VAL O 117 54.81 44.15 83.18
CA VAL O 117 55.39 43.28 84.19
C VAL O 117 54.36 43.15 85.31
N LEU O 118 53.91 41.94 85.52
CA LEU O 118 52.78 41.68 86.38
C LEU O 118 53.29 40.97 87.61
N ILE O 119 52.98 41.52 88.76
CA ILE O 119 53.16 40.82 89.99
C ILE O 119 51.79 40.48 90.53
N SER O 120 51.74 39.56 91.47
CA SER O 120 50.47 39.22 92.10
C SER O 120 50.79 38.86 93.54
N ILE O 121 50.74 39.85 94.40
CA ILE O 121 51.14 39.72 95.79
C ILE O 121 49.91 39.37 96.59
N SER O 122 49.94 38.25 97.30
CA SER O 122 48.80 37.85 98.14
C SER O 122 49.33 37.37 99.47
N THR O 123 49.11 38.18 100.49
CA THR O 123 49.76 38.08 101.77
C THR O 123 49.09 38.98 102.78
N LYS O 124 49.45 38.77 104.04
CA LYS O 124 48.75 39.38 105.15
C LYS O 124 49.73 39.77 106.22
N ASP O 125 49.73 41.06 106.57
CA ASP O 125 50.47 41.69 107.68
C ASP O 125 51.98 41.47 107.52
N GLU O 126 52.57 42.17 106.56
CA GLU O 126 53.96 42.53 106.71
C GLU O 126 54.12 44.02 106.76
N SER O 127 55.35 44.41 107.00
CA SER O 127 55.74 45.80 106.87
C SER O 127 56.06 46.10 105.42
N LEU O 128 55.91 47.38 105.07
CA LEU O 128 56.04 47.87 103.70
C LEU O 128 57.44 47.70 103.13
N ALA O 129 58.47 47.62 103.97
CA ALA O 129 59.82 47.35 103.49
C ALA O 129 59.95 45.92 102.95
N GLU O 130 59.41 44.94 103.68
CA GLU O 130 59.40 43.58 103.16
C GLU O 130 58.41 43.38 102.04
N ILE O 131 57.35 44.19 102.01
CA ILE O 131 56.42 44.17 100.88
C ILE O 131 57.11 44.66 99.61
N LEU O 132 57.91 45.71 99.72
CA LEU O 132 58.70 46.15 98.58
C LEU O 132 59.82 45.19 98.24
N ARG O 133 60.29 44.42 99.23
CA ARG O 133 61.30 43.42 98.96
C ARG O 133 60.75 42.23 98.18
N ASP O 134 59.57 41.72 98.54
CA ASP O 134 59.09 40.62 97.70
C ASP O 134 58.36 41.10 96.44
N ILE O 135 58.03 42.40 96.35
CA ILE O 135 57.67 42.98 95.05
C ILE O 135 58.88 42.98 94.13
N ASP O 136 60.06 43.36 94.67
CA ASP O 136 61.34 43.31 93.95
C ASP O 136 61.68 41.90 93.53
N TYR O 137 61.43 40.94 94.42
CA TYR O 137 61.74 39.55 94.10
C TYR O 137 60.80 38.99 93.06
N GLN O 138 59.50 39.29 93.18
CA GLN O 138 58.50 38.77 92.25
C GLN O 138 58.64 39.39 90.86
N ALA O 139 59.13 40.63 90.78
CA ALA O 139 59.53 41.19 89.50
C ALA O 139 61.01 40.98 89.27
N GLY O 140 61.42 39.73 89.19
CA GLY O 140 62.83 39.41 89.03
C GLY O 140 63.27 39.62 87.59
N LYS O 141 64.40 40.34 87.44
CA LYS O 141 65.10 40.64 86.18
C LYS O 141 64.28 41.44 85.18
N LYS O 142 63.21 42.09 85.62
CA LYS O 142 62.35 42.85 84.74
C LYS O 142 62.21 44.22 85.36
N ALA O 143 62.29 44.26 86.68
CA ALA O 143 62.22 45.51 87.41
C ALA O 143 63.02 45.36 88.69
N SER O 144 63.17 46.47 89.40
CA SER O 144 63.84 46.48 90.68
C SER O 144 63.28 47.63 91.50
N ILE O 145 63.10 47.40 92.78
CA ILE O 145 62.69 48.46 93.69
C ILE O 145 63.95 48.90 94.43
N HIS O 146 64.19 50.21 94.44
CA HIS O 146 65.22 50.77 95.30
C HIS O 146 64.57 51.80 96.19
N VAL O 147 65.06 51.92 97.41
CA VAL O 147 64.54 52.86 98.38
C VAL O 147 65.71 53.66 98.88
N TYR O 148 65.63 54.98 98.81
CA TYR O 148 66.64 55.80 99.46
C TYR O 148 66.03 56.38 100.71
N PRO O 149 66.48 55.98 101.91
CA PRO O 149 65.81 56.43 103.13
C PRO O 149 66.45 57.60 103.87
N ASN O 150 67.59 58.16 103.45
CA ASN O 150 67.90 59.49 103.94
C ASN O 150 67.31 60.57 103.05
N SER O 151 66.99 60.21 101.81
CA SER O 151 65.95 60.90 101.05
C SER O 151 64.62 60.26 101.40
N GLN O 152 63.54 60.63 100.74
CA GLN O 152 62.30 59.90 100.94
C GLN O 152 61.80 59.55 99.56
N VAL O 153 62.41 58.55 98.91
CA VAL O 153 61.96 58.18 97.59
C VAL O 153 62.07 56.67 97.38
N VAL O 154 60.95 56.07 96.99
CA VAL O 154 60.92 54.74 96.39
C VAL O 154 61.03 54.92 94.89
N GLU O 155 62.03 54.31 94.29
CA GLU O 155 62.08 54.29 92.84
C GLU O 155 61.94 52.86 92.35
N LEU O 156 61.47 52.76 91.12
CA LEU O 156 61.24 51.50 90.43
C LEU O 156 62.02 51.60 89.14
N ARG O 157 63.01 50.76 88.98
CA ARG O 157 63.76 50.71 87.75
C ARG O 157 63.22 49.60 86.87
N TYR O 158 62.98 49.92 85.62
CA TYR O 158 62.68 48.87 84.68
C TYR O 158 63.96 48.25 84.15
N ALA O 159 63.81 47.16 83.42
CA ALA O 159 64.96 46.51 82.84
C ALA O 159 65.38 47.26 81.57
N LYS O 160 66.60 46.98 81.13
CA LYS O 160 67.16 47.65 79.97
C LYS O 160 67.04 46.81 78.71
N ILE O 161 65.99 46.01 78.61
CA ILE O 161 65.77 45.16 77.45
C ILE O 161 64.41 45.44 76.84
N ALA P 58 11.89 -33.02 68.76
CA ALA P 58 12.45 -31.78 68.25
C ALA P 58 12.37 -30.70 69.31
N LEU P 59 11.19 -30.58 69.95
CA LEU P 59 11.06 -29.75 71.14
C LEU P 59 11.86 -30.32 72.30
N LYS P 60 11.97 -31.64 72.34
CA LYS P 60 12.84 -32.32 73.29
C LYS P 60 14.32 -32.02 73.02
N GLU P 61 14.69 -31.84 71.74
CA GLU P 61 16.05 -31.53 71.34
C GLU P 61 16.39 -30.09 71.68
N THR P 62 15.47 -29.16 71.45
CA THR P 62 15.78 -27.80 71.84
C THR P 62 15.64 -27.59 73.34
N ALA P 63 14.93 -28.47 74.06
CA ALA P 63 15.00 -28.48 75.51
C ALA P 63 16.38 -28.86 76.02
N LEU P 64 16.99 -29.87 75.37
CA LEU P 64 18.36 -30.26 75.67
C LEU P 64 19.35 -29.14 75.36
N SER P 65 19.13 -28.43 74.25
CA SER P 65 20.00 -27.31 73.90
C SER P 65 19.82 -26.10 74.79
N VAL P 66 18.62 -25.90 75.37
CA VAL P 66 18.47 -24.89 76.42
C VAL P 66 19.26 -25.29 77.66
N GLY P 67 19.18 -26.57 78.07
CA GLY P 67 19.85 -27.02 79.29
C GLY P 67 21.36 -27.05 79.22
N ALA P 68 21.92 -27.19 78.01
CA ALA P 68 23.36 -27.35 77.82
C ALA P 68 24.16 -26.11 78.19
N GLN P 69 23.78 -24.96 77.67
CA GLN P 69 24.58 -23.76 77.89
C GLN P 69 24.40 -23.21 79.29
N ALA P 70 23.24 -23.44 79.88
CA ALA P 70 23.01 -23.07 81.27
C ALA P 70 23.83 -23.93 82.22
N GLY P 71 23.93 -25.23 81.92
CA GLY P 71 24.79 -26.09 82.71
C GLY P 71 26.27 -25.79 82.57
N LEU P 72 26.69 -25.42 81.35
CA LEU P 72 28.06 -24.98 81.09
C LEU P 72 28.42 -23.71 81.85
N ALA P 73 27.52 -22.72 81.84
CA ALA P 73 27.80 -21.47 82.53
C ALA P 73 27.75 -21.61 84.04
N TRP P 74 26.87 -22.49 84.55
CA TRP P 74 26.81 -22.73 85.98
C TRP P 74 28.05 -23.47 86.47
N ARG P 75 28.50 -24.47 85.72
CA ARG P 75 29.71 -25.22 86.08
C ARG P 75 30.95 -24.35 85.96
N ALA P 76 30.93 -23.42 84.99
CA ALA P 76 32.00 -22.44 84.84
C ALA P 76 32.08 -21.52 86.05
N LYS P 77 30.93 -21.07 86.56
CA LYS P 77 30.85 -20.25 87.77
C LYS P 77 31.41 -20.96 88.99
N ILE P 78 30.95 -22.22 89.22
CA ILE P 78 31.34 -23.00 90.39
C ILE P 78 32.83 -23.28 90.39
N ILE P 79 33.39 -23.61 89.24
CA ILE P 79 34.83 -23.81 89.25
C ILE P 79 35.61 -22.51 89.17
N ASP P 80 34.99 -21.36 88.84
CA ASP P 80 35.73 -20.12 88.97
C ASP P 80 35.95 -19.71 90.41
N GLU P 81 34.93 -19.78 91.29
CA GLU P 81 35.32 -19.40 92.66
C GLU P 81 35.90 -20.60 93.39
N GLN P 82 35.80 -21.80 92.80
CA GLN P 82 36.55 -22.89 93.38
C GLN P 82 38.04 -22.77 93.05
N LEU P 83 38.37 -22.18 91.88
CA LEU P 83 39.73 -21.74 91.60
C LEU P 83 40.18 -20.61 92.52
N ASN P 84 39.30 -19.63 92.73
CA ASN P 84 39.66 -18.48 93.55
C ASN P 84 39.75 -18.77 95.03
N LYS P 85 39.15 -19.87 95.47
CA LYS P 85 39.38 -20.32 96.83
C LYS P 85 40.79 -20.86 97.01
N GLN P 86 41.36 -21.42 95.95
CA GLN P 86 42.71 -21.97 96.00
C GLN P 86 43.70 -21.09 95.28
N ALA P 87 43.53 -19.77 95.39
CA ALA P 87 44.30 -18.83 94.59
C ALA P 87 45.76 -18.76 95.00
N ARG P 88 46.06 -18.72 96.30
CA ARG P 88 47.46 -18.69 96.73
C ARG P 88 48.13 -20.04 96.56
N ASN P 89 47.36 -21.11 96.64
CA ASN P 89 47.87 -22.46 96.40
C ASN P 89 48.26 -22.64 94.94
N LEU P 90 47.50 -22.06 94.02
CA LEU P 90 47.85 -22.16 92.62
C LEU P 90 48.99 -21.25 92.21
N ASP P 91 49.19 -20.13 92.92
CA ASP P 91 50.44 -19.39 92.79
C ASP P 91 51.63 -20.15 93.33
N ALA P 92 51.42 -21.02 94.32
CA ALA P 92 52.52 -21.87 94.74
C ALA P 92 52.82 -22.96 93.71
N ILE P 93 51.78 -23.60 93.17
CA ILE P 93 51.92 -24.68 92.17
C ILE P 93 52.54 -24.15 90.88
N TYR P 94 51.85 -23.24 90.22
CA TYR P 94 52.23 -22.71 88.92
C TYR P 94 53.01 -21.42 89.08
N ASP P 95 54.11 -21.52 89.80
CA ASP P 95 54.98 -20.38 90.08
C ASP P 95 55.89 -20.19 88.88
N PHE P 96 55.41 -19.45 87.88
CA PHE P 96 56.24 -19.16 86.72
C PHE P 96 57.26 -18.09 87.03
N ASN P 97 57.01 -17.30 88.09
CA ASN P 97 57.74 -16.09 88.42
C ASN P 97 59.18 -16.40 88.78
N SER P 98 59.40 -17.44 89.56
CA SER P 98 60.76 -17.84 89.86
C SER P 98 61.22 -19.01 89.02
N LEU P 99 60.65 -19.15 87.83
CA LEU P 99 61.21 -20.02 86.82
C LEU P 99 61.87 -19.27 85.68
N VAL P 100 61.76 -17.95 85.65
CA VAL P 100 62.30 -17.19 84.54
C VAL P 100 63.81 -17.09 84.67
N LEU P 101 64.43 -16.73 83.57
CA LEU P 101 65.88 -16.79 83.49
C LEU P 101 66.48 -15.49 83.98
N GLU P 102 67.78 -15.32 83.72
CA GLU P 102 68.51 -14.21 84.29
C GLU P 102 68.19 -12.86 83.66
N HIS P 103 67.76 -12.80 82.41
CA HIS P 103 67.46 -11.51 81.85
C HIS P 103 65.97 -11.40 81.62
N ASN P 104 65.18 -11.85 82.61
CA ASN P 104 63.70 -12.01 82.60
C ASN P 104 63.17 -12.68 81.32
N ILE P 105 63.87 -13.73 80.93
CA ILE P 105 63.53 -14.49 79.75
C ILE P 105 62.65 -15.65 80.20
N LEU P 106 61.49 -15.75 79.58
CA LEU P 106 60.63 -16.88 79.80
C LEU P 106 61.27 -18.10 79.17
N PRO P 107 61.44 -19.17 79.94
CA PRO P 107 62.09 -20.37 79.43
C PRO P 107 61.20 -21.11 78.43
N PRO P 108 61.78 -21.88 77.51
CA PRO P 108 60.96 -22.56 76.51
C PRO P 108 60.37 -23.85 77.04
N VAL P 109 59.39 -24.36 76.31
CA VAL P 109 58.66 -25.53 76.76
C VAL P 109 59.22 -26.74 76.04
N LEU P 110 59.89 -27.61 76.77
CA LEU P 110 60.45 -28.81 76.17
C LEU P 110 59.48 -29.95 76.38
N LEU P 111 59.36 -30.81 75.39
CA LEU P 111 58.47 -31.94 75.50
C LEU P 111 59.29 -33.21 75.43
N GLU P 112 59.05 -34.10 76.38
CA GLU P 112 59.72 -35.39 76.47
C GLU P 112 58.77 -36.45 75.98
N GLY P 113 59.25 -37.28 75.08
CA GLY P 113 58.49 -38.46 74.76
C GLY P 113 59.40 -39.64 74.77
N ARG P 114 59.24 -40.52 75.73
CA ARG P 114 60.11 -41.67 75.73
C ARG P 114 59.50 -42.78 74.91
N ASN P 115 60.39 -43.59 74.34
CA ASN P 115 60.18 -44.99 73.98
C ASN P 115 59.20 -45.08 72.80
N THR P 116 59.60 -44.45 71.71
CA THR P 116 58.71 -44.03 70.64
C THR P 116 58.77 -45.02 69.49
N LEU P 117 57.62 -45.42 68.98
CA LEU P 117 57.58 -46.16 67.72
C LEU P 117 56.77 -45.38 66.71
N ASN P 118 57.19 -45.44 65.45
CA ASN P 118 56.33 -45.14 64.32
C ASN P 118 56.36 -46.30 63.35
N LEU P 119 55.19 -46.87 63.09
CA LEU P 119 54.98 -47.82 62.01
C LEU P 119 54.79 -47.02 60.75
N ALA P 120 55.82 -46.94 59.90
CA ALA P 120 55.68 -46.08 58.74
C ALA P 120 54.87 -46.76 57.66
N ASP P 121 55.21 -48.00 57.36
CA ASP P 121 54.47 -48.81 56.42
C ASP P 121 54.62 -50.25 56.87
N ALA P 122 54.33 -51.18 55.98
CA ALA P 122 54.52 -52.58 56.27
C ALA P 122 55.99 -52.96 56.33
N GLN P 123 56.83 -52.22 55.64
CA GLN P 123 58.21 -52.62 55.46
C GLN P 123 59.11 -52.07 56.55
N SER P 124 58.70 -51.03 57.27
CA SER P 124 59.65 -50.28 58.08
C SER P 124 59.00 -49.59 59.28
N ILE P 125 59.67 -49.70 60.41
CA ILE P 125 59.34 -48.90 61.59
C ILE P 125 60.56 -48.07 61.94
N ARG P 126 60.32 -47.03 62.71
CA ARG P 126 61.40 -46.33 63.38
C ARG P 126 61.09 -46.26 64.86
N ILE P 127 61.97 -46.79 65.67
CA ILE P 127 61.89 -46.52 67.09
C ILE P 127 62.95 -45.51 67.43
N SER P 128 62.66 -44.72 68.44
CA SER P 128 63.68 -43.91 69.08
C SER P 128 63.43 -44.02 70.57
N ASP P 129 64.49 -43.81 71.35
CA ASP P 129 64.27 -44.03 72.77
C ASP P 129 63.70 -42.81 73.47
N ARG P 130 64.25 -41.63 73.21
CA ARG P 130 63.67 -40.41 73.74
C ARG P 130 63.61 -39.36 72.66
N THR P 131 62.64 -38.48 72.80
CA THR P 131 62.44 -37.37 71.89
C THR P 131 62.26 -36.12 72.71
N TYR P 132 63.09 -35.13 72.48
CA TYR P 132 62.93 -33.83 73.11
C TYR P 132 62.58 -32.81 72.04
N LYS P 133 61.51 -32.08 72.28
CA LYS P 133 61.07 -31.07 71.33
C LYS P 133 61.06 -29.72 72.00
N VAL P 134 61.60 -28.73 71.32
CA VAL P 134 61.46 -27.35 71.78
C VAL P 134 60.17 -26.81 71.20
N ALA P 135 59.22 -26.50 72.06
CA ALA P 135 57.98 -25.88 71.67
C ALA P 135 57.85 -24.54 72.36
N LYS P 136 57.48 -23.54 71.53
CA LYS P 136 57.29 -22.11 71.84
C LYS P 136 58.46 -21.55 72.65
N GLN P 137 59.53 -21.37 71.88
CA GLN P 137 60.92 -21.04 72.23
C GLN P 137 61.02 -19.84 73.18
N ALA P 138 62.13 -19.80 73.94
CA ALA P 138 62.40 -18.81 74.99
C ALA P 138 62.42 -17.39 74.49
N HIS P 139 61.84 -16.51 75.29
CA HIS P 139 61.66 -15.15 74.81
C HIS P 139 61.51 -14.21 75.98
N PHE P 140 61.74 -12.92 75.70
CA PHE P 140 61.78 -11.87 76.71
C PHE P 140 60.39 -11.64 77.27
N ILE P 141 60.15 -12.04 78.51
CA ILE P 141 58.86 -11.78 79.09
C ILE P 141 59.00 -10.56 79.98
N THR P 142 57.98 -9.72 80.04
CA THR P 142 58.03 -8.59 80.94
C THR P 142 57.54 -8.98 82.32
N THR P 143 56.29 -9.38 82.41
CA THR P 143 55.75 -9.91 83.64
C THR P 143 55.37 -11.37 83.44
N PRO P 144 55.69 -12.25 84.39
CA PRO P 144 55.58 -13.70 84.15
C PRO P 144 54.14 -14.16 84.12
N PRO P 145 53.84 -15.28 83.45
CA PRO P 145 52.46 -15.73 83.36
C PRO P 145 51.93 -16.23 84.68
N THR P 146 50.67 -15.96 84.91
CA THR P 146 50.03 -16.52 86.07
C THR P 146 49.33 -17.81 85.67
N TRP P 147 48.60 -18.38 86.61
CA TRP P 147 47.74 -19.48 86.23
C TRP P 147 46.43 -18.99 85.64
N ARG P 148 46.12 -17.71 85.82
CA ARG P 148 44.79 -17.25 85.46
C ARG P 148 44.62 -17.04 83.97
N GLN P 149 45.70 -16.93 83.19
CA GLN P 149 45.51 -16.94 81.75
C GLN P 149 45.24 -18.32 81.23
N TYR P 150 45.62 -19.33 81.99
CA TYR P 150 45.59 -20.69 81.48
C TYR P 150 44.39 -21.44 82.00
N LEU P 151 43.90 -21.09 83.20
CA LEU P 151 42.90 -21.89 83.89
C LEU P 151 41.53 -21.27 84.01
N TRP P 152 41.39 -19.95 83.89
CA TRP P 152 40.13 -19.28 84.18
C TRP P 152 39.14 -19.52 83.05
N MET P 153 38.05 -20.23 83.34
CA MET P 153 37.02 -20.33 82.32
C MET P 153 36.11 -19.12 82.35
N ASP P 154 35.45 -18.90 81.23
CA ASP P 154 34.80 -17.64 80.96
C ASP P 154 33.39 -17.64 81.50
N TYR P 155 33.08 -16.64 82.29
CA TYR P 155 31.74 -16.49 82.83
C TYR P 155 30.97 -15.40 82.11
N VAL P 156 29.98 -15.82 81.33
CA VAL P 156 28.89 -14.98 80.94
C VAL P 156 27.65 -15.53 81.62
N LYS P 157 26.68 -14.66 81.86
CA LYS P 157 25.46 -15.06 82.55
C LYS P 157 24.39 -15.16 81.47
N PRO P 158 23.97 -16.36 81.09
CA PRO P 158 23.06 -16.51 79.95
C PRO P 158 21.62 -16.15 80.34
N GLU P 159 21.08 -15.15 79.67
CA GLU P 159 19.76 -14.64 79.95
C GLU P 159 18.72 -15.10 78.95
N ALA P 160 18.98 -16.19 78.25
CA ALA P 160 18.08 -16.64 77.19
C ALA P 160 17.37 -17.92 77.59
N PRO P 161 16.09 -17.88 77.96
CA PRO P 161 15.37 -19.12 78.22
C PRO P 161 14.95 -19.79 76.92
N LYS P 173 7.13 -30.15 78.54
CA LYS P 173 6.97 -29.94 79.96
C LYS P 173 7.75 -30.97 80.75
N GLU P 174 7.23 -32.19 80.78
CA GLU P 174 7.87 -33.30 81.48
C GLU P 174 9.10 -33.79 80.72
N ILE P 175 9.00 -33.84 79.39
CA ILE P 175 10.09 -34.25 78.52
C ILE P 175 11.13 -33.12 78.48
N TRP P 176 10.64 -31.88 78.55
CA TRP P 176 11.47 -30.69 78.73
C TRP P 176 12.27 -30.76 80.01
N CYS P 177 11.66 -31.23 81.10
CA CYS P 177 12.35 -31.28 82.39
C CYS P 177 13.40 -32.38 82.43
N ILE P 178 13.09 -33.56 81.89
CA ILE P 178 14.08 -34.63 81.90
C ILE P 178 15.21 -34.38 80.91
N TYR P 179 14.94 -33.72 79.77
CA TYR P 179 16.07 -33.45 78.90
C TYR P 179 16.76 -32.14 79.25
N THR P 180 16.17 -31.28 80.10
CA THR P 180 17.01 -30.19 80.56
C THR P 180 17.89 -30.65 81.71
N GLU P 181 17.53 -31.74 82.40
CA GLU P 181 18.52 -32.32 83.30
C GLU P 181 19.62 -33.06 82.54
N ARG P 182 19.30 -33.74 81.45
CA ARG P 182 20.37 -34.37 80.69
C ARG P 182 21.18 -33.37 79.86
N GLY P 183 20.56 -32.25 79.48
CA GLY P 183 21.32 -31.12 78.98
C GLY P 183 22.18 -30.46 80.04
N TRP P 184 21.70 -30.45 81.29
CA TRP P 184 22.44 -29.83 82.38
C TRP P 184 23.68 -30.62 82.74
N LYS P 185 23.60 -31.94 82.78
CA LYS P 185 24.84 -32.69 82.99
C LYS P 185 25.72 -32.73 81.74
N ASN P 186 25.14 -32.56 80.55
CA ASN P 186 25.98 -32.45 79.36
C ASN P 186 26.76 -31.15 79.35
N GLY P 187 26.15 -30.07 79.81
CA GLY P 187 26.87 -28.83 79.99
C GLY P 187 27.89 -28.88 81.09
N ILE P 188 27.59 -29.61 82.16
CA ILE P 188 28.51 -29.77 83.29
C ILE P 188 29.76 -30.54 82.88
N ASP P 189 29.60 -31.70 82.23
CA ASP P 189 30.83 -32.43 81.91
C ASP P 189 31.53 -31.90 80.68
N GLN P 190 30.84 -31.11 79.86
CA GLN P 190 31.55 -30.45 78.79
C GLN P 190 32.38 -29.28 79.30
N ALA P 191 31.90 -28.58 80.34
CA ALA P 191 32.73 -27.59 81.03
C ALA P 191 33.89 -28.23 81.78
N ASN P 192 33.68 -29.44 82.31
CA ASN P 192 34.75 -30.24 82.89
C ASN P 192 35.82 -30.63 81.90
N THR P 193 35.45 -30.92 80.65
CA THR P 193 36.50 -31.23 79.67
C THR P 193 37.26 -29.99 79.24
N ILE P 194 36.60 -28.82 79.24
CA ILE P 194 37.30 -27.56 78.96
C ILE P 194 38.32 -27.25 80.06
N LEU P 195 37.91 -27.45 81.32
CA LEU P 195 38.81 -27.29 82.46
C LEU P 195 39.94 -28.31 82.47
N GLU P 196 39.66 -29.55 82.04
CA GLU P 196 40.66 -30.60 81.94
C GLU P 196 41.72 -30.26 80.91
N GLU P 197 41.32 -29.68 79.78
CA GLU P 197 42.31 -29.22 78.83
C GLU P 197 43.05 -27.96 79.29
N ASN P 198 42.42 -27.15 80.13
CA ASN P 198 43.11 -25.97 80.65
C ASN P 198 44.22 -26.34 81.64
N ILE P 199 43.92 -27.25 82.56
CA ILE P 199 44.91 -27.91 83.41
C ILE P 199 45.97 -28.66 82.63
N ALA P 200 45.57 -29.27 81.52
CA ALA P 200 46.51 -29.95 80.64
C ALA P 200 47.49 -28.99 79.96
N ARG P 201 46.99 -27.83 79.57
CA ARG P 201 47.83 -26.83 78.91
C ARG P 201 48.81 -26.19 79.88
N ILE P 202 48.36 -25.91 81.10
CA ILE P 202 49.28 -25.35 82.09
C ILE P 202 50.29 -26.40 82.57
N LYS P 203 49.92 -27.68 82.55
CA LYS P 203 50.85 -28.70 82.95
C LYS P 203 51.89 -28.97 81.88
N GLU P 204 51.49 -28.92 80.60
CA GLU P 204 52.41 -28.86 79.46
C GLU P 204 53.40 -27.72 79.55
N ASP P 205 52.90 -26.50 79.73
CA ASP P 205 53.76 -25.31 79.64
C ASP P 205 54.71 -25.20 80.81
N PHE P 206 54.20 -25.48 82.02
CA PHE P 206 55.01 -25.36 83.20
C PHE P 206 56.01 -26.50 83.29
N GLY P 207 55.58 -27.75 83.05
CA GLY P 207 56.51 -28.87 83.08
C GLY P 207 57.48 -28.90 81.93
N GLY P 208 57.18 -28.20 80.84
CA GLY P 208 58.17 -27.94 79.83
C GLY P 208 59.28 -27.03 80.29
N MET P 209 58.94 -26.00 81.08
CA MET P 209 59.97 -25.14 81.63
C MET P 209 60.80 -25.87 82.69
N ILE P 210 60.15 -26.79 83.39
CA ILE P 210 60.85 -27.63 84.37
C ILE P 210 61.77 -28.61 83.67
N LEU P 211 61.33 -29.10 82.52
CA LEU P 211 62.13 -29.99 81.71
C LEU P 211 63.30 -29.27 81.07
N TYR P 212 63.18 -27.94 80.86
CA TYR P 212 64.35 -27.15 80.46
C TYR P 212 65.35 -27.21 81.60
N ARG P 213 64.90 -26.89 82.83
CA ARG P 213 65.86 -26.72 83.93
C ARG P 213 66.54 -28.01 84.33
N LYS P 214 65.85 -29.14 84.11
CA LYS P 214 66.52 -30.44 83.98
C LYS P 214 67.57 -30.46 82.88
N LEU P 215 67.22 -30.09 81.65
CA LEU P 215 68.21 -30.26 80.58
C LEU P 215 69.27 -29.16 80.55
N LEU P 216 69.04 -28.06 81.25
CA LEU P 216 70.05 -27.03 81.36
C LEU P 216 71.07 -27.41 82.40
N ALA P 217 70.60 -28.04 83.49
CA ALA P 217 71.51 -28.77 84.35
C ALA P 217 72.19 -29.90 83.59
N MET P 218 71.42 -30.65 82.81
CA MET P 218 71.88 -31.90 82.24
C MET P 218 72.52 -31.71 80.88
N ASN P 219 72.78 -30.46 80.49
CA ASN P 219 73.62 -30.04 79.38
C ASN P 219 73.11 -30.49 78.03
N MET P 220 71.81 -30.72 77.91
CA MET P 220 71.25 -31.09 76.62
C MET P 220 70.75 -29.89 75.85
N VAL P 221 70.67 -28.73 76.47
CA VAL P 221 70.30 -27.48 75.82
C VAL P 221 71.33 -26.41 76.12
N SER P 222 71.34 -25.40 75.29
CA SER P 222 72.10 -24.20 75.56
C SER P 222 71.28 -23.26 76.45
N PRO P 223 71.91 -22.46 77.29
CA PRO P 223 71.23 -21.31 77.87
C PRO P 223 71.13 -20.21 76.83
N PRO P 224 70.24 -19.22 76.98
CA PRO P 224 70.22 -18.15 75.99
C PRO P 224 71.39 -17.21 76.19
N TYR P 225 71.94 -16.75 75.09
CA TYR P 225 73.07 -15.85 75.19
C TYR P 225 72.53 -14.48 74.83
N VAL P 226 72.44 -13.65 75.85
CA VAL P 226 72.06 -12.27 75.67
C VAL P 226 73.26 -11.45 75.24
N SER P 227 72.96 -10.26 74.73
CA SER P 227 73.95 -9.26 74.40
C SER P 227 73.38 -7.93 74.84
N HIS P 228 74.08 -7.22 75.71
CA HIS P 228 73.67 -5.88 76.07
C HIS P 228 74.60 -4.86 75.42
N THR P 229 74.15 -4.28 74.33
CA THR P 229 74.86 -3.15 73.74
C THR P 229 74.47 -1.92 74.54
N ASP P 230 75.37 -1.50 75.41
CA ASP P 230 75.16 -0.29 76.18
C ASP P 230 75.36 0.89 75.24
N LEU P 231 74.52 1.89 75.41
CA LEU P 231 74.63 3.14 74.70
C LEU P 231 74.57 4.26 75.73
N GLY P 232 75.27 5.34 75.45
CA GLY P 232 75.22 6.47 76.35
C GLY P 232 74.00 7.32 76.15
N VAL P 233 74.18 8.62 76.19
CA VAL P 233 73.05 9.52 76.00
C VAL P 233 72.71 9.57 74.51
N THR P 234 71.42 9.48 74.24
CA THR P 234 70.98 9.03 72.94
C THR P 234 69.85 9.92 72.45
N GLY P 235 70.04 10.48 71.27
CA GLY P 235 68.96 11.15 70.58
C GLY P 235 69.40 12.51 70.11
N ASP P 236 68.42 13.24 69.61
CA ASP P 236 68.62 14.63 69.23
C ASP P 236 68.42 15.52 70.44
N GLY P 237 68.26 16.82 70.21
CA GLY P 237 68.01 17.70 71.31
C GLY P 237 66.56 17.82 71.72
N SER P 238 65.65 17.20 71.00
CA SER P 238 64.27 17.23 71.43
C SER P 238 63.93 16.07 72.34
N GLU P 239 64.83 15.10 72.47
CA GLU P 239 64.53 13.84 73.12
C GLU P 239 65.85 13.19 73.51
N ILE P 240 66.07 13.01 74.81
CA ILE P 240 67.24 12.25 75.21
C ILE P 240 66.79 11.06 76.04
N HIS P 241 67.55 10.00 75.90
CA HIS P 241 67.48 8.85 76.79
C HIS P 241 68.88 8.66 77.33
N ILE P 242 68.99 8.56 78.65
CA ILE P 242 70.27 8.81 79.26
C ILE P 242 71.13 7.55 79.29
N ASP P 243 70.67 6.49 79.92
CA ASP P 243 71.39 5.23 79.92
C ASP P 243 70.63 4.26 79.04
N ASP P 244 71.10 4.08 77.82
CA ASP P 244 70.32 3.47 76.76
C ASP P 244 70.87 2.08 76.45
N ARG P 245 70.37 1.08 77.15
CA ARG P 245 70.86 -0.27 76.97
C ARG P 245 69.91 -1.06 76.08
N VAL P 246 70.43 -1.56 74.97
CA VAL P 246 69.66 -2.43 74.09
C VAL P 246 70.06 -3.86 74.38
N LEU P 247 69.08 -4.68 74.75
CA LEU P 247 69.33 -6.06 75.13
C LEU P 247 68.72 -6.95 74.07
N ARG P 248 69.52 -7.84 73.50
CA ARG P 248 69.05 -8.79 72.53
C ARG P 248 69.35 -10.20 73.00
N ILE P 249 68.59 -11.14 72.49
CA ILE P 249 68.93 -12.54 72.57
C ILE P 249 69.60 -12.90 71.26
N THR P 250 70.84 -13.32 71.31
CA THR P 250 71.54 -13.76 70.12
C THR P 250 71.35 -15.24 69.89
N ALA P 251 71.68 -16.04 70.89
CA ALA P 251 71.61 -17.49 70.79
C ALA P 251 70.37 -17.95 71.54
N LEU P 252 69.54 -18.69 70.87
CA LEU P 252 68.35 -19.16 71.55
C LEU P 252 68.71 -20.43 72.32
N PRO P 253 67.92 -20.80 73.34
CA PRO P 253 68.12 -22.10 73.97
C PRO P 253 67.71 -23.20 73.02
N GLU P 254 68.55 -24.22 72.96
CA GLU P 254 68.61 -24.99 71.74
C GLU P 254 69.33 -26.29 72.09
N LEU P 255 68.77 -27.42 71.68
CA LEU P 255 69.28 -28.74 72.08
C LEU P 255 70.57 -29.07 71.36
N ASN P 256 71.62 -29.44 72.09
CA ASN P 256 72.84 -29.78 71.37
C ASN P 256 72.80 -31.24 70.96
N VAL P 257 73.29 -31.51 69.76
CA VAL P 257 73.40 -32.87 69.26
C VAL P 257 74.79 -33.41 69.41
N ASN P 258 75.75 -32.57 69.76
CA ASN P 258 77.11 -33.04 69.98
C ASN P 258 76.92 -33.56 71.41
N SER P 259 76.87 -34.87 71.54
CA SER P 259 76.21 -35.44 72.70
C SER P 259 77.18 -35.92 73.76
N ALA P 260 78.48 -35.78 73.55
CA ALA P 260 79.46 -36.28 74.49
C ALA P 260 79.55 -35.44 75.76
N GLU P 261 79.11 -34.19 75.74
CA GLU P 261 79.14 -33.34 76.92
C GLU P 261 77.85 -33.38 77.68
N TRP P 262 77.04 -34.41 77.48
CA TRP P 262 75.79 -34.50 78.20
C TRP P 262 76.04 -34.93 79.63
N ARG P 263 74.98 -34.89 80.42
CA ARG P 263 75.08 -35.26 81.82
C ARG P 263 74.08 -36.39 82.03
N ALA P 264 73.92 -36.81 83.25
CA ALA P 264 73.13 -37.97 83.65
C ALA P 264 72.71 -37.76 85.10
N ALA P 265 71.48 -38.09 85.41
CA ALA P 265 70.90 -37.65 86.67
C ALA P 265 71.17 -38.54 87.88
N VAL P 266 72.42 -38.88 88.19
CA VAL P 266 72.64 -39.83 89.27
C VAL P 266 72.70 -39.11 90.62
N ALA P 267 71.88 -39.58 91.55
CA ALA P 267 71.75 -38.99 92.87
C ALA P 267 71.98 -40.07 93.91
N LYS P 268 71.68 -39.76 95.17
CA LYS P 268 71.79 -40.75 96.23
C LYS P 268 70.53 -40.81 97.08
N PHE Q 25 35.44 -21.92 123.26
CA PHE Q 25 35.39 -22.84 122.13
C PHE Q 25 36.09 -22.29 120.88
N LYS Q 26 36.51 -23.21 120.02
CA LYS Q 26 37.36 -23.00 118.85
C LYS Q 26 36.57 -22.96 117.57
N LYS Q 27 37.27 -22.59 116.52
CA LYS Q 27 36.86 -22.80 115.14
C LYS Q 27 38.01 -23.48 114.41
N PRO Q 28 37.73 -24.23 113.35
CA PRO Q 28 38.79 -24.59 112.40
C PRO Q 28 39.16 -23.38 111.56
N PRO Q 29 40.29 -23.43 110.85
CA PRO Q 29 40.61 -22.31 109.96
C PRO Q 29 39.69 -22.18 108.77
N ILE Q 30 39.55 -20.94 108.27
CA ILE Q 30 38.49 -20.63 107.30
C ILE Q 30 38.84 -21.18 105.92
N ASN Q 31 40.07 -20.92 105.47
CA ASN Q 31 40.52 -21.47 104.19
C ASN Q 31 41.24 -22.79 104.36
N ASN Q 32 40.87 -23.59 105.37
CA ASN Q 32 41.62 -24.76 105.74
C ASN Q 32 41.42 -25.86 104.72
N PRO Q 33 42.45 -26.62 104.40
CA PRO Q 33 42.25 -27.85 103.64
C PRO Q 33 41.60 -28.88 104.52
N SER Q 34 40.27 -28.89 104.53
CA SER Q 34 39.49 -29.83 105.31
C SER Q 34 38.83 -30.86 104.41
N ASP Q 35 39.31 -30.95 103.18
CA ASP Q 35 38.62 -31.60 102.09
C ASP Q 35 39.63 -32.45 101.34
N ASP Q 36 39.19 -33.65 100.91
CA ASP Q 36 40.13 -34.71 100.55
C ASP Q 36 40.88 -34.46 99.25
N ALA Q 37 40.40 -33.56 98.40
CA ALA Q 37 41.17 -33.15 97.24
C ALA Q 37 41.98 -31.90 97.51
N THR Q 38 41.42 -30.97 98.30
CA THR Q 38 42.11 -29.73 98.58
C THR Q 38 43.28 -29.90 99.51
N ILE Q 39 43.25 -30.94 100.36
CA ILE Q 39 44.43 -31.35 101.09
C ILE Q 39 45.54 -31.75 100.15
N LYS Q 40 45.24 -32.46 99.07
CA LYS Q 40 46.27 -32.99 98.17
C LYS Q 40 46.84 -31.88 97.31
N LEU Q 41 45.98 -30.94 96.93
CA LEU Q 41 46.40 -29.72 96.25
C LEU Q 41 47.30 -28.87 97.14
N ALA Q 42 46.97 -28.77 98.43
CA ALA Q 42 47.77 -27.92 99.29
C ALA Q 42 49.06 -28.57 99.76
N GLU Q 43 49.12 -29.90 99.88
CA GLU Q 43 50.40 -30.50 100.27
C GLU Q 43 51.30 -30.61 99.05
N ALA Q 44 50.67 -30.66 97.86
CA ALA Q 44 51.41 -30.43 96.63
C ALA Q 44 51.99 -29.04 96.58
N ALA Q 45 51.26 -28.04 97.09
CA ALA Q 45 51.74 -26.66 97.13
C ALA Q 45 52.91 -26.50 98.08
N VAL Q 46 52.86 -27.18 99.22
CA VAL Q 46 53.98 -27.20 100.16
C VAL Q 46 55.21 -27.87 99.55
N SER Q 47 55.00 -28.98 98.83
CA SER Q 47 56.11 -29.67 98.19
C SER Q 47 56.68 -28.95 96.98
N VAL Q 48 55.85 -28.21 96.25
CA VAL Q 48 56.41 -27.48 95.14
C VAL Q 48 57.12 -26.23 95.66
N SER Q 49 56.61 -25.58 96.71
CA SER Q 49 57.19 -24.32 97.17
C SER Q 49 58.47 -24.54 97.94
N ASP Q 50 58.58 -25.65 98.69
CA ASP Q 50 59.88 -25.89 99.31
C ASP Q 50 60.87 -26.34 98.25
N SER Q 51 60.50 -27.23 97.30
CA SER Q 51 61.42 -27.65 96.24
C SER Q 51 61.85 -26.53 95.28
N MET Q 52 61.01 -25.49 95.12
CA MET Q 52 61.42 -24.26 94.47
C MET Q 52 62.47 -23.53 95.32
N LEU Q 53 62.31 -23.54 96.65
CA LEU Q 53 63.31 -22.87 97.50
C LEU Q 53 64.65 -23.61 97.49
N GLU Q 54 64.67 -24.95 97.36
CA GLU Q 54 66.02 -25.53 97.24
C GLU Q 54 66.57 -25.45 95.83
N MET Q 55 65.73 -25.23 94.82
CA MET Q 55 66.24 -24.83 93.51
C MET Q 55 66.91 -23.46 93.60
N ALA Q 56 66.30 -22.57 94.38
CA ALA Q 56 66.88 -21.27 94.67
C ALA Q 56 68.15 -21.36 95.51
N LYS Q 57 68.21 -22.33 96.43
CA LYS Q 57 69.41 -22.54 97.24
C LYS Q 57 70.57 -23.04 96.41
N VAL Q 58 70.29 -23.82 95.36
CA VAL Q 58 71.42 -24.28 94.57
C VAL Q 58 71.82 -23.25 93.50
N GLU Q 59 70.87 -22.55 92.86
CA GLU Q 59 71.26 -21.53 91.88
C GLU Q 59 71.66 -20.19 92.46
N LYS Q 60 71.38 -19.90 93.73
CA LYS Q 60 71.60 -18.56 94.24
C LYS Q 60 73.09 -18.42 94.50
N VAL Q 61 73.79 -17.83 93.53
CA VAL Q 61 75.19 -17.51 93.72
C VAL Q 61 75.27 -16.27 94.59
N ILE Q 62 76.01 -16.39 95.69
CA ILE Q 62 76.30 -15.24 96.51
C ILE Q 62 77.81 -15.05 96.46
N THR Q 63 78.27 -13.97 97.06
CA THR Q 63 79.64 -13.93 97.43
C THR Q 63 79.66 -13.49 98.89
N PRO Q 64 80.60 -14.01 99.70
CA PRO Q 64 80.64 -13.65 101.12
C PRO Q 64 81.07 -12.21 101.33
N PRO Q 65 80.70 -11.59 102.46
CA PRO Q 65 81.14 -10.23 102.76
C PRO Q 65 82.59 -10.10 103.16
N SER Q 66 83.29 -11.22 103.36
CA SER Q 66 84.75 -11.21 103.35
C SER Q 66 85.29 -10.73 102.00
N LYS Q 67 84.63 -11.07 100.90
CA LYS Q 67 85.13 -10.80 99.57
C LYS Q 67 84.05 -10.13 98.72
N ASP Q 68 83.42 -9.08 99.24
CA ASP Q 68 82.26 -8.52 98.56
C ASP Q 68 82.56 -7.45 97.53
N ASN Q 69 83.78 -6.84 97.59
CA ASN Q 69 84.46 -5.89 96.68
C ASN Q 69 83.87 -4.47 96.80
N THR Q 70 82.70 -4.31 97.43
CA THR Q 70 82.06 -3.00 97.47
C THR Q 70 82.66 -2.17 98.59
N LEU Q 71 82.33 -0.87 98.57
CA LEU Q 71 82.93 0.05 99.53
C LEU Q 71 82.26 -0.14 100.87
N THR Q 72 82.96 0.29 101.91
CA THR Q 72 82.51 0.25 103.29
C THR Q 72 81.54 1.41 103.56
N ILE Q 73 81.46 1.79 104.82
CA ILE Q 73 81.12 3.18 105.14
C ILE Q 73 82.36 3.76 105.81
N PRO Q 74 82.98 4.81 105.27
CA PRO Q 74 84.27 5.27 105.78
C PRO Q 74 84.24 6.14 107.03
N ASN Q 75 83.10 6.21 107.72
CA ASN Q 75 82.78 6.66 109.08
C ASN Q 75 83.39 8.00 109.51
N ALA Q 76 83.75 8.88 108.58
CA ALA Q 76 84.16 10.22 108.96
C ALA Q 76 82.95 11.12 109.11
N TYR Q 77 83.07 12.11 109.99
CA TYR Q 77 81.98 12.98 110.43
C TYR Q 77 81.44 13.82 109.29
N ASN Q 78 82.32 14.21 108.36
CA ASN Q 78 81.86 14.90 107.18
C ASN Q 78 81.11 13.98 106.24
N LEU Q 79 81.41 12.66 106.27
CA LEU Q 79 80.64 11.75 105.43
C LEU Q 79 79.33 11.34 106.04
N GLN Q 80 79.13 11.53 107.34
CA GLN Q 80 77.82 11.22 107.90
C GLN Q 80 76.89 12.44 107.90
N ALA Q 81 77.12 13.40 107.00
CA ALA Q 81 76.18 14.46 106.71
C ALA Q 81 75.00 13.88 105.93
N ARG Q 82 73.84 14.47 106.15
CA ARG Q 82 72.61 13.99 105.57
C ARG Q 82 72.28 14.82 104.34
N ALA Q 83 72.25 14.19 103.18
CA ALA Q 83 72.17 14.88 101.90
C ALA Q 83 71.01 14.33 101.10
N SER Q 84 70.78 14.91 99.92
CA SER Q 84 69.64 14.56 99.10
C SER Q 84 69.98 14.86 97.65
N VAL Q 85 69.81 13.90 96.75
CA VAL Q 85 70.25 14.09 95.37
C VAL Q 85 69.30 13.34 94.42
N ASP Q 86 68.99 13.98 93.29
CA ASP Q 86 68.17 13.44 92.22
C ASP Q 86 68.96 13.53 90.93
N TRP Q 87 69.44 12.39 90.40
CA TRP Q 87 70.31 12.49 89.25
C TRP Q 87 70.39 11.17 88.49
N SER Q 88 70.50 11.28 87.16
CA SER Q 88 71.05 10.20 86.34
C SER Q 88 72.15 10.76 85.46
N GLY Q 89 73.32 10.14 85.47
CA GLY Q 89 74.36 10.49 84.52
C GLY Q 89 75.79 10.08 84.88
N PRO Q 90 76.79 10.85 84.42
CA PRO Q 90 78.18 10.40 84.49
C PRO Q 90 78.93 10.68 85.79
N ILE Q 91 79.49 9.59 86.30
CA ILE Q 91 79.88 9.31 87.68
C ILE Q 91 80.79 10.37 88.33
N GLU Q 92 81.67 10.97 87.53
CA GLU Q 92 82.75 11.83 88.00
C GLU Q 92 82.22 13.16 88.47
N GLU Q 93 81.08 13.58 87.94
CA GLU Q 93 80.53 14.85 88.30
C GLU Q 93 79.83 14.77 89.64
N LEU Q 94 79.18 13.63 89.93
CA LEU Q 94 78.58 13.47 91.26
C LEU Q 94 79.66 13.38 92.31
N THR Q 95 80.63 12.49 92.11
CA THR Q 95 81.64 12.27 93.13
C THR Q 95 82.64 13.42 93.29
N ALA Q 96 82.82 14.24 92.25
CA ALA Q 96 83.35 15.59 92.41
C ALA Q 96 82.45 16.42 93.30
N ARG Q 97 81.14 16.27 93.14
CA ARG Q 97 80.32 17.17 93.92
C ARG Q 97 80.00 16.69 95.30
N ILE Q 98 80.05 15.39 95.53
CA ILE Q 98 80.04 14.83 96.87
C ILE Q 98 81.33 15.13 97.59
N ALA Q 99 82.45 15.23 96.89
CA ALA Q 99 83.68 15.67 97.53
C ALA Q 99 83.64 17.12 97.97
N LYS Q 100 83.11 18.01 97.12
CA LYS Q 100 83.05 19.39 97.60
C LYS Q 100 81.82 19.64 98.47
N ALA Q 101 80.83 18.73 98.47
CA ALA Q 101 79.80 18.78 99.50
C ALA Q 101 80.28 18.21 100.82
N ALA Q 102 81.24 17.30 100.79
CA ALA Q 102 81.80 16.72 101.99
C ALA Q 102 83.01 17.48 102.49
N HIS Q 103 83.42 18.53 101.75
CA HIS Q 103 84.65 19.32 101.90
C HIS Q 103 85.91 18.47 101.72
N PHE Q 104 85.88 17.60 100.70
CA PHE Q 104 86.96 16.66 100.46
C PHE Q 104 87.58 16.91 99.09
N ARG Q 105 88.80 16.46 98.94
CA ARG Q 105 89.40 16.52 97.63
C ARG Q 105 88.86 15.39 96.78
N PHE Q 106 88.85 15.62 95.47
CA PHE Q 106 88.38 14.64 94.50
C PHE Q 106 89.52 14.35 93.54
N ARG Q 107 90.08 13.15 93.63
CA ARG Q 107 91.07 12.73 92.66
C ARG Q 107 90.45 11.74 91.70
N VAL Q 108 90.92 11.76 90.46
CA VAL Q 108 90.56 10.74 89.50
C VAL Q 108 91.84 10.08 88.99
N LEU Q 109 91.87 8.75 89.00
CA LEU Q 109 92.95 7.98 88.43
C LEU Q 109 92.36 7.04 87.39
N GLY Q 110 92.98 7.00 86.23
CA GLY Q 110 92.45 6.27 85.10
C GLY Q 110 91.80 7.21 84.10
N LYS Q 111 91.25 6.60 83.06
CA LYS Q 111 90.76 7.31 81.88
C LYS Q 111 89.28 7.02 81.72
N SER Q 112 88.48 8.06 81.62
CA SER Q 112 87.07 7.85 81.36
C SER Q 112 86.88 7.47 79.90
N PRO Q 113 86.15 6.40 79.61
CA PRO Q 113 85.80 6.10 78.21
C PRO Q 113 84.75 7.09 77.73
N SER Q 114 84.68 7.23 76.41
CA SER Q 114 83.77 8.18 75.81
C SER Q 114 82.35 7.66 75.73
N VAL Q 115 82.11 6.38 75.98
CA VAL Q 115 80.82 6.01 76.52
C VAL Q 115 80.97 6.20 78.04
N PRO Q 116 80.18 7.08 78.65
CA PRO Q 116 80.39 7.37 80.07
C PRO Q 116 79.81 6.29 80.96
N VAL Q 117 80.43 6.16 82.12
CA VAL Q 117 79.85 5.31 83.16
C VAL Q 117 78.68 6.07 83.76
N LEU Q 118 77.49 5.50 83.63
CA LEU Q 118 76.26 6.21 83.96
C LEU Q 118 75.66 5.60 85.23
N ILE Q 119 75.33 6.46 86.18
CA ILE Q 119 74.68 6.08 87.43
C ILE Q 119 73.30 6.74 87.48
N SER Q 120 72.51 6.43 88.51
CA SER Q 120 71.33 7.24 88.87
C SER Q 120 71.04 7.04 90.34
N ILE Q 121 71.04 8.12 91.12
CA ILE Q 121 70.53 8.08 92.49
C ILE Q 121 69.48 9.15 92.64
N SER Q 122 68.28 8.76 93.05
CA SER Q 122 67.20 9.69 93.36
C SER Q 122 66.71 9.39 94.78
N THR Q 123 67.33 10.04 95.76
CA THR Q 123 66.99 9.90 97.15
C THR Q 123 66.81 11.28 97.78
N LYS Q 124 65.86 11.39 98.71
CA LYS Q 124 65.40 12.71 99.11
C LYS Q 124 65.81 13.14 100.51
N ASP Q 125 66.27 12.22 101.38
CA ASP Q 125 67.26 12.48 102.42
C ASP Q 125 67.79 11.14 102.90
N GLU Q 126 69.11 11.07 103.04
CA GLU Q 126 69.91 9.87 103.30
C GLU Q 126 71.32 10.35 103.68
N SER Q 127 72.28 9.41 103.84
CA SER Q 127 73.63 9.74 104.29
C SER Q 127 74.70 9.74 103.18
N LEU Q 128 75.72 10.57 103.35
CA LEU Q 128 76.56 10.97 102.22
C LEU Q 128 77.57 9.89 101.82
N ALA Q 129 78.05 9.13 102.80
CA ALA Q 129 78.91 7.98 102.52
C ALA Q 129 78.14 6.86 101.85
N GLU Q 130 76.85 6.81 102.04
CA GLU Q 130 76.06 5.78 101.43
C GLU Q 130 75.77 6.03 100.00
N ILE Q 131 75.56 7.32 99.66
CA ILE Q 131 75.78 7.76 98.28
C ILE Q 131 77.00 7.13 97.70
N LEU Q 132 78.18 7.36 98.29
CA LEU Q 132 79.44 6.83 97.73
C LEU Q 132 79.52 5.30 97.67
N ARG Q 133 78.77 4.66 98.56
CA ARG Q 133 78.54 3.24 98.46
C ARG Q 133 77.70 2.83 97.26
N ASP Q 134 76.51 3.44 97.02
CA ASP Q 134 75.82 2.90 95.83
C ASP Q 134 76.24 3.58 94.53
N ILE Q 135 77.13 4.59 94.55
CA ILE Q 135 77.87 4.89 93.31
C ILE Q 135 78.85 3.77 93.02
N ASP Q 136 79.56 3.26 94.05
CA ASP Q 136 80.48 2.14 93.83
C ASP Q 136 79.74 0.88 93.38
N TYR Q 137 78.52 0.71 93.87
CA TYR Q 137 77.71 -0.41 93.43
C TYR Q 137 77.18 -0.21 92.00
N GLN Q 138 76.70 0.98 91.66
CA GLN Q 138 76.16 1.17 90.32
C GLN Q 138 77.24 1.36 89.28
N ALA Q 139 78.44 1.72 89.70
CA ALA Q 139 79.60 1.61 88.84
C ALA Q 139 79.91 0.16 88.58
N GLY Q 140 79.88 -0.64 89.64
CA GLY Q 140 80.26 -2.03 89.53
C GLY Q 140 81.75 -2.15 89.31
N LYS Q 141 82.13 -2.61 88.12
CA LYS Q 141 83.54 -2.76 87.78
C LYS Q 141 83.96 -1.91 86.59
N LYS Q 142 83.07 -1.07 86.06
CA LYS Q 142 83.50 -0.06 85.10
C LYS Q 142 84.34 1.01 85.76
N ALA Q 143 84.08 1.29 87.03
CA ALA Q 143 84.86 2.21 87.82
C ALA Q 143 84.78 1.74 89.26
N SER Q 144 85.48 2.46 90.14
CA SER Q 144 85.46 2.15 91.57
C SER Q 144 85.82 3.39 92.37
N ILE Q 145 85.43 3.38 93.65
CA ILE Q 145 85.57 4.52 94.54
C ILE Q 145 86.42 4.09 95.74
N HIS Q 146 87.43 4.88 96.10
CA HIS Q 146 88.06 4.76 97.41
C HIS Q 146 87.89 6.06 98.16
N VAL Q 147 87.82 5.95 99.48
CA VAL Q 147 87.86 7.10 100.36
C VAL Q 147 89.04 6.93 101.29
N TYR Q 148 89.95 7.89 101.30
CA TYR Q 148 90.90 7.95 102.38
C TYR Q 148 90.52 9.09 103.30
N PRO Q 149 90.09 8.79 104.54
CA PRO Q 149 89.48 9.82 105.38
C PRO Q 149 90.47 10.63 106.20
N ASN Q 150 91.70 10.12 106.41
CA ASN Q 150 92.72 10.92 107.09
C ASN Q 150 93.22 12.03 106.19
N SER Q 151 93.38 11.73 104.90
CA SER Q 151 93.75 12.70 103.89
C SER Q 151 92.60 13.59 103.49
N GLN Q 152 91.37 13.17 103.80
CA GLN Q 152 90.10 13.77 103.37
C GLN Q 152 90.04 13.87 101.84
N VAL Q 153 90.35 12.76 101.19
CA VAL Q 153 90.34 12.65 99.74
C VAL Q 153 89.41 11.49 99.39
N VAL Q 154 88.51 11.70 98.43
CA VAL Q 154 87.90 10.59 97.73
C VAL Q 154 88.55 10.49 96.37
N GLU Q 155 88.55 9.29 95.82
CA GLU Q 155 89.13 9.11 94.50
C GLU Q 155 88.28 8.15 93.71
N LEU Q 156 88.27 8.37 92.42
CA LEU Q 156 87.57 7.54 91.47
C LEU Q 156 88.61 6.91 90.58
N ARG Q 157 88.63 5.58 90.51
CA ARG Q 157 89.50 4.88 89.59
C ARG Q 157 88.69 4.28 88.47
N TYR Q 158 89.26 4.32 87.29
CA TYR Q 158 88.76 3.59 86.15
C TYR Q 158 89.44 2.24 86.06
N ALA Q 159 89.29 1.58 84.91
CA ALA Q 159 89.99 0.33 84.66
C ALA Q 159 90.42 0.23 83.20
N ILE R 272 67.74 -2.15 65.25
CA ILE R 272 67.62 -1.25 66.39
C ILE R 272 66.16 -1.08 66.79
N PRO R 273 65.85 -1.36 68.05
CA PRO R 273 64.49 -1.23 68.54
C PRO R 273 64.11 0.22 68.73
N PRO R 274 62.82 0.53 68.80
CA PRO R 274 62.41 1.84 69.31
C PRO R 274 62.66 1.95 70.80
N SER R 275 62.73 3.20 71.26
CA SER R 275 63.22 3.50 72.60
C SER R 275 62.21 3.15 73.67
N ALA R 276 61.07 3.81 73.62
CA ALA R 276 59.85 3.50 74.31
C ALA R 276 58.77 4.02 73.39
N ASN R 277 57.61 4.29 73.91
CA ASN R 277 56.79 5.24 73.21
C ASN R 277 56.97 6.51 74.01
N ASP R 278 57.09 7.63 73.32
CA ASP R 278 57.16 8.95 73.94
C ASP R 278 55.82 9.44 74.45
N LEU R 279 54.73 8.74 74.14
CA LEU R 279 53.42 9.11 74.63
C LEU R 279 53.21 8.55 76.03
N LEU R 280 54.09 7.66 76.46
CA LEU R 280 54.17 7.25 77.85
C LEU R 280 54.58 8.37 78.78
N LEU R 281 55.29 9.38 78.28
CA LEU R 281 55.53 10.60 79.03
C LEU R 281 54.23 11.35 79.31
N HIS R 282 53.30 11.35 78.35
CA HIS R 282 52.02 11.98 78.58
C HIS R 282 51.16 11.17 79.53
N VAL R 283 51.17 9.85 79.40
CA VAL R 283 50.32 9.09 80.32
C VAL R 283 51.07 8.73 81.60
N LEU R 284 52.29 9.22 81.74
CA LEU R 284 52.92 9.28 83.05
C LEU R 284 52.42 10.47 83.83
N GLU R 285 52.01 11.50 83.14
CA GLU R 285 51.15 12.51 83.70
C GLU R 285 49.72 11.98 83.62
N GLY R 286 48.75 12.75 84.08
CA GLY R 286 47.42 12.21 83.95
C GLY R 286 46.76 12.42 82.61
N VAL R 287 47.42 13.13 81.70
CA VAL R 287 46.78 13.62 80.48
C VAL R 287 46.64 12.46 79.49
N PRO R 288 45.49 12.32 78.83
CA PRO R 288 45.33 11.28 77.84
C PRO R 288 46.14 11.55 76.60
N PRO R 289 46.38 10.54 75.76
CA PRO R 289 46.99 10.77 74.46
C PRO R 289 46.06 11.54 73.55
N PRO R 290 46.59 12.28 72.58
CA PRO R 290 45.72 13.01 71.65
C PRO R 290 45.00 12.05 70.70
N GLY R 291 43.68 12.22 70.61
CA GLY R 291 42.85 11.34 69.82
C GLY R 291 42.70 9.98 70.46
N SER R 292 42.05 9.92 71.62
CA SER R 292 41.96 8.68 72.37
C SER R 292 40.51 8.29 72.60
N ARG R 293 40.34 7.21 73.34
CA ARG R 293 39.05 6.88 73.92
C ARG R 293 39.29 6.54 75.38
N ARG R 294 38.45 7.07 76.25
CA ARG R 294 38.57 6.85 77.67
C ARG R 294 38.15 5.42 77.97
N LEU R 295 38.83 4.78 78.90
CA LEU R 295 38.35 3.52 79.42
C LEU R 295 38.12 3.66 80.90
N VAL R 296 36.94 3.28 81.36
CA VAL R 296 36.64 3.33 82.78
C VAL R 296 37.30 2.12 83.43
N VAL R 297 37.85 2.33 84.61
CA VAL R 297 38.60 1.34 85.34
C VAL R 297 37.89 1.13 86.66
N SER R 298 37.54 -0.10 86.99
CA SER R 298 36.88 -0.38 88.24
C SER R 298 37.81 -1.13 89.16
N GLY R 299 37.62 -0.98 90.46
CA GLY R 299 38.31 -1.78 91.44
C GLY R 299 39.76 -1.46 91.67
N GLY R 300 40.21 -0.26 91.34
CA GLY R 300 41.58 0.10 91.65
C GLY R 300 41.86 1.49 91.13
N ASP R 301 42.90 2.09 91.69
CA ASP R 301 43.32 3.44 91.28
C ASP R 301 44.16 3.33 90.02
N ALA R 302 43.51 3.34 88.88
CA ALA R 302 44.21 3.44 87.62
C ALA R 302 43.33 4.17 86.63
N ARG R 303 43.96 4.78 85.64
CA ARG R 303 43.28 5.42 84.53
C ARG R 303 43.79 4.78 83.26
N ALA R 304 42.89 4.54 82.32
CA ALA R 304 43.27 3.85 81.11
C ALA R 304 42.68 4.56 79.90
N TRP R 305 43.49 4.71 78.86
CA TRP R 305 43.04 5.28 77.62
C TRP R 305 43.41 4.35 76.49
N LEU R 306 42.68 4.43 75.39
CA LEU R 306 42.96 3.56 74.25
C LEU R 306 43.24 4.45 73.05
N SER R 307 44.47 4.42 72.55
CA SER R 307 44.82 5.33 71.47
C SER R 307 44.53 4.70 70.12
N ASN R 308 45.25 3.62 69.81
CA ASN R 308 45.06 2.90 68.55
C ASN R 308 45.39 1.41 68.77
N GLU R 309 44.32 0.67 69.14
CA GLU R 309 44.33 -0.76 69.53
C GLU R 309 45.35 -1.10 70.61
N LYS R 310 45.69 -0.16 71.48
CA LYS R 310 46.64 -0.31 72.56
C LYS R 310 46.10 0.55 73.69
N MET R 311 46.07 0.01 74.90
CA MET R 311 45.67 0.87 76.00
C MET R 311 46.90 1.26 76.80
N TYR R 312 46.74 2.37 77.49
CA TYR R 312 47.80 2.98 78.28
C TYR R 312 47.20 3.20 79.65
N VAL R 313 47.91 2.77 80.67
CA VAL R 313 47.41 2.78 82.04
C VAL R 313 48.35 3.61 82.89
N ARG R 314 47.82 4.66 83.48
CA ARG R 314 48.44 5.37 84.58
C ARG R 314 48.01 4.71 85.87
N THR R 315 48.96 4.19 86.62
CA THR R 315 48.65 3.62 87.91
C THR R 315 49.84 3.83 88.81
N ASN R 316 49.70 3.43 90.06
CA ASN R 316 50.85 3.18 90.91
C ASN R 316 50.82 1.78 91.46
N LEU R 317 49.91 0.95 90.97
CA LEU R 317 49.85 -0.46 91.29
C LEU R 317 50.82 -1.20 90.39
N THR R 318 50.96 -2.50 90.62
CA THR R 318 51.86 -3.25 89.75
C THR R 318 51.11 -4.28 88.93
N ILE R 319 51.01 -4.06 87.63
CA ILE R 319 50.27 -4.98 86.76
C ILE R 319 51.09 -6.25 86.55
N LEU R 320 50.45 -7.38 86.79
CA LEU R 320 51.06 -8.71 86.89
C LEU R 320 50.69 -9.64 85.74
N SER R 321 49.40 -9.86 85.48
CA SER R 321 49.14 -10.96 84.54
C SER R 321 49.27 -10.64 83.05
N PRO R 322 48.59 -9.67 82.43
CA PRO R 322 48.45 -9.76 80.97
C PRO R 322 49.63 -9.22 80.17
N GLY R 323 50.63 -8.62 80.82
CA GLY R 323 51.86 -8.31 80.14
C GLY R 323 51.80 -7.01 79.37
N TRP R 324 52.81 -6.18 79.52
CA TRP R 324 52.76 -4.88 78.88
C TRP R 324 53.93 -4.74 77.93
N LEU R 325 53.76 -3.83 76.98
CA LEU R 325 54.79 -3.64 75.97
C LEU R 325 55.78 -2.58 76.34
N ALA R 326 55.35 -1.56 77.09
CA ALA R 326 56.29 -0.51 77.45
C ALA R 326 55.91 0.05 78.80
N SER R 327 56.89 0.59 79.51
CA SER R 327 56.65 1.14 80.84
C SER R 327 57.57 2.30 81.13
N MET R 328 57.03 3.29 81.82
CA MET R 328 57.80 4.33 82.46
C MET R 328 57.33 4.50 83.88
N THR R 329 58.07 5.28 84.65
CA THR R 329 57.74 5.55 86.04
C THR R 329 58.20 6.96 86.35
N SER R 330 57.34 7.74 86.99
CA SER R 330 57.66 9.10 87.38
C SER R 330 58.51 9.16 88.64
N ALA R 331 58.60 10.36 89.20
CA ALA R 331 59.40 10.57 90.40
C ALA R 331 58.75 9.96 91.63
N ASP R 332 57.42 9.95 91.66
CA ASP R 332 56.66 9.54 92.83
C ASP R 332 56.14 8.10 92.73
N GLY R 333 56.73 7.29 91.87
CA GLY R 333 56.33 5.90 91.78
C GLY R 333 55.07 5.64 90.97
N THR R 334 54.54 6.66 90.30
CA THR R 334 53.48 6.44 89.35
C THR R 334 54.08 5.78 88.12
N HIS R 335 53.47 4.71 87.64
CA HIS R 335 53.90 4.06 86.42
C HIS R 335 52.91 4.31 85.29
N ALA R 336 53.42 4.20 84.06
CA ALA R 336 52.63 4.34 82.86
C ALA R 336 52.98 3.18 81.94
N TYR R 337 51.97 2.41 81.57
CA TYR R 337 52.11 1.18 80.80
C TYR R 337 51.39 1.22 79.46
N GLU R 338 52.11 0.83 78.43
CA GLU R 338 51.57 0.52 77.11
C GLU R 338 51.37 -0.98 77.02
N MET R 339 50.15 -1.39 76.66
CA MET R 339 49.85 -2.80 76.57
C MET R 339 48.72 -2.99 75.57
N GLN R 340 48.50 -4.23 75.16
CA GLN R 340 47.35 -4.51 74.30
C GLN R 340 46.08 -4.51 75.12
N LYS R 341 44.94 -4.42 74.43
CA LYS R 341 43.67 -4.29 75.13
C LYS R 341 43.24 -5.65 75.66
N SER R 342 43.24 -5.75 76.97
CA SER R 342 42.76 -6.85 77.78
C SER R 342 41.71 -6.32 78.73
N PRO R 343 40.56 -7.00 78.86
CA PRO R 343 39.46 -6.42 79.63
C PRO R 343 39.63 -6.51 81.12
N VAL R 344 40.61 -7.26 81.59
CA VAL R 344 40.89 -7.34 83.00
C VAL R 344 42.39 -7.09 83.16
N LEU R 345 42.73 -6.41 84.24
CA LEU R 345 44.10 -6.18 84.64
C LEU R 345 44.25 -6.86 85.97
N LEU R 346 45.37 -7.50 86.20
CA LEU R 346 45.65 -8.07 87.50
C LEU R 346 46.78 -7.26 88.09
N VAL R 347 46.63 -6.76 89.30
CA VAL R 347 47.73 -6.00 89.87
C VAL R 347 48.07 -6.63 91.21
N SER R 348 49.22 -6.22 91.72
CA SER R 348 49.50 -6.26 93.13
C SER R 348 49.27 -4.87 93.68
N TRP R 349 48.57 -4.82 94.81
CA TRP R 349 48.32 -3.56 95.50
C TRP R 349 49.39 -3.35 96.58
N HIS R 350 49.37 -4.18 97.60
CA HIS R 350 50.40 -4.18 98.63
C HIS R 350 50.71 -5.61 98.99
N GLY R 351 51.01 -6.43 97.99
CA GLY R 351 51.13 -7.84 98.17
C GLY R 351 49.86 -8.61 97.93
N LYS R 352 48.72 -7.94 97.98
CA LYS R 352 47.46 -8.54 97.59
C LYS R 352 47.32 -8.57 96.08
N VAL R 353 47.01 -9.74 95.56
CA VAL R 353 46.63 -9.90 94.17
C VAL R 353 45.21 -9.37 94.03
N MET R 354 45.01 -8.50 93.06
CA MET R 354 43.90 -7.60 92.92
C MET R 354 43.46 -7.59 91.46
N GLN R 355 42.19 -7.34 91.21
CA GLN R 355 41.69 -7.31 89.85
C GLN R 355 41.09 -5.95 89.54
N LEU R 356 41.34 -5.50 88.33
CA LEU R 356 40.85 -4.24 87.79
C LEU R 356 40.17 -4.57 86.48
N LYS R 357 39.10 -3.86 86.19
CA LYS R 357 38.20 -4.26 85.12
C LYS R 357 37.96 -3.06 84.21
N VAL R 358 38.19 -3.24 82.90
CA VAL R 358 38.11 -2.11 82.00
C VAL R 358 37.08 -2.39 80.91
N GLU R 359 36.33 -1.36 80.57
CA GLU R 359 35.24 -1.46 79.59
C GLU R 359 35.66 -0.66 78.36
N GLY R 360 35.75 -1.35 77.22
CA GLY R 360 36.22 -0.76 75.98
C GLY R 360 37.31 -1.58 75.31
N LEU S 41 28.57 -6.21 88.93
CA LEU S 41 28.73 -4.88 89.50
C LEU S 41 29.86 -4.86 90.53
N PRO S 42 30.52 -3.72 90.69
CA PRO S 42 31.43 -3.55 91.83
C PRO S 42 30.66 -3.52 93.14
N CYS S 43 31.35 -3.93 94.20
CA CYS S 43 30.74 -4.11 95.50
C CYS S 43 30.76 -2.81 96.29
N ARG S 44 29.65 -2.53 96.98
CA ARG S 44 29.58 -1.34 97.84
C ARG S 44 30.30 -1.59 99.16
N VAL S 45 29.82 -2.55 99.94
CA VAL S 45 30.49 -2.93 101.16
C VAL S 45 31.47 -4.06 100.87
N ASP S 46 32.59 -4.06 101.58
CA ASP S 46 33.59 -5.12 101.41
C ASP S 46 33.47 -6.22 102.46
N GLY S 47 32.27 -6.77 102.62
CA GLY S 47 32.05 -7.78 103.63
C GLY S 47 32.02 -7.24 105.05
N ALA S 48 31.70 -5.96 105.21
CA ALA S 48 31.80 -5.30 106.51
C ALA S 48 30.84 -4.12 106.52
N CYS S 49 30.39 -3.72 107.70
CA CYS S 49 29.59 -2.52 107.84
C CYS S 49 30.08 -1.73 109.06
N ASP S 50 29.92 -0.40 108.97
CA ASP S 50 30.45 0.50 109.99
C ASP S 50 29.66 0.42 111.28
N ALA S 51 28.37 0.08 111.18
CA ALA S 51 27.55 -0.18 112.35
C ALA S 51 28.05 -1.41 113.10
N THR S 52 28.48 -2.44 112.38
CA THR S 52 29.04 -3.61 113.04
C THR S 52 30.43 -3.34 113.60
N ILE S 53 31.20 -2.44 112.96
CA ILE S 53 32.51 -2.02 113.49
C ILE S 53 32.35 -1.34 114.84
N ILE S 54 31.42 -0.40 114.93
CA ILE S 54 31.28 0.27 116.22
C ILE S 54 30.49 -0.59 117.21
N LYS S 55 29.72 -1.58 116.74
CA LYS S 55 29.05 -2.51 117.64
C LYS S 55 30.04 -3.44 118.32
N MET S 56 30.99 -3.99 117.54
CA MET S 56 32.09 -4.75 118.14
C MET S 56 33.00 -3.87 118.96
N MET S 57 33.12 -2.60 118.62
CA MET S 57 34.06 -1.73 119.32
C MET S 57 33.52 -1.34 120.71
N THR S 58 32.22 -1.04 120.81
CA THR S 58 31.55 -0.94 122.10
C THR S 58 31.54 -2.23 122.89
N ASP S 59 31.32 -3.38 122.23
CA ASP S 59 31.27 -4.63 122.99
C ASP S 59 32.64 -5.06 123.51
N LEU S 60 33.70 -4.78 122.76
CA LEU S 60 35.05 -5.07 123.23
C LEU S 60 35.46 -4.13 124.36
N ASN S 61 35.05 -2.86 124.29
CA ASN S 61 35.31 -1.96 125.41
C ASN S 61 34.44 -2.27 126.62
N LYS S 62 33.26 -2.87 126.43
CA LYS S 62 32.48 -3.30 127.58
C LYS S 62 33.09 -4.53 128.24
N LYS S 63 33.61 -5.47 127.44
CA LYS S 63 34.34 -6.59 128.05
C LYS S 63 35.78 -6.26 128.40
N GLY S 64 36.22 -5.02 128.27
CA GLY S 64 37.46 -4.61 128.89
C GLY S 64 38.64 -4.73 127.99
N ILE S 65 38.42 -5.09 126.74
CA ILE S 65 39.48 -5.11 125.74
C ILE S 65 39.48 -3.74 125.09
N LYS S 66 40.50 -2.96 125.38
CA LYS S 66 40.29 -1.54 125.13
C LYS S 66 40.72 -1.24 123.70
N VAL S 67 39.81 -0.68 122.91
CA VAL S 67 40.08 -0.35 121.53
C VAL S 67 40.40 1.15 121.43
N ALA S 68 41.65 1.46 121.18
CA ALA S 68 42.07 2.81 120.83
C ALA S 68 42.04 2.99 119.32
N SER S 69 41.64 4.18 118.90
CA SER S 69 41.34 4.44 117.50
C SER S 69 41.92 5.80 117.14
N VAL S 70 43.17 5.83 116.73
CA VAL S 70 43.92 7.06 116.54
C VAL S 70 44.28 7.15 115.06
N GLY S 71 43.63 8.05 114.33
CA GLY S 71 43.93 8.24 112.92
C GLY S 71 43.41 7.12 112.05
N GLN S 72 44.31 6.30 111.54
CA GLN S 72 43.92 4.95 111.19
C GLN S 72 44.72 3.90 111.93
N ASN S 73 45.58 4.30 112.85
CA ASN S 73 46.20 3.32 113.73
C ASN S 73 45.16 2.82 114.72
N TYR S 74 44.91 1.53 114.65
CA TYR S 74 44.01 0.87 115.57
C TYR S 74 44.83 0.03 116.53
N LEU S 75 44.42 0.12 117.78
CA LEU S 75 45.03 -0.63 118.86
C LEU S 75 43.91 -1.36 119.56
N ILE S 76 44.03 -2.66 119.71
CA ILE S 76 43.22 -3.36 120.70
C ILE S 76 44.18 -3.94 121.73
N SER S 77 43.90 -3.64 122.98
CA SER S 77 44.78 -3.99 124.09
C SER S 77 44.05 -5.02 124.92
N ILE S 78 44.69 -6.14 125.13
CA ILE S 78 44.09 -7.31 125.77
C ILE S 78 44.90 -7.61 127.02
N PRO S 79 44.30 -7.60 128.20
CA PRO S 79 45.01 -8.09 129.39
C PRO S 79 45.26 -9.58 129.31
N ALA S 80 46.42 -9.98 129.81
CA ALA S 80 46.84 -11.37 129.73
C ALA S 80 46.10 -12.28 130.70
N SER S 81 45.44 -11.70 131.71
CA SER S 81 44.44 -12.43 132.47
C SER S 81 43.29 -12.87 131.60
N ALA S 82 42.86 -12.02 130.68
CA ALA S 82 41.70 -12.31 129.88
C ALA S 82 41.97 -13.33 128.79
N LEU S 83 43.22 -13.64 128.49
CA LEU S 83 43.46 -14.77 127.61
C LEU S 83 44.11 -15.94 128.32
N PHE S 84 45.30 -15.77 128.90
CA PHE S 84 46.06 -16.99 129.14
C PHE S 84 45.92 -17.41 130.59
N ALA S 85 46.66 -18.45 130.96
CA ALA S 85 46.95 -18.76 132.34
C ALA S 85 48.19 -17.97 132.75
N ASP S 86 48.48 -17.94 134.05
CA ASP S 86 49.50 -17.03 134.57
C ASP S 86 50.90 -17.58 134.32
N GLN S 87 51.74 -16.71 133.75
CA GLN S 87 53.16 -16.96 133.40
C GLN S 87 53.34 -18.15 132.47
N SER S 88 52.38 -18.36 131.59
CA SER S 88 52.33 -19.52 130.74
C SER S 88 52.17 -19.03 129.31
N PRO S 89 52.71 -19.73 128.35
CA PRO S 89 52.33 -19.51 126.95
C PRO S 89 51.20 -20.42 126.47
N ARG S 90 50.11 -20.46 127.23
CA ARG S 90 49.03 -21.40 126.91
C ARG S 90 47.67 -20.72 127.02
N LEU S 91 46.87 -20.81 125.97
CA LEU S 91 45.51 -20.31 126.02
C LEU S 91 44.60 -21.12 126.93
N ASN S 92 43.68 -20.44 127.56
CA ASN S 92 42.50 -21.06 128.12
C ASN S 92 41.51 -21.32 126.99
N TRP S 93 40.65 -22.31 127.21
CA TRP S 93 39.70 -22.71 126.19
C TRP S 93 38.59 -21.70 125.99
N ALA S 94 38.20 -20.97 127.03
CA ALA S 94 37.12 -20.01 126.90
C ALA S 94 37.57 -18.74 126.21
N SER S 95 38.88 -18.47 126.21
CA SER S 95 39.42 -17.23 125.66
C SER S 95 39.49 -17.20 124.15
N TYR S 96 39.23 -18.32 123.48
CA TYR S 96 39.10 -18.26 122.03
C TYR S 96 37.80 -17.61 121.60
N SER S 97 36.80 -17.52 122.47
CA SER S 97 35.65 -16.67 122.19
C SER S 97 36.03 -15.19 122.20
N LEU S 98 36.94 -14.82 123.09
CA LEU S 98 37.44 -13.45 123.09
C LEU S 98 38.24 -13.17 121.84
N LEU S 99 39.02 -14.17 121.42
CA LEU S 99 39.67 -14.13 120.12
C LEU S 99 38.70 -14.21 118.94
N ASN S 100 37.46 -14.68 119.16
CA ASN S 100 36.49 -14.70 118.08
C ASN S 100 35.99 -13.33 117.72
N GLU S 101 35.56 -12.51 118.71
CA GLU S 101 35.29 -11.15 118.21
C GLU S 101 36.54 -10.29 118.02
N ILE S 102 37.72 -10.70 118.51
CA ILE S 102 38.95 -10.06 118.02
C ILE S 102 39.16 -10.33 116.53
N ALA S 103 39.00 -11.56 116.09
CA ALA S 103 39.19 -11.89 114.69
C ALA S 103 38.04 -11.41 113.82
N ALA S 104 36.82 -11.41 114.32
CA ALA S 104 35.71 -10.87 113.55
C ALA S 104 35.71 -9.36 113.53
N PHE S 105 36.37 -8.71 114.49
CA PHE S 105 36.65 -7.29 114.37
C PHE S 105 37.73 -7.04 113.34
N LEU S 106 38.71 -7.94 113.27
CA LEU S 106 39.78 -7.81 112.28
C LEU S 106 39.37 -8.24 110.88
N LYS S 107 38.20 -8.86 110.71
CA LYS S 107 37.58 -8.98 109.39
C LYS S 107 37.33 -7.65 108.73
N GLN S 108 36.94 -6.66 109.52
CA GLN S 108 36.20 -5.52 109.02
C GLN S 108 37.07 -4.48 108.32
N PHE S 109 38.38 -4.55 108.47
CA PHE S 109 39.25 -3.53 107.94
C PHE S 109 40.16 -4.07 106.86
N ARG S 110 40.52 -3.20 105.94
CA ARG S 110 41.55 -3.50 104.97
C ARG S 110 42.87 -3.13 105.60
N LYS S 111 43.77 -4.09 105.70
CA LYS S 111 44.96 -3.94 106.49
C LYS S 111 46.11 -4.65 105.80
N ILE S 112 47.31 -4.17 106.07
CA ILE S 112 48.51 -4.64 105.38
C ILE S 112 49.37 -5.45 106.31
N ALA S 113 49.69 -4.89 107.47
CA ALA S 113 50.47 -5.59 108.46
C ALA S 113 49.86 -5.34 109.82
N ILE S 114 49.39 -6.40 110.44
CA ILE S 114 49.09 -6.41 111.85
C ILE S 114 50.39 -6.70 112.57
N THR S 115 50.74 -5.93 113.58
CA THR S 115 51.77 -6.41 114.49
C THR S 115 51.15 -6.67 115.86
N VAL S 116 51.49 -7.84 116.40
CA VAL S 116 51.01 -8.31 117.68
C VAL S 116 52.21 -8.44 118.58
N THR S 117 52.19 -7.72 119.68
CA THR S 117 53.30 -7.79 120.60
C THR S 117 52.82 -7.91 122.03
N SER S 118 53.51 -8.73 122.78
CA SER S 118 53.07 -9.11 124.10
C SER S 118 54.16 -8.77 125.09
N TYR S 119 53.76 -8.36 126.30
CA TYR S 119 54.72 -8.19 127.38
C TYR S 119 54.00 -8.34 128.71
N SER S 120 54.68 -8.94 129.68
CA SER S 120 54.09 -9.11 131.00
C SER S 120 55.01 -8.55 132.07
N SER S 121 54.64 -8.77 133.32
CA SER S 121 55.47 -8.33 134.43
C SER S 121 56.58 -9.34 134.69
N LYS S 122 57.48 -8.98 135.59
CA LYS S 122 58.69 -9.78 135.84
C LYS S 122 58.35 -11.04 136.62
N TYR S 123 58.86 -12.18 136.17
CA TYR S 123 58.64 -13.43 136.90
C TYR S 123 59.92 -14.09 137.37
N VAL S 124 60.83 -14.44 136.47
CA VAL S 124 62.12 -14.96 136.91
C VAL S 124 63.19 -14.01 136.45
N SER S 125 63.35 -13.89 135.14
CA SER S 125 64.37 -13.05 134.55
C SER S 125 63.78 -12.44 133.30
N VAL S 126 64.51 -11.48 132.74
CA VAL S 126 64.09 -10.90 131.48
C VAL S 126 64.28 -11.86 130.32
N LYS S 127 65.20 -12.82 130.41
CA LYS S 127 65.42 -13.77 129.34
C LYS S 127 64.29 -14.80 129.27
N ARG S 128 63.88 -15.32 130.44
CA ARG S 128 62.71 -16.19 130.56
C ARG S 128 61.44 -15.42 130.22
N GLU S 129 61.40 -14.15 130.58
CA GLU S 129 60.28 -13.29 130.28
C GLU S 129 60.11 -13.02 128.79
N ARG S 130 61.22 -12.80 128.09
CA ARG S 130 61.12 -12.51 126.67
C ARG S 130 60.85 -13.75 125.85
N ALA S 131 61.32 -14.91 126.33
CA ALA S 131 60.91 -16.19 125.75
C ALA S 131 59.42 -16.44 125.93
N LEU S 132 58.90 -16.12 127.12
CA LEU S 132 57.47 -16.22 127.40
C LEU S 132 56.62 -15.33 126.50
N THR S 133 57.06 -14.09 126.31
CA THR S 133 56.22 -13.15 125.59
C THR S 133 56.33 -13.35 124.08
N LEU S 134 57.46 -13.88 123.63
CA LEU S 134 57.60 -14.25 122.22
C LEU S 134 56.74 -15.45 121.88
N ALA S 135 56.73 -16.47 122.75
CA ALA S 135 55.84 -17.63 122.58
C ALA S 135 54.38 -17.24 122.70
N ARG S 136 54.10 -16.27 123.57
CA ARG S 136 52.77 -15.74 123.82
C ARG S 136 52.16 -15.06 122.61
N SER S 137 52.93 -14.15 122.02
CA SER S 137 52.48 -13.45 120.83
C SER S 137 52.47 -14.36 119.61
N ARG S 138 53.40 -15.32 119.51
CA ARG S 138 53.38 -16.18 118.33
C ARG S 138 52.25 -17.20 118.39
N VAL S 139 51.80 -17.54 119.59
CA VAL S 139 50.63 -18.41 119.74
C VAL S 139 49.36 -17.67 119.37
N VAL S 140 49.24 -16.40 119.78
CA VAL S 140 48.00 -15.68 119.44
C VAL S 140 47.97 -15.24 117.98
N SER S 141 49.13 -15.03 117.34
CA SER S 141 49.10 -14.78 115.91
C SER S 141 48.91 -16.05 115.08
N GLU S 142 49.37 -17.21 115.60
CA GLU S 142 49.03 -18.49 114.96
C GLU S 142 47.53 -18.73 114.98
N TYR S 143 46.85 -18.37 116.08
CA TYR S 143 45.40 -18.49 116.06
C TYR S 143 44.75 -17.40 115.20
N LEU S 144 45.36 -16.24 115.09
CA LEU S 144 44.72 -15.19 114.30
C LEU S 144 44.84 -15.38 112.80
N TRP S 145 45.87 -16.07 112.34
CA TRP S 145 45.89 -16.47 110.92
C TRP S 145 45.38 -17.90 110.74
N SER S 146 45.10 -18.62 111.83
CA SER S 146 44.12 -19.69 111.68
C SER S 146 42.76 -19.08 111.42
N GLN S 147 42.42 -18.03 112.14
CA GLN S 147 41.19 -17.34 111.86
C GLN S 147 41.40 -16.33 110.74
N GLY S 148 40.40 -15.49 110.57
CA GLY S 148 40.35 -14.66 109.39
C GLY S 148 40.95 -13.31 109.65
N VAL S 149 42.11 -13.10 109.10
CA VAL S 149 42.58 -11.74 108.88
C VAL S 149 42.82 -11.64 107.39
N ASP S 150 42.66 -10.43 106.86
CA ASP S 150 43.02 -10.17 105.48
C ASP S 150 44.32 -9.40 105.43
N SER S 151 45.08 -9.51 106.51
CA SER S 151 46.40 -8.92 106.59
C SER S 151 47.37 -9.70 105.71
N ARG S 152 48.37 -9.00 105.24
CA ARG S 152 49.41 -9.63 104.45
C ARG S 152 50.58 -10.05 105.31
N ILE S 153 50.89 -9.28 106.34
CA ILE S 153 51.88 -9.67 107.32
C ILE S 153 51.20 -9.59 108.67
N ILE S 154 51.44 -10.58 109.51
CA ILE S 154 51.40 -10.35 110.94
C ILE S 154 52.81 -10.45 111.45
N PHE S 155 53.34 -9.33 111.91
CA PHE S 155 54.57 -9.35 112.67
C PHE S 155 54.16 -9.66 114.09
N THR S 156 55.00 -10.38 114.80
CA THR S 156 54.69 -10.83 116.13
C THR S 156 55.95 -10.92 116.98
N GLN S 157 55.89 -10.32 118.17
CA GLN S 157 57.06 -10.21 119.02
C GLN S 157 56.66 -10.02 120.46
N GLY S 158 57.62 -10.22 121.36
CA GLY S 158 57.37 -10.04 122.76
C GLY S 158 58.50 -9.30 123.44
N LEU S 159 58.18 -8.55 124.49
CA LEU S 159 59.18 -7.75 125.19
C LEU S 159 59.16 -8.06 126.68
N GLY S 160 60.25 -7.70 127.33
CA GLY S 160 60.42 -8.00 128.74
C GLY S 160 60.09 -6.92 129.73
N SER S 161 58.82 -6.48 129.73
CA SER S 161 58.30 -5.32 130.50
C SER S 161 59.08 -4.06 130.18
N ASP S 162 59.51 -3.97 128.94
CA ASP S 162 60.33 -2.88 128.53
C ASP S 162 59.49 -1.69 128.20
N LYS S 163 58.18 -1.84 128.13
CA LYS S 163 57.34 -0.69 127.81
C LYS S 163 56.12 -0.64 128.72
N PRO S 164 56.24 -0.44 130.04
CA PRO S 164 55.05 -0.75 130.85
C PRO S 164 54.13 0.45 131.04
N ILE S 165 52.83 0.23 130.87
CA ILE S 165 51.89 1.36 130.82
C ILE S 165 51.48 1.91 132.18
N THR S 166 51.85 1.26 133.27
CA THR S 166 51.67 1.85 134.59
C THR S 166 52.89 1.49 135.42
N SER S 167 53.13 2.29 136.45
CA SER S 167 54.21 2.01 137.38
C SER S 167 53.78 1.09 138.52
N TYR S 168 52.51 0.70 138.55
CA TYR S 168 52.01 -0.12 139.63
C TYR S 168 52.09 -1.59 139.21
N THR S 169 52.85 -2.36 139.97
CA THR S 169 53.43 -3.63 139.57
C THR S 169 52.94 -4.77 140.46
N LEU S 170 51.60 -4.96 140.53
CA LEU S 170 50.91 -5.74 141.57
C LEU S 170 51.35 -7.20 141.63
N GLY S 171 51.58 -7.82 140.47
CA GLY S 171 51.69 -9.26 140.44
C GLY S 171 52.08 -9.79 139.08
N GLY S 172 51.46 -10.88 138.68
CA GLY S 172 51.88 -11.58 137.49
C GLY S 172 51.05 -11.21 136.30
N ASP S 173 50.16 -12.10 135.86
CA ASP S 173 49.27 -11.75 134.77
C ASP S 173 48.04 -10.97 135.19
N ARG S 174 47.86 -10.68 136.48
CA ARG S 174 46.74 -9.82 136.85
C ARG S 174 47.13 -8.36 136.80
N SER S 175 48.41 -8.07 136.52
CA SER S 175 48.84 -6.69 136.34
C SER S 175 48.23 -6.15 135.06
N PRO S 176 47.84 -4.87 135.03
CA PRO S 176 47.41 -4.27 133.77
C PRO S 176 48.56 -3.98 132.82
N ASN S 177 49.80 -3.99 133.32
CA ASN S 177 50.96 -4.06 132.45
C ASN S 177 51.02 -5.36 131.66
N ALA S 178 50.54 -6.46 132.22
CA ALA S 178 50.66 -7.76 131.57
C ALA S 178 49.60 -7.88 130.50
N ARG S 179 50.02 -7.71 129.25
CA ARG S 179 49.04 -7.50 128.20
C ARG S 179 49.66 -7.88 126.87
N VAL S 180 48.79 -8.17 125.91
CA VAL S 180 49.17 -8.24 124.52
C VAL S 180 48.49 -7.07 123.84
N GLU S 181 49.10 -6.54 122.81
CA GLU S 181 48.50 -5.49 122.03
C GLU S 181 48.61 -5.79 120.56
N ILE S 182 47.51 -5.56 119.87
CA ILE S 182 47.37 -5.85 118.46
C ILE S 182 47.16 -4.50 117.79
N THR S 183 48.18 -4.02 117.09
CA THR S 183 48.11 -2.71 116.47
C THR S 183 48.29 -2.87 114.97
N PHE S 184 47.54 -2.08 114.23
CA PHE S 184 47.66 -2.07 112.78
C PHE S 184 47.27 -0.70 112.28
N ARG S 185 47.40 -0.51 110.98
CA ARG S 185 46.90 0.69 110.34
C ARG S 185 45.91 0.28 109.28
N ARG S 186 44.72 0.86 109.32
CA ARG S 186 43.70 0.54 108.35
C ARG S 186 44.04 1.16 107.01
N ALA S 187 44.22 0.33 106.00
CA ALA S 187 44.61 0.81 104.69
C ALA S 187 43.40 1.38 103.97
N VAL S 188 43.58 2.57 103.38
CA VAL S 188 42.62 3.47 102.70
C VAL S 188 41.20 3.51 103.25
N ALA T 1 89.40 -42.52 164.97
CA ALA T 1 89.48 -43.82 164.31
C ALA T 1 89.98 -43.67 162.88
N ALA T 2 91.10 -42.99 162.72
CA ALA T 2 91.66 -42.67 161.41
C ALA T 2 92.30 -43.89 160.76
N ALA T 3 92.35 -43.85 159.43
CA ALA T 3 93.03 -44.88 158.63
C ALA T 3 93.52 -44.20 157.36
N ALA T 4 94.78 -43.81 157.35
CA ALA T 4 95.38 -43.07 156.24
C ALA T 4 96.67 -43.74 155.82
N ALA T 5 96.60 -44.62 154.81
CA ALA T 5 97.78 -45.34 154.34
C ALA T 5 97.60 -45.71 152.87
N ALA T 6 98.73 -45.92 152.21
CA ALA T 6 98.79 -46.32 150.79
C ALA T 6 99.42 -47.71 150.73
N ALA T 7 98.57 -48.72 150.65
CA ALA T 7 98.98 -50.12 150.73
C ALA T 7 98.04 -50.93 149.85
N ALA T 8 97.96 -52.23 150.08
CA ALA T 8 96.98 -53.09 149.41
C ALA T 8 96.14 -53.75 150.50
N ALA T 9 95.11 -53.04 150.95
CA ALA T 9 94.14 -53.65 151.87
C ALA T 9 93.21 -54.59 151.10
N ALA T 10 92.56 -54.06 150.06
CA ALA T 10 92.01 -54.76 148.90
C ALA T 10 90.82 -55.69 149.13
N ALA T 11 90.38 -55.87 150.39
CA ALA T 11 89.20 -56.69 150.67
C ALA T 11 88.59 -56.12 151.95
N ALA T 12 87.63 -55.20 151.78
CA ALA T 12 87.04 -54.51 152.91
C ALA T 12 85.63 -54.08 152.53
N ALA T 13 84.63 -54.78 153.04
CA ALA T 13 83.25 -54.30 153.05
C ALA T 13 83.01 -53.56 154.36
N ALA T 14 83.71 -52.43 154.50
CA ALA T 14 83.92 -51.79 155.79
C ALA T 14 82.76 -50.85 156.08
N ALA T 15 81.84 -51.31 156.92
CA ALA T 15 80.75 -50.46 157.42
C ALA T 15 81.24 -49.86 158.74
N ALA T 16 81.98 -48.77 158.62
CA ALA T 16 82.63 -48.14 159.75
C ALA T 16 81.62 -47.38 160.61
N ALA T 17 82.00 -47.15 161.87
CA ALA T 17 81.16 -46.44 162.82
C ALA T 17 81.52 -44.95 162.77
N ALA T 18 81.03 -44.19 163.75
CA ALA T 18 81.22 -42.75 163.80
C ALA T 18 82.66 -42.40 164.16
N ALA T 19 83.05 -41.18 163.73
CA ALA T 19 84.39 -40.57 163.85
C ALA T 19 85.49 -41.45 163.25
N ALA T 20 85.17 -42.14 162.15
CA ALA T 20 86.16 -42.95 161.45
C ALA T 20 86.74 -42.10 160.32
N ALA T 21 87.68 -41.23 160.69
CA ALA T 21 88.23 -40.24 159.77
C ALA T 21 89.34 -40.86 158.92
N ALA T 22 88.93 -41.72 158.01
CA ALA T 22 89.86 -42.54 157.23
C ALA T 22 90.18 -41.82 155.93
N ALA T 23 91.34 -41.17 155.88
CA ALA T 23 91.87 -40.61 154.65
C ALA T 23 92.85 -41.56 153.99
N ALA T 24 92.43 -42.81 153.79
CA ALA T 24 93.27 -43.83 153.17
C ALA T 24 93.45 -43.58 151.68
N ALA T 25 94.59 -44.06 151.16
CA ALA T 25 94.89 -44.05 149.73
C ALA T 25 95.31 -45.43 149.26
N ALA T 26 94.98 -46.47 150.01
CA ALA T 26 95.38 -47.84 149.73
C ALA T 26 94.66 -48.41 148.52
N ALA T 27 95.27 -49.44 147.94
CA ALA T 27 94.69 -50.15 146.80
C ALA T 27 93.55 -51.04 147.27
N ALA T 28 92.36 -50.46 147.44
CA ALA T 28 91.20 -51.16 147.96
C ALA T 28 90.38 -51.65 146.77
N ALA T 29 90.65 -52.89 146.36
CA ALA T 29 89.99 -53.45 145.18
C ALA T 29 88.55 -53.86 145.49
N ALA T 30 88.38 -54.82 146.40
CA ALA T 30 87.04 -55.26 146.80
C ALA T 30 86.59 -54.37 147.95
N ALA T 31 86.19 -53.16 147.61
CA ALA T 31 85.93 -52.10 148.57
C ALA T 31 84.46 -51.76 148.64
N ALA T 32 83.99 -51.51 149.87
CA ALA T 32 82.69 -50.87 150.11
C ALA T 32 82.83 -50.09 151.42
N ALA T 33 83.16 -48.82 151.33
CA ALA T 33 83.48 -48.00 152.50
C ALA T 33 82.23 -47.23 152.93
N ALA T 34 81.44 -47.84 153.80
CA ALA T 34 80.21 -47.22 154.29
C ALA T 34 80.49 -46.52 155.62
N ALA T 35 81.24 -45.42 155.52
CA ALA T 35 81.63 -44.63 156.69
C ALA T 35 80.45 -43.87 157.26
N ALA T 36 80.52 -43.55 158.55
CA ALA T 36 79.39 -42.95 159.25
C ALA T 36 79.62 -41.52 159.72
N ALA T 37 80.88 -41.06 159.77
CA ALA T 37 81.21 -39.67 160.05
C ALA T 37 82.61 -39.38 159.53
N ALA T 38 82.85 -38.09 159.28
CA ALA T 38 84.16 -37.43 159.34
C ALA T 38 85.15 -37.92 158.29
N ALA T 39 84.67 -38.48 157.18
CA ALA T 39 85.57 -38.99 156.15
C ALA T 39 86.15 -37.84 155.35
N ALA T 40 87.47 -37.83 155.21
CA ALA T 40 88.22 -36.75 154.57
C ALA T 40 89.22 -37.30 153.58
N ALA T 41 88.75 -38.18 152.71
CA ALA T 41 89.64 -39.02 151.91
C ALA T 41 90.03 -38.33 150.61
N ALA T 42 91.32 -38.37 150.29
CA ALA T 42 91.85 -37.86 149.03
C ALA T 42 92.81 -38.92 148.49
N ALA T 43 92.26 -39.85 147.72
CA ALA T 43 92.97 -41.04 147.28
C ALA T 43 93.24 -41.00 145.79
N ALA T 44 93.92 -42.04 145.31
CA ALA T 44 94.02 -42.35 143.88
C ALA T 44 93.89 -43.87 143.79
N ALA T 45 92.65 -44.35 143.66
CA ALA T 45 92.35 -45.74 143.87
C ALA T 45 91.71 -46.35 142.62
N ALA T 46 91.33 -47.62 142.74
CA ALA T 46 90.66 -48.35 141.67
C ALA T 46 89.81 -49.42 142.34
N ALA T 47 88.49 -49.30 142.23
CA ALA T 47 87.58 -50.17 142.95
C ALA T 47 86.79 -51.07 142.02
N ALA T 48 86.10 -50.51 141.03
CA ALA T 48 85.36 -51.12 139.91
C ALA T 48 84.10 -51.89 140.30
N ALA T 49 83.79 -52.04 141.59
CA ALA T 49 82.49 -52.58 142.01
C ALA T 49 81.98 -51.91 143.27
N ALA T 50 82.30 -50.63 143.46
CA ALA T 50 82.07 -49.97 144.75
C ALA T 50 80.60 -49.59 144.90
N ALA T 51 79.96 -50.13 145.92
CA ALA T 51 78.64 -49.66 146.36
C ALA T 51 78.86 -48.78 147.58
N ALA T 52 79.34 -47.57 147.32
CA ALA T 52 79.75 -46.67 148.38
C ALA T 52 78.55 -45.99 149.03
N ALA T 53 78.61 -45.86 150.36
CA ALA T 53 77.65 -45.08 151.11
C ALA T 53 78.44 -44.10 151.97
N ALA T 54 77.92 -42.89 152.12
CA ALA T 54 78.63 -41.87 152.88
C ALA T 54 77.64 -41.05 153.70
N ALA T 55 77.88 -41.00 154.99
CA ALA T 55 77.15 -40.15 155.92
C ALA T 55 77.90 -38.83 156.09
N ALA T 56 77.60 -38.10 157.18
CA ALA T 56 77.92 -36.68 157.36
C ALA T 56 79.42 -36.40 157.40
N ALA T 57 79.78 -35.22 156.88
CA ALA T 57 81.14 -34.67 156.77
C ALA T 57 82.08 -35.60 156.00
N ALA T 58 81.64 -35.97 154.79
CA ALA T 58 82.41 -36.86 153.92
C ALA T 58 82.87 -36.06 152.71
N ALA T 59 84.10 -35.54 152.78
CA ALA T 59 84.75 -34.91 151.65
C ALA T 59 85.72 -35.91 151.04
N ALA T 60 85.58 -36.15 149.74
CA ALA T 60 86.33 -37.22 149.09
C ALA T 60 86.84 -36.76 147.73
N ALA T 61 87.96 -37.34 147.32
CA ALA T 61 88.56 -37.05 146.01
C ALA T 61 89.22 -38.33 145.52
N ALA T 62 88.52 -39.05 144.64
CA ALA T 62 88.94 -40.39 144.26
C ALA T 62 88.86 -40.59 142.76
N ALA T 63 89.74 -41.45 142.24
CA ALA T 63 89.80 -41.78 140.81
C ALA T 63 89.43 -43.23 140.56
N ALA T 64 88.42 -43.72 141.27
CA ALA T 64 88.04 -45.12 141.24
C ALA T 64 86.63 -45.28 140.69
N ALA T 65 86.40 -46.40 140.00
CA ALA T 65 85.10 -46.69 139.45
C ALA T 65 84.17 -47.24 140.53
N ALA T 66 82.94 -46.78 140.53
CA ALA T 66 81.93 -47.21 141.49
C ALA T 66 80.80 -47.90 140.77
N ALA T 67 79.86 -48.44 141.56
CA ALA T 67 78.68 -49.10 141.00
C ALA T 67 77.42 -48.51 141.60
N ALA T 68 77.48 -48.15 142.88
CA ALA T 68 76.33 -47.54 143.54
C ALA T 68 76.82 -46.47 144.49
N ALA T 69 75.98 -45.46 144.71
CA ALA T 69 76.30 -44.35 145.59
C ALA T 69 75.11 -44.03 146.45
N ALA T 70 75.36 -43.85 147.74
CA ALA T 70 74.31 -43.50 148.68
C ALA T 70 74.79 -42.36 149.57
N ALA T 71 73.94 -41.36 149.77
CA ALA T 71 74.25 -40.23 150.63
C ALA T 71 73.22 -40.14 151.75
N ALA T 72 73.66 -39.73 152.94
CA ALA T 72 72.82 -39.77 154.12
C ALA T 72 72.52 -38.39 154.70
N ALA T 73 73.53 -37.61 155.05
CA ALA T 73 73.28 -36.30 155.66
C ALA T 73 73.84 -35.14 154.86
N ALA T 74 75.15 -35.09 154.63
CA ALA T 74 75.84 -33.97 153.99
C ALA T 74 77.21 -34.45 153.56
N ALA T 75 77.62 -34.09 152.35
CA ALA T 75 78.87 -34.59 151.80
C ALA T 75 79.43 -33.60 150.79
N ALA T 76 80.62 -33.91 150.30
CA ALA T 76 81.24 -33.21 149.17
C ALA T 76 82.19 -34.21 148.52
N ALA T 77 81.75 -34.83 147.43
CA ALA T 77 82.55 -35.82 146.75
C ALA T 77 83.16 -35.23 145.48
N ALA T 78 84.23 -35.87 145.03
CA ALA T 78 84.79 -35.62 143.70
C ALA T 78 85.37 -36.96 143.23
N ALA T 79 84.54 -37.73 142.52
CA ALA T 79 84.89 -39.08 142.16
C ALA T 79 84.94 -39.22 140.64
N ALA T 80 85.78 -40.15 140.20
CA ALA T 80 85.94 -40.44 138.77
C ALA T 80 85.49 -41.88 138.52
N ALA T 81 84.19 -42.07 138.31
CA ALA T 81 83.62 -43.39 138.10
C ALA T 81 83.63 -43.74 136.62
N ALA T 82 83.35 -45.01 136.29
CA ALA T 82 83.52 -45.40 134.90
C ALA T 82 82.34 -46.14 134.27
N ALA T 83 81.69 -47.05 134.99
CA ALA T 83 80.92 -48.10 134.32
C ALA T 83 79.41 -47.95 134.48
N ALA T 84 78.91 -47.95 135.71
CA ALA T 84 77.48 -47.84 135.96
C ALA T 84 77.29 -47.21 137.33
N ALA T 85 76.12 -46.63 137.54
CA ALA T 85 75.87 -45.95 138.80
C ALA T 85 74.40 -46.06 139.16
N ALA T 86 74.14 -46.62 140.33
CA ALA T 86 72.83 -46.54 140.97
C ALA T 86 72.99 -45.60 142.16
N ALA T 87 72.48 -44.38 142.03
CA ALA T 87 72.76 -43.32 142.99
C ALA T 87 71.49 -42.87 143.68
N ALA T 88 71.59 -42.63 144.98
CA ALA T 88 70.50 -42.10 145.78
C ALA T 88 71.08 -41.23 146.88
N ALA T 89 70.39 -40.14 147.19
CA ALA T 89 70.91 -39.15 148.12
C ALA T 89 69.86 -38.80 149.17
N ALA T 90 70.31 -38.09 150.19
CA ALA T 90 69.43 -37.55 151.23
C ALA T 90 70.06 -36.28 151.78
N ALA T 91 69.55 -35.12 151.32
CA ALA T 91 69.84 -33.77 151.82
C ALA T 91 71.31 -33.37 151.70
N ALA T 92 72.03 -33.97 150.77
CA ALA T 92 73.48 -33.84 150.70
C ALA T 92 73.88 -33.10 149.42
N ALA T 93 75.20 -33.02 149.21
CA ALA T 93 75.77 -32.47 148.01
C ALA T 93 76.81 -33.44 147.47
N ALA T 94 76.92 -33.54 146.15
CA ALA T 94 77.81 -34.51 145.54
C ALA T 94 78.26 -34.01 144.19
N ALA T 95 79.50 -34.32 143.84
CA ALA T 95 80.03 -34.03 142.51
C ALA T 95 80.82 -35.22 142.02
N ALA T 96 80.71 -35.50 140.73
CA ALA T 96 81.46 -36.58 140.09
C ALA T 96 82.06 -36.05 138.80
N ALA T 97 83.15 -36.68 138.37
CA ALA T 97 84.01 -36.07 137.36
C ALA T 97 84.03 -36.81 136.03
N ALA T 98 84.38 -38.10 136.02
CA ALA T 98 84.70 -38.78 134.76
C ALA T 98 83.44 -39.27 134.06
N ALA T 99 83.63 -40.05 133.01
CA ALA T 99 82.54 -40.53 132.17
C ALA T 99 81.81 -41.66 132.88
N ALA T 100 80.57 -41.41 133.28
CA ALA T 100 79.75 -42.39 133.96
C ALA T 100 78.52 -42.72 133.12
N ALA T 101 77.83 -43.79 133.50
CA ALA T 101 76.58 -44.18 132.84
C ALA T 101 75.56 -44.39 133.96
N ALA T 102 74.92 -43.31 134.38
CA ALA T 102 73.93 -43.36 135.43
C ALA T 102 72.60 -43.80 134.84
N ALA T 103 72.17 -45.02 135.17
CA ALA T 103 70.93 -45.52 134.62
C ALA T 103 69.72 -44.94 135.34
N ALA T 104 69.74 -44.94 136.67
CA ALA T 104 68.61 -44.42 137.44
C ALA T 104 69.13 -43.52 138.54
N ALA T 105 68.41 -42.43 138.79
CA ALA T 105 68.71 -41.54 139.89
C ALA T 105 67.40 -41.08 140.52
N ALA T 106 67.22 -41.42 141.79
CA ALA T 106 66.03 -41.05 142.54
C ALA T 106 66.46 -40.16 143.69
N ALA T 107 66.03 -38.90 143.66
CA ALA T 107 66.39 -37.93 144.69
C ALA T 107 65.12 -37.45 145.34
N ALA T 108 64.89 -37.88 146.59
CA ALA T 108 63.68 -37.54 147.33
C ALA T 108 63.94 -36.53 148.44
N ALA T 109 65.03 -35.77 148.35
CA ALA T 109 65.41 -34.84 149.41
C ALA T 109 66.15 -33.66 148.77
N ALA T 110 66.91 -32.93 149.58
CA ALA T 110 67.68 -31.78 149.09
C ALA T 110 69.05 -32.27 148.66
N ALA T 111 69.18 -32.55 147.36
CA ALA T 111 70.38 -33.16 146.81
C ALA T 111 70.97 -32.23 145.76
N ALA T 112 72.15 -31.70 146.04
CA ALA T 112 72.90 -30.93 145.05
C ALA T 112 73.85 -31.88 144.34
N ALA T 113 73.31 -32.63 143.38
CA ALA T 113 74.05 -33.65 142.67
C ALA T 113 74.57 -33.09 141.35
N ALA T 114 75.85 -33.29 141.09
CA ALA T 114 76.47 -32.83 139.86
C ALA T 114 77.34 -33.93 139.28
N ALA T 115 77.29 -34.08 137.96
CA ALA T 115 78.15 -35.03 137.26
C ALA T 115 78.68 -34.35 136.01
N ALA T 116 80.00 -34.22 135.91
CA ALA T 116 80.61 -33.51 134.80
C ALA T 116 80.60 -34.28 133.50
N ALA T 117 80.36 -35.59 133.53
CA ALA T 117 80.23 -36.38 132.32
C ALA T 117 79.31 -37.55 132.62
N ALA T 118 78.18 -37.61 131.93
CA ALA T 118 77.26 -38.73 132.01
C ALA T 118 77.00 -39.20 130.59
N ALA T 119 77.58 -40.33 130.22
CA ALA T 119 77.39 -40.94 128.91
C ALA T 119 76.62 -42.23 129.10
N ALA T 120 75.30 -42.12 129.15
CA ALA T 120 74.44 -43.24 129.44
C ALA T 120 73.57 -43.58 128.24
N ALA T 121 72.66 -44.53 128.43
CA ALA T 121 71.75 -44.95 127.38
C ALA T 121 70.30 -44.64 127.71
N ALA T 122 69.90 -44.75 128.97
CA ALA T 122 68.54 -44.41 129.38
C ALA T 122 68.62 -43.94 130.83
N ALA T 123 68.66 -42.63 131.02
CA ALA T 123 68.79 -42.05 132.34
C ALA T 123 67.40 -41.66 132.84
N ALA T 124 66.91 -42.37 133.83
CA ALA T 124 65.62 -42.08 134.45
C ALA T 124 65.89 -41.35 135.75
N ALA T 125 65.51 -40.08 135.80
CA ALA T 125 65.72 -39.25 136.98
C ALA T 125 64.38 -38.89 137.57
N ALA T 126 64.10 -39.39 138.77
CA ALA T 126 62.88 -39.06 139.49
C ALA T 126 63.25 -38.14 140.65
N ALA T 127 62.52 -37.04 140.79
CA ALA T 127 62.85 -36.02 141.77
C ALA T 127 61.63 -35.69 142.62
N ALA T 128 61.87 -35.45 143.91
CA ALA T 128 60.79 -35.22 144.86
C ALA T 128 61.17 -34.10 145.83
N ALA T 129 60.65 -32.91 145.54
CA ALA T 129 60.34 -31.76 146.39
C ALA T 129 61.48 -30.88 146.86
N ALA T 130 62.76 -31.29 146.74
CA ALA T 130 63.79 -30.38 147.24
C ALA T 130 65.10 -30.32 146.45
N ALA T 131 65.38 -31.33 145.62
CA ALA T 131 66.72 -31.56 145.08
C ALA T 131 67.11 -30.56 144.00
N ALA T 132 68.36 -30.67 143.54
CA ALA T 132 68.90 -29.85 142.47
C ALA T 132 69.96 -30.67 141.74
N ALA T 133 69.55 -31.33 140.66
CA ALA T 133 70.46 -32.15 139.89
C ALA T 133 70.98 -31.37 138.68
N ALA T 134 72.29 -31.43 138.47
CA ALA T 134 72.92 -30.75 137.33
C ALA T 134 73.89 -31.73 136.68
N ALA T 135 73.37 -32.55 135.75
CA ALA T 135 74.14 -33.60 135.11
C ALA T 135 74.14 -33.35 133.62
N ALA T 136 75.33 -33.24 133.02
CA ALA T 136 75.36 -32.81 131.62
C ALA T 136 76.58 -33.37 130.88
N ALA T 137 76.42 -34.52 130.23
CA ALA T 137 77.16 -34.68 128.98
C ALA T 137 76.29 -35.07 127.78
N ALA T 138 75.81 -36.31 127.77
CA ALA T 138 75.16 -36.89 126.59
C ALA T 138 74.39 -38.14 127.00
N ALA T 139 73.07 -38.07 126.97
CA ALA T 139 72.27 -39.26 127.19
C ALA T 139 71.72 -39.72 125.86
N ALA T 140 70.99 -40.84 125.87
CA ALA T 140 70.29 -41.29 124.68
C ALA T 140 68.79 -41.43 124.87
N ALA T 141 68.32 -41.58 126.11
CA ALA T 141 66.89 -41.53 126.41
C ALA T 141 66.77 -41.03 127.84
N ALA T 142 66.42 -39.77 128.01
CA ALA T 142 66.26 -39.19 129.33
C ALA T 142 64.79 -39.19 129.70
N ALA T 143 64.51 -39.59 130.94
CA ALA T 143 63.15 -39.61 131.47
C ALA T 143 63.19 -38.86 132.79
N ALA T 144 62.89 -37.57 132.74
CA ALA T 144 62.95 -36.71 133.92
C ALA T 144 61.55 -36.55 134.47
N ALA T 145 61.23 -37.37 135.47
CA ALA T 145 59.97 -37.23 136.18
C ALA T 145 60.24 -36.39 137.42
N ALA T 146 60.00 -35.10 137.33
CA ALA T 146 60.09 -34.22 138.48
C ALA T 146 58.70 -34.12 139.07
N ALA T 147 58.45 -34.90 140.14
CA ALA T 147 57.18 -34.91 140.84
C ALA T 147 57.20 -33.95 142.01
N ALA T 148 57.81 -32.80 141.81
CA ALA T 148 58.68 -32.12 142.74
C ALA T 148 58.36 -30.64 142.80
N ALA T 149 58.77 -30.01 143.89
CA ALA T 149 58.91 -28.55 143.94
C ALA T 149 60.36 -28.15 143.77
N ALA T 150 61.07 -28.85 142.88
CA ALA T 150 62.51 -28.86 142.85
C ALA T 150 62.99 -28.56 141.42
N ALA T 151 64.29 -28.58 141.23
CA ALA T 151 64.93 -28.13 140.00
C ALA T 151 65.78 -29.24 139.41
N ALA T 152 65.73 -29.37 138.09
CA ALA T 152 66.56 -30.32 137.34
C ALA T 152 67.16 -29.56 136.17
N ALA T 153 68.30 -28.93 136.41
CA ALA T 153 68.98 -28.16 135.39
C ALA T 153 69.85 -29.09 134.55
N ALA T 154 69.91 -28.83 133.25
CA ALA T 154 70.69 -29.69 132.37
C ALA T 154 71.16 -28.94 131.15
N ALA T 155 72.40 -29.21 130.78
CA ALA T 155 72.89 -28.98 129.43
C ALA T 155 73.25 -30.32 128.81
N ALA T 156 72.55 -31.37 129.25
CA ALA T 156 72.79 -32.74 128.78
C ALA T 156 72.16 -32.89 127.41
N ALA T 157 73.00 -33.08 126.38
CA ALA T 157 72.50 -33.19 125.02
C ALA T 157 71.97 -34.60 124.83
N ALA T 158 70.72 -34.80 125.21
CA ALA T 158 70.07 -36.10 125.06
C ALA T 158 69.47 -36.25 123.67
N ALA T 159 69.54 -37.46 123.15
CA ALA T 159 68.96 -37.74 121.84
C ALA T 159 67.44 -37.80 121.90
N ALA T 160 66.89 -38.37 122.96
CA ALA T 160 65.45 -38.34 123.19
C ALA T 160 65.22 -37.94 124.63
N ALA T 161 64.22 -37.09 124.85
CA ALA T 161 63.93 -36.57 126.17
C ALA T 161 62.45 -36.67 126.46
N ALA T 162 62.13 -37.03 127.70
CA ALA T 162 60.75 -37.14 128.16
C ALA T 162 60.71 -36.56 129.57
N ALA T 163 60.32 -35.29 129.68
CA ALA T 163 60.36 -34.57 130.94
C ALA T 163 58.94 -34.19 131.34
N ALA T 164 58.52 -34.65 132.51
CA ALA T 164 57.22 -34.30 133.06
C ALA T 164 57.42 -33.66 134.42
N ALA T 165 56.95 -32.42 134.56
CA ALA T 165 57.07 -31.66 135.79
C ALA T 165 55.68 -31.52 136.40
N ALA T 166 55.56 -31.81 137.70
CA ALA T 166 54.23 -32.04 138.27
C ALA T 166 53.68 -30.89 139.11
N ALA T 167 54.48 -30.26 140.00
CA ALA T 167 53.91 -29.20 140.86
C ALA T 167 54.99 -28.18 141.21
N ALA T 168 55.09 -27.13 140.40
CA ALA T 168 56.06 -26.02 140.51
C ALA T 168 57.51 -26.51 140.57
N ALA T 169 57.84 -27.45 139.70
CA ALA T 169 59.22 -27.82 139.43
C ALA T 169 59.81 -26.89 138.40
N ALA T 170 61.10 -27.05 138.12
CA ALA T 170 61.76 -26.26 137.10
C ALA T 170 62.84 -27.12 136.45
N ALA T 171 62.65 -27.47 135.18
CA ALA T 171 63.55 -28.38 134.49
C ALA T 171 64.10 -27.71 133.25
N ALA T 172 65.42 -27.75 133.10
CA ALA T 172 66.10 -27.17 131.95
C ALA T 172 66.65 -28.32 131.12
N ALA T 173 66.05 -28.55 129.95
CA ALA T 173 66.37 -29.68 129.10
C ALA T 173 67.04 -29.23 127.82
N ALA T 174 67.62 -30.19 127.11
CA ALA T 174 68.23 -29.94 125.80
C ALA T 174 68.15 -31.25 125.01
N ALA T 175 67.30 -31.26 123.99
CA ALA T 175 67.03 -32.47 123.24
C ALA T 175 67.62 -32.38 121.84
N ALA T 176 68.29 -33.45 121.42
CA ALA T 176 68.88 -33.45 120.09
C ALA T 176 67.84 -33.82 119.03
N ALA T 177 67.26 -35.01 119.13
CA ALA T 177 66.35 -35.48 118.10
C ALA T 177 64.90 -35.48 118.53
N ALA T 178 64.61 -35.77 119.79
CA ALA T 178 63.24 -35.98 120.23
C ALA T 178 63.01 -35.22 121.53
N ALA T 179 62.06 -34.29 121.53
CA ALA T 179 61.69 -33.55 122.73
C ALA T 179 60.27 -33.91 123.12
N ALA T 180 60.10 -34.32 124.37
CA ALA T 180 58.81 -34.73 124.90
C ALA T 180 58.62 -34.01 126.22
N ALA T 181 57.61 -33.16 126.33
CA ALA T 181 57.49 -32.36 127.52
C ALA T 181 56.04 -32.32 127.99
N ALA T 182 55.83 -32.53 129.27
CA ALA T 182 54.55 -32.26 129.91
C ALA T 182 54.80 -31.45 131.16
N ALA T 183 54.07 -30.37 131.32
CA ALA T 183 54.24 -29.51 132.48
C ALA T 183 52.93 -29.35 133.20
N ALA T 184 52.98 -29.19 134.52
CA ALA T 184 51.80 -28.93 135.32
C ALA T 184 52.19 -27.96 136.43
N ALA T 185 51.68 -26.72 136.32
CA ALA T 185 51.91 -25.59 137.25
C ALA T 185 53.40 -25.23 137.43
N ALA T 186 54.22 -25.51 136.41
CA ALA T 186 55.66 -25.58 136.58
C ALA T 186 56.32 -24.97 135.36
N ALA T 187 57.63 -25.19 135.22
CA ALA T 187 58.40 -24.60 134.15
C ALA T 187 59.31 -25.64 133.51
N ALA T 188 59.29 -25.72 132.19
CA ALA T 188 60.20 -26.57 131.43
C ALA T 188 60.86 -25.71 130.36
N ALA T 189 62.17 -25.51 130.48
CA ALA T 189 62.91 -24.61 129.61
C ALA T 189 63.72 -25.43 128.62
N ALA T 190 63.41 -25.26 127.33
CA ALA T 190 64.07 -26.00 126.26
C ALA T 190 65.24 -25.17 125.75
N ALA T 191 66.46 -25.60 126.05
CA ALA T 191 67.63 -24.84 125.67
C ALA T 191 68.19 -25.21 124.31
N ALA T 192 67.59 -26.18 123.62
CA ALA T 192 67.99 -26.51 122.25
C ALA T 192 66.76 -27.00 121.50
N ALA T 193 66.61 -26.54 120.26
CA ALA T 193 65.48 -26.94 119.45
C ALA T 193 65.74 -28.33 118.89
N ALA T 194 64.84 -29.26 119.18
CA ALA T 194 65.02 -30.63 118.78
C ALA T 194 64.67 -30.82 117.31
N ALA T 195 64.96 -32.01 116.79
CA ALA T 195 64.56 -32.34 115.43
C ALA T 195 63.06 -32.55 115.35
N ALA T 196 62.45 -33.09 116.40
CA ALA T 196 61.00 -33.12 116.52
C ALA T 196 60.65 -32.85 117.96
N ALA T 197 59.83 -31.84 118.20
CA ALA T 197 59.49 -31.39 119.54
C ALA T 197 58.00 -31.50 119.77
N ALA T 198 57.61 -31.86 120.99
CA ALA T 198 56.21 -31.85 121.36
C ALA T 198 56.11 -31.56 122.85
N ALA T 199 55.32 -30.54 123.18
CA ALA T 199 55.19 -30.07 124.55
C ALA T 199 53.73 -29.83 124.84
N ALA T 200 53.28 -30.30 126.01
CA ALA T 200 51.91 -30.11 126.45
C ALA T 200 51.95 -29.46 127.82
N ALA T 201 51.17 -28.40 127.98
CA ALA T 201 51.11 -27.65 129.21
C ALA T 201 49.75 -27.86 129.85
N ALA T 202 49.76 -28.07 131.17
CA ALA T 202 48.57 -28.20 131.98
C ALA T 202 48.20 -26.83 132.55
N ALA T 203 47.41 -26.82 133.62
CA ALA T 203 46.98 -25.60 134.29
C ALA T 203 48.17 -24.83 134.88
N ALA T 204 48.31 -23.57 134.43
CA ALA T 204 49.32 -22.59 134.84
C ALA T 204 50.74 -23.09 134.61
N ALA T 205 50.94 -23.78 133.50
CA ALA T 205 52.17 -24.52 133.23
C ALA T 205 52.89 -23.94 132.03
N ALA T 206 54.21 -23.88 132.10
CA ALA T 206 55.00 -23.15 131.10
C ALA T 206 56.08 -24.03 130.49
N ALA T 207 55.85 -24.49 129.27
CA ALA T 207 56.91 -25.13 128.49
C ALA T 207 57.45 -24.11 127.51
N ALA T 208 58.22 -23.16 128.02
CA ALA T 208 58.74 -22.07 127.22
C ALA T 208 60.12 -22.47 126.70
N ALA T 209 60.29 -22.47 125.38
CA ALA T 209 61.56 -22.85 124.78
C ALA T 209 62.50 -21.67 124.87
N ALA T 210 63.18 -21.57 126.01
CA ALA T 210 64.00 -20.41 126.35
C ALA T 210 65.44 -20.58 125.86
N ALA T 211 65.59 -20.65 124.55
CA ALA T 211 66.90 -20.60 123.95
C ALA T 211 67.40 -19.16 123.91
N ALA T 212 68.71 -19.00 123.78
CA ALA T 212 69.31 -17.68 123.73
C ALA T 212 69.11 -17.10 122.33
N ALA T 213 68.27 -16.07 122.24
CA ALA T 213 68.19 -15.29 121.00
C ALA T 213 69.48 -14.53 120.80
N ALA T 214 69.79 -14.24 119.53
CA ALA T 214 71.13 -13.95 119.01
C ALA T 214 72.13 -15.02 119.42
N ALA T 215 71.93 -16.20 118.86
CA ALA T 215 73.03 -17.13 118.76
C ALA T 215 73.91 -16.77 117.55
N ALA T 216 74.93 -17.59 117.32
CA ALA T 216 75.72 -17.43 116.11
C ALA T 216 74.92 -17.84 114.89
N ALA T 217 74.28 -19.01 114.96
CA ALA T 217 73.30 -19.43 113.97
C ALA T 217 72.23 -20.21 114.72
N ALA T 218 71.21 -19.50 115.19
CA ALA T 218 70.07 -20.16 115.82
C ALA T 218 69.19 -20.74 114.73
N ALA T 219 69.03 -22.05 114.72
CA ALA T 219 68.21 -22.70 113.71
C ALA T 219 66.74 -22.44 114.01
N ALA T 220 65.99 -22.05 112.99
CA ALA T 220 64.59 -21.73 113.18
C ALA T 220 63.76 -22.99 113.28
N ALA T 221 62.53 -22.82 113.78
CA ALA T 221 61.59 -23.92 113.89
C ALA T 221 61.06 -24.26 112.51
N ALA T 222 61.38 -25.45 112.02
CA ALA T 222 61.02 -25.88 110.66
C ALA T 222 59.58 -26.36 110.63
N ALA T 223 59.17 -26.94 109.49
CA ALA T 223 57.80 -27.40 109.33
C ALA T 223 57.49 -28.64 110.15
N ALA T 224 58.50 -29.40 110.52
CA ALA T 224 58.30 -30.56 111.37
C ALA T 224 58.46 -30.24 112.85
N ALA T 225 58.86 -29.03 113.21
CA ALA T 225 59.11 -28.71 114.60
C ALA T 225 58.34 -27.50 115.10
N ALA T 226 57.53 -26.87 114.26
CA ALA T 226 56.82 -25.66 114.67
C ALA T 226 55.59 -26.08 115.45
N ALA T 227 55.74 -26.17 116.76
CA ALA T 227 54.60 -26.31 117.65
C ALA T 227 54.28 -24.96 118.27
N ALA T 228 53.06 -24.85 118.78
CA ALA T 228 52.59 -23.61 119.36
C ALA T 228 53.17 -23.37 120.75
N ALA U 1 91.06 -26.22 127.56
CA ALA U 1 90.70 -27.05 128.71
C ALA U 1 89.61 -28.04 128.33
N ALA U 2 89.82 -28.76 127.24
CA ALA U 2 88.85 -29.71 126.72
C ALA U 2 89.17 -31.12 127.19
N ALA U 3 88.47 -32.11 126.62
CA ALA U 3 88.75 -33.52 126.86
C ALA U 3 88.30 -34.26 125.60
N ALA U 4 89.26 -34.55 124.72
CA ALA U 4 88.92 -35.20 123.47
C ALA U 4 88.68 -36.69 123.68
N ALA U 5 88.01 -37.31 122.71
CA ALA U 5 87.81 -38.74 122.69
C ALA U 5 88.60 -39.33 121.54
N ALA U 6 88.82 -40.64 121.62
CA ALA U 6 89.69 -41.35 120.70
C ALA U 6 88.99 -41.77 119.41
N ALA U 7 87.71 -41.47 119.26
CA ALA U 7 86.94 -41.89 118.09
C ALA U 7 87.10 -40.87 116.97
N ALA U 8 86.26 -40.95 115.94
CA ALA U 8 86.27 -39.96 114.88
C ALA U 8 85.65 -38.67 115.36
N ALA U 9 86.50 -37.82 115.97
CA ALA U 9 86.29 -36.37 116.13
C ALA U 9 85.15 -36.00 117.07
N ALA U 10 85.16 -36.55 118.29
CA ALA U 10 84.28 -36.09 119.35
C ALA U 10 85.12 -35.57 120.52
N ALA U 11 84.60 -34.56 121.21
CA ALA U 11 85.35 -33.97 122.31
C ALA U 11 84.37 -33.37 123.32
N ALA U 12 84.44 -33.80 124.56
CA ALA U 12 83.75 -33.07 125.60
C ALA U 12 84.57 -31.85 126.00
N ALA U 13 83.91 -30.91 126.68
CA ALA U 13 84.60 -29.71 127.12
C ALA U 13 83.98 -29.25 128.43
N ALA U 14 84.83 -28.83 129.35
CA ALA U 14 84.40 -28.55 130.72
C ALA U 14 84.67 -27.11 131.10
N ALA U 15 84.34 -26.16 130.21
CA ALA U 15 84.29 -24.77 130.62
C ALA U 15 83.09 -24.52 131.53
N ALA U 16 81.89 -24.74 131.00
CA ALA U 16 80.74 -25.02 131.83
C ALA U 16 80.20 -26.42 131.55
N ALA U 17 79.78 -26.69 130.31
CA ALA U 17 79.30 -27.98 129.84
C ALA U 17 79.27 -28.01 128.32
N ALA U 18 79.98 -28.94 127.70
CA ALA U 18 79.87 -29.14 126.26
C ALA U 18 80.22 -30.58 125.91
N ALA U 19 79.55 -31.12 124.88
CA ALA U 19 79.98 -32.36 124.22
C ALA U 19 79.88 -32.12 122.72
N ALA U 20 80.93 -31.57 122.13
CA ALA U 20 80.91 -31.14 120.75
C ALA U 20 81.69 -32.11 119.87
N ALA U 21 81.76 -31.78 118.58
CA ALA U 21 82.43 -32.62 117.61
C ALA U 21 83.39 -31.80 116.78
N ALA U 22 84.58 -32.36 116.57
CA ALA U 22 85.62 -31.76 115.75
C ALA U 22 85.47 -32.25 114.32
N ALA U 23 86.50 -32.09 113.50
CA ALA U 23 86.59 -32.75 112.20
C ALA U 23 87.67 -33.81 112.13
N ALA U 24 88.81 -33.57 112.84
CA ALA U 24 89.99 -34.44 112.91
C ALA U 24 90.59 -34.76 111.54
N ALA U 25 90.56 -33.77 110.65
CA ALA U 25 91.25 -33.85 109.37
C ALA U 25 92.23 -32.72 109.14
N ALA U 26 91.95 -31.53 109.69
CA ALA U 26 92.91 -30.43 109.71
C ALA U 26 93.81 -30.46 110.93
N ALA U 27 93.43 -31.25 111.96
CA ALA U 27 94.21 -31.56 113.17
C ALA U 27 94.58 -30.31 113.99
N ALA U 28 93.55 -29.58 114.42
CA ALA U 28 93.74 -28.41 115.27
C ALA U 28 93.74 -28.86 116.72
N ALA U 29 94.80 -29.56 117.11
CA ALA U 29 94.97 -30.04 118.47
C ALA U 29 95.82 -29.06 119.28
N ALA U 30 95.32 -27.82 119.35
CA ALA U 30 96.03 -26.77 120.05
C ALA U 30 95.94 -26.92 121.56
N ALA U 31 94.86 -27.55 122.05
CA ALA U 31 94.49 -27.74 123.46
C ALA U 31 94.41 -26.41 124.22
N ALA U 32 93.96 -25.36 123.54
CA ALA U 32 93.93 -24.01 124.09
C ALA U 32 92.87 -23.24 123.32
N ALA U 33 91.82 -22.82 124.00
CA ALA U 33 90.64 -22.28 123.34
C ALA U 33 89.89 -21.39 124.31
N ALA U 34 88.83 -20.77 123.80
CA ALA U 34 87.86 -20.06 124.61
C ALA U 34 86.54 -20.80 124.43
N ALA U 35 86.33 -21.82 125.26
CA ALA U 35 85.12 -22.64 125.19
C ALA U 35 83.98 -21.95 125.92
N ALA U 36 82.82 -21.90 125.28
CA ALA U 36 81.67 -21.18 125.82
C ALA U 36 80.46 -22.09 125.81
N ALA U 37 79.44 -21.69 126.57
CA ALA U 37 78.14 -22.38 126.57
C ALA U 37 77.17 -21.75 125.58
N ALA U 38 77.63 -21.60 124.35
CA ALA U 38 76.83 -21.25 123.20
C ALA U 38 77.28 -22.04 121.99
N ALA U 39 77.83 -23.24 122.26
CA ALA U 39 78.38 -24.21 121.30
C ALA U 39 79.47 -23.60 120.43
N ALA U 40 80.56 -23.20 121.08
CA ALA U 40 81.66 -22.55 120.37
C ALA U 40 82.96 -22.90 121.08
N ALA U 41 83.70 -23.85 120.52
CA ALA U 41 85.06 -24.13 120.96
C ALA U 41 85.99 -23.38 120.01
N ALA U 42 86.26 -22.12 120.33
CA ALA U 42 87.04 -21.24 119.48
C ALA U 42 88.52 -21.47 119.76
N ALA U 43 89.14 -22.34 118.95
CA ALA U 43 90.51 -22.74 119.16
C ALA U 43 91.48 -21.73 118.54
N ALA U 44 92.76 -22.10 118.48
CA ALA U 44 93.76 -21.22 117.89
C ALA U 44 93.65 -21.21 116.37
N ALA U 45 93.34 -22.36 115.77
CA ALA U 45 93.22 -22.41 114.32
C ALA U 45 91.84 -21.94 113.87
N ALA U 46 90.79 -22.63 114.28
CA ALA U 46 89.43 -22.35 113.84
C ALA U 46 88.49 -22.51 115.03
N ALA U 47 87.20 -22.57 114.74
CA ALA U 47 86.16 -22.73 115.77
C ALA U 47 85.42 -24.04 115.56
N ALA U 48 85.05 -24.67 116.66
CA ALA U 48 84.36 -25.95 116.64
C ALA U 48 83.07 -25.84 117.42
N ALA U 49 82.06 -26.59 116.97
CA ALA U 49 80.74 -26.56 117.56
C ALA U 49 80.22 -27.98 117.71
N ALA U 50 79.05 -28.11 118.33
CA ALA U 50 78.34 -29.39 118.37
C ALA U 50 77.78 -29.66 116.99
N ALA U 51 78.42 -30.58 116.26
CA ALA U 51 78.10 -30.78 114.85
C ALA U 51 76.81 -31.56 114.68
N ALA U 52 76.12 -31.27 113.60
CA ALA U 52 74.86 -31.94 113.27
C ALA U 52 74.69 -32.05 111.77
N ALA V 1 24.48 2.50 104.29
CA ALA V 1 25.70 3.22 103.95
C ALA V 1 26.54 3.44 105.20
N ALA V 2 27.03 4.66 105.42
CA ALA V 2 27.75 4.98 106.64
C ALA V 2 26.75 5.09 107.77
N ALA V 3 26.48 3.98 108.45
CA ALA V 3 25.39 3.88 109.39
C ALA V 3 25.93 3.92 110.82
N ALA V 4 25.24 4.71 111.64
CA ALA V 4 25.26 4.77 113.10
C ALA V 4 26.50 5.40 113.71
N ALA V 5 27.57 5.65 112.94
CA ALA V 5 28.61 6.53 113.45
C ALA V 5 28.12 7.96 113.42
N ALA V 6 27.85 8.45 112.22
CA ALA V 6 27.01 9.60 111.94
C ALA V 6 26.55 9.43 110.50
N ALA V 7 26.05 10.49 109.90
CA ALA V 7 25.81 10.44 108.46
C ALA V 7 27.12 10.63 107.71
N ALA V 8 27.06 10.39 106.41
CA ALA V 8 28.23 10.50 105.55
C ALA V 8 28.57 11.96 105.33
N ALA V 9 29.77 12.37 105.74
CA ALA V 9 30.13 13.79 105.66
C ALA V 9 30.58 14.16 104.26
N ALA V 10 31.68 13.59 103.80
CA ALA V 10 32.20 13.87 102.48
C ALA V 10 32.22 12.57 101.69
N ALA V 11 32.80 12.62 100.50
CA ALA V 11 33.08 11.42 99.71
C ALA V 11 34.49 11.62 99.18
N ALA V 12 35.47 11.11 99.93
CA ALA V 12 36.86 11.34 99.59
C ALA V 12 37.25 10.53 98.38
N ALA V 13 37.64 11.22 97.31
CA ALA V 13 38.13 10.55 96.13
C ALA V 13 39.51 9.98 96.41
N ALA V 14 39.85 8.93 95.65
CA ALA V 14 40.90 7.94 95.90
C ALA V 14 40.76 7.27 97.27
N ALA V 15 39.52 7.08 97.71
CA ALA V 15 39.21 6.46 98.99
C ALA V 15 37.77 5.98 98.98
N ALA V 16 37.30 5.57 100.15
CA ALA V 16 35.92 5.22 100.41
C ALA V 16 35.16 6.47 100.86
N ALA V 17 33.91 6.32 101.27
CA ALA V 17 33.13 7.46 101.77
C ALA V 17 33.61 7.82 103.16
N ALA V 18 33.44 9.09 103.51
CA ALA V 18 33.94 9.61 104.76
C ALA V 18 32.75 9.94 105.65
N ALA V 19 32.51 9.11 106.65
CA ALA V 19 31.46 9.37 107.62
C ALA V 19 31.87 10.52 108.53
N ALA V 20 30.89 11.08 109.24
CA ALA V 20 31.16 12.22 110.10
C ALA V 20 31.59 11.82 111.52
N ALA V 21 32.06 10.59 111.70
CA ALA V 21 32.99 10.24 112.75
C ALA V 21 34.33 9.82 112.16
N ALA V 22 34.35 8.79 111.30
CA ALA V 22 35.58 8.19 110.79
C ALA V 22 35.45 7.85 109.31
N ALA V 23 36.35 7.03 108.78
CA ALA V 23 36.27 6.63 107.37
C ALA V 23 35.43 5.38 107.25
N ALA V 24 34.45 5.40 106.34
CA ALA V 24 33.48 4.33 106.28
C ALA V 24 34.02 3.14 105.50
N ALA V 25 33.21 2.09 105.44
CA ALA V 25 33.56 0.90 104.68
C ALA V 25 32.82 0.83 103.35
N ALA V 26 32.08 1.86 102.99
CA ALA V 26 31.35 1.88 101.74
C ALA V 26 32.14 2.68 100.72
N ALA V 27 32.34 2.11 99.54
CA ALA V 27 33.22 2.68 98.54
C ALA V 27 32.58 3.89 97.87
N ALA V 28 33.33 4.98 97.77
CA ALA V 28 32.79 6.23 97.23
C ALA V 28 32.79 6.22 95.71
N ALA V 29 33.96 6.10 95.11
CA ALA V 29 34.12 6.19 93.66
C ALA V 29 34.21 4.80 93.06
N ALA V 30 34.33 4.76 91.72
CA ALA V 30 34.59 3.50 91.05
C ALA V 30 36.03 3.07 91.22
N ALA V 31 36.93 4.01 91.45
CA ALA V 31 38.36 3.78 91.39
C ALA V 31 38.98 3.61 92.77
N ALA V 32 38.23 3.09 93.73
CA ALA V 32 38.79 2.76 95.03
C ALA V 32 39.31 1.33 95.01
N ALA V 33 39.87 0.87 96.12
CA ALA V 33 40.50 -0.45 96.15
C ALA V 33 39.51 -1.53 96.57
N ALA V 34 38.45 -1.67 95.79
CA ALA V 34 37.42 -2.68 96.03
C ALA V 34 37.96 -4.04 95.63
N ALA V 35 37.78 -5.05 96.48
CA ALA V 35 38.42 -6.35 96.31
C ALA V 35 37.70 -7.18 95.25
N ALA V 36 37.93 -6.81 94.00
CA ALA V 36 37.52 -7.67 92.91
C ALA V 36 38.49 -8.85 92.86
N ALA V 37 37.95 -10.06 92.85
CA ALA V 37 38.76 -11.24 92.60
C ALA V 37 38.05 -12.22 91.70
N ALA V 38 36.78 -12.01 91.39
CA ALA V 38 36.04 -12.85 90.45
C ALA V 38 35.44 -11.95 89.39
N ALA V 39 36.04 -11.95 88.21
CA ALA V 39 35.49 -11.19 87.10
C ALA V 39 34.34 -11.95 86.45
N ALA V 40 33.62 -11.28 85.56
CA ALA V 40 32.54 -11.91 84.81
C ALA V 40 32.59 -11.34 83.41
N ALA V 41 33.31 -12.01 82.52
CA ALA V 41 33.47 -11.53 81.15
C ALA V 41 33.81 -12.69 80.23
N ALA V 42 33.41 -12.56 78.98
CA ALA V 42 33.85 -13.48 77.96
C ALA V 42 35.28 -13.15 77.58
N ALA V 43 36.13 -14.18 77.58
CA ALA V 43 37.56 -14.16 77.24
C ALA V 43 38.35 -13.20 78.12
N ALA V 44 37.98 -13.09 79.40
CA ALA V 44 38.83 -12.41 80.35
C ALA V 44 40.04 -13.26 80.64
N ALA V 45 41.18 -12.58 80.81
CA ALA V 45 42.55 -13.03 81.14
C ALA V 45 43.26 -13.70 79.97
N ALA V 46 42.55 -13.93 78.87
CA ALA V 46 43.09 -13.76 77.54
C ALA V 46 42.65 -12.36 77.11
N ALA V 47 42.87 -12.00 75.85
CA ALA V 47 42.40 -10.69 75.41
C ALA V 47 40.89 -10.75 75.15
N ALA V 48 40.28 -9.59 74.98
CA ALA V 48 38.83 -9.41 75.00
C ALA V 48 38.16 -10.00 73.75
N ALA V 49 36.83 -9.92 73.73
CA ALA V 49 36.05 -10.51 72.64
C ALA V 49 36.17 -9.64 71.40
N ALA V 50 36.71 -10.22 70.33
CA ALA V 50 36.89 -9.50 69.06
C ALA V 50 35.52 -9.31 68.42
N ALA V 51 35.00 -8.08 68.51
CA ALA V 51 33.59 -7.80 68.33
C ALA V 51 33.11 -7.88 66.89
N ALA V 52 34.01 -7.94 65.91
CA ALA V 52 33.62 -7.89 64.51
C ALA V 52 33.03 -9.20 64.00
N ALA V 53 33.17 -10.30 64.74
CA ALA V 53 32.69 -11.58 64.27
C ALA V 53 31.18 -11.69 64.40
N ALA V 54 30.56 -12.38 63.44
CA ALA V 54 29.14 -12.74 63.50
C ALA V 54 29.05 -14.18 63.00
N ALA V 55 29.21 -15.12 63.91
CA ALA V 55 29.21 -16.54 63.59
C ALA V 55 28.73 -17.28 64.83
N ALA V 56 28.98 -18.59 64.87
CA ALA V 56 28.59 -19.36 66.05
C ALA V 56 29.55 -19.13 67.21
N ALA V 57 30.85 -19.30 66.98
CA ALA V 57 31.84 -19.24 68.03
C ALA V 57 32.14 -17.80 68.42
N ALA V 58 32.77 -17.65 69.59
CA ALA V 58 33.20 -16.35 70.09
C ALA V 58 34.73 -16.35 70.12
N ALA V 59 35.33 -15.50 69.30
CA ALA V 59 36.77 -15.45 69.19
C ALA V 59 37.33 -14.31 70.03
N ALA V 60 38.40 -14.60 70.76
CA ALA V 60 39.05 -13.57 71.54
C ALA V 60 39.92 -12.70 70.64
N ALA V 61 40.35 -11.55 71.17
CA ALA V 61 41.27 -10.69 70.43
C ALA V 61 42.69 -11.22 70.42
N ALA V 62 43.02 -12.21 71.25
CA ALA V 62 44.25 -12.96 71.15
C ALA V 62 44.09 -14.23 70.33
N ALA V 63 43.01 -14.29 69.53
CA ALA V 63 42.68 -15.36 68.57
C ALA V 63 42.52 -16.73 69.22
N ALA V 64 42.00 -16.74 70.44
CA ALA V 64 41.52 -17.98 71.04
C ALA V 64 40.02 -18.01 70.90
N ALA V 65 39.47 -19.21 70.76
CA ALA V 65 38.03 -19.38 70.69
C ALA V 65 37.51 -19.63 72.09
N ALA V 66 36.64 -18.75 72.56
CA ALA V 66 36.06 -18.88 73.89
C ALA V 66 35.01 -19.95 73.83
N ALA V 67 35.44 -21.19 74.03
CA ALA V 67 34.53 -22.33 73.93
C ALA V 67 33.63 -22.46 75.15
N ALA V 68 33.97 -21.80 76.25
CA ALA V 68 33.10 -21.70 77.41
C ALA V 68 32.04 -20.63 77.27
N ALA V 69 32.05 -19.85 76.19
CA ALA V 69 31.01 -18.85 75.99
C ALA V 69 30.45 -18.87 74.57
N ALA V 70 30.65 -19.94 73.81
CA ALA V 70 30.13 -20.02 72.47
C ALA V 70 28.83 -20.83 72.43
N LYS W 24 27.72 -51.52 112.01
CA LYS W 24 28.05 -50.28 111.31
C LYS W 24 29.51 -50.28 110.87
N PHE W 25 29.75 -50.03 109.60
CA PHE W 25 31.09 -50.05 109.02
C PHE W 25 31.45 -48.68 108.50
N LYS W 26 32.66 -48.23 108.81
CA LYS W 26 33.11 -46.91 108.43
C LYS W 26 34.62 -46.91 108.24
N LYS W 27 35.07 -46.42 107.10
CA LYS W 27 36.46 -46.05 106.89
C LYS W 27 36.73 -44.74 107.62
N PRO W 28 37.98 -44.48 108.04
CA PRO W 28 38.25 -43.32 108.92
C PRO W 28 38.05 -41.94 108.27
N PRO W 29 38.72 -41.54 107.14
CA PRO W 29 38.60 -40.13 106.78
C PRO W 29 37.33 -39.81 106.00
N ILE W 30 36.34 -39.28 106.70
CA ILE W 30 35.11 -38.82 106.06
C ILE W 30 35.23 -37.31 106.04
N ASN W 31 35.80 -36.80 104.97
CA ASN W 31 36.10 -35.38 104.83
C ASN W 31 34.88 -34.68 104.24
N ASN W 32 35.08 -33.47 103.76
CA ASN W 32 34.04 -32.74 103.07
C ASN W 32 33.80 -33.31 101.67
N PRO W 33 32.67 -32.97 101.05
CA PRO W 33 32.56 -33.26 99.62
C PRO W 33 33.45 -32.33 98.82
N SER W 34 34.39 -32.91 98.09
CA SER W 34 35.18 -32.17 97.12
C SER W 34 34.53 -32.27 95.75
N ASP W 35 34.94 -31.38 94.86
CA ASP W 35 34.46 -31.48 93.49
C ASP W 35 35.58 -31.87 92.54
N ASP W 36 35.19 -32.14 91.31
CA ASP W 36 36.12 -32.68 90.33
C ASP W 36 37.10 -31.64 89.82
N ALA W 37 36.78 -30.36 90.00
CA ALA W 37 37.71 -29.26 89.75
C ALA W 37 38.97 -29.41 90.59
N THR W 38 38.82 -29.45 91.91
CA THR W 38 39.98 -29.66 92.77
C THR W 38 40.52 -31.06 92.72
N ILE W 39 39.72 -32.05 92.28
CA ILE W 39 40.25 -33.40 92.11
C ILE W 39 41.27 -33.45 90.97
N LYS W 40 40.92 -32.88 89.82
CA LYS W 40 41.88 -32.91 88.73
C LYS W 40 42.96 -31.83 88.87
N LEU W 41 42.68 -30.77 89.62
CA LEU W 41 43.74 -29.83 90.00
C LEU W 41 44.76 -30.48 90.92
N ALA W 42 44.29 -31.31 91.85
CA ALA W 42 45.17 -31.99 92.78
C ALA W 42 46.00 -33.05 92.09
N GLU W 43 45.39 -33.84 91.22
CA GLU W 43 46.18 -34.87 90.57
C GLU W 43 46.93 -34.38 89.35
N ALA W 44 46.78 -33.10 88.98
CA ALA W 44 47.82 -32.49 88.16
C ALA W 44 48.95 -31.95 89.01
N ALA W 45 48.58 -31.38 90.17
CA ALA W 45 49.51 -30.67 91.03
C ALA W 45 50.52 -31.61 91.65
N VAL W 46 50.14 -32.86 91.87
CA VAL W 46 51.10 -33.81 92.42
C VAL W 46 52.13 -34.24 91.40
N SER W 47 51.79 -34.32 90.11
CA SER W 47 52.81 -34.64 89.13
C SER W 47 53.66 -33.44 88.78
N VAL W 48 53.09 -32.24 88.90
CA VAL W 48 53.88 -31.01 88.84
C VAL W 48 54.90 -30.98 89.96
N SER W 49 54.46 -31.35 91.17
CA SER W 49 55.34 -31.40 92.34
C SER W 49 56.37 -32.51 92.23
N ASP W 50 55.98 -33.62 91.60
CA ASP W 50 56.90 -34.74 91.40
C ASP W 50 58.02 -34.39 90.43
N SER W 51 57.66 -33.76 89.29
CA SER W 51 58.64 -33.32 88.31
C SER W 51 59.53 -32.22 88.86
N MET W 52 58.94 -31.38 89.71
CA MET W 52 59.63 -30.32 90.39
C MET W 52 60.66 -30.83 91.38
N LEU W 53 60.32 -31.84 92.17
CA LEU W 53 61.25 -32.36 93.15
C LEU W 53 62.36 -33.17 92.52
N GLU W 54 62.08 -33.86 91.39
CA GLU W 54 63.19 -34.58 90.78
C GLU W 54 64.10 -33.62 90.03
N MET W 55 63.59 -32.47 89.58
CA MET W 55 64.47 -31.49 88.96
C MET W 55 65.35 -30.83 90.01
N ALA W 56 64.80 -30.59 91.21
CA ALA W 56 65.63 -30.08 92.30
C ALA W 56 66.65 -31.09 92.78
N LYS W 57 66.31 -32.38 92.68
CA LYS W 57 67.23 -33.47 92.97
C LYS W 57 68.42 -33.49 92.01
N VAL W 58 68.16 -33.44 90.69
CA VAL W 58 69.24 -33.51 89.69
C VAL W 58 70.06 -32.23 89.72
N GLU W 59 69.45 -31.12 90.07
CA GLU W 59 70.16 -29.86 90.06
C GLU W 59 71.08 -29.71 91.27
N LYS W 60 70.59 -30.11 92.44
CA LYS W 60 71.44 -30.07 93.61
C LYS W 60 72.46 -31.20 93.64
N VAL W 61 72.35 -32.22 92.80
CA VAL W 61 73.47 -33.15 92.72
C VAL W 61 74.44 -32.75 91.59
N ILE W 62 73.99 -32.00 90.58
CA ILE W 62 74.90 -31.67 89.50
C ILE W 62 75.78 -30.47 89.85
N THR W 63 75.28 -29.50 90.63
CA THR W 63 76.19 -28.58 91.28
C THR W 63 75.86 -28.68 92.76
N PRO W 64 76.83 -29.00 93.60
CA PRO W 64 76.57 -29.01 95.02
C PRO W 64 76.48 -27.59 95.54
N PRO W 65 75.49 -27.28 96.38
CA PRO W 65 75.46 -25.95 96.99
C PRO W 65 76.50 -25.86 98.08
N SER W 66 77.56 -25.10 97.79
CA SER W 66 78.68 -25.00 98.70
C SER W 66 78.36 -24.11 99.89
N LYS W 67 77.39 -23.22 99.74
CA LYS W 67 77.33 -22.06 100.59
C LYS W 67 75.89 -21.69 100.89
N ASP W 68 75.66 -21.21 102.10
CA ASP W 68 74.37 -20.78 102.63
C ASP W 68 74.01 -19.37 102.12
N ASN W 69 73.10 -18.71 102.81
CA ASN W 69 73.09 -17.25 102.81
C ASN W 69 73.00 -16.71 104.23
N THR W 70 73.27 -17.55 105.22
CA THR W 70 73.22 -17.15 106.61
C THR W 70 74.46 -16.40 107.05
N LEU W 71 75.54 -16.45 106.27
CA LEU W 71 76.64 -15.56 106.57
C LEU W 71 76.42 -14.16 106.04
N THR W 72 75.67 -13.99 104.95
CA THR W 72 75.40 -12.66 104.47
C THR W 72 74.09 -12.09 104.98
N ILE W 73 73.21 -12.93 105.53
CA ILE W 73 72.13 -12.46 106.39
C ILE W 73 72.36 -13.17 107.70
N PRO W 74 73.11 -12.60 108.64
CA PRO W 74 73.22 -13.26 109.93
C PRO W 74 72.16 -12.76 110.88
N ASN W 75 71.85 -13.60 111.86
CA ASN W 75 70.71 -13.26 112.70
C ASN W 75 71.11 -12.27 113.78
N ALA W 76 70.10 -11.66 114.39
CA ALA W 76 70.37 -10.71 115.44
C ALA W 76 69.26 -10.77 116.46
N TYR W 77 69.62 -10.42 117.67
CA TYR W 77 68.65 -9.92 118.62
C TYR W 77 68.03 -8.69 118.00
N ASN W 78 66.70 -8.66 118.07
CA ASN W 78 65.66 -7.81 117.48
C ASN W 78 65.56 -8.02 115.96
N LEU W 79 66.19 -9.07 115.45
CA LEU W 79 65.77 -9.78 114.25
C LEU W 79 65.15 -11.12 114.61
N GLN W 80 65.26 -11.56 115.87
CA GLN W 80 64.60 -12.77 116.35
C GLN W 80 63.14 -12.60 116.71
N ALA W 81 62.53 -11.49 116.34
CA ALA W 81 61.08 -11.42 116.27
C ALA W 81 60.58 -12.30 115.14
N ARG W 82 59.29 -12.61 115.17
CA ARG W 82 58.76 -13.53 114.20
C ARG W 82 57.74 -12.82 113.32
N ALA W 83 57.52 -13.38 112.15
CA ALA W 83 56.57 -12.79 111.23
C ALA W 83 55.84 -13.90 110.53
N SER W 84 54.78 -13.53 109.83
CA SER W 84 53.90 -14.49 109.20
C SER W 84 53.42 -13.75 107.97
N VAL W 85 53.69 -14.27 106.76
CA VAL W 85 53.62 -13.46 105.54
C VAL W 85 52.85 -14.22 104.47
N ASP W 86 51.83 -13.59 103.86
CA ASP W 86 51.57 -13.90 102.46
C ASP W 86 51.69 -12.58 101.70
N TRP W 87 52.26 -12.66 100.51
CA TRP W 87 52.70 -11.48 99.79
C TRP W 87 52.94 -11.89 98.35
N SER W 88 52.60 -11.01 97.43
CA SER W 88 52.79 -11.31 96.03
C SER W 88 53.34 -10.16 95.22
N GLY W 89 53.68 -9.05 95.83
CA GLY W 89 54.09 -7.90 95.09
C GLY W 89 55.58 -7.79 94.89
N PRO W 90 56.08 -6.59 94.68
CA PRO W 90 57.52 -6.40 94.52
C PRO W 90 58.23 -6.50 95.86
N ILE W 91 59.56 -6.54 95.77
CA ILE W 91 60.36 -6.89 96.93
C ILE W 91 60.56 -5.69 97.85
N GLU W 92 60.32 -4.47 97.33
CA GLU W 92 60.72 -3.23 97.99
C GLU W 92 59.89 -2.95 99.21
N GLU W 93 58.57 -3.02 99.03
CA GLU W 93 57.62 -2.73 100.09
C GLU W 93 57.68 -3.78 101.18
N LEU W 94 57.93 -5.04 100.80
CA LEU W 94 58.00 -6.10 101.78
C LEU W 94 59.25 -5.98 102.62
N THR W 95 60.42 -5.73 102.00
CA THR W 95 61.66 -5.65 102.74
C THR W 95 61.74 -4.39 103.59
N ALA W 96 61.10 -3.31 103.11
CA ALA W 96 60.93 -2.10 103.91
C ALA W 96 60.05 -2.34 105.13
N ARG W 97 59.00 -3.15 104.97
CA ARG W 97 58.15 -3.45 106.12
C ARG W 97 58.80 -4.38 107.13
N ILE W 98 59.60 -5.35 106.66
CA ILE W 98 60.35 -6.23 107.55
C ILE W 98 61.39 -5.44 108.32
N ALA W 99 62.10 -4.53 107.65
CA ALA W 99 63.13 -3.75 108.32
C ALA W 99 62.56 -2.70 109.27
N LYS W 100 61.39 -2.14 108.93
CA LYS W 100 60.66 -1.23 109.81
C LYS W 100 60.23 -1.94 111.08
N ALA W 101 59.72 -3.16 110.98
CA ALA W 101 59.36 -3.87 112.19
C ALA W 101 60.52 -4.64 112.79
N ALA W 102 61.68 -4.63 112.16
CA ALA W 102 62.91 -5.12 112.75
C ALA W 102 63.67 -4.02 113.46
N HIS W 103 63.23 -2.76 113.30
CA HIS W 103 63.92 -1.52 113.70
C HIS W 103 65.31 -1.46 113.06
N PHE W 104 65.37 -1.86 111.81
CA PHE W 104 66.58 -1.78 111.01
C PHE W 104 66.33 -0.73 109.96
N ARG W 105 67.30 0.14 109.76
CA ARG W 105 67.18 1.07 108.66
C ARG W 105 67.39 0.33 107.35
N PHE W 106 66.61 0.71 106.35
CA PHE W 106 66.55 -0.03 105.10
C PHE W 106 67.07 0.83 103.97
N ARG W 107 67.98 0.28 103.20
CA ARG W 107 68.40 0.93 101.97
C ARG W 107 68.45 -0.04 100.81
N VAL W 108 68.59 0.53 99.63
CA VAL W 108 68.84 -0.22 98.43
C VAL W 108 70.14 0.25 97.83
N LEU W 109 70.81 -0.68 97.18
CA LEU W 109 71.96 -0.39 96.33
C LEU W 109 71.57 -0.80 94.93
N GLY W 110 71.82 0.07 93.97
CA GLY W 110 71.46 -0.24 92.62
C GLY W 110 70.06 0.21 92.29
N LYS W 111 69.84 0.64 91.05
CA LYS W 111 68.52 1.07 90.66
C LYS W 111 67.64 -0.14 90.39
N SER W 112 66.38 0.02 90.63
CA SER W 112 65.45 -1.07 90.40
C SER W 112 65.17 -1.21 88.91
N PRO W 113 65.05 -2.42 88.40
CA PRO W 113 64.73 -2.61 86.98
C PRO W 113 63.27 -2.29 86.72
N SER W 114 63.00 -2.07 85.43
CA SER W 114 61.69 -1.63 84.98
C SER W 114 60.66 -2.74 85.07
N VAL W 115 61.03 -3.94 84.64
CA VAL W 115 60.31 -5.11 85.11
C VAL W 115 60.51 -5.25 86.62
N PRO W 116 59.46 -5.48 87.37
CA PRO W 116 59.63 -5.63 88.81
C PRO W 116 60.15 -7.02 89.10
N VAL W 117 61.09 -7.07 90.03
CA VAL W 117 61.41 -8.33 90.68
C VAL W 117 60.31 -8.66 91.69
N LEU W 118 59.51 -9.64 91.30
CA LEU W 118 58.32 -9.99 92.06
C LEU W 118 58.62 -11.23 92.86
N ILE W 119 58.38 -11.16 94.16
CA ILE W 119 58.40 -12.32 95.00
C ILE W 119 56.99 -12.55 95.48
N SER W 120 56.76 -13.72 96.03
CA SER W 120 55.45 -14.09 96.56
C SER W 120 55.71 -15.05 97.71
N ILE W 121 55.83 -14.49 98.90
CA ILE W 121 56.13 -15.25 100.10
C ILE W 121 54.80 -15.63 100.73
N SER W 122 54.54 -16.91 100.91
CA SER W 122 53.38 -17.32 101.70
C SER W 122 53.83 -18.38 102.68
N THR W 123 54.37 -17.94 103.81
CA THR W 123 54.89 -18.84 104.84
C THR W 123 54.41 -18.40 106.21
N LYS W 124 54.69 -19.28 107.18
CA LYS W 124 53.95 -19.38 108.43
C LYS W 124 54.90 -19.53 109.61
N ASP W 125 54.99 -18.47 110.42
CA ASP W 125 55.67 -18.38 111.72
C ASP W 125 57.14 -18.77 111.56
N GLU W 126 57.86 -17.92 110.87
CA GLU W 126 59.29 -18.01 110.94
C GLU W 126 59.82 -16.62 111.22
N SER W 127 61.02 -16.59 111.76
CA SER W 127 61.61 -15.36 112.22
C SER W 127 62.03 -14.52 111.03
N LEU W 128 62.14 -13.21 111.28
CA LEU W 128 62.48 -12.21 110.26
C LEU W 128 63.78 -12.46 109.54
N ALA W 129 64.77 -13.09 110.18
CA ALA W 129 66.02 -13.42 109.50
C ALA W 129 65.83 -14.51 108.44
N GLU W 130 65.05 -15.55 108.74
CA GLU W 130 64.74 -16.53 107.71
C GLU W 130 63.72 -16.05 106.69
N ILE W 131 62.88 -15.06 107.05
CA ILE W 131 62.04 -14.35 106.08
C ILE W 131 62.90 -13.66 105.03
N LEU W 132 63.93 -12.92 105.45
CA LEU W 132 64.83 -12.28 104.50
C LEU W 132 65.72 -13.26 103.77
N ARG W 133 66.02 -14.41 104.37
CA ARG W 133 66.78 -15.43 103.65
C ARG W 133 65.94 -16.06 102.54
N ASP W 134 64.66 -16.28 102.79
CA ASP W 134 63.80 -16.81 101.74
C ASP W 134 63.45 -15.77 100.69
N ILE W 135 63.40 -14.50 101.08
CA ILE W 135 63.21 -13.41 100.12
C ILE W 135 64.43 -13.28 99.21
N ASP W 136 65.63 -13.40 99.79
CA ASP W 136 66.91 -13.47 99.07
C ASP W 136 66.94 -14.65 98.11
N TYR W 137 66.40 -15.78 98.52
CA TYR W 137 66.41 -16.94 97.64
C TYR W 137 65.41 -16.80 96.50
N GLN W 138 64.21 -16.28 96.78
CA GLN W 138 63.20 -16.20 95.74
C GLN W 138 63.50 -15.10 94.75
N ALA W 139 64.22 -14.08 95.17
CA ALA W 139 64.82 -13.16 94.22
C ALA W 139 66.23 -13.64 93.89
N GLY W 140 66.29 -14.76 93.16
CA GLY W 140 67.57 -15.31 92.77
C GLY W 140 68.10 -14.60 91.55
N LYS W 141 69.34 -14.10 91.65
CA LYS W 141 70.11 -13.42 90.60
C LYS W 141 69.45 -12.15 90.08
N LYS W 142 68.56 -11.55 90.84
CA LYS W 142 67.89 -10.33 90.44
C LYS W 142 68.09 -9.34 91.56
N ALA W 143 68.16 -9.85 92.78
CA ALA W 143 68.45 -9.04 93.94
C ALA W 143 69.14 -9.90 94.96
N SER W 144 69.56 -9.26 96.05
CA SER W 144 70.07 -9.99 97.20
C SER W 144 69.85 -9.14 98.44
N ILE W 145 69.45 -9.78 99.52
CA ILE W 145 69.30 -9.12 100.81
C ILE W 145 70.61 -9.27 101.56
N HIS W 146 71.14 -8.16 102.07
CA HIS W 146 72.26 -8.23 102.99
C HIS W 146 71.84 -7.56 104.29
N VAL W 147 72.30 -8.09 105.41
CA VAL W 147 71.97 -7.55 106.72
C VAL W 147 73.29 -7.30 107.43
N TYR W 148 73.49 -6.09 107.92
CA TYR W 148 74.71 -5.82 108.68
C TYR W 148 74.33 -5.63 110.13
N PRO W 149 74.64 -6.58 111.04
CA PRO W 149 73.98 -6.57 112.35
C PRO W 149 74.75 -5.90 113.48
N ASN W 150 76.01 -5.53 113.30
CA ASN W 150 76.60 -4.62 114.27
C ASN W 150 76.18 -3.18 114.02
N SER W 151 75.86 -2.88 112.77
CA SER W 151 75.03 -1.72 112.44
C SER W 151 73.58 -2.17 112.52
N GLN W 152 72.63 -1.32 112.19
CA GLN W 152 71.27 -1.82 112.12
C GLN W 152 70.77 -1.43 110.77
N VAL W 153 71.14 -2.22 109.77
CA VAL W 153 70.74 -1.92 108.43
C VAL W 153 70.46 -3.21 107.66
N VAL W 154 69.27 -3.28 107.06
CA VAL W 154 68.92 -4.23 106.03
C VAL W 154 69.09 -3.50 104.71
N GLU W 155 69.87 -4.07 103.81
CA GLU W 155 69.95 -3.52 102.48
C GLU W 155 69.52 -4.54 101.45
N LEU W 156 69.14 -4.01 100.32
CA LEU W 156 68.64 -4.78 99.19
C LEU W 156 69.43 -4.31 97.99
N ARG W 157 70.20 -5.21 97.39
CA ARG W 157 71.01 -4.85 96.24
C ARG W 157 70.36 -5.42 95.01
N TYR W 158 70.18 -4.58 94.00
CA TYR W 158 69.68 -5.05 92.74
C TYR W 158 70.79 -5.65 91.91
N ALA W 159 70.40 -6.29 90.82
CA ALA W 159 71.39 -6.86 89.92
C ALA W 159 72.00 -5.76 89.06
N LYS W 160 73.14 -6.09 88.47
CA LYS W 160 73.90 -5.13 87.66
C LYS W 160 73.64 -5.33 86.18
N ILE W 161 72.44 -5.75 85.80
CA ILE W 161 72.07 -5.96 84.42
C ILE W 161 70.83 -5.16 84.07
N ALA X 58 2.23 -60.16 48.45
CA ALA X 58 3.05 -58.95 48.46
C ALA X 58 3.18 -58.42 49.87
N LEU X 59 2.05 -58.34 50.58
CA LEU X 59 2.07 -58.07 52.01
C LEU X 59 2.70 -59.22 52.78
N LYS X 60 2.52 -60.43 52.26
CA LYS X 60 3.20 -61.61 52.79
C LYS X 60 4.71 -61.54 52.57
N GLU X 61 5.14 -60.94 51.44
CA GLU X 61 6.55 -60.77 51.11
C GLU X 61 7.18 -59.72 51.98
N THR X 62 6.50 -58.60 52.21
CA THR X 62 7.08 -57.62 53.12
C THR X 62 6.96 -58.03 54.57
N ALA X 63 6.06 -58.96 54.92
CA ALA X 63 6.09 -59.58 56.23
C ALA X 63 7.34 -60.42 56.44
N LEU X 64 7.73 -61.18 55.39
CA LEU X 64 8.97 -61.93 55.41
C LEU X 64 10.20 -61.02 55.51
N SER X 65 10.16 -59.89 54.82
CA SER X 65 11.26 -58.93 54.89
C SER X 65 11.32 -58.19 56.22
N VAL X 66 10.20 -58.01 56.91
CA VAL X 66 10.25 -57.52 58.29
C VAL X 66 10.90 -58.56 59.20
N GLY X 67 10.52 -59.83 59.05
CA GLY X 67 11.05 -60.88 59.93
C GLY X 67 12.52 -61.21 59.73
N ALA X 68 13.06 -60.93 58.54
CA ALA X 68 14.43 -61.30 58.20
C ALA X 68 15.48 -60.52 59.00
N GLN X 69 15.37 -59.20 59.02
CA GLN X 69 16.42 -58.41 59.66
C GLN X 69 16.33 -58.46 61.17
N ALA X 70 15.12 -58.67 61.69
CA ALA X 70 14.96 -58.86 63.12
C ALA X 70 15.55 -60.19 63.57
N GLY X 71 15.38 -61.25 62.77
CA GLY X 71 16.00 -62.52 63.07
C GLY X 71 17.50 -62.51 62.95
N LEU X 72 18.02 -61.75 61.98
CA LEU X 72 19.46 -61.54 61.83
C LEU X 72 20.07 -60.81 63.01
N ALA X 73 19.41 -59.74 63.47
CA ALA X 73 19.96 -58.98 64.59
C ALA X 73 19.83 -59.72 65.91
N TRP X 74 18.77 -60.52 66.07
CA TRP X 74 18.62 -61.32 67.28
C TRP X 74 19.66 -62.43 67.33
N ARG X 75 19.89 -63.12 66.20
CA ARG X 75 20.90 -64.17 66.15
C ARG X 75 22.30 -63.61 66.31
N ALA X 76 22.52 -62.39 65.80
CA ALA X 76 23.78 -61.68 66.00
C ALA X 76 24.03 -61.38 67.46
N LYS X 77 22.98 -60.95 68.19
CA LYS X 77 23.06 -60.71 69.63
C LYS X 77 23.42 -61.97 70.42
N ILE X 78 22.70 -63.07 70.15
CA ILE X 78 22.88 -64.35 70.86
C ILE X 78 24.27 -64.91 70.65
N ILE X 79 24.77 -64.83 69.42
CA ILE X 79 26.13 -65.31 69.25
C ILE X 79 27.18 -64.29 69.66
N ASP X 80 26.83 -63.01 69.87
CA ASP X 80 27.83 -62.11 70.44
C ASP X 80 28.10 -62.40 71.90
N GLU X 81 27.06 -62.62 72.74
CA GLU X 81 27.50 -62.93 74.12
C GLU X 81 27.78 -64.42 74.25
N GLN X 82 27.44 -65.21 73.24
CA GLN X 82 27.91 -66.58 73.25
C GLN X 82 29.40 -66.64 72.90
N LEU X 83 29.87 -65.71 72.06
CA LEU X 83 31.32 -65.49 71.89
C LEU X 83 31.97 -64.96 73.16
N ASN X 84 31.33 -64.00 73.82
CA ASN X 84 31.92 -63.39 75.01
C ASN X 84 31.89 -64.30 76.22
N LYS X 85 31.07 -65.32 76.22
CA LYS X 85 31.15 -66.34 77.25
C LYS X 85 32.40 -67.18 77.09
N GLN X 86 32.86 -67.36 75.86
CA GLN X 86 34.06 -68.14 75.58
C GLN X 86 35.23 -67.27 75.22
N ALA X 87 35.36 -66.11 75.88
CA ALA X 87 36.33 -65.10 75.48
C ALA X 87 37.76 -65.53 75.77
N ARG X 88 38.03 -66.09 76.96
CA ARG X 88 39.39 -66.54 77.25
C ARG X 88 39.76 -67.80 76.49
N ASN X 89 38.76 -68.63 76.19
CA ASN X 89 38.97 -69.82 75.40
C ASN X 89 39.36 -69.45 73.96
N LEU X 90 38.76 -68.41 73.41
CA LEU X 90 39.11 -67.99 72.06
C LEU X 90 40.43 -67.25 72.00
N ASP X 91 40.85 -66.59 73.09
CA ASP X 91 42.24 -66.14 73.18
C ASP X 91 43.22 -67.29 73.28
N ALA X 92 42.81 -68.43 73.84
CA ALA X 92 43.69 -69.58 73.79
C ALA X 92 43.75 -70.19 72.39
N ILE X 93 42.60 -70.30 71.71
CA ILE X 93 42.54 -70.88 70.35
C ILE X 93 43.29 -70.00 69.35
N TYR X 94 42.83 -68.78 69.17
CA TYR X 94 43.35 -67.86 68.17
C TYR X 94 44.39 -66.94 68.79
N ASP X 95 45.43 -67.56 69.33
CA ASP X 95 46.51 -66.83 69.99
C ASP X 95 47.48 -66.38 68.91
N PHE X 96 47.19 -65.20 68.34
CA PHE X 96 48.10 -64.64 67.35
C PHE X 96 49.32 -64.03 68.00
N ASN X 97 49.22 -63.72 69.30
CA ASN X 97 50.19 -62.94 70.05
C ASN X 97 51.52 -63.66 70.15
N SER X 98 51.49 -64.95 70.41
CA SER X 98 52.71 -65.72 70.44
C SER X 98 52.91 -66.49 69.16
N LEU X 99 52.37 -66.02 68.05
CA LEU X 99 52.75 -66.48 66.73
C LEU X 99 53.59 -65.48 65.96
N VAL X 100 53.76 -64.28 66.49
CA VAL X 100 54.48 -63.26 65.74
C VAL X 100 55.98 -63.54 65.80
N LEU X 101 56.70 -62.89 64.91
CA LEU X 101 58.09 -63.21 64.70
C LEU X 101 58.96 -62.40 65.64
N GLU X 102 60.26 -62.41 65.39
CA GLU X 102 61.22 -61.81 66.31
C GLU X 102 61.21 -60.29 66.32
N HIS X 103 60.83 -59.63 65.23
CA HIS X 103 60.83 -58.19 65.27
C HIS X 103 59.41 -57.68 65.21
N ASN X 104 58.52 -58.33 65.98
CA ASN X 104 57.04 -58.16 66.01
C ASN X 104 56.41 -58.11 64.61
N ILE X 105 56.86 -59.02 63.78
CA ILE X 105 56.38 -59.14 62.42
C ILE X 105 55.27 -60.16 62.41
N LEU X 106 54.13 -59.75 61.89
CA LEU X 106 53.03 -60.66 61.68
C LEU X 106 53.41 -61.61 60.56
N PRO X 107 53.32 -62.92 60.81
CA PRO X 107 53.70 -63.91 59.81
C PRO X 107 52.71 -63.96 58.67
N PRO X 108 53.12 -64.39 57.47
CA PRO X 108 52.19 -64.39 56.33
C PRO X 108 51.33 -65.63 56.34
N VAL X 109 50.28 -65.58 55.52
CA VAL X 109 49.29 -66.64 55.51
C VAL X 109 49.58 -67.53 54.32
N LEU X 110 50.03 -68.75 54.59
CA LEU X 110 50.32 -69.67 53.51
C LEU X 110 49.13 -70.58 53.29
N LEU X 111 48.85 -70.89 52.05
CA LEU X 111 47.73 -71.76 51.76
C LEU X 111 48.25 -73.02 51.10
N GLU X 112 47.79 -74.15 51.62
CA GLU X 112 48.17 -75.47 51.13
C GLU X 112 47.02 -76.01 50.32
N GLY X 113 47.32 -76.47 49.13
CA GLY X 113 46.33 -77.21 48.40
C GLY X 113 46.97 -78.46 47.87
N ARG X 114 46.59 -79.60 48.38
CA ARG X 114 47.18 -80.82 47.86
C ARG X 114 46.36 -81.32 46.70
N ASN X 115 47.07 -82.00 45.78
CA ASN X 115 46.56 -83.04 44.90
C ASN X 115 45.62 -82.42 43.86
N THR X 116 46.17 -81.50 43.09
CA THR X 116 45.42 -80.48 42.35
C THR X 116 45.30 -80.91 40.90
N LEU X 117 44.09 -80.80 40.35
CA LEU X 117 43.92 -80.93 38.91
C LEU X 117 43.33 -79.64 38.37
N ASN X 118 43.75 -79.26 37.16
CA ASN X 118 43.01 -78.34 36.32
C ASN X 118 42.80 -78.97 34.96
N LEU X 119 41.55 -79.13 34.58
CA LEU X 119 41.15 -79.48 33.22
C LEU X 119 41.17 -78.21 32.41
N ALA X 120 42.22 -78.00 31.61
CA ALA X 120 42.29 -76.72 30.91
C ALA X 120 41.39 -76.71 29.69
N ASP X 121 41.45 -77.75 28.90
CA ASP X 121 40.57 -77.92 27.77
C ASP X 121 40.40 -79.42 27.57
N ALA X 122 39.92 -79.81 26.40
CA ALA X 122 39.79 -81.21 26.08
C ALA X 122 41.15 -81.89 25.87
N GLN X 123 42.15 -81.12 25.48
CA GLN X 123 43.41 -81.67 25.07
C GLN X 123 44.38 -81.83 26.22
N SER X 124 44.19 -81.13 27.33
CA SER X 124 45.27 -81.00 28.31
C SER X 124 44.75 -80.75 29.72
N ILE X 125 45.35 -81.46 30.67
CA ILE X 125 45.18 -81.17 32.08
C ILE X 125 46.54 -80.84 32.65
N ARG X 126 46.52 -80.19 33.80
CA ARG X 126 47.72 -80.07 34.62
C ARG X 126 47.39 -80.56 36.01
N ILE X 127 48.11 -81.55 36.47
CA ILE X 127 48.06 -81.89 37.88
C ILE X 127 49.31 -81.35 38.53
N SER X 128 49.18 -81.02 39.80
CA SER X 128 50.33 -80.77 40.63
C SER X 128 50.04 -81.44 41.96
N ASP X 129 51.08 -81.79 42.68
CA ASP X 129 50.79 -82.54 43.90
C ASP X 129 50.49 -81.63 45.08
N ARG X 130 51.29 -80.60 45.29
CA ARG X 130 50.98 -79.61 46.31
C ARG X 130 51.18 -78.23 45.77
N THR X 131 50.42 -77.30 46.31
CA THR X 131 50.48 -75.90 45.96
C THR X 131 50.57 -75.10 47.24
N TYR X 132 51.61 -74.29 47.36
CA TYR X 132 51.71 -73.37 48.48
C TYR X 132 51.63 -71.95 47.95
N LYS X 133 50.74 -71.17 48.55
CA LYS X 133 50.54 -69.80 48.12
C LYS X 133 50.82 -68.87 49.29
N VAL X 134 51.59 -67.83 49.05
CA VAL X 134 51.75 -66.78 50.03
C VAL X 134 50.62 -65.79 49.82
N ALA X 135 49.74 -65.67 50.81
CA ALA X 135 48.67 -64.69 50.78
C ALA X 135 48.83 -63.77 51.97
N LYS X 136 48.70 -62.47 51.65
CA LYS X 136 48.82 -61.29 52.53
C LYS X 136 50.07 -61.38 53.42
N GLN X 137 51.18 -61.11 52.72
CA GLN X 137 52.58 -61.27 53.08
C GLN X 137 52.92 -60.61 54.42
N ALA X 138 54.00 -61.13 55.05
CA ALA X 138 54.46 -60.74 56.38
C ALA X 138 54.80 -59.29 56.52
N HIS X 139 54.41 -58.72 57.65
CA HIS X 139 54.54 -57.28 57.78
C HIS X 139 54.58 -56.90 59.24
N PHE X 140 55.09 -55.69 59.50
CA PHE X 140 55.33 -55.18 60.85
C PHE X 140 54.02 -54.93 61.55
N ILE X 141 53.67 -55.74 62.52
CA ILE X 141 52.44 -55.48 63.25
C ILE X 141 52.83 -54.80 64.55
N THR X 142 52.02 -53.87 65.02
CA THR X 142 52.30 -53.24 66.30
C THR X 142 51.70 -54.06 67.42
N THR X 143 50.39 -54.20 67.44
CA THR X 143 49.73 -55.07 68.37
C THR X 143 49.03 -56.19 67.62
N PRO X 144 49.13 -57.44 68.09
CA PRO X 144 48.72 -58.60 67.30
C PRO X 144 47.21 -58.68 67.19
N PRO X 145 46.69 -59.34 66.14
CA PRO X 145 45.24 -59.41 65.97
C PRO X 145 44.59 -60.29 67.00
N THR X 146 43.41 -59.89 67.41
CA THR X 146 42.62 -60.73 68.28
C THR X 146 41.68 -61.55 67.43
N TRP X 147 40.81 -62.30 68.10
CA TRP X 147 39.74 -62.93 67.37
C TRP X 147 38.59 -61.99 67.13
N ARG X 148 38.57 -60.86 67.83
CA ARG X 148 37.38 -60.01 67.79
C ARG X 148 37.29 -59.18 66.54
N GLN X 149 38.38 -58.99 65.79
CA GLN X 149 38.22 -58.36 64.50
C GLN X 149 37.68 -59.31 63.47
N TYR X 150 37.81 -60.60 63.72
CA TYR X 150 37.50 -61.57 62.70
C TYR X 150 36.14 -62.21 62.96
N LEU X 151 35.72 -62.29 64.22
CA LEU X 151 34.55 -63.08 64.60
C LEU X 151 33.35 -62.29 65.05
N TRP X 152 33.51 -61.05 65.49
CA TRP X 152 32.42 -60.31 66.12
C TRP X 152 31.43 -59.85 65.07
N MET X 153 30.20 -60.37 65.11
CA MET X 153 29.20 -59.82 64.22
C MET X 153 28.57 -58.57 64.81
N ASP X 154 28.00 -57.77 63.92
CA ASP X 154 27.66 -56.40 64.23
C ASP X 154 26.27 -56.34 64.83
N TYR X 155 26.16 -55.70 65.98
CA TYR X 155 24.87 -55.52 66.63
C TYR X 155 24.38 -54.10 66.47
N VAL X 156 23.35 -53.94 65.66
CA VAL X 156 22.48 -52.81 65.73
C VAL X 156 21.13 -53.31 66.21
N LYS X 157 20.37 -52.43 66.85
CA LYS X 157 19.07 -52.83 67.40
C LYS X 157 18.04 -52.23 66.45
N PRO X 158 17.36 -53.06 65.65
CA PRO X 158 16.47 -52.52 64.61
C PRO X 158 15.15 -52.07 65.21
N GLU X 159 14.85 -50.79 65.04
CA GLU X 159 13.66 -50.18 65.62
C GLU X 159 12.58 -49.94 64.58
N ALA X 160 12.61 -50.68 63.48
CA ALA X 160 11.65 -50.44 62.39
C ALA X 160 10.68 -51.61 62.29
N PRO X 161 9.43 -51.45 62.74
CA PRO X 161 8.44 -52.51 62.50
C PRO X 161 7.91 -52.47 61.08
N LYS X 173 -2.02 -60.67 58.85
CA LYS X 173 -2.16 -61.05 60.24
C LYS X 173 -1.65 -62.46 60.48
N GLU X 174 -2.43 -63.44 60.05
CA GLU X 174 -2.05 -64.84 60.18
C GLU X 174 -0.95 -65.21 59.20
N ILE X 175 -1.03 -64.70 57.98
CA ILE X 175 -0.03 -64.92 56.95
C ILE X 175 1.21 -64.12 57.29
N TRP X 176 1.02 -62.95 57.91
CA TRP X 176 2.09 -62.14 58.50
C TRP X 176 2.83 -62.91 59.58
N CYS X 177 2.10 -63.64 60.42
CA CYS X 177 2.72 -64.37 61.53
C CYS X 177 3.51 -65.58 61.04
N ILE X 178 2.95 -66.33 60.08
CA ILE X 178 3.70 -67.50 59.58
C ILE X 178 4.87 -67.09 58.70
N TYR X 179 4.78 -65.98 57.96
CA TYR X 179 5.97 -65.63 57.21
C TYR X 179 6.92 -64.76 58.00
N THR X 180 6.51 -64.22 59.17
CA THR X 180 7.55 -63.62 59.98
C THR X 180 8.28 -64.69 60.78
N GLU X 181 7.68 -65.87 60.98
CA GLU X 181 8.50 -66.96 61.49
C GLU X 181 9.43 -67.54 60.42
N ARG X 182 8.99 -67.61 59.17
CA ARG X 182 9.91 -68.08 58.14
C ARG X 182 10.94 -67.02 57.75
N GLY X 183 10.59 -65.73 57.89
CA GLY X 183 11.59 -64.70 57.86
C GLY X 183 12.55 -64.74 59.03
N TRP X 184 12.06 -65.13 60.20
CA TRP X 184 12.89 -65.19 61.41
C TRP X 184 13.92 -66.29 61.32
N LYS X 185 13.54 -67.47 60.82
CA LYS X 185 14.58 -68.49 60.61
C LYS X 185 15.45 -68.19 59.40
N ASN X 186 14.95 -67.42 58.42
CA ASN X 186 15.84 -67.00 57.33
C ASN X 186 16.89 -66.01 57.80
N GLY X 187 16.52 -65.11 58.71
CA GLY X 187 17.48 -64.23 59.32
C GLY X 187 18.45 -64.96 60.23
N ILE X 188 17.96 -66.00 60.92
CA ILE X 188 18.80 -66.78 61.83
C ILE X 188 19.86 -67.57 61.05
N ASP X 189 19.47 -68.30 59.99
CA ASP X 189 20.51 -69.07 59.31
C ASP X 189 21.33 -68.22 58.36
N GLN X 190 20.86 -67.03 58.00
CA GLN X 190 21.72 -66.15 57.24
C GLN X 190 22.77 -65.51 58.13
N ALA X 191 22.44 -65.22 59.39
CA ALA X 191 23.45 -64.81 60.37
C ALA X 191 24.42 -65.93 60.70
N ASN X 192 23.94 -67.18 60.71
CA ASN X 192 24.78 -68.35 60.84
C ASN X 192 25.77 -68.51 59.69
N THR X 193 25.38 -68.17 58.47
CA THR X 193 26.35 -68.25 57.38
C THR X 193 27.38 -67.13 57.44
N ILE X 194 26.99 -65.97 57.96
CA ILE X 194 27.96 -64.87 58.18
C ILE X 194 28.99 -65.28 59.24
N LEU X 195 28.52 -65.90 60.32
CA LEU X 195 29.40 -66.41 61.36
C LEU X 195 30.29 -67.55 60.87
N GLU X 196 29.75 -68.41 60.00
CA GLU X 196 30.49 -69.51 59.41
C GLU X 196 31.63 -69.01 58.53
N GLU X 197 31.40 -67.95 57.77
CA GLU X 197 32.49 -67.34 57.02
C GLU X 197 33.47 -66.58 57.90
N ASN X 198 33.02 -66.07 59.06
CA ASN X 198 33.93 -65.40 59.96
C ASN X 198 34.91 -66.36 60.62
N ILE X 199 34.39 -67.49 61.11
CA ILE X 199 35.20 -68.63 61.54
C ILE X 199 36.09 -69.19 60.45
N ALA X 200 35.60 -69.19 59.22
CA ALA X 200 36.38 -69.62 58.08
C ALA X 200 37.56 -68.70 57.79
N ARG X 201 37.34 -67.40 57.95
CA ARG X 201 38.39 -66.42 57.69
C ARG X 201 39.46 -66.46 58.76
N ILE X 202 39.06 -66.63 60.02
CA ILE X 202 40.06 -66.74 61.09
C ILE X 202 40.79 -68.07 61.03
N LYS X 203 40.15 -69.12 60.50
CA LYS X 203 40.83 -70.39 60.38
C LYS X 203 41.81 -70.39 59.23
N GLU X 204 41.45 -69.73 58.11
CA GLU X 204 42.40 -69.41 57.04
C GLU X 204 43.62 -68.64 57.52
N ASP X 205 43.39 -67.53 58.23
CA ASP X 205 44.49 -66.62 58.56
C ASP X 205 45.42 -67.22 59.61
N PHE X 206 44.83 -67.85 60.62
CA PHE X 206 45.62 -68.40 61.70
C PHE X 206 46.34 -69.66 61.24
N GLY X 207 45.65 -70.57 60.53
CA GLY X 207 46.30 -71.77 60.05
C GLY X 207 47.27 -71.52 58.91
N GLY X 208 47.16 -70.38 58.23
CA GLY X 208 48.21 -69.96 57.35
C GLY X 208 49.48 -69.57 58.06
N MET X 209 49.35 -68.92 59.22
CA MET X 209 50.53 -68.60 60.01
C MET X 209 51.16 -69.86 60.62
N ILE X 210 50.31 -70.83 60.92
CA ILE X 210 50.78 -72.13 61.41
C ILE X 210 51.49 -72.89 60.31
N LEU X 211 50.98 -72.75 59.10
CA LEU X 211 51.57 -73.37 57.93
C LEU X 211 52.89 -72.72 57.57
N TYR X 212 53.08 -71.43 57.93
CA TYR X 212 54.39 -70.81 57.81
C TYR X 212 55.33 -71.54 58.75
N ARG X 213 54.94 -71.68 60.03
CA ARG X 213 55.87 -72.18 61.04
C ARG X 213 56.26 -73.63 60.82
N LYS X 214 55.34 -74.39 60.20
CA LYS X 214 55.70 -75.63 59.51
C LYS X 214 56.74 -75.41 58.43
N LEU X 215 56.52 -74.50 57.48
CA LEU X 215 57.47 -74.42 56.38
C LEU X 215 58.74 -73.66 56.72
N LEU X 216 58.75 -72.93 57.83
CA LEU X 216 59.96 -72.27 58.28
C LEU X 216 60.84 -73.25 59.00
N ALA X 217 60.22 -74.17 59.76
CA ALA X 217 60.93 -75.36 60.18
C ALA X 217 61.36 -76.18 58.98
N MET X 218 60.47 -76.36 58.01
CA MET X 218 60.66 -77.32 56.95
C MET X 218 61.35 -76.73 55.74
N ASN X 219 61.90 -75.52 55.89
CA ASN X 219 62.84 -74.85 54.99
C ASN X 219 62.26 -74.58 53.60
N MET X 220 60.95 -74.48 53.50
CA MET X 220 60.35 -74.14 52.22
C MET X 220 60.14 -72.65 52.04
N VAL X 221 60.30 -71.87 53.09
CA VAL X 221 60.24 -70.42 53.03
C VAL X 221 61.47 -69.81 53.67
N SER X 222 61.72 -68.57 53.33
CA SER X 222 62.72 -67.79 54.02
C SER X 222 62.11 -67.15 55.27
N PRO X 223 62.88 -66.92 56.32
CA PRO X 223 62.45 -66.00 57.36
C PRO X 223 62.62 -64.58 56.88
N PRO X 224 61.98 -63.57 57.48
CA PRO X 224 62.20 -62.21 57.02
C PRO X 224 63.54 -61.71 57.51
N TYR X 225 64.21 -60.96 56.66
CA TYR X 225 65.51 -60.44 57.04
C TYR X 225 65.29 -58.97 57.32
N VAL X 226 65.36 -58.64 58.58
CA VAL X 226 65.30 -57.26 59.02
C VAL X 226 66.66 -56.60 58.89
N SER X 227 66.64 -55.28 58.92
CA SER X 227 67.84 -54.47 58.97
C SER X 227 67.56 -53.35 59.95
N HIS X 228 68.37 -53.23 60.98
CA HIS X 228 68.27 -52.11 61.89
C HIS X 228 69.42 -51.13 61.66
N THR X 229 69.13 -50.07 60.92
CA THR X 229 70.08 -48.98 60.80
C THR X 229 69.94 -48.14 62.06
N ASP X 230 70.89 -48.31 62.96
CA ASP X 230 70.95 -47.52 64.17
C ASP X 230 71.41 -46.13 63.79
N LEU X 231 70.82 -45.13 64.41
CA LEU X 231 71.21 -43.75 64.28
C LEU X 231 71.38 -43.19 65.67
N GLY X 232 72.30 -42.25 65.81
CA GLY X 232 72.48 -41.62 67.10
C GLY X 232 71.47 -40.53 67.35
N VAL X 233 71.93 -39.43 67.91
CA VAL X 233 71.05 -38.31 68.18
C VAL X 233 70.75 -37.59 66.87
N THR X 234 69.50 -37.28 66.67
CA THR X 234 68.99 -37.03 65.34
C THR X 234 68.10 -35.81 65.34
N GLY X 235 68.42 -34.87 64.48
CA GLY X 235 67.54 -33.77 64.21
C GLY X 235 68.29 -32.45 64.31
N ASP X 236 67.50 -31.40 64.23
CA ASP X 236 68.01 -30.06 64.43
C ASP X 236 67.98 -29.72 65.91
N GLY X 237 68.12 -28.44 66.25
CA GLY X 237 68.03 -28.07 67.63
C GLY X 237 66.64 -27.84 68.15
N SER X 238 65.64 -27.89 67.29
CA SER X 238 64.28 -27.75 67.80
C SER X 238 63.67 -29.09 68.17
N GLU X 239 64.33 -30.19 67.83
CA GLU X 239 63.74 -31.52 67.93
C GLU X 239 64.89 -32.52 67.94
N ILE X 240 65.03 -33.27 69.01
CA ILE X 240 66.01 -34.35 68.99
C ILE X 240 65.28 -35.65 69.29
N HIS X 241 65.78 -36.70 68.68
CA HIS X 241 65.45 -38.07 69.01
C HIS X 241 66.75 -38.76 69.32
N ILE X 242 66.81 -39.42 70.47
CA ILE X 242 68.10 -39.72 71.05
C ILE X 242 68.66 -41.02 70.50
N ASP X 243 67.96 -42.12 70.68
CA ASP X 243 68.39 -43.40 70.10
C ASP X 243 67.45 -43.73 68.96
N ASP X 244 67.90 -43.48 67.75
CA ASP X 244 67.03 -43.41 66.57
C ASP X 244 67.27 -44.63 65.70
N ARG X 245 66.54 -45.70 65.95
CA ARG X 245 66.74 -46.93 65.21
C ARG X 245 65.66 -47.06 64.14
N VAL X 246 66.07 -47.15 62.88
CA VAL X 246 65.15 -47.39 61.78
C VAL X 246 65.22 -48.86 61.43
N LEU X 247 64.09 -49.54 61.50
CA LEU X 247 64.01 -50.97 61.26
C LEU X 247 63.24 -51.20 59.98
N ARG X 248 63.84 -51.90 59.04
CA ARG X 248 63.21 -52.26 57.80
C ARG X 248 63.18 -53.75 57.64
N ILE X 249 62.23 -54.22 56.84
CA ILE X 249 62.27 -55.56 56.31
C ILE X 249 62.86 -55.47 54.92
N THR X 250 63.98 -56.13 54.71
CA THR X 250 64.60 -56.16 53.40
C THR X 250 64.10 -57.35 52.58
N ALA X 251 64.21 -58.54 53.15
CA ALA X 251 63.82 -59.76 52.47
C ALA X 251 62.50 -60.22 53.05
N LEU X 252 61.54 -60.43 52.19
CA LEU X 252 60.26 -60.87 52.70
C LEU X 252 60.31 -62.39 52.85
N PRO X 253 59.45 -62.98 53.69
CA PRO X 253 59.33 -64.43 53.71
C PRO X 253 58.72 -64.92 52.43
N GLU X 254 59.31 -65.99 51.89
CA GLU X 254 59.23 -66.16 50.46
C GLU X 254 59.64 -67.62 50.20
N LEU X 255 58.85 -68.33 49.40
CA LEU X 255 59.05 -69.77 49.20
C LEU X 255 60.26 -70.02 48.31
N ASN X 256 61.18 -70.88 48.75
CA ASN X 256 62.32 -71.14 47.87
C ASN X 256 61.96 -72.26 46.90
N VAL X 257 62.41 -72.10 45.66
CA VAL X 257 62.23 -73.11 44.66
C VAL X 257 63.47 -73.95 44.46
N ASN X 258 64.58 -73.55 45.07
CA ASN X 258 65.80 -74.35 44.98
C ASN X 258 65.46 -75.35 46.06
N SER X 259 65.12 -76.57 45.66
CA SER X 259 64.32 -77.41 46.52
C SER X 259 65.14 -78.48 47.23
N ALA X 260 66.45 -78.53 46.99
CA ALA X 260 67.28 -79.57 47.58
C ALA X 260 67.52 -79.38 49.07
N GLU X 261 67.36 -78.17 49.60
CA GLU X 261 67.55 -77.92 51.02
C GLU X 261 66.26 -77.99 51.78
N TRP X 262 65.25 -78.65 51.23
CA TRP X 262 63.98 -78.77 51.93
C TRP X 262 64.10 -79.80 53.04
N ARG X 263 63.06 -79.88 53.85
CA ARG X 263 63.05 -80.80 54.97
C ARG X 263 61.81 -81.67 54.76
N ALA X 264 61.54 -82.52 55.72
CA ALA X 264 60.50 -83.55 55.66
C ALA X 264 60.11 -83.88 57.09
N ALA X 265 58.83 -84.03 57.32
CA ALA X 265 58.33 -84.05 58.69
C ALA X 265 58.37 -85.40 59.40
N VAL X 266 59.51 -86.09 59.45
CA VAL X 266 59.48 -87.43 60.04
C VAL X 266 59.67 -87.37 61.55
N ALA X 267 58.74 -88.00 62.26
CA ALA X 267 58.72 -87.99 63.72
C ALA X 267 58.68 -89.43 64.20
N LYS X 268 58.43 -89.61 65.50
CA LYS X 268 58.29 -90.95 66.05
C LYS X 268 57.04 -91.09 66.88
N PHE Y 25 26.27 -77.83 101.00
CA PHE Y 25 26.11 -78.08 99.57
C PHE Y 25 26.96 -77.12 98.72
N LYS Y 26 27.58 -77.65 97.69
CA LYS Y 26 28.42 -76.92 96.76
C LYS Y 26 27.78 -76.92 95.38
N LYS Y 27 28.44 -76.24 94.42
CA LYS Y 27 27.94 -75.84 93.11
C LYS Y 27 28.88 -76.27 92.02
N PRO Y 28 28.38 -76.39 90.78
CA PRO Y 28 29.27 -76.46 89.68
C PRO Y 28 29.96 -75.12 89.48
N PRO Y 29 31.07 -75.12 88.75
CA PRO Y 29 31.68 -73.87 88.32
C PRO Y 29 30.79 -73.07 87.39
N ILE Y 30 31.00 -71.76 87.40
CA ILE Y 30 30.01 -70.85 86.87
C ILE Y 30 30.13 -70.73 85.37
N ASN Y 31 31.32 -70.45 84.87
CA ASN Y 31 31.57 -70.58 83.43
C ASN Y 31 32.22 -71.92 83.15
N ASN Y 32 31.54 -72.97 83.55
CA ASN Y 32 32.04 -74.31 83.33
C ASN Y 32 31.69 -74.76 81.92
N PRO Y 33 32.53 -75.58 81.33
CA PRO Y 33 32.09 -76.34 80.17
C PRO Y 33 31.15 -77.45 80.59
N SER Y 34 29.86 -77.12 80.70
CA SER Y 34 28.83 -78.08 81.06
C SER Y 34 27.94 -78.37 79.87
N ASP Y 35 28.51 -78.25 78.68
CA ASP Y 35 27.77 -78.26 77.43
C ASP Y 35 28.61 -78.98 76.40
N ASP Y 36 27.95 -79.77 75.54
CA ASP Y 36 28.64 -80.76 74.73
C ASP Y 36 29.46 -80.16 73.60
N ALA Y 37 29.19 -78.92 73.22
CA ALA Y 37 30.06 -78.22 72.29
C ALA Y 37 31.16 -77.44 73.00
N THR Y 38 30.84 -76.84 74.13
CA THR Y 38 31.82 -76.04 74.86
C THR Y 38 32.87 -76.88 75.54
N ILE Y 39 32.56 -78.14 75.84
CA ILE Y 39 33.59 -79.07 76.26
C ILE Y 39 34.58 -79.30 75.15
N LYS Y 40 34.16 -79.42 73.89
CA LYS Y 40 35.07 -79.72 72.80
C LYS Y 40 35.89 -78.49 72.44
N LEU Y 41 35.27 -77.32 72.58
CA LEU Y 41 35.95 -76.05 72.47
C LEU Y 41 37.02 -75.87 73.54
N ALA Y 42 36.74 -76.27 74.78
CA ALA Y 42 37.74 -76.02 75.81
C ALA Y 42 38.79 -77.13 75.95
N GLU Y 43 38.49 -78.38 75.58
CA GLU Y 43 39.56 -79.36 75.38
C GLU Y 43 40.45 -79.00 74.22
N ALA Y 44 39.88 -78.41 73.17
CA ALA Y 44 40.70 -77.86 72.11
C ALA Y 44 41.52 -76.68 72.59
N ALA Y 45 40.99 -75.90 73.54
CA ALA Y 45 41.72 -74.77 74.11
C ALA Y 45 42.90 -75.24 74.96
N VAL Y 46 42.73 -76.30 75.74
CA VAL Y 46 43.86 -76.75 76.55
C VAL Y 46 44.87 -77.50 75.67
N SER Y 47 44.42 -78.10 74.56
CA SER Y 47 45.36 -78.71 73.64
C SER Y 47 46.10 -77.69 72.79
N VAL Y 48 45.46 -76.59 72.43
CA VAL Y 48 46.19 -75.57 71.70
C VAL Y 48 47.12 -74.82 72.64
N SER Y 49 46.74 -74.67 73.93
CA SER Y 49 47.58 -73.91 74.83
C SER Y 49 48.79 -74.69 75.28
N ASP Y 50 48.65 -76.03 75.43
CA ASP Y 50 49.87 -76.73 75.77
C ASP Y 50 50.75 -76.90 74.53
N SER Y 51 50.19 -77.14 73.31
CA SER Y 51 51.05 -77.25 72.11
C SER Y 51 51.73 -75.94 71.66
N MET Y 52 51.10 -74.77 71.89
CA MET Y 52 51.83 -73.50 72.06
C MET Y 52 52.93 -73.54 73.10
N LEU Y 53 52.72 -74.17 74.27
CA LEU Y 53 53.82 -74.16 75.23
C LEU Y 53 54.97 -75.10 74.81
N GLU Y 54 54.73 -76.25 74.15
CA GLU Y 54 55.91 -77.01 73.74
C GLU Y 54 56.52 -76.49 72.44
N MET Y 55 55.76 -75.68 71.71
CA MET Y 55 56.38 -74.80 70.73
C MET Y 55 57.39 -73.89 71.42
N ALA Y 56 56.93 -73.15 72.44
CA ALA Y 56 57.75 -72.19 73.19
C ALA Y 56 58.94 -72.81 73.92
N LYS Y 57 58.78 -74.07 74.33
CA LYS Y 57 59.89 -74.91 74.79
C LYS Y 57 60.89 -75.19 73.70
N VAL Y 58 60.46 -75.44 72.44
CA VAL Y 58 61.51 -75.79 71.48
C VAL Y 58 62.18 -74.54 70.88
N GLU Y 59 61.48 -73.45 70.54
CA GLU Y 59 62.25 -72.29 70.07
C GLU Y 59 62.71 -71.32 71.15
N LYS Y 60 62.47 -71.58 72.45
CA LYS Y 60 62.99 -70.66 73.46
C LYS Y 60 64.50 -70.83 73.58
N VAL Y 61 65.24 -69.93 72.94
CA VAL Y 61 66.65 -69.84 73.26
C VAL Y 61 66.81 -69.17 74.61
N ILE Y 62 67.50 -69.85 75.51
CA ILE Y 62 68.07 -69.20 76.67
C ILE Y 62 69.53 -69.55 76.62
N THR Y 63 70.30 -68.98 77.54
CA THR Y 63 71.65 -69.46 77.76
C THR Y 63 71.79 -69.77 79.24
N PRO Y 64 72.54 -70.81 79.61
CA PRO Y 64 72.65 -71.21 81.04
C PRO Y 64 73.41 -70.17 81.85
N PRO Y 65 73.16 -70.07 83.16
CA PRO Y 65 73.81 -69.01 83.96
C PRO Y 65 75.29 -69.23 84.23
N SER Y 66 75.80 -70.42 83.91
CA SER Y 66 77.24 -70.63 83.79
C SER Y 66 77.86 -69.76 82.70
N LYS Y 67 77.13 -69.51 81.62
CA LYS Y 67 77.67 -68.84 80.45
C LYS Y 67 76.72 -67.70 80.06
N ASP Y 68 76.38 -66.86 81.04
CA ASP Y 68 75.43 -65.79 80.78
C ASP Y 68 76.08 -64.50 80.31
N ASN Y 69 77.40 -64.39 80.51
CA ASN Y 69 78.43 -63.38 80.17
C ASN Y 69 78.06 -61.92 80.49
N THR Y 70 77.08 -61.71 81.35
CA THR Y 70 76.78 -60.41 81.90
C THR Y 70 77.49 -60.26 83.23
N LEU Y 71 77.50 -59.04 83.75
CA LEU Y 71 78.13 -58.73 85.02
C LEU Y 71 77.36 -59.34 86.17
N THR Y 72 78.08 -59.72 87.21
CA THR Y 72 77.51 -60.04 88.50
C THR Y 72 77.82 -58.91 89.44
N ILE Y 73 76.89 -58.64 90.36
CA ILE Y 73 76.98 -57.46 91.24
C ILE Y 73 78.13 -57.63 92.22
N PRO Y 74 79.06 -56.68 92.25
CA PRO Y 74 80.42 -56.95 92.75
C PRO Y 74 80.62 -56.79 94.24
N ASN Y 75 79.54 -56.85 95.00
CA ASN Y 75 79.32 -56.92 96.47
C ASN Y 75 80.23 -56.01 97.30
N ALA Y 76 80.58 -54.83 96.78
CA ALA Y 76 81.31 -53.84 97.55
C ALA Y 76 80.33 -52.86 98.20
N TYR Y 77 80.68 -52.43 99.42
CA TYR Y 77 79.80 -51.65 100.28
C TYR Y 77 79.56 -50.25 99.73
N ASN Y 78 80.52 -49.70 98.99
CA ASN Y 78 80.26 -48.48 98.25
C ASN Y 78 79.33 -48.72 97.09
N LEU Y 79 79.37 -49.91 96.49
CA LEU Y 79 78.48 -50.20 95.39
C LEU Y 79 77.09 -50.60 95.83
N GLN Y 80 76.87 -50.81 97.14
CA GLN Y 80 75.51 -51.06 97.60
C GLN Y 80 74.87 -49.86 98.28
N ALA Y 81 75.15 -48.63 97.86
CA ALA Y 81 74.32 -47.52 98.33
C ALA Y 81 73.10 -47.42 97.42
N ARG Y 82 72.22 -46.46 97.67
CA ARG Y 82 70.97 -46.44 96.93
C ARG Y 82 70.88 -45.16 96.11
N ALA Y 83 70.73 -45.29 94.79
CA ALA Y 83 70.83 -44.16 93.87
C ALA Y 83 69.52 -43.95 93.13
N SER Y 84 69.47 -42.89 92.35
CA SER Y 84 68.30 -42.53 91.55
C SER Y 84 68.84 -41.95 90.26
N VAL Y 85 68.54 -42.55 89.10
CA VAL Y 85 69.04 -42.13 87.78
C VAL Y 85 67.87 -42.06 86.80
N ASP Y 86 67.68 -40.93 86.11
CA ASP Y 86 66.93 -40.96 84.84
C ASP Y 86 67.80 -40.46 83.69
N TRP Y 87 68.06 -41.34 82.72
CA TRP Y 87 68.97 -40.98 81.64
C TRP Y 87 68.81 -41.83 80.38
N SER Y 88 68.95 -41.18 79.22
CA SER Y 88 69.37 -41.88 78.02
C SER Y 88 70.62 -41.23 77.45
N GLY Y 89 71.57 -42.05 76.98
CA GLY Y 89 72.62 -41.57 76.10
C GLY Y 89 73.93 -42.34 76.12
N PRO Y 90 75.05 -41.64 75.91
CA PRO Y 90 76.37 -42.31 75.85
C PRO Y 90 76.91 -42.87 77.15
N ILE Y 91 77.33 -44.15 77.05
CA ILE Y 91 77.70 -45.08 78.12
C ILE Y 91 78.73 -44.57 79.12
N GLU Y 92 79.74 -43.85 78.66
CA GLU Y 92 80.94 -43.51 79.40
C GLU Y 92 80.67 -42.43 80.39
N GLU Y 93 79.64 -41.66 80.13
CA GLU Y 93 79.37 -40.56 80.99
C GLU Y 93 78.62 -41.03 82.24
N LEU Y 94 77.62 -41.90 82.07
CA LEU Y 94 76.94 -42.49 83.22
C LEU Y 94 77.89 -43.39 84.00
N THR Y 95 78.76 -44.12 83.32
CA THR Y 95 79.69 -44.94 84.07
C THR Y 95 80.81 -44.16 84.75
N ALA Y 96 81.18 -42.99 84.20
CA ALA Y 96 82.07 -42.07 84.89
C ALA Y 96 81.42 -41.53 86.15
N ARG Y 97 80.12 -41.27 86.08
CA ARG Y 97 79.55 -40.61 87.23
C ARG Y 97 79.04 -41.60 88.24
N ILE Y 98 78.84 -42.84 87.83
CA ILE Y 98 78.55 -43.88 88.79
C ILE Y 98 79.85 -44.28 89.48
N ALA Y 99 81.01 -44.06 88.83
CA ALA Y 99 82.29 -44.28 89.48
C ALA Y 99 82.57 -43.20 90.51
N LYS Y 100 82.35 -41.93 90.15
CA LYS Y 100 82.62 -40.91 91.15
C LYS Y 100 81.47 -40.73 92.13
N ALA Y 101 80.32 -41.37 91.90
CA ALA Y 101 79.32 -41.48 92.94
C ALA Y 101 79.59 -42.64 93.87
N ALA Y 102 80.23 -43.69 93.38
CA ALA Y 102 80.61 -44.80 94.21
C ALA Y 102 81.98 -44.64 94.83
N HIS Y 103 82.64 -43.49 94.59
CA HIS Y 103 84.03 -43.18 94.97
C HIS Y 103 84.98 -44.22 94.37
N PHE Y 104 84.74 -44.55 93.13
CA PHE Y 104 85.57 -45.50 92.40
C PHE Y 104 86.25 -44.74 91.28
N ARG Y 105 87.42 -45.23 90.90
CA ARG Y 105 88.06 -44.67 89.72
C ARG Y 105 87.39 -45.22 88.48
N PHE Y 106 87.58 -44.53 87.37
CA PHE Y 106 86.96 -44.92 86.12
C PHE Y 106 88.03 -45.04 85.05
N ARG Y 107 88.23 -46.25 84.54
CA ARG Y 107 89.11 -46.45 83.42
C ARG Y 107 88.29 -46.79 82.18
N VAL Y 108 88.81 -46.44 81.03
CA VAL Y 108 88.25 -46.87 79.75
C VAL Y 108 89.34 -47.60 78.97
N LEU Y 109 89.03 -48.80 78.48
CA LEU Y 109 89.87 -49.46 77.48
C LEU Y 109 89.11 -49.46 76.18
N GLY Y 110 89.83 -49.25 75.10
CA GLY Y 110 89.24 -49.30 73.80
C GLY Y 110 88.80 -47.94 73.35
N LYS Y 111 88.13 -47.94 72.21
CA LYS Y 111 87.82 -46.74 71.46
C LYS Y 111 86.31 -46.67 71.32
N SER Y 112 85.72 -45.58 71.77
CA SER Y 112 84.30 -45.40 71.53
C SER Y 112 84.08 -45.00 70.08
N PRO Y 113 83.18 -45.62 69.36
CA PRO Y 113 82.88 -45.19 68.00
C PRO Y 113 82.07 -43.92 68.01
N SER Y 114 82.06 -43.26 66.85
CA SER Y 114 81.40 -41.96 66.74
C SER Y 114 79.89 -42.08 66.55
N VAL Y 115 79.37 -43.27 66.27
CA VAL Y 115 78.01 -43.53 66.69
C VAL Y 115 78.15 -44.01 68.14
N PRO Y 116 77.55 -43.33 69.10
CA PRO Y 116 77.78 -43.69 70.50
C PRO Y 116 76.93 -44.87 70.91
N VAL Y 117 77.43 -45.57 71.93
CA VAL Y 117 76.65 -46.62 72.56
C VAL Y 117 75.59 -45.96 73.42
N LEU Y 118 74.33 -46.18 73.08
CA LEU Y 118 73.23 -45.44 73.67
C LEU Y 118 72.40 -46.37 74.56
N ILE Y 119 72.20 -45.93 75.80
CA ILE Y 119 71.50 -46.65 76.87
C ILE Y 119 70.25 -45.92 77.32
N SER Y 120 69.46 -46.51 78.23
CA SER Y 120 68.55 -45.74 79.08
C SER Y 120 68.44 -46.44 80.43
N ILE Y 121 68.71 -45.70 81.49
CA ILE Y 121 68.49 -46.19 82.84
C ILE Y 121 67.53 -45.23 83.50
N SER Y 122 66.36 -45.71 83.88
CA SER Y 122 65.36 -44.83 84.47
C SER Y 122 64.75 -45.48 85.70
N THR Y 123 65.42 -45.32 86.85
CA THR Y 123 64.93 -45.79 88.14
C THR Y 123 65.04 -44.66 89.16
N LYS Y 124 64.06 -44.55 90.04
CA LYS Y 124 64.09 -43.44 90.98
C LYS Y 124 64.44 -43.83 92.40
N ASP Y 125 64.51 -45.12 92.73
CA ASP Y 125 65.51 -45.62 93.66
C ASP Y 125 65.82 -47.08 93.40
N GLU Y 126 67.09 -47.36 93.05
CA GLU Y 126 67.64 -48.69 93.13
C GLU Y 126 69.17 -48.54 93.30
N SER Y 127 69.83 -49.59 93.83
CA SER Y 127 71.26 -49.67 94.10
C SER Y 127 72.19 -49.68 92.86
N LEU Y 128 73.37 -49.12 93.09
CA LEU Y 128 74.28 -48.66 92.05
C LEU Y 128 75.02 -49.79 91.36
N ALA Y 129 75.22 -50.92 92.04
CA ALA Y 129 75.81 -52.09 91.41
C ALA Y 129 74.88 -52.69 90.37
N GLU Y 130 73.60 -52.47 90.53
CA GLU Y 130 72.64 -53.02 89.61
C GLU Y 130 72.34 -52.05 88.49
N ILE Y 131 72.54 -50.75 88.77
CA ILE Y 131 72.72 -49.77 87.69
C ILE Y 131 73.88 -50.19 86.81
N LEU Y 132 74.98 -50.64 87.42
CA LEU Y 132 76.06 -51.24 86.66
C LEU Y 132 75.70 -52.55 85.98
N ARG Y 133 74.74 -53.30 86.52
CA ARG Y 133 74.43 -54.58 85.88
C ARG Y 133 73.64 -54.35 84.59
N ASP Y 134 72.57 -53.55 84.66
CA ASP Y 134 71.85 -53.25 83.43
C ASP Y 134 72.55 -52.22 82.56
N ILE Y 135 73.59 -51.57 83.07
CA ILE Y 135 74.44 -50.76 82.25
C ILE Y 135 75.25 -51.70 81.33
N ASP Y 136 75.67 -52.89 81.86
CA ASP Y 136 76.37 -53.88 81.05
C ASP Y 136 75.40 -54.51 80.08
N TYR Y 137 74.17 -54.74 80.55
CA TYR Y 137 73.17 -55.44 79.76
C TYR Y 137 72.71 -54.64 78.56
N GLN Y 138 72.45 -53.34 78.75
CA GLN Y 138 72.05 -52.53 77.62
C GLN Y 138 73.23 -52.08 76.79
N ALA Y 139 74.45 -52.20 77.29
CA ALA Y 139 75.59 -52.17 76.38
C ALA Y 139 75.56 -53.40 75.48
N GLY Y 140 75.35 -54.56 76.08
CA GLY Y 140 75.34 -55.80 75.33
C GLY Y 140 76.72 -56.20 74.89
N LYS Y 141 76.93 -56.22 73.58
CA LYS Y 141 78.21 -56.58 73.01
C LYS Y 141 78.88 -55.44 72.27
N LYS Y 142 78.31 -54.24 72.30
CA LYS Y 142 79.03 -53.08 71.83
C LYS Y 142 80.11 -52.68 72.82
N ALA Y 143 79.90 -52.98 74.10
CA ALA Y 143 80.81 -52.62 75.16
C ALA Y 143 80.58 -53.57 76.32
N SER Y 144 81.43 -53.47 77.33
CA SER Y 144 81.23 -54.23 78.56
C SER Y 144 81.83 -53.46 79.73
N ILE Y 145 81.42 -53.87 80.92
CA ILE Y 145 81.82 -53.24 82.17
C ILE Y 145 82.51 -54.29 83.01
N HIS Y 146 83.68 -53.98 83.55
CA HIS Y 146 84.18 -54.74 84.68
C HIS Y 146 84.29 -53.85 85.90
N VAL Y 147 84.15 -54.46 87.07
CA VAL Y 147 84.43 -53.79 88.33
C VAL Y 147 85.53 -54.58 89.02
N TYR Y 148 86.64 -53.92 89.32
CA TYR Y 148 87.59 -54.52 90.24
C TYR Y 148 87.46 -53.82 91.58
N PRO Y 149 86.89 -54.48 92.60
CA PRO Y 149 86.68 -53.82 93.89
C PRO Y 149 87.86 -53.86 94.83
N ASN Y 150 88.93 -54.59 94.48
CA ASN Y 150 90.15 -54.55 95.28
C ASN Y 150 90.83 -53.19 95.23
N SER Y 151 90.83 -52.58 94.05
CA SER Y 151 91.43 -51.30 93.80
C SER Y 151 90.42 -50.19 93.70
N GLN Y 152 89.12 -50.54 93.80
CA GLN Y 152 87.96 -49.66 93.66
C GLN Y 152 87.99 -48.90 92.33
N VAL Y 153 88.00 -49.66 91.25
CA VAL Y 153 87.93 -49.08 89.92
C VAL Y 153 86.85 -49.82 89.15
N VAL Y 154 86.08 -49.07 88.37
CA VAL Y 154 85.26 -49.66 87.34
C VAL Y 154 85.89 -49.31 86.00
N GLU Y 155 85.55 -50.08 85.01
CA GLU Y 155 86.18 -49.92 83.72
C GLU Y 155 85.12 -50.17 82.67
N LEU Y 156 85.17 -49.39 81.59
CA LEU Y 156 84.34 -49.56 80.42
C LEU Y 156 85.21 -49.98 79.26
N ARG Y 157 84.98 -51.19 78.75
CA ARG Y 157 85.75 -51.76 77.66
C ARG Y 157 84.94 -51.72 76.38
N TYR Y 158 85.56 -51.29 75.31
CA TYR Y 158 84.92 -51.38 74.00
C TYR Y 158 85.35 -52.65 73.29
N ALA Y 159 85.07 -52.72 71.99
CA ALA Y 159 85.49 -53.87 71.19
C ALA Y 159 85.88 -53.46 69.76
N ILE Z 272 63.65 -43.37 53.90
CA ILE Z 272 63.70 -43.02 55.31
C ILE Z 272 62.31 -42.71 55.86
N PRO Z 273 61.91 -43.41 56.91
CA PRO Z 273 60.61 -43.20 57.49
C PRO Z 273 60.57 -41.92 58.30
N PRO Z 274 59.38 -41.39 58.56
CA PRO Z 274 59.25 -40.35 59.58
C PRO Z 274 59.48 -40.91 60.97
N SER Z 275 59.82 -40.01 61.89
CA SER Z 275 60.33 -40.39 63.20
C SER Z 275 59.24 -40.93 64.10
N ALA Z 276 58.29 -40.08 64.41
CA ALA Z 276 57.01 -40.38 65.00
C ALA Z 276 56.10 -39.31 64.44
N ASN Z 277 55.00 -39.02 65.11
CA ASN Z 277 54.44 -37.71 64.90
C ASN Z 277 54.88 -36.96 66.15
N ASP Z 278 55.27 -35.71 65.94
CA ASP Z 278 55.61 -34.82 67.05
C ASP Z 278 54.41 -34.28 67.80
N LEU Z 279 53.20 -34.55 67.32
CA LEU Z 279 51.99 -34.15 68.00
C LEU Z 279 51.62 -35.16 69.07
N LEU Z 280 52.28 -36.32 69.04
CA LEU Z 280 52.22 -37.28 70.14
C LEU Z 280 52.85 -36.75 71.41
N LEU Z 281 53.77 -35.80 71.30
CA LEU Z 281 54.26 -35.07 72.46
C LEU Z 281 53.17 -34.25 73.12
N HIS Z 282 52.29 -33.65 72.31
CA HIS Z 282 51.17 -32.91 72.86
C HIS Z 282 50.13 -33.84 73.46
N VAL Z 283 49.85 -34.96 72.81
CA VAL Z 283 48.82 -35.83 73.39
C VAL Z 283 49.44 -36.83 74.36
N LEU Z 284 50.74 -36.72 74.61
CA LEU Z 284 51.33 -37.33 75.79
C LEU Z 284 51.09 -36.49 77.01
N GLU Z 285 50.93 -35.19 76.82
CA GLU Z 285 50.31 -34.35 77.81
C GLU Z 285 48.81 -34.47 77.62
N GLY Z 286 48.02 -33.79 78.42
CA GLY Z 286 46.60 -33.91 78.18
C GLY Z 286 46.05 -33.04 77.07
N VAL Z 287 46.87 -32.18 76.48
CA VAL Z 287 46.38 -31.12 75.62
C VAL Z 287 46.02 -31.71 74.26
N PRO Z 288 44.89 -31.31 73.68
CA PRO Z 288 44.51 -31.80 72.37
C PRO Z 288 45.41 -31.22 71.29
N PRO Z 289 45.43 -31.82 70.10
CA PRO Z 289 46.11 -31.22 68.97
C PRO Z 289 45.39 -29.97 68.51
N PRO Z 290 46.10 -29.03 67.88
CA PRO Z 290 45.44 -27.81 67.39
C PRO Z 290 44.55 -28.12 66.19
N GLY Z 291 43.31 -27.66 66.27
CA GLY Z 291 42.31 -27.93 65.25
C GLY Z 291 41.85 -29.36 65.29
N SER Z 292 41.17 -29.75 66.37
CA SER Z 292 40.79 -31.14 66.57
C SER Z 292 39.28 -31.27 66.71
N ARG Z 293 38.85 -32.50 66.97
CA ARG Z 293 37.51 -32.75 67.45
C ARG Z 293 37.63 -33.70 68.63
N ARG Z 294 36.90 -33.39 69.69
CA ARG Z 294 36.94 -34.20 70.89
C ARG Z 294 36.19 -35.50 70.62
N LEU Z 295 36.70 -36.59 71.16
CA LEU Z 295 35.94 -37.82 71.16
C LEU Z 295 35.70 -38.25 72.59
N VAL Z 296 34.46 -38.52 72.93
CA VAL Z 296 34.15 -39.00 74.27
C VAL Z 296 34.51 -40.48 74.33
N VAL Z 297 35.05 -40.89 75.46
CA VAL Z 297 35.55 -42.24 75.67
C VAL Z 297 34.77 -42.80 76.84
N SER Z 298 34.16 -43.95 76.66
CA SER Z 298 33.41 -44.56 77.73
C SER Z 298 34.13 -45.81 78.20
N GLY Z 299 33.94 -46.17 79.46
CA GLY Z 299 34.40 -47.42 79.99
C GLY Z 299 35.89 -47.55 80.22
N GLY Z 300 36.60 -46.45 80.39
CA GLY Z 300 38.02 -46.54 80.71
C GLY Z 300 38.62 -45.16 80.79
N ASP Z 301 39.75 -45.09 81.47
CA ASP Z 301 40.46 -43.81 81.61
C ASP Z 301 41.29 -43.57 80.36
N ALA Z 302 40.68 -42.95 79.36
CA ALA Z 302 41.41 -42.50 78.20
C ALA Z 302 40.75 -41.25 77.66
N ARG Z 303 41.53 -40.46 76.96
CA ARG Z 303 41.04 -39.29 76.26
C ARG Z 303 41.41 -39.43 74.80
N ALA Z 304 40.51 -39.08 73.91
CA ALA Z 304 40.76 -39.27 72.49
C ALA Z 304 40.38 -38.04 71.72
N TRP Z 305 41.22 -37.64 70.78
CA TRP Z 305 40.95 -36.53 69.90
C TRP Z 305 41.13 -36.98 68.47
N LEU Z 306 40.47 -36.30 67.55
CA LEU Z 306 40.56 -36.66 66.14
C LEU Z 306 41.07 -35.44 65.39
N SER Z 307 42.27 -35.53 64.83
CA SER Z 307 42.85 -34.36 64.20
C SER Z 307 42.46 -34.31 62.73
N ASN Z 308 42.91 -35.29 61.96
CA ASN Z 308 42.61 -35.37 60.53
C ASN Z 308 42.58 -36.85 60.11
N GLU Z 309 41.38 -37.43 60.22
CA GLU Z 309 41.05 -38.86 60.00
C GLU Z 309 41.94 -39.83 60.78
N LYS Z 310 42.45 -39.42 61.92
CA LYS Z 310 43.32 -40.20 62.79
C LYS Z 310 42.96 -39.78 64.19
N MET Z 311 42.79 -40.74 65.09
CA MET Z 311 42.56 -40.35 66.46
C MET Z 311 43.82 -40.59 67.27
N TYR Z 312 43.91 -39.86 68.34
CA TYR Z 312 45.04 -39.87 69.25
C TYR Z 312 44.47 -40.10 70.63
N VAL Z 313 45.05 -41.05 71.35
CA VAL Z 313 44.53 -41.49 72.62
C VAL Z 313 45.61 -41.31 73.66
N ARG Z 314 45.31 -40.51 74.68
CA ARG Z 314 46.05 -40.46 75.92
C ARG Z 314 45.45 -41.48 76.86
N THR Z 315 46.25 -42.45 77.26
CA THR Z 315 45.78 -43.42 78.23
C THR Z 315 46.97 -43.85 79.06
N ASN Z 316 46.71 -44.69 80.05
CA ASN Z 316 47.75 -45.50 80.64
C ASN Z 316 47.39 -46.97 80.58
N LEU Z 317 46.33 -47.30 79.86
CA LEU Z 317 45.95 -48.67 79.60
C LEU Z 317 46.74 -49.17 78.40
N THR Z 318 46.58 -50.45 78.07
CA THR Z 318 47.32 -50.95 76.92
C THR Z 318 46.37 -51.36 75.81
N ILE Z 319 46.37 -50.63 74.71
CA ILE Z 319 45.46 -50.92 73.60
C ILE Z 319 45.98 -52.13 72.84
N LEU Z 320 45.09 -53.11 72.64
CA LEU Z 320 45.39 -54.44 72.16
C LEU Z 320 44.85 -54.73 70.77
N SER Z 321 43.55 -54.55 70.53
CA SER Z 321 43.07 -55.07 69.25
C SER Z 321 43.31 -54.21 68.00
N PRO Z 322 42.87 -52.95 67.87
CA PRO Z 322 42.75 -52.41 66.51
C PRO Z 322 44.05 -51.86 65.92
N GLY Z 323 45.13 -51.81 66.68
CA GLY Z 323 46.42 -51.51 66.10
C GLY Z 323 46.67 -50.04 65.93
N TRP Z 324 47.84 -49.57 66.33
CA TRP Z 324 48.11 -48.15 66.28
C TRP Z 324 49.29 -47.89 65.38
N LEU Z 325 49.36 -46.67 64.89
CA LEU Z 325 50.43 -46.31 63.98
C LEU Z 325 51.62 -45.72 64.69
N ALA Z 326 51.42 -45.03 65.80
CA ALA Z 326 52.56 -44.44 66.49
C ALA Z 326 52.27 -44.42 67.98
N SER Z 327 53.34 -44.44 68.77
CA SER Z 327 53.19 -44.45 70.22
C SER Z 327 54.35 -43.74 70.89
N MET Z 328 54.02 -43.02 71.95
CA MET Z 328 54.99 -42.52 72.92
C MET Z 328 54.53 -42.86 74.31
N THR Z 329 55.42 -42.64 75.27
CA THR Z 329 55.11 -42.90 76.67
C THR Z 329 55.86 -41.87 77.50
N SER Z 330 55.20 -41.25 78.45
CA SER Z 330 55.81 -40.28 79.32
C SER Z 330 56.60 -40.91 80.45
N ALA Z 331 56.95 -40.10 81.44
CA ALA Z 331 57.75 -40.58 82.56
C ALA Z 331 56.95 -41.48 83.48
N ASP Z 332 55.64 -41.22 83.60
CA ASP Z 332 54.79 -41.91 84.54
C ASP Z 332 53.96 -43.02 83.92
N GLY Z 333 54.37 -43.52 82.76
CA GLY Z 333 53.66 -44.62 82.14
C GLY Z 333 52.42 -44.25 81.40
N THR Z 334 52.14 -42.97 81.23
CA THR Z 334 51.09 -42.54 80.34
C THR Z 334 51.55 -42.76 78.92
N HIS Z 335 50.73 -43.38 78.10
CA HIS Z 335 51.04 -43.54 76.69
C HIS Z 335 50.15 -42.65 75.83
N ALA Z 336 50.65 -42.35 74.63
CA ALA Z 336 49.95 -41.57 73.64
C ALA Z 336 50.04 -42.29 72.31
N TYR Z 337 48.90 -42.62 71.73
CA TYR Z 337 48.78 -43.42 70.52
C TYR Z 337 48.12 -42.69 69.38
N GLU Z 338 48.76 -42.76 68.22
CA GLU Z 338 48.20 -42.39 66.93
C GLU Z 338 47.67 -43.63 66.25
N MET Z 339 46.40 -43.58 65.85
CA MET Z 339 45.79 -44.74 65.21
C MET Z 339 44.67 -44.25 64.30
N GLN Z 340 44.18 -45.13 63.44
CA GLN Z 340 43.04 -44.79 62.63
C GLN Z 340 41.77 -44.85 63.47
N LYS Z 341 40.70 -44.24 62.96
CA LYS Z 341 39.47 -44.14 63.73
C LYS Z 341 38.74 -45.47 63.69
N SER Z 342 38.68 -46.09 64.84
CA SER Z 342 37.95 -47.29 65.18
C SER Z 342 37.02 -46.99 66.33
N PRO Z 343 35.75 -47.40 66.25
CA PRO Z 343 34.78 -46.96 67.25
C PRO Z 343 34.88 -47.70 68.57
N VAL Z 344 35.66 -48.75 68.64
CA VAL Z 344 35.89 -49.47 69.87
C VAL Z 344 37.40 -49.64 70.01
N LEU Z 345 37.86 -49.54 71.25
CA LEU Z 345 39.23 -49.79 71.61
C LEU Z 345 39.19 -50.97 72.54
N LEU Z 346 40.13 -51.88 72.42
CA LEU Z 346 40.25 -52.97 73.36
C LEU Z 346 41.51 -52.74 74.13
N VAL Z 347 41.45 -52.75 75.46
CA VAL Z 347 42.67 -52.55 76.21
C VAL Z 347 42.83 -53.73 77.15
N SER Z 348 44.03 -53.82 77.69
CA SER Z 348 44.26 -54.50 78.95
C SER Z 348 44.33 -53.45 80.04
N TRP Z 349 43.63 -53.71 81.13
CA TRP Z 349 43.67 -52.82 82.29
C TRP Z 349 44.72 -53.30 83.28
N HIS Z 350 44.48 -54.46 83.88
CA HIS Z 350 45.46 -55.09 84.74
C HIS Z 350 45.44 -56.58 84.47
N GLY Z 351 45.57 -56.96 83.21
CA GLY Z 351 45.37 -58.31 82.80
C GLY Z 351 43.96 -58.62 82.36
N LYS Z 352 43.00 -57.80 82.76
CA LYS Z 352 41.64 -57.91 82.24
C LYS Z 352 41.55 -57.29 80.87
N VAL Z 353 40.99 -58.04 79.93
CA VAL Z 353 40.62 -57.54 78.62
C VAL Z 353 39.37 -56.70 78.82
N MET Z 354 39.39 -55.50 78.29
CA MET Z 354 38.51 -54.39 78.61
C MET Z 354 38.13 -53.69 77.31
N GLN Z 355 36.95 -53.10 77.28
CA GLN Z 355 36.50 -52.41 76.08
C GLN Z 355 36.22 -50.95 76.38
N LEU Z 356 36.60 -50.11 75.44
CA LEU Z 356 36.42 -48.67 75.49
C LEU Z 356 35.71 -48.27 74.21
N LYS Z 357 34.84 -47.29 74.30
CA LYS Z 357 33.90 -47.02 73.23
C LYS Z 357 33.96 -45.55 72.90
N VAL Z 358 34.18 -45.21 71.63
CA VAL Z 358 34.38 -43.82 71.26
C VAL Z 358 33.34 -43.41 70.23
N GLU Z 359 32.84 -42.19 70.38
CA GLU Z 359 31.79 -41.64 69.53
C GLU Z 359 32.40 -40.52 68.69
N GLY Z 360 32.36 -40.68 67.37
CA GLY Z 360 32.99 -39.75 66.45
C GLY Z 360 33.88 -40.45 65.43
N LEU AA 41 24.15 -48.30 76.50
CA LEU AA 41 24.59 -47.39 77.55
C LEU AA 41 25.66 -48.05 78.42
N PRO AA 42 26.56 -47.24 78.99
CA PRO AA 42 27.44 -47.75 80.04
C PRO AA 42 26.67 -48.10 81.30
N CYS AA 43 27.22 -49.05 82.05
CA CYS AA 43 26.55 -49.61 83.21
C CYS AA 43 26.83 -48.78 84.44
N ARG AA 44 25.80 -48.57 85.27
CA ARG AA 44 25.98 -47.86 86.53
C ARG AA 44 26.58 -48.78 87.58
N VAL AA 45 25.87 -49.84 87.94
CA VAL AA 45 26.40 -50.83 88.86
C VAL AA 45 27.12 -51.92 88.06
N ASP AA 46 28.18 -52.45 88.64
CA ASP AA 46 28.92 -53.53 87.99
C ASP AA 46 28.52 -54.91 88.50
N GLY AA 47 27.23 -55.22 88.50
CA GLY AA 47 26.74 -56.47 89.04
C GLY AA 47 26.81 -56.57 90.55
N ALA AA 48 26.78 -55.43 91.24
CA ALA AA 48 26.98 -55.40 92.69
C ALA AA 48 26.32 -54.16 93.24
N CYS AA 49 25.93 -54.18 94.51
CA CYS AA 49 25.42 -53.00 95.18
C CYS AA 49 26.03 -52.91 96.57
N ASP AA 50 26.18 -51.66 97.04
CA ASP AA 50 26.86 -51.40 98.29
C ASP AA 50 26.05 -51.82 99.49
N ALA AA 51 24.72 -51.80 99.35
CA ALA AA 51 23.82 -52.34 100.36
C ALA AA 51 24.01 -53.84 100.52
N THR AA 52 24.23 -54.55 99.41
CA THR AA 52 24.49 -55.98 99.50
C THR AA 52 25.88 -56.27 100.03
N ILE AA 53 26.85 -55.38 99.76
CA ILE AA 53 28.20 -55.51 100.33
C ILE AA 53 28.17 -55.43 101.85
N ILE AA 54 27.47 -54.42 102.37
CA ILE AA 54 27.44 -54.34 103.83
C ILE AA 54 26.45 -55.33 104.43
N LYS AA 55 25.50 -55.84 103.66
CA LYS AA 55 24.60 -56.89 104.15
C LYS AA 55 25.34 -58.21 104.32
N MET AA 56 26.16 -58.59 103.32
CA MET AA 56 27.04 -59.74 103.49
C MET AA 56 28.11 -59.50 104.54
N MET AA 57 28.53 -58.26 104.73
CA MET AA 57 29.60 -57.98 105.67
C MET AA 57 29.13 -58.09 107.11
N THR AA 58 27.93 -57.58 107.41
CA THR AA 58 27.26 -57.87 108.69
C THR AA 58 26.93 -59.33 108.87
N ASP AA 59 26.49 -60.05 107.83
CA ASP AA 59 26.14 -61.45 108.01
C ASP AA 59 27.35 -62.34 108.22
N LEU AA 60 28.47 -62.02 107.59
CA LEU AA 60 29.70 -62.76 107.81
C LEU AA 60 30.28 -62.48 109.19
N ASN AA 61 30.17 -61.23 109.66
CA ASN AA 61 30.60 -60.95 111.03
C ASN AA 61 29.65 -61.53 112.07
N LYS AA 62 28.37 -61.73 111.74
CA LYS AA 62 27.48 -62.42 112.65
C LYS AA 62 27.76 -63.91 112.71
N LYS AA 63 28.08 -64.53 111.58
CA LYS AA 63 28.52 -65.92 111.63
C LYS AA 63 30.00 -66.09 111.99
N GLY AA 64 30.71 -65.03 112.34
CA GLY AA 64 31.98 -65.19 112.99
C GLY AA 64 33.14 -65.18 112.04
N ILE AA 65 32.88 -64.95 110.77
CA ILE AA 65 33.93 -64.79 109.79
C ILE AA 65 34.26 -63.31 109.75
N LYS AA 66 35.43 -62.95 110.26
CA LYS AA 66 35.56 -61.55 110.63
C LYS AA 66 36.08 -60.79 109.42
N VAL AA 67 35.35 -59.77 108.98
CA VAL AA 67 35.72 -58.96 107.83
C VAL AA 67 36.36 -57.68 108.33
N ALA AA 68 37.67 -57.57 108.15
CA ALA AA 68 38.38 -56.32 108.35
C ALA AA 68 38.45 -55.54 107.05
N SER AA 69 38.34 -54.22 107.18
CA SER AA 69 38.15 -53.34 106.03
C SER AA 69 39.03 -52.13 106.21
N VAL AA 70 40.27 -52.21 105.76
CA VAL AA 70 41.27 -51.20 106.04
C VAL AA 70 41.69 -50.59 104.70
N GLY AA 71 41.28 -49.35 104.45
CA GLY AA 71 41.66 -48.67 103.22
C GLY AA 71 40.94 -49.20 102.01
N GLN AA 72 41.63 -49.91 101.14
CA GLN AA 72 40.96 -50.88 100.31
C GLN AA 72 41.48 -52.28 100.51
N ASN AA 73 42.38 -52.49 101.45
CA ASN AA 73 42.73 -53.86 101.82
C ASN AA 73 41.58 -54.49 102.58
N TYR AA 74 41.05 -55.54 102.01
CA TYR AA 74 40.00 -56.31 102.63
C TYR AA 74 40.57 -57.62 103.11
N LEU AA 75 40.16 -57.97 104.32
CA LEU AA 75 40.55 -59.20 104.97
C LEU AA 75 39.28 -59.89 105.38
N ILE AA 76 39.10 -61.14 104.97
CA ILE AA 76 38.13 -61.98 105.65
C ILE AA 76 38.90 -63.12 106.29
N SER AA 77 38.65 -63.31 107.57
CA SER AA 77 39.39 -64.26 108.38
C SER AA 77 38.43 -65.36 108.77
N ILE AA 78 38.80 -66.59 108.46
CA ILE AA 78 37.93 -67.75 108.62
C ILE AA 78 38.62 -68.71 109.58
N PRO AA 79 37.99 -69.05 110.71
CA PRO AA 79 38.53 -70.12 111.54
C PRO AA 79 38.45 -71.47 110.85
N ALA AA 80 39.48 -72.28 111.06
CA ALA AA 80 39.58 -73.57 110.40
C ALA AA 80 38.63 -74.61 110.96
N SER AA 81 38.08 -74.37 112.16
CA SER AA 81 36.92 -75.11 112.62
C SER AA 81 35.71 -74.89 111.72
N ALA AA 82 35.53 -73.66 111.26
CA ALA AA 82 34.34 -73.34 110.49
C ALA AA 82 34.41 -73.85 109.07
N LEU AA 83 35.58 -74.28 108.59
CA LEU AA 83 35.58 -74.97 107.31
C LEU AA 83 35.94 -76.44 107.44
N PHE AA 84 37.11 -76.79 107.96
CA PHE AA 84 37.57 -78.13 107.64
C PHE AA 84 37.28 -79.07 108.80
N ALA AA 85 37.78 -80.30 108.65
CA ALA AA 85 37.93 -81.20 109.77
C ALA AA 85 39.31 -80.95 110.38
N ASP AA 86 39.57 -81.51 111.56
CA ASP AA 86 40.75 -81.14 112.34
C ASP AA 86 42.00 -81.83 111.80
N GLN AA 87 43.03 -81.01 111.57
CA GLN AA 87 44.36 -81.39 111.05
C GLN AA 87 44.30 -82.11 109.72
N SER AA 88 43.34 -81.72 108.89
CA SER AA 88 43.06 -82.39 107.64
C SER AA 88 43.05 -81.34 106.56
N PRO AA 89 43.45 -81.68 105.35
CA PRO AA 89 43.18 -80.84 104.20
C PRO AA 89 41.88 -81.18 103.47
N ARG AA 90 40.78 -81.30 104.20
CA ARG AA 90 39.53 -81.77 103.61
C ARG AA 90 38.37 -80.92 104.08
N LEU AA 91 37.59 -80.39 103.14
CA LEU AA 91 36.36 -79.67 103.48
C LEU AA 91 35.29 -80.58 104.04
N ASN AA 92 34.52 -80.02 104.96
CA ASN AA 92 33.21 -80.55 105.28
C ASN AA 92 32.23 -80.10 104.21
N TRP AA 93 31.16 -80.88 104.07
CA TRP AA 93 30.17 -80.60 103.04
C TRP AA 93 29.32 -79.38 103.34
N ALA AA 94 29.08 -79.09 104.61
CA ALA AA 94 28.24 -77.95 104.95
C ALA AA 94 29.00 -76.63 104.81
N SER AA 95 30.33 -76.67 104.83
CA SER AA 95 31.14 -75.47 104.81
C SER AA 95 31.28 -74.84 103.43
N TYR AA 96 30.78 -75.50 102.39
CA TYR AA 96 30.71 -74.84 101.10
C TYR AA 96 29.61 -73.79 101.05
N SER AA 97 28.62 -73.85 101.96
CA SER AA 97 27.70 -72.74 102.11
C SER AA 97 28.40 -71.53 102.70
N LEU AA 98 29.36 -71.75 103.59
CA LEU AA 98 30.15 -70.64 104.13
C LEU AA 98 31.02 -70.05 103.04
N LEU AA 99 31.57 -70.93 102.21
CA LEU AA 99 32.25 -70.51 100.99
C LEU AA 99 31.32 -69.90 99.95
N ASN AA 100 30.01 -70.13 100.03
CA ASN AA 100 29.08 -69.49 99.11
C ASN AA 100 28.92 -68.02 99.37
N GLU AA 101 28.66 -67.61 100.63
CA GLU AA 101 28.72 -66.14 100.74
C GLU AA 101 30.14 -65.57 100.84
N ILE AA 102 31.18 -66.39 101.04
CA ILE AA 102 32.54 -65.90 100.77
C ILE AA 102 32.73 -65.56 99.30
N ALA AA 103 32.30 -66.45 98.40
CA ALA AA 103 32.45 -66.20 96.97
C ALA AA 103 31.47 -65.16 96.45
N ALA AA 104 30.27 -65.11 97.00
CA ALA AA 104 29.33 -64.07 96.59
C ALA AA 104 29.67 -62.72 97.18
N PHE AA 105 30.42 -62.70 98.28
CA PHE AA 105 31.02 -61.44 98.72
C PHE AA 105 32.16 -61.04 97.81
N LEU AA 106 32.92 -62.02 97.31
CA LEU AA 106 34.02 -61.72 96.40
C LEU AA 106 33.57 -61.44 94.98
N LYS AA 107 32.29 -61.66 94.65
CA LYS AA 107 31.71 -61.10 93.44
C LYS AA 107 31.77 -59.60 93.39
N GLN AA 108 31.59 -58.96 94.54
CA GLN AA 108 31.15 -57.58 94.59
C GLN AA 108 32.25 -56.58 94.32
N PHE AA 109 33.51 -56.98 94.34
CA PHE AA 109 34.60 -56.04 94.22
C PHE AA 109 35.39 -56.27 92.95
N ARG AA 110 35.97 -55.21 92.44
CA ARG AA 110 36.94 -55.29 91.36
C ARG AA 110 38.28 -55.52 92.01
N LYS AA 111 38.93 -56.61 91.65
CA LYS AA 111 40.11 -57.05 92.35
C LYS AA 111 41.09 -57.64 91.35
N ILE AA 112 42.35 -57.60 91.72
CA ILE AA 112 43.43 -57.98 90.82
C ILE AA 112 44.06 -59.27 91.28
N ALA AA 113 44.47 -59.32 92.53
CA ALA AA 113 45.04 -60.52 93.11
C ALA AA 113 44.46 -60.72 94.49
N ILE AA 114 43.76 -61.81 94.66
CA ILE AA 114 43.42 -62.34 95.97
C ILE AA 114 44.59 -63.18 96.41
N THR AA 115 45.09 -62.98 97.63
CA THR AA 115 45.94 -64.00 98.19
C THR AA 115 45.24 -64.67 99.37
N VAL AA 116 45.29 -65.99 99.36
CA VAL AA 116 44.68 -66.83 100.37
C VAL AA 116 45.79 -67.57 101.07
N THR AA 117 45.90 -67.38 102.37
CA THR AA 117 46.94 -68.05 103.09
C THR AA 117 46.40 -68.63 104.38
N SER AA 118 46.88 -69.82 104.69
CA SER AA 118 46.31 -70.62 105.77
C SER AA 118 47.43 -70.96 106.74
N TYR AA 119 47.10 -71.00 108.03
CA TYR AA 119 48.03 -71.50 109.03
C TYR AA 119 47.26 -72.02 110.22
N SER AA 120 47.76 -73.10 110.83
CA SER AA 120 47.10 -73.65 112.00
C SER AA 120 48.09 -73.80 113.13
N SER AA 121 47.65 -74.43 114.21
CA SER AA 121 48.52 -74.69 115.35
C SER AA 121 49.36 -75.92 115.10
N LYS AA 122 50.30 -76.17 116.01
CA LYS AA 122 51.28 -77.23 115.83
C LYS AA 122 50.65 -78.60 116.05
N TYR AA 123 50.90 -79.54 115.14
CA TYR AA 123 50.39 -80.89 115.32
C TYR AA 123 51.48 -81.95 115.39
N VAL AA 124 52.31 -82.09 114.37
CA VAL AA 124 53.43 -83.01 114.47
C VAL AA 124 54.71 -82.21 114.37
N SER AA 125 54.93 -81.61 113.21
CA SER AA 125 56.12 -80.85 112.94
C SER AA 125 55.73 -79.67 112.09
N VAL AA 126 56.67 -78.74 111.93
CA VAL AA 126 56.44 -77.61 111.04
C VAL AA 126 56.44 -78.03 109.58
N LYS AA 127 57.10 -79.12 109.21
CA LYS AA 127 57.13 -79.58 107.83
C LYS AA 127 55.81 -80.21 107.44
N ARG AA 128 55.26 -81.07 108.31
CA ARG AA 128 53.92 -81.62 108.15
C ARG AA 128 52.86 -80.53 108.23
N GLU AA 129 53.11 -79.54 109.08
CA GLU AA 129 52.21 -78.42 109.23
C GLU AA 129 52.16 -77.54 107.99
N ARG AA 130 53.30 -77.28 107.37
CA ARG AA 130 53.32 -76.42 106.20
C ARG AA 130 52.79 -77.13 104.98
N ALA AA 131 52.98 -78.46 104.91
CA ALA AA 131 52.31 -79.26 103.88
C ALA AA 131 50.80 -79.24 104.04
N LEU AA 132 50.32 -79.33 105.29
CA LEU AA 132 48.90 -79.22 105.61
C LEU AA 132 48.31 -77.87 105.20
N THR AA 133 49.02 -76.80 105.50
CA THR AA 133 48.42 -75.49 105.28
C THR AA 133 48.53 -75.06 103.82
N LEU AA 134 49.53 -75.60 103.11
CA LEU AA 134 49.63 -75.38 101.67
C LEU AA 134 48.53 -76.12 100.93
N ALA AA 135 48.26 -77.38 101.32
CA ALA AA 135 47.14 -78.13 100.74
C ALA AA 135 45.80 -77.52 101.11
N ARG AA 136 45.72 -76.95 102.31
CA ARG AA 136 44.53 -76.29 102.85
C ARG AA 136 44.14 -75.08 102.05
N SER AA 137 45.10 -74.19 101.84
CA SER AA 137 44.87 -72.99 101.06
C SER AA 137 44.68 -73.29 99.58
N ARG AA 138 45.37 -74.30 99.05
CA ARG AA 138 45.20 -74.58 97.63
C ARG AA 138 43.87 -75.25 97.33
N VAL AA 139 43.31 -75.96 98.32
CA VAL AA 139 41.98 -76.54 98.18
C VAL AA 139 40.91 -75.45 98.22
N VAL AA 140 41.08 -74.47 99.12
CA VAL AA 140 40.04 -73.43 99.19
C VAL AA 140 40.15 -72.42 98.04
N SER AA 141 41.34 -72.23 97.47
CA SER AA 141 41.41 -71.41 96.26
C SER AA 141 40.97 -72.16 95.01
N GLU AA 142 41.14 -73.50 94.97
CA GLU AA 142 40.53 -74.30 93.91
C GLU AA 142 39.03 -74.20 93.92
N TYR AA 143 38.41 -74.18 95.11
CA TYR AA 143 36.97 -73.95 95.14
C TYR AA 143 36.61 -72.51 94.84
N LEU AA 144 37.47 -71.55 95.16
CA LEU AA 144 37.11 -70.16 94.93
C LEU AA 144 37.23 -69.74 93.47
N TRP AA 145 38.09 -70.39 92.69
CA TRP AA 145 38.06 -70.17 91.25
C TRP AA 145 37.24 -71.25 90.54
N SER AA 146 36.78 -72.28 91.25
CA SER AA 146 35.59 -72.94 90.74
C SER AA 146 34.40 -72.00 90.84
N GLN AA 147 34.29 -71.30 91.96
CA GLN AA 147 33.27 -70.30 92.06
C GLN AA 147 33.72 -68.99 91.44
N GLY AA 148 32.93 -67.96 91.68
CA GLY AA 148 33.11 -66.74 90.94
C GLY AA 148 34.00 -65.78 91.69
N VAL AA 149 35.20 -65.61 91.21
CA VAL AA 149 35.95 -64.42 91.52
C VAL AA 149 36.27 -63.77 90.19
N ASP AA 150 36.39 -62.46 90.20
CA ASP AA 150 36.85 -61.73 89.03
C ASP AA 150 38.29 -61.32 89.21
N SER AA 151 38.97 -62.01 90.10
CA SER AA 151 40.38 -61.81 90.32
C SER AA 151 41.18 -62.36 89.15
N ARG AA 152 42.33 -61.76 88.93
CA ARG AA 152 43.22 -62.22 87.88
C ARG AA 152 44.24 -63.20 88.42
N ILE AA 153 44.68 -63.01 89.65
CA ILE AA 153 45.53 -63.97 90.31
C ILE AA 153 44.85 -64.31 91.62
N ILE AA 154 44.83 -65.59 91.98
CA ILE AA 154 44.80 -65.95 93.38
C ILE AA 154 46.14 -66.56 93.71
N PHE AA 155 46.89 -65.86 94.54
CA PHE AA 155 48.07 -66.47 95.15
C PHE AA 155 47.55 -67.23 96.34
N THR AA 156 48.18 -68.34 96.64
CA THR AA 156 47.74 -69.23 97.70
C THR AA 156 48.92 -69.92 98.36
N GLN AA 157 48.96 -69.87 99.69
CA GLN AA 157 50.11 -70.38 100.42
C GLN AA 157 49.71 -70.70 101.85
N GLY AA 158 50.57 -71.46 102.51
CA GLY AA 158 50.33 -71.83 103.89
C GLY AA 158 51.58 -71.69 104.73
N LEU AA 159 51.41 -71.39 106.01
CA LEU AA 159 52.54 -71.19 106.90
C LEU AA 159 52.41 -72.06 108.14
N GLY AA 160 53.53 -72.25 108.82
CA GLY AA 160 53.59 -73.13 109.97
C GLY AA 160 53.49 -72.51 111.32
N SER AA 161 52.34 -71.84 111.59
CA SER AA 161 52.07 -71.02 112.78
C SER AA 161 53.12 -69.94 112.96
N ASP AA 162 53.61 -69.45 111.84
CA ASP AA 162 54.66 -68.49 111.86
C ASP AA 162 54.13 -67.11 112.09
N LYS AA 163 52.82 -66.93 112.05
CA LYS AA 163 52.27 -65.60 112.27
C LYS AA 163 51.06 -65.66 113.21
N PRO AA 164 51.19 -66.06 114.49
CA PRO AA 164 49.93 -66.41 115.19
C PRO AA 164 49.30 -65.23 115.91
N ILE AA 165 47.98 -65.05 115.74
CA ILE AA 165 47.34 -63.83 116.21
C ILE AA 165 47.01 -63.81 117.71
N THR AA 166 47.20 -64.92 118.41
CA THR AA 166 47.12 -64.91 119.87
C THR AA 166 48.19 -65.83 120.40
N SER AA 167 48.57 -65.59 121.64
CA SER AA 167 49.54 -66.45 122.31
C SER AA 167 48.89 -67.64 123.00
N TYR AA 168 47.57 -67.72 122.96
CA TYR AA 168 46.85 -68.78 123.65
C TYR AA 168 46.61 -69.92 122.66
N THR AA 169 47.16 -71.09 122.99
CA THR AA 169 47.43 -72.18 122.06
C THR AA 169 46.68 -73.45 122.45
N LEU AA 170 45.34 -73.35 122.53
CA LEU AA 170 44.46 -74.32 123.20
C LEU AA 170 44.55 -75.73 122.63
N GLY AA 171 44.67 -75.86 121.31
CA GLY AA 171 44.46 -77.15 120.69
C GLY AA 171 44.76 -77.14 119.22
N GLY AA 172 43.92 -77.81 118.45
CA GLY AA 172 44.21 -78.03 117.05
C GLY AA 172 43.51 -77.03 116.17
N ASP AA 173 42.46 -77.44 115.47
CA ASP AA 173 41.71 -76.49 114.67
C ASP AA 173 40.68 -75.71 115.45
N ARG AA 174 40.51 -75.95 116.75
CA ARG AA 174 39.62 -75.09 117.52
C ARG AA 174 40.34 -73.86 118.04
N SER AA 175 41.65 -73.76 117.82
CA SER AA 175 42.39 -72.57 118.18
C SER AA 175 41.94 -71.43 117.28
N PRO AA 176 41.85 -70.20 117.80
CA PRO AA 176 41.61 -69.06 116.92
C PRO AA 176 42.82 -68.66 116.11
N ASN AA 177 44.01 -69.15 116.46
CA ASN AA 177 45.14 -69.10 115.57
C ASN AA 177 44.95 -69.94 114.32
N ALA AA 178 44.21 -71.05 114.41
CA ALA AA 178 44.06 -71.96 113.29
C ALA AA 178 43.04 -71.39 112.33
N ARG AA 179 43.51 -70.81 111.23
CA ARG AA 179 42.63 -69.99 110.43
C ARG AA 179 43.19 -69.92 109.02
N VAL AA 180 42.30 -69.58 108.08
CA VAL AA 180 42.71 -69.17 106.76
C VAL AA 180 42.32 -67.71 106.67
N GLU AA 181 43.08 -66.95 105.90
CA GLU AA 181 42.74 -65.56 105.66
C GLU AA 181 42.83 -65.25 104.18
N ILE AA 182 41.84 -64.51 103.71
CA ILE AA 182 41.67 -64.17 102.32
C ILE AA 182 41.79 -62.66 102.28
N THR AA 183 42.91 -62.16 101.76
CA THR AA 183 43.16 -60.74 101.73
C THR AA 183 43.34 -60.30 100.30
N PHE AA 184 42.81 -59.13 99.98
CA PHE AA 184 42.97 -58.55 98.66
C PHE AA 184 42.91 -57.05 98.78
N ARG AA 185 43.12 -56.37 97.67
CA ARG AA 185 42.93 -54.94 97.60
C ARG AA 185 41.90 -54.66 96.53
N ARG AA 186 40.88 -53.91 96.89
CA ARG AA 186 39.83 -53.57 95.94
C ARG AA 186 40.35 -52.55 94.95
N ALA AA 187 40.36 -52.91 93.68
CA ALA AA 187 40.89 -52.02 92.66
C ALA AA 187 39.85 -50.97 92.31
N VAL AA 188 40.33 -49.72 92.25
CA VAL AA 188 39.62 -48.42 92.06
C VAL AA 188 38.22 -48.32 92.66
N PHE BA 25 -66.20 97.28 -55.43
CA PHE BA 25 -65.27 97.43 -54.33
C PHE BA 25 -63.98 96.65 -54.60
N LYS BA 26 -63.04 96.81 -53.72
CA LYS BA 26 -61.66 96.42 -53.94
C LYS BA 26 -61.01 95.48 -52.98
N LYS BA 27 -59.89 95.00 -53.50
CA LYS BA 27 -58.92 94.15 -52.87
C LYS BA 27 -57.51 94.67 -53.11
N PRO BA 28 -56.64 94.56 -52.12
CA PRO BA 28 -55.21 94.70 -52.33
C PRO BA 28 -54.65 93.50 -53.06
N PRO BA 29 -53.41 93.56 -53.55
CA PRO BA 29 -52.77 92.36 -54.09
C PRO BA 29 -52.52 91.28 -53.03
N ILE BA 30 -52.48 90.03 -53.50
CA ILE BA 30 -52.56 88.90 -52.57
C ILE BA 30 -51.23 88.65 -51.91
N ASN BA 31 -50.18 88.46 -52.70
CA ASN BA 31 -48.84 88.42 -52.16
C ASN BA 31 -48.18 89.80 -52.29
N ASN BA 32 -48.81 90.71 -51.74
CA ASN BA 32 -48.34 92.08 -51.67
C ASN BA 32 -47.39 92.22 -50.49
N PRO BA 33 -46.40 93.07 -50.63
CA PRO BA 33 -45.65 93.49 -49.45
C PRO BA 33 -46.50 94.46 -48.65
N SER BA 34 -47.32 93.92 -47.75
CA SER BA 34 -48.17 94.72 -46.87
C SER BA 34 -47.67 94.65 -45.43
N ASP BA 35 -46.37 94.46 -45.28
CA ASP BA 35 -45.76 94.08 -44.02
C ASP BA 35 -44.41 94.76 -43.96
N ASP BA 36 -44.05 95.27 -42.79
CA ASP BA 36 -42.95 96.24 -42.67
C ASP BA 36 -41.58 95.63 -42.90
N ALA BA 37 -41.45 94.32 -42.80
CA ALA BA 37 -40.21 93.65 -43.18
C ALA BA 37 -40.20 93.25 -44.63
N THR BA 38 -41.33 92.78 -45.14
CA THR BA 38 -41.38 92.29 -46.50
C THR BA 38 -41.37 93.40 -47.52
N ILE BA 39 -41.75 94.62 -47.12
CA ILE BA 39 -41.47 95.79 -47.95
C ILE BA 39 -39.99 96.06 -48.05
N LYS BA 40 -39.21 95.81 -47.00
CA LYS BA 40 -37.79 96.07 -47.08
C LYS BA 40 -37.07 95.00 -47.88
N LEU BA 41 -37.55 93.76 -47.74
CA LEU BA 41 -37.09 92.64 -48.53
C LEU BA 41 -37.42 92.83 -50.02
N ALA BA 42 -38.60 93.34 -50.33
CA ALA BA 42 -38.95 93.49 -51.73
C ALA BA 42 -38.41 94.77 -52.38
N GLU BA 43 -38.17 95.84 -51.61
CA GLU BA 43 -37.44 96.98 -52.19
C GLU BA 43 -35.98 96.66 -52.36
N ALA BA 44 -35.45 95.78 -51.52
CA ALA BA 44 -34.15 95.20 -51.80
C ALA BA 44 -34.19 94.34 -53.05
N ALA BA 45 -35.31 93.64 -53.30
CA ALA BA 45 -35.42 92.79 -54.49
C ALA BA 45 -35.46 93.58 -55.77
N VAL BA 46 -36.18 94.71 -55.76
CA VAL BA 46 -36.18 95.56 -56.94
C VAL BA 46 -34.83 96.23 -57.11
N SER BA 47 -34.13 96.58 -56.02
CA SER BA 47 -32.81 97.18 -56.19
C SER BA 47 -31.71 96.19 -56.57
N VAL BA 48 -31.80 94.93 -56.13
CA VAL BA 48 -30.85 93.91 -56.55
C VAL BA 48 -31.03 93.57 -58.01
N SER BA 49 -32.28 93.31 -58.45
CA SER BA 49 -32.48 92.92 -59.83
C SER BA 49 -32.34 94.10 -60.80
N ASP BA 50 -32.57 95.33 -60.34
CA ASP BA 50 -32.11 96.47 -61.11
C ASP BA 50 -30.59 96.52 -61.19
N SER BA 51 -29.89 96.24 -60.07
CA SER BA 51 -28.42 96.31 -60.06
C SER BA 51 -27.75 95.21 -60.90
N MET BA 52 -28.29 93.97 -60.90
CA MET BA 52 -28.23 93.05 -62.05
C MET BA 52 -28.41 93.65 -63.42
N LEU BA 53 -29.43 94.49 -63.62
CA LEU BA 53 -29.62 94.95 -65.00
C LEU BA 53 -28.48 95.86 -65.44
N GLU BA 54 -28.00 96.80 -64.60
CA GLU BA 54 -26.84 97.58 -65.07
C GLU BA 54 -25.50 96.81 -65.02
N MET BA 55 -25.39 95.75 -64.22
CA MET BA 55 -24.37 94.71 -64.45
C MET BA 55 -24.38 94.18 -65.87
N ALA BA 56 -25.56 93.84 -66.34
CA ALA BA 56 -25.66 93.24 -67.64
C ALA BA 56 -25.49 94.26 -68.75
N LYS BA 57 -25.88 95.53 -68.50
CA LYS BA 57 -25.59 96.62 -69.42
C LYS BA 57 -24.11 96.89 -69.54
N VAL BA 58 -23.35 96.74 -68.46
CA VAL BA 58 -21.93 97.05 -68.62
C VAL BA 58 -21.17 95.86 -69.24
N GLU BA 59 -21.46 94.62 -68.84
CA GLU BA 59 -20.65 93.55 -69.41
C GLU BA 59 -21.22 92.91 -70.65
N LYS BA 60 -22.43 93.26 -71.07
CA LYS BA 60 -22.99 92.68 -72.27
C LYS BA 60 -22.33 93.34 -73.46
N VAL BA 61 -21.33 92.70 -74.02
CA VAL BA 61 -20.81 93.15 -75.30
C VAL BA 61 -21.67 92.52 -76.38
N ILE BA 62 -22.11 93.35 -77.30
CA ILE BA 62 -22.84 92.89 -78.48
C ILE BA 62 -21.95 93.30 -79.64
N THR BA 63 -22.38 93.05 -80.86
CA THR BA 63 -21.81 93.88 -81.90
C THR BA 63 -22.96 94.48 -82.70
N PRO BA 64 -22.79 95.69 -83.23
CA PRO BA 64 -23.86 96.35 -84.00
C PRO BA 64 -24.18 95.61 -85.28
N PRO BA 65 -25.43 95.71 -85.80
CA PRO BA 65 -25.81 94.95 -87.00
C PRO BA 65 -25.20 95.49 -88.29
N SER BA 66 -24.61 96.68 -88.25
CA SER BA 66 -23.74 97.13 -89.34
C SER BA 66 -22.49 96.25 -89.47
N LYS BA 67 -22.02 95.68 -88.38
CA LYS BA 67 -20.76 94.95 -88.35
C LYS BA 67 -20.98 93.60 -87.68
N ASP BA 68 -22.00 92.86 -88.14
CA ASP BA 68 -22.33 91.60 -87.51
C ASP BA 68 -21.61 90.40 -88.10
N ASN BA 69 -21.03 90.59 -89.30
CA ASN BA 69 -20.25 89.75 -90.23
C ASN BA 69 -20.75 88.31 -90.41
N THR BA 70 -22.04 88.09 -90.21
CA THR BA 70 -22.73 86.86 -90.55
C THR BA 70 -23.48 87.03 -91.87
N LEU BA 71 -23.90 85.92 -92.45
CA LEU BA 71 -24.57 85.96 -93.75
C LEU BA 71 -26.00 86.45 -93.55
N THR BA 72 -26.48 87.21 -94.52
CA THR BA 72 -27.85 87.69 -94.55
C THR BA 72 -28.76 86.66 -95.20
N ILE BA 73 -29.97 87.05 -95.55
CA ILE BA 73 -30.78 86.19 -96.42
C ILE BA 73 -30.51 86.59 -97.87
N PRO BA 74 -30.06 85.68 -98.72
CA PRO BA 74 -29.77 86.02 -100.12
C PRO BA 74 -30.97 86.08 -101.05
N ASN BA 75 -32.20 85.96 -100.51
CA ASN BA 75 -33.54 86.24 -101.05
C ASN BA 75 -33.82 85.69 -102.46
N ALA BA 76 -33.12 84.65 -102.89
CA ALA BA 76 -33.40 84.01 -104.16
C ALA BA 76 -34.53 82.99 -103.98
N TYR BA 77 -35.38 82.89 -105.01
CA TYR BA 77 -36.61 82.11 -104.95
C TYR BA 77 -36.34 80.61 -104.82
N ASN BA 78 -35.22 80.15 -105.36
CA ASN BA 78 -34.78 78.79 -105.06
C ASN BA 78 -34.35 78.66 -103.61
N LEU BA 79 -33.72 79.68 -103.05
CA LEU BA 79 -33.26 79.61 -101.67
C LEU BA 79 -34.36 79.89 -100.66
N GLN BA 80 -35.55 80.29 -101.09
CA GLN BA 80 -36.66 80.40 -100.17
C GLN BA 80 -37.59 79.21 -100.24
N ALA BA 81 -37.09 78.03 -100.55
CA ALA BA 81 -37.91 76.83 -100.53
C ALA BA 81 -38.05 76.32 -99.11
N ARG BA 82 -38.46 75.06 -98.98
CA ARG BA 82 -39.15 74.65 -97.77
C ARG BA 82 -38.69 73.25 -97.33
N ALA BA 83 -37.69 73.17 -96.43
CA ALA BA 83 -36.92 71.94 -96.20
C ALA BA 83 -37.07 71.39 -94.78
N SER BA 84 -36.23 70.39 -94.51
CA SER BA 84 -36.16 69.65 -93.27
C SER BA 84 -34.84 68.90 -93.22
N VAL BA 85 -34.05 69.08 -92.16
CA VAL BA 85 -32.76 68.38 -92.04
C VAL BA 85 -32.44 68.12 -90.57
N ASP BA 86 -31.95 66.92 -90.29
CA ASP BA 86 -31.52 66.47 -88.96
C ASP BA 86 -30.13 65.87 -89.10
N TRP BA 87 -29.12 66.52 -88.51
CA TRP BA 87 -27.76 66.11 -88.82
C TRP BA 87 -26.77 66.68 -87.82
N SER BA 88 -25.76 65.89 -87.45
CA SER BA 88 -24.51 66.45 -86.97
C SER BA 88 -23.34 65.89 -87.75
N GLY BA 89 -22.40 66.76 -88.14
CA GLY BA 89 -21.16 66.32 -88.76
C GLY BA 89 -20.40 67.43 -89.47
N PRO BA 90 -19.70 67.11 -90.58
CA PRO BA 90 -18.84 68.12 -91.21
C PRO BA 90 -19.47 68.94 -92.33
N ILE BA 91 -19.24 70.27 -92.24
CA ILE BA 91 -19.92 71.37 -92.93
C ILE BA 91 -20.05 71.26 -94.45
N GLU BA 92 -19.05 70.66 -95.12
CA GLU BA 92 -18.92 70.75 -96.57
C GLU BA 92 -19.96 69.91 -97.27
N GLU BA 93 -20.50 68.95 -96.56
CA GLU BA 93 -21.36 67.95 -97.09
C GLU BA 93 -22.82 68.44 -97.08
N LEU BA 94 -23.24 69.15 -96.01
CA LEU BA 94 -24.53 69.87 -96.05
C LEU BA 94 -24.49 70.96 -97.09
N THR BA 95 -23.38 71.70 -97.18
CA THR BA 95 -23.38 72.82 -98.10
C THR BA 95 -23.38 72.40 -99.55
N ALA BA 96 -22.75 71.24 -99.81
CA ALA BA 96 -22.92 70.53 -101.07
C ALA BA 96 -24.37 70.21 -101.33
N ARG BA 97 -25.08 69.68 -100.31
CA ARG BA 97 -26.36 69.19 -100.76
C ARG BA 97 -27.44 70.20 -100.50
N ILE BA 98 -27.09 71.31 -99.87
CA ILE BA 98 -28.02 72.41 -99.74
C ILE BA 98 -27.92 73.16 -101.05
N ALA BA 99 -26.75 73.09 -101.72
CA ALA BA 99 -26.62 73.65 -103.05
C ALA BA 99 -27.34 72.80 -104.07
N LYS BA 100 -27.19 71.49 -103.99
CA LYS BA 100 -27.85 70.69 -105.01
C LYS BA 100 -29.30 70.39 -104.66
N ALA BA 101 -29.77 70.79 -103.48
CA ALA BA 101 -31.19 70.92 -103.23
C ALA BA 101 -31.71 72.30 -103.61
N ALA BA 102 -30.85 73.30 -103.64
CA ALA BA 102 -31.23 74.63 -104.09
C ALA BA 102 -31.10 74.79 -105.59
N HIS BA 103 -30.63 73.74 -106.30
CA HIS BA 103 -30.17 73.77 -107.68
C HIS BA 103 -29.11 74.84 -107.88
N PHE BA 104 -28.17 74.90 -106.96
CA PHE BA 104 -27.09 75.85 -106.97
C PHE BA 104 -25.79 75.08 -107.12
N ARG BA 105 -24.80 75.72 -107.72
CA ARG BA 105 -23.49 75.09 -107.74
C ARG BA 105 -22.85 75.30 -106.37
N PHE BA 106 -21.94 74.40 -106.02
CA PHE BA 106 -21.19 74.47 -104.79
C PHE BA 106 -19.70 74.60 -105.11
N ARG BA 107 -19.08 75.69 -104.67
CA ARG BA 107 -17.64 75.80 -104.71
C ARG BA 107 -17.06 75.77 -103.31
N VAL BA 108 -15.84 75.28 -103.20
CA VAL BA 108 -15.07 75.39 -101.98
C VAL BA 108 -13.79 76.16 -102.29
N LEU BA 109 -13.48 77.14 -101.45
CA LEU BA 109 -12.22 77.84 -101.50
C LEU BA 109 -11.57 77.67 -100.13
N GLY BA 110 -10.30 77.31 -100.15
CA GLY BA 110 -9.57 77.03 -98.93
C GLY BA 110 -9.37 75.54 -98.74
N LYS BA 111 -8.82 75.21 -97.58
CA LYS BA 111 -8.39 73.86 -97.26
C LYS BA 111 -9.13 73.38 -96.02
N SER BA 112 -9.73 72.19 -96.10
CA SER BA 112 -10.35 71.68 -94.88
C SER BA 112 -9.28 71.13 -93.96
N PRO BA 113 -9.32 71.44 -92.67
CA PRO BA 113 -8.26 70.96 -91.77
C PRO BA 113 -8.41 69.51 -91.36
N SER BA 114 -7.50 69.05 -90.50
CA SER BA 114 -7.47 67.66 -90.07
C SER BA 114 -8.66 67.34 -89.17
N VAL BA 115 -8.87 68.14 -88.14
CA VAL BA 115 -10.18 68.12 -87.49
C VAL BA 115 -11.18 68.84 -88.38
N PRO BA 116 -12.32 68.25 -88.68
CA PRO BA 116 -13.28 68.93 -89.55
C PRO BA 116 -14.07 69.97 -88.77
N VAL BA 117 -14.58 70.95 -89.52
CA VAL BA 117 -15.46 71.94 -88.94
C VAL BA 117 -16.81 71.28 -88.73
N LEU BA 118 -17.24 71.21 -87.49
CA LEU BA 118 -18.40 70.41 -87.16
C LEU BA 118 -19.57 71.28 -86.78
N ILE BA 119 -20.76 70.72 -86.98
CA ILE BA 119 -21.99 71.49 -87.04
C ILE BA 119 -23.15 70.52 -86.89
N SER BA 120 -24.27 70.98 -86.31
CA SER BA 120 -25.50 70.21 -86.23
C SER BA 120 -26.69 71.10 -86.55
N ILE BA 121 -27.52 70.69 -87.50
CA ILE BA 121 -28.81 71.33 -87.74
C ILE BA 121 -29.86 70.26 -87.50
N SER BA 122 -30.76 70.48 -86.55
CA SER BA 122 -31.81 69.52 -86.30
C SER BA 122 -33.14 70.26 -86.31
N THR BA 123 -33.66 70.54 -87.50
CA THR BA 123 -34.94 71.22 -87.65
C THR BA 123 -35.79 70.50 -88.67
N LYS BA 124 -37.01 70.21 -88.27
CA LYS BA 124 -37.93 69.51 -89.16
C LYS BA 124 -38.67 70.43 -90.10
N ASP BA 125 -38.63 71.75 -89.91
CA ASP BA 125 -39.05 72.69 -90.94
C ASP BA 125 -38.43 74.05 -90.61
N GLU BA 126 -37.38 74.44 -91.34
CA GLU BA 126 -37.02 75.84 -91.57
C GLU BA 126 -36.34 76.03 -92.91
N SER BA 127 -36.38 77.27 -93.41
CA SER BA 127 -36.14 77.61 -94.82
C SER BA 127 -34.70 77.42 -95.22
N LEU BA 128 -34.42 77.53 -96.53
CA LEU BA 128 -33.16 77.05 -97.10
C LEU BA 128 -32.02 78.03 -96.90
N ALA BA 129 -32.25 79.31 -97.17
CA ALA BA 129 -31.28 80.42 -96.97
C ALA BA 129 -30.97 80.68 -95.50
N GLU BA 130 -31.80 80.12 -94.68
CA GLU BA 130 -32.01 80.19 -93.27
C GLU BA 130 -31.28 79.02 -92.59
N ILE BA 131 -31.27 77.82 -93.24
CA ILE BA 131 -30.21 76.83 -93.02
C ILE BA 131 -28.85 77.45 -93.29
N LEU BA 132 -28.72 78.18 -94.43
CA LEU BA 132 -27.43 78.77 -94.85
C LEU BA 132 -26.91 79.80 -93.87
N ARG BA 133 -27.83 80.60 -93.30
CA ARG BA 133 -27.49 81.55 -92.26
C ARG BA 133 -27.02 80.85 -91.00
N ASP BA 134 -27.70 79.75 -90.60
CA ASP BA 134 -27.30 79.05 -89.38
C ASP BA 134 -25.97 78.34 -89.57
N ILE BA 135 -25.68 77.84 -90.77
CA ILE BA 135 -24.44 77.11 -90.92
C ILE BA 135 -23.26 78.05 -91.13
N ASP BA 136 -23.49 79.30 -91.60
CA ASP BA 136 -22.47 80.33 -91.47
C ASP BA 136 -22.23 80.63 -90.01
N TYR BA 137 -23.32 80.71 -89.23
CA TYR BA 137 -23.20 81.07 -87.82
C TYR BA 137 -22.49 80.00 -87.02
N GLN BA 138 -22.96 78.75 -87.10
CA GLN BA 138 -22.34 77.67 -86.36
C GLN BA 138 -20.99 77.23 -86.94
N ALA BA 139 -20.66 77.62 -88.18
CA ALA BA 139 -19.27 77.61 -88.57
C ALA BA 139 -18.50 78.65 -87.79
N GLY BA 140 -18.92 79.90 -87.88
CA GLY BA 140 -18.26 80.95 -87.15
C GLY BA 140 -16.96 81.37 -87.78
N LYS BA 141 -15.86 81.02 -87.12
CA LYS BA 141 -14.60 81.58 -87.53
C LYS BA 141 -13.68 80.56 -88.15
N LYS BA 142 -14.06 79.30 -88.15
CA LYS BA 142 -13.27 78.31 -88.87
C LYS BA 142 -13.56 78.36 -90.36
N ALA BA 143 -14.76 78.80 -90.74
CA ALA BA 143 -15.18 78.88 -92.13
C ALA BA 143 -16.32 79.86 -92.23
N SER BA 144 -16.67 80.25 -93.45
CA SER BA 144 -17.85 81.07 -93.68
C SER BA 144 -18.39 80.81 -95.08
N ILE BA 145 -19.63 81.25 -95.28
CA ILE BA 145 -20.40 80.93 -96.48
C ILE BA 145 -20.67 82.22 -97.23
N HIS BA 146 -20.45 82.23 -98.54
CA HIS BA 146 -21.07 83.26 -99.37
C HIS BA 146 -22.06 82.64 -100.32
N VAL BA 147 -23.09 83.39 -100.67
CA VAL BA 147 -24.02 83.02 -101.72
C VAL BA 147 -23.96 84.10 -102.78
N TYR BA 148 -23.68 83.72 -104.02
CA TYR BA 148 -23.87 84.63 -105.13
C TYR BA 148 -25.07 84.17 -105.93
N PRO BA 149 -26.19 84.91 -105.90
CA PRO BA 149 -27.45 84.37 -106.42
C PRO BA 149 -27.70 84.62 -107.90
N ASN BA 150 -27.00 85.58 -108.52
CA ASN BA 150 -27.13 85.76 -109.96
C ASN BA 150 -26.49 84.62 -110.72
N SER BA 151 -25.35 84.15 -110.23
CA SER BA 151 -24.65 83.01 -110.77
C SER BA 151 -25.20 81.70 -110.26
N GLN BA 152 -26.03 81.77 -109.21
CA GLN BA 152 -26.62 80.62 -108.48
C GLN BA 152 -25.55 79.67 -107.98
N VAL BA 153 -24.61 80.20 -107.21
CA VAL BA 153 -23.57 79.35 -106.63
C VAL BA 153 -23.36 79.76 -105.18
N VAL BA 154 -23.31 78.78 -104.29
CA VAL BA 154 -22.87 79.03 -102.95
C VAL BA 154 -21.41 78.60 -102.88
N GLU BA 155 -20.67 79.24 -101.98
CA GLU BA 155 -19.29 78.85 -101.79
C GLU BA 155 -19.06 78.73 -100.30
N LEU BA 156 -18.21 77.79 -99.93
CA LEU BA 156 -17.71 77.67 -98.59
C LEU BA 156 -16.26 78.11 -98.64
N ARG BA 157 -15.87 79.01 -97.74
CA ARG BA 157 -14.51 79.50 -97.67
C ARG BA 157 -13.92 79.17 -96.31
N TYR BA 158 -12.70 78.66 -96.30
CA TYR BA 158 -11.98 78.42 -95.07
C TYR BA 158 -11.15 79.63 -94.69
N ALA BA 159 -10.23 79.44 -93.75
CA ALA BA 159 -9.24 80.46 -93.39
C ALA BA 159 -7.88 79.81 -93.15
N ALA CA 1 72.98 -124.84 126.85
CA ALA CA 1 72.78 -125.73 125.71
C ALA CA 1 73.33 -125.12 124.44
N ALA CA 2 74.60 -124.70 124.50
CA ALA CA 2 75.24 -124.00 123.40
C ALA CA 2 75.61 -124.95 122.26
N ALA CA 3 75.70 -124.38 121.06
CA ALA CA 3 76.16 -125.11 119.87
C ALA CA 3 76.83 -124.10 118.95
N ALA CA 4 78.16 -124.01 119.02
CA ALA CA 4 78.93 -123.03 118.27
C ALA CA 4 80.06 -123.73 117.52
N ALA CA 5 79.82 -124.08 116.26
CA ALA CA 5 80.80 -124.78 115.45
C ALA CA 5 80.60 -124.46 113.98
N ALA CA 6 81.67 -124.63 113.21
CA ALA CA 6 81.67 -124.41 111.76
C ALA CA 6 81.97 -125.75 111.09
N ALA CA 7 80.92 -126.43 110.66
CA ALA CA 7 81.00 -127.79 110.14
C ALA CA 7 79.92 -127.92 109.06
N ALA CA 8 79.56 -129.17 108.75
CA ALA CA 8 78.42 -129.43 107.86
C ALA CA 8 77.42 -130.27 108.64
N ALA CA 9 76.56 -129.61 109.41
CA ALA CA 9 75.46 -130.32 110.05
C ALA CA 9 74.37 -130.63 109.04
N ALA CA 10 73.88 -129.58 108.35
CA ALA CA 10 73.22 -129.61 107.05
C ALA CA 10 71.84 -130.27 106.97
N ALA CA 11 71.34 -130.85 108.05
CA ALA CA 11 69.99 -131.43 108.06
C ALA CA 11 69.49 -131.32 109.51
N ALA CA 12 68.77 -130.23 109.78
CA ALA CA 12 68.32 -129.96 111.13
C ALA CA 12 67.05 -129.11 111.06
N ALA CA 13 65.90 -129.73 111.31
CA ALA CA 13 64.67 -128.99 111.60
C ALA CA 13 64.56 -128.84 113.11
N ALA CA 14 65.49 -128.05 113.65
CA ALA CA 14 65.81 -128.06 115.08
C ALA CA 14 64.88 -127.10 115.80
N ALA CA 15 63.85 -127.64 116.43
CA ALA CA 15 62.98 -126.86 117.31
C ALA CA 15 63.55 -126.98 118.73
N ALA CA 16 64.53 -126.13 119.01
CA ALA CA 16 65.26 -126.18 120.26
C ALA CA 16 64.43 -125.64 121.41
N ALA CA 17 64.80 -126.05 122.62
CA ALA CA 17 64.14 -125.61 123.84
C ALA CA 17 64.81 -124.36 124.38
N ALA CA 18 64.49 -123.99 125.62
CA ALA CA 18 64.99 -122.77 126.23
C ALA CA 18 66.46 -122.92 126.61
N ALA CA 19 67.13 -121.75 126.70
CA ALA CA 19 68.57 -121.57 126.96
C ALA CA 19 69.46 -122.34 125.98
N ALA CA 20 69.03 -122.42 124.73
CA ALA CA 20 69.82 -123.06 123.68
C ALA CA 20 70.62 -121.99 122.96
N ALA CA 21 71.72 -121.57 123.59
CA ALA CA 21 72.51 -120.43 123.13
C ALA CA 21 73.48 -120.87 122.03
N ALA CA 22 72.91 -121.17 120.87
CA ALA CA 22 73.64 -121.76 119.76
C ALA CA 22 74.16 -120.66 118.84
N ALA CA 23 75.43 -120.33 118.99
CA ALA CA 23 76.12 -119.43 118.06
C ALA CA 23 76.88 -120.22 117.00
N ALA CA 24 76.20 -121.16 116.34
CA ALA CA 24 76.79 -121.98 115.30
C ALA CA 24 77.07 -121.18 114.04
N ALA CA 25 78.09 -121.64 113.30
CA ALA CA 25 78.41 -121.11 111.98
C ALA CA 25 78.54 -122.23 110.95
N ALA CA 26 77.95 -123.38 111.24
CA ALA CA 26 78.04 -124.57 110.40
C ALA CA 26 77.25 -124.42 109.11
N ALA CA 27 77.63 -125.22 108.11
CA ALA CA 27 76.93 -125.25 106.83
C ALA CA 27 75.61 -125.98 106.98
N ALA CA 28 74.58 -125.28 107.45
CA ALA CA 28 73.28 -125.86 107.72
C ALA CA 28 72.40 -125.63 106.49
N ALA CA 29 72.39 -126.61 105.58
CA ALA CA 29 71.65 -126.48 104.33
C ALA CA 29 70.16 -126.66 104.54
N ALA CA 30 69.74 -127.84 104.99
CA ALA CA 30 68.33 -128.10 105.27
C ALA CA 30 68.05 -127.69 106.70
N ALA CA 31 67.95 -126.38 106.91
CA ALA CA 31 67.91 -125.80 108.24
C ALA CA 31 66.55 -125.21 108.55
N ALA CA 32 66.11 -125.37 109.79
CA ALA CA 32 64.99 -124.63 110.37
C ALA CA 32 65.26 -124.52 111.86
N ALA CA 33 65.87 -123.42 112.28
CA ALA CA 33 66.34 -123.25 113.65
C ALA CA 33 65.29 -122.48 114.44
N ALA CA 34 64.34 -123.20 115.04
CA ALA CA 34 63.28 -122.59 115.82
C ALA CA 34 63.67 -122.57 117.31
N ALA CA 35 64.65 -121.73 117.62
CA ALA CA 35 65.18 -121.60 118.96
C ALA CA 35 64.18 -120.90 119.87
N ALA CA 36 64.29 -121.16 121.18
CA ALA CA 36 63.30 -120.68 122.14
C ALA CA 36 63.84 -119.66 123.13
N ALA CA 37 65.16 -119.55 123.28
CA ALA CA 37 65.79 -118.50 124.08
C ALA CA 37 67.24 -118.34 123.64
N ALA CA 38 67.77 -117.14 123.92
CA ALA CA 38 69.20 -116.88 124.15
C ALA CA 38 70.08 -117.09 122.93
N ALA CA 39 69.52 -117.03 121.72
CA ALA CA 39 70.30 -117.25 120.52
C ALA CA 39 71.16 -116.03 120.22
N ALA CA 40 72.45 -116.25 120.00
CA ALA CA 40 73.43 -115.19 119.82
C ALA CA 40 74.32 -115.50 118.62
N ALA CA 41 73.69 -115.81 117.49
CA ALA CA 41 74.38 -116.41 116.37
C ALA CA 41 74.96 -115.35 115.43
N ALA CA 42 76.23 -115.55 115.05
CA ALA CA 42 76.89 -114.68 114.06
C ALA CA 42 77.59 -115.60 113.07
N ALA CA 43 76.87 -115.99 112.03
CA ALA CA 43 77.31 -117.03 111.11
C ALA CA 43 77.62 -116.42 109.74
N ALA CA 44 78.06 -117.29 108.84
CA ALA CA 44 78.14 -117.00 107.40
C ALA CA 44 77.67 -118.28 106.71
N ALA CA 45 76.36 -118.38 106.49
CA ALA CA 45 75.73 -119.63 106.12
C ALA CA 45 75.02 -119.51 104.78
N ALA CA 46 74.36 -120.60 104.40
CA ALA CA 46 73.58 -120.67 103.17
C ALA CA 46 72.48 -121.70 103.40
N ALA CA 47 71.22 -121.26 103.45
CA ALA CA 47 70.11 -122.13 103.80
C ALA CA 47 69.16 -122.38 102.64
N ALA CA 48 68.66 -121.31 102.01
CA ALA CA 48 67.84 -121.22 100.79
C ALA CA 48 66.41 -121.79 100.92
N ALA CA 49 66.04 -122.40 102.06
CA ALA CA 49 64.65 -122.77 102.29
C ALA CA 49 64.27 -122.57 103.75
N ALA CA 50 64.86 -121.59 104.44
CA ALA CA 50 64.75 -121.49 105.89
C ALA CA 50 63.40 -120.89 106.28
N ALA CA 51 62.63 -121.65 107.03
CA ALA CA 51 61.43 -121.14 107.71
C ALA CA 51 61.81 -120.90 109.17
N ALA CA 52 62.56 -119.83 109.39
CA ALA CA 52 63.13 -119.57 110.70
C ALA CA 52 62.09 -118.97 111.65
N ALA CA 53 62.15 -119.42 112.91
CA ALA CA 53 61.37 -118.83 113.98
C ALA CA 53 62.33 -118.49 115.11
N ALA CA 54 62.09 -117.37 115.77
CA ALA CA 54 62.99 -116.93 116.83
C ALA CA 54 62.20 -116.32 117.97
N ALA CA 55 62.39 -116.86 119.16
CA ALA CA 55 61.85 -116.34 120.40
C ALA CA 55 62.87 -115.40 121.04
N ALA CA 56 62.72 -115.14 122.35
CA ALA CA 56 63.35 -114.04 123.07
C ALA CA 56 64.87 -114.14 123.13
N ALA CA 57 65.50 -112.95 123.10
CA ALA CA 57 66.95 -112.71 123.13
C ALA CA 57 67.68 -113.42 121.99
N ALA CA 58 67.21 -113.17 120.78
CA ALA CA 58 67.78 -113.76 119.56
C ALA CA 58 68.45 -112.65 118.75
N ALA CA 59 69.75 -112.49 118.95
CA ALA CA 59 70.57 -111.61 118.14
C ALA CA 59 71.30 -112.45 117.10
N ALA CA 60 71.15 -112.09 115.83
CA ALA CA 60 71.66 -112.93 114.76
C ALA CA 60 72.30 -112.08 113.68
N ALA CA 61 73.27 -112.67 112.99
CA ALA CA 61 73.96 -112.00 111.88
C ALA CA 61 74.32 -113.08 110.86
N ALA CA 62 73.51 -113.20 109.80
CA ALA CA 62 73.62 -114.32 108.89
C ALA CA 62 73.54 -113.85 107.44
N ALA CA 63 74.23 -114.59 106.56
CA ALA CA 63 74.24 -114.31 105.13
C ALA CA 63 73.56 -115.42 104.33
N ALA CA 64 72.45 -115.92 104.84
CA ALA CA 64 71.76 -117.07 104.27
C ALA CA 64 70.37 -116.67 103.80
N ALA CA 65 69.92 -117.31 102.73
CA ALA CA 65 68.60 -117.06 102.19
C ALA CA 65 67.54 -117.80 103.02
N ALA CA 66 66.44 -117.11 103.29
CA ALA CA 66 65.34 -117.67 104.07
C ALA CA 66 64.09 -117.75 103.20
N ALA CA 67 63.04 -118.34 103.76
CA ALA CA 67 61.76 -118.43 103.06
C ALA CA 67 60.64 -117.89 103.93
N ALA CA 68 60.74 -118.11 105.24
CA ALA CA 68 59.75 -117.59 106.16
C ALA CA 68 60.44 -117.14 107.44
N ALA CA 69 59.84 -116.16 108.10
CA ALA CA 69 60.39 -115.60 109.33
C ALA CA 69 59.27 -115.41 110.33
N ALA CA 70 59.50 -115.86 111.56
CA ALA CA 70 58.54 -115.70 112.64
C ALA CA 70 59.24 -115.16 113.87
N ALA CA 71 58.63 -114.17 114.52
CA ALA CA 71 59.17 -113.59 115.74
C ALA CA 71 58.15 -113.75 116.86
N ALA CA 72 58.64 -113.97 118.08
CA ALA CA 72 57.77 -114.31 119.20
C ALA CA 72 57.77 -113.28 120.32
N ALA CA 73 58.93 -112.94 120.89
CA ALA CA 73 58.97 -111.99 121.99
C ALA CA 73 59.80 -110.74 121.70
N ALA CA 74 61.09 -110.91 121.41
CA ALA CA 74 62.03 -109.80 121.26
C ALA CA 74 63.28 -110.33 120.57
N ALA CA 75 63.79 -109.61 119.59
CA ALA CA 75 64.91 -110.10 118.80
C ALA CA 75 65.70 -108.93 118.25
N ALA CA 76 66.82 -109.26 117.59
CA ALA CA 76 67.61 -108.32 116.81
C ALA CA 76 68.33 -109.13 115.74
N ALA CA 77 67.79 -109.14 114.53
CA ALA CA 77 68.37 -109.91 113.45
C ALA CA 77 69.13 -109.00 112.49
N ALA CA 78 70.05 -109.61 111.75
CA ALA CA 78 70.68 -108.96 110.60
C ALA CA 78 70.96 -110.07 109.59
N ALA CA 79 70.00 -110.28 108.70
CA ALA CA 79 70.04 -111.41 107.78
C ALA CA 79 70.10 -110.92 106.35
N ALA CA 80 70.72 -111.73 105.49
CA ALA CA 80 70.85 -111.45 104.07
C ALA CA 80 70.10 -112.52 103.28
N ALA CA 81 68.79 -112.32 103.11
CA ALA CA 81 67.95 -113.27 102.42
C ALA CA 81 67.93 -112.96 100.92
N ALA CA 82 67.37 -113.89 100.13
CA ALA CA 82 67.48 -113.70 98.69
C ALA CA 82 66.19 -113.84 97.90
N ALA CA 83 65.32 -114.80 98.22
CA ALA CA 83 64.36 -115.29 97.24
C ALA CA 83 62.92 -114.89 97.54
N ALA CA 84 62.39 -115.29 98.70
CA ALA CA 84 61.03 -114.97 99.06
C ALA CA 84 60.95 -114.94 100.57
N ALA CA 85 59.93 -114.26 101.09
CA ALA CA 85 59.80 -114.13 102.53
C ALA CA 85 58.33 -114.05 102.91
N ALA CA 86 57.91 -114.98 103.77
CA ALA CA 86 56.64 -114.88 104.48
C ALA CA 86 56.97 -114.57 105.93
N ALA CA 87 56.77 -113.32 106.34
CA ALA CA 87 57.25 -112.85 107.62
C ALA CA 87 56.09 -112.45 108.52
N ALA CA 88 56.21 -112.80 109.80
CA ALA CA 88 55.24 -112.43 110.82
C ALA CA 88 55.97 -112.24 112.14
N ALA CA 89 55.53 -111.25 112.91
CA ALA CA 89 56.24 -110.88 114.13
C ALA CA 89 55.27 -110.76 115.29
N ALA CA 90 55.83 -110.65 116.49
CA ALA CA 90 55.06 -110.42 117.71
C ALA CA 90 55.95 -109.66 118.68
N ALA CA 91 55.73 -108.34 118.76
CA ALA CA 91 56.31 -107.41 119.76
C ALA CA 91 57.83 -107.33 119.72
N ALA CA 92 58.43 -107.63 118.57
CA ALA CA 92 59.87 -107.79 118.46
C ALA CA 92 60.46 -106.71 117.57
N ALA CA 93 61.76 -106.84 117.33
CA ALA CA 93 62.49 -105.97 116.42
C ALA CA 93 63.30 -106.85 115.47
N ALA CA 94 63.42 -106.41 114.22
CA ALA CA 94 64.08 -107.22 113.21
C ALA CA 94 64.67 -106.31 112.15
N ALA CA 95 65.83 -106.71 111.62
CA ALA CA 95 66.44 -106.02 110.50
C ALA CA 95 66.96 -107.05 109.50
N ALA CA 96 66.82 -106.73 108.22
CA ALA CA 96 67.33 -107.59 107.15
C ALA CA 96 68.07 -106.72 106.15
N ALA CA 97 69.00 -107.35 105.43
CA ALA CA 97 70.00 -106.58 104.69
C ALA CA 97 69.89 -106.69 103.18
N ALA CA 98 69.94 -107.90 102.61
CA ALA CA 98 70.14 -108.05 101.18
C ALA CA 98 68.82 -107.92 100.43
N ALA CA 99 68.86 -108.22 99.13
CA ALA CA 99 67.71 -108.05 98.25
C ALA CA 99 66.74 -109.19 98.49
N ALA CA 100 65.57 -108.86 99.04
CA ALA CA 100 64.53 -109.83 99.31
C ALA CA 100 63.28 -109.50 98.49
N ALA CA 101 62.36 -110.46 98.45
CA ALA CA 101 61.07 -110.27 97.78
C ALA CA 101 59.99 -110.69 98.77
N ALA CA 102 59.60 -109.76 99.64
CA ALA CA 102 58.59 -110.03 100.66
C ALA CA 102 57.23 -109.88 100.03
N ALA CA 103 56.51 -111.00 99.86
CA ALA CA 103 55.21 -110.95 99.24
C ALA CA 103 54.14 -110.47 100.21
N ALA CA 104 54.12 -111.02 101.41
CA ALA CA 104 53.12 -110.63 102.40
C ALA CA 104 53.80 -110.40 103.73
N ALA CA 105 53.33 -109.38 104.46
CA ALA CA 105 53.80 -109.10 105.80
C ALA CA 105 52.61 -108.68 106.65
N ALA CA 106 52.32 -109.46 107.69
CA ALA CA 106 51.22 -109.18 108.60
C ALA CA 106 51.81 -108.97 109.99
N ALA CA 107 51.68 -107.74 110.49
CA ALA CA 107 52.22 -107.40 111.80
C ALA CA 107 51.06 -106.97 112.68
N ALA CA 108 50.71 -107.80 113.65
CA ALA CA 108 49.59 -107.54 114.55
C ALA CA 108 50.04 -107.16 115.95
N ALA CA 109 51.27 -106.70 116.11
CA ALA CA 109 51.82 -106.40 117.43
C ALA CA 109 52.82 -105.25 117.28
N ALA CA 110 53.71 -105.10 118.25
CA ALA CA 110 54.73 -104.05 118.24
C ALA CA 110 55.97 -104.61 117.54
N ALA CA 111 56.07 -104.35 116.24
CA ALA CA 111 57.12 -104.92 115.41
C ALA CA 111 57.93 -103.79 114.80
N ALA CA 112 59.19 -103.69 115.18
CA ALA CA 112 60.12 -102.77 114.55
C ALA CA 112 60.85 -103.52 113.44
N ALA CA 113 60.18 -103.67 112.30
CA ALA CA 113 60.71 -104.44 111.19
C ALA CA 113 61.37 -103.52 110.19
N ALA CA 114 62.58 -103.87 109.78
CA ALA CA 114 63.32 -103.09 108.80
C ALA CA 114 63.94 -104.02 107.76
N ALA CA 115 63.90 -103.60 106.50
CA ALA CA 115 64.54 -104.33 105.42
C ALA CA 115 65.24 -103.33 104.54
N ALA CA 116 66.56 -103.47 104.40
CA ALA CA 116 67.35 -102.50 103.65
C ALA CA 116 67.21 -102.65 102.14
N ALA CA 117 66.68 -103.77 101.66
CA ALA CA 117 66.40 -103.94 100.24
C ALA CA 117 65.24 -104.90 100.10
N ALA CA 118 64.14 -104.42 99.52
CA ALA CA 118 62.99 -105.25 99.20
C ALA CA 118 62.66 -105.02 97.74
N ALA CA 119 62.99 -106.00 96.89
CA ALA CA 119 62.71 -105.94 95.46
C ALA CA 119 61.66 -107.00 95.17
N ALA CA 120 60.39 -106.63 95.34
CA ALA CA 120 59.30 -107.57 95.22
C ALA CA 120 58.41 -107.18 94.04
N ALA CA 121 57.30 -107.89 93.88
CA ALA CA 121 56.35 -107.62 92.82
C ALA CA 121 55.00 -107.17 93.34
N ALA CA 122 54.55 -107.71 94.47
CA ALA CA 122 53.29 -107.28 95.08
C ALA CA 122 53.44 -107.48 96.58
N ALA CA 123 53.77 -106.40 97.28
CA ALA CA 123 53.98 -106.46 98.72
C ALA CA 123 52.71 -106.02 99.42
N ALA CA 124 52.03 -106.96 100.06
CA ALA CA 124 50.82 -106.67 100.83
C ALA CA 124 51.21 -106.62 102.31
N ALA CA 125 51.13 -105.44 102.90
CA ALA CA 125 51.49 -105.23 104.29
C ALA CA 125 50.24 -104.87 105.06
N ALA CA 126 49.82 -105.74 105.97
CA ALA CA 126 48.70 -105.48 106.84
C ALA CA 126 49.23 -105.24 108.25
N ALA CA 127 48.76 -104.16 108.87
CA ALA CA 127 49.28 -103.73 110.17
C ALA CA 127 48.15 -103.52 111.15
N ALA CA 128 48.40 -103.89 112.41
CA ALA CA 128 47.37 -103.84 113.44
C ALA CA 128 47.97 -103.33 114.75
N ALA CA 129 47.72 -102.05 115.01
CA ALA CA 129 47.67 -101.32 116.27
C ALA CA 129 48.97 -100.99 116.99
N ALA CA 130 50.12 -101.57 116.62
CA ALA CA 130 51.32 -101.20 117.37
C ALA CA 130 52.63 -101.11 116.60
N ALA CA 131 52.70 -101.72 115.41
CA ALA CA 131 53.96 -101.98 114.74
C ALA CA 131 54.61 -100.74 114.14
N ALA CA 132 55.81 -100.93 113.59
CA ALA CA 132 56.55 -99.87 112.91
C ALA CA 132 57.42 -100.54 111.84
N ALA CA 133 56.91 -100.58 110.62
CA ALA CA 133 57.63 -101.19 109.52
C ALA CA 133 58.34 -100.12 108.70
N ALA CA 134 59.61 -100.37 108.38
CA ALA CA 134 60.41 -99.43 107.59
C ALA CA 134 61.16 -100.24 106.53
N ALA CA 135 60.50 -100.48 105.40
CA ALA CA 135 61.02 -101.31 104.33
C ALA CA 135 61.12 -100.47 103.07
N ALA CA 136 62.32 -100.38 102.49
CA ALA CA 136 62.49 -99.43 101.39
C ALA CA 136 63.58 -99.89 100.40
N ALA CA 137 63.17 -100.60 99.35
CA ALA CA 137 63.90 -100.38 98.10
C ALA CA 137 63.01 -100.06 96.91
N ALA CA 138 62.25 -101.04 96.43
CA ALA CA 138 61.52 -100.92 95.15
C ALA CA 138 60.48 -102.03 95.07
N ALA CA 139 59.21 -101.68 95.16
CA ALA CA 139 58.15 -102.64 94.93
C ALA CA 139 57.55 -102.38 93.56
N ALA CA 140 56.59 -103.20 93.17
CA ALA CA 140 55.84 -102.97 91.94
C ALA CA 140 54.35 -102.84 92.17
N ALA CA 141 53.81 -103.39 93.26
CA ALA CA 141 52.43 -103.15 93.66
C ALA CA 141 52.39 -103.27 95.17
N ALA CA 142 52.32 -102.14 95.87
CA ALA CA 142 52.26 -102.13 97.31
C ALA CA 142 50.82 -101.99 97.75
N ALA CA 143 50.41 -102.78 98.73
CA ALA CA 143 49.06 -102.71 99.31
C ALA CA 143 49.25 -102.60 100.81
N ALA CA 144 49.24 -101.38 101.31
CA ALA CA 144 49.46 -101.12 102.73
C ALA CA 144 48.12 -100.90 103.39
N ALA CA 145 47.59 -101.96 103.99
CA ALA CA 145 46.36 -101.86 104.77
C ALA CA 145 46.78 -101.70 106.23
N ALA CA 146 46.85 -100.46 106.68
CA ALA CA 146 47.11 -100.18 108.09
C ALA CA 146 45.76 -100.03 108.76
N ALA CA 147 45.30 -101.10 109.43
CA ALA CA 147 44.04 -101.13 110.16
C ALA CA 147 44.25 -100.76 111.62
N ALA CA 148 45.11 -99.80 111.85
CA ALA CA 148 46.08 -99.77 112.91
C ALA CA 148 46.10 -98.42 113.60
N ALA CA 149 46.61 -98.39 114.82
CA ALA CA 149 47.08 -97.16 115.46
C ALA CA 149 48.60 -97.05 115.36
N ALA CA 150 49.14 -97.46 114.22
CA ALA CA 150 50.56 -97.76 114.08
C ALA CA 150 51.12 -97.02 112.88
N ALA CA 151 52.39 -97.24 112.62
CA ALA CA 151 53.15 -96.47 111.64
C ALA CA 151 53.74 -97.39 110.58
N ALA CA 152 53.71 -96.96 109.33
CA ALA CA 152 54.32 -97.67 108.21
C ALA CA 152 55.11 -96.65 107.41
N ALA CA 153 56.36 -96.44 107.81
CA ALA CA 153 57.22 -95.49 107.14
C ALA CA 153 57.89 -96.15 105.95
N ALA CA 154 58.04 -95.40 104.86
CA ALA CA 154 58.63 -95.97 103.66
C ALA CA 154 59.29 -94.90 102.82
N ALA CA 155 60.45 -95.25 102.29
CA ALA CA 155 61.03 -94.61 101.12
C ALA CA 155 61.08 -95.62 99.98
N ALA CA 156 60.16 -96.57 100.00
CA ALA CA 156 60.10 -97.63 99.01
C ALA CA 156 59.49 -97.08 97.74
N ALA CA 157 60.29 -97.00 96.68
CA ALA CA 157 59.83 -96.42 95.42
C ALA CA 157 58.99 -97.48 94.69
N ALA CA 158 57.71 -97.54 95.05
CA ALA CA 158 56.79 -98.48 94.43
C ALA CA 158 56.21 -97.91 93.15
N ALA CA 159 56.02 -98.79 92.16
CA ALA CA 159 55.43 -98.36 90.90
C ALA CA 159 53.95 -98.11 91.03
N ALA CA 160 53.23 -98.93 91.79
CA ALA CA 160 51.85 -98.68 92.11
C ALA CA 160 51.66 -98.86 93.61
N ALA CA 161 50.88 -97.99 94.23
CA ALA CA 161 50.68 -98.02 95.67
C ALA CA 161 49.20 -97.91 95.98
N ALA CA 162 48.77 -98.66 96.99
CA ALA CA 162 47.38 -98.64 97.46
C ALA CA 162 47.44 -98.71 98.97
N ALA CA 163 47.34 -97.55 99.62
CA ALA CA 163 47.50 -97.43 101.06
C ALA CA 163 46.21 -96.95 101.67
N ALA CA 164 45.66 -97.75 102.59
CA ALA CA 164 44.45 -97.39 103.31
C ALA CA 164 44.75 -97.42 104.80
N ALA CA 165 44.58 -96.28 105.46
CA ALA CA 165 44.82 -96.14 106.89
C ALA CA 165 43.48 -95.97 107.60
N ALA CA 166 43.26 -96.73 108.66
CA ALA CA 166 41.90 -96.88 109.18
C ALA CA 166 41.60 -96.10 110.45
N ALA CA 167 42.49 -96.07 111.46
CA ALA CA 167 42.16 -95.38 112.71
C ALA CA 167 43.43 -94.85 113.39
N ALA CA 168 43.79 -93.60 113.06
CA ALA CA 168 44.98 -92.88 113.55
C ALA CA 168 46.28 -93.65 113.31
N ALA CA 169 46.41 -94.20 112.11
CA ALA CA 169 47.68 -94.72 111.63
C ALA CA 169 48.50 -93.59 111.02
N ALA CA 170 49.72 -93.92 110.62
CA ALA CA 170 50.58 -92.93 109.96
C ALA CA 170 51.45 -93.66 108.95
N ALA CA 171 51.23 -93.40 107.67
CA ALA CA 171 51.91 -94.12 106.60
C ALA CA 171 52.64 -93.13 105.72
N ALA CA 172 53.92 -93.40 105.46
CA ALA CA 172 54.75 -92.57 104.61
C ALA CA 172 55.04 -93.35 103.35
N ALA CA 173 54.45 -92.95 102.23
CA ALA CA 173 54.53 -93.67 100.98
C ALA CA 173 55.31 -92.88 99.95
N ALA CA 174 55.69 -93.56 98.87
CA ALA CA 174 56.38 -92.94 97.74
C ALA CA 174 56.03 -93.75 96.49
N ALA CA 175 55.22 -93.15 95.62
CA ALA CA 175 54.70 -93.85 94.45
C ALA CA 175 55.34 -93.32 93.18
N ALA CA 176 55.77 -94.24 92.32
CA ALA CA 176 56.38 -93.83 91.06
C ALA CA 176 55.32 -93.48 90.02
N ALA CA 177 54.48 -94.45 89.66
CA ALA CA 177 53.51 -94.24 88.59
C ALA CA 177 52.09 -94.11 89.08
N ALA CA 178 51.71 -94.82 90.13
CA ALA CA 178 50.31 -94.88 90.54
C ALA CA 178 50.23 -94.71 92.05
N ALA CA 179 49.51 -93.68 92.49
CA ALA CA 179 49.28 -93.44 93.91
C ALA CA 179 47.81 -93.61 94.22
N ALA CA 180 47.51 -94.45 95.19
CA ALA CA 180 46.14 -94.74 95.61
C ALA CA 180 46.08 -94.62 97.11
N ALA CA 181 45.29 -93.69 97.61
CA ALA CA 181 45.31 -93.44 99.04
C ALA CA 181 43.91 -93.28 99.58
N ALA CA 182 43.61 -93.96 100.68
CA ALA CA 182 42.41 -93.70 101.45
C ALA CA 182 42.81 -93.56 102.91
N ALA CA 183 42.32 -92.50 103.55
CA ALA CA 183 42.66 -92.26 104.94
C ALA CA 183 41.38 -92.13 105.75
N ALA CA 184 41.44 -92.55 107.01
CA ALA CA 184 40.32 -92.38 107.93
C ALA CA 184 40.89 -92.06 109.31
N ALA CA 185 40.68 -90.82 109.75
CA ALA CA 185 41.14 -90.25 111.05
C ALA CA 185 42.66 -90.33 111.25
N ALA CA 186 43.42 -90.33 110.16
CA ALA CA 186 44.80 -90.78 110.18
C ALA CA 186 45.62 -89.88 109.27
N ALA CA 187 46.85 -90.31 108.98
CA ALA CA 187 47.76 -89.51 108.17
C ALA CA 187 48.44 -90.37 107.12
N ALA CA 188 48.44 -89.88 105.88
CA ALA CA 188 49.15 -90.53 104.78
C ALA CA 188 50.03 -89.47 104.12
N ALA CA 189 51.34 -89.63 104.23
CA ALA CA 189 52.30 -88.63 103.75
C ALA CA 189 52.92 -89.13 102.44
N ALA CA 190 52.70 -88.38 101.37
CA ALA CA 190 53.21 -88.74 100.04
C ALA CA 190 54.54 -88.05 99.83
N ALA CA 191 55.62 -88.81 99.86
CA ALA CA 191 56.95 -88.24 99.75
C ALA CA 191 57.45 -88.14 98.32
N ALA CA 192 56.67 -88.56 97.33
CA ALA CA 192 57.01 -88.38 95.93
C ALA CA 192 55.74 -88.23 95.13
N ALA CA 193 55.72 -87.29 94.19
CA ALA CA 193 54.55 -87.06 93.36
C ALA CA 193 54.51 -88.12 92.28
N ALA CA 194 53.42 -88.87 92.22
CA ALA CA 194 53.30 -89.96 91.27
C ALA CA 194 52.96 -89.43 89.89
N ALA CA 195 53.00 -90.34 88.92
CA ALA CA 195 52.56 -89.99 87.57
C ALA CA 195 51.06 -89.80 87.51
N ALA CA 196 50.31 -90.58 88.28
CA ALA CA 196 48.89 -90.33 88.48
C ALA CA 196 48.57 -90.63 89.93
N ALA CA 197 47.99 -89.64 90.61
CA ALA CA 197 47.73 -89.74 92.04
C ALA CA 197 46.23 -89.59 92.30
N ALA CA 198 45.74 -90.34 93.29
CA ALA CA 198 44.37 -90.18 93.74
C ALA CA 198 44.29 -90.50 95.21
N ALA CA 199 43.74 -89.56 95.98
CA ALA CA 199 43.69 -89.69 97.42
C ALA CA 199 42.31 -89.28 97.89
N ALA CA 200 41.73 -90.07 98.78
CA ALA CA 200 40.43 -89.80 99.37
C ALA CA 200 40.58 -89.80 100.87
N ALA CA 201 40.04 -88.76 101.50
CA ALA CA 201 40.12 -88.59 102.94
C ALA CA 201 38.73 -88.74 103.53
N ALA CA 202 38.66 -89.46 104.63
CA ALA CA 202 37.43 -89.66 105.40
C ALA CA 202 37.38 -88.60 106.50
N ALA CA 203 36.58 -88.85 107.53
CA ALA CA 203 36.42 -87.96 108.67
C ALA CA 203 37.73 -87.78 109.44
N ALA CA 204 38.17 -86.51 109.53
CA ALA CA 204 39.36 -86.04 110.25
C ALA CA 204 40.64 -86.69 109.73
N ALA CA 205 40.71 -86.90 108.43
CA ALA CA 205 41.75 -87.70 107.80
C ALA CA 205 42.62 -86.85 106.89
N ALA CA 206 43.92 -87.12 106.89
CA ALA CA 206 44.87 -86.23 106.23
C ALA CA 206 45.75 -86.99 105.24
N ALA CA 207 45.45 -86.85 103.95
CA ALA CA 207 46.36 -87.33 102.91
C ALA CA 207 47.15 -86.13 102.40
N ALA CA 208 48.09 -85.67 103.21
CA ALA CA 208 48.88 -84.50 102.87
C ALA CA 208 50.15 -84.93 102.15
N ALA CA 209 50.35 -84.42 100.95
CA ALA CA 209 51.52 -84.79 100.15
C ALA CA 209 52.70 -83.98 100.66
N ALA CA 210 53.36 -84.52 101.69
CA ALA CA 210 54.40 -83.81 102.41
C ALA CA 210 55.77 -84.08 101.80
N ALA CA 211 55.94 -83.62 100.56
CA ALA CA 211 57.25 -83.62 99.96
C ALA CA 211 58.06 -82.45 100.47
N ALA CA 212 59.37 -82.54 100.33
CA ALA CA 212 60.26 -81.47 100.78
C ALA CA 212 60.24 -80.34 99.76
N ALA CA 213 59.67 -79.21 100.14
CA ALA CA 213 59.79 -78.00 99.36
C ALA CA 213 61.24 -77.51 99.40
N ALA CA 214 61.63 -76.81 98.34
CA ALA CA 214 63.02 -76.62 97.88
C ALA CA 214 63.74 -77.95 97.76
N ALA CA 215 63.30 -78.72 96.78
CA ALA CA 215 64.16 -79.75 96.23
C ALA CA 215 65.13 -79.13 95.22
N ALA CA 216 65.95 -79.99 94.61
CA ALA CA 216 66.80 -79.52 93.52
C ALA CA 216 65.95 -79.21 92.29
N ALA CA 217 65.07 -80.13 91.92
CA ALA CA 217 64.04 -79.87 90.92
C ALA CA 217 62.80 -80.64 91.35
N ALA CA 218 61.95 -79.98 92.14
CA ALA CA 218 60.67 -80.57 92.52
C ALA CA 218 59.73 -80.44 91.34
N ALA CA 219 59.27 -81.57 90.82
CA ALA CA 219 58.35 -81.54 89.70
C ALA CA 219 56.97 -81.12 90.17
N ALA CA 220 56.36 -80.19 89.44
CA ALA CA 220 55.07 -79.67 89.85
C ALA CA 220 53.95 -80.65 89.48
N ALA CA 221 52.80 -80.43 90.08
CA ALA CA 221 51.63 -81.24 89.80
C ALA CA 221 51.08 -80.86 88.44
N ALA CA 222 51.13 -81.79 87.48
CA ALA CA 222 50.73 -81.53 86.10
C ALA CA 222 49.22 -81.63 85.97
N ALA CA 223 48.72 -81.59 84.73
CA ALA CA 223 47.28 -81.61 84.48
C ALA CA 223 46.67 -82.98 84.74
N ALA CA 224 47.48 -84.04 84.70
CA ALA CA 224 47.00 -85.37 85.02
C ALA CA 224 47.17 -85.73 86.48
N ALA CA 225 47.83 -84.90 87.28
CA ALA CA 225 48.11 -85.24 88.66
C ALA CA 225 47.62 -84.21 89.66
N ALA CA 226 47.01 -83.13 89.21
CA ALA CA 226 46.57 -82.07 90.12
C ALA CA 226 45.25 -82.49 90.75
N ALA CA 227 45.34 -83.15 91.90
CA ALA CA 227 44.16 -83.38 92.72
C ALA CA 227 44.14 -82.37 93.86
N ALA CA 228 42.98 -82.23 94.45
CA ALA CA 228 42.77 -81.26 95.52
C ALA CA 228 43.36 -81.76 96.84
N ALA DA 1 79.46 -95.05 99.37
CA ALA DA 1 78.93 -96.18 100.12
C ALA DA 1 77.65 -96.70 99.46
N ALA DA 2 77.72 -96.94 98.17
CA ALA DA 2 76.56 -97.39 97.39
C ALA DA 2 76.58 -98.90 97.25
N ALA DA 3 75.69 -99.42 96.40
CA ALA DA 3 75.66 -100.83 96.03
C ALA DA 3 75.07 -100.89 94.62
N ALA DA 4 75.95 -100.99 93.62
CA ALA DA 4 75.50 -101.01 92.25
C ALA DA 4 74.94 -102.37 91.88
N ALA DA 5 74.16 -102.40 90.79
CA ALA DA 5 73.66 -103.64 90.22
C ALA DA 5 74.31 -103.86 88.87
N ALA DA 6 74.25 -105.10 88.41
CA ALA DA 6 74.96 -105.53 87.22
C ALA DA 6 74.19 -105.25 85.93
N ALA DA 7 73.01 -104.67 86.01
CA ALA DA 7 72.18 -104.43 84.84
C ALA DA 7 72.57 -103.09 84.20
N ALA DA 8 71.73 -102.59 83.29
CA ALA DA 8 71.96 -101.28 82.71
C ALA DA 8 71.62 -100.19 83.72
N ALA DA 9 72.62 -99.84 84.54
CA ALA DA 9 72.74 -98.58 85.28
C ALA DA 9 71.68 -98.39 86.37
N ALA DA 10 71.59 -99.37 87.27
CA ALA DA 10 70.81 -99.22 88.49
C ALA DA 10 71.73 -99.40 89.69
N ALA DA 11 71.43 -98.67 90.77
CA ALA DA 11 72.27 -98.72 91.96
C ALA DA 11 71.44 -98.40 93.18
N ALA DA 12 71.42 -99.31 94.15
CA ALA DA 12 70.88 -98.94 95.44
C ALA DA 12 71.94 -98.17 96.23
N ALA DA 13 71.49 -97.48 97.27
CA ALA DA 13 72.41 -96.70 98.10
C ALA DA 13 71.89 -96.71 99.52
N ALA DA 14 72.81 -96.88 100.47
CA ALA DA 14 72.44 -97.08 101.86
C ALA DA 14 73.00 -95.99 102.76
N ALA DA 15 72.89 -94.73 102.34
CA ALA DA 15 73.14 -93.64 103.28
C ALA DA 15 72.01 -93.55 104.30
N ALA DA 16 70.80 -93.29 103.82
CA ALA DA 16 69.60 -93.64 104.57
C ALA DA 16 68.79 -94.68 103.80
N ALA DA 17 68.33 -94.33 102.60
CA ALA DA 17 67.59 -95.21 101.69
C ALA DA 17 67.56 -94.62 100.29
N ALA DA 18 68.06 -95.35 99.29
CA ALA DA 18 67.93 -94.92 97.90
C ALA DA 18 67.95 -96.13 96.99
N ALA DA 19 67.20 -96.07 95.89
CA ALA DA 19 67.36 -96.99 94.76
C ALA DA 19 67.33 -96.16 93.48
N ALA DA 20 68.48 -95.64 93.07
CA ALA DA 20 68.55 -94.69 91.99
C ALA DA 20 69.12 -95.35 90.74
N ALA DA 21 69.27 -94.56 89.69
CA ALA DA 21 69.75 -95.05 88.41
C ALA DA 21 70.88 -94.18 87.89
N ALA DA 22 71.91 -94.82 87.39
CA ALA DA 22 73.07 -94.17 86.80
C ALA DA 22 72.83 -94.01 85.30
N ALA DA 23 73.88 -93.74 84.54
CA ALA DA 23 73.83 -93.82 83.08
C ALA DA 23 74.66 -94.95 82.52
N ALA DA 24 75.81 -95.25 83.16
CA ALA DA 24 76.80 -96.29 82.80
C ALA DA 24 77.32 -96.13 81.37
N ALA DA 25 77.51 -94.90 80.94
CA ALA DA 25 78.17 -94.59 79.69
C ALA DA 25 79.37 -93.67 79.85
N ALA DA 26 79.35 -92.79 80.85
CA ALA DA 26 80.52 -92.00 81.22
C ALA DA 26 81.38 -92.70 82.26
N ALA DA 27 80.83 -93.74 82.92
CA ALA DA 27 81.52 -94.65 83.84
C ALA DA 27 82.14 -93.94 85.04
N ALA DA 28 81.29 -93.26 85.82
CA ALA DA 28 81.72 -92.59 87.04
C ALA DA 28 81.61 -93.58 88.20
N ALA DA 29 82.50 -94.57 88.18
CA ALA DA 29 82.55 -95.58 89.23
C ALA DA 29 83.58 -95.19 90.28
N ALA DA 30 83.36 -94.02 90.88
CA ALA DA 30 84.27 -93.50 91.89
C ALA DA 30 84.13 -94.22 93.23
N ALA DA 31 82.94 -94.78 93.49
CA ALA DA 31 82.52 -95.43 94.75
C ALA DA 31 82.73 -94.53 95.98
N ALA DA 32 82.52 -93.23 95.80
CA ALA DA 32 82.77 -92.24 96.84
C ALA DA 32 81.90 -91.04 96.52
N ALA DA 33 80.96 -90.73 97.39
CA ALA DA 33 79.94 -89.74 97.09
C ALA DA 33 79.38 -89.19 98.39
N ALA DA 34 78.48 -88.22 98.25
CA ALA DA 34 77.67 -87.72 99.36
C ALA DA 34 76.23 -88.06 99.00
N ALA DA 35 75.79 -89.26 99.38
CA ALA DA 35 74.46 -89.72 99.08
C ALA DA 35 73.48 -89.16 100.11
N ALA DA 36 72.36 -88.63 99.64
CA ALA DA 36 71.38 -87.99 100.50
C ALA DA 36 70.00 -88.55 100.24
N ALA DA 37 69.09 -88.29 101.17
CA ALA DA 37 67.67 -88.65 101.00
C ALA DA 37 66.86 -87.51 100.42
N ALA DA 38 67.36 -86.97 99.30
CA ALA DA 38 66.65 -86.03 98.46
C ALA DA 38 66.93 -86.35 97.00
N ALA DA 39 67.23 -87.62 96.74
CA ALA DA 39 67.56 -88.22 95.43
C ALA DA 39 68.76 -87.54 94.79
N ALA DA 40 69.90 -87.66 95.46
CA ALA DA 40 71.12 -87.01 94.97
C ALA DA 40 72.31 -87.86 95.38
N ALA DA 41 72.83 -88.64 94.43
CA ALA DA 41 74.10 -89.34 94.62
C ALA DA 41 75.18 -88.48 93.98
N ALA DA 42 75.71 -87.53 94.75
CA ALA DA 42 76.68 -86.54 94.25
C ALA DA 42 78.06 -87.16 94.30
N ALA DA 43 78.48 -87.73 93.17
CA ALA DA 43 79.74 -88.45 93.10
C ALA DA 43 80.90 -87.49 92.85
N ALA DA 44 82.07 -88.06 92.56
CA ALA DA 44 83.25 -87.23 92.28
C ALA DA 44 83.16 -86.58 90.91
N ALA DA 45 82.63 -87.31 89.92
CA ALA DA 45 82.50 -86.75 88.58
C ALA DA 45 81.25 -85.87 88.47
N ALA DA 46 80.07 -86.45 88.66
CA ALA DA 46 78.81 -85.75 88.47
C ALA DA 46 77.85 -86.18 89.57
N ALA DA 47 76.57 -85.86 89.38
CA ALA DA 47 75.53 -86.21 90.34
C ALA DA 47 74.52 -87.15 89.69
N ALA DA 48 74.02 -88.09 90.48
CA ALA DA 48 73.06 -89.09 90.01
C ALA DA 48 71.82 -89.05 90.87
N ALA DA 49 70.68 -89.34 90.23
CA ALA DA 49 69.38 -89.29 90.90
C ALA DA 49 68.58 -90.51 90.51
N ALA DA 50 67.40 -90.64 91.12
CA ALA DA 50 66.44 -91.66 90.71
C ALA DA 50 65.85 -91.24 89.37
N ALA DA 51 66.28 -91.89 88.30
CA ALA DA 51 65.94 -91.45 86.96
C ALA DA 51 64.50 -91.82 86.59
N ALA DA 52 63.90 -90.98 85.76
CA ALA DA 52 62.54 -91.20 85.31
C ALA DA 52 62.36 -90.65 83.90
N ALA EA 1 21.64 -46.08 94.41
CA ALA EA 1 23.00 -45.56 94.30
C ALA EA 1 23.84 -46.08 95.47
N ALA EA 2 24.57 -45.19 96.13
CA ALA EA 2 25.32 -45.58 97.32
C ALA EA 2 24.34 -45.73 98.47
N ALA EA 3 23.83 -46.94 98.65
CA ALA EA 3 22.71 -47.19 99.54
C ALA EA 3 23.20 -47.86 100.81
N ALA EA 4 22.69 -47.36 101.94
CA ALA EA 4 22.68 -47.92 103.29
C ALA EA 4 24.03 -47.90 104.01
N ALA EA 5 25.14 -47.57 103.33
CA ALA EA 5 26.35 -47.25 104.08
C ALA EA 5 26.18 -45.87 104.68
N ALA EA 6 26.06 -44.87 103.82
CA ALA EA 6 25.53 -43.55 104.09
C ALA EA 6 25.06 -43.00 102.75
N ALA EA 7 24.82 -41.71 102.67
CA ALA EA 7 24.62 -41.10 101.38
C ALA EA 7 25.96 -40.89 100.67
N ALA EA 8 25.88 -40.56 99.38
CA ALA EA 8 27.07 -40.36 98.57
C ALA EA 8 27.74 -39.04 98.94
N ALA EA 9 28.99 -39.11 99.41
CA ALA EA 9 29.65 -37.91 99.89
C ALA EA 9 30.22 -37.09 98.73
N ALA EA 10 31.17 -37.63 98.01
CA ALA EA 10 31.78 -36.95 96.88
C ALA EA 10 31.51 -37.77 95.63
N ALA EA 11 32.13 -37.35 94.53
CA ALA EA 11 32.13 -38.14 93.30
C ALA EA 11 33.57 -38.05 92.79
N ALA EA 12 34.38 -39.03 93.18
CA ALA EA 12 35.81 -38.98 92.88
C ALA EA 12 36.04 -39.28 91.41
N ALA EA 13 36.59 -38.31 90.70
CA ALA EA 13 36.95 -38.52 89.32
C ALA EA 13 38.16 -39.43 89.23
N ALA EA 14 38.26 -40.11 88.08
CA ALA EA 14 39.06 -41.32 87.83
C ALA EA 14 38.74 -42.45 88.80
N ALA EA 15 37.47 -42.54 89.21
CA ALA EA 15 37.00 -43.55 90.15
C ALA EA 15 35.49 -43.65 90.05
N ALA EA 16 34.91 -44.40 90.98
CA ALA EA 16 33.48 -44.52 91.17
C ALA EA 16 33.02 -43.44 92.15
N ALA EA 17 31.75 -43.48 92.54
CA ALA EA 17 31.25 -42.52 93.52
C ALA EA 17 31.75 -42.88 94.91
N ALA EA 18 31.87 -41.87 95.75
CA ALA EA 18 32.44 -42.04 97.08
C ALA EA 18 31.33 -41.85 98.11
N ALA EA 19 30.89 -42.97 98.70
CA ALA EA 19 29.91 -42.91 99.75
C ALA EA 19 30.54 -42.37 101.03
N ALA EA 20 29.70 -41.96 101.97
CA ALA EA 20 30.20 -41.37 103.21
C ALA EA 20 30.48 -42.41 104.29
N ALA EA 21 30.66 -43.67 103.91
CA ALA EA 21 31.47 -44.61 104.65
C ALA EA 21 32.69 -45.03 103.85
N ALA EA 22 32.49 -45.58 102.65
CA ALA EA 22 33.57 -46.17 101.85
C ALA EA 22 33.40 -45.82 100.37
N ALA EA 23 34.11 -46.51 99.48
CA ALA EA 23 33.97 -46.26 98.05
C ALA EA 23 32.87 -47.13 97.48
N ALA EA 24 31.96 -46.52 96.74
CA ALA EA 24 30.76 -47.23 96.32
C ALA EA 24 31.03 -48.07 95.08
N ALA EA 25 30.01 -48.80 94.64
CA ALA EA 25 30.10 -49.62 93.44
C ALA EA 25 29.41 -48.97 92.25
N ALA EA 26 28.92 -47.74 92.42
CA ALA EA 26 28.25 -47.04 91.34
C ALA EA 26 29.23 -46.07 90.68
N ALA EA 27 29.32 -46.13 89.36
CA ALA EA 27 30.34 -45.40 88.62
C ALA EA 27 29.99 -43.91 88.55
N ALA EA 28 30.97 -43.07 88.85
CA ALA EA 28 30.73 -41.64 88.92
C ALA EA 28 30.78 -41.00 87.53
N ALA EA 29 31.91 -41.11 86.86
CA ALA EA 29 32.12 -40.46 85.57
C ALA EA 29 31.91 -41.46 84.44
N ALA EA 30 32.05 -40.96 83.20
CA ALA EA 30 32.03 -41.85 82.05
C ALA EA 30 33.33 -42.61 81.93
N ALA EA 31 34.42 -42.07 82.46
CA ALA EA 31 35.76 -42.57 82.21
C ALA EA 31 36.29 -43.42 83.35
N ALA EA 32 35.42 -44.11 84.05
CA ALA EA 32 35.86 -45.07 85.06
C ALA EA 32 36.04 -46.43 84.42
N ALA EA 33 36.45 -47.43 85.20
CA ALA EA 33 36.77 -48.74 84.63
C ALA EA 33 35.55 -49.66 84.64
N ALA EA 34 34.50 -49.22 83.95
CA ALA EA 34 33.27 -49.99 83.83
C ALA EA 34 33.49 -51.14 82.86
N ALA EA 35 33.07 -52.35 83.24
CA ALA EA 35 33.40 -53.57 82.49
C ALA EA 35 32.54 -53.69 81.25
N ALA EA 36 32.87 -52.90 80.24
CA ALA EA 36 32.31 -53.12 78.92
C ALA EA 36 32.99 -54.34 78.33
N ALA EA 37 32.18 -55.29 77.87
CA ALA EA 37 32.72 -56.40 77.10
C ALA EA 37 31.83 -56.73 75.91
N ALA EA 38 30.64 -56.15 75.82
CA ALA EA 38 29.76 -56.34 74.67
C ALA EA 38 29.40 -54.97 74.12
N ALA EA 39 30.01 -54.61 73.00
CA ALA EA 39 29.67 -53.36 72.35
C ALA EA 39 28.40 -53.52 71.54
N ALA EA 40 27.88 -52.39 71.06
CA ALA EA 40 26.70 -52.40 70.19
C ALA EA 40 26.91 -51.32 69.15
N ALA EA 41 27.49 -51.70 68.01
CA ALA EA 41 27.78 -50.74 66.95
C ALA EA 41 27.86 -51.46 65.62
N ALA EA 42 27.54 -50.73 64.56
CA ALA EA 42 27.79 -51.21 63.22
C ALA EA 42 29.28 -51.07 62.91
N ALA EA 43 29.86 -52.17 62.43
CA ALA EA 43 31.26 -52.31 62.03
C ALA EA 43 32.24 -52.01 63.16
N ALA EA 44 31.86 -52.35 64.38
CA ALA EA 44 32.81 -52.34 65.48
C ALA EA 44 33.80 -53.47 65.30
N ALA EA 45 35.07 -53.19 65.65
CA ALA EA 45 36.29 -54.01 65.67
C ALA EA 45 36.85 -54.28 64.28
N ALA EA 46 36.13 -53.87 63.23
CA ALA EA 46 36.73 -53.27 62.05
C ALA EA 46 36.64 -51.77 62.27
N ALA EA 47 36.96 -50.96 61.26
CA ALA EA 47 36.80 -49.53 61.44
C ALA EA 47 35.34 -49.15 61.28
N ALA EA 48 35.01 -47.91 61.65
CA ALA EA 48 33.64 -47.46 61.85
C ALA EA 48 32.87 -47.31 60.52
N ALA EA 49 31.60 -46.95 60.63
CA ALA EA 49 30.74 -46.84 59.46
C ALA EA 49 31.08 -45.58 58.67
N ALA EA 50 31.50 -45.75 57.43
CA ALA EA 50 31.86 -44.64 56.55
C ALA EA 50 30.59 -43.91 56.16
N ALA EA 51 30.37 -42.74 56.77
CA ALA EA 51 29.06 -42.12 56.84
C ALA EA 51 28.61 -41.48 55.53
N ALA EA 52 29.50 -41.33 54.55
CA ALA EA 52 29.16 -40.61 53.34
C ALA EA 52 28.31 -41.43 52.36
N ALA EA 53 28.17 -42.73 52.58
CA ALA EA 53 27.42 -43.57 51.66
C ALA EA 53 25.92 -43.39 51.84
N ALA EA 54 25.19 -43.46 50.73
CA ALA EA 54 23.73 -43.50 50.74
C ALA EA 54 23.32 -44.54 49.70
N ALA EA 55 23.25 -45.79 50.13
CA ALA EA 55 22.94 -46.91 49.25
C ALA EA 55 22.26 -47.98 50.10
N ALA EA 56 22.20 -49.21 49.59
CA ALA EA 56 21.63 -50.29 50.37
C ALA EA 56 22.59 -50.78 51.45
N ALA EA 57 23.83 -51.11 51.07
CA ALA EA 57 24.78 -51.71 51.97
C ALA EA 57 25.38 -50.68 52.91
N ALA EA 58 26.00 -51.16 53.98
CA ALA EA 58 26.70 -50.33 54.94
C ALA EA 58 28.18 -50.66 54.86
N ALA EA 59 28.99 -49.70 54.42
CA ALA EA 59 30.41 -49.92 54.23
C ALA EA 59 31.18 -49.39 55.43
N ALA EA 60 32.14 -50.17 55.90
CA ALA EA 60 33.00 -49.72 56.98
C ALA EA 60 34.06 -48.77 56.45
N ALA EA 61 34.72 -48.07 57.37
CA ALA EA 61 35.83 -47.20 57.00
C ALA EA 61 37.09 -47.97 56.66
N ALA EA 62 37.16 -49.27 56.99
CA ALA EA 62 38.21 -50.16 56.50
C ALA EA 62 37.78 -50.89 55.24
N ALA EA 63 36.73 -50.38 54.57
CA ALA EA 63 36.20 -50.85 53.27
C ALA EA 63 35.72 -52.30 53.33
N ALA EA 64 35.17 -52.71 54.45
CA ALA EA 64 34.41 -53.95 54.53
C ALA EA 64 32.94 -53.60 54.50
N ALA EA 65 32.14 -54.48 53.91
CA ALA EA 65 30.70 -54.29 53.88
C ALA EA 65 30.11 -54.98 55.09
N ALA EA 66 29.45 -54.21 55.95
CA ALA EA 66 28.82 -54.75 57.15
C ALA EA 66 27.55 -55.45 56.72
N ALA EA 67 27.69 -56.73 56.37
CA ALA EA 67 26.55 -57.48 55.87
C ALA EA 67 25.62 -57.91 56.99
N ALA EA 68 26.07 -57.86 58.23
CA ALA EA 68 25.22 -58.08 59.39
C ALA EA 68 24.42 -56.84 59.78
N ALA EA 69 24.64 -55.70 59.12
CA ALA EA 69 23.86 -54.51 59.43
C ALA EA 69 23.34 -53.82 58.18
N ALA EA 70 23.31 -54.50 57.03
CA ALA EA 70 22.82 -53.89 55.81
C ALA EA 70 21.38 -54.31 55.54
N LYS FA 24 12.46 -97.67 79.16
CA LYS FA 24 13.08 -96.36 79.02
C LYS FA 24 14.50 -96.50 78.53
N PHE FA 25 14.83 -95.80 77.44
CA PHE FA 25 16.14 -95.88 76.82
C PHE FA 25 16.82 -94.53 76.84
N LYS FA 26 18.07 -94.50 77.31
CA LYS FA 26 18.84 -93.29 77.42
C LYS FA 26 20.30 -93.59 77.15
N LYS FA 27 20.93 -92.77 76.32
CA LYS FA 27 22.37 -92.69 76.20
C LYS FA 27 22.90 -91.87 77.37
N PRO FA 28 24.17 -92.06 77.77
CA PRO FA 28 24.66 -91.44 79.02
C PRO FA 28 24.76 -89.91 79.00
N PRO FA 29 25.52 -89.23 78.07
CA PRO FA 29 25.73 -87.80 78.33
C PRO FA 29 24.57 -86.94 77.84
N ILE FA 30 23.71 -86.55 78.76
CA ILE FA 30 22.61 -85.64 78.45
C ILE FA 30 23.06 -84.31 79.03
N ASN FA 31 23.74 -83.54 78.21
CA ASN FA 31 24.38 -82.31 78.65
C ASN FA 31 23.39 -81.16 78.50
N ASN FA 32 23.90 -79.95 78.53
CA ASN FA 32 23.09 -78.77 78.29
C ASN FA 32 22.72 -78.66 76.82
N PRO FA 33 21.72 -77.84 76.47
CA PRO FA 33 21.52 -77.53 75.06
C PRO FA 33 22.65 -76.64 74.55
N SER FA 34 23.37 -77.15 73.55
CA SER FA 34 24.36 -76.35 72.85
C SER FA 34 23.68 -75.43 71.85
N ASP FA 35 24.48 -74.62 71.19
CA ASP FA 35 23.99 -73.94 70.01
C ASP FA 35 24.98 -74.03 68.86
N ASP FA 36 24.49 -73.50 67.74
CA ASP FA 36 25.15 -73.47 66.45
C ASP FA 36 26.49 -72.75 66.48
N ALA FA 37 26.62 -71.67 67.26
CA ALA FA 37 27.85 -70.89 67.28
C ALA FA 37 28.99 -71.67 67.92
N THR FA 38 28.78 -72.22 69.11
CA THR FA 38 29.84 -73.00 69.71
C THR FA 38 30.01 -74.37 69.11
N ILE FA 39 29.02 -74.87 68.38
CA ILE FA 39 29.21 -76.09 67.60
C ILE FA 39 30.22 -75.86 66.48
N LYS FA 40 30.04 -74.79 65.71
CA LYS FA 40 31.01 -74.57 64.65
C LYS FA 40 32.31 -73.95 65.14
N LEU FA 41 32.28 -73.28 66.29
CA LEU FA 41 33.52 -72.89 66.96
C LEU FA 41 34.31 -74.08 67.44
N ALA FA 42 33.64 -75.12 67.94
CA ALA FA 42 34.33 -76.32 68.38
C ALA FA 42 34.88 -77.11 67.20
N GLU FA 43 34.12 -77.17 66.10
CA GLU FA 43 34.62 -77.92 64.95
C GLU FA 43 35.68 -77.16 64.18
N ALA FA 44 35.79 -75.84 64.38
CA ALA FA 44 36.99 -75.15 63.93
C ALA FA 44 38.14 -75.33 64.89
N ALA FA 45 37.83 -75.39 66.18
CA ALA FA 45 38.84 -75.40 67.21
C ALA FA 45 39.61 -76.70 67.25
N VAL FA 46 38.96 -77.81 66.89
CA VAL FA 46 39.73 -79.05 66.85
C VAL FA 46 40.56 -79.15 65.59
N SER FA 47 40.14 -78.50 64.49
CA SER FA 47 40.93 -78.47 63.27
C SER FA 47 42.16 -77.62 63.45
N VAL FA 48 42.00 -76.51 64.16
CA VAL FA 48 43.17 -75.71 64.43
C VAL FA 48 44.02 -76.37 65.50
N SER FA 49 43.44 -77.14 66.43
CA SER FA 49 44.18 -77.79 67.51
C SER FA 49 45.07 -78.92 66.99
N ASP FA 50 44.58 -79.70 66.03
CA ASP FA 50 45.49 -80.72 65.54
C ASP FA 50 46.41 -80.22 64.42
N SER FA 51 46.06 -79.11 63.75
CA SER FA 51 47.06 -78.41 62.92
C SER FA 51 48.21 -77.82 63.76
N MET FA 52 47.90 -77.26 64.91
CA MET FA 52 48.89 -76.98 65.95
C MET FA 52 49.74 -78.15 66.36
N LEU FA 53 49.07 -79.26 66.68
CA LEU FA 53 49.74 -80.41 67.24
C LEU FA 53 50.71 -81.01 66.27
N GLU FA 54 50.33 -81.04 64.98
CA GLU FA 54 51.24 -81.54 63.96
C GLU FA 54 52.39 -80.57 63.73
N MET FA 55 52.16 -79.24 63.88
CA MET FA 55 53.27 -78.30 63.67
C MET FA 55 54.29 -78.37 64.81
N ALA FA 56 53.80 -78.47 66.06
CA ALA FA 56 54.68 -78.58 67.22
C ALA FA 56 55.44 -79.89 67.25
N LYS FA 57 54.82 -80.95 66.73
CA LYS FA 57 55.50 -82.24 66.52
C LYS FA 57 56.66 -82.11 65.55
N VAL FA 58 56.44 -81.36 64.46
CA VAL FA 58 57.47 -81.15 63.43
C VAL FA 58 58.63 -80.33 63.96
N GLU FA 59 58.33 -79.29 64.73
CA GLU FA 59 59.38 -78.41 65.24
C GLU FA 59 60.21 -79.09 66.32
N LYS FA 60 59.57 -79.86 67.20
CA LYS FA 60 60.28 -80.57 68.24
C LYS FA 60 61.07 -81.76 67.68
N VAL FA 61 60.70 -82.30 66.52
CA VAL FA 61 61.58 -83.32 65.97
C VAL FA 61 62.69 -82.72 65.09
N ILE FA 62 62.50 -81.56 64.45
CA ILE FA 62 63.55 -81.08 63.56
C ILE FA 62 64.62 -80.29 64.32
N THR FA 63 64.28 -79.63 65.42
CA THR FA 63 65.33 -79.25 66.35
C THR FA 63 64.96 -79.92 67.67
N PRO FA 64 65.83 -80.73 68.24
CA PRO FA 64 65.56 -81.25 69.57
C PRO FA 64 65.75 -80.16 70.60
N PRO FA 65 64.85 -80.06 71.58
CA PRO FA 65 65.07 -79.10 72.68
C PRO FA 65 66.20 -79.54 73.60
N SER FA 66 67.26 -78.72 73.60
CA SER FA 66 68.50 -79.08 74.27
C SER FA 66 68.36 -78.99 75.79
N LYS FA 67 67.65 -77.98 76.27
CA LYS FA 67 67.60 -77.70 77.69
C LYS FA 67 66.26 -77.07 78.01
N ASP FA 68 65.93 -77.08 79.29
CA ASP FA 68 64.75 -76.40 79.77
C ASP FA 68 65.16 -75.08 80.41
N ASN FA 69 64.23 -74.41 81.06
CA ASN FA 69 64.55 -73.18 81.75
C ASN FA 69 64.49 -73.33 83.27
N THR FA 70 64.53 -74.57 83.76
CA THR FA 70 64.77 -74.77 85.18
C THR FA 70 66.23 -74.57 85.56
N LEU FA 71 67.12 -74.53 84.57
CA LEU FA 71 68.49 -74.06 84.75
C LEU FA 71 68.50 -72.61 85.22
N THR FA 72 67.74 -71.75 84.56
CA THR FA 72 67.80 -70.33 84.84
C THR FA 72 66.69 -69.83 85.74
N ILE FA 73 65.63 -70.61 85.94
CA ILE FA 73 64.63 -70.33 86.97
C ILE FA 73 64.65 -71.55 87.87
N PRO FA 74 65.42 -71.57 88.92
CA PRO FA 74 65.35 -72.71 89.83
C PRO FA 74 64.35 -72.47 90.93
N ASN FA 75 63.82 -73.53 91.52
CA ASN FA 75 62.79 -73.33 92.51
C ASN FA 75 63.37 -72.92 93.86
N ALA FA 76 62.50 -72.45 94.74
CA ALA FA 76 62.96 -72.05 96.06
C ALA FA 76 61.87 -72.28 97.07
N TYR FA 77 62.28 -72.63 98.27
CA TYR FA 77 61.44 -72.43 99.43
C TYR FA 77 61.11 -70.96 99.58
N ASN FA 78 59.81 -70.67 99.53
CA ASN FA 78 58.97 -69.47 99.40
C ASN FA 78 58.80 -69.08 97.93
N LEU FA 79 59.38 -69.79 96.98
CA LEU FA 79 58.86 -69.79 95.62
C LEU FA 79 57.92 -70.97 95.39
N GLN FA 80 57.81 -71.89 96.35
CA GLN FA 80 56.90 -73.03 96.25
C GLN FA 80 55.49 -72.73 96.67
N ALA FA 81 55.15 -71.46 96.90
CA ALA FA 81 53.76 -71.07 97.01
C ALA FA 81 53.06 -71.24 95.67
N ARG FA 82 51.77 -71.43 95.71
CA ARG FA 82 51.06 -71.74 94.48
C ARG FA 82 50.28 -70.50 94.06
N ALA FA 83 49.95 -70.42 92.79
CA ALA FA 83 49.01 -69.40 92.35
C ALA FA 83 48.19 -69.93 91.20
N SER FA 84 47.21 -69.14 90.84
CA SER FA 84 46.29 -69.48 89.77
C SER FA 84 46.06 -68.16 89.08
N VAL FA 85 46.13 -68.11 87.75
CA VAL FA 85 46.20 -66.82 87.09
C VAL FA 85 45.56 -66.83 85.70
N ASP FA 86 44.57 -65.97 85.53
CA ASP FA 86 44.08 -65.47 84.27
C ASP FA 86 44.65 -64.08 84.05
N TRP FA 87 45.30 -63.85 82.91
CA TRP FA 87 46.02 -62.61 82.71
C TRP FA 87 46.23 -62.41 81.22
N SER FA 88 46.12 -61.17 80.78
CA SER FA 88 46.30 -60.90 79.36
C SER FA 88 47.07 -59.62 79.08
N GLY FA 89 47.71 -59.00 80.06
CA GLY FA 89 48.36 -57.74 79.84
C GLY FA 89 49.81 -57.89 79.47
N PRO FA 90 50.60 -56.86 79.77
CA PRO FA 90 52.05 -56.98 79.60
C PRO FA 90 52.68 -57.75 80.74
N ILE FA 91 53.98 -57.98 80.61
CA ILE FA 91 54.63 -58.98 81.44
C ILE FA 91 55.04 -58.41 82.80
N GLU FA 92 55.27 -57.08 82.89
CA GLU FA 92 55.92 -56.49 84.06
C GLU FA 92 55.03 -56.45 85.26
N GLU FA 93 53.76 -56.09 85.05
CA GLU FA 93 52.79 -56.00 86.13
C GLU FA 93 52.54 -57.35 86.74
N LEU FA 94 52.51 -58.38 85.88
CA LEU FA 94 52.30 -59.73 86.37
C LEU FA 94 53.53 -60.23 87.13
N THR FA 95 54.72 -60.07 86.56
CA THR FA 95 55.93 -60.61 87.18
C THR FA 95 56.33 -59.83 88.44
N ALA FA 96 55.97 -58.53 88.48
CA ALA FA 96 56.08 -57.76 89.71
C ALA FA 96 55.11 -58.27 90.78
N ARG FA 97 53.89 -58.67 90.38
CA ARG FA 97 52.98 -59.24 91.36
C ARG FA 97 53.42 -60.63 91.84
N ILE FA 98 54.03 -61.41 90.93
CA ILE FA 98 54.56 -62.74 91.27
C ILE FA 98 55.71 -62.61 92.26
N ALA FA 99 56.62 -61.68 92.01
CA ALA FA 99 57.77 -61.52 92.88
C ALA FA 99 57.40 -60.86 94.20
N LYS FA 100 56.39 -59.97 94.19
CA LYS FA 100 55.84 -59.38 95.40
C LYS FA 100 55.24 -60.44 96.31
N ALA FA 101 54.50 -61.38 95.74
CA ALA FA 101 53.95 -62.42 96.60
C ALA FA 101 54.89 -63.59 96.76
N ALA FA 102 56.02 -63.60 96.09
CA ALA FA 102 57.09 -64.53 96.37
C ALA FA 102 58.06 -64.00 97.40
N HIS FA 103 57.90 -62.73 97.78
CA HIS FA 103 58.84 -61.93 98.59
C HIS FA 103 60.21 -61.90 97.95
N PHE FA 104 60.22 -61.73 96.65
CA PHE FA 104 61.44 -61.56 95.89
C PHE FA 104 61.47 -60.13 95.40
N ARG FA 105 62.63 -59.50 95.47
CA ARG FA 105 62.76 -58.19 94.87
C ARG FA 105 62.77 -58.35 93.35
N PHE FA 106 62.07 -57.47 92.67
CA PHE FA 106 61.92 -57.58 91.23
C PHE FA 106 62.66 -56.45 90.55
N ARG FA 107 63.51 -56.80 89.61
CA ARG FA 107 64.16 -55.87 88.70
C ARG FA 107 63.99 -56.21 87.23
N VAL FA 108 64.17 -55.19 86.43
CA VAL FA 108 64.23 -55.34 85.00
C VAL FA 108 65.61 -54.93 84.52
N LEU FA 109 66.08 -55.63 83.51
CA LEU FA 109 67.26 -55.31 82.72
C LEU FA 109 66.90 -55.22 81.25
N GLY FA 110 67.41 -54.19 80.60
CA GLY FA 110 66.95 -53.85 79.29
C GLY FA 110 65.75 -52.96 79.37
N LYS FA 111 65.74 -51.92 78.56
CA LYS FA 111 64.54 -51.11 78.44
C LYS FA 111 63.50 -51.88 77.64
N SER FA 112 62.24 -51.73 78.05
CA SER FA 112 61.11 -52.38 77.44
C SER FA 112 60.82 -51.75 76.09
N PRO FA 113 60.43 -52.53 75.10
CA PRO FA 113 60.16 -51.96 73.78
C PRO FA 113 58.84 -51.21 73.74
N SER FA 114 58.68 -50.45 72.66
CA SER FA 114 57.55 -49.56 72.46
C SER FA 114 56.28 -50.31 72.17
N VAL FA 115 56.36 -51.31 71.32
CA VAL FA 115 55.33 -52.32 71.35
C VAL FA 115 55.44 -53.07 72.68
N PRO FA 116 54.35 -53.30 73.37
CA PRO FA 116 54.44 -54.10 74.59
C PRO FA 116 54.61 -55.55 74.21
N VAL FA 117 55.40 -56.24 75.01
CA VAL FA 117 55.39 -57.70 75.04
C VAL FA 117 54.22 -58.18 75.89
N LEU FA 118 53.30 -58.87 75.26
CA LEU FA 118 52.06 -59.27 75.87
C LEU FA 118 52.08 -60.77 76.05
N ILE FA 119 51.88 -61.21 77.27
CA ILE FA 119 51.61 -62.58 77.54
C ILE FA 119 50.16 -62.67 77.98
N SER FA 120 49.63 -63.88 77.97
CA SER FA 120 48.28 -64.10 78.45
C SER FA 120 48.28 -65.48 79.10
N ILE FA 121 48.55 -65.52 80.39
CA ILE FA 121 48.62 -66.76 81.13
C ILE FA 121 47.20 -67.04 81.60
N SER FA 122 46.64 -68.17 81.22
CA SER FA 122 45.42 -68.60 81.89
C SER FA 122 45.65 -70.03 82.35
N THR FA 123 46.23 -70.18 83.53
CA THR FA 123 46.42 -71.51 84.10
C THR FA 123 45.91 -71.58 85.52
N LYS FA 124 46.02 -72.80 86.06
CA LYS FA 124 45.20 -73.27 87.17
C LYS FA 124 46.00 -74.08 88.17
N ASP FA 125 46.27 -73.46 89.32
CA ASP FA 125 47.01 -74.00 90.47
C ASP FA 125 48.37 -74.52 89.99
N GLU FA 126 49.20 -73.59 89.56
CA GLU FA 126 50.56 -73.96 89.30
C GLU FA 126 51.44 -73.29 90.34
N SER FA 127 52.68 -73.74 90.41
CA SER FA 127 53.63 -73.13 91.31
C SER FA 127 54.06 -71.78 90.77
N LEU FA 128 54.63 -70.96 91.66
CA LEU FA 128 55.18 -69.68 91.23
C LEU FA 128 56.37 -69.85 90.33
N ALA FA 129 57.21 -70.85 90.61
CA ALA FA 129 58.35 -71.17 89.77
C ALA FA 129 57.93 -71.67 88.40
N GLU FA 130 56.89 -72.48 88.35
CA GLU FA 130 56.45 -72.99 87.06
C GLU FA 130 55.65 -71.95 86.28
N ILE FA 131 54.88 -71.07 86.93
CA ILE FA 131 54.26 -70.01 86.14
C ILE FA 131 55.25 -68.95 85.70
N LEU FA 132 56.36 -68.76 86.43
CA LEU FA 132 57.44 -67.93 85.90
C LEU FA 132 58.13 -68.58 84.72
N ARG FA 133 58.23 -69.90 84.71
CA ARG FA 133 58.76 -70.59 83.55
C ARG FA 133 57.81 -70.54 82.36
N ASP FA 134 56.49 -70.59 82.61
CA ASP FA 134 55.50 -70.41 81.57
C ASP FA 134 55.48 -68.99 81.02
N ILE FA 135 55.70 -67.99 81.89
CA ILE FA 135 55.84 -66.60 81.47
C ILE FA 135 57.08 -66.43 80.59
N ASP FA 136 58.17 -67.10 80.98
CA ASP FA 136 59.44 -67.11 80.25
C ASP FA 136 59.25 -67.75 78.87
N TYR FA 137 58.48 -68.82 78.82
CA TYR FA 137 58.28 -69.50 77.55
C TYR FA 137 57.36 -68.71 76.63
N GLN FA 138 56.28 -68.13 77.17
CA GLN FA 138 55.36 -67.34 76.35
C GLN FA 138 55.97 -66.03 75.89
N ALA FA 139 56.91 -65.47 76.63
CA ALA FA 139 57.71 -64.36 76.10
C ALA FA 139 58.99 -64.90 75.47
N GLY FA 140 58.84 -65.68 74.41
CA GLY FA 140 60.00 -66.25 73.75
C GLY FA 140 60.67 -65.23 72.86
N LYS FA 141 61.98 -65.05 73.07
CA LYS FA 141 62.92 -64.18 72.31
C LYS FA 141 62.64 -62.67 72.53
N LYS FA 142 61.68 -62.31 73.36
CA LYS FA 142 61.33 -60.92 73.57
C LYS FA 142 61.75 -60.56 74.99
N ALA FA 143 61.62 -61.53 75.89
CA ALA FA 143 62.06 -61.33 77.26
C ALA FA 143 62.56 -62.66 77.81
N SER FA 144 63.01 -62.63 79.06
CA SER FA 144 63.46 -63.83 79.76
C SER FA 144 63.36 -63.58 81.24
N ILE FA 145 62.80 -64.52 81.96
CA ILE FA 145 62.78 -64.45 83.41
C ILE FA 145 63.99 -65.20 83.95
N HIS FA 146 64.72 -64.57 84.85
CA HIS FA 146 65.78 -65.23 85.60
C HIS FA 146 65.46 -65.07 87.07
N VAL FA 147 65.79 -66.08 87.87
CA VAL FA 147 65.54 -66.06 89.31
C VAL FA 147 66.85 -66.44 89.98
N TYR FA 148 67.32 -65.61 90.90
CA TYR FA 148 68.53 -65.99 91.64
C TYR FA 148 68.13 -66.34 93.04
N PRO FA 149 68.23 -67.62 93.43
CA PRO FA 149 67.59 -68.07 94.66
C PRO FA 149 68.45 -68.05 95.91
N ASN FA 150 69.78 -67.87 95.82
CA ASN FA 150 70.50 -67.60 97.05
C ASN FA 150 70.47 -66.13 97.42
N SER FA 151 70.20 -65.27 96.45
CA SER FA 151 69.64 -63.95 96.69
C SER FA 151 68.12 -64.09 96.71
N GLN FA 152 67.39 -63.00 96.72
CA GLN FA 152 65.96 -63.09 96.52
C GLN FA 152 65.61 -62.07 95.47
N VAL FA 153 65.86 -62.43 94.21
CA VAL FA 153 65.57 -61.51 93.14
C VAL FA 153 64.98 -62.25 91.94
N VAL FA 154 63.80 -61.80 91.51
CA VAL FA 154 63.25 -62.13 90.22
C VAL FA 154 63.62 -60.99 89.27
N GLU FA 155 64.25 -61.36 88.18
CA GLU FA 155 64.73 -60.54 87.11
C GLU FA 155 64.06 -60.80 85.77
N LEU FA 156 63.68 -59.71 85.13
CA LEU FA 156 63.07 -59.79 83.82
C LEU FA 156 64.04 -59.10 82.89
N ARG FA 157 64.55 -59.83 81.91
CA ARG FA 157 65.48 -59.31 80.94
C ARG FA 157 64.76 -59.09 79.63
N TYR FA 158 64.97 -57.93 79.06
CA TYR FA 158 64.43 -57.63 77.75
C TYR FA 158 65.36 -58.09 76.67
N ALA FA 159 64.81 -58.16 75.47
CA ALA FA 159 65.62 -58.50 74.33
C ALA FA 159 66.50 -57.32 73.95
N LYS FA 160 67.49 -57.62 73.12
CA LYS FA 160 68.53 -56.67 72.75
C LYS FA 160 68.12 -55.81 71.58
N ILE FA 161 66.89 -55.97 71.13
CA ILE FA 161 66.51 -55.37 69.91
C ILE FA 161 65.27 -54.49 70.14
N ALA GA 58 -12.56 -73.68 19.71
CA ALA GA 58 -11.49 -72.80 20.15
C ALA GA 58 -11.28 -72.94 21.65
N LEU GA 59 -12.38 -72.92 22.40
CA LEU GA 59 -12.33 -73.28 23.82
C LEU GA 59 -12.00 -74.75 24.00
N LYS GA 60 -12.44 -75.58 23.05
CA LYS GA 60 -12.05 -76.97 22.98
C LYS GA 60 -10.56 -77.15 22.71
N GLU GA 61 -9.97 -76.24 21.91
CA GLU GA 61 -8.56 -76.26 21.56
C GLU GA 61 -7.72 -75.83 22.75
N THR GA 62 -8.15 -74.78 23.47
CA THR GA 62 -7.37 -74.43 24.65
C THR GA 62 -7.62 -75.37 25.82
N ALA GA 63 -8.72 -76.13 25.81
CA ALA GA 63 -8.87 -77.24 26.75
C ALA GA 63 -7.84 -78.34 26.50
N LEU GA 64 -7.60 -78.65 25.21
CA LEU GA 64 -6.56 -79.60 24.82
C LEU GA 64 -5.17 -79.09 25.20
N SER GA 65 -4.93 -77.80 25.03
CA SER GA 65 -3.65 -77.22 25.41
C SER GA 65 -3.44 -77.12 26.93
N VAL GA 66 -4.52 -77.01 27.71
CA VAL GA 66 -4.40 -77.17 29.16
C VAL GA 66 -4.02 -78.60 29.52
N GLY GA 67 -4.67 -79.59 28.88
CA GLY GA 67 -4.41 -80.99 29.21
C GLY GA 67 -3.05 -81.52 28.80
N ALA GA 68 -2.43 -80.89 27.79
CA ALA GA 68 -1.17 -81.38 27.22
C ALA GA 68 0.00 -81.25 28.19
N GLN GA 69 0.19 -80.07 28.77
CA GLN GA 69 1.37 -79.85 29.59
C GLN GA 69 1.24 -80.50 30.96
N ALA GA 70 0.01 -80.66 31.43
CA ALA GA 70 -0.23 -81.38 32.66
C ALA GA 70 0.03 -82.87 32.48
N GLY GA 71 -0.37 -83.43 31.33
CA GLY GA 71 -0.04 -84.82 31.04
C GLY GA 71 1.42 -85.08 30.83
N LEU GA 72 2.12 -84.12 30.22
CA LEU GA 72 3.58 -84.18 30.06
C LEU GA 72 4.31 -84.15 31.39
N ALA GA 73 3.90 -83.26 32.29
CA ALA GA 73 4.57 -83.17 33.59
C ALA GA 73 4.25 -84.35 34.49
N TRP GA 74 3.03 -84.89 34.39
CA TRP GA 74 2.68 -86.07 35.17
C TRP GA 74 3.43 -87.30 34.68
N ARG GA 75 3.54 -87.48 33.36
CA ARG GA 75 4.28 -88.61 32.81
C ARG GA 75 5.76 -88.49 33.07
N ALA GA 76 6.27 -87.24 33.11
CA ALA GA 76 7.65 -86.96 33.49
C ALA GA 76 7.92 -87.36 34.92
N LYS GA 77 6.98 -87.07 35.83
CA LYS GA 77 7.08 -87.48 37.24
C LYS GA 77 7.13 -88.99 37.40
N ILE GA 78 6.18 -89.69 36.77
CA ILE GA 78 6.05 -91.15 36.88
C ILE GA 78 7.29 -91.86 36.35
N ILE GA 79 7.82 -91.39 35.23
CA ILE GA 79 9.04 -92.04 34.77
C ILE GA 79 10.28 -91.53 35.48
N ASP GA 80 10.23 -90.41 36.23
CA ASP GA 80 11.39 -90.07 37.05
C ASP GA 80 11.55 -91.00 38.25
N GLU GA 81 10.47 -91.31 38.99
CA GLU GA 81 10.79 -92.25 40.08
C GLU GA 81 10.72 -93.68 39.57
N GLN GA 82 10.24 -93.89 38.35
CA GLN GA 82 10.39 -95.21 37.76
C GLN GA 82 11.83 -95.43 37.32
N LEU GA 83 12.53 -94.36 36.90
CA LEU GA 83 13.98 -94.41 36.73
C LEU GA 83 14.71 -94.61 38.05
N ASN GA 84 14.29 -93.89 39.09
CA ASN GA 84 14.96 -93.97 40.38
C ASN GA 84 14.71 -95.27 41.11
N LYS GA 85 13.67 -96.01 40.75
CA LYS GA 85 13.51 -97.35 41.28
C LYS GA 85 14.53 -98.29 40.69
N GLN GA 86 14.97 -98.04 39.45
CA GLN GA 86 15.96 -98.88 38.80
C GLN GA 86 17.32 -98.21 38.74
N ALA GA 87 17.68 -97.49 39.81
CA ALA GA 87 18.87 -96.65 39.79
C ALA GA 87 20.15 -97.44 39.78
N ARG GA 88 20.27 -98.49 40.61
CA ARG GA 88 21.48 -99.31 40.60
C ARG GA 88 21.57 -100.19 39.36
N ASN GA 89 20.42 -100.57 38.82
CA ASN GA 89 20.37 -101.34 37.58
C ASN GA 89 20.86 -100.50 36.40
N LEU GA 90 20.54 -99.22 36.37
CA LEU GA 90 21.00 -98.36 35.31
C LEU GA 90 22.46 -97.98 35.45
N ASP GA 91 22.99 -97.93 36.67
CA ASP GA 91 24.44 -97.87 36.85
C ASP GA 91 25.14 -99.14 36.39
N ALA GA 92 24.46 -100.29 36.46
CA ALA GA 92 25.05 -101.48 35.88
C ALA GA 92 25.02 -101.44 34.36
N ILE GA 93 23.89 -101.02 33.76
CA ILE GA 93 23.74 -100.95 32.31
C ILE GA 93 24.69 -99.91 31.71
N TYR GA 94 24.52 -98.67 32.08
CA TYR GA 94 25.26 -97.55 31.51
C TYR GA 94 26.46 -97.21 32.38
N ASP GA 95 27.32 -98.21 32.54
CA ASP GA 95 28.52 -98.08 33.35
C ASP GA 95 29.59 -97.43 32.50
N PHE GA 96 29.59 -96.10 32.47
CA PHE GA 96 30.63 -95.38 31.74
C PHE GA 96 31.95 -95.37 32.49
N ASN GA 97 31.88 -95.63 33.81
CA ASN GA 97 32.99 -95.45 34.74
C ASN GA 97 34.11 -96.42 34.44
N SER GA 98 33.79 -97.66 34.15
CA SER GA 98 34.80 -98.61 33.77
C SER GA 98 34.86 -98.81 32.28
N LEU GA 99 34.46 -97.81 31.51
CA LEU GA 99 34.76 -97.76 30.09
C LEU GA 99 35.81 -96.73 29.74
N VAL GA 100 36.25 -95.91 30.70
CA VAL GA 100 37.20 -94.87 30.39
C VAL GA 100 38.59 -95.46 30.22
N LEU GA 101 39.46 -94.67 29.62
CA LEU GA 101 40.75 -95.17 29.20
C LEU GA 101 41.75 -95.02 30.33
N GLU GA 102 43.03 -95.21 30.00
CA GLU GA 102 44.07 -95.27 31.01
C GLU GA 102 44.40 -93.93 31.64
N HIS GA 103 44.21 -92.83 30.95
CA HIS GA 103 44.54 -91.56 31.58
C HIS GA 103 43.27 -90.78 31.84
N ASN GA 104 42.23 -91.48 32.34
CA ASN GA 104 40.84 -91.02 32.54
C ASN GA 104 40.27 -90.26 31.33
N ILE GA 105 40.53 -90.82 30.17
CA ILE GA 105 40.07 -90.25 28.92
C ILE GA 105 38.75 -90.90 28.57
N LEU GA 106 37.74 -90.09 28.36
CA LEU GA 106 36.47 -90.58 27.88
C LEU GA 106 36.65 -91.02 26.43
N PRO GA 107 36.26 -92.27 26.12
CA PRO GA 107 36.44 -92.79 24.79
C PRO GA 107 35.48 -92.15 23.80
N PRO GA 108 35.82 -92.13 22.51
CA PRO GA 108 34.95 -91.46 21.54
C PRO GA 108 33.82 -92.36 21.10
N VAL GA 109 32.83 -91.75 20.45
CA VAL GA 109 31.63 -92.47 20.07
C VAL GA 109 31.75 -92.84 18.60
N LEU GA 110 31.90 -94.11 18.32
CA LEU GA 110 32.01 -94.55 16.94
C LEU GA 110 30.64 -95.00 16.46
N LEU GA 111 30.32 -94.70 15.21
CA LEU GA 111 29.05 -95.10 14.67
C LEU GA 111 29.28 -96.05 13.53
N GLU GA 112 28.58 -97.17 13.56
CA GLU GA 112 28.65 -98.22 12.55
C GLU GA 112 27.44 -98.11 11.67
N GLY GA 113 27.65 -98.08 10.37
CA GLY GA 113 26.53 -98.22 9.48
C GLY GA 113 26.89 -99.24 8.44
N ARG GA 114 26.25 -100.38 8.46
CA ARG GA 114 26.57 -101.36 7.45
C ARG GA 114 25.68 -101.15 6.24
N ASN GA 115 26.24 -101.51 5.09
CA ASN GA 115 25.53 -101.95 3.89
C ASN GA 115 24.78 -100.78 3.27
N THR GA 116 25.54 -99.75 2.90
CA THR GA 116 25.06 -98.40 2.70
C THR GA 116 24.88 -98.13 1.22
N LEU GA 117 23.75 -97.55 0.84
CA LEU GA 117 23.59 -97.03 -0.50
C LEU GA 117 23.32 -95.54 -0.42
N ASN GA 118 23.84 -94.79 -1.38
CA ASN GA 118 23.35 -93.48 -1.73
C ASN GA 118 23.04 -93.43 -3.21
N LEU GA 119 21.79 -93.13 -3.53
CA LEU GA 119 21.36 -92.79 -4.87
C LEU GA 119 21.68 -91.32 -5.09
N ALA GA 120 22.76 -91.04 -5.81
CA ALA GA 120 23.15 -89.64 -5.92
C ALA GA 120 22.30 -88.92 -6.96
N ASP GA 121 22.15 -89.53 -8.12
CA ASP GA 121 21.28 -89.02 -9.15
C ASP GA 121 20.78 -90.22 -9.92
N ALA GA 122 20.26 -89.98 -11.12
CA ALA GA 122 19.82 -91.06 -11.98
C ALA GA 122 20.99 -91.85 -12.53
N GLN GA 123 22.15 -91.23 -12.65
CA GLN GA 123 23.27 -91.82 -13.35
C GLN GA 123 24.15 -92.66 -12.44
N SER GA 124 24.09 -92.45 -11.12
CA SER GA 124 25.14 -92.98 -10.25
C SER GA 124 24.66 -93.23 -8.84
N ILE GA 125 25.06 -94.38 -8.31
CA ILE GA 125 24.93 -94.67 -6.90
C ILE GA 125 26.31 -94.91 -6.33
N ARG GA 126 26.42 -94.82 -5.02
CA ARG GA 126 27.59 -95.31 -4.32
C ARG GA 126 27.12 -96.25 -3.23
N ILE GA 127 27.59 -97.47 -3.26
CA ILE GA 127 27.43 -98.34 -2.12
C ILE GA 127 28.75 -98.41 -1.40
N SER GA 128 28.66 -98.61 -0.11
CA SER GA 128 29.82 -98.99 0.68
C SER GA 128 29.35 -100.07 1.63
N ASP GA 129 30.27 -100.91 2.07
CA ASP GA 129 29.79 -102.01 2.89
C ASP GA 129 29.68 -101.63 4.35
N ARG GA 130 30.68 -100.99 4.91
CA ARG GA 130 30.57 -100.47 6.26
C ARG GA 130 31.10 -99.06 6.32
N THR GA 131 30.56 -98.30 7.25
CA THR GA 131 30.94 -96.94 7.51
C THR GA 131 31.17 -96.78 9.00
N TYR GA 132 32.36 -96.35 9.37
CA TYR GA 132 32.64 -96.02 10.75
C TYR GA 132 32.90 -94.52 10.85
N LYS GA 133 32.19 -93.89 11.78
CA LYS GA 133 32.33 -92.47 11.98
C LYS GA 133 32.78 -92.20 13.39
N VAL GA 134 33.76 -91.33 13.55
CA VAL GA 134 34.13 -90.85 14.86
C VAL GA 134 33.25 -89.64 15.16
N ALA GA 135 32.40 -89.76 16.17
CA ALA GA 135 31.59 -88.66 16.61
C ALA GA 135 31.92 -88.36 18.07
N LYS GA 136 32.09 -87.06 18.33
CA LYS GA 136 32.45 -86.41 19.60
C LYS GA 136 33.63 -87.12 20.27
N GLN GA 137 34.78 -86.84 19.67
CA GLN GA 137 36.11 -87.42 19.82
C GLN GA 137 36.57 -87.48 21.30
N ALA GA 138 37.48 -88.43 21.57
CA ALA GA 138 37.98 -88.75 22.91
C ALA GA 138 38.64 -87.58 23.61
N HIS GA 139 38.36 -87.47 24.90
CA HIS GA 139 38.80 -86.28 25.61
C HIS GA 139 38.89 -86.56 27.08
N PHE GA 140 39.65 -85.72 27.78
CA PHE GA 140 39.97 -85.87 29.18
C PHE GA 140 38.73 -85.66 30.03
N ILE GA 141 38.19 -86.72 30.61
CA ILE GA 141 37.03 -86.52 31.46
C ILE GA 141 37.54 -86.54 32.89
N THR GA 142 36.94 -85.73 33.76
CA THR GA 142 37.32 -85.78 35.17
C THR GA 142 36.53 -86.85 35.90
N THR GA 143 35.22 -86.69 35.95
CA THR GA 143 34.35 -87.70 36.48
C THR GA 143 33.44 -88.23 35.39
N PRO GA 144 33.24 -89.55 35.30
CA PRO GA 144 32.59 -90.15 34.13
C PRO GA 144 31.10 -89.86 34.10
N PRO GA 145 30.48 -89.89 32.91
CA PRO GA 145 29.06 -89.57 32.83
C PRO GA 145 28.20 -90.64 33.46
N THR GA 146 27.14 -90.19 34.08
CA THR GA 146 26.16 -91.13 34.59
C THR GA 146 25.07 -91.30 33.55
N TRP GA 147 24.04 -92.05 33.91
CA TRP GA 147 22.88 -92.08 33.05
C TRP GA 147 21.97 -90.90 33.32
N ARG GA 148 22.19 -90.19 34.42
CA ARG GA 148 21.22 -89.17 34.81
C ARG GA 148 21.36 -87.89 34.02
N GLN GA 149 22.48 -87.65 33.35
CA GLN GA 149 22.51 -86.51 32.45
C GLN GA 149 21.77 -86.81 31.15
N TYR GA 150 21.62 -88.08 30.85
CA TYR GA 150 21.12 -88.46 29.54
C TYR GA 150 19.65 -88.83 29.61
N LEU GA 151 19.19 -89.34 30.76
CA LEU GA 151 17.86 -89.94 30.85
C LEU GA 151 16.85 -89.17 31.68
N TRP GA 152 17.27 -88.29 32.57
CA TRP GA 152 16.37 -87.66 33.53
C TRP GA 152 15.54 -86.61 32.84
N MET GA 153 14.22 -86.82 32.76
CA MET GA 153 13.39 -85.74 32.25
C MET GA 153 13.04 -84.75 33.33
N ASP GA 154 12.70 -83.55 32.90
CA ASP GA 154 12.66 -82.40 33.77
C ASP GA 154 11.31 -82.29 34.44
N TYR GA 155 11.31 -82.20 35.75
CA TYR GA 155 10.09 -82.02 36.51
C TYR GA 155 9.94 -80.59 36.98
N VAL GA 156 8.98 -79.89 36.38
CA VAL GA 156 8.39 -78.74 36.98
C VAL GA 156 6.95 -79.09 37.30
N LYS GA 157 6.40 -78.42 38.31
CA LYS GA 157 5.03 -78.71 38.74
C LYS GA 157 4.18 -77.58 38.19
N PRO GA 158 3.36 -77.82 37.16
CA PRO GA 158 2.64 -76.72 36.51
C PRO GA 158 1.44 -76.29 37.34
N GLU GA 159 1.44 -75.02 37.73
CA GLU GA 159 0.40 -74.47 38.59
C GLU GA 159 -0.57 -73.60 37.82
N ALA GA 160 -0.68 -73.78 36.51
CA ALA GA 160 -1.53 -72.93 35.70
C ALA GA 160 -2.74 -73.70 35.20
N PRO GA 161 -3.94 -73.48 35.75
CA PRO GA 161 -5.13 -74.11 35.18
C PRO GA 161 -5.60 -73.36 33.94
N LYS GA 173 -17.07 -77.54 29.26
CA LYS GA 173 -17.33 -78.43 30.39
C LYS GA 173 -17.15 -79.88 29.98
N GLU GA 174 -18.13 -80.40 29.24
CA GLU GA 174 -18.08 -81.77 28.76
C GLU GA 174 -17.06 -81.94 27.64
N ILE GA 175 -17.00 -80.94 26.75
CA ILE GA 175 -16.04 -80.94 25.64
C ILE GA 175 -14.66 -80.65 26.20
N TRP GA 176 -14.60 -79.82 27.25
CA TRP GA 176 -13.40 -79.58 28.04
C TRP GA 176 -12.88 -80.87 28.66
N CYS GA 177 -13.77 -81.71 29.17
CA CYS GA 177 -13.35 -82.95 29.83
C CYS GA 177 -12.86 -83.99 28.83
N ILE GA 178 -13.54 -84.13 27.69
CA ILE GA 178 -13.07 -85.11 26.72
C ILE GA 178 -11.80 -84.64 25.99
N TYR GA 179 -11.63 -83.33 25.79
CA TYR GA 179 -10.38 -82.95 25.16
C TYR GA 179 -9.28 -82.73 26.18
N THR GA 180 -9.57 -82.65 27.48
CA THR GA 180 -8.44 -82.69 28.39
C THR GA 180 -7.99 -84.11 28.62
N GLU GA 181 -8.85 -85.11 28.37
CA GLU GA 181 -8.31 -86.47 28.32
C GLU GA 181 -7.52 -86.73 27.04
N ARG GA 182 -7.93 -86.17 25.90
CA ARG GA 182 -7.11 -86.37 24.71
C ARG GA 182 -5.86 -85.48 24.72
N GLY GA 183 -5.91 -84.33 25.40
CA GLY GA 183 -4.70 -83.61 25.73
C GLY GA 183 -3.81 -84.35 26.71
N TRP GA 184 -4.41 -85.08 27.64
CA TRP GA 184 -3.64 -85.80 28.65
C TRP GA 184 -2.88 -86.98 28.05
N LYS GA 185 -3.50 -87.72 27.13
CA LYS GA 185 -2.71 -88.76 26.45
C LYS GA 185 -1.76 -88.18 25.42
N ASN GA 186 -2.05 -86.98 24.87
CA ASN GA 186 -1.07 -86.35 23.99
C ASN GA 186 0.16 -85.90 24.75
N GLY GA 187 -0.03 -85.40 25.98
CA GLY GA 187 1.11 -85.09 26.83
C GLY GA 187 1.86 -86.32 27.29
N ILE GA 188 1.13 -87.42 27.52
CA ILE GA 188 1.75 -88.67 27.95
C ILE GA 188 2.62 -89.26 26.85
N ASP GA 189 2.10 -89.38 25.62
CA ASP GA 189 2.96 -90.01 24.62
C ASP GA 189 3.98 -89.04 24.03
N GLN GA 190 3.79 -87.74 24.22
CA GLN GA 190 4.84 -86.83 23.83
C GLN GA 190 6.01 -86.85 24.83
N ALA GA 191 5.70 -87.06 26.13
CA ALA GA 191 6.76 -87.32 27.11
C ALA GA 191 7.44 -88.66 26.88
N ASN GA 192 6.70 -89.66 26.41
CA ASN GA 192 7.26 -90.93 25.98
C ASN GA 192 8.20 -90.80 24.81
N THR GA 193 7.93 -89.91 23.86
CA THR GA 193 8.88 -89.74 22.76
C THR GA 193 10.13 -89.00 23.20
N ILE GA 194 10.01 -88.09 24.19
CA ILE GA 194 11.19 -87.44 24.76
C ILE GA 194 12.08 -88.45 25.48
N LEU GA 195 11.45 -89.35 26.25
CA LEU GA 195 12.18 -90.42 26.93
C LEU GA 195 12.79 -91.42 25.94
N GLU GA 196 12.09 -91.70 24.84
CA GLU GA 196 12.58 -92.58 23.79
C GLU GA 196 13.83 -92.03 23.12
N GLU GA 197 13.85 -90.71 22.88
CA GLU GA 197 15.08 -90.11 22.37
C GLU GA 197 16.18 -90.01 23.41
N ASN GA 198 15.83 -89.94 24.70
CA ASN GA 198 16.85 -89.92 25.74
C ASN GA 198 17.57 -91.26 25.87
N ILE GA 199 16.79 -92.35 25.89
CA ILE GA 199 17.31 -93.71 25.77
C ILE GA 199 18.07 -93.94 24.47
N ALA GA 200 17.63 -93.32 23.39
CA ALA GA 200 18.32 -93.40 22.12
C ALA GA 200 19.69 -92.72 22.14
N ARG GA 201 19.76 -91.59 22.84
CA ARG GA 201 21.01 -90.85 22.93
C ARG GA 201 22.02 -91.55 23.82
N ILE GA 202 21.56 -92.14 24.92
CA ILE GA 202 22.48 -92.89 25.77
C ILE GA 202 22.90 -94.21 25.11
N LYS GA 203 22.05 -94.78 24.26
CA LYS GA 203 22.43 -96.00 23.57
C LYS GA 203 23.41 -95.73 22.45
N GLU GA 204 23.24 -94.60 21.74
CA GLU GA 204 24.26 -94.07 20.82
C GLU GA 204 25.60 -93.86 21.49
N ASP GA 205 25.63 -93.12 22.60
CA ASP GA 205 26.89 -92.69 23.20
C ASP GA 205 27.63 -93.85 23.84
N PHE GA 206 26.89 -94.70 24.54
CA PHE GA 206 27.51 -95.82 25.23
C PHE GA 206 27.93 -96.89 24.25
N GLY GA 207 27.07 -97.26 23.29
CA GLY GA 207 27.45 -98.26 22.30
C GLY GA 207 28.49 -97.77 21.31
N GLY GA 208 28.64 -96.46 21.16
CA GLY GA 208 29.79 -95.93 20.45
C GLY GA 208 31.10 -96.16 21.18
N MET GA 209 31.08 -96.04 22.51
CA MET GA 209 32.29 -96.35 23.27
C MET GA 209 32.60 -97.85 23.25
N ILE GA 210 31.55 -98.65 23.19
CA ILE GA 210 31.70 -100.10 23.07
C ILE GA 210 32.23 -100.47 21.71
N LEU GA 211 31.80 -99.73 20.70
CA LEU GA 211 32.28 -99.92 19.34
C LEU GA 211 33.72 -99.48 19.19
N TYR GA 212 34.18 -98.53 20.04
CA TYR GA 212 35.61 -98.22 20.08
C TYR GA 212 36.32 -99.46 20.57
N ARG GA 213 35.88 -100.03 21.70
CA ARG GA 213 36.66 -101.09 22.35
C ARG GA 213 36.70 -102.37 21.53
N LYS GA 214 35.65 -102.59 20.72
CA LYS GA 214 35.75 -103.46 19.55
C LYS GA 214 36.84 -103.05 18.58
N LEU GA 215 36.85 -101.79 18.12
CA LEU GA 215 37.83 -101.48 17.07
C LEU GA 215 39.23 -101.21 17.61
N LEU GA 216 39.37 -101.03 18.92
CA LEU GA 216 40.68 -100.90 19.51
C LEU GA 216 41.30 -102.26 19.70
N ALA GA 217 40.47 -103.25 20.06
CA ALA GA 217 40.88 -104.63 19.89
C ALA GA 217 41.15 -104.95 18.44
N MET GA 218 40.27 -104.52 17.56
CA MET GA 218 40.25 -104.97 16.19
C MET GA 218 41.09 -104.09 15.27
N ASN GA 219 41.90 -103.19 15.86
CA ASN GA 219 42.98 -102.43 15.26
C ASN GA 219 42.52 -101.50 14.15
N MET GA 220 41.27 -101.07 14.19
CA MET GA 220 40.79 -100.13 13.21
C MET GA 220 40.92 -98.69 13.67
N VAL GA 221 41.23 -98.46 14.94
CA VAL GA 221 41.50 -97.14 15.48
C VAL GA 221 42.83 -97.14 16.22
N SER GA 222 43.35 -95.97 16.41
CA SER GA 222 44.49 -95.76 17.28
C SER GA 222 44.00 -95.59 18.72
N PRO GA 223 44.78 -95.99 19.71
CA PRO GA 223 44.54 -95.52 21.07
C PRO GA 223 45.04 -94.10 21.20
N PRO GA 224 44.62 -93.32 22.21
CA PRO GA 224 45.18 -91.97 22.33
C PRO GA 224 46.58 -92.02 22.88
N TYR GA 225 47.41 -91.16 22.37
CA TYR GA 225 48.79 -91.13 22.84
C TYR GA 225 48.90 -89.90 23.71
N VAL GA 226 49.02 -90.14 25.00
CA VAL GA 226 49.26 -89.10 25.96
C VAL GA 226 50.73 -88.76 26.01
N SER GA 227 51.01 -87.60 26.59
CA SER GA 227 52.36 -87.15 26.88
C SER GA 227 52.31 -86.51 28.25
N HIS GA 228 53.11 -87.02 29.17
CA HIS GA 228 53.24 -86.38 30.48
C HIS GA 228 54.59 -85.67 30.57
N THR GA 229 54.56 -84.36 30.36
CA THR GA 229 55.73 -83.56 30.64
C THR GA 229 55.76 -83.31 32.13
N ASP GA 230 56.63 -84.03 32.82
CA ASP GA 230 56.82 -83.85 34.24
C ASP GA 230 57.61 -82.57 34.43
N LEU GA 231 57.23 -81.81 35.45
CA LEU GA 231 57.94 -80.63 35.86
C LEU GA 231 58.18 -80.75 37.35
N GLY GA 232 59.29 -80.18 37.79
CA GLY GA 232 59.58 -80.20 39.20
C GLY GA 232 58.84 -79.11 39.96
N VAL GA 233 59.52 -78.49 40.88
CA VAL GA 233 58.90 -77.41 41.65
C VAL GA 233 58.82 -76.17 40.78
N THR GA 234 57.66 -75.54 40.82
CA THR GA 234 57.26 -74.66 39.75
C THR GA 234 56.67 -73.39 40.31
N GLY GA 235 57.22 -72.28 39.90
CA GLY GA 235 56.62 -70.99 40.16
C GLY GA 235 57.63 -70.02 40.74
N ASP GA 236 57.11 -68.89 41.15
CA ASP GA 236 57.90 -67.90 41.85
C ASP GA 236 57.91 -68.22 43.35
N GLY GA 237 58.32 -67.26 44.16
CA GLY GA 237 58.30 -67.48 45.58
C GLY GA 237 56.98 -67.20 46.24
N SER GA 238 56.01 -66.68 45.52
CA SER GA 238 54.71 -66.47 46.13
C SER GA 238 53.80 -67.67 45.97
N GLU GA 239 54.20 -68.64 45.16
CA GLU GA 239 53.33 -69.73 44.75
C GLU GA 239 54.22 -70.86 44.26
N ILE GA 240 54.16 -72.00 44.92
CA ILE GA 240 54.86 -73.16 44.38
C ILE GA 240 53.86 -74.28 44.16
N HIS GA 241 54.13 -75.07 43.14
CA HIS GA 241 53.49 -76.34 42.92
C HIS GA 241 54.59 -77.36 42.82
N ILE GA 242 54.47 -78.43 43.59
CA ILE GA 242 55.65 -79.22 43.90
C ILE GA 242 55.91 -80.25 42.82
N ASP GA 243 54.97 -81.15 42.58
CA ASP GA 243 55.12 -82.12 41.51
C ASP GA 243 54.17 -81.75 40.40
N ASP GA 244 54.69 -81.12 39.36
CA ASP GA 244 53.88 -80.39 38.40
C ASP GA 244 53.86 -81.14 37.07
N ARG GA 245 52.91 -82.04 36.92
CA ARG GA 245 52.83 -82.86 35.72
C ARG GA 245 51.79 -82.30 34.78
N VAL GA 246 52.20 -81.94 33.57
CA VAL GA 246 51.27 -81.50 32.53
C VAL GA 246 51.02 -82.67 31.61
N LEU GA 247 49.75 -83.05 31.48
CA LEU GA 247 49.37 -84.20 30.67
C LEU GA 247 48.60 -83.70 29.47
N ARG GA 248 49.05 -84.07 28.29
CA ARG GA 248 48.38 -83.71 27.06
C ARG GA 248 48.02 -84.96 26.29
N ILE GA 249 47.01 -84.84 25.44
CA ILE GA 249 46.75 -85.81 24.41
C ILE GA 249 47.39 -85.28 23.14
N THR GA 250 48.33 -86.03 22.60
CA THR GA 250 48.96 -85.64 21.36
C THR GA 250 48.22 -86.24 20.17
N ALA GA 251 48.05 -87.55 20.18
CA ALA GA 251 47.42 -88.27 19.10
C ALA GA 251 46.00 -88.62 19.52
N LEU GA 252 45.05 -88.25 18.73
CA LEU GA 252 43.68 -88.58 19.09
C LEU GA 252 43.39 -90.00 18.62
N PRO GA 253 42.40 -90.67 19.19
CA PRO GA 253 41.95 -91.94 18.62
C PRO GA 253 41.28 -91.71 17.29
N GLU GA 254 41.62 -92.55 16.33
CA GLU GA 254 41.55 -92.09 14.97
C GLU GA 254 41.63 -93.35 14.10
N LEU GA 255 40.71 -93.49 13.14
CA LEU GA 255 40.60 -94.72 12.35
C LEU GA 255 41.74 -94.83 11.35
N ASN GA 256 42.43 -95.96 11.33
CA ASN GA 256 43.49 -96.07 10.34
C ASN GA 256 42.92 -96.58 9.03
N VAL GA 257 43.42 -96.02 7.93
CA VAL GA 257 43.04 -96.46 6.62
C VAL GA 257 44.06 -97.39 6.02
N ASN GA 258 45.22 -97.53 6.65
CA ASN GA 258 46.23 -98.45 6.15
C ASN GA 258 45.65 -99.73 6.74
N SER GA 259 45.05 -100.55 5.90
CA SER GA 259 44.06 -101.48 6.40
C SER GA 259 44.60 -102.91 6.54
N ALA GA 260 45.87 -103.13 6.21
CA ALA GA 260 46.41 -104.47 6.26
C ALA GA 260 46.67 -104.98 7.66
N GLU GA 261 46.77 -104.10 8.66
CA GLU GA 261 46.97 -104.50 10.04
C GLU GA 261 45.69 -104.61 10.80
N TRP GA 262 44.57 -104.74 10.11
CA TRP GA 262 43.29 -104.87 10.78
C TRP GA 262 43.15 -106.26 11.36
N ARG GA 263 42.10 -106.44 12.14
CA ARG GA 263 41.85 -107.72 12.77
C ARG GA 263 40.46 -108.14 12.31
N ALA GA 264 39.96 -109.23 12.85
CA ALA GA 264 38.74 -109.89 12.46
C ALA GA 264 38.24 -110.70 13.64
N ALA GA 265 36.95 -110.66 13.90
CA ALA GA 265 36.42 -111.13 15.17
C ALA GA 265 36.15 -112.63 15.26
N VAL GA 266 37.10 -113.51 14.94
CA VAL GA 266 36.75 -114.92 14.92
C VAL GA 266 36.91 -115.54 16.30
N ALA GA 267 35.85 -116.19 16.76
CA ALA GA 267 35.80 -116.79 18.09
C ALA GA 267 35.41 -118.25 17.94
N LYS GA 268 35.10 -118.89 19.06
CA LYS GA 268 34.65 -120.28 19.02
C LYS GA 268 33.37 -120.48 19.82
N PHE HA 25 5.42 -116.15 58.51
CA PHE HA 25 5.25 -115.80 57.10
C PHE HA 25 6.34 -114.83 56.60
N LYS HA 26 6.80 -115.01 55.38
CA LYS HA 26 7.80 -114.10 54.81
C LYS HA 26 7.18 -113.35 53.62
N LYS HA 27 7.98 -112.49 52.95
CA LYS HA 27 7.63 -111.55 51.88
C LYS HA 27 8.50 -111.70 50.66
N PRO HA 28 8.08 -111.16 49.51
CA PRO HA 28 9.03 -110.89 48.47
C PRO HA 28 9.98 -109.77 48.85
N PRO HA 29 11.10 -109.67 48.15
CA PRO HA 29 11.94 -108.48 48.26
C PRO HA 29 11.26 -107.20 47.79
N ILE HA 30 11.70 -106.08 48.36
CA ILE HA 30 10.97 -104.82 48.17
C ILE HA 30 11.25 -104.25 46.80
N ASN HA 31 12.52 -104.09 46.46
CA ASN HA 31 12.89 -103.70 45.11
C ASN HA 31 13.22 -104.94 44.28
N ASN HA 32 12.30 -105.79 44.23
CA ASN HA 32 12.42 -107.01 43.46
C ASN HA 32 11.99 -106.76 42.03
N PRO HA 33 12.62 -107.43 41.09
CA PRO HA 33 12.05 -107.52 39.75
C PRO HA 33 10.86 -108.47 39.77
N SER HA 34 9.68 -107.94 40.08
CA SER HA 34 8.45 -108.72 40.07
C SER HA 34 7.57 -108.35 38.88
N ASP HA 35 8.17 -107.73 37.89
CA ASP HA 35 7.45 -107.07 36.82
C ASP HA 35 8.10 -107.47 35.50
N ASP HA 36 7.30 -107.70 34.47
CA ASP HA 36 7.77 -108.41 33.27
C ASP HA 36 8.73 -107.59 32.42
N ALA HA 37 8.77 -106.27 32.58
CA ALA HA 37 9.80 -105.48 31.94
C ALA HA 37 11.02 -105.34 32.83
N THR HA 38 10.81 -105.20 34.14
CA THR HA 38 11.91 -104.97 35.05
C THR HA 38 12.73 -106.22 35.30
N ILE HA 39 12.16 -107.40 35.09
CA ILE HA 39 12.93 -108.63 35.10
C ILE HA 39 13.96 -108.64 33.98
N LYS HA 40 13.56 -108.18 32.79
CA LYS HA 40 14.43 -108.08 31.63
C LYS HA 40 15.48 -107.03 31.75
N LEU HA 41 15.10 -105.89 32.32
CA LEU HA 41 16.06 -104.85 32.64
C LEU HA 41 17.09 -105.33 33.64
N ALA HA 42 16.67 -106.08 34.65
CA ALA HA 42 17.61 -106.52 35.65
C ALA HA 42 18.45 -107.73 35.22
N GLU HA 43 17.95 -108.61 34.35
CA GLU HA 43 18.85 -109.68 33.93
C GLU HA 43 19.72 -109.23 32.78
N ALA HA 44 19.32 -108.17 32.08
CA ALA HA 44 20.26 -107.44 31.26
C ALA HA 44 21.34 -106.79 32.10
N ALA HA 45 20.98 -106.32 33.30
CA ALA HA 45 21.98 -105.72 34.20
C ALA HA 45 22.96 -106.74 34.73
N VAL HA 46 22.50 -107.96 35.03
CA VAL HA 46 23.46 -108.96 35.50
C VAL HA 46 24.29 -109.45 34.32
N SER HA 47 23.75 -109.46 33.09
CA SER HA 47 24.55 -109.82 31.93
C SER HA 47 25.57 -108.77 31.56
N VAL HA 48 25.24 -107.49 31.71
CA VAL HA 48 26.22 -106.47 31.36
C VAL HA 48 27.25 -106.28 32.47
N SER HA 49 26.92 -106.55 33.74
CA SER HA 49 27.94 -106.39 34.78
C SER HA 49 28.82 -107.61 34.86
N ASP HA 50 28.29 -108.79 34.52
CA ASP HA 50 29.16 -109.93 34.22
C ASP HA 50 30.05 -109.65 33.04
N SER HA 51 29.53 -109.02 31.99
CA SER HA 51 30.29 -108.84 30.75
C SER HA 51 31.39 -107.76 30.90
N MET HA 52 31.12 -106.69 31.65
CA MET HA 52 32.14 -105.87 32.34
C MET HA 52 33.12 -106.67 33.20
N LEU HA 53 32.72 -107.77 33.85
CA LEU HA 53 33.75 -108.47 34.62
C LEU HA 53 34.71 -109.30 33.75
N GLU HA 54 34.22 -109.97 32.68
CA GLU HA 54 35.24 -110.64 31.84
C GLU HA 54 35.99 -109.66 30.96
N MET HA 55 35.42 -108.47 30.68
CA MET HA 55 36.24 -107.30 30.33
C MET HA 55 37.43 -107.10 31.23
N ALA HA 56 37.16 -106.79 32.50
CA ALA HA 56 38.18 -106.46 33.49
C ALA HA 56 39.18 -107.60 33.74
N LYS HA 57 38.72 -108.84 33.53
CA LYS HA 57 39.59 -109.99 33.44
C LYS HA 57 40.51 -109.97 32.22
N VAL HA 58 40.05 -109.52 31.03
CA VAL HA 58 40.98 -109.63 29.90
C VAL HA 58 42.01 -108.51 29.90
N GLU HA 59 41.64 -107.27 30.24
CA GLU HA 59 42.70 -106.25 30.21
C GLU HA 59 43.30 -105.91 31.57
N LYS HA 60 42.98 -106.64 32.64
CA LYS HA 60 43.62 -106.36 33.93
C LYS HA 60 45.08 -106.77 33.90
N VAL HA 61 45.97 -105.77 33.88
CA VAL HA 61 47.39 -106.03 33.96
C VAL HA 61 47.75 -106.46 35.37
N ILE HA 62 48.48 -107.57 35.45
CA ILE HA 62 48.97 -108.14 36.69
C ILE HA 62 50.45 -108.43 36.48
N THR HA 63 51.27 -108.19 37.51
CA THR HA 63 52.53 -108.92 37.56
C THR HA 63 52.46 -109.77 38.82
N PRO HA 64 52.94 -111.01 38.78
CA PRO HA 64 52.87 -111.93 39.94
C PRO HA 64 53.76 -111.48 41.09
N PRO HA 65 53.50 -111.90 42.34
CA PRO HA 65 54.32 -111.42 43.47
C PRO HA 65 55.68 -112.07 43.55
N SER HA 66 55.93 -113.11 42.75
CA SER HA 66 57.29 -113.57 42.51
C SER HA 66 58.11 -112.54 41.73
N LYS HA 67 57.46 -111.70 40.94
CA LYS HA 67 58.13 -110.77 40.05
C LYS HA 67 57.50 -109.38 40.20
N ASP HA 68 57.39 -108.90 41.43
CA ASP HA 68 56.71 -107.62 41.64
C ASP HA 68 57.63 -106.41 41.64
N ASN HA 69 58.95 -106.64 41.81
CA ASN HA 69 60.11 -105.72 41.77
C ASN HA 69 60.20 -104.81 43.01
N THR HA 70 59.17 -104.72 43.83
CA THR HA 70 59.13 -103.75 44.91
C THR HA 70 59.83 -104.29 46.15
N LEU HA 71 60.07 -103.38 47.10
CA LEU HA 71 60.73 -103.77 48.34
C LEU HA 71 59.78 -104.49 49.28
N THR HA 72 60.31 -105.50 49.96
CA THR HA 72 59.56 -106.29 50.92
C THR HA 72 59.60 -105.61 52.28
N ILE HA 73 59.23 -106.32 53.32
CA ILE HA 73 59.47 -105.73 54.64
C ILE HA 73 60.81 -106.25 55.12
N PRO HA 74 61.78 -105.38 55.43
CA PRO HA 74 63.12 -105.84 55.82
C PRO HA 74 63.27 -106.30 57.26
N ASN HA 75 62.15 -106.48 57.99
CA ASN HA 75 61.88 -107.10 59.30
C ASN HA 75 62.94 -106.84 60.38
N ALA HA 76 63.57 -105.67 60.38
CA ALA HA 76 64.50 -105.30 61.43
C ALA HA 76 63.79 -104.46 62.47
N TYR HA 77 64.19 -104.67 63.74
CA TYR HA 77 63.46 -104.13 64.90
C TYR HA 77 63.56 -102.61 64.98
N ASN HA 78 64.61 -102.02 64.44
CA ASN HA 78 64.64 -100.58 64.28
C ASN HA 78 63.71 -100.12 63.18
N LEU HA 79 63.53 -100.92 62.13
CA LEU HA 79 62.65 -100.54 61.05
C LEU HA 79 61.18 -100.79 61.36
N GLN HA 80 60.86 -101.54 62.41
CA GLN HA 80 59.48 -101.65 62.85
C GLN HA 80 59.11 -100.60 63.89
N ALA HA 81 59.78 -99.47 63.92
CA ALA HA 81 59.38 -98.37 64.78
C ALA HA 81 58.26 -97.59 64.12
N ARG HA 82 57.27 -97.19 64.89
CA ARG HA 82 56.09 -96.53 64.36
C ARG HA 82 56.36 -95.04 64.30
N ALA HA 83 56.13 -94.43 63.13
CA ALA HA 83 56.59 -93.09 62.83
C ALA HA 83 55.46 -92.31 62.15
N SER HA 84 55.69 -91.04 61.85
CA SER HA 84 54.63 -90.22 61.28
C SER HA 84 55.24 -89.11 60.44
N VAL HA 85 54.85 -89.01 59.18
CA VAL HA 85 55.49 -88.07 58.26
C VAL HA 85 54.49 -87.51 57.25
N ASP HA 86 54.51 -86.19 57.07
CA ASP HA 86 53.74 -85.47 56.06
C ASP HA 86 54.67 -84.61 55.22
N TRP HA 87 54.70 -84.85 53.91
CA TRP HA 87 55.68 -84.20 53.06
C TRP HA 87 55.45 -84.44 51.57
N SER HA 88 55.71 -83.42 50.77
CA SER HA 88 55.97 -83.62 49.36
C SER HA 88 57.37 -83.12 48.98
N GLY HA 89 58.14 -83.94 48.25
CA GLY HA 89 59.31 -83.42 47.55
C GLY HA 89 60.38 -84.42 47.10
N PRO HA 90 61.67 -84.04 47.19
CA PRO HA 90 62.75 -84.91 46.70
C PRO HA 90 63.21 -86.00 47.66
N ILE HA 91 63.22 -87.23 47.14
CA ILE HA 91 63.20 -88.52 47.85
C ILE HA 91 64.37 -88.76 48.82
N GLU HA 92 65.54 -88.20 48.50
CA GLU HA 92 66.78 -88.49 49.19
C GLU HA 92 66.79 -87.89 50.58
N GLU HA 93 66.02 -86.84 50.78
CA GLU HA 93 66.02 -86.21 52.09
C GLU HA 93 65.14 -86.97 53.09
N LEU HA 94 63.98 -87.52 52.69
CA LEU HA 94 63.31 -88.52 53.55
C LEU HA 94 64.15 -89.70 53.86
N THR HA 95 64.69 -90.36 52.86
CA THR HA 95 65.36 -91.62 53.17
C THR HA 95 66.70 -91.43 53.86
N ALA HA 96 67.29 -90.25 53.73
CA ALA HA 96 68.31 -89.79 54.68
C ALA HA 96 67.75 -89.65 56.08
N ARG HA 97 66.54 -89.06 56.22
CA ARG HA 97 66.15 -88.78 57.59
C ARG HA 97 65.47 -89.94 58.27
N ILE HA 98 64.99 -90.93 57.52
CA ILE HA 98 64.46 -92.11 58.17
C ILE HA 98 65.54 -93.15 58.26
N ALA HA 99 66.63 -92.97 57.53
CA ALA HA 99 67.85 -93.66 57.90
C ALA HA 99 68.36 -93.20 59.26
N LYS HA 100 68.44 -91.89 59.48
CA LYS HA 100 68.89 -91.48 60.80
C LYS HA 100 67.80 -91.53 61.86
N ALA HA 101 66.54 -91.70 61.48
CA ALA HA 101 65.53 -92.01 62.47
C ALA HA 101 65.52 -93.48 62.80
N ALA HA 102 65.88 -94.34 61.86
CA ALA HA 102 65.96 -95.76 62.10
C ALA HA 102 67.32 -96.19 62.62
N HIS HA 103 68.23 -95.21 62.83
CA HIS HA 103 69.64 -95.41 63.22
C HIS HA 103 70.37 -96.27 62.21
N PHE HA 104 70.11 -96.00 60.94
CA PHE HA 104 70.70 -96.71 59.83
C PHE HA 104 71.56 -95.72 59.05
N ARG HA 105 72.58 -96.25 58.42
CA ARG HA 105 73.36 -95.40 57.54
C ARG HA 105 72.60 -95.21 56.23
N PHE HA 106 72.91 -94.14 55.52
CA PHE HA 106 72.30 -93.85 54.24
C PHE HA 106 73.37 -93.79 53.18
N ARG HA 107 73.30 -94.69 52.21
CA ARG HA 107 74.16 -94.60 51.04
C ARG HA 107 73.34 -94.22 49.83
N VAL HA 108 73.94 -93.45 48.94
CA VAL HA 108 73.34 -93.19 47.64
C VAL HA 108 74.29 -93.71 46.56
N LEU HA 109 73.73 -94.44 45.61
CA LEU HA 109 74.46 -94.92 44.46
C LEU HA 109 73.69 -94.44 43.23
N GLY HA 110 74.41 -93.85 42.30
CA GLY HA 110 73.79 -93.23 41.14
C GLY HA 110 73.76 -91.72 41.28
N LYS HA 111 73.16 -91.10 40.27
CA LYS HA 111 73.19 -89.65 40.10
C LYS HA 111 71.77 -89.13 40.12
N SER HA 112 71.51 -88.13 40.94
CA SER HA 112 70.19 -87.53 40.94
C SER HA 112 70.04 -86.63 39.73
N PRO HA 113 68.97 -86.79 38.94
CA PRO HA 113 68.70 -85.83 37.88
C PRO HA 113 68.19 -84.52 38.46
N SER HA 114 68.37 -83.46 37.67
CA SER HA 114 68.11 -82.12 38.18
C SER HA 114 66.65 -81.75 38.20
N VAL HA 115 65.80 -82.46 37.44
CA VAL HA 115 64.42 -82.53 37.88
C VAL HA 115 64.41 -83.71 38.87
N PRO HA 116 64.03 -83.47 40.12
CA PRO HA 116 64.21 -84.50 41.13
C PRO HA 116 63.10 -85.54 41.09
N VAL HA 117 63.41 -86.70 41.65
CA VAL HA 117 62.40 -87.71 41.88
C VAL HA 117 61.52 -87.22 43.00
N LEU HA 118 60.23 -87.10 42.72
CA LEU HA 118 59.33 -86.44 43.65
C LEU HA 118 58.37 -87.45 44.27
N ILE HA 119 58.02 -87.20 45.51
CA ILE HA 119 57.44 -88.21 46.39
C ILE HA 119 56.65 -87.42 47.42
N SER HA 120 55.69 -88.07 48.07
CA SER HA 120 54.86 -87.44 49.09
C SER HA 120 54.45 -88.55 50.04
N ILE HA 121 54.74 -88.43 51.33
CA ILE HA 121 54.20 -89.36 52.30
C ILE HA 121 53.36 -88.54 53.24
N SER HA 122 52.09 -88.87 53.36
CA SER HA 122 51.20 -88.05 54.17
C SER HA 122 50.41 -88.97 55.09
N THR HA 123 51.04 -89.41 56.18
CA THR HA 123 50.49 -90.37 57.12
C THR HA 123 50.90 -89.99 58.53
N LYS HA 124 50.03 -90.26 59.50
CA LYS HA 124 50.26 -89.71 60.82
C LYS HA 124 50.41 -90.71 61.95
N ASP HA 125 50.31 -92.01 61.68
CA ASP HA 125 51.16 -93.04 62.30
C ASP HA 125 51.08 -94.33 61.52
N GLU HA 126 52.24 -94.76 60.97
CA GLU HA 126 52.58 -96.16 60.78
C GLU HA 126 54.10 -96.35 60.65
N SER HA 127 54.51 -97.60 60.49
CA SER HA 127 55.88 -98.05 60.68
C SER HA 127 56.81 -97.72 59.50
N LEU HA 128 58.10 -97.68 59.84
CA LEU HA 128 59.14 -97.20 58.96
C LEU HA 128 59.42 -98.10 57.77
N ALA HA 129 59.31 -99.41 57.93
CA ALA HA 129 59.60 -100.33 56.82
C ALA HA 129 58.55 -100.21 55.72
N GLU HA 130 57.33 -99.92 56.11
CA GLU HA 130 56.27 -99.65 55.16
C GLU HA 130 56.35 -98.27 54.56
N ILE HA 131 56.88 -97.27 55.32
CA ILE HA 131 57.30 -96.00 54.71
C ILE HA 131 58.27 -96.25 53.58
N LEU HA 132 59.30 -97.09 53.80
CA LEU HA 132 60.30 -97.38 52.76
C LEU HA 132 59.73 -98.16 51.59
N ARG HA 133 58.73 -99.01 51.85
CA ARG HA 133 58.02 -99.68 50.76
C ARG HA 133 57.25 -98.68 49.92
N ASP HA 134 56.64 -97.68 50.56
CA ASP HA 134 55.92 -96.66 49.81
C ASP HA 134 56.88 -95.73 49.08
N ILE HA 135 58.10 -95.56 49.63
CA ILE HA 135 59.18 -94.81 49.01
C ILE HA 135 59.56 -95.47 47.69
N ASP HA 136 59.83 -96.78 47.73
CA ASP HA 136 60.23 -97.56 46.56
C ASP HA 136 59.10 -97.62 45.56
N TYR HA 137 57.86 -97.66 46.06
CA TYR HA 137 56.69 -97.74 45.21
C TYR HA 137 56.50 -96.51 44.36
N GLN HA 138 56.33 -95.33 44.96
CA GLN HA 138 56.13 -94.19 44.07
C GLN HA 138 57.43 -93.58 43.57
N ALA HA 139 58.58 -94.10 43.99
CA ALA HA 139 59.78 -93.92 43.18
C ALA HA 139 59.59 -94.64 41.86
N GLY HA 140 59.11 -95.88 41.92
CA GLY HA 140 58.90 -96.65 40.72
C GLY HA 140 60.21 -97.13 40.14
N LYS HA 141 60.52 -96.63 38.95
CA LYS HA 141 61.74 -97.02 38.28
C LYS HA 141 62.67 -95.83 38.01
N LYS HA 142 62.31 -94.64 38.49
CA LYS HA 142 63.27 -93.55 38.50
C LYS HA 142 64.37 -93.80 39.52
N ALA HA 143 64.03 -94.46 40.62
CA ALA HA 143 64.97 -94.82 41.67
C ALA HA 143 64.39 -96.01 42.40
N SER HA 144 65.22 -96.65 43.22
CA SER HA 144 64.74 -97.74 44.06
C SER HA 144 65.60 -97.85 45.30
N ILE HA 145 65.10 -98.58 46.29
CA ILE HA 145 65.67 -98.63 47.63
C ILE HA 145 66.07 -100.06 47.92
N HIS HA 146 67.25 -100.27 48.48
CA HIS HA 146 67.47 -101.54 49.16
C HIS HA 146 67.75 -101.27 50.62
N VAL HA 147 67.51 -102.28 51.45
CA VAL HA 147 67.89 -102.25 52.85
C VAL HA 147 68.82 -103.44 53.08
N TYR HA 148 69.98 -103.16 53.66
CA TYR HA 148 70.82 -104.22 54.19
C TYR HA 148 70.72 -104.16 55.71
N PRO HA 149 69.98 -105.09 56.34
CA PRO HA 149 69.69 -104.94 57.77
C PRO HA 149 70.78 -105.49 58.68
N ASN HA 150 71.63 -106.39 58.17
CA ASN HA 150 72.79 -106.81 58.95
C ASN HA 150 73.83 -105.71 59.03
N SER HA 151 74.03 -104.99 57.94
CA SER HA 151 74.93 -103.87 57.88
C SER HA 151 74.30 -102.58 58.39
N GLN HA 152 72.98 -102.60 58.57
CA GLN HA 152 72.13 -101.50 59.06
C GLN HA 152 72.29 -100.25 58.20
N VAL HA 153 72.14 -100.45 56.90
CA VAL HA 153 72.26 -99.35 55.96
C VAL HA 153 71.13 -99.45 54.94
N VAL HA 154 70.47 -98.32 54.69
CA VAL HA 154 69.58 -98.24 53.56
C VAL HA 154 70.34 -97.58 52.43
N GLU HA 155 69.98 -97.93 51.21
CA GLU HA 155 70.62 -97.31 50.06
C GLU HA 155 69.51 -96.83 49.16
N LEU HA 156 69.79 -95.74 48.49
CA LEU HA 156 68.96 -95.25 47.40
C LEU HA 156 69.77 -95.38 46.14
N ARG HA 157 69.20 -95.99 45.11
CA ARG HA 157 69.87 -96.22 43.85
C ARG HA 157 69.11 -95.53 42.74
N TYR HA 158 69.82 -94.80 41.91
CA TYR HA 158 69.23 -94.19 40.73
C TYR HA 158 69.35 -95.12 39.54
N ALA HA 159 69.12 -94.59 38.34
CA ALA HA 159 69.30 -95.36 37.12
C ALA HA 159 69.81 -94.49 35.98
N ILE IA 272 50.82 -74.24 27.11
CA ILE IA 272 50.92 -74.51 28.54
C ILE IA 272 49.61 -74.18 29.25
N PRO IA 273 49.04 -75.15 29.96
CA PRO IA 273 47.81 -74.93 30.67
C PRO IA 273 48.03 -74.10 31.92
N PRO IA 274 46.97 -73.50 32.46
CA PRO IA 274 47.06 -72.96 33.82
C PRO IA 274 47.12 -74.09 34.84
N SER IA 275 47.63 -73.73 36.02
CA SER IA 275 48.02 -74.71 37.02
C SER IA 275 46.81 -75.33 37.71
N ALA IA 276 46.06 -74.50 38.39
CA ALA IA 276 44.73 -74.74 38.91
C ALA IA 276 44.09 -73.37 38.89
N ASN IA 277 43.08 -73.16 39.69
CA ASN IA 277 42.82 -71.79 40.08
C ASN IA 277 43.39 -71.72 41.47
N ASP IA 278 44.05 -70.63 41.78
CA ASP IA 278 44.55 -70.35 43.11
C ASP IA 278 43.48 -69.94 44.11
N LEU IA 279 42.24 -69.72 43.63
CA LEU IA 279 41.14 -69.38 44.51
C LEU IA 279 40.53 -70.65 45.09
N LEU IA 280 40.91 -71.81 44.55
CA LEU IA 280 40.62 -73.09 45.17
C LEU IA 280 41.32 -73.28 46.50
N LEU IA 281 42.44 -72.58 46.73
CA LEU IA 281 43.04 -72.51 48.05
C LEU IA 281 42.15 -71.82 49.04
N HIS IA 282 41.43 -70.78 48.62
CA HIS IA 282 40.50 -70.11 49.50
C HIS IA 282 39.26 -70.96 49.74
N VAL IA 283 38.75 -71.62 48.71
CA VAL IA 283 37.55 -72.42 48.96
C VAL IA 283 37.91 -73.84 49.40
N LEU IA 284 39.19 -74.12 49.57
CA LEU IA 284 39.60 -75.27 50.36
C LEU IA 284 39.53 -74.97 51.83
N GLU IA 285 39.67 -73.71 52.19
CA GLU IA 285 39.22 -73.24 53.48
C GLU IA 285 37.73 -72.95 53.36
N GLY IA 286 37.10 -72.50 54.42
CA GLY IA 286 35.70 -72.22 54.25
C GLY IA 286 35.37 -70.88 53.63
N VAL IA 287 36.37 -70.05 53.39
CA VAL IA 287 36.16 -68.64 53.07
C VAL IA 287 35.71 -68.53 51.61
N PRO IA 288 34.70 -67.71 51.33
CA PRO IA 288 34.26 -67.51 49.96
C PRO IA 288 35.28 -66.75 49.14
N PRO IA 289 35.20 -66.81 47.81
CA PRO IA 289 36.03 -65.94 46.99
C PRO IA 289 35.62 -64.50 47.13
N PRO IA 290 36.53 -63.55 46.89
CA PRO IA 290 36.16 -62.13 46.97
C PRO IA 290 35.25 -61.72 45.81
N GLY IA 291 34.15 -61.08 46.16
CA GLY IA 291 33.14 -60.69 45.19
C GLY IA 291 32.37 -61.89 44.68
N SER IA 292 31.61 -62.54 45.55
CA SER IA 292 30.91 -63.76 45.19
C SER IA 292 29.42 -63.62 45.38
N ARG IA 293 28.72 -64.72 45.14
CA ARG IA 293 27.35 -64.87 45.57
C ARG IA 293 27.23 -66.21 46.25
N ARG IA 294 26.56 -66.23 47.39
CA ARG IA 294 26.39 -67.45 48.16
C ARG IA 294 25.38 -68.33 47.44
N LEU IA 295 25.61 -69.63 47.45
CA LEU IA 295 24.60 -70.55 47.00
C LEU IA 295 24.25 -71.47 48.15
N VAL IA 296 22.96 -71.59 48.43
CA VAL IA 296 22.52 -72.50 49.48
C VAL IA 296 22.54 -73.91 48.91
N VAL IA 297 22.96 -74.85 49.73
CA VAL IA 297 23.13 -76.24 49.35
C VAL IA 297 22.23 -77.05 50.24
N SER IA 298 21.37 -77.88 49.65
CA SER IA 298 20.48 -78.70 50.43
C SER IA 298 20.90 -80.16 50.30
N GLY IA 299 20.60 -80.95 51.32
CA GLY IA 299 20.78 -82.37 51.26
C GLY IA 299 22.18 -82.90 51.32
N GLY IA 300 23.12 -82.14 51.87
CA GLY IA 300 24.47 -82.65 52.03
C GLY IA 300 25.36 -81.58 52.62
N ASP IA 301 26.47 -82.04 53.19
CA ASP IA 301 27.43 -81.12 53.78
C ASP IA 301 28.33 -80.56 52.68
N ALA IA 302 27.89 -79.47 52.08
CA ALA IA 302 28.73 -78.75 51.15
C ALA IA 302 28.38 -77.29 51.20
N ARG IA 303 29.33 -76.45 50.83
CA ARG IA 303 29.13 -75.03 50.71
C ARG IA 303 29.50 -74.64 49.29
N ALA IA 304 28.72 -73.76 48.67
CA ALA IA 304 28.95 -73.40 47.30
C ALA IA 304 28.87 -71.90 47.12
N TRP IA 305 29.81 -71.36 46.37
CA TRP IA 305 29.79 -69.95 46.03
C TRP IA 305 29.92 -69.80 44.53
N LEU IA 306 29.44 -68.67 44.02
CA LEU IA 306 29.50 -68.44 42.58
C LEU IA 306 30.27 -67.15 42.36
N SER IA 307 31.44 -67.26 41.73
CA SER IA 307 32.27 -66.08 41.58
C SER IA 307 31.95 -65.35 40.30
N ASN IA 308 32.18 -66.00 39.17
CA ASN IA 308 31.91 -65.43 37.85
C ASN IA 308 31.57 -66.55 36.87
N GLU IA 309 30.26 -66.86 36.81
CA GLU IA 309 29.64 -67.96 36.06
C GLU IA 309 30.26 -69.34 36.31
N LYS IA 310 30.82 -69.55 37.49
CA LYS IA 310 31.48 -70.78 37.91
C LYS IA 310 31.18 -70.92 39.37
N MET IA 311 30.78 -72.09 39.81
CA MET IA 311 30.62 -72.27 41.24
C MET IA 311 31.78 -73.08 41.79
N TYR IA 312 32.00 -72.88 43.07
CA TYR IA 312 33.08 -73.51 43.80
C TYR IA 312 32.44 -74.15 45.01
N VAL IA 313 32.77 -75.42 45.23
CA VAL IA 313 32.13 -76.23 46.25
C VAL IA 313 33.20 -76.72 47.21
N ARG IA 314 33.06 -76.35 48.47
CA ARG IA 314 33.76 -76.98 49.58
C ARG IA 314 32.93 -78.15 50.06
N THR IA 315 33.48 -79.34 49.97
CA THR IA 315 32.79 -80.50 50.51
C THR IA 315 33.83 -81.48 51.00
N ASN IA 316 33.36 -82.56 51.58
CA ASN IA 316 34.19 -83.74 51.72
C ASN IA 316 33.52 -84.95 51.09
N LEU IA 317 32.43 -84.73 50.37
CA LEU IA 317 31.77 -85.75 49.60
C LEU IA 317 32.45 -85.88 48.26
N THR IA 318 32.02 -86.84 47.45
CA THR IA 318 32.66 -86.97 46.14
C THR IA 318 31.68 -86.68 45.03
N ILE IA 319 31.86 -85.57 44.33
CA ILE IA 319 30.94 -85.19 43.26
C ILE IA 319 31.19 -86.06 42.04
N LEU IA 320 30.11 -86.66 41.52
CA LEU IA 320 30.12 -87.71 40.52
C LEU IA 320 29.57 -87.27 39.17
N SER IA 321 28.34 -86.73 39.12
CA SER IA 321 27.80 -86.57 37.77
C SER IA 321 28.25 -85.35 36.97
N PRO IA 322 28.11 -84.08 37.39
CA PRO IA 322 28.14 -83.02 36.38
C PRO IA 322 29.53 -82.56 35.97
N GLY IA 323 30.59 -83.06 36.61
CA GLY IA 323 31.93 -82.83 36.12
C GLY IA 323 32.50 -81.50 36.55
N TRP IA 324 33.73 -81.51 37.02
CA TRP IA 324 34.30 -80.28 37.53
C TRP IA 324 35.54 -79.93 36.73
N LEU IA 325 35.89 -78.66 36.78
CA LEU IA 325 37.03 -78.19 36.03
C LEU IA 325 38.31 -78.21 36.82
N ALA IA 326 38.24 -78.01 38.14
CA ALA IA 326 39.46 -78.01 38.92
C ALA IA 326 39.16 -78.55 40.31
N SER IA 327 40.16 -79.12 40.95
CA SER IA 327 39.98 -79.68 42.28
C SER IA 327 41.25 -79.57 43.09
N MET IA 328 41.06 -79.31 44.38
CA MET IA 328 42.10 -79.46 45.38
C MET IA 328 41.54 -80.24 46.56
N THR IA 329 42.43 -80.63 47.46
CA THR IA 329 42.04 -81.37 48.64
C THR IA 329 42.98 -80.95 49.76
N SER IA 330 42.44 -80.65 50.94
CA SER IA 330 43.24 -80.28 52.09
C SER IA 330 43.83 -81.48 52.79
N ALA IA 331 44.33 -81.23 54.00
CA ALA IA 331 44.98 -82.29 54.78
C ALA IA 331 43.97 -83.29 55.30
N ASP IA 332 42.77 -82.84 55.61
CA ASP IA 332 41.75 -83.65 56.25
C ASP IA 332 40.72 -84.22 55.29
N GLY IA 333 41.03 -84.26 54.00
CA GLY IA 333 40.12 -84.84 53.04
C GLY IA 333 39.00 -83.94 52.59
N THR IA 334 39.02 -82.68 52.98
CA THR IA 334 38.10 -81.71 52.41
C THR IA 334 38.55 -81.41 51.00
N HIS IA 335 37.63 -81.45 50.05
CA HIS IA 335 37.93 -81.08 48.68
C HIS IA 335 37.28 -79.75 48.32
N ALA IA 336 37.86 -79.11 47.31
CA ALA IA 336 37.38 -77.85 46.77
C ALA IA 336 37.34 -77.97 45.27
N TYR IA 337 36.17 -77.77 44.69
CA TYR IA 337 35.91 -77.96 43.27
C TYR IA 337 35.45 -76.71 42.57
N GLU IA 338 36.09 -76.43 41.44
CA GLU IA 338 35.65 -75.46 40.46
C GLU IA 338 34.88 -76.17 39.37
N MET IA 339 33.66 -75.70 39.10
CA MET IA 339 32.82 -76.32 38.09
C MET IA 339 31.86 -75.29 37.55
N GLN IA 340 31.22 -75.61 36.43
CA GLN IA 340 30.19 -74.73 35.91
C GLN IA 340 28.93 -74.85 36.74
N LYS IA 341 28.03 -73.88 36.59
CA LYS IA 341 26.84 -73.85 37.42
C LYS IA 341 25.82 -74.87 36.90
N SER IA 342 25.61 -75.87 37.70
CA SER IA 342 24.62 -76.92 37.57
C SER IA 342 23.76 -76.93 38.81
N PRO IA 343 22.43 -77.00 38.66
CA PRO IA 343 21.55 -76.81 39.82
C PRO IA 343 21.46 -78.02 40.72
N VAL IA 344 21.99 -79.16 40.29
CA VAL IA 344 22.01 -80.35 41.11
C VAL IA 344 23.44 -80.86 41.07
N LEU IA 345 23.88 -81.40 42.20
CA LEU IA 345 25.16 -82.05 42.33
C LEU IA 345 24.84 -83.47 42.71
N LEU IA 346 25.56 -84.42 42.16
CA LEU IA 346 25.41 -85.80 42.56
C LEU IA 346 26.68 -86.19 43.28
N VAL IA 347 26.58 -86.72 44.49
CA VAL IA 347 27.79 -87.12 45.16
C VAL IA 347 27.67 -88.58 45.54
N SER IA 348 28.80 -89.14 45.92
CA SER IA 348 28.85 -90.31 46.77
C SER IA 348 29.12 -89.83 48.18
N TRP IA 349 28.36 -90.36 49.11
CA TRP IA 349 28.56 -90.06 50.53
C TRP IA 349 29.44 -91.11 51.16
N HIS IA 350 28.95 -92.33 51.26
CA HIS IA 350 29.74 -93.46 51.72
C HIS IA 350 29.40 -94.67 50.87
N GLY IA 351 29.47 -94.50 49.56
CA GLY IA 351 28.99 -95.50 48.64
C GLY IA 351 27.55 -95.29 48.22
N LYS IA 352 26.79 -94.53 48.98
CA LYS IA 352 25.46 -94.13 48.56
C LYS IA 352 25.54 -92.99 47.56
N VAL IA 353 24.85 -93.16 46.44
CA VAL IA 353 24.63 -92.09 45.49
C VAL IA 353 23.59 -91.16 46.09
N MET IA 354 23.89 -89.88 46.10
CA MET IA 354 23.27 -88.86 46.89
C MET IA 354 23.08 -87.63 46.02
N GLN IA 355 22.06 -86.82 46.31
CA GLN IA 355 21.81 -85.63 45.53
C GLN IA 355 21.85 -84.40 46.42
N LEU IA 356 22.43 -83.35 45.88
CA LEU IA 356 22.56 -82.05 46.52
C LEU IA 356 22.00 -81.03 45.57
N LYS IA 357 21.36 -80.02 46.10
CA LYS IA 357 20.54 -79.14 45.31
C LYS IA 357 20.93 -77.70 45.60
N VAL IA 358 21.25 -76.93 44.56
CA VAL IA 358 21.76 -75.58 44.77
C VAL IA 358 20.86 -74.57 44.06
N GLU IA 359 20.64 -73.46 44.74
CA GLU IA 359 19.76 -72.39 44.25
C GLU IA 359 20.62 -71.18 43.91
N GLY IA 360 20.58 -70.78 42.65
CA GLY IA 360 21.42 -69.71 42.13
C GLY IA 360 22.15 -70.09 40.86
N LEU JA 41 10.73 -79.39 48.44
CA LEU JA 41 11.33 -79.10 49.74
C LEU JA 41 12.21 -80.28 50.19
N PRO JA 42 13.24 -79.99 50.98
CA PRO JA 42 13.97 -81.07 51.66
C PRO JA 42 13.09 -81.74 52.72
N CYS JA 43 13.39 -83.00 52.97
CA CYS JA 43 12.58 -83.83 53.84
C CYS JA 43 13.00 -83.67 55.29
N ARG JA 44 12.02 -83.61 56.19
CA ARG JA 44 12.32 -83.54 57.62
C ARG JA 44 12.66 -84.92 58.16
N VAL JA 45 11.72 -85.85 58.09
CA VAL JA 45 11.99 -87.23 58.49
C VAL JA 45 12.47 -88.01 57.28
N ASP JA 46 13.38 -88.95 57.51
CA ASP JA 46 13.87 -89.80 56.42
C ASP JA 46 13.15 -91.14 56.35
N GLY JA 47 11.82 -91.13 56.31
CA GLY JA 47 11.07 -92.36 56.32
C GLY JA 47 11.06 -93.09 57.65
N ALA JA 48 11.25 -92.37 58.74
CA ALA JA 48 11.43 -92.97 60.05
C ALA JA 48 11.04 -91.97 61.12
N CYS JA 49 10.62 -92.43 62.28
CA CYS JA 49 10.36 -91.56 63.42
C CYS JA 49 10.94 -92.18 64.68
N ASP JA 50 11.35 -91.31 65.60
CA ASP JA 50 12.05 -91.73 66.81
C ASP JA 50 11.12 -92.44 67.77
N ALA JA 51 9.83 -92.07 67.74
CA ALA JA 51 8.81 -92.77 68.51
C ALA JA 51 8.65 -94.20 68.02
N THR JA 52 8.73 -94.41 66.71
CA THR JA 52 8.66 -95.77 66.19
C THR JA 52 9.94 -96.56 66.45
N ILE JA 53 11.09 -95.86 66.50
CA ILE JA 53 12.36 -96.51 66.88
C ILE JA 53 12.30 -97.05 68.30
N ILE JA 54 11.84 -96.24 69.24
CA ILE JA 54 11.77 -96.76 70.60
C ILE JA 54 10.58 -97.68 70.81
N LYS JA 55 9.55 -97.60 69.95
CA LYS JA 55 8.44 -98.54 70.03
C LYS JA 55 8.86 -99.93 69.60
N MET JA 56 9.60 -100.04 68.48
CA MET JA 56 10.20 -101.31 68.10
C MET JA 56 11.26 -101.76 69.08
N MET JA 57 11.93 -100.83 69.74
CA MET JA 57 13.02 -101.21 70.63
C MET JA 57 12.50 -101.80 71.93
N THR JA 58 11.42 -101.21 72.50
CA THR JA 58 10.68 -101.85 73.58
C THR JA 58 10.02 -103.16 73.16
N ASP JA 59 9.46 -103.26 71.95
CA ASP JA 59 8.79 -104.49 71.57
C ASP JA 59 9.77 -105.63 71.32
N LEU JA 60 10.96 -105.32 70.81
CA LEU JA 60 11.97 -106.35 70.61
C LEU JA 60 12.57 -106.79 71.95
N ASN JA 61 12.73 -105.87 72.89
CA ASN JA 61 13.17 -106.27 74.22
C ASN JA 61 12.08 -107.01 74.99
N LYS JA 62 10.80 -106.77 74.69
CA LYS JA 62 9.75 -107.57 75.31
C LYS JA 62 9.69 -108.96 74.73
N LYS JA 63 9.90 -109.12 73.42
CA LYS JA 63 10.01 -110.46 72.87
C LYS JA 63 11.40 -111.08 73.02
N GLY JA 64 12.32 -110.45 73.74
CA GLY JA 64 13.51 -111.13 74.17
C GLY JA 64 14.66 -110.97 73.23
N ILE JA 65 14.50 -110.19 72.19
CA ILE JA 65 15.59 -109.87 71.30
C ILE JA 65 16.24 -108.62 71.84
N LYS JA 66 17.45 -108.75 72.37
CA LYS JA 66 17.87 -107.70 73.28
C LYS JA 66 18.59 -106.64 72.45
N VAL JA 67 18.11 -105.40 72.53
CA VAL JA 67 18.69 -104.30 71.78
C VAL JA 67 19.60 -103.50 72.73
N ALA JA 68 20.90 -103.61 72.52
CA ALA JA 68 21.87 -102.75 73.17
C ALA JA 68 22.13 -101.53 72.29
N SER JA 69 22.32 -100.39 72.96
CA SER JA 69 22.36 -99.10 72.29
C SER JA 69 23.50 -98.28 72.89
N VAL JA 70 24.70 -98.45 72.37
CA VAL JA 70 25.90 -97.87 72.97
C VAL JA 70 26.48 -96.88 71.98
N GLY JA 71 26.36 -95.58 72.28
CA GLY JA 71 26.92 -94.56 71.42
C GLY JA 71 26.13 -94.37 70.15
N GLN JA 72 26.68 -94.80 69.01
CA GLN JA 72 25.83 -95.15 67.91
C GLN JA 72 26.02 -96.59 67.48
N ASN JA 73 26.82 -97.37 68.19
CA ASN JA 73 26.84 -98.80 67.94
C ASN JA 73 25.56 -99.41 68.46
N TYR JA 74 24.82 -99.99 67.54
CA TYR JA 74 23.61 -100.71 67.86
C TYR JA 74 23.87 -102.19 67.73
N LEU JA 75 23.36 -102.91 68.70
CA LEU JA 75 23.43 -104.36 68.75
C LEU JA 75 22.02 -104.86 68.94
N ILE JA 76 21.58 -105.76 68.08
CA ILE JA 76 20.43 -106.58 68.40
C ILE JA 76 20.91 -108.01 68.47
N SER JA 77 20.58 -108.66 69.57
CA SER JA 77 21.07 -110.00 69.86
C SER JA 77 19.87 -110.91 69.84
N ILE JA 78 19.97 -111.96 69.02
CA ILE JA 78 18.86 -112.87 68.75
C ILE JA 78 19.29 -114.25 69.19
N PRO JA 79 18.56 -114.89 70.11
CA PRO JA 79 18.83 -116.30 70.39
C PRO JA 79 18.47 -117.18 69.21
N ALA JA 80 19.28 -118.22 69.00
CA ALA JA 80 19.11 -119.10 67.86
C ALA JA 80 17.93 -120.04 68.02
N SER JA 81 17.41 -120.21 69.24
CA SER JA 81 16.10 -120.81 69.44
C SER JA 81 15.01 -119.99 68.79
N ALA JA 82 15.11 -118.67 68.89
CA ALA JA 82 14.05 -117.82 68.40
C ALA JA 82 14.05 -117.69 66.89
N LEU JA 83 15.10 -118.12 66.20
CA LEU JA 83 14.99 -118.19 64.76
C LEU JA 83 15.00 -119.63 64.24
N PHE JA 84 16.05 -120.41 64.50
CA PHE JA 84 16.20 -121.55 63.62
C PHE JA 84 15.68 -122.81 64.31
N ALA JA 85 15.89 -123.94 63.64
CA ALA JA 85 15.82 -125.23 64.28
C ALA JA 85 17.19 -125.56 64.85
N ASP JA 86 17.28 -126.60 65.68
CA ASP JA 86 18.49 -126.85 66.44
C ASP JA 86 19.56 -127.50 65.59
N GLN JA 87 20.77 -126.91 65.65
CA GLN JA 87 21.99 -127.32 64.94
C GLN JA 87 21.82 -127.39 63.43
N SER JA 88 20.98 -126.50 62.90
CA SER JA 88 20.60 -126.50 61.51
C SER JA 88 20.86 -125.12 60.96
N PRO JA 89 21.20 -125.02 59.70
CA PRO JA 89 21.16 -123.73 59.01
C PRO JA 89 19.84 -123.46 58.29
N ARG JA 90 18.72 -123.63 58.99
CA ARG JA 90 17.42 -123.52 58.33
C ARG JA 90 16.46 -122.72 59.19
N LEU JA 91 15.85 -121.69 58.60
CA LEU JA 91 14.81 -120.93 59.29
C LEU JA 91 13.54 -121.73 59.49
N ASN JA 92 12.89 -121.46 60.61
CA ASN JA 92 11.49 -121.77 60.77
C ASN JA 92 10.66 -120.73 60.06
N TRP JA 93 9.44 -121.12 59.68
CA TRP JA 93 8.58 -120.23 58.92
C TRP JA 93 8.02 -119.10 59.75
N ALA JA 94 7.80 -119.32 61.05
CA ALA JA 94 7.24 -118.26 61.88
C ALA JA 94 8.28 -117.20 62.24
N SER JA 95 9.55 -117.54 62.15
CA SER JA 95 10.63 -116.65 62.57
C SER JA 95 10.94 -115.54 61.56
N TYR JA 96 10.34 -115.59 60.38
CA TYR JA 96 10.45 -114.45 59.49
C TYR JA 96 9.62 -113.28 59.94
N SER JA 97 8.61 -113.49 60.81
CA SER JA 97 7.97 -112.37 61.47
C SER JA 97 8.90 -111.69 62.45
N LEU JA 98 9.75 -112.47 63.12
CA LEU JA 98 10.75 -111.88 64.00
C LEU JA 98 11.78 -111.09 63.19
N LEU JA 99 12.14 -111.64 62.04
CA LEU JA 99 12.93 -110.91 61.05
C LEU JA 99 12.19 -109.74 60.42
N ASN JA 100 10.86 -109.70 60.50
CA ASN JA 100 10.13 -108.55 59.98
C ASN JA 100 10.28 -107.32 60.83
N GLU JA 101 10.08 -107.43 62.16
CA GLU JA 101 10.47 -106.18 62.86
C GLU JA 101 11.97 -106.03 63.09
N ILE JA 102 12.81 -107.06 62.86
CA ILE JA 102 14.25 -106.81 62.73
C ILE JA 102 14.56 -105.94 61.52
N ALA JA 103 13.96 -106.26 60.36
CA ALA JA 103 14.20 -105.48 59.16
C ALA JA 103 13.50 -104.14 59.17
N ALA JA 104 12.32 -104.05 59.78
CA ALA JA 104 11.66 -102.77 59.89
C ALA JA 104 12.28 -101.89 60.96
N PHE JA 105 12.99 -102.49 61.92
CA PHE JA 105 13.83 -101.70 62.80
C PHE JA 105 15.05 -101.20 62.06
N LEU JA 106 15.59 -102.02 61.16
CA LEU JA 106 16.75 -101.62 60.37
C LEU JA 106 16.43 -100.68 59.22
N LYS JA 107 15.14 -100.47 58.91
CA LYS JA 107 14.72 -99.35 58.08
C LYS JA 107 15.12 -98.00 58.66
N GLN JA 108 15.07 -97.88 59.97
CA GLN JA 108 14.94 -96.59 60.62
C GLN JA 108 16.24 -95.83 60.71
N PHE JA 109 17.38 -96.47 60.48
CA PHE JA 109 18.66 -95.82 60.68
C PHE JA 109 19.41 -95.68 59.38
N ARG JA 110 20.23 -94.65 59.31
CA ARG JA 110 21.19 -94.48 58.23
C ARG JA 110 22.43 -95.23 58.64
N LYS JA 111 22.82 -96.18 57.82
CA LYS JA 111 23.85 -97.13 58.19
C LYS JA 111 24.71 -97.44 56.98
N ILE JA 112 25.93 -97.84 57.24
CA ILE JA 112 26.93 -98.04 56.20
C ILE JA 112 27.24 -99.51 56.05
N ALA JA 113 27.58 -100.15 57.14
CA ALA JA 113 27.85 -101.58 57.14
C ALA JA 113 27.21 -102.20 58.35
N ILE JA 114 26.27 -103.08 58.10
CA ILE JA 114 25.77 -104.02 59.09
C ILE JA 114 26.73 -105.19 59.08
N THR JA 115 27.21 -105.62 60.23
CA THR JA 115 27.80 -106.95 60.27
C THR JA 115 26.94 -107.88 61.12
N VAL JA 116 26.70 -109.06 60.56
CA VAL JA 116 25.87 -110.09 61.17
C VAL JA 116 26.78 -111.26 61.42
N THR JA 117 26.89 -111.66 62.67
CA THR JA 117 27.73 -112.78 63.00
C THR JA 117 27.03 -113.71 63.97
N SER JA 118 27.22 -115.01 63.72
CA SER JA 118 26.46 -116.02 64.42
C SER JA 118 27.44 -116.96 65.09
N TYR JA 119 27.08 -117.47 66.26
CA TYR JA 119 27.85 -118.53 66.90
C TYR JA 119 26.94 -119.32 67.84
N SER JA 120 27.17 -120.63 67.90
CA SER JA 120 26.37 -121.46 68.78
C SER JA 120 27.27 -122.28 69.69
N SER JA 121 26.66 -123.19 70.44
CA SER JA 121 27.41 -124.06 71.31
C SER JA 121 27.97 -125.24 70.52
N LYS JA 122 28.80 -126.04 71.18
CA LYS JA 122 29.53 -127.12 70.52
C LYS JA 122 28.60 -128.28 70.21
N TYR JA 123 28.65 -128.79 68.97
CA TYR JA 123 27.85 -129.95 68.61
C TYR JA 123 28.67 -131.15 68.18
N VAL JA 124 29.48 -131.03 67.13
CA VAL JA 124 30.37 -132.13 66.77
C VAL JA 124 31.80 -131.65 66.92
N SER JA 125 32.17 -130.68 66.11
CA SER JA 125 33.52 -130.15 66.09
C SER JA 125 33.43 -128.67 65.83
N VAL JA 126 34.56 -128.00 65.99
CA VAL JA 126 34.60 -126.58 65.66
C VAL JA 126 34.54 -126.34 64.17
N LYS JA 127 34.97 -127.30 63.34
CA LYS JA 127 34.93 -127.13 61.89
C LYS JA 127 33.51 -127.24 61.36
N ARG JA 128 32.76 -128.25 61.85
CA ARG JA 128 31.33 -128.39 61.56
C ARG JA 128 30.56 -127.22 62.15
N GLU JA 129 30.99 -126.76 63.31
CA GLU JA 129 30.37 -125.62 63.98
C GLU JA 129 30.54 -124.32 63.21
N ARG JA 130 31.73 -124.10 62.67
CA ARG JA 130 31.98 -122.85 61.96
C ARG JA 130 31.33 -122.85 60.59
N ALA JA 131 31.22 -124.04 59.97
CA ALA JA 131 30.43 -124.17 58.76
C ALA JA 131 28.95 -123.90 59.01
N LEU JA 132 28.43 -124.39 60.15
CA LEU JA 132 27.05 -124.11 60.58
C LEU JA 132 26.80 -122.64 60.80
N THR JA 133 27.72 -121.96 61.46
CA THR JA 133 27.45 -120.58 61.83
C THR JA 133 27.69 -119.63 60.67
N LEU JA 134 28.56 -120.02 59.74
CA LEU JA 134 28.74 -119.25 58.52
C LEU JA 134 27.53 -119.36 57.62
N ALA JA 135 26.97 -120.58 57.47
CA ALA JA 135 25.73 -120.76 56.71
C ALA JA 135 24.55 -120.08 57.39
N ARG JA 136 24.56 -120.07 58.71
CA ARG JA 136 23.54 -119.46 59.56
C ARG JA 136 23.45 -117.96 59.36
N SER JA 137 24.60 -117.29 59.46
CA SER JA 137 24.66 -115.86 59.27
C SER JA 137 24.45 -115.47 57.81
N ARG JA 138 24.91 -116.30 56.86
CA ARG JA 138 24.73 -115.91 55.46
C ARG JA 138 23.28 -116.10 55.01
N VAL JA 139 22.56 -117.01 55.65
CA VAL JA 139 21.13 -117.18 55.38
C VAL JA 139 20.34 -116.00 55.94
N VAL JA 140 20.69 -115.54 57.16
CA VAL JA 140 19.92 -114.44 57.71
C VAL JA 140 20.29 -113.09 57.06
N SER JA 141 21.50 -112.93 56.54
CA SER JA 141 21.79 -111.73 55.77
C SER JA 141 21.23 -111.78 54.36
N GLU JA 142 21.10 -112.98 53.76
CA GLU JA 142 20.36 -113.11 52.50
C GLU JA 142 18.91 -112.71 52.66
N TYR JA 143 18.28 -113.05 53.79
CA TYR JA 143 16.93 -112.55 54.01
C TYR JA 143 16.91 -111.06 54.35
N LEU JA 144 17.95 -110.54 54.98
CA LEU JA 144 17.91 -109.14 55.36
C LEU JA 144 18.16 -108.19 54.20
N TRP JA 145 18.89 -108.62 53.17
CA TRP JA 145 18.95 -107.84 51.95
C TRP JA 145 17.92 -108.32 50.91
N SER JA 146 17.23 -109.41 51.17
CA SER JA 146 15.93 -109.54 50.52
C SER JA 146 14.99 -108.49 51.07
N GLN JA 147 15.01 -108.31 52.38
CA GLN JA 147 14.22 -107.24 52.96
C GLN JA 147 14.98 -105.93 52.89
N GLY JA 148 14.44 -104.95 53.59
CA GLY JA 148 14.91 -103.60 53.41
C GLY JA 148 15.96 -103.25 54.42
N VAL JA 149 17.18 -103.16 53.97
CA VAL JA 149 18.18 -102.40 54.69
C VAL JA 149 18.67 -101.34 53.73
N ASP JA 150 19.08 -100.21 54.27
CA ASP JA 150 19.73 -99.18 53.47
C ASP JA 150 21.22 -99.21 53.71
N SER JA 151 21.70 -100.34 54.19
CA SER JA 151 23.11 -100.56 54.37
C SER JA 151 23.79 -100.72 53.04
N ARG JA 152 25.06 -100.35 53.01
CA ARG JA 152 25.85 -100.52 51.81
C ARG JA 152 26.61 -101.82 51.82
N ILE JA 153 27.05 -102.26 52.99
CA ILE JA 153 27.64 -103.58 53.14
C ILE JA 153 26.87 -104.27 54.24
N ILE JA 154 26.55 -105.54 54.04
CA ILE JA 154 26.39 -106.44 55.16
C ILE JA 154 27.56 -107.40 55.13
N PHE JA 155 28.42 -107.30 56.12
CA PHE JA 155 29.41 -108.33 56.35
C PHE JA 155 28.70 -109.39 57.15
N THR JA 156 29.05 -110.63 56.93
CA THR JA 156 28.40 -111.75 57.55
C THR JA 156 29.38 -112.89 57.79
N GLN JA 157 29.39 -113.41 59.02
CA GLN JA 157 30.37 -114.41 59.40
C GLN JA 157 29.87 -115.21 60.60
N GLY JA 158 30.53 -116.35 60.83
CA GLY JA 158 30.16 -117.19 61.95
C GLY JA 158 31.38 -117.68 62.68
N LEU JA 159 31.25 -117.91 63.98
CA LEU JA 159 32.36 -118.34 64.80
C LEU JA 159 32.00 -119.60 65.58
N GLY JA 160 33.04 -120.29 66.03
CA GLY JA 160 32.86 -121.56 66.72
C GLY JA 160 32.86 -121.54 68.21
N SER JA 161 31.89 -120.83 68.81
CA SER JA 161 31.78 -120.52 70.25
C SER JA 161 33.03 -119.87 70.78
N ASP JA 162 33.64 -119.08 69.93
CA ASP JA 162 34.89 -118.47 70.27
C ASP JA 162 34.67 -117.24 71.09
N LYS JA 163 33.44 -116.77 71.22
CA LYS JA 163 33.19 -115.57 72.00
C LYS JA 163 31.97 -115.75 72.90
N PRO JA 164 31.97 -116.66 73.90
CA PRO JA 164 30.65 -116.99 74.47
C PRO JA 164 30.28 -116.11 75.65
N ILE JA 165 29.04 -115.60 75.67
CA ILE JA 165 28.68 -114.58 76.63
C ILE JA 165 28.32 -115.11 78.02
N THR JA 166 28.22 -116.42 78.20
CA THR JA 166 28.11 -116.99 79.54
C THR JA 166 28.94 -118.26 79.57
N SER JA 167 29.32 -118.66 80.77
CA SER JA 167 30.05 -119.90 80.96
C SER JA 167 29.13 -121.09 81.15
N TYR JA 168 27.82 -120.86 81.16
CA TYR JA 168 26.87 -121.94 81.39
C TYR JA 168 26.41 -122.48 80.05
N THR JA 169 26.68 -123.76 79.83
CA THR JA 169 26.74 -124.40 78.52
C THR JA 169 25.70 -125.52 78.41
N LEU JA 170 24.41 -125.18 78.60
CA LEU JA 170 23.32 -126.13 78.88
C LEU JA 170 23.10 -127.16 77.78
N GLY JA 171 23.23 -126.75 76.53
CA GLY JA 171 22.76 -127.58 75.44
C GLY JA 171 23.09 -127.03 74.08
N GLY JA 172 22.14 -127.13 73.16
CA GLY JA 172 22.42 -126.81 71.78
C GLY JA 172 22.00 -125.40 71.44
N ASP JA 173 20.90 -125.25 70.70
CA ASP JA 173 20.41 -123.92 70.41
C ASP JA 173 19.54 -123.33 71.52
N ARG JA 174 19.30 -124.05 72.62
CA ARG JA 174 18.59 -123.41 73.72
C ARG JA 174 19.55 -122.69 74.65
N SER JA 175 20.86 -122.79 74.40
CA SER JA 175 21.84 -122.05 75.17
C SER JA 175 21.68 -120.57 74.85
N PRO JA 176 21.86 -119.69 75.83
CA PRO JA 176 21.91 -118.25 75.52
C PRO JA 176 23.20 -117.83 74.85
N ASN JA 177 24.23 -118.67 74.90
CA ASN JA 177 25.38 -118.49 74.04
C ASN JA 177 25.04 -118.67 72.57
N ALA JA 178 24.07 -119.53 72.25
CA ALA JA 178 23.75 -119.85 70.86
C ALA JA 178 22.90 -118.72 70.29
N ARG JA 179 23.52 -117.86 69.50
CA ARG JA 179 22.88 -116.61 69.15
C ARG JA 179 23.49 -116.08 67.87
N VAL JA 180 22.72 -115.21 67.22
CA VAL JA 180 23.24 -114.37 66.15
C VAL JA 180 23.20 -112.96 66.69
N GLU JA 181 24.13 -112.13 66.26
CA GLU JA 181 24.13 -110.74 66.63
C GLU JA 181 24.32 -109.87 65.40
N ILE JA 182 23.53 -108.82 65.36
CA ILE JA 182 23.48 -107.89 64.25
C ILE JA 182 23.94 -106.56 64.81
N THR JA 183 25.16 -106.16 64.46
CA THR JA 183 25.72 -104.94 65.01
C THR JA 183 26.04 -103.99 63.87
N PHE JA 184 25.78 -102.72 64.11
CA PHE JA 184 26.12 -101.69 63.13
C PHE JA 184 26.39 -100.40 63.86
N ARG JA 185 26.79 -99.39 63.11
CA ARG JA 185 26.92 -98.05 63.65
C ARG JA 185 26.01 -97.14 62.86
N ARG JA 186 25.17 -96.40 63.56
CA ARG JA 186 24.25 -95.48 62.92
C ARG JA 186 25.02 -94.28 62.40
N ALA JA 187 24.99 -94.07 61.08
CA ALA JA 187 25.73 -92.99 60.49
C ALA JA 187 24.98 -91.68 60.67
N VAL JA 188 25.71 -90.65 61.10
CA VAL JA 188 25.31 -89.28 61.50
C VAL JA 188 23.96 -89.13 62.19
N ALA KA 1 39.76 -178.47 59.76
CA ALA KA 1 39.41 -178.75 58.37
C ALA KA 1 40.12 -177.80 57.42
N ALA KA 2 41.44 -177.72 57.56
CA ALA KA 2 42.26 -176.78 56.81
C ALA KA 2 42.43 -177.23 55.36
N ALA KA 3 42.69 -176.26 54.48
CA ALA KA 3 42.99 -176.52 53.08
C ALA KA 3 43.90 -175.38 52.61
N ALA KA 4 45.21 -175.62 52.62
CA ALA KA 4 46.20 -174.60 52.28
C ALA KA 4 47.16 -175.17 51.24
N ALA KA 5 46.89 -174.89 49.96
CA ALA KA 5 47.72 -175.40 48.88
C ALA KA 5 47.63 -174.46 47.68
N ALA KA 6 48.66 -174.53 46.84
CA ALA KA 6 48.75 -173.74 45.60
C ALA KA 6 48.76 -174.70 44.43
N ALA KA 7 47.59 -174.91 43.83
CA ALA KA 7 47.38 -175.91 42.79
C ALA KA 7 46.33 -175.36 41.83
N ALA KA 8 45.71 -176.25 41.07
CA ALA KA 8 44.57 -175.89 40.22
C ALA KA 8 43.38 -176.73 40.65
N ALA KA 9 42.68 -176.28 41.69
CA ALA KA 9 41.42 -176.93 42.06
C ALA KA 9 40.32 -176.55 41.09
N ALA KA 10 40.09 -175.24 40.92
CA ALA KA 10 39.48 -174.59 39.75
C ALA KA 10 37.99 -174.83 39.51
N ALA KA 11 37.35 -175.70 40.30
CA ALA KA 11 35.91 -175.93 40.17
C ALA KA 11 35.40 -176.31 41.56
N ALA KA 12 34.94 -175.31 42.30
CA ALA KA 12 34.52 -175.52 43.68
C ALA KA 12 33.48 -174.47 44.04
N ALA KA 13 32.21 -174.88 44.09
CA ALA KA 13 31.17 -174.08 44.74
C ALA KA 13 31.06 -174.55 46.19
N ALA KA 14 32.12 -174.27 46.93
CA ALA KA 14 32.38 -174.93 48.21
C ALA KA 14 31.68 -174.18 49.32
N ALA KA 15 30.53 -174.70 49.76
CA ALA KA 15 29.84 -174.19 50.92
C ALA KA 15 30.32 -174.99 52.13
N ALA KA 16 31.46 -174.57 52.67
CA ALA KA 16 32.13 -175.29 53.74
C ALA KA 16 31.41 -175.10 55.07
N ALA KA 17 31.64 -176.04 55.98
CA ALA KA 17 31.06 -176.02 57.31
C ALA KA 17 31.99 -175.28 58.26
N ALA KA 18 31.72 -175.39 59.57
CA ALA KA 18 32.47 -174.68 60.58
C ALA KA 18 33.86 -175.27 60.76
N ALA KA 19 34.76 -174.42 61.27
CA ALA KA 19 36.20 -174.68 61.50
C ALA KA 19 36.92 -175.13 60.23
N ALA KA 20 36.52 -174.60 59.08
CA ALA KA 20 37.18 -174.91 57.81
C ALA KA 20 38.21 -173.82 57.54
N ALA KA 21 39.36 -173.96 58.21
CA ALA KA 21 40.40 -172.93 58.20
C ALA KA 21 41.27 -173.07 56.95
N ALA KA 22 40.68 -172.73 55.81
CA ALA KA 22 41.30 -172.97 54.51
C ALA KA 22 42.07 -171.73 54.09
N ALA KA 23 43.39 -171.76 54.28
CA ALA KA 23 44.28 -170.73 53.75
C ALA KA 23 44.88 -171.16 52.41
N ALA KA 24 44.01 -171.57 51.47
CA ALA KA 24 44.44 -172.00 50.16
C ALA KA 24 44.92 -170.82 49.30
N ALA KA 25 45.83 -171.15 48.37
CA ALA KA 25 46.31 -170.21 47.36
C ALA KA 25 46.21 -170.80 45.97
N ALA KA 26 45.36 -171.82 45.80
CA ALA KA 26 45.21 -172.54 44.55
C ALA KA 26 44.51 -171.70 43.48
N ALA KA 27 44.72 -172.09 42.23
CA ALA KA 27 44.08 -171.44 41.10
C ALA KA 27 42.62 -171.86 41.02
N ALA KA 28 41.77 -171.20 41.80
CA ALA KA 28 40.35 -171.56 41.90
C ALA KA 28 39.58 -170.65 40.94
N ALA KA 29 39.38 -171.15 39.70
CA ALA KA 29 38.73 -170.36 38.68
C ALA KA 29 37.23 -170.28 38.90
N ALA KA 30 36.55 -171.42 38.85
CA ALA KA 30 35.10 -171.47 39.09
C ALA KA 30 34.89 -171.64 40.59
N ALA KA 31 35.07 -170.55 41.31
CA ALA KA 31 35.13 -170.56 42.76
C ALA KA 31 33.93 -169.87 43.37
N ALA KA 32 33.42 -170.45 44.47
CA ALA KA 32 32.48 -169.78 45.37
C ALA KA 32 32.73 -170.36 46.76
N ALA KA 33 33.56 -169.68 47.54
CA ALA KA 33 34.01 -170.20 48.84
C ALA KA 33 33.14 -169.62 49.94
N ALA KA 34 32.04 -170.30 50.25
CA ALA KA 34 31.12 -169.85 51.29
C ALA KA 34 31.46 -170.53 52.62
N ALA KA 35 32.60 -170.12 53.18
CA ALA KA 35 33.10 -170.67 54.43
C ALA KA 35 32.26 -170.22 55.61
N ALA KA 36 32.28 -171.01 56.68
CA ALA KA 36 31.40 -170.76 57.82
C ALA KA 36 32.12 -170.39 59.10
N ALA KA 37 33.43 -170.63 59.19
CA ALA KA 37 34.26 -170.17 60.31
C ALA KA 37 35.71 -170.17 59.88
N ALA KA 38 36.49 -169.33 60.57
CA ALA KA 38 37.94 -169.50 60.81
C ALA KA 38 38.78 -169.37 59.54
N ALA KA 39 38.29 -168.71 58.51
CA ALA KA 39 39.04 -168.56 57.26
C ALA KA 39 40.16 -167.54 57.44
N ALA KA 40 41.37 -167.92 57.06
CA ALA KA 40 42.56 -167.12 57.26
C ALA KA 40 43.39 -167.09 55.98
N ALA KA 41 42.73 -166.78 54.87
CA ALA KA 41 43.31 -166.99 53.55
C ALA KA 41 44.13 -165.79 53.10
N ALA KA 42 45.33 -166.07 52.57
CA ALA KA 42 46.20 -165.05 52.00
C ALA KA 42 46.70 -165.61 50.67
N ALA KA 43 45.94 -165.36 49.60
CA ALA KA 43 46.18 -165.99 48.31
C ALA KA 43 46.63 -164.96 47.29
N ALA KA 44 46.90 -165.45 46.08
CA ALA KA 44 47.08 -164.62 44.89
C ALA KA 44 46.35 -165.37 43.78
N ALA KA 45 45.07 -165.09 43.62
CA ALA KA 45 44.18 -165.91 42.81
C ALA KA 45 43.54 -165.10 41.69
N ALA KA 46 42.67 -165.77 40.95
CA ALA KA 46 41.93 -165.14 39.85
C ALA KA 46 40.62 -165.92 39.72
N ALA KA 47 39.50 -165.28 40.02
CA ALA KA 47 38.22 -165.95 40.06
C ALA KA 47 37.26 -165.50 38.97
N ALA KA 48 37.03 -164.19 38.87
CA ALA KA 48 36.27 -163.43 37.85
C ALA KA 48 34.77 -163.69 37.83
N ALA KA 49 34.24 -164.60 38.65
CA ALA KA 49 32.79 -164.72 38.81
C ALA KA 49 32.41 -165.08 40.24
N ALA KA 50 33.20 -164.62 41.22
CA ALA KA 50 33.07 -165.09 42.59
C ALA KA 50 31.89 -164.44 43.28
N ALA KA 51 30.93 -165.26 43.72
CA ALA KA 51 29.87 -164.83 44.62
C ALA KA 51 30.26 -165.30 46.02
N ALA KA 52 31.22 -164.60 46.60
CA ALA KA 52 31.79 -165.04 47.87
C ALA KA 52 30.89 -164.68 49.04
N ALA KA 53 30.81 -165.59 50.00
CA ALA KA 53 30.15 -165.35 51.27
C ALA KA 53 31.12 -165.72 52.37
N ALA KA 54 31.13 -164.94 53.45
CA ALA KA 54 32.08 -165.19 54.54
C ALA KA 54 31.40 -164.95 55.87
N ALA KA 55 31.44 -165.96 56.73
CA ALA KA 55 31.00 -165.90 58.11
C ALA KA 55 32.19 -165.55 59.01
N ALA KA 56 32.06 -165.83 60.31
CA ALA KA 56 32.90 -165.28 61.36
C ALA KA 56 34.36 -165.71 61.28
N ALA KA 57 35.24 -164.79 61.70
CA ALA KA 57 36.71 -164.90 61.72
C ALA KA 57 37.29 -165.22 60.35
N ALA KA 58 36.92 -164.39 59.38
CA ALA KA 58 37.37 -164.54 57.99
C ALA KA 58 38.30 -163.37 57.66
N ALA KA 59 39.60 -163.59 57.82
CA ALA KA 59 40.61 -162.64 57.38
C ALA KA 59 41.17 -163.12 56.04
N ALA KA 60 41.13 -162.25 55.04
CA ALA KA 60 41.48 -162.66 53.70
C ALA KA 60 42.32 -161.59 53.01
N ALA KA 61 43.15 -162.04 52.07
CA ALA KA 61 44.00 -161.14 51.29
C ALA KA 61 44.13 -161.75 49.90
N ALA KA 62 43.35 -161.25 48.95
CA ALA KA 62 43.23 -161.89 47.65
C ALA KA 62 43.30 -160.86 46.51
N ALA KA 63 43.83 -161.30 45.37
CA ALA KA 63 43.95 -160.46 44.18
C ALA KA 63 43.06 -160.98 43.05
N ALA KA 64 41.85 -161.39 43.39
CA ALA KA 64 40.94 -162.02 42.45
C ALA KA 64 39.68 -161.18 42.28
N ALA KA 65 39.13 -161.22 41.06
CA ALA KA 65 37.91 -160.48 40.77
C ALA KA 65 36.70 -161.24 41.30
N ALA KA 66 35.76 -160.52 41.89
CA ALA KA 66 34.54 -161.09 42.45
C ALA KA 66 33.34 -160.54 41.71
N ALA KA 67 32.16 -161.07 42.05
CA ALA KA 67 30.92 -160.59 41.47
C ALA KA 67 29.93 -160.22 42.56
N ALA KA 68 29.95 -160.98 43.65
CA ALA KA 68 29.07 -160.69 44.77
C ALA KA 68 29.80 -160.97 46.07
N ALA KA 69 29.42 -160.24 47.11
CA ALA KA 69 30.04 -160.37 48.42
C ALA KA 69 28.96 -160.38 49.48
N ALA KA 70 29.07 -161.33 50.41
CA ALA KA 70 28.13 -161.42 51.52
C ALA KA 70 28.90 -161.61 52.80
N ALA KA 71 28.51 -160.87 53.84
CA ALA KA 71 29.12 -160.98 55.16
C ALA KA 71 28.07 -161.35 56.18
N ALA KA 72 28.46 -162.16 57.17
CA ALA KA 72 27.51 -162.74 58.11
C ALA KA 72 27.71 -162.27 59.55
N ALA KA 73 28.91 -162.46 60.13
CA ALA KA 73 29.12 -162.07 61.52
C ALA KA 73 30.21 -161.04 61.70
N ALA KA 74 31.45 -161.34 61.29
CA ALA KA 74 32.61 -160.49 61.54
C ALA KA 74 33.73 -160.95 60.60
N ALA KA 75 34.42 -160.01 59.96
CA ALA KA 75 35.41 -160.37 58.97
C ALA KA 75 36.47 -159.27 58.90
N ALA KA 76 37.50 -159.54 58.09
CA ALA KA 76 38.51 -158.54 57.71
C ALA KA 76 39.05 -158.99 56.35
N ALA KA 77 38.56 -158.38 55.29
CA ALA KA 77 38.98 -158.74 53.95
C ALA KA 77 39.95 -157.70 53.40
N ALA KA 78 40.72 -158.13 52.41
CA ALA KA 78 41.52 -157.22 51.59
C ALA KA 78 41.57 -157.84 50.19
N ALA KA 79 40.61 -157.46 49.36
CA ALA KA 79 40.43 -158.08 48.07
C ALA KA 79 40.63 -157.07 46.95
N ALA KA 80 41.08 -157.58 45.80
CA ALA KA 80 41.31 -156.77 44.61
C ALA KA 80 40.36 -157.23 43.51
N ALA KA 81 39.14 -156.69 43.52
CA ALA KA 81 38.12 -157.09 42.56
C ALA KA 81 38.20 -156.19 41.32
N ALA KA 82 37.47 -156.56 40.26
CA ALA KA 82 37.67 -155.82 39.01
C ALA KA 82 36.40 -155.34 38.32
N ALA KA 83 35.33 -156.15 38.29
CA ALA KA 83 34.31 -155.96 37.27
C ALA KA 83 32.99 -155.43 37.80
N ALA KA 84 32.36 -156.13 38.72
CA ALA KA 84 31.08 -155.72 39.28
C ALA KA 84 30.97 -156.30 40.67
N ALA KA 85 30.12 -155.69 41.49
CA ALA KA 85 29.98 -156.14 42.87
C ALA KA 85 28.56 -155.91 43.35
N ALA KA 86 27.93 -156.99 43.78
CA ALA KA 86 26.68 -156.93 44.54
C ALA KA 86 27.04 -157.33 45.97
N ALA KA 87 27.10 -156.34 46.87
CA ALA KA 87 27.64 -156.56 48.20
C ALA KA 87 26.57 -156.33 49.25
N ALA KA 88 26.58 -157.19 50.27
CA ALA KA 88 25.69 -157.07 51.41
C ALA KA 88 26.41 -157.60 52.65
N ALA KA 89 26.19 -156.95 53.78
CA ALA KA 89 26.92 -157.27 54.99
C ALA KA 89 25.97 -157.44 56.16
N ALA KA 90 26.51 -157.96 57.27
CA ALA KA 90 25.78 -158.09 58.52
C ALA KA 90 26.78 -158.01 59.66
N ALA KA 91 26.87 -156.83 60.29
CA ALA KA 91 27.61 -156.54 61.53
C ALA KA 91 29.11 -156.78 61.42
N ALA KA 92 29.66 -156.69 60.22
CA ALA KA 92 31.03 -157.11 59.95
C ALA KA 92 31.87 -155.90 59.54
N ALA KA 93 33.11 -156.20 59.18
CA ALA KA 93 34.05 -155.21 58.65
C ALA KA 93 34.66 -155.77 57.38
N ALA KA 94 34.92 -154.90 56.41
CA ALA KA 94 35.41 -155.34 55.12
C ALA KA 94 36.21 -154.22 54.48
N ALA KA 95 37.26 -154.61 53.75
CA ALA KA 95 38.05 -153.66 52.97
C ALA KA 95 38.35 -154.27 51.62
N ALA KA 96 38.32 -153.44 50.58
CA ALA KA 96 38.65 -153.86 49.22
C ALA KA 96 39.59 -152.85 48.62
N ALA KA 97 40.39 -153.29 47.64
CA ALA KA 97 41.56 -152.53 47.22
C ALA KA 97 41.46 -151.98 45.80
N ALA KA 98 41.26 -152.83 44.80
CA ALA KA 98 41.45 -152.42 43.41
C ALA KA 98 40.22 -151.71 42.87
N ALA KA 99 40.23 -151.45 41.57
CA ALA KA 99 39.17 -150.69 40.91
C ALA KA 99 37.96 -151.59 40.73
N ALA KA 100 36.88 -151.27 41.44
CA ALA KA 100 35.64 -152.02 41.36
C ALA KA 100 34.52 -151.13 40.84
N ALA KA 101 33.41 -151.76 40.47
CA ALA KA 101 32.22 -151.04 40.03
C ALA KA 101 31.04 -151.58 40.83
N ALA KA 102 30.85 -151.04 42.03
CA ALA KA 102 29.78 -151.48 42.90
C ALA KA 102 28.49 -150.79 42.49
N ALA KA 103 27.56 -151.56 41.94
CA ALA KA 103 26.31 -150.99 41.47
C ALA KA 103 25.36 -150.73 42.62
N ALA KA 104 25.17 -151.70 43.50
CA ALA KA 104 24.26 -151.55 44.62
C ALA KA 104 24.94 -152.04 45.89
N ALA KA 105 24.69 -151.33 47.00
CA ALA KA 105 25.17 -151.75 48.31
C ALA KA 105 24.08 -151.47 49.32
N ALA KA 106 23.60 -152.52 49.97
CA ALA KA 106 22.56 -152.43 50.99
C ALA KA 106 23.14 -152.92 52.30
N ALA KA 107 23.28 -152.02 53.26
CA ALA KA 107 23.85 -152.36 54.56
C ALA KA 107 22.79 -152.10 55.62
N ALA KA 108 22.24 -153.17 56.19
CA ALA KA 108 21.18 -153.06 57.18
C ALA KA 108 21.66 -153.41 58.59
N ALA KA 109 22.96 -153.32 58.84
CA ALA KA 109 23.53 -153.72 60.12
C ALA KA 109 24.76 -152.86 60.38
N ALA KA 110 25.64 -153.31 61.28
CA ALA KA 110 26.86 -152.60 61.62
C ALA KA 110 27.97 -153.06 60.67
N ALA KA 111 28.15 -152.33 59.60
CA ALA KA 111 29.08 -152.72 58.53
C ALA KA 111 30.13 -151.64 58.38
N ALA KA 112 31.38 -151.99 58.68
CA ALA KA 112 32.51 -151.10 58.41
C ALA KA 112 33.08 -151.47 57.06
N ALA KA 113 32.43 -150.99 56.00
CA ALA KA 113 32.79 -151.32 54.63
C ALA KA 113 33.68 -150.23 54.06
N ALA KA 114 34.78 -150.64 53.45
CA ALA KA 114 35.71 -149.71 52.83
C ALA KA 114 36.13 -150.23 51.47
N ALA KA 115 36.22 -149.33 50.49
CA ALA KA 115 36.71 -149.67 49.16
C ALA KA 115 37.64 -148.57 48.72
N ALA KA 116 38.90 -148.92 48.45
CA ALA KA 116 39.90 -147.92 48.10
C ALA KA 116 39.77 -147.40 46.68
N ALA KA 117 39.02 -148.08 45.83
CA ALA KA 117 38.76 -147.59 44.48
C ALA KA 117 37.41 -148.13 44.04
N ALA KA 118 36.47 -147.24 43.78
CA ALA KA 118 35.17 -147.58 43.23
C ALA KA 118 34.94 -146.72 42.01
N ALA KA 119 35.06 -147.30 40.82
CA ALA KA 119 34.84 -146.60 39.56
C ALA KA 119 33.59 -147.19 38.93
N ALA KA 120 32.44 -146.66 39.32
CA ALA KA 120 31.16 -147.20 38.91
C ALA KA 120 30.41 -146.18 38.05
N ALA KA 121 29.18 -146.52 37.69
CA ALA KA 121 28.34 -145.64 36.90
C ALA KA 121 27.12 -145.16 37.65
N ALA KA 122 26.52 -146.01 38.49
CA ALA KA 122 25.38 -145.60 39.31
C ALA KA 122 25.43 -146.43 40.58
N ALA KA 123 25.98 -145.84 41.64
CA ALA KA 123 26.13 -146.53 42.92
C ALA KA 123 24.97 -146.16 43.81
N ALA KA 124 24.08 -147.11 44.07
CA ALA KA 124 22.95 -146.91 44.97
C ALA KA 124 23.30 -147.56 46.30
N ALA KA 125 23.48 -146.73 47.32
CA ALA KA 125 23.82 -147.21 48.65
C ALA KA 125 22.67 -146.93 49.59
N ALA KA 126 22.04 -147.99 50.09
CA ALA KA 126 20.98 -147.87 51.07
C ALA KA 126 21.51 -148.35 52.41
N ALA KA 127 21.28 -147.55 53.46
CA ALA KA 127 21.85 -147.82 54.77
C ALA KA 127 20.77 -147.80 55.83
N ALA KA 128 20.90 -148.70 56.81
CA ALA KA 128 19.88 -148.87 57.84
C ALA KA 128 20.53 -149.07 59.19
N ALA KA 129 20.58 -148.00 59.97
CA ALA KA 129 20.65 -147.85 61.41
C ALA KA 129 21.97 -148.13 62.12
N ALA KA 130 22.96 -148.75 61.47
CA ALA KA 130 24.19 -148.98 62.23
C ALA KA 130 25.51 -148.87 61.46
N ALA KA 131 25.48 -148.93 60.14
CA ALA KA 131 26.67 -149.17 59.32
C ALA KA 131 27.59 -147.94 59.24
N ALA KA 132 28.73 -148.16 58.59
CA ALA KA 132 29.72 -147.10 58.35
C ALA KA 132 30.45 -147.43 57.04
N ALA KA 133 29.97 -146.85 55.95
CA ALA KA 133 30.57 -147.09 54.64
C ALA KA 133 31.52 -145.95 54.29
N ALA KA 134 32.71 -146.32 53.82
CA ALA KA 134 33.73 -145.33 53.41
C ALA KA 134 34.29 -145.78 52.07
N ALA KA 135 33.64 -145.38 50.99
CA ALA KA 135 33.99 -145.79 49.65
C ALA KA 135 34.31 -144.55 48.83
N ALA KA 136 35.51 -144.49 48.25
CA ALA KA 136 35.92 -143.23 47.63
C ALA KA 136 36.91 -143.47 46.48
N ALA KA 137 36.38 -143.57 45.25
CA ALA KA 137 37.17 -143.02 44.15
C ALA KA 137 36.41 -142.05 43.26
N ALA KA 138 35.45 -142.56 42.47
CA ALA KA 138 34.81 -141.77 41.41
C ALA KA 138 33.55 -142.50 40.95
N ALA KA 139 32.39 -141.95 41.27
CA ALA KA 139 31.15 -142.48 40.74
C ALA KA 139 30.66 -141.56 39.63
N ALA KA 140 29.55 -141.92 39.01
CA ALA KA 140 28.91 -141.05 38.04
C ALA KA 140 27.48 -140.71 38.40
N ALA KA 141 26.80 -141.52 39.21
CA ALA KA 141 25.50 -141.18 39.75
C ALA KA 141 25.38 -141.90 41.08
N ALA KA 142 25.56 -141.17 42.19
CA ALA KA 142 25.46 -141.75 43.51
C ALA KA 142 24.06 -141.49 44.06
N ALA KA 143 23.47 -142.51 44.67
CA ALA KA 143 22.16 -142.40 45.30
C ALA KA 143 22.32 -142.96 46.70
N ALA KA 144 22.58 -142.08 47.66
CA ALA KA 144 22.81 -142.48 49.04
C ALA KA 144 21.53 -142.27 49.82
N ALA KA 145 20.77 -143.35 49.97
CA ALA KA 145 19.57 -143.32 50.81
C ALA KA 145 19.97 -143.86 52.18
N ALA KA 146 20.30 -142.96 53.09
CA ALA KA 146 20.58 -143.36 54.47
C ALA KA 146 19.28 -143.21 55.23
N ALA KA 147 18.58 -144.33 55.43
CA ALA KA 147 17.32 -144.38 56.17
C ALA KA 147 17.56 -144.71 57.63
N ALA KA 148 18.62 -144.13 58.19
CA ALA KA 148 19.54 -144.76 59.10
C ALA KA 148 19.84 -143.84 60.28
N ALA KA 149 20.32 -144.43 61.36
CA ALA KA 149 21.02 -143.70 62.41
C ALA KA 149 22.52 -143.90 62.27
N ALA KA 150 23.00 -143.90 61.02
CA ALA KA 150 24.31 -144.41 60.69
C ALA KA 150 25.06 -143.38 59.84
N ALA KA 151 26.27 -143.75 59.44
CA ALA KA 151 27.20 -142.82 58.80
C ALA KA 151 27.60 -143.33 57.43
N ALA KA 152 27.70 -142.43 56.46
CA ALA KA 152 28.16 -142.72 55.11
C ALA KA 152 29.18 -141.66 54.75
N ALA KA 153 30.44 -141.91 55.11
CA ALA KA 153 31.51 -140.97 54.84
C ALA KA 153 32.05 -141.21 53.43
N ALA KA 154 32.39 -140.13 52.73
CA ALA KA 154 32.86 -140.27 51.38
C ALA KA 154 33.77 -139.12 51.00
N ALA KA 155 34.84 -139.46 50.29
CA ALA KA 155 35.57 -138.53 49.45
C ALA KA 155 35.44 -138.97 48.00
N ALA KA 156 34.32 -139.63 47.69
CA ALA KA 156 34.05 -140.14 46.35
C ALA KA 156 33.62 -138.99 45.46
N ALA KA 157 34.45 -138.66 44.47
CA ALA KA 157 34.16 -137.53 43.59
C ALA KA 157 33.12 -137.99 42.57
N ALA KA 158 31.86 -137.92 42.94
CA ALA KA 158 30.77 -138.30 42.06
C ALA KA 158 30.37 -137.14 41.17
N ALA KA 159 30.01 -137.47 39.92
CA ALA KA 159 29.57 -136.45 38.99
C ALA KA 159 28.17 -135.95 39.31
N ALA KA 160 27.28 -136.85 39.73
CA ALA KA 160 25.98 -136.45 40.21
C ALA KA 160 25.71 -137.21 41.51
N ALA KA 161 25.12 -136.51 42.48
CA ALA KA 161 24.88 -137.08 43.79
C ALA KA 161 23.46 -136.81 44.23
N ALA KA 162 22.84 -137.79 44.86
CA ALA KA 162 21.48 -137.68 45.39
C ALA KA 162 21.47 -138.36 46.75
N ALA KA 163 21.63 -137.58 47.81
CA ALA KA 163 21.77 -138.11 49.16
C ALA KA 163 20.59 -137.66 50.01
N ALA KA 164 19.86 -138.62 50.55
CA ALA KA 164 18.75 -138.34 51.44
C ALA KA 164 18.99 -139.06 52.76
N ALA KA 165 19.05 -138.28 53.84
CA ALA KA 165 19.28 -138.79 55.18
C ALA KA 165 18.00 -138.64 55.98
N ALA KA 166 17.58 -139.71 56.66
CA ALA KA 166 16.21 -139.76 57.16
C ALA KA 166 16.06 -139.53 58.66
N ALA KA 167 16.91 -140.12 59.52
CA ALA KA 167 16.70 -139.94 60.98
C ALA KA 167 18.04 -140.03 61.72
N ALA KA 168 18.68 -138.87 61.90
CA ALA KA 168 19.99 -138.68 62.56
C ALA KA 168 21.09 -139.55 61.94
N ALA KA 169 21.13 -139.57 60.62
CA ALA KA 169 22.26 -140.10 59.87
C ALA KA 169 23.33 -139.03 59.73
N ALA KA 170 24.46 -139.40 59.15
CA ALA KA 170 25.53 -138.46 58.89
C ALA KA 170 26.25 -138.86 57.62
N ALA KA 171 26.11 -138.06 56.56
CA ALA KA 171 26.65 -138.41 55.26
C ALA KA 171 27.61 -137.32 54.80
N ALA KA 172 28.80 -137.73 54.39
CA ALA KA 172 29.81 -136.81 53.89
C ALA KA 172 29.96 -137.05 52.39
N ALA KA 173 29.50 -136.11 51.59
CA ALA KA 173 29.46 -136.25 50.14
C ALA KA 173 30.43 -135.29 49.47
N ALA KA 174 30.67 -135.54 48.18
CA ALA KA 174 31.50 -134.67 47.36
C ALA KA 174 31.02 -134.79 45.93
N ALA KA 175 30.40 -133.74 45.42
CA ALA KA 175 29.77 -133.76 44.11
C ALA KA 175 30.54 -132.90 43.13
N ALA KA 176 30.78 -133.46 41.94
CA ALA KA 176 31.50 -132.69 40.92
C ALA KA 176 30.57 -131.74 40.18
N ALA KA 177 29.55 -132.27 39.52
CA ALA KA 177 28.69 -131.44 38.70
C ALA KA 177 27.30 -131.21 39.30
N ALA KA 178 26.75 -132.19 39.99
CA ALA KA 178 25.37 -132.13 40.43
C ALA KA 178 25.28 -132.56 41.87
N ALA KA 179 24.80 -131.68 42.75
CA ALA KA 179 24.59 -132.01 44.15
C ALA KA 179 23.11 -131.97 44.46
N ALA KA 180 22.61 -133.05 45.03
CA ALA KA 180 21.20 -133.18 45.38
C ALA KA 180 21.12 -133.69 46.81
N ALA KA 181 20.54 -132.89 47.70
CA ALA KA 181 20.58 -133.28 49.10
C ALA KA 181 19.23 -133.05 49.75
N ALA KA 182 18.77 -134.04 50.49
CA ALA KA 182 17.63 -133.86 51.38
C ALA KA 182 18.00 -134.43 52.74
N ALA KA 183 17.76 -133.65 53.78
CA ALA KA 183 18.10 -134.09 55.12
C ALA KA 183 16.87 -134.03 56.00
N ALA KA 184 16.79 -134.93 56.97
CA ALA KA 184 15.71 -134.92 57.96
C ALA KA 184 16.30 -135.34 59.30
N ALA KA 185 16.36 -134.37 60.23
CA ALA KA 185 16.91 -134.50 61.61
C ALA KA 185 18.35 -134.98 61.66
N ALA KA 186 19.13 -134.70 60.62
CA ALA KA 186 20.37 -135.40 60.35
C ALA KA 186 21.40 -134.40 59.85
N ALA KA 187 22.51 -134.92 59.32
CA ALA KA 187 23.60 -134.08 58.84
C ALA KA 187 24.09 -134.55 57.49
N ALA KA 188 24.24 -133.62 56.56
CA ALA KA 188 24.82 -133.87 55.25
C ALA KA 188 25.93 -132.85 55.01
N ALA KA 189 27.16 -133.32 54.96
CA ALA KA 189 28.33 -132.45 54.87
C ALA KA 189 28.86 -132.48 53.44
N ALA KA 190 28.85 -131.34 52.78
CA ALA KA 190 29.30 -131.21 51.38
C ALA KA 190 30.75 -130.80 51.38
N ALA KA 191 31.64 -131.72 51.02
CA ALA KA 191 33.07 -131.45 51.07
C ALA KA 191 33.62 -130.87 49.77
N ALA KA 192 32.78 -130.69 48.75
CA ALA KA 192 33.20 -130.02 47.53
C ALA KA 192 32.01 -129.29 46.94
N ALA KA 193 32.24 -128.07 46.48
CA ALA KA 193 31.17 -127.27 45.90
C ALA KA 193 30.93 -127.74 44.48
N ALA KA 194 29.69 -128.15 44.19
CA ALA KA 194 29.35 -128.70 42.90
C ALA KA 194 29.17 -127.59 41.88
N ALA KA 195 29.04 -128.00 40.61
CA ALA KA 195 28.73 -127.04 39.56
C ALA KA 195 27.31 -126.53 39.68
N ALA KA 196 26.38 -127.37 40.11
CA ALA KA 196 25.05 -126.94 40.49
C ALA KA 196 24.63 -127.72 41.72
N ALA KA 197 24.26 -127.02 42.79
CA ALA KA 197 23.95 -127.62 44.06
C ALA KA 197 22.53 -127.29 44.46
N ALA KA 198 21.86 -128.24 45.09
CA ALA KA 198 20.54 -127.99 45.65
C ALA KA 198 20.35 -128.87 46.88
N ALA KA 199 20.00 -128.24 47.99
CA ALA KA 199 19.88 -128.93 49.26
C ALA KA 199 18.61 -128.46 49.95
N ALA KA 200 17.86 -129.42 50.48
CA ALA KA 200 16.63 -129.13 51.20
C ALA KA 200 16.73 -129.78 52.57
N ALA KA 201 16.44 -129.00 53.60
CA ALA KA 201 16.50 -129.46 54.97
C ALA KA 201 15.10 -129.55 55.55
N ALA KA 202 14.83 -130.63 56.26
CA ALA KA 202 13.58 -130.85 56.97
C ALA KA 202 13.72 -130.36 58.40
N ALA KA 203 12.86 -130.84 59.28
CA ALA KA 203 12.88 -130.48 60.70
C ALA KA 203 14.17 -130.91 61.38
N ALA KA 204 14.87 -129.92 61.95
CA ALA KA 204 16.13 -130.05 62.72
C ALA KA 204 17.25 -130.70 61.90
N ALA KA 205 17.30 -130.37 60.62
CA ALA KA 205 18.15 -131.03 59.65
C ALA KA 205 19.21 -130.10 59.11
N ALA KA 206 20.42 -130.61 58.91
CA ALA KA 206 21.57 -129.75 58.61
C ALA KA 206 22.27 -130.20 57.33
N ALA KA 207 22.06 -129.48 56.24
CA ALA KA 207 22.86 -129.68 55.05
C ALA KA 207 23.91 -128.57 55.01
N ALA KA 208 24.92 -128.70 55.86
CA ALA KA 208 25.96 -127.70 55.99
C ALA KA 208 27.12 -128.06 55.07
N ALA KA 209 27.46 -127.16 54.16
CA ALA KA 209 28.54 -127.39 53.20
C ALA KA 209 29.85 -127.15 53.92
N ALA KA 210 30.33 -128.19 54.59
CA ALA KA 210 31.49 -128.08 55.48
C ALA KA 210 32.79 -128.36 54.71
N ALA KA 211 33.09 -127.49 53.77
CA ALA KA 211 34.39 -127.52 53.11
C ALA KA 211 35.42 -126.86 54.02
N ALA KA 212 36.69 -127.16 53.75
CA ALA KA 212 37.77 -126.59 54.54
C ALA KA 212 38.03 -125.18 54.07
N ALA KA 213 37.71 -124.20 54.92
CA ALA KA 213 38.12 -122.83 54.70
C ALA KA 213 39.64 -122.72 54.82
N ALA KA 214 40.21 -121.75 54.12
CA ALA KA 214 41.62 -121.69 53.69
C ALA KA 214 42.03 -122.99 52.99
N ALA KA 215 41.45 -123.17 51.81
CA ALA KA 215 42.08 -124.03 50.83
C ALA KA 215 43.19 -123.28 50.10
N ALA KA 216 43.81 -123.95 49.14
CA ALA KA 216 44.77 -123.27 48.28
C ALA KA 216 44.05 -122.30 47.35
N ALA KA 217 43.00 -122.78 46.69
CA ALA KA 217 42.09 -121.93 45.95
C ALA KA 217 40.69 -122.52 46.13
N ALA KA 218 39.98 -122.08 47.17
CA ALA KA 218 38.61 -122.49 47.36
C ALA KA 218 37.74 -121.68 46.41
N ALA KA 219 37.06 -122.36 45.49
CA ALA KA 219 36.19 -121.68 44.55
C ALA KA 219 34.94 -121.20 45.24
N ALA KA 220 34.57 -119.95 45.01
CA ALA KA 220 33.41 -119.39 45.67
C ALA KA 220 32.13 -119.86 45.02
N ALA KA 221 31.02 -119.67 45.73
CA ALA KA 221 29.71 -120.02 45.21
C ALA KA 221 29.30 -119.00 44.17
N ALA KA 222 29.17 -119.44 42.92
CA ALA KA 222 28.87 -118.56 41.80
C ALA KA 222 27.38 -118.26 41.74
N ALA KA 223 26.94 -117.60 40.66
CA ALA KA 223 25.54 -117.23 40.51
C ALA KA 223 24.63 -118.41 40.24
N ALA KA 224 25.18 -119.50 39.71
CA ALA KA 224 24.41 -120.70 39.49
C ALA KA 224 24.46 -121.67 40.67
N ALA KA 225 25.27 -121.40 41.69
CA ALA KA 225 25.42 -122.33 42.79
C ALA KA 225 25.15 -121.72 44.15
N ALA KA 226 24.80 -120.45 44.22
CA ALA KA 226 24.58 -119.80 45.51
C ALA KA 226 23.19 -120.15 46.01
N ALA KA 227 23.10 -121.22 46.78
CA ALA KA 227 21.89 -121.52 47.51
C ALA KA 227 22.06 -121.09 48.96
N ALA KA 228 20.93 -120.95 49.64
CA ALA KA 228 20.92 -120.49 51.02
C ALA KA 228 21.34 -121.60 51.98
N ALA LA 1 53.29 -142.23 46.63
CA ALA LA 1 52.48 -143.41 46.90
C ALA LA 1 51.14 -143.33 46.18
N ALA LA 2 51.19 -143.03 44.89
CA ALA LA 2 50.00 -142.85 44.08
C ALA LA 2 49.66 -144.14 43.34
N ALA LA 3 48.70 -144.05 42.41
CA ALA LA 3 48.35 -145.15 41.53
C ALA LA 3 47.81 -144.51 40.25
N ALA LA 4 48.67 -144.41 39.23
CA ALA LA 4 48.28 -143.76 38.00
C ALA LA 4 47.43 -144.69 37.16
N ALA LA 5 46.70 -144.11 36.20
CA ALA LA 5 45.94 -144.86 35.23
C ALA LA 5 46.56 -144.67 33.86
N ALA LA 6 46.22 -145.58 32.95
CA ALA LA 6 46.85 -145.64 31.64
C ALA LA 6 46.23 -144.70 30.62
N ALA LA 7 45.20 -143.94 31.01
CA ALA LA 7 44.50 -143.07 30.08
C ALA LA 7 45.20 -141.71 30.00
N ALA LA 8 44.54 -140.72 29.42
CA ALA LA 8 45.09 -139.37 29.39
C ALA LA 8 44.99 -138.73 30.76
N ALA LA 9 46.01 -138.98 31.59
CA ALA LA 9 46.40 -138.18 32.76
C ALA LA 9 45.38 -138.22 33.90
N ALA LA 10 45.02 -139.42 34.35
CA ALA LA 10 44.27 -139.60 35.58
C ALA LA 10 45.08 -140.44 36.55
N ALA LA 11 44.92 -140.17 37.84
CA ALA LA 11 45.70 -140.88 38.85
C ALA LA 11 44.91 -140.90 40.15
N ALA LA 12 44.64 -142.09 40.68
CA ALA LA 12 44.16 -142.14 42.05
C ALA LA 12 45.35 -142.03 43.00
N ALA LA 13 45.06 -141.72 44.26
CA ALA LA 13 46.10 -141.58 45.26
C ALA LA 13 45.55 -142.03 46.61
N ALA LA 14 46.37 -142.78 47.34
CA ALA LA 14 45.92 -143.43 48.56
C ALA LA 14 46.68 -142.95 49.78
N ALA LA 15 46.88 -141.64 49.91
CA ALA LA 15 47.35 -141.10 51.18
C ALA LA 15 46.24 -141.17 52.22
N ALA LA 16 45.14 -140.47 51.97
CA ALA LA 16 43.87 -140.82 52.59
C ALA LA 16 42.86 -141.24 51.53
N ALA LA 17 42.54 -140.35 50.58
CA ALA LA 17 41.64 -140.59 49.47
C ALA LA 17 41.80 -139.50 48.42
N ALA LA 18 42.15 -139.86 47.19
CA ALA LA 18 42.16 -138.90 46.09
C ALA LA 18 41.94 -139.62 44.77
N ALA LA 19 41.26 -138.94 43.84
CA ALA LA 19 41.23 -139.35 42.42
C ALA LA 19 41.43 -138.08 41.58
N ALA LA 20 42.69 -137.73 41.35
CA ALA LA 20 43.03 -136.46 40.72
C ALA LA 20 43.46 -136.68 39.29
N ALA LA 21 43.82 -135.59 38.62
CA ALA LA 21 44.21 -135.63 37.22
C ALA LA 21 45.53 -134.90 37.02
N ALA LA 22 46.41 -135.52 36.24
CA ALA LA 22 47.70 -134.96 35.88
C ALA LA 22 47.55 -134.16 34.59
N ALA LA 23 48.66 -133.85 33.93
CA ALA LA 23 48.65 -133.33 32.57
C ALA LA 23 49.21 -134.30 31.55
N ALA LA 24 50.24 -135.07 31.94
CA ALA LA 24 50.96 -136.08 31.14
C ALA LA 24 51.54 -135.50 29.85
N ALA LA 25 52.04 -134.27 29.95
CA ALA LA 25 52.79 -133.64 28.87
C ALA LA 25 54.16 -133.18 29.31
N ALA LA 26 54.32 -132.77 30.57
CA ALA LA 26 55.63 -132.50 31.15
C ALA LA 26 56.27 -133.73 31.77
N ALA LA 27 55.47 -134.78 32.00
CA ALA LA 27 55.90 -136.13 32.44
C ALA LA 27 56.62 -136.12 33.79
N ALA LA 28 55.93 -135.63 34.81
CA ALA LA 28 56.46 -135.62 36.17
C ALA LA 28 56.10 -136.94 36.84
N ALA LA 29 56.72 -138.01 36.38
CA ALA LA 29 56.50 -139.35 36.93
C ALA LA 29 57.56 -139.66 37.99
N ALA LA 30 57.59 -138.81 39.02
CA ALA LA 30 58.57 -138.96 40.08
C ALA LA 30 58.23 -140.10 41.02
N ALA LA 31 56.93 -140.43 41.13
CA ALA LA 31 56.33 -141.42 42.05
C ALA LA 31 56.69 -141.16 43.51
N ALA LA 32 56.81 -139.88 43.89
CA ALA LA 32 57.25 -139.48 45.21
C ALA LA 32 56.70 -138.08 45.45
N ALA LA 33 55.83 -137.95 46.44
CA ALA LA 33 55.08 -136.72 46.61
C ALA LA 33 54.62 -136.62 48.06
N ALA LA 34 53.98 -135.50 48.38
CA ALA LA 34 53.27 -135.31 49.64
C ALA LA 34 51.80 -135.13 49.28
N ALA LA 35 51.09 -136.25 49.17
CA ALA LA 35 49.69 -136.25 48.80
C ALA LA 35 48.84 -135.94 50.03
N ALA LA 36 47.89 -135.02 49.89
CA ALA LA 36 47.07 -134.57 51.00
C ALA LA 36 45.59 -134.64 50.61
N ALA LA 37 44.74 -134.58 51.63
CA ALA LA 37 43.28 -134.52 51.42
C ALA LA 37 42.79 -133.08 51.39
N ALA LA 38 43.44 -132.27 50.55
CA ALA LA 38 43.00 -130.94 50.20
C ALA LA 38 43.24 -130.70 48.72
N ALA LA 39 43.24 -131.80 47.95
CA ALA LA 39 43.46 -131.87 46.51
C ALA LA 39 44.81 -131.28 46.11
N ALA LA 40 45.87 -131.92 46.59
CA ALA LA 40 47.22 -131.43 46.33
C ALA LA 40 48.16 -132.63 46.29
N ALA LA 41 48.53 -133.05 45.08
CA ALA LA 41 49.59 -134.03 44.89
C ALA LA 41 50.85 -133.26 44.57
N ALA LA 42 51.56 -132.84 45.63
CA ALA LA 42 52.75 -131.99 45.50
C ALA LA 42 53.94 -132.88 45.20
N ALA LA 43 54.26 -133.03 43.92
CA ALA LA 43 55.32 -133.93 43.48
C ALA LA 43 56.68 -133.24 43.56
N ALA LA 44 57.70 -133.88 42.99
CA ALA LA 44 59.05 -133.32 42.99
C ALA LA 44 59.15 -132.17 41.99
N ALA LA 45 58.49 -132.29 40.84
CA ALA LA 45 58.53 -131.23 39.85
C ALA LA 45 57.55 -130.12 40.17
N ALA LA 46 56.26 -130.45 40.19
CA ALA LA 46 55.20 -129.46 40.38
C ALA LA 46 54.13 -130.07 41.27
N ALA LA 47 52.96 -129.42 41.32
CA ALA LA 47 51.83 -129.87 42.11
C ALA LA 47 50.67 -130.22 41.22
N ALA LA 48 49.93 -131.24 41.60
CA ALA LA 48 48.79 -131.73 40.83
C ALA LA 48 47.56 -131.75 41.72
N ALA LA 49 46.40 -131.50 41.10
CA ALA LA 49 45.14 -131.42 41.81
C ALA LA 49 44.08 -132.18 41.02
N ALA LA 50 42.88 -132.26 41.60
CA ALA LA 50 41.72 -132.78 40.89
C ALA LA 50 41.28 -131.74 39.87
N ALA LA 51 41.58 -131.98 38.60
CA ALA LA 51 41.41 -130.98 37.57
C ALA LA 51 39.94 -130.83 37.17
N ALA LA 52 39.58 -129.61 36.80
CA ALA LA 52 38.22 -129.32 36.37
C ALA LA 52 38.22 -128.23 35.32
N ALA MA 1 8.29 -84.36 65.80
CA ALA MA 1 9.73 -84.12 65.82
C ALA MA 1 10.42 -85.23 66.62
N ALA MA 2 11.31 -84.85 67.54
CA ALA MA 2 11.93 -85.82 68.43
C ALA MA 2 10.91 -86.23 69.47
N ALA MA 3 10.15 -87.28 69.19
CA ALA MA 3 9.00 -87.63 69.99
C ALA MA 3 9.31 -88.85 70.84
N ALA MA 4 8.90 -88.75 72.10
CA ALA MA 4 8.74 -89.80 73.11
C ALA MA 4 10.06 -90.33 73.69
N ALA MA 5 11.22 -90.00 73.13
CA ALA MA 5 12.45 -90.24 73.87
C ALA MA 5 12.57 -89.21 74.98
N ALA MA 6 12.67 -87.96 74.60
CA ALA MA 6 12.41 -86.78 75.41
C ALA MA 6 12.11 -85.66 74.43
N ALA MA 7 12.15 -84.43 74.89
CA ALA MA 7 12.09 -83.33 73.96
C ALA MA 7 13.46 -83.12 73.31
N ALA MA 8 13.48 -82.27 72.28
CA ALA MA 8 14.69 -82.00 71.54
C ALA MA 8 15.62 -81.11 72.36
N ALA MA 9 16.81 -81.62 72.67
CA ALA MA 9 17.71 -80.86 73.55
C ALA MA 9 18.45 -79.76 72.78
N ALA MA 10 19.28 -80.16 71.84
CA ALA MA 10 20.03 -79.21 71.04
C ALA MA 10 19.64 -79.38 69.60
N ALA MA 11 20.35 -78.69 68.71
CA ALA MA 11 20.22 -78.89 67.28
C ALA MA 11 21.65 -78.90 66.75
N ALA MA 12 22.24 -80.07 66.66
CA ALA MA 12 23.64 -80.20 66.31
C ALA MA 12 23.84 -79.91 64.84
N ALA MA 13 24.59 -78.86 64.53
CA ALA MA 13 24.94 -78.56 63.17
C ALA MA 13 25.93 -79.59 62.65
N ALA MA 14 25.91 -79.75 61.32
CA ALA MA 14 26.45 -80.88 60.54
C ALA MA 14 25.88 -82.22 61.00
N ALA MA 15 24.61 -82.22 61.43
CA ALA MA 15 23.93 -83.40 61.92
C ALA MA 15 22.43 -83.16 61.88
N ALA MA 16 21.69 -84.09 62.47
CA ALA MA 16 20.26 -84.00 62.69
C ALA MA 16 20.01 -83.33 64.04
N ALA MA 17 18.75 -83.27 64.47
CA ALA MA 17 18.44 -82.72 65.78
C ALA MA 17 18.83 -83.69 66.87
N ALA MA 18 19.14 -83.17 68.03
CA ALA MA 18 19.63 -83.96 69.15
C ALA MA 18 18.57 -83.99 70.23
N ALA MA 19 17.89 -85.13 70.36
CA ALA MA 19 16.92 -85.32 71.41
C ALA MA 19 17.63 -85.48 72.76
N ALA MA 20 16.87 -85.32 73.84
CA ALA MA 20 17.46 -85.40 75.16
C ALA MA 20 17.50 -86.82 75.72
N ALA MA 21 17.41 -87.83 74.85
CA ALA MA 21 17.99 -89.14 75.11
C ALA MA 21 19.12 -89.42 74.13
N ALA MA 22 18.84 -89.40 72.82
CA ALA MA 22 19.78 -89.80 71.78
C ALA MA 22 19.72 -88.86 70.58
N ALA MA 23 20.29 -89.25 69.44
CA ALA MA 23 20.24 -88.43 68.24
C ALA MA 23 18.99 -88.76 67.44
N ALA MA 24 18.24 -87.73 67.07
CA ALA MA 24 16.93 -87.95 66.49
C ALA MA 24 17.05 -88.26 65.00
N ALA MA 25 15.91 -88.53 64.38
CA ALA MA 25 15.85 -88.80 62.95
C ALA MA 25 15.33 -87.60 62.17
N ALA MA 26 15.10 -86.47 62.83
CA ALA MA 26 14.62 -85.28 62.17
C ALA MA 26 15.79 -84.34 61.89
N ALA MA 27 15.89 -83.87 60.65
CA ALA MA 27 17.05 -83.12 60.21
C ALA MA 27 17.03 -81.71 60.76
N ALA MA 28 18.15 -81.27 61.31
CA ALA MA 28 18.22 -79.96 61.96
C ALA MA 28 18.42 -78.85 60.94
N ALA MA 29 19.52 -78.89 60.21
CA ALA MA 29 19.88 -77.84 59.27
C ALA MA 29 19.49 -78.21 57.86
N ALA MA 30 19.75 -77.31 56.92
CA ALA MA 30 19.57 -77.63 55.51
C ALA MA 30 20.69 -78.51 55.01
N ALA MA 31 21.86 -78.46 55.64
CA ALA MA 31 23.07 -79.06 55.13
C ALA MA 31 23.39 -80.40 55.78
N ALA MA 32 22.38 -81.13 56.22
CA ALA MA 32 22.58 -82.47 56.73
C ALA MA 32 22.50 -83.46 55.58
N ALA MA 33 22.69 -84.75 55.87
CA ALA MA 33 22.74 -85.76 54.80
C ALA MA 33 21.35 -86.34 54.53
N ALA MA 34 20.43 -85.46 54.13
CA ALA MA 34 19.07 -85.87 53.80
C ALA MA 34 19.07 -86.54 52.43
N ALA MA 35 18.40 -87.69 52.33
CA ALA MA 35 18.48 -88.54 51.13
C ALA MA 35 17.63 -87.98 50.00
N ALA MA 36 18.16 -86.93 49.38
CA ALA MA 36 17.59 -86.48 48.13
C ALA MA 36 18.01 -87.47 47.05
N ALA MA 37 17.03 -87.97 46.29
CA ALA MA 37 17.34 -88.75 45.12
C ALA MA 37 16.43 -88.40 43.95
N ALA MA 38 15.39 -87.60 44.18
CA ALA MA 38 14.51 -87.13 43.12
C ALA MA 38 14.46 -85.62 43.18
N ALA MA 39 15.15 -84.96 42.27
CA ALA MA 39 15.09 -83.51 42.20
C ALA MA 39 13.82 -83.07 41.47
N ALA MA 40 13.56 -81.78 41.52
CA ALA MA 40 12.42 -81.20 40.80
C ALA MA 40 12.87 -79.85 40.27
N ALA MA 41 13.38 -79.85 39.03
CA ALA MA 41 13.89 -78.62 38.43
C ALA MA 41 13.84 -78.74 36.92
N ALA MA 42 13.71 -77.59 36.27
CA ALA MA 42 13.88 -77.52 34.83
C ALA MA 42 15.36 -77.57 34.52
N ALA MA 43 15.72 -78.47 33.59
CA ALA MA 43 17.07 -78.72 33.08
C ALA MA 43 18.07 -79.10 34.17
N ALA MA 44 17.60 -79.82 35.18
CA ALA MA 44 18.51 -80.44 36.13
C ALA MA 44 19.24 -81.58 35.44
N ALA MA 45 20.54 -81.72 35.79
CA ALA MA 45 21.56 -82.70 35.40
C ALA MA 45 22.09 -82.47 33.97
N ALA MA 46 21.49 -81.55 33.23
CA ALA MA 46 22.21 -80.66 32.35
C ALA MA 46 22.43 -79.39 33.16
N ALA MA 47 22.93 -78.33 32.54
CA ALA MA 47 23.08 -77.08 33.28
C ALA MA 47 21.72 -76.39 33.39
N ALA MA 48 21.65 -75.38 34.24
CA ALA MA 48 20.39 -74.77 34.69
C ALA MA 48 19.71 -73.96 33.59
N ALA MA 49 18.54 -73.43 33.92
CA ALA MA 49 17.74 -72.68 32.94
C ALA MA 49 18.36 -71.31 32.71
N ALA MA 50 18.76 -71.05 31.47
CA ALA MA 50 19.36 -69.77 31.10
C ALA MA 50 18.27 -68.70 31.12
N ALA MA 51 18.28 -67.87 32.15
CA ALA MA 51 17.13 -67.08 32.55
C ALA MA 51 16.85 -65.88 31.65
N ALA MA 52 17.77 -65.53 30.75
CA ALA MA 52 17.61 -64.33 29.94
C ALA MA 52 16.62 -64.50 28.79
N ALA MA 53 16.23 -65.72 28.47
CA ALA MA 53 15.33 -65.95 27.34
C ALA MA 53 13.90 -65.57 27.68
N ALA MA 54 13.20 -65.04 26.68
CA ALA MA 54 11.75 -64.79 26.77
C ALA MA 54 11.17 -65.21 25.43
N ALA MA 55 10.82 -66.49 25.32
CA ALA MA 55 10.30 -67.08 24.10
C ALA MA 55 9.40 -68.24 24.50
N ALA MA 56 9.11 -69.12 23.54
CA ALA MA 56 8.30 -70.29 23.86
C ALA MA 56 9.12 -71.36 24.58
N ALA MA 57 10.26 -71.74 24.02
CA ALA MA 57 11.05 -72.84 24.55
C ALA MA 57 11.84 -72.40 25.78
N ALA MA 58 12.33 -73.39 26.52
CA ALA MA 58 13.17 -73.18 27.69
C ALA MA 58 14.54 -73.73 27.38
N ALA MA 59 15.54 -72.85 27.31
CA ALA MA 59 16.88 -73.25 26.96
C ALA MA 59 17.73 -73.41 28.21
N ALA MA 60 18.50 -74.50 28.27
CA ALA MA 60 19.40 -74.70 29.38
C ALA MA 60 20.65 -73.85 29.21
N ALA MA 61 21.43 -73.73 30.29
CA ALA MA 61 22.70 -73.02 30.22
C ALA MA 61 23.78 -73.83 29.52
N ALA MA 62 23.58 -75.12 29.30
CA ALA MA 62 24.42 -75.92 28.43
C ALA MA 62 23.87 -75.99 27.01
N ALA MA 63 22.97 -75.05 26.67
CA ALA MA 63 22.37 -74.85 25.33
C ALA MA 63 21.60 -76.06 24.82
N ALA MA 64 20.97 -76.78 25.73
CA ALA MA 64 19.96 -77.76 25.36
C ALA MA 64 18.60 -77.13 25.56
N ALA MA 65 17.64 -77.53 24.74
CA ALA MA 65 16.28 -77.07 24.87
C ALA MA 65 15.52 -78.06 25.74
N ALA MA 66 15.03 -77.58 26.88
CA ALA MA 66 14.28 -78.44 27.79
C ALA MA 66 12.90 -78.65 27.21
N ALA MA 67 12.77 -79.66 26.37
CA ALA MA 67 11.51 -79.91 25.68
C ALA MA 67 10.49 -80.56 26.59
N ALA MA 68 10.92 -81.11 27.73
CA ALA MA 68 10.02 -81.61 28.76
C ALA MA 68 9.49 -80.50 29.66
N ALA MA 69 9.95 -79.26 29.50
CA ALA MA 69 9.42 -78.17 30.30
C ALA MA 69 9.09 -76.94 29.46
N ALA MA 70 8.95 -77.07 28.15
CA ALA MA 70 8.61 -75.94 27.31
C ALA MA 70 7.12 -75.92 26.99
N LYS NA 24 -11.85 -121.79 31.47
CA LYS NA 24 -10.95 -120.70 31.84
C LYS NA 24 -9.57 -120.92 31.26
N PHE NA 25 -9.06 -119.92 30.54
CA PHE NA 25 -7.78 -120.01 29.86
C PHE NA 25 -6.83 -118.98 30.42
N LYS NA 26 -5.60 -119.41 30.70
CA LYS NA 26 -4.59 -118.54 31.29
C LYS NA 26 -3.21 -118.99 30.83
N LYS NA 27 -2.41 -118.04 30.38
CA LYS NA 27 -0.98 -118.23 30.19
C LYS NA 27 -0.31 -118.14 31.56
N PRO NA 28 0.88 -118.74 31.74
CA PRO NA 28 1.48 -118.81 33.09
C PRO NA 28 1.92 -117.47 33.68
N PRO NA 29 2.83 -116.64 33.05
CA PRO NA 29 3.34 -115.53 33.85
C PRO NA 29 2.42 -114.32 33.85
N ILE NA 30 1.63 -114.19 34.90
CA ILE NA 30 0.82 -113.00 35.09
C ILE NA 30 1.58 -112.20 36.13
N ASN NA 31 2.41 -111.30 35.66
CA ASN NA 31 3.27 -110.49 36.50
C ASN NA 31 2.54 -109.21 36.87
N ASN NA 32 3.28 -108.24 37.35
CA ASN NA 32 2.76 -106.94 37.67
C ASN NA 32 2.49 -106.14 36.38
N PRO NA 33 1.72 -105.06 36.45
CA PRO NA 33 1.67 -104.16 35.29
C PRO NA 33 2.96 -103.38 35.16
N SER NA 34 3.62 -103.56 34.02
CA SER NA 34 4.74 -102.70 33.66
C SER NA 34 4.24 -101.41 33.06
N ASP NA 35 5.15 -100.45 32.91
CA ASP NA 35 4.91 -99.30 32.06
C ASP NA 35 5.93 -99.24 30.95
N ASP NA 36 5.68 -98.33 30.02
CA ASP NA 36 6.51 -98.33 28.83
C ASP NA 36 7.89 -97.72 29.02
N ALA NA 37 8.14 -97.03 30.13
CA ALA NA 37 9.49 -96.55 30.44
C ALA NA 37 10.44 -97.70 30.68
N THR NA 38 10.06 -98.61 31.56
CA THR NA 38 10.92 -99.77 31.74
C THR NA 38 10.77 -100.81 30.66
N ILE NA 39 9.69 -100.77 29.86
CA ILE NA 39 9.65 -101.58 28.65
C ILE NA 39 10.72 -101.14 27.66
N LYS NA 40 10.79 -99.84 27.36
CA LYS NA 40 11.80 -99.43 26.38
C LYS NA 40 13.18 -99.31 26.99
N LEU NA 41 13.27 -99.18 28.32
CA LEU NA 41 14.54 -99.33 29.00
C LEU NA 41 15.06 -100.75 28.91
N ALA NA 42 14.17 -101.73 29.03
CA ALA NA 42 14.56 -103.12 28.96
C ALA NA 42 14.97 -103.52 27.55
N GLU NA 43 14.25 -103.03 26.54
CA GLU NA 43 14.64 -103.41 25.20
C GLU NA 43 15.72 -102.51 24.63
N ALA NA 44 16.13 -101.46 25.35
CA ALA NA 44 17.45 -100.91 25.07
C ALA NA 44 18.53 -101.69 25.78
N ALA NA 45 18.20 -102.18 26.98
CA ALA NA 45 19.16 -102.84 27.84
C ALA NA 45 19.59 -104.17 27.29
N VAL NA 46 18.69 -104.83 26.55
CA VAL NA 46 18.99 -106.10 25.90
C VAL NA 46 19.99 -105.89 24.77
N SER NA 47 19.79 -104.84 23.96
CA SER NA 47 20.70 -104.56 22.86
C SER NA 47 22.07 -104.06 23.32
N VAL NA 48 22.12 -103.31 24.42
CA VAL NA 48 23.44 -102.93 24.90
C VAL NA 48 24.08 -104.10 25.64
N SER NA 49 23.27 -105.03 26.18
CA SER NA 49 23.79 -106.23 26.82
C SER NA 49 24.42 -107.18 25.83
N ASP NA 50 23.80 -107.38 24.68
CA ASP NA 50 24.43 -108.33 23.78
C ASP NA 50 25.50 -107.70 22.88
N SER NA 51 25.44 -106.38 22.62
CA SER NA 51 26.57 -105.71 21.96
C SER NA 51 27.80 -105.69 22.85
N MET NA 52 27.57 -105.37 24.11
CA MET NA 52 28.49 -105.60 25.21
C MET NA 52 29.09 -106.99 25.23
N LEU NA 53 28.23 -108.00 25.11
CA LEU NA 53 28.62 -109.40 25.21
C LEU NA 53 29.52 -109.82 24.07
N GLU NA 54 29.14 -109.46 22.84
CA GLU NA 54 29.90 -109.87 21.67
C GLU NA 54 31.23 -109.18 21.62
N MET NA 55 31.33 -107.96 22.15
CA MET NA 55 32.61 -107.28 22.12
C MET NA 55 33.55 -107.90 23.17
N ALA NA 56 33.00 -108.30 24.33
CA ALA NA 56 33.80 -108.95 25.37
C ALA NA 56 34.30 -110.32 24.93
N LYS NA 57 33.46 -111.03 24.16
CA LYS NA 57 33.86 -112.24 23.45
C LYS NA 57 35.03 -112.00 22.51
N VAL NA 58 34.97 -110.89 21.77
CA VAL NA 58 36.04 -110.50 20.85
C VAL NA 58 37.33 -110.19 21.57
N GLU NA 59 37.25 -109.56 22.74
CA GLU NA 59 38.50 -109.20 23.40
C GLU NA 59 39.13 -110.39 24.09
N LYS NA 60 38.30 -111.31 24.60
CA LYS NA 60 38.83 -112.54 25.19
C LYS NA 60 39.43 -113.46 24.14
N VAL NA 61 38.88 -113.49 22.92
CA VAL NA 61 39.54 -114.28 21.90
C VAL NA 61 40.74 -113.55 21.29
N ILE NA 62 40.83 -112.22 21.41
CA ILE NA 62 41.93 -111.61 20.69
C ILE NA 62 43.18 -111.50 21.58
N THR NA 63 43.01 -111.35 22.90
CA THR NA 63 44.16 -111.55 23.76
C THR NA 63 43.62 -112.56 24.75
N PRO NA 64 44.23 -113.73 24.86
CA PRO NA 64 43.83 -114.65 25.91
C PRO NA 64 44.27 -114.12 27.26
N PRO NA 65 43.40 -114.19 28.27
CA PRO NA 65 43.84 -113.89 29.64
C PRO NA 65 44.79 -114.94 30.09
N SER NA 66 46.05 -114.56 30.23
CA SER NA 66 47.06 -115.50 30.70
C SER NA 66 46.85 -115.81 32.17
N LYS NA 67 46.43 -114.82 32.96
CA LYS NA 67 46.59 -114.93 34.39
C LYS NA 67 45.38 -114.36 35.11
N ASP NA 68 44.98 -115.06 36.16
CA ASP NA 68 43.98 -114.63 37.12
C ASP NA 68 44.64 -113.78 38.20
N ASN NA 69 43.85 -113.32 39.16
CA ASN NA 69 44.39 -112.54 40.27
C ASN NA 69 44.26 -113.27 41.60
N THR NA 70 44.01 -114.58 41.59
CA THR NA 70 43.99 -115.29 42.86
C THR NA 70 45.39 -115.59 43.37
N LEU NA 71 46.41 -115.45 42.54
CA LEU NA 71 47.77 -115.47 43.06
C LEU NA 71 48.10 -114.23 43.86
N THR NA 72 47.59 -113.07 43.46
CA THR NA 72 47.95 -111.84 44.14
C THR NA 72 46.92 -111.43 45.18
N ILE NA 73 45.72 -111.98 45.13
CA ILE NA 73 44.79 -111.95 46.24
C ILE NA 73 44.50 -113.41 46.54
N PRO NA 74 45.27 -114.07 47.41
CA PRO NA 74 44.90 -115.43 47.78
C PRO NA 74 44.01 -115.44 49.01
N ASN NA 75 43.25 -116.51 49.15
CA ASN NA 75 42.26 -116.52 50.21
C ASN NA 75 42.89 -116.83 51.56
N ALA NA 76 42.13 -116.58 52.61
CA ALA NA 76 42.62 -116.85 53.94
C ALA NA 76 41.48 -117.24 54.84
N TYR NA 77 41.75 -118.15 55.74
CA TYR NA 77 40.90 -118.30 56.89
C TYR NA 77 41.04 -117.05 57.74
N ASN NA 78 39.90 -116.37 57.91
CA ASN NA 78 39.46 -115.00 58.28
C ASN NA 78 39.34 -114.07 57.06
N LEU NA 79 39.63 -114.54 55.86
CA LEU NA 79 39.11 -113.86 54.67
C LEU NA 79 37.95 -114.64 54.07
N GLN NA 80 37.64 -115.83 54.61
CA GLN NA 80 36.51 -116.64 54.17
C GLN NA 80 35.21 -116.27 54.85
N ALA NA 81 35.13 -115.09 55.45
CA ALA NA 81 33.84 -114.51 55.77
C ALA NA 81 33.15 -114.06 54.49
N ARG NA 82 31.87 -113.76 54.58
CA ARG NA 82 31.13 -113.36 53.41
C ARG NA 82 30.66 -111.94 53.60
N ALA NA 83 30.33 -111.27 52.50
CA ALA NA 83 29.68 -109.98 52.58
C ALA NA 83 28.81 -109.80 51.35
N SER NA 84 27.97 -108.80 51.42
CA SER NA 84 27.10 -108.44 50.32
C SER NA 84 27.20 -106.93 50.27
N VAL NA 85 27.26 -106.33 49.09
CA VAL NA 85 27.64 -104.92 49.00
C VAL NA 85 27.02 -104.26 47.77
N ASP NA 86 26.36 -103.12 47.99
CA ASP NA 86 26.26 -102.12 46.95
C ASP NA 86 27.16 -100.96 47.35
N TRP NA 87 27.82 -100.36 46.37
CA TRP NA 87 28.81 -99.34 46.65
C TRP NA 87 29.03 -98.54 45.39
N SER NA 88 29.21 -97.25 45.53
CA SER NA 88 29.44 -96.44 44.35
C SER NA 88 30.50 -95.37 44.58
N GLY NA 89 31.18 -95.39 45.70
CA GLY NA 89 32.14 -94.36 46.00
C GLY NA 89 33.52 -94.72 45.54
N PRO NA 90 34.52 -94.08 46.12
CA PRO NA 90 35.91 -94.42 45.82
C PRO NA 90 36.31 -95.72 46.48
N ILE NA 91 37.47 -96.22 46.07
CA ILE NA 91 37.91 -97.55 46.44
C ILE NA 91 38.42 -97.62 47.88
N GLU NA 92 38.83 -96.47 48.46
CA GLU NA 92 39.56 -96.41 49.72
C GLU NA 92 38.70 -96.82 50.87
N GLU NA 93 37.51 -96.23 50.93
CA GLU NA 93 36.58 -96.42 52.03
C GLU NA 93 36.04 -97.83 52.03
N LEU NA 94 35.78 -98.36 50.83
CA LEU NA 94 35.27 -99.72 50.71
C LEU NA 94 36.32 -100.74 51.09
N THR NA 95 37.55 -100.58 50.61
CA THR NA 95 38.61 -101.55 50.89
C THR NA 95 39.07 -101.47 52.35
N ALA NA 96 39.01 -100.26 52.94
CA ALA NA 96 39.26 -100.10 54.37
C ALA NA 96 38.18 -100.77 55.21
N ARG NA 97 36.93 -100.73 54.76
CA ARG NA 97 35.89 -101.44 55.48
C ARG NA 97 35.99 -102.96 55.32
N ILE NA 98 36.41 -103.43 54.14
CA ILE NA 98 36.62 -104.86 53.89
C ILE NA 98 37.73 -105.40 54.78
N ALA NA 99 38.84 -104.68 54.86
CA ALA NA 99 39.96 -105.13 55.67
C ALA NA 99 39.72 -104.97 57.16
N LYS NA 100 38.94 -103.95 57.55
CA LYS NA 100 38.55 -103.78 58.95
C LYS NA 100 37.65 -104.90 59.41
N ALA NA 101 36.73 -105.36 58.57
CA ALA NA 101 35.96 -106.53 58.97
C ALA NA 101 36.61 -107.84 58.57
N ALA NA 102 37.75 -107.81 57.91
CA ALA NA 102 38.54 -109.01 57.69
C ALA NA 102 39.60 -109.19 58.76
N HIS NA 103 39.76 -108.19 59.65
CA HIS NA 103 40.84 -108.04 60.62
C HIS NA 103 42.20 -108.05 59.94
N PHE NA 104 42.26 -107.42 58.78
CA PHE NA 104 43.50 -107.20 58.06
C PHE NA 104 43.86 -105.76 58.23
N ARG NA 105 45.11 -105.49 58.52
CA ARG NA 105 45.57 -104.12 58.51
C ARG NA 105 45.68 -103.65 57.08
N PHE NA 106 45.11 -102.49 56.80
CA PHE NA 106 44.97 -101.98 55.45
C PHE NA 106 45.98 -100.87 55.24
N ARG NA 107 46.72 -100.95 54.13
CA ARG NA 107 47.62 -99.88 53.78
C ARG NA 107 47.46 -99.55 52.31
N VAL NA 108 47.92 -98.37 51.94
CA VAL NA 108 47.98 -97.99 50.55
C VAL NA 108 49.44 -97.85 50.17
N LEU NA 109 49.70 -98.07 48.89
CA LEU NA 109 50.97 -97.75 48.27
C LEU NA 109 50.65 -96.85 47.11
N GLY NA 110 51.35 -95.73 46.99
CA GLY NA 110 51.01 -94.78 45.97
C GLY NA 110 49.97 -93.82 46.45
N LYS NA 111 49.87 -92.63 45.88
CA LYS NA 111 48.86 -91.73 46.43
C LYS NA 111 47.67 -91.79 45.53
N SER NA 112 46.56 -91.29 46.04
CA SER NA 112 45.34 -91.20 45.29
C SER NA 112 45.48 -90.14 44.21
N PRO NA 113 44.95 -90.40 43.02
CA PRO NA 113 45.00 -89.41 41.95
C PRO NA 113 44.03 -88.27 42.19
N SER NA 114 44.14 -87.26 41.33
CA SER NA 114 43.37 -86.04 41.49
C SER NA 114 41.90 -86.24 41.19
N VAL NA 115 41.62 -86.99 40.14
CA VAL NA 115 40.29 -87.52 39.95
C VAL NA 115 40.20 -88.69 40.91
N PRO NA 116 39.04 -88.99 41.48
CA PRO NA 116 38.92 -90.23 42.24
C PRO NA 116 38.91 -91.41 41.29
N VAL NA 117 39.36 -92.54 41.79
CA VAL NA 117 39.09 -93.80 41.12
C VAL NA 117 37.84 -94.41 41.76
N LEU NA 118 36.84 -94.61 40.93
CA LEU NA 118 35.50 -94.90 41.40
C LEU NA 118 35.14 -96.32 40.98
N ILE NA 119 34.76 -97.13 41.95
CA ILE NA 119 34.19 -98.41 41.68
C ILE NA 119 32.73 -98.37 42.10
N SER NA 120 31.97 -99.35 41.66
CA SER NA 120 30.55 -99.42 41.98
C SER NA 120 30.19 -100.91 42.02
N ILE NA 121 30.25 -101.48 43.20
CA ILE NA 121 30.11 -102.92 43.38
C ILE NA 121 28.71 -103.18 43.88
N SER NA 122 27.85 -103.79 43.07
CA SER NA 122 26.49 -104.12 43.49
C SER NA 122 26.29 -105.61 43.31
N THR NA 123 26.17 -106.30 44.44
CA THR NA 123 26.25 -107.75 44.49
C THR NA 123 25.79 -108.24 45.85
N LYS NA 124 25.62 -109.55 45.93
CA LYS NA 124 25.00 -110.16 47.10
C LYS NA 124 25.63 -111.52 47.37
N ASP NA 125 26.18 -111.68 48.58
CA ASP NA 125 26.70 -112.92 49.15
C ASP NA 125 27.85 -113.47 48.30
N GLU NA 126 29.02 -112.85 48.44
CA GLU NA 126 30.20 -113.66 48.20
C GLU NA 126 31.28 -113.32 49.21
N SER NA 127 32.35 -114.10 49.15
CA SER NA 127 33.44 -114.05 50.09
C SER NA 127 34.24 -112.79 49.87
N LEU NA 128 34.88 -112.32 50.96
CA LEU NA 128 35.70 -111.12 50.94
C LEU NA 128 36.90 -111.21 50.00
N ALA NA 129 37.42 -112.42 49.76
CA ALA NA 129 38.48 -112.62 48.77
C ALA NA 129 37.99 -112.30 47.36
N GLU NA 130 36.81 -112.79 46.99
CA GLU NA 130 36.33 -112.50 45.64
C GLU NA 130 35.73 -111.12 45.52
N ILE NA 131 35.30 -110.52 46.63
CA ILE NA 131 34.93 -109.10 46.63
C ILE NA 131 36.16 -108.25 46.36
N LEU NA 132 37.29 -108.55 47.01
CA LEU NA 132 38.53 -107.85 46.72
C LEU NA 132 39.06 -108.14 45.33
N ARG NA 133 38.76 -109.32 44.78
CA ARG NA 133 39.17 -109.63 43.43
C ARG NA 133 38.37 -108.86 42.38
N ASP NA 134 37.06 -108.70 42.55
CA ASP NA 134 36.41 -107.89 41.52
C ASP NA 134 36.42 -106.39 41.82
N ILE NA 135 36.79 -105.97 43.04
CA ILE NA 135 37.23 -104.60 43.25
C ILE NA 135 38.51 -104.32 42.49
N ASP NA 136 39.47 -105.26 42.56
CA ASP NA 136 40.73 -105.23 41.83
C ASP NA 136 40.49 -105.22 40.33
N TYR NA 137 39.50 -105.98 39.89
CA TYR NA 137 39.18 -106.01 38.48
C TYR NA 137 38.51 -104.73 38.01
N GLN NA 138 37.55 -104.21 38.80
CA GLN NA 138 36.80 -103.03 38.43
C GLN NA 138 37.66 -101.77 38.42
N ALA NA 139 38.66 -101.71 39.28
CA ALA NA 139 39.66 -100.66 39.14
C ALA NA 139 40.84 -101.18 38.33
N GLY NA 140 40.59 -101.44 37.05
CA GLY NA 140 41.64 -101.93 36.17
C GLY NA 140 42.54 -100.79 35.73
N LYS NA 141 43.86 -100.98 35.91
CA LYS NA 141 44.98 -100.11 35.47
C LYS NA 141 45.05 -98.78 36.27
N LYS NA 142 44.15 -98.55 37.20
CA LYS NA 142 44.20 -97.40 38.08
C LYS NA 142 44.57 -97.76 39.50
N ALA NA 143 44.15 -98.92 40.01
CA ALA NA 143 44.60 -99.43 41.28
C ALA NA 143 44.78 -100.93 41.13
N SER NA 144 45.24 -101.56 42.20
CA SER NA 144 45.26 -103.02 42.31
C SER NA 144 45.31 -103.41 43.77
N ILE NA 145 44.48 -104.38 44.13
CA ILE NA 145 44.46 -104.94 45.46
C ILE NA 145 45.51 -106.03 45.55
N HIS NA 146 46.37 -105.98 46.56
CA HIS NA 146 47.20 -107.11 46.90
C HIS NA 146 46.89 -107.50 48.35
N VAL NA 147 46.98 -108.79 48.64
CA VAL NA 147 46.71 -109.32 49.96
C VAL NA 147 47.89 -110.21 50.34
N TYR NA 148 48.44 -110.00 51.53
CA TYR NA 148 49.50 -110.87 52.03
C TYR NA 148 48.97 -111.69 53.18
N PRO NA 149 48.64 -112.97 53.00
CA PRO NA 149 47.95 -113.72 54.05
C PRO NA 149 48.82 -114.40 55.09
N ASN NA 150 50.14 -114.49 54.93
CA ASN NA 150 50.92 -114.94 56.09
C ASN NA 150 51.19 -113.81 57.05
N SER NA 151 51.13 -112.57 56.57
CA SER NA 151 50.89 -111.41 57.42
C SER NA 151 49.38 -111.18 57.47
N GLN NA 152 48.93 -110.05 57.97
CA GLN NA 152 47.52 -109.72 57.83
C GLN NA 152 47.50 -108.33 57.22
N VAL NA 153 47.75 -108.25 55.92
CA VAL NA 153 47.86 -106.98 55.21
C VAL NA 153 46.97 -107.05 53.98
N VAL NA 154 46.03 -106.13 53.87
CA VAL NA 154 45.43 -105.80 52.58
C VAL NA 154 46.06 -104.50 52.14
N GLU NA 155 46.71 -104.47 50.99
CA GLU NA 155 47.20 -103.22 50.48
C GLU NA 155 46.50 -102.87 49.18
N LEU NA 156 46.40 -101.57 48.94
CA LEU NA 156 45.85 -101.00 47.73
C LEU NA 156 46.96 -100.22 47.07
N ARG NA 157 47.25 -100.55 45.82
CA ARG NA 157 48.29 -99.89 45.07
C ARG NA 157 47.66 -98.98 44.04
N TYR NA 158 48.03 -97.72 44.05
CA TYR NA 158 47.60 -96.84 42.98
C TYR NA 158 48.53 -96.96 41.78
N ALA NA 159 48.11 -96.36 40.67
CA ALA NA 159 48.92 -96.41 39.48
C ALA NA 159 50.01 -95.34 39.50
N LYS NA 160 50.89 -95.42 38.51
CA LYS NA 160 52.09 -94.58 38.40
C LYS NA 160 51.88 -93.37 37.53
N ILE NA 161 50.64 -92.99 37.24
CA ILE NA 161 50.40 -91.98 36.24
C ILE NA 161 49.61 -90.83 36.83
N ALA OA 58 -29.27 -70.60 -11.39
CA ALA OA 58 -28.05 -70.22 -10.70
C ALA OA 58 -27.91 -71.02 -9.41
N LEU OA 59 -29.01 -71.06 -8.64
CA LEU OA 59 -29.08 -71.97 -7.50
C LEU OA 59 -29.10 -73.41 -7.95
N LYS OA 60 -29.67 -73.66 -9.12
CA LYS OA 60 -29.61 -74.97 -9.76
C LYS OA 60 -28.18 -75.33 -10.18
N GLU OA 61 -27.40 -74.32 -10.58
CA GLU OA 61 -26.01 -74.51 -11.00
C GLU OA 61 -25.13 -74.79 -9.80
N THR OA 62 -25.33 -74.07 -8.69
CA THR OA 62 -24.53 -74.39 -7.53
C THR OA 62 -25.02 -75.65 -6.82
N ALA OA 63 -26.26 -76.09 -7.06
CA ALA OA 63 -26.68 -77.42 -6.64
C ALA OA 63 -25.92 -78.51 -7.38
N LEU OA 64 -25.72 -78.32 -8.69
CA LEU OA 64 -24.90 -79.22 -9.50
C LEU OA 64 -23.44 -79.24 -9.04
N SER OA 65 -22.91 -78.07 -8.69
CA SER OA 65 -21.55 -77.99 -8.18
C SER OA 65 -21.37 -78.56 -6.78
N VAL OA 66 -22.42 -78.55 -5.95
CA VAL OA 66 -22.38 -79.31 -4.70
C VAL OA 66 -22.34 -80.80 -4.98
N GLY OA 67 -23.18 -81.28 -5.91
CA GLY OA 67 -23.25 -82.71 -6.19
C GLY OA 67 -22.02 -83.31 -6.86
N ALA OA 68 -21.26 -82.47 -7.59
CA ALA OA 68 -20.11 -82.94 -8.37
C ALA OA 68 -18.97 -83.48 -7.51
N GLN OA 69 -18.54 -82.70 -6.52
CA GLN OA 69 -17.36 -83.10 -5.76
C GLN OA 69 -17.68 -84.21 -4.77
N ALA OA 70 -18.93 -84.27 -4.31
CA ALA OA 70 -19.36 -85.36 -3.47
C ALA OA 70 -19.43 -86.67 -4.24
N GLY OA 71 -19.90 -86.61 -5.50
CA GLY OA 71 -19.90 -87.79 -6.34
C GLY OA 71 -18.51 -88.26 -6.73
N LEU OA 72 -17.60 -87.31 -6.96
CA LEU OA 72 -16.20 -87.61 -7.21
C LEU OA 72 -15.52 -88.28 -6.04
N ALA OA 73 -15.75 -87.78 -4.83
CA ALA OA 73 -15.11 -88.36 -3.66
C ALA OA 73 -15.71 -89.71 -3.28
N TRP OA 74 -17.01 -89.88 -3.52
CA TRP OA 74 -17.65 -91.17 -3.26
C TRP OA 74 -17.17 -92.23 -4.24
N ARG OA 75 -17.07 -91.87 -5.53
CA ARG OA 75 -16.58 -92.81 -6.54
C ARG OA 75 -15.12 -93.13 -6.34
N ALA OA 76 -14.35 -92.14 -5.84
CA ALA OA 76 -12.95 -92.35 -5.47
C ALA OA 76 -12.81 -93.35 -4.34
N LYS OA 77 -13.69 -93.26 -3.33
CA LYS OA 77 -13.73 -94.21 -2.22
C LYS OA 77 -14.02 -95.63 -2.67
N ILE OA 78 -15.09 -95.79 -3.48
CA ILE OA 78 -15.54 -97.10 -3.96
C ILE OA 78 -14.48 -97.78 -4.81
N ILE OA 79 -13.82 -97.03 -5.68
CA ILE OA 79 -12.77 -97.68 -6.43
C ILE OA 79 -11.46 -97.78 -5.65
N ASP OA 80 -11.29 -97.09 -4.52
CA ASP OA 80 -10.11 -97.36 -3.72
C ASP OA 80 -10.19 -98.71 -3.00
N GLU OA 81 -11.34 -99.06 -2.37
CA GLU OA 81 -11.26 -100.41 -1.79
C GLU OA 81 -11.64 -101.45 -2.82
N GLN OA 82 -12.12 -101.04 -3.99
CA GLN OA 82 -12.25 -102.00 -5.06
C GLN OA 82 -10.87 -102.33 -5.65
N LEU OA 83 -9.94 -101.36 -5.64
CA LEU OA 83 -8.54 -101.64 -5.91
C LEU OA 83 -7.91 -102.52 -4.84
N ASN OA 84 -8.19 -102.21 -3.58
CA ASN OA 84 -7.60 -102.96 -2.47
C ASN OA 84 -8.15 -104.35 -2.31
N LYS OA 85 -9.31 -104.63 -2.87
CA LYS OA 85 -9.79 -105.99 -2.92
C LYS OA 85 -8.98 -106.83 -3.91
N GLN OA 86 -8.46 -106.20 -4.95
CA GLN OA 86 -7.66 -106.88 -5.95
C GLN OA 86 -6.19 -106.55 -5.82
N ALA OA 87 -5.71 -106.42 -4.59
CA ALA OA 87 -4.37 -105.93 -4.33
C ALA OA 87 -3.29 -106.91 -4.75
N ARG OA 88 -3.43 -108.20 -4.42
CA ARG OA 88 -2.44 -109.18 -4.84
C ARG OA 88 -2.51 -109.48 -6.33
N ASN OA 89 -3.69 -109.36 -6.91
CA ASN OA 89 -3.87 -109.52 -8.34
C ASN OA 89 -3.17 -108.40 -9.11
N LEU OA 90 -3.21 -107.18 -8.60
CA LEU OA 90 -2.54 -106.09 -9.26
C LEU OA 90 -1.02 -106.12 -9.07
N ASP OA 91 -0.53 -106.69 -7.97
CA ASP OA 91 0.88 -107.02 -7.88
C ASP OA 91 1.29 -108.11 -8.85
N ALA OA 92 0.38 -109.01 -9.20
CA ALA OA 92 0.70 -109.96 -10.24
C ALA OA 92 0.73 -109.30 -11.62
N ILE OA 93 -0.26 -108.44 -11.92
CA ILE OA 93 -0.36 -107.75 -13.21
C ILE OA 93 0.82 -106.80 -13.41
N TYR OA 94 0.93 -105.80 -12.56
CA TYR OA 94 1.91 -104.74 -12.67
C TYR OA 94 3.14 -105.05 -11.82
N ASP OA 95 3.74 -106.18 -12.12
CA ASP OA 95 4.92 -106.66 -11.42
C ASP OA 95 6.12 -105.96 -12.01
N PHE OA 96 6.42 -104.77 -11.49
CA PHE OA 96 7.63 -104.06 -11.93
C PHE OA 96 8.88 -104.64 -11.32
N ASN OA 97 8.73 -105.39 -10.23
CA ASN OA 97 9.81 -105.86 -9.38
C ASN OA 97 10.70 -106.83 -10.11
N SER OA 98 10.12 -107.75 -10.86
CA SER OA 98 10.91 -108.65 -11.65
C SER OA 98 10.96 -108.24 -13.11
N LEU OA 99 10.82 -106.95 -13.38
CA LEU OA 99 11.17 -106.38 -14.66
C LEU OA 99 12.43 -105.57 -14.63
N VAL OA 100 13.01 -105.33 -13.46
CA VAL OA 100 14.18 -104.47 -13.39
C VAL OA 100 15.40 -105.23 -13.86
N LEU OA 101 16.44 -104.47 -14.14
CA LEU OA 101 17.59 -105.02 -14.82
C LEU OA 101 18.58 -105.57 -13.79
N GLU OA 102 19.79 -105.87 -14.25
CA GLU OA 102 20.76 -106.56 -13.41
C GLU OA 102 21.36 -105.70 -12.33
N HIS OA 103 21.44 -104.39 -12.50
CA HIS OA 103 22.02 -103.60 -11.43
C HIS OA 103 20.96 -102.74 -10.81
N ASN OA 104 19.77 -103.34 -10.57
CA ASN OA 104 18.51 -102.71 -10.11
C ASN OA 104 18.16 -101.43 -10.86
N ILE OA 105 18.32 -101.51 -12.17
CA ILE OA 105 18.04 -100.39 -13.05
C ILE OA 105 16.62 -100.55 -13.55
N LEU OA 106 15.82 -99.52 -13.35
CA LEU OA 106 14.50 -99.48 -13.91
C LEU OA 106 14.62 -99.33 -15.41
N PRO OA 107 13.98 -100.22 -16.17
CA PRO OA 107 14.07 -100.19 -17.61
C PRO OA 107 13.30 -99.01 -18.20
N PRO OA 108 13.68 -98.53 -19.39
CA PRO OA 108 13.00 -97.36 -19.95
C PRO OA 108 11.71 -97.74 -20.64
N VAL OA 109 10.90 -96.73 -20.92
CA VAL OA 109 9.59 -96.95 -21.48
C VAL OA 109 9.66 -96.70 -22.98
N LEU OA 110 9.53 -97.75 -23.76
CA LEU OA 110 9.58 -97.60 -25.21
C LEU OA 110 8.17 -97.50 -25.74
N LEU OA 111 7.96 -96.67 -26.72
CA LEU OA 111 6.65 -96.52 -27.30
C LEU OA 111 6.70 -96.96 -28.75
N GLU OA 112 5.76 -97.82 -29.12
CA GLU OA 112 5.62 -98.35 -30.46
C GLU OA 112 4.49 -97.63 -31.15
N GLY OA 113 4.74 -97.13 -32.34
CA GLY OA 113 3.65 -96.65 -33.13
C GLY OA 113 3.81 -97.20 -34.52
N ARG OA 114 2.92 -98.09 -34.92
CA ARG OA 114 3.05 -98.61 -36.26
C ARG OA 114 2.27 -97.75 -37.22
N ASN OA 115 2.76 -97.72 -38.46
CA ASN OA 115 2.01 -97.48 -39.69
C ASN OA 115 1.56 -96.01 -39.73
N THR OA 116 2.55 -95.12 -39.70
CA THR OA 116 2.37 -93.73 -39.30
C THR OA 116 2.31 -92.85 -40.53
N LEU OA 117 1.34 -91.94 -40.57
CA LEU OA 117 1.34 -90.90 -41.58
C LEU OA 117 1.40 -89.55 -40.90
N ASN OA 118 2.12 -88.61 -41.51
CA ASN OA 118 1.93 -87.19 -41.25
C ASN OA 118 1.69 -86.47 -42.56
N LEU OA 119 0.55 -85.81 -42.66
CA LEU OA 119 0.25 -84.88 -43.72
C LEU OA 119 0.89 -83.56 -43.35
N ALA OA 120 2.04 -83.24 -43.97
CA ALA OA 120 2.72 -82.02 -43.53
C ALA OA 120 2.09 -80.79 -44.13
N ASP OA 121 1.83 -80.83 -45.42
CA ASP OA 121 1.13 -79.76 -46.10
C ASP OA 121 0.40 -80.41 -47.26
N ALA OA 122 -0.01 -79.59 -48.22
CA ALA OA 122 -0.66 -80.11 -49.42
C ALA OA 122 0.31 -80.85 -50.31
N GLN OA 123 1.60 -80.49 -50.24
CA GLN OA 123 2.56 -80.98 -51.20
C GLN OA 123 3.21 -82.28 -50.76
N SER OA 124 3.17 -82.62 -49.47
CA SER OA 124 4.04 -83.66 -48.95
C SER OA 124 3.48 -84.36 -47.74
N ILE OA 125 3.60 -85.68 -47.74
CA ILE OA 125 3.36 -86.49 -46.56
C ILE OA 125 4.64 -87.23 -46.23
N ARG OA 126 4.72 -87.70 -45.00
CA ARG OA 126 5.73 -88.67 -44.63
C ARG OA 126 5.04 -89.85 -43.99
N ILE OA 127 5.22 -91.02 -44.54
CA ILE OA 127 4.84 -92.22 -43.84
C ILE OA 127 6.09 -92.87 -43.29
N SER OA 128 5.92 -93.55 -42.18
CA SER OA 128 6.94 -94.46 -41.70
C SER OA 128 6.21 -95.70 -41.24
N ASP OA 129 6.91 -96.82 -41.24
CA ASP OA 129 6.18 -98.03 -40.90
C ASP OA 129 6.11 -98.26 -39.40
N ARG OA 130 7.22 -98.13 -38.69
CA ARG OA 130 7.18 -98.21 -37.24
C ARG OA 130 8.01 -97.08 -36.65
N THR OA 131 7.61 -96.69 -35.46
CA THR OA 131 8.30 -95.65 -34.71
C THR OA 131 8.51 -96.17 -33.30
N TYR OA 132 9.75 -96.19 -32.86
CA TYR OA 132 10.06 -96.51 -31.49
C TYR OA 132 10.63 -95.29 -30.80
N LYS OA 133 10.06 -94.95 -29.66
CA LYS OA 133 10.51 -93.79 -28.92
C LYS OA 133 10.96 -94.23 -27.54
N VAL OA 134 12.11 -93.73 -27.12
CA VAL OA 134 12.54 -93.93 -25.75
C VAL OA 134 11.95 -92.78 -24.93
N ALA OA 135 11.07 -93.11 -24.01
CA ALA OA 135 10.50 -92.15 -23.09
C ALA OA 135 10.85 -92.55 -21.67
N LYS OA 136 11.30 -91.54 -20.92
CA LYS OA 136 11.76 -91.55 -19.52
C LYS OA 136 12.72 -92.71 -19.27
N GLN OA 137 13.93 -92.47 -19.78
CA GLN OA 137 15.09 -93.33 -19.95
C GLN OA 137 15.47 -94.08 -18.68
N ALA OA 138 16.14 -95.23 -18.86
CA ALA OA 138 16.52 -96.16 -17.80
C ALA OA 138 17.40 -95.56 -16.73
N HIS OA 139 17.11 -95.92 -15.49
CA HIS OA 139 17.79 -95.25 -14.40
C HIS OA 139 17.77 -96.12 -13.17
N PHE OA 140 18.68 -95.81 -12.25
CA PHE OA 140 18.91 -96.60 -11.04
C PHE OA 140 17.73 -96.49 -10.10
N ILE OA 141 16.95 -97.53 -9.96
CA ILE OA 141 15.84 -97.46 -9.03
C ILE OA 141 16.28 -98.17 -7.77
N THR OA 142 15.86 -97.68 -6.61
CA THR OA 142 16.18 -98.37 -5.38
C THR OA 142 15.14 -99.45 -5.08
N THR OA 143 13.90 -99.05 -4.89
CA THR OA 143 12.82 -99.98 -4.75
C THR OA 143 11.84 -99.80 -5.91
N PRO OA 144 11.36 -100.90 -6.51
CA PRO OA 144 10.62 -100.82 -7.77
C PRO OA 144 9.25 -100.22 -7.59
N PRO OA 145 8.67 -99.64 -8.64
CA PRO OA 145 7.35 -99.01 -8.49
C PRO OA 145 6.26 -100.03 -8.29
N THR OA 146 5.30 -99.66 -7.49
CA THR OA 146 4.13 -100.49 -7.34
C THR OA 146 3.05 -99.99 -8.28
N TRP OA 147 1.87 -100.58 -8.19
CA TRP OA 147 0.76 -100.00 -8.90
C TRP OA 147 0.14 -98.86 -8.13
N ARG OA 148 0.46 -98.72 -6.85
CA ARG OA 148 -0.25 -97.77 -6.02
C ARG OA 148 0.19 -96.34 -6.24
N GLN OA 149 1.36 -96.11 -6.83
CA GLN OA 149 1.66 -94.73 -7.20
C GLN OA 149 0.92 -94.31 -8.45
N TYR OA 150 0.48 -95.28 -9.23
CA TYR OA 150 -0.04 -94.98 -10.54
C TYR OA 150 -1.56 -95.01 -10.53
N LEU OA 151 -2.16 -95.83 -9.66
CA LEU OA 151 -3.59 -96.12 -9.73
C LEU OA 151 -4.43 -95.56 -8.60
N TRP OA 152 -3.85 -95.24 -7.46
CA TRP OA 152 -4.60 -94.87 -6.27
C TRP OA 152 -5.17 -93.47 -6.42
N MET OA 153 -6.49 -93.34 -6.50
CA MET OA 153 -7.05 -92.00 -6.48
C MET OA 153 -7.19 -91.48 -5.06
N ASP OA 154 -7.25 -90.17 -4.95
CA ASP OA 154 -7.06 -89.49 -3.70
C ASP OA 154 -8.37 -89.38 -2.96
N TYR OA 155 -8.38 -89.83 -1.72
CA TYR OA 155 -9.56 -89.71 -0.88
C TYR OA 155 -9.40 -88.60 0.15
N VAL OA 156 -10.16 -87.55 -0.07
CA VAL OA 156 -10.50 -86.63 0.98
C VAL OA 156 -11.99 -86.76 1.23
N LYS OA 157 -12.41 -86.47 2.45
CA LYS OA 157 -13.82 -86.60 2.82
C LYS OA 157 -14.38 -85.19 2.82
N PRO OA 158 -15.21 -84.81 1.85
CA PRO OA 158 -15.64 -83.41 1.74
C PRO OA 158 -16.74 -83.10 2.75
N GLU OA 159 -16.47 -82.14 3.62
CA GLU OA 159 -17.38 -81.77 4.69
C GLU OA 159 -18.11 -80.47 4.40
N ALA OA 160 -18.22 -80.09 3.14
CA ALA OA 160 -18.83 -78.81 2.79
C ALA OA 160 -20.17 -79.03 2.11
N PRO OA 161 -21.30 -78.81 2.77
CA PRO OA 161 -22.58 -78.88 2.08
C PRO OA 161 -22.84 -77.61 1.27
N LYS OA 173 -34.82 -76.94 -3.95
CA LYS OA 173 -35.30 -78.13 -3.25
C LYS OA 173 -35.44 -79.29 -4.22
N GLU OA 174 -36.48 -79.25 -5.04
CA GLU OA 174 -36.72 -80.29 -6.03
C GLU OA 174 -35.74 -80.19 -7.20
N ILE OA 175 -35.43 -78.96 -7.61
CA ILE OA 175 -34.45 -78.71 -8.67
C ILE OA 175 -33.06 -78.97 -8.14
N TRP OA 176 -32.86 -78.67 -6.85
CA TRP OA 176 -31.65 -79.06 -6.12
C TRP OA 176 -31.44 -80.56 -6.10
N CYS OA 177 -32.52 -81.32 -5.92
CA CYS OA 177 -32.42 -82.77 -5.84
C CYS OA 177 -32.13 -83.40 -7.20
N ILE OA 178 -32.80 -82.91 -8.25
CA ILE OA 178 -32.52 -83.49 -9.57
C ILE OA 178 -31.16 -83.05 -10.12
N TYR OA 179 -30.69 -81.84 -9.80
CA TYR OA 179 -29.37 -81.52 -10.29
C TYR OA 179 -28.27 -81.97 -9.35
N THR OA 180 -28.59 -82.37 -8.11
CA THR OA 180 -27.52 -83.00 -7.36
C THR OA 180 -27.41 -84.48 -7.75
N GLU OA 181 -28.46 -85.08 -8.33
CA GLU OA 181 -28.24 -86.36 -8.96
C GLU OA 181 -27.49 -86.26 -10.28
N ARG OA 182 -27.73 -85.21 -11.07
CA ARG OA 182 -26.94 -85.07 -12.29
C ARG OA 182 -25.53 -84.56 -12.00
N GLY OA 183 -25.34 -83.81 -10.92
CA GLY OA 183 -24.01 -83.56 -10.41
C GLY OA 183 -23.33 -84.80 -9.86
N TRP OA 184 -24.10 -85.71 -9.27
CA TRP OA 184 -23.55 -86.92 -8.69
C TRP OA 184 -23.05 -87.88 -9.76
N LYS OA 185 -23.80 -88.04 -10.86
CA LYS OA 185 -23.24 -88.85 -11.95
C LYS OA 185 -22.16 -88.12 -12.73
N ASN OA 186 -22.15 -86.78 -12.72
CA ASN OA 186 -21.03 -86.06 -13.33
C ASN OA 186 -19.75 -86.24 -12.54
N GLY OA 187 -19.85 -86.25 -11.21
CA GLY OA 187 -18.71 -86.57 -10.38
C GLY OA 187 -18.26 -88.01 -10.50
N ILE OA 188 -19.23 -88.93 -10.68
CA ILE OA 188 -18.91 -90.35 -10.83
C ILE OA 188 -18.16 -90.61 -12.12
N ASP OA 189 -18.65 -90.10 -13.27
CA ASP OA 189 -17.94 -90.43 -14.49
C ASP OA 189 -16.71 -89.56 -14.70
N GLN OA 190 -16.60 -88.44 -14.00
CA GLN OA 190 -15.37 -87.70 -14.05
C GLN OA 190 -14.27 -88.38 -13.22
N ALA OA 191 -14.65 -89.02 -12.11
CA ALA OA 191 -13.71 -89.88 -11.39
C ALA OA 191 -13.33 -91.13 -12.17
N ASN OA 192 -14.27 -91.66 -12.95
CA ASN OA 192 -14.00 -92.74 -13.89
C ASN OA 192 -13.01 -92.35 -14.98
N THR OA 193 -13.05 -91.10 -15.47
CA THR OA 193 -12.05 -90.72 -16.45
C THR OA 193 -10.67 -90.51 -15.84
N ILE OA 194 -10.63 -90.08 -14.56
CA ILE OA 194 -9.35 -89.99 -13.86
C ILE OA 194 -8.73 -91.36 -13.66
N LEU OA 195 -9.56 -92.34 -13.28
CA LEU OA 195 -9.12 -93.73 -13.14
C LEU OA 195 -8.72 -94.35 -14.48
N GLU OA 196 -9.42 -93.99 -15.56
CA GLU OA 196 -9.11 -94.46 -16.90
C GLU OA 196 -7.75 -93.96 -17.37
N GLU OA 197 -7.43 -92.71 -17.06
CA GLU OA 197 -6.08 -92.22 -17.36
C GLU OA 197 -5.02 -92.80 -16.45
N ASN OA 198 -5.39 -93.18 -15.22
CA ASN OA 198 -4.42 -93.81 -14.32
C ASN OA 198 -4.02 -95.21 -14.78
N ILE OA 199 -5.02 -96.01 -15.17
CA ILE OA 199 -4.82 -97.28 -15.87
C ILE OA 199 -4.08 -97.12 -17.19
N ALA OA 200 -4.34 -96.04 -17.90
CA ALA OA 200 -3.64 -95.74 -19.14
C ALA OA 200 -2.17 -95.43 -18.92
N ARG OA 201 -1.86 -94.73 -17.84
CA ARG OA 201 -0.48 -94.38 -17.53
C ARG OA 201 0.32 -95.59 -17.08
N ILE OA 202 -0.30 -96.46 -16.27
CA ILE OA 202 0.42 -97.67 -15.86
C ILE OA 202 0.54 -98.66 -17.01
N LYS OA 203 -0.38 -98.64 -17.97
CA LYS OA 203 -0.27 -99.52 -19.11
C LYS OA 203 0.78 -99.05 -20.10
N GLU OA 204 0.89 -97.71 -20.28
CA GLU OA 204 2.03 -97.09 -20.96
C GLU OA 204 3.37 -97.46 -20.36
N ASP OA 205 3.52 -97.25 -19.05
CA ASP OA 205 4.82 -97.40 -18.41
C ASP OA 205 5.27 -98.85 -18.34
N PHE OA 206 4.34 -99.74 -17.99
CA PHE OA 206 4.67 -101.14 -17.84
C PHE OA 206 4.88 -101.77 -19.21
N GLY OA 207 3.98 -101.52 -20.18
CA GLY OA 207 4.16 -102.09 -21.51
C GLY OA 207 5.30 -101.48 -22.29
N GLY OA 208 5.75 -100.29 -21.90
CA GLY OA 208 7.01 -99.78 -22.40
C GLY OA 208 8.21 -100.56 -21.92
N MET OA 209 8.18 -100.99 -20.66
CA MET OA 209 9.28 -101.83 -20.16
C MET OA 209 9.24 -103.23 -20.80
N ILE OA 210 8.03 -103.69 -21.11
CA ILE OA 210 7.86 -104.96 -21.81
C ILE OA 210 8.35 -104.85 -23.25
N LEU OA 211 8.13 -103.69 -23.84
CA LEU OA 211 8.57 -103.41 -25.18
C LEU OA 211 10.09 -103.26 -25.25
N TYR OA 212 10.72 -102.86 -24.12
CA TYR OA 212 12.18 -102.91 -24.04
C TYR OA 212 12.59 -104.37 -24.14
N ARG OA 213 12.00 -105.24 -23.31
CA ARG OA 213 12.50 -106.61 -23.19
C ARG OA 213 12.28 -107.42 -24.46
N LYS OA 214 11.24 -107.06 -25.22
CA LYS OA 214 11.17 -107.38 -26.65
C LYS OA 214 12.35 -106.86 -27.44
N LEU OA 215 12.65 -105.56 -27.36
CA LEU OA 215 13.71 -105.06 -28.24
C LEU OA 215 15.12 -105.34 -27.73
N LEU OA 216 15.26 -105.75 -26.48
CA LEU OA 216 16.56 -106.15 -25.97
C LEU OA 216 16.84 -107.57 -26.39
N ALA OA 217 15.80 -108.41 -26.40
CA ALA OA 217 15.90 -109.66 -27.14
C ALA OA 217 16.12 -109.41 -28.61
N MET OA 218 15.39 -108.47 -29.18
CA MET OA 218 15.32 -108.31 -30.62
C MET OA 218 16.36 -107.35 -31.15
N ASN OA 219 17.32 -106.97 -30.30
CA ASN OA 219 18.57 -106.28 -30.62
C ASN OA 219 18.36 -104.89 -31.22
N MET OA 220 17.23 -104.27 -30.94
CA MET OA 220 17.01 -102.92 -31.42
C MET OA 220 17.44 -101.86 -30.43
N VAL OA 221 17.76 -102.25 -29.20
CA VAL OA 221 18.30 -101.36 -28.19
C VAL OA 221 19.57 -101.94 -27.60
N SER OA 222 20.34 -101.07 -26.98
CA SER OA 222 21.46 -101.50 -26.18
C SER OA 222 20.99 -101.83 -24.77
N PRO OA 223 21.63 -102.76 -24.08
CA PRO OA 223 21.46 -102.85 -22.62
C PRO OA 223 22.27 -101.74 -21.97
N PRO OA 224 21.99 -101.37 -20.70
CA PRO OA 224 22.83 -100.34 -20.09
C PRO OA 224 24.17 -100.92 -19.70
N TYR OA 225 25.20 -100.11 -19.87
CA TYR OA 225 26.53 -100.59 -19.52
C TYR OA 225 26.88 -99.87 -18.23
N VAL OA 226 26.90 -100.63 -17.17
CA VAL OA 226 27.33 -100.15 -15.88
C VAL OA 226 28.85 -100.18 -15.79
N SER OA 227 29.36 -99.45 -14.82
CA SER OA 227 30.77 -99.47 -14.46
C SER OA 227 30.83 -99.44 -12.95
N HIS OA 228 31.46 -100.44 -12.36
CA HIS OA 228 31.69 -100.43 -10.93
C HIS OA 228 33.16 -100.12 -10.63
N THR OA 229 33.43 -98.88 -10.29
CA THR OA 229 34.75 -98.52 -9.80
C THR OA 229 34.78 -98.92 -8.33
N ASP OA 230 35.45 -100.03 -8.05
CA ASP OA 230 35.64 -100.48 -6.69
C ASP OA 230 36.68 -99.59 -6.06
N LEU OA 231 36.45 -99.26 -4.80
CA LEU OA 231 37.39 -98.52 -3.99
C LEU OA 231 37.56 -99.28 -2.70
N GLY OA 232 38.76 -99.20 -2.13
CA GLY OA 232 38.99 -99.85 -0.87
C GLY OA 232 38.49 -99.04 0.31
N VAL OA 233 39.27 -99.00 1.36
CA VAL OA 233 38.88 -98.23 2.53
C VAL OA 233 39.10 -96.76 2.25
N THR OA 234 38.11 -95.96 2.60
CA THR OA 234 37.94 -94.66 2.01
C THR OA 234 37.64 -93.64 3.07
N GLY OA 235 38.43 -92.59 3.11
CA GLY OA 235 38.12 -91.44 3.91
C GLY OA 235 39.31 -91.03 4.75
N ASP OA 236 39.04 -90.08 5.62
CA ASP OA 236 40.01 -89.66 6.61
C ASP OA 236 39.91 -90.55 7.85
N GLY OA 237 40.50 -90.11 8.95
CA GLY OA 237 40.38 -90.89 10.15
C GLY OA 237 39.15 -90.61 10.97
N SER OA 238 38.34 -89.65 10.57
CA SER OA 238 37.10 -89.44 11.30
C SER OA 238 35.95 -90.24 10.72
N GLU OA 239 36.15 -90.86 9.57
CA GLU OA 239 35.07 -91.47 8.81
C GLU OA 239 35.69 -92.46 7.85
N ILE OA 240 35.37 -93.74 8.00
CA ILE OA 240 35.81 -94.70 6.99
C ILE OA 240 34.58 -95.39 6.41
N HIS OA 241 34.71 -95.73 5.15
CA HIS OA 241 33.80 -96.63 4.47
C HIS OA 241 34.66 -97.73 3.90
N ILE OA 242 34.28 -98.97 4.18
CA ILE OA 242 35.24 -100.05 4.07
C ILE OA 242 35.29 -100.58 2.65
N ASP OA 243 34.19 -101.08 2.13
CA ASP OA 243 34.15 -101.54 0.75
C ASP OA 243 33.33 -100.55 -0.05
N ASP OA 244 34.01 -99.68 -0.79
CA ASP OA 244 33.42 -98.47 -1.31
C ASP OA 244 33.27 -98.59 -2.83
N ARG OA 245 32.14 -99.12 -3.27
CA ARG OA 245 31.93 -99.34 -4.68
C ARG OA 245 31.06 -98.24 -5.26
N VAL OA 246 31.57 -97.52 -6.24
CA VAL OA 246 30.81 -96.51 -6.94
C VAL OA 246 30.32 -97.11 -8.25
N LEU OA 247 29.01 -97.12 -8.44
CA LEU OA 247 28.40 -97.73 -9.61
C LEU OA 247 27.80 -96.64 -10.46
N ARG OA 248 28.19 -96.58 -11.72
CA ARG OA 248 27.65 -95.62 -12.65
C ARG OA 248 27.04 -96.34 -13.84
N ILE OA 249 26.12 -95.68 -14.49
CA ILE OA 249 25.68 -96.06 -15.81
C ILE OA 249 26.45 -95.21 -16.79
N THR OA 250 27.23 -95.85 -17.65
CA THR OA 250 27.96 -95.14 -18.68
C THR OA 250 27.14 -95.03 -19.95
N ALA OA 251 26.68 -96.16 -20.46
CA ALA OA 251 25.93 -96.21 -21.70
C ALA OA 251 24.47 -96.40 -21.36
N LEU OA 252 23.64 -95.54 -21.87
CA LEU OA 252 22.23 -95.69 -21.58
C LEU OA 252 21.64 -96.68 -22.57
N PRO OA 253 20.51 -97.30 -22.25
CA PRO OA 253 19.81 -98.10 -23.26
C PRO OA 253 19.24 -97.22 -24.33
N GLU OA 254 19.41 -97.65 -25.57
CA GLU OA 254 19.49 -96.67 -26.63
C GLU OA 254 19.30 -97.46 -27.93
N LEU OA 255 18.41 -96.99 -28.80
CA LEU OA 255 18.05 -97.73 -30.02
C LEU OA 255 19.16 -97.67 -31.05
N ASN OA 256 19.59 -98.82 -31.56
CA ASN OA 256 20.63 -98.75 -32.59
C ASN OA 256 20.00 -98.54 -33.95
N VAL OA 257 20.64 -97.70 -34.75
CA VAL OA 257 20.21 -97.47 -36.11
C VAL OA 257 21.02 -98.27 -37.09
N ASN OA 258 22.10 -98.90 -36.65
CA ASN OA 258 22.89 -99.73 -37.54
C ASN OA 258 22.03 -100.99 -37.47
N SER OA 259 21.28 -101.25 -38.54
CA SER OA 259 20.10 -102.07 -38.40
C SER OA 259 20.30 -103.50 -38.87
N ALA OA 260 21.49 -103.83 -39.35
CA ALA OA 260 21.73 -105.17 -39.89
C ALA OA 260 21.82 -106.24 -38.80
N GLU OA 261 22.09 -105.88 -37.56
CA GLU OA 261 22.15 -106.85 -36.47
C GLU OA 261 20.85 -106.98 -35.73
N TRP OA 262 19.75 -106.58 -36.35
CA TRP OA 262 18.46 -106.69 -35.71
C TRP OA 262 17.99 -108.13 -35.74
N ARG OA 263 16.91 -108.39 -35.02
CA ARG OA 263 16.36 -109.72 -34.95
C ARG OA 263 14.93 -109.60 -35.44
N ALA OA 264 14.19 -110.69 -35.35
CA ALA OA 264 12.85 -110.84 -35.91
C ALA OA 264 12.15 -111.94 -35.12
N ALA OA 265 10.90 -111.72 -34.78
CA ALA OA 265 10.25 -112.55 -33.78
C ALA OA 265 9.64 -113.85 -34.28
N VAL OA 266 10.38 -114.71 -34.99
CA VAL OA 266 9.73 -115.88 -35.56
C VAL OA 266 9.71 -117.03 -34.56
N ALA OA 267 8.50 -117.57 -34.33
CA ALA OA 267 8.29 -118.63 -33.35
C ALA OA 267 7.59 -119.77 -34.05
N LYS OA 268 7.11 -120.74 -33.28
CA LYS OA 268 6.35 -121.86 -33.84
C LYS OA 268 5.05 -122.08 -33.11
N PHE PA 25 -22.25 -128.08 5.59
CA PHE PA 25 -22.26 -127.10 4.50
C PHE PA 25 -20.98 -126.26 4.46
N LYS PA 26 -20.54 -125.94 3.25
CA LYS PA 26 -19.32 -125.20 2.96
C LYS PA 26 -19.68 -123.91 2.22
N LYS PA 27 -18.67 -123.13 1.84
CA LYS PA 27 -18.79 -121.79 1.26
C LYS PA 27 -18.08 -121.64 -0.07
N PRO PA 28 -18.32 -120.54 -0.80
CA PRO PA 28 -17.32 -120.09 -1.75
C PRO PA 28 -16.14 -119.48 -1.01
N PRO PA 29 -14.99 -119.33 -1.66
CA PRO PA 29 -13.91 -118.55 -1.09
C PRO PA 29 -14.25 -117.08 -0.93
N ILE PA 30 -13.53 -116.44 0.00
CA ILE PA 30 -14.01 -115.17 0.52
C ILE PA 30 -13.68 -114.03 -0.41
N ASN PA 31 -12.43 -113.90 -0.82
CA ASN PA 31 -12.11 -113.03 -1.95
C ASN PA 31 -11.96 -113.86 -3.21
N ASN PA 32 -13.04 -114.53 -3.55
CA ASN PA 32 -13.08 -115.32 -4.75
C ASN PA 32 -13.31 -114.42 -5.95
N PRO PA 33 -12.83 -114.81 -7.11
CA PRO PA 33 -13.34 -114.22 -8.35
C PRO PA 33 -14.75 -114.72 -8.63
N SER PA 34 -15.73 -114.03 -8.06
CA SER PA 34 -17.13 -114.40 -8.17
C SER PA 34 -17.88 -113.49 -9.11
N ASP PA 35 -17.16 -112.75 -9.95
CA ASP PA 35 -17.72 -111.59 -10.63
C ASP PA 35 -17.10 -111.57 -12.01
N ASP PA 36 -17.89 -111.17 -13.01
CA ASP PA 36 -17.53 -111.40 -14.40
C ASP PA 36 -16.37 -110.54 -14.91
N ALA PA 37 -16.04 -109.46 -14.20
CA ALA PA 37 -14.84 -108.70 -14.51
C ALA PA 37 -13.65 -109.15 -13.70
N THR PA 38 -13.88 -109.48 -12.42
CA THR PA 38 -12.80 -109.88 -11.54
C THR PA 38 -12.26 -111.25 -11.87
N ILE PA 39 -13.10 -112.10 -12.47
CA ILE PA 39 -12.58 -113.31 -13.09
C ILE PA 39 -11.61 -112.98 -14.21
N LYS PA 40 -11.89 -111.94 -15.03
CA LYS PA 40 -11.06 -111.66 -16.20
C LYS PA 40 -9.75 -111.06 -15.79
N LEU PA 41 -9.81 -110.29 -14.70
CA LEU PA 41 -8.62 -109.70 -14.12
C LEU PA 41 -7.77 -110.80 -13.49
N ALA PA 42 -8.40 -111.78 -12.83
CA ALA PA 42 -7.60 -112.78 -12.16
C ALA PA 42 -7.08 -113.87 -13.10
N GLU PA 43 -7.77 -114.18 -14.20
CA GLU PA 43 -7.16 -115.12 -15.15
C GLU PA 43 -6.06 -114.44 -15.95
N ALA PA 44 -6.17 -113.11 -16.10
CA ALA PA 44 -5.05 -112.37 -16.65
C ALA PA 44 -3.89 -112.33 -15.67
N ALA PA 45 -4.19 -112.35 -14.37
CA ALA PA 45 -3.13 -112.39 -13.35
C ALA PA 45 -2.41 -113.73 -13.34
N VAL PA 46 -3.15 -114.82 -13.51
CA VAL PA 46 -2.57 -116.15 -13.68
C VAL PA 46 -1.71 -116.21 -14.94
N SER PA 47 -2.19 -115.61 -16.02
CA SER PA 47 -1.41 -115.62 -17.26
C SER PA 47 -0.21 -114.69 -17.24
N VAL PA 48 -0.26 -113.58 -16.51
CA VAL PA 48 0.93 -112.73 -16.49
C VAL PA 48 1.93 -113.28 -15.49
N SER PA 49 1.47 -113.99 -14.45
CA SER PA 49 2.39 -114.59 -13.51
C SER PA 49 3.08 -115.81 -14.06
N ASP PA 50 2.39 -116.64 -14.86
CA ASP PA 50 3.15 -117.75 -15.39
C ASP PA 50 3.99 -117.30 -16.58
N SER PA 51 3.59 -116.24 -17.29
CA SER PA 51 4.47 -115.76 -18.36
C SER PA 51 5.70 -114.97 -17.87
N MET PA 52 5.60 -114.21 -16.76
CA MET PA 52 6.73 -113.94 -15.85
C MET PA 52 7.61 -115.13 -15.53
N LEU PA 53 7.00 -116.28 -15.18
CA LEU PA 53 7.81 -117.42 -14.77
C LEU PA 53 8.63 -117.98 -15.93
N GLU PA 54 8.11 -118.04 -17.16
CA GLU PA 54 9.04 -118.58 -18.16
C GLU PA 54 9.91 -117.49 -18.79
N MET PA 55 9.62 -116.19 -18.54
CA MET PA 55 10.66 -115.16 -18.68
C MET PA 55 11.85 -115.46 -17.77
N ALA PA 56 11.55 -115.82 -16.53
CA ALA PA 56 12.61 -116.16 -15.58
C ALA PA 56 13.30 -117.47 -15.93
N LYS PA 57 12.57 -118.42 -16.52
CA LYS PA 57 13.18 -119.67 -16.98
C LYS PA 57 14.09 -119.44 -18.17
N VAL PA 58 13.78 -118.48 -19.03
CA VAL PA 58 14.66 -118.29 -20.17
C VAL PA 58 15.87 -117.41 -19.81
N GLU PA 59 15.74 -116.43 -18.92
CA GLU PA 59 16.92 -115.61 -18.59
C GLU PA 59 17.67 -116.07 -17.38
N LYS PA 60 17.19 -117.10 -16.67
CA LYS PA 60 17.86 -117.49 -15.43
C LYS PA 60 19.08 -118.31 -15.80
N VAL PA 61 20.24 -117.67 -15.76
CA VAL PA 61 21.49 -118.42 -15.78
C VAL PA 61 21.68 -119.03 -14.41
N ILE PA 62 21.98 -120.33 -14.38
CA ILE PA 62 22.40 -120.98 -13.15
C ILE PA 62 23.70 -121.69 -13.42
N THR PA 63 24.23 -122.35 -12.40
CA THR PA 63 25.36 -123.21 -12.64
C THR PA 63 24.93 -124.66 -12.50
N PRO PA 64 25.54 -125.58 -13.26
CA PRO PA 64 25.44 -126.99 -12.90
C PRO PA 64 26.25 -127.26 -11.66
N PRO PA 65 25.79 -128.17 -10.78
CA PRO PA 65 26.47 -128.36 -9.49
C PRO PA 65 27.78 -129.11 -9.56
N SER PA 66 28.03 -129.82 -10.66
CA SER PA 66 29.31 -130.45 -10.89
C SER PA 66 30.33 -129.49 -11.47
N LYS PA 67 29.92 -128.29 -11.86
CA LYS PA 67 30.78 -127.28 -12.45
C LYS PA 67 30.53 -125.93 -11.82
N ASP PA 68 30.50 -125.88 -10.50
CA ASP PA 68 30.07 -124.67 -9.81
C ASP PA 68 31.20 -123.76 -9.35
N ASN PA 69 32.45 -124.26 -9.39
CA ASN PA 69 33.75 -123.63 -9.11
C ASN PA 69 33.98 -123.37 -7.61
N THR PA 70 32.98 -123.53 -6.77
CA THR PA 70 33.06 -123.09 -5.39
C THR PA 70 33.65 -124.19 -4.51
N LEU PA 71 34.04 -123.78 -3.30
CA LEU PA 71 34.64 -124.71 -2.36
C LEU PA 71 33.58 -125.59 -1.74
N THR PA 72 33.87 -126.88 -1.66
CA THR PA 72 32.99 -127.81 -0.99
C THR PA 72 33.25 -127.80 0.51
N ILE PA 73 32.60 -128.69 1.23
CA ILE PA 73 32.86 -128.78 2.66
C ILE PA 73 33.99 -129.78 2.85
N PRO PA 74 35.12 -129.38 3.44
CA PRO PA 74 36.28 -130.27 3.48
C PRO PA 74 36.29 -131.29 4.61
N ASN PA 75 35.18 -131.43 5.33
CA ASN PA 75 34.71 -132.45 6.28
C ASN PA 75 35.75 -132.93 7.31
N ALA PA 76 36.75 -132.12 7.63
CA ALA PA 76 37.68 -132.45 8.71
C ALA PA 76 37.10 -131.98 10.03
N TYR PA 77 37.41 -132.75 11.09
CA TYR PA 77 36.79 -132.57 12.41
C TYR PA 77 37.18 -131.24 13.06
N ASN PA 78 38.36 -130.74 12.75
CA ASN PA 78 38.71 -129.39 13.18
C ASN PA 78 37.93 -128.34 12.39
N LEU PA 79 37.60 -128.63 11.14
CA LEU PA 79 36.84 -127.67 10.35
C LEU PA 79 35.36 -127.72 10.61
N GLN PA 80 34.86 -128.75 11.30
CA GLN PA 80 33.49 -128.71 11.77
C GLN PA 80 33.35 -128.10 13.16
N ALA PA 81 34.32 -127.29 13.58
CA ALA PA 81 34.21 -126.55 14.82
C ALA PA 81 33.26 -125.39 14.63
N ARG PA 82 32.66 -124.95 15.73
CA ARG PA 82 31.48 -124.11 15.67
C ARG PA 82 31.82 -122.71 16.15
N ALA PA 83 31.78 -121.74 15.23
CA ALA PA 83 32.51 -120.48 15.39
C ALA PA 83 31.64 -119.29 15.04
N SER PA 84 32.13 -118.08 15.37
CA SER PA 84 31.33 -116.86 15.27
C SER PA 84 32.21 -115.67 14.96
N VAL PA 85 31.91 -114.94 13.88
CA VAL PA 85 32.77 -113.86 13.41
C VAL PA 85 31.95 -112.71 12.81
N ASP PA 86 32.25 -111.48 13.24
CA ASP PA 86 31.67 -110.25 12.72
C ASP PA 86 32.77 -109.38 12.16
N TRP PA 87 32.73 -109.11 10.85
CA TRP PA 87 33.86 -108.43 10.22
C TRP PA 87 33.47 -108.05 8.80
N SER PA 88 34.02 -106.95 8.32
CA SER PA 88 34.27 -106.78 6.90
C SER PA 88 35.68 -106.26 6.70
N GLY PA 89 36.45 -106.91 5.82
CA GLY PA 89 37.74 -106.39 5.45
C GLY PA 89 38.58 -107.31 4.57
N PRO PA 90 39.90 -107.29 4.73
CA PRO PA 90 40.78 -108.01 3.80
C PRO PA 90 40.99 -109.48 4.14
N ILE PA 91 40.83 -110.31 3.11
CA ILE PA 91 40.50 -111.73 3.16
C ILE PA 91 41.55 -112.63 3.84
N GLU PA 92 42.82 -112.27 3.70
CA GLU PA 92 43.96 -113.10 4.08
C GLU PA 92 44.10 -113.16 5.57
N GLU PA 93 43.64 -112.11 6.22
CA GLU PA 93 43.75 -112.00 7.63
C GLU PA 93 42.70 -112.85 8.29
N LEU PA 94 41.58 -113.09 7.60
CA LEU PA 94 40.61 -114.04 8.12
C LEU PA 94 41.11 -115.44 8.01
N THR PA 95 41.44 -115.86 6.79
CA THR PA 95 41.83 -117.24 6.53
C THR PA 95 43.15 -117.64 7.19
N ALA PA 96 44.01 -116.66 7.48
CA ALA PA 96 45.00 -116.78 8.53
C ALA PA 96 44.37 -117.10 9.87
N ARG PA 97 43.27 -116.41 10.27
CA ARG PA 97 42.96 -116.69 11.66
C ARG PA 97 41.98 -117.82 11.79
N ILE PA 98 41.31 -118.19 10.71
CA ILE PA 98 40.58 -119.44 10.58
C ILE PA 98 41.52 -120.61 10.64
N ALA PA 99 42.67 -120.50 9.98
CA ALA PA 99 43.69 -121.53 10.05
C ALA PA 99 44.24 -121.69 11.45
N LYS PA 100 44.53 -120.59 12.13
CA LYS PA 100 45.01 -120.80 13.49
C LYS PA 100 43.89 -121.01 14.50
N ALA PA 101 42.64 -120.79 14.11
CA ALA PA 101 41.54 -121.25 14.94
C ALA PA 101 41.27 -122.73 14.73
N ALA PA 102 41.45 -123.20 13.51
CA ALA PA 102 41.20 -124.58 13.14
C ALA PA 102 42.41 -125.46 13.34
N HIS PA 103 43.50 -124.88 13.87
CA HIS PA 103 44.82 -125.51 14.04
C HIS PA 103 45.37 -126.01 12.70
N PHE PA 104 45.18 -125.20 11.68
CA PHE PA 104 45.64 -125.50 10.34
C PHE PA 104 46.76 -124.54 9.99
N ARG PA 105 47.64 -124.96 9.11
CA ARG PA 105 48.60 -124.00 8.60
C ARG PA 105 47.94 -123.16 7.52
N PHE PA 106 48.56 -122.02 7.24
CA PHE PA 106 48.00 -121.05 6.30
C PHE PA 106 49.04 -120.69 5.27
N ARG PA 107 48.83 -121.11 4.04
CA ARG PA 107 49.71 -120.72 2.96
C ARG PA 107 49.01 -119.70 2.08
N VAL PA 108 49.79 -118.81 1.48
CA VAL PA 108 49.28 -117.94 0.44
C VAL PA 108 50.09 -118.18 -0.83
N LEU PA 109 49.39 -118.40 -1.93
CA LEU PA 109 49.98 -118.42 -3.25
C LEU PA 109 49.49 -117.17 -3.96
N GLY PA 110 50.39 -116.49 -4.65
CA GLY PA 110 50.00 -115.34 -5.42
C GLY PA 110 50.23 -114.05 -4.66
N LYS PA 111 49.76 -112.98 -5.28
CA LYS PA 111 50.11 -111.62 -4.91
C LYS PA 111 48.84 -110.87 -4.59
N SER PA 112 48.75 -110.33 -3.39
CA SER PA 112 47.57 -109.52 -3.11
C SER PA 112 47.72 -108.15 -3.75
N PRO PA 113 46.70 -107.64 -4.43
CA PRO PA 113 46.85 -106.37 -5.14
C PRO PA 113 46.76 -105.18 -4.19
N SER PA 114 46.87 -103.98 -4.79
CA SER PA 114 46.94 -102.74 -4.01
C SER PA 114 45.60 -102.40 -3.40
N VAL PA 115 44.53 -102.48 -4.18
CA VAL PA 115 43.21 -102.57 -3.56
C VAL PA 115 43.02 -104.00 -3.04
N PRO PA 116 42.66 -104.17 -1.78
CA PRO PA 116 42.55 -105.52 -1.22
C PRO PA 116 41.25 -106.17 -1.61
N VAL PA 117 41.26 -107.49 -1.58
CA VAL PA 117 40.03 -108.25 -1.77
C VAL PA 117 39.24 -108.15 -0.48
N LEU PA 118 38.13 -107.46 -0.54
CA LEU PA 118 37.37 -107.10 0.65
C LEU PA 118 36.14 -107.98 0.72
N ILE PA 119 35.86 -108.52 1.90
CA ILE PA 119 34.75 -109.45 2.08
C ILE PA 119 33.90 -108.93 3.23
N SER PA 120 32.86 -109.68 3.60
CA SER PA 120 32.11 -109.38 4.84
C SER PA 120 31.44 -110.64 5.36
N ILE PA 121 31.80 -111.06 6.57
CA ILE PA 121 31.06 -112.11 7.26
C ILE PA 121 30.54 -111.54 8.57
N SER PA 122 29.24 -111.59 8.78
CA SER PA 122 28.67 -111.22 10.07
C SER PA 122 27.74 -112.35 10.52
N THR PA 123 28.31 -113.35 11.19
CA THR PA 123 27.59 -114.48 11.76
C THR PA 123 27.94 -114.62 13.22
N LYS PA 124 26.98 -115.06 14.04
CA LYS PA 124 27.31 -115.16 15.45
C LYS PA 124 27.07 -116.52 16.09
N ASP PA 125 26.83 -117.57 15.30
CA ASP PA 125 27.41 -118.92 15.44
C ASP PA 125 26.95 -119.73 14.24
N GLU PA 126 27.89 -120.54 13.71
CA GLU PA 126 27.82 -121.32 12.48
C GLU PA 126 29.01 -122.31 12.52
N SER PA 127 29.36 -122.99 11.41
CA SER PA 127 30.50 -123.91 11.35
C SER PA 127 31.64 -123.46 10.43
N LEU PA 128 32.86 -123.78 10.84
CA LEU PA 128 34.03 -123.09 10.34
C LEU PA 128 34.42 -123.49 8.91
N ALA PA 129 33.97 -124.65 8.46
CA ALA PA 129 34.06 -124.99 7.04
C ALA PA 129 33.10 -124.15 6.22
N GLU PA 130 32.04 -123.62 6.83
CA GLU PA 130 31.09 -122.85 6.04
C GLU PA 130 31.50 -121.41 5.99
N ILE PA 131 32.22 -120.92 7.02
CA ILE PA 131 33.20 -119.85 6.80
C ILE PA 131 34.01 -120.05 5.54
N LEU PA 132 34.76 -121.15 5.40
CA LEU PA 132 35.68 -121.26 4.26
C LEU PA 132 34.97 -121.39 2.89
N ARG PA 133 33.76 -121.93 2.90
CA ARG PA 133 32.91 -121.89 1.71
C ARG PA 133 32.38 -120.47 1.43
N ASP PA 134 31.98 -119.73 2.49
CA ASP PA 134 31.48 -118.37 2.35
C ASP PA 134 32.55 -117.38 1.87
N ILE PA 135 33.79 -117.61 2.25
CA ILE PA 135 34.92 -116.78 1.84
C ILE PA 135 35.33 -117.05 0.43
N ASP PA 136 35.30 -118.33 0.05
CA ASP PA 136 35.55 -118.68 -1.34
C ASP PA 136 34.48 -118.14 -2.26
N TYR PA 137 33.25 -118.01 -1.74
CA TYR PA 137 32.21 -117.28 -2.46
C TYR PA 137 32.47 -115.77 -2.51
N GLN PA 138 32.76 -115.11 -1.38
CA GLN PA 138 32.89 -113.65 -1.41
C GLN PA 138 34.20 -113.18 -2.02
N ALA PA 139 35.19 -114.06 -2.08
CA ALA PA 139 36.28 -113.88 -3.03
C ALA PA 139 35.73 -113.95 -4.44
N GLY PA 140 35.25 -115.13 -4.82
CA GLY PA 140 34.77 -115.33 -6.17
C GLY PA 140 35.89 -115.34 -7.18
N LYS PA 141 36.00 -114.27 -7.95
CA LYS PA 141 36.94 -114.20 -9.04
C LYS PA 141 38.31 -113.71 -8.60
N LYS PA 142 38.37 -112.81 -7.62
CA LYS PA 142 39.64 -112.19 -7.25
C LYS PA 142 40.58 -113.12 -6.50
N ALA PA 143 40.07 -114.19 -5.90
CA ALA PA 143 40.89 -115.11 -5.14
C ALA PA 143 40.19 -116.45 -5.07
N SER PA 144 40.83 -117.41 -4.41
CA SER PA 144 40.25 -118.73 -4.21
C SER PA 144 40.84 -119.35 -2.96
N ILE PA 145 40.11 -120.31 -2.40
CA ILE PA 145 40.49 -121.02 -1.18
C ILE PA 145 40.59 -122.49 -1.52
N HIS PA 146 41.72 -123.13 -1.20
CA HIS PA 146 41.72 -124.59 -1.11
C HIS PA 146 41.98 -125.02 0.31
N VAL PA 147 41.46 -126.18 0.67
CA VAL PA 147 41.78 -126.83 1.93
C VAL PA 147 42.34 -128.20 1.60
N TYR PA 148 43.56 -128.46 2.02
CA TYR PA 148 44.07 -129.82 2.00
C TYR PA 148 44.04 -130.36 3.42
N PRO PA 149 43.16 -131.31 3.71
CA PRO PA 149 42.90 -131.67 5.12
C PRO PA 149 43.79 -132.76 5.68
N ASN PA 150 44.45 -133.56 4.82
CA ASN PA 150 45.39 -134.54 5.35
C ASN PA 150 46.65 -133.88 5.87
N SER PA 151 47.11 -132.84 5.20
CA SER PA 151 48.24 -132.04 5.62
C SER PA 151 47.85 -130.96 6.59
N GLN PA 152 46.54 -130.72 6.73
CA GLN PA 152 45.90 -129.71 7.59
C GLN PA 152 46.41 -128.30 7.26
N VAL PA 153 46.25 -127.92 6.01
CA VAL PA 153 46.65 -126.59 5.56
C VAL PA 153 45.56 -126.00 4.67
N VAL PA 154 45.22 -124.74 4.94
CA VAL PA 154 44.40 -124.00 4.02
C VAL PA 154 45.34 -123.13 3.20
N GLU PA 155 44.93 -122.84 1.98
CA GLU PA 155 45.72 -121.93 1.16
C GLU PA 155 44.77 -120.93 0.54
N LEU PA 156 45.27 -119.71 0.44
CA LEU PA 156 44.61 -118.64 -0.29
C LEU PA 156 45.41 -118.41 -1.56
N ARG PA 157 44.75 -118.55 -2.70
CA ARG PA 157 45.38 -118.33 -3.98
C ARG PA 157 44.84 -117.08 -4.63
N TYR PA 158 45.72 -116.25 -5.15
CA TYR PA 158 45.31 -115.10 -5.92
C TYR PA 158 45.26 -115.44 -7.40
N ALA PA 159 45.16 -114.43 -8.25
CA ALA PA 159 45.19 -114.63 -9.69
C ALA PA 159 45.91 -113.50 -10.41
N ILE QA 272 32.30 -87.87 -8.88
CA ILE QA 272 32.28 -88.72 -7.70
C ILE QA 272 31.06 -88.42 -6.83
N PRO QA 273 30.27 -89.46 -6.55
CA PRO QA 273 29.09 -89.29 -5.74
C PRO QA 273 29.44 -89.12 -4.27
N PRO QA 274 28.55 -88.58 -3.46
CA PRO QA 274 28.70 -88.69 -2.01
C PRO QA 274 28.49 -90.11 -1.55
N SER QA 275 29.02 -90.39 -0.36
CA SER QA 275 29.15 -91.76 0.13
C SER QA 275 27.81 -92.33 0.58
N ALA QA 276 27.23 -91.71 1.59
CA ALA QA 276 25.87 -91.85 2.04
C ALA QA 276 25.56 -90.50 2.63
N ASN QA 277 24.58 -90.42 3.50
CA ASN QA 277 24.62 -89.31 4.42
C ASN QA 277 25.16 -89.95 5.70
N ASP QA 278 26.03 -89.23 6.38
CA ASP QA 278 26.54 -89.65 7.68
C ASP QA 278 25.55 -89.47 8.81
N LEU QA 279 24.42 -88.81 8.54
CA LEU QA 279 23.39 -88.64 9.55
C LEU QA 279 22.49 -89.86 9.61
N LEU QA 280 22.63 -90.75 8.62
CA LEU QA 280 22.04 -92.08 8.68
C LEU QA 280 22.64 -92.95 9.77
N LEU QA 281 23.87 -92.67 10.19
CA LEU QA 281 24.43 -93.28 11.38
C LEU QA 281 23.68 -92.89 12.63
N HIS QA 282 23.23 -91.63 12.70
CA HIS QA 282 22.44 -91.19 13.85
C HIS QA 282 21.04 -91.78 13.79
N VAL QA 283 20.43 -91.84 12.62
CA VAL QA 283 19.07 -92.39 12.60
C VAL QA 283 19.10 -93.90 12.40
N LEU QA 284 20.27 -94.50 12.36
CA LEU QA 284 20.40 -95.92 12.59
C LEU QA 284 20.35 -96.25 14.05
N GLU QA 285 20.75 -95.32 14.88
CA GLU QA 285 20.38 -95.33 16.27
C GLU QA 285 18.99 -94.71 16.38
N GLY QA 286 18.44 -94.61 17.57
CA GLY QA 286 17.15 -93.99 17.62
C GLY QA 286 17.14 -92.47 17.62
N VAL QA 287 18.31 -91.86 17.68
CA VAL QA 287 18.42 -90.43 17.97
C VAL QA 287 18.05 -89.64 16.72
N PRO QA 288 17.26 -88.57 16.85
CA PRO QA 288 16.92 -87.75 15.71
C PRO QA 288 18.12 -86.95 15.22
N PRO QA 289 18.07 -86.44 13.99
CA PRO QA 289 19.08 -85.51 13.54
C PRO QA 289 19.00 -84.19 14.27
N PRO QA 290 20.11 -83.46 14.38
CA PRO QA 290 20.07 -82.16 15.07
C PRO QA 290 19.31 -81.13 14.24
N GLY QA 291 18.36 -80.46 14.88
CA GLY QA 291 17.49 -79.51 14.21
C GLY QA 291 16.49 -80.19 13.32
N SER QA 292 15.58 -80.95 13.90
CA SER QA 292 14.64 -81.74 13.11
C SER QA 292 13.20 -81.38 13.43
N ARG QA 293 12.28 -82.10 12.81
CA ARG QA 293 10.90 -82.11 13.24
C ARG QA 293 10.47 -83.56 13.31
N ARG QA 294 9.77 -83.89 14.38
CA ARG QA 294 9.32 -85.26 14.60
C ARG QA 294 8.17 -85.52 13.65
N LEU QA 295 8.11 -86.73 13.11
CA LEU QA 295 6.93 -87.14 12.39
C LEU QA 295 6.34 -88.36 13.09
N VAL QA 296 5.05 -88.31 13.38
CA VAL QA 296 4.39 -89.44 13.99
C VAL QA 296 4.11 -90.46 12.89
N VAL QA 297 4.29 -91.73 13.23
CA VAL QA 297 4.16 -92.83 12.30
C VAL QA 297 3.07 -93.73 12.84
N SER QA 298 2.08 -94.03 12.03
CA SER QA 298 1.00 -94.89 12.45
C SER QA 298 1.09 -96.22 11.72
N GLY QA 299 0.60 -97.27 12.35
CA GLY QA 299 0.44 -98.55 11.69
C GLY QA 299 1.70 -99.34 11.45
N GLY QA 300 2.76 -99.09 12.20
CA GLY QA 300 3.96 -99.91 12.05
C GLY QA 300 5.04 -99.39 12.97
N ASP QA 301 6.01 -100.26 13.23
CA ASP QA 301 7.14 -99.90 14.09
C ASP QA 301 8.17 -99.15 13.26
N ALA QA 302 8.00 -97.84 13.17
CA ALA QA 302 9.00 -97.00 12.56
C ALA QA 302 8.98 -95.65 13.24
N ARG QA 303 10.11 -94.96 13.18
CA ARG QA 303 10.23 -93.60 13.66
C ARG QA 303 10.73 -92.75 12.50
N ALA QA 304 10.18 -91.57 12.35
CA ALA QA 304 10.53 -90.73 11.22
C ALA QA 304 10.79 -89.31 11.68
N TRP QA 305 11.84 -88.71 11.16
CA TRP QA 305 12.16 -87.33 11.44
C TRP QA 305 12.35 -86.61 10.12
N LEU QA 306 12.15 -85.30 10.13
CA LEU QA 306 12.30 -84.51 8.91
C LEU QA 306 13.35 -83.45 9.18
N SER QA 307 14.49 -83.54 8.50
CA SER QA 307 15.56 -82.61 8.79
C SER QA 307 15.45 -81.35 7.94
N ASN QA 308 15.58 -81.52 6.63
CA ASN QA 308 15.47 -80.41 5.68
C ASN QA 308 14.92 -80.93 4.35
N GLU QA 309 13.58 -80.90 4.26
CA GLU QA 309 12.75 -81.44 3.16
C GLU QA 309 13.05 -82.89 2.79
N LYS QA 310 13.52 -83.69 3.74
CA LYS QA 310 13.87 -85.08 3.57
C LYS QA 310 13.50 -85.74 4.88
N MET QA 311 12.83 -86.88 4.83
CA MET QA 311 12.59 -87.59 6.06
C MET QA 311 13.53 -88.78 6.16
N TYR QA 312 13.74 -89.19 7.39
CA TYR QA 312 14.63 -90.27 7.75
C TYR QA 312 13.83 -91.21 8.61
N VAL QA 313 13.87 -92.49 8.28
CA VAL QA 313 13.04 -93.49 8.93
C VAL QA 313 13.93 -94.54 9.53
N ARG QA 314 13.84 -94.71 10.84
CA ARG QA 314 14.35 -95.87 11.54
C ARG QA 314 13.26 -96.92 11.56
N THR QA 315 13.54 -98.06 10.96
CA THR QA 315 12.59 -99.16 11.02
C THR QA 315 13.38 -100.44 11.00
N ASN QA 316 12.66 -101.55 11.11
CA ASN QA 316 13.20 -102.84 10.70
C ASN QA 316 12.30 -103.50 9.69
N LEU QA 317 11.31 -102.77 9.19
CA LEU QA 317 10.46 -103.21 8.11
C LEU QA 317 11.15 -102.93 6.79
N THR QA 318 10.55 -103.35 5.69
CA THR QA 318 11.18 -103.07 4.42
C THR QA 318 10.31 -102.14 3.58
N ILE QA 319 10.76 -100.91 3.38
CA ILE QA 319 9.98 -99.94 2.62
C ILE QA 319 10.07 -100.26 1.14
N LEU QA 320 8.91 -100.35 0.49
CA LEU QA 320 8.72 -100.86 -0.85
C LEU QA 320 8.31 -99.81 -1.87
N SER QA 321 7.24 -99.05 -1.62
CA SER QA 321 6.78 -98.23 -2.75
C SER QA 321 7.52 -96.92 -3.01
N PRO QA 322 7.65 -95.94 -2.10
CA PRO QA 322 7.95 -94.59 -2.59
C PRO QA 322 9.42 -94.32 -2.85
N GLY QA 323 10.33 -95.25 -2.54
CA GLY QA 323 11.70 -95.13 -2.99
C GLY QA 323 12.54 -94.25 -2.10
N TRP QA 324 13.72 -94.71 -1.74
CA TRP QA 324 14.53 -93.95 -0.82
C TRP QA 324 15.84 -93.58 -1.47
N LEU QA 325 16.46 -92.54 -0.93
CA LEU QA 325 17.70 -92.07 -1.51
C LEU QA 325 18.92 -92.69 -0.86
N ALA QA 326 18.85 -93.03 0.41
CA ALA QA 326 20.02 -93.63 1.05
C ALA QA 326 19.55 -94.61 2.11
N SER QA 327 20.39 -95.59 2.40
CA SER QA 327 20.05 -96.59 3.40
C SER QA 327 21.28 -97.11 4.10
N MET QA 328 21.11 -97.37 5.39
CA MET QA 328 22.06 -98.14 6.18
C MET QA 328 21.30 -99.19 6.97
N THR QA 329 22.06 -100.09 7.58
CA THR QA 329 21.47 -101.15 8.38
C THR QA 329 22.45 -101.44 9.51
N SER QA 330 21.95 -101.54 10.73
CA SER QA 330 22.77 -101.85 11.89
C SER QA 330 23.07 -103.34 12.00
N ALA QA 331 23.57 -103.73 13.17
CA ALA QA 331 23.95 -105.11 13.41
C ALA QA 331 22.73 -106.01 13.55
N ASP QA 332 21.64 -105.47 14.09
CA ASP QA 332 20.45 -106.24 14.40
C ASP QA 332 19.34 -106.12 13.35
N GLY QA 333 19.68 -105.70 12.14
CA GLY QA 333 18.69 -105.62 11.09
C GLY QA 333 17.82 -104.39 11.12
N THR QA 334 18.10 -103.44 11.99
CA THR QA 334 17.44 -102.16 11.92
C THR QA 334 17.98 -101.40 10.73
N HIS QA 335 17.12 -100.85 9.91
CA HIS QA 335 17.52 -100.02 8.79
C HIS QA 335 17.21 -98.56 9.04
N ALA QA 336 17.95 -97.70 8.35
CA ALA QA 336 17.76 -96.26 8.40
C ALA QA 336 17.75 -95.75 6.98
N TYR QA 337 16.67 -95.08 6.62
CA TYR QA 337 16.42 -94.61 5.25
C TYR QA 337 16.28 -93.11 5.16
N GLU QA 338 17.00 -92.54 4.20
CA GLU QA 338 16.82 -91.17 3.73
C GLU QA 338 15.94 -91.19 2.50
N MET QA 339 14.87 -90.41 2.53
CA MET QA 339 13.95 -90.36 1.41
C MET QA 339 13.26 -89.01 1.39
N GLN QA 340 12.58 -88.71 0.28
CA GLN QA 340 11.80 -87.49 0.23
C GLN QA 340 10.52 -87.67 1.01
N LYS QA 341 9.86 -86.55 1.33
CA LYS QA 341 8.67 -86.61 2.18
C LYS QA 341 7.48 -87.09 1.36
N SER QA 342 7.02 -88.26 1.68
CA SER QA 342 5.83 -88.92 1.20
C SER QA 342 4.94 -89.25 2.37
N PRO QA 343 3.65 -88.96 2.30
CA PRO QA 343 2.79 -89.08 3.49
C PRO QA 343 2.40 -90.50 3.82
N VAL QA 344 2.68 -91.45 2.94
CA VAL QA 344 2.43 -92.85 3.20
C VAL QA 344 3.70 -93.60 2.86
N LEU QA 345 3.98 -94.62 3.64
CA LEU QA 345 5.07 -95.53 3.42
C LEU QA 345 4.43 -96.88 3.20
N LEU QA 346 4.94 -97.65 2.27
CA LEU QA 346 4.47 -99.01 2.07
C LEU QA 346 5.61 -99.91 2.51
N VAL QA 347 5.34 -100.86 3.39
CA VAL QA 347 6.43 -101.75 3.76
C VAL QA 347 5.97 -103.17 3.52
N SER QA 348 6.93 -104.07 3.56
CA SER QA 348 6.70 -105.47 3.86
C SER QA 348 7.02 -105.68 5.32
N TRP QA 349 6.13 -106.38 6.01
CA TRP QA 349 6.34 -106.73 7.41
C TRP QA 349 6.96 -108.11 7.51
N HIS QA 350 6.21 -109.13 7.12
CA HIS QA 350 6.71 -110.48 7.03
C HIS QA 350 6.14 -111.13 5.79
N GLY QA 351 6.28 -110.46 4.66
CA GLY QA 351 5.63 -110.87 3.45
C GLY QA 351 4.29 -110.20 3.24
N LYS QA 352 3.69 -109.67 4.29
CA LYS QA 352 2.49 -108.86 4.15
C LYS QA 352 2.85 -107.46 3.71
N VAL QA 353 2.18 -107.00 2.66
CA VAL QA 353 2.24 -105.61 2.24
C VAL QA 353 1.40 -104.82 3.23
N MET QA 354 1.98 -103.75 3.73
CA MET QA 354 1.58 -103.03 4.91
C MET QA 354 1.70 -101.54 4.64
N GLN QA 355 0.87 -100.74 5.29
CA GLN QA 355 0.92 -99.30 5.09
C GLN QA 355 1.20 -98.59 6.39
N LEU QA 356 2.01 -97.55 6.29
CA LEU QA 356 2.41 -96.70 7.39
C LEU QA 356 2.12 -95.28 6.97
N LYS QA 357 1.71 -94.47 7.92
CA LYS QA 357 1.12 -93.18 7.60
C LYS QA 357 1.81 -92.12 8.43
N VAL QA 358 2.33 -91.07 7.78
CA VAL QA 358 3.11 -90.08 8.48
C VAL QA 358 2.48 -88.70 8.31
N GLU QA 359 2.49 -87.94 9.40
CA GLU QA 359 1.89 -86.61 9.44
C GLU QA 359 3.00 -85.58 9.57
N GLY QA 360 3.10 -84.70 8.58
CA GLY QA 360 4.16 -83.72 8.49
C GLY QA 360 4.84 -83.69 7.13
N LEU RA 41 -8.72 -92.60 10.97
CA LEU RA 41 -8.09 -93.01 12.23
C LEU RA 41 -7.52 -94.42 12.11
N PRO RA 42 -6.46 -94.71 12.87
CA PRO RA 42 -6.02 -96.10 13.00
C PRO RA 42 -7.04 -96.93 13.75
N CYS RA 43 -7.03 -98.22 13.46
CA CYS RA 43 -8.03 -99.14 13.98
C CYS RA 43 -7.62 -99.68 15.35
N ARG RA 44 -8.58 -99.79 16.25
CA ARG RA 44 -8.31 -100.38 17.56
C ARG RA 44 -8.29 -101.90 17.48
N VAL RA 45 -9.41 -102.49 17.10
CA VAL RA 45 -9.46 -103.93 16.89
C VAL RA 45 -9.15 -104.23 15.44
N ASP RA 46 -8.48 -105.35 15.20
CA ASP RA 46 -8.16 -105.77 13.84
C ASP RA 46 -9.14 -106.79 13.28
N GLY RA 47 -10.44 -106.47 13.35
CA GLY RA 47 -11.46 -107.41 12.90
C GLY RA 47 -11.65 -108.59 13.83
N ALA RA 48 -11.32 -108.44 15.11
CA ALA RA 48 -11.33 -109.56 16.04
C ALA RA 48 -11.50 -109.01 17.44
N CYS RA 49 -12.05 -109.82 18.35
CA CYS RA 49 -12.12 -109.45 19.75
C CYS RA 49 -11.73 -110.63 20.61
N ASP RA 50 -11.16 -110.33 21.78
CA ASP RA 50 -10.61 -111.35 22.66
C ASP RA 50 -11.70 -112.17 23.33
N ALA RA 51 -12.86 -111.56 23.54
CA ALA RA 51 -14.04 -112.28 24.02
C ALA RA 51 -14.50 -113.32 23.01
N THR RA 52 -14.43 -112.99 21.72
CA THR RA 52 -14.78 -113.97 20.70
C THR RA 52 -13.72 -115.04 20.54
N ILE RA 53 -12.44 -114.68 20.79
CA ILE RA 53 -11.35 -115.68 20.78
C ILE RA 53 -11.57 -116.73 21.86
N ILE RA 54 -11.87 -116.30 23.07
CA ILE RA 54 -12.07 -117.29 24.11
C ILE RA 54 -13.45 -117.94 24.02
N LYS RA 55 -14.41 -117.31 23.34
CA LYS RA 55 -15.70 -117.94 23.11
C LYS RA 55 -15.60 -119.09 22.12
N MET RA 56 -14.86 -118.88 21.01
CA MET RA 56 -14.56 -119.98 20.11
C MET RA 56 -13.65 -121.01 20.74
N MET RA 57 -12.80 -120.60 21.68
CA MET RA 57 -11.84 -121.52 22.25
C MET RA 57 -12.52 -122.47 23.25
N THR RA 58 -13.45 -121.95 24.08
CA THR RA 58 -14.34 -122.81 24.85
C THR RA 58 -15.27 -123.66 24.00
N ASP RA 59 -15.80 -123.13 22.89
CA ASP RA 59 -16.71 -123.94 22.09
C ASP RA 59 -16.01 -125.04 21.33
N LEU RA 60 -14.78 -124.81 20.90
CA LEU RA 60 -14.00 -125.86 20.24
C LEU RA 60 -13.55 -126.92 21.24
N ASN RA 61 -13.22 -126.52 22.47
CA ASN RA 61 -12.91 -127.52 23.49
C ASN RA 61 -14.15 -128.26 23.97
N LYS RA 62 -15.34 -127.64 23.88
CA LYS RA 62 -16.55 -128.40 24.19
C LYS RA 62 -16.90 -129.39 23.10
N LYS RA 63 -16.70 -129.02 21.83
CA LYS RA 63 -16.87 -130.02 20.78
C LYS RA 63 -15.67 -130.93 20.57
N GLY RA 64 -14.65 -130.85 21.41
CA GLY RA 64 -13.65 -131.89 21.46
C GLY RA 64 -12.47 -131.61 20.59
N ILE RA 65 -12.42 -130.45 19.96
CA ILE RA 65 -11.27 -130.03 19.20
C ILE RA 65 -10.37 -129.29 20.15
N LYS RA 66 -9.24 -129.88 20.51
CA LYS RA 66 -8.62 -129.39 21.72
C LYS RA 66 -7.67 -128.27 21.35
N VAL RA 67 -7.86 -127.09 21.95
CA VAL RA 67 -7.02 -125.93 21.68
C VAL RA 67 -5.99 -125.81 22.80
N ALA RA 68 -4.75 -126.09 22.47
CA ALA RA 68 -3.62 -125.79 23.35
C ALA RA 68 -3.07 -124.42 23.03
N SER RA 69 -2.65 -123.72 24.07
CA SER RA 69 -2.31 -122.31 23.98
C SER RA 69 -1.04 -122.07 24.78
N VAL RA 70 0.11 -122.26 24.16
CA VAL RA 70 1.39 -122.25 24.85
C VAL RA 70 2.20 -121.07 24.30
N GLY RA 71 2.37 -120.03 25.11
CA GLY RA 71 3.16 -118.88 24.70
C GLY RA 71 2.46 -118.03 23.67
N GLN RA 72 2.93 -118.07 22.43
CA GLN RA 72 2.05 -117.74 21.33
C GLN RA 72 1.92 -118.88 20.35
N ASN RA 73 2.51 -120.04 20.63
CA ASN RA 73 2.23 -121.20 19.82
C ASN RA 73 0.84 -121.70 20.13
N TYR RA 74 0.00 -121.68 19.12
CA TYR RA 74 -1.35 -122.19 19.21
C TYR RA 74 -1.42 -123.51 18.47
N LEU RA 75 -2.11 -124.44 19.09
CA LEU RA 75 -2.35 -125.76 18.56
C LEU RA 75 -3.84 -125.98 18.62
N ILE RA 76 -4.45 -126.33 17.51
CA ILE RA 76 -5.76 -126.94 17.55
C ILE RA 76 -5.61 -128.35 16.99
N SER RA 77 -6.10 -129.31 17.77
CA SER RA 77 -5.92 -130.72 17.46
C SER RA 77 -7.29 -131.27 17.14
N ILE RA 78 -7.42 -131.89 15.98
CA ILE RA 78 -8.69 -132.33 15.44
C ILE RA 78 -8.59 -133.84 15.25
N PRO RA 79 -9.46 -134.64 15.89
CA PRO RA 79 -9.52 -136.06 15.56
C PRO RA 79 -10.04 -136.28 14.15
N ALA RA 80 -9.46 -137.29 13.49
CA ALA RA 80 -9.80 -137.57 12.11
C ALA RA 80 -11.16 -138.23 11.94
N SER RA 81 -11.73 -138.77 13.03
CA SER RA 81 -13.16 -139.09 13.06
C SER RA 81 -14.02 -137.87 12.87
N ALA RA 82 -13.62 -136.76 13.48
CA ALA RA 82 -14.45 -135.58 13.46
C ALA RA 82 -14.39 -134.85 12.13
N LEU RA 83 -13.45 -135.17 11.25
CA LEU RA 83 -13.54 -134.62 9.92
C LEU RA 83 -13.84 -135.69 8.87
N PHE RA 84 -12.99 -136.71 8.71
CA PHE RA 84 -13.08 -137.40 7.44
C PHE RA 84 -13.87 -138.68 7.60
N ALA RA 85 -13.91 -139.46 6.52
CA ALA RA 85 -14.29 -140.86 6.58
C ALA RA 85 -13.02 -141.67 6.87
N ASP RA 86 -13.19 -142.95 7.20
CA ASP RA 86 -12.09 -143.74 7.73
C ASP RA 86 -11.16 -144.20 6.61
N GLN RA 87 -9.86 -143.96 6.82
CA GLN RA 87 -8.74 -144.28 5.92
C GLN RA 87 -8.89 -143.69 4.53
N SER RA 88 -9.49 -142.51 4.46
CA SER RA 88 -9.84 -141.87 3.22
C SER RA 88 -9.27 -140.47 3.24
N PRO RA 89 -8.87 -139.93 2.12
CA PRO RA 89 -8.61 -138.50 2.02
C PRO RA 89 -9.82 -137.68 1.55
N ARG RA 90 -10.96 -137.88 2.20
CA ARG RA 90 -12.20 -137.25 1.74
C ARG RA 90 -12.97 -136.67 2.91
N LEU RA 91 -13.33 -135.40 2.82
CA LEU RA 91 -14.18 -134.79 3.83
C LEU RA 91 -15.61 -135.31 3.79
N ASN RA 92 -16.21 -135.38 4.96
CA ASN RA 92 -17.65 -135.44 5.08
C ASN RA 92 -18.21 -134.04 4.90
N TRP RA 93 -19.47 -133.98 4.49
CA TRP RA 93 -20.10 -132.70 4.21
C TRP RA 93 -20.42 -131.91 5.47
N ALA RA 94 -20.70 -132.59 6.58
CA ALA RA 94 -21.04 -131.88 7.80
C ALA RA 94 -19.81 -131.30 8.48
N SER RA 95 -18.63 -131.83 8.17
CA SER RA 95 -17.40 -131.44 8.84
C SER RA 95 -16.83 -130.11 8.36
N TYR RA 96 -17.40 -129.54 7.29
CA TYR RA 96 -17.01 -128.19 6.93
C TYR RA 96 -17.58 -127.16 7.88
N SER RA 97 -18.62 -127.49 8.66
CA SER RA 97 -19.02 -126.62 9.75
C SER RA 97 -17.98 -126.62 10.86
N LEU RA 98 -17.34 -127.76 11.09
CA LEU RA 98 -16.26 -127.81 12.06
C LEU RA 98 -15.07 -127.00 11.57
N LEU RA 99 -14.81 -127.09 10.28
CA LEU RA 99 -13.85 -126.21 9.61
C LEU RA 99 -14.29 -124.76 9.56
N ASN RA 100 -15.59 -124.46 9.74
CA ASN RA 100 -16.03 -123.08 9.78
C ASN RA 100 -15.63 -122.38 11.04
N GLU RA 101 -15.88 -122.97 12.24
CA GLU RA 101 -15.25 -122.23 13.34
C GLU RA 101 -13.75 -122.50 13.51
N ILE RA 102 -13.16 -123.51 12.83
CA ILE RA 102 -11.69 -123.52 12.71
C ILE RA 102 -11.17 -122.32 11.93
N ALA RA 103 -11.79 -122.01 10.80
CA ALA RA 103 -11.36 -120.89 9.99
C ALA RA 103 -11.75 -119.54 10.59
N ALA RA 104 -12.90 -119.46 11.26
CA ALA RA 104 -13.26 -118.23 11.93
C ALA RA 104 -12.49 -118.03 13.21
N PHE RA 105 -11.95 -119.09 13.80
CA PHE RA 105 -10.98 -118.93 14.85
C PHE RA 105 -9.65 -118.45 14.30
N LEU RA 106 -9.29 -118.92 13.11
CA LEU RA 106 -8.05 -118.49 12.47
C LEU RA 106 -8.14 -117.12 11.82
N LYS RA 107 -9.34 -116.54 11.72
CA LYS RA 107 -9.48 -115.11 11.44
C LYS RA 107 -8.80 -114.24 12.48
N GLN RA 108 -8.86 -114.64 13.73
CA GLN RA 108 -8.71 -113.75 14.84
C GLN RA 108 -7.27 -113.38 15.16
N PHE RA 109 -6.30 -114.09 14.61
CA PHE RA 109 -4.91 -113.87 14.97
C PHE RA 109 -4.12 -113.37 13.78
N ARG RA 110 -3.09 -112.60 14.08
CA ARG RA 110 -2.10 -112.21 13.10
C ARG RA 110 -1.06 -113.31 13.07
N LYS RA 111 -0.87 -113.91 11.92
CA LYS RA 111 -0.08 -115.11 11.81
C LYS RA 111 0.70 -115.08 10.51
N ILE RA 112 1.81 -115.79 10.51
CA ILE RA 112 2.75 -115.75 9.41
C ILE RA 112 2.75 -117.07 8.67
N ALA RA 113 2.92 -118.17 9.38
CA ALA RA 113 2.87 -119.48 8.77
C ALA RA 113 2.06 -120.39 9.68
N ILE RA 114 0.96 -120.87 9.15
CA ILE RA 114 0.25 -122.01 9.72
C ILE RA 114 0.91 -123.25 9.16
N THR RA 115 1.27 -124.21 10.01
CA THR RA 115 1.54 -125.52 9.47
C THR RA 115 0.47 -126.51 9.93
N VAL RA 116 -0.01 -127.28 8.97
CA VAL RA 116 -1.05 -128.27 9.17
C VAL RA 116 -0.43 -129.61 8.86
N THR RA 117 -0.45 -130.50 9.83
CA THR RA 117 0.12 -131.80 9.61
C THR RA 117 -0.79 -132.87 10.17
N SER RA 118 -0.89 -133.95 9.41
CA SER RA 118 -1.86 -134.99 9.70
C SER RA 118 -1.14 -136.30 9.85
N TYR RA 119 -1.64 -137.15 10.75
CA TYR RA 119 -1.14 -138.52 10.86
C TYR RA 119 -2.21 -139.41 11.44
N SER RA 120 -2.28 -140.64 10.97
CA SER RA 120 -3.26 -141.57 11.48
C SER RA 120 -2.59 -142.87 11.92
N SER RA 121 -3.40 -143.85 12.28
CA SER RA 121 -2.88 -145.14 12.68
C SER RA 121 -2.58 -145.98 11.44
N LYS RA 122 -1.96 -147.14 11.66
CA LYS RA 122 -1.48 -147.98 10.58
C LYS RA 122 -2.63 -148.68 9.88
N TYR RA 123 -2.66 -148.65 8.55
CA TYR RA 123 -3.70 -149.36 7.81
C TYR RA 123 -3.15 -150.42 6.86
N VAL RA 124 -2.31 -150.05 5.91
CA VAL RA 124 -1.68 -151.07 5.08
C VAL RA 124 -0.19 -151.02 5.31
N SER RA 125 0.41 -149.90 4.93
CA SER RA 125 1.84 -149.72 5.04
C SER RA 125 2.09 -148.27 5.40
N VAL RA 126 3.33 -147.97 5.74
CA VAL RA 126 3.70 -146.60 6.01
C VAL RA 126 3.74 -145.76 4.74
N LYS RA 127 3.96 -146.36 3.57
CA LYS RA 127 3.99 -145.62 2.32
C LYS RA 127 2.59 -145.19 1.89
N ARG RA 128 1.63 -146.12 1.98
CA ARG RA 128 0.22 -145.83 1.76
C ARG RA 128 -0.31 -144.87 2.83
N GLU RA 129 0.19 -145.02 4.04
CA GLU RA 129 -0.18 -144.16 5.14
C GLU RA 129 0.31 -142.72 4.96
N ARG RA 130 1.53 -142.55 4.48
CA ARG RA 130 2.05 -141.21 4.31
C ARG RA 130 1.47 -140.52 3.11
N ALA RA 131 1.11 -141.29 2.07
CA ALA RA 131 0.33 -140.75 0.96
C ALA RA 131 -1.05 -140.29 1.41
N LEU RA 132 -1.71 -141.08 2.28
CA LEU RA 132 -2.98 -140.73 2.88
C LEU RA 132 -2.91 -139.45 3.70
N THR RA 133 -1.89 -139.31 4.52
CA THR RA 133 -1.86 -138.19 5.43
C THR RA 133 -1.38 -136.92 4.74
N LEU RA 134 -0.60 -137.07 3.66
CA LEU RA 134 -0.22 -135.93 2.84
C LEU RA 134 -1.40 -135.39 2.06
N ALA RA 135 -2.21 -136.30 1.48
CA ALA RA 135 -3.45 -135.89 0.80
C ALA RA 135 -4.47 -135.32 1.77
N ARG RA 136 -4.47 -135.85 2.99
CA ARG RA 136 -5.35 -135.43 4.07
C ARG RA 136 -5.10 -134.00 4.50
N SER RA 137 -3.84 -133.69 4.78
CA SER RA 137 -3.47 -132.35 5.18
C SER RA 137 -3.54 -131.37 4.03
N ARG RA 138 -3.25 -131.81 2.79
CA ARG RA 138 -3.32 -130.86 1.69
C ARG RA 138 -4.75 -130.54 1.30
N VAL RA 139 -5.69 -131.45 1.56
CA VAL RA 139 -7.10 -131.19 1.35
C VAL RA 139 -7.63 -130.21 2.38
N VAL RA 140 -7.21 -130.37 3.65
CA VAL RA 140 -7.73 -129.45 4.66
C VAL RA 140 -7.06 -128.07 4.59
N SER RA 141 -5.83 -127.97 4.09
CA SER RA 141 -5.27 -126.66 3.85
C SER RA 141 -5.78 -126.00 2.59
N GLU RA 142 -6.18 -126.79 1.57
CA GLU RA 142 -6.89 -126.24 0.42
C GLU RA 142 -8.22 -125.63 0.83
N TYR RA 143 -8.93 -126.28 1.76
CA TYR RA 143 -10.15 -125.64 2.24
C TYR RA 143 -9.85 -124.45 3.16
N LEU RA 144 -8.72 -124.47 3.88
CA LEU RA 144 -8.46 -123.37 4.79
C LEU RA 144 -7.98 -122.10 4.10
N TRP RA 145 -7.35 -122.22 2.93
CA TRP RA 145 -7.08 -121.03 2.13
C TRP RA 145 -8.16 -120.82 1.07
N SER RA 146 -9.09 -121.75 0.91
CA SER RA 146 -10.37 -121.32 0.35
C SER RA 146 -11.07 -120.42 1.35
N GLN RA 147 -11.05 -120.80 2.61
CA GLN RA 147 -11.58 -119.92 3.62
C GLN RA 147 -10.56 -118.88 4.04
N GLY RA 148 -10.87 -118.18 5.11
CA GLY RA 148 -10.12 -117.01 5.45
C GLY RA 148 -9.04 -117.34 6.44
N VAL RA 149 -7.82 -117.33 5.98
CA VAL RA 149 -6.69 -117.17 6.88
C VAL RA 149 -5.97 -115.94 6.39
N ASP RA 150 -5.33 -115.25 7.32
CA ASP RA 150 -4.45 -114.13 6.96
C ASP RA 150 -3.02 -114.57 7.06
N SER RA 151 -2.79 -115.87 7.01
CA SER RA 151 -1.47 -116.45 6.99
C SER RA 151 -0.81 -116.19 5.66
N ARG RA 152 0.51 -116.11 5.69
CA ARG RA 152 1.27 -115.94 4.48
C ARG RA 152 1.73 -117.26 3.92
N ILE RA 153 2.03 -118.23 4.77
CA ILE RA 153 2.31 -119.58 4.34
C ILE RA 153 1.37 -120.48 5.11
N ILE RA 154 0.79 -121.46 4.45
CA ILE RA 154 0.41 -122.68 5.11
C ILE RA 154 1.33 -123.77 4.62
N PHE RA 155 2.17 -124.27 5.50
CA PHE RA 155 2.90 -125.49 5.23
C PHE RA 155 1.95 -126.60 5.58
N THR RA 156 2.04 -127.69 4.85
CA THR RA 156 1.13 -128.80 5.02
C THR RA 156 1.83 -130.13 4.70
N GLN RA 157 1.70 -131.08 5.62
CA GLN RA 157 2.42 -132.34 5.49
C GLN RA 157 1.73 -133.43 6.29
N GLY RA 158 2.10 -134.67 6.00
CA GLY RA 158 1.54 -135.79 6.71
C GLY RA 158 2.60 -136.79 7.10
N LEU RA 159 2.39 -137.49 8.20
CA LEU RA 159 3.37 -138.45 8.70
C LEU RA 159 2.72 -139.81 8.92
N GLY RA 160 3.56 -140.83 8.99
CA GLY RA 160 3.08 -142.19 9.12
C GLY RA 160 3.06 -142.79 10.49
N SER RA 161 2.26 -142.18 11.38
CA SER RA 161 2.18 -142.49 12.83
C SER RA 161 3.54 -142.39 13.49
N ASP RA 162 4.33 -141.47 13.00
CA ASP RA 162 5.67 -141.33 13.46
C ASP RA 162 5.71 -140.53 14.72
N LYS RA 163 4.60 -139.90 15.12
CA LYS RA 163 4.61 -139.11 16.31
C LYS RA 163 3.36 -139.38 17.16
N PRO RA 164 3.14 -140.59 17.70
CA PRO RA 164 1.76 -140.83 18.18
C PRO RA 164 1.57 -140.46 19.65
N ILE RA 165 0.47 -139.75 19.95
CA ILE RA 165 0.31 -139.16 21.27
C ILE RA 165 -0.18 -140.12 22.34
N THR RA 166 -0.56 -141.35 21.98
CA THR RA 166 -0.83 -142.37 22.98
C THR RA 166 -0.31 -143.69 22.44
N SER RA 167 -0.06 -144.61 23.35
CA SER RA 167 0.38 -145.94 22.98
C SER RA 167 -0.79 -146.88 22.72
N TYR RA 168 -2.01 -146.41 22.93
CA TYR RA 168 -3.18 -147.26 22.77
C TYR RA 168 -3.72 -147.09 21.35
N THR RA 169 -3.75 -148.20 20.61
CA THR RA 169 -3.80 -148.25 19.16
C THR RA 169 -5.05 -148.97 18.68
N LEU RA 170 -6.23 -148.48 19.08
CA LEU RA 170 -7.51 -149.19 19.02
C LEU RA 170 -7.92 -149.62 17.62
N GLY RA 171 -7.68 -148.77 16.63
CA GLY RA 171 -8.30 -148.97 15.35
C GLY RA 171 -7.82 -147.99 14.30
N GLY RA 172 -8.74 -147.50 13.49
CA GLY RA 172 -8.37 -146.72 12.34
C GLY RA 172 -8.47 -145.24 12.63
N ASP RA 173 -9.49 -144.57 12.09
CA ASP RA 173 -9.67 -143.16 12.39
C ASP RA 173 -10.40 -142.91 13.69
N ARG RA 174 -10.82 -143.94 14.43
CA ARG RA 174 -11.40 -143.68 15.74
C ARG RA 174 -10.33 -143.63 16.81
N SER RA 175 -9.07 -143.90 16.46
CA SER RA 175 -7.97 -143.75 17.39
C SER RA 175 -7.78 -142.27 17.70
N PRO RA 176 -7.43 -141.92 18.95
CA PRO RA 176 -7.07 -140.54 19.23
C PRO RA 176 -5.70 -140.16 18.71
N ASN RA 177 -4.88 -141.15 18.35
CA ASN RA 177 -3.70 -140.88 17.54
C ASN RA 177 -4.05 -140.37 16.15
N ALA RA 178 -5.17 -140.79 15.58
CA ALA RA 178 -5.51 -140.43 14.21
C ALA RA 178 -6.08 -139.03 14.20
N ARG RA 179 -5.26 -138.07 13.78
CA ARG RA 179 -5.61 -136.69 14.02
C ARG RA 179 -4.87 -135.81 13.03
N VAL RA 180 -5.40 -134.62 12.84
CA VAL RA 180 -4.69 -133.55 12.15
C VAL RA 180 -4.42 -132.51 13.23
N GLU RA 181 -3.33 -131.79 13.09
CA GLU RA 181 -3.03 -130.71 14.00
C GLU RA 181 -2.62 -129.48 13.22
N ILE RA 182 -3.16 -128.35 13.66
CA ILE RA 182 -2.97 -127.07 13.01
C ILE RA 182 -2.25 -126.22 14.04
N THR RA 183 -0.96 -125.97 13.80
CA THR RA 183 -0.15 -125.23 14.75
C THR RA 183 0.40 -123.99 14.07
N PHE RA 184 0.43 -122.90 14.82
CA PHE RA 184 0.99 -121.67 14.31
C PHE RA 184 1.53 -120.88 15.49
N ARG RA 185 2.16 -119.75 15.18
CA ARG RA 185 2.56 -118.81 16.20
C ARG RA 185 1.90 -117.48 15.92
N ARG RA 186 1.24 -116.93 16.91
CA ARG RA 186 0.56 -115.66 16.75
C ARG RA 186 1.58 -114.54 16.72
N ALA RA 187 1.62 -113.82 15.61
CA ALA RA 187 2.61 -112.77 15.44
C ALA RA 187 2.15 -111.52 16.19
N VAL RA 188 3.08 -110.94 16.95
CA VAL RA 188 3.00 -109.81 17.90
C VAL RA 188 1.70 -109.66 18.68
N ALA SA 1 -2.80 -191.23 -20.77
CA ALA SA 1 -3.15 -190.84 -22.13
C ALA SA 1 -2.21 -189.76 -22.65
N ALA SA 2 -0.92 -190.03 -22.57
CA ALA SA 2 0.12 -189.07 -22.92
C ALA SA 2 0.25 -188.92 -24.43
N ALA SA 3 0.74 -187.75 -24.85
CA ALA SA 3 1.03 -187.47 -26.25
C ALA SA 3 2.18 -186.46 -26.26
N ALA SA 4 3.41 -186.96 -26.44
CA ALA SA 4 4.61 -186.14 -26.38
C ALA SA 4 5.47 -186.42 -27.62
N ALA SA 5 5.31 -185.59 -28.64
CA ALA SA 5 6.04 -185.78 -29.90
C ALA SA 5 6.22 -184.45 -30.59
N ALA SA 6 7.23 -184.38 -31.45
CA ALA SA 6 7.54 -183.19 -32.26
C ALA SA 6 7.38 -183.57 -33.72
N ALA SA 7 6.22 -183.25 -34.29
CA ALA SA 7 5.84 -183.67 -35.62
C ALA SA 7 4.97 -182.56 -36.22
N ALA SA 8 4.20 -182.90 -37.24
CA ALA SA 8 3.19 -181.98 -37.80
C ALA SA 8 1.84 -182.66 -37.68
N ALA SA 9 1.21 -182.52 -36.51
CA ALA SA 9 -0.17 -182.99 -36.37
C ALA SA 9 -1.12 -182.01 -37.04
N ALA SA 10 -1.05 -180.73 -36.65
CA ALA SA 10 -1.46 -179.54 -37.40
C ALA SA 10 -2.95 -179.35 -37.65
N ALA SA 11 -3.80 -180.29 -37.24
CA ALA SA 11 -5.26 -180.13 -37.38
C ALA SA 11 -5.89 -180.92 -36.24
N ALA SA 12 -6.14 -180.24 -35.12
CA ALA SA 12 -6.65 -180.90 -33.93
C ALA SA 12 -7.45 -179.89 -33.12
N ALA SA 13 -8.78 -180.00 -33.17
CA ALA SA 13 -9.64 -179.33 -32.19
C ALA SA 13 -9.91 -180.32 -31.05
N ALA SA 14 -8.83 -180.61 -30.31
CA ALA SA 14 -8.76 -181.77 -29.44
C ALA SA 14 -9.33 -181.40 -28.08
N ALA SA 15 -10.58 -181.80 -27.84
CA ALA SA 15 -11.20 -181.67 -26.52
C ALA SA 15 -10.94 -182.98 -25.78
N ALA SA 16 -9.76 -183.07 -25.18
CA ALA SA 16 -9.30 -184.29 -24.53
C ALA SA 16 -10.02 -184.52 -23.20
N ALA SA 17 -10.02 -185.77 -22.77
CA ALA SA 17 -10.65 -186.18 -21.52
C ALA SA 17 -9.62 -186.11 -20.39
N ALA SA 18 -9.95 -186.68 -19.24
CA ALA SA 18 -9.11 -186.62 -18.07
C ALA SA 18 -7.89 -187.53 -18.22
N ALA SA 19 -6.84 -187.18 -17.46
CA ALA SA 19 -5.51 -187.81 -17.45
C ALA SA 19 -4.85 -187.86 -18.83
N ALA SA 20 -5.08 -186.82 -19.64
CA ALA SA 20 -4.46 -186.72 -20.95
C ALA SA 20 -3.20 -185.88 -20.81
N ALA SA 21 -2.14 -186.51 -20.33
CA ALA SA 21 -0.90 -185.82 -19.97
C ALA SA 21 -0.04 -185.63 -21.21
N ALA SA 22 -0.49 -184.73 -22.09
CA ALA SA 22 0.10 -184.54 -23.40
C ALA SA 22 1.15 -183.44 -23.32
N ALA SA 23 2.41 -183.83 -23.24
CA ALA SA 23 3.53 -182.89 -23.36
C ALA SA 23 4.07 -182.85 -24.78
N ALA SA 24 3.18 -182.64 -25.75
CA ALA SA 24 3.56 -182.57 -27.16
C ALA SA 24 4.32 -181.29 -27.49
N ALA SA 25 5.16 -181.40 -28.51
CA ALA SA 25 5.87 -180.25 -29.07
C ALA SA 25 5.69 -180.18 -30.58
N ALA SA 26 4.65 -180.83 -31.10
CA ALA SA 26 4.40 -180.93 -32.52
C ALA SA 26 3.94 -179.59 -33.11
N ALA SA 27 4.11 -179.47 -34.43
CA ALA SA 27 3.67 -178.29 -35.16
C ALA SA 27 2.15 -178.32 -35.33
N ALA SA 28 1.44 -177.87 -34.30
CA ALA SA 28 -0.02 -177.92 -34.27
C ALA SA 28 -0.53 -176.56 -34.73
N ALA SA 29 -0.79 -176.45 -36.05
CA ALA SA 29 -1.21 -175.19 -36.63
C ALA SA 29 -2.68 -174.88 -36.31
N ALA SA 30 -3.59 -175.72 -36.79
CA ALA SA 30 -5.01 -175.55 -36.50
C ALA SA 30 -5.32 -176.27 -35.19
N ALA SA 31 -4.92 -175.63 -34.09
CA ALA SA 31 -4.93 -176.27 -32.78
C ALA SA 31 -5.97 -175.64 -31.87
N ALA SA 32 -6.63 -176.49 -31.08
CA ALA SA 32 -7.44 -176.05 -29.94
C ALA SA 32 -7.37 -177.20 -28.92
N ALA SA 33 -6.44 -177.10 -27.97
CA ALA SA 33 -6.17 -178.19 -27.04
C ALA SA 33 -6.93 -177.93 -25.74
N ALA SA 34 -8.15 -178.43 -25.66
CA ALA SA 34 -9.00 -178.26 -24.49
C ALA SA 34 -8.87 -179.48 -23.58
N ALA SA 35 -7.69 -179.59 -22.97
CA ALA SA 35 -7.37 -180.70 -22.09
C ALA SA 35 -8.13 -180.60 -20.77
N ALA SA 36 -8.33 -181.74 -20.11
CA ALA SA 36 -9.18 -181.79 -18.93
C ALA SA 36 -8.44 -182.15 -17.65
N ALA SA 37 -7.22 -182.69 -17.74
CA ALA SA 37 -6.36 -182.91 -16.58
C ALA SA 37 -4.92 -183.04 -17.06
N ALA SA 38 -4.00 -182.76 -16.12
CA ALA SA 38 -2.64 -183.31 -16.06
C ALA SA 38 -1.74 -182.86 -17.21
N ALA SA 39 -2.04 -181.74 -17.85
CA ALA SA 39 -1.23 -181.27 -18.97
C ALA SA 39 0.08 -180.67 -18.46
N ALA SA 40 1.19 -181.13 -19.02
CA ALA SA 40 2.53 -180.76 -18.58
C ALA SA 40 3.39 -180.39 -19.78
N ALA SA 41 2.86 -179.51 -20.63
CA ALA SA 41 3.42 -179.28 -21.95
C ALA SA 41 4.50 -178.21 -21.93
N ALA SA 42 5.63 -178.51 -22.59
CA ALA SA 42 6.74 -177.55 -22.74
C ALA SA 42 7.14 -177.61 -24.22
N ALA SA 43 6.51 -176.79 -25.04
CA ALA SA 43 6.63 -176.87 -26.48
C ALA SA 43 7.35 -175.65 -27.02
N ALA SA 44 7.55 -175.64 -28.34
CA ALA SA 44 7.95 -174.46 -29.10
C ALA SA 44 7.12 -174.51 -30.38
N ALA SA 45 5.94 -173.91 -30.33
CA ALA SA 45 4.92 -174.12 -31.36
C ALA SA 45 4.53 -172.80 -32.01
N ALA SA 46 3.55 -172.90 -32.91
CA ALA SA 46 3.00 -171.74 -33.62
C ALA SA 46 1.57 -172.10 -33.98
N ALA SA 47 0.61 -171.40 -33.38
CA ALA SA 47 -0.80 -171.74 -33.54
C ALA SA 47 -1.58 -170.69 -34.30
N ALA SA 48 -1.52 -169.42 -33.84
CA ALA SA 48 -2.05 -168.18 -34.42
C ALA SA 48 -3.57 -168.07 -34.46
N ALA SA 49 -4.33 -169.10 -34.05
CA ALA SA 49 -5.76 -168.97 -33.88
C ALA SA 49 -6.26 -169.78 -32.70
N ALA SA 50 -5.44 -169.94 -31.66
CA ALA SA 50 -5.72 -170.90 -30.60
C ALA SA 50 -6.76 -170.35 -29.63
N ALA SA 51 -7.88 -171.05 -29.52
CA ALA SA 51 -8.86 -170.80 -28.46
C ALA SA 51 -8.64 -171.88 -27.40
N ALA SA 52 -7.57 -171.71 -26.63
CA ALA SA 52 -7.15 -172.73 -25.69
C ALA SA 52 -8.00 -172.70 -24.42
N ALA SA 53 -8.31 -173.89 -23.92
CA ALA SA 53 -8.95 -174.05 -22.62
C ALA SA 53 -8.12 -175.04 -21.83
N ALA SA 54 -7.99 -174.79 -20.52
CA ALA SA 54 -7.16 -175.65 -19.69
C ALA SA 54 -7.82 -175.85 -18.34
N ALA SA 55 -8.03 -177.10 -17.97
CA ALA SA 55 -8.51 -177.51 -16.67
C ALA SA 55 -7.30 -177.84 -15.77
N ALA SA 56 -7.54 -178.58 -14.69
CA ALA SA 56 -6.64 -178.71 -13.54
C ALA SA 56 -5.31 -179.38 -13.88
N ALA SA 57 -4.27 -178.93 -13.18
CA ALA SA 57 -2.86 -179.34 -13.28
C ALA SA 57 -2.32 -179.19 -14.70
N ALA SA 58 -2.45 -177.98 -15.23
CA ALA SA 58 -1.99 -177.65 -16.57
C ALA SA 58 -0.82 -176.67 -16.45
N ALA SA 59 0.39 -177.21 -16.47
CA ALA SA 59 1.61 -176.42 -16.55
C ALA SA 59 2.10 -176.41 -17.98
N ALA SA 60 2.29 -175.22 -18.54
CA ALA SA 60 2.59 -175.10 -19.96
C ALA SA 60 3.67 -174.07 -20.20
N ALA SA 61 4.42 -174.26 -21.28
CA ALA SA 61 5.47 -173.33 -21.67
C ALA SA 61 5.52 -173.32 -23.20
N ALA SA 62 4.91 -172.32 -23.82
CA ALA SA 62 4.70 -172.33 -25.26
C ALA SA 62 5.03 -170.98 -25.87
N ALA SA 63 5.49 -171.01 -27.12
CA ALA SA 63 5.84 -169.80 -27.88
C ALA SA 63 4.90 -169.60 -29.06
N ALA SA 64 3.62 -169.84 -28.85
CA ALA SA 64 2.63 -169.82 -29.92
C ALA SA 64 1.60 -168.73 -29.67
N ALA SA 65 1.10 -168.15 -30.75
CA ALA SA 65 0.08 -167.12 -30.65
C ALA SA 65 -1.28 -167.74 -30.42
N ALA SA 66 -2.06 -167.15 -29.52
CA ALA SA 66 -3.40 -167.61 -29.18
C ALA SA 66 -4.42 -166.56 -29.55
N ALA SA 67 -5.69 -166.91 -29.40
CA ALA SA 67 -6.78 -165.98 -29.66
C ALA SA 67 -7.71 -165.89 -28.47
N ALA SA 68 -7.90 -167.01 -27.78
CA ALA SA 68 -8.74 -167.02 -26.59
C ALA SA 68 -8.13 -167.96 -25.56
N ALA SA 69 -8.38 -167.66 -24.30
CA ALA SA 69 -7.85 -168.44 -23.19
C ALA SA 69 -8.94 -168.65 -22.16
N ALA SA 70 -9.09 -169.89 -21.70
CA ALA SA 70 -10.06 -170.23 -20.68
C ALA SA 70 -9.40 -171.08 -19.62
N ALA SA 71 -9.67 -170.77 -18.36
CA ALA SA 71 -9.13 -171.54 -17.24
C ALA SA 71 -10.29 -172.07 -16.40
N ALA SA 72 -10.12 -173.27 -15.85
CA ALA SA 72 -11.21 -173.96 -15.17
C ALA SA 72 -10.96 -174.18 -13.68
N ALA SA 73 -9.87 -174.85 -13.30
CA ALA SA 73 -9.63 -175.11 -11.88
C ALA SA 73 -8.34 -174.51 -11.36
N ALA SA 74 -7.19 -174.88 -11.92
CA ALA SA 74 -5.87 -174.47 -11.44
C ALA SA 74 -4.86 -174.75 -12.53
N ALA SA 75 -3.95 -173.80 -12.76
CA ALA SA 75 -3.02 -173.93 -13.87
C ALA SA 75 -1.74 -173.15 -13.55
N ALA SA 76 -0.77 -173.27 -14.46
CA ALA SA 76 0.44 -172.46 -14.45
C ALA SA 76 0.94 -172.41 -15.90
N ALA SA 77 0.62 -171.33 -16.59
CA ALA SA 77 1.01 -171.19 -17.98
C ALA SA 77 2.21 -170.26 -18.12
N ALA SA 78 2.90 -170.40 -19.25
CA ALA SA 78 3.91 -169.44 -19.67
C ALA SA 78 3.87 -169.42 -21.20
N ALA SA 79 3.06 -168.53 -21.74
CA ALA SA 79 2.78 -168.52 -23.17
C ALA SA 79 3.26 -167.21 -23.79
N ALA SA 80 3.62 -167.29 -25.06
CA ALA SA 80 4.07 -166.13 -25.82
C ALA SA 80 3.08 -165.88 -26.97
N ALA SA 81 2.01 -165.16 -26.67
CA ALA SA 81 0.97 -164.88 -27.64
C ALA SA 81 1.30 -163.60 -28.42
N ALA SA 82 0.55 -163.34 -29.49
CA ALA SA 82 0.95 -162.22 -30.34
C ALA SA 82 -0.15 -161.24 -30.70
N ALA SA 83 -1.37 -161.69 -31.00
CA ALA SA 83 -2.29 -160.89 -31.80
C ALA SA 83 -3.48 -160.35 -31.02
N ALA SA 84 -4.29 -161.22 -30.43
CA ALA SA 84 -5.46 -160.81 -29.68
C ALA SA 84 -5.75 -161.87 -28.64
N ALA SA 85 -6.48 -161.47 -27.60
CA ALA SA 85 -6.77 -162.41 -26.53
C ALA SA 85 -8.12 -162.10 -25.92
N ALA SA 86 -9.00 -163.09 -25.93
CA ALA SA 86 -10.22 -163.08 -25.13
C ALA SA 86 -10.01 -164.09 -24.01
N ALA SA 87 -9.77 -163.61 -22.80
CA ALA SA 87 -9.34 -164.45 -21.70
C ALA SA 87 -10.37 -164.45 -20.58
N ALA SA 88 -10.59 -165.63 -20.01
CA ALA SA 88 -11.48 -165.79 -18.86
C ALA SA 88 -10.95 -166.93 -18.01
N ALA SA 89 -11.06 -166.78 -16.69
CA ALA SA 89 -10.46 -167.71 -15.76
C ALA SA 89 -11.48 -168.13 -14.71
N ALA SA 90 -11.10 -169.16 -13.95
CA ALA SA 90 -11.89 -169.63 -12.81
C ALA SA 90 -10.94 -170.25 -11.80
N ALA SA 91 -10.62 -169.47 -10.75
CA ALA SA 91 -9.88 -169.88 -9.54
C ALA SA 91 -8.46 -170.38 -9.82
N ALA SA 92 -7.86 -169.92 -10.92
CA ALA SA 92 -6.61 -170.48 -11.41
C ALA SA 92 -5.51 -169.43 -11.34
N ALA SA 93 -4.35 -169.81 -11.85
CA ALA SA 93 -3.20 -168.93 -11.99
C ALA SA 93 -2.68 -169.03 -13.41
N ALA SA 94 -2.19 -167.92 -13.95
CA ALA SA 94 -1.77 -167.89 -15.34
C ALA SA 94 -0.71 -166.81 -15.51
N ALA SA 95 0.26 -167.08 -16.38
CA ALA SA 95 1.26 -166.10 -16.76
C ALA SA 95 1.46 -166.15 -18.26
N ALA SA 96 1.66 -164.98 -18.86
CA ALA SA 96 1.94 -164.88 -20.29
C ALA SA 96 3.12 -163.92 -20.48
N ALA SA 97 3.81 -164.10 -21.60
CA ALA SA 97 5.14 -163.49 -21.74
C ALA SA 97 5.23 -162.42 -22.80
N ALA SA 98 4.88 -162.71 -24.05
CA ALA SA 98 5.22 -161.82 -25.15
C ALA SA 98 4.19 -160.70 -25.29
N ALA SA 99 4.30 -159.94 -26.38
CA ALA SA 99 3.47 -158.77 -26.61
C ALA SA 99 2.09 -159.22 -27.07
N ALA SA 100 1.08 -159.01 -26.23
CA ALA SA 100 -0.29 -159.36 -26.53
C ALA SA 100 -1.16 -158.11 -26.59
N ALA SA 101 -2.37 -158.29 -27.12
CA ALA SA 101 -3.35 -157.21 -27.16
C ALA SA 101 -4.65 -157.77 -26.58
N ALA SA 102 -4.76 -157.72 -25.26
CA ALA SA 102 -5.93 -158.25 -24.57
C ALA SA 102 -7.03 -157.19 -24.61
N ALA SA 103 -8.08 -157.45 -25.37
CA ALA SA 103 -9.16 -156.47 -25.49
C ALA SA 103 -10.07 -156.51 -24.28
N ALA SA 104 -10.50 -157.69 -23.87
CA ALA SA 104 -11.40 -157.82 -22.73
C ALA SA 104 -10.89 -158.92 -21.81
N ALA SA 105 -11.02 -158.69 -20.51
CA ALA SA 105 -10.69 -159.70 -19.51
C ALA SA 105 -11.73 -159.64 -18.40
N ALA SA 106 -12.46 -160.72 -18.22
CA ALA SA 106 -13.48 -160.83 -17.19
C ALA SA 106 -13.07 -161.93 -16.23
N ALA SA 107 -12.78 -161.56 -14.99
CA ALA SA 107 -12.36 -162.53 -13.98
C ALA SA 107 -13.37 -162.48 -12.85
N ALA SA 108 -14.16 -163.55 -12.73
CA ALA SA 108 -15.21 -163.64 -11.73
C ALA SA 108 -14.87 -164.61 -10.61
N ALA SA 109 -13.60 -164.92 -10.42
CA ALA SA 109 -13.18 -165.92 -9.45
C ALA SA 109 -11.79 -165.53 -8.93
N ALA SA 110 -11.08 -166.50 -8.35
CA ALA SA 110 -9.74 -166.27 -7.81
C ALA SA 110 -8.73 -166.53 -8.92
N ALA SA 111 -8.34 -165.48 -9.62
CA ALA SA 111 -7.49 -165.58 -10.80
C ALA SA 111 -6.21 -164.79 -10.56
N ALA SA 112 -5.09 -165.50 -10.50
CA ALA SA 112 -3.78 -164.86 -10.44
C ALA SA 112 -3.26 -164.75 -11.87
N ALA SA 113 -3.74 -163.75 -12.58
CA ALA SA 113 -3.42 -163.57 -13.99
C ALA SA 113 -2.29 -162.55 -14.13
N ALA SA 114 -1.27 -162.90 -14.91
CA ALA SA 114 -0.15 -162.03 -15.14
C ALA SA 114 0.20 -162.02 -16.62
N ALA SA 115 0.53 -160.85 -17.15
CA ALA SA 115 0.98 -160.71 -18.52
C ALA SA 115 2.16 -159.75 -18.54
N ALA SA 116 3.31 -160.22 -18.99
CA ALA SA 116 4.53 -159.42 -18.96
C ALA SA 116 4.56 -158.34 -20.04
N ALA SA 117 3.71 -158.44 -21.06
CA ALA SA 117 3.61 -157.40 -22.06
C ALA SA 117 2.19 -157.40 -22.61
N ALA SA 118 1.48 -156.29 -22.43
CA ALA SA 118 0.16 -156.10 -23.00
C ALA SA 118 0.18 -154.78 -23.74
N ALA SA 119 0.21 -154.84 -25.07
CA ALA SA 119 0.20 -153.65 -25.93
C ALA SA 119 -1.12 -153.65 -26.67
N ALA SA 120 -2.15 -153.10 -26.03
CA ALA SA 120 -3.51 -153.12 -26.56
C ALA SA 120 -3.96 -151.71 -26.88
N ALA SA 121 -5.22 -151.59 -27.27
CA ALA SA 121 -5.82 -150.31 -27.59
C ALA SA 121 -6.94 -149.93 -26.64
N ALA SA 122 -7.73 -150.89 -26.19
CA ALA SA 122 -8.79 -150.61 -25.22
C ALA SA 122 -8.98 -151.88 -24.39
N ALA SA 123 -8.35 -151.91 -23.22
CA ALA SA 123 -8.41 -153.08 -22.35
C ALA SA 123 -9.49 -152.86 -21.31
N ALA SA 124 -10.57 -153.62 -21.42
CA ALA SA 124 -11.66 -153.56 -20.45
C ALA SA 124 -11.51 -154.76 -19.52
N ALA SA 125 -11.20 -154.49 -18.27
CA ALA SA 125 -11.01 -155.52 -17.26
C ALA SA 125 -12.12 -155.41 -16.24
N ALA SA 126 -12.97 -156.42 -16.17
CA ALA SA 126 -14.03 -156.49 -15.18
C ALA SA 126 -13.67 -157.57 -14.18
N ALA SA 127 -13.75 -157.24 -12.88
CA ALA SA 127 -13.32 -158.14 -11.83
C ALA SA 127 -14.40 -158.32 -10.79
N ALA SA 128 -14.51 -159.54 -10.28
CA ALA SA 128 -15.59 -159.89 -9.34
C ALA SA 128 -15.04 -160.78 -8.23
N ALA SA 129 -14.79 -160.16 -7.09
CA ALA SA 129 -14.74 -160.64 -5.71
C ALA SA 129 -13.54 -161.46 -5.26
N ALA SA 130 -12.68 -161.96 -6.16
CA ALA SA 130 -11.57 -162.74 -5.64
C ALA SA 130 -10.22 -162.61 -6.36
N ALA SA 131 -10.22 -162.11 -7.59
CA ALA SA 131 -9.08 -162.25 -8.49
C ALA SA 131 -7.90 -161.33 -8.13
N ALA SA 132 -6.82 -161.49 -8.88
CA ALA SA 132 -5.62 -160.67 -8.71
C ALA SA 132 -4.93 -160.58 -10.08
N ALA SA 133 -5.23 -159.53 -10.82
CA ALA SA 133 -4.65 -159.34 -12.14
C ALA SA 133 -3.45 -158.39 -12.05
N ALA SA 134 -2.35 -158.77 -12.70
CA ALA SA 134 -1.14 -157.96 -12.72
C ALA SA 134 -0.63 -157.92 -14.15
N ALA SA 135 -1.14 -156.98 -14.94
CA ALA SA 135 -0.84 -156.87 -16.36
C ALA SA 135 -0.22 -155.51 -16.61
N ALA SA 136 0.99 -155.48 -17.19
CA ALA SA 136 1.69 -154.20 -17.27
C ALA SA 136 2.64 -154.16 -18.46
N ALA SA 137 2.15 -153.63 -19.60
CA ALA SA 137 3.09 -152.86 -20.41
C ALA SA 137 2.59 -151.46 -20.79
N ALA SA 138 1.58 -151.40 -21.67
CA ALA SA 138 1.17 -150.12 -22.27
C ALA SA 138 -0.21 -150.31 -22.92
N ALA SA 139 -1.22 -149.70 -22.33
CA ALA SA 139 -2.53 -149.69 -22.97
C ALA SA 139 -2.76 -148.30 -23.57
N ALA SA 140 -3.90 -148.13 -24.23
CA ALA SA 140 -4.30 -146.82 -24.72
C ALA SA 140 -5.63 -146.36 -24.17
N ALA SA 141 -6.49 -147.26 -23.73
CA ALA SA 141 -7.72 -146.90 -23.01
C ALA SA 141 -8.04 -148.06 -22.09
N ALA SA 142 -7.75 -147.91 -20.80
CA ALA SA 142 -8.03 -148.94 -19.82
C ALA SA 142 -9.35 -148.63 -19.13
N ALA SA 143 -10.17 -149.65 -18.96
CA ALA SA 143 -11.45 -149.53 -18.27
C ALA SA 143 -11.48 -150.64 -17.23
N ALA SA 144 -11.07 -150.31 -16.01
CA ALA SA 144 -10.97 -151.28 -14.93
C ALA SA 144 -12.21 -151.14 -14.06
N ALA SA 145 -13.20 -151.98 -14.32
CA ALA SA 145 -14.39 -152.04 -13.47
C ALA SA 145 -14.16 -153.17 -12.47
N ALA SA 146 -13.67 -152.82 -11.29
CA ALA SA 146 -13.55 -153.78 -10.21
C ALA SA 146 -14.81 -153.68 -9.38
N ALA SA 147 -15.75 -154.62 -9.62
CA ALA SA 147 -17.02 -154.69 -8.89
C ALA SA 147 -16.91 -155.63 -7.71
N ALA SA 148 -15.78 -155.57 -7.02
CA ALA SA 148 -15.05 -156.70 -6.50
C ALA SA 148 -14.60 -156.44 -5.08
N ALA SA 149 -14.31 -157.50 -4.35
CA ALA SA 149 -13.50 -157.45 -3.14
C ALA SA 149 -12.07 -157.88 -3.44
N ALA SA 150 -11.57 -157.48 -4.60
CA ALA SA 150 -10.38 -158.08 -5.20
C ALA SA 150 -9.40 -156.99 -5.57
N ALA SA 151 -8.29 -157.39 -6.17
CA ALA SA 151 -7.15 -156.53 -6.42
C ALA SA 151 -6.82 -156.50 -7.90
N ALA SA 152 -6.48 -155.32 -8.41
CA ALA SA 152 -6.05 -155.14 -9.79
C ALA SA 152 -4.80 -154.27 -9.75
N ALA SA 153 -3.65 -154.91 -9.60
CA ALA SA 153 -2.39 -154.20 -9.52
C ALA SA 153 -1.87 -153.95 -10.93
N ALA SA 154 -1.26 -152.78 -11.15
CA ALA SA 154 -0.78 -152.45 -12.47
C ALA SA 154 0.38 -151.46 -12.40
N ALA SA 155 1.36 -151.72 -13.24
CA ALA SA 155 2.32 -150.71 -13.67
C ALA SA 155 2.14 -150.47 -15.16
N ALA SA 156 0.93 -150.69 -15.65
CA ALA SA 156 0.60 -150.54 -17.06
C ALA SA 156 0.47 -149.06 -17.38
N ALA SA 157 1.38 -148.54 -18.19
CA ALA SA 157 1.38 -147.11 -18.52
C ALA SA 157 0.32 -146.88 -19.58
N ALA SA 158 -0.92 -146.70 -19.14
CA ALA SA 158 -2.04 -146.43 -20.03
C ALA SA 158 -2.13 -144.96 -20.35
N ALA SA 159 -2.50 -144.67 -21.60
CA ALA SA 159 -2.68 -143.27 -22.02
C ALA SA 159 -3.94 -142.67 -21.44
N ALA SA 160 -5.02 -143.43 -21.37
CA ALA SA 160 -6.23 -143.01 -20.70
C ALA SA 160 -6.70 -144.14 -19.80
N ALA SA 161 -7.16 -143.80 -18.61
CA ALA SA 161 -7.56 -144.80 -17.63
C ALA SA 161 -8.91 -144.41 -17.04
N ALA SA 162 -9.76 -145.42 -16.82
CA ALA SA 162 -11.07 -145.23 -16.22
C ALA SA 162 -11.28 -146.40 -15.27
N ALA SA 163 -11.01 -146.18 -13.99
CA ALA SA 163 -11.03 -147.23 -12.98
C ALA SA 163 -12.11 -146.92 -11.96
N ALA SA 164 -13.06 -147.83 -11.82
CA ALA SA 164 -14.12 -147.71 -10.83
C ALA SA 164 -14.09 -148.93 -9.92
N ALA SA 165 -13.89 -148.70 -8.64
CA ALA SA 165 -13.83 -149.76 -7.63
C ALA SA 165 -15.09 -149.67 -6.76
N ALA SA 166 -15.75 -150.80 -6.56
CA ALA SA 166 -17.11 -150.77 -6.04
C ALA SA 166 -17.27 -151.13 -4.58
N ALA SA 167 -16.61 -152.19 -4.08
CA ALA SA 167 -16.83 -152.58 -2.67
C ALA SA 167 -15.57 -153.26 -2.11
N ALA SA 168 -14.70 -152.43 -1.50
CA ALA SA 168 -13.40 -152.84 -0.90
C ALA SA 168 -12.50 -153.58 -1.87
N ALA SA 169 -12.41 -153.06 -3.09
CA ALA SA 169 -11.41 -153.48 -4.05
C ALA SA 169 -10.12 -152.70 -3.81
N ALA SA 170 -9.08 -153.05 -4.55
CA ALA SA 170 -7.81 -152.33 -4.47
C ALA SA 170 -7.16 -152.32 -5.84
N ALA SA 171 -7.07 -151.16 -6.46
CA ALA SA 171 -6.57 -151.04 -7.82
C ALA SA 171 -5.38 -150.10 -7.85
N ALA SA 172 -4.29 -150.55 -8.46
CA ALA SA 172 -3.09 -149.75 -8.60
C ALA SA 172 -2.94 -149.39 -10.07
N ALA SA 173 -3.15 -148.12 -10.39
CA ALA SA 173 -3.17 -147.65 -11.76
C ALA SA 173 -1.98 -146.73 -12.04
N ALA SA 174 -1.75 -146.48 -13.33
CA ALA SA 174 -0.72 -145.55 -13.77
C ALA SA 174 -1.16 -144.97 -15.10
N ALA SA 175 -1.52 -143.69 -15.09
CA ALA SA 175 -2.09 -143.04 -16.27
C ALA SA 175 -1.10 -142.05 -16.86
N ALA SA 176 -0.94 -142.09 -18.18
CA ALA SA 176 -0.05 -141.16 -18.84
C ALA SA 176 -0.71 -139.81 -19.06
N ALA SA 177 -1.79 -139.79 -19.83
CA ALA SA 177 -2.42 -138.53 -20.19
C ALA SA 177 -3.73 -138.27 -19.48
N ALA SA 178 -4.53 -139.30 -19.21
CA ALA SA 178 -5.88 -139.12 -18.70
C ALA SA 178 -6.11 -140.09 -17.56
N ALA SA 179 -6.42 -139.56 -16.38
CA ALA SA 179 -6.75 -140.38 -15.23
C ALA SA 179 -8.19 -140.15 -14.84
N ALA SA 180 -8.95 -141.23 -14.73
CA ALA SA 180 -10.36 -141.19 -14.39
C ALA SA 180 -10.60 -142.20 -13.30
N ALA SA 181 -11.02 -141.74 -12.12
CA ALA SA 181 -11.12 -142.65 -11.00
C ALA SA 181 -12.41 -142.43 -10.24
N ALA SA 182 -13.12 -143.51 -9.94
CA ALA SA 182 -14.21 -143.48 -8.99
C ALA SA 182 -14.03 -144.62 -8.01
N ALA SA 183 -14.13 -144.30 -6.73
CA ALA SA 183 -13.95 -145.30 -5.71
C ALA SA 183 -15.17 -145.34 -4.81
N ALA SA 184 -15.48 -146.53 -4.28
CA ALA SA 184 -16.57 -146.69 -3.32
C ALA SA 184 -16.14 -147.73 -2.30
N ALA SA 185 -15.90 -147.27 -1.06
CA ALA SA 185 -15.46 -148.06 0.12
C ALA SA 185 -14.15 -148.83 -0.12
N ALA SA 186 -13.29 -148.32 -1.00
CA ALA SA 186 -12.22 -149.11 -1.59
C ALA SA 186 -10.98 -148.24 -1.71
N ALA SA 187 -10.00 -148.72 -2.47
CA ALA SA 187 -8.74 -148.01 -2.61
C ALA SA 187 -8.30 -147.99 -4.07
N ALA SA 188 -7.92 -146.80 -4.55
CA ALA SA 188 -7.36 -146.62 -5.87
C ALA SA 188 -6.04 -145.87 -5.74
N ALA SA 189 -4.94 -146.52 -6.05
CA ALA SA 189 -3.61 -145.97 -5.85
C ALA SA 189 -3.04 -145.53 -7.18
N ALA SA 190 -2.77 -144.23 -7.33
CA ALA SA 190 -2.26 -143.66 -8.57
C ALA SA 190 -0.74 -143.61 -8.48
N ALA SA 191 -0.07 -144.46 -9.24
CA ALA SA 191 1.37 -144.56 -9.17
C ALA SA 191 2.08 -143.63 -10.14
N ALA SA 192 1.35 -142.86 -10.95
CA ALA SA 192 1.96 -141.86 -11.82
C ALA SA 192 0.98 -140.71 -11.99
N ALA SA 193 1.49 -139.49 -11.92
CA ALA SA 193 0.64 -138.32 -12.07
C ALA SA 193 0.35 -138.10 -13.54
N ALA SA 194 -0.93 -138.09 -13.90
CA ALA SA 194 -1.32 -137.97 -15.29
C ALA SA 194 -1.22 -136.52 -15.76
N ALA SA 195 -1.39 -136.34 -17.07
CA ALA SA 195 -1.43 -135.00 -17.61
C ALA SA 195 -2.72 -134.28 -17.22
N ALA SA 196 -3.82 -135.01 -17.11
CA ALA SA 196 -5.03 -134.48 -16.51
C ALA SA 196 -5.66 -135.59 -15.69
N ALA SA 197 -5.90 -135.32 -14.42
CA ALA SA 197 -6.40 -136.32 -13.48
C ALA SA 197 -7.73 -135.87 -12.91
N ALA SA 198 -8.61 -136.83 -12.68
CA ALA SA 198 -9.87 -136.56 -11.99
C ALA SA 198 -10.30 -137.79 -11.22
N ALA SA 199 -10.53 -137.61 -9.93
CA ALA SA 199 -10.86 -138.73 -9.05
C ALA SA 199 -12.01 -138.32 -8.15
N ALA SA 200 -12.98 -139.21 -8.02
CA ALA SA 200 -14.13 -139.00 -7.17
C ALA SA 200 -14.23 -140.15 -6.20
N ALA SA 201 -14.40 -139.81 -4.93
CA ALA SA 201 -14.48 -140.80 -3.86
C ALA SA 201 -15.88 -140.80 -3.29
N ALA SA 202 -16.42 -141.99 -3.07
CA ALA SA 202 -17.71 -142.22 -2.45
C ALA SA 202 -17.51 -142.40 -0.95
N ALA SA 203 -18.50 -143.00 -0.29
CA ALA SA 203 -18.46 -143.26 1.16
C ALA SA 203 -17.32 -144.20 1.52
N ALA SA 204 -16.43 -143.71 2.41
CA ALA SA 204 -15.27 -144.41 2.98
C ALA SA 204 -14.29 -144.89 1.91
N ALA SA 205 -14.12 -144.08 0.87
CA ALA SA 205 -13.40 -144.46 -0.33
C ALA SA 205 -12.14 -143.64 -0.50
N ALA SA 206 -11.07 -144.27 -0.96
CA ALA SA 206 -9.74 -143.64 -0.95
C ALA SA 206 -9.11 -143.68 -2.33
N ALA SA 207 -9.12 -142.54 -3.03
CA ALA SA 207 -8.33 -142.40 -4.25
C ALA SA 207 -7.07 -141.63 -3.89
N ALA SA 208 -6.15 -142.32 -3.21
CA ALA SA 208 -4.91 -141.70 -2.75
C ALA SA 208 -3.83 -141.89 -3.80
N ALA SA 209 -3.27 -140.79 -4.29
CA ALA SA 209 -2.23 -140.85 -5.32
C ALA SA 209 -0.92 -141.21 -4.63
N ALA SA 210 -0.71 -142.51 -4.47
CA ALA SA 210 0.42 -143.02 -3.69
C ALA SA 210 1.65 -143.25 -4.57
N ALA SA 211 2.17 -142.15 -5.09
CA ALA SA 211 3.45 -142.19 -5.78
C ALA SA 211 4.57 -142.20 -4.75
N ALA SA 212 5.74 -142.63 -5.18
CA ALA SA 212 6.90 -142.69 -4.29
C ALA SA 212 7.49 -141.29 -4.15
N ALA SA 213 7.36 -140.72 -2.96
CA ALA SA 213 8.07 -139.48 -2.64
C ALA SA 213 9.57 -139.78 -2.57
N ALA SA 214 10.37 -138.75 -2.84
CA ALA SA 214 11.76 -138.83 -3.28
C ALA SA 214 11.91 -139.78 -4.48
N ALA SA 215 11.35 -139.33 -5.60
CA ALA SA 215 11.81 -139.83 -6.87
C ALA SA 215 13.08 -139.11 -7.29
N ALA SA 216 13.57 -139.46 -8.48
CA ALA SA 216 14.69 -138.69 -9.04
C ALA SA 216 14.24 -137.30 -9.46
N ALA SA 217 13.14 -137.23 -10.19
CA ALA SA 217 12.45 -135.97 -10.46
C ALA SA 217 10.97 -136.26 -10.46
N ALA SA 218 10.33 -136.14 -9.31
CA ALA SA 218 8.89 -136.29 -9.22
C ALA SA 218 8.27 -134.99 -9.71
N ALA SA 219 7.48 -135.08 -10.77
CA ALA SA 219 6.82 -133.90 -11.31
C ALA SA 219 5.67 -133.49 -10.41
N ALA SA 220 5.60 -132.20 -10.10
CA ALA SA 220 4.58 -131.71 -9.20
C ALA SA 220 3.25 -131.60 -9.91
N ALA SA 221 2.19 -131.47 -9.12
CA ALA SA 221 0.84 -131.29 -9.66
C ALA SA 221 0.71 -129.87 -10.18
N ALA SA 222 0.54 -129.73 -11.49
CA ALA SA 222 0.48 -128.42 -12.13
C ALA SA 222 -0.91 -127.80 -11.97
N ALA SA 223 -1.14 -126.69 -12.68
CA ALA SA 223 -2.42 -125.99 -12.57
C ALA SA 223 -3.55 -126.74 -13.26
N ALA SA 224 -3.24 -127.60 -14.20
CA ALA SA 224 -4.24 -128.42 -14.85
C ALA SA 224 -4.46 -129.76 -14.18
N ALA SA 225 -3.65 -130.11 -13.18
CA ALA SA 225 -3.75 -131.43 -12.57
C ALA SA 225 -3.93 -131.39 -11.07
N ALA SA 226 -4.00 -130.21 -10.46
CA ALA SA 226 -4.11 -130.11 -9.02
C ALA SA 226 -5.56 -130.32 -8.62
N ALA SA 227 -5.92 -131.56 -8.34
CA ALA SA 227 -7.19 -131.87 -7.74
C ALA SA 227 -6.99 -132.12 -6.26
N ALA SA 228 -8.08 -132.03 -5.51
CA ALA SA 228 -8.04 -132.18 -4.07
C ALA SA 228 -7.91 -133.66 -3.67
N ALA TA 1 18.85 -156.45 -19.13
CA ALA TA 1 17.78 -157.43 -19.32
C ALA TA 1 16.52 -156.75 -19.85
N ALA TA 2 16.69 -155.96 -20.91
CA ALA TA 2 15.60 -155.21 -21.50
C ALA TA 2 14.99 -155.95 -22.68
N ALA TA 3 14.11 -155.28 -23.42
CA ALA TA 3 13.55 -155.81 -24.66
C ALA TA 3 13.23 -154.59 -25.53
N ALA TA 4 14.13 -154.27 -26.45
CA ALA TA 4 13.93 -153.09 -27.29
C ALA TA 4 12.91 -153.38 -28.38
N ALA TA 5 12.38 -152.31 -28.96
CA ALA TA 5 11.50 -152.40 -30.11
C ALA TA 5 12.20 -151.80 -31.32
N ALA TA 6 11.69 -152.14 -32.50
CA ALA TA 6 12.34 -151.79 -33.75
C ALA TA 6 11.98 -150.40 -34.25
N ALA TA 7 11.15 -149.66 -33.52
CA ALA TA 7 10.69 -148.35 -33.96
C ALA TA 7 11.70 -147.29 -33.52
N ALA TA 8 11.30 -146.02 -33.60
CA ALA TA 8 12.15 -144.95 -33.11
C ALA TA 8 12.15 -144.92 -31.58
N ALA TA 9 13.05 -145.72 -31.00
CA ALA TA 9 13.57 -145.58 -29.63
C ALA TA 9 12.53 -145.86 -28.55
N ALA TA 10 11.89 -147.02 -28.62
CA ALA TA 10 11.07 -147.52 -27.52
C ALA TA 10 11.63 -148.86 -27.04
N ALA TA 11 11.49 -149.11 -25.73
CA ALA TA 11 12.05 -150.33 -25.16
C ALA TA 11 11.24 -150.71 -23.94
N ALA TA 12 10.69 -151.92 -23.92
CA ALA TA 12 10.16 -152.44 -22.67
C ALA TA 12 11.30 -152.98 -21.83
N ALA TA 13 11.04 -153.18 -20.55
CA ALA TA 13 12.05 -153.70 -19.65
C ALA TA 13 11.36 -154.54 -18.58
N ALA TA 14 11.97 -155.67 -18.26
CA ALA TA 14 11.33 -156.65 -17.40
C ALA TA 14 12.14 -156.92 -16.14
N ALA TA 15 12.64 -155.86 -15.50
CA ALA TA 15 13.16 -156.01 -14.15
C ALA TA 15 12.04 -156.26 -13.16
N ALA TA 16 11.14 -155.30 -13.04
CA ALA TA 16 9.80 -155.56 -12.53
C ALA TA 16 8.75 -155.27 -13.60
N ALA TA 17 8.68 -154.02 -14.07
CA ALA TA 17 7.79 -153.58 -15.14
C ALA TA 17 8.24 -152.21 -15.65
N ALA TA 18 8.54 -152.10 -16.94
CA ALA TA 18 8.81 -150.80 -17.54
C ALA TA 18 8.47 -150.83 -19.02
N ALA TA 19 8.01 -149.70 -19.55
CA ALA TA 19 7.93 -149.47 -20.99
C ALA TA 19 8.44 -148.05 -21.26
N ALA TA 20 9.76 -147.92 -21.40
CA ALA TA 20 10.40 -146.61 -21.47
C ALA TA 20 10.83 -146.31 -22.90
N ALA TA 21 11.45 -145.15 -23.08
CA ALA TA 21 11.87 -144.69 -24.39
C ALA TA 21 13.33 -144.27 -24.35
N ALA TA 22 14.07 -144.68 -25.37
CA ALA TA 22 15.47 -144.32 -25.54
C ALA TA 22 15.56 -143.05 -26.38
N ALA TA 23 16.73 -142.76 -26.93
CA ALA TA 23 16.88 -141.72 -27.95
C ALA TA 23 17.24 -142.29 -29.32
N ALA TA 24 18.04 -143.37 -29.34
CA ALA TA 24 18.54 -144.08 -30.53
C ALA TA 24 19.30 -143.15 -31.50
N ALA TA 25 20.06 -142.22 -30.94
CA ALA TA 25 20.97 -141.39 -31.70
C ALA TA 25 22.41 -141.47 -31.20
N ALA TA 26 22.60 -141.68 -29.90
CA ALA TA 26 23.91 -141.96 -29.34
C ALA TA 26 24.23 -143.46 -29.33
N ALA TA 27 23.21 -144.31 -29.51
CA ALA TA 27 23.29 -145.76 -29.69
C ALA TA 27 23.95 -146.48 -28.50
N ALA TA 28 23.36 -146.32 -27.32
CA ALA TA 28 23.83 -147.00 -26.12
C ALA TA 28 23.14 -148.35 -26.03
N ALA TA 29 23.52 -149.25 -26.92
CA ALA TA 29 22.98 -150.60 -26.96
C ALA TA 29 23.90 -151.55 -26.20
N ALA TA 30 24.09 -151.24 -24.92
CA ALA TA 30 24.97 -152.03 -24.07
C ALA TA 30 24.34 -153.35 -23.67
N ALA TA 31 22.99 -153.39 -23.62
CA ALA TA 31 22.16 -154.51 -23.15
C ALA TA 31 22.52 -154.97 -21.73
N ALA TA 32 22.90 -154.03 -20.89
CA ALA TA 32 23.38 -154.32 -19.54
C ALA TA 32 23.16 -153.07 -18.72
N ALA TA 33 22.31 -153.16 -17.70
CA ALA TA 33 21.86 -151.98 -16.99
C ALA TA 33 21.38 -152.40 -15.61
N ALA TA 34 21.00 -151.40 -14.81
CA ALA TA 34 20.31 -151.60 -13.54
C ALA TA 34 18.93 -150.96 -13.70
N ALA TA 35 17.99 -151.74 -14.21
CA ALA TA 35 16.64 -151.27 -14.46
C ALA TA 35 15.84 -151.32 -13.17
N ALA TA 36 15.13 -150.23 -12.86
CA ALA TA 36 14.40 -150.11 -11.62
C ALA TA 36 12.97 -149.69 -11.90
N ALA TA 37 12.10 -149.87 -10.89
CA ALA TA 37 10.71 -149.41 -10.96
C ALA TA 37 10.57 -148.01 -10.36
N ALA TA 38 11.41 -147.10 -10.83
CA ALA TA 38 11.31 -145.67 -10.57
C ALA TA 38 11.65 -144.91 -11.83
N ALA TA 39 11.42 -145.55 -12.99
CA ALA TA 39 11.67 -145.06 -14.35
C ALA TA 39 13.14 -144.68 -14.55
N ALA TA 40 14.00 -145.69 -14.45
CA ALA TA 40 15.44 -145.44 -14.56
C ALA TA 40 16.08 -146.69 -15.15
N ALA TA 41 16.38 -146.65 -16.45
CA ALA TA 41 17.19 -147.67 -17.10
C ALA TA 41 18.61 -147.14 -17.15
N ALA TA 42 19.36 -147.37 -16.07
CA ALA TA 42 20.71 -146.84 -15.91
C ALA TA 42 21.69 -147.77 -16.62
N ALA TA 43 22.01 -147.43 -17.86
CA ALA TA 43 22.85 -148.27 -18.70
C ALA TA 43 24.32 -148.01 -18.44
N ALA TA 44 25.18 -148.57 -19.28
CA ALA TA 44 26.62 -148.36 -19.13
C ALA TA 44 27.03 -146.97 -19.57
N ALA TA 45 26.40 -146.45 -20.63
CA ALA TA 45 26.73 -145.11 -21.10
C ALA TA 45 26.00 -144.04 -20.29
N ALA TA 46 24.68 -144.05 -20.32
CA ALA TA 46 23.87 -143.02 -19.68
C ALA TA 46 22.65 -143.69 -19.05
N ALA TA 47 21.67 -142.88 -18.66
CA ALA TA 47 20.44 -143.35 -18.05
C ALA TA 47 19.25 -143.02 -18.93
N ALA TA 48 18.28 -143.92 -18.96
CA ALA TA 48 17.09 -143.78 -19.78
C ALA TA 48 15.85 -143.89 -18.92
N ALA TA 49 14.82 -143.15 -19.29
CA ALA TA 49 13.57 -143.10 -18.54
C ALA TA 49 12.40 -143.19 -19.51
N ALA TA 50 11.20 -143.25 -18.93
CA ALA TA 50 9.98 -143.15 -19.72
C ALA TA 50 9.83 -141.71 -20.18
N ALA TA 51 10.11 -141.47 -21.46
CA ALA TA 51 10.20 -140.11 -21.98
C ALA TA 51 8.82 -139.49 -22.18
N ALA TA 52 8.76 -138.18 -22.00
CA ALA TA 52 7.52 -137.44 -22.17
C ALA TA 52 7.81 -136.04 -22.69
N ALA UA 1 -12.70 -103.78 24.83
CA ALA UA 1 -11.25 -103.88 24.86
C ALA UA 1 -10.84 -105.33 25.09
N ALA UA 2 -9.92 -105.57 26.02
CA ALA UA 2 -9.55 -106.93 26.39
C ALA UA 2 -10.67 -107.53 27.23
N ALA UA 3 -11.62 -108.17 26.58
CA ALA UA 3 -12.86 -108.58 27.21
C ALA UA 3 -12.85 -110.07 27.46
N ALA UA 4 -13.27 -110.45 28.67
CA ALA UA 4 -13.68 -111.75 29.16
C ALA UA 4 -12.54 -112.74 29.38
N ALA UA 5 -11.31 -112.46 28.94
CA ALA UA 5 -10.18 -113.24 29.44
C ALA UA 5 -9.89 -112.82 30.86
N ALA UA 6 -9.51 -111.57 31.04
CA ALA UA 6 -9.54 -110.82 32.28
C ALA UA 6 -9.56 -109.36 31.88
N ALA UA 7 -9.27 -108.48 32.82
CA ALA UA 7 -9.06 -107.10 32.44
C ALA UA 7 -7.65 -106.92 31.86
N ALA UA 8 -7.42 -105.75 31.27
CA ALA UA 8 -6.14 -105.45 30.64
C ALA UA 8 -5.08 -105.21 31.71
N ALA UA 9 -4.03 -106.03 31.70
CA ALA UA 9 -3.03 -105.93 32.77
C ALA UA 9 -2.05 -104.80 32.49
N ALA UA 10 -1.28 -104.91 31.41
CA ALA UA 10 -0.31 -103.91 31.05
C ALA UA 10 -0.69 -103.35 29.68
N ALA UA 11 0.17 -102.52 29.14
CA ALA UA 11 0.06 -102.07 27.75
C ALA UA 11 1.48 -102.15 27.19
N ALA UA 12 1.80 -103.28 26.57
CA ALA UA 12 3.17 -103.54 26.13
C ALA UA 12 3.46 -102.70 24.90
N ALA UA 13 4.44 -101.81 25.03
CA ALA UA 13 4.88 -101.03 23.89
C ALA UA 13 5.65 -101.93 22.93
N ALA UA 14 5.65 -101.50 21.66
CA ALA UA 14 5.95 -102.29 20.46
C ALA UA 14 5.09 -103.55 20.34
N ALA UA 15 3.85 -103.46 20.81
CA ALA UA 15 2.91 -104.58 20.79
C ALA UA 15 1.50 -104.02 20.94
N ALA UA 16 0.55 -104.94 21.13
CA ALA UA 16 -0.83 -104.65 21.45
C ALA UA 16 -0.98 -104.58 22.97
N ALA UA 17 -2.21 -104.45 23.46
CA ALA UA 17 -2.44 -104.44 24.90
C ALA UA 17 -2.31 -105.85 25.45
N ALA UA 18 -1.94 -105.93 26.72
CA ALA UA 18 -1.66 -107.21 27.37
C ALA UA 18 -2.74 -107.47 28.40
N ALA UA 19 -3.65 -108.39 28.07
CA ALA UA 19 -4.68 -108.79 29.01
C ALA UA 19 -4.07 -109.65 30.11
N ALA UA 20 -4.82 -109.81 31.20
CA ALA UA 20 -4.31 -110.56 32.34
C ALA UA 20 -4.59 -112.06 32.25
N ALA UA 21 -4.86 -112.56 31.05
CA ALA UA 21 -4.58 -113.95 30.70
C ALA UA 21 -3.51 -114.02 29.62
N ALA UA 22 -3.72 -113.38 28.46
CA ALA UA 22 -2.86 -113.51 27.29
C ALA UA 22 -2.68 -112.16 26.61
N ALA UA 23 -2.17 -112.14 25.38
CA ALA UA 23 -1.99 -110.89 24.64
C ALA UA 23 -3.25 -110.59 23.85
N ALA UA 24 -3.76 -109.37 23.99
CA ALA UA 24 -5.06 -109.05 23.43
C ALA UA 24 -4.96 -108.72 21.96
N ALA UA 25 -6.11 -108.45 21.34
CA ALA UA 25 -6.17 -108.07 19.94
C ALA UA 25 -6.40 -106.58 19.77
N ALA UA 26 -6.40 -105.82 20.86
CA ALA UA 26 -6.60 -104.38 20.78
C ALA UA 26 -5.24 -103.69 20.86
N ALA UA 27 -5.00 -102.77 19.93
CA ALA UA 27 -3.69 -102.17 19.76
C ALA UA 27 -3.42 -101.14 20.86
N ALA UA 28 -2.25 -101.22 21.48
CA ALA UA 28 -1.93 -100.36 22.60
C ALA UA 28 -1.46 -98.98 22.14
N ALA UA 29 -0.38 -98.94 21.39
CA ALA UA 29 0.24 -97.70 20.96
C ALA UA 29 -0.18 -97.36 19.54
N ALA UA 30 0.31 -96.22 19.06
CA ALA UA 30 0.12 -95.87 17.66
C ALA UA 30 1.04 -96.67 16.76
N ALA UA 31 2.17 -97.13 17.29
CA ALA UA 31 3.24 -97.70 16.50
C ALA UA 31 3.24 -99.22 16.52
N ALA UA 32 2.08 -99.84 16.67
CA ALA UA 32 1.98 -101.29 16.56
C ALA UA 32 1.73 -101.66 15.10
N ALA UA 33 1.62 -102.95 14.82
CA ALA UA 33 1.49 -103.41 13.43
C ALA UA 33 0.02 -103.51 13.01
N ALA UA 34 -0.68 -102.38 13.09
CA ALA UA 34 -2.08 -102.30 12.68
C ALA UA 34 -2.18 -102.33 11.17
N ALA UA 35 -3.07 -103.17 10.64
CA ALA UA 35 -3.13 -103.42 9.19
C ALA UA 35 -3.80 -102.28 8.45
N ALA UA 36 -3.05 -101.20 8.30
CA ALA UA 36 -3.46 -100.16 7.37
C ALA UA 36 -3.22 -100.66 5.97
N ALA UA 37 -4.25 -100.59 5.13
CA ALA UA 37 -4.08 -100.84 3.71
C ALA UA 37 -4.85 -99.85 2.87
N ALA UA 38 -5.71 -99.02 3.46
CA ALA UA 38 -6.43 -97.98 2.75
C ALA UA 38 -6.15 -96.66 3.44
N ALA UA 39 -5.31 -95.83 2.85
CA ALA UA 39 -5.05 -94.52 3.40
C ALA UA 39 -6.16 -93.55 2.99
N ALA UA 40 -6.15 -92.38 3.59
CA ALA UA 40 -7.11 -91.33 3.25
C ALA UA 40 -6.35 -90.01 3.30
N ALA UA 41 -5.82 -89.59 2.16
CA ALA UA 41 -5.04 -88.36 2.11
C ALA UA 41 -5.05 -87.82 0.68
N ALA UA 42 -4.92 -86.51 0.58
CA ALA UA 42 -4.68 -85.88 -0.71
C ALA UA 42 -3.24 -86.09 -1.10
N ALA UA 43 -3.05 -86.58 -2.33
CA ALA UA 43 -1.77 -86.85 -2.98
C ALA UA 43 -0.92 -87.86 -2.21
N ALA UA 44 -1.56 -88.83 -1.58
CA ALA UA 44 -0.83 -89.96 -1.03
C ALA UA 44 -0.34 -90.83 -2.17
N ALA UA 45 0.87 -91.37 -1.99
CA ALA UA 45 1.68 -92.28 -2.82
C ALA UA 45 2.30 -91.60 -4.04
N ALA UA 46 1.93 -90.35 -4.29
CA ALA UA 46 2.87 -89.35 -4.76
C ALA UA 46 3.32 -88.61 -3.50
N ALA UA 47 4.06 -87.51 -3.65
CA ALA UA 47 4.44 -86.75 -2.47
C ALA UA 47 3.26 -85.91 -2.01
N ALA UA 48 3.38 -85.36 -0.80
CA ALA UA 48 2.27 -84.75 -0.06
C ALA UA 48 1.81 -83.44 -0.69
N ALA UA 49 0.77 -82.85 -0.10
CA ALA UA 49 0.18 -81.62 -0.62
C ALA UA 49 1.08 -80.44 -0.29
N ALA UA 50 1.58 -79.77 -1.33
CA ALA UA 50 2.45 -78.60 -1.17
C ALA UA 50 1.62 -77.44 -0.64
N ALA UA 51 1.77 -77.14 0.64
CA ALA UA 51 0.80 -76.37 1.40
C ALA UA 51 0.81 -74.88 1.09
N ALA UA 52 1.82 -74.38 0.38
CA ALA UA 52 1.96 -72.95 0.15
C ALA UA 52 1.00 -72.42 -0.90
N ALA UA 53 0.35 -73.27 -1.68
CA ALA UA 53 -0.53 -72.81 -2.74
C ALA UA 53 -1.85 -72.32 -2.18
N ALA UA 54 -2.40 -71.28 -2.83
CA ALA UA 54 -3.74 -70.80 -2.56
C ALA UA 54 -4.37 -70.48 -3.92
N ALA UA 55 -4.98 -71.50 -4.53
CA ALA UA 55 -5.55 -71.39 -5.85
C ALA UA 55 -6.70 -72.40 -5.93
N ALA UA 56 -7.14 -72.71 -7.14
CA ALA UA 56 -8.19 -73.71 -7.30
C ALA UA 56 -7.64 -75.13 -7.14
N ALA UA 57 -6.59 -75.47 -7.88
CA ALA UA 57 -6.07 -76.82 -7.90
C ALA UA 57 -5.26 -77.12 -6.65
N ALA UA 58 -5.02 -78.41 -6.42
CA ALA UA 58 -4.20 -78.88 -5.32
C ALA UA 58 -2.96 -79.53 -5.91
N ALA UA 59 -1.80 -78.93 -5.67
CA ALA UA 59 -0.55 -79.42 -6.23
C ALA UA 59 0.19 -80.27 -5.21
N ALA UA 60 0.70 -81.40 -5.66
CA ALA UA 60 1.50 -82.25 -4.80
C ALA UA 60 2.90 -81.68 -4.66
N ALA UA 61 3.66 -82.20 -3.68
CA ALA UA 61 5.05 -81.80 -3.52
C ALA UA 61 5.96 -82.44 -4.56
N ALA UA 62 5.49 -83.46 -5.29
CA ALA UA 62 6.17 -83.96 -6.47
C ALA UA 62 5.67 -83.31 -7.74
N ALA UA 63 5.00 -82.16 -7.62
CA ALA UA 63 4.52 -81.29 -8.70
C ALA UA 63 3.51 -81.99 -9.62
N ALA UA 64 2.71 -82.87 -9.05
CA ALA UA 64 1.54 -83.37 -9.75
C ALA UA 64 0.33 -82.63 -9.22
N ALA UA 65 -0.65 -82.43 -10.09
CA ALA UA 65 -1.89 -81.79 -9.69
C ALA UA 65 -2.87 -82.87 -9.27
N ALA UA 66 -3.29 -82.82 -8.01
CA ALA UA 66 -4.25 -83.80 -7.48
C ALA UA 66 -5.62 -83.45 -8.02
N ALA UA 67 -5.93 -83.96 -9.21
CA ALA UA 67 -7.18 -83.63 -9.86
C ALA UA 67 -8.36 -84.38 -9.24
N ALA UA 68 -8.10 -85.43 -8.47
CA ALA UA 68 -9.12 -86.12 -7.69
C ALA UA 68 -9.43 -85.41 -6.38
N ALA UA 69 -8.71 -84.34 -6.03
CA ALA UA 69 -9.02 -83.61 -4.82
C ALA UA 69 -9.05 -82.10 -5.05
N ALA UA 70 -9.17 -81.64 -6.28
CA ALA UA 70 -9.23 -80.21 -6.55
C ALA UA 70 -10.67 -79.75 -6.74
N LYS VA 24 -39.64 -118.30 -20.05
CA LYS VA 24 -38.54 -117.66 -19.36
C LYS VA 24 -37.23 -117.91 -20.08
N PHE VA 25 -36.50 -116.84 -20.37
CA PHE VA 25 -35.24 -116.93 -21.10
C PHE VA 25 -34.10 -116.44 -20.23
N LYS VA 26 -32.98 -117.17 -20.26
CA LYS VA 26 -31.82 -116.87 -19.46
C LYS VA 26 -30.58 -117.36 -20.17
N LYS VA 27 -29.57 -116.50 -20.29
CA LYS VA 27 -28.21 -116.90 -20.60
C LYS VA 27 -27.58 -117.51 -19.35
N PRO VA 28 -26.58 -118.39 -19.50
CA PRO VA 28 -26.09 -119.15 -18.31
C PRO VA 28 -25.36 -118.30 -17.27
N PRO VA 29 -24.25 -117.53 -17.56
CA PRO VA 29 -23.52 -116.99 -16.41
C PRO VA 29 -24.14 -115.70 -15.88
N ILE VA 30 -24.90 -115.83 -14.81
CA ILE VA 30 -25.46 -114.68 -14.12
C ILE VA 30 -24.61 -114.52 -12.88
N ASN VA 31 -23.57 -113.72 -13.00
CA ASN VA 31 -22.57 -113.58 -11.97
C ASN VA 31 -22.98 -112.45 -11.02
N ASN VA 32 -22.05 -112.00 -10.20
CA ASN VA 32 -22.26 -110.85 -9.35
C ASN VA 32 -22.28 -109.57 -10.18
N PRO VA 33 -22.85 -108.49 -9.65
CA PRO VA 33 -22.70 -107.20 -10.34
C PRO VA 33 -21.27 -106.69 -10.23
N SER VA 34 -20.64 -106.50 -11.37
CA SER VA 34 -19.33 -105.89 -11.43
C SER VA 34 -19.45 -104.37 -11.37
N ASP VA 35 -18.31 -103.71 -11.32
CA ASP VA 35 -18.28 -102.29 -11.58
C ASP VA 35 -17.22 -101.96 -12.61
N ASP VA 36 -17.25 -100.70 -13.06
CA ASP VA 36 -16.46 -100.30 -14.19
C ASP VA 36 -14.99 -100.17 -13.88
N ALA VA 37 -14.63 -100.06 -12.60
CA ALA VA 37 -13.25 -100.02 -12.17
C ALA VA 37 -12.53 -101.32 -12.49
N THR VA 38 -13.09 -102.44 -12.05
CA THR VA 38 -12.49 -103.71 -12.42
C THR VA 38 -12.84 -104.15 -13.82
N ILE VA 39 -13.84 -103.53 -14.45
CA ILE VA 39 -14.05 -103.78 -15.89
C ILE VA 39 -12.89 -103.22 -16.69
N LYS VA 40 -12.52 -101.96 -16.45
CA LYS VA 40 -11.45 -101.40 -17.24
C LYS VA 40 -10.08 -101.84 -16.76
N LEU VA 41 -9.98 -102.25 -15.49
CA LEU VA 41 -8.79 -102.93 -15.01
C LEU VA 41 -8.61 -104.30 -15.65
N ALA VA 42 -9.72 -105.01 -15.88
CA ALA VA 42 -9.66 -106.32 -16.50
C ALA VA 42 -9.29 -106.22 -17.97
N GLU VA 43 -9.85 -105.24 -18.70
CA GLU VA 43 -9.48 -105.17 -20.10
C GLU VA 43 -8.13 -104.48 -20.31
N ALA VA 44 -7.60 -103.78 -19.32
CA ALA VA 44 -6.18 -103.46 -19.36
C ALA VA 44 -5.33 -104.67 -19.07
N ALA VA 45 -5.83 -105.54 -18.18
CA ALA VA 45 -5.07 -106.70 -17.75
C ALA VA 45 -4.95 -107.74 -18.85
N VAL VA 46 -5.94 -107.82 -19.74
CA VAL VA 46 -5.83 -108.69 -20.91
C VAL VA 46 -4.77 -108.18 -21.89
N SER VA 47 -4.69 -106.87 -22.11
CA SER VA 47 -3.71 -106.36 -23.05
C SER VA 47 -2.30 -106.37 -22.47
N VAL VA 48 -2.19 -106.30 -21.15
CA VAL VA 48 -0.86 -106.52 -20.63
C VAL VA 48 -0.55 -108.02 -20.59
N SER VA 49 -1.56 -108.89 -20.49
CA SER VA 49 -1.36 -110.34 -20.46
C SER VA 49 -0.88 -110.86 -21.80
N ASP VA 50 -1.48 -110.38 -22.89
CA ASP VA 50 -1.08 -110.90 -24.19
C ASP VA 50 0.22 -110.28 -24.69
N SER VA 51 0.46 -108.96 -24.42
CA SER VA 51 1.73 -108.34 -24.77
C SER VA 51 2.88 -108.96 -24.00
N MET VA 52 2.61 -109.28 -22.74
CA MET VA 52 3.52 -110.06 -21.94
C MET VA 52 3.80 -111.45 -22.48
N LEU VA 53 2.75 -112.15 -22.90
CA LEU VA 53 2.85 -113.51 -23.39
C LEU VA 53 3.67 -113.61 -24.66
N GLU VA 54 3.43 -112.69 -25.60
CA GLU VA 54 4.19 -112.76 -26.84
C GLU VA 54 5.62 -112.31 -26.64
N MET VA 55 5.88 -111.47 -25.63
CA MET VA 55 7.27 -111.21 -25.27
C MET VA 55 7.95 -112.45 -24.70
N ALA VA 56 7.24 -113.24 -23.89
CA ALA VA 56 7.83 -114.48 -23.38
C ALA VA 56 8.02 -115.51 -24.48
N LYS VA 57 7.15 -115.47 -25.50
CA LYS VA 57 7.28 -116.32 -26.68
C LYS VA 57 8.53 -115.96 -27.49
N VAL VA 58 8.77 -114.65 -27.76
CA VAL VA 58 9.91 -114.25 -28.57
C VAL VA 58 11.22 -114.46 -27.82
N GLU VA 59 11.22 -114.28 -26.49
CA GLU VA 59 12.42 -114.56 -25.70
C GLU VA 59 12.76 -116.03 -25.59
N LYS VA 60 11.75 -116.89 -25.39
CA LYS VA 60 12.05 -118.31 -25.32
C LYS VA 60 12.33 -118.93 -26.68
N VAL VA 61 12.01 -118.26 -27.79
CA VAL VA 61 12.48 -118.79 -29.06
C VAL VA 61 13.82 -118.16 -29.45
N ILE VA 62 14.17 -116.98 -28.91
CA ILE VA 62 15.40 -116.39 -29.42
C ILE VA 62 16.59 -116.95 -28.65
N THR VA 63 16.47 -117.21 -27.36
CA THR VA 63 17.44 -118.08 -26.73
C THR VA 63 16.64 -119.27 -26.23
N PRO VA 64 17.00 -120.49 -26.62
CA PRO VA 64 16.34 -121.65 -26.06
C PRO VA 64 16.77 -121.84 -24.62
N PRO VA 65 15.84 -122.23 -23.75
CA PRO VA 65 16.24 -122.52 -22.37
C PRO VA 65 16.98 -123.85 -22.29
N SER VA 66 18.28 -123.75 -21.98
CA SER VA 66 19.17 -124.90 -22.09
C SER VA 66 18.92 -125.90 -20.97
N LYS VA 67 18.58 -125.41 -19.79
CA LYS VA 67 18.49 -126.25 -18.60
C LYS VA 67 17.51 -125.64 -17.63
N ASP VA 68 16.88 -126.50 -16.84
CA ASP VA 68 15.98 -126.06 -15.78
C ASP VA 68 16.79 -125.87 -14.51
N ASN VA 69 16.15 -125.68 -13.36
CA ASN VA 69 16.88 -125.59 -12.11
C ASN VA 69 16.58 -126.75 -11.17
N THR VA 70 15.98 -127.82 -11.68
CA THR VA 70 15.78 -128.99 -10.83
C THR VA 70 17.06 -129.77 -10.60
N LEU VA 71 18.06 -129.58 -11.44
CA LEU VA 71 19.32 -130.26 -11.16
C LEU VA 71 20.13 -129.52 -10.11
N THR VA 72 19.86 -128.24 -9.84
CA THR VA 72 20.48 -127.58 -8.71
C THR VA 72 19.56 -127.45 -7.51
N ILE VA 73 18.26 -127.67 -7.68
CA ILE VA 73 17.34 -127.83 -6.57
C ILE VA 73 16.67 -129.18 -6.79
N PRO VA 74 17.27 -130.28 -6.35
CA PRO VA 74 16.59 -131.56 -6.51
C PRO VA 74 15.71 -131.89 -5.34
N ASN VA 75 14.67 -132.66 -5.62
CA ASN VA 75 13.67 -132.93 -4.61
C ASN VA 75 14.17 -133.94 -3.59
N ALA VA 76 13.45 -134.01 -2.48
CA ALA VA 76 13.81 -134.94 -1.45
C ALA VA 76 12.57 -135.36 -0.70
N TYR VA 77 12.60 -136.56 -0.20
CA TYR VA 77 11.85 -136.86 0.99
C TYR VA 77 12.46 -136.00 2.06
N ASN VA 78 11.57 -135.33 2.82
CA ASN VA 78 11.58 -134.19 3.75
C ASN VA 78 11.42 -132.89 2.88
N LEU VA 79 11.52 -132.95 1.55
CA LEU VA 79 11.23 -131.78 0.75
C LEU VA 79 9.90 -131.91 0.01
N GLN VA 80 9.29 -133.09 0.01
CA GLN VA 80 8.02 -133.35 -0.66
C GLN VA 80 6.82 -133.00 0.17
N ALA VA 81 7.01 -132.33 1.30
CA ALA VA 81 5.92 -131.66 1.98
C ALA VA 81 5.44 -130.49 1.13
N ARG VA 82 4.22 -130.08 1.36
CA ARG VA 82 3.64 -129.10 0.46
C ARG VA 82 3.43 -127.80 1.21
N ALA VA 83 3.33 -126.71 0.48
CA ALA VA 83 3.04 -125.44 1.11
C ALA VA 83 2.22 -124.60 0.16
N SER VA 84 1.76 -123.48 0.68
CA SER VA 84 0.80 -122.63 0.02
C SER VA 84 1.23 -121.24 0.45
N VAL VA 85 1.53 -120.34 -0.49
CA VAL VA 85 2.30 -119.13 -0.17
C VAL VA 85 1.63 -117.93 -0.83
N ASP VA 86 1.35 -116.88 -0.07
CA ASP VA 86 1.44 -115.54 -0.61
C ASP VA 86 2.43 -114.73 0.21
N TRP VA 87 3.25 -113.95 -0.47
CA TRP VA 87 4.43 -113.35 0.12
C TRP VA 87 4.88 -112.23 -0.77
N SER VA 88 5.34 -111.15 -0.17
CA SER VA 88 5.81 -110.06 -0.99
C SER VA 88 7.05 -109.39 -0.44
N GLY VA 89 7.73 -109.97 0.51
CA GLY VA 89 8.87 -109.34 1.10
C GLY VA 89 10.18 -109.83 0.55
N PRO VA 90 11.25 -109.70 1.33
CA PRO VA 90 12.55 -110.19 0.89
C PRO VA 90 12.62 -111.70 0.98
N ILE VA 91 13.65 -112.24 0.35
CA ILE VA 91 13.67 -113.65 0.01
C ILE VA 91 14.10 -114.50 1.21
N GLU VA 92 14.83 -113.88 2.15
CA GLU VA 92 15.56 -114.59 3.19
C GLU VA 92 14.64 -115.18 4.21
N GLU VA 93 13.69 -114.36 4.63
CA GLU VA 93 12.73 -114.72 5.64
C GLU VA 93 11.82 -115.82 5.14
N LEU VA 94 11.44 -115.72 3.86
CA LEU VA 94 10.62 -116.74 3.23
C LEU VA 94 11.34 -118.07 3.11
N THR VA 95 12.54 -118.09 2.55
CA THR VA 95 13.25 -119.36 2.39
C THR VA 95 13.83 -119.89 3.67
N ALA VA 96 14.05 -119.04 4.67
CA ALA VA 96 14.36 -119.52 6.01
C ALA VA 96 13.16 -120.22 6.63
N ARG VA 97 11.96 -119.70 6.37
CA ARG VA 97 10.76 -120.40 6.85
C ARG VA 97 10.51 -121.69 6.08
N ILE VA 98 10.83 -121.71 4.78
CA ILE VA 98 10.73 -122.91 3.95
C ILE VA 98 11.68 -123.99 4.46
N ALA VA 99 12.93 -123.62 4.74
CA ALA VA 99 13.91 -124.58 5.22
C ALA VA 99 13.67 -124.99 6.65
N LYS VA 100 13.11 -124.10 7.49
CA LYS VA 100 12.77 -124.44 8.86
C LYS VA 100 11.62 -125.44 8.92
N ALA VA 101 10.60 -125.24 8.11
CA ALA VA 101 9.53 -126.24 8.07
C ALA VA 101 9.84 -127.38 7.12
N ALA VA 102 10.95 -127.33 6.40
CA ALA VA 102 11.43 -128.47 5.66
C ALA VA 102 12.56 -129.18 6.38
N HIS VA 103 12.89 -128.76 7.62
CA HIS VA 103 13.95 -129.33 8.49
C HIS VA 103 15.34 -129.34 7.86
N PHE VA 104 15.58 -128.41 6.94
CA PHE VA 104 16.87 -128.23 6.32
C PHE VA 104 17.51 -127.05 7.02
N ARG VA 105 18.78 -127.17 7.31
CA ARG VA 105 19.49 -126.02 7.79
C ARG VA 105 19.70 -125.02 6.67
N PHE VA 106 19.40 -123.77 6.96
CA PHE VA 106 19.42 -122.71 5.97
C PHE VA 106 20.66 -121.87 6.18
N ARG VA 107 21.33 -121.53 5.09
CA ARG VA 107 22.45 -120.61 5.15
C ARG VA 107 22.52 -119.76 3.89
N VAL VA 108 23.27 -118.68 4.00
CA VAL VA 108 23.48 -117.78 2.88
C VAL VA 108 24.96 -117.76 2.55
N LEU VA 109 25.25 -117.56 1.28
CA LEU VA 109 26.59 -117.28 0.81
C LEU VA 109 26.55 -115.93 0.13
N GLY VA 110 27.45 -115.06 0.54
CA GLY VA 110 27.48 -113.73 -0.01
C GLY VA 110 26.68 -112.78 0.86
N LYS VA 111 27.16 -111.56 0.95
CA LYS VA 111 26.37 -110.54 1.61
C LYS VA 111 25.23 -110.10 0.71
N SER VA 112 24.08 -109.86 1.32
CA SER VA 112 22.90 -109.42 0.61
C SER VA 112 22.99 -107.93 0.35
N PRO VA 113 22.51 -107.43 -0.78
CA PRO VA 113 22.74 -106.03 -1.15
C PRO VA 113 21.86 -105.06 -0.37
N SER VA 114 22.15 -103.77 -0.58
CA SER VA 114 21.50 -102.71 0.18
C SER VA 114 20.08 -102.47 -0.28
N VAL VA 115 19.88 -102.47 -1.57
CA VAL VA 115 18.52 -102.71 -2.03
C VAL VA 115 18.14 -104.14 -1.71
N PRO VA 116 16.93 -104.39 -1.25
CA PRO VA 116 16.52 -105.77 -1.06
C PRO VA 116 16.25 -106.37 -2.41
N VAL VA 117 16.50 -107.67 -2.51
CA VAL VA 117 15.92 -108.43 -3.59
C VAL VA 117 14.58 -108.96 -3.10
N LEU VA 118 13.53 -108.52 -3.77
CA LEU VA 118 12.18 -108.73 -3.30
C LEU VA 118 11.51 -109.72 -4.23
N ILE VA 119 10.92 -110.74 -3.64
CA ILE VA 119 10.11 -111.68 -4.40
C ILE VA 119 8.69 -111.52 -3.92
N SER VA 120 7.77 -112.07 -4.68
CA SER VA 120 6.35 -112.01 -4.33
C SER VA 120 5.72 -113.30 -4.85
N ILE VA 121 5.68 -114.30 -3.99
CA ILE VA 121 5.18 -115.61 -4.37
C ILE VA 121 3.73 -115.67 -4.00
N SER VA 122 2.85 -115.84 -4.99
CA SER VA 122 1.44 -116.05 -4.73
C SER VA 122 1.08 -117.31 -5.47
N THR VA 123 1.38 -118.46 -4.87
CA THR VA 123 1.09 -119.75 -5.47
C THR VA 123 0.36 -120.66 -4.49
N LYS VA 124 -0.16 -121.74 -5.06
CA LYS VA 124 -1.21 -122.56 -4.46
C LYS VA 124 -0.88 -124.03 -4.55
N ASP VA 125 -0.68 -124.65 -3.37
CA ASP VA 125 -0.45 -126.07 -3.11
C ASP VA 125 0.73 -126.57 -3.97
N GLU VA 126 1.88 -126.03 -3.67
CA GLU VA 126 3.05 -126.53 -4.36
C GLU VA 126 3.90 -127.27 -3.35
N SER VA 127 4.68 -128.21 -3.87
CA SER VA 127 5.75 -128.82 -3.12
C SER VA 127 6.81 -127.77 -2.82
N LEU VA 128 7.54 -127.99 -1.72
CA LEU VA 128 8.55 -127.05 -1.29
C LEU VA 128 9.70 -126.93 -2.26
N ALA VA 129 10.03 -128.01 -2.97
CA ALA VA 129 11.04 -127.95 -4.03
C ALA VA 129 10.61 -127.07 -5.20
N GLU VA 130 9.33 -127.11 -5.55
CA GLU VA 130 8.85 -126.25 -6.61
C GLU VA 130 8.70 -124.81 -6.16
N ILE VA 131 8.41 -124.61 -4.88
CA ILE VA 131 8.37 -123.27 -4.31
C ILE VA 131 9.76 -122.65 -4.30
N LEU VA 132 10.79 -123.42 -3.92
CA LEU VA 132 12.16 -122.94 -3.99
C LEU VA 132 12.65 -122.76 -5.42
N ARG VA 133 12.14 -123.54 -6.36
CA ARG VA 133 12.48 -123.30 -7.76
C ARG VA 133 11.84 -122.03 -8.30
N ASP VA 134 10.61 -121.74 -7.88
CA ASP VA 134 9.99 -120.49 -8.30
C ASP VA 134 10.59 -119.28 -7.61
N ILE VA 135 11.05 -119.44 -6.37
CA ILE VA 135 11.79 -118.40 -5.67
C ILE VA 135 13.12 -118.13 -6.36
N ASP VA 136 13.81 -119.21 -6.77
CA ASP VA 136 15.05 -119.15 -7.53
C ASP VA 136 14.86 -118.47 -8.87
N TYR VA 137 13.75 -118.73 -9.53
CA TYR VA 137 13.49 -118.10 -10.81
C TYR VA 137 13.13 -116.62 -10.63
N GLN VA 138 12.29 -116.32 -9.63
CA GLN VA 138 11.80 -114.96 -9.42
C GLN VA 138 12.90 -114.04 -8.94
N ALA VA 139 13.85 -114.55 -8.17
CA ALA VA 139 15.07 -113.83 -7.93
C ALA VA 139 16.11 -114.26 -8.96
N GLY VA 140 15.84 -113.89 -10.21
CA GLY VA 140 16.75 -114.20 -11.28
C GLY VA 140 17.90 -113.24 -11.25
N LYS VA 141 19.12 -113.77 -11.32
CA LYS VA 141 20.44 -113.12 -11.40
C LYS VA 141 20.71 -112.11 -10.27
N LYS VA 142 20.00 -112.22 -9.15
CA LYS VA 142 20.26 -111.42 -7.97
C LYS VA 142 20.52 -112.41 -6.84
N ALA VA 143 19.92 -113.60 -6.95
CA ALA VA 143 20.13 -114.63 -5.96
C ALA VA 143 20.00 -115.99 -6.62
N SER VA 144 20.25 -117.03 -5.83
CA SER VA 144 20.12 -118.40 -6.31
C SER VA 144 19.85 -119.31 -5.12
N ILE VA 145 18.85 -120.18 -5.27
CA ILE VA 145 18.58 -121.23 -4.30
C ILE VA 145 19.40 -122.45 -4.68
N HIS VA 146 20.18 -122.98 -3.75
CA HIS VA 146 20.74 -124.30 -3.98
C HIS VA 146 20.33 -125.18 -2.81
N VAL VA 147 20.05 -126.45 -3.11
CA VAL VA 147 19.64 -127.42 -2.10
C VAL VA 147 20.58 -128.59 -2.22
N TYR VA 148 21.18 -129.01 -1.11
CA TYR VA 148 22.06 -130.16 -1.17
C TYR VA 148 21.44 -131.29 -0.38
N PRO VA 149 20.81 -132.28 -1.02
CA PRO VA 149 19.95 -133.21 -0.29
C PRO VA 149 20.58 -134.49 0.24
N ASN VA 150 21.87 -134.76 0.03
CA ASN VA 150 22.45 -135.83 0.82
C ASN VA 150 22.87 -135.34 2.19
N SER VA 151 23.17 -134.06 2.32
CA SER VA 151 23.10 -133.35 3.58
C SER VA 151 21.72 -132.75 3.71
N GLN VA 152 21.50 -131.83 4.64
CA GLN VA 152 20.22 -131.14 4.66
C GLN VA 152 20.53 -129.66 4.77
N VAL VA 153 20.87 -129.03 3.65
CA VAL VA 153 21.03 -127.58 3.59
C VAL VA 153 20.24 -127.02 2.43
N VAL VA 154 19.57 -125.92 2.72
CA VAL VA 154 19.13 -124.98 1.71
C VAL VA 154 20.03 -123.78 1.85
N GLU VA 155 20.76 -123.48 0.79
CA GLU VA 155 21.56 -122.28 0.78
C GLU VA 155 20.99 -121.29 -0.21
N LEU VA 156 21.33 -120.05 0.05
CA LEU VA 156 20.90 -118.87 -0.70
C LEU VA 156 22.12 -118.07 -1.07
N ARG VA 157 22.39 -117.96 -2.35
CA ARG VA 157 23.58 -117.27 -2.84
C ARG VA 157 23.18 -115.90 -3.36
N TYR VA 158 23.94 -114.89 -2.98
CA TYR VA 158 23.67 -113.55 -3.48
C TYR VA 158 24.50 -113.29 -4.71
N ALA VA 159 24.15 -112.24 -5.43
CA ALA VA 159 24.90 -111.93 -6.63
C ALA VA 159 26.22 -111.28 -6.27
N LYS VA 160 27.14 -111.33 -7.23
CA LYS VA 160 28.52 -110.83 -7.09
C LYS VA 160 28.67 -109.36 -7.42
N ILE VA 161 27.59 -108.59 -7.41
CA ILE VA 161 27.65 -107.23 -7.89
C ILE VA 161 27.16 -106.27 -6.83
N ALA WA 58 -43.82 -51.58 -36.86
CA ALA WA 58 -42.55 -51.81 -36.17
C ALA WA 58 -42.64 -53.07 -35.33
N LEU WA 59 -43.74 -53.19 -34.58
CA LEU WA 59 -44.04 -54.45 -33.90
C LEU WA 59 -44.37 -55.54 -34.91
N LYS WA 60 -44.97 -55.14 -36.03
CA LYS WA 60 -45.18 -56.04 -37.16
C LYS WA 60 -43.87 -56.50 -37.80
N GLU WA 61 -42.85 -55.61 -37.79
CA GLU WA 61 -41.54 -55.90 -38.35
C GLU WA 61 -40.78 -56.84 -37.44
N THR WA 62 -40.84 -56.62 -36.12
CA THR WA 62 -40.17 -57.58 -35.25
C THR WA 62 -40.95 -58.87 -35.10
N ALA WA 63 -42.25 -58.88 -35.41
CA ALA WA 63 -42.97 -60.15 -35.55
C ALA WA 63 -42.46 -60.97 -36.72
N LEU WA 64 -42.19 -60.29 -37.85
CA LEU WA 64 -41.57 -60.93 -39.01
C LEU WA 64 -40.17 -61.45 -38.70
N SER WA 65 -39.40 -60.68 -37.94
CA SER WA 65 -38.06 -61.12 -37.56
C SER WA 65 -38.07 -62.24 -36.52
N VAL WA 66 -39.11 -62.35 -35.69
CA VAL WA 66 -39.26 -63.55 -34.87
C VAL WA 66 -39.56 -64.76 -35.74
N GLY WA 67 -40.46 -64.61 -36.72
CA GLY WA 67 -40.84 -65.75 -37.56
C GLY WA 67 -39.77 -66.25 -38.51
N ALA WA 68 -38.82 -65.39 -38.88
CA ALA WA 68 -37.80 -65.72 -39.86
C ALA WA 68 -36.83 -66.80 -39.38
N GLN WA 69 -36.25 -66.63 -38.21
CA GLN WA 69 -35.22 -67.56 -37.76
C GLN WA 69 -35.81 -68.87 -37.29
N ALA WA 70 -37.05 -68.85 -36.82
CA ALA WA 70 -37.74 -70.07 -36.47
C ALA WA 70 -38.09 -70.88 -37.71
N GLY WA 71 -38.50 -70.21 -38.79
CA GLY WA 71 -38.75 -70.90 -40.04
C GLY WA 71 -37.49 -71.44 -40.68
N LEU WA 72 -36.38 -70.70 -40.56
CA LEU WA 72 -35.07 -71.18 -41.02
C LEU WA 72 -34.60 -72.41 -40.28
N ALA WA 73 -34.73 -72.42 -38.96
CA ALA WA 73 -34.28 -73.56 -38.18
C ALA WA 73 -35.18 -74.78 -38.35
N TRP WA 74 -36.48 -74.55 -38.54
CA TRP WA 74 -37.40 -75.65 -38.79
C TRP WA 74 -37.15 -76.28 -40.16
N ARG WA 75 -36.93 -75.45 -41.18
CA ARG WA 75 -36.65 -75.96 -42.52
C ARG WA 75 -35.30 -76.64 -42.59
N ALA WA 76 -34.34 -76.15 -41.78
CA ALA WA 76 -33.04 -76.79 -41.63
C ALA WA 76 -33.16 -78.17 -41.03
N LYS WA 77 -34.03 -78.33 -40.01
CA LYS WA 77 -34.31 -79.63 -39.38
C LYS WA 77 -34.91 -80.62 -40.36
N ILE WA 78 -35.96 -80.19 -41.09
CA ILE WA 78 -36.69 -81.05 -42.03
C ILE WA 78 -35.79 -81.53 -43.15
N ILE WA 79 -34.95 -80.64 -43.68
CA ILE WA 79 -34.05 -81.13 -44.71
C ILE WA 79 -32.83 -81.84 -44.14
N ASP WA 80 -32.53 -81.73 -42.83
CA ASP WA 80 -31.46 -82.57 -42.31
C ASP WA 80 -31.87 -84.03 -42.21
N GLU WA 81 -33.08 -84.35 -41.70
CA GLU WA 81 -33.33 -85.81 -41.72
C GLU WA 81 -33.90 -86.22 -43.07
N GLN WA 82 -34.25 -85.25 -43.92
CA GLN WA 82 -34.57 -85.62 -45.28
C GLN WA 82 -33.28 -85.97 -46.05
N LEU WA 83 -32.16 -85.32 -45.72
CA LEU WA 83 -30.86 -85.76 -46.18
C LEU WA 83 -30.47 -87.11 -45.61
N ASN WA 84 -30.71 -87.32 -44.32
CA ASN WA 84 -30.32 -88.57 -43.66
C ASN WA 84 -31.19 -89.75 -44.05
N LYS WA 85 -32.37 -89.50 -44.59
CA LYS WA 85 -33.14 -90.58 -45.17
C LYS WA 85 -32.51 -91.08 -46.46
N GLN WA 86 -31.84 -90.20 -47.19
CA GLN WA 86 -31.19 -90.56 -48.44
C GLN WA 86 -29.70 -90.64 -48.29
N ALA WA 87 -29.22 -91.15 -47.15
CA ALA WA 87 -27.81 -91.11 -46.81
C ALA WA 87 -26.97 -92.05 -47.67
N ARG WA 88 -27.42 -93.29 -47.90
CA ARG WA 88 -26.66 -94.19 -48.75
C ARG WA 88 -26.75 -93.82 -50.23
N ASN WA 89 -27.87 -93.20 -50.61
CA ASN WA 89 -28.04 -92.72 -51.97
C ASN WA 89 -27.09 -91.56 -52.26
N LEU WA 90 -26.86 -90.69 -51.29
CA LEU WA 90 -25.93 -89.59 -51.49
C LEU WA 90 -24.48 -90.02 -51.44
N ASP WA 91 -24.16 -91.10 -50.70
CA ASP WA 91 -22.85 -91.74 -50.86
C ASP WA 91 -22.68 -92.39 -52.22
N ALA WA 92 -23.76 -92.84 -52.85
CA ALA WA 92 -23.64 -93.31 -54.22
C ALA WA 92 -23.43 -92.16 -55.19
N ILE WA 93 -24.19 -91.06 -55.03
CA ILE WA 93 -24.09 -89.89 -55.92
C ILE WA 93 -22.73 -89.22 -55.79
N TYR WA 94 -22.41 -88.72 -54.61
CA TYR WA 94 -21.21 -87.94 -54.35
C TYR WA 94 -20.11 -88.84 -53.80
N ASP WA 95 -19.77 -89.85 -54.59
CA ASP WA 95 -18.75 -90.82 -54.22
C ASP WA 95 -17.40 -90.22 -54.55
N PHE WA 96 -16.85 -89.45 -53.62
CA PHE WA 96 -15.52 -88.90 -53.81
C PHE WA 96 -14.44 -89.94 -53.59
N ASN WA 97 -14.79 -91.02 -52.88
CA ASN WA 97 -13.87 -92.03 -52.38
C ASN WA 97 -13.20 -92.78 -53.53
N SER WA 98 -13.96 -93.15 -54.53
CA SER WA 98 -13.37 -93.79 -55.69
C SER WA 98 -13.19 -92.82 -56.84
N LEU WA 99 -13.02 -91.54 -56.54
CA LEU WA 99 -12.53 -90.59 -57.51
C LEU WA 99 -11.11 -90.14 -57.23
N VAL WA 100 -10.53 -90.55 -56.11
CA VAL WA 100 -9.20 -90.09 -55.78
C VAL WA 100 -8.16 -90.82 -56.61
N LEU WA 101 -6.97 -90.26 -56.63
CA LEU WA 101 -5.95 -90.71 -57.55
C LEU WA 101 -5.15 -91.84 -56.91
N GLU WA 102 -4.03 -92.18 -57.55
CA GLU WA 102 -3.27 -93.35 -57.15
C GLU WA 102 -2.51 -93.18 -55.84
N HIS WA 103 -2.13 -91.96 -55.46
CA HIS WA 103 -1.41 -91.84 -54.21
C HIS WA 103 -2.27 -91.11 -53.21
N ASN WA 104 -3.56 -91.49 -53.15
CA ASN WA 104 -4.66 -90.85 -52.38
C ASN WA 104 -4.69 -89.32 -52.51
N ILE WA 105 -4.52 -88.87 -53.75
CA ILE WA 105 -4.51 -87.46 -54.07
C ILE WA 105 -5.92 -87.09 -54.48
N LEU WA 106 -6.45 -86.09 -53.82
CA LEU WA 106 -7.73 -85.54 -54.21
C LEU WA 106 -7.55 -84.80 -55.53
N PRO WA 107 -8.35 -85.13 -56.54
CA PRO WA 107 -8.22 -84.52 -57.84
C PRO WA 107 -8.67 -83.06 -57.83
N PRO WA 108 -8.17 -82.23 -58.75
CA PRO WA 108 -8.54 -80.82 -58.72
C PRO WA 108 -9.87 -80.58 -59.41
N VAL WA 109 -10.42 -79.39 -59.19
CA VAL WA 109 -11.74 -79.07 -59.70
C VAL WA 109 -11.57 -78.24 -60.95
N LEU WA 110 -11.91 -78.80 -62.09
CA LEU WA 110 -11.79 -78.08 -63.34
C LEU WA 110 -13.14 -77.47 -63.69
N LEU WA 111 -13.12 -76.29 -64.22
CA LEU WA 111 -14.35 -75.63 -64.60
C LEU WA 111 -14.37 -75.41 -66.09
N GLU WA 112 -15.46 -75.80 -66.72
CA GLU WA 112 -15.67 -75.68 -68.14
C GLU WA 112 -16.60 -74.52 -68.39
N GLY WA 113 -16.20 -73.64 -69.28
CA GLY WA 113 -17.14 -72.64 -69.73
C GLY WA 113 -17.08 -72.59 -71.22
N ARG WA 114 -18.13 -73.01 -71.89
CA ARG WA 114 -18.10 -72.94 -73.33
C ARG WA 114 -18.63 -71.61 -73.78
N ASN WA 115 -18.11 -71.17 -74.94
CA ASN WA 115 -18.76 -70.28 -75.89
C ASN WA 115 -18.86 -68.86 -75.30
N THR WA 116 -17.70 -68.31 -74.97
CA THR WA 116 -17.55 -67.22 -74.03
C THR WA 116 -17.39 -65.91 -74.79
N LEU WA 117 -18.12 -64.88 -74.37
CA LEU WA 117 -17.86 -63.54 -74.86
C LEU WA 117 -17.51 -62.65 -73.67
N ASN WA 118 -16.59 -61.72 -73.90
CA ASN WA 118 -16.45 -60.54 -73.08
C ASN WA 118 -16.49 -59.30 -73.95
N LEU WA 119 -17.44 -58.43 -73.68
CA LEU WA 119 -17.50 -57.09 -74.24
C LEU WA 119 -16.57 -56.23 -73.41
N ALA WA 120 -15.37 -55.94 -73.92
CA ALA WA 120 -14.44 -55.20 -73.07
C ALA WA 120 -14.76 -53.72 -73.06
N ASP WA 121 -14.99 -53.16 -74.23
CA ASP WA 121 -15.41 -51.78 -74.36
C ASP WA 121 -16.24 -51.71 -75.63
N ALA WA 122 -16.43 -50.50 -76.13
CA ALA WA 122 -17.14 -50.32 -77.39
C ALA WA 122 -16.34 -50.80 -78.58
N GLN WA 123 -15.02 -50.80 -78.45
CA GLN WA 123 -14.15 -51.04 -79.58
C GLN WA 123 -13.83 -52.51 -79.77
N SER WA 124 -13.98 -53.34 -78.74
CA SER WA 124 -13.38 -54.66 -78.76
C SER WA 124 -14.12 -55.67 -77.90
N ILE WA 125 -14.31 -56.86 -78.47
CA ILE WA 125 -14.76 -58.01 -77.72
C ILE WA 125 -13.69 -59.07 -77.81
N ARG WA 126 -13.75 -60.02 -76.88
CA ARG WA 126 -13.00 -61.25 -77.03
C ARG WA 126 -13.96 -62.42 -76.88
N ILE WA 127 -14.03 -63.25 -77.88
CA ILE WA 127 -14.69 -64.52 -77.71
C ILE WA 127 -13.64 -65.59 -77.56
N SER WA 128 -13.99 -66.63 -76.83
CA SER WA 128 -13.21 -67.85 -76.84
C SER WA 128 -14.22 -68.99 -76.87
N ASP WA 129 -13.79 -70.12 -77.39
CA ASP WA 129 -14.79 -71.17 -77.53
C ASP WA 129 -14.95 -71.99 -76.26
N ARG WA 130 -13.87 -72.40 -75.64
CA ARG WA 130 -13.95 -73.07 -74.35
C ARG WA 130 -12.91 -72.50 -73.42
N THR WA 131 -13.23 -72.56 -72.14
CA THR WA 131 -12.35 -72.12 -71.08
C THR WA 131 -12.30 -73.21 -70.02
N TYR WA 132 -11.10 -73.68 -69.73
CA TYR WA 132 -10.92 -74.61 -68.64
C TYR WA 132 -10.10 -73.95 -67.55
N LYS WA 133 -10.61 -73.99 -66.34
CA LYS WA 133 -9.93 -73.38 -65.21
C LYS WA 133 -9.62 -74.44 -64.18
N VAL WA 134 -8.41 -74.43 -63.67
CA VAL WA 134 -8.06 -75.27 -62.53
C VAL WA 134 -8.40 -74.47 -61.28
N ALA WA 135 -9.36 -74.95 -60.51
CA ALA WA 135 -9.71 -74.35 -59.24
C ALA WA 135 -9.51 -75.38 -58.15
N LYS WA 136 -8.85 -74.90 -57.08
CA LYS WA 136 -8.45 -75.60 -55.84
C LYS WA 136 -7.77 -76.94 -56.16
N GLN WA 137 -6.54 -76.76 -56.61
CA GLN WA 137 -5.60 -77.71 -57.21
C GLN WA 137 -5.43 -78.99 -56.39
N ALA WA 138 -5.03 -80.07 -57.07
CA ALA WA 138 -4.91 -81.43 -56.52
C ALA WA 138 -3.94 -81.53 -55.38
N HIS WA 139 -4.34 -82.30 -54.37
CA HIS WA 139 -3.55 -82.31 -53.15
C HIS WA 139 -3.79 -83.59 -52.39
N PHE WA 140 -2.87 -83.90 -51.49
CA PHE WA 140 -2.85 -85.16 -50.74
C PHE WA 140 -4.01 -85.19 -49.75
N ILE WA 141 -5.01 -86.00 -50.01
CA ILE WA 141 -6.08 -86.08 -49.05
C ILE WA 141 -5.85 -87.34 -48.23
N THR WA 142 -6.19 -87.29 -46.94
CA THR WA 142 -6.07 -88.49 -46.13
C THR WA 142 -7.32 -89.33 -46.23
N THR WA 143 -8.45 -88.79 -45.80
CA THR WA 143 -9.73 -89.43 -45.98
C THR WA 143 -10.60 -88.58 -46.88
N PRO WA 144 -11.30 -89.19 -47.84
CA PRO WA 144 -11.97 -88.44 -48.92
C PRO WA 144 -13.17 -87.69 -48.40
N PRO WA 145 -13.58 -86.61 -49.07
CA PRO WA 145 -14.71 -85.83 -48.58
C PRO WA 145 -16.02 -86.57 -48.75
N THR WA 146 -16.89 -86.37 -47.79
CA THR WA 146 -18.23 -86.91 -47.91
C THR WA 146 -19.13 -85.84 -48.48
N TRP WA 147 -20.41 -86.14 -48.56
CA TRP WA 147 -21.35 -85.10 -48.89
C TRP WA 147 -21.72 -84.28 -47.68
N ARG WA 148 -21.39 -84.76 -46.48
CA ARG WA 148 -21.90 -84.11 -45.29
C ARG WA 148 -21.14 -82.86 -44.92
N GLN WA 149 -19.94 -82.64 -45.44
CA GLN WA 149 -19.32 -81.34 -45.23
C GLN WA 149 -19.91 -80.30 -46.14
N TYR WA 150 -20.54 -80.73 -47.22
CA TYR WA 150 -20.94 -79.80 -48.25
C TYR WA 150 -22.43 -79.51 -48.14
N LEU WA 151 -23.22 -80.47 -47.65
CA LEU WA 151 -24.67 -80.38 -47.73
C LEU WA 151 -25.40 -80.17 -46.41
N TRP WA 152 -24.78 -80.49 -45.28
CA TRP WA 152 -25.48 -80.49 -44.00
C TRP WA 152 -25.70 -79.08 -43.52
N MET WA 153 -26.95 -78.64 -43.44
CA MET WA 153 -27.19 -77.34 -42.83
C MET WA 153 -27.25 -77.45 -41.33
N ASP WA 154 -27.02 -76.32 -40.68
CA ASP WA 154 -26.70 -76.30 -39.27
C ASP WA 154 -27.98 -76.22 -38.45
N TYR WA 155 -28.12 -77.13 -37.51
CA TYR WA 155 -29.26 -77.12 -36.62
C TYR WA 155 -28.88 -76.60 -35.24
N VAL WA 156 -29.37 -75.42 -34.94
CA VAL WA 156 -29.52 -74.98 -33.59
C VAL WA 156 -31.01 -74.87 -33.30
N LYS WA 157 -31.38 -75.02 -32.05
CA LYS WA 157 -32.79 -74.99 -31.67
C LYS WA 157 -33.02 -73.63 -31.04
N PRO WA 158 -33.70 -72.71 -31.71
CA PRO WA 158 -33.81 -71.33 -31.20
C PRO WA 158 -34.83 -71.24 -30.08
N GLU WA 159 -34.38 -70.82 -28.91
CA GLU WA 159 -35.21 -70.74 -27.72
C GLU WA 159 -35.62 -69.32 -27.40
N ALA WA 160 -35.61 -68.43 -28.38
CA ALA WA 160 -35.90 -67.03 -28.12
C ALA WA 160 -37.23 -66.64 -28.74
N PRO WA 161 -38.30 -66.47 -27.95
CA PRO WA 161 -39.55 -65.96 -28.51
C PRO WA 161 -39.49 -64.46 -28.72
N LYS WA 173 -50.85 -59.07 -32.31
CA LYS WA 173 -51.61 -60.31 -32.14
C LYS WA 173 -51.98 -60.90 -33.49
N GLU WA 174 -52.96 -60.28 -34.14
CA GLU WA 174 -53.42 -60.73 -35.45
C GLU WA 174 -52.40 -60.38 -36.54
N ILE WA 175 -51.81 -59.19 -36.43
CA ILE WA 175 -50.79 -58.73 -37.35
C ILE WA 175 -49.49 -59.50 -37.09
N TRP WA 176 -49.27 -59.83 -35.80
CA TRP WA 176 -48.20 -60.72 -35.38
C TRP WA 176 -48.34 -62.10 -36.00
N CYS WA 177 -49.57 -62.62 -36.07
CA CYS WA 177 -49.79 -63.95 -36.61
C CYS WA 177 -49.62 -64.00 -38.13
N ILE WA 178 -50.13 -62.99 -38.83
CA ILE WA 178 -49.96 -63.01 -40.29
C ILE WA 178 -48.52 -62.68 -40.70
N TYR WA 179 -47.81 -61.85 -39.94
CA TYR WA 179 -46.43 -61.65 -40.36
C TYR WA 179 -45.49 -62.68 -39.77
N THR WA 180 -45.92 -63.48 -38.78
CA THR WA 180 -45.05 -64.59 -38.44
C THR WA 180 -45.26 -65.74 -39.41
N GLU WA 181 -46.40 -65.79 -40.10
CA GLU WA 181 -46.47 -66.73 -41.22
C GLU WA 181 -45.68 -66.24 -42.44
N ARG WA 182 -45.66 -64.94 -42.70
CA ARG WA 182 -44.82 -64.48 -43.81
C ARG WA 182 -43.33 -64.46 -43.45
N GLY WA 183 -43.01 -64.28 -42.16
CA GLY WA 183 -41.67 -64.56 -41.69
C GLY WA 183 -41.31 -66.04 -41.76
N TRP WA 184 -42.28 -66.92 -41.54
CA TRP WA 184 -42.04 -68.35 -41.56
C TRP WA 184 -41.74 -68.86 -42.96
N LYS WA 185 -42.47 -68.38 -43.97
CA LYS WA 185 -42.09 -68.76 -45.32
C LYS WA 185 -40.84 -68.03 -45.81
N ASN WA 186 -40.53 -66.84 -45.25
CA ASN WA 186 -39.27 -66.21 -45.59
C ASN WA 186 -38.08 -66.97 -45.03
N GLY WA 187 -38.22 -67.51 -43.83
CA GLY WA 187 -37.20 -68.39 -43.29
C GLY WA 187 -37.09 -69.71 -44.02
N ILE WA 188 -38.23 -70.24 -44.49
CA ILE WA 188 -38.25 -71.49 -45.24
C ILE WA 188 -37.55 -71.34 -46.58
N ASP WA 189 -37.88 -70.31 -47.38
CA ASP WA 189 -37.23 -70.25 -48.68
C ASP WA 189 -35.82 -69.66 -48.59
N GLN WA 190 -35.48 -68.99 -47.49
CA GLN WA 190 -34.10 -68.58 -47.33
C GLN WA 190 -33.22 -69.76 -46.93
N ALA WA 191 -33.77 -70.71 -46.16
CA ALA WA 191 -33.06 -71.98 -45.93
C ALA WA 191 -32.95 -72.83 -47.19
N ASN WA 192 -33.97 -72.77 -48.04
CA ASN WA 192 -33.93 -73.39 -49.36
C ASN WA 192 -32.85 -72.80 -50.25
N THR WA 193 -32.59 -71.50 -50.19
CA THR WA 193 -31.51 -70.96 -51.00
C THR WA 193 -30.14 -71.33 -50.45
N ILE WA 194 -30.02 -71.49 -49.12
CA ILE WA 194 -28.78 -71.99 -48.52
C ILE WA 194 -28.49 -73.43 -48.97
N LEU WA 195 -29.53 -74.26 -48.96
CA LEU WA 195 -29.43 -75.64 -49.45
C LEU WA 195 -29.13 -75.71 -50.95
N GLU WA 196 -29.72 -74.79 -51.72
CA GLU WA 196 -29.48 -74.71 -53.16
C GLU WA 196 -28.04 -74.37 -53.47
N GLU WA 197 -27.45 -73.46 -52.70
CA GLU WA 197 -26.02 -73.21 -52.88
C GLU WA 197 -25.14 -74.33 -52.35
N ASN WA 198 -25.61 -75.10 -51.38
CA ASN WA 198 -24.84 -76.23 -50.89
C ASN WA 198 -24.76 -77.37 -51.92
N ILE WA 199 -25.90 -77.70 -52.51
CA ILE WA 199 -25.98 -78.57 -53.69
C ILE WA 199 -25.18 -78.04 -54.88
N ALA WA 200 -25.18 -76.73 -55.06
CA ALA WA 200 -24.41 -76.09 -56.11
C ALA WA 200 -22.91 -76.25 -55.89
N ARG WA 201 -22.47 -76.14 -54.64
CA ARG WA 201 -21.05 -76.27 -54.32
C ARG WA 201 -20.57 -77.69 -54.47
N ILE WA 202 -21.38 -78.66 -54.05
CA ILE WA 202 -20.98 -80.05 -54.22
C ILE WA 202 -21.05 -80.48 -55.69
N LYS WA 203 -21.92 -79.85 -56.48
CA LYS WA 203 -21.98 -80.18 -57.89
C LYS WA 203 -20.82 -79.57 -58.66
N GLU WA 204 -20.41 -78.35 -58.29
CA GLU WA 204 -19.14 -77.76 -58.74
C GLU WA 204 -17.93 -78.63 -58.43
N ASP WA 205 -17.78 -79.03 -57.17
CA ASP WA 205 -16.55 -79.71 -56.74
C ASP WA 205 -16.45 -81.12 -57.30
N PHE WA 206 -17.57 -81.84 -57.30
CA PHE WA 206 -17.57 -83.21 -57.76
C PHE WA 206 -17.48 -83.26 -59.27
N GLY WA 207 -18.26 -82.43 -60.00
CA GLY WA 207 -18.18 -82.41 -61.44
C GLY WA 207 -16.92 -81.79 -61.99
N GLY WA 208 -16.22 -81.01 -61.18
CA GLY WA 208 -14.86 -80.62 -61.52
C GLY WA 208 -13.89 -81.77 -61.48
N MET WA 209 -14.04 -82.67 -60.51
CA MET WA 209 -13.18 -83.86 -60.49
C MET WA 209 -13.52 -84.81 -61.64
N ILE WA 210 -14.79 -84.83 -62.03
CA ILE WA 210 -15.24 -85.62 -63.17
C ILE WA 210 -14.70 -85.02 -64.46
N LEU WA 211 -14.63 -83.70 -64.51
CA LEU WA 211 -14.10 -82.99 -65.65
C LEU WA 211 -12.60 -83.17 -65.75
N TYR WA 212 -11.91 -83.43 -64.60
CA TYR WA 212 -10.51 -83.82 -64.67
C TYR WA 212 -10.43 -85.15 -65.39
N ARG WA 213 -11.23 -86.14 -64.94
CA ARG WA 213 -11.05 -87.51 -65.44
C ARG WA 213 -11.42 -87.64 -66.91
N LYS WA 214 -12.33 -86.78 -67.38
CA LYS WA 214 -12.44 -86.46 -68.80
C LYS WA 214 -11.15 -85.92 -69.39
N LEU WA 215 -10.56 -84.87 -68.80
CA LEU WA 215 -9.40 -84.29 -69.47
C LEU WA 215 -8.11 -85.06 -69.24
N LEU WA 216 -8.09 -85.97 -68.28
CA LEU WA 216 -6.95 -86.83 -68.07
C LEU WA 216 -6.97 -87.96 -69.05
N ALA WA 217 -8.17 -88.48 -69.34
CA ALA WA 217 -8.34 -89.29 -70.52
C ALA WA 217 -8.03 -88.51 -71.78
N MET WA 218 -8.51 -87.28 -71.86
CA MET WA 218 -8.50 -86.52 -73.10
C MET WA 218 -7.26 -85.68 -73.26
N ASN WA 219 -6.26 -85.91 -72.39
CA ASN WA 219 -4.88 -85.42 -72.49
C ASN WA 219 -4.75 -83.91 -72.46
N MET WA 220 -5.72 -83.24 -71.85
CA MET WA 220 -5.61 -81.80 -71.73
C MET WA 220 -4.97 -81.38 -70.42
N VAL WA 221 -4.78 -82.30 -69.49
CA VAL WA 221 -4.08 -82.05 -68.23
C VAL WA 221 -2.99 -83.09 -68.01
N SER WA 222 -2.07 -82.76 -67.17
CA SER WA 222 -1.09 -83.71 -66.70
C SER WA 222 -1.67 -84.48 -65.51
N PRO WA 223 -1.27 -85.73 -65.31
CA PRO WA 223 -1.49 -86.38 -64.02
C PRO WA 223 -0.47 -85.85 -63.03
N PRO WA 224 -0.68 -86.00 -61.71
CA PRO WA 224 0.34 -85.53 -60.78
C PRO WA 224 1.51 -86.49 -60.76
N TYR WA 225 2.69 -85.94 -60.66
CA TYR WA 225 3.87 -86.78 -60.63
C TYR WA 225 4.35 -86.76 -59.19
N VAL WA 226 4.16 -87.89 -58.54
CA VAL WA 226 4.67 -88.09 -57.22
C VAL WA 226 6.13 -88.48 -57.25
N SER WA 227 6.77 -88.36 -56.10
CA SER WA 227 8.13 -88.83 -55.88
C SER WA 227 8.14 -89.46 -54.50
N HIS WA 228 8.52 -90.72 -54.43
CA HIS WA 228 8.71 -91.36 -53.14
C HIS WA 228 10.20 -91.53 -52.85
N THR WA 229 10.74 -90.64 -52.04
CA THR WA 229 12.09 -90.81 -51.55
C THR WA 229 12.00 -91.79 -50.39
N ASP WA 230 12.38 -93.02 -50.64
CA ASP WA 230 12.43 -94.03 -49.61
C ASP WA 230 13.63 -93.75 -48.73
N LEU WA 231 13.45 -93.92 -47.44
CA LEU WA 231 14.52 -93.82 -46.46
C LEU WA 231 14.47 -95.06 -45.62
N GLY WA 232 15.64 -95.49 -45.15
CA GLY WA 232 15.68 -96.64 -44.29
C GLY WA 232 15.36 -96.31 -42.85
N VAL WA 233 16.09 -96.88 -41.94
CA VAL WA 233 15.86 -96.60 -40.53
C VAL WA 233 16.41 -95.23 -40.19
N THR WA 234 15.62 -94.48 -39.47
CA THR WA 234 15.78 -93.04 -39.47
C THR WA 234 15.68 -92.52 -38.05
N GLY WA 235 16.69 -91.78 -37.64
CA GLY WA 235 16.64 -91.03 -36.43
C GLY WA 235 17.86 -91.28 -35.57
N ASP WA 236 17.79 -90.75 -34.38
CA ASP WA 236 18.81 -91.00 -33.38
C ASP WA 236 18.47 -92.27 -32.61
N GLY WA 237 19.12 -92.48 -31.47
CA GLY WA 237 18.80 -93.64 -30.69
C GLY WA 237 17.64 -93.47 -29.75
N SER WA 238 17.08 -92.28 -29.65
CA SER WA 238 15.90 -92.13 -28.81
C SER WA 238 14.62 -92.35 -29.58
N GLU WA 239 14.70 -92.45 -30.90
CA GLU WA 239 13.53 -92.44 -31.76
C GLU WA 239 13.93 -93.05 -33.10
N ILE WA 240 13.32 -94.17 -33.47
CA ILE WA 240 13.56 -94.69 -34.80
C ILE WA 240 12.22 -94.80 -35.52
N HIS WA 241 12.30 -94.59 -36.82
CA HIS WA 241 11.23 -94.90 -37.75
C HIS WA 241 11.82 -95.83 -38.78
N ILE WA 242 11.17 -96.95 -39.00
CA ILE WA 242 11.86 -98.06 -39.62
C ILE WA 242 11.83 -97.96 -41.14
N ASP WA 243 10.65 -97.93 -41.73
CA ASP WA 243 10.54 -97.75 -43.18
C ASP WA 243 10.00 -96.37 -43.43
N ASP WA 244 10.87 -95.44 -43.79
CA ASP WA 244 10.59 -94.02 -43.72
C ASP WA 244 10.45 -93.47 -45.14
N ARG WA 245 9.25 -93.51 -45.68
CA ARG WA 245 9.03 -93.07 -47.04
C ARG WA 245 8.45 -91.66 -47.04
N VAL WA 246 9.14 -90.73 -47.68
CA VAL WA 246 8.64 -89.37 -47.84
C VAL WA 246 8.06 -89.26 -49.24
N LEU WA 247 6.78 -88.90 -49.32
CA LEU WA 247 6.09 -88.82 -50.60
C LEU WA 247 5.78 -87.36 -50.87
N ARG WA 248 6.20 -86.88 -52.02
CA ARG WA 248 5.91 -85.52 -52.44
C ARG WA 248 5.19 -85.53 -53.77
N ILE WA 249 4.46 -84.46 -54.01
CA ILE WA 249 3.98 -84.16 -55.34
C ILE WA 249 4.95 -83.16 -55.94
N THR WA 250 5.58 -83.54 -57.04
CA THR WA 250 6.48 -82.64 -57.73
C THR WA 250 5.75 -81.83 -58.78
N ALA WA 251 5.05 -82.52 -59.67
CA ALA WA 251 4.34 -81.89 -60.77
C ALA WA 251 2.88 -81.88 -60.43
N LEU WA 252 2.27 -80.73 -60.48
CA LEU WA 252 0.86 -80.67 -60.18
C LEU WA 252 0.09 -81.00 -61.44
N PRO WA 253 -1.17 -81.44 -61.33
CA PRO WA 253 -2.01 -81.57 -62.52
C PRO WA 253 -2.33 -80.22 -63.09
N GLU WA 254 -2.22 -80.11 -64.41
CA GLU WA 254 -1.90 -78.83 -64.97
C GLU WA 254 -2.23 -78.94 -66.46
N LEU WA 255 -2.96 -77.96 -67.00
CA LEU WA 255 -3.46 -78.03 -68.38
C LEU WA 255 -2.33 -77.79 -69.36
N ASN WA 256 -2.17 -78.68 -70.35
CA ASN WA 256 -1.11 -78.42 -71.32
C ASN WA 256 -1.64 -77.53 -72.43
N VAL WA 257 -0.79 -76.60 -72.85
CA VAL WA 257 -1.14 -75.73 -73.96
C VAL WA 257 -0.50 -76.20 -75.25
N ASN WA 258 0.40 -77.18 -75.18
CA ASN WA 258 1.00 -77.71 -76.39
C ASN WA 258 -0.14 -78.66 -76.78
N SER WA 259 -0.88 -78.29 -77.80
CA SER WA 259 -2.23 -78.81 -77.93
C SER WA 259 -2.34 -79.91 -78.96
N ALA WA 260 -1.25 -80.27 -79.62
CA ALA WA 260 -1.31 -81.28 -80.67
C ALA WA 260 -1.50 -82.69 -80.14
N GLU WA 261 -1.18 -82.96 -78.88
CA GLU WA 261 -1.37 -84.27 -78.29
C GLU WA 261 -2.69 -84.41 -77.59
N TRP WA 262 -3.65 -83.56 -77.90
CA TRP WA 262 -4.95 -83.65 -77.28
C TRP WA 262 -5.73 -84.81 -77.86
N ARG WA 263 -6.86 -85.09 -77.23
CA ARG WA 263 -7.70 -86.18 -77.68
C ARG WA 263 -9.06 -85.57 -77.97
N ALA WA 264 -10.03 -86.39 -78.29
CA ALA WA 264 -11.35 -86.01 -78.76
C ALA WA 264 -12.30 -87.16 -78.44
N ALA WA 265 -13.48 -86.83 -77.96
CA ALA WA 265 -14.32 -87.83 -77.35
C ALA WA 265 -15.20 -88.64 -78.30
N VAL WA 266 -14.66 -89.26 -79.35
CA VAL WA 266 -15.55 -89.92 -80.30
C VAL WA 266 -15.86 -91.35 -79.84
N ALA WA 267 -17.15 -91.66 -79.78
CA ALA WA 267 -17.63 -92.95 -79.31
C ALA WA 267 -18.56 -93.52 -80.37
N LYS WA 268 -19.26 -94.59 -80.03
CA LYS WA 268 -20.24 -95.17 -80.95
C LYS WA 268 -21.58 -95.39 -80.29
N PHE XA 25 -50.29 -110.88 -45.52
CA PHE XA 25 -50.30 -109.55 -46.12
C PHE XA 25 -48.95 -108.83 -46.05
N LYS XA 26 -48.80 -107.78 -46.86
CA LYS XA 26 -47.48 -107.23 -47.14
C LYS XA 26 -47.33 -105.82 -46.64
N LYS XA 27 -46.08 -105.39 -46.75
CA LYS XA 27 -45.62 -104.02 -46.68
C LYS XA 27 -44.84 -103.70 -47.94
N PRO XA 28 -44.76 -102.43 -48.32
CA PRO XA 28 -43.66 -101.95 -49.15
C PRO XA 28 -42.39 -101.90 -48.33
N PRO XA 29 -41.22 -101.75 -48.96
CA PRO XA 29 -40.00 -101.56 -48.18
C PRO XA 29 -39.95 -100.23 -47.44
N ILE XA 30 -39.14 -100.18 -46.37
CA ILE XA 30 -39.23 -99.06 -45.42
C ILE XA 30 -38.58 -97.82 -45.98
N ASN XA 31 -37.37 -97.93 -46.50
CA ASN XA 31 -36.73 -96.78 -47.13
C ASN XA 31 -36.99 -96.73 -48.62
N ASN XA 32 -38.14 -97.24 -49.08
CA ASN XA 32 -38.37 -97.47 -50.49
C ASN XA 32 -38.60 -96.16 -51.20
N PRO XA 33 -38.06 -95.99 -52.39
CA PRO XA 33 -38.42 -94.83 -53.20
C PRO XA 33 -39.84 -94.96 -53.70
N SER XA 34 -40.78 -94.47 -52.91
CA SER XA 34 -42.18 -94.41 -53.27
C SER XA 34 -42.61 -92.96 -53.40
N ASP XA 35 -41.68 -92.11 -53.78
CA ASP XA 35 -41.90 -90.69 -53.87
C ASP XA 35 -41.23 -90.22 -55.15
N ASP XA 36 -41.87 -89.27 -55.84
CA ASP XA 36 -41.54 -89.00 -57.24
C ASP XA 36 -40.22 -88.27 -57.43
N ALA XA 37 -39.68 -87.66 -56.38
CA ALA XA 37 -38.32 -87.16 -56.45
C ALA XA 37 -37.30 -88.18 -56.02
N THR XA 38 -37.63 -88.98 -55.01
CA THR XA 38 -36.68 -89.94 -54.47
C THR XA 38 -36.45 -91.12 -55.40
N ILE XA 39 -37.42 -91.43 -56.26
CA ILE XA 39 -37.18 -92.35 -57.36
C ILE XA 39 -36.16 -91.81 -58.34
N LYS XA 40 -36.14 -90.51 -58.58
CA LYS XA 40 -35.23 -89.93 -59.55
C LYS XA 40 -33.84 -89.85 -58.96
N LEU XA 41 -33.80 -89.55 -57.67
CA LEU XA 41 -32.56 -89.58 -56.90
C LEU XA 41 -31.97 -90.98 -56.84
N ALA XA 42 -32.79 -91.99 -56.65
CA ALA XA 42 -32.21 -93.32 -56.52
C ALA XA 42 -31.95 -94.02 -57.86
N GLU XA 43 -32.67 -93.69 -58.95
CA GLU XA 43 -32.26 -94.16 -60.27
C GLU XA 43 -31.00 -93.45 -60.73
N ALA XA 44 -30.82 -92.21 -60.28
CA ALA XA 44 -29.53 -91.56 -60.49
C ALA XA 44 -28.45 -92.21 -59.63
N ALA XA 45 -28.80 -92.72 -58.46
CA ALA XA 45 -27.81 -93.36 -57.59
C ALA XA 45 -27.32 -94.67 -58.16
N VAL XA 46 -28.23 -95.48 -58.72
CA VAL XA 46 -27.78 -96.69 -59.38
C VAL XA 46 -27.09 -96.39 -60.71
N SER XA 47 -27.40 -95.26 -61.36
CA SER XA 47 -26.69 -94.90 -62.58
C SER XA 47 -25.28 -94.38 -62.30
N VAL XA 48 -25.10 -93.62 -61.23
CA VAL XA 48 -23.75 -93.19 -60.84
C VAL XA 48 -22.95 -94.37 -60.34
N SER XA 49 -23.59 -95.27 -59.58
CA SER XA 49 -22.89 -96.42 -59.00
C SER XA 49 -22.46 -97.43 -60.05
N ASP XA 50 -23.30 -97.69 -61.08
CA ASP XA 50 -22.79 -98.62 -62.07
C ASP XA 50 -21.82 -97.94 -63.01
N SER XA 51 -22.02 -96.69 -63.45
CA SER XA 51 -21.00 -96.00 -64.26
C SER XA 51 -19.67 -95.71 -63.54
N MET XA 52 -19.69 -95.64 -62.21
CA MET XA 52 -18.48 -95.77 -61.41
C MET XA 52 -17.84 -97.14 -61.57
N LEU XA 53 -18.66 -98.20 -61.57
CA LEU XA 53 -18.10 -99.54 -61.77
C LEU XA 53 -17.54 -99.76 -63.17
N GLU XA 54 -18.08 -99.11 -64.23
CA GLU XA 54 -17.37 -99.35 -65.50
C GLU XA 54 -16.17 -98.43 -65.69
N MET XA 55 -16.14 -97.31 -64.96
CA MET XA 55 -14.89 -96.57 -64.79
C MET XA 55 -13.83 -97.41 -64.09
N ALA XA 56 -14.25 -98.20 -63.11
CA ALA XA 56 -13.38 -99.13 -62.43
C ALA XA 56 -12.97 -100.32 -63.30
N LYS XA 57 -13.87 -100.80 -64.18
CA LYS XA 57 -13.53 -101.83 -65.18
C LYS XA 57 -12.43 -101.38 -66.09
N VAL XA 58 -12.48 -100.15 -66.55
CA VAL XA 58 -11.48 -99.77 -67.53
C VAL XA 58 -10.17 -99.34 -66.87
N GLU XA 59 -10.18 -98.67 -65.71
CA GLU XA 59 -8.89 -98.33 -65.11
C GLU XA 59 -8.29 -99.41 -64.25
N LYS XA 60 -9.05 -100.41 -63.82
CA LYS XA 60 -8.47 -101.49 -63.05
C LYS XA 60 -7.74 -102.40 -64.01
N VAL XA 61 -6.43 -102.32 -64.03
CA VAL XA 61 -5.63 -103.30 -64.76
C VAL XA 61 -4.96 -104.20 -63.75
N ILE XA 62 -5.22 -105.49 -63.89
CA ILE XA 62 -4.57 -106.49 -63.09
C ILE XA 62 -3.59 -107.20 -64.02
N THR XA 63 -2.75 -108.05 -63.45
CA THR XA 63 -2.09 -109.00 -64.31
C THR XA 63 -2.71 -110.36 -64.09
N PRO XA 64 -2.89 -111.15 -65.16
CA PRO XA 64 -3.51 -112.49 -65.04
C PRO XA 64 -2.65 -113.45 -64.24
N PRO XA 65 -3.24 -114.51 -63.62
CA PRO XA 65 -2.44 -115.37 -62.74
C PRO XA 65 -1.48 -116.31 -63.47
N SER XA 66 -1.55 -116.37 -64.80
CA SER XA 66 -0.48 -116.94 -65.59
C SER XA 66 0.84 -116.20 -65.42
N LYS XA 67 0.80 -114.89 -65.23
CA LYS XA 67 1.99 -114.05 -65.26
C LYS XA 67 2.04 -113.13 -64.04
N ASP XA 68 1.83 -113.69 -62.86
CA ASP XA 68 1.67 -112.83 -61.68
C ASP XA 68 2.97 -112.46 -60.99
N ASN XA 69 4.08 -113.17 -61.32
CA ASN XA 69 5.49 -113.01 -60.90
C ASN XA 69 5.74 -113.42 -59.44
N THR XA 70 4.70 -113.67 -58.64
CA THR XA 70 4.88 -113.89 -57.21
C THR XA 70 5.10 -115.37 -56.91
N LEU XA 71 5.53 -115.64 -55.69
CA LEU XA 71 5.88 -116.99 -55.27
C LEU XA 71 4.62 -117.80 -55.02
N THR XA 72 4.63 -119.04 -55.45
CA THR XA 72 3.56 -119.96 -55.13
C THR XA 72 3.85 -120.64 -53.79
N ILE XA 73 2.85 -121.36 -53.28
CA ILE XA 73 3.08 -122.12 -52.06
C ILE XA 73 3.86 -123.38 -52.41
N PRO XA 74 5.03 -123.59 -51.79
CA PRO XA 74 5.97 -124.62 -52.26
C PRO XA 74 5.73 -126.02 -51.71
N ASN XA 75 4.60 -126.24 -51.03
CA ASN XA 75 3.94 -127.48 -50.56
C ASN XA 75 4.87 -128.53 -49.92
N ALA XA 76 6.00 -128.11 -49.34
CA ALA XA 76 6.82 -129.01 -48.54
C ALA XA 76 6.31 -129.02 -47.11
N TYR XA 77 6.45 -130.19 -46.45
CA TYR XA 77 5.91 -130.42 -45.10
C TYR XA 77 6.55 -129.50 -44.08
N ASN XA 78 7.84 -129.23 -44.22
CA ASN XA 78 8.50 -128.32 -43.30
C ASN XA 78 8.06 -126.89 -43.50
N LEU XA 79 7.67 -126.53 -44.72
CA LEU XA 79 7.12 -125.22 -44.96
C LEU XA 79 5.64 -125.13 -44.63
N GLN XA 80 4.96 -126.24 -44.36
CA GLN XA 80 3.57 -126.18 -43.94
C GLN XA 80 3.39 -126.15 -42.43
N ALA XA 81 4.38 -125.74 -41.66
CA ALA XA 81 4.21 -125.67 -40.22
C ALA XA 81 3.61 -124.32 -39.85
N ARG XA 82 3.12 -124.20 -38.62
CA ARG XA 82 2.36 -123.03 -38.23
C ARG XA 82 3.26 -122.16 -37.34
N ALA XA 83 3.56 -120.96 -37.81
CA ALA XA 83 4.55 -120.10 -37.18
C ALA XA 83 3.90 -118.78 -36.81
N SER XA 84 4.63 -117.92 -36.10
CA SER XA 84 4.10 -116.63 -35.71
C SER XA 84 5.23 -115.62 -35.64
N VAL XA 85 5.07 -114.49 -36.32
CA VAL XA 85 6.14 -113.50 -36.38
C VAL XA 85 5.53 -112.10 -36.47
N ASP XA 86 6.06 -111.19 -35.65
CA ASP XA 86 5.79 -109.76 -35.73
C ASP XA 86 7.09 -108.98 -35.75
N TRP XA 87 7.34 -108.28 -36.87
CA TRP XA 87 8.62 -107.62 -37.10
C TRP XA 87 8.67 -106.79 -38.37
N SER XA 88 9.22 -105.58 -38.25
CA SER XA 88 9.77 -104.88 -39.41
C SER XA 88 11.27 -104.75 -39.36
N GLY XA 89 11.87 -104.90 -40.54
CA GLY XA 89 13.20 -104.45 -40.82
C GLY XA 89 13.76 -105.11 -42.06
N PRO XA 90 15.06 -105.39 -42.09
CA PRO XA 90 15.68 -105.86 -43.34
C PRO XA 90 15.51 -107.35 -43.59
N ILE XA 91 15.11 -107.64 -44.83
CA ILE XA 91 14.45 -108.87 -45.28
C ILE XA 91 15.26 -110.15 -45.07
N GLU XA 92 16.60 -110.05 -45.14
CA GLU XA 92 17.49 -111.18 -45.23
C GLU XA 92 17.60 -111.88 -43.90
N GLU XA 93 17.36 -111.14 -42.83
CA GLU XA 93 17.41 -111.73 -41.52
C GLU XA 93 16.17 -112.59 -41.24
N LEU XA 94 14.96 -112.15 -41.64
CA LEU XA 94 13.78 -113.00 -41.44
C LEU XA 94 13.85 -114.21 -42.36
N THR XA 95 14.35 -114.03 -43.58
CA THR XA 95 14.42 -115.20 -44.44
C THR XA 95 15.51 -116.18 -44.04
N ALA XA 96 16.58 -115.69 -43.40
CA ALA XA 96 17.50 -116.56 -42.67
C ALA XA 96 16.80 -117.27 -41.53
N ARG XA 97 15.90 -116.56 -40.84
CA ARG XA 97 15.37 -117.21 -39.67
C ARG XA 97 14.15 -118.06 -39.95
N ILE XA 98 13.47 -117.83 -41.05
CA ILE XA 98 12.44 -118.76 -41.44
C ILE XA 98 13.08 -119.94 -42.17
N ALA XA 99 14.31 -119.79 -42.68
CA ALA XA 99 15.05 -120.93 -43.19
C ALA XA 99 15.45 -121.89 -42.06
N LYS XA 100 16.03 -121.35 -41.00
CA LYS XA 100 16.44 -122.22 -39.92
C LYS XA 100 15.26 -122.59 -39.01
N ALA XA 101 14.14 -121.87 -39.09
CA ALA XA 101 12.90 -122.38 -38.52
C ALA XA 101 12.33 -123.53 -39.33
N ALA XA 102 12.48 -123.47 -40.65
CA ALA XA 102 11.94 -124.51 -41.51
C ALA XA 102 12.92 -125.64 -41.75
N HIS XA 103 14.10 -125.60 -41.11
CA HIS XA 103 15.25 -126.51 -41.31
C HIS XA 103 15.68 -126.53 -42.77
N PHE XA 104 15.74 -125.35 -43.36
CA PHE XA 104 16.15 -125.16 -44.74
C PHE XA 104 17.44 -124.37 -44.73
N ARG XA 105 18.26 -124.60 -45.74
CA ARG XA 105 19.42 -123.76 -45.91
C ARG XA 105 19.00 -122.41 -46.48
N PHE XA 106 19.82 -121.40 -46.23
CA PHE XA 106 19.54 -120.06 -46.73
C PHE XA 106 20.69 -119.62 -47.62
N ARG XA 107 20.40 -119.36 -48.88
CA ARG XA 107 21.38 -118.76 -49.76
C ARG XA 107 20.94 -117.34 -50.12
N VAL XA 108 21.92 -116.47 -50.32
CA VAL XA 108 21.67 -115.16 -50.87
C VAL XA 108 22.49 -115.03 -52.15
N LEU XA 109 21.84 -114.60 -53.22
CA LEU XA 109 22.51 -114.26 -54.46
C LEU XA 109 22.15 -112.82 -54.80
N GLY XA 110 23.16 -112.03 -55.15
CA GLY XA 110 22.99 -110.61 -55.32
C GLY XA 110 23.59 -109.84 -54.16
N LYS XA 111 23.42 -108.52 -54.23
CA LYS XA 111 24.10 -107.59 -53.35
C LYS XA 111 23.06 -106.77 -52.60
N SER XA 112 23.18 -106.73 -51.28
CA SER XA 112 22.22 -105.93 -50.53
C SER XA 112 22.59 -104.46 -50.64
N PRO XA 113 21.66 -103.58 -50.97
CA PRO XA 113 21.99 -102.17 -51.17
C PRO XA 113 22.16 -101.45 -49.84
N SER XA 114 22.54 -100.17 -49.94
CA SER XA 114 22.82 -99.35 -48.77
C SER XA 114 21.54 -99.04 -48.00
N VAL XA 115 20.51 -98.58 -48.70
CA VAL XA 115 19.19 -98.66 -48.09
C VAL XA 115 18.74 -100.12 -48.11
N PRO XA 116 18.25 -100.66 -46.99
CA PRO XA 116 17.87 -102.07 -46.98
C PRO XA 116 16.45 -102.26 -47.45
N VAL XA 117 16.19 -103.46 -47.96
CA VAL XA 117 14.85 -103.82 -48.38
C VAL XA 117 14.04 -104.17 -47.14
N LEU XA 118 12.91 -103.50 -46.95
CA LEU XA 118 12.21 -103.50 -45.67
C LEU XA 118 10.79 -104.02 -45.82
N ILE XA 119 10.41 -104.96 -44.94
CA ILE XA 119 9.12 -105.66 -44.89
C ILE XA 119 8.63 -105.55 -43.45
N SER XA 120 7.39 -106.02 -43.13
CA SER XA 120 7.04 -106.45 -41.75
C SER XA 120 6.24 -107.70 -42.05
N ILE XA 121 6.30 -108.67 -41.16
CA ILE XA 121 5.20 -109.59 -41.04
C ILE XA 121 4.59 -109.39 -39.67
N SER XA 122 3.27 -109.25 -39.61
CA SER XA 122 2.56 -109.07 -38.35
C SER XA 122 1.45 -110.09 -38.30
N THR XA 123 1.79 -111.34 -38.00
CA THR XA 123 0.82 -112.43 -37.90
C THR XA 123 1.17 -113.25 -36.68
N LYS XA 124 0.15 -113.57 -35.88
CA LYS XA 124 0.45 -114.28 -34.65
C LYS XA 124 -0.01 -115.72 -34.61
N ASP XA 125 -0.59 -116.23 -35.71
CA ASP XA 125 -0.27 -117.56 -36.25
C ASP XA 125 -0.76 -117.64 -37.67
N GLU XA 126 0.17 -117.75 -38.64
CA GLU XA 126 -0.13 -118.39 -39.92
C GLU XA 126 1.13 -119.02 -40.48
N SER XA 127 0.94 -119.84 -41.53
CA SER XA 127 1.91 -120.85 -41.94
C SER XA 127 3.08 -120.25 -42.70
N LEU XA 128 4.24 -120.91 -42.59
CA LEU XA 128 5.47 -120.20 -42.87
C LEU XA 128 5.80 -120.13 -44.34
N ALA XA 129 5.21 -121.00 -45.17
CA ALA XA 129 5.28 -120.85 -46.62
C ALA XA 129 4.54 -119.60 -47.08
N GLU XA 130 3.53 -119.21 -46.34
CA GLU XA 130 2.74 -118.09 -46.74
C GLU XA 130 3.33 -116.82 -46.20
N ILE XA 131 4.01 -116.91 -45.04
CA ILE XA 131 4.93 -115.86 -44.62
C ILE XA 131 5.92 -115.56 -45.73
N LEU XA 132 6.55 -116.60 -46.29
CA LEU XA 132 7.48 -116.48 -47.43
C LEU XA 132 6.87 -115.88 -48.68
N ARG XA 133 5.61 -116.21 -48.96
CA ARG XA 133 4.91 -115.58 -50.06
C ARG XA 133 4.66 -114.09 -49.82
N ASP XA 134 4.39 -113.73 -48.57
CA ASP XA 134 4.28 -112.31 -48.21
C ASP XA 134 5.66 -111.64 -48.24
N ILE XA 135 6.74 -112.38 -48.02
CA ILE XA 135 8.10 -111.84 -48.13
C ILE XA 135 8.43 -111.48 -49.57
N ASP XA 136 8.08 -112.37 -50.51
CA ASP XA 136 8.26 -112.09 -51.95
C ASP XA 136 7.40 -110.92 -52.37
N TYR XA 137 6.19 -110.83 -51.81
CA TYR XA 137 5.28 -109.75 -52.16
C TYR XA 137 5.76 -108.40 -51.65
N GLN XA 138 6.15 -108.28 -50.39
CA GLN XA 138 6.60 -106.98 -49.91
C GLN XA 138 8.02 -106.66 -50.30
N ALA XA 139 8.80 -107.65 -50.75
CA ALA XA 139 10.00 -107.36 -51.50
C ALA XA 139 9.64 -106.69 -52.81
N GLY XA 140 8.74 -107.33 -53.55
CA GLY XA 140 8.33 -106.81 -54.83
C GLY XA 140 9.45 -106.94 -55.84
N LYS XA 141 10.02 -105.79 -56.19
CA LYS XA 141 10.96 -105.72 -57.28
C LYS XA 141 12.37 -105.41 -56.81
N LYS XA 142 12.53 -105.05 -55.54
CA LYS XA 142 13.87 -104.84 -55.00
C LYS XA 142 14.58 -106.16 -54.76
N ALA XA 143 13.82 -107.22 -54.51
CA ALA XA 143 14.36 -108.55 -54.27
C ALA XA 143 13.28 -109.55 -54.61
N SER XA 144 13.65 -110.83 -54.64
CA SER XA 144 12.65 -111.88 -54.69
C SER XA 144 13.18 -113.14 -54.04
N ILE XA 145 12.24 -114.01 -53.70
CA ILE XA 145 12.51 -115.25 -52.98
C ILE XA 145 12.28 -116.41 -53.94
N HIS XA 146 13.29 -117.26 -54.08
CA HIS XA 146 13.01 -118.59 -54.59
C HIS XA 146 13.18 -119.61 -53.49
N VAL XA 147 12.75 -120.82 -53.81
CA VAL XA 147 12.86 -121.95 -52.92
C VAL XA 147 13.01 -123.20 -53.79
N TYR XA 148 13.87 -124.10 -53.36
CA TYR XA 148 13.96 -125.42 -53.96
C TYR XA 148 13.75 -126.43 -52.86
N PRO XA 149 12.61 -127.14 -52.85
CA PRO XA 149 12.35 -128.12 -51.79
C PRO XA 149 12.98 -129.48 -52.04
N ASN XA 150 13.58 -129.69 -53.22
CA ASN XA 150 14.35 -130.91 -53.45
C ASN XA 150 15.60 -130.97 -52.58
N SER XA 151 16.25 -129.83 -52.43
CA SER XA 151 17.47 -129.70 -51.66
C SER XA 151 17.25 -129.00 -50.34
N GLN XA 152 16.01 -128.56 -50.08
CA GLN XA 152 15.56 -127.84 -48.89
C GLN XA 152 16.37 -126.57 -48.67
N VAL XA 153 16.32 -125.69 -49.65
CA VAL XA 153 16.99 -124.41 -49.54
C VAL XA 153 16.02 -123.32 -49.96
N VAL XA 154 16.03 -122.21 -49.24
CA VAL XA 154 15.41 -121.00 -49.71
C VAL XA 154 16.54 -120.09 -50.16
N GLU XA 155 16.23 -119.20 -51.08
CA GLU XA 155 17.23 -118.24 -51.49
C GLU XA 155 16.56 -116.89 -51.66
N LEU XA 156 17.35 -115.88 -51.42
CA LEU XA 156 16.94 -114.51 -51.65
C LEU XA 156 17.85 -114.00 -52.75
N ARG XA 157 17.28 -113.42 -53.80
CA ARG XA 157 18.08 -112.72 -54.79
C ARG XA 157 17.75 -111.25 -54.76
N TYR XA 158 18.78 -110.44 -54.93
CA TYR XA 158 18.61 -109.03 -55.20
C TYR XA 158 18.52 -108.80 -56.71
N ALA XA 159 18.65 -107.55 -57.13
CA ALA XA 159 18.70 -107.24 -58.55
C ALA XA 159 19.70 -106.12 -58.84
N ILE YA 272 12.08 -81.14 -46.08
CA ILE YA 272 11.84 -82.37 -45.35
C ILE YA 272 10.70 -82.20 -44.36
N PRO YA 273 9.69 -83.07 -44.46
CA PRO YA 273 8.56 -83.00 -43.58
C PRO YA 273 8.90 -83.53 -42.19
N PRO YA 274 8.12 -83.18 -41.18
CA PRO YA 274 8.21 -83.91 -39.91
C PRO YA 274 7.67 -85.32 -40.05
N SER YA 275 8.09 -86.17 -39.12
CA SER YA 275 7.89 -87.61 -39.24
C SER YA 275 6.46 -88.01 -38.96
N ALA YA 276 6.01 -87.75 -37.75
CA ALA YA 276 4.65 -87.77 -37.30
C ALA YA 276 4.63 -86.74 -36.20
N ASN YA 277 3.67 -86.82 -35.30
CA ASN YA 277 3.93 -86.22 -34.01
C ASN YA 277 4.27 -87.43 -33.15
N ASP YA 278 5.28 -87.26 -32.30
CA ASP YA 278 5.65 -88.28 -31.32
C ASP YA 278 4.69 -88.36 -30.14
N LEU YA 279 3.75 -87.43 -30.03
CA LEU YA 279 2.75 -87.47 -28.98
C LEU YA 279 1.60 -88.39 -29.36
N LEU YA 280 1.56 -88.79 -30.63
CA LEU YA 280 0.69 -89.87 -31.07
C LEU YA 280 1.04 -91.21 -30.47
N LEU YA 281 2.29 -91.40 -30.07
CA LEU YA 281 2.69 -92.56 -29.27
C LEU YA 281 2.00 -92.55 -27.92
N HIS YA 282 1.84 -91.38 -27.30
CA HIS YA 282 1.14 -91.29 -26.04
C HIS YA 282 -0.36 -91.49 -26.22
N VAL YA 283 -0.94 -90.93 -27.27
CA VAL YA 283 -2.38 -91.12 -27.42
C VAL YA 283 -2.69 -92.37 -28.22
N LEU YA 284 -1.67 -93.15 -28.57
CA LEU YA 284 -1.88 -94.53 -28.97
C LEU YA 284 -2.04 -95.40 -27.75
N GLU YA 285 -1.46 -95.01 -26.64
CA GLU YA 285 -1.86 -95.51 -25.35
C GLU YA 285 -3.07 -94.69 -24.91
N GLY YA 286 -3.62 -94.98 -23.75
CA GLY YA 286 -4.75 -94.17 -23.36
C GLY YA 286 -4.41 -92.83 -22.75
N VAL YA 287 -3.13 -92.56 -22.52
CA VAL YA 287 -2.70 -91.44 -21.69
C VAL YA 287 -2.86 -90.14 -22.48
N PRO YA 288 -3.39 -89.09 -21.87
CA PRO YA 288 -3.51 -87.81 -22.56
C PRO YA 288 -2.15 -87.16 -22.77
N PRO YA 289 -2.06 -86.19 -23.67
CA PRO YA 289 -0.84 -85.41 -23.79
C PRO YA 289 -0.64 -84.52 -22.56
N PRO YA 290 0.60 -84.15 -22.25
CA PRO YA 290 0.83 -83.27 -21.10
C PRO YA 290 0.35 -81.85 -21.38
N GLY YA 291 -0.45 -81.33 -20.46
CA GLY YA 291 -1.06 -80.02 -20.61
C GLY YA 291 -2.16 -80.05 -21.64
N SER YA 292 -3.24 -80.75 -21.36
CA SER YA 292 -4.31 -80.94 -22.34
C SER YA 292 -5.63 -80.43 -21.80
N ARG YA 293 -6.67 -80.62 -22.58
CA ARG YA 293 -8.03 -80.50 -22.11
C ARG YA 293 -8.79 -81.72 -22.59
N ARG YA 294 -9.56 -82.32 -21.70
CA ARG YA 294 -10.32 -83.50 -22.03
C ARG YA 294 -11.48 -83.11 -22.92
N LEU YA 295 -11.79 -83.94 -23.90
CA LEU YA 295 -13.02 -83.76 -24.64
C LEU YA 295 -13.88 -84.99 -24.46
N VAL YA 296 -15.13 -84.79 -24.08
CA VAL YA 296 -16.04 -85.90 -23.94
C VAL YA 296 -16.52 -86.30 -25.33
N VAL YA 297 -16.64 -87.60 -25.55
CA VAL YA 297 -16.99 -88.16 -26.84
C VAL YA 297 -18.28 -88.94 -26.64
N SER YA 298 -19.29 -88.66 -27.43
CA SER YA 298 -20.54 -89.38 -27.32
C SER YA 298 -20.73 -90.27 -28.53
N GLY YA 299 -21.47 -91.35 -28.34
CA GLY YA 299 -21.88 -92.17 -29.45
C GLY YA 299 -20.83 -93.04 -30.09
N GLY YA 300 -19.75 -93.37 -29.38
CA GLY YA 300 -18.77 -94.29 -29.92
C GLY YA 300 -17.62 -94.44 -28.96
N ASP YA 301 -16.89 -95.53 -29.13
CA ASP YA 301 -15.73 -95.80 -28.29
C ASP YA 301 -14.54 -95.01 -28.81
N ALA YA 302 -14.40 -93.78 -28.35
CA ALA YA 302 -13.22 -93.01 -28.63
C ALA YA 302 -12.96 -92.08 -27.46
N ARG YA 303 -11.70 -91.69 -27.32
CA ARG YA 303 -11.29 -90.71 -26.34
C ARG YA 303 -10.58 -89.59 -27.08
N ALA YA 304 -10.85 -88.36 -26.70
CA ALA YA 304 -10.29 -87.23 -27.41
C ALA YA 304 -9.73 -86.22 -26.44
N TRP YA 305 -8.55 -85.70 -26.75
CA TRP YA 305 -7.93 -84.66 -25.96
C TRP YA 305 -7.55 -83.51 -26.87
N LEU YA 306 -7.46 -82.32 -26.32
CA LEU YA 306 -7.10 -81.15 -27.12
C LEU YA 306 -5.84 -80.55 -26.51
N SER YA 307 -4.75 -80.59 -27.24
CA SER YA 307 -3.49 -80.12 -26.68
C SER YA 307 -3.30 -78.64 -26.94
N ASN YA 308 -3.18 -78.28 -28.22
CA ASN YA 308 -3.00 -76.88 -28.62
C ASN YA 308 -3.63 -76.67 -30.01
N GLU YA 309 -4.92 -76.33 -29.99
CA GLU YA 309 -5.82 -76.17 -31.15
C GLU YA 309 -5.84 -77.37 -32.09
N LYS YA 310 -5.59 -78.56 -31.58
CA LYS YA 310 -5.56 -79.81 -32.32
C LYS YA 310 -6.11 -80.86 -31.38
N MET YA 311 -7.01 -81.70 -31.84
CA MET YA 311 -7.44 -82.77 -30.99
C MET YA 311 -6.80 -84.07 -31.44
N TYR YA 312 -6.71 -84.99 -30.50
CA TYR YA 312 -6.09 -86.28 -30.69
C TYR YA 312 -7.10 -87.29 -30.21
N VAL YA 313 -7.35 -88.30 -31.04
CA VAL YA 313 -8.41 -89.27 -30.79
C VAL YA 313 -7.78 -90.65 -30.74
N ARG YA 314 -7.95 -91.31 -29.61
CA ARG YA 314 -7.73 -92.74 -29.48
C ARG YA 314 -9.03 -93.44 -29.81
N THR YA 315 -9.00 -94.27 -30.84
CA THR YA 315 -10.17 -95.06 -31.17
C THR YA 315 -9.70 -96.36 -31.76
N ASN YA 316 -10.64 -97.24 -32.05
CA ASN YA 316 -10.39 -98.33 -32.98
C ASN YA 316 -11.39 -98.30 -34.11
N LEU YA 317 -12.18 -97.24 -34.19
CA LEU YA 317 -13.09 -97.01 -35.31
C LEU YA 317 -12.32 -96.36 -36.44
N THR YA 318 -12.98 -96.14 -37.57
CA THR YA 318 -12.26 -95.51 -38.67
C THR YA 318 -12.87 -94.17 -38.99
N ILE YA 319 -12.14 -93.08 -38.70
CA ILE YA 319 -12.67 -91.74 -38.95
C ILE YA 319 -12.61 -91.43 -40.45
N LEU YA 320 -13.75 -91.00 -40.99
CA LEU YA 320 -14.02 -90.87 -42.40
C LEU YA 320 -14.15 -89.43 -42.86
N SER YA 321 -15.03 -88.62 -42.27
CA SER YA 321 -15.27 -87.33 -42.93
C SER YA 321 -14.24 -86.22 -42.69
N PRO YA 322 -13.92 -85.75 -41.47
CA PRO YA 322 -13.30 -84.43 -41.39
C PRO YA 322 -11.80 -84.39 -41.62
N GLY YA 323 -11.14 -85.54 -41.78
CA GLY YA 323 -9.77 -85.54 -42.23
C GLY YA 323 -8.78 -85.32 -41.12
N TRP YA 324 -7.75 -86.12 -41.07
CA TRP YA 324 -6.80 -86.01 -39.97
C TRP YA 324 -5.43 -85.69 -40.51
N LEU YA 325 -4.60 -85.14 -39.64
CA LEU YA 325 -3.27 -84.74 -40.06
C LEU YA 325 -2.24 -85.82 -39.81
N ALA YA 326 -2.42 -86.63 -38.78
CA ALA YA 326 -1.44 -87.67 -38.52
C ALA YA 326 -2.13 -88.87 -37.91
N SER YA 327 -1.54 -90.05 -38.11
CA SER YA 327 -2.14 -91.27 -37.59
C SER YA 327 -1.07 -92.27 -37.23
N MET YA 328 -1.32 -93.00 -36.16
CA MET YA 328 -0.59 -94.21 -35.80
C MET YA 328 -1.58 -95.30 -35.47
N THR YA 329 -1.07 -96.52 -35.33
CA THR YA 329 -1.89 -97.66 -34.99
C THR YA 329 -1.04 -98.59 -34.15
N SER YA 330 -1.58 -99.08 -33.03
CA SER YA 330 -0.88 -100.00 -32.17
C SER YA 330 -0.93 -101.42 -32.68
N ALA YA 331 -0.56 -102.36 -31.81
CA ALA YA 331 -0.51 -103.77 -32.18
C ALA YA 331 -1.90 -104.35 -32.34
N ASP YA 332 -2.86 -103.86 -31.55
CA ASP YA 332 -4.20 -104.42 -31.49
C ASP YA 332 -5.22 -103.64 -32.32
N GLY YA 333 -4.76 -102.84 -33.27
CA GLY YA 333 -5.68 -102.13 -34.14
C GLY YA 333 -6.27 -100.87 -33.55
N THR YA 334 -5.79 -100.44 -32.39
CA THR YA 334 -6.14 -99.14 -31.88
C THR YA 334 -5.41 -98.09 -32.71
N HIS YA 335 -6.12 -97.08 -33.17
CA HIS YA 335 -5.50 -95.98 -33.89
C HIS YA 335 -5.49 -94.72 -33.04
N ALA YA 336 -4.56 -93.83 -33.37
CA ALA YA 336 -4.41 -92.54 -32.73
C ALA YA 336 -4.27 -91.49 -33.81
N TYR YA 337 -5.16 -90.52 -33.80
CA TYR YA 337 -5.27 -89.50 -34.83
C TYR YA 337 -5.06 -88.09 -34.29
N GLU YA 338 -4.21 -87.35 -34.99
CA GLU YA 338 -4.06 -85.90 -34.85
C GLU YA 338 -4.89 -85.22 -35.92
N MET YA 339 -5.76 -84.31 -35.51
CA MET YA 339 -6.62 -83.61 -36.45
C MET YA 339 -6.99 -82.26 -35.87
N GLN YA 340 -7.54 -81.39 -36.70
CA GLN YA 340 -8.03 -80.12 -36.20
C GLN YA 340 -9.35 -80.32 -35.48
N LYS YA 341 -9.74 -79.33 -34.69
CA LYS YA 341 -10.93 -79.48 -33.86
C LYS YA 341 -12.18 -79.29 -34.71
N SER YA 342 -12.90 -80.37 -34.86
CA SER YA 342 -14.19 -80.50 -35.49
C SER YA 342 -15.17 -81.09 -34.49
N PRO YA 343 -16.36 -80.52 -34.35
CA PRO YA 343 -17.25 -80.93 -33.26
C PRO YA 343 -17.95 -82.24 -33.51
N VAL YA 344 -17.87 -82.77 -34.71
CA VAL YA 344 -18.46 -84.06 -35.03
C VAL YA 344 -17.36 -84.87 -35.73
N LEU YA 345 -17.35 -86.15 -35.44
CA LEU YA 345 -16.48 -87.11 -36.09
C LEU YA 345 -17.41 -88.07 -36.79
N LEU YA 346 -17.05 -88.49 -37.99
CA LEU YA 346 -17.82 -89.50 -38.68
C LEU YA 346 -16.93 -90.72 -38.74
N VAL YA 347 -17.41 -91.88 -38.31
CA VAL YA 347 -16.56 -93.05 -38.39
C VAL YA 347 -17.32 -94.12 -39.16
N SER YA 348 -16.58 -95.13 -39.55
CA SER YA 348 -17.15 -96.44 -39.84
C SER YA 348 -16.90 -97.30 -38.61
N TRP YA 349 -17.96 -98.01 -38.20
CA TRP YA 349 -17.86 -98.94 -37.09
C TRP YA 349 -17.58 -100.34 -37.60
N HIS YA 350 -18.53 -100.92 -38.32
CA HIS YA 350 -18.34 -102.19 -38.98
C HIS YA 350 -19.02 -102.13 -40.33
N GLY YA 351 -18.69 -101.11 -41.11
CA GLY YA 351 -19.39 -100.83 -42.32
C GLY YA 351 -20.54 -99.86 -42.16
N LYS YA 352 -21.03 -99.69 -40.94
CA LYS YA 352 -22.00 -98.66 -40.65
C LYS YA 352 -21.33 -97.31 -40.51
N VAL YA 353 -21.85 -96.33 -41.24
CA VAL YA 353 -21.48 -94.94 -41.06
C VAL YA 353 -22.14 -94.46 -39.77
N MET YA 354 -21.35 -93.85 -38.92
CA MET YA 354 -21.61 -93.61 -37.52
C MET YA 354 -21.15 -92.20 -37.19
N GLN YA 355 -21.79 -91.58 -36.21
CA GLN YA 355 -21.42 -90.23 -35.81
C GLN YA 355 -21.01 -90.20 -34.35
N LEU YA 356 -19.99 -89.41 -34.08
CA LEU YA 356 -19.44 -89.20 -32.76
C LEU YA 356 -19.39 -87.71 -32.54
N LYS YA 357 -19.64 -87.29 -31.33
CA LYS YA 357 -19.91 -85.89 -31.06
C LYS YA 357 -19.03 -85.43 -29.92
N VAL YA 358 -18.27 -84.35 -30.12
CA VAL YA 358 -17.29 -83.93 -29.13
C VAL YA 358 -17.59 -82.50 -28.68
N GLU YA 359 -17.44 -82.28 -27.38
CA GLU YA 359 -17.73 -80.98 -26.77
C GLU YA 359 -16.42 -80.37 -26.31
N GLY YA 360 -16.10 -79.20 -26.86
CA GLY YA 360 -14.84 -78.53 -26.61
C GLY YA 360 -14.14 -78.09 -27.89
N LEU ZA 41 -29.41 -84.68 -27.01
CA LEU ZA 41 -28.93 -85.70 -26.08
C LEU ZA 41 -28.67 -87.02 -26.81
N PRO ZA 42 -27.73 -87.81 -26.31
CA PRO ZA 42 -27.62 -89.20 -26.78
C PRO ZA 42 -28.82 -90.03 -26.37
N CYS ZA 43 -29.10 -91.05 -27.17
CA CYS ZA 43 -30.29 -91.86 -27.01
C CYS ZA 43 -30.03 -93.00 -26.02
N ARG ZA 44 -31.03 -93.25 -25.18
CA ARG ZA 44 -30.93 -94.38 -24.24
C ARG ZA 44 -31.25 -95.69 -24.94
N VAL ZA 45 -32.47 -95.83 -25.45
CA VAL ZA 45 -32.83 -97.00 -26.23
C VAL ZA 45 -32.55 -96.73 -27.70
N ASP ZA 46 -32.14 -97.77 -28.41
CA ASP ZA 46 -31.88 -97.64 -29.85
C ASP ZA 46 -33.06 -98.10 -30.70
N GLY ZA 47 -34.24 -97.57 -30.43
CA GLY ZA 47 -35.43 -98.00 -31.15
C GLY ZA 47 -35.92 -99.38 -30.78
N ALA ZA 48 -35.60 -99.85 -29.58
CA ALA ZA 48 -35.88 -101.22 -29.18
C ALA ZA 48 -35.97 -101.27 -27.67
N CYS ZA 49 -36.70 -102.25 -27.15
CA CYS ZA 49 -36.74 -102.49 -25.70
C CYS ZA 49 -36.65 -103.98 -25.44
N ASP ZA 50 -36.05 -104.31 -24.29
CA ASP ZA 50 -35.76 -105.70 -23.94
C ASP ZA 50 -37.02 -106.48 -23.60
N ALA ZA 51 -38.03 -105.77 -23.08
CA ALA ZA 51 -39.35 -106.35 -22.86
C ALA ZA 51 -40.00 -106.76 -24.17
N THR ZA 52 -39.83 -105.94 -25.22
CA THR ZA 52 -40.36 -106.31 -26.52
C THR ZA 52 -39.56 -107.42 -27.17
N ILE ZA 53 -38.25 -107.49 -26.89
CA ILE ZA 53 -37.41 -108.60 -27.38
C ILE ZA 53 -37.87 -109.92 -26.81
N ILE ZA 54 -38.11 -109.98 -25.50
CA ILE ZA 54 -38.56 -111.25 -24.95
C ILE ZA 54 -40.04 -111.49 -25.22
N LYS ZA 55 -40.81 -110.44 -25.51
CA LYS ZA 55 -42.21 -110.62 -25.89
C LYS ZA 55 -42.34 -111.25 -27.26
N MET ZA 56 -41.54 -110.77 -28.24
CA MET ZA 56 -41.48 -111.43 -29.54
C MET ZA 56 -40.83 -112.80 -29.44
N MET ZA 57 -39.94 -113.00 -28.48
CA MET ZA 57 -39.23 -114.27 -28.40
C MET ZA 57 -40.12 -115.38 -27.84
N THR ZA 58 -40.93 -115.06 -26.81
CA THR ZA 58 -42.03 -115.95 -26.40
C THR ZA 58 -43.08 -116.14 -27.46
N ASP ZA 59 -43.46 -115.10 -28.21
CA ASP ZA 59 -44.51 -115.29 -29.21
C ASP ZA 59 -44.05 -116.11 -30.40
N LEU ZA 60 -42.78 -115.99 -30.78
CA LEU ZA 60 -42.24 -116.81 -31.86
C LEU ZA 60 -42.07 -118.25 -31.42
N ASN ZA 61 -41.69 -118.48 -30.16
CA ASN ZA 61 -41.64 -119.84 -29.66
C ASN ZA 61 -43.02 -120.44 -29.44
N LYS ZA 62 -44.05 -119.61 -29.19
CA LYS ZA 62 -45.41 -120.14 -29.14
C LYS ZA 62 -45.93 -120.49 -30.51
N LYS ZA 63 -45.63 -119.68 -31.52
CA LYS ZA 63 -45.98 -120.10 -32.88
C LYS ZA 63 -45.00 -121.07 -33.52
N GLY ZA 64 -44.02 -121.57 -32.79
CA GLY ZA 64 -43.28 -122.71 -33.25
C GLY ZA 64 -42.05 -122.37 -34.01
N ILE ZA 65 -41.73 -121.09 -34.10
CA ILE ZA 65 -40.48 -120.64 -34.70
C ILE ZA 65 -39.47 -120.58 -33.59
N LYS ZA 66 -38.51 -121.49 -33.59
CA LYS ZA 66 -37.83 -121.70 -32.33
C LYS ZA 66 -36.64 -120.76 -32.28
N VAL ZA 67 -36.58 -119.92 -31.24
CA VAL ZA 67 -35.50 -118.97 -31.06
C VAL ZA 67 -34.50 -119.54 -30.06
N ALA ZA 68 -33.34 -119.92 -30.55
CA ALA ZA 68 -32.21 -120.26 -29.72
C ALA ZA 68 -31.35 -119.03 -29.48
N SER ZA 69 -30.81 -118.94 -28.26
CA SER ZA 69 -30.16 -117.73 -27.80
C SER ZA 69 -28.90 -118.12 -27.06
N VAL ZA 70 -27.79 -118.27 -27.78
CA VAL ZA 70 -26.56 -118.83 -27.24
C VAL ZA 70 -25.51 -117.74 -27.30
N GLY ZA 71 -25.12 -117.19 -26.15
CA GLY ZA 71 -24.10 -116.17 -26.11
C GLY ZA 71 -24.55 -114.84 -26.65
N GLN ZA 72 -24.06 -114.45 -27.81
CA GLN ZA 72 -24.82 -113.53 -28.64
C GLN ZA 72 -25.17 -114.10 -29.99
N ASN ZA 73 -24.87 -115.37 -30.24
CA ASN ZA 73 -25.37 -116.00 -31.43
C ASN ZA 73 -26.86 -116.27 -31.26
N TYR ZA 74 -27.63 -115.65 -32.12
CA TYR ZA 74 -29.06 -115.85 -32.16
C TYR ZA 74 -29.41 -116.69 -33.37
N LEU ZA 75 -30.30 -117.63 -33.13
CA LEU ZA 75 -30.82 -118.52 -34.13
C LEU ZA 75 -32.32 -118.42 -34.08
N ILE ZA 76 -32.97 -118.13 -35.19
CA ILE ZA 76 -34.38 -118.43 -35.31
C ILE ZA 76 -34.53 -119.47 -36.40
N SER ZA 77 -35.24 -120.54 -36.06
CA SER ZA 77 -35.38 -121.69 -36.93
C SER ZA 77 -36.83 -121.74 -37.35
N ILE ZA 78 -37.05 -121.78 -38.65
CA ILE ZA 78 -38.38 -121.69 -39.25
C ILE ZA 78 -38.61 -122.96 -40.03
N PRO ZA 79 -39.65 -123.74 -39.73
CA PRO ZA 79 -40.02 -124.84 -40.61
C PRO ZA 79 -40.54 -124.35 -41.95
N ALA ZA 80 -40.18 -125.09 -42.99
CA ALA ZA 80 -40.54 -124.70 -44.35
C ALA ZA 80 -42.00 -124.91 -44.67
N SER ZA 81 -42.71 -125.71 -43.86
CA SER ZA 81 -44.16 -125.72 -43.88
C SER ZA 81 -44.73 -124.38 -43.49
N ALA ZA 82 -44.13 -123.73 -42.50
CA ALA ZA 82 -44.67 -122.49 -41.98
C ALA ZA 82 -44.41 -121.31 -42.89
N LEU ZA 83 -43.53 -121.44 -43.89
CA LEU ZA 83 -43.47 -120.38 -44.88
C LEU ZA 83 -43.96 -120.82 -46.24
N PHE ZA 84 -43.36 -121.84 -46.87
CA PHE ZA 84 -43.56 -121.90 -48.30
C PHE ZA 84 -44.63 -122.93 -48.63
N ALA ZA 85 -44.81 -123.17 -49.92
CA ALA ZA 85 -45.48 -124.35 -50.41
C ALA ZA 85 -44.45 -125.46 -50.56
N ASP ZA 86 -44.90 -126.69 -50.78
CA ASP ZA 86 -44.02 -127.85 -50.70
C ASP ZA 86 -43.18 -127.99 -51.98
N GLN ZA 87 -41.87 -128.13 -51.76
CA GLN ZA 87 -40.83 -128.29 -52.80
C GLN ZA 87 -40.80 -127.16 -53.81
N SER ZA 88 -41.12 -125.96 -53.35
CA SER ZA 88 -41.28 -124.80 -54.19
C SER ZA 88 -40.41 -123.70 -53.63
N PRO ZA 89 -39.88 -122.84 -54.47
CA PRO ZA 89 -39.31 -121.58 -53.98
C PRO ZA 89 -40.29 -120.42 -53.99
N ARG ZA 90 -41.46 -120.62 -53.40
CA ARG ZA 90 -42.51 -119.60 -53.48
C ARG ZA 90 -43.17 -119.41 -52.13
N LEU ZA 91 -43.24 -118.17 -51.66
CA LEU ZA 91 -43.96 -117.85 -50.43
C LEU ZA 91 -45.46 -118.00 -50.59
N ASN ZA 92 -46.10 -118.42 -49.51
CA ASN ZA 92 -47.51 -118.21 -49.33
C ASN ZA 92 -47.75 -116.78 -48.88
N TRP ZA 93 -48.95 -116.28 -49.14
CA TRP ZA 93 -49.26 -114.90 -48.83
C TRP ZA 93 -49.44 -114.66 -47.34
N ALA ZA 94 -49.90 -115.66 -46.60
CA ALA ZA 94 -50.10 -115.45 -45.17
C ALA ZA 94 -48.78 -115.50 -44.40
N SER ZA 95 -47.75 -116.09 -44.97
CA SER ZA 95 -46.48 -116.29 -44.28
C SER ZA 95 -45.62 -115.03 -44.23
N TYR ZA 96 -46.00 -113.97 -44.92
CA TYR ZA 96 -45.32 -112.70 -44.71
C TYR ZA 96 -45.67 -112.06 -43.39
N SER ZA 97 -46.78 -112.45 -42.76
CA SER ZA 97 -47.01 -112.05 -41.38
C SER ZA 97 -46.03 -112.74 -40.44
N LEU ZA 98 -45.66 -113.98 -40.74
CA LEU ZA 98 -44.64 -114.66 -39.95
C LEU ZA 98 -43.29 -114.00 -40.15
N LEU ZA 99 -43.02 -113.60 -41.38
CA LEU ZA 99 -41.88 -112.75 -41.68
C LEU ZA 99 -41.98 -111.34 -41.10
N ASN ZA 100 -43.18 -110.88 -40.73
CA ASN ZA 100 -43.31 -109.57 -40.10
C ASN ZA 100 -42.79 -109.56 -38.69
N GLU ZA 101 -43.21 -110.53 -37.84
CA GLU ZA 101 -42.45 -110.47 -36.57
C GLU ZA 101 -41.06 -111.10 -36.64
N ILE ZA 102 -40.69 -111.83 -37.69
CA ILE ZA 102 -39.27 -112.11 -37.91
C ILE ZA 102 -38.47 -110.84 -38.17
N ALA ZA 103 -38.97 -109.96 -39.04
CA ALA ZA 103 -38.27 -108.72 -39.33
C ALA ZA 103 -38.37 -107.71 -38.20
N ALA ZA 104 -39.49 -107.67 -37.49
CA ALA ZA 104 -39.59 -106.77 -36.35
C ALA ZA 104 -38.83 -107.28 -35.15
N PHE ZA 105 -38.56 -108.59 -35.09
CA PHE ZA 105 -37.60 -109.09 -34.12
C PHE ZA 105 -36.18 -108.73 -34.52
N LEU ZA 106 -35.91 -108.72 -35.83
CA LEU ZA 106 -34.58 -108.35 -36.31
C LEU ZA 106 -34.34 -106.85 -36.33
N LYS ZA 107 -35.37 -106.03 -36.11
CA LYS ZA 107 -35.18 -104.62 -35.77
C LYS ZA 107 -34.36 -104.43 -34.51
N GLN ZA 108 -34.55 -105.30 -33.53
CA GLN ZA 108 -34.23 -104.99 -32.16
C GLN ZA 108 -32.75 -105.10 -31.83
N PHE ZA 109 -31.96 -105.71 -32.68
CA PHE ZA 109 -30.57 -105.97 -32.36
C PHE ZA 109 -29.64 -105.20 -33.29
N ARG ZA 110 -28.48 -104.86 -32.77
CA ARG ZA 110 -27.41 -104.33 -33.58
C ARG ZA 110 -26.63 -105.52 -34.11
N LYS ZA 111 -26.55 -105.60 -35.42
CA LYS ZA 111 -26.05 -106.80 -36.07
C LYS ZA 111 -25.24 -106.40 -37.29
N ILE ZA 112 -24.31 -107.27 -37.66
CA ILE ZA 112 -23.35 -106.98 -38.70
C ILE ZA 112 -23.64 -107.82 -39.93
N ALA ZA 113 -23.73 -109.13 -39.74
CA ALA ZA 113 -24.06 -110.03 -40.82
C ALA ZA 113 -25.08 -111.03 -40.32
N ILE ZA 114 -26.24 -111.01 -40.92
CA ILE ZA 114 -27.20 -112.09 -40.82
C ILE ZA 114 -26.81 -113.10 -41.87
N THR ZA 115 -26.71 -114.38 -41.53
CA THR ZA 115 -26.72 -115.37 -42.57
C THR ZA 115 -27.99 -116.21 -42.49
N VAL ZA 116 -28.61 -116.39 -43.65
CA VAL ZA 116 -29.85 -117.12 -43.80
C VAL ZA 116 -29.54 -118.31 -44.68
N THR ZA 117 -29.78 -119.50 -44.15
CA THR ZA 117 -29.51 -120.68 -44.92
C THR ZA 117 -30.65 -121.67 -44.80
N SER ZA 118 -30.97 -122.29 -45.91
CA SER ZA 118 -32.16 -123.11 -46.02
C SER ZA 118 -31.75 -124.50 -46.47
N TYR ZA 119 -32.45 -125.52 -45.96
CA TYR ZA 119 -32.27 -126.88 -46.45
C TYR ZA 119 -33.54 -127.67 -46.22
N SER ZA 120 -33.87 -128.55 -47.15
CA SER ZA 120 -35.05 -129.38 -47.00
C SER ZA 120 -34.68 -130.84 -47.17
N SER ZA 121 -35.71 -131.69 -47.20
CA SER ZA 121 -35.50 -133.11 -47.40
C SER ZA 121 -35.36 -133.40 -48.89
N LYS ZA 122 -35.02 -134.65 -49.20
CA LYS ZA 122 -34.71 -135.05 -50.57
C LYS ZA 122 -35.98 -135.14 -51.41
N TYR ZA 123 -35.96 -134.54 -52.61
CA TYR ZA 123 -37.10 -134.65 -53.50
C TYR ZA 123 -36.78 -135.31 -54.83
N VAL ZA 124 -35.85 -134.77 -55.60
CA VAL ZA 124 -35.44 -135.46 -56.82
C VAL ZA 124 -33.98 -135.82 -56.69
N SER ZA 125 -33.14 -134.81 -56.62
CA SER ZA 125 -31.71 -135.00 -56.55
C SER ZA 125 -31.16 -133.93 -55.64
N VAL ZA 126 -29.89 -134.07 -55.29
CA VAL ZA 126 -29.23 -133.04 -54.50
C VAL ZA 126 -28.96 -131.78 -55.32
N LYS ZA 127 -28.86 -131.88 -56.64
CA LYS ZA 127 -28.61 -130.71 -57.48
C LYS ZA 127 -29.88 -129.85 -57.60
N ARG ZA 128 -31.02 -130.51 -57.84
CA ARG ZA 128 -32.33 -129.86 -57.81
C ARG ZA 128 -32.65 -129.34 -56.43
N GLU ZA 129 -32.24 -130.09 -55.41
CA GLU ZA 129 -32.44 -129.70 -54.03
C GLU ZA 129 -31.64 -128.46 -53.64
N ARG ZA 130 -30.40 -128.37 -54.09
CA ARG ZA 130 -29.58 -127.23 -53.73
C ARG ZA 130 -29.96 -125.98 -54.50
N ALA ZA 131 -30.45 -126.17 -55.74
CA ALA ZA 131 -31.07 -125.05 -56.47
C ALA ZA 131 -32.33 -124.55 -55.78
N LEU ZA 132 -33.15 -125.47 -55.27
CA LEU ZA 132 -34.35 -125.12 -54.50
C LEU ZA 132 -34.01 -124.34 -53.24
N THR ZA 133 -33.00 -124.78 -52.51
CA THR ZA 133 -32.75 -124.17 -51.21
C THR ZA 133 -31.98 -122.87 -51.35
N LEU ZA 134 -31.22 -122.73 -52.44
CA LEU ZA 134 -30.57 -121.46 -52.76
C LEU ZA 134 -31.58 -120.40 -53.16
N ALA ZA 135 -32.56 -120.79 -54.01
CA ALA ZA 135 -33.65 -119.89 -54.37
C ALA ZA 135 -34.54 -119.56 -53.19
N ARG ZA 136 -34.71 -120.53 -52.29
CA ARG ZA 136 -35.51 -120.43 -51.08
C ARG ZA 136 -34.95 -119.39 -50.12
N SER ZA 137 -33.66 -119.50 -49.82
CA SER ZA 137 -33.01 -118.56 -48.94
C SER ZA 137 -32.83 -117.20 -49.58
N ARG ZA 138 -32.60 -117.14 -50.91
CA ARG ZA 138 -32.44 -115.83 -51.51
C ARG ZA 138 -33.75 -115.07 -51.64
N VAL ZA 139 -34.87 -115.80 -51.71
CA VAL ZA 139 -36.18 -115.17 -51.70
C VAL ZA 139 -36.50 -114.62 -50.32
N VAL ZA 140 -36.17 -115.38 -49.26
CA VAL ZA 140 -36.50 -114.87 -47.93
C VAL ZA 140 -35.53 -113.76 -47.47
N SER ZA 141 -34.31 -113.73 -47.98
CA SER ZA 141 -33.45 -112.60 -47.68
C SER ZA 141 -33.78 -111.37 -48.54
N GLU ZA 142 -34.30 -111.57 -49.77
CA GLU ZA 142 -34.85 -110.46 -50.53
C GLU ZA 142 -36.02 -109.80 -49.82
N TYR ZA 143 -36.88 -110.61 -49.19
CA TYR ZA 143 -37.94 -109.98 -48.40
C TYR ZA 143 -37.40 -109.37 -47.10
N LEU ZA 144 -36.34 -109.93 -46.53
CA LEU ZA 144 -35.86 -109.39 -45.27
C LEU ZA 144 -35.08 -108.08 -45.41
N TRP ZA 145 -34.47 -107.84 -46.57
CA TRP ZA 145 -33.92 -106.51 -46.82
C TRP ZA 145 -34.88 -105.65 -47.64
N SER ZA 146 -36.00 -106.22 -48.10
CA SER ZA 146 -37.13 -105.33 -48.34
C SER ZA 146 -37.64 -104.79 -47.02
N GLN ZA 147 -37.74 -105.65 -46.03
CA GLN ZA 147 -38.10 -105.19 -44.71
C GLN ZA 147 -36.87 -104.66 -43.98
N GLY ZA 148 -37.06 -104.42 -42.69
CA GLY ZA 148 -36.07 -103.68 -41.95
C GLY ZA 148 -35.12 -104.62 -41.25
N VAL ZA 149 -33.92 -104.68 -41.75
CA VAL ZA 149 -32.81 -105.15 -40.96
C VAL ZA 149 -31.81 -104.02 -40.93
N ASP ZA 150 -31.06 -103.92 -39.85
CA ASP ZA 150 -29.95 -102.99 -39.79
C ASP ZA 150 -28.64 -103.72 -39.97
N SER ZA 151 -28.72 -104.90 -40.57
CA SER ZA 151 -27.56 -105.68 -40.91
C SER ZA 151 -26.82 -105.04 -42.05
N ARG ZA 152 -25.52 -105.27 -42.09
CA ARG ZA 152 -24.70 -104.78 -43.17
C ARG ZA 152 -24.54 -105.81 -44.26
N ILE ZA 153 -24.49 -107.08 -43.89
CA ILE ZA 153 -24.51 -108.16 -44.86
C ILE ZA 153 -25.64 -109.08 -44.45
N ILE ZA 154 -26.41 -109.54 -45.44
CA ILE ZA 154 -27.07 -110.82 -45.29
C ILE ZA 154 -26.40 -111.77 -46.26
N PHE ZA 155 -25.72 -112.75 -45.71
CA PHE ZA 155 -25.27 -113.88 -46.52
C PHE ZA 155 -26.45 -114.82 -46.58
N THR ZA 156 -26.60 -115.49 -47.70
CA THR ZA 156 -27.73 -116.34 -47.94
C THR ZA 156 -27.33 -117.53 -48.82
N GLN ZA 157 -27.71 -118.73 -48.37
CA GLN ZA 157 -27.28 -119.94 -49.04
C GLN ZA 157 -28.22 -121.10 -48.72
N GLY ZA 158 -28.11 -122.14 -49.51
CA GLY ZA 158 -28.93 -123.32 -49.29
C GLY ZA 158 -28.14 -124.59 -49.42
N LEU ZA 159 -28.54 -125.62 -48.69
CA LEU ZA 159 -27.81 -126.88 -48.70
C LEU ZA 159 -28.75 -128.04 -49.00
N GLY ZA 160 -28.16 -129.15 -49.42
CA GLY ZA 160 -28.92 -130.30 -49.83
C GLY ZA 160 -29.13 -131.40 -48.83
N SER ZA 161 -29.80 -131.06 -47.71
CA SER ZA 161 -29.99 -131.91 -46.52
C SER ZA 161 -28.66 -132.39 -45.96
N ASP ZA 162 -27.66 -131.54 -46.09
CA ASP ZA 162 -26.34 -131.89 -45.71
C ASP ZA 162 -26.15 -131.71 -44.23
N LYS ZA 163 -27.10 -131.09 -43.55
CA LYS ZA 163 -26.95 -130.89 -42.12
C LYS ZA 163 -28.27 -131.22 -41.39
N PRO ZA 164 -28.76 -132.46 -41.37
CA PRO ZA 164 -30.17 -132.57 -40.94
C PRO ZA 164 -30.32 -132.81 -39.45
N ILE ZA 165 -31.24 -132.07 -38.81
CA ILE ZA 165 -31.29 -132.07 -37.34
C ILE ZA 165 -32.02 -133.26 -36.73
N THR ZA 166 -32.66 -134.10 -37.54
CA THR ZA 166 -33.17 -135.36 -37.03
C THR ZA 166 -32.94 -136.42 -38.09
N SER ZA 167 -32.93 -137.67 -37.67
CA SER ZA 167 -32.79 -138.79 -38.58
C SER ZA 167 -34.14 -139.25 -39.12
N TYR ZA 168 -35.23 -138.66 -38.66
CA TYR ZA 168 -36.55 -139.09 -39.07
C TYR ZA 168 -36.99 -138.25 -40.25
N THR ZA 169 -37.24 -138.92 -41.37
CA THR ZA 169 -37.27 -138.35 -42.71
C THR ZA 169 -38.64 -138.52 -43.37
N LEU ZA 170 -39.70 -138.00 -42.71
CA LEU ZA 170 -41.10 -138.34 -42.97
C LEU ZA 170 -41.56 -138.04 -44.39
N GLY ZA 171 -41.10 -136.93 -44.96
CA GLY ZA 171 -41.72 -136.43 -46.18
C GLY ZA 171 -41.00 -135.24 -46.76
N GLY ZA 172 -41.76 -134.28 -47.22
CA GLY ZA 172 -41.18 -133.19 -47.98
C GLY ZA 172 -40.96 -131.97 -47.11
N ASP ZA 173 -41.79 -130.94 -47.25
CA ASP ZA 173 -41.66 -129.79 -46.38
C ASP ZA 173 -42.35 -129.94 -45.04
N ARG ZA 174 -43.01 -131.07 -44.77
CA ARG ZA 174 -43.56 -131.26 -43.43
C ARG ZA 174 -42.53 -131.89 -42.51
N SER ZA 175 -41.36 -132.24 -43.03
CA SER ZA 175 -40.28 -132.75 -42.19
C SER ZA 175 -39.78 -131.60 -41.32
N PRO ZA 176 -39.39 -131.88 -40.07
CA PRO ZA 176 -38.74 -130.85 -39.26
C PRO ZA 176 -37.30 -130.60 -39.67
N ASN ZA 177 -36.71 -131.49 -40.48
CA ASN ZA 177 -35.49 -131.18 -41.17
C ASN ZA 177 -35.67 -130.08 -42.20
N ALA ZA 178 -36.84 -129.97 -42.82
CA ALA ZA 178 -37.06 -129.01 -43.89
C ALA ZA 178 -37.29 -127.65 -43.29
N ARG ZA 179 -36.27 -126.80 -43.33
CA ARG ZA 179 -36.30 -125.61 -42.52
C ARG ZA 179 -35.36 -124.57 -43.13
N VAL ZA 180 -35.61 -123.33 -42.77
CA VAL ZA 180 -34.66 -122.26 -42.99
C VAL ZA 180 -34.20 -121.83 -41.61
N GLU ZA 181 -32.97 -121.37 -41.52
CA GLU ZA 181 -32.47 -120.86 -40.26
C GLU ZA 181 -31.77 -119.53 -40.50
N ILE ZA 182 -32.05 -118.60 -39.61
CA ILE ZA 182 -31.56 -117.25 -39.68
C ILE ZA 182 -30.70 -117.06 -38.45
N THR ZA 183 -29.37 -117.04 -38.64
CA THR ZA 183 -28.45 -116.94 -37.53
C THR ZA 183 -27.63 -115.69 -37.68
N PHE ZA 184 -27.37 -115.04 -36.56
CA PHE ZA 184 -26.53 -113.86 -36.55
C PHE ZA 184 -25.86 -113.76 -35.19
N ARG ZA 185 -25.00 -112.77 -35.06
CA ARG ZA 185 -24.41 -112.46 -33.76
C ARG ZA 185 -24.75 -111.02 -33.44
N ARG ZA 186 -25.31 -110.80 -32.26
CA ARG ZA 186 -25.68 -109.46 -31.84
C ARG ZA 186 -24.44 -108.68 -31.49
N ALA ZA 187 -24.19 -107.60 -32.20
CA ALA ZA 187 -23.00 -106.80 -31.99
C ALA ZA 187 -23.19 -105.92 -30.76
N VAL ZA 188 -22.17 -105.91 -29.89
CA VAL ZA 188 -22.03 -105.28 -28.57
C VAL ZA 188 -23.29 -105.21 -27.71
N ALA AB 1 -44.86 -160.14 -96.68
CA ALA AB 1 -45.10 -159.15 -97.72
C ALA AB 1 -43.93 -158.18 -97.83
N ALA AB 2 -42.73 -158.73 -97.97
CA ALA AB 2 -41.50 -157.94 -97.97
C ALA AB 2 -41.33 -157.20 -99.29
N ALA AB 3 -40.57 -156.10 -99.22
CA ALA AB 3 -40.20 -155.33 -100.41
C ALA AB 3 -38.86 -154.67 -100.11
N ALA AB 4 -37.76 -155.30 -100.56
CA ALA AB 4 -36.40 -154.85 -100.26
C ALA AB 4 -35.62 -154.76 -101.57
N ALA AB 5 -35.57 -153.56 -102.15
CA ALA AB 5 -34.88 -153.36 -103.42
C ALA AB 5 -34.41 -151.92 -103.52
N ALA AB 6 -33.38 -151.72 -104.36
CA ALA AB 6 -32.80 -150.40 -104.62
C ALA AB 6 -33.02 -150.09 -106.10
N ALA AB 7 -34.06 -149.34 -106.40
CA ALA AB 7 -34.52 -149.06 -107.75
C ALA AB 7 -35.11 -147.66 -107.77
N ALA AB 8 -35.92 -147.36 -108.78
CA ALA AB 8 -36.67 -146.13 -108.83
C ALA AB 8 -38.16 -146.48 -108.90
N ALA AB 9 -38.76 -146.72 -107.74
CA ALA AB 9 -40.21 -146.89 -107.68
C ALA AB 9 -40.91 -145.55 -107.82
N ALA AB 10 -40.56 -144.60 -106.94
CA ALA AB 10 -40.68 -143.15 -107.11
C ALA AB 10 -42.09 -142.56 -107.14
N ALA AB 11 -43.13 -143.39 -107.10
CA ALA AB 11 -44.51 -142.88 -107.04
C ALA AB 11 -45.33 -143.93 -106.28
N ALA AB 12 -45.44 -143.74 -104.96
CA ALA AB 12 -46.11 -144.72 -104.11
C ALA AB 12 -46.67 -144.00 -102.90
N ALA AB 13 -47.99 -143.80 -102.88
CA ALA AB 13 -48.70 -143.43 -101.66
C ALA AB 13 -49.20 -144.72 -101.01
N ALA AB 14 -48.23 -145.51 -100.54
CA ALA AB 14 -48.43 -146.91 -100.23
C ALA AB 14 -48.93 -147.05 -98.80
N ALA AB 15 -50.24 -147.23 -98.64
CA ALA AB 15 -50.83 -147.54 -97.34
C ALA AB 15 -50.89 -149.06 -97.22
N ALA AB 16 -49.77 -149.64 -96.80
CA ALA AB 16 -49.60 -151.07 -96.75
C ALA AB 16 -50.38 -151.68 -95.58
N ALA AB 17 -50.66 -152.98 -95.71
CA ALA AB 17 -51.38 -153.72 -94.67
C ALA AB 17 -50.38 -154.34 -93.71
N ALA AB 18 -50.85 -155.26 -92.87
CA ALA AB 18 -50.03 -155.87 -91.84
C ALA AB 18 -49.05 -156.87 -92.45
N ALA AB 19 -47.95 -157.09 -91.70
CA ALA AB 19 -46.80 -157.94 -92.03
C ALA AB 19 -46.15 -157.54 -93.37
N ALA AB 20 -46.13 -156.24 -93.66
CA ALA AB 20 -45.48 -155.73 -94.87
C ALA AB 20 -44.06 -155.30 -94.49
N ALA AB 21 -43.19 -156.29 -94.39
CA ALA AB 21 -41.82 -156.08 -93.88
C ALA AB 21 -40.92 -155.58 -95.00
N ALA AB 22 -41.15 -154.33 -95.39
CA ALA AB 22 -40.50 -153.73 -96.55
C ALA AB 22 -39.24 -153.00 -96.11
N ALA AB 23 -38.09 -153.65 -96.29
CA ALA AB 23 -36.80 -153.00 -96.10
C ALA AB 23 -36.24 -152.48 -97.43
N ALA AB 24 -37.05 -151.71 -98.15
CA ALA AB 24 -36.64 -151.15 -99.43
C ALA AB 24 -35.61 -150.03 -99.27
N ALA AB 25 -34.79 -149.87 -100.30
CA ALA AB 25 -33.84 -148.77 -100.40
C ALA AB 25 -33.97 -148.05 -101.73
N ALA AB 26 -35.11 -148.19 -102.39
CA ALA AB 26 -35.36 -147.62 -103.70
C ALA AB 26 -35.51 -146.11 -103.66
N ALA AB 27 -35.29 -145.49 -104.82
CA ALA AB 27 -35.44 -144.05 -104.96
C ALA AB 27 -36.92 -143.68 -105.00
N ALA AB 28 -37.54 -143.58 -103.83
CA ALA AB 28 -38.97 -143.31 -103.71
C ALA AB 28 -39.16 -141.81 -103.54
N ALA AB 29 -39.37 -141.12 -104.67
CA ALA AB 29 -39.49 -139.67 -104.65
C ALA AB 29 -40.85 -139.24 -104.12
N ALA AB 30 -41.92 -139.60 -104.82
CA ALA AB 30 -43.28 -139.26 -104.38
C ALA AB 30 -43.76 -140.38 -103.47
N ALA AB 31 -43.25 -140.36 -102.24
CA ALA AB 31 -43.41 -141.46 -101.31
C ALA AB 31 -44.31 -141.06 -100.14
N ALA AB 32 -45.15 -142.00 -99.72
CA ALA AB 32 -45.86 -141.94 -98.44
C ALA AB 32 -46.07 -143.38 -97.99
N ALA AB 33 -45.16 -143.88 -97.16
CA ALA AB 33 -45.14 -145.29 -96.77
C ALA AB 33 -45.85 -145.45 -95.43
N ALA AB 34 -47.17 -145.66 -95.47
CA ALA AB 34 -47.97 -145.82 -94.26
C ALA AB 34 -48.12 -147.31 -93.95
N ALA AB 35 -47.01 -147.90 -93.52
CA ALA AB 35 -46.95 -149.32 -93.20
C ALA AB 35 -47.70 -149.62 -91.91
N ALA AB 36 -48.16 -150.86 -91.76
CA ALA AB 36 -49.02 -151.22 -90.65
C ALA AB 36 -48.40 -152.22 -89.68
N ALA AB 37 -47.34 -152.92 -90.08
CA ALA AB 37 -46.56 -153.78 -89.19
C ALA AB 37 -45.17 -154.00 -89.78
N ALA AB 38 -44.24 -154.33 -88.89
CA ALA AB 38 -43.03 -155.13 -89.16
C ALA AB 38 -42.04 -154.44 -90.09
N ALA AB 39 -42.07 -153.11 -90.19
CA ALA AB 39 -41.16 -152.41 -91.08
C ALA AB 39 -39.76 -152.37 -90.48
N ALA AB 40 -38.76 -152.76 -91.27
CA ALA AB 40 -37.38 -152.89 -90.82
C ALA AB 40 -36.44 -152.24 -91.82
N ALA AB 41 -36.75 -151.00 -92.19
CA ALA AB 41 -36.12 -150.37 -93.34
C ALA AB 41 -34.83 -149.66 -92.97
N ALA AB 42 -33.79 -149.88 -93.76
CA ALA AB 42 -32.51 -149.20 -93.61
C ALA AB 42 -32.08 -148.73 -95.00
N ALA AB 43 -32.52 -147.52 -95.36
CA ALA AB 43 -32.38 -147.02 -96.72
C ALA AB 43 -31.40 -145.86 -96.76
N ALA AB 44 -31.19 -145.35 -97.98
CA ALA AB 44 -30.53 -144.07 -98.21
C ALA AB 44 -31.33 -143.41 -99.33
N ALA AB 45 -32.34 -142.65 -98.96
CA ALA AB 45 -33.36 -142.20 -99.88
C ALA AB 45 -33.44 -140.68 -99.91
N ALA AB 46 -34.40 -140.19 -100.69
CA ALA AB 46 -34.67 -138.76 -100.82
C ALA AB 46 -36.14 -138.62 -101.19
N ALA AB 47 -36.93 -138.06 -100.28
CA ALA AB 47 -38.38 -138.00 -100.46
C ALA AB 47 -38.89 -136.58 -100.66
N ALA AB 48 -38.57 -135.67 -99.73
CA ALA AB 48 -38.79 -134.21 -99.70
C ALA AB 48 -40.25 -133.78 -99.57
N ALA AB 49 -41.22 -134.71 -99.57
CA ALA AB 49 -42.60 -134.36 -99.25
C ALA AB 49 -43.29 -135.47 -98.47
N ALA AB 50 -42.53 -136.22 -97.66
CA ALA AB 50 -43.04 -137.45 -97.06
C ALA AB 50 -43.94 -137.15 -95.87
N ALA AB 51 -45.20 -137.57 -95.97
CA ALA AB 51 -46.11 -137.60 -94.83
C ALA AB 51 -46.15 -139.04 -94.33
N ALA AB 52 -45.09 -139.43 -93.64
CA ALA AB 52 -44.93 -140.81 -93.24
C ALA AB 52 -45.76 -141.13 -92.00
N ALA AB 53 -46.34 -142.34 -92.01
CA ALA AB 53 -47.02 -142.88 -90.85
C ALA AB 53 -46.44 -144.26 -90.59
N ALA AB 54 -46.28 -144.61 -89.32
CA ALA AB 54 -45.68 -145.90 -88.98
C ALA AB 54 -46.39 -146.50 -87.78
N ALA AB 55 -46.88 -147.71 -87.95
CA ALA AB 55 -47.45 -148.52 -86.89
C ALA AB 55 -46.36 -149.43 -86.30
N ALA AB 56 -46.79 -150.49 -85.60
CA ALA AB 56 -45.95 -151.27 -84.68
C ALA AB 56 -44.80 -151.99 -85.37
N ALA AB 57 -43.70 -152.10 -84.62
CA ALA AB 57 -42.42 -152.73 -85.00
C ALA AB 57 -41.82 -152.11 -86.26
N ALA AB 58 -41.68 -150.80 -86.24
CA ALA AB 58 -41.13 -150.04 -87.36
C ALA AB 58 -39.78 -149.46 -86.94
N ALA AB 59 -38.71 -150.19 -87.28
CA ALA AB 59 -37.35 -149.71 -87.11
C ALA AB 59 -36.86 -149.21 -88.45
N ALA AB 60 -36.39 -147.97 -88.48
CA ALA AB 60 -36.05 -147.33 -89.75
C ALA AB 60 -34.77 -146.54 -89.63
N ALA AB 61 -34.05 -146.42 -90.75
CA ALA AB 61 -32.82 -145.64 -90.80
C ALA AB 61 -32.73 -145.02 -92.19
N ALA AB 62 -33.11 -143.74 -92.30
CA ALA AB 62 -33.28 -143.11 -93.60
C ALA AB 62 -32.65 -141.73 -93.63
N ALA AB 63 -32.18 -141.32 -94.82
CA ALA AB 63 -31.57 -140.02 -95.03
C ALA AB 63 -32.41 -139.15 -95.95
N ALA AB 64 -33.73 -139.19 -95.76
CA ALA AB 64 -34.67 -138.52 -96.64
C ALA AB 64 -35.43 -137.45 -95.89
N ALA AB 65 -35.78 -136.38 -96.60
CA ALA AB 65 -36.53 -135.29 -96.00
C ALA AB 65 -38.01 -135.66 -95.94
N ALA AB 66 -38.65 -135.34 -94.83
CA ALA AB 66 -40.06 -135.61 -94.61
C ALA AB 66 -40.82 -134.31 -94.43
N ALA AB 67 -42.14 -134.42 -94.34
CA ALA AB 67 -42.99 -133.26 -94.12
C ALA AB 67 -43.90 -133.49 -92.91
N ALA AB 68 -44.35 -134.73 -92.73
CA ALA AB 68 -45.18 -135.05 -91.59
C ALA AB 68 -44.81 -136.44 -91.09
N ALA AB 69 -45.01 -136.65 -89.79
CA ALA AB 69 -44.69 -137.92 -89.15
C ALA AB 69 -45.83 -138.30 -88.22
N ALA AB 70 -46.24 -139.56 -88.30
CA ALA AB 70 -47.29 -140.08 -87.44
C ALA AB 70 -46.85 -141.42 -86.88
N ALA AB 71 -47.06 -141.62 -85.58
CA ALA AB 71 -46.73 -142.87 -84.91
C ALA AB 71 -47.98 -143.44 -84.28
N ALA AB 72 -48.09 -144.77 -84.28
CA ALA AB 72 -49.32 -145.43 -83.86
C ALA AB 72 -49.16 -146.31 -82.63
N ALA AB 73 -48.25 -147.28 -82.63
CA ALA AB 73 -48.10 -148.16 -81.47
C ALA AB 73 -46.71 -148.10 -80.85
N ALA AB 74 -45.66 -148.44 -81.60
CA ALA AB 74 -44.30 -148.56 -81.09
C ALA AB 74 -43.36 -148.56 -82.28
N ALA AB 75 -42.26 -147.82 -82.17
CA ALA AB 75 -41.35 -147.66 -83.30
C ALA AB 75 -39.94 -147.37 -82.79
N ALA AB 76 -39.01 -147.30 -83.75
CA ALA AB 76 -37.64 -146.83 -83.50
C ALA AB 76 -37.13 -146.29 -84.84
N ALA AB 77 -37.18 -144.98 -84.99
CA ALA AB 77 -36.76 -144.36 -86.23
C ALA AB 77 -35.38 -143.73 -86.07
N ALA AB 78 -34.71 -143.53 -87.20
CA ALA AB 78 -33.51 -142.71 -87.26
C ALA AB 78 -33.52 -142.06 -88.65
N ALA AB 79 -34.11 -140.87 -88.72
CA ALA AB 79 -34.34 -140.21 -89.99
C ALA AB 79 -33.58 -138.89 -90.05
N ALA AB 80 -33.23 -138.51 -91.27
CA ALA AB 80 -32.51 -137.25 -91.53
C ALA AB 80 -33.41 -136.36 -92.38
N ALA AB 81 -34.30 -135.61 -91.73
CA ALA AB 81 -35.23 -134.75 -92.42
C ALA AB 81 -34.61 -133.36 -92.63
N ALA AB 82 -35.27 -132.52 -93.44
CA ALA AB 82 -34.61 -131.26 -93.78
C ALA AB 82 -35.47 -130.01 -93.62
N ALA AB 83 -36.75 -130.04 -93.99
CA ALA AB 83 -37.45 -128.81 -94.32
C ALA AB 83 -38.51 -128.40 -93.30
N ALA AB 84 -39.50 -129.25 -93.06
CA ALA AB 84 -40.56 -128.95 -92.11
C ALA AB 84 -41.10 -130.26 -91.58
N ALA AB 85 -41.73 -130.20 -90.42
CA ALA AB 85 -42.24 -131.41 -89.80
C ALA AB 85 -43.50 -131.10 -89.01
N ALA AB 86 -44.57 -131.80 -89.36
CA ALA AB 86 -45.78 -131.86 -88.54
C ALA AB 86 -45.82 -133.27 -87.96
N ALA AB 87 -45.50 -133.40 -86.66
CA ALA AB 87 -45.28 -134.69 -86.05
C ALA AB 87 -46.31 -134.95 -84.96
N ALA AB 88 -46.79 -136.18 -84.90
CA ALA AB 88 -47.71 -136.62 -83.86
C ALA AB 88 -47.47 -138.09 -83.58
N ALA AB 89 -47.56 -138.47 -82.32
CA ALA AB 89 -47.20 -139.81 -81.90
C ALA AB 89 -48.30 -140.42 -81.04
N ALA AB 90 -48.17 -141.72 -80.80
CA ALA AB 90 -49.07 -142.45 -79.89
C ALA AB 90 -48.29 -143.62 -79.29
N ALA AB 91 -47.83 -143.43 -78.05
CA ALA AB 91 -47.22 -144.45 -77.17
C ALA AB 91 -45.95 -145.07 -77.75
N ALA AB 92 -45.24 -144.34 -78.60
CA ALA AB 92 -44.14 -144.88 -79.37
C ALA AB 92 -42.83 -144.21 -78.97
N ALA AB 93 -41.77 -144.58 -79.68
CA ALA AB 93 -40.46 -143.97 -79.53
C ALA AB 93 -39.94 -143.59 -80.91
N ALA AB 94 -39.22 -142.48 -80.98
CA ALA AB 94 -38.77 -141.96 -82.26
C ALA AB 94 -37.50 -141.15 -82.06
N ALA AB 95 -36.60 -141.23 -83.04
CA ALA AB 95 -35.41 -140.42 -83.05
C ALA AB 95 -35.19 -139.87 -84.45
N ALA AB 96 -34.73 -138.63 -84.54
CA ALA AB 96 -34.41 -138.01 -85.81
C ALA AB 96 -33.05 -137.33 -85.69
N ALA AB 97 -32.38 -137.16 -86.83
CA ALA AB 97 -30.96 -136.85 -86.82
C ALA AB 97 -30.61 -135.47 -87.34
N ALA AB 98 -31.00 -135.13 -88.57
CA ALA AB 98 -30.45 -133.96 -89.24
C ALA AB 98 -31.21 -132.70 -88.83
N ALA AB 99 -30.91 -131.59 -89.50
CA ALA AB 99 -31.46 -130.28 -89.17
C ALA AB 99 -32.90 -130.21 -89.68
N ALA AB 100 -33.83 -130.16 -88.75
CA ALA AB 100 -35.25 -130.07 -89.06
C ALA AB 100 -35.82 -128.75 -88.53
N ALA AB 101 -37.03 -128.43 -88.98
CA ALA AB 101 -37.75 -127.25 -88.50
C ALA AB 101 -39.16 -127.72 -88.11
N ALA AB 102 -39.27 -128.21 -86.88
CA ALA AB 102 -40.54 -128.71 -86.39
C ALA AB 102 -41.37 -127.54 -85.90
N ALA AB 103 -42.45 -127.23 -86.62
CA ALA AB 103 -43.28 -126.09 -86.24
C ALA AB 103 -44.19 -126.43 -85.08
N ALA AB 104 -44.88 -127.57 -85.16
CA ALA AB 104 -45.80 -127.97 -84.11
C ALA AB 104 -45.58 -129.43 -83.76
N ALA AB 105 -45.67 -129.74 -82.48
CA ALA AB 105 -45.60 -131.12 -82.01
C ALA AB 105 -46.61 -131.30 -80.90
N ALA AB 106 -47.57 -132.19 -81.12
CA ALA AB 106 -48.60 -132.50 -80.15
C ALA AB 106 -48.46 -133.97 -79.75
N ALA AB 107 -48.12 -134.21 -78.50
CA ALA AB 107 -47.93 -135.57 -78.00
C ALA AB 107 -48.93 -135.79 -76.89
N ALA AB 108 -49.95 -136.63 -77.15
CA ALA AB 108 -51.00 -136.90 -76.19
C ALA AB 108 -50.90 -138.30 -75.61
N ALA AB 109 -49.73 -138.92 -75.66
CA ALA AB 109 -49.56 -140.30 -75.22
C ALA AB 109 -48.14 -140.46 -74.70
N ALA AB 110 -47.67 -141.70 -74.61
CA ALA AB 110 -46.31 -142.00 -74.14
C ALA AB 110 -45.37 -141.99 -75.34
N ALA AB 111 -44.75 -140.84 -75.56
CA ALA AB 111 -43.91 -140.62 -76.75
C ALA AB 111 -42.50 -140.29 -76.30
N ALA AB 112 -41.56 -141.17 -76.63
CA ALA AB 112 -40.15 -140.89 -76.41
C ALA AB 112 -39.58 -140.31 -77.70
N ALA AB 113 -39.84 -139.03 -77.91
CA ALA AB 113 -39.45 -138.35 -79.14
C ALA AB 113 -38.12 -137.63 -78.93
N ALA AB 114 -37.19 -137.84 -79.86
CA ALA AB 114 -35.89 -137.19 -79.81
C ALA AB 114 -35.53 -136.65 -81.18
N ALA AB 115 -34.95 -135.46 -81.19
CA ALA AB 115 -34.46 -134.86 -82.43
C ALA AB 115 -33.09 -134.24 -82.14
N ALA AB 116 -32.06 -134.71 -82.84
CA ALA AB 116 -30.70 -134.26 -82.57
C ALA AB 116 -30.40 -132.88 -83.12
N ALA AB 117 -31.24 -132.36 -84.01
CA ALA AB 117 -31.08 -130.99 -84.49
C ALA AB 117 -32.46 -130.48 -84.88
N ALA AB 118 -32.92 -129.42 -84.21
CA ALA AB 118 -34.15 -128.74 -84.54
C ALA AB 118 -33.82 -127.27 -84.68
N ALA AB 119 -33.78 -126.77 -85.92
CA ALA AB 119 -33.52 -125.36 -86.20
C ALA AB 119 -34.79 -124.77 -86.77
N ALA AB 120 -35.68 -124.34 -85.89
CA ALA AB 120 -37.00 -123.86 -86.27
C ALA AB 120 -37.13 -122.37 -85.95
N ALA AB 121 -38.33 -121.85 -86.17
CA ALA AB 121 -38.62 -120.45 -85.89
C ALA AB 121 -39.65 -120.28 -84.78
N ALA AB 122 -40.64 -121.15 -84.70
CA ALA AB 122 -41.63 -121.10 -83.63
C ALA AB 122 -42.10 -122.52 -83.38
N ALA AB 123 -41.51 -123.17 -82.37
CA ALA AB 123 -41.84 -124.55 -82.05
C ALA AB 123 -42.87 -124.57 -80.94
N ALA AB 124 -44.09 -124.97 -81.27
CA ALA AB 124 -45.16 -125.09 -80.28
C ALA AB 124 -45.29 -126.56 -79.93
N ALA AB 125 -44.96 -126.92 -78.70
CA ALA AB 125 -45.01 -128.29 -78.23
C ALA AB 125 -46.08 -128.39 -77.16
N ALA AB 126 -47.14 -129.12 -77.45
CA ALA AB 126 -48.21 -129.39 -76.50
C ALA AB 126 -48.10 -130.84 -76.05
N ALA AB 127 -48.14 -131.06 -74.74
CA ALA AB 127 -47.93 -132.39 -74.19
C ALA AB 127 -49.05 -132.76 -73.23
N ALA AB 128 -49.43 -134.03 -73.25
CA ALA AB 128 -50.58 -134.50 -72.47
C ALA AB 128 -50.26 -135.87 -71.87
N ALA AB 129 -49.89 -135.83 -70.58
CA ALA AB 129 -49.97 -136.85 -69.54
C ALA AB 129 -48.99 -138.02 -69.56
N ALA AB 130 -48.26 -138.25 -70.64
CA ALA AB 130 -47.35 -139.40 -70.57
C ALA AB 130 -45.99 -139.27 -71.28
N ALA AB 131 -45.86 -138.32 -72.20
CA ALA AB 131 -44.77 -138.30 -73.16
C ALA AB 131 -43.43 -137.88 -72.55
N ALA AB 132 -42.39 -137.94 -73.37
CA ALA AB 132 -41.04 -137.53 -72.99
C ALA AB 132 -40.33 -137.03 -74.24
N ALA AB 133 -40.37 -135.72 -74.46
CA ALA AB 133 -39.74 -135.12 -75.62
C ALA AB 133 -38.36 -134.57 -75.26
N ALA AB 134 -37.37 -134.87 -76.08
CA ALA AB 134 -36.00 -134.40 -75.87
C ALA AB 134 -35.47 -133.87 -77.19
N ALA AB 135 -35.75 -132.61 -77.48
CA ALA AB 135 -35.40 -131.99 -78.75
C ALA AB 135 -34.50 -130.80 -78.47
N ALA AB 136 -33.30 -130.79 -79.07
CA ALA AB 136 -32.34 -129.77 -78.67
C ALA AB 136 -31.39 -129.42 -79.81
N ALA AB 137 -31.72 -128.39 -80.59
CA ALA AB 137 -30.62 -127.56 -81.09
C ALA AB 137 -30.79 -126.07 -80.83
N ALA AB 138 -31.74 -125.43 -81.52
CA ALA AB 138 -31.85 -123.96 -81.52
C ALA AB 138 -33.22 -123.58 -82.07
N ALA AB 139 -34.09 -123.06 -81.21
CA ALA AB 139 -35.35 -122.51 -81.68
C ALA AB 139 -35.26 -121.00 -81.65
N ALA AB 140 -36.32 -120.33 -82.08
CA ALA AB 140 -36.41 -118.89 -81.96
C ALA AB 140 -37.61 -118.42 -81.17
N ALA AB 141 -38.67 -119.23 -81.08
CA ALA AB 141 -39.79 -118.96 -80.18
C ALA AB 141 -40.37 -120.30 -79.79
N ALA AB 142 -40.08 -120.75 -78.58
CA ALA AB 142 -40.61 -122.02 -78.09
C ALA AB 142 -41.83 -121.76 -77.24
N ALA AB 143 -42.86 -122.56 -77.44
CA ALA AB 143 -44.09 -122.47 -76.65
C ALA AB 143 -44.38 -123.89 -76.16
N ALA AB 144 -43.94 -124.18 -74.95
CA ALA AB 144 -44.07 -125.51 -74.38
C ALA AB 144 -45.26 -125.50 -73.43
N ALA AB 145 -46.41 -125.93 -73.93
CA ALA AB 145 -47.60 -126.09 -73.10
C ALA AB 145 -47.64 -127.55 -72.66
N ALA AB 146 -47.12 -127.83 -71.49
CA ALA AB 146 -47.22 -129.16 -70.91
C ALA AB 146 -48.44 -129.16 -70.02
N ALA AB 147 -49.56 -129.68 -70.54
CA ALA AB 147 -50.83 -129.79 -69.82
C ALA AB 147 -50.95 -131.13 -69.13
N ALA AB 148 -49.84 -131.61 -68.58
CA ALA AB 148 -49.39 -132.98 -68.62
C ALA AB 148 -48.92 -133.43 -67.25
N ALA AB 149 -48.88 -134.74 -67.05
CA ALA AB 149 -48.10 -135.36 -65.99
C ALA AB 149 -46.81 -135.91 -66.54
N ALA AB 150 -46.20 -135.18 -67.47
CA ALA AB 150 -45.17 -135.72 -68.35
C ALA AB 150 -43.96 -134.79 -68.33
N ALA AB 151 -42.96 -135.14 -69.12
CA ALA AB 151 -41.65 -134.50 -69.08
C ALA AB 151 -41.30 -133.93 -70.45
N ALA AB 152 -40.70 -132.74 -70.45
CA ALA AB 152 -40.21 -132.10 -71.67
C ALA AB 152 -38.80 -131.60 -71.37
N ALA AB 153 -37.83 -132.47 -71.58
CA ALA AB 153 -36.44 -132.13 -71.32
C ALA AB 153 -35.85 -131.45 -72.54
N ALA AB 154 -35.00 -130.44 -72.30
CA ALA AB 154 -34.44 -129.70 -73.41
C ALA AB 154 -33.09 -129.10 -73.03
N ALA AB 155 -32.16 -129.17 -73.97
CA ALA AB 155 -31.01 -128.31 -74.02
C ALA AB 155 -31.10 -127.44 -75.28
N ALA AB 156 -32.33 -127.17 -75.71
CA ALA AB 156 -32.59 -126.38 -76.90
C ALA AB 156 -32.38 -124.92 -76.57
N ALA AB 157 -31.37 -124.31 -77.17
CA ALA AB 157 -31.05 -122.91 -76.88
C ALA AB 157 -32.01 -122.04 -77.67
N ALA AB 158 -33.18 -121.80 -77.10
CA ALA AB 158 -34.20 -120.97 -77.72
C ALA AB 158 -33.96 -119.51 -77.40
N ALA AB 159 -34.23 -118.64 -78.38
CA ALA AB 159 -34.09 -117.21 -78.17
C ALA AB 159 -35.19 -116.65 -77.31
N ALA AB 160 -36.42 -117.13 -77.49
CA ALA AB 160 -37.52 -116.78 -76.60
C ALA AB 160 -38.24 -118.06 -76.21
N ALA AB 161 -38.64 -118.16 -74.95
CA ALA AB 161 -39.27 -119.36 -74.44
C ALA AB 161 -40.51 -118.99 -73.64
N ALA AB 162 -41.56 -119.79 -73.79
CA ALA AB 162 -42.80 -119.61 -73.07
C ALA AB 162 -43.29 -120.99 -72.66
N ALA AB 163 -42.98 -121.38 -71.42
CA ALA AB 163 -43.26 -122.72 -70.94
C ALA AB 163 -44.27 -122.65 -69.80
N ALA AB 164 -45.39 -123.32 -69.97
CA ALA AB 164 -46.42 -123.40 -68.94
C ALA AB 164 -46.67 -124.87 -68.63
N ALA AB 165 -46.46 -125.24 -67.37
CA ALA AB 165 -46.65 -126.60 -66.89
C ALA AB 165 -47.86 -126.63 -65.98
N ALA AB 166 -48.77 -127.58 -66.20
CA ALA AB 166 -50.09 -127.47 -65.61
C ALA AB 166 -50.35 -128.39 -64.42
N ALA AB 167 -49.95 -129.67 -64.44
CA ALA AB 167 -50.28 -130.55 -63.31
C ALA AB 167 -49.21 -131.65 -63.18
N ALA AB 168 -48.18 -131.35 -62.36
CA ALA AB 168 -47.02 -132.23 -62.07
C ALA AB 168 -46.29 -132.66 -63.33
N ALA AB 169 -46.07 -131.72 -64.24
CA ALA AB 169 -45.16 -131.90 -65.35
C ALA AB 169 -43.74 -131.58 -64.91
N ALA AB 170 -42.79 -131.79 -65.82
CA ALA AB 170 -41.40 -131.46 -65.53
C ALA AB 170 -40.74 -131.02 -66.82
N ALA AB 171 -40.39 -129.75 -66.92
CA ALA AB 171 -39.85 -129.18 -68.16
C ALA AB 171 -38.48 -128.58 -67.89
N ALA AB 172 -37.52 -128.95 -68.71
CA ALA AB 172 -36.15 -128.45 -68.60
C ALA AB 172 -35.90 -127.54 -69.81
N ALA AB 173 -35.82 -126.24 -69.56
CA ALA AB 173 -35.70 -125.24 -70.61
C ALA AB 173 -34.35 -124.57 -70.58
N ALA AB 174 -34.05 -123.85 -71.67
CA ALA AB 174 -32.82 -123.07 -71.76
C ALA AB 174 -33.10 -121.90 -72.70
N ALA AB 175 -33.17 -120.70 -72.15
CA ALA AB 175 -33.56 -119.52 -72.91
C ALA AB 175 -32.38 -118.60 -73.11
N ALA AB 176 -32.21 -118.12 -74.34
CA ALA AB 176 -31.10 -117.21 -74.63
C ALA AB 176 -31.45 -115.78 -74.24
N ALA AB 177 -32.49 -115.21 -74.83
CA ALA AB 177 -32.82 -113.82 -74.60
C ALA AB 177 -34.06 -113.62 -73.74
N ALA AB 178 -35.06 -114.48 -73.87
CA ALA AB 178 -36.34 -114.25 -73.23
C ALA AB 178 -36.81 -115.53 -72.56
N ALA AB 179 -37.01 -115.49 -71.25
CA ALA AB 179 -37.53 -116.63 -70.51
C ALA AB 179 -38.89 -116.29 -69.95
N ALA AB 180 -39.87 -117.14 -70.24
CA ALA AB 180 -41.24 -116.93 -69.80
C ALA AB 180 -41.72 -118.24 -69.20
N ALA AB 181 -42.06 -118.23 -67.92
CA ALA AB 181 -42.37 -119.49 -67.26
C ALA AB 181 -43.59 -119.33 -66.38
N ALA AB 182 -44.52 -120.28 -66.49
CA ALA AB 182 -45.60 -120.41 -65.54
C ALA AB 182 -45.69 -121.86 -65.12
N ALA AB 183 -45.75 -122.09 -63.82
CA ALA AB 183 -45.81 -123.45 -63.31
C ALA AB 183 -47.02 -123.60 -62.41
N ALA AB 184 -47.59 -124.80 -62.40
CA ALA AB 184 -48.71 -125.13 -61.51
C ALA AB 184 -48.54 -126.56 -61.04
N ALA AB 185 -48.22 -126.72 -59.74
CA ALA AB 185 -47.98 -128.00 -59.04
C ALA AB 185 -46.88 -128.85 -59.66
N ALA AB 186 -45.91 -128.21 -60.31
CA ALA AB 186 -45.03 -128.88 -61.26
C ALA AB 186 -43.63 -128.32 -61.11
N ALA AB 187 -42.76 -128.64 -62.07
CA ALA AB 187 -41.37 -128.22 -62.01
C ALA AB 187 -40.92 -127.67 -63.36
N ALA AB 188 -40.28 -126.51 -63.34
CA ALA AB 188 -39.67 -125.91 -64.52
C ALA AB 188 -38.22 -125.57 -64.19
N ALA AB 189 -37.29 -126.26 -64.81
CA ALA AB 189 -35.87 -126.13 -64.51
C ALA AB 189 -35.19 -125.30 -65.60
N ALA AB 190 -34.64 -124.15 -65.22
CA ALA AB 190 -33.99 -123.23 -66.14
C ALA AB 190 -32.51 -123.54 -66.16
N ALA AB 191 -32.03 -124.12 -67.25
CA ALA AB 191 -30.64 -124.53 -67.34
C ALA AB 191 -29.73 -123.45 -67.91
N ALA AB 192 -30.26 -122.29 -68.26
CA ALA AB 192 -29.43 -121.17 -68.70
C ALA AB 192 -30.13 -119.88 -68.31
N ALA AB 193 -29.36 -118.93 -67.78
CA ALA AB 193 -29.92 -117.65 -67.37
C ALA AB 193 -30.13 -116.79 -68.60
N ALA AB 194 -31.37 -116.36 -68.81
CA ALA AB 194 -31.71 -115.60 -69.99
C ALA AB 194 -31.27 -114.15 -69.85
N ALA AB 195 -31.38 -113.40 -70.94
CA ALA AB 195 -31.12 -111.97 -70.89
C ALA AB 195 -32.22 -111.24 -70.14
N ALA AB 196 -33.46 -111.70 -70.25
CA ALA AB 196 -34.54 -111.23 -69.40
C ALA AB 196 -35.41 -112.42 -69.05
N ALA AB 197 -35.60 -112.66 -67.76
CA ALA AB 197 -36.32 -113.83 -67.28
C ALA AB 197 -37.53 -113.40 -66.47
N ALA AB 198 -38.61 -114.15 -66.60
CA ALA AB 198 -39.78 -113.94 -65.76
C ALA AB 198 -40.48 -115.27 -65.53
N ALA AB 199 -40.70 -115.60 -64.27
CA ALA AB 199 -41.28 -116.88 -63.89
C ALA AB 199 -42.32 -116.65 -62.83
N ALA AB 200 -43.47 -117.29 -63.00
CA ALA AB 200 -44.56 -117.21 -62.05
C ALA AB 200 -44.94 -118.62 -61.62
N ALA AB 201 -45.04 -118.82 -60.32
CA ALA AB 201 -45.36 -120.12 -59.74
C ALA AB 201 -46.74 -120.06 -59.12
N ALA AB 202 -47.52 -121.10 -59.36
CA ALA AB 202 -48.84 -121.29 -58.80
C ALA AB 202 -48.71 -122.11 -57.52
N ALA AB 203 -49.82 -122.72 -57.08
CA ALA AB 203 -49.86 -123.55 -55.89
C ALA AB 203 -48.97 -124.78 -56.04
N ALA AB 204 -48.01 -124.90 -55.09
CA ALA AB 204 -47.04 -125.99 -54.94
C ALA AB 204 -46.18 -126.18 -56.20
N ALA AB 205 -45.80 -125.07 -56.82
CA ALA AB 205 -45.18 -125.06 -58.12
C ALA AB 205 -43.76 -124.52 -58.04
N ALA AB 206 -42.85 -125.11 -58.80
CA ALA AB 206 -41.42 -124.84 -58.64
C ALA AB 206 -40.78 -124.42 -59.95
N ALA AB 207 -40.53 -123.13 -60.12
CA ALA AB 207 -39.72 -122.65 -61.23
C ALA AB 207 -38.31 -122.39 -60.69
N ALA AB 208 -37.58 -123.46 -60.43
CA ALA AB 208 -36.25 -123.36 -59.85
C ALA AB 208 -35.22 -123.33 -60.97
N ALA AB 209 -34.41 -122.28 -61.00
CA ALA AB 209 -33.40 -122.11 -62.04
C ALA AB 209 -32.21 -122.99 -61.67
N ALA AB 210 -32.30 -124.25 -62.07
CA ALA AB 210 -31.32 -125.26 -61.66
C ALA AB 210 -30.17 -125.35 -62.65
N ALA AB 211 -29.41 -124.27 -62.71
CA ALA AB 211 -28.15 -124.29 -63.45
C ALA AB 211 -27.08 -124.96 -62.61
N ALA AB 212 -26.02 -125.40 -63.27
CA ALA AB 212 -24.92 -126.07 -62.57
C ALA AB 212 -24.05 -125.01 -61.92
N ALA AB 213 -24.07 -124.97 -60.58
CA ALA AB 213 -23.10 -124.17 -59.85
C ALA AB 213 -21.72 -124.77 -60.02
N ALA AB 214 -20.69 -123.90 -59.91
CA ALA AB 214 -19.34 -124.09 -60.45
C ALA AB 214 -19.39 -124.46 -61.93
N ALA AB 215 -19.81 -123.47 -62.73
CA ALA AB 215 -19.46 -123.49 -64.13
C ALA AB 215 -18.05 -122.93 -64.31
N ALA AB 216 -17.63 -122.85 -65.57
CA ALA AB 216 -16.36 -122.19 -65.85
C ALA AB 216 -16.49 -120.68 -65.63
N ALA AB 217 -17.53 -120.08 -66.17
CA ALA AB 217 -17.91 -118.70 -65.85
C ALA AB 217 -19.43 -118.66 -65.86
N ALA AB 218 -20.04 -118.90 -64.71
CA ALA AB 218 -21.48 -118.77 -64.58
C ALA AB 218 -21.79 -117.29 -64.44
N ALA AB 219 -22.56 -116.75 -65.39
CA ALA AB 219 -22.92 -115.35 -65.35
C ALA AB 219 -23.97 -115.12 -64.27
N ALA AB 220 -23.76 -114.10 -63.45
CA ALA AB 220 -24.67 -113.83 -62.36
C ALA AB 220 -25.93 -113.15 -62.86
N ALA AB 221 -26.95 -113.15 -62.01
CA ALA AB 221 -28.21 -112.49 -62.32
C ALA AB 221 -28.02 -110.98 -62.20
N ALA AB 222 -28.13 -110.28 -63.31
CA ALA AB 222 -27.88 -108.84 -63.36
C ALA AB 222 -29.10 -108.07 -62.86
N ALA AB 223 -29.07 -106.74 -63.01
CA ALA AB 223 -30.17 -105.90 -62.54
C ALA AB 223 -31.42 -106.04 -63.38
N ALA AB 224 -31.30 -106.47 -64.61
CA ALA AB 224 -32.45 -106.71 -65.46
C ALA AB 224 -32.96 -108.14 -65.38
N ALA AB 225 -32.27 -109.04 -64.69
CA ALA AB 225 -32.67 -110.43 -64.66
C ALA AB 225 -32.87 -110.98 -63.26
N ALA AB 226 -32.67 -110.18 -62.22
CA ALA AB 226 -32.79 -110.68 -60.86
C ALA AB 226 -34.26 -110.72 -60.48
N ALA AB 227 -34.88 -111.86 -60.71
CA ALA AB 227 -36.21 -112.12 -60.18
C ALA AB 227 -36.09 -113.00 -58.95
N ALA AB 228 -37.15 -113.00 -58.16
CA ALA AB 228 -37.16 -113.76 -56.91
C ALA AB 228 -37.37 -115.25 -57.15
N ALA BB 1 -15.98 -134.69 -82.52
CA ALA BB 1 -17.22 -135.25 -83.04
C ALA BB 1 -18.29 -134.16 -83.16
N ALA BB 2 -17.92 -133.06 -83.80
CA ALA BB 2 -18.81 -131.91 -83.95
C ALA BB 2 -19.51 -131.96 -85.31
N ALA BB 3 -20.20 -130.87 -85.65
CA ALA BB 3 -20.82 -130.69 -86.96
C ALA BB 3 -20.85 -129.19 -87.21
N ALA BB 4 -19.87 -128.70 -87.96
CA ALA BB 4 -19.78 -127.27 -88.22
C ALA BB 4 -20.80 -126.85 -89.28
N ALA BB 5 -21.06 -125.55 -89.32
CA ALA BB 5 -21.91 -124.96 -90.35
C ALA BB 5 -21.05 -124.07 -91.24
N ALA BB 6 -21.57 -123.77 -92.42
CA ALA BB 6 -20.83 -123.07 -93.44
C ALA BB 6 -20.87 -121.56 -93.29
N ALA BB 7 -21.55 -121.04 -92.28
CA ALA BB 7 -21.71 -119.60 -92.09
C ALA BB 7 -20.51 -119.05 -91.31
N ALA BB 8 -20.63 -117.81 -90.82
CA ALA BB 8 -19.60 -117.25 -89.97
C ALA BB 8 -19.65 -117.87 -88.59
N ALA BB 9 -18.95 -119.00 -88.45
CA ALA BB 9 -18.46 -119.57 -87.18
C ALA BB 9 -19.57 -120.06 -86.25
N ALA BB 10 -20.44 -120.93 -86.77
CA ALA BB 10 -21.39 -121.66 -85.94
C ALA BB 10 -21.14 -123.16 -86.08
N ALA BB 11 -21.37 -123.90 -85.01
CA ALA BB 11 -21.12 -125.34 -85.03
C ALA BB 11 -22.03 -126.02 -84.03
N ALA BB 12 -22.82 -126.98 -84.50
CA ALA BB 12 -23.49 -127.85 -83.56
C ALA BB 12 -22.51 -128.93 -83.09
N ALA BB 13 -22.87 -129.58 -81.98
CA ALA BB 13 -22.02 -130.63 -81.45
C ALA BB 13 -22.90 -131.69 -80.78
N ALA BB 14 -22.57 -132.95 -81.01
CA ALA BB 14 -23.43 -134.05 -80.60
C ALA BB 14 -22.73 -134.97 -79.62
N ALA BB 15 -22.05 -134.41 -78.63
CA ALA BB 15 -21.60 -135.22 -77.49
C ALA BB 15 -22.80 -135.62 -76.65
N ALA BB 16 -23.48 -134.64 -76.07
CA ALA BB 16 -24.86 -134.81 -75.65
C ALA BB 16 -25.79 -133.90 -76.45
N ALA BB 17 -25.57 -132.58 -76.33
CA ALA BB 17 -26.31 -131.55 -77.06
C ALA BB 17 -25.57 -130.22 -76.98
N ALA BB 18 -25.21 -129.63 -78.12
CA ALA BB 18 -24.64 -128.29 -78.13
C ALA BB 18 -24.92 -127.64 -79.47
N ALA BB 19 -25.12 -126.30 -79.44
CA ALA BB 19 -25.09 -125.48 -80.65
C ALA BB 19 -24.29 -124.22 -80.32
N ALA BB 20 -22.97 -124.32 -80.48
CA ALA BB 20 -22.07 -123.27 -80.03
C ALA BB 20 -21.53 -122.48 -81.22
N ALA BB 21 -20.67 -121.52 -80.94
CA ALA BB 21 -20.12 -120.65 -81.96
C ALA BB 21 -18.61 -120.59 -81.83
N ALA BB 22 -17.93 -120.67 -82.97
CA ALA BB 22 -16.48 -120.57 -83.05
C ALA BB 22 -16.11 -119.11 -83.29
N ALA BB 23 -14.87 -118.86 -83.73
CA ALA BB 23 -14.48 -117.56 -84.22
C ALA BB 23 -14.19 -117.55 -85.72
N ALA BB 24 -13.63 -118.66 -86.25
CA ALA BB 24 -13.25 -118.89 -87.65
C ALA BB 24 -12.28 -117.83 -88.18
N ALA BB 25 -11.37 -117.39 -87.33
CA ALA BB 25 -10.27 -116.53 -87.73
C ALA BB 25 -8.91 -117.11 -87.39
N ALA BB 26 -8.81 -117.88 -86.30
CA ALA BB 26 -7.60 -118.63 -86.00
C ALA BB 26 -7.60 -120.02 -86.62
N ALA BB 27 -8.78 -120.49 -87.09
CA ALA BB 27 -9.00 -121.71 -87.87
C ALA BB 27 -8.55 -122.98 -87.14
N ALA BB 28 -9.13 -123.21 -85.96
CA ALA BB 28 -8.86 -124.42 -85.18
C ALA BB 28 -9.83 -125.51 -85.62
N ALA BB 29 -9.61 -126.00 -86.84
CA ALA BB 29 -10.43 -127.08 -87.40
C ALA BB 29 -9.76 -128.42 -87.16
N ALA BB 30 -9.54 -128.72 -85.88
CA ALA BB 30 -8.88 -129.96 -85.50
C ALA BB 30 -9.80 -131.17 -85.65
N ALA BB 31 -11.11 -130.95 -85.54
CA ALA BB 31 -12.19 -131.97 -85.55
C ALA BB 31 -11.99 -133.04 -84.47
N ALA BB 32 -11.44 -132.64 -83.33
CA ALA BB 32 -11.09 -133.57 -82.26
C ALA BB 32 -11.07 -132.77 -80.98
N ALA BB 33 -11.95 -133.09 -80.05
CA ALA BB 33 -12.17 -132.26 -78.88
C ALA BB 33 -12.77 -133.11 -77.77
N ALA BB 34 -12.96 -132.48 -76.61
CA ALA BB 34 -13.71 -133.06 -75.51
C ALA BB 34 -14.92 -132.15 -75.31
N ALA BB 35 -15.99 -132.42 -76.04
CA ALA BB 35 -17.21 -131.62 -75.99
C ALA BB 35 -18.03 -132.05 -74.79
N ALA BB 36 -18.51 -131.08 -74.03
CA ALA BB 36 -19.25 -131.34 -72.80
C ALA BB 36 -20.55 -130.55 -72.79
N ALA BB 37 -21.46 -130.95 -71.91
CA ALA BB 37 -22.71 -130.23 -71.70
C ALA BB 37 -22.59 -129.22 -70.56
N ALA BB 38 -21.56 -128.39 -70.65
CA ALA BB 38 -21.37 -127.22 -69.81
C ALA BB 38 -20.83 -126.08 -70.65
N ALA BB 39 -21.15 -126.11 -71.96
CA ALA BB 39 -20.75 -125.16 -73.01
C ALA BB 39 -19.23 -125.04 -73.11
N ALA BB 40 -18.60 -126.15 -73.48
CA ALA BB 40 -17.14 -126.18 -73.58
C ALA BB 40 -16.76 -127.18 -74.67
N ALA BB 41 -16.41 -126.64 -75.84
CA ALA BB 41 -15.82 -127.44 -76.90
C ALA BB 41 -14.31 -127.25 -76.81
N ALA BB 42 -13.66 -128.07 -75.97
CA ALA BB 42 -12.24 -127.93 -75.67
C ALA BB 42 -11.46 -128.66 -76.76
N ALA BB 43 -11.03 -127.91 -77.78
CA ALA BB 43 -10.36 -128.47 -78.94
C ALA BB 43 -8.87 -128.65 -78.67
N ALA BB 44 -8.12 -128.97 -79.72
CA ALA BB 44 -6.68 -129.15 -79.59
C ALA BB 44 -5.96 -127.82 -79.42
N ALA BB 45 -6.44 -126.78 -80.12
CA ALA BB 45 -5.81 -125.47 -80.01
C ALA BB 45 -6.32 -124.72 -78.78
N ALA BB 46 -7.63 -124.43 -78.74
CA ALA BB 46 -8.22 -123.63 -77.68
C ALA BB 46 -9.56 -124.24 -77.31
N ALA BB 47 -10.37 -123.48 -76.58
CA ALA BB 47 -11.69 -123.90 -76.15
C ALA BB 47 -12.75 -122.99 -76.74
N ALA BB 48 -13.89 -123.57 -77.09
CA ALA BB 48 -14.98 -122.85 -77.70
C ALA BB 48 -16.25 -123.06 -76.89
N ALA BB 49 -17.10 -122.04 -76.87
CA ALA BB 49 -18.32 -122.05 -76.09
C ALA BB 49 -19.46 -121.49 -76.93
N ALA BB 50 -20.67 -121.52 -76.36
CA ALA BB 50 -21.81 -120.85 -76.97
C ALA BB 50 -21.63 -119.36 -76.78
N ALA BB 51 -21.27 -118.66 -77.85
CA ALA BB 51 -20.86 -117.27 -77.75
C ALA BB 51 -22.07 -116.35 -77.60
N ALA BB 52 -21.86 -115.25 -76.89
CA ALA BB 52 -22.91 -114.28 -76.66
C ALA BB 52 -22.32 -112.89 -76.55
N ILE CB 272 -7.49 62.99 -69.16
CA ILE CB 272 -8.64 62.90 -70.05
C ILE CB 272 -9.88 62.44 -69.29
N PRO CB 273 -10.95 63.23 -69.36
CA PRO CB 273 -12.17 62.89 -68.68
C PRO CB 273 -12.91 61.77 -69.40
N PRO CB 274 -13.82 61.09 -68.72
CA PRO CB 274 -14.78 60.24 -69.43
C PRO CB 274 -15.77 61.08 -70.21
N SER CB 275 -16.38 60.43 -71.21
CA SER CB 275 -17.15 61.12 -72.23
C SER CB 275 -18.49 61.59 -71.70
N ALA CB 276 -19.32 60.64 -71.30
CA ALA CB 276 -20.52 60.79 -70.52
C ALA CB 276 -20.60 59.49 -69.75
N ASN CB 277 -21.78 59.13 -69.30
CA ASN CB 277 -21.99 57.73 -69.07
C ASN CB 277 -22.79 57.29 -70.29
N ASP CB 278 -22.45 56.13 -70.81
CA ASP CB 278 -23.21 55.52 -71.90
C ASP CB 278 -24.54 54.92 -71.47
N LEU CB 279 -24.80 54.87 -70.17
CA LEU CB 279 -26.06 54.36 -69.67
C LEU CB 279 -27.12 55.46 -69.67
N LEU CB 280 -26.67 56.71 -69.90
CA LEU CB 280 -27.57 57.80 -70.20
C LEU CB 280 -28.29 57.63 -71.52
N LEU CB 281 -27.72 56.88 -72.46
CA LEU CB 281 -28.43 56.46 -73.66
C LEU CB 281 -29.62 55.57 -73.33
N HIS CB 282 -29.48 54.70 -72.34
CA HIS CB 282 -30.59 53.86 -71.93
C HIS CB 282 -31.64 54.67 -71.17
N VAL CB 283 -31.21 55.58 -70.31
CA VAL CB 283 -32.24 56.33 -69.58
C VAL CB 283 -32.64 57.59 -70.34
N LEU CB 284 -32.13 57.77 -71.55
CA LEU CB 284 -32.74 58.68 -72.50
C LEU CB 284 -33.92 58.03 -73.18
N GLU CB 285 -33.89 56.72 -73.27
CA GLU CB 285 -35.10 55.96 -73.52
C GLU CB 285 -35.79 55.76 -72.17
N GLY CB 286 -36.91 55.09 -72.14
CA GLY CB 286 -37.51 54.91 -70.84
C GLY CB 286 -36.95 53.77 -70.02
N VAL CB 287 -36.03 52.99 -70.59
CA VAL CB 287 -35.63 51.72 -70.00
C VAL CB 287 -34.70 51.98 -68.83
N PRO CB 288 -34.87 51.29 -67.70
CA PRO CB 288 -33.98 51.45 -66.57
C PRO CB 288 -32.60 50.87 -66.86
N PRO CB 289 -31.59 51.25 -66.09
CA PRO CB 289 -30.29 50.60 -66.19
C PRO CB 289 -30.37 49.18 -65.68
N PRO CB 290 -29.49 48.29 -66.16
CA PRO CB 290 -29.51 46.90 -65.66
C PRO CB 290 -29.00 46.82 -64.23
N GLY CB 291 -29.78 46.15 -63.38
CA GLY CB 291 -29.49 46.05 -61.97
C GLY CB 291 -29.73 47.37 -61.26
N SER CB 292 -30.98 47.80 -61.20
CA SER CB 292 -31.31 49.10 -60.63
C SER CB 292 -32.27 48.97 -59.47
N ARG CB 293 -32.67 50.12 -58.95
CA ARG CB 293 -33.81 50.20 -58.06
C ARG CB 293 -34.67 51.34 -58.55
N ARG CB 294 -35.98 51.11 -58.61
CA ARG CB 294 -36.91 52.10 -59.08
C ARG CB 294 -37.05 53.16 -58.01
N LEU CB 295 -37.18 54.41 -58.42
CA LEU CB 295 -37.55 55.46 -57.49
C LEU CB 295 -38.84 56.07 -57.97
N VAL CB 296 -39.81 56.17 -57.08
CA VAL CB 296 -41.07 56.80 -57.42
C VAL CB 296 -40.86 58.30 -57.36
N VAL CB 297 -41.47 59.01 -58.30
CA VAL CB 297 -41.32 60.45 -58.47
C VAL CB 297 -42.69 61.04 -58.34
N SER CB 298 -42.84 62.01 -57.45
CA SER CB 298 -44.13 62.66 -57.27
C SER CB 298 -44.06 64.08 -57.79
N GLY CB 299 -45.20 64.60 -58.21
CA GLY CB 299 -45.31 66.00 -58.56
C GLY CB 299 -44.66 66.44 -59.85
N GLY CB 300 -44.44 65.54 -60.79
CA GLY CB 300 -43.91 65.95 -62.08
C GLY CB 300 -43.69 64.74 -62.95
N ASP CB 301 -43.62 65.00 -64.25
CA ASP CB 301 -43.39 63.93 -65.21
C ASP CB 301 -41.90 63.64 -65.28
N ALA CB 302 -41.45 62.74 -64.40
CA ALA CB 302 -40.09 62.24 -64.49
C ALA CB 302 -40.07 60.81 -63.98
N ARG CB 303 -39.08 60.07 -64.43
CA ARG CB 303 -38.83 58.72 -63.96
C ARG CB 303 -37.41 58.68 -63.45
N ALA CB 304 -37.19 58.02 -62.32
CA ALA CB 304 -35.87 58.00 -61.73
C ALA CB 304 -35.50 56.58 -61.31
N TRP CB 305 -34.27 56.21 -61.59
CA TRP CB 305 -33.75 54.92 -61.19
C TRP CB 305 -32.44 55.14 -60.45
N LEU CB 306 -32.08 54.20 -59.60
CA LEU CB 306 -30.85 54.33 -58.84
C LEU CB 306 -30.00 53.11 -59.14
N SER CB 307 -28.86 53.32 -59.79
CA SER CB 307 -28.05 52.18 -60.20
C SER CB 307 -27.07 51.80 -59.12
N ASN CB 308 -26.14 52.70 -58.83
CA ASN CB 308 -25.12 52.47 -57.79
C ASN CB 308 -24.73 53.82 -57.18
N GLU CB 309 -25.47 54.18 -56.11
CA GLU CB 309 -25.41 55.45 -55.37
C GLU CB 309 -25.52 56.70 -56.26
N LYS CB 310 -26.19 56.60 -57.39
CA LYS CB 310 -26.39 57.67 -58.36
C LYS CB 310 -27.77 57.45 -58.91
N MET CB 311 -28.57 58.49 -59.02
CA MET CB 311 -29.84 58.32 -59.67
C MET CB 311 -29.78 58.93 -61.06
N TYR CB 312 -30.66 58.42 -61.90
CA TYR CB 312 -30.77 58.80 -63.29
C TYR CB 312 -32.22 59.16 -63.51
N VAL CB 313 -32.44 60.32 -64.12
CA VAL CB 313 -33.78 60.87 -64.27
C VAL CB 313 -34.03 61.08 -65.75
N ARG CB 314 -35.07 60.43 -66.24
CA ARG CB 314 -35.68 60.74 -67.52
C ARG CB 314 -36.76 61.77 -67.28
N THR CB 315 -36.60 62.93 -67.89
CA THR CB 315 -37.63 63.95 -67.79
C THR CB 315 -37.62 64.74 -69.08
N ASN CB 316 -38.55 65.67 -69.19
CA ASN CB 316 -38.43 66.75 -70.15
C ASN CB 316 -38.52 68.09 -69.45
N LEU CB 317 -38.50 68.09 -68.12
CA LEU CB 317 -38.44 69.29 -67.33
C LEU CB 317 -36.99 69.73 -67.20
N THR CB 318 -36.75 70.87 -66.58
CA THR CB 318 -35.37 71.29 -66.42
C THR CB 318 -34.97 71.32 -64.96
N ILE CB 319 -34.09 70.40 -64.55
CA ILE CB 319 -33.67 70.33 -63.15
C ILE CB 319 -32.70 71.47 -62.85
N LEU CB 320 -33.01 72.21 -61.78
CA LEU CB 320 -32.38 73.47 -61.43
C LEU CB 320 -31.52 73.40 -60.17
N SER CB 321 -32.07 72.94 -59.04
CA SER CB 321 -31.25 73.13 -57.84
C SER CB 321 -30.12 72.13 -57.58
N PRO CB 322 -30.31 70.80 -57.49
CA PRO CB 322 -29.28 70.01 -56.80
C PRO CB 322 -28.09 69.62 -57.66
N GLY CB 323 -28.11 69.91 -58.96
CA GLY CB 323 -26.92 69.77 -59.77
C GLY CB 323 -26.70 68.35 -60.25
N TRP CB 324 -26.39 68.20 -61.52
CA TRP CB 324 -26.25 66.86 -62.06
C TRP CB 324 -24.86 66.67 -62.61
N LEU CB 325 -24.46 65.42 -62.71
CA LEU CB 325 -23.13 65.11 -63.17
C LEU CB 325 -23.06 64.89 -64.66
N ALA CB 326 -24.13 64.38 -65.27
CA ALA CB 326 -24.08 64.15 -66.70
C ALA CB 326 -25.47 64.34 -67.29
N SER CB 327 -25.52 64.70 -68.56
CA SER CB 327 -26.80 64.92 -69.21
C SER CB 327 -26.73 64.57 -70.68
N MET CB 328 -27.83 64.02 -71.17
CA MET CB 328 -28.09 63.88 -72.59
C MET CB 328 -29.50 64.36 -72.88
N THR CB 329 -29.80 64.49 -74.17
CA THR CB 329 -31.12 64.93 -74.60
C THR CB 329 -31.41 64.23 -75.91
N SER CB 330 -32.61 63.66 -76.04
CA SER CB 330 -33.02 62.99 -77.26
C SER CB 330 -33.48 63.95 -78.33
N ALA CB 331 -34.14 63.40 -79.35
CA ALA CB 331 -34.59 64.21 -80.48
C ALA CB 331 -35.76 65.10 -80.09
N ASP CB 332 -36.60 64.62 -79.18
CA ASP CB 332 -37.84 65.29 -78.82
C ASP CB 332 -37.74 66.10 -77.53
N GLY CB 333 -36.53 66.46 -77.11
CA GLY CB 333 -36.38 67.29 -75.94
C GLY CB 333 -36.48 66.56 -74.62
N THR CB 334 -36.54 65.24 -74.64
CA THR CB 334 -36.43 64.47 -73.41
C THR CB 334 -34.98 64.52 -72.97
N HIS CB 335 -34.73 64.82 -71.72
CA HIS CB 335 -33.39 64.79 -71.17
C HIS CB 335 -33.22 63.60 -70.23
N ALA CB 336 -31.96 63.21 -70.06
CA ALA CB 336 -31.56 62.14 -69.15
C ALA CB 336 -30.38 62.62 -68.34
N TYR CB 337 -30.54 62.62 -67.02
CA TYR CB 337 -29.57 63.17 -66.08
C TYR CB 337 -29.03 62.13 -65.12
N GLU CB 338 -27.70 62.12 -65.00
CA GLU CB 338 -26.97 61.43 -63.95
C GLU CB 338 -26.66 62.41 -62.84
N MET CB 339 -27.04 62.06 -61.62
CA MET CB 339 -26.81 62.94 -60.48
C MET CB 339 -26.71 62.11 -59.22
N GLN CB 340 -26.24 62.72 -58.14
CA GLN CB 340 -26.23 62.02 -56.87
C GLN CB 340 -27.63 61.98 -56.29
N LYS CB 341 -27.83 61.11 -55.31
CA LYS CB 341 -29.17 60.92 -54.76
C LYS CB 341 -29.50 62.07 -53.81
N SER CB 342 -30.46 62.86 -54.23
CA SER CB 342 -31.09 63.94 -53.51
C SER CB 342 -32.58 63.68 -53.46
N PRO CB 343 -33.21 63.81 -52.29
CA PRO CB 343 -34.61 63.38 -52.16
C PRO CB 343 -35.60 64.34 -52.75
N VAL CB 344 -35.17 65.52 -53.15
CA VAL CB 344 -36.03 66.47 -53.81
C VAL CB 344 -35.30 66.94 -55.06
N LEU CB 345 -36.06 67.16 -56.12
CA LEU CB 345 -35.58 67.72 -57.35
C LEU CB 345 -36.33 69.02 -57.52
N LEU CB 346 -35.66 70.04 -57.99
CA LEU CB 346 -36.32 71.30 -58.30
C LEU CB 346 -36.26 71.43 -59.80
N VAL CB 347 -37.39 71.67 -60.45
CA VAL CB 347 -37.33 71.84 -61.89
C VAL CB 347 -37.97 73.17 -62.23
N SER CB 348 -37.74 73.59 -63.45
CA SER CB 348 -38.62 74.51 -64.14
C SER CB 348 -39.52 73.70 -65.05
N TRP CB 349 -40.80 74.00 -65.01
CA TRP CB 349 -41.78 73.35 -65.88
C TRP CB 349 -41.99 74.19 -67.14
N HIS CB 350 -42.56 75.36 -66.98
CA HIS CB 350 -42.70 76.32 -68.07
C HIS CB 350 -42.44 77.71 -67.52
N GLY CB 351 -41.31 77.87 -66.86
CA GLY CB 351 -41.02 79.08 -66.13
C GLY CB 351 -41.44 79.03 -64.69
N LYS CB 352 -42.34 78.12 -64.33
CA LYS CB 352 -42.67 77.89 -62.94
C LYS CB 352 -41.61 77.02 -62.28
N VAL CB 353 -41.12 77.49 -61.14
CA VAL CB 353 -40.27 76.69 -60.26
C VAL CB 353 -41.17 75.69 -59.57
N MET CB 354 -40.78 74.43 -59.61
CA MET CB 354 -41.58 73.26 -59.35
C MET CB 354 -40.75 72.29 -58.53
N GLN CB 355 -41.41 71.48 -57.71
CA GLN CB 355 -40.70 70.52 -56.88
C GLN CB 355 -41.17 69.11 -57.19
N LEU CB 356 -40.20 68.21 -57.20
CA LEU CB 356 -40.41 66.79 -57.45
C LEU CB 356 -39.77 66.05 -56.31
N LYS CB 357 -40.37 64.96 -55.89
CA LYS CB 357 -40.03 64.34 -54.64
C LYS CB 357 -39.78 62.86 -54.88
N VAL CB 358 -38.63 62.35 -54.46
CA VAL CB 358 -38.26 60.98 -54.77
C VAL CB 358 -38.01 60.21 -53.49
N GLU CB 359 -38.47 58.96 -53.48
CA GLU CB 359 -38.38 58.08 -52.31
C GLU CB 359 -37.39 56.96 -52.64
N GLY CB 360 -36.31 56.88 -51.87
CA GLY CB 360 -35.24 55.94 -52.11
C GLY CB 360 -33.87 56.60 -52.11
N ALA DB 1 -36.26 -99.36 -18.72
CA ALA DB 1 -34.87 -99.77 -18.82
C ALA DB 1 -34.80 -101.24 -19.23
N ALA DB 2 -33.98 -102.03 -18.52
CA ALA DB 2 -33.94 -103.46 -18.76
C ALA DB 2 -35.18 -104.09 -18.17
N ALA DB 3 -36.24 -104.20 -18.96
CA ALA DB 3 -37.55 -104.56 -18.46
C ALA DB 3 -37.87 -105.99 -18.83
N ALA DB 4 -38.41 -106.71 -17.86
CA ALA DB 4 -39.11 -107.98 -17.91
C ALA DB 4 -38.22 -109.20 -18.17
N ALA DB 5 -36.95 -109.03 -18.53
CA ALA DB 5 -36.04 -110.16 -18.47
C ALA DB 5 -35.71 -110.44 -17.01
N ALA DB 6 -35.06 -109.48 -16.38
CA ALA DB 6 -34.96 -109.31 -14.94
C ALA DB 6 -34.65 -107.84 -14.71
N ALA DB 7 -34.20 -107.50 -13.51
CA ALA DB 7 -33.68 -106.16 -13.33
C ALA DB 7 -32.25 -106.08 -13.88
N ALA DB 8 -31.75 -104.85 -13.95
CA ALA DB 8 -30.42 -104.60 -14.49
C ALA DB 8 -29.37 -105.04 -13.48
N ALA DB 9 -28.52 -105.99 -13.87
CA ALA DB 9 -27.55 -106.54 -12.92
C ALA DB 9 -26.33 -105.63 -12.79
N ALA DB 10 -25.59 -105.48 -13.86
CA ALA DB 10 -24.41 -104.63 -13.85
C ALA DB 10 -24.61 -103.51 -14.86
N ALA DB 11 -23.56 -102.73 -15.08
CA ALA DB 11 -23.54 -101.75 -16.16
C ALA DB 11 -22.16 -101.89 -16.79
N ALA DB 12 -22.06 -102.72 -17.82
CA ALA DB 12 -20.78 -103.06 -18.42
C ALA DB 12 -20.27 -101.88 -19.22
N ALA DB 13 -19.13 -101.35 -18.81
CA ALA DB 13 -18.49 -100.29 -19.57
C ALA DB 13 -17.91 -100.87 -20.85
N ALA DB 14 -17.78 -99.98 -21.84
CA ALA DB 14 -17.61 -100.26 -23.27
C ALA DB 14 -18.73 -101.14 -23.83
N ALA DB 15 -19.94 -100.99 -23.30
CA ALA DB 15 -21.09 -101.76 -23.70
C ALA DB 15 -22.35 -101.04 -23.25
N ALA DB 16 -23.48 -101.73 -23.39
CA ALA DB 16 -24.78 -101.31 -22.89
C ALA DB 16 -24.96 -101.82 -21.47
N ALA DB 17 -26.14 -101.64 -20.88
CA ALA DB 17 -26.40 -102.17 -19.55
C ALA DB 17 -26.60 -103.68 -19.62
N ALA DB 18 -26.30 -104.34 -18.52
CA ALA DB 18 -26.34 -105.80 -18.47
C ALA DB 18 -27.48 -106.22 -17.57
N ALA DB 19 -28.56 -106.70 -18.17
CA ALA DB 19 -29.68 -107.22 -17.41
C ALA DB 19 -29.31 -108.55 -16.78
N ALA DB 20 -30.11 -108.99 -15.80
CA ALA DB 20 -29.81 -110.22 -15.09
C ALA DB 20 -30.42 -111.45 -15.76
N ALA DB 21 -30.75 -111.36 -17.05
CA ALA DB 21 -30.77 -112.50 -17.94
C ALA DB 21 -29.71 -112.37 -19.02
N ALA DB 22 -29.74 -111.28 -19.81
CA ALA DB 22 -28.89 -111.10 -20.99
C ALA DB 22 -28.39 -109.68 -21.08
N ALA DB 23 -27.86 -109.27 -22.23
CA ALA DB 23 -27.39 -107.90 -22.41
C ALA DB 23 -28.53 -107.04 -22.94
N ALA DB 24 -28.76 -105.90 -22.29
CA ALA DB 24 -29.93 -105.10 -22.58
C ALA DB 24 -29.71 -104.25 -23.82
N ALA DB 25 -30.76 -103.52 -24.19
CA ALA DB 25 -30.70 -102.59 -25.31
C ALA DB 25 -30.57 -101.15 -24.86
N ALA DB 26 -30.44 -100.91 -23.57
CA ALA DB 26 -30.31 -99.56 -23.04
C ALA DB 26 -28.85 -99.26 -22.78
N ALA DB 27 -28.38 -98.12 -23.28
CA ALA DB 27 -26.96 -97.80 -23.26
C ALA DB 27 -26.51 -97.39 -21.86
N ALA DB 28 -25.41 -97.97 -21.40
CA ALA DB 28 -24.94 -97.72 -20.05
C ALA DB 28 -24.17 -96.42 -19.96
N ALA DB 29 -23.07 -96.30 -20.69
CA ALA DB 29 -22.19 -95.16 -20.62
C ALA DB 29 -22.47 -94.19 -21.75
N ALA DB 30 -21.72 -93.08 -21.77
CA ALA DB 30 -21.79 -92.16 -22.89
C ALA DB 30 -21.05 -92.71 -24.09
N ALA DB 31 -20.07 -93.58 -23.86
CA ALA DB 31 -19.12 -93.99 -24.88
C ALA DB 31 -19.45 -95.35 -25.47
N ALA DB 32 -20.73 -95.72 -25.52
CA ALA DB 32 -21.14 -96.93 -26.19
C ALA DB 32 -21.43 -96.63 -27.65
N ALA DB 33 -21.81 -97.64 -28.42
CA ALA DB 33 -22.00 -97.45 -29.87
C ALA DB 33 -23.44 -97.06 -30.20
N ALA DB 34 -23.87 -95.93 -29.64
CA ALA DB 34 -25.20 -95.41 -29.89
C ALA DB 34 -25.26 -94.79 -31.27
N ALA DB 35 -26.29 -95.12 -32.05
CA ALA DB 35 -26.37 -94.77 -33.47
C ALA DB 35 -26.74 -93.30 -33.64
N ALA DB 36 -25.76 -92.43 -33.40
CA ALA DB 36 -25.91 -91.05 -33.79
C ALA DB 36 -25.75 -90.98 -35.30
N ALA DB 37 -26.71 -90.35 -35.97
CA ALA DB 37 -26.55 -90.04 -37.38
C ALA DB 37 -27.06 -88.65 -37.70
N ALA DB 38 -27.72 -87.98 -36.77
CA ALA DB 38 -28.18 -86.61 -36.97
C ALA DB 38 -27.64 -85.76 -35.82
N ALA DB 39 -26.61 -84.98 -36.08
CA ALA DB 39 -26.10 -84.08 -35.07
C ALA DB 39 -26.95 -82.83 -34.98
N ALA DB 40 -26.69 -82.02 -33.96
CA ALA DB 40 -27.40 -80.75 -33.80
C ALA DB 40 -26.37 -79.76 -33.27
N ALA DB 41 -25.71 -79.04 -34.18
CA ALA DB 41 -24.68 -78.09 -33.79
C ALA DB 41 -24.52 -77.03 -34.86
N ALA DB 42 -24.11 -75.84 -34.44
CA ALA DB 42 -23.70 -74.82 -35.38
C ALA DB 42 -22.32 -75.16 -35.91
N ALA DB 43 -22.21 -75.13 -37.24
CA ALA DB 43 -21.00 -75.39 -38.03
C ALA DB 43 -20.41 -76.78 -37.78
N ALA DB 44 -21.28 -77.76 -37.56
CA ALA DB 44 -20.84 -79.14 -37.55
C ALA DB 44 -20.52 -79.56 -38.97
N ALA DB 45 -19.45 -80.38 -39.10
CA ALA DB 45 -18.84 -81.03 -40.27
C ALA DB 45 -18.06 -80.06 -41.15
N ALA DB 46 -18.12 -78.77 -40.85
CA ALA DB 46 -16.98 -77.88 -40.94
C ALA DB 46 -16.40 -77.83 -39.52
N ALA DB 47 -15.44 -76.96 -39.27
CA ALA DB 47 -14.95 -76.84 -37.90
C ALA DB 47 -15.92 -76.03 -37.06
N ALA DB 48 -15.72 -76.06 -35.75
CA ALA DB 48 -16.70 -75.57 -34.77
C ALA DB 48 -16.83 -74.05 -34.77
N ALA DB 49 -17.73 -73.54 -33.94
CA ALA DB 49 -18.02 -72.12 -33.89
C ALA DB 49 -16.89 -71.39 -33.17
N ALA DB 50 -16.22 -70.48 -33.88
CA ALA DB 50 -15.12 -69.70 -33.31
C ALA DB 50 -15.69 -68.70 -32.33
N ALA DB 51 -15.52 -69.00 -31.04
CA ALA DB 51 -16.32 -68.40 -29.98
C ALA DB 51 -15.96 -66.96 -29.66
N ALA DB 52 -14.85 -66.45 -30.17
CA ALA DB 52 -14.39 -65.11 -29.81
C ALA DB 52 -15.18 -63.99 -30.50
N ALA DB 53 -15.97 -64.30 -31.52
CA ALA DB 53 -16.69 -63.28 -32.25
C ALA DB 53 -17.90 -62.78 -31.47
N ALA DB 54 -18.17 -61.48 -31.60
CA ALA DB 54 -19.40 -60.87 -31.08
C ALA DB 54 -19.89 -59.91 -32.16
N ALA DB 55 -20.68 -60.43 -33.08
CA ALA DB 55 -21.19 -59.67 -34.22
C ALA DB 55 -22.52 -60.29 -34.62
N ALA DB 56 -22.99 -59.99 -35.83
CA ALA DB 56 -24.23 -60.59 -36.30
C ALA DB 56 -24.01 -62.03 -36.76
N ALA DB 57 -23.04 -62.25 -37.63
CA ALA DB 57 -22.83 -63.56 -38.22
C ALA DB 57 -22.14 -64.50 -37.26
N ALA DB 58 -22.20 -65.80 -37.58
CA ALA DB 58 -21.54 -66.84 -36.82
C ALA DB 58 -20.45 -67.44 -37.69
N ALA DB 59 -19.20 -67.26 -37.30
CA ALA DB 59 -18.08 -67.74 -38.10
C ALA DB 59 -17.57 -69.05 -37.54
N ALA DB 60 -17.31 -70.00 -38.45
CA ALA DB 60 -16.74 -71.27 -38.04
C ALA DB 60 -15.24 -71.12 -37.78
N ALA DB 61 -14.67 -72.13 -37.13
CA ALA DB 61 -13.22 -72.14 -36.92
C ALA DB 61 -12.44 -72.49 -38.18
N ALA DB 62 -13.11 -73.00 -39.22
CA ALA DB 62 -12.51 -73.12 -40.54
C ALA DB 62 -12.81 -71.92 -41.42
N ALA DB 63 -13.22 -70.80 -40.79
CA ALA DB 63 -13.47 -69.48 -41.40
C ALA DB 63 -14.56 -69.51 -42.47
N ALA DB 64 -15.57 -70.35 -42.25
CA ALA DB 64 -16.79 -70.26 -43.02
C ALA DB 64 -17.83 -69.56 -42.16
N ALA DB 65 -18.72 -68.82 -42.81
CA ALA DB 65 -19.80 -68.15 -42.11
C ALA DB 65 -21.00 -69.07 -42.10
N ALA DB 66 -21.44 -69.45 -40.91
CA ALA DB 66 -22.59 -70.33 -40.77
C ALA DB 66 -23.84 -69.50 -41.03
N ALA DB 67 -24.22 -69.42 -42.30
CA ALA DB 67 -25.35 -68.59 -42.68
C ALA DB 67 -26.68 -69.25 -42.35
N ALA DB 68 -26.68 -70.56 -42.08
CA ALA DB 68 -27.85 -71.25 -41.58
C ALA DB 68 -28.04 -71.09 -40.08
N ALA DB 69 -27.11 -70.43 -39.38
CA ALA DB 69 -27.28 -70.21 -37.96
C ALA DB 69 -26.99 -68.78 -37.55
N ALA DB 70 -26.96 -67.84 -38.49
CA ALA DB 70 -26.69 -66.45 -38.16
C ALA DB 70 -27.99 -65.65 -38.07
N LYS EB 24 -64.50 -88.01 -63.76
CA LYS EB 24 -63.30 -87.97 -62.93
C LYS EB 24 -62.06 -88.19 -63.79
N PHE EB 25 -61.09 -87.30 -63.65
CA PHE EB 25 -59.88 -87.34 -64.44
C PHE EB 25 -58.66 -87.49 -63.54
N LYS EB 26 -57.76 -88.37 -63.93
CA LYS EB 26 -56.57 -88.69 -63.14
C LYS EB 26 -55.46 -89.12 -64.07
N LYS EB 27 -54.29 -88.52 -63.92
CA LYS EB 27 -53.04 -89.02 -64.44
C LYS EB 27 -52.59 -90.21 -63.59
N PRO EB 28 -51.80 -91.14 -64.14
CA PRO EB 28 -51.52 -92.40 -63.40
C PRO EB 28 -50.65 -92.24 -62.16
N PRO EB 29 -49.39 -91.67 -62.20
CA PRO EB 29 -48.59 -91.82 -60.97
C PRO EB 29 -48.92 -90.77 -59.92
N ILE EB 30 -49.71 -91.17 -58.92
CA ILE EB 30 -50.03 -90.31 -57.80
C ILE EB 30 -49.17 -90.85 -56.66
N ASN EB 31 -47.98 -90.29 -56.53
CA ASN EB 31 -47.00 -90.82 -55.60
C ASN EB 31 -47.16 -90.13 -54.25
N ASN EB 32 -46.15 -90.27 -53.40
CA ASN EB 32 -46.13 -89.56 -52.14
C ASN EB 32 -45.86 -88.07 -52.37
N PRO EB 33 -46.19 -87.22 -51.41
CA PRO EB 33 -45.77 -85.81 -51.52
C PRO EB 33 -44.27 -85.68 -51.30
N SER EB 34 -43.57 -85.23 -52.32
CA SER EB 34 -42.16 -84.93 -52.19
C SER EB 34 -41.96 -83.56 -51.58
N ASP EB 35 -40.71 -83.22 -51.29
CA ASP EB 35 -40.38 -81.87 -50.86
C ASP EB 35 -39.19 -81.33 -51.63
N ASP EB 36 -38.96 -80.03 -51.43
CA ASP EB 36 -38.06 -79.19 -52.21
C ASP EB 36 -36.62 -79.66 -52.14
N ALA EB 37 -36.24 -80.25 -51.00
CA ALA EB 37 -34.91 -80.81 -50.79
C ALA EB 37 -34.62 -81.96 -51.74
N THR EB 38 -35.51 -82.94 -51.80
CA THR EB 38 -35.31 -84.06 -52.71
C THR EB 38 -35.57 -83.70 -54.16
N ILE EB 39 -36.36 -82.63 -54.40
CA ILE EB 39 -36.51 -82.12 -55.76
C ILE EB 39 -35.18 -81.61 -56.30
N LYS EB 40 -34.49 -80.75 -55.53
CA LYS EB 40 -33.23 -80.26 -56.08
C LYS EB 40 -32.07 -81.21 -55.90
N LEU EB 41 -32.17 -82.17 -54.97
CA LEU EB 41 -31.19 -83.26 -54.92
C LEU EB 41 -31.31 -84.16 -56.13
N ALA EB 42 -32.53 -84.44 -56.58
CA ALA EB 42 -32.73 -85.23 -57.78
C ALA EB 42 -32.28 -84.48 -59.02
N GLU EB 43 -32.53 -83.17 -59.07
CA GLU EB 43 -32.13 -82.37 -60.22
C GLU EB 43 -30.61 -82.19 -60.29
N ALA EB 44 -29.92 -82.19 -59.16
CA ALA EB 44 -28.45 -82.27 -59.22
C ALA EB 44 -27.99 -83.65 -59.62
N ALA EB 45 -28.69 -84.67 -59.12
CA ALA EB 45 -28.27 -86.05 -59.25
C ALA EB 45 -28.36 -86.54 -60.69
N VAL EB 46 -29.32 -86.01 -61.46
CA VAL EB 46 -29.42 -86.43 -62.85
C VAL EB 46 -28.32 -85.84 -63.70
N SER EB 47 -27.90 -84.59 -63.44
CA SER EB 47 -26.83 -84.01 -64.23
C SER EB 47 -25.48 -84.57 -63.83
N VAL EB 48 -25.30 -84.95 -62.57
CA VAL EB 48 -24.05 -85.59 -62.24
C VAL EB 48 -24.02 -87.04 -62.73
N SER EB 49 -25.20 -87.67 -62.90
CA SER EB 49 -25.26 -88.97 -63.56
C SER EB 49 -24.96 -88.88 -65.04
N ASP EB 50 -25.38 -87.79 -65.68
CA ASP EB 50 -25.10 -87.59 -67.10
C ASP EB 50 -23.64 -87.28 -67.35
N SER EB 51 -23.06 -86.41 -66.52
CA SER EB 51 -21.64 -86.07 -66.57
C SER EB 51 -20.78 -87.30 -66.31
N MET EB 52 -21.21 -88.12 -65.35
CA MET EB 52 -20.56 -89.35 -64.96
C MET EB 52 -20.56 -90.34 -66.12
N LEU EB 53 -21.74 -90.46 -66.74
CA LEU EB 53 -22.05 -91.39 -67.81
C LEU EB 53 -21.21 -91.12 -69.02
N GLU EB 54 -21.08 -89.85 -69.37
CA GLU EB 54 -20.33 -89.50 -70.57
C GLU EB 54 -18.84 -89.61 -70.30
N MET EB 55 -18.39 -89.40 -69.05
CA MET EB 55 -16.98 -89.59 -68.74
C MET EB 55 -16.58 -91.07 -68.81
N ALA EB 56 -17.45 -91.95 -68.31
CA ALA EB 56 -17.24 -93.40 -68.40
C ALA EB 56 -17.25 -93.89 -69.84
N LYS EB 57 -18.11 -93.29 -70.67
CA LYS EB 57 -18.12 -93.55 -72.11
C LYS EB 57 -16.81 -93.14 -72.77
N VAL EB 58 -16.27 -91.99 -72.38
CA VAL EB 58 -15.01 -91.45 -72.91
C VAL EB 58 -13.84 -92.35 -72.52
N GLU EB 59 -13.81 -92.80 -71.27
CA GLU EB 59 -12.68 -93.59 -70.77
C GLU EB 59 -12.67 -94.98 -71.35
N LYS EB 60 -13.84 -95.60 -71.48
CA LYS EB 60 -13.95 -96.90 -72.12
C LYS EB 60 -13.73 -96.84 -73.63
N VAL EB 61 -13.93 -95.70 -74.30
CA VAL EB 61 -13.56 -95.65 -75.71
C VAL EB 61 -12.10 -95.21 -75.94
N ILE EB 62 -11.51 -94.42 -75.03
CA ILE EB 62 -10.10 -94.02 -75.12
C ILE EB 62 -9.11 -95.12 -74.73
N THR EB 63 -9.45 -96.02 -73.82
CA THR EB 63 -8.69 -97.24 -73.76
C THR EB 63 -9.70 -98.37 -73.65
N PRO EB 64 -9.60 -99.39 -74.50
CA PRO EB 64 -10.49 -100.51 -74.37
C PRO EB 64 -10.10 -101.34 -73.17
N PRO EB 65 -11.06 -101.82 -72.39
CA PRO EB 65 -10.70 -102.74 -71.30
C PRO EB 65 -10.33 -104.10 -71.87
N SER EB 66 -9.11 -104.51 -71.50
CA SER EB 66 -8.46 -105.63 -72.15
C SER EB 66 -9.07 -106.96 -71.73
N LYS EB 67 -9.42 -107.07 -70.46
CA LYS EB 67 -9.83 -108.32 -69.86
C LYS EB 67 -10.75 -108.01 -68.69
N ASP EB 68 -11.27 -109.06 -68.10
CA ASP EB 68 -12.10 -108.97 -66.90
C ASP EB 68 -11.22 -109.13 -65.65
N ASN EB 69 -11.85 -109.40 -64.51
CA ASN EB 69 -11.14 -109.96 -63.38
C ASN EB 69 -11.70 -111.31 -62.97
N THR EB 70 -12.51 -111.94 -63.81
CA THR EB 70 -13.03 -113.25 -63.46
C THR EB 70 -11.98 -114.33 -63.67
N LEU EB 71 -10.89 -114.03 -64.38
CA LEU EB 71 -9.82 -114.99 -64.47
C LEU EB 71 -8.89 -114.90 -63.26
N THR EB 72 -8.94 -113.82 -62.48
CA THR EB 72 -8.22 -113.83 -61.22
C THR EB 72 -9.11 -114.11 -60.04
N ILE EB 73 -10.42 -113.96 -60.18
CA ILE EB 73 -11.37 -114.34 -59.15
C ILE EB 73 -12.27 -115.31 -59.89
N PRO EB 74 -11.98 -116.59 -59.96
CA PRO EB 74 -12.91 -117.49 -60.61
C PRO EB 74 -13.92 -118.01 -59.61
N ASN EB 75 -15.07 -118.41 -60.14
CA ASN EB 75 -16.12 -118.83 -59.24
C ASN EB 75 -15.87 -120.24 -58.72
N ALA EB 76 -16.56 -120.57 -57.65
CA ALA EB 76 -16.45 -121.91 -57.14
C ALA EB 76 -17.80 -122.30 -56.60
N TYR EB 77 -18.07 -123.58 -56.67
CA TYR EB 77 -19.04 -124.15 -55.79
C TYR EB 77 -18.52 -123.98 -54.38
N ASN EB 78 -19.38 -123.37 -53.56
CA ASN EB 78 -19.48 -122.84 -52.19
C ASN EB 78 -18.97 -121.40 -52.19
N LEU EB 79 -18.54 -120.87 -53.33
CA LEU EB 79 -18.56 -119.45 -53.59
C LEU EB 79 -19.81 -119.01 -54.33
N GLN EB 80 -20.65 -119.96 -54.78
CA GLN EB 80 -21.93 -119.63 -55.41
C GLN EB 80 -23.06 -119.37 -54.42
N ALA EB 81 -22.75 -119.18 -53.15
CA ALA EB 81 -23.69 -118.59 -52.22
C ALA EB 81 -23.88 -117.12 -52.55
N ARG EB 82 -24.98 -116.57 -52.09
CA ARG EB 82 -25.31 -115.20 -52.44
C ARG EB 82 -25.24 -114.34 -51.20
N ALA EB 83 -25.23 -113.03 -51.40
CA ALA EB 83 -25.29 -112.09 -50.31
C ALA EB 83 -25.88 -110.78 -50.80
N SER EB 84 -26.22 -109.97 -49.83
CA SER EB 84 -26.66 -108.60 -50.07
C SER EB 84 -25.92 -107.77 -49.05
N VAL EB 85 -25.35 -106.64 -49.48
CA VAL EB 85 -24.35 -105.90 -48.71
C VAL EB 85 -24.64 -104.42 -48.81
N ASP EB 86 -24.77 -103.73 -47.67
CA ASP EB 86 -24.36 -102.33 -47.63
C ASP EB 86 -23.23 -102.17 -46.62
N TRP EB 87 -22.24 -101.38 -47.00
CA TRP EB 87 -20.96 -101.39 -46.32
C TRP EB 87 -20.21 -100.16 -46.76
N SER EB 88 -19.52 -99.54 -45.83
CA SER EB 88 -18.77 -98.35 -46.17
C SER EB 88 -17.43 -98.29 -45.47
N GLY EB 89 -17.01 -99.36 -44.83
CA GLY EB 89 -15.81 -99.32 -44.05
C GLY EB 89 -14.59 -99.69 -44.85
N PRO EB 90 -13.52 -100.07 -44.16
CA PRO EB 90 -12.36 -100.60 -44.85
C PRO EB 90 -12.62 -102.01 -45.36
N ILE EB 91 -11.70 -102.45 -46.22
CA ILE EB 91 -11.99 -103.58 -47.09
C ILE EB 91 -11.76 -104.92 -46.37
N GLU EB 92 -10.88 -104.91 -45.34
CA GLU EB 92 -10.41 -106.12 -44.66
C GLU EB 92 -11.51 -106.83 -43.95
N GLU EB 93 -12.29 -106.04 -43.23
CA GLU EB 93 -13.39 -106.52 -42.42
C GLU EB 93 -14.44 -107.16 -43.29
N LEU EB 94 -14.75 -106.51 -44.42
CA LEU EB 94 -15.76 -107.00 -45.34
C LEU EB 94 -15.33 -108.28 -46.02
N THR EB 95 -14.11 -108.31 -46.57
CA THR EB 95 -13.64 -109.51 -47.26
C THR EB 95 -13.32 -110.66 -46.32
N ALA EB 96 -12.99 -110.36 -45.06
CA ALA EB 96 -12.88 -111.41 -44.05
C ALA EB 96 -14.23 -112.03 -43.74
N ARG EB 97 -15.29 -111.22 -43.70
CA ARG EB 97 -16.63 -111.80 -43.49
C ARG EB 97 -17.12 -112.57 -44.70
N ILE EB 98 -16.78 -112.11 -45.92
CA ILE EB 98 -17.10 -112.82 -47.15
C ILE EB 98 -16.42 -114.18 -47.19
N ALA EB 99 -15.13 -114.22 -46.88
CA ALA EB 99 -14.38 -115.46 -46.91
C ALA EB 99 -14.76 -116.41 -45.77
N LYS EB 100 -15.12 -115.86 -44.60
CA LYS EB 100 -15.65 -116.64 -43.49
C LYS EB 100 -16.94 -117.33 -43.87
N ALA EB 101 -17.86 -116.62 -44.49
CA ALA EB 101 -19.10 -117.25 -44.88
C ALA EB 101 -19.00 -117.98 -46.21
N ALA EB 102 -17.88 -117.84 -46.90
CA ALA EB 102 -17.56 -118.66 -48.06
C ALA EB 102 -16.82 -119.92 -47.70
N HIS EB 103 -16.42 -120.04 -46.42
CA HIS EB 103 -15.53 -121.08 -45.86
C HIS EB 103 -14.19 -121.10 -46.59
N PHE EB 104 -13.72 -119.92 -46.96
CA PHE EB 104 -12.42 -119.76 -47.56
C PHE EB 104 -11.52 -119.14 -46.52
N ARG EB 105 -10.31 -119.66 -46.40
CA ARG EB 105 -9.36 -119.03 -45.51
C ARG EB 105 -8.87 -117.74 -46.14
N PHE EB 106 -8.86 -116.68 -45.36
CA PHE EB 106 -8.59 -115.34 -45.85
C PHE EB 106 -7.20 -114.93 -45.39
N ARG EB 107 -6.44 -114.39 -46.31
CA ARG EB 107 -5.16 -113.83 -45.91
C ARG EB 107 -4.89 -112.54 -46.66
N VAL EB 108 -3.95 -111.77 -46.14
CA VAL EB 108 -3.55 -110.53 -46.76
C VAL EB 108 -2.11 -110.67 -47.22
N LEU EB 109 -1.78 -109.92 -48.27
CA LEU EB 109 -0.47 -109.93 -48.89
C LEU EB 109 -0.06 -108.48 -48.97
N GLY EB 110 1.03 -108.14 -48.32
CA GLY EB 110 1.32 -106.73 -48.27
C GLY EB 110 0.64 -106.07 -47.09
N LYS EB 111 1.11 -104.89 -46.76
CA LYS EB 111 0.68 -104.25 -45.55
C LYS EB 111 -0.33 -103.22 -45.92
N SER EB 112 -1.30 -103.04 -45.05
CA SER EB 112 -2.29 -102.01 -45.23
C SER EB 112 -1.68 -100.63 -45.00
N PRO EB 113 -1.96 -99.65 -45.84
CA PRO EB 113 -1.34 -98.34 -45.72
C PRO EB 113 -1.99 -97.52 -44.61
N SER EB 114 -1.40 -96.36 -44.36
CA SER EB 114 -1.74 -95.52 -43.23
C SER EB 114 -3.09 -94.85 -43.39
N VAL EB 115 -3.39 -94.39 -44.58
CA VAL EB 115 -4.76 -94.04 -44.89
C VAL EB 115 -5.45 -95.38 -45.12
N PRO EB 116 -6.70 -95.53 -44.74
CA PRO EB 116 -7.39 -96.76 -45.07
C PRO EB 116 -7.85 -96.71 -46.52
N VAL EB 117 -7.87 -97.87 -47.13
CA VAL EB 117 -8.58 -98.05 -48.39
C VAL EB 117 -10.03 -98.40 -48.10
N LEU EB 118 -10.90 -97.49 -48.50
CA LEU EB 118 -12.31 -97.53 -48.16
C LEU EB 118 -13.11 -97.89 -49.39
N ILE EB 119 -13.88 -98.95 -49.26
CA ILE EB 119 -14.88 -99.28 -50.25
C ILE EB 119 -16.23 -99.05 -49.59
N SER EB 120 -17.27 -99.11 -50.39
CA SER EB 120 -18.64 -98.89 -49.95
C SER EB 120 -19.53 -99.66 -50.93
N ILE EB 121 -19.79 -100.92 -50.60
CA ILE EB 121 -20.63 -101.77 -51.42
C ILE EB 121 -22.06 -101.55 -50.98
N SER EB 122 -22.93 -101.17 -51.93
CA SER EB 122 -24.35 -101.15 -51.66
C SER EB 122 -25.03 -101.88 -52.80
N THR EB 123 -25.22 -103.18 -52.64
CA THR EB 123 -25.95 -103.97 -53.60
C THR EB 123 -26.81 -104.98 -52.86
N LYS EB 124 -27.71 -105.61 -53.60
CA LYS EB 124 -28.69 -106.53 -53.05
C LYS EB 124 -28.79 -107.74 -53.95
N ASP EB 125 -28.67 -108.94 -53.35
CA ASP EB 125 -28.73 -110.26 -53.99
C ASP EB 125 -27.64 -110.35 -55.07
N GLU EB 126 -26.42 -110.55 -54.61
CA GLU EB 126 -25.39 -110.90 -55.56
C GLU EB 126 -24.57 -112.04 -54.98
N SER EB 127 -24.13 -112.94 -55.85
CA SER EB 127 -23.22 -114.01 -55.50
C SER EB 127 -21.91 -113.45 -54.99
N LEU EB 128 -21.29 -114.23 -54.10
CA LEU EB 128 -20.08 -113.84 -53.37
C LEU EB 128 -18.89 -113.60 -54.28
N ALA EB 129 -18.82 -114.35 -55.39
CA ALA EB 129 -17.71 -114.20 -56.33
C ALA EB 129 -17.78 -112.87 -57.07
N GLU EB 130 -18.97 -112.47 -57.51
CA GLU EB 130 -19.09 -111.15 -58.12
C GLU EB 130 -19.06 -110.01 -57.10
N ILE EB 131 -19.39 -110.28 -55.83
CA ILE EB 131 -19.15 -109.27 -54.78
C ILE EB 131 -17.67 -109.02 -54.59
N LEU EB 132 -16.85 -110.08 -54.55
CA LEU EB 132 -15.40 -109.93 -54.52
C LEU EB 132 -14.83 -109.29 -55.78
N ARG EB 133 -15.47 -109.50 -56.93
CA ARG EB 133 -15.09 -108.77 -58.12
C ARG EB 133 -15.41 -107.28 -58.01
N ASP EB 134 -16.54 -106.92 -57.39
CA ASP EB 134 -16.86 -105.52 -57.23
C ASP EB 134 -16.00 -104.85 -56.17
N ILE EB 135 -15.62 -105.59 -55.13
CA ILE EB 135 -14.72 -105.09 -54.11
C ILE EB 135 -13.34 -104.85 -54.71
N ASP EB 136 -12.91 -105.75 -55.60
CA ASP EB 136 -11.68 -105.62 -56.38
C ASP EB 136 -11.72 -104.40 -57.27
N TYR EB 137 -12.85 -104.14 -57.90
CA TYR EB 137 -12.92 -103.00 -58.80
C TYR EB 137 -13.01 -101.68 -58.04
N GLN EB 138 -13.73 -101.66 -56.91
CA GLN EB 138 -13.90 -100.41 -56.18
C GLN EB 138 -12.60 -100.05 -55.47
N ALA EB 139 -11.85 -101.04 -55.02
CA ALA EB 139 -10.49 -100.79 -54.58
C ALA EB 139 -9.52 -100.90 -55.74
N GLY EB 140 -9.67 -100.01 -56.70
CA GLY EB 140 -8.83 -100.03 -57.89
C GLY EB 140 -7.48 -99.42 -57.58
N LYS EB 141 -6.42 -100.21 -57.82
CA LYS EB 141 -4.99 -99.87 -57.75
C LYS EB 141 -4.57 -99.56 -56.29
N LYS EB 142 -5.37 -99.94 -55.30
CA LYS EB 142 -5.00 -99.76 -53.92
C LYS EB 142 -4.95 -101.17 -53.34
N ALA EB 143 -5.77 -102.04 -53.91
CA ALA EB 143 -5.84 -103.42 -53.47
C ALA EB 143 -6.26 -104.30 -54.62
N SER EB 144 -6.26 -105.60 -54.37
CA SER EB 144 -6.72 -106.59 -55.34
C SER EB 144 -7.20 -107.83 -54.59
N ILE EB 145 -8.36 -108.33 -54.95
CA ILE EB 145 -8.84 -109.63 -54.51
C ILE EB 145 -8.25 -110.69 -55.44
N HIS EB 146 -7.68 -111.74 -54.89
CA HIS EB 146 -7.44 -112.93 -55.69
C HIS EB 146 -8.08 -114.11 -54.96
N VAL EB 147 -8.61 -115.06 -55.73
CA VAL EB 147 -9.26 -116.24 -55.17
C VAL EB 147 -8.60 -117.44 -55.81
N TYR EB 148 -8.11 -118.37 -54.98
CA TYR EB 148 -7.59 -119.61 -55.53
C TYR EB 148 -8.59 -120.70 -55.19
N PRO EB 149 -9.30 -121.24 -56.17
CA PRO EB 149 -10.40 -122.15 -55.86
C PRO EB 149 -10.07 -123.63 -55.89
N ASN EB 150 -8.90 -124.07 -56.34
CA ASN EB 150 -8.52 -125.45 -56.04
C ASN EB 150 -7.95 -125.59 -54.64
N SER EB 151 -7.37 -124.51 -54.11
CA SER EB 151 -7.23 -124.36 -52.67
C SER EB 151 -8.48 -123.67 -52.16
N GLN EB 152 -8.53 -123.26 -50.90
CA GLN EB 152 -9.68 -122.49 -50.47
C GLN EB 152 -9.13 -121.24 -49.80
N VAL EB 153 -8.71 -120.29 -50.63
CA VAL EB 153 -8.02 -119.08 -50.22
C VAL EB 153 -8.68 -117.91 -50.90
N VAL EB 154 -9.19 -116.98 -50.11
CA VAL EB 154 -9.37 -115.61 -50.58
C VAL EB 154 -8.18 -114.83 -50.07
N GLU EB 155 -7.37 -114.27 -50.97
CA GLU EB 155 -6.33 -113.37 -50.52
C GLU EB 155 -6.67 -111.96 -50.98
N LEU EB 156 -6.13 -111.03 -50.23
CA LEU EB 156 -6.21 -109.60 -50.47
C LEU EB 156 -4.83 -109.01 -50.52
N ARG EB 157 -4.41 -108.61 -51.71
CA ARG EB 157 -3.09 -108.05 -51.90
C ARG EB 157 -3.17 -106.53 -51.91
N TYR EB 158 -2.15 -105.90 -51.38
CA TYR EB 158 -2.16 -104.47 -51.25
C TYR EB 158 -1.22 -103.84 -52.23
N ALA EB 159 -1.37 -102.53 -52.38
CA ALA EB 159 -0.56 -101.80 -53.32
C ALA EB 159 0.85 -101.63 -52.79
N LYS EB 160 1.76 -101.37 -53.72
CA LYS EB 160 3.19 -101.32 -53.47
C LYS EB 160 3.66 -99.91 -53.20
N ILE EB 161 2.78 -99.02 -52.82
CA ILE EB 161 3.13 -97.61 -52.74
C ILE EB 161 2.79 -97.11 -51.36
N ALA FB 58 -53.37 -21.13 -51.80
CA ALA FB 58 -52.21 -21.87 -51.35
C ALA FB 58 -52.59 -23.32 -51.08
N LEU FB 59 -53.72 -23.51 -50.37
CA LEU FB 59 -54.31 -24.84 -50.25
C LEU FB 59 -54.84 -25.32 -51.58
N LYS FB 60 -55.29 -24.39 -52.41
CA LYS FB 60 -55.69 -24.67 -53.78
C LYS FB 60 -54.48 -25.10 -54.64
N GLU FB 61 -53.30 -24.53 -54.36
CA GLU FB 61 -52.06 -24.83 -55.06
C GLU FB 61 -51.56 -26.20 -54.65
N THR FB 62 -51.60 -26.53 -53.36
CA THR FB 62 -51.18 -27.87 -52.99
C THR FB 62 -52.22 -28.93 -53.33
N ALA FB 63 -53.49 -28.54 -53.53
CA ALA FB 63 -54.47 -29.44 -54.12
C ALA FB 63 -54.12 -29.81 -55.56
N LEU FB 64 -53.68 -28.80 -56.33
CA LEU FB 64 -53.19 -29.02 -57.69
C LEU FB 64 -51.94 -29.91 -57.71
N SER FB 65 -51.05 -29.71 -56.76
CA SER FB 65 -49.85 -30.52 -56.67
C SER FB 65 -50.12 -31.94 -56.19
N VAL FB 66 -51.19 -32.17 -55.40
CA VAL FB 66 -51.63 -33.54 -55.12
C VAL FB 66 -52.16 -34.20 -56.39
N GLY FB 67 -52.97 -33.46 -57.16
CA GLY FB 67 -53.58 -34.05 -58.36
C GLY FB 67 -52.63 -34.34 -59.50
N ALA FB 68 -51.49 -33.62 -59.55
CA ALA FB 68 -50.54 -33.74 -60.66
C ALA FB 68 -49.85 -35.08 -60.72
N GLN FB 69 -49.28 -35.54 -59.61
CA GLN FB 69 -48.48 -36.77 -59.64
C GLN FB 69 -49.37 -38.01 -59.71
N ALA FB 70 -50.58 -37.91 -59.18
CA ALA FB 70 -51.54 -38.99 -59.31
C ALA FB 70 -52.02 -39.13 -60.74
N GLY FB 71 -52.25 -38.00 -61.43
CA GLY FB 71 -52.60 -38.05 -62.84
C GLY FB 71 -51.48 -38.55 -63.73
N LEU FB 72 -50.24 -38.18 -63.39
CA LEU FB 72 -49.06 -38.68 -64.10
C LEU FB 72 -48.89 -40.18 -63.95
N ALA FB 73 -49.05 -40.70 -62.73
CA ALA FB 73 -48.89 -42.13 -62.51
C ALA FB 73 -50.03 -42.95 -63.10
N TRP FB 74 -51.24 -42.39 -63.09
CA TRP FB 74 -52.37 -43.07 -63.72
C TRP FB 74 -52.23 -43.12 -65.22
N ARG FB 75 -51.82 -42.01 -65.85
CA ARG FB 75 -51.61 -41.98 -67.29
C ARG FB 75 -50.44 -42.85 -67.70
N ALA FB 76 -49.43 -42.94 -66.84
CA ALA FB 76 -48.30 -43.85 -67.04
C ALA FB 76 -48.74 -45.30 -67.05
N LYS FB 77 -49.64 -45.67 -66.12
CA LYS FB 77 -50.22 -47.00 -66.06
C LYS FB 77 -51.00 -47.37 -67.32
N ILE FB 78 -51.91 -46.47 -67.74
CA ILE FB 78 -52.78 -46.70 -68.90
C ILE FB 78 -51.98 -46.85 -70.17
N ILE FB 79 -50.95 -46.03 -70.35
CA ILE FB 79 -50.16 -46.24 -71.54
C ILE FB 79 -49.14 -47.35 -71.39
N ASP FB 80 -48.86 -47.84 -70.17
CA ASP FB 80 -48.01 -49.04 -70.11
C ASP FB 80 -48.73 -50.29 -70.57
N GLU FB 81 -50.00 -50.53 -70.17
CA GLU FB 81 -50.56 -51.76 -70.75
C GLU FB 81 -51.18 -51.45 -72.11
N GLN FB 82 -51.28 -50.17 -72.48
CA GLN FB 82 -51.64 -49.88 -73.84
C GLN FB 82 -50.45 -50.14 -74.78
N LEU FB 83 -49.22 -49.93 -74.28
CA LEU FB 83 -48.02 -50.42 -74.97
C LEU FB 83 -47.96 -51.94 -75.01
N ASN FB 84 -48.28 -52.60 -73.90
CA ASN FB 84 -48.19 -54.05 -73.83
C ASN FB 84 -49.28 -54.75 -74.61
N LYS FB 85 -50.37 -54.07 -74.93
CA LYS FB 85 -51.35 -54.63 -75.84
C LYS FB 85 -50.81 -54.67 -77.26
N GLN FB 86 -49.93 -53.74 -77.61
CA GLN FB 86 -49.35 -53.68 -78.95
C GLN FB 86 -47.91 -54.14 -78.94
N ALA FB 87 -47.60 -55.16 -78.14
CA ALA FB 87 -46.22 -55.55 -77.90
C ALA FB 87 -45.58 -56.21 -79.13
N ARG FB 88 -46.28 -57.13 -79.80
CA ARG FB 88 -45.73 -57.74 -81.00
C ARG FB 88 -45.69 -56.79 -82.19
N ASN FB 89 -46.64 -55.85 -82.21
CA ASN FB 89 -46.66 -54.82 -83.24
C ASN FB 89 -45.47 -53.89 -83.10
N LEU FB 90 -45.08 -53.55 -81.88
CA LEU FB 90 -43.93 -52.70 -81.68
C LEU FB 90 -42.61 -53.41 -81.90
N ASP FB 91 -42.56 -54.74 -81.69
CA ASP FB 91 -41.43 -55.51 -82.18
C ASP FB 91 -41.36 -55.57 -83.70
N ALA FB 92 -42.49 -55.48 -84.38
CA ALA FB 92 -42.44 -55.37 -85.81
C ALA FB 92 -41.96 -53.99 -86.26
N ILE FB 93 -42.46 -52.92 -85.62
CA ILE FB 93 -42.07 -51.54 -85.96
C ILE FB 93 -40.60 -51.29 -85.67
N TYR FB 94 -40.22 -51.39 -84.41
CA TYR FB 94 -38.89 -51.07 -83.94
C TYR FB 94 -38.03 -52.32 -83.87
N ASP FB 95 -37.90 -52.97 -85.02
CA ASP FB 95 -37.13 -54.19 -85.14
C ASP FB 95 -35.66 -53.82 -85.30
N PHE FB 96 -34.99 -53.64 -84.17
CA PHE FB 96 -33.56 -53.35 -84.21
C PHE FB 96 -32.75 -54.58 -84.50
N ASN FB 97 -33.34 -55.76 -84.27
CA ASN FB 97 -32.68 -57.06 -84.28
C ASN FB 97 -32.16 -57.40 -85.66
N SER FB 98 -32.95 -57.15 -86.69
CA SER FB 98 -32.49 -57.37 -88.04
C SER FB 98 -32.07 -56.09 -88.71
N LEU FB 99 -31.64 -55.11 -87.93
CA LEU FB 99 -30.91 -53.97 -88.46
C LEU FB 99 -29.44 -53.99 -88.13
N VAL FB 100 -28.99 -54.93 -87.32
CA VAL FB 100 -27.60 -54.94 -86.90
C VAL FB 100 -26.73 -55.46 -88.02
N LEU FB 101 -25.45 -55.22 -87.89
CA LEU FB 101 -24.53 -55.45 -88.99
C LEU FB 101 -24.01 -56.89 -88.92
N GLU FB 102 -22.98 -57.17 -89.70
CA GLU FB 102 -22.50 -58.53 -89.86
C GLU FB 102 -21.76 -59.07 -88.66
N HIS FB 103 -21.13 -58.24 -87.84
CA HIS FB 103 -20.43 -58.79 -86.69
C HIS FB 103 -21.14 -58.37 -85.43
N ASN FB 104 -22.48 -58.45 -85.45
CA ASN FB 104 -23.44 -57.97 -84.41
C ASN FB 104 -23.12 -56.54 -83.92
N ILE FB 105 -22.83 -55.68 -84.87
CA ILE FB 105 -22.51 -54.30 -84.60
C ILE FB 105 -23.78 -53.50 -84.72
N LEU FB 106 -24.10 -52.77 -83.69
CA LEU FB 106 -25.21 -51.84 -83.73
C LEU FB 106 -24.83 -50.70 -84.65
N PRO FB 107 -25.67 -50.41 -85.65
CA PRO FB 107 -25.37 -49.35 -86.60
C PRO FB 107 -25.49 -47.97 -85.98
N PRO FB 108 -24.79 -46.97 -86.51
CA PRO FB 108 -24.84 -45.64 -85.88
C PRO FB 108 -26.06 -44.87 -86.34
N VAL FB 109 -26.34 -43.79 -85.62
CA VAL FB 109 -27.54 -43.02 -85.86
C VAL FB 109 -27.16 -41.80 -86.68
N LEU FB 110 -27.59 -41.76 -87.93
CA LEU FB 110 -27.28 -40.65 -88.79
C LEU FB 110 -28.45 -39.68 -88.77
N LEU FB 111 -28.15 -38.39 -88.78
CA LEU FB 111 -29.19 -37.40 -88.77
C LEU FB 111 -29.12 -36.60 -90.05
N GLU FB 112 -30.26 -36.46 -90.70
CA GLU FB 112 -30.41 -35.73 -91.94
C GLU FB 112 -31.05 -34.39 -91.64
N GLY FB 113 -30.45 -33.34 -92.11
CA GLY FB 113 -31.13 -32.07 -92.06
C GLY FB 113 -31.02 -31.42 -93.41
N ARG FB 114 -32.11 -31.30 -94.12
CA ARG FB 114 -32.02 -30.66 -95.40
C ARG FB 114 -32.24 -29.17 -95.25
N ASN FB 115 -31.61 -28.42 -96.16
CA ASN FB 115 -32.01 -27.10 -96.62
C ASN FB 115 -31.82 -26.07 -95.51
N THR FB 116 -30.57 -25.97 -95.06
CA THR FB 116 -30.22 -25.40 -93.78
C THR FB 116 -29.74 -23.97 -93.94
N LEU FB 117 -30.24 -23.08 -93.10
CA LEU FB 117 -29.68 -21.74 -93.02
C LEU FB 117 -29.17 -21.50 -91.60
N ASN FB 118 -28.06 -20.78 -91.50
CA ASN FB 118 -27.69 -20.10 -90.28
C ASN FB 118 -27.43 -18.64 -90.57
N LEU FB 119 -28.17 -17.77 -89.90
CA LEU FB 119 -27.92 -16.34 -89.87
C LEU FB 119 -26.85 -16.11 -88.82
N ALA FB 120 -25.60 -15.90 -89.25
CA ALA FB 120 -24.56 -15.79 -88.24
C ALA FB 120 -24.54 -14.41 -87.62
N ASP FB 121 -24.60 -13.39 -88.45
CA ASP FB 121 -24.71 -12.03 -87.98
C ASP FB 121 -25.46 -11.26 -89.05
N ALA FB 122 -25.37 -9.94 -89.01
CA ALA FB 122 -25.99 -9.12 -90.03
C ALA FB 122 -25.28 -9.24 -91.37
N GLN FB 123 -24.00 -9.56 -91.34
CA GLN FB 123 -23.18 -9.49 -92.53
C GLN FB 123 -23.18 -10.80 -93.31
N SER FB 124 -23.55 -11.92 -92.70
CA SER FB 124 -23.25 -13.21 -93.30
C SER FB 124 -24.22 -14.29 -92.87
N ILE FB 125 -24.65 -15.08 -93.84
CA ILE FB 125 -25.36 -16.33 -93.59
C ILE FB 125 -24.55 -17.45 -94.19
N ARG FB 126 -24.84 -18.66 -93.72
CA ARG FB 126 -24.38 -19.86 -94.40
C ARG FB 126 -25.57 -20.74 -94.67
N ILE FB 127 -25.80 -21.06 -95.92
CA ILE FB 127 -26.74 -22.12 -96.23
C ILE FB 127 -25.95 -23.35 -96.60
N SER FB 128 -26.53 -24.50 -96.32
CA SER FB 128 -26.05 -25.74 -96.88
C SER FB 128 -27.27 -26.51 -97.30
N ASP FB 129 -27.10 -27.41 -98.26
CA ASP FB 129 -28.30 -28.07 -98.74
C ASP FB 129 -28.67 -29.28 -97.90
N ARG FB 130 -27.72 -30.14 -97.58
CA ARG FB 130 -27.98 -31.24 -96.67
C ARG FB 130 -26.88 -31.33 -95.65
N THR FB 131 -27.23 -31.85 -94.49
CA THR FB 131 -26.31 -32.07 -93.40
C THR FB 131 -26.52 -33.48 -92.89
N TYR FB 132 -25.47 -34.27 -92.88
CA TYR FB 132 -25.52 -35.58 -92.28
C TYR FB 132 -24.60 -35.60 -91.07
N LYS FB 133 -25.14 -36.04 -89.95
CA LYS FB 133 -24.38 -36.10 -88.72
C LYS FB 133 -24.34 -37.52 -88.22
N VAL FB 134 -23.16 -37.98 -87.84
CA VAL FB 134 -23.04 -39.25 -87.15
C VAL FB 134 -23.24 -38.99 -85.67
N ALA FB 135 -24.29 -39.53 -85.10
CA ALA FB 135 -24.54 -39.44 -83.68
C ALA FB 135 -24.60 -40.85 -83.10
N LYS FB 136 -23.88 -40.99 -81.98
CA LYS FB 136 -23.68 -42.20 -81.17
C LYS FB 136 -23.31 -43.40 -82.04
N GLN FB 137 -22.04 -43.33 -82.46
CA GLN FB 137 -21.33 -44.13 -83.45
C GLN FB 137 -21.47 -45.63 -83.23
N ALA FB 138 -21.29 -46.41 -84.32
CA ALA FB 138 -21.49 -47.85 -84.37
C ALA FB 138 -20.60 -48.62 -83.42
N HIS FB 139 -21.18 -49.63 -82.80
CA HIS FB 139 -20.45 -50.30 -81.74
C HIS FB 139 -20.99 -51.70 -81.54
N PHE FB 140 -20.18 -52.54 -80.91
CA PHE FB 140 -20.47 -53.96 -80.73
C PHE FB 140 -21.62 -54.15 -79.77
N ILE FB 141 -22.78 -54.55 -80.27
CA ILE FB 141 -23.86 -54.78 -79.35
C ILE FB 141 -23.94 -56.29 -79.12
N THR FB 142 -24.30 -56.70 -77.91
CA THR FB 142 -24.46 -58.13 -77.66
C THR FB 142 -25.87 -58.56 -78.02
N THR FB 143 -26.85 -58.01 -77.32
CA THR FB 143 -28.23 -58.24 -77.66
C THR FB 143 -28.88 -56.94 -78.08
N PRO FB 144 -29.67 -56.93 -79.16
CA PRO FB 144 -30.13 -55.68 -79.79
C PRO FB 144 -31.15 -54.97 -78.94
N PRO FB 145 -31.29 -53.65 -79.08
CA PRO FB 145 -32.24 -52.92 -78.26
C PRO FB 145 -33.67 -53.24 -78.61
N THR FB 146 -34.50 -53.27 -77.60
CA THR FB 146 -35.92 -53.41 -77.85
C THR FB 146 -36.54 -52.03 -77.88
N TRP FB 147 -37.86 -51.99 -77.98
CA TRP FB 147 -38.54 -50.74 -77.80
C TRP FB 147 -38.74 -50.43 -76.33
N ARG FB 148 -38.57 -51.42 -75.47
CA ARG FB 148 -38.95 -51.22 -74.08
C ARG FB 148 -37.95 -50.42 -73.29
N GLN FB 149 -36.71 -50.27 -73.75
CA GLN FB 149 -35.82 -49.33 -73.09
C GLN FB 149 -36.15 -47.91 -73.45
N TYR FB 150 -36.82 -47.72 -74.57
CA TYR FB 150 -36.99 -46.39 -75.10
C TYR FB 150 -38.38 -45.85 -74.80
N LEU FB 151 -39.38 -46.73 -74.67
CA LEU FB 151 -40.77 -46.32 -74.62
C LEU FB 151 -41.46 -46.52 -73.28
N TRP FB 152 -40.97 -47.39 -72.42
CA TRP FB 152 -41.68 -47.77 -71.20
C TRP FB 152 -41.60 -46.66 -70.18
N MET FB 153 -42.72 -46.04 -69.84
CA MET FB 153 -42.68 -45.09 -68.75
C MET FB 153 -42.81 -45.79 -67.42
N ASP FB 154 -42.35 -45.10 -66.39
CA ASP FB 154 -42.08 -45.72 -65.11
C ASP FB 154 -43.32 -45.71 -64.25
N TYR FB 155 -43.69 -46.88 -63.75
CA TYR FB 155 -44.82 -47.00 -62.86
C TYR FB 155 -44.38 -47.18 -61.42
N VAL FB 156 -44.60 -46.13 -60.63
CA VAL FB 156 -44.68 -46.27 -59.20
C VAL FB 156 -46.12 -45.97 -58.81
N LYS FB 157 -46.55 -46.55 -57.70
CA LYS FB 157 -47.92 -46.37 -57.25
C LYS FB 157 -47.86 -45.36 -56.11
N PRO FB 158 -48.32 -44.13 -56.30
CA PRO FB 158 -48.13 -43.10 -55.28
C PRO FB 158 -49.14 -43.26 -54.15
N GLU FB 159 -48.62 -43.45 -52.94
CA GLU FB 159 -49.45 -43.70 -51.77
C GLU FB 159 -49.55 -42.48 -50.87
N ALA FB 160 -49.31 -41.28 -51.41
CA ALA FB 160 -49.29 -40.08 -50.59
C ALA FB 160 -50.49 -39.21 -50.91
N PRO FB 161 -51.52 -39.16 -50.06
CA PRO FB 161 -52.61 -38.21 -50.28
C PRO FB 161 -52.21 -36.80 -49.85
N LYS FB 173 -62.01 -28.14 -50.22
CA LYS FB 173 -63.02 -29.15 -50.50
C LYS FB 173 -63.48 -29.05 -51.95
N GLU FB 174 -64.28 -28.03 -52.23
CA GLU FB 174 -64.79 -27.80 -53.58
C GLU FB 174 -63.69 -27.26 -54.49
N ILE FB 175 -62.86 -26.36 -53.95
CA ILE FB 175 -61.74 -25.80 -54.69
C ILE FB 175 -60.64 -26.86 -54.83
N TRP FB 176 -60.53 -27.72 -53.80
CA TRP FB 176 -59.70 -28.92 -53.85
C TRP FB 176 -60.13 -29.85 -54.97
N CYS FB 177 -61.44 -30.03 -55.16
CA CYS FB 177 -61.93 -30.95 -56.17
C CYS FB 177 -61.74 -30.40 -57.58
N ILE FB 178 -61.99 -29.10 -57.78
CA ILE FB 178 -61.80 -28.56 -59.13
C ILE FB 178 -60.31 -28.41 -59.48
N TYR FB 179 -59.44 -28.14 -58.51
CA TYR FB 179 -58.05 -28.08 -58.89
C TYR FB 179 -57.38 -29.44 -58.83
N THR FB 180 -57.99 -30.46 -58.22
CA THR FB 180 -57.40 -31.77 -58.42
C THR FB 180 -57.83 -32.35 -59.76
N GLU FB 181 -58.94 -31.87 -60.34
CA GLU FB 181 -59.18 -32.23 -61.73
C GLU FB 181 -58.26 -31.48 -62.69
N ARG FB 182 -57.95 -30.21 -62.41
CA ARG FB 182 -57.00 -29.53 -63.29
C ARG FB 182 -55.56 -29.97 -63.04
N GLY FB 183 -55.25 -30.41 -61.83
CA GLY FB 183 -54.01 -31.14 -61.60
C GLY FB 183 -53.98 -32.50 -62.27
N TRP FB 184 -55.14 -33.16 -62.36
CA TRP FB 184 -55.22 -34.48 -62.98
C TRP FB 184 -54.99 -34.42 -64.48
N LYS FB 185 -55.58 -33.43 -65.16
CA LYS FB 185 -55.25 -33.29 -66.57
C LYS FB 185 -53.86 -32.70 -66.80
N ASN FB 186 -53.32 -31.95 -65.84
CA ASN FB 186 -51.93 -31.51 -65.98
C ASN FB 186 -50.95 -32.67 -65.85
N GLY FB 187 -51.25 -33.61 -64.96
CA GLY FB 187 -50.46 -34.83 -64.90
C GLY FB 187 -50.63 -35.72 -66.10
N ILE FB 188 -51.84 -35.76 -66.67
CA ILE FB 188 -52.11 -36.56 -67.85
C ILE FB 188 -51.36 -36.03 -69.06
N ASP FB 189 -51.43 -34.72 -69.35
CA ASP FB 189 -50.75 -34.28 -70.56
C ASP FB 189 -49.25 -34.08 -70.34
N GLN FB 190 -48.80 -34.00 -69.09
CA GLN FB 190 -47.37 -34.00 -68.87
C GLN FB 190 -46.78 -35.40 -69.04
N ALA FB 191 -47.54 -36.45 -68.68
CA ALA FB 191 -47.14 -37.82 -69.02
C ALA FB 191 -47.19 -38.08 -70.52
N ASN FB 192 -48.15 -37.46 -71.21
CA ASN FB 192 -48.20 -37.48 -72.66
C ASN FB 192 -47.00 -36.83 -73.32
N THR FB 193 -46.46 -35.75 -72.75
CA THR FB 193 -45.26 -35.17 -73.34
C THR FB 193 -44.03 -36.02 -73.09
N ILE FB 194 -43.99 -36.72 -71.95
CA ILE FB 194 -42.89 -37.67 -71.69
C ILE FB 194 -42.93 -38.83 -72.68
N LEU FB 195 -44.12 -39.36 -72.95
CA LEU FB 195 -44.31 -40.40 -73.95
C LEU FB 195 -44.00 -39.92 -75.37
N GLU FB 196 -44.34 -38.66 -75.67
CA GLU FB 196 -44.06 -38.05 -76.96
C GLU FB 196 -42.57 -37.93 -77.22
N GLU FB 197 -41.81 -37.56 -76.18
CA GLU FB 197 -40.36 -37.57 -76.32
C GLU FB 197 -39.77 -38.96 -76.36
N ASN FB 198 -40.42 -39.95 -75.74
CA ASN FB 198 -39.93 -41.32 -75.82
C ASN FB 198 -40.07 -41.92 -77.20
N ILE FB 199 -41.24 -41.72 -77.82
CA ILE FB 199 -41.47 -42.00 -79.23
C ILE FB 199 -40.56 -41.22 -80.16
N ALA FB 200 -40.26 -39.98 -79.80
CA ALA FB 200 -39.33 -39.16 -80.55
C ALA FB 200 -37.91 -39.69 -80.51
N ARG FB 201 -37.50 -40.20 -79.36
CA ARG FB 201 -36.15 -40.74 -79.21
C ARG FB 201 -35.99 -42.06 -79.95
N ILE FB 202 -37.01 -42.92 -79.91
CA ILE FB 202 -36.91 -44.17 -80.65
C ILE FB 202 -37.04 -43.92 -82.16
N LYS FB 203 -37.73 -42.86 -82.57
CA LYS FB 203 -37.82 -42.57 -83.98
C LYS FB 203 -36.54 -41.96 -84.52
N GLU FB 204 -35.88 -41.10 -83.71
CA GLU FB 204 -34.50 -40.67 -83.97
C GLU FB 204 -33.53 -41.83 -84.12
N ASP FB 205 -33.49 -42.73 -83.14
CA ASP FB 205 -32.46 -43.76 -83.11
C ASP FB 205 -32.66 -44.80 -84.20
N PHE FB 206 -33.91 -45.22 -84.40
CA PHE FB 206 -34.20 -46.23 -85.38
C PHE FB 206 -34.08 -45.69 -86.78
N GLY FB 207 -34.64 -44.49 -87.06
CA GLY FB 207 -34.52 -43.90 -88.38
C GLY FB 207 -33.14 -43.40 -88.71
N GLY FB 208 -32.30 -43.18 -87.70
CA GLY FB 208 -30.89 -42.98 -87.95
C GLY FB 208 -30.19 -44.22 -88.43
N MET FB 209 -30.57 -45.39 -87.92
CA MET FB 209 -29.99 -46.64 -88.42
C MET FB 209 -30.49 -46.94 -89.83
N ILE FB 210 -31.73 -46.52 -90.11
CA ILE FB 210 -32.30 -46.66 -91.45
C ILE FB 210 -31.61 -45.73 -92.42
N LEU FB 211 -31.26 -44.55 -91.94
CA LEU FB 211 -30.55 -43.58 -92.72
C LEU FB 211 -29.12 -44.01 -92.99
N TYR FB 212 -28.54 -44.85 -92.10
CA TYR FB 212 -27.25 -45.47 -92.40
C TYR FB 212 -27.46 -46.37 -93.59
N ARG FB 213 -28.47 -47.26 -93.54
CA ARG FB 213 -28.59 -48.30 -94.55
C ARG FB 213 -28.93 -47.75 -95.93
N LYS FB 214 -29.63 -46.60 -95.95
CA LYS FB 214 -29.62 -45.71 -97.10
C LYS FB 214 -28.23 -45.26 -97.51
N LEU FB 215 -27.43 -44.70 -96.59
CA LEU FB 215 -26.15 -44.16 -97.05
C LEU FB 215 -25.07 -45.21 -97.23
N LEU FB 216 -25.28 -46.42 -96.72
CA LEU FB 216 -24.35 -47.51 -96.95
C LEU FB 216 -24.61 -48.11 -98.31
N ALA FB 217 -25.88 -48.19 -98.70
CA ALA FB 217 -26.20 -48.39 -100.09
C ALA FB 217 -25.68 -47.25 -100.94
N MET FB 218 -25.88 -46.02 -100.49
CA MET FB 218 -25.68 -44.85 -101.31
C MET FB 218 -24.27 -44.30 -101.19
N ASN FB 219 -23.37 -45.06 -100.57
CA ASN FB 219 -21.92 -44.89 -100.56
C ASN FB 219 -21.46 -43.60 -99.92
N MET FB 220 -22.27 -43.03 -99.04
CA MET FB 220 -21.85 -41.83 -98.34
C MET FB 220 -21.17 -42.12 -97.01
N VAL FB 221 -21.21 -43.36 -96.55
CA VAL FB 221 -20.51 -43.80 -95.36
C VAL FB 221 -19.67 -45.04 -95.66
N SER FB 222 -18.73 -45.29 -94.81
CA SER FB 222 -18.00 -46.53 -94.83
C SER FB 222 -18.77 -47.59 -94.02
N PRO FB 223 -18.66 -48.86 -94.36
CA PRO FB 223 -19.05 -49.91 -93.43
C PRO FB 223 -17.97 -50.07 -92.38
N PRO FB 224 -18.24 -50.69 -91.23
CA PRO FB 224 -17.16 -50.87 -90.26
C PRO FB 224 -16.24 -51.98 -90.70
N TYR FB 225 -14.96 -51.78 -90.47
CA TYR FB 225 -14.00 -52.79 -90.86
C TYR FB 225 -13.57 -53.46 -89.57
N VAL FB 226 -14.01 -54.69 -89.43
CA VAL FB 226 -13.61 -55.52 -88.32
C VAL FB 226 -12.27 -56.17 -88.61
N SER FB 227 -11.66 -56.67 -87.56
CA SER FB 227 -10.43 -57.46 -87.64
C SER FB 227 -10.59 -58.58 -86.63
N HIS FB 228 -10.50 -59.81 -87.09
CA HIS FB 228 -10.50 -60.95 -86.19
C HIS FB 228 -9.09 -61.53 -86.10
N THR FB 229 -8.38 -61.18 -85.04
CA THR FB 229 -7.13 -61.83 -84.74
C THR FB 229 -7.46 -63.14 -84.06
N ASP FB 230 -7.34 -64.23 -84.82
CA ASP FB 230 -7.55 -65.55 -84.30
C ASP FB 230 -6.34 -65.90 -83.46
N LEU FB 231 -6.59 -66.55 -82.34
CA LEU FB 231 -5.56 -67.07 -81.47
C LEU FB 231 -5.90 -68.52 -81.21
N GLY FB 232 -4.86 -69.34 -81.04
CA GLY FB 232 -5.10 -70.72 -80.71
C GLY FB 232 -5.38 -70.94 -79.25
N VAL FB 233 -4.82 -71.98 -78.70
CA VAL FB 233 -5.02 -72.26 -77.28
C VAL FB 233 -4.19 -71.30 -76.46
N THR FB 234 -4.81 -70.75 -75.43
CA THR FB 234 -4.34 -69.51 -74.86
C THR FB 234 -4.36 -69.61 -73.35
N GLY FB 235 -3.23 -69.34 -72.76
CA GLY FB 235 -3.14 -69.15 -71.33
C GLY FB 235 -2.02 -69.98 -70.74
N ASP FB 236 -2.01 -69.98 -69.43
CA ASP FB 236 -1.11 -70.83 -68.68
C ASP FB 236 -1.74 -72.21 -68.48
N GLY FB 237 -1.18 -72.99 -67.57
CA GLY FB 237 -1.76 -74.27 -67.30
C GLY FB 237 -2.89 -74.26 -66.29
N SER FB 238 -3.17 -73.13 -65.69
CA SER FB 238 -4.31 -73.08 -64.78
C SER FB 238 -5.59 -72.69 -65.48
N GLU FB 239 -5.49 -72.27 -66.74
CA GLU FB 239 -6.62 -71.65 -67.45
C GLU FB 239 -6.32 -71.74 -68.93
N ILE FB 240 -7.14 -72.45 -69.68
CA ILE FB 240 -7.00 -72.41 -71.12
C ILE FB 240 -8.30 -71.92 -71.74
N HIS FB 241 -8.15 -71.23 -72.85
CA HIS FB 241 -9.24 -70.91 -73.74
C HIS FB 241 -8.84 -71.43 -75.10
N ILE FB 242 -9.71 -72.19 -75.72
CA ILE FB 242 -9.27 -73.07 -76.78
C ILE FB 242 -9.24 -72.36 -78.12
N ASP FB 243 -10.35 -71.84 -78.57
CA ASP FB 243 -10.38 -71.07 -79.81
C ASP FB 243 -10.61 -69.62 -79.44
N ASP FB 244 -9.53 -68.84 -79.45
CA ASP FB 244 -9.50 -67.55 -78.81
C ASP FB 244 -9.47 -66.45 -79.86
N ARG FB 245 -10.64 -66.01 -80.29
CA ARG FB 245 -10.73 -65.01 -81.34
C ARG FB 245 -10.99 -63.65 -80.73
N VAL FB 246 -10.08 -62.70 -80.98
CA VAL FB 246 -10.27 -61.32 -80.55
C VAL FB 246 -10.77 -60.53 -81.74
N LEU FB 247 -11.92 -59.90 -81.59
CA LEU FB 247 -12.57 -59.17 -82.68
C LEU FB 247 -12.53 -57.70 -82.31
N ARG FB 248 -11.98 -56.88 -83.20
CA ARG FB 248 -11.95 -55.46 -83.01
C ARG FB 248 -12.62 -54.76 -84.18
N ILE FB 249 -13.09 -53.56 -83.92
CA ILE FB 249 -13.46 -52.65 -84.98
C ILE FB 249 -12.28 -51.73 -85.19
N THR FB 250 -11.72 -51.75 -86.39
CA THR FB 250 -10.62 -50.85 -86.71
C THR FB 250 -11.13 -49.55 -87.30
N ALA FB 251 -11.94 -49.66 -88.34
CA ALA FB 251 -12.46 -48.49 -89.04
C ALA FB 251 -13.91 -48.31 -88.63
N LEU FB 252 -14.23 -47.14 -88.18
CA LEU FB 252 -15.60 -46.91 -87.78
C LEU FB 252 -16.39 -46.52 -89.02
N PRO FB 253 -17.72 -46.70 -89.01
CA PRO FB 253 -18.53 -46.15 -90.09
C PRO FB 253 -18.53 -44.64 -90.04
N GLU FB 254 -18.37 -44.04 -91.21
CA GLU FB 254 -17.76 -42.74 -91.23
C GLU FB 254 -18.06 -42.15 -92.61
N LEU FB 255 -18.55 -40.91 -92.66
CA LEU FB 255 -19.01 -40.30 -93.91
C LEU FB 255 -17.83 -39.93 -94.79
N ASN FB 256 -17.84 -40.36 -96.06
CA ASN FB 256 -16.72 -39.95 -96.91
C ASN FB 256 -17.02 -38.59 -97.52
N VAL FB 257 -15.97 -37.77 -97.59
CA VAL FB 257 -16.08 -36.48 -98.23
C VAL FB 257 -15.54 -36.50 -99.63
N ASN FB 258 -14.88 -37.58 -100.03
CA ASN FB 258 -14.38 -37.70 -101.39
C ASN FB 258 -15.67 -38.14 -102.06
N SER FB 259 -16.30 -37.22 -102.78
CA SER FB 259 -17.73 -37.36 -103.02
C SER FB 259 -18.05 -37.88 -104.40
N ALA FB 260 -17.05 -38.17 -105.22
CA ALA FB 260 -17.30 -38.62 -106.58
C ALA FB 260 -17.81 -40.06 -106.66
N GLU FB 261 -17.60 -40.88 -105.63
CA GLU FB 261 -18.08 -42.24 -105.62
C GLU FB 261 -19.42 -42.37 -104.94
N TRP FB 262 -20.16 -41.29 -104.83
CA TRP FB 262 -21.47 -41.34 -104.20
C TRP FB 262 -22.46 -41.97 -105.15
N ARG FB 263 -23.64 -42.23 -104.62
CA ARG FB 263 -24.69 -42.84 -105.41
C ARG FB 263 -25.87 -41.88 -105.34
N ALA FB 264 -26.99 -42.29 -105.90
CA ALA FB 264 -28.19 -41.47 -106.08
C ALA FB 264 -29.37 -42.42 -106.20
N ALA FB 265 -30.47 -42.07 -105.54
CA ALA FB 265 -31.52 -43.04 -105.34
C ALA FB 265 -32.53 -43.18 -106.47
N VAL FB 266 -32.12 -43.42 -107.71
CA VAL FB 266 -33.10 -43.43 -108.79
C VAL FB 266 -33.73 -44.81 -108.94
N ALA FB 267 -35.06 -44.84 -108.91
CA ALA FB 267 -35.82 -46.07 -108.98
C ALA FB 267 -36.82 -45.96 -110.11
N LYS FB 268 -37.75 -46.89 -110.19
CA LYS FB 268 -38.81 -46.83 -111.20
C LYS FB 268 -40.19 -47.02 -110.60
N PHE GB 25 -72.69 -68.83 -83.18
CA PHE GB 25 -72.19 -67.45 -83.20
C PHE GB 25 -70.70 -67.37 -82.90
N LYS GB 26 -70.02 -66.52 -83.66
CA LYS GB 26 -68.59 -66.32 -83.51
C LYS GB 26 -68.33 -64.87 -83.06
N LYS GB 27 -67.06 -64.52 -82.99
CA LYS GB 27 -66.49 -63.39 -82.26
C LYS GB 27 -65.44 -62.68 -83.09
N PRO GB 28 -65.17 -61.41 -82.81
CA PRO GB 28 -64.00 -60.81 -83.33
C PRO GB 28 -62.76 -61.36 -82.64
N PRO GB 29 -61.59 -61.19 -83.25
CA PRO GB 29 -60.34 -61.52 -82.57
C PRO GB 29 -60.08 -60.67 -81.33
N ILE GB 30 -59.36 -61.24 -80.38
CA ILE GB 30 -59.25 -60.64 -79.05
C ILE GB 30 -58.29 -59.47 -79.07
N ASN GB 31 -57.09 -59.67 -79.59
CA ASN GB 31 -56.17 -58.57 -79.79
C ASN GB 31 -56.29 -58.05 -81.22
N ASN GB 32 -57.51 -57.67 -81.57
CA ASN GB 32 -57.74 -57.23 -82.92
C ASN GB 32 -57.51 -55.73 -83.02
N PRO GB 33 -56.97 -55.27 -84.12
CA PRO GB 33 -57.05 -53.85 -84.42
C PRO GB 33 -58.45 -53.51 -84.85
N SER GB 34 -59.31 -53.17 -83.90
CA SER GB 34 -60.64 -52.67 -84.18
C SER GB 34 -60.78 -51.28 -83.59
N ASP GB 35 -59.72 -50.49 -83.75
CA ASP GB 35 -59.61 -49.16 -83.17
C ASP GB 35 -58.81 -48.34 -84.16
N ASP GB 36 -59.22 -47.08 -84.35
CA ASP GB 36 -58.80 -46.31 -85.53
C ASP GB 36 -57.35 -45.88 -85.50
N ALA GB 37 -56.69 -45.90 -84.35
CA ALA GB 37 -55.26 -45.68 -84.33
C ALA GB 37 -54.47 -46.97 -84.35
N THR GB 38 -55.00 -48.01 -83.70
CA THR GB 38 -54.33 -49.30 -83.65
C THR GB 38 -54.34 -50.02 -84.99
N ILE GB 39 -55.33 -49.72 -85.82
CA ILE GB 39 -55.29 -50.17 -87.20
C ILE GB 39 -54.11 -49.56 -87.94
N LYS GB 40 -53.83 -48.26 -87.76
CA LYS GB 40 -52.76 -47.60 -88.48
C LYS GB 40 -51.40 -48.02 -87.99
N LEU GB 41 -51.34 -48.30 -86.69
CA LEU GB 41 -50.17 -48.93 -86.08
C LEU GB 41 -49.92 -50.32 -86.65
N ALA GB 42 -50.96 -51.11 -86.87
CA ALA GB 42 -50.71 -52.46 -87.33
C ALA GB 42 -50.58 -52.60 -88.85
N GLU GB 43 -51.21 -51.73 -89.65
CA GLU GB 43 -50.87 -51.67 -91.08
C GLU GB 43 -49.47 -51.16 -91.29
N ALA GB 44 -49.02 -50.24 -90.42
CA ALA GB 44 -47.63 -49.86 -90.41
C ALA GB 44 -46.74 -51.01 -90.00
N ALA GB 45 -47.22 -51.89 -89.10
CA ALA GB 45 -46.44 -53.04 -88.66
C ALA GB 45 -46.25 -54.06 -89.76
N VAL GB 46 -47.29 -54.34 -90.53
CA VAL GB 46 -47.10 -55.25 -91.65
C VAL GB 46 -46.34 -54.59 -92.79
N SER GB 47 -46.39 -53.25 -92.90
CA SER GB 47 -45.58 -52.57 -93.91
C SER GB 47 -44.10 -52.54 -93.54
N VAL GB 48 -43.78 -52.38 -92.26
CA VAL GB 48 -42.37 -52.41 -91.91
C VAL GB 48 -41.88 -53.84 -91.82
N SER GB 49 -42.75 -54.82 -91.57
CA SER GB 49 -42.28 -56.19 -91.47
C SER GB 49 -42.06 -56.78 -92.84
N ASP GB 50 -42.91 -56.41 -93.83
CA ASP GB 50 -42.53 -56.89 -95.15
C ASP GB 50 -41.41 -56.06 -95.73
N SER GB 51 -41.32 -54.72 -95.46
CA SER GB 51 -40.16 -53.94 -95.92
C SER GB 51 -38.84 -54.36 -95.27
N MET GB 52 -38.91 -54.89 -94.04
CA MET GB 52 -37.82 -55.67 -93.47
C MET GB 52 -37.49 -56.91 -94.28
N LEU GB 53 -38.52 -57.65 -94.71
CA LEU GB 53 -38.26 -58.82 -95.54
C LEU GB 53 -37.62 -58.46 -96.88
N GLU GB 54 -38.06 -57.38 -97.57
CA GLU GB 54 -37.39 -57.12 -98.86
C GLU GB 54 -36.04 -56.47 -98.71
N MET GB 55 -35.78 -55.90 -97.53
CA MET GB 55 -34.41 -55.64 -97.15
C MET GB 55 -33.60 -56.93 -97.07
N ALA GB 56 -34.07 -57.93 -96.30
CA ALA GB 56 -33.37 -59.22 -96.13
C ALA GB 56 -33.23 -60.04 -97.41
N LYS GB 57 -34.19 -59.89 -98.33
CA LYS GB 57 -34.09 -60.25 -99.73
C LYS GB 57 -32.91 -59.61 -100.45
N VAL GB 58 -32.69 -58.29 -100.30
CA VAL GB 58 -31.65 -57.74 -101.16
C VAL GB 58 -30.26 -58.00 -100.57
N GLU GB 59 -30.10 -58.03 -99.23
CA GLU GB 59 -28.73 -58.34 -98.80
C GLU GB 59 -28.47 -59.80 -98.50
N LYS GB 60 -29.48 -60.66 -98.44
CA LYS GB 60 -29.19 -62.06 -98.15
C LYS GB 60 -28.74 -62.74 -99.43
N VAL GB 61 -27.44 -62.98 -99.52
CA VAL GB 61 -26.87 -63.63 -100.69
C VAL GB 61 -26.51 -65.06 -100.31
N ILE GB 62 -26.85 -65.97 -101.21
CA ILE GB 62 -26.78 -67.41 -101.00
C ILE GB 62 -25.61 -67.83 -101.87
N THR GB 63 -25.16 -69.07 -101.78
CA THR GB 63 -24.53 -69.71 -102.91
C THR GB 63 -25.44 -70.86 -103.29
N PRO GB 64 -25.55 -71.17 -104.59
CA PRO GB 64 -26.42 -72.27 -105.02
C PRO GB 64 -25.89 -73.61 -104.55
N PRO GB 65 -26.78 -74.61 -104.37
CA PRO GB 65 -26.30 -75.93 -103.91
C PRO GB 65 -25.55 -76.71 -104.97
N SER GB 66 -25.62 -76.30 -106.22
CA SER GB 66 -24.68 -76.74 -107.23
C SER GB 66 -23.25 -76.27 -106.95
N LYS GB 67 -23.06 -75.14 -106.26
CA LYS GB 67 -21.74 -74.59 -106.04
C LYS GB 67 -21.61 -74.32 -104.52
N ASP GB 68 -21.89 -75.33 -103.69
CA ASP GB 68 -21.92 -75.04 -102.26
C ASP GB 68 -20.57 -75.24 -101.57
N ASN GB 69 -19.67 -76.02 -102.19
CA ASN GB 69 -18.24 -76.30 -101.94
C ASN GB 69 -18.10 -77.24 -100.72
N THR GB 70 -19.18 -77.51 -99.98
CA THR GB 70 -19.08 -78.34 -98.81
C THR GB 70 -19.10 -79.81 -99.21
N LEU GB 71 -18.88 -80.65 -98.21
CA LEU GB 71 -18.91 -82.09 -98.41
C LEU GB 71 -20.33 -82.58 -98.67
N THR GB 72 -20.43 -83.68 -99.37
CA THR GB 72 -21.69 -84.39 -99.41
C THR GB 72 -21.51 -85.70 -98.67
N ILE GB 73 -22.61 -86.21 -98.12
CA ILE GB 73 -22.61 -87.40 -97.28
C ILE GB 73 -22.27 -88.63 -98.12
N PRO GB 74 -21.11 -89.26 -97.88
CA PRO GB 74 -20.51 -90.17 -98.85
C PRO GB 74 -21.05 -91.59 -98.88
N ASN GB 75 -22.25 -91.81 -98.33
CA ASN GB 75 -23.19 -92.93 -98.36
C ASN GB 75 -22.56 -94.32 -98.22
N ALA GB 76 -21.48 -94.44 -97.45
CA ALA GB 76 -20.89 -95.74 -97.16
C ALA GB 76 -21.37 -96.26 -95.81
N TYR GB 77 -21.51 -97.58 -95.73
CA TYR GB 77 -22.18 -98.24 -94.61
C TYR GB 77 -21.37 -98.16 -93.33
N ASN GB 78 -20.05 -98.05 -93.44
CA ASN GB 78 -19.27 -97.73 -92.25
C ASN GB 78 -19.46 -96.28 -91.84
N LEU GB 79 -19.77 -95.40 -92.79
CA LEU GB 79 -20.00 -94.02 -92.41
C LEU GB 79 -21.37 -93.77 -91.83
N GLN GB 80 -22.31 -94.70 -91.97
CA GLN GB 80 -23.58 -94.47 -91.30
C GLN GB 80 -23.66 -95.15 -89.94
N ALA GB 81 -22.55 -95.23 -89.22
CA ALA GB 81 -22.53 -95.64 -87.84
C ALA GB 81 -22.82 -94.44 -86.94
N ARG GB 82 -23.67 -94.67 -85.95
CA ARG GB 82 -24.12 -93.63 -85.02
C ARG GB 82 -23.03 -93.41 -83.98
N ALA GB 83 -22.57 -92.17 -83.84
CA ALA GB 83 -21.39 -91.87 -83.05
C ALA GB 83 -21.74 -90.79 -82.05
N SER GB 84 -20.77 -90.36 -81.23
CA SER GB 84 -21.06 -89.43 -80.13
C SER GB 84 -19.76 -88.72 -79.78
N VAL GB 85 -19.67 -87.41 -80.00
CA VAL GB 85 -18.43 -86.63 -79.92
C VAL GB 85 -18.67 -85.40 -79.05
N ASP GB 86 -17.82 -85.16 -78.05
CA ASP GB 86 -17.75 -83.84 -77.42
C ASP GB 86 -16.32 -83.33 -77.41
N TRP GB 87 -16.08 -82.23 -78.13
CA TRP GB 87 -14.71 -81.75 -78.32
C TRP GB 87 -14.67 -80.35 -78.88
N SER GB 88 -13.62 -79.62 -78.52
CA SER GB 88 -13.11 -78.59 -79.41
C SER GB 88 -11.60 -78.68 -79.48
N GLY GB 89 -11.04 -78.57 -80.70
CA GLY GB 89 -9.62 -78.39 -80.88
C GLY GB 89 -9.12 -78.68 -82.29
N PRO GB 90 -7.89 -79.16 -82.42
CA PRO GB 90 -7.26 -79.24 -83.75
C PRO GB 90 -7.65 -80.46 -84.58
N ILE GB 91 -8.15 -80.17 -85.78
CA ILE GB 91 -9.00 -81.00 -86.66
C ILE GB 91 -8.49 -82.43 -86.96
N GLU GB 92 -7.16 -82.64 -86.91
CA GLU GB 92 -6.53 -83.82 -87.48
C GLU GB 92 -6.72 -85.01 -86.59
N GLU GB 93 -6.96 -84.74 -85.34
CA GLU GB 93 -7.04 -85.75 -84.33
C GLU GB 93 -8.44 -86.33 -84.33
N LEU GB 94 -9.46 -85.49 -84.57
CA LEU GB 94 -10.80 -86.03 -84.73
C LEU GB 94 -10.90 -86.74 -86.06
N THR GB 95 -10.26 -86.21 -87.10
CA THR GB 95 -10.36 -86.93 -88.37
C THR GB 95 -9.53 -88.21 -88.42
N ALA GB 96 -8.45 -88.30 -87.64
CA ALA GB 96 -7.73 -89.55 -87.44
C ALA GB 96 -8.58 -90.56 -86.70
N ARG GB 97 -9.29 -90.11 -85.68
CA ARG GB 97 -10.06 -91.07 -84.91
C ARG GB 97 -11.40 -91.32 -85.49
N ILE GB 98 -11.80 -90.46 -86.42
CA ILE GB 98 -13.06 -90.68 -87.05
C ILE GB 98 -12.80 -91.66 -88.18
N ALA GB 99 -11.54 -91.70 -88.66
CA ALA GB 99 -11.17 -92.69 -89.65
C ALA GB 99 -10.99 -94.04 -89.01
N LYS GB 100 -10.34 -94.09 -87.84
CA LYS GB 100 -10.18 -95.41 -87.27
C LYS GB 100 -11.39 -95.86 -86.48
N ALA GB 101 -12.35 -94.97 -86.24
CA ALA GB 101 -13.67 -95.40 -85.82
C ALA GB 101 -14.50 -95.86 -87.00
N ALA GB 102 -14.25 -95.30 -88.17
CA ALA GB 102 -14.93 -95.73 -89.38
C ALA GB 102 -14.27 -96.91 -90.05
N HIS GB 103 -13.15 -97.40 -89.48
CA HIS GB 103 -12.21 -98.39 -90.06
C HIS GB 103 -11.70 -97.91 -91.41
N PHE GB 104 -11.34 -96.63 -91.49
CA PHE GB 104 -10.88 -96.01 -92.71
C PHE GB 104 -9.44 -95.56 -92.54
N ARG GB 105 -8.72 -95.48 -93.65
CA ARG GB 105 -7.41 -94.88 -93.57
C ARG GB 105 -7.56 -93.37 -93.50
N PHE GB 106 -6.55 -92.72 -92.92
CA PHE GB 106 -6.55 -91.28 -92.80
C PHE GB 106 -5.29 -90.74 -93.47
N ARG GB 107 -5.46 -89.97 -94.53
CA ARG GB 107 -4.35 -89.27 -95.14
C ARG GB 107 -4.47 -87.78 -94.86
N VAL GB 108 -3.32 -87.13 -94.73
CA VAL GB 108 -3.25 -85.69 -94.68
C VAL GB 108 -2.38 -85.20 -95.83
N LEU GB 109 -2.86 -84.21 -96.57
CA LEU GB 109 -2.05 -83.53 -97.57
C LEU GB 109 -2.10 -82.04 -97.31
N GLY GB 110 -0.93 -81.43 -97.31
CA GLY GB 110 -0.78 -80.07 -96.87
C GLY GB 110 -0.03 -80.00 -95.56
N LYS GB 111 0.16 -78.77 -95.12
CA LYS GB 111 1.05 -78.46 -94.01
C LYS GB 111 0.21 -77.80 -92.92
N SER GB 112 0.30 -78.33 -91.72
CA SER GB 112 -0.50 -77.77 -90.64
C SER GB 112 0.15 -76.50 -90.13
N PRO GB 113 -0.56 -75.39 -90.04
CA PRO GB 113 0.03 -74.13 -89.60
C PRO GB 113 0.23 -74.13 -88.09
N SER GB 114 1.03 -73.17 -87.63
CA SER GB 114 1.44 -73.08 -86.23
C SER GB 114 0.27 -72.69 -85.33
N VAL GB 115 -0.60 -71.80 -85.79
CA VAL GB 115 -1.91 -71.74 -85.18
C VAL GB 115 -2.68 -72.92 -85.77
N PRO GB 116 -3.18 -73.82 -84.94
CA PRO GB 116 -3.97 -74.92 -85.47
C PRO GB 116 -5.37 -74.45 -85.80
N VAL GB 117 -6.02 -75.15 -86.71
CA VAL GB 117 -7.38 -74.82 -87.06
C VAL GB 117 -8.31 -75.64 -86.18
N LEU GB 118 -9.21 -74.94 -85.50
CA LEU GB 118 -9.88 -75.46 -84.32
C LEU GB 118 -11.37 -75.62 -84.61
N ILE GB 119 -11.91 -76.76 -84.23
CA ILE GB 119 -13.25 -77.20 -84.59
C ILE GB 119 -13.98 -77.16 -83.26
N SER GB 120 -15.32 -77.25 -83.22
CA SER GB 120 -16.04 -77.60 -81.99
C SER GB 120 -17.20 -78.51 -82.40
N ILE GB 121 -17.14 -79.78 -82.02
CA ILE GB 121 -18.19 -80.77 -82.27
C ILE GB 121 -18.74 -81.27 -80.95
N SER GB 122 -20.03 -81.06 -80.73
CA SER GB 122 -20.66 -81.56 -79.50
C SER GB 122 -22.02 -82.14 -79.84
N THR GB 123 -22.05 -83.41 -80.15
CA THR GB 123 -23.30 -84.15 -80.26
C THR GB 123 -23.18 -85.48 -79.52
N LYS GB 124 -24.29 -85.93 -78.95
CA LYS GB 124 -24.19 -87.10 -78.10
C LYS GB 124 -24.89 -88.32 -78.63
N ASP GB 125 -25.69 -88.20 -79.69
CA ASP GB 125 -25.66 -89.20 -80.75
C ASP GB 125 -25.95 -88.54 -82.08
N GLU GB 126 -24.94 -88.55 -82.96
CA GLU GB 126 -25.21 -88.27 -84.37
C GLU GB 126 -24.21 -89.08 -85.23
N SER GB 127 -24.62 -89.38 -86.48
CA SER GB 127 -23.94 -90.26 -87.44
C SER GB 127 -22.65 -89.67 -88.01
N LEU GB 128 -21.87 -90.54 -88.61
CA LEU GB 128 -20.45 -90.35 -88.59
C LEU GB 128 -20.04 -89.45 -89.77
N ALA GB 129 -20.73 -89.60 -90.89
CA ALA GB 129 -20.44 -88.88 -92.12
C ALA GB 129 -20.84 -87.41 -92.04
N GLU GB 130 -21.94 -87.16 -91.40
CA GLU GB 130 -22.29 -85.85 -90.89
C GLU GB 130 -21.40 -85.24 -89.82
N ILE GB 131 -20.76 -86.07 -88.97
CA ILE GB 131 -19.66 -85.50 -88.20
C ILE GB 131 -18.53 -85.06 -89.14
N LEU GB 132 -18.23 -85.81 -90.21
CA LEU GB 132 -17.31 -85.29 -91.24
C LEU GB 132 -17.82 -84.07 -92.02
N ARG GB 133 -19.13 -83.94 -92.13
CA ARG GB 133 -19.71 -82.79 -92.81
C ARG GB 133 -19.55 -81.50 -91.99
N ASP GB 134 -19.80 -81.52 -90.68
CA ASP GB 134 -19.59 -80.26 -89.95
C ASP GB 134 -18.14 -80.00 -89.53
N ILE GB 135 -17.26 -80.99 -89.52
CA ILE GB 135 -15.82 -80.65 -89.50
C ILE GB 135 -15.33 -80.04 -90.79
N ASP GB 136 -15.86 -80.48 -91.95
CA ASP GB 136 -15.54 -79.80 -93.20
C ASP GB 136 -16.07 -78.37 -93.21
N TYR GB 137 -17.24 -78.17 -92.62
CA TYR GB 137 -17.83 -76.84 -92.55
C TYR GB 137 -17.12 -75.94 -91.55
N GLN GB 138 -16.78 -76.42 -90.37
CA GLN GB 138 -16.09 -75.56 -89.42
C GLN GB 138 -14.62 -75.39 -89.74
N ALA GB 139 -14.07 -76.28 -90.57
CA ALA GB 139 -12.82 -75.96 -91.25
C ALA GB 139 -13.01 -74.79 -92.18
N GLY GB 140 -14.03 -74.87 -93.04
CA GLY GB 140 -14.28 -73.81 -93.98
C GLY GB 140 -13.25 -73.79 -95.09
N LYS GB 141 -12.42 -72.75 -95.13
CA LYS GB 141 -11.43 -72.62 -96.16
C LYS GB 141 -10.00 -72.72 -95.65
N LYS GB 142 -9.81 -72.91 -94.34
CA LYS GB 142 -8.46 -73.16 -93.86
C LYS GB 142 -8.03 -74.58 -94.17
N ALA GB 143 -8.99 -75.49 -94.28
CA ALA GB 143 -8.76 -76.89 -94.58
C ALA GB 143 -10.06 -77.43 -95.15
N SER GB 144 -10.01 -78.63 -95.72
CA SER GB 144 -11.23 -79.33 -96.13
C SER GB 144 -10.99 -80.83 -96.15
N ILE GB 145 -12.11 -81.57 -96.27
CA ILE GB 145 -12.16 -83.01 -96.11
C ILE GB 145 -12.64 -83.62 -97.41
N HIS GB 146 -11.89 -84.56 -97.98
CA HIS GB 146 -12.48 -85.52 -98.94
C HIS GB 146 -12.59 -86.92 -98.38
N VAL GB 147 -13.64 -87.60 -98.80
CA VAL GB 147 -13.81 -89.02 -98.55
C VAL GB 147 -13.74 -89.73 -99.90
N TYR GB 148 -12.90 -90.75 -100.00
CA TYR GB 148 -12.99 -91.68 -101.11
C TYR GB 148 -13.42 -93.02 -100.54
N PRO GB 149 -14.65 -93.47 -100.83
CA PRO GB 149 -15.21 -94.60 -100.09
C PRO GB 149 -14.92 -95.97 -100.69
N ASN GB 150 -14.53 -96.04 -101.97
CA ASN GB 150 -14.15 -97.33 -102.54
C ASN GB 150 -12.81 -97.81 -102.00
N SER GB 151 -11.87 -96.88 -101.85
CA SER GB 151 -10.57 -97.13 -101.28
C SER GB 151 -10.58 -97.13 -99.76
N GLN GB 152 -11.69 -96.64 -99.17
CA GLN GB 152 -11.94 -96.47 -97.75
C GLN GB 152 -10.86 -95.61 -97.08
N VAL GB 153 -10.76 -94.39 -97.58
CA VAL GB 153 -9.83 -93.45 -96.99
C VAL GB 153 -10.55 -92.11 -96.86
N VAL GB 154 -10.40 -91.48 -95.71
CA VAL GB 154 -10.72 -90.08 -95.59
C VAL GB 154 -9.42 -89.33 -95.56
N GLU GB 155 -9.53 -88.05 -95.82
CA GLU GB 155 -8.34 -87.32 -96.17
C GLU GB 155 -8.65 -85.88 -95.82
N LEU GB 156 -7.60 -85.19 -95.42
CA LEU GB 156 -7.69 -83.78 -95.07
C LEU GB 156 -6.61 -82.97 -95.80
N ARG GB 157 -7.04 -82.03 -96.66
CA ARG GB 157 -6.10 -81.06 -97.25
C ARG GB 157 -6.12 -79.72 -96.58
N TYR GB 158 -5.01 -79.05 -96.78
CA TYR GB 158 -4.81 -77.69 -96.37
C TYR GB 158 -4.83 -76.77 -97.57
N ALA GB 159 -4.42 -75.52 -97.33
CA ALA GB 159 -4.20 -74.58 -98.40
C ALA GB 159 -2.92 -73.79 -98.15
N ILE HB 272 -5.11 -55.44 -75.73
CA ILE HB 272 -5.63 -56.78 -75.57
C ILE HB 272 -6.73 -56.80 -74.51
N PRO HB 273 -7.91 -57.30 -74.89
CA PRO HB 273 -9.02 -57.38 -73.97
C PRO HB 273 -8.85 -58.49 -72.97
N PRO HB 274 -9.55 -58.44 -71.84
CA PRO HB 274 -9.66 -59.62 -70.99
C PRO HB 274 -10.50 -60.69 -71.67
N SER HB 275 -10.31 -61.92 -71.20
CA SER HB 275 -10.82 -63.11 -71.88
C SER HB 275 -12.32 -63.27 -71.70
N ALA HB 276 -12.72 -63.45 -70.47
CA ALA HB 276 -14.08 -63.35 -69.97
C ALA HB 276 -13.89 -62.90 -68.54
N ASN HB 277 -14.87 -63.13 -67.70
CA ASN HB 277 -14.52 -63.20 -66.31
C ASN HB 277 -14.48 -64.69 -66.03
N ASP HB 278 -13.50 -65.13 -65.26
CA ASP HB 278 -13.40 -66.50 -64.81
C ASP HB 278 -14.38 -66.86 -63.71
N LEU HB 279 -15.09 -65.88 -63.17
CA LEU HB 279 -16.09 -66.14 -62.16
C LEU HB 279 -17.40 -66.54 -62.80
N LEU HB 280 -17.50 -66.37 -64.12
CA LEU HB 280 -18.58 -66.95 -64.91
C LEU HB 280 -18.54 -68.46 -64.94
N LEU HB 281 -17.38 -69.07 -64.73
CA LEU HB 281 -17.29 -70.50 -64.50
C LEU HB 281 -17.99 -70.91 -63.23
N HIS HB 282 -17.90 -70.10 -62.18
CA HIS HB 282 -18.60 -70.39 -60.94
C HIS HB 282 -20.10 -70.17 -61.09
N VAL HB 283 -20.50 -69.11 -61.78
CA VAL HB 283 -21.95 -68.91 -61.89
C VAL HB 283 -22.51 -69.62 -63.11
N LEU HB 284 -21.68 -70.37 -63.82
CA LEU HB 284 -22.18 -71.38 -64.73
C LEU HB 284 -22.57 -72.64 -63.99
N GLU HB 285 -21.95 -72.87 -62.84
CA GLU HB 285 -22.48 -73.76 -61.85
C GLU HB 285 -23.50 -72.97 -61.03
N GLY HB 286 -24.13 -73.59 -60.06
CA GLY HB 286 -25.05 -72.79 -59.30
C GLY HB 286 -24.44 -71.94 -58.21
N VAL HB 287 -23.14 -72.05 -57.98
CA VAL HB 287 -22.50 -71.51 -56.79
C VAL HB 287 -22.34 -70.00 -56.97
N PRO HB 288 -22.64 -69.20 -55.94
CA PRO HB 288 -22.45 -67.77 -56.03
C PRO HB 288 -20.98 -67.40 -56.05
N PRO HB 289 -20.64 -66.19 -56.49
CA PRO HB 289 -19.28 -65.70 -56.34
C PRO HB 289 -18.92 -65.47 -54.89
N PRO HB 290 -17.64 -65.55 -54.52
CA PRO HB 290 -17.25 -65.30 -53.13
C PRO HB 290 -17.40 -63.82 -52.77
N GLY HB 291 -18.08 -63.56 -51.67
CA GLY HB 291 -18.37 -62.22 -51.23
C GLY HB 291 -19.43 -61.57 -52.10
N SER HB 292 -20.65 -62.09 -52.07
CA SER HB 292 -21.70 -61.61 -52.95
C SER HB 292 -22.89 -61.11 -52.16
N ARG HB 293 -23.92 -60.72 -52.89
CA ARG HB 293 -25.24 -60.52 -52.31
C ARG HB 293 -26.23 -61.24 -53.21
N ARG HB 294 -27.15 -61.96 -52.59
CA ARG HB 294 -28.14 -62.72 -53.33
C ARG HB 294 -29.15 -61.74 -53.89
N LEU HB 295 -29.62 -62.01 -55.09
CA LEU HB 295 -30.76 -61.28 -55.62
C LEU HB 295 -31.87 -62.26 -55.90
N VAL HB 296 -33.06 -61.96 -55.40
CA VAL HB 296 -34.20 -62.81 -55.66
C VAL HB 296 -34.71 -62.48 -57.05
N VAL HB 297 -35.12 -63.51 -57.78
CA VAL HB 297 -35.54 -63.40 -59.16
C VAL HB 297 -36.97 -63.90 -59.20
N SER HB 298 -37.87 -63.10 -59.75
CA SER HB 298 -39.26 -63.51 -59.86
C SER HB 298 -39.61 -63.75 -61.30
N GLY HB 299 -40.57 -64.63 -61.54
CA GLY HB 299 -41.14 -64.81 -62.85
C GLY HB 299 -40.28 -65.55 -63.86
N GLY HB 300 -39.33 -66.34 -63.42
CA GLY HB 300 -38.56 -67.15 -64.36
C GLY HB 300 -37.50 -67.93 -63.62
N ASP HB 301 -37.03 -68.98 -64.28
CA ASP HB 301 -35.98 -69.82 -63.70
C ASP HB 301 -34.64 -69.16 -63.94
N ALA HB 302 -34.24 -68.30 -63.02
CA ALA HB 302 -32.90 -67.76 -63.04
C ALA HB 302 -32.47 -67.48 -61.61
N ARG HB 303 -31.16 -67.46 -61.40
CA ARG HB 303 -30.57 -67.09 -60.14
C ARG HB 303 -29.61 -65.93 -60.40
N ALA HB 304 -29.61 -64.95 -59.53
CA ALA HB 304 -28.79 -63.78 -59.75
C ALA HB 304 -28.04 -63.41 -58.49
N TRP HB 305 -26.78 -63.08 -58.64
CA TRP HB 305 -25.97 -62.62 -57.52
C TRP HB 305 -25.31 -61.31 -57.92
N LEU HB 306 -24.96 -60.51 -56.93
CA LEU HB 306 -24.33 -59.22 -57.20
C LEU HB 306 -22.99 -59.20 -56.49
N SER HB 307 -21.90 -59.17 -57.24
CA SER HB 307 -20.60 -59.26 -56.62
C SER HB 307 -20.07 -57.89 -56.27
N ASN HB 308 -19.84 -57.06 -57.29
CA ASN HB 308 -19.34 -55.70 -57.09
C ASN HB 308 -19.86 -54.80 -58.22
N GLU HB 309 -21.05 -54.22 -57.98
CA GLU HB 309 -21.86 -53.41 -58.90
C GLU HB 309 -22.12 -54.07 -60.26
N LYS HB 310 -22.16 -55.40 -60.30
CA LYS HB 310 -22.39 -56.19 -61.48
C LYS HB 310 -23.18 -57.40 -61.01
N MET HB 311 -24.23 -57.75 -61.73
CA MET HB 311 -24.92 -58.97 -61.36
C MET HB 311 -24.57 -60.06 -62.35
N TYR HB 312 -24.72 -61.28 -61.88
CA TYR HB 312 -24.40 -62.48 -62.62
C TYR HB 312 -25.63 -63.36 -62.54
N VAL HB 313 -26.07 -63.85 -63.68
CA VAL HB 313 -27.32 -64.58 -63.79
C VAL HB 313 -27.01 -65.95 -64.35
N ARG HB 314 -27.36 -66.97 -63.59
CA ARG HB 314 -27.47 -68.34 -64.06
C ARG HB 314 -28.87 -68.54 -64.56
N THR HB 315 -29.01 -68.85 -65.84
CA THR HB 315 -30.32 -69.17 -66.39
C THR HB 315 -30.13 -70.17 -67.49
N ASN HB 316 -31.24 -70.62 -68.05
CA ASN HB 316 -31.21 -71.24 -69.36
C ASN HB 316 -32.15 -70.53 -70.32
N LEU HB 317 -32.67 -69.39 -69.90
CA LEU HB 317 -33.47 -68.54 -70.76
C LEU HB 317 -32.55 -67.65 -71.57
N THR HB 318 -33.10 -66.86 -72.47
CA THR HB 318 -32.24 -65.99 -73.25
C THR HB 318 -32.52 -64.53 -72.95
N ILE HB 319 -31.59 -63.86 -72.29
CA ILE HB 319 -31.79 -62.46 -71.93
C ILE HB 319 -31.62 -61.58 -73.16
N LEU HB 320 -32.62 -60.73 -73.40
CA LEU HB 320 -32.81 -59.96 -74.61
C LEU HB 320 -32.60 -58.46 -74.45
N SER HB 321 -33.30 -57.81 -73.50
CA SER HB 321 -33.22 -56.36 -73.56
C SER HB 321 -31.98 -55.69 -72.95
N PRO HB 322 -31.59 -55.85 -71.68
CA PRO HB 322 -30.71 -54.84 -71.10
C PRO HB 322 -29.23 -55.03 -71.40
N GLY HB 323 -28.84 -56.13 -72.05
CA GLY HB 323 -27.49 -56.24 -72.56
C GLY HB 323 -26.50 -56.71 -71.52
N TRP HB 324 -25.67 -57.67 -71.88
CA TRP HB 324 -24.76 -58.23 -70.91
C TRP HB 324 -23.34 -58.02 -71.35
N LEU HB 325 -22.44 -58.06 -70.38
CA LEU HB 325 -21.04 -57.83 -70.69
C LEU HB 325 -20.29 -59.11 -70.98
N ALA HB 326 -20.67 -60.21 -70.37
CA ALA HB 326 -19.95 -61.46 -70.62
C ALA HB 326 -20.91 -62.62 -70.53
N SER HB 327 -20.60 -63.69 -71.22
CA SER HB 327 -21.45 -64.87 -71.21
C SER HB 327 -20.65 -66.14 -71.38
N MET HB 328 -21.09 -67.17 -70.68
CA MET HB 328 -20.67 -68.54 -70.91
C MET HB 328 -21.88 -69.43 -70.97
N THR HB 329 -21.66 -70.67 -71.39
CA THR HB 329 -22.73 -71.66 -71.49
C THR HB 329 -22.13 -73.00 -71.17
N SER HB 330 -22.80 -73.78 -70.33
CA SER HB 330 -22.34 -75.11 -69.96
C SER HB 330 -22.69 -76.15 -71.01
N ALA HB 331 -22.56 -77.41 -70.62
CA ALA HB 331 -22.82 -78.51 -71.55
C ALA HB 331 -24.30 -78.66 -71.83
N ASP HB 332 -25.14 -78.35 -70.85
CA ASP HB 332 -26.57 -78.58 -70.94
C ASP HB 332 -27.38 -77.33 -71.30
N GLY HB 333 -26.73 -76.33 -71.88
CA GLY HB 333 -27.44 -75.14 -72.30
C GLY HB 333 -27.75 -74.15 -71.21
N THR HB 334 -27.22 -74.35 -70.01
CA THR HB 334 -27.28 -73.33 -68.99
C THR HB 334 -26.32 -72.22 -69.36
N HIS HB 335 -26.76 -70.99 -69.31
CA HIS HB 335 -25.89 -69.85 -69.55
C HIS HB 335 -25.63 -69.09 -68.26
N ALA HB 336 -24.50 -68.37 -68.26
CA ALA HB 336 -24.10 -67.52 -67.17
C ALA HB 336 -23.69 -66.18 -67.73
N TYR HB 337 -24.34 -65.13 -67.26
CA TYR HB 337 -24.19 -63.77 -67.77
C TYR HB 337 -23.69 -62.79 -66.72
N GLU HB 338 -22.67 -62.04 -67.10
CA GLU HB 338 -22.22 -60.86 -66.39
C GLU HB 338 -22.84 -59.63 -67.02
N MET HB 339 -23.50 -58.80 -66.22
CA MET HB 339 -24.14 -57.62 -66.73
C MET HB 339 -24.23 -56.58 -65.61
N GLN HB 340 -24.54 -55.35 -65.99
CA GLN HB 340 -24.75 -54.33 -64.97
C GLN HB 340 -26.10 -54.53 -64.31
N LYS HB 341 -26.28 -53.89 -63.15
CA LYS HB 341 -27.50 -54.10 -62.37
C LYS HB 341 -28.65 -53.33 -62.99
N SER HB 342 -29.59 -54.06 -63.52
CA SER HB 342 -30.86 -53.64 -64.06
C SER HB 342 -31.97 -54.36 -63.33
N PRO HB 343 -33.01 -53.66 -62.88
CA PRO HB 343 -34.00 -54.29 -62.00
C PRO HB 343 -34.97 -55.19 -62.72
N VAL HB 344 -34.98 -55.18 -64.05
CA VAL HB 344 -35.81 -56.06 -64.81
C VAL HB 344 -34.92 -56.71 -65.86
N LEU HB 345 -35.20 -57.97 -66.14
CA LEU HB 345 -34.55 -58.73 -67.18
C LEU HB 345 -35.65 -59.10 -68.14
N LEU HB 346 -35.36 -59.04 -69.42
CA LEU HB 346 -36.31 -59.48 -70.43
C LEU HB 346 -35.71 -60.73 -71.03
N VAL HB 347 -36.46 -61.83 -71.08
CA VAL HB 347 -35.89 -63.02 -71.70
C VAL HB 347 -36.84 -63.46 -72.78
N SER HB 348 -36.35 -64.36 -73.61
CA SER HB 348 -37.18 -65.28 -74.36
C SER HB 348 -37.17 -66.60 -73.62
N TRP HB 349 -38.36 -67.17 -73.47
CA TRP HB 349 -38.51 -68.48 -72.85
C TRP HB 349 -38.52 -69.57 -73.91
N HIS HB 350 -39.57 -69.58 -74.72
CA HIS HB 350 -39.64 -70.46 -75.87
C HIS HB 350 -40.25 -69.70 -77.03
N GLY HB 351 -39.69 -68.55 -77.33
CA GLY HB 351 -40.27 -67.64 -78.28
C GLY HB 351 -41.18 -66.61 -77.65
N LYS HB 352 -41.66 -66.86 -76.44
CA LYS HB 352 -42.38 -65.86 -75.69
C LYS HB 352 -41.43 -64.86 -75.06
N VAL HB 353 -41.69 -63.59 -75.28
CA VAL HB 353 -41.03 -62.52 -74.57
C VAL HB 353 -41.59 -62.48 -73.16
N MET HB 354 -40.71 -62.47 -72.18
CA MET HB 354 -40.95 -62.78 -70.80
C MET HB 354 -40.21 -61.77 -69.94
N GLN HB 355 -40.72 -61.50 -68.76
CA GLN HB 355 -40.06 -60.55 -67.87
C GLN HB 355 -39.71 -61.22 -66.55
N LEU HB 356 -38.54 -60.85 -66.05
CA LEU HB 356 -37.99 -61.33 -64.80
C LEU HB 356 -37.62 -60.12 -64.00
N LYS HB 357 -37.80 -60.19 -62.70
CA LYS HB 357 -37.76 -59.01 -61.86
C LYS HB 357 -36.82 -59.27 -60.69
N VAL HB 358 -35.84 -58.40 -60.49
CA VAL HB 358 -34.82 -58.64 -59.47
C VAL HB 358 -34.81 -57.50 -58.47
N GLU HB 359 -34.65 -57.87 -57.20
CA GLU HB 359 -34.66 -56.93 -56.09
C GLU HB 359 -33.26 -56.85 -55.51
N GLY HB 360 -32.67 -55.67 -55.55
CA GLY HB 360 -31.30 -55.44 -55.14
C GLY HB 360 -30.49 -54.68 -56.15
N LEU IB 41 -46.94 -57.74 -56.91
CA LEU IB 41 -46.73 -59.13 -56.52
C LEU IB 41 -46.75 -60.05 -57.74
N PRO IB 42 -46.02 -61.16 -57.68
CA PRO IB 42 -46.20 -62.21 -58.69
C PRO IB 42 -47.57 -62.87 -58.58
N CYS IB 43 -48.04 -63.37 -59.70
CA CYS IB 43 -49.39 -63.91 -59.81
C CYS IB 43 -49.42 -65.37 -59.40
N ARG IB 44 -50.47 -65.75 -58.67
CA ARG IB 44 -50.64 -67.15 -58.28
C ARG IB 44 -51.22 -67.95 -59.43
N VAL IB 45 -52.43 -67.60 -59.88
CA VAL IB 45 -53.03 -68.24 -61.04
C VAL IB 45 -52.65 -67.46 -62.28
N ASP IB 46 -52.46 -68.15 -63.38
CA ASP IB 46 -52.15 -67.49 -64.65
C ASP IB 46 -53.37 -67.29 -65.54
N GLY IB 47 -54.43 -66.69 -64.99
CA GLY IB 47 -55.66 -66.52 -65.73
C GLY IB 47 -56.44 -67.79 -65.93
N ALA IB 48 -56.27 -68.78 -65.07
CA ALA IB 48 -56.86 -70.09 -65.24
C ALA IB 48 -57.00 -70.76 -63.89
N CYS IB 49 -57.94 -71.69 -63.76
CA CYS IB 49 -58.06 -72.48 -62.55
C CYS IB 49 -58.30 -73.94 -62.92
N ASP IB 50 -57.82 -74.84 -62.06
CA ASP IB 50 -57.86 -76.26 -62.34
C ASP IB 50 -59.26 -76.83 -62.26
N ALA IB 51 -60.11 -76.20 -61.42
CA ALA IB 51 -61.53 -76.54 -61.37
C ALA IB 51 -62.22 -76.20 -62.68
N THR IB 52 -61.84 -75.09 -63.31
CA THR IB 52 -62.42 -74.76 -64.61
C THR IB 52 -61.86 -75.64 -65.71
N ILE IB 53 -60.60 -76.09 -65.58
CA ILE IB 53 -60.02 -77.05 -66.54
C ILE IB 53 -60.79 -78.36 -66.54
N ILE IB 54 -61.06 -78.90 -65.36
CA ILE IB 54 -61.79 -80.16 -65.36
C ILE IB 54 -63.27 -79.94 -65.59
N LYS IB 55 -63.79 -78.73 -65.36
CA LYS IB 55 -65.18 -78.45 -65.69
C LYS IB 55 -65.41 -78.40 -67.18
N MET IB 56 -64.51 -77.73 -67.92
CA MET IB 56 -64.56 -77.79 -69.38
C MET IB 56 -64.24 -79.17 -69.90
N MET IB 57 -63.43 -79.95 -69.18
CA MET IB 57 -63.03 -81.25 -69.68
C MET IB 57 -64.16 -82.27 -69.56
N THR IB 58 -64.90 -82.25 -68.44
CA THR IB 58 -66.17 -82.98 -68.35
C THR IB 58 -67.21 -82.49 -69.32
N ASP IB 59 -67.33 -81.17 -69.55
CA ASP IB 59 -68.38 -80.69 -70.46
C ASP IB 59 -68.07 -81.02 -71.91
N LEU IB 60 -66.80 -81.02 -72.30
CA LEU IB 60 -66.44 -81.41 -73.65
C LEU IB 60 -66.60 -82.92 -73.86
N ASN IB 61 -66.31 -83.72 -72.83
CA ASN IB 61 -66.57 -85.14 -72.95
C ASN IB 61 -68.06 -85.47 -72.90
N LYS IB 62 -68.88 -84.62 -72.26
CA LYS IB 62 -70.32 -84.83 -72.32
C LYS IB 62 -70.88 -84.45 -73.68
N LYS IB 63 -70.37 -83.38 -74.30
CA LYS IB 63 -70.79 -83.10 -75.67
C LYS IB 63 -70.03 -83.90 -76.72
N GLY IB 64 -69.20 -84.85 -76.34
CA GLY IB 64 -68.72 -85.83 -77.27
C GLY IB 64 -67.41 -85.47 -77.91
N ILE IB 65 -66.83 -84.37 -77.49
CA ILE IB 65 -65.50 -83.99 -77.95
C ILE IB 65 -64.52 -84.61 -76.97
N LYS IB 66 -63.78 -85.61 -77.42
CA LYS IB 66 -63.20 -86.48 -76.41
C LYS IB 66 -61.83 -85.92 -76.05
N VAL IB 67 -61.62 -85.62 -74.77
CA VAL IB 67 -60.36 -85.08 -74.29
C VAL IB 67 -59.54 -86.21 -73.69
N ALA IB 68 -58.48 -86.59 -74.38
CA ALA IB 68 -57.46 -87.48 -73.84
C ALA IB 68 -56.36 -86.66 -73.18
N SER IB 69 -55.85 -87.20 -72.08
CA SER IB 69 -54.95 -86.46 -71.20
C SER IB 69 -53.83 -87.39 -70.78
N VAL IB 70 -52.77 -87.44 -71.56
CA VAL IB 70 -51.71 -88.43 -71.39
C VAL IB 70 -50.43 -87.66 -71.07
N GLY IB 71 -49.97 -87.73 -69.83
CA GLY IB 71 -48.74 -87.07 -69.45
C GLY IB 71 -48.88 -85.57 -69.35
N GLN IB 72 -48.30 -84.84 -70.29
CA GLN IB 72 -48.81 -83.53 -70.60
C GLN IB 72 -49.24 -83.40 -72.03
N ASN IB 73 -49.22 -84.47 -72.81
CA ASN IB 73 -49.82 -84.43 -74.12
C ASN IB 73 -51.33 -84.42 -73.97
N TYR IB 74 -51.93 -83.36 -74.45
CA TYR IB 74 -53.37 -83.21 -74.45
C TYR IB 74 -53.86 -83.39 -75.88
N LEU IB 75 -54.94 -84.13 -75.98
CA LEU IB 75 -55.62 -84.39 -77.24
C LEU IB 75 -57.07 -84.00 -77.03
N ILE IB 76 -57.60 -83.15 -77.88
CA ILE IB 76 -59.05 -83.06 -78.00
C ILE IB 76 -59.40 -83.49 -79.42
N SER IB 77 -60.33 -84.42 -79.49
CA SER IB 77 -60.70 -85.06 -80.75
C SER IB 77 -62.11 -84.63 -81.05
N ILE IB 78 -62.31 -84.07 -82.24
CA ILE IB 78 -63.57 -83.46 -82.65
C ILE IB 78 -64.06 -84.20 -83.88
N PRO IB 79 -65.25 -84.79 -83.84
CA PRO IB 79 -65.82 -85.34 -85.07
C PRO IB 79 -66.19 -84.23 -86.04
N ALA IB 80 -65.98 -84.51 -87.33
CA ALA IB 80 -66.20 -83.52 -88.37
C ALA IB 80 -67.68 -83.28 -88.65
N SER IB 81 -68.56 -84.17 -88.19
CA SER IB 81 -69.99 -83.86 -88.11
C SER IB 81 -70.25 -82.72 -87.16
N ALA IB 82 -69.54 -82.70 -86.04
CA ALA IB 82 -69.81 -81.70 -85.01
C ALA IB 82 -69.27 -80.33 -85.38
N LEU IB 83 -68.42 -80.21 -86.39
CA LEU IB 83 -68.09 -78.87 -86.87
C LEU IB 83 -68.65 -78.59 -88.26
N PHE IB 84 -68.27 -79.35 -89.28
CA PHE IB 84 -68.44 -78.78 -90.59
C PHE IB 84 -69.71 -79.32 -91.24
N ALA IB 85 -69.90 -78.95 -92.50
CA ALA IB 85 -70.80 -79.65 -93.38
C ALA IB 85 -70.04 -80.79 -94.05
N ASP IB 86 -70.75 -81.69 -94.73
CA ASP IB 86 -70.15 -82.93 -95.20
C ASP IB 86 -69.34 -82.70 -96.47
N GLN IB 87 -68.08 -83.19 -96.43
CA GLN IB 87 -67.08 -83.12 -97.50
C GLN IB 87 -66.78 -81.69 -97.96
N SER IB 88 -66.83 -80.76 -97.02
CA SER IB 88 -66.72 -79.35 -97.31
C SER IB 88 -65.64 -78.80 -96.40
N PRO IB 89 -64.91 -77.81 -96.83
CA PRO IB 89 -64.09 -77.02 -95.93
C PRO IB 89 -64.79 -75.78 -95.38
N ARG IB 90 -65.99 -75.95 -94.85
CA ARG IB 90 -66.78 -74.80 -94.42
C ARG IB 90 -67.42 -75.05 -93.07
N LEU IB 91 -67.21 -74.14 -92.13
CA LEU IB 91 -67.89 -74.22 -90.84
C LEU IB 91 -69.38 -73.97 -90.93
N ASN IB 92 -70.11 -74.66 -90.08
CA ASN IB 92 -71.45 -74.25 -89.73
C ASN IB 92 -71.38 -73.12 -88.71
N TRP IB 93 -72.43 -72.32 -88.67
CA TRP IB 93 -72.44 -71.16 -87.80
C TRP IB 93 -72.59 -71.54 -86.33
N ALA IB 94 -73.27 -72.63 -86.02
CA ALA IB 94 -73.47 -73.01 -84.64
C ALA IB 94 -72.22 -73.64 -84.04
N SER IB 95 -71.33 -74.15 -84.88
CA SER IB 95 -70.14 -74.87 -84.43
C SER IB 95 -69.03 -73.97 -83.92
N TYR IB 96 -69.17 -72.65 -84.07
CA TYR IB 96 -68.22 -71.76 -83.42
C TYR IB 96 -68.45 -71.68 -81.93
N SER IB 97 -69.63 -72.05 -81.43
CA SER IB 97 -69.80 -72.23 -80.01
C SER IB 97 -69.02 -73.43 -79.50
N LEU IB 98 -68.94 -74.48 -80.31
CA LEU IB 98 -68.10 -75.62 -79.94
C LEU IB 98 -66.64 -75.24 -79.95
N LEU IB 99 -66.26 -74.43 -80.93
CA LEU IB 99 -64.94 -73.80 -80.93
C LEU IB 99 -64.76 -72.77 -79.81
N ASN IB 100 -65.83 -72.27 -79.21
CA ASN IB 100 -65.67 -71.35 -78.08
C ASN IB 100 -65.21 -72.04 -76.84
N GLU IB 101 -65.85 -73.16 -76.43
CA GLU IB 101 -65.12 -73.80 -75.30
C GLU IB 101 -63.91 -74.63 -75.72
N ILE IB 102 -63.68 -74.90 -77.01
CA ILE IB 102 -62.35 -75.37 -77.42
C ILE IB 102 -61.28 -74.30 -77.19
N ALA IB 103 -61.56 -73.06 -77.57
CA ALA IB 103 -60.59 -71.99 -77.39
C ALA IB 103 -60.50 -71.54 -75.93
N ALA IB 104 -61.60 -71.56 -75.19
CA ALA IB 104 -61.52 -71.23 -73.79
C ALA IB 104 -60.93 -72.35 -72.95
N PHE IB 105 -60.95 -73.58 -73.45
CA PHE IB 105 -60.15 -74.63 -72.86
C PHE IB 105 -58.68 -74.43 -73.17
N LEU IB 106 -58.38 -73.94 -74.37
CA LEU IB 106 -57.00 -73.70 -74.75
C LEU IB 106 -56.43 -72.40 -74.17
N LYS IB 107 -57.26 -71.56 -73.55
CA LYS IB 107 -56.76 -70.49 -72.68
C LYS IB 107 -55.96 -71.03 -71.52
N GLN IB 108 -56.36 -72.16 -70.97
CA GLN IB 108 -56.01 -72.53 -69.62
C GLN IB 108 -54.60 -73.08 -69.47
N PHE IB 109 -53.94 -73.43 -70.55
CA PHE IB 109 -52.64 -74.08 -70.46
C PHE IB 109 -51.56 -73.21 -71.05
N ARG IB 110 -50.36 -73.38 -70.53
CA ARG IB 110 -49.17 -72.80 -71.11
C ARG IB 110 -48.67 -73.77 -72.15
N LYS IB 111 -48.56 -73.32 -73.38
CA LYS IB 111 -48.33 -74.21 -74.50
C LYS IB 111 -47.42 -73.53 -75.49
N ILE IB 112 -46.71 -74.34 -76.25
CA ILE IB 112 -45.68 -73.84 -77.15
C ILE IB 112 -46.12 -74.02 -78.59
N ALA IB 113 -46.51 -75.23 -78.95
CA ALA IB 113 -46.99 -75.51 -80.28
C ALA IB 113 -48.22 -76.39 -80.16
N ILE IB 114 -49.34 -75.88 -80.62
CA ILE IB 114 -50.51 -76.68 -80.91
C ILE IB 114 -50.33 -77.21 -82.31
N THR IB 115 -50.52 -78.50 -82.53
CA THR IB 115 -50.73 -78.95 -83.89
C THR IB 115 -52.15 -79.45 -84.07
N VAL IB 116 -52.76 -79.00 -85.15
CA VAL IB 116 -54.13 -79.32 -85.50
C VAL IB 116 -54.07 -80.06 -86.81
N THR IB 117 -54.58 -81.28 -86.80
CA THR IB 117 -54.56 -82.06 -88.01
C THR IB 117 -55.89 -82.76 -88.23
N SER IB 118 -56.31 -82.76 -89.48
CA SER IB 118 -57.66 -83.19 -89.82
C SER IB 118 -57.55 -84.32 -90.83
N TYR IB 119 -58.47 -85.28 -90.75
CA TYR IB 119 -58.58 -86.32 -91.76
C TYR IB 119 -60.00 -86.86 -91.79
N SER IB 120 -60.48 -87.17 -92.98
CA SER IB 120 -61.83 -87.72 -93.09
C SER IB 120 -61.80 -89.02 -93.89
N SER IB 121 -62.97 -89.54 -94.18
CA SER IB 121 -63.09 -90.76 -94.97
C SER IB 121 -62.98 -90.42 -96.45
N LYS IB 122 -62.91 -91.47 -97.28
CA LYS IB 122 -62.66 -91.31 -98.70
C LYS IB 122 -63.90 -90.77 -99.41
N TYR IB 123 -63.72 -89.75 -100.25
CA TYR IB 123 -64.84 -89.23 -101.02
C TYR IB 123 -64.64 -89.33 -102.53
N VAL IB 124 -63.60 -88.73 -103.08
CA VAL IB 124 -63.32 -88.91 -104.50
C VAL IB 124 -61.97 -89.60 -104.64
N SER IB 125 -60.93 -88.90 -104.21
CA SER IB 125 -59.58 -89.40 -104.32
C SER IB 125 -58.83 -88.95 -103.09
N VAL IB 126 -57.62 -89.50 -102.93
CA VAL IB 126 -56.78 -89.05 -101.84
C VAL IB 126 -56.22 -87.65 -102.07
N LYS IB 127 -56.11 -87.22 -103.32
CA LYS IB 127 -55.59 -85.88 -103.62
C LYS IB 127 -56.63 -84.80 -103.29
N ARG IB 128 -57.89 -85.04 -103.69
CA ARG IB 128 -59.02 -84.20 -103.30
C ARG IB 128 -59.25 -84.25 -101.81
N GLU IB 129 -59.04 -85.42 -101.23
CA GLU IB 129 -59.18 -85.62 -99.80
C GLU IB 129 -58.14 -84.85 -98.99
N ARG IB 130 -56.90 -84.84 -99.45
CA ARG IB 130 -55.86 -84.16 -98.71
C ARG IB 130 -55.94 -82.66 -98.87
N ALA IB 131 -56.42 -82.20 -100.03
CA ALA IB 131 -56.76 -80.78 -100.19
C ALA IB 131 -57.89 -80.35 -99.28
N LEU IB 132 -58.92 -81.21 -99.13
CA LEU IB 132 -60.02 -80.97 -98.20
C LEU IB 132 -59.56 -80.89 -96.76
N THR IB 133 -58.68 -81.79 -96.35
CA THR IB 133 -58.32 -81.84 -94.94
C THR IB 133 -57.29 -80.78 -94.58
N LEU IB 134 -56.50 -80.37 -95.57
CA LEU IB 134 -55.57 -79.26 -95.37
C LEU IB 134 -56.31 -77.94 -95.23
N ALA IB 135 -57.33 -77.72 -96.09
CA ALA IB 135 -58.19 -76.54 -95.97
C ALA IB 135 -59.02 -76.56 -94.71
N ARG IB 136 -59.41 -77.76 -94.28
CA ARG IB 136 -60.20 -78.00 -93.08
C ARG IB 136 -59.45 -77.60 -91.82
N SER IB 137 -58.23 -78.10 -91.69
CA SER IB 137 -57.40 -77.78 -90.55
C SER IB 137 -56.91 -76.35 -90.58
N ARG IB 138 -56.65 -75.78 -91.77
CA ARG IB 138 -56.17 -74.40 -91.79
C ARG IB 138 -57.29 -73.42 -91.50
N VAL IB 139 -58.54 -73.79 -91.79
CA VAL IB 139 -59.68 -72.95 -91.43
C VAL IB 139 -59.90 -72.98 -89.92
N VAL IB 140 -59.77 -74.16 -89.30
CA VAL IB 140 -60.01 -74.19 -87.85
C VAL IB 140 -58.84 -73.61 -87.06
N SER IB 141 -57.62 -73.64 -87.58
CA SER IB 141 -56.55 -72.93 -86.92
C SER IB 141 -56.57 -71.43 -87.16
N GLU IB 142 -57.10 -70.98 -88.32
CA GLU IB 142 -57.36 -69.56 -88.52
C GLU IB 142 -58.37 -69.04 -87.52
N TYR IB 143 -59.41 -69.82 -87.22
CA TYR IB 143 -60.32 -69.37 -86.16
C TYR IB 143 -59.70 -69.49 -84.78
N LEU IB 144 -58.80 -70.45 -84.56
CA LEU IB 144 -58.24 -70.60 -83.22
C LEU IB 144 -57.20 -69.55 -82.87
N TRP IB 145 -56.51 -68.98 -83.87
CA TRP IB 145 -55.68 -67.82 -83.59
C TRP IB 145 -56.41 -66.51 -83.90
N SER IB 146 -57.62 -66.58 -84.48
CA SER IB 146 -58.52 -65.46 -84.26
C SER IB 146 -58.93 -65.44 -82.79
N GLN IB 147 -59.23 -66.59 -82.24
CA GLN IB 147 -59.51 -66.64 -80.83
C GLN IB 147 -58.22 -66.75 -80.03
N GLY IB 148 -58.38 -67.03 -78.75
CA GLY IB 148 -57.28 -66.91 -77.85
C GLY IB 148 -56.57 -68.21 -77.67
N VAL IB 149 -55.40 -68.32 -78.23
CA VAL IB 149 -54.45 -69.30 -77.77
C VAL IB 149 -53.22 -68.52 -77.35
N ASP IB 150 -52.49 -69.05 -76.39
CA ASP IB 150 -51.20 -68.48 -76.02
C ASP IB 150 -50.09 -69.32 -76.58
N SER IB 151 -50.42 -70.10 -77.60
CA SER IB 151 -49.44 -70.89 -78.32
C SER IB 151 -48.56 -70.00 -79.15
N ARG IB 152 -47.33 -70.47 -79.37
CA ARG IB 152 -46.41 -69.75 -80.20
C ARG IB 152 -46.45 -70.25 -81.63
N ILE IB 153 -46.68 -71.53 -81.82
CA ILE IB 153 -46.92 -72.08 -83.15
C ILE IB 153 -48.24 -72.81 -83.09
N ILE IB 154 -49.06 -72.66 -84.10
CA ILE IB 154 -50.00 -73.71 -84.45
C ILE IB 154 -49.53 -74.29 -85.77
N PHE IB 155 -49.08 -75.53 -85.74
CA PHE IB 155 -48.88 -76.29 -86.95
C PHE IB 155 -50.24 -76.83 -87.32
N THR IB 156 -50.50 -76.93 -88.60
CA THR IB 156 -51.79 -77.35 -89.10
C THR IB 156 -51.65 -78.11 -90.40
N GLN IB 157 -52.28 -79.27 -90.47
CA GLN IB 157 -52.12 -80.17 -91.61
C GLN IB 157 -53.29 -81.11 -91.72
N GLY IB 158 -53.40 -81.74 -92.88
CA GLY IB 158 -54.47 -82.69 -93.10
C GLY IB 158 -53.97 -83.92 -93.81
N LEU IB 159 -54.60 -85.07 -93.54
CA LEU IB 159 -54.18 -86.32 -94.12
C LEU IB 159 -55.34 -87.02 -94.81
N GLY IB 160 -55.00 -87.96 -95.68
CA GLY IB 160 -55.99 -88.65 -96.47
C GLY IB 160 -56.46 -89.99 -96.01
N SER IB 161 -57.07 -90.02 -94.80
CA SER IB 161 -57.46 -91.22 -94.06
C SER IB 161 -56.29 -92.16 -93.85
N ASP IB 162 -55.13 -91.56 -93.69
CA ASP IB 162 -53.93 -92.32 -93.57
C ASP IB 162 -53.75 -92.81 -92.17
N LYS IB 163 -54.54 -92.35 -91.22
CA LYS IB 163 -54.38 -92.80 -89.86
C LYS IB 163 -55.75 -93.12 -89.22
N PRO IB 164 -56.52 -94.11 -89.70
CA PRO IB 164 -57.93 -94.11 -89.26
C PRO IB 164 -58.15 -94.91 -87.98
N ILE IB 165 -58.91 -94.33 -87.04
CA ILE IB 165 -58.99 -94.92 -85.70
C ILE IB 165 -59.98 -96.07 -85.58
N THR IB 166 -60.77 -96.35 -86.61
CA THR IB 166 -61.56 -97.57 -86.64
C THR IB 166 -61.55 -98.10 -88.06
N SER IB 167 -61.82 -99.40 -88.18
CA SER IB 167 -61.91 -100.03 -89.49
C SER IB 167 -63.31 -99.94 -90.07
N TYR IB 168 -64.26 -99.37 -89.34
CA TYR IB 168 -65.63 -99.31 -89.79
C TYR IB 168 -65.85 -97.97 -90.49
N THR IB 169 -66.22 -98.03 -91.75
CA THR IB 169 -66.08 -96.97 -92.74
C THR IB 169 -67.43 -96.56 -93.31
N LEU IB 170 -68.36 -96.14 -92.42
CA LEU IB 170 -69.81 -96.05 -92.70
C LEU IB 170 -70.15 -95.09 -93.84
N GLY IB 171 -69.45 -93.97 -93.93
CA GLY IB 171 -69.91 -92.90 -94.78
C GLY IB 171 -68.92 -91.75 -94.87
N GLY IB 172 -69.45 -90.53 -94.85
CA GLY IB 172 -68.63 -89.38 -95.12
C GLY IB 172 -68.17 -88.72 -93.85
N ASP IB 173 -68.75 -87.57 -93.50
CA ASP IB 173 -68.38 -86.94 -92.24
C ASP IB 173 -69.12 -87.50 -91.03
N ARG IB 174 -70.03 -88.46 -91.21
CA ARG IB 174 -70.63 -89.08 -90.03
C ARG IB 174 -69.79 -90.24 -89.52
N SER IB 175 -68.71 -90.58 -90.23
CA SER IB 175 -67.79 -91.60 -89.75
C SER IB 175 -67.07 -91.06 -88.52
N PRO IB 176 -66.79 -91.91 -87.53
CA PRO IB 176 -65.94 -91.47 -86.41
C PRO IB 176 -64.48 -91.37 -86.79
N ASN IB 177 -64.08 -91.97 -87.92
CA ASN IB 177 -62.79 -91.65 -88.51
C ASN IB 177 -62.70 -90.22 -88.98
N ALA IB 178 -63.81 -89.61 -89.41
CA ALA IB 178 -63.79 -88.27 -89.98
C ALA IB 178 -63.72 -87.27 -88.85
N ARG IB 179 -62.54 -86.72 -88.61
CA ARG IB 179 -62.33 -85.98 -87.38
C ARG IB 179 -61.17 -85.03 -87.57
N VAL IB 180 -61.14 -84.01 -86.72
CA VAL IB 180 -59.97 -83.18 -86.55
C VAL IB 180 -59.47 -83.48 -85.15
N GLU IB 181 -58.16 -83.37 -84.96
CA GLU IB 181 -57.59 -83.54 -83.64
C GLU IB 181 -56.61 -82.42 -83.37
N ILE IB 182 -56.71 -81.91 -82.14
CA ILE IB 182 -55.93 -80.79 -81.69
C ILE IB 182 -55.07 -81.33 -80.56
N THR IB 183 -53.78 -81.49 -80.81
CA THR IB 183 -52.89 -82.07 -79.83
C THR IB 183 -51.80 -81.07 -79.51
N PHE IB 184 -51.43 -81.02 -78.24
CA PHE IB 184 -50.35 -80.16 -77.80
C PHE IB 184 -49.71 -80.78 -76.58
N ARG IB 185 -48.65 -80.15 -76.11
CA ARG IB 185 -48.04 -80.53 -74.85
C ARG IB 185 -48.06 -79.32 -73.93
N ARG IB 186 -48.60 -79.50 -72.74
CA ARG IB 186 -48.67 -78.42 -71.77
C ARG IB 186 -47.28 -78.14 -71.22
N ALA IB 187 -46.80 -76.93 -71.44
CA ALA IB 187 -45.47 -76.57 -71.00
C ALA IB 187 -45.48 -76.26 -69.51
N VAL IB 188 -44.51 -76.83 -68.80
CA VAL IB 188 -44.27 -76.86 -67.33
C VAL IB 188 -45.49 -76.89 -66.44
N ALA JB 1 -76.67 -92.46 -150.22
CA ALA JB 1 -76.66 -91.10 -150.75
C ALA JB 1 -75.30 -90.44 -150.52
N ALA JB 2 -74.24 -91.12 -150.95
CA ALA JB 2 -72.88 -90.67 -150.71
C ALA JB 2 -72.51 -89.51 -151.63
N ALA JB 3 -71.54 -88.72 -151.17
CA ALA JB 3 -70.97 -87.63 -151.96
C ALA JB 3 -69.53 -87.44 -151.50
N ALA JB 4 -68.59 -88.04 -152.24
CA ALA JB 4 -67.17 -88.04 -151.88
C ALA JB 4 -66.35 -87.59 -153.08
N ALA JB 5 -66.03 -86.29 -153.13
CA ALA JB 5 -65.27 -85.74 -154.24
C ALA JB 5 -64.50 -84.52 -153.78
N ALA JB 6 -63.44 -84.20 -154.52
CA ALA JB 6 -62.58 -83.04 -154.27
C ALA JB 6 -62.68 -82.12 -155.48
N ALA JB 7 -63.53 -81.10 -155.36
CA ALA JB 7 -63.88 -80.22 -156.46
C ALA JB 7 -64.15 -78.84 -155.87
N ALA JB 8 -64.86 -77.99 -156.61
CA ALA JB 8 -65.32 -76.71 -156.10
C ALA JB 8 -66.85 -76.69 -156.21
N ALA JB 9 -67.51 -77.26 -155.21
CA ALA JB 9 -68.97 -77.14 -155.14
C ALA JB 9 -69.36 -75.75 -154.67
N ALA JB 10 -68.84 -75.33 -153.52
CA ALA JB 10 -68.64 -73.95 -153.06
C ALA JB 10 -69.88 -73.13 -152.75
N ALA JB 11 -71.08 -73.66 -152.98
CA ALA JB 11 -72.33 -72.96 -152.63
C ALA JB 11 -73.36 -74.03 -152.31
N ALA JB 12 -73.47 -74.38 -151.03
CA ALA JB 12 -74.35 -75.45 -150.61
C ALA JB 12 -74.77 -75.20 -149.18
N ALA JB 13 -76.01 -74.76 -148.99
CA ALA JB 13 -76.67 -74.79 -147.68
C ALA JB 13 -77.45 -76.11 -147.58
N ALA JB 14 -76.68 -77.19 -147.53
CA ALA JB 14 -77.20 -78.52 -147.81
C ALA JB 14 -77.75 -79.13 -146.53
N ALA JB 15 -79.08 -79.09 -146.38
CA ALA JB 15 -79.75 -79.77 -145.29
C ALA JB 15 -80.14 -81.16 -145.79
N ALA JB 16 -79.18 -82.07 -145.72
CA ALA JB 16 -79.33 -83.41 -146.28
C ALA JB 16 -80.24 -84.27 -145.41
N ALA JB 17 -80.81 -85.31 -146.03
CA ALA JB 17 -81.69 -86.24 -145.35
C ALA JB 17 -80.87 -87.40 -144.78
N ALA JB 18 -81.55 -88.46 -144.36
CA ALA JB 18 -80.91 -89.60 -143.74
C ALA JB 18 -80.16 -90.43 -144.75
N ALA JB 19 -79.16 -91.17 -144.23
CA ALA JB 19 -78.19 -92.02 -144.97
C ALA JB 19 -77.44 -91.25 -146.05
N ALA JB 20 -77.14 -89.98 -145.79
CA ALA JB 20 -76.36 -89.17 -146.73
C ALA JB 20 -74.90 -89.23 -146.30
N ALA JB 21 -74.25 -90.34 -146.67
CA ALA JB 21 -72.90 -90.64 -146.21
C ALA JB 21 -71.87 -89.92 -147.08
N ALA JB 22 -71.82 -88.60 -146.91
CA ALA JB 22 -71.02 -87.72 -147.78
C ALA JB 22 -69.65 -87.53 -147.15
N ALA JB 23 -68.66 -88.27 -147.65
CA ALA JB 23 -67.26 -88.05 -147.31
C ALA JB 23 -66.57 -87.15 -148.34
N ALA JB 24 -67.17 -86.00 -148.63
CA ALA JB 24 -66.62 -85.05 -149.59
C ALA JB 24 -65.38 -84.35 -149.05
N ALA JB 25 -64.51 -83.95 -149.99
CA ALA JB 25 -63.35 -83.13 -149.69
C ALA JB 25 -63.28 -81.92 -150.60
N ALA JB 26 -64.42 -81.53 -151.18
CA ALA JB 26 -64.50 -80.44 -152.13
C ALA JB 26 -64.31 -79.08 -151.46
N ALA JB 27 -63.94 -78.10 -152.28
CA ALA JB 27 -63.78 -76.72 -151.81
C ALA JB 27 -65.14 -76.07 -151.60
N ALA JB 28 -65.75 -76.33 -150.45
CA ALA JB 28 -67.10 -75.86 -150.15
C ALA JB 28 -66.97 -74.56 -149.36
N ALA JB 29 -66.98 -73.44 -150.09
CA ALA JB 29 -66.79 -72.12 -149.48
C ALA JB 29 -68.04 -71.68 -148.72
N ALA JB 30 -69.14 -71.49 -149.44
CA ALA JB 30 -70.40 -71.08 -148.82
C ALA JB 30 -71.14 -72.35 -148.40
N ALA JB 31 -70.67 -72.95 -147.31
CA ALA JB 31 -71.09 -74.29 -146.90
C ALA JB 31 -71.91 -74.22 -145.62
N ALA JB 32 -72.95 -75.06 -145.56
CA ALA JB 32 -73.65 -75.38 -144.32
C ALA JB 32 -74.19 -76.81 -144.49
N ALA JB 33 -73.43 -77.78 -144.00
CA ALA JB 33 -73.73 -79.20 -144.22
C ALA JB 33 -74.49 -79.73 -143.01
N ALA JB 34 -75.81 -79.63 -143.06
CA ALA JB 34 -76.67 -80.11 -141.96
C ALA JB 34 -77.15 -81.53 -142.28
N ALA JB 35 -76.20 -82.46 -142.21
CA ALA JB 35 -76.46 -83.87 -142.51
C ALA JB 35 -77.29 -84.51 -141.39
N ALA JB 36 -78.01 -85.58 -141.74
CA ALA JB 36 -78.95 -86.18 -140.82
C ALA JB 36 -78.59 -87.59 -140.38
N ALA JB 37 -77.69 -88.27 -141.09
CA ALA JB 37 -77.14 -89.55 -140.69
C ALA JB 37 -75.82 -89.79 -141.41
N ALA JB 38 -75.01 -90.65 -140.79
CA ALA JB 38 -73.99 -91.49 -141.45
C ALA JB 38 -72.84 -90.71 -142.08
N ALA JB 39 -72.59 -89.48 -141.63
CA ALA JB 39 -71.53 -88.67 -142.21
C ALA JB 39 -70.17 -89.18 -141.73
N ALA JB 40 -69.27 -89.41 -142.68
CA ALA JB 40 -67.95 -90.00 -142.42
C ALA JB 40 -66.87 -89.21 -143.12
N ALA JB 41 -66.89 -87.89 -142.93
CA ALA JB 41 -66.12 -86.98 -143.76
C ALA JB 41 -64.71 -86.77 -143.22
N ALA JB 42 -63.72 -86.87 -144.11
CA ALA JB 42 -62.31 -86.59 -143.77
C ALA JB 42 -61.77 -85.68 -144.87
N ALA JB 43 -61.93 -84.37 -144.68
CA ALA JB 43 -61.65 -83.40 -145.72
C ALA JB 43 -60.44 -82.55 -145.36
N ALA JB 44 -60.09 -81.64 -146.26
CA ALA JB 44 -59.15 -80.54 -146.00
C ALA JB 44 -59.76 -79.33 -146.69
N ALA JB 45 -60.61 -78.61 -145.97
CA ALA JB 45 -61.48 -77.61 -146.58
C ALA JB 45 -61.23 -76.23 -145.97
N ALA JB 46 -62.04 -75.27 -146.42
CA ALA JB 46 -61.99 -73.90 -145.93
C ALA JB 46 -63.37 -73.32 -146.12
N ALA JB 47 -64.06 -73.03 -145.01
CA ALA JB 47 -65.45 -72.60 -145.05
C ALA JB 47 -65.64 -71.17 -144.62
N ALA JB 48 -65.15 -70.80 -143.43
CA ALA JB 48 -65.06 -69.47 -142.79
C ALA JB 48 -66.39 -68.84 -142.40
N ALA JB 49 -67.54 -69.46 -142.72
CA ALA JB 49 -68.82 -69.00 -142.19
C ALA JB 49 -69.75 -70.17 -141.89
N ALA JB 50 -69.20 -71.32 -141.50
CA ALA JB 50 -69.97 -72.55 -141.42
C ALA JB 50 -70.82 -72.59 -140.16
N ALA JB 51 -72.13 -72.67 -140.34
CA ALA JB 51 -73.06 -72.97 -139.26
C ALA JB 51 -73.43 -74.44 -139.38
N ALA JB 52 -72.50 -75.29 -138.99
CA ALA JB 52 -72.64 -76.72 -139.19
C ALA JB 52 -73.56 -77.35 -138.15
N ALA JB 53 -74.38 -78.29 -138.60
CA ALA JB 53 -75.20 -79.11 -137.73
C ALA JB 53 -74.94 -80.55 -138.09
N ALA JB 54 -74.89 -81.43 -137.09
CA ALA JB 54 -74.59 -82.83 -137.34
C ALA JB 54 -75.44 -83.72 -136.44
N ALA JB 55 -76.18 -84.62 -137.06
CA ALA JB 55 -76.94 -85.66 -136.39
C ALA JB 55 -76.09 -86.93 -136.29
N ALA JB 56 -76.75 -88.07 -136.07
CA ALA JB 56 -76.13 -89.31 -135.60
C ALA JB 56 -75.14 -89.91 -136.60
N ALA JB 57 -74.10 -90.55 -136.03
CA ALA JB 57 -72.98 -91.22 -136.72
C ALA JB 57 -72.24 -90.27 -137.66
N ALA JB 58 -71.81 -89.14 -137.10
CA ALA JB 58 -71.08 -88.12 -137.85
C ALA JB 58 -69.65 -88.06 -137.33
N ALA JB 59 -68.76 -88.79 -138.00
CA ALA JB 59 -67.33 -88.71 -137.74
C ALA JB 59 -66.70 -87.82 -138.79
N ALA JB 60 -65.98 -86.79 -138.35
CA ALA JB 60 -65.48 -85.78 -139.26
C ALA JB 60 -64.05 -85.40 -138.91
N ALA JB 61 -63.31 -84.97 -139.92
CA ALA JB 61 -61.93 -84.51 -139.74
C ALA JB 61 -61.68 -83.41 -140.75
N ALA JB 62 -61.76 -82.16 -140.31
CA ALA JB 62 -61.76 -81.03 -141.23
C ALA JB 62 -60.85 -79.92 -140.73
N ALA JB 63 -60.28 -79.17 -141.67
CA ALA JB 63 -59.38 -78.05 -141.37
C ALA JB 63 -60.00 -76.73 -141.81
N ALA JB 64 -61.29 -76.56 -141.56
CA ALA JB 64 -62.04 -75.40 -142.03
C ALA JB 64 -62.58 -74.61 -140.85
N ALA JB 65 -62.66 -73.29 -141.04
CA ALA JB 65 -63.19 -72.42 -140.01
C ALA JB 65 -64.71 -72.47 -140.01
N ALA JB 66 -65.30 -72.52 -138.82
CA ALA JB 66 -66.73 -72.56 -138.64
C ALA JB 66 -67.21 -71.31 -137.90
N ALA JB 67 -68.52 -71.18 -137.77
CA ALA JB 67 -69.10 -70.07 -137.03
C ALA JB 67 -70.06 -70.57 -135.98
N ALA JB 68 -70.78 -71.65 -136.29
CA ALA JB 68 -71.70 -72.24 -135.33
C ALA JB 68 -71.65 -73.76 -135.46
N ALA JB 69 -71.92 -74.43 -134.35
CA ALA JB 69 -71.90 -75.88 -134.30
C ALA JB 69 -73.11 -76.38 -133.53
N ALA JB 70 -73.79 -77.37 -134.10
CA ALA JB 70 -74.94 -77.98 -133.45
C ALA JB 70 -74.81 -79.49 -133.52
N ALA JB 71 -75.09 -80.14 -132.41
CA ALA JB 71 -75.07 -81.60 -132.33
C ALA JB 71 -76.44 -82.12 -131.90
N ALA JB 72 -76.83 -83.26 -132.45
CA ALA JB 72 -78.18 -83.77 -132.25
C ALA JB 72 -78.24 -85.09 -131.49
N ALA JB 73 -77.56 -86.15 -131.95
CA ALA JB 73 -77.63 -87.43 -131.27
C ALA JB 73 -76.29 -87.93 -130.76
N ALA JB 74 -75.32 -88.13 -131.66
CA ALA JB 74 -74.02 -88.73 -131.33
C ALA JB 74 -73.07 -88.45 -132.47
N ALA JB 75 -71.84 -88.05 -132.15
CA ALA JB 75 -70.90 -87.64 -133.17
C ALA JB 75 -69.48 -87.88 -132.68
N ALA JB 76 -68.52 -87.63 -133.58
CA ALA JB 76 -67.09 -87.59 -133.26
C ALA JB 76 -66.44 -86.67 -134.29
N ALA JB 77 -66.21 -85.43 -133.90
CA ALA JB 77 -65.62 -84.45 -134.80
C ALA JB 77 -64.15 -84.25 -134.49
N ALA JB 78 -63.42 -83.74 -135.47
CA ALA JB 78 -62.06 -83.23 -135.28
C ALA JB 78 -61.90 -82.09 -136.27
N ALA JB 79 -62.21 -80.88 -135.81
CA ALA JB 79 -62.27 -79.73 -136.68
C ALA JB 79 -61.24 -78.69 -136.25
N ALA JB 80 -60.78 -77.91 -137.23
CA ALA JB 80 -59.80 -76.85 -137.00
C ALA JB 80 -60.45 -75.51 -137.36
N ALA JB 81 -61.19 -74.93 -136.40
CA ALA JB 81 -61.89 -73.68 -136.61
C ALA JB 81 -60.99 -72.50 -136.27
N ALA JB 82 -61.42 -71.29 -136.63
CA ALA JB 82 -60.51 -70.16 -136.47
C ALA JB 82 -61.07 -68.94 -135.76
N ALA JB 83 -62.32 -68.55 -136.02
CA ALA JB 83 -62.73 -67.17 -135.77
C ALA JB 83 -63.69 -67.02 -134.60
N ALA JB 84 -64.85 -67.67 -134.67
CA ALA JB 84 -65.85 -67.56 -133.61
C ALA JB 84 -66.67 -68.84 -133.63
N ALA JB 85 -67.31 -69.13 -132.50
CA ALA JB 85 -68.08 -70.36 -132.40
C ALA JB 85 -69.27 -70.15 -131.48
N ALA JB 86 -70.46 -70.40 -132.01
CA ALA JB 86 -71.67 -70.55 -131.21
C ALA JB 86 -72.02 -72.03 -131.24
N ALA JB 87 -71.77 -72.73 -130.14
CA ALA JB 87 -71.86 -74.18 -130.13
C ALA JB 87 -72.94 -74.65 -129.17
N ALA JB 88 -73.69 -75.67 -129.59
CA ALA JB 88 -74.71 -76.29 -128.76
C ALA JB 88 -74.78 -77.76 -129.13
N ALA JB 89 -75.00 -78.60 -128.12
CA ALA JB 89 -74.95 -80.05 -128.31
C ALA JB 89 -76.17 -80.70 -127.70
N ALA JB 90 -76.33 -81.99 -128.02
CA ALA JB 90 -77.39 -82.82 -127.44
C ALA JB 90 -76.90 -84.26 -127.42
N ALA JB 91 -76.44 -84.70 -126.24
CA ALA JB 91 -76.08 -86.10 -125.90
C ALA JB 91 -74.96 -86.67 -126.76
N ALA JB 92 -74.10 -85.81 -127.29
CA ALA JB 92 -73.12 -86.22 -128.28
C ALA JB 92 -71.71 -86.06 -127.73
N ALA JB 93 -70.74 -86.31 -128.59
CA ALA JB 93 -69.33 -86.10 -128.29
C ALA JB 93 -68.70 -85.31 -129.43
N ALA JB 94 -67.76 -84.44 -129.08
CA ALA JB 94 -67.17 -83.55 -130.07
C ALA JB 94 -65.76 -83.18 -129.64
N ALA JB 95 -64.88 -83.03 -130.62
CA ALA JB 95 -63.53 -82.54 -130.37
C ALA JB 95 -63.16 -81.54 -131.46
N ALA JB 96 -62.44 -80.49 -131.05
CA ALA JB 96 -61.97 -79.48 -131.98
C ALA JB 96 -60.49 -79.21 -131.68
N ALA JB 97 -59.78 -78.73 -132.70
CA ALA JB 97 -58.32 -78.76 -132.65
C ALA JB 97 -57.67 -77.38 -132.59
N ALA JB 98 -57.94 -76.50 -133.54
CA ALA JB 98 -57.14 -75.30 -133.70
C ALA JB 98 -57.61 -74.19 -132.77
N ALA JB 99 -57.07 -72.99 -132.96
CA ALA JB 99 -57.33 -71.85 -132.08
C ALA JB 99 -58.70 -71.28 -132.41
N ALA JB 100 -59.64 -71.42 -131.48
CA ALA JB 100 -60.99 -70.91 -131.64
C ALA JB 100 -61.28 -69.86 -130.59
N ALA JB 101 -62.37 -69.13 -130.79
CA ALA JB 101 -62.84 -68.14 -129.82
C ALA JB 101 -64.31 -68.42 -129.56
N ALA JB 102 -64.58 -69.34 -128.64
CA ALA JB 102 -65.93 -69.73 -128.30
C ALA JB 102 -66.50 -68.71 -127.33
N ALA JB 103 -67.46 -67.91 -127.79
CA ALA JB 103 -68.04 -66.89 -126.93
C ALA JB 103 -69.04 -67.48 -125.95
N ALA JB 104 -69.95 -68.32 -126.43
CA ALA JB 104 -70.97 -68.91 -125.59
C ALA JB 104 -71.07 -70.40 -125.88
N ALA JB 105 -71.25 -71.19 -124.83
CA ALA JB 105 -71.49 -72.61 -124.96
C ALA JB 105 -72.55 -73.03 -123.97
N ALA JB 106 -73.67 -73.53 -124.47
CA ALA JB 106 -74.77 -73.99 -123.64
C ALA JB 106 -74.97 -75.48 -123.89
N ALA JB 107 -74.72 -76.29 -122.87
CA ALA JB 107 -74.85 -77.73 -122.99
C ALA JB 107 -75.90 -78.19 -122.00
N ALA JB 108 -77.06 -78.60 -122.51
CA ALA JB 108 -78.17 -79.02 -121.68
C ALA JB 108 -78.40 -80.53 -121.72
N ALA JB 109 -77.39 -81.30 -122.09
CA ALA JB 109 -77.53 -82.74 -122.27
C ALA JB 109 -76.19 -83.39 -121.95
N ALA JB 110 -76.00 -84.63 -122.42
CA ALA JB 110 -74.75 -85.37 -122.19
C ALA JB 110 -73.80 -85.05 -123.34
N ALA JB 111 -72.94 -84.07 -123.12
CA ALA JB 111 -72.06 -83.56 -124.16
C ALA JB 111 -70.61 -83.74 -123.72
N ALA JB 112 -69.88 -84.59 -124.42
CA ALA JB 112 -68.44 -84.73 -124.22
C ALA JB 112 -67.73 -83.80 -125.20
N ALA JB 113 -67.69 -82.52 -124.84
CA ALA JB 113 -67.13 -81.49 -125.71
C ALA JB 113 -65.70 -81.21 -125.32
N ALA JB 114 -64.81 -81.20 -126.31
CA ALA JB 114 -63.40 -80.92 -126.08
C ALA JB 114 -62.89 -79.95 -127.13
N ALA JB 115 -62.06 -79.01 -126.70
CA ALA JB 115 -61.42 -78.07 -127.60
C ALA JB 115 -59.97 -77.92 -127.18
N ALA JB 116 -59.04 -78.28 -128.08
CA ALA JB 116 -57.63 -78.26 -127.74
C ALA JB 116 -57.03 -76.87 -127.69
N ALA JB 117 -57.70 -75.87 -128.24
CA ALA JB 117 -57.25 -74.49 -128.12
C ALA JB 117 -58.47 -73.59 -128.18
N ALA JB 118 -58.69 -72.84 -127.11
CA ALA JB 118 -59.75 -71.83 -127.06
C ALA JB 118 -59.10 -70.53 -126.61
N ALA JB 119 -58.93 -69.60 -127.53
CA ALA JB 119 -58.36 -68.29 -127.24
C ALA JB 119 -59.46 -67.26 -127.44
N ALA JB 120 -60.25 -67.05 -126.40
CA ALA JB 120 -61.43 -66.20 -126.46
C ALA JB 120 -61.24 -64.99 -125.55
N ALA JB 121 -62.29 -64.19 -125.45
CA ALA JB 121 -62.29 -63.00 -124.60
C ALA JB 121 -63.27 -63.09 -123.46
N ALA JB 122 -64.44 -63.69 -123.68
CA ALA JB 122 -65.41 -63.88 -122.62
C ALA JB 122 -66.19 -65.15 -122.93
N ALA JB 123 -65.79 -66.26 -122.32
CA ALA JB 123 -66.41 -67.55 -122.57
C ALA JB 123 -67.45 -67.81 -121.50
N ALA JB 124 -68.72 -67.77 -121.88
CA ALA JB 124 -69.81 -68.07 -120.96
C ALA JB 124 -70.27 -69.50 -121.24
N ALA JB 125 -70.05 -70.39 -120.28
CA ALA JB 125 -70.42 -71.79 -120.41
C ALA JB 125 -71.51 -72.09 -119.41
N ALA JB 126 -72.70 -72.41 -119.91
CA ALA JB 126 -73.82 -72.82 -119.08
C ALA JB 126 -74.05 -74.31 -119.26
N ALA JB 127 -74.16 -75.04 -118.16
CA ALA JB 127 -74.25 -76.49 -118.21
C ALA JB 127 -75.45 -76.98 -117.41
N ALA JB 128 -76.10 -78.01 -117.93
CA ALA JB 128 -77.33 -78.52 -117.33
C ALA JB 128 -77.34 -80.05 -117.36
N ALA JB 129 -77.01 -80.62 -116.21
CA ALA JB 129 -77.34 -81.93 -115.65
C ALA JB 129 -76.64 -83.17 -116.22
N ALA JB 130 -75.93 -83.08 -117.35
CA ALA JB 130 -75.29 -84.32 -117.82
C ALA JB 130 -73.93 -84.18 -118.50
N ALA JB 131 -73.57 -82.99 -118.96
CA ALA JB 131 -72.47 -82.80 -119.90
C ALA JB 131 -71.09 -82.97 -119.25
N ALA JB 132 -70.07 -82.89 -120.10
CA ALA JB 132 -68.67 -82.97 -119.67
C ALA JB 132 -67.84 -82.16 -120.65
N ALA JB 133 -67.59 -80.89 -120.31
CA ALA JB 133 -66.82 -80.01 -121.17
C ALA JB 133 -65.37 -79.97 -120.70
N ALA JB 134 -64.44 -80.10 -121.65
CA ALA JB 134 -63.00 -80.04 -121.35
C ALA JB 134 -62.34 -79.14 -122.37
N ALA JB 135 -62.33 -77.84 -122.10
CA ALA JB 135 -61.83 -76.84 -123.03
C ALA JB 135 -60.69 -76.10 -122.34
N ALA JB 136 -59.51 -76.08 -122.96
CA ALA JB 136 -58.35 -75.54 -122.25
C ALA JB 136 -57.32 -74.97 -123.21
N ALA JB 137 -57.40 -73.66 -123.48
CA ALA JB 137 -56.14 -72.94 -123.67
C ALA JB 137 -55.99 -71.69 -122.80
N ALA JB 138 -56.76 -70.64 -123.11
CA ALA JB 138 -56.55 -69.32 -122.50
C ALA JB 138 -57.80 -68.46 -122.76
N ALA JB 139 -58.56 -68.19 -121.71
CA ALA JB 139 -59.64 -67.25 -121.84
C ALA JB 139 -59.24 -65.93 -121.19
N ALA JB 140 -60.11 -64.94 -121.25
CA ALA JB 140 -59.90 -63.69 -120.54
C ALA JB 140 -61.00 -63.36 -119.55
N ALA JB 141 -62.20 -63.89 -119.72
CA ALA JB 141 -63.26 -63.78 -118.72
C ALA JB 141 -64.13 -65.02 -118.87
N ALA JB 142 -63.97 -65.98 -117.98
CA ALA JB 142 -64.77 -67.19 -118.02
C ALA JB 142 -65.92 -67.07 -117.05
N ALA JB 143 -67.11 -67.47 -117.50
CA ALA JB 143 -68.31 -67.47 -116.67
C ALA JB 143 -68.91 -68.86 -116.76
N ALA JB 144 -68.56 -69.72 -115.82
CA ALA JB 144 -69.01 -71.11 -115.83
C ALA JB 144 -70.19 -71.23 -114.88
N ALA JB 145 -71.38 -71.17 -115.44
CA ALA JB 145 -72.60 -71.41 -114.67
C ALA JB 145 -72.97 -72.88 -114.87
N ALA JB 146 -72.55 -73.72 -113.95
CA ALA JB 146 -72.95 -75.11 -113.96
C ALA JB 146 -74.17 -75.22 -113.07
N ALA JB 147 -75.36 -75.25 -113.67
CA ALA JB 147 -76.64 -75.38 -112.97
C ALA JB 147 -77.07 -76.83 -112.89
N ALA JB 148 -76.10 -77.70 -112.66
CA ALA JB 148 -75.96 -79.00 -113.28
C ALA JB 148 -75.63 -80.07 -112.25
N ALA JB 149 -75.89 -81.32 -112.61
CA ALA JB 149 -75.28 -82.46 -111.94
C ALA JB 149 -74.12 -82.99 -112.77
N ALA JB 150 -73.35 -82.09 -113.35
CA ALA JB 150 -72.44 -82.41 -114.44
C ALA JB 150 -71.06 -81.85 -114.12
N ALA JB 151 -70.13 -82.05 -115.05
CA ALA JB 151 -68.72 -81.77 -114.83
C ALA JB 151 -68.21 -80.77 -115.87
N ALA JB 152 -67.38 -79.83 -115.43
CA ALA JB 152 -66.72 -78.86 -116.31
C ALA JB 152 -65.26 -78.85 -115.92
N ALA JB 153 -64.49 -79.73 -116.53
CA ALA JB 153 -63.06 -79.82 -116.25
C ALA JB 153 -62.31 -78.83 -117.11
N ALA JB 154 -61.27 -78.21 -116.55
CA ALA JB 154 -60.52 -77.21 -117.29
C ALA JB 154 -59.10 -77.12 -116.79
N ALA JB 155 -58.18 -76.99 -117.74
CA ALA JB 155 -56.86 -76.43 -117.51
C ALA JB 155 -56.73 -75.14 -118.29
N ALA JB 156 -57.86 -74.47 -118.50
CA ALA JB 156 -57.92 -73.21 -119.24
C ALA JB 156 -57.41 -72.09 -118.36
N ALA JB 157 -56.26 -71.52 -118.71
CA ALA JB 157 -55.66 -70.47 -117.91
C ALA JB 157 -56.39 -69.16 -118.21
N ALA JB 158 -57.51 -68.95 -117.51
CA ALA JB 158 -58.30 -67.75 -117.67
C ALA JB 158 -57.76 -66.62 -116.80
N ALA JB 159 -57.81 -65.40 -117.32
CA ALA JB 159 -57.37 -64.25 -116.56
C ALA JB 159 -58.36 -63.87 -115.47
N ALA JB 160 -59.65 -63.97 -115.75
CA ALA JB 160 -60.66 -63.80 -114.72
C ALA JB 160 -61.66 -64.94 -114.85
N ALA JB 161 -62.09 -65.47 -113.71
CA ALA JB 161 -62.98 -66.62 -113.70
C ALA JB 161 -64.13 -66.37 -112.73
N ALA JB 162 -65.33 -66.80 -113.13
CA ALA JB 162 -66.53 -66.67 -112.31
C ALA JB 162 -67.30 -67.97 -112.48
N ALA JB 163 -67.12 -68.89 -111.53
CA ALA JB 163 -67.70 -70.22 -111.62
C ALA JB 163 -68.69 -70.42 -110.48
N ALA JB 164 -69.94 -70.70 -110.84
CA ALA JB 164 -70.98 -70.99 -109.86
C ALA JB 164 -71.55 -72.37 -110.16
N ALA JB 165 -71.45 -73.26 -109.18
CA ALA JB 165 -71.95 -74.63 -109.30
C ALA JB 165 -73.16 -74.77 -108.39
N ALA JB 166 -74.25 -75.34 -108.93
CA ALA JB 166 -75.54 -75.21 -108.25
C ALA JB 166 -76.02 -76.46 -107.53
N ALA JB 167 -75.91 -77.67 -108.09
CA ALA JB 167 -76.44 -78.86 -107.41
C ALA JB 167 -75.64 -80.10 -107.79
N ALA JB 168 -74.60 -80.40 -106.99
CA ALA JB 168 -73.66 -81.53 -107.17
C ALA JB 168 -73.01 -81.55 -108.55
N ALA JB 169 -72.57 -80.38 -109.00
CA ALA JB 169 -71.69 -80.27 -110.15
C ALA JB 169 -70.24 -80.46 -109.71
N ALA JB 170 -69.33 -80.47 -110.68
CA ALA JB 170 -67.91 -80.58 -110.38
C ALA JB 170 -67.14 -79.80 -111.43
N ALA JB 171 -66.51 -78.70 -111.01
CA ALA JB 171 -65.83 -77.80 -111.93
C ALA JB 171 -64.37 -77.67 -111.55
N ALA JB 172 -63.49 -77.86 -112.51
CA ALA JB 172 -62.06 -77.73 -112.29
C ALA JB 172 -61.58 -76.49 -113.04
N ALA JB 173 -61.23 -75.45 -112.28
CA ALA JB 173 -60.88 -74.16 -112.84
C ALA JB 173 -59.41 -73.85 -112.63
N ALA JB 174 -58.93 -72.83 -113.34
CA ALA JB 174 -57.56 -72.35 -113.19
C ALA JB 174 -57.56 -70.87 -113.55
N ALA JB 175 -57.38 -70.01 -112.55
CA ALA JB 175 -57.49 -68.58 -112.73
C ALA JB 175 -56.12 -67.92 -112.62
N ALA JB 176 -55.83 -67.02 -113.56
CA ALA JB 176 -54.55 -66.33 -113.52
C ALA JB 176 -54.59 -65.15 -112.55
N ALA JB 177 -55.46 -64.19 -112.81
CA ALA JB 177 -55.49 -62.98 -112.00
C ALA JB 177 -56.68 -62.89 -111.06
N ALA JB 178 -57.83 -63.40 -111.46
CA ALA JB 178 -59.06 -63.19 -110.69
C ALA JB 178 -59.79 -64.51 -110.58
N ALA JB 179 -60.03 -64.97 -109.35
CA ALA JB 179 -60.80 -66.18 -109.11
C ALA JB 179 -62.07 -65.82 -108.37
N ALA JB 180 -63.20 -66.25 -108.92
CA ALA JB 180 -64.51 -65.97 -108.34
C ALA JB 180 -65.27 -67.28 -108.30
N ALA JB 181 -65.63 -67.74 -107.10
CA ALA JB 181 -66.23 -69.05 -107.00
C ALA JB 181 -67.42 -69.02 -106.06
N ALA JB 182 -68.52 -69.61 -106.48
CA ALA JB 182 -69.63 -69.90 -105.59
C ALA JB 182 -70.04 -71.35 -105.80
N ALA JB 183 -70.18 -72.08 -104.71
CA ALA JB 183 -70.54 -73.48 -104.80
C ALA JB 183 -71.79 -73.73 -103.97
N ALA JB 184 -72.60 -74.68 -104.40
CA ALA JB 184 -73.78 -75.11 -103.65
C ALA JB 184 -73.94 -76.61 -103.82
N ALA JB 185 -73.70 -77.35 -102.72
CA ALA JB 185 -73.76 -78.83 -102.62
C ALA JB 185 -72.85 -79.55 -103.61
N ALA JB 186 -71.74 -78.92 -104.01
CA ALA JB 186 -71.01 -79.30 -105.20
C ALA JB 186 -69.52 -79.16 -104.93
N ALA JB 187 -68.72 -79.23 -105.99
CA ALA JB 187 -67.27 -79.17 -105.86
C ALA JB 187 -66.69 -78.22 -106.88
N ALA JB 188 -65.81 -77.33 -106.44
CA ALA JB 188 -65.05 -76.45 -107.31
C ALA JB 188 -63.58 -76.58 -106.96
N ALA JB 189 -62.79 -77.12 -107.89
CA ALA JB 189 -61.39 -77.42 -107.64
C ALA JB 189 -60.52 -76.38 -108.34
N ALA JB 190 -59.75 -75.63 -107.55
CA ALA JB 190 -58.89 -74.57 -108.06
C ALA JB 190 -57.51 -75.14 -108.30
N ALA JB 191 -57.14 -75.31 -109.56
CA ALA JB 191 -55.87 -75.93 -109.90
C ALA JB 191 -54.72 -74.93 -110.04
N ALA JB 192 -54.98 -73.63 -109.86
CA ALA JB 192 -53.93 -72.64 -109.84
C ALA JB 192 -54.33 -71.51 -108.91
N ALA JB 193 -53.39 -71.04 -108.11
CA ALA JB 193 -53.67 -69.96 -107.17
C ALA JB 193 -53.66 -68.64 -107.92
N ALA JB 194 -54.78 -67.91 -107.86
CA ALA JB 194 -54.91 -66.68 -108.60
C ALA JB 194 -54.18 -65.55 -107.90
N ALA JB 195 -54.10 -64.41 -108.59
CA ALA JB 195 -53.53 -63.22 -107.98
C ALA JB 195 -54.46 -62.65 -106.92
N ALA JB 196 -55.77 -62.75 -107.13
CA ALA JB 196 -56.75 -62.46 -106.09
C ALA JB 196 -57.86 -63.48 -106.21
N ALA JB 197 -58.14 -64.19 -105.12
CA ALA JB 197 -59.10 -65.28 -105.11
C ALA JB 197 -60.21 -64.98 -104.12
N ALA JB 198 -61.42 -65.37 -104.47
CA ALA JB 198 -62.54 -65.28 -103.54
C ALA JB 198 -63.52 -66.41 -103.83
N ALA JB 199 -63.84 -67.18 -102.80
CA ALA JB 199 -64.69 -68.35 -102.95
C ALA JB 199 -65.69 -68.37 -101.82
N ALA JB 200 -66.94 -68.63 -102.15
CA ALA JB 200 -68.01 -68.72 -101.18
C ALA JB 200 -68.70 -70.07 -101.35
N ALA JB 201 -68.87 -70.77 -100.24
CA ALA JB 201 -69.48 -72.08 -100.23
C ALA JB 201 -70.83 -72.01 -99.54
N ALA JB 202 -71.81 -72.67 -100.14
CA ALA JB 202 -73.15 -72.80 -99.61
C ALA JB 202 -73.25 -74.07 -98.79
N ALA JB 203 -74.46 -74.57 -98.57
CA ALA JB 203 -74.72 -75.79 -97.82
C ALA JB 203 -74.11 -77.01 -98.51
N ALA JB 204 -73.22 -77.70 -97.76
CA ALA JB 204 -72.51 -78.94 -98.15
C ALA JB 204 -71.68 -78.75 -99.41
N ALA JB 205 -71.07 -77.60 -99.54
CA ALA JB 205 -70.41 -77.17 -100.78
C ALA JB 205 -68.91 -77.03 -100.57
N ALA JB 206 -68.13 -77.43 -101.57
CA ALA JB 206 -66.68 -77.54 -101.40
C ALA JB 206 -65.93 -76.77 -102.47
N ALA JB 207 -65.41 -75.60 -102.10
CA ALA JB 207 -64.48 -74.90 -102.98
C ALA JB 207 -63.07 -75.17 -102.47
N ALA JB 208 -62.59 -76.38 -102.72
CA ALA JB 208 -61.29 -76.81 -102.24
C ALA JB 208 -60.24 -76.54 -103.31
N ALA JB 209 -59.23 -75.75 -102.96
CA ALA JB 209 -58.17 -75.39 -103.91
C ALA JB 209 -57.22 -76.57 -104.01
N ALA JB 210 -57.56 -77.51 -104.88
CA ALA JB 210 -56.85 -78.77 -104.99
C ALA JB 210 -55.70 -78.68 -105.99
N ALA JB 211 -54.72 -77.85 -105.66
CA ALA JB 211 -53.48 -77.83 -106.42
C ALA JB 211 -52.61 -78.99 -105.99
N ALA JB 212 -51.65 -79.34 -106.85
CA ALA JB 212 -50.74 -80.44 -106.57
C ALA JB 212 -49.68 -79.95 -105.60
N ALA JB 213 -49.72 -80.46 -104.37
CA ALA JB 213 -48.63 -80.25 -103.43
C ALA JB 213 -47.40 -81.01 -103.92
N ALA JB 214 -46.22 -80.50 -103.53
CA ALA JB 214 -44.93 -80.71 -104.19
C ALA JB 214 -45.02 -80.42 -105.69
N ALA JB 215 -45.19 -79.14 -105.98
CA ALA JB 215 -44.82 -78.64 -107.29
C ALA JB 215 -43.31 -78.37 -107.32
N ALA JB 216 -42.85 -77.86 -108.46
CA ALA JB 216 -41.46 -77.42 -108.53
C ALA JB 216 -41.27 -76.16 -107.70
N ALA JB 217 -42.14 -75.18 -107.89
CA ALA JB 217 -42.23 -74.01 -107.01
C ALA JB 217 -43.70 -73.64 -106.90
N ALA JB 218 -44.38 -74.21 -105.91
CA ALA JB 218 -45.75 -73.84 -105.64
C ALA JB 218 -45.74 -72.53 -104.89
N ALA JB 219 -46.35 -71.50 -105.49
CA ALA JB 219 -46.40 -70.20 -104.85
C ALA JB 219 -47.40 -70.23 -103.71
N ALA JB 220 -47.01 -69.69 -102.56
CA ALA JB 220 -47.86 -69.72 -101.40
C ALA JB 220 -48.94 -68.65 -101.49
N ALA JB 221 -49.94 -68.79 -100.64
CA ALA JB 221 -51.02 -67.82 -100.58
C ALA JB 221 -50.52 -66.58 -99.86
N ALA JB 222 -50.45 -65.46 -100.58
CA ALA JB 222 -49.89 -64.22 -100.05
C ALA JB 222 -50.92 -63.48 -99.21
N ALA JB 223 -50.61 -62.25 -98.81
CA ALA JB 223 -51.51 -61.48 -97.96
C ALA JB 223 -52.75 -60.99 -98.69
N ALA JB 224 -52.69 -60.89 -100.01
CA ALA JB 224 -53.83 -60.52 -100.81
C ALA JB 224 -54.64 -61.71 -101.28
N ALA JB 225 -54.18 -62.93 -101.06
CA ALA JB 225 -54.88 -64.10 -101.58
C ALA JB 225 -55.22 -65.13 -100.51
N ALA JB 226 -54.89 -64.88 -99.25
CA ALA JB 226 -55.14 -65.86 -98.20
C ALA JB 226 -56.59 -65.76 -97.79
N ALA JB 227 -57.45 -66.54 -98.42
CA ALA JB 227 -58.81 -66.72 -97.95
C ALA JB 227 -58.91 -68.03 -97.20
N ALA JB 228 -59.97 -68.14 -96.40
CA ALA JB 228 -60.18 -69.31 -95.58
C ALA JB 228 -60.70 -70.49 -96.40
N ALA KB 1 -43.40 -82.00 -128.71
CA ALA KB 1 -44.72 -82.02 -129.31
C ALA KB 1 -45.52 -80.78 -128.94
N ALA KB 2 -44.90 -79.62 -129.10
CA ALA KB 2 -45.51 -78.34 -128.74
C ALA KB 2 -46.17 -77.70 -129.95
N ALA KB 3 -46.59 -76.44 -129.79
CA ALA KB 3 -47.12 -75.64 -130.89
C ALA KB 3 -46.81 -74.18 -130.53
N ALA KB 4 -45.73 -73.66 -131.09
CA ALA KB 4 -45.32 -72.30 -130.77
C ALA KB 4 -46.18 -71.28 -131.50
N ALA KB 5 -46.16 -70.05 -131.01
CA ALA KB 5 -46.82 -68.94 -131.67
C ALA KB 5 -45.77 -67.97 -132.19
N ALA KB 6 -46.18 -67.13 -133.12
CA ALA KB 6 -45.27 -66.25 -133.83
C ALA KB 6 -44.97 -64.95 -133.10
N ALA KB 7 -45.56 -64.75 -131.92
CA ALA KB 7 -45.39 -63.50 -131.18
C ALA KB 7 -44.12 -63.58 -130.32
N ALA KB 8 -43.97 -62.65 -129.38
CA ALA KB 8 -42.87 -62.70 -128.44
C ALA KB 8 -43.09 -63.80 -127.41
N ALA KB 9 -42.66 -65.01 -127.78
CA ALA KB 9 -42.35 -66.13 -126.87
C ALA KB 9 -43.56 -66.69 -126.14
N ALA KB 10 -44.59 -67.08 -126.89
CA ALA KB 10 -45.70 -67.86 -126.35
C ALA KB 10 -45.78 -69.19 -127.10
N ALA KB 11 -46.20 -70.23 -126.39
CA ALA KB 11 -46.26 -71.55 -127.00
C ALA KB 11 -47.33 -72.37 -126.29
N ALA KB 12 -48.31 -72.88 -127.03
CA ALA KB 12 -49.17 -73.88 -126.47
C ALA KB 12 -48.48 -75.24 -126.53
N ALA KB 13 -48.99 -76.18 -125.75
CA ALA KB 13 -48.41 -77.52 -125.73
C ALA KB 13 -49.52 -78.52 -125.48
N ALA KB 14 -49.47 -79.64 -126.21
CA ALA KB 14 -50.56 -80.60 -126.21
C ALA KB 14 -50.12 -81.96 -125.72
N ALA KB 15 -49.35 -82.00 -124.63
CA ALA KB 15 -49.13 -83.27 -123.94
C ALA KB 15 -50.41 -83.71 -123.24
N ALA KB 16 -50.87 -82.92 -122.28
CA ALA KB 16 -52.27 -82.94 -121.87
C ALA KB 16 -52.94 -81.62 -122.17
N ALA KB 17 -52.44 -80.53 -121.57
CA ALA KB 17 -52.91 -79.16 -121.78
C ALA KB 17 -51.90 -78.17 -121.23
N ALA KB 18 -51.39 -77.26 -122.07
CA ALA KB 18 -50.54 -76.18 -121.60
C ALA KB 18 -50.63 -75.00 -122.55
N ALA KB 19 -50.53 -73.79 -121.98
CA ALA KB 19 -50.29 -72.57 -122.77
C ALA KB 19 -49.23 -71.76 -122.03
N ALA KB 20 -47.96 -72.06 -122.30
CA ALA KB 20 -46.86 -71.50 -121.54
C ALA KB 20 -46.14 -70.43 -122.35
N ALA KB 21 -45.09 -69.87 -121.76
CA ALA KB 21 -44.33 -68.81 -122.40
C ALA KB 21 -42.84 -69.13 -122.35
N ALA KB 22 -42.18 -68.89 -123.47
CA ALA KB 22 -40.74 -69.08 -123.62
C ALA KB 22 -40.04 -67.76 -123.28
N ALA KB 23 -38.77 -67.64 -123.66
CA ALA KB 23 -38.09 -66.35 -123.63
C ALA KB 23 -37.77 -65.82 -125.02
N ALA KB 24 -37.46 -66.72 -125.97
CA ALA KB 24 -37.11 -66.44 -127.38
C ALA KB 24 -35.91 -65.49 -127.52
N ALA KB 25 -34.95 -65.63 -126.62
CA ALA KB 25 -33.67 -64.94 -126.72
C ALA KB 25 -32.48 -65.89 -126.72
N ALA KB 26 -32.58 -67.02 -126.04
CA ALA KB 26 -31.58 -68.07 -126.13
C ALA KB 26 -31.88 -69.06 -127.25
N ALA KB 27 -33.12 -69.04 -127.78
CA ALA KB 27 -33.58 -69.78 -128.97
C ALA KB 27 -33.44 -71.30 -128.82
N ALA KB 28 -34.10 -71.85 -127.80
CA ALA KB 28 -34.11 -73.29 -127.58
C ALA KB 28 -35.29 -73.88 -128.34
N ALA KB 29 -35.16 -73.89 -129.67
CA ALA KB 29 -36.17 -74.44 -130.55
C ALA KB 29 -35.83 -75.89 -130.91
N ALA KB 30 -35.73 -76.71 -129.87
CA ALA KB 30 -35.36 -78.11 -130.05
C ALA KB 30 -36.52 -78.93 -130.60
N ALA KB 31 -37.76 -78.49 -130.32
CA ALA KB 31 -39.03 -79.17 -130.66
C ALA KB 31 -39.09 -80.60 -130.11
N ALA KB 32 -38.50 -80.81 -128.94
CA ALA KB 32 -38.39 -82.14 -128.34
C ALA KB 32 -38.22 -81.95 -126.85
N ALA KB 33 -39.18 -82.41 -126.08
CA ALA KB 33 -39.25 -82.09 -124.66
C ALA KB 33 -40.05 -83.16 -123.94
N ALA KB 34 -40.12 -83.03 -122.62
CA ALA KB 34 -41.01 -83.81 -121.77
C ALA KB 34 -41.99 -82.82 -121.16
N ALA KB 35 -43.07 -82.55 -121.88
CA ALA KB 35 -44.08 -81.59 -121.42
C ALA KB 35 -45.02 -82.28 -120.44
N ALA KB 36 -45.28 -81.61 -119.32
CA ALA KB 36 -46.09 -82.18 -118.26
C ALA KB 36 -47.19 -81.20 -117.86
N ALA KB 37 -48.19 -81.72 -117.14
CA ALA KB 37 -49.26 -80.88 -116.58
C ALA KB 37 -48.93 -80.46 -115.15
N ALA KB 38 -47.74 -79.91 -114.98
CA ALA KB 38 -47.32 -79.23 -113.76
C ALA KB 38 -46.51 -78.00 -114.12
N ALA KB 39 -46.80 -77.45 -115.31
CA ALA KB 39 -46.18 -76.26 -115.92
C ALA KB 39 -44.66 -76.44 -116.07
N ALA KB 40 -44.29 -77.41 -116.89
CA ALA KB 40 -42.87 -77.71 -117.09
C ALA KB 40 -42.69 -78.25 -118.50
N ALA KB 41 -42.20 -77.39 -119.40
CA ALA KB 41 -41.77 -77.81 -120.72
C ALA KB 41 -40.27 -77.99 -120.64
N ALA KB 42 -39.84 -79.19 -120.24
CA ALA KB 42 -38.43 -79.49 -120.02
C ALA KB 42 -37.80 -79.87 -121.36
N ALA KB 43 -37.19 -78.89 -122.01
CA ALA KB 43 -36.64 -79.08 -123.35
C ALA KB 43 -35.23 -79.67 -123.26
N ALA KB 44 -34.53 -79.69 -124.41
CA ALA KB 44 -33.18 -80.21 -124.44
C ALA KB 44 -32.20 -79.23 -123.82
N ALA KB 45 -32.41 -77.93 -124.02
CA ALA KB 45 -31.51 -76.94 -123.44
C ALA KB 45 -31.87 -76.65 -121.99
N ALA KB 46 -33.07 -76.13 -121.75
CA ALA KB 46 -33.51 -75.71 -120.42
C ALA KB 46 -34.96 -76.11 -120.24
N ALA KB 47 -35.59 -75.55 -119.21
CA ALA KB 47 -36.99 -75.82 -118.90
C ALA KB 47 -37.81 -74.55 -119.02
N ALA KB 48 -39.03 -74.69 -119.50
CA ALA KB 48 -39.94 -73.56 -119.70
C ALA KB 48 -41.23 -73.81 -118.95
N ALA KB 49 -41.83 -72.72 -118.47
CA ALA KB 49 -43.05 -72.78 -117.68
C ALA KB 49 -44.00 -71.70 -118.15
N ALA KB 50 -45.20 -71.71 -117.58
CA ALA KB 50 -46.16 -70.62 -117.80
C ALA KB 50 -45.66 -69.39 -117.05
N ALA KB 51 -45.12 -68.42 -117.78
CA ALA KB 51 -44.42 -67.30 -117.16
C ALA KB 51 -45.39 -66.29 -116.58
N ALA KB 52 -44.96 -65.64 -115.51
CA ALA KB 52 -45.77 -64.64 -114.84
C ALA KB 52 -44.89 -63.55 -114.24
N ALA LB 1 -56.94 -72.60 -55.03
CA ALA LB 1 -55.66 -73.21 -55.38
C ALA LB 1 -55.90 -74.36 -56.36
N ALA LB 2 -55.29 -75.52 -56.09
CA ALA LB 2 -55.57 -76.70 -56.90
C ALA LB 2 -56.93 -77.25 -56.54
N ALA LB 3 -57.96 -76.79 -57.22
CA ALA LB 3 -59.33 -77.03 -56.84
C ALA LB 3 -59.95 -78.08 -57.74
N ALA LB 4 -60.66 -79.02 -57.09
CA ALA LB 4 -61.62 -79.98 -57.62
C ALA LB 4 -61.01 -81.14 -58.41
N ALA LB 5 -59.73 -81.10 -58.76
CA ALA LB 5 -59.09 -82.33 -59.23
C ALA LB 5 -58.87 -83.24 -58.04
N ALA LB 6 -58.03 -82.78 -57.11
CA ALA LB 6 -57.94 -83.26 -55.75
C ALA LB 6 -57.32 -82.11 -54.95
N ALA LB 7 -56.84 -82.39 -53.76
CA ALA LB 7 -56.03 -81.39 -53.08
C ALA LB 7 -54.61 -81.40 -53.64
N ALA LB 8 -53.85 -80.38 -53.25
CA ALA LB 8 -52.48 -80.21 -53.72
C ALA LB 8 -51.58 -81.24 -53.06
N ALA LB 9 -50.96 -82.10 -53.87
CA ALA LB 9 -50.16 -83.18 -53.29
C ALA LB 9 -48.77 -82.69 -52.89
N ALA LB 10 -47.98 -82.26 -53.84
CA ALA LB 10 -46.64 -81.76 -53.57
C ALA LB 10 -46.57 -80.32 -54.02
N ALA LB 11 -45.38 -79.75 -53.97
CA ALA LB 11 -45.11 -78.44 -54.55
C ALA LB 11 -43.77 -78.59 -55.27
N ALA LB 12 -43.85 -78.93 -56.57
CA ALA LB 12 -42.65 -79.24 -57.34
C ALA LB 12 -41.87 -77.98 -57.62
N ALA LB 13 -40.65 -77.91 -57.11
CA ALA LB 13 -39.78 -76.80 -57.41
C ALA LB 13 -39.31 -76.90 -58.85
N ALA LB 14 -38.96 -75.73 -59.40
CA ALA LB 14 -38.82 -75.42 -60.83
C ALA LB 14 -40.09 -75.74 -61.62
N ALA LB 15 -41.25 -75.57 -60.98
CA ALA LB 15 -42.54 -75.85 -61.59
C ALA LB 15 -43.63 -75.13 -60.79
N ALA LB 16 -44.87 -75.44 -61.13
CA ALA LB 16 -46.05 -75.00 -60.41
C ALA LB 16 -46.38 -76.02 -59.31
N ALA LB 17 -47.51 -75.85 -58.63
CA ALA LB 17 -47.92 -76.81 -57.62
C ALA LB 17 -48.44 -78.07 -58.28
N ALA LB 18 -48.31 -79.18 -57.58
CA ALA LB 18 -48.67 -80.49 -58.11
C ALA LB 18 -49.90 -80.99 -57.39
N ALA LB 19 -51.03 -80.94 -58.06
CA ALA LB 19 -52.27 -81.48 -57.50
C ALA LB 19 -52.21 -83.00 -57.50
N ALA LB 20 -53.11 -83.62 -56.73
CA ALA LB 20 -53.11 -85.07 -56.61
C ALA LB 20 -53.95 -85.76 -57.69
N ALA LB 21 -54.23 -85.08 -58.79
CA ALA LB 21 -54.48 -85.71 -60.07
C ALA LB 21 -53.38 -85.36 -61.07
N ALA LB 22 -53.16 -84.09 -61.34
CA ALA LB 22 -52.26 -83.61 -62.40
C ALA LB 22 -51.46 -82.41 -61.93
N ALA LB 23 -50.82 -81.69 -62.85
CA ALA LB 23 -50.06 -80.50 -62.49
C ALA LB 23 -50.96 -79.28 -62.54
N ALA LB 24 -50.95 -78.49 -61.47
CA ALA LB 24 -51.93 -77.42 -61.33
C ALA LB 24 -51.49 -76.19 -62.11
N ALA LB 25 -52.34 -75.17 -62.09
CA ALA LB 25 -52.05 -73.90 -62.73
C ALA LB 25 -51.63 -72.83 -61.74
N ALA LB 26 -51.47 -73.18 -60.47
CA ALA LB 26 -51.07 -72.23 -59.46
C ALA LB 26 -49.58 -72.39 -59.20
N ALA LB 27 -48.86 -71.27 -59.21
CA ALA LB 27 -47.41 -71.29 -59.17
C ALA LB 27 -46.92 -71.60 -57.76
N ALA LB 28 -45.97 -72.52 -57.66
CA ALA LB 28 -45.50 -72.96 -56.35
C ALA LB 28 -44.46 -72.01 -55.78
N ALA LB 29 -43.35 -71.84 -56.49
CA ALA LB 29 -42.23 -71.04 -56.01
C ALA LB 29 -42.27 -69.65 -56.63
N ALA LB 30 -41.30 -68.82 -56.23
CA ALA LB 30 -41.14 -67.52 -56.88
C ALA LB 30 -40.50 -67.68 -58.26
N ALA LB 31 -39.75 -68.74 -58.47
CA ALA LB 31 -38.88 -68.89 -59.63
C ALA LB 31 -39.49 -69.78 -60.70
N ALA LB 32 -40.81 -69.81 -60.79
CA ALA LB 32 -41.47 -70.53 -61.88
C ALA LB 32 -41.64 -69.59 -63.06
N ALA LB 33 -42.22 -70.08 -64.15
CA ALA LB 33 -42.32 -69.28 -65.37
C ALA LB 33 -43.64 -68.50 -65.42
N ALA LB 34 -43.82 -67.64 -64.43
CA ALA LB 34 -45.00 -66.80 -64.34
C ALA LB 34 -44.89 -65.67 -65.35
N ALA LB 35 -45.95 -65.42 -66.12
CA ALA LB 35 -45.90 -64.50 -67.25
C ALA LB 35 -45.95 -63.05 -66.79
N ALA LB 36 -44.81 -62.60 -66.28
CA ALA LB 36 -44.64 -61.17 -66.07
C ALA LB 36 -44.43 -60.52 -67.42
N ALA LB 37 -45.21 -59.49 -67.70
CA ALA LB 37 -44.96 -58.66 -68.87
C ALA LB 37 -45.14 -57.19 -68.57
N ALA LB 38 -45.67 -56.83 -67.40
CA ALA LB 38 -45.80 -55.45 -66.98
C ALA LB 38 -45.13 -55.30 -65.63
N ALA LB 39 -43.94 -54.69 -65.62
CA ALA LB 39 -43.26 -54.43 -64.37
C ALA LB 39 -43.83 -53.17 -63.73
N ALA LB 40 -43.43 -52.93 -62.48
CA ALA LB 40 -43.83 -51.73 -61.76
C ALA LB 40 -42.63 -51.28 -60.94
N ALA LB 41 -41.81 -50.41 -61.52
CA ALA LB 41 -40.61 -49.95 -60.85
C ALA LB 41 -40.19 -48.60 -61.40
N ALA LB 42 -39.54 -47.81 -60.56
CA ALA LB 42 -38.90 -46.60 -61.03
C ALA LB 42 -37.61 -46.97 -61.76
N ALA LB 43 -37.46 -46.41 -62.96
CA ALA LB 43 -36.31 -46.57 -63.86
C ALA LB 43 -36.06 -48.03 -64.24
N ALA LB 44 -37.13 -48.81 -64.38
CA ALA LB 44 -37.00 -50.13 -64.97
C ALA LB 44 -36.73 -49.98 -66.46
N ALA LB 45 -35.87 -50.88 -66.97
CA ALA LB 45 -35.40 -51.09 -68.35
C ALA LB 45 -34.40 -50.03 -68.81
N ALA LB 46 -34.18 -49.00 -68.01
CA ALA LB 46 -32.87 -48.42 -67.80
C ALA LB 46 -32.33 -49.08 -66.54
N ALA LB 47 -31.21 -48.61 -66.01
CA ALA LB 47 -30.73 -49.18 -64.76
C ALA LB 47 -31.53 -48.60 -63.59
N ALA LB 48 -31.37 -49.21 -62.42
CA ALA LB 48 -32.24 -48.98 -61.27
C ALA LB 48 -32.03 -47.61 -60.64
N ALA LB 49 -32.83 -47.31 -59.61
CA ALA LB 49 -32.79 -46.01 -58.96
C ALA LB 49 -31.55 -45.91 -58.09
N ALA LB 50 -30.68 -44.94 -58.40
CA ALA LB 50 -29.45 -44.70 -57.65
C ALA LB 50 -29.82 -44.11 -56.30
N ALA LB 51 -29.74 -44.94 -55.27
CA ALA LB 51 -30.43 -44.69 -54.00
C ALA LB 51 -29.76 -43.62 -53.14
N ALA LB 52 -28.56 -43.18 -53.48
CA ALA LB 52 -27.83 -42.24 -52.64
C ALA LB 52 -28.33 -40.81 -52.75
N ALA LB 53 -29.15 -40.49 -53.75
CA ALA LB 53 -29.61 -39.13 -53.94
C ALA LB 53 -30.69 -38.76 -52.95
N ALA LB 54 -30.68 -37.49 -52.53
CA ALA LB 54 -31.75 -36.91 -51.71
C ALA LB 54 -31.99 -35.51 -52.27
N ALA LB 55 -32.86 -35.43 -53.27
CA ALA LB 55 -33.16 -34.18 -53.96
C ALA LB 55 -34.58 -34.29 -54.48
N ALA LB 56 -34.94 -33.42 -55.42
CA ALA LB 56 -36.27 -33.49 -56.02
C ALA LB 56 -36.36 -34.63 -57.03
N ALA LB 57 -35.44 -34.67 -57.98
CA ALA LB 57 -35.50 -35.62 -59.08
C ALA LB 57 -35.07 -37.01 -58.64
N ALA LB 58 -35.40 -38.01 -59.45
CA ALA LB 58 -35.00 -39.38 -59.23
C ALA LB 58 -34.05 -39.78 -60.34
N ALA LB 59 -32.80 -40.04 -60.00
CA ALA LB 59 -31.79 -40.37 -60.99
C ALA LB 59 -31.59 -41.88 -61.07
N ALA LB 60 -31.53 -42.39 -62.29
CA ALA LB 60 -31.26 -43.80 -62.48
C ALA LB 60 -29.78 -44.09 -62.28
N ALA LB 61 -29.45 -45.39 -62.15
CA ALA LB 61 -28.04 -45.78 -62.06
C ALA LB 61 -27.33 -45.73 -63.40
N ALA LB 62 -28.06 -45.61 -64.51
CA ALA LB 62 -27.48 -45.30 -65.80
C ALA LB 62 -27.50 -43.81 -66.09
N ALA LB 63 -27.65 -42.99 -65.04
CA ALA LB 63 -27.60 -41.51 -65.03
C ALA LB 63 -28.65 -40.88 -65.94
N ALA LB 64 -29.81 -41.50 -66.02
CA ALA LB 64 -30.98 -40.85 -66.59
C ALA LB 64 -31.84 -40.36 -65.45
N ALA LB 65 -32.53 -39.25 -65.68
CA ALA LB 65 -33.46 -38.71 -64.70
C ALA LB 65 -34.83 -39.29 -64.98
N ALA LB 66 -35.38 -40.02 -64.03
CA ALA LB 66 -36.70 -40.62 -64.18
C ALA LB 66 -37.72 -39.52 -64.00
N ALA LB 67 -38.05 -38.84 -65.09
CA ALA LB 67 -38.96 -37.71 -65.01
C ALA LB 67 -40.41 -38.16 -64.89
N ALA LB 68 -40.70 -39.42 -65.18
CA ALA LB 68 -42.02 -40.00 -64.93
C ALA LB 68 -42.20 -40.44 -63.49
N ALA LB 69 -41.17 -40.34 -62.66
CA ALA LB 69 -41.32 -40.69 -61.25
C ALA LB 69 -40.72 -39.65 -60.32
N ALA LB 70 -40.46 -38.44 -60.78
CA ALA LB 70 -39.91 -37.39 -59.94
C ALA LB 70 -41.00 -36.47 -59.43
N LYS MB 24 -80.76 -37.86 -89.47
CA LYS MB 24 -79.59 -38.43 -88.81
C LYS MB 24 -78.41 -38.50 -89.76
N PHE MB 25 -77.27 -37.98 -89.33
CA PHE MB 25 -76.07 -37.93 -90.14
C PHE MB 25 -74.96 -38.72 -89.48
N LYS MB 26 -74.29 -39.56 -90.26
CA LYS MB 26 -73.24 -40.41 -89.74
C LYS MB 26 -72.20 -40.64 -90.83
N LYS MB 27 -70.95 -40.48 -90.48
CA LYS MB 27 -69.82 -40.95 -91.25
C LYS MB 27 -69.69 -42.46 -91.05
N PRO MB 28 -69.09 -43.19 -91.99
CA PRO MB 28 -69.08 -44.68 -91.87
C PRO MB 28 -68.24 -45.23 -90.73
N PRO MB 29 -66.89 -44.95 -90.59
CA PRO MB 29 -66.18 -45.74 -89.58
C PRO MB 29 -66.34 -45.20 -88.17
N ILE MB 30 -67.20 -45.83 -87.39
CA ILE MB 30 -67.30 -45.48 -85.98
C ILE MB 30 -66.64 -46.62 -85.24
N ASN MB 31 -65.35 -46.48 -84.96
CA ASN MB 31 -64.56 -47.53 -84.37
C ASN MB 31 -64.59 -47.40 -82.86
N ASN MB 32 -63.67 -48.08 -82.19
CA ASN MB 32 -63.53 -47.96 -80.76
C ASN MB 32 -62.92 -46.61 -80.39
N PRO MB 33 -63.08 -46.19 -79.14
CA PRO MB 33 -62.32 -45.01 -78.70
C PRO MB 33 -60.85 -45.30 -78.56
N SER MB 34 -60.04 -44.68 -79.40
CA SER MB 34 -58.60 -44.77 -79.25
C SER MB 34 -58.13 -43.84 -78.15
N ASP MB 35 -56.89 -44.03 -77.73
CA ASP MB 35 -56.25 -43.04 -76.90
C ASP MB 35 -55.04 -42.46 -77.62
N ASP MB 36 -54.51 -41.42 -77.02
CA ASP MB 36 -53.51 -40.65 -77.72
C ASP MB 36 -52.13 -41.28 -77.68
N ALA MB 37 -51.93 -42.28 -76.83
CA ALA MB 37 -50.74 -43.12 -76.85
C ALA MB 37 -50.60 -43.85 -78.17
N THR MB 38 -51.64 -44.56 -78.58
CA THR MB 38 -51.62 -45.22 -79.86
C THR MB 38 -51.79 -44.26 -81.02
N ILE MB 39 -52.33 -43.06 -80.77
CA ILE MB 39 -52.37 -42.05 -81.83
C ILE MB 39 -50.97 -41.57 -82.19
N LYS MB 40 -50.15 -41.23 -81.18
CA LYS MB 40 -48.81 -40.78 -81.55
C LYS MB 40 -47.87 -41.93 -81.85
N LEU MB 41 -48.18 -43.13 -81.34
CA LEU MB 41 -47.45 -44.33 -81.77
C LEU MB 41 -47.73 -44.65 -83.23
N ALA MB 42 -48.98 -44.46 -83.66
CA ALA MB 42 -49.36 -44.74 -85.03
C ALA MB 42 -48.76 -43.71 -85.99
N GLU MB 43 -48.79 -42.44 -85.60
CA GLU MB 43 -48.23 -41.47 -86.53
C GLU MB 43 -46.73 -41.34 -86.43
N ALA MB 44 -46.08 -42.01 -85.47
CA ALA MB 44 -44.66 -42.29 -85.64
C ALA MB 44 -44.43 -43.48 -86.54
N ALA MB 45 -45.31 -44.47 -86.41
CA ALA MB 45 -45.19 -45.73 -87.12
C ALA MB 45 -45.35 -45.57 -88.62
N VAL MB 46 -46.15 -44.60 -89.04
CA VAL MB 46 -46.30 -44.28 -90.47
C VAL MB 46 -45.02 -43.71 -91.04
N SER MB 47 -44.36 -42.80 -90.32
CA SER MB 47 -43.13 -42.19 -90.82
C SER MB 47 -41.96 -43.16 -90.82
N VAL MB 48 -41.92 -44.06 -89.84
CA VAL MB 48 -40.84 -45.04 -89.88
C VAL MB 48 -41.14 -46.12 -90.92
N SER MB 49 -42.44 -46.38 -91.22
CA SER MB 49 -42.81 -47.27 -92.30
C SER MB 49 -42.44 -46.69 -93.66
N ASP MB 50 -42.59 -45.38 -93.82
CA ASP MB 50 -42.26 -44.78 -95.10
C ASP MB 50 -40.77 -44.64 -95.33
N SER MB 51 -40.01 -44.24 -94.30
CA SER MB 51 -38.55 -44.19 -94.38
C SER MB 51 -37.95 -45.57 -94.56
N MET MB 52 -38.55 -46.55 -93.89
CA MET MB 52 -38.34 -47.96 -94.13
C MET MB 52 -38.51 -48.40 -95.57
N LEU MB 53 -39.67 -48.08 -96.11
CA LEU MB 53 -40.09 -48.45 -97.45
C LEU MB 53 -39.16 -47.91 -98.50
N GLU MB 54 -38.74 -46.66 -98.34
CA GLU MB 54 -37.82 -46.10 -99.31
C GLU MB 54 -36.40 -46.61 -99.17
N MET MB 55 -35.96 -47.01 -97.96
CA MET MB 55 -34.63 -47.61 -97.84
C MET MB 55 -34.59 -48.95 -98.55
N ALA MB 56 -35.68 -49.72 -98.42
CA ALA MB 56 -35.84 -50.96 -99.17
C ALA MB 56 -35.88 -50.73 -100.68
N LYS MB 57 -36.47 -49.61 -101.09
CA LYS MB 57 -36.51 -49.24 -102.51
C LYS MB 57 -35.14 -48.93 -103.07
N VAL MB 58 -34.35 -48.11 -102.35
CA VAL MB 58 -33.04 -47.71 -102.87
C VAL MB 58 -32.06 -48.89 -102.78
N GLU MB 59 -32.21 -49.78 -101.79
CA GLU MB 59 -31.35 -50.95 -101.70
C GLU MB 59 -31.64 -51.97 -102.78
N LYS MB 60 -32.92 -52.20 -103.07
CA LYS MB 60 -33.24 -53.15 -104.13
C LYS MB 60 -33.06 -52.58 -105.52
N VAL MB 61 -32.88 -51.27 -105.68
CA VAL MB 61 -32.45 -50.82 -107.01
C VAL MB 61 -30.93 -50.79 -107.11
N ILE MB 62 -30.19 -50.48 -106.02
CA ILE MB 62 -28.76 -50.25 -106.19
C ILE MB 62 -27.98 -51.55 -106.19
N THR MB 63 -28.50 -52.63 -105.61
CA THR MB 63 -28.09 -53.94 -106.08
C THR MB 63 -29.36 -54.71 -106.38
N PRO MB 64 -29.48 -55.32 -107.55
CA PRO MB 64 -30.63 -56.13 -107.83
C PRO MB 64 -30.50 -57.47 -107.13
N PRO MB 65 -31.56 -57.97 -106.50
CA PRO MB 65 -31.54 -59.33 -105.96
C PRO MB 65 -31.42 -60.36 -107.07
N SER MB 66 -30.30 -61.07 -107.07
CA SER MB 66 -29.96 -61.98 -108.15
C SER MB 66 -30.82 -63.23 -108.13
N LYS MB 67 -31.02 -63.80 -106.95
CA LYS MB 67 -31.68 -65.09 -106.84
C LYS MB 67 -32.49 -65.15 -105.55
N ASP MB 68 -33.25 -66.22 -105.43
CA ASP MB 68 -34.18 -66.48 -104.35
C ASP MB 68 -33.50 -67.22 -103.20
N ASN MB 69 -34.26 -67.87 -102.31
CA ASN MB 69 -33.74 -69.02 -101.58
C ASN MB 69 -34.60 -70.25 -101.79
N THR MB 70 -35.47 -70.25 -102.80
CA THR MB 70 -36.19 -71.48 -103.08
C THR MB 70 -35.32 -72.46 -103.86
N LEU MB 71 -34.16 -72.01 -104.34
CA LEU MB 71 -33.14 -72.92 -104.83
C LEU MB 71 -32.59 -73.79 -103.69
N THR MB 72 -32.40 -73.20 -102.50
CA THR MB 72 -31.75 -73.92 -101.41
C THR MB 72 -32.71 -74.41 -100.36
N ILE MB 73 -33.93 -73.89 -100.34
CA ILE MB 73 -35.04 -74.47 -99.58
C ILE MB 73 -36.12 -74.80 -100.60
N PRO MB 74 -36.12 -76.00 -101.15
CA PRO MB 74 -37.21 -76.32 -102.07
C PRO MB 74 -38.35 -77.00 -101.35
N ASN MB 75 -39.57 -76.86 -101.87
CA ASN MB 75 -40.72 -77.35 -101.14
C ASN MB 75 -40.86 -78.86 -101.34
N ALA MB 76 -41.70 -79.46 -100.50
CA ALA MB 76 -41.88 -80.90 -100.55
C ALA MB 76 -43.27 -81.24 -100.09
N TYR MB 77 -43.79 -82.34 -100.63
CA TYR MB 77 -44.93 -82.99 -100.00
C TYR MB 77 -44.45 -83.63 -98.72
N ASN MB 78 -45.05 -83.21 -97.61
CA ASN MB 78 -44.84 -83.16 -96.15
C ASN MB 78 -44.05 -81.94 -95.70
N LEU MB 79 -43.62 -81.08 -96.60
CA LEU MB 79 -43.25 -79.73 -96.20
C LEU MB 79 -44.36 -78.74 -96.51
N GLN MB 80 -45.39 -79.18 -97.23
CA GLN MB 80 -46.53 -78.33 -97.56
C GLN MB 80 -47.60 -78.34 -96.49
N ALA MB 81 -47.31 -78.86 -95.31
CA ALA MB 81 -48.08 -78.54 -94.11
C ALA MB 81 -47.86 -77.08 -93.76
N ARG MB 82 -48.83 -76.50 -93.08
CA ARG MB 82 -48.80 -75.07 -92.86
C ARG MB 82 -48.70 -74.80 -91.38
N ALA MB 83 -48.27 -73.59 -91.03
CA ALA MB 83 -48.26 -73.20 -89.63
C ALA MB 83 -48.46 -71.72 -89.54
N SER MB 84 -48.74 -71.29 -88.33
CA SER MB 84 -48.89 -69.89 -88.00
C SER MB 84 -48.05 -69.73 -86.76
N VAL MB 85 -47.29 -68.64 -86.64
CA VAL MB 85 -46.25 -68.56 -85.60
C VAL MB 85 -45.99 -67.12 -85.19
N ASP MB 86 -46.05 -66.85 -83.88
CA ASP MB 86 -45.32 -65.72 -83.33
C ASP MB 86 -44.17 -66.21 -82.47
N TRP MB 87 -43.08 -65.50 -82.54
CA TRP MB 87 -41.82 -66.06 -82.09
C TRP MB 87 -40.84 -64.95 -81.89
N SER MB 88 -40.06 -65.05 -80.83
CA SER MB 88 -39.02 -64.05 -80.62
C SER MB 88 -37.72 -64.61 -80.07
N GLY MB 89 -37.52 -65.91 -80.07
CA GLY MB 89 -36.36 -66.46 -79.43
C GLY MB 89 -35.23 -66.72 -80.38
N PRO MB 90 -34.31 -67.60 -80.00
CA PRO MB 90 -33.25 -68.01 -80.91
C PRO MB 90 -33.79 -68.94 -81.98
N ILE MB 91 -32.96 -69.17 -82.97
CA ILE MB 91 -33.46 -69.68 -84.24
C ILE MB 91 -33.59 -71.20 -84.21
N GLU MB 92 -32.73 -71.88 -83.46
CA GLU MB 92 -32.57 -73.32 -83.62
C GLU MB 92 -33.69 -74.09 -82.95
N GLU MB 93 -34.32 -73.51 -81.93
CA GLU MB 93 -35.38 -74.26 -81.28
C GLU MB 93 -36.66 -74.14 -82.10
N LEU MB 94 -36.83 -72.99 -82.77
CA LEU MB 94 -37.94 -72.81 -83.71
C LEU MB 94 -37.79 -73.71 -84.91
N THR MB 95 -36.59 -73.78 -85.47
CA THR MB 95 -36.31 -74.63 -86.62
C THR MB 95 -36.41 -76.11 -86.29
N ALA MB 96 -35.99 -76.50 -85.09
CA ALA MB 96 -36.17 -77.86 -84.61
C ALA MB 96 -37.65 -78.22 -84.45
N ARG MB 97 -38.48 -77.25 -84.07
CA ARG MB 97 -39.92 -77.52 -84.03
C ARG MB 97 -40.54 -77.61 -85.42
N ILE MB 98 -40.07 -76.78 -86.36
CA ILE MB 98 -40.53 -76.81 -87.75
C ILE MB 98 -40.19 -78.16 -88.39
N ALA MB 99 -38.96 -78.63 -88.18
CA ALA MB 99 -38.53 -79.88 -88.78
C ALA MB 99 -39.14 -81.09 -88.10
N LYS MB 100 -39.40 -81.00 -86.78
CA LYS MB 100 -40.12 -82.05 -86.05
C LYS MB 100 -41.54 -82.20 -86.58
N ALA MB 101 -42.21 -81.09 -86.84
CA ALA MB 101 -43.55 -81.24 -87.38
C ALA MB 101 -43.57 -81.36 -88.89
N ALA MB 102 -42.44 -81.21 -89.55
CA ALA MB 102 -42.31 -81.53 -90.94
C ALA MB 102 -41.88 -82.97 -91.17
N HIS MB 103 -41.55 -83.68 -90.08
CA HIS MB 103 -40.93 -85.01 -90.06
C HIS MB 103 -39.62 -85.02 -90.82
N PHE MB 104 -38.86 -83.96 -90.67
CA PHE MB 104 -37.52 -83.85 -91.21
C PHE MB 104 -36.57 -84.00 -90.04
N ARG MB 105 -35.49 -84.72 -90.26
CA ARG MB 105 -34.42 -84.70 -89.28
C ARG MB 105 -33.78 -83.32 -89.32
N PHE MB 106 -33.51 -82.76 -88.16
CA PHE MB 106 -32.93 -81.42 -88.09
C PHE MB 106 -31.48 -81.53 -87.68
N ARG MB 107 -30.62 -80.80 -88.38
CA ARG MB 107 -29.23 -80.85 -88.01
C ARG MB 107 -28.62 -79.47 -88.06
N VAL MB 108 -27.41 -79.36 -87.50
CA VAL MB 108 -26.71 -78.10 -87.30
C VAL MB 108 -25.35 -78.23 -87.95
N LEU MB 109 -24.98 -77.26 -88.77
CA LEU MB 109 -23.59 -77.11 -89.20
C LEU MB 109 -23.05 -75.84 -88.56
N GLY MB 110 -21.84 -75.91 -88.06
CA GLY MB 110 -21.22 -74.72 -87.50
C GLY MB 110 -21.63 -74.49 -86.06
N LYS MB 111 -20.69 -73.99 -85.28
CA LYS MB 111 -21.00 -73.72 -83.88
C LYS MB 111 -21.66 -72.37 -83.77
N SER MB 112 -22.83 -72.33 -83.16
CA SER MB 112 -23.71 -71.22 -82.85
C SER MB 112 -22.96 -70.22 -82.01
N PRO MB 113 -23.05 -68.93 -82.32
CA PRO MB 113 -22.17 -67.94 -81.71
C PRO MB 113 -22.60 -67.58 -80.30
N SER MB 114 -21.78 -66.76 -79.67
CA SER MB 114 -21.92 -66.40 -78.27
C SER MB 114 -23.06 -65.47 -78.01
N VAL MB 115 -23.26 -64.52 -78.89
CA VAL MB 115 -24.51 -63.79 -78.88
C VAL MB 115 -25.48 -64.73 -79.58
N PRO MB 116 -26.74 -64.76 -79.17
CA PRO MB 116 -27.70 -65.60 -79.88
C PRO MB 116 -28.06 -65.00 -81.22
N VAL MB 117 -28.36 -65.89 -82.17
CA VAL MB 117 -28.97 -65.48 -83.43
C VAL MB 117 -30.46 -65.40 -83.17
N LEU MB 118 -30.96 -64.19 -83.02
CA LEU MB 118 -32.34 -63.97 -82.62
C LEU MB 118 -33.16 -63.67 -83.85
N ILE MB 119 -34.23 -64.42 -84.04
CA ILE MB 119 -35.25 -64.06 -85.02
C ILE MB 119 -36.53 -63.80 -84.26
N SER MB 120 -37.47 -63.16 -84.94
CA SER MB 120 -38.77 -62.88 -84.32
C SER MB 120 -39.81 -62.93 -85.44
N ILE MB 121 -40.39 -64.10 -85.63
CA ILE MB 121 -41.32 -64.37 -86.72
C ILE MB 121 -42.72 -64.13 -86.20
N SER MB 122 -43.47 -63.20 -86.79
CA SER MB 122 -44.87 -63.03 -86.43
C SER MB 122 -45.71 -63.08 -87.70
N THR MB 123 -46.52 -64.12 -87.83
CA THR MB 123 -47.22 -64.42 -89.07
C THR MB 123 -48.34 -65.43 -88.80
N LYS MB 124 -49.15 -65.63 -89.84
CA LYS MB 124 -50.36 -66.41 -89.72
C LYS MB 124 -50.66 -67.11 -91.04
N ASP MB 125 -50.61 -68.45 -91.01
CA ASP MB 125 -50.96 -69.40 -92.05
C ASP MB 125 -50.13 -69.16 -93.30
N GLU MB 126 -48.88 -69.57 -93.28
CA GLU MB 126 -48.24 -69.91 -94.53
C GLU MB 126 -47.60 -71.27 -94.38
N SER MB 127 -47.05 -71.75 -95.49
CA SER MB 127 -46.47 -73.08 -95.54
C SER MB 127 -45.16 -73.10 -94.76
N LEU MB 128 -44.79 -74.31 -94.34
CA LEU MB 128 -43.57 -74.54 -93.57
C LEU MB 128 -42.33 -74.21 -94.38
N ALA MB 129 -42.39 -74.41 -95.70
CA ALA MB 129 -41.29 -74.04 -96.59
C ALA MB 129 -41.09 -72.53 -96.63
N GLU MB 130 -42.17 -71.76 -96.70
CA GLU MB 130 -41.99 -70.32 -96.66
C GLU MB 130 -41.71 -69.79 -95.27
N ILE MB 131 -42.07 -70.52 -94.21
CA ILE MB 131 -41.64 -70.17 -92.86
C ILE MB 131 -40.14 -70.31 -92.73
N LEU MB 132 -39.59 -71.43 -93.22
CA LEU MB 132 -38.14 -71.65 -93.24
C LEU MB 132 -37.42 -70.67 -94.13
N ARG MB 133 -38.07 -70.25 -95.22
CA ARG MB 133 -37.54 -69.19 -96.05
C ARG MB 133 -37.45 -67.86 -95.33
N ASP MB 134 -38.51 -67.45 -94.63
CA ASP MB 134 -38.45 -66.18 -93.90
C ASP MB 134 -37.58 -66.24 -92.65
N ILE MB 135 -37.38 -67.44 -92.09
CA ILE MB 135 -36.41 -67.65 -91.03
C ILE MB 135 -34.99 -67.46 -91.55
N ASP MB 136 -34.70 -68.00 -92.76
CA ASP MB 136 -33.43 -67.80 -93.46
C ASP MB 136 -33.20 -66.31 -93.75
N TYR MB 137 -34.25 -65.57 -94.04
CA TYR MB 137 -34.06 -64.17 -94.35
C TYR MB 137 -33.84 -63.31 -93.12
N GLN MB 138 -34.61 -63.55 -92.08
CA GLN MB 138 -34.45 -62.74 -90.88
C GLN MB 138 -33.16 -63.08 -90.14
N ALA MB 139 -32.61 -64.27 -90.34
CA ALA MB 139 -31.22 -64.50 -90.00
C ALA MB 139 -30.32 -64.25 -91.22
N GLY MB 140 -30.24 -63.00 -91.65
CA GLY MB 140 -29.37 -62.67 -92.77
C GLY MB 140 -27.93 -62.58 -92.32
N LYS MB 141 -27.06 -63.34 -92.99
CA LYS MB 141 -25.60 -63.38 -92.83
C LYS MB 141 -25.13 -63.82 -91.44
N LYS MB 142 -25.99 -64.44 -90.66
CA LYS MB 142 -25.60 -65.09 -89.42
C LYS MB 142 -25.87 -66.56 -89.47
N ALA MB 143 -26.90 -66.96 -90.20
CA ALA MB 143 -27.28 -68.34 -90.38
C ALA MB 143 -27.91 -68.47 -91.75
N SER MB 144 -28.22 -69.70 -92.14
CA SER MB 144 -29.05 -69.97 -93.32
C SER MB 144 -29.68 -71.35 -93.19
N ILE MB 145 -30.91 -71.47 -93.65
CA ILE MB 145 -31.62 -72.74 -93.64
C ILE MB 145 -31.29 -73.41 -94.95
N HIS MB 146 -30.89 -74.67 -94.92
CA HIS MB 146 -30.88 -75.48 -96.12
C HIS MB 146 -31.82 -76.65 -95.91
N VAL MB 147 -32.49 -77.08 -96.97
CA VAL MB 147 -33.42 -78.21 -96.91
C VAL MB 147 -33.02 -79.16 -98.04
N TYR MB 148 -32.88 -80.45 -97.75
CA TYR MB 148 -32.58 -81.47 -98.76
C TYR MB 148 -33.75 -82.42 -98.88
N PRO MB 149 -34.62 -82.24 -99.88
CA PRO MB 149 -35.89 -82.97 -99.88
C PRO MB 149 -35.89 -84.35 -100.50
N ASN MB 150 -34.82 -84.78 -101.18
CA ASN MB 150 -34.78 -86.19 -101.51
C ASN MB 150 -34.30 -87.04 -100.34
N SER MB 151 -33.59 -86.42 -99.41
CA SER MB 151 -33.47 -86.92 -98.05
C SER MB 151 -34.61 -86.31 -97.24
N GLN MB 152 -34.57 -86.43 -95.93
CA GLN MB 152 -35.53 -85.67 -95.12
C GLN MB 152 -34.70 -84.94 -94.10
N VAL MB 153 -34.09 -83.83 -94.50
CA VAL MB 153 -33.29 -83.10 -93.53
C VAL MB 153 -33.39 -81.58 -93.71
N VAL MB 154 -33.77 -80.91 -92.63
CA VAL MB 154 -33.65 -79.46 -92.49
C VAL MB 154 -32.34 -79.17 -91.78
N GLU MB 155 -31.55 -78.26 -92.34
CA GLU MB 155 -30.26 -77.89 -91.79
C GLU MB 155 -30.23 -76.44 -91.40
N LEU MB 156 -29.62 -76.17 -90.27
CA LEU MB 156 -29.30 -74.81 -89.90
C LEU MB 156 -27.80 -74.63 -89.99
N ARG MB 157 -27.37 -73.67 -90.79
CA ARG MB 157 -25.96 -73.38 -90.97
C ARG MB 157 -25.63 -72.09 -90.27
N TYR MB 158 -24.71 -72.14 -89.31
CA TYR MB 158 -24.27 -70.88 -88.71
C TYR MB 158 -23.11 -70.30 -89.50
N ALA MB 159 -22.77 -69.06 -89.19
CA ALA MB 159 -21.79 -68.35 -89.99
C ALA MB 159 -20.37 -68.62 -89.52
N LYS MB 160 -19.41 -68.21 -90.36
CA LYS MB 160 -17.97 -68.43 -90.19
C LYS MB 160 -17.29 -67.39 -89.32
N ILE MB 161 -18.01 -66.58 -88.58
CA ILE MB 161 -17.38 -65.43 -87.96
C ILE MB 161 -17.63 -65.43 -86.46
N ALA NB 58 -55.29 14.10 -52.16
CA ALA NB 58 -54.33 13.00 -52.14
C ALA NB 58 -55.04 11.69 -52.46
N LEU NB 59 -56.19 11.47 -51.81
CA LEU NB 59 -57.07 10.37 -52.20
C LEU NB 59 -57.66 10.61 -53.57
N LYS NB 60 -57.88 11.87 -53.91
CA LYS NB 60 -58.28 12.27 -55.25
C LYS NB 60 -57.18 11.98 -56.28
N GLU NB 61 -55.91 12.12 -55.87
CA GLU NB 61 -54.76 11.86 -56.73
C GLU NB 61 -54.58 10.38 -56.95
N THR NB 62 -54.73 9.56 -55.90
CA THR NB 62 -54.63 8.14 -56.14
C THR NB 62 -55.88 7.57 -56.80
N ALA NB 63 -57.01 8.27 -56.74
CA ALA NB 63 -58.16 7.91 -57.58
C ALA NB 63 -57.86 8.12 -59.06
N LEU NB 64 -57.18 9.22 -59.39
CA LEU NB 64 -56.72 9.48 -60.75
C LEU NB 64 -55.71 8.43 -61.21
N SER NB 65 -54.81 8.03 -60.32
CA SER NB 65 -53.83 7.00 -60.65
C SER NB 65 -54.43 5.61 -60.77
N VAL NB 66 -55.53 5.32 -60.07
CA VAL NB 66 -56.28 4.10 -60.34
C VAL NB 66 -56.91 4.14 -61.73
N GLY NB 67 -57.52 5.28 -62.08
CA GLY NB 67 -58.21 5.38 -63.37
C GLY NB 67 -57.31 5.39 -64.59
N ALA NB 68 -56.05 5.80 -64.43
CA ALA NB 68 -55.12 5.96 -65.55
C ALA NB 68 -54.74 4.63 -66.20
N GLN NB 69 -54.32 3.65 -65.40
CA GLN NB 69 -53.83 2.41 -65.99
C GLN NB 69 -54.95 1.53 -66.50
N ALA NB 70 -56.13 1.65 -65.89
CA ALA NB 70 -57.31 0.96 -66.39
C ALA NB 70 -57.77 1.53 -67.72
N GLY NB 71 -57.71 2.86 -67.86
CA GLY NB 71 -58.03 3.47 -69.14
C GLY NB 71 -57.03 3.16 -70.24
N LEU NB 72 -55.75 3.08 -69.87
CA LEU NB 72 -54.69 2.67 -70.78
C LEU NB 72 -54.87 1.24 -71.27
N ALA NB 73 -55.18 0.32 -70.36
CA ALA NB 73 -55.34 -1.08 -70.75
C ALA NB 73 -56.62 -1.31 -71.54
N TRP NB 74 -57.68 -0.56 -71.23
CA TRP NB 74 -58.92 -0.67 -71.99
C TRP NB 74 -58.75 -0.13 -73.40
N ARG NB 75 -58.07 1.03 -73.54
CA ARG NB 75 -57.83 1.60 -74.87
C ARG NB 75 -56.87 0.75 -75.68
N ALA NB 76 -55.93 0.09 -74.99
CA ALA NB 76 -55.03 -0.87 -75.63
C ALA NB 76 -55.78 -2.05 -76.19
N LYS NB 77 -56.77 -2.57 -75.43
CA LYS NB 77 -57.64 -3.67 -75.88
C LYS NB 77 -58.44 -3.30 -77.11
N ILE NB 78 -59.12 -2.13 -77.07
CA ILE NB 78 -60.00 -1.67 -78.16
C ILE NB 78 -59.21 -1.45 -79.44
N ILE NB 79 -58.03 -0.87 -79.34
CA ILE NB 79 -57.26 -0.74 -80.56
C ILE NB 79 -56.52 -2.00 -80.95
N ASP NB 80 -56.39 -3.01 -80.06
CA ASP NB 80 -55.84 -4.27 -80.53
C ASP NB 80 -56.81 -5.04 -81.42
N GLU NB 81 -58.11 -5.14 -81.06
CA GLU NB 81 -58.92 -5.87 -82.06
C GLU NB 81 -59.41 -4.90 -83.12
N GLN NB 82 -59.21 -3.60 -82.94
CA GLN NB 82 -59.46 -2.70 -84.04
C GLN NB 82 -58.33 -2.80 -85.08
N LEU NB 83 -57.10 -3.09 -84.63
CA LEU NB 83 -56.02 -3.49 -85.53
C LEU NB 83 -56.31 -4.83 -86.20
N ASN NB 84 -56.79 -5.80 -85.42
CA ASN NB 84 -57.04 -7.14 -85.96
C ASN NB 84 -58.24 -7.21 -86.88
N LYS NB 85 -59.13 -6.24 -86.81
CA LYS NB 85 -60.18 -6.15 -87.81
C LYS NB 85 -59.63 -5.73 -89.16
N GLN NB 86 -58.57 -4.94 -89.15
CA GLN NB 86 -57.95 -4.47 -90.39
C GLN NB 86 -56.65 -5.18 -90.66
N ALA NB 87 -56.59 -6.49 -90.37
CA ALA NB 87 -55.34 -7.23 -90.42
C ALA NB 87 -54.84 -7.44 -91.84
N ARG NB 88 -55.71 -7.83 -92.77
CA ARG NB 88 -55.27 -8.00 -94.16
C ARG NB 88 -55.01 -6.67 -94.85
N ASN NB 89 -55.71 -5.63 -94.44
CA ASN NB 89 -55.48 -4.29 -94.95
C ASN NB 89 -54.11 -3.77 -94.53
N LEU NB 90 -53.68 -4.07 -93.31
CA LEU NB 90 -52.37 -3.64 -92.86
C LEU NB 90 -51.25 -4.46 -93.44
N ASP NB 91 -51.49 -5.73 -93.78
CA ASP NB 91 -50.56 -6.46 -94.62
C ASP NB 91 -50.46 -5.91 -96.03
N ALA NB 92 -51.53 -5.31 -96.54
CA ALA NB 92 -51.41 -4.62 -97.82
C ALA NB 92 -50.63 -3.33 -97.69
N ILE NB 93 -50.89 -2.53 -96.64
CA ILE NB 93 -50.19 -1.24 -96.41
C ILE NB 93 -48.72 -1.46 -96.16
N TYR NB 94 -48.40 -2.15 -95.07
CA TYR NB 94 -47.04 -2.35 -94.61
C TYR NB 94 -46.48 -3.67 -95.11
N ASP NB 95 -46.48 -3.79 -96.43
CA ASP NB 95 -45.99 -5.00 -97.09
C ASP NB 95 -44.48 -4.92 -97.18
N PHE NB 96 -43.81 -5.36 -96.12
CA PHE NB 96 -42.35 -5.40 -96.14
C PHE NB 96 -41.83 -6.55 -96.96
N ASN NB 97 -42.68 -7.55 -97.19
CA ASN NB 97 -42.33 -8.84 -97.78
C ASN NB 97 -41.86 -8.69 -99.20
N SER NB 98 -42.55 -7.88 -99.98
CA SER NB 98 -42.11 -7.61 -101.34
C SER NB 98 -41.40 -6.30 -101.45
N LEU NB 99 -40.78 -5.83 -100.38
CA LEU NB 99 -39.81 -4.77 -100.45
C LEU NB 99 -38.38 -5.23 -100.26
N VAL NB 100 -38.18 -6.50 -99.93
CA VAL NB 100 -36.84 -6.98 -99.65
C VAL NB 100 -36.07 -7.17 -100.95
N LEU NB 101 -34.77 -7.28 -100.82
CA LEU NB 101 -33.90 -7.23 -101.97
C LEU NB 101 -33.72 -8.64 -102.52
N GLU NB 102 -32.76 -8.80 -103.42
CA GLU NB 102 -32.59 -10.04 -104.15
C GLU NB 102 -32.02 -11.17 -103.32
N HIS NB 103 -31.25 -10.90 -102.29
CA HIS NB 103 -30.72 -12.01 -101.52
C HIS NB 103 -31.35 -12.00 -100.15
N ASN NB 104 -32.67 -11.78 -100.10
CA ASN NB 104 -33.52 -11.57 -98.90
C ASN NB 104 -32.90 -10.59 -97.89
N ILE NB 105 -32.41 -9.50 -98.43
CA ILE NB 105 -31.79 -8.45 -97.64
C ILE NB 105 -32.85 -7.41 -97.35
N LEU NB 106 -33.02 -7.12 -96.07
CA LEU NB 106 -33.89 -6.05 -95.67
C LEU NB 106 -33.24 -4.74 -96.07
N PRO NB 107 -33.97 -3.90 -96.80
CA PRO NB 107 -33.42 -2.63 -97.26
C PRO NB 107 -33.24 -1.64 -96.13
N PRO NB 108 -32.32 -0.68 -96.25
CA PRO NB 108 -32.10 0.25 -95.14
C PRO NB 108 -33.10 1.38 -95.16
N VAL NB 109 -33.15 2.10 -94.04
CA VAL NB 109 -34.13 3.15 -93.87
C VAL NB 109 -33.47 4.48 -94.16
N LEU NB 110 -33.85 5.11 -95.25
CA LEU NB 110 -33.27 6.40 -95.59
C LEU NB 110 -34.20 7.49 -95.09
N LEU NB 111 -33.62 8.57 -94.61
CA LEU NB 111 -34.42 9.67 -94.12
C LEU NB 111 -34.13 10.89 -94.97
N GLU NB 112 -35.19 11.53 -95.44
CA GLU NB 112 -35.13 12.72 -96.25
C GLU NB 112 -35.47 13.91 -95.39
N GLY NB 113 -34.64 14.92 -95.44
CA GLY NB 113 -35.02 16.16 -94.83
C GLY NB 113 -34.73 17.27 -95.80
N ARG NB 114 -35.75 17.90 -96.32
CA ARG NB 114 -35.49 18.98 -97.25
C ARG NB 114 -35.38 20.28 -96.48
N ASN NB 115 -34.56 21.18 -97.06
CA ASN NB 115 -34.65 22.63 -96.92
C ASN NB 115 -34.26 23.04 -95.49
N THR NB 116 -33.04 22.69 -95.13
CA THR NB 116 -32.60 22.58 -93.75
C THR NB 116 -31.82 23.82 -93.36
N LEU NB 117 -32.12 24.38 -92.19
CA LEU NB 117 -31.27 25.40 -91.61
C LEU NB 117 -30.76 24.93 -90.26
N ASN NB 118 -29.51 25.28 -89.95
CA ASN NB 118 -29.03 25.31 -88.58
C ASN NB 118 -28.45 26.67 -88.28
N LEU NB 119 -29.00 27.32 -87.27
CA LEU NB 119 -28.43 28.51 -86.68
C LEU NB 119 -27.36 28.06 -85.70
N ALA NB 120 -26.09 28.15 -86.09
CA ALA NB 120 -25.08 27.62 -85.20
C ALA NB 120 -24.77 28.57 -84.07
N ASP NB 121 -24.57 29.84 -84.41
CA ASP NB 121 -24.38 30.87 -83.43
C ASP NB 121 -24.92 32.15 -84.04
N ALA NB 122 -24.55 33.29 -83.47
CA ALA NB 122 -24.94 34.57 -84.02
C ALA NB 122 -24.23 34.86 -85.34
N GLN NB 123 -23.06 34.28 -85.54
CA GLN NB 123 -22.22 34.66 -86.65
C GLN NB 123 -22.49 33.84 -87.89
N SER NB 124 -23.10 32.66 -87.75
CA SER NB 124 -23.09 31.70 -88.85
C SER NB 124 -24.29 30.77 -88.83
N ILE NB 125 -24.86 30.56 -90.01
CA ILE NB 125 -25.83 29.52 -90.24
C ILE NB 125 -25.29 28.57 -91.30
N ARG NB 126 -25.85 27.38 -91.34
CA ARG NB 126 -25.65 26.50 -92.48
C ARG NB 126 -27.00 26.08 -93.00
N ILE NB 127 -27.27 26.36 -94.25
CA ILE NB 127 -28.41 25.75 -94.90
C ILE NB 127 -27.90 24.65 -95.79
N SER NB 128 -28.74 23.65 -95.96
CA SER NB 128 -28.53 22.66 -97.00
C SER NB 128 -29.88 22.41 -97.62
N ASP NB 129 -29.89 21.97 -98.86
CA ASP NB 129 -31.20 21.84 -99.49
C ASP NB 129 -31.86 20.51 -99.19
N ARG NB 130 -31.12 19.41 -99.31
CA ARG NB 130 -31.65 18.12 -98.90
C ARG NB 130 -30.62 17.38 -98.10
N THR NB 131 -31.11 16.53 -97.22
CA THR NB 131 -30.29 15.68 -96.38
C THR NB 131 -30.82 14.27 -96.47
N TYR NB 132 -29.97 13.35 -96.87
CA TYR NB 132 -30.33 11.94 -96.84
C TYR NB 132 -29.48 11.22 -95.81
N LYS NB 133 -30.13 10.49 -94.93
CA LYS NB 133 -29.43 9.78 -93.88
C LYS NB 133 -29.72 8.30 -94.02
N VAL NB 134 -28.70 7.48 -93.93
CA VAL NB 134 -28.88 6.05 -93.84
C VAL NB 134 -29.04 5.71 -92.36
N ALA NB 135 -30.21 5.23 -91.98
CA ALA NB 135 -30.47 4.78 -90.64
C ALA NB 135 -30.85 3.31 -90.68
N LYS NB 136 -30.22 2.57 -89.76
CA LYS NB 136 -30.31 1.11 -89.52
C LYS NB 136 -30.20 0.32 -90.83
N GLN NB 137 -28.94 0.29 -91.28
CA GLN NB 137 -28.39 -0.15 -92.55
C GLN NB 137 -28.87 -1.56 -92.95
N ALA NB 138 -28.84 -1.83 -94.26
CA ALA NB 138 -29.35 -3.05 -94.89
C ALA NB 138 -28.69 -4.30 -94.39
N HIS NB 139 -29.50 -5.33 -94.20
CA HIS NB 139 -28.96 -6.52 -93.56
C HIS NB 139 -29.81 -7.72 -93.91
N PHE NB 140 -29.22 -8.90 -93.73
CA PHE NB 140 -29.82 -10.18 -94.12
C PHE NB 140 -31.01 -10.49 -93.24
N ILE NB 141 -32.21 -10.40 -93.78
CA ILE NB 141 -33.36 -10.75 -92.97
C ILE NB 141 -33.78 -12.15 -93.37
N THR NB 142 -34.24 -12.94 -92.40
CA THR NB 142 -34.72 -14.27 -92.74
C THR NB 142 -36.19 -14.21 -93.14
N THR NB 143 -37.03 -13.80 -92.22
CA THR NB 143 -38.43 -13.56 -92.53
C THR NB 143 -38.76 -12.10 -92.34
N PRO NB 144 -39.50 -11.48 -93.27
CA PRO NB 144 -39.65 -10.02 -93.30
C PRO NB 144 -40.50 -9.52 -92.16
N PRO NB 145 -40.35 -8.25 -91.75
CA PRO NB 145 -41.12 -7.75 -90.63
C PRO NB 145 -42.57 -7.57 -90.99
N THR NB 146 -43.43 -7.84 -90.02
CA THR NB 146 -44.83 -7.56 -90.20
C THR NB 146 -45.13 -6.19 -89.63
N TRP NB 147 -46.40 -5.83 -89.62
CA TRP NB 147 -46.79 -4.65 -88.90
C TRP NB 147 -46.96 -4.93 -87.42
N ARG NB 148 -47.03 -6.20 -87.04
CA ARG NB 148 -47.40 -6.51 -85.67
C ARG NB 148 -46.26 -6.34 -84.69
N GLN NB 149 -45.01 -6.29 -85.15
CA GLN NB 149 -43.95 -5.92 -84.22
C GLN NB 149 -43.94 -4.43 -83.95
N TYR NB 150 -44.52 -3.67 -84.85
CA TYR NB 150 -44.38 -2.23 -84.78
C TYR NB 150 -45.61 -1.58 -84.19
N LEU NB 151 -46.79 -2.20 -84.36
CA LEU NB 151 -48.06 -1.56 -84.05
C LEU NB 151 -48.81 -2.14 -82.87
N TRP NB 152 -48.54 -3.37 -82.47
CA TRP NB 152 -49.35 -4.06 -81.48
C TRP NB 152 -49.04 -3.52 -80.09
N MET NB 153 -50.02 -2.85 -79.45
CA MET NB 153 -49.79 -2.47 -78.08
C MET NB 153 -50.11 -3.61 -77.13
N ASP NB 154 -49.53 -3.53 -75.95
CA ASP NB 154 -49.44 -4.65 -75.05
C ASP NB 154 -50.67 -4.74 -74.18
N TYR NB 155 -51.30 -5.89 -74.17
CA TYR NB 155 -52.46 -6.12 -73.32
C TYR NB 155 -52.10 -6.96 -72.12
N VAL NB 156 -52.11 -6.32 -70.97
CA VAL NB 156 -52.25 -7.00 -69.72
C VAL NB 156 -53.60 -6.59 -69.13
N LYS NB 157 -54.17 -7.47 -68.32
CA LYS NB 157 -55.49 -7.20 -67.75
C LYS NB 157 -55.23 -6.80 -66.30
N PRO NB 158 -55.39 -5.53 -65.95
CA PRO NB 158 -55.00 -5.07 -64.61
C PRO NB 158 -56.05 -5.46 -63.57
N GLU NB 159 -55.62 -6.23 -62.59
CA GLU NB 159 -56.51 -6.76 -61.57
C GLU NB 159 -56.35 -6.03 -60.24
N ALA NB 160 -55.86 -4.80 -60.27
CA ALA NB 160 -55.59 -4.08 -59.04
C ALA NB 160 -56.54 -2.91 -58.89
N PRO NB 161 -57.56 -3.00 -58.02
CA PRO NB 161 -58.40 -1.82 -57.76
C PRO NB 161 -57.71 -0.84 -56.83
N LYS NB 173 -65.31 9.08 -52.97
CA LYS NB 173 -66.52 8.52 -53.58
C LYS NB 173 -66.90 9.30 -54.82
N GLU NB 174 -67.46 10.50 -54.60
CA GLU NB 174 -67.86 11.36 -55.71
C GLU NB 174 -66.64 11.99 -56.40
N ILE NB 175 -65.64 12.37 -55.60
CA ILE NB 175 -64.40 12.93 -56.12
C ILE NB 175 -63.57 11.83 -56.75
N TRP NB 176 -63.68 10.62 -56.17
CA TRP NB 176 -63.14 9.39 -56.76
C TRP NB 176 -63.74 9.11 -58.13
N CYS NB 177 -65.04 9.32 -58.28
CA CYS NB 177 -65.71 9.02 -59.54
C CYS NB 177 -65.36 10.04 -60.62
N ILE NB 178 -65.31 11.33 -60.27
CA ILE NB 178 -64.97 12.33 -61.29
C ILE NB 178 -63.48 12.28 -61.64
N TYR NB 179 -62.60 11.94 -60.70
CA TYR NB 179 -61.22 11.84 -61.12
C TYR NB 179 -60.87 10.48 -61.66
N THR NB 180 -61.71 9.45 -61.49
CA THR NB 180 -61.42 8.25 -62.24
C THR NB 180 -61.94 8.38 -63.66
N GLU NB 181 -62.90 9.27 -63.92
CA GLU NB 181 -63.17 9.58 -65.32
C GLU NB 181 -62.09 10.45 -65.95
N ARG NB 182 -61.50 11.39 -65.21
CA ARG NB 182 -60.41 12.15 -65.79
C ARG NB 182 -59.11 11.34 -65.84
N GLY NB 183 -58.93 10.39 -64.95
CA GLY NB 183 -57.90 9.39 -65.12
C GLY NB 183 -58.16 8.46 -66.28
N TRP NB 184 -59.42 8.15 -66.56
CA TRP NB 184 -59.77 7.25 -67.64
C TRP NB 184 -59.51 7.87 -69.00
N LYS NB 185 -59.84 9.16 -69.17
CA LYS NB 185 -59.45 9.79 -70.43
C LYS NB 185 -57.97 10.10 -70.51
N ASN NB 186 -57.29 10.26 -69.35
CA ASN NB 186 -55.84 10.40 -69.39
C ASN NB 186 -55.15 9.12 -69.82
N GLY NB 187 -55.66 7.98 -69.37
CA GLY NB 187 -55.17 6.71 -69.86
C GLY NB 187 -55.50 6.44 -71.31
N ILE NB 188 -56.68 6.91 -71.75
CA ILE NB 188 -57.10 6.74 -73.15
C ILE NB 188 -56.21 7.55 -74.08
N ASP NB 189 -55.98 8.84 -73.81
CA ASP NB 189 -55.18 9.58 -74.78
C ASP NB 189 -53.69 9.34 -74.60
N GLN NB 190 -53.27 8.80 -73.45
CA GLN NB 190 -51.88 8.41 -73.36
C GLN NB 190 -51.61 7.11 -74.12
N ALA NB 191 -52.60 6.20 -74.16
CA ALA NB 191 -52.50 5.04 -75.06
C ALA NB 191 -52.57 5.43 -76.54
N ASN NB 192 -53.35 6.47 -76.83
CA ASN NB 192 -53.37 7.06 -78.17
C ASN NB 192 -52.03 7.65 -78.59
N THR NB 193 -51.28 8.25 -77.67
CA THR NB 193 -49.97 8.76 -78.05
C THR NB 193 -48.96 7.63 -78.25
N ILE NB 194 -49.11 6.53 -77.51
CA ILE NB 194 -48.27 5.35 -77.72
C ILE NB 194 -48.53 4.74 -79.10
N LEU NB 195 -49.81 4.65 -79.47
CA LEU NB 195 -50.19 4.17 -80.80
C LEU NB 195 -49.76 5.11 -81.91
N GLU NB 196 -49.79 6.43 -81.65
CA GLU NB 196 -49.35 7.44 -82.60
C GLU NB 196 -47.86 7.33 -82.88
N GLU NB 197 -47.07 7.06 -81.84
CA GLU NB 197 -45.65 6.80 -82.08
C GLU NB 197 -45.38 5.46 -82.72
N ASN NB 198 -46.26 4.48 -82.51
CA ASN NB 198 -46.09 3.19 -83.17
C ASN NB 198 -46.32 3.25 -84.68
N ILE NB 199 -47.40 3.93 -85.07
CA ILE NB 199 -47.66 4.31 -86.47
C ILE NB 199 -46.57 5.19 -87.04
N ALA NB 200 -46.01 6.07 -86.23
CA ALA NB 200 -44.90 6.91 -86.65
C ALA NB 200 -43.63 6.12 -86.93
N ARG NB 201 -43.37 5.10 -86.11
CA ARG NB 201 -42.19 4.28 -86.28
C ARG NB 201 -42.30 3.39 -87.51
N ILE NB 202 -43.49 2.82 -87.75
CA ILE NB 202 -43.66 2.00 -88.95
C ILE NB 202 -43.68 2.86 -90.20
N LYS NB 203 -44.11 4.12 -90.10
CA LYS NB 203 -44.10 4.98 -91.27
C LYS NB 203 -42.70 5.46 -91.61
N GLU NB 204 -41.88 5.75 -90.56
CA GLU NB 204 -40.44 5.95 -90.71
C GLU NB 204 -39.74 4.78 -91.38
N ASP NB 205 -39.94 3.56 -90.87
CA ASP NB 205 -39.17 2.41 -91.32
C ASP NB 205 -39.56 1.98 -92.73
N PHE NB 206 -40.87 1.96 -92.99
CA PHE NB 206 -41.35 1.52 -94.28
C PHE NB 206 -41.07 2.57 -95.35
N GLY NB 207 -41.35 3.85 -95.07
CA GLY NB 207 -41.07 4.90 -96.03
C GLY NB 207 -39.60 5.18 -96.23
N GLY NB 208 -38.76 4.78 -95.28
CA GLY NB 208 -37.34 4.75 -95.53
C GLY NB 208 -36.92 3.70 -96.53
N MET NB 209 -37.56 2.54 -96.49
CA MET NB 209 -37.27 1.52 -97.50
C MET NB 209 -37.79 1.94 -98.88
N ILE NB 210 -38.89 2.69 -98.88
CA ILE NB 210 -39.45 3.22 -100.11
C ILE NB 210 -38.54 4.31 -100.66
N LEU NB 211 -37.94 5.08 -99.77
CA LEU NB 211 -37.01 6.12 -100.14
C LEU NB 211 -35.71 5.54 -100.66
N TYR NB 212 -35.37 4.30 -100.22
CA TYR NB 212 -34.24 3.59 -100.84
C TYR NB 212 -34.60 3.33 -102.28
N ARG NB 213 -35.79 2.74 -102.52
CA ARG NB 213 -36.11 2.26 -103.86
C ARG NB 213 -36.28 3.39 -104.87
N LYS NB 214 -36.70 4.55 -104.37
CA LYS NB 214 -36.47 5.82 -105.07
C LYS NB 214 -34.99 6.08 -105.35
N LEU NB 215 -34.13 6.04 -104.33
CA LEU NB 215 -32.75 6.43 -104.63
C LEU NB 215 -31.93 5.34 -105.29
N LEU NB 216 -32.41 4.11 -105.31
CA LEU NB 216 -31.75 3.04 -106.02
C LEU NB 216 -32.09 3.11 -107.48
N ALA NB 217 -33.35 3.48 -107.78
CA ALA NB 217 -33.66 3.94 -109.12
C ALA NB 217 -32.88 5.19 -109.46
N MET NB 218 -32.82 6.14 -108.53
CA MET NB 218 -32.33 7.47 -108.82
C MET NB 218 -30.83 7.61 -108.59
N ASN NB 219 -30.15 6.48 -108.39
CA ASN NB 219 -28.70 6.32 -108.41
C ASN NB 219 -27.97 7.11 -107.34
N MET NB 220 -28.66 7.42 -106.24
CA MET NB 220 -28.00 8.10 -105.16
C MET NB 220 -27.44 7.15 -104.12
N VAL NB 221 -27.77 5.87 -104.19
CA VAL NB 221 -27.21 4.85 -103.33
C VAL NB 221 -26.67 3.69 -104.17
N SER NB 222 -25.83 2.93 -103.55
CA SER NB 222 -25.39 1.66 -104.13
C SER NB 222 -26.39 0.57 -103.76
N PRO NB 223 -26.57 -0.44 -104.61
CA PRO NB 223 -27.20 -1.67 -104.15
C PRO NB 223 -26.22 -2.47 -103.33
N PRO NB 224 -26.65 -3.44 -102.51
CA PRO NB 224 -25.66 -4.23 -101.78
C PRO NB 224 -25.00 -5.23 -102.70
N TYR NB 225 -23.72 -5.42 -102.49
CA TYR NB 225 -23.00 -6.36 -103.33
C TYR NB 225 -22.77 -7.58 -102.45
N VAL NB 226 -23.48 -8.63 -102.79
CA VAL NB 226 -23.29 -9.91 -102.14
C VAL NB 226 -22.12 -10.65 -102.77
N SER NB 227 -21.67 -11.66 -102.05
CA SER NB 227 -20.65 -12.59 -102.52
C SER NB 227 -21.08 -13.96 -102.06
N HIS NB 228 -21.26 -14.89 -102.98
CA HIS NB 228 -21.53 -16.26 -102.62
C HIS NB 228 -20.30 -17.11 -102.87
N THR NB 229 -19.55 -17.39 -101.81
CA THR NB 229 -18.48 -18.37 -101.89
C THR NB 229 -19.12 -19.73 -101.78
N ASP NB 230 -19.23 -20.40 -102.92
CA ASP NB 230 -19.75 -21.75 -102.96
C ASP NB 230 -18.67 -22.66 -102.42
N LEU NB 231 -19.08 -23.65 -101.65
CA LEU NB 231 -18.22 -24.69 -101.15
C LEU NB 231 -18.88 -26.02 -101.47
N GLY NB 232 -18.06 -27.03 -101.71
CA GLY NB 232 -18.61 -28.33 -101.96
C GLY NB 232 -18.97 -29.07 -100.70
N VAL NB 233 -18.66 -30.34 -100.66
CA VAL NB 233 -18.97 -31.12 -99.47
C VAL NB 233 -17.96 -30.79 -98.38
N THR NB 234 -18.47 -30.59 -97.18
CA THR NB 234 -17.75 -29.83 -96.19
C THR NB 234 -17.82 -30.53 -94.85
N GLY NB 235 -16.67 -30.77 -94.28
CA GLY NB 235 -16.58 -31.21 -92.91
C GLY NB 235 -15.71 -32.43 -92.79
N ASP NB 236 -15.73 -32.98 -91.59
CA ASP NB 236 -15.05 -34.23 -91.32
C ASP NB 236 -15.98 -35.40 -91.65
N GLY NB 237 -15.63 -36.58 -91.17
CA GLY NB 237 -16.50 -37.70 -91.41
C GLY NB 237 -17.62 -37.86 -90.41
N SER NB 238 -17.65 -37.05 -89.38
CA SER NB 238 -18.78 -37.14 -88.46
C SER NB 238 -19.92 -36.22 -88.85
N GLU NB 239 -19.69 -35.35 -89.83
CA GLU NB 239 -20.63 -34.28 -90.14
C GLU NB 239 -20.33 -33.81 -91.55
N ILE NB 240 -21.27 -33.96 -92.46
CA ILE NB 240 -21.08 -33.36 -93.79
C ILE NB 240 -22.22 -32.40 -94.05
N HIS NB 241 -21.90 -31.36 -94.79
CA HIS NB 241 -22.85 -30.47 -95.39
C HIS NB 241 -22.55 -30.46 -96.88
N ILE NB 242 -23.56 -30.69 -97.69
CA ILE NB 242 -23.29 -31.14 -99.05
C ILE NB 242 -23.07 -29.96 -99.97
N ASP NB 243 -24.02 -29.08 -100.11
CA ASP NB 243 -23.86 -27.89 -100.91
C ASP NB 243 -23.76 -26.70 -99.98
N ASP NB 244 -22.54 -26.23 -99.74
CA ASP NB 244 -22.23 -25.36 -98.63
C ASP NB 244 -21.93 -23.96 -99.16
N ARG NB 245 -22.96 -23.14 -99.29
CA ARG NB 245 -22.79 -21.81 -99.82
C ARG NB 245 -22.75 -20.79 -98.70
N VAL NB 246 -21.66 -20.05 -98.61
CA VAL NB 246 -21.54 -18.96 -97.65
C VAL NB 246 -21.82 -17.66 -98.38
N LEU NB 247 -22.81 -16.92 -97.90
CA LEU NB 247 -23.24 -15.69 -98.55
C LEU NB 247 -22.89 -14.53 -97.62
N ARG NB 248 -22.15 -13.58 -98.13
CA ARG NB 248 -21.80 -12.39 -97.39
C ARG NB 248 -22.27 -11.16 -98.13
N ILE NB 249 -22.47 -10.10 -97.38
CA ILE NB 249 -22.60 -8.77 -97.94
C ILE NB 249 -21.23 -8.12 -97.84
N THR NB 250 -20.65 -7.77 -98.98
CA THR NB 250 -19.38 -7.08 -98.99
C THR NB 250 -19.57 -5.57 -98.96
N ALA NB 251 -20.35 -5.06 -99.90
CA ALA NB 251 -20.58 -3.64 -100.04
C ALA NB 251 -21.96 -3.32 -99.48
N LEU NB 252 -22.03 -2.41 -98.57
CA LEU NB 252 -23.32 -2.08 -98.02
C LEU NB 252 -23.98 -1.05 -98.94
N PRO NB 253 -25.31 -0.93 -98.91
CA PRO NB 253 -25.95 0.18 -99.62
C PRO NB 253 -25.62 1.49 -98.96
N GLU NB 254 -25.29 2.47 -99.79
CA GLU NB 254 -24.41 3.50 -99.32
C GLU NB 254 -24.52 4.65 -100.32
N LEU NB 255 -24.72 5.87 -99.83
CA LEU NB 255 -25.01 7.02 -100.69
C LEU NB 255 -23.75 7.47 -101.43
N ASN NB 256 -23.82 7.62 -102.75
CA ASN NB 256 -22.63 8.08 -103.44
C ASN NB 256 -22.58 9.60 -103.43
N VAL NB 257 -21.39 10.14 -103.23
CA VAL NB 257 -21.19 11.56 -103.29
C VAL NB 257 -20.62 12.00 -104.61
N ASN NB 258 -20.22 11.07 -105.45
CA ASN NB 258 -19.72 11.41 -106.77
C ASN NB 258 -21.06 11.57 -107.46
N SER NB 259 -21.45 12.82 -107.71
CA SER NB 259 -22.86 13.10 -107.88
C SER NB 259 -23.26 13.28 -109.34
N ALA NB 260 -22.32 13.14 -110.27
CA ALA NB 260 -22.64 13.35 -111.68
C ALA NB 260 -23.45 12.23 -112.30
N GLU NB 261 -23.45 11.04 -111.71
CA GLU NB 261 -24.24 9.92 -112.22
C GLU NB 261 -25.58 9.81 -111.56
N TRP NB 262 -26.06 10.89 -110.96
CA TRP NB 262 -27.36 10.85 -110.33
C TRP NB 262 -28.45 10.90 -111.37
N ARG NB 263 -29.68 10.71 -110.91
CA ARG NB 263 -30.81 10.72 -111.81
C ARG NB 263 -31.75 11.79 -111.28
N ALA NB 264 -32.92 11.91 -111.88
CA ALA NB 264 -33.89 12.96 -111.63
C ALA NB 264 -35.26 12.41 -112.03
N ALA NB 265 -36.26 12.69 -111.23
CA ALA NB 265 -37.52 11.98 -111.35
C ALA NB 265 -38.51 12.54 -112.38
N VAL NB 266 -38.11 12.74 -113.63
CA VAL NB 266 -39.05 13.39 -114.56
C VAL NB 266 -39.96 12.36 -115.20
N ALA NB 267 -41.27 12.61 -115.09
CA ALA NB 267 -42.29 11.71 -115.60
C ALA NB 267 -43.21 12.49 -116.52
N LYS NB 268 -44.32 11.89 -116.90
CA LYS NB 268 -45.31 12.59 -117.73
C LYS NB 268 -46.71 12.47 -117.16
N PHE OB 25 -84.03 -11.00 -98.88
CA PHE OB 25 -83.19 -9.94 -98.35
C PHE OB 25 -81.74 -10.38 -98.17
N LYS OB 26 -80.82 -9.49 -98.52
CA LYS OB 26 -79.39 -9.72 -98.46
C LYS OB 26 -78.78 -8.84 -97.38
N LYS OB 27 -77.47 -8.96 -97.19
CA LYS OB 27 -76.72 -8.29 -96.15
C LYS OB 27 -75.58 -7.46 -96.72
N PRO OB 28 -75.07 -6.47 -95.98
CA PRO OB 28 -73.78 -5.90 -96.33
C PRO OB 28 -72.67 -6.87 -95.99
N PRO OB 29 -71.46 -6.70 -96.53
CA PRO OB 29 -70.36 -7.56 -96.13
C PRO OB 29 -69.90 -7.34 -94.68
N ILE OB 30 -69.24 -8.35 -94.13
CA ILE OB 30 -69.02 -8.39 -92.67
C ILE OB 30 -67.82 -7.55 -92.30
N ASN OB 31 -66.72 -7.73 -93.01
CA ASN OB 31 -65.55 -6.89 -92.81
C ASN OB 31 -65.52 -5.75 -93.82
N ASN OB 32 -66.70 -5.24 -94.17
CA ASN OB 32 -66.84 -4.21 -95.17
C ASN OB 32 -66.31 -2.90 -94.62
N PRO OB 33 -65.68 -2.10 -95.43
CA PRO OB 33 -65.32 -0.74 -95.01
C PRO OB 33 -66.58 0.11 -94.92
N SER OB 34 -67.20 0.06 -93.74
CA SER OB 34 -68.51 0.62 -93.50
C SER OB 34 -68.44 1.90 -92.72
N ASP OB 35 -67.34 2.60 -92.82
CA ASP OB 35 -66.89 3.49 -91.75
C ASP OB 35 -65.86 4.43 -92.33
N ASP OB 36 -65.97 5.72 -92.00
CA ASP OB 36 -65.35 6.79 -92.78
C ASP OB 36 -63.83 6.84 -92.66
N ALA OB 37 -63.25 6.22 -91.65
CA ALA OB 37 -61.81 6.05 -91.60
C ALA OB 37 -61.34 4.78 -92.28
N THR OB 38 -62.11 3.71 -92.08
CA THR OB 38 -61.73 2.40 -92.60
C THR OB 38 -61.85 2.31 -94.10
N ILE OB 39 -62.71 3.13 -94.70
CA ILE OB 39 -62.71 3.26 -96.15
C ILE OB 39 -61.41 3.89 -96.63
N LYS OB 40 -60.90 4.92 -95.95
CA LYS OB 40 -59.66 5.57 -96.35
C LYS OB 40 -58.45 4.68 -96.18
N LEU OB 41 -58.46 3.90 -95.10
CA LEU OB 41 -57.48 2.86 -94.88
C LEU OB 41 -57.51 1.80 -95.97
N ALA OB 42 -58.71 1.38 -96.38
CA ALA OB 42 -58.76 0.32 -97.38
C ALA OB 42 -58.59 0.82 -98.81
N GLU OB 43 -58.94 2.08 -99.11
CA GLU OB 43 -58.59 2.63 -100.41
C GLU OB 43 -57.09 2.85 -100.53
N ALA OB 44 -56.45 3.19 -99.42
CA ALA OB 44 -54.99 3.20 -99.42
C ALA OB 44 -54.42 1.79 -99.53
N ALA OB 45 -55.13 0.77 -99.05
CA ALA OB 45 -54.67 -0.61 -99.21
C ALA OB 45 -54.70 -1.04 -100.66
N VAL OB 46 -55.77 -0.68 -101.38
CA VAL OB 46 -55.87 -0.96 -102.81
C VAL OB 46 -54.82 -0.16 -103.59
N SER OB 47 -54.56 1.09 -103.17
CA SER OB 47 -53.57 1.94 -103.82
C SER OB 47 -52.14 1.44 -103.61
N VAL OB 48 -51.83 0.97 -102.39
CA VAL OB 48 -50.50 0.46 -102.13
C VAL OB 48 -50.30 -0.88 -102.81
N SER OB 49 -51.32 -1.76 -102.76
CA SER OB 49 -51.23 -3.10 -103.32
C SER OB 49 -51.10 -3.10 -104.84
N ASP OB 50 -51.85 -2.23 -105.54
CA ASP OB 50 -51.57 -2.21 -106.96
C ASP OB 50 -50.32 -1.42 -107.27
N SER OB 51 -49.92 -0.44 -106.44
CA SER OB 51 -48.66 0.26 -106.71
C SER OB 51 -47.44 -0.63 -106.42
N MET OB 52 -47.62 -1.62 -105.54
CA MET OB 52 -46.68 -2.71 -105.38
C MET OB 52 -46.61 -3.55 -106.64
N LEU OB 53 -47.78 -3.80 -107.25
CA LEU OB 53 -47.82 -4.66 -108.43
C LEU OB 53 -47.14 -4.01 -109.64
N GLU OB 54 -47.21 -2.67 -109.82
CA GLU OB 54 -46.46 -2.21 -110.99
C GLU OB 54 -45.02 -1.86 -110.65
N MET OB 55 -44.67 -1.78 -109.35
CA MET OB 55 -43.27 -1.96 -108.96
C MET OB 55 -42.74 -3.35 -109.37
N ALA OB 56 -43.53 -4.38 -109.10
CA ALA OB 56 -43.19 -5.74 -109.48
C ALA OB 56 -43.16 -5.93 -110.99
N LYS OB 57 -44.02 -5.19 -111.69
CA LYS OB 57 -43.99 -5.19 -113.15
C LYS OB 57 -42.74 -4.54 -113.70
N VAL OB 58 -42.22 -3.52 -113.03
CA VAL OB 58 -41.06 -2.88 -113.65
C VAL OB 58 -39.76 -3.61 -113.27
N GLU OB 59 -39.63 -4.16 -112.05
CA GLU OB 59 -38.36 -4.86 -111.80
C GLU OB 59 -38.42 -6.35 -112.09
N LYS OB 60 -39.59 -6.92 -112.34
CA LYS OB 60 -39.66 -8.32 -112.72
C LYS OB 60 -39.27 -8.40 -114.19
N VAL OB 61 -38.02 -8.76 -114.46
CA VAL OB 61 -37.64 -9.04 -115.83
C VAL OB 61 -37.40 -10.53 -115.96
N ILE OB 62 -37.76 -11.03 -117.13
CA ILE OB 62 -38.28 -12.37 -117.33
C ILE OB 62 -37.36 -13.13 -118.26
N THR OB 63 -37.74 -14.36 -118.60
CA THR OB 63 -37.26 -14.82 -119.88
C THR OB 63 -38.42 -14.90 -120.88
N PRO OB 64 -38.14 -14.68 -122.17
CA PRO OB 64 -39.08 -15.14 -123.18
C PRO OB 64 -38.95 -16.64 -123.36
N PRO OB 65 -40.06 -17.34 -123.65
CA PRO OB 65 -40.00 -18.80 -123.76
C PRO OB 65 -39.31 -19.31 -125.01
N SER OB 66 -39.14 -18.47 -126.02
CA SER OB 66 -38.33 -18.83 -127.17
C SER OB 66 -36.84 -18.66 -126.92
N LYS OB 67 -36.46 -18.03 -125.81
CA LYS OB 67 -35.07 -17.80 -125.46
C LYS OB 67 -34.85 -18.13 -123.99
N ASP OB 68 -35.31 -19.29 -123.55
CA ASP OB 68 -35.31 -19.59 -122.13
C ASP OB 68 -34.09 -20.35 -121.64
N ASN OB 69 -33.32 -20.95 -122.57
CA ASN OB 69 -32.04 -21.67 -122.44
C ASN OB 69 -32.20 -23.07 -121.80
N THR OB 70 -33.36 -23.37 -121.22
CA THR OB 70 -33.53 -24.62 -120.49
C THR OB 70 -33.90 -25.76 -121.44
N LEU OB 71 -33.82 -26.97 -120.91
CA LEU OB 71 -34.06 -28.15 -121.72
C LEU OB 71 -35.54 -28.39 -121.85
N THR OB 72 -35.95 -28.95 -122.97
CA THR OB 72 -37.35 -29.20 -123.30
C THR OB 72 -37.85 -30.48 -122.62
N ILE OB 73 -38.94 -31.02 -123.11
CA ILE OB 73 -39.18 -32.42 -122.81
C ILE OB 73 -38.85 -33.18 -124.09
N PRO OB 74 -37.94 -34.16 -124.03
CA PRO OB 74 -37.40 -34.77 -125.25
C PRO OB 74 -38.24 -35.88 -125.88
N ASN OB 75 -39.49 -36.03 -125.43
CA ASN OB 75 -40.63 -36.85 -125.84
C ASN OB 75 -40.27 -38.25 -126.34
N ALA OB 76 -39.30 -38.91 -125.73
CA ALA OB 76 -38.99 -40.29 -126.04
C ALA OB 76 -39.63 -41.20 -125.01
N TYR OB 77 -40.10 -42.37 -125.48
CA TYR OB 77 -40.94 -43.26 -124.68
C TYR OB 77 -40.17 -43.91 -123.54
N ASN OB 78 -38.87 -44.08 -123.68
CA ASN OB 78 -38.05 -44.46 -122.55
C ASN OB 78 -37.91 -43.32 -121.56
N LEU OB 79 -37.91 -42.08 -122.03
CA LEU OB 79 -37.82 -40.93 -121.14
C LEU OB 79 -39.15 -40.55 -120.53
N GLN OB 80 -40.26 -41.13 -120.97
CA GLN OB 80 -41.51 -40.94 -120.25
C GLN OB 80 -41.84 -42.10 -119.32
N ALA OB 81 -40.85 -42.81 -118.82
CA ALA OB 81 -41.09 -43.74 -117.73
C ALA OB 81 -41.15 -42.97 -116.40
N ARG OB 82 -41.37 -43.70 -115.34
CA ARG OB 82 -41.95 -43.09 -114.17
C ARG OB 82 -41.15 -43.44 -112.93
N ALA OB 83 -40.37 -42.48 -112.46
CA ALA OB 83 -39.18 -42.73 -111.65
C ALA OB 83 -39.30 -42.01 -110.31
N SER OB 84 -38.26 -42.15 -109.49
CA SER OB 84 -38.36 -41.79 -108.07
C SER OB 84 -36.96 -41.63 -107.52
N VAL OB 85 -36.58 -40.43 -107.07
CA VAL OB 85 -35.19 -40.22 -106.65
C VAL OB 85 -35.11 -39.24 -105.48
N ASP OB 86 -34.21 -39.54 -104.54
CA ASP OB 86 -33.93 -38.71 -103.38
C ASP OB 86 -32.43 -38.52 -103.27
N TRP OB 87 -31.93 -37.32 -103.55
CA TRP OB 87 -30.48 -37.14 -103.65
C TRP OB 87 -30.07 -35.69 -103.57
N SER OB 88 -28.93 -35.46 -102.91
CA SER OB 88 -28.13 -34.27 -103.12
C SER OB 88 -26.72 -34.70 -103.49
N GLY OB 89 -26.12 -34.05 -104.48
CA GLY OB 89 -24.71 -34.23 -104.75
C GLY OB 89 -24.24 -33.92 -106.16
N PRO OB 90 -23.15 -34.56 -106.60
CA PRO OB 90 -22.49 -34.13 -107.85
C PRO OB 90 -23.09 -34.70 -109.14
N ILE OB 91 -23.27 -33.79 -110.11
CA ILE OB 91 -24.27 -33.80 -111.20
C ILE OB 91 -24.21 -35.05 -112.10
N GLU OB 92 -23.00 -35.58 -112.29
CA GLU OB 92 -22.65 -36.54 -113.33
C GLU OB 92 -23.22 -37.89 -113.04
N GLU OB 93 -23.48 -38.14 -111.78
CA GLU OB 93 -23.75 -39.46 -111.31
C GLU OB 93 -25.23 -39.77 -111.37
N LEU OB 94 -26.08 -38.78 -111.05
CA LEU OB 94 -27.51 -38.93 -111.35
C LEU OB 94 -27.72 -38.97 -112.85
N THR OB 95 -27.00 -38.14 -113.61
CA THR OB 95 -27.20 -38.21 -115.06
C THR OB 95 -26.68 -39.49 -115.73
N ALA OB 96 -25.60 -40.08 -115.21
CA ALA OB 96 -25.16 -41.40 -115.62
C ALA OB 96 -26.21 -42.46 -115.27
N ARG OB 97 -26.79 -42.32 -114.09
CA ARG OB 97 -27.80 -43.28 -113.72
C ARG OB 97 -29.14 -43.11 -114.35
N ILE OB 98 -29.46 -41.93 -114.85
CA ILE OB 98 -30.74 -41.88 -115.46
C ILE OB 98 -30.60 -42.18 -116.94
N ALA OB 99 -29.36 -42.10 -117.44
CA ALA OB 99 -29.05 -42.72 -118.72
C ALA OB 99 -29.19 -44.24 -118.65
N LYS OB 100 -28.61 -44.88 -117.62
CA LYS OB 100 -28.77 -46.33 -117.60
C LYS OB 100 -30.09 -46.79 -117.00
N ALA OB 101 -30.86 -45.90 -116.38
CA ALA OB 101 -32.23 -46.26 -116.05
C ALA OB 101 -33.13 -46.05 -117.26
N ALA OB 102 -32.75 -45.15 -118.13
CA ALA OB 102 -33.51 -44.83 -119.33
C ALA OB 102 -33.12 -45.68 -120.51
N HIS OB 103 -32.12 -46.56 -120.32
CA HIS OB 103 -31.45 -47.35 -121.36
C HIS OB 103 -30.86 -46.43 -122.43
N PHE OB 104 -30.24 -45.36 -121.98
CA PHE OB 104 -29.60 -44.38 -122.84
C PHE OB 104 -28.12 -44.41 -122.56
N ARG OB 105 -27.33 -44.09 -123.56
CA ARG OB 105 -25.92 -43.94 -123.30
C ARG OB 105 -25.66 -42.61 -122.63
N PHE OB 106 -24.51 -42.49 -122.00
CA PHE OB 106 -24.13 -41.28 -121.30
C PHE OB 106 -22.78 -40.79 -121.78
N ARG OB 107 -22.76 -39.64 -122.42
CA ARG OB 107 -21.51 -39.00 -122.78
C ARG OB 107 -21.31 -37.78 -121.89
N VAL OB 108 -20.05 -37.49 -121.58
CA VAL OB 108 -19.69 -36.24 -120.94
C VAL OB 108 -18.74 -35.49 -121.86
N LEU OB 109 -19.05 -34.24 -122.14
CA LEU OB 109 -18.17 -33.34 -122.84
C LEU OB 109 -17.80 -32.23 -121.86
N GLY OB 110 -16.51 -31.93 -121.78
CA GLY OB 110 -16.04 -30.92 -120.87
C GLY OB 110 -15.34 -31.54 -119.68
N LYS OB 111 -14.91 -30.66 -118.78
CA LYS OB 111 -14.12 -31.05 -117.63
C LYS OB 111 -14.89 -30.66 -116.38
N SER OB 112 -15.09 -31.62 -115.49
CA SER OB 112 -15.73 -31.23 -114.24
C SER OB 112 -14.71 -30.60 -113.30
N PRO OB 113 -15.02 -29.48 -112.66
CA PRO OB 113 -14.02 -28.77 -111.85
C PRO OB 113 -13.82 -29.43 -110.49
N SER OB 114 -12.90 -28.85 -109.73
CA SER OB 114 -12.51 -29.40 -108.43
C SER OB 114 -13.63 -29.25 -107.40
N VAL OB 115 -14.27 -28.09 -107.37
CA VAL OB 115 -15.59 -28.05 -106.74
C VAL OB 115 -16.60 -28.68 -107.71
N PRO OB 116 -17.43 -29.60 -107.24
CA PRO OB 116 -18.38 -30.22 -108.15
C PRO OB 116 -19.65 -29.40 -108.26
N VAL OB 117 -20.31 -29.55 -109.40
CA VAL OB 117 -21.62 -28.94 -109.57
C VAL OB 117 -22.62 -29.80 -108.83
N LEU OB 118 -23.23 -29.22 -107.81
CA LEU OB 118 -24.06 -29.96 -106.87
C LEU OB 118 -25.51 -29.60 -107.08
N ILE OB 119 -26.35 -30.63 -107.14
CA ILE OB 119 -27.79 -30.48 -107.27
C ILE OB 119 -28.48 -31.16 -106.12
N SER OB 120 -29.81 -31.11 -106.10
CA SER OB 120 -30.61 -31.90 -105.18
C SER OB 120 -31.95 -32.14 -105.86
N ILE OB 121 -32.30 -33.39 -106.11
CA ILE OB 121 -33.67 -33.72 -106.45
C ILE OB 121 -34.19 -34.67 -105.40
N SER OB 122 -35.26 -34.29 -104.72
CA SER OB 122 -35.95 -35.21 -103.82
C SER OB 122 -37.41 -35.24 -104.25
N THR OB 123 -37.73 -36.14 -105.18
CA THR OB 123 -39.10 -36.33 -105.63
C THR OB 123 -39.46 -37.81 -105.56
N LYS OB 124 -40.59 -38.10 -104.93
CA LYS OB 124 -40.92 -39.47 -104.60
C LYS OB 124 -41.62 -40.18 -105.76
N ASP OB 125 -42.21 -39.45 -106.71
CA ASP OB 125 -42.61 -39.98 -108.00
C ASP OB 125 -42.80 -38.79 -108.90
N GLU OB 126 -42.08 -38.74 -110.03
CA GLU OB 126 -42.35 -37.86 -111.17
C GLU OB 126 -41.73 -38.57 -112.39
N SER OB 127 -41.67 -37.90 -113.54
CA SER OB 127 -41.20 -38.55 -114.78
C SER OB 127 -39.79 -38.13 -115.15
N LEU OB 128 -39.04 -39.06 -115.75
CA LEU OB 128 -37.59 -38.89 -115.71
C LEU OB 128 -37.07 -37.93 -116.79
N ALA OB 129 -37.90 -37.57 -117.77
CA ALA OB 129 -37.59 -36.43 -118.62
C ALA OB 129 -37.62 -35.12 -117.85
N GLU OB 130 -38.49 -35.04 -116.85
CA GLU OB 130 -38.60 -33.84 -116.04
C GLU OB 130 -37.58 -33.82 -114.93
N ILE OB 131 -37.05 -35.00 -114.56
CA ILE OB 131 -35.74 -35.04 -113.90
C ILE OB 131 -34.76 -34.24 -114.71
N LEU OB 132 -34.53 -34.63 -116.00
CA LEU OB 132 -33.44 -34.03 -116.79
C LEU OB 132 -33.66 -32.56 -117.09
N ARG OB 133 -34.92 -32.12 -117.10
CA ARG OB 133 -35.19 -30.70 -117.12
C ARG OB 133 -34.81 -30.02 -115.80
N ASP OB 134 -35.10 -30.64 -114.64
CA ASP OB 134 -34.68 -30.02 -113.38
C ASP OB 134 -33.16 -30.13 -113.15
N ILE OB 135 -32.54 -31.14 -113.75
CA ILE OB 135 -31.09 -31.29 -113.74
C ILE OB 135 -30.41 -30.18 -114.50
N ASP OB 136 -30.89 -29.92 -115.71
CA ASP OB 136 -30.40 -28.83 -116.53
C ASP OB 136 -30.63 -27.48 -115.87
N TYR OB 137 -31.77 -27.36 -115.19
CA TYR OB 137 -32.09 -26.14 -114.46
C TYR OB 137 -31.18 -25.92 -113.26
N GLN OB 138 -31.03 -26.92 -112.39
CA GLN OB 138 -30.20 -26.75 -111.20
C GLN OB 138 -28.73 -26.78 -111.50
N ALA OB 139 -28.33 -27.29 -112.66
CA ALA OB 139 -27.01 -27.00 -113.18
C ALA OB 139 -26.90 -25.53 -113.53
N GLY OB 140 -27.88 -25.01 -114.25
CA GLY OB 140 -27.82 -23.63 -114.66
C GLY OB 140 -26.83 -23.43 -115.77
N LYS OB 141 -25.78 -22.65 -115.50
CA LYS OB 141 -24.74 -22.39 -116.48
C LYS OB 141 -23.39 -22.93 -116.05
N LYS OB 142 -23.32 -23.64 -114.92
CA LYS OB 142 -22.11 -24.38 -114.62
C LYS OB 142 -21.99 -25.60 -115.51
N ALA OB 143 -23.12 -26.13 -115.94
CA ALA OB 143 -23.15 -27.28 -116.83
C ALA OB 143 -24.40 -27.18 -117.67
N SER OB 144 -24.57 -28.14 -118.56
CA SER OB 144 -25.78 -28.21 -119.37
C SER OB 144 -26.00 -29.66 -119.73
N ILE OB 145 -27.24 -29.98 -120.04
CA ILE OB 145 -27.63 -31.30 -120.49
C ILE OB 145 -28.17 -31.13 -121.90
N HIS OB 146 -27.73 -31.96 -122.83
CA HIS OB 146 -28.59 -32.22 -123.96
C HIS OB 146 -28.94 -33.69 -123.94
N VAL OB 147 -29.78 -34.04 -124.90
CA VAL OB 147 -30.15 -35.41 -125.15
C VAL OB 147 -30.46 -35.52 -126.64
N TYR OB 148 -30.04 -36.61 -127.24
CA TYR OB 148 -30.39 -36.89 -128.62
C TYR OB 148 -31.15 -38.21 -128.63
N PRO OB 149 -32.43 -38.20 -128.94
CA PRO OB 149 -33.27 -39.38 -128.69
C PRO OB 149 -33.27 -40.39 -129.82
N ASN OB 150 -32.85 -39.98 -131.03
CA ASN OB 150 -32.71 -40.95 -132.11
C ASN OB 150 -31.53 -41.89 -131.88
N SER OB 151 -30.45 -41.34 -131.35
CA SER OB 151 -29.27 -42.12 -130.98
C SER OB 151 -29.35 -42.65 -129.57
N GLN OB 152 -30.32 -42.16 -128.79
CA GLN OB 152 -30.60 -42.51 -127.40
C GLN OB 152 -29.38 -42.26 -126.50
N VAL OB 153 -28.93 -41.02 -126.48
CA VAL OB 153 -27.80 -40.66 -125.65
C VAL OB 153 -28.06 -39.34 -124.93
N VAL OB 154 -27.84 -39.34 -123.63
CA VAL OB 154 -27.81 -38.14 -122.80
C VAL OB 154 -26.37 -37.65 -122.75
N GLU OB 155 -26.16 -36.35 -122.96
CA GLU OB 155 -24.80 -35.86 -122.84
C GLU OB 155 -24.85 -34.77 -121.78
N LEU OB 156 -23.79 -34.68 -121.01
CA LEU OB 156 -23.60 -33.60 -120.05
C LEU OB 156 -22.39 -32.79 -120.49
N ARG OB 157 -22.57 -31.48 -120.59
CA ARG OB 157 -21.53 -30.58 -121.04
C ARG OB 157 -21.12 -29.62 -119.92
N TYR OB 158 -19.86 -29.30 -119.88
CA TYR OB 158 -19.37 -28.24 -119.00
C TYR OB 158 -19.16 -26.96 -119.76
N ALA OB 159 -18.48 -26.02 -119.12
CA ALA OB 159 -18.07 -24.79 -119.76
C ALA OB 159 -16.68 -24.37 -119.29
N ILE PB 272 -15.26 -16.76 -91.09
CA ILE PB 272 -16.08 -17.91 -91.46
C ILE PB 272 -17.20 -18.13 -90.43
N PRO PB 273 -18.44 -18.15 -90.91
CA PRO PB 273 -19.57 -18.35 -90.02
C PRO PB 273 -19.67 -19.80 -89.58
N PRO PB 274 -20.38 -20.07 -88.49
CA PRO PB 274 -20.78 -21.45 -88.21
C PRO PB 274 -21.82 -21.94 -89.20
N SER PB 275 -21.91 -23.26 -89.30
CA SER PB 275 -22.66 -23.91 -90.37
C SER PB 275 -24.16 -23.80 -90.17
N ALA PB 276 -24.63 -24.39 -89.09
CA ALA PB 276 -25.94 -24.22 -88.52
C ALA PB 276 -25.70 -24.46 -87.05
N ASN PB 277 -26.73 -24.80 -86.31
CA ASN PB 277 -26.44 -25.53 -85.10
C ASN PB 277 -26.75 -26.96 -85.46
N ASP PB 278 -25.90 -27.87 -85.00
CA ASP PB 278 -26.13 -29.30 -85.18
C ASP PB 278 -27.20 -29.87 -84.25
N LEU PB 279 -27.69 -29.07 -83.32
CA LEU PB 279 -28.76 -29.50 -82.43
C LEU PB 279 -30.11 -29.31 -83.10
N LEU PB 280 -30.12 -28.58 -84.21
CA LEU PB 280 -31.28 -28.53 -85.10
C LEU PB 280 -31.59 -29.87 -85.75
N LEU PB 281 -30.60 -30.74 -85.89
CA LEU PB 281 -30.83 -32.12 -86.28
C LEU PB 281 -31.64 -32.87 -85.24
N HIS PB 282 -31.40 -32.60 -83.96
CA HIS PB 282 -32.19 -33.23 -82.92
C HIS PB 282 -33.59 -32.64 -82.85
N VAL PB 283 -33.73 -31.33 -83.01
CA VAL PB 283 -35.08 -30.81 -82.93
C VAL PB 283 -35.76 -30.80 -84.30
N LEU PB 284 -35.10 -31.35 -85.31
CA LEU PB 284 -35.79 -31.76 -86.52
C LEU PB 284 -36.47 -33.09 -86.33
N GLU PB 285 -35.94 -33.90 -85.43
CA GLU PB 285 -36.70 -34.99 -84.86
C GLU PB 285 -37.53 -34.41 -83.72
N GLY PB 286 -38.31 -35.23 -83.06
CA GLY PB 286 -39.05 -34.64 -81.96
C GLY PB 286 -38.30 -34.47 -80.67
N VAL PB 287 -37.07 -34.96 -80.60
CA VAL PB 287 -36.36 -35.11 -79.33
C VAL PB 287 -35.86 -33.73 -78.89
N PRO PB 288 -36.00 -33.39 -77.61
CA PRO PB 288 -35.50 -32.13 -77.10
C PRO PB 288 -33.98 -32.11 -77.07
N PRO PB 289 -33.36 -30.93 -76.98
CA PRO PB 289 -31.93 -30.86 -76.75
C PRO PB 289 -31.58 -31.34 -75.35
N PRO PB 290 -30.36 -31.83 -75.15
CA PRO PB 290 -29.96 -32.27 -73.81
C PRO PB 290 -29.78 -31.09 -72.86
N GLY PB 291 -30.42 -31.18 -71.70
CA GLY PB 291 -30.42 -30.10 -70.74
C GLY PB 291 -31.28 -28.94 -71.19
N SER PB 292 -32.58 -29.15 -71.29
CA SER PB 292 -33.48 -28.14 -71.82
C SER PB 292 -34.55 -27.76 -70.82
N ARG PB 293 -35.45 -26.90 -71.25
CA ARG PB 293 -36.70 -26.68 -70.55
C ARG PB 293 -37.80 -26.73 -71.59
N ARG PB 294 -38.88 -27.43 -71.27
CA ARG PB 294 -39.99 -27.58 -72.18
C ARG PB 294 -40.74 -26.26 -72.23
N LEU PB 295 -41.22 -25.89 -73.40
CA LEU PB 295 -42.15 -24.79 -73.50
C LEU PB 295 -43.45 -25.29 -74.08
N VAL PB 296 -44.55 -24.99 -73.42
CA VAL PB 296 -45.85 -25.38 -73.93
C VAL PB 296 -46.23 -24.39 -75.04
N VAL PB 297 -46.83 -24.92 -76.09
CA VAL PB 297 -47.18 -24.16 -77.27
C VAL PB 297 -48.69 -24.27 -77.41
N SER PB 298 -49.37 -23.15 -77.52
CA SER PB 298 -50.81 -23.16 -77.68
C SER PB 298 -51.16 -22.70 -79.09
N GLY PB 299 -52.29 -23.17 -79.59
CA GLY PB 299 -52.84 -22.66 -80.82
C GLY PB 299 -52.14 -23.07 -82.10
N GLY PB 300 -51.41 -24.17 -82.09
CA GLY PB 300 -50.81 -24.64 -83.33
C GLY PB 300 -49.98 -25.87 -83.05
N ASP PB 301 -49.73 -26.62 -84.11
CA ASP PB 301 -48.92 -27.84 -84.01
C ASP PB 301 -47.45 -27.46 -84.04
N ALA PB 302 -46.89 -27.15 -82.87
CA ALA PB 302 -45.46 -26.95 -82.75
C ALA PB 302 -45.02 -27.38 -81.38
N ARG PB 303 -43.76 -27.75 -81.28
CA ARG PB 303 -43.14 -28.07 -80.01
C ARG PB 303 -41.94 -27.15 -79.84
N ALA PB 304 -41.74 -26.64 -78.65
CA ALA PB 304 -40.67 -25.70 -78.42
C ALA PB 304 -39.90 -26.05 -77.16
N TRP PB 305 -38.58 -25.97 -77.25
CA TRP PB 305 -37.72 -26.20 -76.11
C TRP PB 305 -36.78 -25.03 -75.97
N LEU PB 306 -36.30 -24.81 -74.76
CA LEU PB 306 -35.38 -23.69 -74.52
C LEU PB 306 -34.10 -24.26 -73.95
N SER PB 307 -33.01 -24.14 -74.71
CA SER PB 307 -31.76 -24.76 -74.26
C SER PB 307 -30.97 -23.81 -73.40
N ASN PB 308 -30.52 -22.72 -74.01
CA ASN PB 308 -29.74 -21.70 -73.30
C ASN PB 308 -30.02 -20.33 -73.93
N GLU PB 309 -31.05 -19.66 -73.38
CA GLU PB 309 -31.63 -18.38 -73.84
C GLU PB 309 -31.99 -18.34 -75.32
N LYS PB 310 -32.32 -19.49 -75.90
CA LYS PB 310 -32.69 -19.65 -77.30
C LYS PB 310 -33.73 -20.73 -77.32
N MET PB 311 -34.82 -20.52 -78.03
CA MET PB 311 -35.77 -21.60 -78.15
C MET PB 311 -35.65 -22.23 -79.53
N TYR PB 312 -36.08 -23.48 -79.59
CA TYR PB 312 -36.02 -24.29 -80.78
C TYR PB 312 -37.41 -24.84 -80.99
N VAL PB 313 -37.92 -24.70 -82.20
CA VAL PB 313 -39.29 -25.03 -82.52
C VAL PB 313 -39.29 -26.07 -83.62
N ARG PB 314 -39.88 -27.23 -83.31
CA ARG PB 314 -40.27 -28.21 -84.31
C ARG PB 314 -41.68 -27.87 -84.75
N THR PB 315 -41.83 -27.59 -86.02
CA THR PB 315 -43.16 -27.35 -86.56
C THR PB 315 -43.18 -27.82 -88.00
N ASN PB 316 -44.34 -27.75 -88.62
CA ASN PB 316 -44.42 -27.76 -90.07
C ASN PB 316 -45.15 -26.54 -90.57
N LEU PB 317 -45.42 -25.59 -89.70
CA LEU PB 317 -45.98 -24.30 -90.07
C LEU PB 317 -44.85 -23.38 -90.49
N THR PB 318 -45.19 -22.18 -90.95
CA THR PB 318 -44.13 -21.28 -91.37
C THR PB 318 -44.08 -20.06 -90.47
N ILE PB 319 -43.05 -19.93 -89.65
CA ILE PB 319 -42.94 -18.80 -88.73
C ILE PB 319 -42.55 -17.55 -89.51
N LEU PB 320 -43.32 -16.48 -89.30
CA LEU PB 320 -43.31 -15.25 -90.07
C LEU PB 320 -42.76 -14.05 -89.31
N SER PB 321 -43.32 -13.73 -88.14
CA SER PB 321 -42.92 -12.43 -87.61
C SER PB 321 -41.58 -12.36 -86.86
N PRO PB 322 -41.28 -13.12 -85.79
CA PRO PB 322 -40.21 -12.66 -84.91
C PRO PB 322 -38.80 -13.02 -85.36
N GLY PB 323 -38.65 -13.80 -86.43
CA GLY PB 323 -37.35 -13.98 -87.03
C GLY PB 323 -36.52 -15.04 -86.35
N TRP PB 324 -35.91 -15.92 -87.12
CA TRP PB 324 -35.18 -17.01 -86.52
C TRP PB 324 -33.73 -16.96 -86.95
N LEU PB 325 -32.89 -17.58 -86.15
CA LEU PB 325 -31.47 -17.54 -86.43
C LEU PB 325 -31.01 -18.71 -87.27
N ALA PB 326 -31.66 -19.87 -87.14
CA ALA PB 326 -31.23 -21.01 -87.93
C ALA PB 326 -32.42 -21.88 -88.25
N SER PB 327 -32.33 -22.61 -89.36
CA SER PB 327 -33.43 -23.46 -89.77
C SER PB 327 -32.93 -24.68 -90.50
N MET PB 328 -33.61 -25.79 -90.26
CA MET PB 328 -33.49 -26.99 -91.06
C MET PB 328 -34.88 -27.49 -91.42
N THR PB 329 -34.93 -28.46 -92.31
CA THR PB 329 -36.18 -29.06 -92.73
C THR PB 329 -35.91 -30.52 -93.05
N SER PB 330 -36.76 -31.41 -92.55
CA SER PB 330 -36.63 -32.83 -92.79
C SER PB 330 -37.17 -33.23 -94.16
N ALA PB 331 -37.33 -34.55 -94.34
CA ALA PB 331 -37.80 -35.07 -95.61
C ALA PB 331 -39.28 -34.77 -95.83
N ASP PB 332 -40.06 -34.72 -94.76
CA ASP PB 332 -41.50 -34.58 -94.83
C ASP PB 332 -41.99 -33.15 -94.59
N GLY PB 333 -41.12 -32.16 -94.74
CA GLY PB 333 -41.53 -30.79 -94.59
C GLY PB 333 -41.63 -30.30 -93.17
N THR PB 334 -41.20 -31.09 -92.20
CA THR PB 334 -41.06 -30.61 -90.85
C THR PB 334 -39.87 -29.68 -90.80
N HIS PB 335 -40.03 -28.51 -90.22
CA HIS PB 335 -38.92 -27.59 -90.02
C HIS PB 335 -38.53 -27.51 -88.56
N ALA PB 336 -37.28 -27.12 -88.33
CA ALA PB 336 -36.72 -26.92 -87.01
C ALA PB 336 -36.00 -25.58 -86.99
N TYR PB 337 -36.43 -24.72 -86.09
CA TYR PB 337 -35.96 -23.33 -86.00
C TYR PB 337 -35.28 -23.02 -84.69
N GLU PB 338 -34.10 -22.40 -84.78
CA GLU PB 338 -33.41 -21.75 -83.69
C GLU PB 338 -33.73 -20.27 -83.72
N MET PB 339 -34.21 -19.74 -82.59
CA MET PB 339 -34.57 -18.34 -82.52
C MET PB 339 -34.44 -17.87 -81.08
N GLN PB 340 -34.47 -16.56 -80.89
CA GLN PB 340 -34.47 -16.04 -79.53
C GLN PB 340 -35.85 -16.21 -78.92
N LYS PB 341 -35.92 -16.08 -77.60
CA LYS PB 341 -37.18 -16.34 -76.89
C LYS PB 341 -38.10 -15.13 -77.06
N SER PB 342 -39.16 -15.37 -77.78
CA SER PB 342 -40.29 -14.49 -78.00
C SER PB 342 -41.56 -15.21 -77.57
N PRO PB 343 -42.42 -14.54 -76.80
CA PRO PB 343 -43.55 -15.25 -76.19
C PRO PB 343 -44.69 -15.54 -77.15
N VAL PB 344 -44.65 -14.98 -78.35
CA VAL PB 344 -45.65 -15.26 -79.36
C VAL PB 344 -44.89 -15.59 -80.64
N LEU PB 345 -45.43 -16.52 -81.38
CA LEU PB 345 -44.94 -16.90 -82.69
C LEU PB 345 -46.05 -16.58 -83.64
N LEU PB 346 -45.74 -16.06 -84.80
CA LEU PB 346 -46.72 -15.84 -85.84
C LEU PB 346 -46.40 -16.80 -86.95
N VAL PB 347 -47.37 -17.60 -87.38
CA VAL PB 347 -47.07 -18.50 -88.47
C VAL PB 347 -48.07 -18.25 -89.59
N SER PB 348 -47.76 -18.80 -90.73
CA SER PB 348 -48.75 -19.13 -91.74
C SER PB 348 -49.06 -20.60 -91.61
N TRP PB 349 -50.35 -20.91 -91.63
CA TRP PB 349 -50.81 -22.30 -91.59
C TRP PB 349 -51.04 -22.81 -93.01
N HIS PB 350 -52.03 -22.25 -93.68
CA HIS PB 350 -52.27 -22.54 -95.09
C HIS PB 350 -52.66 -21.26 -95.78
N GLY PB 351 -51.84 -20.23 -95.62
CA GLY PB 351 -52.18 -18.91 -96.07
C GLY PB 351 -52.86 -18.07 -95.01
N LYS PB 352 -53.41 -18.69 -93.98
CA LYS PB 352 -53.91 -17.96 -92.84
C LYS PB 352 -52.78 -17.56 -91.92
N VAL PB 353 -52.75 -16.27 -91.57
CA VAL PB 353 -51.88 -15.76 -90.53
C VAL PB 353 -52.47 -16.21 -89.20
N MET PB 354 -51.63 -16.79 -88.36
CA MET PB 354 -51.98 -17.59 -87.22
C MET PB 354 -51.05 -17.22 -86.07
N GLN PB 355 -51.52 -17.36 -84.85
CA GLN PB 355 -50.69 -17.03 -83.70
C GLN PB 355 -50.54 -18.24 -82.80
N LEU PB 356 -49.33 -18.38 -82.27
CA LEU PB 356 -48.95 -19.44 -81.37
C LEU PB 356 -48.33 -18.78 -80.16
N LYS PB 357 -48.56 -19.36 -79.01
CA LYS PB 357 -48.29 -18.67 -77.76
C LYS PB 357 -47.46 -19.59 -76.87
N VAL PB 358 -46.32 -19.11 -76.39
CA VAL PB 358 -45.42 -19.97 -75.64
C VAL PB 358 -45.17 -19.39 -74.25
N GLU PB 359 -45.14 -20.28 -73.27
CA GLU PB 359 -44.97 -19.91 -71.87
C GLU PB 359 -43.60 -20.39 -71.40
N GLY PB 360 -42.77 -19.43 -70.99
CA GLY PB 360 -41.39 -19.72 -70.61
C GLY PB 360 -40.39 -18.79 -71.29
N LEU QB 41 -56.84 -17.40 -72.30
CA LEU QB 41 -56.95 -18.83 -72.52
C LEU QB 41 -57.16 -19.15 -74.00
N PRO QB 42 -56.70 -20.31 -74.44
CA PRO QB 42 -57.09 -20.80 -75.76
C PRO QB 42 -58.58 -21.14 -75.82
N CYS QB 43 -59.13 -21.03 -77.03
CA CYS QB 43 -60.56 -21.16 -77.23
C CYS QB 43 -60.94 -22.62 -77.44
N ARG QB 44 -62.06 -23.03 -76.84
CA ARG QB 44 -62.56 -24.39 -77.04
C ARG QB 44 -63.28 -24.51 -78.37
N VAL QB 45 -64.36 -23.75 -78.55
CA VAL QB 45 -65.07 -23.72 -79.82
C VAL QB 45 -64.50 -22.60 -80.67
N ASP QB 46 -64.45 -22.81 -81.97
CA ASP QB 46 -63.96 -21.78 -82.89
C ASP QB 46 -65.09 -20.98 -83.53
N GLY QB 47 -65.98 -20.44 -82.71
CA GLY QB 47 -67.13 -19.71 -83.23
C GLY QB 47 -68.18 -20.59 -83.87
N ALA QB 48 -68.25 -21.86 -83.48
CA ALA QB 48 -69.12 -22.83 -84.13
C ALA QB 48 -69.43 -23.93 -83.14
N CYS QB 49 -70.56 -24.60 -83.32
CA CYS QB 49 -70.90 -25.78 -82.53
C CYS QB 49 -71.46 -26.86 -83.44
N ASP QB 50 -71.22 -28.12 -83.04
CA ASP QB 50 -71.57 -29.27 -83.86
C ASP QB 50 -73.08 -29.48 -83.92
N ALA QB 51 -73.77 -29.09 -82.84
CA ALA QB 51 -75.23 -29.10 -82.83
C ALA QB 51 -75.79 -28.12 -83.84
N THR QB 52 -75.16 -26.96 -83.99
CA THR QB 52 -75.61 -26.02 -85.00
C THR QB 52 -75.25 -26.47 -86.41
N ILE QB 53 -74.13 -27.20 -86.56
CA ILE QB 53 -73.76 -27.78 -87.86
C ILE QB 53 -74.80 -28.78 -88.33
N ILE QB 54 -75.22 -29.68 -87.45
CA ILE QB 54 -76.21 -30.64 -87.89
C ILE QB 54 -77.62 -30.03 -87.91
N LYS QB 55 -77.85 -28.94 -87.18
CA LYS QB 55 -79.13 -28.25 -87.26
C LYS QB 55 -79.30 -27.55 -88.60
N MET QB 56 -78.26 -26.85 -89.07
CA MET QB 56 -78.28 -26.30 -90.42
C MET QB 56 -78.27 -27.39 -91.47
N MET QB 57 -77.68 -28.55 -91.18
CA MET QB 57 -77.58 -29.59 -92.18
C MET QB 57 -78.92 -30.30 -92.40
N THR QB 58 -79.66 -30.57 -91.32
CA THR QB 58 -81.06 -30.98 -91.43
C THR QB 58 -81.95 -29.91 -92.05
N ASP QB 59 -81.76 -28.63 -91.73
CA ASP QB 59 -82.64 -27.61 -92.29
C ASP QB 59 -82.38 -27.38 -93.77
N LEU QB 60 -81.14 -27.51 -94.22
CA LEU QB 60 -80.84 -27.38 -95.64
C LEU QB 60 -81.33 -28.59 -96.41
N ASN QB 61 -81.26 -29.78 -95.82
CA ASN QB 61 -81.85 -30.95 -96.48
C ASN QB 61 -83.37 -30.93 -96.45
N LYS QB 62 -83.99 -30.26 -95.46
CA LYS QB 62 -85.43 -30.10 -95.50
C LYS QB 62 -85.87 -29.10 -96.56
N LYS QB 63 -85.11 -28.01 -96.73
CA LYS QB 63 -85.41 -27.11 -97.84
C LYS QB 63 -84.84 -27.56 -99.17
N GLY QB 64 -84.25 -28.75 -99.26
CA GLY QB 64 -83.99 -29.34 -100.54
C GLY QB 64 -82.62 -29.05 -101.08
N ILE QB 65 -81.81 -28.37 -100.30
CA ILE QB 65 -80.42 -28.13 -100.65
C ILE QB 65 -79.63 -29.29 -100.09
N LYS QB 66 -79.14 -30.16 -100.95
CA LYS QB 66 -78.78 -31.47 -100.41
C LYS QB 66 -77.33 -31.40 -99.96
N VAL QB 67 -77.09 -31.72 -98.69
CA VAL QB 67 -75.75 -31.70 -98.13
C VAL QB 67 -75.22 -33.12 -98.08
N ALA QB 68 -74.26 -33.42 -98.95
CA ALA QB 68 -73.49 -34.65 -98.87
C ALA QB 68 -72.25 -34.43 -98.03
N SER QB 69 -71.90 -35.47 -97.27
CA SER QB 69 -70.88 -35.37 -96.24
C SER QB 69 -70.00 -36.60 -96.30
N VAL QB 70 -68.97 -36.57 -97.13
CA VAL QB 70 -68.17 -37.74 -97.43
C VAL QB 70 -66.75 -37.46 -96.94
N GLY QB 71 -66.35 -38.13 -95.86
CA GLY QB 71 -65.01 -37.97 -95.33
C GLY QB 71 -64.81 -36.64 -94.64
N GLN QB 72 -64.05 -35.74 -95.25
CA GLN QB 72 -64.24 -34.34 -94.96
C GLN QB 72 -64.60 -33.55 -96.20
N ASN QB 73 -64.80 -34.20 -97.33
CA ASN QB 73 -65.36 -33.49 -98.48
C ASN QB 73 -66.82 -33.22 -98.22
N TYR QB 74 -67.15 -31.95 -98.19
CA TYR QB 74 -68.52 -31.50 -98.04
C TYR QB 74 -69.00 -30.97 -99.37
N LEU QB 75 -70.23 -31.35 -99.68
CA LEU QB 75 -70.92 -30.93 -100.89
C LEU QB 75 -72.24 -30.35 -100.44
N ILE QB 76 -72.55 -29.14 -100.84
CA ILE QB 76 -73.92 -28.69 -100.80
C ILE QB 76 -74.33 -28.42 -102.25
N SER QB 77 -75.46 -29.02 -102.62
CA SER QB 77 -75.93 -28.99 -104.00
C SER QB 77 -77.20 -28.18 -104.00
N ILE QB 78 -77.24 -27.16 -104.84
CA ILE QB 78 -78.30 -26.18 -104.88
C ILE QB 78 -78.93 -26.24 -106.27
N PRO QB 79 -80.23 -26.52 -106.38
CA PRO QB 79 -80.88 -26.37 -107.68
C PRO QB 79 -80.96 -24.92 -108.10
N ALA QB 80 -80.80 -24.70 -109.40
CA ALA QB 80 -80.77 -23.35 -109.94
C ALA QB 80 -82.14 -22.69 -109.99
N SER QB 81 -83.21 -23.48 -109.88
CA SER QB 81 -84.53 -22.92 -109.57
C SER QB 81 -84.55 -22.24 -108.22
N ALA QB 82 -83.87 -22.82 -107.24
CA ALA QB 82 -83.93 -22.30 -105.89
C ALA QB 82 -83.08 -21.05 -105.72
N LEU QB 83 -82.20 -20.71 -106.65
CA LEU QB 83 -81.57 -19.41 -106.58
C LEU QB 83 -82.01 -18.48 -107.70
N PHE QB 84 -81.80 -18.83 -108.97
CA PHE QB 84 -81.81 -17.74 -109.93
C PHE QB 84 -83.14 -17.69 -110.64
N ALA QB 85 -83.22 -16.81 -111.63
CA ALA QB 85 -84.24 -16.87 -112.65
C ALA QB 85 -83.74 -17.78 -113.77
N ASP QB 86 -84.63 -18.15 -114.70
CA ASP QB 86 -84.30 -19.19 -115.66
C ASP QB 86 -83.43 -18.65 -116.79
N GLN QB 87 -82.34 -19.38 -117.05
CA GLN QB 87 -81.31 -19.09 -118.08
C GLN QB 87 -80.68 -17.72 -117.94
N SER QB 88 -80.56 -17.26 -116.71
CA SER QB 88 -80.10 -15.92 -116.41
C SER QB 88 -78.95 -16.02 -115.44
N PRO QB 89 -78.01 -15.12 -115.50
CA PRO QB 89 -77.03 -14.97 -114.41
C PRO QB 89 -77.45 -13.93 -113.37
N ARG QB 90 -78.67 -14.04 -112.86
CA ARG QB 90 -79.19 -13.02 -111.96
C ARG QB 90 -79.90 -13.66 -110.78
N LEU QB 91 -79.52 -13.27 -109.56
CA LEU QB 91 -80.22 -13.72 -108.37
C LEU QB 91 -81.60 -13.13 -108.25
N ASN QB 92 -82.50 -13.93 -107.69
CA ASN QB 92 -83.73 -13.42 -107.11
C ASN QB 92 -83.41 -12.84 -105.74
N TRP QB 93 -84.26 -11.92 -105.29
CA TRP QB 93 -84.03 -11.24 -104.03
C TRP QB 93 -84.29 -12.13 -102.84
N ALA QB 94 -85.22 -13.08 -102.94
CA ALA QB 94 -85.51 -13.94 -101.81
C ALA QB 94 -84.45 -15.01 -101.61
N SER QB 95 -83.67 -15.32 -102.65
CA SER QB 95 -82.71 -16.40 -102.61
C SER QB 95 -81.44 -16.05 -101.86
N TYR QB 96 -81.25 -14.79 -101.47
CA TYR QB 96 -80.14 -14.46 -100.59
C TYR QB 96 -80.38 -14.94 -99.17
N SER QB 97 -81.64 -15.22 -98.79
CA SER QB 97 -81.87 -15.92 -97.53
C SER QB 97 -81.40 -17.37 -97.61
N LEU QB 98 -81.53 -17.99 -98.77
CA LEU QB 98 -81.01 -19.33 -98.96
C LEU QB 98 -79.48 -19.31 -98.91
N LEU QB 99 -78.90 -18.28 -99.51
CA LEU QB 99 -77.48 -17.99 -99.36
C LEU QB 99 -77.08 -17.58 -97.94
N ASN QB 100 -78.03 -17.15 -97.10
CA ASN QB 100 -77.70 -16.82 -95.73
C ASN QB 100 -77.43 -18.04 -94.90
N GLU QB 101 -78.32 -19.06 -94.93
CA GLU QB 101 -77.78 -20.24 -94.20
C GLU QB 101 -76.78 -21.06 -95.00
N ILE QB 102 -76.60 -20.85 -96.31
CA ILE QB 102 -75.40 -21.37 -96.97
C ILE QB 102 -74.12 -20.75 -96.40
N ALA QB 103 -74.10 -19.45 -96.24
CA ALA QB 103 -72.91 -18.77 -95.71
C ALA QB 103 -72.75 -18.98 -94.21
N ALA QB 104 -73.84 -19.07 -93.46
CA ALA QB 104 -73.73 -19.35 -92.04
C ALA QB 104 -73.42 -20.82 -91.78
N PHE QB 105 -73.72 -21.70 -92.73
CA PHE QB 105 -73.19 -23.05 -92.65
C PHE QB 105 -71.70 -23.07 -92.97
N LEU QB 106 -71.27 -22.22 -93.89
CA LEU QB 106 -69.86 -22.14 -94.24
C LEU QB 106 -69.04 -21.36 -93.24
N LYS QB 107 -69.66 -20.67 -92.28
CA LYS QB 107 -68.95 -20.19 -91.09
C LYS QB 107 -68.32 -21.31 -90.30
N GLN QB 108 -68.98 -22.45 -90.22
CA GLN QB 108 -68.75 -23.41 -89.16
C GLN QB 108 -67.51 -24.26 -89.35
N PHE QB 109 -66.92 -24.28 -90.52
CA PHE QB 109 -65.81 -25.17 -90.80
C PHE QB 109 -64.54 -24.39 -91.06
N ARG QB 110 -63.43 -25.02 -90.74
CA ARG QB 110 -62.12 -24.53 -91.13
C ARG QB 110 -61.84 -25.08 -92.50
N LYS QB 111 -61.61 -24.21 -93.45
CA LYS QB 111 -61.56 -24.60 -94.84
C LYS QB 111 -60.49 -23.78 -95.55
N ILE QB 112 -59.96 -24.35 -96.61
CA ILE QB 112 -58.83 -23.77 -97.32
C ILE QB 112 -59.26 -23.26 -98.67
N ALA QB 113 -59.91 -24.10 -99.46
CA ALA QB 113 -60.42 -23.70 -100.75
C ALA QB 113 -61.81 -24.25 -100.91
N ILE QB 114 -62.77 -23.37 -101.03
CA ILE QB 114 -64.09 -23.71 -101.53
C ILE QB 114 -64.01 -23.65 -103.04
N THR QB 115 -64.49 -24.67 -103.74
CA THR QB 115 -64.75 -24.47 -105.14
C THR QB 115 -66.25 -24.53 -105.40
N VAL QB 116 -66.71 -23.56 -106.16
CA VAL QB 116 -68.12 -23.40 -106.52
C VAL QB 116 -68.21 -23.55 -108.02
N THR QB 117 -68.97 -24.53 -108.46
CA THR QB 117 -69.11 -24.74 -109.89
C THR QB 117 -70.56 -24.97 -110.25
N SER QB 118 -70.94 -24.38 -111.38
CA SER QB 118 -72.33 -24.33 -111.77
C SER QB 118 -72.47 -24.95 -113.14
N TYR QB 119 -73.58 -25.64 -113.38
CA TYR QB 119 -73.90 -26.11 -114.72
C TYR QB 119 -75.40 -26.27 -114.85
N SER QB 120 -75.93 -25.97 -116.04
CA SER QB 120 -77.36 -26.12 -116.26
C SER QB 120 -77.60 -26.95 -117.50
N SER QB 121 -78.87 -27.04 -117.89
CA SER QB 121 -79.23 -27.77 -119.09
C SER QB 121 -79.02 -26.90 -120.32
N LYS QB 122 -79.18 -27.51 -121.49
CA LYS QB 122 -78.87 -26.84 -122.76
C LYS QB 122 -79.92 -25.81 -123.10
N TYR QB 123 -79.50 -24.60 -123.48
CA TYR QB 123 -80.44 -23.58 -123.90
C TYR QB 123 -80.24 -23.11 -125.32
N VAL QB 124 -79.08 -22.57 -125.66
CA VAL QB 124 -78.82 -22.22 -127.05
C VAL QB 124 -77.66 -23.07 -127.54
N SER QB 125 -76.50 -22.86 -126.96
CA SER QB 125 -75.29 -23.55 -127.36
C SER QB 125 -74.48 -23.81 -126.10
N VAL QB 126 -73.45 -24.62 -126.25
CA VAL QB 126 -72.55 -24.86 -125.15
C VAL QB 126 -71.68 -23.64 -124.84
N LYS QB 127 -71.44 -22.76 -125.82
CA LYS QB 127 -70.63 -21.58 -125.59
C LYS QB 127 -71.40 -20.53 -124.78
N ARG QB 128 -72.67 -20.30 -125.16
CA ARG QB 128 -73.58 -19.46 -124.39
C ARG QB 128 -73.85 -20.07 -123.02
N GLU QB 129 -73.93 -21.39 -122.98
CA GLU QB 129 -74.15 -22.11 -121.74
C GLU QB 129 -72.97 -21.98 -120.77
N ARG QB 130 -71.75 -22.06 -121.28
CA ARG QB 130 -70.60 -21.98 -120.40
C ARG QB 130 -70.33 -20.56 -119.94
N ALA QB 131 -70.68 -19.57 -120.79
CA ALA QB 131 -70.67 -18.18 -120.35
C ALA QB 131 -71.70 -17.92 -119.25
N LEU QB 132 -72.89 -18.52 -119.39
CA LEU QB 132 -73.94 -18.45 -118.36
C LEU QB 132 -73.49 -19.06 -117.04
N THR QB 133 -72.86 -20.22 -117.09
CA THR QB 133 -72.56 -20.91 -115.85
C THR QB 133 -71.32 -20.35 -115.18
N LEU QB 134 -70.42 -19.76 -115.97
CA LEU QB 134 -69.29 -19.04 -115.41
C LEU QB 134 -69.71 -17.77 -114.71
N ALA QB 135 -70.63 -17.00 -115.33
CA ALA QB 135 -71.20 -15.82 -114.70
C ALA QB 135 -72.03 -16.17 -113.48
N ARG QB 136 -72.70 -17.32 -113.54
CA ARG QB 136 -73.55 -17.85 -112.49
C ARG QB 136 -72.77 -18.17 -111.23
N SER QB 137 -71.68 -18.93 -111.40
CA SER QB 137 -70.83 -19.29 -110.28
C SER QB 137 -70.03 -18.10 -109.78
N ARG QB 138 -69.62 -17.18 -110.66
CA ARG QB 138 -68.84 -16.06 -110.16
C ARG QB 138 -69.71 -15.04 -109.42
N VAL QB 139 -71.00 -14.99 -109.73
CA VAL QB 139 -71.92 -14.14 -109.00
C VAL QB 139 -72.19 -14.73 -107.62
N VAL QB 140 -72.34 -16.06 -107.52
CA VAL QB 140 -72.62 -16.62 -106.20
C VAL QB 140 -71.36 -16.69 -105.32
N SER QB 141 -70.17 -16.76 -105.91
CA SER QB 141 -68.98 -16.64 -105.09
C SER QB 141 -68.65 -15.20 -104.72
N GLU QB 142 -69.03 -14.22 -105.55
CA GLU QB 142 -68.96 -12.81 -105.14
C GLU QB 142 -69.85 -12.53 -103.96
N TYR QB 143 -71.04 -13.13 -103.91
CA TYR QB 143 -71.85 -12.96 -102.71
C TYR QB 143 -71.31 -13.76 -101.54
N LEU QB 144 -70.65 -14.89 -101.79
CA LEU QB 144 -70.18 -15.70 -100.66
C LEU QB 144 -68.93 -15.13 -99.99
N TRP QB 145 -68.11 -14.37 -100.73
CA TRP QB 145 -67.04 -13.63 -100.08
C TRP QB 145 -67.45 -12.19 -99.78
N SER QB 146 -68.62 -11.75 -100.25
CA SER QB 146 -69.24 -10.65 -99.53
C SER QB 146 -69.68 -11.12 -98.16
N GLN QB 147 -70.24 -12.31 -98.09
CA GLN QB 147 -70.56 -12.87 -96.81
C GLN QB 147 -69.35 -13.58 -96.21
N GLY QB 148 -69.59 -14.30 -95.14
CA GLY QB 148 -68.51 -14.80 -94.34
C GLY QB 148 -68.13 -16.19 -94.75
N VAL QB 149 -67.00 -16.31 -95.40
CA VAL QB 149 -66.31 -17.57 -95.44
C VAL QB 149 -64.94 -17.31 -94.83
N ASP QB 150 -64.38 -18.33 -94.21
CA ASP QB 150 -63.01 -18.26 -93.74
C ASP QB 150 -62.10 -19.03 -94.68
N SER QB 151 -62.57 -19.23 -95.89
CA SER QB 151 -61.79 -19.86 -96.93
C SER QB 151 -60.70 -18.92 -97.40
N ARG QB 152 -59.62 -19.51 -97.87
CA ARG QB 152 -58.53 -18.74 -98.42
C ARG QB 152 -58.66 -18.59 -99.92
N ILE QB 153 -59.17 -19.62 -100.59
CA ILE QB 153 -59.49 -19.51 -102.00
C ILE QB 153 -60.95 -19.90 -102.14
N ILE QB 154 -61.69 -19.17 -102.95
CA ILE QB 154 -62.83 -19.76 -103.63
C ILE QB 154 -62.48 -19.83 -105.10
N PHE QB 155 -62.34 -21.05 -105.59
CA PHE QB 155 -62.28 -21.27 -107.02
C PHE QB 155 -63.72 -21.31 -107.47
N THR QB 156 -63.97 -20.83 -108.67
CA THR QB 156 -65.30 -20.71 -109.19
C THR QB 156 -65.31 -20.89 -110.70
N GLN QB 157 -66.19 -21.76 -111.17
CA GLN QB 157 -66.20 -22.12 -112.59
C GLN QB 157 -67.57 -22.67 -112.98
N GLY QB 158 -67.80 -22.73 -114.29
CA GLY QB 158 -69.04 -23.25 -114.80
C GLY QB 158 -68.83 -24.17 -115.96
N LEU QB 159 -69.71 -25.15 -116.13
CA LEU QB 159 -69.57 -26.12 -117.19
C LEU QB 159 -70.85 -26.21 -118.02
N GLY QB 160 -70.71 -26.76 -119.21
CA GLY QB 160 -71.81 -26.83 -120.15
C GLY QB 160 -72.58 -28.13 -120.22
N SER QB 161 -73.21 -28.50 -119.08
CA SER QB 161 -73.89 -29.79 -118.86
C SER QB 161 -72.96 -30.95 -119.12
N ASP QB 162 -71.70 -30.75 -118.82
CA ASP QB 162 -70.71 -31.73 -119.10
C ASP QB 162 -70.68 -32.77 -118.03
N LYS QB 163 -71.37 -32.57 -116.92
CA LYS QB 163 -71.35 -33.55 -115.87
C LYS QB 163 -72.76 -33.80 -115.32
N PRO QB 164 -73.73 -34.32 -116.09
CA PRO QB 164 -75.10 -34.19 -115.58
C PRO QB 164 -75.54 -35.37 -114.71
N ILE QB 165 -76.17 -35.07 -113.57
CA ILE QB 165 -76.42 -36.11 -112.58
C ILE QB 165 -77.65 -36.97 -112.86
N THR QB 166 -78.46 -36.62 -113.85
CA THR QB 166 -79.51 -37.53 -114.31
C THR QB 166 -79.57 -37.43 -115.82
N SER QB 167 -80.13 -38.47 -116.43
CA SER QB 167 -80.34 -38.48 -117.86
C SER QB 167 -81.66 -37.86 -118.26
N TYR QB 168 -82.47 -37.46 -117.29
CA TYR QB 168 -83.78 -36.91 -117.59
C TYR QB 168 -83.67 -35.39 -117.67
N THR QB 169 -84.02 -34.86 -118.84
CA THR QB 169 -83.62 -33.54 -119.32
C THR QB 169 -84.83 -32.65 -119.58
N LEU QB 170 -85.66 -32.44 -118.53
CA LEU QB 170 -87.03 -31.93 -118.64
C LEU QB 170 -87.12 -30.54 -119.28
N GLY QB 171 -86.18 -29.66 -118.96
CA GLY QB 171 -86.36 -28.26 -119.28
C GLY QB 171 -85.15 -27.42 -118.98
N GLY QB 172 -85.38 -26.24 -118.43
CA GLY QB 172 -84.31 -25.28 -118.27
C GLY QB 172 -83.74 -25.31 -116.88
N ASP QB 173 -84.04 -24.31 -116.06
CA ASP QB 173 -83.58 -24.34 -114.69
C ASP QB 173 -84.46 -25.16 -113.76
N ARG QB 174 -85.54 -25.75 -114.23
CA ARG QB 174 -86.30 -26.64 -113.36
C ARG QB 174 -85.77 -28.06 -113.42
N SER QB 175 -84.77 -28.32 -114.28
CA SER QB 175 -84.12 -29.61 -114.31
C SER QB 175 -83.33 -29.79 -113.03
N PRO QB 176 -83.27 -31.00 -112.48
CA PRO QB 176 -82.37 -31.26 -111.36
C PRO QB 176 -80.91 -31.34 -111.76
N ASN QB 177 -80.64 -31.49 -113.06
CA ASN QB 177 -79.30 -31.26 -113.57
C ASN QB 177 -78.87 -29.80 -113.43
N ALA QB 178 -79.80 -28.85 -113.51
CA ALA QB 178 -79.46 -27.44 -113.49
C ALA QB 178 -79.20 -27.01 -112.06
N ARG QB 179 -77.92 -26.88 -111.71
CA ARG QB 179 -77.58 -26.78 -110.31
C ARG QB 179 -76.23 -26.10 -110.18
N VAL QB 180 -75.99 -25.55 -109.01
CA VAL QB 180 -74.66 -25.14 -108.60
C VAL QB 180 -74.27 -26.08 -107.47
N GLU QB 181 -72.99 -26.35 -107.35
CA GLU QB 181 -72.49 -27.15 -106.26
C GLU QB 181 -71.29 -26.48 -105.63
N ILE QB 182 -71.29 -26.51 -104.30
CA ILE QB 182 -70.29 -25.86 -103.49
C ILE QB 182 -69.61 -26.98 -102.74
N THR QB 183 -68.38 -27.31 -103.13
CA THR QB 183 -67.66 -28.42 -102.53
C THR QB 183 -66.38 -27.90 -101.92
N PHE QB 184 -66.04 -28.44 -100.76
CA PHE QB 184 -64.80 -28.09 -100.10
C PHE QB 184 -64.36 -29.28 -99.27
N ARG QB 185 -63.19 -29.14 -98.67
CA ARG QB 185 -62.72 -30.12 -97.71
C ARG QB 185 -62.48 -29.42 -96.39
N ARG QB 186 -63.05 -29.95 -95.33
CA ARG QB 186 -62.90 -29.36 -94.02
C ARG QB 186 -61.52 -29.63 -93.49
N ALA QB 187 -60.76 -28.57 -93.25
CA ALA QB 187 -59.38 -28.74 -92.79
C ALA QB 187 -59.36 -29.05 -91.32
N VAL QB 188 -58.56 -30.06 -90.96
CA VAL QB 188 -58.37 -30.73 -89.65
C VAL QB 188 -59.59 -30.85 -88.75
N ALA RB 1 -91.40 -3.49 -169.22
CA ALA RB 1 -91.07 -2.08 -169.16
C ALA RB 1 -89.61 -1.88 -168.77
N ALA RB 2 -88.71 -2.55 -169.52
CA ALA RB 2 -87.30 -2.55 -169.22
C ALA RB 2 -86.64 -1.21 -169.61
N ALA RB 3 -85.53 -0.92 -168.93
CA ALA RB 3 -84.71 0.25 -169.26
C ALA RB 3 -83.27 -0.10 -168.87
N ALA RB 4 -82.48 -0.53 -169.85
CA ALA RB 4 -81.11 -1.00 -169.62
C ALA RB 4 -80.17 -0.28 -170.59
N ALA RB 5 -79.57 0.82 -170.14
CA ALA RB 5 -78.67 1.60 -170.99
C ALA RB 5 -77.65 2.32 -170.12
N ALA RB 6 -76.52 2.66 -170.75
CA ALA RB 6 -75.43 3.40 -170.10
C ALA RB 6 -75.29 4.74 -170.82
N ALA RB 7 -75.89 5.77 -170.26
CA ALA RB 7 -75.99 7.09 -170.87
C ALA RB 7 -75.95 8.12 -169.74
N ALA RB 8 -76.42 9.33 -170.03
CA ALA RB 8 -76.59 10.36 -169.00
C ALA RB 8 -78.07 10.76 -168.99
N ALA RB 9 -78.88 9.99 -168.26
CA ALA RB 9 -80.27 10.39 -168.04
C ALA RB 9 -80.33 11.51 -167.02
N ALA RB 10 -79.76 11.29 -165.83
CA ALA RB 10 -79.26 12.28 -164.87
C ALA RB 10 -80.29 13.15 -164.17
N ALA RB 11 -81.57 13.04 -164.50
CA ALA RB 11 -82.62 13.79 -163.81
C ALA RB 11 -83.89 12.94 -163.88
N ALA RB 12 -84.10 12.13 -162.85
CA ALA RB 12 -85.22 11.20 -162.84
C ALA RB 12 -85.61 10.92 -161.39
N ALA RB 13 -86.73 11.52 -160.96
CA ALA RB 13 -87.40 11.09 -159.73
C ALA RB 13 -88.46 10.06 -160.11
N ALA RB 14 -87.97 8.91 -160.57
CA ALA RB 14 -88.77 7.96 -161.33
C ALA RB 14 -89.48 7.02 -160.37
N ALA RB 15 -90.76 7.28 -160.12
CA ALA RB 15 -91.61 6.38 -159.35
C ALA RB 15 -92.29 5.44 -160.35
N ALA RB 16 -91.57 4.39 -160.73
CA ALA RB 16 -92.01 3.47 -161.75
C ALA RB 16 -93.11 2.56 -161.24
N ALA RB 17 -93.89 2.02 -162.19
CA ALA RB 17 -94.97 1.11 -161.89
C ALA RB 17 -94.47 -0.33 -161.90
N ALA RB 18 -95.38 -1.29 -161.90
CA ALA RB 18 -95.04 -2.69 -161.84
C ALA RB 18 -94.47 -3.18 -163.17
N ALA RB 19 -93.68 -4.27 -163.06
CA ALA RB 19 -92.92 -4.93 -164.14
C ALA RB 19 -91.99 -3.97 -164.88
N ALA RB 20 -91.40 -3.02 -164.14
CA ALA RB 20 -90.44 -2.09 -164.72
C ALA RB 20 -89.04 -2.64 -164.46
N ALA RB 21 -88.65 -3.61 -165.30
CA ALA RB 21 -87.42 -4.37 -165.10
C ALA RB 21 -86.22 -3.60 -165.67
N ALA RB 22 -85.88 -2.51 -165.00
CA ALA RB 22 -84.89 -1.56 -165.48
C ALA RB 22 -83.52 -1.94 -164.93
N ALA RB 23 -82.72 -2.60 -165.76
CA ALA RB 23 -81.31 -2.86 -165.46
C ALA RB 23 -80.41 -1.80 -166.08
N ALA RB 24 -80.72 -0.52 -165.84
CA ALA RB 24 -79.94 0.58 -166.37
C ALA RB 24 -78.58 0.71 -165.68
N ALA RB 25 -77.63 1.27 -166.44
CA ALA RB 25 -76.31 1.60 -165.92
C ALA RB 25 -75.94 3.04 -166.26
N ALA RB 26 -76.94 3.88 -166.55
CA ALA RB 26 -76.76 5.25 -166.96
C ALA RB 26 -76.28 6.14 -165.81
N ALA RB 27 -75.66 7.26 -166.19
CA ALA RB 27 -75.20 8.24 -165.22
C ALA RB 27 -76.38 9.03 -164.67
N ALA RB 28 -77.07 8.46 -163.68
CA ALA RB 28 -78.27 9.05 -163.11
C ALA RB 28 -77.86 9.85 -161.87
N ALA RB 29 -77.60 11.15 -162.08
CA ALA RB 29 -77.13 12.01 -161.00
C ALA RB 29 -78.26 12.38 -160.05
N ALA RB 30 -79.27 13.08 -160.54
CA ALA RB 30 -80.42 13.45 -159.72
C ALA RB 30 -81.44 12.32 -159.81
N ALA RB 31 -81.15 11.24 -159.09
CA ALA RB 31 -81.87 9.99 -159.22
C ALA RB 31 -82.69 9.70 -157.97
N ALA RB 32 -83.89 9.15 -158.18
CA ALA RB 32 -84.69 8.52 -157.13
C ALA RB 32 -85.53 7.45 -157.82
N ALA RB 33 -85.02 6.22 -157.82
CA ALA RB 33 -85.64 5.12 -158.59
C ALA RB 33 -86.53 4.32 -157.65
N ALA RB 34 -87.80 4.72 -157.55
CA ALA RB 34 -88.76 4.03 -156.69
C ALA RB 34 -89.55 3.02 -157.52
N ALA RB 35 -88.85 1.95 -157.90
CA ALA RB 35 -89.42 0.89 -158.72
C ALA RB 35 -90.40 0.05 -157.91
N ALA RB 36 -91.34 -0.60 -158.60
CA ALA RB 36 -92.42 -1.30 -157.93
C ALA RB 36 -92.41 -2.81 -158.15
N ALA RB 37 -91.66 -3.32 -159.13
CA ALA RB 37 -91.44 -4.75 -159.32
C ALA RB 37 -90.19 -4.95 -160.17
N ALA RB 38 -89.61 -6.14 -160.02
CA ALA RB 38 -88.79 -6.83 -161.02
C ALA RB 38 -87.48 -6.13 -161.37
N ALA RB 39 -86.97 -5.29 -160.48
CA ALA RB 39 -85.73 -4.57 -160.75
C ALA RB 39 -84.54 -5.52 -160.62
N ALA RB 40 -83.69 -5.53 -161.64
CA ALA RB 40 -82.56 -6.45 -161.74
C ALA RB 40 -81.30 -5.70 -162.15
N ALA RB 41 -81.02 -4.61 -161.43
CA ALA RB 41 -80.04 -3.63 -161.88
C ALA RB 41 -78.63 -3.98 -161.40
N ALA RB 42 -77.67 -3.91 -162.31
CA ALA RB 42 -76.25 -4.11 -162.00
C ALA RB 42 -75.49 -2.97 -162.67
N ALA RB 43 -75.34 -1.87 -161.96
CA ALA RB 43 -74.83 -0.63 -162.54
C ALA RB 43 -73.45 -0.30 -161.94
N ALA RB 44 -72.88 0.80 -162.42
CA ALA RB 44 -71.73 1.46 -161.81
C ALA RB 44 -72.02 2.94 -161.91
N ALA RB 45 -72.70 3.47 -160.89
CA ALA RB 45 -73.31 4.80 -160.98
C ALA RB 45 -72.75 5.71 -159.88
N ALA RB 46 -73.31 6.92 -159.85
CA ALA RB 46 -72.96 7.93 -158.84
C ALA RB 46 -74.17 8.82 -158.67
N ALA RB 47 -74.80 8.77 -157.50
CA ALA RB 47 -76.05 9.47 -157.27
C ALA RB 47 -75.91 10.61 -156.27
N ALA RB 48 -75.38 10.33 -155.07
CA ALA RB 48 -75.00 11.22 -153.96
C ALA RB 48 -76.17 11.91 -153.26
N ALA RB 49 -77.41 11.75 -153.70
CA ALA RB 49 -78.56 12.22 -152.95
C ALA RB 49 -79.75 11.26 -153.07
N ALA RB 50 -79.49 9.97 -153.23
CA ALA RB 50 -80.53 9.02 -153.61
C ALA RB 50 -81.39 8.65 -152.41
N ALA RB 51 -82.69 8.95 -152.51
CA ALA RB 51 -83.68 8.44 -151.58
C ALA RB 51 -84.38 7.26 -152.26
N ALA RB 52 -83.67 6.14 -152.32
CA ALA RB 52 -84.14 5.00 -153.07
C ALA RB 52 -85.20 4.22 -152.31
N ALA RB 53 -86.21 3.76 -153.05
CA ALA RB 53 -87.21 2.85 -152.52
C ALA RB 53 -87.28 1.66 -153.46
N ALA RB 54 -87.46 0.47 -152.91
CA ALA RB 54 -87.49 -0.73 -153.73
C ALA RB 54 -88.54 -1.70 -153.21
N ALA RB 55 -89.45 -2.08 -154.09
CA ALA RB 55 -90.45 -3.11 -153.84
C ALA RB 55 -89.92 -4.46 -154.33
N ALA RB 56 -90.83 -5.42 -154.55
CA ALA RB 56 -90.53 -6.85 -154.67
C ALA RB 56 -89.67 -7.19 -155.89
N ALA RB 57 -88.83 -8.20 -155.71
CA ALA RB 57 -87.87 -8.76 -156.67
C ALA RB 57 -86.90 -7.71 -157.21
N ALA RB 58 -86.24 -7.02 -156.27
CA ALA RB 58 -85.28 -5.97 -156.59
C ALA RB 58 -83.89 -6.45 -156.20
N ALA RB 59 -83.17 -7.02 -157.17
CA ALA RB 59 -81.77 -7.38 -157.01
C ALA RB 59 -80.92 -6.28 -157.65
N ALA RB 60 -80.00 -5.72 -156.88
CA ALA RB 60 -79.25 -4.56 -157.34
C ALA RB 60 -77.78 -4.68 -156.96
N ALA RB 61 -76.94 -4.05 -157.77
CA ALA RB 61 -75.50 -4.03 -157.51
C ALA RB 61 -74.97 -2.68 -158.01
N ALA RB 62 -74.79 -1.74 -157.09
CA ALA RB 62 -74.50 -0.37 -157.47
C ALA RB 62 -73.36 0.21 -156.63
N ALA RB 63 -72.61 1.13 -157.23
CA ALA RB 63 -71.49 1.81 -156.57
C ALA RB 63 -71.77 3.29 -156.38
N ALA RB 64 -73.00 3.63 -156.00
CA ALA RB 64 -73.45 5.00 -155.90
C ALA RB 64 -73.82 5.34 -154.46
N ALA RB 65 -73.59 6.59 -154.09
CA ALA RB 65 -73.93 7.06 -152.77
C ALA RB 65 -75.42 7.36 -152.66
N ALA RB 66 -76.03 6.95 -151.56
CA ALA RB 66 -77.45 7.16 -151.31
C ALA RB 66 -77.63 8.05 -150.09
N ALA RB 67 -78.88 8.41 -149.83
CA ALA RB 67 -79.21 9.22 -148.67
C ALA RB 67 -80.29 8.55 -147.84
N ALA RB 68 -81.23 7.88 -148.50
CA ALA RB 68 -82.28 7.17 -147.81
C ALA RB 68 -82.58 5.87 -148.55
N ALA RB 69 -83.03 4.88 -147.79
CA ALA RB 69 -83.34 3.57 -148.34
C ALA RB 69 -84.66 3.08 -147.75
N ALA RB 70 -85.53 2.58 -148.62
CA ALA RB 70 -86.81 2.03 -148.19
C ALA RB 70 -87.04 0.70 -148.87
N ALA RB 71 -87.49 -0.28 -148.11
CA ALA RB 71 -87.79 -1.61 -148.63
C ALA RB 71 -89.25 -1.93 -148.35
N ALA RB 72 -89.89 -2.64 -149.29
CA ALA RB 72 -91.33 -2.87 -149.22
C ALA RB 72 -91.71 -4.34 -149.05
N ALA RB 73 -91.27 -5.22 -149.95
CA ALA RB 73 -91.66 -6.63 -149.84
C ALA RB 73 -90.48 -7.58 -149.69
N ALA RB 74 -89.56 -7.60 -150.65
CA ALA RB 74 -88.45 -8.56 -150.69
C ALA RB 74 -87.43 -8.04 -151.69
N ALA RB 75 -86.15 -8.10 -151.31
CA ALA RB 75 -85.10 -7.52 -152.15
C ALA RB 75 -83.79 -8.25 -151.91
N ALA RB 76 -82.78 -7.86 -152.70
CA ALA RB 76 -81.39 -8.28 -152.49
C ALA RB 76 -80.52 -7.18 -153.09
N ALA RB 77 -80.01 -6.29 -152.26
CA ALA RB 77 -79.20 -5.19 -152.73
C ALA RB 77 -77.72 -5.47 -152.46
N ALA RB 78 -76.88 -4.77 -153.21
CA ALA RB 78 -75.44 -4.70 -152.93
C ALA RB 78 -75.00 -3.31 -153.37
N ALA RB 79 -75.04 -2.36 -152.44
CA ALA RB 79 -74.80 -0.97 -152.77
C ALA RB 79 -73.57 -0.46 -152.03
N ALA RB 80 -72.92 0.52 -152.63
CA ALA RB 80 -71.73 1.16 -152.06
C ALA RB 80 -72.05 2.63 -151.79
N ALA RB 81 -72.65 2.91 -150.64
CA ALA RB 81 -73.05 4.26 -150.27
C ALA RB 81 -71.90 4.97 -149.55
N ALA RB 82 -72.03 6.28 -149.36
CA ALA RB 82 -70.88 7.01 -148.82
C ALA RB 82 -71.18 7.91 -147.63
N ALA RB 83 -72.29 8.65 -147.62
CA ALA RB 83 -72.38 9.85 -146.81
C ALA RB 83 -73.32 9.72 -145.61
N ALA RB 84 -74.59 9.43 -145.84
CA ALA RB 84 -75.56 9.31 -144.77
C ALA RB 84 -76.65 8.37 -145.24
N ALA RB 85 -77.36 7.78 -144.29
CA ALA RB 85 -78.40 6.82 -144.64
C ALA RB 85 -79.53 6.89 -143.62
N ALA RB 86 -80.73 7.15 -144.13
CA ALA RB 86 -81.96 6.96 -143.37
C ALA RB 86 -82.66 5.74 -143.97
N ALA RB 87 -82.60 4.61 -143.27
CA ALA RB 87 -83.02 3.34 -143.85
C ALA RB 87 -84.20 2.77 -143.08
N ALA RB 88 -85.15 2.22 -143.83
CA ALA RB 88 -86.31 1.54 -143.25
C ALA RB 88 -86.72 0.41 -144.16
N ALA RB 89 -87.13 -0.71 -143.58
CA ALA RB 89 -87.41 -1.91 -144.34
C ALA RB 89 -88.77 -2.48 -143.97
N ALA RB 90 -89.22 -3.45 -144.77
CA ALA RB 90 -90.45 -4.18 -144.50
C ALA RB 90 -90.31 -5.57 -145.10
N ALA RB 91 -89.99 -6.55 -144.25
CA ALA RB 91 -89.98 -8.01 -144.52
C ALA RB 91 -89.00 -8.41 -145.61
N ALA RB 92 -87.94 -7.63 -145.82
CA ALA RB 92 -87.07 -7.79 -146.95
C ALA RB 92 -85.67 -8.18 -146.49
N ALA RB 93 -84.76 -8.26 -147.46
CA ALA RB 93 -83.35 -8.52 -147.20
C ALA RB 93 -82.53 -7.48 -147.95
N ALA RB 94 -81.42 -7.06 -147.36
CA ALA RB 94 -80.62 -5.99 -147.93
C ALA RB 94 -79.17 -6.16 -147.49
N ALA RB 95 -78.25 -5.82 -148.40
CA ALA RB 95 -76.84 -5.78 -148.07
C ALA RB 95 -76.23 -4.53 -148.67
N ALA RB 96 -75.30 -3.93 -147.93
CA ALA RB 96 -74.57 -2.76 -148.40
C ALA RB 96 -73.08 -2.97 -148.13
N ALA RB 97 -72.25 -2.28 -148.90
CA ALA RB 97 -70.84 -2.65 -148.98
C ALA RB 97 -69.89 -1.60 -148.42
N ALA RB 98 -69.93 -0.36 -148.90
CA ALA RB 98 -68.86 0.59 -148.62
C ALA RB 98 -69.10 1.29 -147.28
N ALA RB 99 -68.29 2.30 -147.01
CA ALA RB 99 -68.30 3.00 -145.74
C ALA RB 99 -69.50 3.95 -145.70
N ALA RB 100 -70.46 3.66 -144.85
CA ALA RB 100 -71.65 4.46 -144.68
C ALA RB 100 -71.72 5.03 -143.28
N ALA RB 101 -72.61 6.00 -143.08
CA ALA RB 101 -72.86 6.58 -141.77
C ALA RB 101 -74.37 6.54 -141.54
N ALA RB 102 -74.85 5.41 -141.05
CA ALA RB 102 -76.27 5.23 -140.81
C ALA RB 102 -76.62 5.85 -139.46
N ALA RB 103 -77.35 6.95 -139.48
CA ALA RB 103 -77.70 7.63 -138.24
C ALA RB 103 -78.83 6.93 -137.52
N ALA RB 104 -79.90 6.60 -138.24
CA ALA RB 104 -81.05 5.94 -137.63
C ALA RB 104 -81.48 4.76 -138.49
N ALA RB 105 -81.88 3.68 -137.84
CA ALA RB 105 -82.43 2.52 -138.53
C ALA RB 105 -83.58 1.98 -137.71
N ALA RB 106 -84.78 1.99 -138.29
CA ALA RB 106 -85.97 1.48 -137.64
C ALA RB 106 -86.50 0.31 -138.46
N ALA RB 107 -86.47 -0.88 -137.87
CA ALA RB 107 -86.93 -2.08 -138.56
C ALA RB 107 -88.08 -2.66 -137.76
N ALA RB 108 -89.29 -2.55 -138.32
CA ALA RB 108 -90.49 -3.03 -137.65
C ALA RB 108 -91.05 -4.29 -138.29
N ALA RB 109 -90.23 -5.05 -139.02
CA ALA RB 109 -90.70 -6.21 -139.75
C ALA RB 109 -89.56 -7.22 -139.82
N ALA RB 110 -89.65 -8.16 -140.76
CA ALA RB 110 -88.61 -9.18 -140.95
C ALA RB 110 -87.59 -8.64 -141.93
N ALA RB 111 -86.52 -8.05 -141.40
CA ALA RB 111 -85.51 -7.37 -142.21
C ALA RB 111 -84.17 -8.02 -141.98
N ALA RB 112 -83.63 -8.64 -143.03
CA ALA RB 112 -82.27 -9.17 -142.99
C ALA RB 112 -81.34 -8.10 -143.56
N ALA RB 113 -81.02 -7.12 -142.71
CA ALA RB 113 -80.22 -5.98 -143.13
C ALA RB 113 -78.76 -6.22 -142.76
N ALA RB 114 -77.87 -6.00 -143.72
CA ALA RB 114 -76.45 -6.15 -143.51
C ALA RB 114 -75.70 -4.97 -144.11
N ALA RB 115 -74.69 -4.49 -143.39
CA ALA RB 115 -73.82 -3.44 -143.88
C ALA RB 115 -72.39 -3.80 -143.55
N ALA RB 116 -71.54 -3.93 -144.57
CA ALA RB 116 -70.17 -4.38 -144.36
C ALA RB 116 -69.27 -3.31 -143.80
N ALA RB 117 -69.68 -2.04 -143.84
CA ALA RB 117 -68.92 -0.96 -143.21
C ALA RB 117 -69.90 0.12 -142.81
N ALA RB 118 -69.98 0.39 -141.51
CA ALA RB 118 -70.78 1.50 -140.98
C ALA RB 118 -69.86 2.31 -140.08
N ALA RB 119 -69.45 3.48 -140.56
CA ALA RB 119 -68.60 4.40 -139.80
C ALA RB 119 -69.43 5.63 -139.48
N ALA RB 120 -70.18 5.55 -138.39
CA ALA RB 120 -71.12 6.59 -138.02
C ALA RB 120 -70.69 7.25 -136.72
N ALA RB 121 -71.52 8.15 -136.22
CA ALA RB 121 -71.27 8.85 -134.97
C ALA RB 121 -72.28 8.52 -133.89
N ALA RB 122 -73.54 8.34 -134.25
CA ALA RB 122 -74.56 7.94 -133.28
C ALA RB 122 -75.61 7.11 -134.04
N ALA RB 123 -75.48 5.80 -133.95
CA ALA RB 123 -76.38 4.90 -134.67
C ALA RB 123 -77.48 4.46 -133.72
N ALA RB 124 -78.70 4.92 -133.96
CA ALA RB 124 -79.85 4.52 -133.17
C ALA RB 124 -80.62 3.48 -133.96
N ALA RB 125 -80.63 2.25 -133.46
CA ALA RB 125 -81.31 1.14 -134.13
C ALA RB 125 -82.46 0.69 -133.25
N ALA RB 126 -83.68 0.89 -133.76
CA ALA RB 126 -84.88 0.42 -133.07
C ALA RB 126 -85.45 -0.75 -133.84
N ALA RB 127 -85.75 -1.83 -133.12
CA ALA RB 127 -86.18 -3.07 -133.76
C ALA RB 127 -87.48 -3.56 -133.13
N ALA RB 128 -88.34 -4.14 -133.98
CA ALA RB 128 -89.67 -4.56 -133.55
C ALA RB 128 -90.02 -5.90 -134.20
N ALA RB 129 -89.86 -6.95 -133.41
CA ALA RB 129 -90.49 -8.26 -133.41
C ALA RB 129 -90.08 -9.28 -134.48
N ALA RB 130 -89.36 -8.90 -135.52
CA ALA RB 130 -89.00 -9.93 -136.49
C ALA RB 130 -87.63 -9.84 -137.15
N ALA RB 131 -86.99 -8.67 -137.11
CA ALA RB 131 -85.86 -8.36 -137.98
C ALA RB 131 -84.57 -9.07 -137.56
N ALA RB 132 -83.54 -8.89 -138.37
CA ALA RB 132 -82.20 -9.44 -138.12
C ALA RB 132 -81.19 -8.49 -138.75
N ALA RB 133 -80.66 -7.57 -137.94
CA ALA RB 133 -79.68 -6.61 -138.42
C ALA RB 133 -78.27 -7.08 -138.08
N ALA RB 134 -77.38 -7.02 -139.06
CA ALA RB 134 -75.98 -7.41 -138.86
C ALA RB 134 -75.10 -6.33 -139.48
N ALA RB 135 -74.80 -5.30 -138.71
CA ALA RB 135 -74.04 -4.14 -139.18
C ALA RB 135 -72.80 -4.01 -138.34
N ALA RB 136 -71.62 -4.01 -138.99
CA ALA RB 136 -70.39 -4.08 -138.20
C ALA RB 136 -69.23 -3.40 -138.92
N ALA RB 137 -69.00 -2.11 -138.62
CA ALA RB 137 -67.61 -1.68 -138.60
C ALA RB 137 -67.18 -0.97 -137.32
N ALA RB 138 -67.69 0.26 -137.11
CA ALA RB 138 -67.19 1.13 -136.04
C ALA RB 138 -68.21 2.27 -135.83
N ALA RB 139 -68.90 2.25 -134.71
CA ALA RB 139 -69.74 3.37 -134.36
C ALA RB 139 -69.06 4.18 -133.26
N ALA RB 140 -69.69 5.27 -132.85
CA ALA RB 140 -69.20 6.04 -131.72
C ALA RB 140 -70.21 6.17 -130.61
N ALA RB 141 -71.51 6.04 -130.89
CA ALA RB 141 -72.53 5.95 -129.86
C ALA RB 141 -73.67 5.11 -130.43
N ALA RB 142 -73.75 3.86 -130.02
CA ALA RB 142 -74.81 2.97 -130.49
C ALA RB 142 -75.93 2.95 -129.47
N ALA RB 143 -77.16 3.03 -129.96
CA ALA RB 143 -78.35 2.96 -129.11
C ALA RB 143 -79.25 1.90 -129.73
N ALA RB 144 -79.14 0.68 -129.24
CA ALA RB 144 -79.89 -0.45 -129.78
C ALA RB 144 -81.09 -0.69 -128.88
N ALA RB 145 -82.23 -0.15 -129.27
CA ALA RB 145 -83.48 -0.41 -128.58
C ALA RB 145 -84.18 -1.54 -129.33
N ALA RB 146 -83.99 -2.76 -128.87
CA ALA RB 146 -84.70 -3.90 -129.41
C ALA RB 146 -85.94 -4.10 -128.55
N ALA RB 147 -87.08 -3.60 -129.04
CA ALA RB 147 -88.37 -3.73 -128.36
C ALA RB 147 -89.12 -4.95 -128.84
N ALA RB 148 -88.39 -6.04 -129.05
CA ALA RB 148 -88.54 -6.95 -130.15
C ALA RB 148 -88.49 -8.38 -129.67
N ALA RB 149 -89.01 -9.30 -130.48
CA ALA RB 149 -88.71 -10.72 -130.39
C ALA RB 149 -87.69 -11.11 -131.45
N ALA RB 150 -86.71 -10.23 -131.66
CA ALA RB 150 -85.87 -10.27 -132.85
C ALA RB 150 -84.40 -10.21 -132.43
N ALA RB 151 -83.53 -10.20 -133.43
CA ALA RB 151 -82.09 -10.35 -133.22
C ALA RB 151 -81.35 -9.16 -133.80
N ALA RB 152 -80.34 -8.70 -133.08
CA ALA RB 152 -79.45 -7.61 -133.53
C ALA RB 152 -78.02 -8.09 -133.28
N ALA RB 153 -77.46 -8.79 -134.24
CA ALA RB 153 -76.10 -9.30 -134.13
C ALA RB 153 -75.13 -8.23 -134.57
N ALA RB 154 -73.98 -8.15 -133.88
CA ALA RB 154 -73.01 -7.12 -134.20
C ALA RB 154 -71.61 -7.56 -133.81
N ALA RB 155 -70.67 -7.25 -134.70
CA ALA RB 155 -69.27 -7.15 -134.35
C ALA RB 155 -68.82 -5.71 -134.55
N ALA RB 156 -69.76 -4.79 -134.38
CA ALA RB 156 -69.51 -3.35 -134.55
C ALA RB 156 -68.77 -2.84 -133.33
N ALA RB 157 -67.52 -2.43 -133.50
CA ALA RB 157 -66.71 -1.96 -132.38
C ALA RB 157 -67.11 -0.53 -132.07
N ALA RB 158 -68.16 -0.38 -131.27
CA ALA RB 158 -68.65 0.91 -130.87
C ALA RB 158 -67.89 1.43 -129.66
N ALA RB 159 -67.65 2.75 -129.64
CA ALA RB 159 -66.97 3.36 -128.51
C ALA RB 159 -67.87 3.45 -127.28
N ALA RB 160 -69.14 3.75 -127.49
CA ALA RB 160 -70.12 3.71 -126.41
C ALA RB 160 -71.35 2.98 -126.91
N ALA RB 161 -71.92 2.14 -126.06
CA ALA RB 161 -73.05 1.31 -126.45
C ALA RB 161 -74.13 1.40 -125.39
N ALA RB 162 -75.38 1.44 -125.83
CA ALA RB 162 -76.55 1.48 -124.95
C ALA RB 162 -77.60 0.56 -125.57
N ALA RB 163 -77.66 -0.67 -125.10
CA ALA RB 163 -78.52 -1.69 -125.68
C ALA RB 163 -79.56 -2.11 -124.65
N ALA RB 164 -80.83 -1.95 -125.00
CA ALA RB 164 -81.94 -2.37 -124.15
C ALA RB 164 -82.80 -3.35 -124.94
N ALA RB 165 -82.94 -4.56 -124.42
CA ALA RB 165 -83.73 -5.61 -125.04
C ALA RB 165 -84.97 -5.85 -124.20
N ALA RB 166 -86.14 -5.89 -124.82
CA ALA RB 166 -87.38 -5.76 -124.07
C ALA RB 166 -88.15 -7.06 -123.88
N ALA RB 167 -88.31 -7.92 -124.89
CA ALA RB 167 -89.12 -9.14 -124.71
C ALA RB 167 -88.61 -10.25 -125.63
N ALA RB 168 -87.69 -11.07 -125.10
CA ALA RB 168 -87.03 -12.22 -125.78
C ALA RB 168 -86.37 -11.81 -127.09
N ALA RB 169 -85.66 -10.69 -127.06
CA ALA RB 169 -84.76 -10.30 -128.13
C ALA RB 169 -83.40 -10.97 -127.91
N ALA RB 170 -82.50 -10.79 -128.87
CA ALA RB 170 -81.14 -11.31 -128.74
C ALA RB 170 -80.19 -10.37 -129.43
N ALA RB 171 -79.34 -9.70 -128.65
CA ALA RB 171 -78.45 -8.68 -129.18
C ALA RB 171 -77.01 -9.04 -128.88
N ALA RB 172 -76.17 -9.00 -129.90
CA ALA RB 172 -74.74 -9.30 -129.75
C ALA RB 172 -73.99 -7.99 -129.95
N ALA RB 173 -73.42 -7.47 -128.88
CA ALA RB 173 -72.76 -6.17 -128.89
C ALA RB 173 -71.26 -6.30 -128.67
N ALA RB 174 -70.55 -5.21 -128.94
CA ALA RB 174 -69.11 -5.15 -128.71
C ALA RB 174 -68.76 -3.69 -128.44
N ALA RB 175 -68.41 -3.39 -127.20
CA ALA RB 175 -68.19 -2.03 -126.77
C ALA RB 175 -66.70 -1.78 -126.50
N ALA RB 176 -66.18 -0.68 -127.01
CA ALA RB 176 -64.79 -0.35 -126.79
C ALA RB 176 -64.58 0.30 -125.43
N ALA RB 177 -65.20 1.44 -125.20
CA ALA RB 177 -64.97 2.19 -123.97
C ALA RB 177 -66.12 2.13 -122.99
N ALA RB 178 -67.36 2.11 -123.48
CA ALA RB 178 -68.52 2.24 -122.61
C ALA RB 178 -69.55 1.20 -122.99
N ALA RB 179 -69.91 0.33 -122.04
CA ALA RB 179 -70.94 -0.66 -122.25
C ALA RB 179 -72.12 -0.37 -121.34
N ALA RB 180 -73.30 -0.28 -121.93
CA ALA RB 180 -74.52 0.02 -121.20
C ALA RB 180 -75.56 -0.99 -121.64
N ALA RB 181 -76.05 -1.80 -120.70
CA ALA RB 181 -76.93 -2.88 -121.10
C ALA RB 181 -78.11 -2.98 -120.15
N ALA RB 182 -79.30 -3.09 -120.70
CA ALA RB 182 -80.48 -3.46 -119.92
C ALA RB 182 -81.20 -4.57 -120.67
N ALA RB 183 -81.53 -5.63 -119.96
CA ALA RB 183 -82.21 -6.76 -120.58
C ALA RB 183 -83.50 -7.05 -119.84
N ALA RB 184 -84.50 -7.53 -120.56
CA ALA RB 184 -85.76 -7.95 -119.96
C ALA RB 184 -86.25 -9.18 -120.72
N ALA RB 185 -86.23 -10.34 -120.03
CA ALA RB 185 -86.63 -11.68 -120.53
C ALA RB 185 -85.88 -12.11 -121.79
N ALA RB 186 -84.66 -11.62 -121.98
CA ALA RB 186 -84.00 -11.64 -123.28
C ALA RB 186 -82.52 -11.95 -123.08
N ALA RB 187 -81.73 -11.75 -124.13
CA ALA RB 187 -80.31 -12.07 -124.09
C ALA RB 187 -79.49 -10.94 -124.69
N ALA RB 188 -78.45 -10.53 -123.98
CA ALA RB 188 -77.49 -9.55 -124.47
C ALA RB 188 -76.09 -10.14 -124.32
N ALA RB 189 -75.43 -10.42 -125.43
CA ALA RB 189 -74.14 -11.09 -125.44
C ALA RB 189 -73.04 -10.08 -125.70
N ALA RB 190 -72.14 -9.90 -124.74
CA ALA RB 190 -71.05 -8.94 -124.84
C ALA RB 190 -69.82 -9.66 -125.40
N ALA RB 191 -69.47 -9.35 -126.64
CA ALA RB 191 -68.38 -10.05 -127.29
C ALA RB 191 -67.02 -9.36 -127.09
N ALA RB 192 -66.99 -8.23 -126.39
CA ALA RB 192 -65.72 -7.59 -126.04
C ALA RB 192 -65.88 -6.88 -124.71
N ALA RB 193 -64.88 -7.01 -123.85
CA ALA RB 193 -64.94 -6.38 -122.54
C ALA RB 193 -64.60 -4.91 -122.69
N ALA RB 194 -65.51 -4.05 -122.25
CA ALA RB 194 -65.34 -2.61 -122.43
C ALA RB 194 -64.39 -2.06 -121.38
N ALA RB 195 -64.02 -0.79 -121.55
CA ALA RB 195 -63.22 -0.12 -120.55
C ALA RB 195 -64.02 0.16 -119.29
N ALA RB 196 -65.31 0.44 -119.43
CA ALA RB 196 -66.22 0.48 -118.30
C ALA RB 196 -67.53 -0.12 -118.73
N ALA RB 197 -67.99 -1.14 -118.00
CA ALA RB 197 -69.18 -1.89 -118.37
C ALA RB 197 -70.21 -1.79 -117.26
N ALA RB 198 -71.48 -1.73 -117.66
CA ALA RB 198 -72.57 -1.79 -116.69
C ALA RB 198 -73.77 -2.45 -117.34
N ALA RB 199 -74.28 -3.48 -116.69
CA ALA RB 199 -75.37 -4.26 -117.23
C ALA RB 199 -76.39 -4.53 -116.14
N ALA RB 200 -77.66 -4.35 -116.46
CA ALA RB 200 -78.74 -4.60 -115.54
C ALA RB 200 -79.71 -5.57 -116.19
N ALA RB 201 -80.08 -6.60 -115.44
CA ALA RB 201 -80.96 -7.64 -115.92
C ALA RB 201 -82.28 -7.55 -115.17
N ALA RB 202 -83.37 -7.67 -115.91
CA ALA RB 202 -84.72 -7.71 -115.38
C ALA RB 202 -85.13 -9.16 -115.15
N ALA RB 203 -86.43 -9.41 -115.06
CA ALA RB 203 -86.97 -10.75 -114.86
C ALA RB 203 -86.64 -11.68 -116.03
N ALA RB 204 -85.97 -12.79 -115.69
CA ALA RB 204 -85.55 -13.88 -116.59
C ALA RB 204 -84.67 -13.39 -117.73
N ALA RB 205 -83.79 -12.44 -117.44
CA ALA RB 205 -83.03 -11.71 -118.43
C ALA RB 205 -81.55 -12.00 -118.29
N ALA RB 206 -80.85 -12.11 -119.42
CA ALA RB 206 -79.48 -12.60 -119.42
C ALA RB 206 -78.54 -11.64 -120.12
N ALA RB 207 -77.76 -10.87 -119.37
CA ALA RB 207 -76.68 -10.10 -119.94
C ALA RB 207 -75.38 -10.85 -119.69
N ALA RB 208 -75.19 -11.93 -120.45
CA ALA RB 208 -74.04 -12.79 -120.28
C ALA RB 208 -72.93 -12.34 -121.21
N ALA RB 209 -71.77 -12.01 -120.66
CA ALA RB 209 -70.64 -11.53 -121.45
C ALA RB 209 -69.98 -12.74 -122.08
N ALA RB 210 -70.50 -13.14 -123.23
CA ALA RB 210 -70.10 -14.37 -123.89
C ALA RB 210 -68.94 -14.13 -124.86
N ALA RB 211 -67.81 -13.75 -124.29
CA ALA RB 211 -66.59 -13.69 -125.07
C ALA RB 211 -66.01 -15.09 -125.21
N ALA RB 212 -65.14 -15.25 -126.21
CA ALA RB 212 -64.51 -16.54 -126.45
C ALA RB 212 -63.39 -16.75 -125.46
N ALA RB 213 -63.57 -17.68 -124.54
CA ALA RB 213 -62.49 -18.13 -123.68
C ALA RB 213 -61.45 -18.87 -124.52
N ALA RB 214 -60.20 -18.84 -124.05
CA ALA RB 214 -58.97 -19.05 -124.83
C ALA RB 214 -58.95 -18.15 -126.06
N ALA RB 215 -58.83 -16.85 -125.79
CA ALA RB 215 -58.32 -15.95 -126.81
C ALA RB 215 -56.78 -16.04 -126.84
N ALA RB 216 -56.18 -15.22 -127.71
CA ALA RB 216 -54.73 -15.10 -127.69
C ALA RB 216 -54.27 -14.37 -126.44
N ALA RB 217 -54.89 -13.23 -126.15
CA ALA RB 217 -54.73 -12.55 -124.87
C ALA RB 217 -56.08 -11.94 -124.52
N ALA RB 218 -56.90 -12.71 -123.79
CA ALA RB 218 -58.15 -12.19 -123.30
C ALA RB 218 -57.87 -11.33 -122.09
N ALA RB 219 -58.21 -10.05 -122.17
CA ALA RB 219 -57.98 -9.15 -121.06
C ALA RB 219 -58.99 -9.42 -119.95
N ALA RB 220 -58.49 -9.51 -118.71
CA ALA RB 220 -59.37 -9.83 -117.60
C ALA RB 220 -60.16 -8.60 -117.18
N ALA RB 221 -61.20 -8.86 -116.39
CA ALA RB 221 -62.02 -7.78 -115.85
C ALA RB 221 -61.26 -7.09 -114.74
N ALA RB 222 -60.91 -5.82 -114.94
CA ALA RB 222 -60.11 -5.06 -114.00
C ALA RB 222 -60.96 -4.54 -112.86
N ALA RB 223 -60.38 -3.67 -112.01
CA ALA RB 223 -61.10 -3.14 -110.87
C ALA RB 223 -62.17 -2.13 -111.25
N ALA RB 224 -62.05 -1.52 -112.41
CA ALA RB 224 -63.06 -0.61 -112.89
C ALA RB 224 -64.12 -1.30 -113.75
N ALA RB 225 -63.95 -2.57 -114.09
CA ALA RB 225 -64.89 -3.23 -114.98
C ALA RB 225 -65.48 -4.51 -114.41
N ALA RB 226 -65.14 -4.88 -113.18
CA ALA RB 226 -65.64 -6.12 -112.60
C ALA RB 226 -67.04 -5.87 -112.07
N ALA RB 227 -68.04 -6.13 -112.91
CA ALA RB 227 -69.41 -6.17 -112.45
C ALA RB 227 -69.83 -7.62 -112.29
N ALA RB 228 -70.90 -7.82 -111.54
CA ALA RB 228 -71.40 -9.14 -111.24
C ALA RB 228 -72.16 -9.74 -112.43
N ALA SB 1 -57.25 -10.36 -147.69
CA ALA SB 1 -58.53 -9.86 -148.15
C ALA SB 1 -59.04 -8.75 -147.25
N ALA SB 2 -58.19 -7.77 -146.99
CA ALA SB 2 -58.50 -6.67 -146.09
C ALA SB 2 -58.97 -5.46 -146.89
N ALA SB 3 -59.11 -4.33 -146.20
CA ALA SB 3 -59.43 -3.05 -146.83
C ALA SB 3 -58.81 -1.97 -145.95
N ALA SB 4 -57.62 -1.49 -146.33
CA ALA SB 4 -56.92 -0.51 -145.52
C ALA SB 4 -57.53 0.87 -145.71
N ALA SB 5 -57.25 1.77 -144.78
CA ALA SB 5 -57.63 3.15 -144.88
C ALA SB 5 -56.38 4.01 -145.05
N ALA SB 6 -56.58 5.22 -145.52
CA ALA SB 6 -55.49 6.10 -145.89
C ALA SB 6 -54.93 6.90 -144.72
N ALA SB 7 -55.46 6.72 -143.52
CA ALA SB 7 -55.03 7.48 -142.36
C ALA SB 7 -53.84 6.80 -141.70
N ALA SB 8 -53.50 7.21 -140.48
CA ALA SB 8 -52.44 6.55 -139.74
C ALA SB 8 -52.92 5.20 -139.22
N ALA SB 9 -52.76 4.19 -140.08
CA ALA SB 9 -52.73 2.75 -139.72
C ALA SB 9 -54.05 2.20 -139.19
N ALA SB 10 -55.11 2.39 -139.95
CA ALA SB 10 -56.38 1.71 -139.68
C ALA SB 10 -56.75 0.85 -140.89
N ALA SB 11 -57.40 -0.28 -140.63
CA ALA SB 11 -57.75 -1.20 -141.71
C ALA SB 11 -58.98 -1.99 -141.31
N ALA SB 12 -60.02 -1.92 -142.12
CA ALA SB 12 -61.11 -2.86 -141.95
C ALA SB 12 -60.73 -4.19 -142.59
N ALA SB 13 -61.45 -5.24 -142.23
CA ALA SB 13 -61.19 -6.56 -142.78
C ALA SB 13 -62.50 -7.32 -142.87
N ALA SB 14 -62.69 -8.02 -143.99
CA ALA SB 14 -63.97 -8.65 -144.30
C ALA SB 14 -63.84 -10.15 -144.43
N ALA SB 15 -63.12 -10.80 -143.51
CA ALA SB 15 -63.20 -12.25 -143.41
C ALA SB 15 -64.55 -12.66 -142.85
N ALA SB 16 -64.84 -12.25 -141.61
CA ALA SB 16 -66.21 -12.15 -141.15
C ALA SB 16 -66.57 -10.71 -140.84
N ALA SB 17 -65.85 -10.09 -139.89
CA ALA SB 17 -66.00 -8.69 -139.50
C ALA SB 17 -64.80 -8.24 -138.67
N ALA SB 18 -64.08 -7.21 -139.12
CA ALA SB 18 -63.02 -6.62 -138.32
C ALA SB 18 -62.84 -5.16 -138.70
N ALA SB 19 -62.48 -4.33 -137.71
CA ALA SB 19 -61.97 -2.98 -137.95
C ALA SB 19 -60.76 -2.79 -137.04
N ALA SB 20 -59.59 -3.21 -137.50
CA ALA SB 20 -58.40 -3.25 -136.66
C ALA SB 20 -57.45 -2.13 -137.03
N ALA SB 21 -56.31 -2.09 -136.36
CA ALA SB 21 -55.32 -1.04 -136.56
C ALA SB 21 -53.95 -1.66 -136.76
N ALA SB 22 -53.22 -1.13 -137.74
CA ALA SB 22 -51.86 -1.54 -138.06
C ALA SB 22 -50.90 -0.65 -137.28
N ALA SB 23 -49.62 -0.65 -137.67
CA ALA SB 23 -48.68 0.33 -137.18
C ALA SB 23 -48.22 1.31 -138.25
N ALA SB 24 -48.11 0.84 -139.51
CA ALA SB 24 -47.67 1.59 -140.71
C ALA SB 24 -46.30 2.23 -140.55
N ALA SB 25 -45.40 1.54 -139.86
CA ALA SB 25 -44.01 1.93 -139.77
C ALA SB 25 -43.06 0.84 -140.24
N ALA SB 26 -43.42 -0.43 -140.07
CA ALA SB 26 -42.68 -1.53 -140.66
C ALA SB 26 -43.17 -1.90 -142.05
N ALA SB 27 -44.36 -1.39 -142.43
CA ALA SB 27 -44.96 -1.47 -143.77
C ALA SB 27 -45.16 -2.91 -144.26
N ALA SB 28 -45.94 -3.68 -143.49
CA ALA SB 28 -46.28 -5.05 -143.88
C ALA SB 28 -47.54 -5.02 -144.73
N ALA SB 29 -47.40 -4.50 -145.94
CA ALA SB 29 -48.50 -4.42 -146.90
C ALA SB 29 -48.48 -5.62 -147.83
N ALA SB 30 -48.57 -6.81 -147.22
CA ALA SB 30 -48.54 -8.06 -147.97
C ALA SB 30 -49.83 -8.32 -148.72
N ALA SB 31 -50.95 -7.78 -148.19
CA ALA SB 31 -52.33 -7.98 -148.67
C ALA SB 31 -52.73 -9.45 -148.74
N ALA SB 32 -52.21 -10.25 -147.81
CA ALA SB 32 -52.41 -11.69 -147.80
C ALA SB 32 -52.23 -12.16 -146.38
N ALA SB 33 -53.28 -12.70 -145.79
CA ALA SB 33 -53.29 -12.98 -144.36
C ALA SB 33 -54.31 -14.06 -144.07
N ALA SB 34 -54.38 -14.46 -142.80
CA ALA SB 34 -55.44 -15.32 -142.28
C ALA SB 34 -56.18 -14.48 -141.25
N ALA SB 35 -57.16 -13.72 -141.71
CA ALA SB 35 -57.94 -12.84 -140.83
C ALA SB 35 -59.02 -13.65 -140.14
N ALA SB 36 -59.16 -13.47 -138.83
CA ALA SB 36 -60.08 -14.24 -138.02
C ALA SB 36 -60.94 -13.31 -137.18
N ALA SB 37 -62.03 -13.84 -136.66
CA ALA SB 37 -62.90 -13.11 -135.73
C ALA SB 37 -62.52 -13.39 -134.28
N ALA SB 38 -61.24 -13.22 -133.99
CA ALA SB 38 -60.68 -13.21 -132.64
C ALA SB 38 -59.62 -12.13 -132.53
N ALA SB 39 -59.77 -11.09 -133.37
CA ALA SB 39 -58.88 -9.93 -133.51
C ALA SB 39 -57.45 -10.33 -133.84
N ALA SB 40 -57.29 -10.95 -135.00
CA ALA SB 40 -55.98 -11.43 -135.41
C ALA SB 40 -55.88 -11.37 -136.93
N ALA SB 41 -55.21 -10.34 -137.44
CA ALA SB 41 -54.86 -10.26 -138.84
C ALA SB 41 -53.43 -10.76 -138.98
N ALA SB 42 -53.30 -12.08 -139.12
CA ALA SB 42 -51.99 -12.74 -139.15
C ALA SB 42 -51.44 -12.66 -140.56
N ALA SB 43 -50.61 -11.65 -140.81
CA ALA SB 43 -50.09 -11.38 -142.15
C ALA SB 43 -48.85 -12.23 -142.42
N ALA SB 44 -48.17 -11.94 -143.53
CA ALA SB 44 -46.96 -12.66 -143.88
C ALA SB 44 -45.79 -12.26 -142.98
N ALA SB 45 -45.70 -10.98 -142.63
CA ALA SB 45 -44.62 -10.52 -141.77
C ALA SB 45 -44.93 -10.78 -140.30
N ALA SB 46 -46.00 -10.17 -139.79
CA ALA SB 46 -46.34 -10.25 -138.37
C ALA SB 46 -47.85 -10.37 -138.25
N ALA SB 47 -48.36 -10.17 -137.04
CA ALA SB 47 -49.78 -10.24 -136.75
C ALA SB 47 -50.29 -8.89 -136.28
N ALA SB 48 -51.52 -8.56 -136.68
CA ALA SB 48 -52.13 -7.29 -136.35
C ALA SB 48 -53.47 -7.54 -135.67
N ALA SB 49 -53.82 -6.65 -134.75
CA ALA SB 49 -55.03 -6.77 -133.95
C ALA SB 49 -55.72 -5.41 -133.88
N ALA SB 50 -56.89 -5.40 -133.26
CA ALA SB 50 -57.57 -4.15 -132.95
C ALA SB 50 -56.83 -3.48 -131.81
N ALA SB 51 -56.07 -2.43 -132.13
CA ALA SB 51 -55.15 -1.83 -131.17
C ALA SB 51 -55.89 -0.97 -130.16
N ALA SB 52 -55.34 -0.92 -128.96
CA ALA SB 52 -55.91 -0.13 -127.88
C ALA SB 52 -54.83 0.40 -126.97
N ALA TB 1 -70.14 -29.51 -75.62
CA ALA TB 1 -69.03 -30.16 -76.31
C ALA TB 1 -69.53 -30.71 -77.64
N ALA TB 2 -69.20 -31.97 -77.95
CA ALA TB 2 -69.73 -32.61 -79.15
C ALA TB 2 -71.18 -32.96 -78.91
N ALA TB 3 -72.07 -32.04 -79.25
CA ALA TB 3 -73.47 -32.14 -78.87
C ALA TB 3 -74.31 -32.56 -80.07
N ALA TB 4 -75.22 -33.50 -79.81
CA ALA TB 4 -76.37 -33.93 -80.61
C ALA TB 4 -76.03 -34.73 -81.86
N ALA TB 5 -74.77 -34.82 -82.28
CA ALA TB 5 -74.43 -35.83 -83.27
C ALA TB 5 -74.42 -37.19 -82.59
N ALA TB 6 -73.51 -37.36 -81.64
CA ALA TB 6 -73.54 -38.37 -80.60
C ALA TB 6 -72.67 -37.83 -79.48
N ALA TB 7 -72.28 -38.69 -78.56
CA ALA TB 7 -71.27 -38.27 -77.59
C ALA TB 7 -69.88 -38.32 -78.23
N ALA TB 8 -68.91 -37.75 -77.52
CA ALA TB 8 -67.54 -37.70 -78.01
C ALA TB 8 -66.90 -39.07 -77.92
N ALA TB 9 -66.49 -39.62 -79.07
CA ALA TB 9 -65.95 -40.98 -79.08
C ALA TB 9 -64.50 -41.01 -78.62
N ALA TB 10 -63.62 -40.38 -79.39
CA ALA TB 10 -62.21 -40.34 -79.06
C ALA TB 10 -61.80 -38.89 -78.86
N ALA TB 11 -60.51 -38.67 -78.70
CA ALA TB 11 -59.95 -37.31 -78.71
C ALA TB 11 -58.69 -37.42 -79.54
N ALA TB 12 -58.82 -37.14 -80.84
CA ALA TB 12 -57.73 -37.35 -81.77
C ALA TB 12 -56.68 -36.27 -81.59
N ALA TB 13 -55.48 -36.69 -81.20
CA ALA TB 13 -54.38 -35.77 -81.09
C ALA TB 13 -53.93 -35.33 -82.48
N ALA TB 14 -53.31 -34.14 -82.52
CA ALA TB 14 -53.11 -33.29 -83.70
C ALA TB 14 -54.42 -32.97 -84.43
N ALA TB 15 -55.51 -32.84 -83.68
CA ALA TB 15 -56.83 -32.56 -84.23
C ALA TB 15 -57.71 -32.05 -83.10
N ALA TB 16 -59.00 -31.92 -83.42
CA ALA TB 16 -60.06 -31.58 -82.48
C ALA TB 16 -60.61 -32.89 -81.88
N ALA TB 17 -61.67 -32.79 -81.09
CA ALA TB 17 -62.30 -33.99 -80.54
C ALA TB 17 -63.09 -34.70 -81.61
N ALA TB 18 -63.22 -36.01 -81.46
CA ALA TB 18 -63.86 -36.85 -82.45
C ALA TB 18 -65.18 -37.36 -81.88
N ALA TB 19 -66.27 -36.79 -82.38
CA ALA TB 19 -67.60 -37.24 -81.98
C ALA TB 19 -67.89 -38.59 -82.62
N ALA TB 20 -68.90 -39.28 -82.09
CA ALA TB 20 -69.24 -40.62 -82.59
C ALA TB 20 -70.21 -40.58 -83.77
N ALA TB 21 -70.31 -39.45 -84.47
CA ALA TB 21 -70.70 -39.41 -85.87
C ALA TB 21 -69.55 -38.92 -86.72
N ALA TB 22 -69.03 -37.71 -86.45
CA ALA TB 22 -68.04 -37.04 -87.30
C ALA TB 22 -66.99 -36.34 -86.44
N ALA TB 23 -66.20 -35.45 -87.04
CA ALA TB 23 -65.19 -34.71 -86.28
C ALA TB 23 -65.80 -33.43 -85.74
N ALA TB 24 -65.62 -33.19 -84.44
CA ALA TB 24 -66.32 -32.11 -83.78
C ALA TB 24 -65.61 -30.78 -84.01
N ALA TB 25 -66.21 -29.72 -83.49
CA ALA TB 25 -65.63 -28.38 -83.57
C ALA TB 25 -64.98 -27.96 -82.27
N ALA TB 26 -64.93 -28.84 -81.29
CA ALA TB 26 -64.31 -28.52 -80.00
C ALA TB 26 -62.91 -29.07 -79.97
N ALA TB 27 -61.95 -28.23 -79.59
CA ALA TB 27 -60.53 -28.57 -79.69
C ALA TB 27 -60.14 -29.54 -78.58
N ALA TB 28 -59.43 -30.61 -78.96
CA ALA TB 28 -59.07 -31.65 -78.01
C ALA TB 28 -57.85 -31.26 -77.19
N ALA TB 29 -56.72 -31.05 -77.86
CA ALA TB 29 -55.46 -30.78 -77.20
C ALA TB 29 -55.17 -29.29 -77.18
N ALA TB 30 -54.05 -28.93 -76.56
CA ALA TB 30 -53.59 -27.54 -76.63
C ALA TB 30 -53.00 -27.22 -77.99
N ALA TB 31 -52.50 -28.23 -78.69
CA ALA TB 31 -51.69 -28.04 -79.88
C ALA TB 31 -52.49 -28.24 -81.17
N ALA TB 32 -53.77 -27.95 -81.15
CA ALA TB 32 -54.57 -27.98 -82.36
C ALA TB 32 -54.52 -26.61 -83.03
N ALA TB 33 -55.18 -26.46 -84.17
CA ALA TB 33 -55.09 -25.21 -84.93
C ALA TB 33 -56.19 -24.24 -84.53
N ALA TB 34 -56.19 -23.86 -83.25
CA ALA TB 34 -57.15 -22.91 -82.71
C ALA TB 34 -56.77 -21.51 -83.17
N ALA TB 35 -57.75 -20.75 -83.65
CA ALA TB 35 -57.50 -19.46 -84.31
C ALA TB 35 -57.20 -18.37 -83.28
N ALA TB 36 -55.99 -18.42 -82.74
CA ALA TB 36 -55.50 -17.30 -81.96
C ALA TB 36 -55.14 -16.19 -82.94
N ALA TB 37 -55.67 -15.00 -82.69
CA ALA TB 37 -55.23 -13.83 -83.43
C ALA TB 37 -55.07 -12.62 -82.52
N ALA TB 38 -55.51 -12.70 -81.26
CA ALA TB 38 -55.33 -11.63 -80.30
C ALA TB 38 -54.64 -12.21 -79.07
N ALA TB 39 -53.35 -11.93 -78.93
CA ALA TB 39 -52.64 -12.37 -77.74
C ALA TB 39 -52.91 -11.43 -76.59
N ALA TB 40 -52.47 -11.84 -75.40
CA ALA TB 40 -52.59 -10.99 -74.21
C ALA TB 40 -51.33 -11.20 -73.40
N ALA TB 41 -50.33 -10.36 -73.63
CA ALA TB 41 -49.05 -10.48 -72.94
C ALA TB 41 -48.34 -9.15 -72.91
N ALA TB 42 -47.53 -8.95 -71.89
CA ALA TB 42 -46.62 -7.81 -71.86
C ALA TB 42 -45.46 -8.10 -72.78
N ALA TB 43 -45.18 -7.13 -73.66
CA ALA TB 43 -44.10 -7.12 -74.65
C ALA TB 43 -44.17 -8.30 -75.62
N ALA TB 44 -45.38 -8.70 -75.97
CA ALA TB 44 -45.55 -9.64 -77.07
C ALA TB 44 -45.25 -8.93 -78.38
N ALA TB 45 -44.62 -9.67 -79.30
CA ALA TB 45 -44.20 -9.38 -80.68
C ALA TB 45 -42.97 -8.45 -80.74
N ALA TB 46 -42.54 -7.93 -79.61
CA ALA TB 46 -41.13 -7.79 -79.30
C ALA TB 46 -40.77 -9.02 -78.48
N ALA TB 47 -39.57 -9.06 -77.91
CA ALA TB 47 -39.24 -10.19 -77.06
C ALA TB 47 -39.89 -10.02 -75.70
N ALA TB 48 -39.88 -11.09 -74.90
CA ALA TB 48 -40.69 -11.19 -73.68
C ALA TB 48 -40.18 -10.30 -72.56
N ALA TB 49 -40.89 -10.31 -71.44
CA ALA TB 49 -40.56 -9.45 -70.31
C ALA TB 49 -39.33 -9.98 -69.59
N ALA TB 50 -38.26 -9.19 -69.56
CA ALA TB 50 -37.02 -9.55 -68.89
C ALA TB 50 -37.25 -9.54 -67.39
N ALA TB 51 -37.38 -10.73 -66.80
CA ALA TB 51 -37.98 -10.90 -65.48
C ALA TB 51 -37.10 -10.46 -64.33
N ALA TB 52 -35.82 -10.17 -64.56
CA ALA TB 52 -34.91 -9.86 -63.48
C ALA TB 52 -35.07 -8.45 -62.93
N ALA TB 53 -35.78 -7.57 -63.63
CA ALA TB 53 -35.92 -6.19 -63.21
C ALA TB 53 -36.90 -6.07 -62.05
N ALA TB 54 -36.60 -5.14 -61.14
CA ALA TB 54 -37.51 -4.75 -60.06
C ALA TB 54 -37.43 -3.24 -59.96
N ALA TB 55 -38.25 -2.55 -60.75
CA ALA TB 55 -38.26 -1.10 -60.82
C ALA TB 55 -39.67 -0.67 -61.21
N ALA TB 56 -39.81 0.57 -61.66
CA ALA TB 56 -41.11 1.04 -62.12
C ALA TB 56 -41.46 0.49 -63.50
N ALA TB 57 -40.56 0.67 -64.46
CA ALA TB 57 -40.84 0.31 -65.84
C ALA TB 57 -40.73 -1.19 -66.05
N ALA TB 58 -41.27 -1.65 -67.17
CA ALA TB 58 -41.20 -3.05 -67.59
C ALA TB 58 -40.36 -3.12 -68.85
N ALA TB 59 -39.20 -3.75 -68.76
CA ALA TB 59 -38.29 -3.83 -69.89
C ALA TB 59 -38.44 -5.16 -70.61
N ALA TB 60 -38.48 -5.11 -71.93
CA ALA TB 60 -38.55 -6.33 -72.71
C ALA TB 60 -37.17 -6.98 -72.79
N ALA TB 61 -37.14 -8.24 -73.24
CA ALA TB 61 -35.87 -8.92 -73.45
C ALA TB 61 -35.15 -8.45 -74.71
N ALA TB 62 -35.83 -7.72 -75.59
CA ALA TB 62 -35.19 -7.00 -76.69
C ALA TB 62 -34.86 -5.57 -76.32
N ALA TB 63 -34.83 -5.26 -75.01
CA ALA TB 63 -34.44 -3.98 -74.41
C ALA TB 63 -35.32 -2.82 -74.86
N ALA TB 64 -36.60 -3.09 -75.09
CA ALA TB 64 -37.58 -2.03 -75.23
C ALA TB 64 -38.32 -1.90 -73.91
N ALA TB 65 -38.73 -0.69 -73.59
CA ALA TB 65 -39.52 -0.44 -72.39
C ALA TB 65 -40.99 -0.54 -72.77
N ALA TB 66 -41.69 -1.48 -72.15
CA ALA TB 66 -43.11 -1.67 -72.42
C ALA TB 66 -43.86 -0.57 -71.70
N ALA TB 67 -44.01 0.57 -72.38
CA ALA TB 67 -44.65 1.72 -71.77
C ALA TB 67 -46.16 1.58 -71.70
N ALA TB 68 -46.73 0.65 -72.47
CA ALA TB 68 -48.14 0.30 -72.35
C ALA TB 68 -48.43 -0.66 -71.22
N ALA TB 69 -47.40 -1.15 -70.52
CA ALA TB 69 -47.64 -2.03 -69.37
C ALA TB 69 -46.83 -1.62 -68.15
N ALA TB 70 -46.30 -0.41 -68.10
CA ALA TB 70 -45.53 0.03 -66.95
C ALA TB 70 -46.38 0.86 -66.00
N LYS UB 24 -84.67 20.68 -91.48
CA LYS UB 24 -83.69 19.65 -91.18
C LYS UB 24 -82.53 19.69 -92.15
N PHE UB 25 -81.31 19.74 -91.62
CA PHE UB 25 -80.11 19.86 -92.43
C PHE UB 25 -79.22 18.65 -92.20
N LYS UB 26 -78.72 18.08 -93.29
CA LYS UB 26 -77.91 16.86 -93.23
C LYS UB 26 -76.91 16.85 -94.36
N LYS UB 27 -75.64 16.65 -94.03
CA LYS UB 27 -74.63 16.30 -95.01
C LYS UB 27 -74.85 14.85 -95.43
N PRO UB 28 -74.44 14.46 -96.65
CA PRO UB 28 -74.81 13.12 -97.17
C PRO UB 28 -74.14 11.95 -96.46
N PRO UB 29 -72.76 11.83 -96.31
CA PRO UB 29 -72.29 10.55 -95.75
C PRO UB 29 -72.35 10.51 -94.24
N ILE UB 30 -73.36 9.85 -93.71
CA ILE UB 30 -73.40 9.61 -92.28
C ILE UB 30 -73.02 8.17 -92.09
N ASN UB 31 -71.73 7.93 -91.90
CA ASN UB 31 -71.20 6.58 -91.83
C ASN UB 31 -71.24 6.10 -90.39
N ASN UB 32 -70.53 5.03 -90.09
CA ASN UB 32 -70.44 4.52 -88.74
C ASN UB 32 -69.53 5.41 -87.89
N PRO UB 33 -69.61 5.29 -86.57
CA PRO UB 33 -68.58 5.91 -85.74
C PRO UB 33 -67.24 5.21 -85.88
N SER UB 34 -66.28 5.85 -86.50
CA SER UB 34 -64.91 5.37 -86.48
C SER UB 34 -64.22 5.81 -85.19
N ASP UB 35 -63.11 5.17 -84.89
CA ASP UB 35 -62.29 5.61 -83.76
C ASP UB 35 -60.95 6.13 -84.24
N ASP UB 36 -60.23 6.75 -83.31
CA ASP UB 36 -59.03 7.50 -83.62
C ASP UB 36 -57.85 6.62 -84.01
N ALA UB 37 -57.92 5.33 -83.64
CA ALA UB 37 -56.99 4.31 -84.11
C ALA UB 37 -56.97 4.21 -85.62
N THR UB 38 -58.11 3.92 -86.22
CA THR UB 38 -58.17 3.88 -87.67
C THR UB 38 -58.17 5.24 -88.32
N ILE UB 39 -58.45 6.34 -87.57
CA ILE UB 39 -58.25 7.68 -88.10
C ILE UB 39 -56.76 7.90 -88.41
N LYS UB 40 -55.91 7.65 -87.41
CA LYS UB 40 -54.50 7.93 -87.63
C LYS UB 40 -53.81 6.82 -88.41
N LEU UB 41 -54.38 5.61 -88.41
CA LEU UB 41 -53.94 4.56 -89.33
C LEU UB 41 -54.23 4.94 -90.77
N ALA UB 42 -55.40 5.53 -91.02
CA ALA UB 42 -55.77 5.92 -92.37
C ALA UB 42 -54.94 7.10 -92.85
N GLU UB 43 -54.69 8.08 -91.99
CA GLU UB 43 -53.91 9.21 -92.47
C GLU UB 43 -52.41 8.97 -92.38
N ALA UB 44 -51.97 7.85 -91.83
CA ALA UB 44 -50.65 7.36 -92.19
C ALA UB 44 -50.67 6.62 -93.50
N ALA UB 45 -51.77 5.90 -93.74
CA ALA UB 45 -51.87 5.00 -94.87
C ALA UB 45 -51.94 5.76 -96.19
N VAL UB 46 -52.48 6.98 -96.16
CA VAL UB 46 -52.51 7.76 -97.38
C VAL UB 46 -51.16 8.41 -97.67
N SER UB 47 -50.37 8.73 -96.65
CA SER UB 47 -49.07 9.31 -96.90
C SER UB 47 -48.09 8.25 -97.35
N VAL UB 48 -48.23 7.02 -96.84
CA VAL UB 48 -47.36 5.97 -97.33
C VAL UB 48 -47.85 5.51 -98.71
N SER UB 49 -49.15 5.68 -99.02
CA SER UB 49 -49.66 5.37 -100.35
C SER UB 49 -49.17 6.35 -101.40
N ASP UB 50 -49.11 7.62 -101.06
CA ASP UB 50 -48.62 8.59 -102.01
C ASP UB 50 -47.11 8.56 -102.16
N SER UB 51 -46.38 8.24 -101.07
CA SER UB 51 -44.94 7.97 -101.20
C SER UB 51 -44.66 6.70 -101.99
N MET UB 52 -45.53 5.71 -101.86
CA MET UB 52 -45.46 4.49 -102.65
C MET UB 52 -45.66 4.73 -104.14
N LEU UB 53 -46.68 5.48 -104.50
CA LEU UB 53 -46.93 5.70 -105.92
C LEU UB 53 -45.96 6.69 -106.54
N GLU UB 54 -45.39 7.63 -105.77
CA GLU UB 54 -44.37 8.47 -106.38
C GLU UB 54 -43.09 7.69 -106.61
N MET UB 55 -42.77 6.69 -105.75
CA MET UB 55 -41.64 5.80 -106.00
C MET UB 55 -41.87 4.95 -107.25
N ALA UB 56 -43.07 4.36 -107.38
CA ALA UB 56 -43.39 3.49 -108.52
C ALA UB 56 -43.44 4.26 -109.82
N LYS UB 57 -43.82 5.53 -109.77
CA LYS UB 57 -43.74 6.44 -110.91
C LYS UB 57 -42.30 6.66 -111.36
N VAL UB 58 -41.39 6.87 -110.40
CA VAL UB 58 -39.95 7.04 -110.71
C VAL UB 58 -39.35 5.78 -111.33
N GLU UB 59 -39.68 4.61 -110.78
CA GLU UB 59 -39.09 3.37 -111.27
C GLU UB 59 -39.62 2.99 -112.64
N LYS UB 60 -40.90 3.21 -112.88
CA LYS UB 60 -41.46 2.93 -114.19
C LYS UB 60 -41.05 3.95 -115.23
N VAL UB 61 -40.65 5.16 -114.84
CA VAL UB 61 -40.18 6.05 -115.89
C VAL UB 61 -38.69 5.83 -116.21
N ILE UB 62 -37.83 5.48 -115.25
CA ILE UB 62 -36.42 5.44 -115.63
C ILE UB 62 -35.88 4.03 -115.79
N THR UB 63 -36.73 3.01 -115.71
CA THR UB 63 -36.57 1.96 -116.68
C THR UB 63 -37.98 1.68 -117.20
N PRO UB 64 -38.21 1.79 -118.50
CA PRO UB 64 -39.46 1.36 -119.05
C PRO UB 64 -39.63 -0.14 -118.89
N PRO UB 65 -40.83 -0.61 -118.57
CA PRO UB 65 -41.05 -2.06 -118.55
C PRO UB 65 -41.09 -2.58 -119.97
N SER UB 66 -40.15 -3.46 -120.25
CA SER UB 66 -39.94 -3.98 -121.61
C SER UB 66 -41.09 -4.85 -122.05
N LYS UB 67 -41.64 -5.61 -121.11
CA LYS UB 67 -42.35 -6.83 -121.46
C LYS UB 67 -43.07 -7.32 -120.23
N ASP UB 68 -44.28 -7.82 -120.41
CA ASP UB 68 -45.08 -8.37 -119.34
C ASP UB 68 -44.80 -9.86 -119.18
N ASN UB 69 -45.68 -10.58 -118.51
CA ASN UB 69 -45.52 -12.02 -118.37
C ASN UB 69 -46.66 -12.79 -119.01
N THR UB 70 -47.42 -12.17 -119.91
CA THR UB 70 -48.46 -12.90 -120.62
C THR UB 70 -47.90 -13.84 -121.69
N LEU UB 71 -46.67 -13.63 -122.10
CA LEU UB 71 -46.02 -14.57 -123.02
C LEU UB 71 -45.52 -15.80 -122.27
N THR UB 72 -45.14 -15.67 -121.00
CA THR UB 72 -44.65 -16.84 -120.29
C THR UB 72 -45.68 -17.52 -119.43
N ILE UB 73 -46.77 -16.83 -119.10
CA ILE UB 73 -47.97 -17.45 -118.58
C ILE UB 73 -49.01 -17.07 -119.62
N PRO UB 74 -49.34 -17.89 -120.57
CA PRO UB 74 -50.45 -17.53 -121.46
C PRO UB 74 -51.75 -18.17 -121.02
N ASN UB 75 -52.89 -17.60 -121.40
CA ASN UB 75 -54.15 -18.12 -120.88
C ASN UB 75 -54.55 -19.41 -121.58
N ALA UB 76 -55.50 -20.11 -121.00
CA ALA UB 76 -56.01 -21.31 -121.63
C ALA UB 76 -57.48 -21.46 -121.30
N TYR UB 77 -58.19 -22.07 -122.23
CA TYR UB 77 -59.46 -22.66 -121.89
C TYR UB 77 -59.20 -23.84 -120.98
N ASN UB 78 -59.80 -23.77 -119.80
CA ASN UB 78 -59.78 -24.43 -118.47
C ASN UB 78 -58.72 -23.79 -117.58
N LEU UB 79 -58.05 -22.74 -118.05
CA LEU UB 79 -57.40 -21.82 -117.14
C LEU UB 79 -58.23 -20.54 -116.97
N GLN UB 80 -59.26 -20.37 -117.80
CA GLN UB 80 -60.19 -19.26 -117.73
C GLN UB 80 -61.31 -19.44 -116.72
N ALA UB 81 -61.15 -20.36 -115.78
CA ALA UB 81 -61.93 -20.33 -114.55
C ALA UB 81 -61.49 -19.15 -113.70
N ARG UB 82 -62.30 -18.83 -112.71
CA ARG UB 82 -61.96 -17.69 -111.88
C ARG UB 82 -61.74 -18.13 -110.45
N ALA UB 83 -61.09 -17.28 -109.67
CA ALA UB 83 -60.94 -17.54 -108.25
C ALA UB 83 -60.84 -16.22 -107.51
N SER UB 84 -61.00 -16.31 -106.22
CA SER UB 84 -60.82 -15.17 -105.34
C SER UB 84 -59.97 -15.74 -104.22
N VAL UB 85 -58.99 -14.99 -103.73
CA VAL UB 85 -57.98 -15.57 -102.83
C VAL UB 85 -57.41 -14.51 -101.89
N ASP UB 86 -57.46 -14.78 -100.58
CA ASP UB 86 -56.52 -14.17 -99.66
C ASP UB 86 -55.59 -15.23 -99.11
N TRP UB 87 -54.31 -14.89 -99.05
CA TRP UB 87 -53.27 -15.88 -98.84
C TRP UB 87 -52.02 -15.13 -98.40
N SER UB 88 -51.29 -15.74 -97.47
CA SER UB 88 -50.08 -15.09 -97.01
C SER UB 88 -48.95 -16.09 -96.80
N GLY UB 89 -49.13 -17.33 -97.21
CA GLY UB 89 -48.14 -18.34 -96.97
C GLY UB 89 -47.10 -18.41 -98.06
N PRO UB 90 -46.37 -19.52 -98.12
CA PRO UB 90 -45.40 -19.70 -99.19
C PRO UB 90 -46.10 -20.07 -100.49
N ILE UB 91 -45.32 -20.02 -101.56
CA ILE UB 91 -45.87 -19.99 -102.90
C ILE UB 91 -46.24 -21.40 -103.39
N GLU UB 92 -45.71 -22.45 -102.74
CA GLU UB 92 -45.82 -23.83 -103.19
C GLU UB 92 -47.24 -24.32 -103.09
N GLU UB 93 -47.84 -24.06 -101.94
CA GLU UB 93 -49.16 -24.57 -101.62
C GLU UB 93 -50.22 -23.86 -102.44
N LEU UB 94 -50.04 -22.54 -102.63
CA LEU UB 94 -50.98 -21.76 -103.41
C LEU UB 94 -50.93 -22.15 -104.88
N THR UB 95 -49.73 -22.27 -105.45
CA THR UB 95 -49.63 -22.59 -106.87
C THR UB 95 -50.00 -24.03 -107.16
N ALA UB 96 -49.78 -24.93 -106.19
CA ALA UB 96 -50.28 -26.29 -106.30
C ALA UB 96 -51.79 -26.35 -106.25
N ARG UB 97 -52.41 -25.50 -105.42
CA ARG UB 97 -53.88 -25.48 -105.37
C ARG UB 97 -54.49 -24.85 -106.62
N ILE UB 98 -53.82 -23.83 -107.19
CA ILE UB 98 -54.27 -23.20 -108.43
C ILE UB 98 -54.21 -24.19 -109.57
N ALA UB 99 -53.11 -24.93 -109.68
CA ALA UB 99 -52.96 -25.90 -110.75
C ALA UB 99 -53.84 -27.13 -110.59
N LYS UB 100 -54.09 -27.54 -109.33
CA LYS UB 100 -55.03 -28.61 -109.04
C LYS UB 100 -56.44 -28.25 -109.45
N ALA UB 101 -56.86 -27.02 -109.20
CA ALA UB 101 -58.19 -26.65 -109.67
C ALA UB 101 -58.20 -26.10 -111.09
N ALA UB 102 -57.04 -25.95 -111.70
CA ALA UB 102 -56.94 -25.67 -113.12
C ALA UB 102 -56.86 -26.93 -113.96
N HIS UB 103 -56.74 -28.08 -113.29
CA HIS UB 103 -56.43 -29.39 -113.87
C HIS UB 103 -55.13 -29.35 -114.66
N PHE UB 104 -54.15 -28.67 -114.11
CA PHE UB 104 -52.81 -28.61 -114.66
C PHE UB 104 -51.89 -29.35 -113.73
N ARG UB 105 -51.01 -30.16 -114.29
CA ARG UB 105 -50.02 -30.83 -113.47
C ARG UB 105 -48.99 -29.81 -113.02
N PHE UB 106 -48.76 -29.77 -111.72
CA PHE UB 106 -47.89 -28.77 -111.12
C PHE UB 106 -46.55 -29.39 -110.87
N ARG UB 107 -45.50 -28.67 -111.22
CA ARG UB 107 -44.18 -29.11 -110.81
C ARG UB 107 -43.29 -27.91 -110.50
N VAL UB 108 -42.17 -28.21 -109.85
CA VAL UB 108 -41.19 -27.20 -109.53
C VAL UB 108 -39.92 -27.51 -110.29
N LEU UB 109 -39.16 -26.46 -110.54
CA LEU UB 109 -37.81 -26.54 -111.06
C LEU UB 109 -36.92 -25.79 -110.11
N GLY UB 110 -35.82 -26.40 -109.71
CA GLY UB 110 -35.03 -25.75 -108.68
C GLY UB 110 -35.55 -26.07 -107.30
N LYS UB 111 -34.63 -26.13 -106.37
CA LYS UB 111 -34.99 -26.42 -105.00
C LYS UB 111 -35.36 -25.13 -104.29
N SER UB 112 -36.21 -25.26 -103.30
CA SER UB 112 -36.71 -24.10 -102.59
C SER UB 112 -35.66 -23.58 -101.63
N PRO UB 113 -35.55 -22.26 -101.45
CA PRO UB 113 -34.61 -21.71 -100.48
C PRO UB 113 -35.10 -21.93 -99.06
N SER UB 114 -34.16 -21.79 -98.12
CA SER UB 114 -34.43 -22.07 -96.71
C SER UB 114 -35.32 -21.02 -96.10
N VAL UB 115 -35.03 -19.77 -96.39
CA VAL UB 115 -36.03 -18.72 -96.21
C VAL UB 115 -37.19 -18.97 -97.15
N PRO UB 116 -38.42 -18.88 -96.71
CA PRO UB 116 -39.53 -19.11 -97.63
C PRO UB 116 -39.72 -17.89 -98.50
N VAL UB 117 -39.93 -18.14 -99.78
CA VAL UB 117 -40.48 -17.11 -100.65
C VAL UB 117 -41.99 -16.98 -100.37
N LEU UB 118 -42.32 -15.89 -99.71
CA LEU UB 118 -43.66 -15.68 -99.19
C LEU UB 118 -44.35 -14.67 -100.08
N ILE UB 119 -45.50 -15.04 -100.59
CA ILE UB 119 -46.37 -14.11 -101.26
C ILE UB 119 -47.58 -13.90 -100.37
N SER UB 120 -48.37 -12.89 -100.70
CA SER UB 120 -49.59 -12.60 -99.96
C SER UB 120 -50.57 -12.00 -100.96
N ILE UB 121 -51.39 -12.84 -101.56
CA ILE UB 121 -52.36 -12.42 -102.56
C ILE UB 121 -53.66 -12.14 -101.85
N SER UB 122 -54.14 -10.90 -101.95
CA SER UB 122 -55.46 -10.56 -101.44
C SER UB 122 -56.21 -9.94 -102.60
N THR UB 123 -56.89 -10.76 -103.38
CA THR UB 123 -57.70 -10.28 -104.48
C THR UB 123 -59.02 -11.03 -104.50
N LYS UB 124 -59.95 -10.48 -105.27
CA LYS UB 124 -61.29 -11.02 -105.36
C LYS UB 124 -61.74 -11.03 -106.80
N ASP UB 125 -62.15 -12.21 -107.28
CA ASP UB 125 -62.67 -12.49 -108.62
C ASP UB 125 -61.65 -12.11 -109.69
N GLU UB 126 -60.60 -12.90 -109.78
CA GLU UB 126 -59.69 -12.76 -110.89
C GLU UB 126 -59.58 -14.13 -111.54
N SER UB 127 -59.33 -14.17 -112.85
CA SER UB 127 -59.07 -15.42 -113.53
C SER UB 127 -57.76 -16.04 -113.03
N LEU UB 128 -57.70 -17.38 -113.10
CA LEU UB 128 -56.51 -18.13 -112.67
C LEU UB 128 -55.23 -17.76 -113.38
N ALA UB 129 -55.30 -17.43 -114.67
CA ALA UB 129 -54.13 -17.01 -115.44
C ALA UB 129 -53.55 -15.71 -114.92
N GLU UB 130 -54.39 -14.72 -114.67
CA GLU UB 130 -53.92 -13.49 -114.09
C GLU UB 130 -53.56 -13.61 -112.61
N ILE UB 131 -54.15 -14.56 -111.89
CA ILE UB 131 -53.72 -14.84 -110.50
C ILE UB 131 -52.30 -15.36 -110.48
N LEU UB 132 -51.97 -16.30 -111.38
CA LEU UB 132 -50.60 -16.77 -111.56
C LEU UB 132 -49.65 -15.69 -112.03
N ARG UB 133 -50.15 -14.73 -112.81
CA ARG UB 133 -49.32 -13.58 -113.15
C ARG UB 133 -49.07 -12.67 -111.96
N ASP UB 134 -50.05 -12.50 -111.07
CA ASP UB 134 -49.84 -11.70 -109.87
C ASP UB 134 -48.91 -12.39 -108.88
N ILE UB 135 -49.01 -13.72 -108.79
CA ILE UB 135 -48.11 -14.53 -107.97
C ILE UB 135 -46.70 -14.45 -108.50
N ASP UB 136 -46.57 -14.49 -109.83
CA ASP UB 136 -45.31 -14.40 -110.54
C ASP UB 136 -44.66 -13.04 -110.32
N TYR UB 137 -45.46 -11.98 -110.31
CA TYR UB 137 -44.91 -10.66 -110.08
C TYR UB 137 -44.53 -10.46 -108.62
N GLN UB 138 -45.37 -10.94 -107.69
CA GLN UB 138 -45.12 -10.75 -106.27
C GLN UB 138 -43.93 -11.54 -105.79
N ALA UB 139 -43.67 -12.71 -106.36
CA ALA UB 139 -42.39 -13.35 -106.16
C ALA UB 139 -41.40 -12.90 -107.21
N GLY UB 140 -41.04 -11.63 -107.18
CA GLY UB 140 -40.12 -11.10 -108.18
C GLY UB 140 -38.69 -11.42 -107.79
N LYS UB 141 -37.96 -12.00 -108.74
CA LYS UB 141 -36.54 -12.40 -108.67
C LYS UB 141 -36.25 -13.45 -107.61
N LYS UB 142 -37.25 -14.13 -107.10
CA LYS UB 142 -37.05 -15.28 -106.24
C LYS UB 142 -37.65 -16.54 -106.82
N ALA UB 143 -38.73 -16.41 -107.57
CA ALA UB 143 -39.28 -17.51 -108.33
C ALA UB 143 -39.89 -16.93 -109.59
N SER UB 144 -40.36 -17.81 -110.46
CA SER UB 144 -41.24 -17.39 -111.54
C SER UB 144 -42.17 -18.53 -111.88
N ILE UB 145 -43.36 -18.17 -112.34
CA ILE UB 145 -44.37 -19.11 -112.78
C ILE UB 145 -44.29 -19.20 -114.29
N HIS UB 146 -44.27 -20.42 -114.82
CA HIS UB 146 -44.43 -20.61 -116.25
C HIS UB 146 -45.59 -21.57 -116.44
N VAL UB 147 -46.36 -21.38 -117.50
CA VAL UB 147 -47.51 -22.21 -117.82
C VAL UB 147 -47.32 -22.67 -119.25
N TYR UB 148 -47.44 -23.98 -119.49
CA TYR UB 148 -47.23 -24.44 -120.85
C TYR UB 148 -48.54 -25.02 -121.36
N PRO UB 149 -49.32 -24.27 -122.14
CA PRO UB 149 -50.73 -24.63 -122.33
C PRO UB 149 -51.05 -25.55 -123.48
N ASN UB 150 -50.12 -25.93 -124.36
CA ASN UB 150 -50.42 -27.06 -125.23
C ASN UB 150 -50.17 -28.39 -124.54
N SER UB 151 -49.38 -28.37 -123.48
CA SER UB 151 -49.42 -29.39 -122.45
C SER UB 151 -50.40 -28.92 -121.38
N GLN UB 152 -50.42 -29.53 -120.22
CA GLN UB 152 -51.15 -28.92 -119.11
C GLN UB 152 -50.20 -28.96 -117.94
N VAL UB 153 -49.21 -28.06 -117.92
CA VAL UB 153 -48.32 -27.95 -116.78
C VAL UB 153 -48.30 -26.51 -116.31
N VAL UB 154 -48.29 -26.35 -115.00
CA VAL UB 154 -47.89 -25.13 -114.34
C VAL UB 154 -46.61 -25.46 -113.61
N GLU UB 155 -45.53 -24.78 -113.97
CA GLU UB 155 -44.31 -24.96 -113.21
C GLU UB 155 -44.02 -23.68 -112.43
N LEU UB 156 -43.34 -23.92 -111.33
CA LEU UB 156 -42.83 -22.90 -110.45
C LEU UB 156 -41.34 -23.15 -110.37
N ARG UB 157 -40.55 -22.17 -110.77
CA ARG UB 157 -39.11 -22.38 -110.77
C ARG UB 157 -38.47 -21.37 -109.84
N TYR UB 158 -37.56 -21.85 -109.02
CA TYR UB 158 -36.92 -20.99 -108.05
C TYR UB 158 -35.72 -20.28 -108.67
N ALA UB 159 -35.15 -19.36 -107.92
CA ALA UB 159 -34.01 -18.63 -108.42
C ALA UB 159 -32.72 -19.42 -108.21
N LYS UB 160 -31.64 -18.90 -108.79
CA LYS UB 160 -30.33 -19.56 -108.81
C LYS UB 160 -29.46 -19.20 -107.63
N ILE UB 161 -30.00 -18.63 -106.58
CA ILE UB 161 -29.15 -18.03 -105.57
C ILE UB 161 -29.46 -18.61 -104.21
N ALA VB 58 -49.38 45.89 -38.05
CA ALA VB 58 -48.69 44.70 -38.54
C ALA VB 58 -49.65 43.82 -39.31
N LEU VB 59 -50.84 43.61 -38.73
CA LEU VB 59 -51.93 42.98 -39.47
C LEU VB 59 -52.42 43.88 -40.59
N LYS VB 60 -52.35 45.18 -40.38
CA LYS VB 60 -52.61 46.16 -41.41
C LYS VB 60 -51.58 46.10 -42.55
N GLU VB 61 -50.32 45.78 -42.19
CA GLU VB 61 -49.22 45.66 -43.16
C GLU VB 61 -49.37 44.40 -43.97
N THR VB 62 -49.74 43.28 -43.33
CA THR VB 62 -49.94 42.09 -44.14
C THR VB 62 -51.27 42.12 -44.88
N ALA VB 63 -52.23 42.96 -44.47
CA ALA VB 63 -53.39 43.23 -45.31
C ALA VB 63 -53.01 43.95 -46.60
N LEU VB 64 -52.10 44.92 -46.49
CA LEU VB 64 -51.55 45.61 -47.66
C LEU VB 64 -50.78 44.65 -48.58
N SER VB 65 -50.02 43.74 -47.98
CA SER VB 65 -49.29 42.76 -48.76
C SER VB 65 -50.17 41.69 -49.39
N VAL VB 66 -51.33 41.38 -48.80
CA VAL VB 66 -52.32 40.57 -49.50
C VAL VB 66 -52.89 41.31 -50.70
N GLY VB 67 -53.23 42.59 -50.53
CA GLY VB 67 -53.83 43.36 -51.61
C GLY VB 67 -52.93 43.67 -52.78
N ALA VB 68 -51.61 43.70 -52.55
CA ALA VB 68 -50.63 44.10 -53.57
C ALA VB 68 -50.54 43.11 -54.73
N GLN VB 69 -50.36 41.83 -54.42
CA GLN VB 69 -50.14 40.85 -55.49
C GLN VB 69 -51.42 40.52 -56.23
N ALA VB 70 -52.56 40.64 -55.56
CA ALA VB 70 -53.84 40.47 -56.21
C ALA VB 70 -54.14 41.62 -57.17
N GLY VB 71 -53.78 42.85 -56.77
CA GLY VB 71 -53.92 43.98 -57.67
C GLY VB 71 -52.98 43.94 -58.85
N LEU VB 72 -51.76 43.45 -58.62
CA LEU VB 72 -50.79 43.23 -59.70
C LEU VB 72 -51.26 42.19 -60.72
N ALA VB 73 -51.80 41.08 -60.24
CA ALA VB 73 -52.25 40.03 -61.15
C ALA VB 73 -53.52 40.42 -61.88
N TRP VB 74 -54.40 41.19 -61.23
CA TRP VB 74 -55.61 41.66 -61.88
C TRP VB 74 -55.29 42.69 -62.96
N ARG VB 75 -54.38 43.62 -62.67
CA ARG VB 75 -53.97 44.62 -63.65
C ARG VB 75 -53.21 43.99 -64.80
N ALA VB 76 -52.45 42.92 -64.50
CA ALA VB 76 -51.77 42.14 -65.52
C ALA VB 76 -52.75 41.47 -66.47
N LYS VB 77 -53.84 40.92 -65.93
CA LYS VB 77 -54.92 40.32 -66.71
C LYS VB 77 -55.58 41.31 -67.65
N ILE VB 78 -55.99 42.47 -67.09
CA ILE VB 78 -56.70 43.52 -67.84
C ILE VB 78 -55.86 44.07 -68.97
N ILE VB 79 -54.58 44.29 -68.72
CA ILE VB 79 -53.77 44.75 -69.83
C ILE VB 79 -53.31 43.63 -70.74
N ASP VB 80 -53.44 42.35 -70.35
CA ASP VB 80 -53.16 41.30 -71.33
C ASP VB 80 -54.25 41.19 -72.38
N GLU VB 81 -55.55 41.23 -72.01
CA GLU VB 81 -56.47 41.16 -73.16
C GLU VB 81 -56.71 42.55 -73.71
N GLN VB 82 -56.24 43.60 -73.02
CA GLN VB 82 -56.24 44.89 -73.66
C GLN VB 82 -55.14 44.99 -74.72
N LEU VB 83 -54.02 44.29 -74.50
CA LEU VB 83 -53.03 44.07 -75.57
C LEU VB 83 -53.58 43.21 -76.69
N ASN VB 84 -54.29 42.14 -76.36
CA ASN VB 84 -54.81 41.22 -77.36
C ASN VB 84 -55.97 41.79 -78.15
N LYS VB 85 -56.63 42.81 -77.63
CA LYS VB 85 -57.61 43.52 -78.44
C LYS VB 85 -56.94 44.34 -79.53
N GLN VB 86 -55.73 44.80 -79.29
CA GLN VB 86 -54.98 45.60 -80.26
C GLN VB 86 -53.87 44.80 -80.89
N ALA VB 87 -54.10 43.51 -81.14
CA ALA VB 87 -53.05 42.61 -81.57
C ALA VB 87 -52.57 42.88 -82.99
N ARG VB 88 -53.48 43.12 -83.94
CA ARG VB 88 -53.04 43.43 -85.30
C ARG VB 88 -52.47 44.83 -85.42
N ASN VB 89 -52.94 45.75 -84.56
CA ASN VB 89 -52.41 47.09 -84.52
C ASN VB 89 -50.97 47.09 -84.01
N LEU VB 90 -50.66 46.24 -83.04
CA LEU VB 90 -49.30 46.16 -82.54
C LEU VB 90 -48.36 45.43 -83.48
N ASP VB 91 -48.87 44.49 -84.29
CA ASP VB 91 -48.09 43.98 -85.42
C ASP VB 91 -47.84 45.04 -86.48
N ALA VB 92 -48.74 46.00 -86.62
CA ALA VB 92 -48.43 47.11 -87.53
C ALA VB 92 -47.38 48.03 -86.94
N ILE VB 93 -47.50 48.37 -85.64
CA ILE VB 93 -46.54 49.27 -84.96
C ILE VB 93 -45.15 48.65 -84.90
N TYR VB 94 -45.04 47.53 -84.22
CA TYR VB 94 -43.76 46.88 -83.96
C TYR VB 94 -43.50 45.80 -84.99
N ASP VB 95 -43.47 46.22 -86.25
CA ASP VB 95 -43.25 45.32 -87.37
C ASP VB 95 -41.77 45.11 -87.51
N PHE VB 96 -41.23 44.14 -86.77
CA PHE VB 96 -39.82 43.81 -86.89
C PHE VB 96 -39.54 43.01 -88.15
N ASN VB 97 -40.59 42.39 -88.71
CA ASN VB 97 -40.50 41.41 -89.78
C ASN VB 97 -39.98 42.03 -91.05
N SER VB 98 -40.45 43.21 -91.39
CA SER VB 98 -39.93 43.90 -92.55
C SER VB 98 -38.94 44.97 -92.17
N LEU VB 99 -38.26 44.81 -91.04
CA LEU VB 99 -37.08 45.58 -90.74
C LEU VB 99 -35.80 44.78 -90.84
N VAL VB 100 -35.89 43.47 -91.07
CA VAL VB 100 -34.69 42.66 -91.09
C VAL VB 100 -33.96 42.86 -92.41
N LEU VB 101 -32.71 42.44 -92.42
CA LEU VB 101 -31.82 42.75 -93.51
C LEU VB 101 -31.94 41.69 -94.59
N GLU VB 102 -31.01 41.72 -95.54
CA GLU VB 102 -31.10 40.88 -96.72
C GLU VB 102 -30.82 39.40 -96.46
N HIS VB 103 -30.03 39.06 -95.45
CA HIS VB 103 -29.78 37.65 -95.23
C HIS VB 103 -30.44 37.23 -93.93
N ASN VB 104 -31.68 37.70 -93.71
CA ASN VB 104 -32.49 37.57 -92.48
C ASN VB 104 -31.72 37.90 -91.21
N ILE VB 105 -30.96 38.99 -91.29
CA ILE VB 105 -30.16 39.46 -90.18
C ILE VB 105 -30.96 40.48 -89.43
N LEU VB 106 -31.11 40.26 -88.14
CA LEU VB 106 -31.73 41.23 -87.28
C LEU VB 106 -30.79 42.42 -87.15
N PRO VB 107 -31.30 43.62 -87.44
CA PRO VB 107 -30.47 44.82 -87.39
C PRO VB 107 -30.11 45.19 -85.95
N PRO VB 108 -28.99 45.90 -85.74
CA PRO VB 108 -28.61 46.23 -84.37
C PRO VB 108 -29.32 47.45 -83.86
N VAL VB 109 -29.26 47.65 -82.54
CA VAL VB 109 -29.99 48.71 -81.90
C VAL VB 109 -29.03 49.87 -81.67
N LEU VB 110 -29.23 50.95 -82.38
CA LEU VB 110 -28.38 52.12 -82.22
C LEU VB 110 -29.05 53.08 -81.26
N LEU VB 111 -28.27 53.72 -80.42
CA LEU VB 111 -28.82 54.67 -79.48
C LEU VB 111 -28.25 56.04 -79.78
N GLU VB 112 -29.13 57.02 -79.88
CA GLU VB 112 -28.79 58.39 -80.14
C GLU VB 112 -28.87 59.17 -78.85
N GLY VB 113 -27.83 59.91 -78.54
CA GLY VB 113 -27.95 60.85 -77.46
C GLY VB 113 -27.40 62.15 -77.92
N ARG VB 114 -28.24 63.15 -78.07
CA ARG VB 114 -27.72 64.43 -78.50
C ARG VB 114 -27.34 65.25 -77.27
N ASN VB 115 -26.34 66.10 -77.49
CA ASN VB 115 -26.11 67.35 -76.77
C ASN VB 115 -25.67 67.05 -75.34
N THR VB 116 -24.56 66.34 -75.22
CA THR VB 116 -24.20 65.58 -74.03
C THR VB 116 -23.17 66.35 -73.22
N LEU VB 117 -23.38 66.44 -71.93
CA LEU VB 117 -22.34 66.93 -71.03
C LEU VB 117 -22.00 65.85 -70.03
N ASN VB 118 -20.72 65.77 -69.68
CA ASN VB 118 -20.28 65.12 -68.45
C ASN VB 118 -19.41 66.09 -67.66
N LEU VB 119 -19.83 66.37 -66.44
CA LEU VB 119 -19.03 67.07 -65.45
C LEU VB 119 -18.12 66.05 -64.82
N ALA VB 120 -16.84 66.01 -65.22
CA ALA VB 120 -16.00 64.95 -64.69
C ALA VB 120 -15.52 65.28 -63.29
N ASP VB 121 -15.04 66.50 -63.10
CA ASP VB 121 -14.66 66.97 -61.79
C ASP VB 121 -14.89 68.48 -61.81
N ALA VB 122 -14.28 69.16 -60.85
CA ALA VB 122 -14.36 70.62 -60.81
C ALA VB 122 -13.58 71.26 -61.94
N GLN VB 123 -12.55 70.59 -62.43
CA GLN VB 123 -11.61 71.19 -63.34
C GLN VB 123 -12.03 71.02 -64.79
N SER VB 124 -12.90 70.06 -65.11
CA SER VB 124 -13.06 69.65 -66.49
C SER VB 124 -14.43 69.06 -66.78
N ILE VB 125 -15.00 69.49 -67.91
CA ILE VB 125 -16.18 68.86 -68.47
C ILE VB 125 -15.81 68.34 -69.84
N ARG VB 126 -16.63 67.42 -70.33
CA ARG VB 126 -16.60 67.06 -71.74
C ARG VB 126 -18.00 67.19 -72.30
N ILE VB 127 -18.16 68.00 -73.30
CA ILE VB 127 -19.38 67.97 -74.07
C ILE VB 127 -19.11 67.25 -75.37
N SER VB 128 -20.14 66.60 -75.87
CA SER VB 128 -20.13 66.11 -77.23
C SER VB 128 -21.49 66.43 -77.81
N ASP VB 129 -21.55 66.55 -79.13
CA ASP VB 129 -22.84 66.97 -79.67
C ASP VB 129 -23.78 65.81 -79.88
N ARG VB 130 -23.31 64.73 -80.49
CA ARG VB 130 -24.12 63.53 -80.61
C ARG VB 130 -23.30 62.32 -80.23
N THR VB 131 -23.99 61.31 -79.75
CA THR VB 131 -23.40 60.05 -79.38
C THR VB 131 -24.23 58.94 -80.00
N TYR VB 132 -23.60 58.09 -80.78
CA TYR VB 132 -24.26 56.91 -81.30
C TYR VB 132 -23.61 55.68 -80.71
N LYS VB 133 -24.43 54.81 -80.15
CA LYS VB 133 -23.94 53.60 -79.55
C LYS VB 133 -24.54 52.40 -80.23
N VAL VB 134 -23.73 51.42 -80.56
CA VAL VB 134 -24.23 50.14 -81.04
C VAL VB 134 -24.50 49.29 -79.83
N ALA VB 135 -25.76 48.95 -79.60
CA ALA VB 135 -26.15 48.05 -78.54
C ALA VB 135 -26.84 46.85 -79.14
N LYS VB 136 -26.41 45.68 -78.64
CA LYS VB 136 -26.84 44.31 -79.01
C LYS VB 136 -26.86 44.12 -80.53
N GLN VB 137 -25.63 44.01 -81.03
CA GLN VB 137 -25.16 44.02 -82.41
C GLN VB 137 -25.92 43.03 -83.32
N ALA VB 138 -25.92 43.33 -84.62
CA ALA VB 138 -26.67 42.61 -85.65
C ALA VB 138 -26.31 41.15 -85.75
N HIS VB 139 -27.32 40.33 -85.93
CA HIS VB 139 -27.09 38.90 -85.86
C HIS VB 139 -28.17 38.16 -86.62
N PHE VB 140 -27.87 36.92 -86.97
CA PHE VB 140 -28.71 36.07 -87.80
C PHE VB 140 -29.97 35.69 -87.04
N ILE VB 141 -31.11 36.24 -87.42
CA ILE VB 141 -32.33 35.85 -86.75
C ILE VB 141 -33.03 34.85 -87.64
N THR VB 142 -33.68 33.85 -87.06
CA THR VB 142 -34.44 32.91 -87.87
C THR VB 142 -35.84 33.44 -88.12
N THR VB 143 -36.61 33.62 -87.06
CA THR VB 143 -37.90 34.25 -87.16
C THR VB 143 -37.90 35.54 -86.37
N PRO VB 144 -38.47 36.62 -86.92
CA PRO VB 144 -38.28 37.96 -86.35
C PRO VB 144 -39.05 38.13 -85.05
N PRO VB 145 -38.62 39.04 -84.18
CA PRO VB 145 -39.30 39.21 -82.89
C PRO VB 145 -40.67 39.82 -83.06
N THR VB 146 -41.59 39.37 -82.24
CA THR VB 146 -42.89 39.99 -82.19
C THR VB 146 -42.89 41.02 -81.10
N TRP VB 147 -44.05 41.61 -80.86
CA TRP VB 147 -44.18 42.45 -79.70
C TRP VB 147 -44.46 41.64 -78.45
N ARG VB 148 -44.82 40.36 -78.62
CA ARG VB 148 -45.28 39.60 -77.47
C ARG VB 148 -44.16 39.12 -76.59
N GLN VB 149 -42.92 39.09 -77.06
CA GLN VB 149 -41.83 38.81 -76.12
C GLN VB 149 -41.50 40.01 -75.28
N TYR VB 150 -41.87 41.19 -75.75
CA TYR VB 150 -41.42 42.40 -75.12
C TYR VB 150 -42.49 43.00 -74.24
N LEU VB 151 -43.77 42.77 -74.57
CA LEU VB 151 -44.88 43.48 -73.94
C LEU VB 151 -45.77 42.65 -73.05
N TRP VB 152 -45.80 41.33 -73.20
CA TRP VB 152 -46.76 40.48 -72.52
C TRP VB 152 -46.39 40.34 -71.05
N MET VB 153 -47.21 40.87 -70.16
CA MET VB 153 -46.94 40.60 -68.75
C MET VB 153 -47.53 39.27 -68.33
N ASP VB 154 -46.98 38.74 -67.25
CA ASP VB 154 -47.16 37.36 -66.89
C ASP VB 154 -48.41 37.20 -66.05
N TYR VB 155 -49.27 36.30 -66.48
CA TYR VB 155 -50.49 35.99 -65.72
C TYR VB 155 -50.36 34.67 -64.98
N VAL VB 156 -50.25 34.78 -63.67
CA VAL VB 156 -50.58 33.69 -62.79
C VAL VB 156 -51.82 34.10 -62.01
N LYS VB 157 -52.59 33.12 -61.59
CA LYS VB 157 -53.84 33.40 -60.87
C LYS VB 157 -53.53 33.12 -59.41
N PRO VB 158 -53.42 34.13 -58.56
CA PRO VB 158 -52.98 33.91 -57.17
C PRO VB 158 -54.12 33.36 -56.32
N GLU VB 159 -53.90 32.18 -55.77
CA GLU VB 159 -54.91 31.49 -54.98
C GLU VB 159 -54.64 31.56 -53.49
N ALA VB 160 -53.87 32.55 -53.05
CA ALA VB 160 -53.49 32.63 -51.65
C ALA VB 160 -54.18 33.82 -50.98
N PRO VB 161 -55.20 33.60 -50.16
CA PRO VB 161 -55.77 34.71 -49.40
C PRO VB 161 -54.91 35.05 -48.19
N LYS VB 173 -60.23 43.90 -40.17
CA LYS VB 173 -61.52 43.91 -40.86
C LYS VB 173 -61.68 45.19 -41.66
N GLU VB 174 -61.97 46.28 -40.95
CA GLU VB 174 -62.14 47.59 -41.57
C GLU VB 174 -60.79 48.17 -42.03
N ILE VB 175 -59.75 47.97 -41.21
CA ILE VB 175 -58.40 48.41 -41.54
C ILE VB 175 -57.84 47.51 -42.61
N TRP VB 176 -58.22 46.23 -42.58
CA TRP VB 176 -57.95 45.26 -43.64
C TRP VB 176 -58.55 45.71 -44.96
N CYS VB 177 -59.77 46.23 -44.93
CA CYS VB 177 -60.45 46.63 -46.16
C CYS VB 177 -59.86 47.90 -46.76
N ILE VB 178 -59.53 48.88 -45.92
CA ILE VB 178 -58.95 50.11 -46.47
C ILE VB 178 -57.49 49.90 -46.91
N TYR VB 179 -56.74 49.02 -46.24
CA TYR VB 179 -55.40 48.82 -46.75
C TYR VB 179 -55.35 47.75 -47.83
N THR VB 180 -56.41 46.95 -48.01
CA THR VB 180 -56.36 46.12 -49.22
C THR VB 180 -56.80 46.93 -50.42
N GLU VB 181 -57.54 48.03 -50.24
CA GLU VB 181 -57.68 48.94 -51.37
C GLU VB 181 -56.42 49.73 -51.66
N ARG VB 182 -55.67 50.13 -50.63
CA ARG VB 182 -54.42 50.83 -50.94
C ARG VB 182 -53.32 49.86 -51.40
N GLY VB 183 -53.39 48.59 -50.97
CA GLY VB 183 -52.59 47.56 -51.61
C GLY VB 183 -53.02 47.27 -53.03
N TRP VB 184 -54.32 47.37 -53.32
CA TRP VB 184 -54.83 47.09 -54.65
C TRP VB 184 -54.39 48.15 -55.66
N LYS VB 185 -54.43 49.43 -55.27
CA LYS VB 185 -53.87 50.41 -56.19
C LYS VB 185 -52.35 50.41 -56.22
N ASN VB 186 -51.69 49.93 -55.16
CA ASN VB 186 -50.24 49.78 -55.23
C ASN VB 186 -49.84 48.66 -56.19
N GLY VB 187 -50.61 47.58 -56.20
CA GLY VB 187 -50.40 46.54 -57.19
C GLY VB 187 -50.74 46.96 -58.60
N ILE VB 188 -51.77 47.82 -58.74
CA ILE VB 188 -52.17 48.32 -60.05
C ILE VB 188 -51.10 49.23 -60.64
N ASP VB 189 -50.60 50.22 -59.88
CA ASP VB 189 -49.63 51.10 -60.51
C ASP VB 189 -48.23 50.50 -60.55
N GLN VB 190 -47.97 49.46 -59.75
CA GLN VB 190 -46.71 48.77 -59.92
C GLN VB 190 -46.71 47.88 -61.15
N ALA VB 191 -47.87 47.30 -61.50
CA ALA VB 191 -48.01 46.62 -62.79
C ALA VB 191 -47.95 47.59 -63.97
N ASN VB 192 -48.47 48.79 -63.77
CA ASN VB 192 -48.32 49.86 -64.75
C ASN VB 192 -46.88 50.28 -64.98
N THR VB 193 -46.04 50.27 -63.94
CA THR VB 193 -44.64 50.61 -64.18
C THR VB 193 -43.89 49.47 -64.87
N ILE VB 194 -44.31 48.22 -64.63
CA ILE VB 194 -43.74 47.08 -65.36
C ILE VB 194 -44.09 47.15 -66.85
N LEU VB 195 -45.35 47.49 -67.15
CA LEU VB 195 -45.79 47.70 -68.53
C LEU VB 195 -45.12 48.90 -69.19
N GLU VB 196 -44.88 49.96 -68.42
CA GLU VB 196 -44.20 51.15 -68.91
C GLU VB 196 -42.76 50.85 -69.29
N GLU VB 197 -42.07 50.03 -68.51
CA GLU VB 197 -40.74 49.60 -68.92
C GLU VB 197 -40.76 48.60 -70.08
N ASN VB 198 -41.84 47.83 -70.21
CA ASN VB 198 -41.94 46.91 -71.36
C ASN VB 198 -42.10 47.64 -72.68
N ILE VB 199 -43.00 48.63 -72.70
CA ILE VB 199 -43.12 49.60 -73.80
C ILE VB 199 -41.85 50.38 -74.05
N ALA VB 200 -41.13 50.71 -72.98
CA ALA VB 200 -39.86 51.40 -73.09
C ALA VB 200 -38.79 50.54 -73.75
N ARG VB 201 -38.79 49.25 -73.44
CA ARG VB 201 -37.80 48.34 -74.01
C ARG VB 201 -38.08 48.06 -75.47
N ILE VB 202 -39.35 47.91 -75.84
CA ILE VB 202 -39.67 47.71 -77.26
C ILE VB 202 -39.47 48.99 -78.06
N LYS VB 203 -39.61 50.16 -77.43
CA LYS VB 203 -39.37 51.39 -78.14
C LYS VB 203 -37.89 51.66 -78.34
N GLU VB 204 -37.06 51.31 -77.33
CA GLU VB 204 -35.60 51.24 -77.48
C GLU VB 204 -35.17 50.33 -78.62
N ASP VB 205 -35.64 49.09 -78.62
CA ASP VB 205 -35.13 48.08 -79.55
C ASP VB 205 -35.57 48.35 -80.98
N PHE VB 206 -36.84 48.74 -81.15
CA PHE VB 206 -37.37 48.97 -82.46
C PHE VB 206 -36.84 50.27 -83.03
N GLY VB 207 -36.83 51.36 -82.25
CA GLY VB 207 -36.29 52.62 -82.72
C GLY VB 207 -34.80 52.64 -82.89
N GLY VB 208 -34.09 51.72 -82.23
CA GLY VB 208 -32.71 51.48 -82.56
C GLY VB 208 -32.50 50.88 -83.92
N MET VB 209 -33.38 49.97 -84.32
CA MET VB 209 -33.30 49.41 -85.67
C MET VB 209 -33.68 50.46 -86.73
N ILE VB 210 -34.59 51.36 -86.35
CA ILE VB 210 -34.97 52.46 -87.22
C ILE VB 210 -33.84 53.45 -87.35
N LEU VB 211 -33.11 53.65 -86.26
CA LEU VB 211 -31.96 54.52 -86.24
C LEU VB 211 -30.80 53.94 -87.02
N TYR VB 212 -30.75 52.59 -87.15
CA TYR VB 212 -29.80 51.98 -88.08
C TYR VB 212 -30.17 52.41 -89.48
N ARG VB 213 -31.44 52.24 -89.86
CA ARG VB 213 -31.84 52.42 -91.26
C ARG VB 213 -31.72 53.87 -91.71
N LYS VB 214 -31.88 54.80 -90.74
CA LYS VB 214 -31.36 56.16 -90.89
C LYS VB 214 -29.85 56.19 -91.13
N LEU VB 215 -29.04 55.55 -90.29
CA LEU VB 215 -27.61 55.72 -90.48
C LEU VB 215 -27.02 54.85 -91.58
N LEU VB 216 -27.77 53.87 -92.06
CA LEU VB 216 -27.34 53.06 -93.18
C LEU VB 216 -27.62 53.81 -94.47
N ALA VB 217 -28.75 54.51 -94.51
CA ALA VB 217 -28.92 55.54 -95.53
C ALA VB 217 -27.87 56.63 -95.38
N MET VB 218 -27.63 57.07 -94.16
CA MET VB 218 -26.85 58.27 -93.92
C MET VB 218 -25.37 57.97 -93.74
N ASN VB 219 -24.96 56.75 -94.06
CA ASN VB 219 -23.57 56.30 -94.24
C ASN VB 219 -22.72 56.41 -93.00
N MET VB 220 -23.36 56.38 -91.82
CA MET VB 220 -22.59 56.41 -90.60
C MET VB 220 -22.28 55.03 -90.07
N VAL VB 221 -22.88 53.99 -90.63
CA VAL VB 221 -22.60 52.61 -90.29
C VAL VB 221 -22.30 51.81 -91.55
N SER VB 222 -21.66 50.70 -91.37
CA SER VB 222 -21.50 49.73 -92.43
C SER VB 222 -22.73 48.82 -92.48
N PRO VB 223 -23.10 48.30 -93.64
CA PRO VB 223 -24.00 47.16 -93.69
C PRO VB 223 -23.24 45.90 -93.32
N PRO VB 224 -23.90 44.80 -92.94
CA PRO VB 224 -23.13 43.59 -92.66
C PRO VB 224 -22.69 42.94 -93.93
N TYR VB 225 -21.48 42.41 -93.90
CA TYR VB 225 -20.97 41.75 -95.10
C TYR VB 225 -21.03 40.27 -94.82
N VAL VB 226 -21.95 39.63 -95.49
CA VAL VB 226 -22.07 38.19 -95.43
C VAL VB 226 -21.07 37.54 -96.38
N SER VB 227 -20.87 36.26 -96.16
CA SER VB 227 -20.08 35.41 -97.04
C SER VB 227 -20.80 34.09 -97.14
N HIS VB 228 -21.16 33.69 -98.34
CA HIS VB 228 -21.74 32.38 -98.55
C HIS VB 228 -20.71 31.45 -99.20
N THR VB 229 -20.08 30.61 -98.40
CA THR VB 229 -19.25 29.57 -98.93
C THR VB 229 -20.17 28.44 -99.35
N ASP VB 230 -20.40 28.33 -100.65
CA ASP VB 230 -21.20 27.27 -101.20
C ASP VB 230 -20.36 26.00 -101.15
N LEU VB 231 -21.01 24.90 -100.81
CA LEU VB 231 -20.40 23.59 -100.84
C LEU VB 231 -21.33 22.68 -101.62
N GLY VB 232 -20.75 21.71 -102.30
CA GLY VB 232 -21.57 20.77 -103.03
C GLY VB 232 -22.12 19.67 -102.14
N VAL VB 233 -22.10 18.47 -102.64
CA VAL VB 233 -22.60 17.35 -101.86
C VAL VB 233 -21.57 16.99 -100.79
N THR VB 234 -22.07 16.79 -99.59
CA THR VB 234 -21.22 16.91 -98.42
C THR VB 234 -21.49 15.76 -97.48
N GLY VB 235 -20.44 15.05 -97.13
CA GLY VB 235 -20.50 14.09 -96.05
C GLY VB 235 -19.91 12.77 -96.50
N ASP VB 236 -20.07 11.79 -95.63
CA ASP VB 236 -19.70 10.43 -95.93
C ASP VB 236 -20.85 9.73 -96.63
N GLY VB 237 -20.79 8.40 -96.71
CA GLY VB 237 -21.88 7.69 -97.32
C GLY VB 237 -23.04 7.38 -96.40
N SER VB 238 -22.92 7.69 -95.13
CA SER VB 238 -24.07 7.47 -94.26
C SER VB 238 -24.96 8.69 -94.16
N GLU VB 239 -24.52 9.82 -94.72
CA GLU VB 239 -25.19 11.09 -94.51
C GLU VB 239 -24.74 12.03 -95.63
N ILE VB 240 -25.68 12.47 -96.46
CA ILE VB 240 -25.32 13.49 -97.43
C ILE VB 240 -26.21 14.70 -97.22
N HIS VB 241 -25.64 15.85 -97.49
CA HIS VB 241 -26.37 17.09 -97.62
C HIS VB 241 -26.02 17.64 -98.99
N ILE VB 242 -27.04 17.97 -99.76
CA ILE VB 242 -26.84 18.08 -101.19
C ILE VB 242 -26.33 19.46 -101.58
N ASP VB 243 -27.07 20.50 -101.28
CA ASP VB 243 -26.61 21.86 -101.55
C ASP VB 243 -26.29 22.50 -100.22
N ASP VB 244 -25.00 22.56 -99.90
CA ASP VB 244 -24.54 22.83 -98.55
C ASP VB 244 -23.93 24.22 -98.47
N ARG VB 245 -24.75 25.21 -98.20
CA ARG VB 245 -24.27 26.58 -98.17
C ARG VB 245 -24.04 27.01 -96.73
N VAL VB 246 -22.81 27.41 -96.41
CA VAL VB 246 -22.48 27.95 -95.11
C VAL VB 246 -22.45 29.46 -95.23
N LEU VB 247 -23.27 30.13 -94.44
CA LEU VB 247 -23.39 31.58 -94.50
C LEU VB 247 -22.83 32.15 -93.21
N ARG VB 248 -21.88 33.06 -93.34
CA ARG VB 248 -21.29 33.73 -92.20
C ARG VB 248 -21.46 35.23 -92.34
N ILE VB 249 -21.44 35.90 -91.21
CA ILE VB 249 -21.25 37.34 -91.18
C ILE VB 249 -19.78 37.58 -90.93
N THR VB 250 -19.11 38.24 -91.85
CA THR VB 250 -17.72 38.58 -91.67
C THR VB 250 -17.57 39.95 -91.02
N ALA VB 251 -18.18 40.95 -91.62
CA ALA VB 251 -18.10 42.32 -91.15
C ALA VB 251 -19.39 42.66 -90.43
N LEU VB 252 -19.28 43.12 -89.22
CA LEU VB 252 -20.48 43.47 -88.51
C LEU VB 252 -20.87 44.89 -88.89
N PRO VB 253 -22.14 45.27 -88.73
CA PRO VB 253 -22.50 46.68 -88.88
C PRO VB 253 -21.91 47.50 -87.77
N GLU VB 254 -21.34 48.65 -88.16
CA GLU VB 254 -20.27 49.18 -87.37
C GLU VB 254 -20.10 50.64 -87.80
N LEU VB 255 -20.05 51.56 -86.85
CA LEU VB 255 -20.04 52.99 -87.15
C LEU VB 255 -18.69 53.42 -87.73
N ASN VB 256 -18.70 54.10 -88.86
CA ASN VB 256 -17.41 54.55 -89.38
C ASN VB 256 -17.04 55.88 -88.76
N VAL VB 257 -15.76 56.02 -88.45
CA VAL VB 257 -15.24 57.27 -87.93
C VAL VB 257 -14.55 58.08 -89.00
N ASN VB 258 -14.34 57.50 -90.17
CA ASN VB 258 -13.74 58.25 -91.26
C ASN VB 258 -15.00 58.96 -91.75
N SER VB 259 -15.09 60.24 -91.45
CA SER VB 259 -16.40 60.88 -91.39
C SER VB 259 -16.72 61.70 -92.63
N ALA VB 260 -15.80 61.76 -93.59
CA ALA VB 260 -16.02 62.59 -94.77
C ALA VB 260 -17.04 62.02 -95.74
N GLU VB 261 -17.32 60.72 -95.68
CA GLU VB 261 -18.32 60.11 -96.55
C GLU VB 261 -19.67 60.03 -95.90
N TRP VB 262 -19.93 60.85 -94.89
CA TRP VB 262 -21.21 60.83 -94.24
C TRP VB 262 -22.24 61.54 -95.09
N ARG VB 263 -23.49 61.43 -94.68
CA ARG VB 263 -24.57 62.05 -95.43
C ARG VB 263 -25.27 62.99 -94.44
N ALA VB 264 -26.36 63.58 -94.86
CA ALA VB 264 -27.08 64.61 -94.15
C ALA VB 264 -28.52 64.60 -94.65
N ALA VB 265 -29.46 64.73 -93.74
CA ALA VB 265 -30.84 64.41 -94.06
C ALA VB 265 -31.65 65.53 -94.71
N VAL VB 266 -31.19 66.14 -95.80
CA VAL VB 266 -31.93 67.29 -96.31
C VAL VB 266 -33.04 66.84 -97.26
N ALA VB 267 -34.25 67.30 -96.98
CA ALA VB 267 -35.43 66.93 -97.74
C ALA VB 267 -36.13 68.19 -98.20
N LYS VB 268 -37.34 68.05 -98.72
CA LYS VB 268 -38.12 69.21 -99.13
C LYS VB 268 -39.53 69.18 -98.57
N PHE WB 25 -81.42 48.88 -88.87
CA PHE WB 25 -80.48 49.55 -87.99
C PHE WB 25 -79.08 48.93 -88.00
N LYS WB 26 -78.07 49.78 -87.85
CA LYS WB 26 -76.66 49.43 -87.97
C LYS WB 26 -75.98 49.41 -86.61
N LYS WB 27 -74.68 49.18 -86.65
CA LYS WB 27 -73.75 49.08 -85.52
C LYS WB 27 -72.47 49.84 -85.82
N PRO WB 28 -71.70 50.20 -84.79
CA PRO WB 28 -70.30 50.45 -84.99
C PRO WB 28 -69.56 49.14 -85.23
N PRO WB 29 -68.35 49.19 -85.78
CA PRO WB 29 -67.54 47.97 -85.84
C PRO WB 29 -67.09 47.47 -84.47
N ILE WB 30 -66.70 46.19 -84.43
CA ILE WB 30 -66.54 45.51 -83.13
C ILE WB 30 -65.20 45.86 -82.51
N ASN WB 31 -64.13 45.77 -83.30
CA ASN WB 31 -62.82 46.20 -82.83
C ASN WB 31 -62.54 47.66 -83.16
N ASN WB 32 -63.58 48.48 -83.27
CA ASN WB 32 -63.46 49.83 -83.80
C ASN WB 32 -62.75 50.71 -82.79
N PRO WB 33 -61.88 51.58 -83.22
CA PRO WB 33 -61.29 52.57 -82.31
C PRO WB 33 -62.33 53.60 -81.94
N SER WB 34 -63.09 53.30 -80.90
CA SER WB 34 -64.13 54.16 -80.36
C SER WB 34 -63.67 54.81 -79.07
N ASP WB 35 -62.37 54.87 -78.88
CA ASP WB 35 -61.76 55.19 -77.61
C ASP WB 35 -60.61 56.13 -77.88
N ASP WB 36 -60.41 57.11 -76.99
CA ASP WB 36 -59.57 58.26 -77.30
C ASP WB 36 -58.08 57.93 -77.30
N ALA WB 37 -57.67 56.83 -76.72
CA ALA WB 37 -56.30 56.38 -76.86
C ALA WB 37 -56.11 55.38 -77.97
N THR WB 38 -57.10 54.51 -78.16
CA THR WB 38 -57.01 53.51 -79.21
C THR WB 38 -57.15 54.11 -80.59
N ILE WB 39 -57.79 55.29 -80.70
CA ILE WB 39 -57.72 56.03 -81.94
C ILE WB 39 -56.28 56.44 -82.22
N LYS WB 40 -55.54 56.96 -81.22
CA LYS WB 40 -54.18 57.46 -81.44
C LYS WB 40 -53.21 56.35 -81.72
N LEU WB 41 -53.45 55.21 -81.08
CA LEU WB 41 -52.74 53.98 -81.38
C LEU WB 41 -53.00 53.51 -82.81
N ALA WB 42 -54.25 53.58 -83.27
CA ALA WB 42 -54.51 53.05 -84.59
C ALA WB 42 -54.27 54.04 -85.74
N GLU WB 43 -54.35 55.36 -85.52
CA GLU WB 43 -53.83 56.31 -86.51
C GLU WB 43 -52.33 56.23 -86.60
N ALA WB 44 -51.67 55.96 -85.46
CA ALA WB 44 -50.26 55.68 -85.51
C ALA WB 44 -49.97 54.39 -86.23
N ALA WB 45 -50.88 53.39 -86.15
CA ALA WB 45 -50.73 52.15 -86.90
C ALA WB 45 -50.85 52.36 -88.40
N VAL WB 46 -51.78 53.21 -88.81
CA VAL WB 46 -51.93 53.58 -90.21
C VAL WB 46 -50.69 54.32 -90.70
N SER WB 47 -50.16 55.22 -89.86
CA SER WB 47 -48.98 56.00 -90.21
C SER WB 47 -47.72 55.14 -90.25
N VAL WB 48 -47.61 54.15 -89.37
CA VAL WB 48 -46.40 53.36 -89.38
C VAL WB 48 -46.49 52.32 -90.52
N SER WB 49 -47.70 51.88 -90.89
CA SER WB 49 -47.78 50.82 -91.87
C SER WB 49 -47.66 51.38 -93.27
N ASP WB 50 -48.20 52.60 -93.48
CA ASP WB 50 -47.92 53.16 -94.80
C ASP WB 50 -46.51 53.70 -94.85
N SER WB 51 -45.92 54.14 -93.72
CA SER WB 51 -44.52 54.54 -93.74
C SER WB 51 -43.53 53.38 -93.89
N MET WB 52 -43.90 52.19 -93.42
CA MET WB 52 -43.23 50.95 -93.79
C MET WB 52 -43.34 50.68 -95.29
N LEU WB 53 -44.50 50.96 -95.89
CA LEU WB 53 -44.62 50.83 -97.35
C LEU WB 53 -43.74 51.81 -98.13
N GLU WB 54 -43.60 53.09 -97.74
CA GLU WB 54 -42.63 53.88 -98.54
C GLU WB 54 -41.18 53.64 -98.14
N MET WB 55 -40.93 52.98 -97.00
CA MET WB 55 -39.60 52.43 -96.82
C MET WB 55 -39.34 51.34 -97.84
N ALA WB 56 -40.29 50.42 -98.00
CA ALA WB 56 -40.25 49.36 -99.02
C ALA WB 56 -40.26 49.90 -100.45
N LYS WB 57 -40.77 51.10 -100.65
CA LYS WB 57 -40.52 51.84 -101.89
C LYS WB 57 -39.10 52.16 -102.14
N VAL WB 58 -38.36 52.64 -101.14
CA VAL WB 58 -37.06 53.10 -101.58
C VAL WB 58 -36.08 51.95 -101.63
N GLU WB 59 -36.33 50.87 -100.87
CA GLU WB 59 -35.36 49.77 -101.07
C GLU WB 59 -35.82 48.68 -102.01
N LYS WB 60 -37.07 48.64 -102.47
CA LYS WB 60 -37.43 47.57 -103.40
C LYS WB 60 -36.89 47.88 -104.78
N VAL WB 61 -35.81 47.22 -105.14
CA VAL WB 61 -35.34 47.28 -106.52
C VAL WB 61 -35.83 46.02 -107.24
N ILE WB 62 -36.55 46.24 -108.32
CA ILE WB 62 -36.93 45.18 -109.20
C ILE WB 62 -36.15 45.39 -110.48
N THR WB 63 -36.32 44.51 -111.44
CA THR WB 63 -35.85 44.88 -112.76
C THR WB 63 -37.05 44.91 -113.69
N PRO WB 64 -37.03 45.75 -114.72
CA PRO WB 64 -38.17 45.80 -115.65
C PRO WB 64 -38.26 44.52 -116.46
N PRO WB 65 -39.48 44.15 -116.90
CA PRO WB 65 -39.63 42.88 -117.65
C PRO WB 65 -39.08 42.92 -119.06
N SER WB 66 -38.74 44.11 -119.57
CA SER WB 66 -37.93 44.23 -120.78
C SER WB 66 -36.49 43.75 -120.56
N LYS WB 67 -36.01 43.73 -119.34
CA LYS WB 67 -34.62 43.43 -119.04
C LYS WB 67 -34.53 42.44 -117.87
N ASP WB 68 -35.26 41.33 -117.94
CA ASP WB 68 -35.35 40.45 -116.78
C ASP WB 68 -34.35 39.31 -116.75
N ASN WB 69 -33.67 39.04 -117.89
CA ASN WB 69 -32.62 38.05 -118.19
C ASN WB 69 -33.14 36.61 -118.26
N THR WB 70 -34.36 36.34 -117.83
CA THR WB 70 -34.78 34.96 -117.66
C THR WB 70 -35.37 34.39 -118.96
N LEU WB 71 -35.59 33.08 -118.97
CA LEU WB 71 -36.18 32.44 -120.14
C LEU WB 71 -37.68 32.65 -120.12
N THR WB 72 -38.25 32.81 -121.30
CA THR WB 72 -39.67 33.06 -121.52
C THR WB 72 -40.41 31.72 -121.57
N ILE WB 73 -41.60 31.70 -122.16
CA ILE WB 73 -42.14 30.39 -122.49
C ILE WB 73 -41.97 30.18 -123.99
N PRO WB 74 -41.30 29.11 -124.41
CA PRO WB 74 -40.91 28.95 -125.81
C PRO WB 74 -41.95 28.31 -126.71
N ASN WB 75 -43.18 28.16 -126.22
CA ASN WB 75 -44.48 27.86 -126.85
C ASN WB 75 -44.46 26.67 -127.84
N ALA WB 76 -43.51 25.75 -127.73
CA ALA WB 76 -43.50 24.56 -128.56
C ALA WB 76 -44.34 23.47 -127.92
N TYR WB 77 -45.09 22.75 -128.77
CA TYR WB 77 -46.13 21.82 -128.34
C TYR WB 77 -45.56 20.62 -127.60
N ASN WB 78 -44.32 20.25 -127.89
CA ASN WB 78 -43.63 19.27 -127.07
C ASN WB 78 -43.26 19.83 -125.72
N LEU WB 79 -42.92 21.12 -125.65
CA LEU WB 79 -42.58 21.72 -124.37
C LEU WB 79 -43.81 22.05 -123.53
N GLN WB 80 -45.01 22.04 -124.11
CA GLN WB 80 -46.22 22.19 -123.31
C GLN WB 80 -46.81 20.88 -122.87
N ALA WB 81 -46.03 19.81 -122.74
CA ALA WB 81 -46.55 18.58 -122.14
C ALA WB 81 -46.55 18.74 -120.63
N ARG WB 82 -47.12 17.78 -119.91
CA ARG WB 82 -47.31 17.94 -118.48
C ARG WB 82 -46.51 16.89 -117.72
N ALA WB 83 -45.68 17.32 -116.77
CA ALA WB 83 -44.64 16.48 -116.17
C ALA WB 83 -44.63 16.57 -114.67
N SER WB 84 -43.89 15.71 -114.01
CA SER WB 84 -43.83 15.72 -112.56
C SER WB 84 -42.42 15.36 -112.15
N VAL WB 85 -41.72 16.23 -111.42
CA VAL WB 85 -40.29 16.08 -111.10
C VAL WB 85 -40.11 16.31 -109.61
N ASP WB 86 -39.51 15.36 -108.90
CA ASP WB 86 -39.00 15.67 -107.56
C ASP WB 86 -37.55 15.26 -107.45
N TRP WB 87 -36.67 16.24 -107.25
CA TRP WB 87 -35.24 16.05 -107.37
C TRP WB 87 -34.43 17.27 -106.90
N SER WB 88 -33.25 17.03 -106.32
CA SER WB 88 -32.21 18.03 -106.15
C SER WB 88 -30.86 17.52 -106.61
N GLY WB 89 -30.04 18.41 -107.19
CA GLY WB 89 -28.63 18.16 -107.48
C GLY WB 89 -28.18 18.87 -108.75
N PRO WB 90 -27.32 18.27 -109.56
CA PRO WB 90 -26.71 19.01 -110.68
C PRO WB 90 -27.57 19.12 -111.94
N ILE WB 91 -27.48 20.30 -112.54
CA ILE WB 91 -28.44 20.86 -113.48
C ILE WB 91 -28.49 20.12 -114.82
N GLU WB 92 -27.36 19.58 -115.27
CA GLU WB 92 -27.14 19.21 -116.65
C GLU WB 92 -27.87 17.95 -117.02
N GLU WB 93 -28.12 17.11 -116.04
CA GLU WB 93 -28.72 15.85 -116.37
C GLU WB 93 -30.23 15.91 -116.26
N LEU WB 94 -30.76 16.84 -115.44
CA LEU WB 94 -32.20 17.13 -115.52
C LEU WB 94 -32.47 17.73 -116.87
N THR WB 95 -31.66 18.68 -117.30
CA THR WB 95 -31.94 19.32 -118.58
C THR WB 95 -31.65 18.42 -119.77
N ALA WB 96 -30.74 17.45 -119.61
CA ALA WB 96 -30.63 16.32 -120.52
C ALA WB 96 -31.90 15.49 -120.55
N ARG WB 97 -32.49 15.25 -119.40
CA ARG WB 97 -33.67 14.42 -119.42
C ARG WB 97 -34.94 15.14 -119.65
N ILE WB 98 -34.91 16.44 -119.51
CA ILE WB 98 -36.03 17.22 -119.96
C ILE WB 98 -35.96 17.37 -121.46
N ALA WB 99 -34.76 17.28 -122.04
CA ALA WB 99 -34.62 17.23 -123.48
C ALA WB 99 -35.14 15.92 -124.04
N LYS WB 100 -34.73 14.81 -123.44
CA LYS WB 100 -35.23 13.55 -123.99
C LYS WB 100 -36.61 13.17 -123.47
N ALA WB 101 -37.17 13.92 -122.53
CA ALA WB 101 -38.60 13.83 -122.28
C ALA WB 101 -39.38 14.70 -123.23
N ALA WB 102 -38.79 15.80 -123.69
CA ALA WB 102 -39.45 16.67 -124.64
C ALA WB 102 -39.19 16.29 -126.08
N HIS WB 103 -38.44 15.19 -126.31
CA HIS WB 103 -37.90 14.77 -127.62
C HIS WB 103 -37.09 15.88 -128.26
N PHE WB 104 -36.25 16.52 -127.45
CA PHE WB 104 -35.39 17.59 -127.90
C PHE WB 104 -33.97 17.12 -127.75
N ARG WB 105 -33.08 17.69 -128.54
CA ARG WB 105 -31.67 17.41 -128.36
C ARG WB 105 -31.16 18.28 -127.21
N PHE WB 106 -30.05 17.86 -126.63
CA PHE WB 106 -29.44 18.60 -125.53
C PHE WB 106 -28.02 18.94 -125.90
N ARG WB 107 -27.72 20.23 -126.01
CA ARG WB 107 -26.34 20.66 -126.20
C ARG WB 107 -25.87 21.33 -124.93
N VAL WB 108 -24.58 21.22 -124.66
CA VAL WB 108 -23.95 21.98 -123.59
C VAL WB 108 -22.84 22.82 -124.19
N LEU WB 109 -22.84 24.11 -123.87
CA LEU WB 109 -21.69 24.97 -124.14
C LEU WB 109 -21.14 25.41 -122.80
N GLY WB 110 -19.85 25.49 -122.73
CA GLY WB 110 -19.21 25.86 -121.49
C GLY WB 110 -18.83 24.62 -120.71
N LYS WB 111 -18.23 24.91 -119.58
CA LYS WB 111 -17.51 23.94 -118.77
C LYS WB 111 -18.20 23.94 -117.41
N SER WB 112 -18.64 22.79 -116.98
CA SER WB 112 -19.22 22.77 -115.65
C SER WB 112 -18.11 22.72 -114.62
N PRO WB 113 -18.18 23.52 -113.55
CA PRO WB 113 -17.08 23.58 -112.59
C PRO WB 113 -17.07 22.39 -111.66
N SER WB 114 -16.08 22.38 -110.77
CA SER WB 114 -15.84 21.27 -109.86
C SER WB 114 -16.94 21.16 -108.81
N VAL WB 115 -17.26 22.25 -108.14
CA VAL WB 115 -18.55 22.31 -107.44
C VAL WB 115 -19.65 22.48 -108.48
N PRO WB 116 -20.70 21.69 -108.45
CA PRO WB 116 -21.69 21.74 -109.52
C PRO WB 116 -22.77 22.78 -109.26
N VAL WB 117 -23.42 23.17 -110.34
CA VAL WB 117 -24.56 24.06 -110.24
C VAL WB 117 -25.74 23.24 -109.76
N LEU WB 118 -26.26 23.56 -108.58
CA LEU WB 118 -27.22 22.70 -107.91
C LEU WB 118 -28.59 23.37 -107.90
N ILE WB 119 -29.59 22.64 -108.40
CA ILE WB 119 -30.98 23.10 -108.43
C ILE WB 119 -31.81 22.05 -107.73
N SER WB 120 -33.14 22.28 -107.66
CA SER WB 120 -34.08 21.32 -107.09
C SER WB 120 -35.42 21.63 -107.72
N ILE WB 121 -36.04 20.70 -108.43
CA ILE WB 121 -37.43 20.90 -108.83
C ILE WB 121 -38.25 19.86 -108.10
N SER WB 122 -39.28 20.32 -107.40
CA SER WB 122 -40.11 19.46 -106.57
C SER WB 122 -41.56 19.83 -106.84
N THR WB 123 -42.14 19.18 -107.82
CA THR WB 123 -43.52 19.36 -108.22
C THR WB 123 -44.08 18.04 -108.72
N LYS WB 124 -45.39 17.90 -108.65
CA LYS WB 124 -45.98 16.62 -108.98
C LYS WB 124 -47.06 16.66 -110.04
N ASP WB 125 -47.44 17.84 -110.53
CA ASP WB 125 -47.60 18.04 -111.98
C ASP WB 125 -47.46 19.49 -112.34
N GLU WB 126 -46.57 19.77 -113.31
CA GLU WB 126 -46.47 21.11 -113.90
C GLU WB 126 -45.85 20.92 -115.31
N SER WB 127 -46.07 21.87 -116.22
CA SER WB 127 -45.59 21.80 -117.61
C SER WB 127 -44.09 22.08 -117.81
N LEU WB 128 -43.57 21.47 -118.89
CA LEU WB 128 -42.12 21.24 -119.08
C LEU WB 128 -41.35 22.51 -119.35
N ALA WB 129 -41.96 23.44 -120.10
CA ALA WB 129 -41.33 24.71 -120.48
C ALA WB 129 -41.10 25.58 -119.26
N GLU WB 130 -41.94 25.41 -118.27
CA GLU WB 130 -41.87 26.18 -117.06
C GLU WB 130 -40.97 25.54 -116.04
N ILE WB 131 -40.85 24.20 -116.08
CA ILE WB 131 -39.72 23.55 -115.42
C ILE WB 131 -38.41 24.15 -115.92
N LEU WB 132 -38.25 24.29 -117.25
CA LEU WB 132 -37.06 24.91 -117.85
C LEU WB 132 -36.85 26.36 -117.46
N ARG WB 133 -37.94 27.11 -117.31
CA ARG WB 133 -37.84 28.48 -116.80
C ARG WB 133 -37.40 28.52 -115.33
N ASP WB 134 -37.88 27.55 -114.54
CA ASP WB 134 -37.50 27.46 -113.14
C ASP WB 134 -36.03 27.08 -112.99
N ILE WB 135 -35.52 26.28 -113.93
CA ILE WB 135 -34.12 25.92 -113.95
C ILE WB 135 -33.20 27.05 -114.39
N ASP WB 136 -33.63 27.86 -115.37
CA ASP WB 136 -32.87 29.04 -115.78
C ASP WB 136 -32.75 30.03 -114.63
N TYR WB 137 -33.81 30.15 -113.84
CA TYR WB 137 -33.70 30.91 -112.61
C TYR WB 137 -32.80 30.29 -111.55
N GLN WB 138 -32.97 29.01 -111.23
CA GLN WB 138 -32.22 28.47 -110.11
C GLN WB 138 -30.76 28.25 -110.43
N ALA WB 139 -30.42 28.15 -111.71
CA ALA WB 139 -29.08 28.48 -112.16
C ALA WB 139 -28.76 29.93 -111.86
N GLY WB 140 -29.50 30.85 -112.50
CA GLY WB 140 -29.21 32.24 -112.32
C GLY WB 140 -27.96 32.66 -113.03
N LYS WB 141 -26.89 32.83 -112.27
CA LYS WB 141 -25.68 33.43 -112.81
C LYS WB 141 -24.60 32.42 -113.10
N LYS WB 142 -24.69 31.24 -112.54
CA LYS WB 142 -23.70 30.21 -112.80
C LYS WB 142 -23.90 29.59 -114.18
N ALA WB 143 -25.13 29.61 -114.69
CA ALA WB 143 -25.47 28.98 -115.96
C ALA WB 143 -26.76 29.59 -116.47
N SER WB 144 -27.10 29.26 -117.71
CA SER WB 144 -28.41 29.62 -118.26
C SER WB 144 -28.81 28.64 -119.35
N ILE WB 145 -30.10 28.69 -119.67
CA ILE WB 145 -30.73 27.79 -120.63
C ILE WB 145 -31.20 28.65 -121.78
N HIS WB 146 -30.95 28.19 -123.01
CA HIS WB 146 -31.77 28.70 -124.10
C HIS WB 146 -32.45 27.47 -124.63
N VAL WB 147 -33.36 27.68 -125.55
CA VAL WB 147 -33.94 26.63 -126.36
C VAL WB 147 -34.26 27.19 -127.74
N TYR WB 148 -33.83 26.47 -128.77
CA TYR WB 148 -34.21 26.82 -130.10
C TYR WB 148 -35.22 25.80 -130.57
N PRO WB 149 -36.49 26.19 -130.70
CA PRO WB 149 -37.53 25.22 -131.06
C PRO WB 149 -37.67 24.98 -132.55
N ASN WB 150 -36.96 25.74 -133.38
CA ASN WB 150 -36.92 25.45 -134.81
C ASN WB 150 -36.23 24.13 -135.10
N SER WB 151 -35.16 23.85 -134.37
CA SER WB 151 -34.37 22.65 -134.52
C SER WB 151 -34.61 21.67 -133.40
N GLN WB 152 -35.46 22.04 -132.43
CA GLN WB 152 -35.84 21.26 -131.24
C GLN WB 152 -34.61 20.86 -130.41
N VAL WB 153 -33.88 21.87 -129.96
CA VAL WB 153 -32.74 21.62 -129.10
C VAL WB 153 -32.80 22.57 -127.90
N VAL WB 154 -32.57 22.02 -126.71
CA VAL WB 154 -32.36 22.85 -125.53
C VAL WB 154 -30.86 22.89 -125.34
N GLU WB 155 -30.40 23.88 -124.59
CA GLU WB 155 -28.96 24.04 -124.47
C GLU WB 155 -28.70 24.57 -123.08
N LEU WB 156 -27.60 24.14 -122.49
CA LEU WB 156 -27.14 24.67 -121.23
C LEU WB 156 -25.82 25.37 -121.44
N ARG WB 157 -25.75 26.64 -121.10
CA ARG WB 157 -24.56 27.45 -121.23
C ARG WB 157 -23.98 27.74 -119.86
N TYR WB 158 -22.69 27.52 -119.70
CA TYR WB 158 -22.01 27.94 -118.50
C TYR WB 158 -21.42 29.34 -118.70
N ALA WB 159 -20.54 29.75 -117.79
CA ALA WB 159 -19.87 31.05 -117.93
C ALA WB 159 -18.43 31.00 -117.44
N ILE XB 272 -16.13 25.90 -88.81
CA ILE XB 272 -17.17 25.21 -89.56
C ILE XB 272 -18.34 24.84 -88.64
N PRO XB 273 -19.54 25.28 -89.00
CA PRO XB 273 -20.71 24.98 -88.19
C PRO XB 273 -21.14 23.54 -88.36
N PRO XB 274 -21.93 23.01 -87.44
CA PRO XB 274 -22.64 21.76 -87.70
C PRO XB 274 -23.74 21.96 -88.74
N SER XB 275 -24.12 20.85 -89.35
CA SER XB 275 -24.96 20.87 -90.54
C SER XB 275 -26.40 21.21 -90.21
N ALA XB 276 -27.03 20.34 -89.44
CA ALA XB 276 -28.28 20.54 -88.75
C ALA XB 276 -28.14 19.68 -87.52
N ASN XB 277 -29.24 19.28 -86.91
CA ASN XB 277 -29.15 18.08 -86.12
C ASN XB 277 -29.76 17.03 -87.03
N ASP XB 278 -29.16 15.85 -87.03
CA ASP XB 278 -29.70 14.71 -87.75
C ASP XB 278 -30.89 14.06 -87.07
N LEU XB 279 -31.21 14.48 -85.86
CA LEU XB 279 -32.37 13.97 -85.15
C LEU XB 279 -33.62 14.71 -85.59
N LEU XB 280 -33.45 15.81 -86.31
CA LEU XB 280 -34.54 16.47 -87.01
C LEU XB 280 -35.12 15.62 -88.13
N LEU XB 281 -34.35 14.69 -88.68
CA LEU XB 281 -34.88 13.68 -89.58
C LEU XB 281 -35.87 12.77 -88.88
N HIS XB 282 -35.60 12.43 -87.62
CA HIS XB 282 -36.54 11.60 -86.87
C HIS XB 282 -37.78 12.40 -86.48
N VAL XB 283 -37.60 13.66 -86.08
CA VAL XB 283 -38.81 14.39 -85.70
C VAL XB 283 -39.43 15.10 -86.90
N LEU XB 284 -38.89 14.89 -88.09
CA LEU XB 284 -39.62 15.17 -89.30
C LEU XB 284 -40.59 14.05 -89.62
N GLU XB 285 -40.28 12.86 -89.18
CA GLU XB 285 -41.28 11.83 -89.04
C GLU XB 285 -41.99 12.05 -87.72
N GLY XB 286 -42.95 11.22 -87.38
CA GLY XB 286 -43.57 11.45 -86.10
C GLY XB 286 -42.83 10.91 -84.90
N VAL XB 287 -41.75 10.18 -85.12
CA VAL XB 287 -41.12 9.38 -84.08
C VAL XB 287 -40.33 10.30 -83.14
N PRO XB 288 -40.42 10.11 -81.83
CA PRO XB 288 -39.66 10.91 -80.90
C PRO XB 288 -38.18 10.58 -80.96
N PRO XB 289 -37.32 11.46 -80.45
CA PRO XB 289 -35.91 11.12 -80.31
C PRO XB 289 -35.72 10.05 -79.26
N PRO XB 290 -34.64 9.26 -79.34
CA PRO XB 290 -34.39 8.24 -78.33
C PRO XB 290 -33.98 8.86 -77.00
N GLY XB 291 -34.65 8.44 -75.94
CA GLY XB 291 -34.43 9.00 -74.62
C GLY XB 291 -35.00 10.40 -74.50
N SER XB 292 -36.31 10.53 -74.59
CA SER XB 292 -36.93 11.84 -74.60
C SER XB 292 -37.92 11.99 -73.46
N ARG XB 293 -38.59 13.13 -73.44
CA ARG XB 293 -39.78 13.30 -72.63
C ARG XB 293 -40.83 13.93 -73.52
N ARG XB 294 -42.05 13.41 -73.44
CA ARG XB 294 -43.14 13.90 -74.25
C ARG XB 294 -43.57 15.24 -73.71
N LEU XB 295 -43.93 16.15 -74.59
CA LEU XB 295 -44.58 17.38 -74.17
C LEU XB 295 -45.94 17.45 -74.81
N VAL XB 296 -46.96 17.68 -74.01
CA VAL XB 296 -48.31 17.82 -74.55
C VAL XB 296 -48.42 19.23 -75.13
N VAL XB 297 -49.10 19.33 -76.25
CA VAL XB 297 -49.24 20.57 -77.00
C VAL XB 297 -50.73 20.85 -77.08
N SER XB 298 -51.14 22.04 -76.67
CA SER XB 298 -52.54 22.40 -76.73
C SER XB 298 -52.74 23.46 -77.79
N GLY XB 299 -53.93 23.51 -78.36
CA GLY XB 299 -54.32 24.58 -79.24
C GLY XB 299 -53.70 24.59 -80.62
N GLY XB 300 -53.23 23.46 -81.11
CA GLY XB 300 -52.73 23.41 -82.47
C GLY XB 300 -52.20 22.03 -82.77
N ASP XB 301 -52.10 21.74 -84.07
CA ASP XB 301 -51.59 20.45 -84.51
C ASP XB 301 -50.07 20.48 -84.49
N ALA XB 302 -49.50 20.16 -83.35
CA ALA XB 302 -48.05 19.97 -83.26
C ALA XB 302 -47.76 18.92 -82.21
N ARG XB 303 -46.61 18.29 -82.35
CA ARG XB 303 -46.12 17.35 -81.37
C ARG XB 303 -44.75 17.84 -80.92
N ALA XB 304 -44.46 17.75 -79.64
CA ALA XB 304 -43.22 18.27 -79.12
C ALA XB 304 -42.58 17.27 -78.18
N TRP XB 305 -41.28 17.09 -78.31
CA TRP XB 305 -40.52 16.23 -77.42
C TRP XB 305 -39.34 17.02 -76.88
N LEU XB 306 -38.84 16.61 -75.73
CA LEU XB 306 -37.72 17.30 -75.12
C LEU XB 306 -36.61 16.28 -74.92
N SER XB 307 -35.51 16.46 -75.65
CA SER XB 307 -34.45 15.46 -75.58
C SER XB 307 -33.47 15.78 -74.46
N ASN XB 308 -32.78 16.90 -74.60
CA ASN XB 308 -31.80 17.34 -73.60
C ASN XB 308 -31.74 18.88 -73.59
N GLU XB 309 -32.61 19.46 -72.76
CA GLU XB 309 -32.88 20.91 -72.60
C GLU XB 309 -33.18 21.63 -73.92
N LYS XB 310 -33.75 20.93 -74.89
CA LYS XB 310 -34.11 21.44 -76.20
C LYS XB 310 -35.38 20.71 -76.58
N MET XB 311 -36.37 21.43 -77.08
CA MET XB 311 -37.53 20.72 -77.56
C MET XB 311 -37.51 20.71 -79.08
N TYR XB 312 -38.21 19.73 -79.61
CA TYR XB 312 -38.31 19.47 -81.03
C TYR XB 312 -39.78 19.38 -81.34
N VAL XB 313 -40.21 20.11 -82.36
CA VAL XB 313 -41.62 20.24 -82.69
C VAL XB 313 -41.82 19.77 -84.11
N ARG XB 314 -42.66 18.75 -84.26
CA ARG XB 314 -43.24 18.38 -85.53
C ARG XB 314 -44.52 19.16 -85.71
N THR XB 315 -44.59 19.97 -86.75
CA THR XB 315 -45.81 20.69 -87.04
C THR XB 315 -45.89 20.86 -88.53
N ASN XB 316 -46.99 21.44 -89.00
CA ASN XB 316 -47.03 22.03 -90.31
C ASN XB 316 -47.45 23.49 -90.23
N LEU XB 317 -47.52 24.03 -89.02
CA LEU XB 317 -47.77 25.43 -88.80
C LEU XB 317 -46.45 26.18 -88.90
N THR XB 318 -46.50 27.50 -88.81
CA THR XB 318 -45.25 28.24 -88.89
C THR XB 318 -44.97 28.95 -87.58
N ILE XB 319 -43.94 28.50 -86.85
CA ILE XB 319 -43.60 29.10 -85.57
C ILE XB 319 -42.92 30.44 -85.79
N LEU XB 320 -43.44 31.47 -85.12
CA LEU XB 320 -43.12 32.87 -85.33
C LEU XB 320 -42.35 33.51 -84.19
N SER XB 321 -42.85 33.44 -82.94
CA SER XB 321 -42.18 34.29 -81.95
C SER XB 321 -40.88 33.75 -81.34
N PRO XB 322 -40.79 32.57 -80.70
CA PRO XB 322 -39.66 32.37 -79.78
C PRO XB 322 -38.37 31.94 -80.44
N GLY XB 323 -38.36 31.67 -81.74
CA GLY XB 323 -37.11 31.47 -82.45
C GLY XB 323 -36.57 30.07 -82.32
N TRP XB 324 -36.15 29.47 -83.42
CA TRP XB 324 -35.70 28.10 -83.37
C TRP XB 324 -34.26 28.02 -83.83
N LEU XB 325 -33.61 26.95 -83.42
CA LEU XB 325 -32.21 26.79 -83.75
C LEU XB 325 -32.01 26.00 -85.02
N ALA XB 326 -32.90 25.06 -85.34
CA ALA XB 326 -32.71 24.29 -86.54
C ALA XB 326 -34.07 23.91 -87.11
N SER XB 327 -34.12 23.70 -88.42
CA SER XB 327 -35.37 23.35 -89.07
C SER XB 327 -35.13 22.46 -90.26
N MET XB 328 -36.05 21.52 -90.44
CA MET XB 328 -36.19 20.76 -91.68
C MET XB 328 -37.65 20.76 -92.10
N THR XB 329 -37.89 20.28 -93.31
CA THR XB 329 -39.23 20.20 -93.84
C THR XB 329 -39.29 18.98 -94.74
N SER XB 330 -40.33 18.17 -94.59
CA SER XB 330 -40.51 16.98 -95.40
C SER XB 330 -41.09 17.29 -96.77
N ALA XB 331 -41.55 16.25 -97.45
CA ALA XB 331 -42.09 16.41 -98.80
C ALA XB 331 -43.45 17.09 -98.77
N ASP XB 332 -44.23 16.86 -97.71
CA ASP XB 332 -45.60 17.33 -97.63
C ASP XB 332 -45.76 18.59 -96.80
N GLY XB 333 -44.68 19.35 -96.60
CA GLY XB 333 -44.78 20.58 -95.87
C GLY XB 333 -44.80 20.46 -94.37
N THR XB 334 -44.60 19.27 -93.84
CA THR XB 334 -44.38 19.11 -92.41
C THR XB 334 -43.01 19.65 -92.07
N HIS XB 335 -42.92 20.48 -91.06
CA HIS XB 335 -41.64 20.97 -90.59
C HIS XB 335 -41.28 20.35 -89.25
N ALA XB 336 -39.98 20.34 -88.97
CA ALA XB 336 -39.42 19.87 -87.73
C ALA XB 336 -38.42 20.88 -87.22
N TYR XB 337 -38.65 21.37 -86.01
CA TYR XB 337 -37.89 22.46 -85.40
C TYR XB 337 -37.20 22.05 -84.13
N GLU XB 338 -35.92 22.38 -84.05
CA GLU XB 338 -35.12 22.36 -82.83
C GLU XB 338 -35.11 23.75 -82.24
N MET XB 339 -35.48 23.86 -80.97
CA MET XB 339 -35.51 25.15 -80.30
C MET XB 339 -35.32 24.95 -78.81
N GLN XB 340 -35.05 26.03 -78.10
CA GLN XB 340 -34.97 25.94 -76.65
C GLN XB 340 -36.37 25.84 -76.06
N LYS XB 341 -36.45 25.42 -74.81
CA LYS XB 341 -37.74 25.18 -74.18
C LYS XB 341 -38.37 26.51 -73.78
N SER XB 342 -39.44 26.83 -74.46
CA SER XB 342 -40.34 27.94 -74.23
C SER XB 342 -41.73 27.40 -74.02
N PRO XB 343 -42.46 27.86 -73.01
CA PRO XB 343 -43.73 27.23 -72.66
C PRO XB 343 -44.87 27.62 -73.57
N VAL XB 344 -44.68 28.59 -74.44
CA VAL XB 344 -45.68 28.98 -75.40
C VAL XB 344 -44.99 29.04 -76.75
N LEU XB 345 -45.71 28.64 -77.78
CA LEU XB 345 -45.28 28.73 -79.15
C LEU XB 345 -46.27 29.65 -79.82
N LEU XB 346 -45.81 30.52 -80.68
CA LEU XB 346 -46.70 31.35 -81.46
C LEU XB 346 -46.57 30.88 -82.89
N VAL XB 347 -47.69 30.57 -83.55
CA VAL XB 347 -47.56 30.15 -84.92
C VAL XB 347 -48.46 31.05 -85.77
N SER XB 348 -48.25 30.97 -87.06
CA SER XB 348 -49.25 31.31 -88.03
C SER XB 348 -49.90 30.02 -88.50
N TRP XB 349 -51.22 30.03 -88.55
CA TRP XB 349 -51.98 28.88 -89.04
C TRP XB 349 -52.28 29.06 -90.53
N HIS XB 350 -53.10 30.05 -90.85
CA HIS XB 350 -53.37 30.42 -92.23
C HIS XB 350 -53.44 31.93 -92.32
N GLY XB 351 -52.41 32.58 -91.81
CA GLY XB 351 -52.43 34.01 -91.65
C GLY XB 351 -52.93 34.47 -90.31
N LYS XB 352 -53.63 33.62 -89.58
CA LYS XB 352 -54.00 33.91 -88.21
C LYS XB 352 -52.83 33.64 -87.29
N VAL XB 353 -52.52 34.63 -86.45
CA VAL XB 353 -51.57 34.46 -85.36
C VAL XB 353 -52.29 33.65 -84.28
N MET XB 354 -51.62 32.62 -83.82
CA MET XB 354 -52.17 31.51 -83.07
C MET XB 354 -51.22 31.17 -81.94
N GLN XB 355 -51.74 30.64 -80.84
CA GLN XB 355 -50.90 30.28 -79.73
C GLN XB 355 -51.03 28.80 -79.41
N LEU XB 356 -49.90 28.20 -79.07
CA LEU XB 356 -49.78 26.80 -78.70
C LEU XB 356 -49.07 26.75 -77.38
N LYS XB 357 -49.46 25.83 -76.54
CA LYS XB 357 -49.07 25.87 -75.15
C LYS XB 357 -48.50 24.51 -74.76
N VAL XB 358 -47.28 24.48 -74.21
CA VAL XB 358 -46.62 23.22 -73.94
C VAL XB 358 -46.29 23.11 -72.46
N GLU XB 359 -46.47 21.91 -71.93
CA GLU XB 359 -46.26 21.63 -70.51
C GLU XB 359 -45.05 20.73 -70.38
N GLY XB 360 -44.04 21.21 -69.67
CA GLY XB 360 -42.77 20.52 -69.53
C GLY XB 360 -41.57 21.40 -69.84
N LEU YB 41 -57.39 26.64 -69.00
CA LEU YB 41 -57.81 25.47 -69.77
C LEU YB 41 -58.04 25.84 -71.22
N PRO YB 42 -57.84 24.90 -72.14
CA PRO YB 42 -58.28 25.09 -73.52
C PRO YB 42 -59.80 25.13 -73.61
N CYS YB 43 -60.29 25.84 -74.62
CA CYS YB 43 -61.70 26.11 -74.78
C CYS YB 43 -62.39 24.98 -75.54
N ARG YB 44 -63.59 24.63 -75.08
CA ARG YB 44 -64.37 23.61 -75.78
C ARG YB 44 -65.06 24.20 -77.00
N VAL YB 45 -65.95 25.17 -76.78
CA VAL YB 45 -66.59 25.88 -77.88
C VAL YB 45 -65.75 27.09 -78.24
N ASP YB 46 -65.71 27.43 -79.52
CA ASP YB 46 -64.98 28.60 -79.97
C ASP YB 46 -65.87 29.82 -80.16
N GLY YB 47 -66.66 30.16 -79.13
CA GLY YB 47 -67.59 31.27 -79.24
C GLY YB 47 -68.80 30.97 -80.11
N ALA YB 48 -69.16 29.71 -80.27
CA ALA YB 48 -70.21 29.30 -81.19
C ALA YB 48 -70.79 27.99 -80.72
N CYS YB 49 -72.03 27.71 -81.09
CA CYS YB 49 -72.64 26.42 -80.82
C CYS YB 49 -73.40 25.95 -82.04
N ASP YB 50 -73.47 24.62 -82.21
CA ASP YB 50 -74.04 24.01 -83.40
C ASP YB 50 -75.55 24.16 -83.43
N ALA YB 51 -76.17 24.22 -82.25
CA ALA YB 51 -77.59 24.52 -82.14
C ALA YB 51 -77.90 25.92 -82.63
N THR YB 52 -77.02 26.88 -82.36
CA THR YB 52 -77.21 28.23 -82.87
C THR YB 52 -76.92 28.32 -84.34
N ILE YB 53 -75.99 27.50 -84.86
CA ILE YB 53 -75.72 27.43 -86.30
C ILE YB 53 -76.94 26.97 -87.06
N ILE YB 54 -77.58 25.89 -86.59
CA ILE YB 54 -78.75 25.44 -87.32
C ILE YB 54 -79.98 26.29 -87.01
N LYS YB 55 -79.98 27.01 -85.88
CA LYS YB 55 -81.07 27.94 -85.59
C LYS YB 55 -81.05 29.14 -86.53
N MET YB 56 -79.86 29.72 -86.74
CA MET YB 56 -79.71 30.77 -87.75
C MET YB 56 -79.91 30.23 -89.16
N MET YB 57 -79.61 28.96 -89.39
CA MET YB 57 -79.71 28.42 -90.73
C MET YB 57 -81.17 28.17 -91.13
N THR YB 58 -81.98 27.65 -90.20
CA THR YB 58 -83.44 27.63 -90.38
C THR YB 58 -84.05 29.01 -90.46
N ASP YB 59 -83.58 29.98 -89.65
CA ASP YB 59 -84.20 31.31 -89.71
C ASP YB 59 -83.85 32.07 -90.98
N LEU YB 60 -82.65 31.87 -91.51
CA LEU YB 60 -82.29 32.49 -92.78
C LEU YB 60 -83.02 31.84 -93.94
N ASN YB 61 -83.24 30.52 -93.89
CA ASN YB 61 -84.04 29.89 -94.93
C ASN YB 61 -85.53 30.22 -94.80
N LYS YB 62 -86.00 30.55 -93.59
CA LYS YB 62 -87.38 31.01 -93.47
C LYS YB 62 -87.55 32.43 -93.99
N LYS YB 63 -86.57 33.30 -93.75
CA LYS YB 63 -86.63 34.61 -94.39
C LYS YB 63 -86.13 34.64 -95.83
N GLY YB 64 -85.81 33.50 -96.42
CA GLY YB 64 -85.65 33.43 -97.85
C GLY YB 64 -84.24 33.61 -98.29
N ILE YB 65 -83.31 33.73 -97.37
CA ILE YB 65 -81.91 33.78 -97.69
C ILE YB 65 -81.41 32.36 -97.69
N LYS YB 66 -81.10 31.83 -98.86
CA LYS YB 66 -81.07 30.37 -98.91
C LYS YB 66 -79.65 29.93 -98.58
N VAL YB 67 -79.52 29.09 -97.56
CA VAL YB 67 -78.22 28.58 -97.12
C VAL YB 67 -78.02 27.18 -97.70
N ALA YB 68 -77.13 27.07 -98.67
CA ALA YB 68 -76.66 25.79 -99.14
C ALA YB 68 -75.42 25.35 -98.38
N SER YB 69 -75.34 24.05 -98.12
CA SER YB 69 -74.36 23.50 -97.20
C SER YB 69 -73.77 22.24 -97.81
N VAL YB 70 -72.74 22.39 -98.62
CA VAL YB 70 -72.20 21.30 -99.42
C VAL YB 70 -70.78 21.04 -98.95
N GLY YB 71 -70.57 19.91 -98.26
CA GLY YB 71 -69.24 19.56 -97.80
C GLY YB 71 -68.77 20.41 -96.65
N GLN YB 72 -67.81 21.28 -96.89
CA GLN YB 72 -67.69 22.46 -96.05
C GLN YB 72 -67.83 23.74 -96.83
N ASN YB 73 -68.13 23.68 -98.12
CA ASN YB 73 -68.48 24.88 -98.83
C ASN YB 73 -69.86 25.34 -98.40
N TYR YB 74 -69.90 26.53 -97.84
CA TYR YB 74 -71.14 27.16 -97.43
C TYR YB 74 -71.45 28.28 -98.40
N LEU YB 75 -72.72 28.33 -98.76
CA LEU YB 75 -73.25 29.34 -99.64
C LEU YB 75 -74.43 29.96 -98.92
N ILE YB 76 -74.45 31.27 -98.77
CA ILE YB 76 -75.69 31.95 -98.47
C ILE YB 76 -75.99 32.86 -99.66
N SER YB 77 -77.21 32.72 -100.16
CA SER YB 77 -77.62 33.41 -101.38
C SER YB 77 -78.67 34.41 -100.96
N ILE YB 78 -78.45 35.67 -101.32
CA ILE YB 78 -79.28 36.78 -100.89
C ILE YB 78 -79.86 37.44 -102.14
N PRO YB 79 -81.18 37.52 -102.28
CA PRO YB 79 -81.75 38.31 -103.36
C PRO YB 79 -81.49 39.80 -103.15
N ALA YB 80 -81.25 40.49 -104.26
CA ALA YB 80 -80.89 41.89 -104.21
C ALA YB 80 -82.09 42.79 -103.89
N SER YB 81 -83.31 42.28 -104.04
CA SER YB 81 -84.48 42.93 -103.45
C SER YB 81 -84.38 42.99 -101.95
N ALA YB 82 -83.88 41.92 -101.33
CA ALA YB 82 -83.86 41.86 -99.89
C ALA YB 82 -82.76 42.70 -99.27
N LEU YB 83 -81.81 43.19 -100.05
CA LEU YB 83 -80.90 44.18 -99.49
C LEU YB 83 -81.08 45.57 -100.10
N PHE YB 84 -80.92 45.72 -101.42
CA PHE YB 84 -80.65 47.08 -101.86
C PHE YB 84 -81.93 47.71 -102.40
N ALA YB 85 -81.77 48.91 -102.94
CA ALA YB 85 -82.75 49.49 -103.84
C ALA YB 85 -82.43 49.04 -105.25
N ASP YB 86 -83.34 49.28 -106.19
CA ASP YB 86 -83.24 48.68 -107.51
C ASP YB 86 -82.24 49.43 -108.38
N GLN YB 87 -81.32 48.66 -108.98
CA GLN YB 87 -80.24 49.11 -109.87
C GLN YB 87 -79.31 50.14 -109.24
N SER YB 88 -79.12 50.02 -107.93
CA SER YB 88 -78.40 50.98 -107.15
C SER YB 88 -77.32 50.25 -106.37
N PRO YB 89 -76.20 50.86 -106.12
CA PRO YB 89 -75.26 50.35 -105.13
C PRO YB 89 -75.46 50.92 -103.74
N ARG YB 90 -76.69 50.89 -103.24
CA ARG YB 90 -77.00 51.54 -101.97
C ARG YB 90 -77.86 50.65 -101.11
N LEU YB 91 -77.43 50.41 -99.86
CA LEU YB 91 -78.25 49.67 -98.91
C LEU YB 91 -79.49 50.45 -98.47
N ASN YB 92 -80.54 49.71 -98.23
CA ASN YB 92 -81.64 50.19 -97.40
C ASN YB 92 -81.25 50.06 -95.95
N TRP YB 93 -81.88 50.88 -95.12
CA TRP YB 93 -81.54 50.92 -93.71
C TRP YB 93 -82.03 49.69 -92.95
N ALA YB 94 -83.14 49.10 -93.39
CA ALA YB 94 -83.66 47.94 -92.67
C ALA YB 94 -82.88 46.68 -93.00
N SER YB 95 -82.16 46.66 -94.11
CA SER YB 95 -81.45 45.48 -94.57
C SER YB 95 -80.15 45.21 -93.83
N TYR YB 96 -79.70 46.14 -92.98
CA TYR YB 96 -78.58 45.82 -92.12
C TYR YB 96 -78.97 44.87 -91.01
N SER YB 97 -80.26 44.73 -90.68
CA SER YB 97 -80.69 43.65 -89.81
C SER YB 97 -80.54 42.30 -90.49
N LEU YB 98 -80.78 42.25 -91.80
CA LEU YB 98 -80.55 41.02 -92.54
C LEU YB 98 -79.07 40.69 -92.59
N LEU YB 99 -78.26 41.73 -92.76
CA LEU YB 99 -76.81 41.61 -92.60
C LEU YB 99 -76.38 41.31 -91.16
N ASN YB 100 -77.23 41.56 -90.16
CA ASN YB 100 -76.88 41.22 -88.79
C ASN YB 100 -76.90 39.74 -88.55
N GLU YB 101 -78.00 39.03 -88.93
CA GLU YB 101 -77.77 37.58 -88.78
C GLU YB 101 -76.95 36.96 -89.91
N ILE YB 102 -76.68 37.65 -91.02
CA ILE YB 102 -75.61 37.19 -91.91
C ILE YB 102 -74.24 37.23 -91.24
N ALA YB 103 -73.94 38.33 -90.56
CA ALA YB 103 -72.65 38.45 -89.87
C ALA YB 103 -72.58 37.61 -88.61
N ALA YB 104 -73.69 37.46 -87.88
CA ALA YB 104 -73.68 36.61 -86.72
C ALA YB 104 -73.72 35.13 -87.09
N PHE YB 105 -74.17 34.81 -88.29
CA PHE YB 105 -73.97 33.46 -88.80
C PHE YB 105 -72.51 33.25 -89.19
N LEU YB 106 -71.88 34.29 -89.71
CA LEU YB 106 -70.47 34.20 -90.09
C LEU YB 106 -69.51 34.31 -88.92
N LYS YB 107 -70.00 34.65 -87.72
CA LYS YB 107 -69.25 34.45 -86.49
C LYS YB 107 -68.90 32.99 -86.25
N GLN YB 108 -69.79 32.10 -86.62
CA GLN YB 108 -69.83 30.76 -86.04
C GLN YB 108 -68.81 29.82 -86.63
N PHE YB 109 -68.20 30.15 -87.76
CA PHE YB 109 -67.31 29.23 -88.44
C PHE YB 109 -65.88 29.75 -88.45
N ARG YB 110 -64.95 28.83 -88.47
CA ARG YB 110 -63.55 29.14 -88.71
C ARG YB 110 -63.37 29.15 -90.22
N LYS YB 111 -62.91 30.26 -90.75
CA LYS YB 111 -62.91 30.47 -92.17
C LYS YB 111 -61.67 31.25 -92.55
N ILE YB 112 -61.24 31.08 -93.79
CA ILE YB 112 -60.00 31.63 -94.27
C ILE YB 112 -60.25 32.74 -95.27
N ALA YB 113 -61.05 32.45 -96.28
CA ALA YB 113 -61.42 33.44 -97.26
C ALA YB 113 -62.90 33.31 -97.55
N ILE YB 114 -63.64 34.35 -97.25
CA ILE YB 114 -64.99 34.54 -97.75
C ILE YB 114 -64.83 35.19 -99.11
N THR YB 115 -65.50 34.67 -100.13
CA THR YB 115 -65.69 35.48 -101.31
C THR YB 115 -67.15 35.85 -101.49
N VAL YB 116 -67.37 37.14 -101.75
CA VAL YB 116 -68.68 37.71 -101.92
C VAL YB 116 -68.76 38.21 -103.35
N THR YB 117 -69.70 37.69 -104.09
CA THR YB 117 -69.84 38.12 -105.46
C THR YB 117 -71.30 38.38 -105.80
N SER YB 118 -71.50 39.44 -106.56
CA SER YB 118 -72.84 39.95 -106.81
C SER YB 118 -73.07 39.99 -108.30
N TYR YB 119 -74.30 39.72 -108.73
CA TYR YB 119 -74.67 39.91 -110.13
C TYR YB 119 -76.17 40.14 -110.21
N SER YB 120 -76.58 41.01 -111.12
CA SER YB 120 -78.00 41.29 -111.31
C SER YB 120 -78.39 41.10 -112.75
N SER YB 121 -79.63 41.46 -113.07
CA SER YB 121 -80.11 41.37 -114.44
C SER YB 121 -79.67 42.60 -115.22
N LYS YB 122 -79.92 42.58 -116.53
CA LYS YB 122 -79.44 43.62 -117.43
C LYS YB 122 -80.23 44.90 -117.26
N TYR YB 123 -79.53 46.02 -117.14
CA TYR YB 123 -80.21 47.31 -117.05
C TYR YB 123 -79.87 48.27 -118.17
N VAL YB 124 -78.60 48.63 -118.33
CA VAL YB 124 -78.22 49.45 -119.48
C VAL YB 124 -77.28 48.65 -120.35
N SER YB 125 -76.12 48.35 -119.81
CA SER YB 125 -75.08 47.64 -120.52
C SER YB 125 -74.40 46.73 -119.54
N VAL YB 126 -73.56 45.84 -120.07
CA VAL YB 126 -72.76 44.99 -119.22
C VAL YB 126 -71.66 45.76 -118.51
N LYS YB 127 -71.20 46.87 -119.05
CA LYS YB 127 -70.15 47.67 -118.42
C LYS YB 127 -70.69 48.44 -117.21
N ARG YB 128 -71.87 49.06 -117.38
CA ARG YB 128 -72.59 49.69 -116.28
C ARG YB 128 -73.03 48.66 -115.26
N GLU YB 129 -73.40 47.47 -115.74
CA GLU YB 129 -73.81 46.38 -114.89
C GLU YB 129 -72.67 45.84 -114.03
N ARG YB 130 -71.49 45.72 -114.60
CA ARG YB 130 -70.37 45.19 -113.85
C ARG YB 130 -69.81 46.20 -112.88
N ALA YB 131 -69.90 47.49 -113.23
CA ALA YB 131 -69.59 48.55 -112.26
C ALA YB 131 -70.57 48.55 -111.09
N LEU YB 132 -71.85 48.33 -111.38
CA LEU YB 132 -72.89 48.21 -110.35
C LEU YB 132 -72.64 47.03 -109.41
N THR YB 133 -72.29 45.89 -109.97
CA THR YB 133 -72.18 44.70 -109.14
C THR YB 133 -70.86 44.65 -108.37
N LEU YB 134 -69.83 45.31 -108.91
CA LEU YB 134 -68.58 45.47 -108.20
C LEU YB 134 -68.73 46.40 -107.01
N ALA YB 135 -69.43 47.54 -107.22
CA ALA YB 135 -69.74 48.45 -106.11
C ALA YB 135 -70.67 47.82 -105.10
N ARG YB 136 -71.58 46.97 -105.57
CA ARG YB 136 -72.55 46.25 -104.76
C ARG YB 136 -71.90 45.28 -103.80
N SER YB 137 -71.01 44.45 -104.33
CA SER YB 137 -70.30 43.49 -103.51
C SER YB 137 -69.27 44.16 -102.62
N ARG YB 138 -68.63 45.25 -103.09
CA ARG YB 138 -67.64 45.88 -102.23
C ARG YB 138 -68.28 46.66 -101.09
N VAL YB 139 -69.51 47.11 -101.27
CA VAL YB 139 -70.25 47.76 -100.20
C VAL YB 139 -70.68 46.74 -99.15
N VAL YB 140 -71.13 45.56 -99.59
CA VAL YB 140 -71.56 44.57 -98.59
C VAL YB 140 -70.38 43.89 -97.90
N SER YB 141 -69.22 43.80 -98.54
CA SER YB 141 -68.06 43.32 -97.82
C SER YB 141 -67.42 44.37 -96.92
N GLU YB 142 -67.56 45.66 -97.26
CA GLU YB 142 -67.18 46.74 -96.33
C GLU YB 142 -68.03 46.69 -95.08
N TYR YB 143 -69.32 46.40 -95.20
CA TYR YB 143 -70.11 46.23 -93.98
C TYR YB 143 -69.79 44.92 -93.27
N LEU YB 144 -69.40 43.88 -94.00
CA LEU YB 144 -69.15 42.61 -93.32
C LEU YB 144 -67.82 42.57 -92.57
N TRP YB 145 -66.83 43.36 -92.99
CA TRP YB 145 -65.64 43.52 -92.16
C TRP YB 145 -65.73 44.77 -91.29
N SER YB 146 -66.75 45.59 -91.46
CA SER YB 146 -67.15 46.42 -90.32
C SER YB 146 -67.71 45.53 -89.22
N GLN YB 147 -68.52 44.57 -89.60
CA GLN YB 147 -69.01 43.61 -88.64
C GLN YB 147 -68.00 42.49 -88.45
N GLY YB 148 -68.44 41.47 -87.76
CA GLY YB 148 -67.51 40.46 -87.31
C GLY YB 148 -67.44 39.32 -88.26
N VAL YB 149 -66.35 39.23 -88.98
CA VAL YB 149 -65.95 37.97 -89.56
C VAL YB 149 -64.58 37.66 -89.00
N ASP YB 150 -64.28 36.38 -88.88
CA ASP YB 150 -62.94 35.96 -88.51
C ASP YB 150 -62.20 35.47 -89.72
N SER YB 151 -62.66 35.88 -90.89
CA SER YB 151 -62.01 35.58 -92.15
C SER YB 151 -60.73 36.37 -92.27
N ARG YB 152 -59.79 35.80 -93.00
CA ARG YB 152 -58.55 36.48 -93.26
C ARG YB 152 -58.59 37.24 -94.56
N ILE YB 153 -59.30 36.73 -95.56
CA ILE YB 153 -59.54 37.46 -96.78
C ILE YB 153 -61.05 37.49 -96.97
N ILE YB 154 -61.59 38.63 -97.37
CA ILE YB 154 -62.80 38.63 -98.14
C ILE YB 154 -62.43 39.09 -99.54
N PHE YB 155 -62.56 38.17 -100.49
CA PHE YB 155 -62.50 38.55 -101.89
C PHE YB 155 -63.90 39.01 -102.23
N THR YB 156 -64.00 39.98 -103.10
CA THR YB 156 -65.26 40.58 -103.44
C THR YB 156 -65.26 41.05 -104.90
N GLN YB 157 -66.30 40.66 -105.63
CA GLN YB 157 -66.35 40.92 -107.06
C GLN YB 157 -67.80 40.89 -107.56
N GLY YB 158 -67.99 41.42 -108.75
CA GLY YB 158 -69.30 41.44 -109.35
C GLY YB 158 -69.26 41.05 -110.81
N LEU YB 159 -70.33 40.43 -111.29
CA LEU YB 159 -70.39 39.97 -112.67
C LEU YB 159 -71.62 40.51 -113.38
N GLY YB 160 -71.57 40.48 -114.70
CA GLY YB 160 -72.63 41.03 -115.50
C GLY YB 160 -73.68 40.09 -116.03
N SER YB 161 -74.40 39.43 -115.11
CA SER YB 161 -75.36 38.33 -115.39
C SER YB 161 -74.72 37.21 -116.16
N ASP YB 162 -73.44 37.00 -115.88
CA ASP YB 162 -72.69 36.03 -116.60
C ASP YB 162 -72.92 34.65 -116.04
N LYS YB 163 -73.59 34.54 -114.91
CA LYS YB 163 -73.82 33.22 -114.34
C LYS YB 163 -75.26 33.10 -113.85
N PRO YB 164 -76.30 33.14 -114.70
CA PRO YB 164 -77.63 33.36 -114.09
C PRO YB 164 -78.34 32.05 -113.76
N ILE YB 165 -78.91 31.99 -112.54
CA ILE YB 165 -79.42 30.71 -112.05
C ILE YB 165 -80.80 30.33 -112.58
N THR YB 166 -81.49 31.21 -113.29
CA THR YB 166 -82.69 30.83 -114.00
C THR YB 166 -82.70 31.54 -115.34
N SER YB 167 -83.45 30.99 -116.28
CA SER YB 167 -83.61 31.61 -117.57
C SER YB 167 -84.75 32.61 -117.61
N TYR YB 168 -85.48 32.75 -116.51
CA TYR YB 168 -86.62 33.64 -116.47
C TYR YB 168 -86.18 35.00 -115.93
N THR YB 169 -86.37 36.02 -116.77
CA THR YB 169 -85.66 37.30 -116.69
C THR YB 169 -86.64 38.45 -116.49
N LEU YB 170 -87.43 38.40 -115.41
CA LEU YB 170 -88.65 39.20 -115.20
C LEU YB 170 -88.41 40.69 -115.22
N GLY YB 171 -87.31 41.15 -114.64
CA GLY YB 171 -87.16 42.56 -114.35
C GLY YB 171 -85.80 42.91 -113.81
N GLY YB 172 -85.78 43.80 -112.83
CA GLY YB 172 -84.53 44.34 -112.37
C GLY YB 172 -84.02 43.62 -111.14
N ASP YB 173 -84.11 44.24 -109.97
CA ASP YB 173 -83.70 43.56 -108.76
C ASP YB 173 -84.77 42.65 -108.18
N ARG YB 174 -85.96 42.55 -108.78
CA ARG YB 174 -86.91 41.57 -108.30
C ARG YB 174 -86.71 40.21 -108.96
N SER YB 175 -85.78 40.13 -109.92
CA SER YB 175 -85.43 38.85 -110.51
C SER YB 175 -84.73 37.99 -109.46
N PRO YB 176 -84.96 36.68 -109.46
CA PRO YB 176 -84.18 35.81 -108.59
C PRO YB 176 -82.77 35.58 -109.08
N ASN YB 177 -82.49 35.92 -110.35
CA ASN YB 177 -81.12 36.05 -110.81
C ASN YB 177 -80.38 37.19 -110.12
N ALA YB 178 -81.07 38.26 -109.74
CA ALA YB 178 -80.42 39.43 -109.18
C ALA YB 178 -80.12 39.17 -107.72
N ARG YB 179 -78.86 38.87 -107.43
CA ARG YB 179 -78.54 38.31 -106.13
C ARG YB 179 -77.08 38.57 -105.83
N VAL YB 180 -76.75 38.53 -104.55
CA VAL YB 180 -75.38 38.44 -104.09
C VAL YB 180 -75.25 37.06 -103.48
N GLU YB 181 -74.06 36.50 -103.56
CA GLU YB 181 -73.79 35.23 -102.92
C GLU YB 181 -72.49 35.31 -102.14
N ILE YB 182 -72.54 34.74 -100.95
CA ILE YB 182 -71.44 34.76 -100.01
C ILE YB 182 -71.05 33.32 -99.82
N THR YB 183 -69.91 32.93 -100.39
CA THR YB 183 -69.47 31.54 -100.33
C THR YB 183 -68.13 31.48 -99.65
N PHE YB 184 -67.96 30.44 -98.84
CA PHE YB 184 -66.70 30.21 -98.17
C PHE YB 184 -66.54 28.73 -97.92
N ARG YB 185 -65.40 28.35 -97.40
CA ARG YB 185 -65.18 26.99 -96.94
C ARG YB 185 -64.84 27.03 -95.48
N ARG YB 186 -65.56 26.25 -94.68
CA ARG YB 186 -65.31 26.20 -93.26
C ARG YB 186 -64.04 25.44 -92.98
N ALA YB 187 -63.07 26.12 -92.38
CA ALA YB 187 -61.78 25.50 -92.12
C ALA YB 187 -61.87 24.61 -90.90
N VAL YB 188 -61.32 23.39 -91.03
CA VAL YB 188 -61.33 22.23 -90.12
C VAL YB 188 -62.58 22.02 -89.27
N ALA ZB 1 -85.28 86.01 -149.50
CA ALA ZB 1 -84.63 87.17 -148.89
C ALA ZB 1 -83.17 86.88 -148.57
N ALA ZB 2 -82.44 86.39 -149.57
CA ALA ZB 2 -81.07 85.96 -149.40
C ALA ZB 2 -80.12 87.15 -149.27
N ALA ZB 3 -78.98 86.89 -148.61
CA ALA ZB 3 -77.91 87.88 -148.49
C ALA ZB 3 -76.60 87.10 -148.37
N ALA ZB 4 -75.90 86.95 -149.49
CA ALA ZB 4 -74.68 86.13 -149.57
C ALA ZB 4 -73.58 86.95 -150.23
N ALA ZB 5 -72.75 87.62 -149.42
CA ALA ZB 5 -71.68 88.45 -149.94
C ALA ZB 5 -70.54 88.52 -148.94
N ALA ZB 6 -69.35 88.82 -149.44
CA ALA ZB 6 -68.13 88.98 -148.64
C ALA ZB 6 -67.67 90.43 -148.77
N ALA ZB 7 -68.03 91.24 -147.79
CA ALA ZB 7 -67.81 92.68 -147.82
C ALA ZB 7 -67.58 93.14 -146.38
N ALA ZB 8 -67.74 94.42 -146.13
CA ALA ZB 8 -67.71 94.97 -144.77
C ALA ZB 8 -69.05 95.63 -144.50
N ALA ZB 9 -70.04 94.83 -144.08
CA ALA ZB 9 -71.30 95.40 -143.63
C ALA ZB 9 -71.14 96.00 -142.23
N ALA ZB 10 -70.66 95.20 -141.28
CA ALA ZB 10 -69.97 95.59 -140.05
C ALA ZB 10 -70.80 96.30 -138.98
N ALA ZB 11 -72.07 96.61 -139.24
CA ALA ZB 11 -72.94 97.23 -138.24
C ALA ZB 11 -74.35 96.79 -138.56
N ALA ZB 12 -74.78 95.70 -137.92
CA ALA ZB 12 -76.08 95.11 -138.21
C ALA ZB 12 -76.57 94.37 -136.97
N ALA ZB 13 -77.52 94.97 -136.26
CA ALA ZB 13 -78.31 94.23 -135.26
C ALA ZB 13 -79.57 93.71 -135.95
N ALA ZB 14 -79.35 92.77 -136.86
CA ALA ZB 14 -80.32 92.41 -137.88
C ALA ZB 14 -81.25 91.34 -137.33
N ALA ZB 15 -82.44 91.75 -136.91
CA ALA ZB 15 -83.49 90.82 -136.52
C ALA ZB 15 -84.34 90.55 -137.75
N ALA ZB 16 -83.87 89.61 -138.57
CA ALA ZB 16 -84.48 89.31 -139.85
C ALA ZB 16 -85.78 88.54 -139.67
N ALA ZB 17 -86.63 88.61 -140.69
CA ALA ZB 17 -87.91 87.92 -140.72
C ALA ZB 17 -87.74 86.54 -141.34
N ALA ZB 18 -88.85 85.89 -141.65
CA ALA ZB 18 -88.84 84.54 -142.18
C ALA ZB 18 -88.36 84.52 -143.63
N ALA ZB 19 -87.84 83.34 -144.03
CA ALA ZB 19 -87.23 83.02 -145.33
C ALA ZB 19 -86.07 83.96 -145.67
N ALA ZB 20 -85.31 84.38 -144.67
CA ALA ZB 20 -84.14 85.23 -144.89
C ALA ZB 20 -82.92 84.33 -144.98
N ALA ZB 21 -82.74 83.72 -146.15
CA ALA ZB 21 -81.71 82.70 -146.36
C ALA ZB 21 -80.36 83.35 -146.66
N ALA ZB 22 -79.80 83.96 -145.61
CA ALA ZB 22 -78.60 84.79 -145.75
C ALA ZB 22 -77.37 83.93 -145.49
N ALA ZB 23 -76.72 83.50 -146.58
CA ALA ZB 23 -75.42 82.84 -146.49
C ALA ZB 23 -74.28 83.84 -146.70
N ALA ZB 24 -74.30 84.93 -145.94
CA ALA ZB 24 -73.27 85.96 -146.04
C ALA ZB 24 -71.95 85.50 -145.46
N ALA ZB 25 -70.86 86.08 -145.99
CA ALA ZB 25 -69.52 85.89 -145.46
C ALA ZB 25 -68.82 87.22 -145.23
N ALA ZB 26 -69.60 88.29 -145.09
CA ALA ZB 26 -69.09 89.64 -144.93
C ALA ZB 26 -68.45 89.86 -143.57
N ALA ZB 27 -67.59 90.87 -143.50
CA ALA ZB 27 -66.94 91.24 -142.24
C ALA ZB 27 -67.92 91.98 -141.35
N ALA ZB 28 -68.75 91.23 -140.63
CA ALA ZB 28 -69.80 91.79 -139.78
C ALA ZB 28 -69.25 91.91 -138.36
N ALA ZB 29 -68.70 93.09 -138.05
CA ALA ZB 29 -68.07 93.31 -136.76
C ALA ZB 29 -69.11 93.49 -135.66
N ALA ZB 30 -69.92 94.55 -135.76
CA ALA ZB 30 -70.97 94.79 -134.78
C ALA ZB 30 -72.23 94.05 -135.24
N ALA ZB 31 -72.21 92.73 -135.04
CA ALA ZB 31 -73.20 91.84 -135.61
C ALA ZB 31 -74.10 91.25 -134.53
N ALA ZB 32 -75.38 91.13 -134.86
CA ALA ZB 32 -76.34 90.31 -134.10
C ALA ZB 32 -77.37 89.83 -135.11
N ALA ZB 33 -77.17 88.62 -135.64
CA ALA ZB 33 -77.99 88.10 -136.72
C ALA ZB 33 -79.07 87.19 -136.13
N ALA ZB 34 -80.22 87.79 -135.79
CA ALA ZB 34 -81.34 87.05 -135.22
C ALA ZB 34 -82.32 86.64 -136.32
N ALA ZB 35 -81.86 85.70 -137.15
CA ALA ZB 35 -82.64 85.22 -138.28
C ALA ZB 35 -83.80 84.35 -137.81
N ALA ZB 36 -84.85 84.28 -138.64
CA ALA ZB 36 -86.07 83.61 -138.24
C ALA ZB 36 -86.41 82.36 -139.04
N ALA ZB 37 -85.77 82.15 -140.19
CA ALA ZB 37 -85.87 80.91 -140.95
C ALA ZB 37 -84.68 80.80 -141.89
N ALA ZB 38 -84.39 79.54 -142.27
CA ALA ZB 38 -83.74 79.16 -143.53
C ALA ZB 38 -82.29 79.64 -143.64
N ALA ZB 39 -81.62 79.90 -142.53
CA ALA ZB 39 -80.24 80.39 -142.59
C ALA ZB 39 -79.29 79.23 -142.92
N ALA ZB 40 -78.44 79.44 -143.92
CA ALA ZB 40 -77.55 78.42 -144.45
C ALA ZB 40 -76.15 78.98 -144.60
N ALA ZB 41 -75.64 79.59 -143.53
CA ALA ZB 41 -74.46 80.42 -143.62
C ALA ZB 41 -73.18 79.61 -143.41
N ALA ZB 42 -72.20 79.83 -144.29
CA ALA ZB 42 -70.88 79.21 -144.17
C ALA ZB 42 -69.86 80.33 -144.39
N ALA ZB 43 -69.48 81.00 -143.31
CA ALA ZB 43 -68.67 82.20 -143.37
C ALA ZB 43 -67.29 81.96 -142.79
N ALA ZB 44 -66.47 83.00 -142.84
CA ALA ZB 44 -65.21 83.07 -142.09
C ALA ZB 44 -65.15 84.51 -141.56
N ALA ZB 45 -65.72 84.71 -140.38
CA ALA ZB 45 -66.00 86.06 -139.88
C ALA ZB 45 -65.28 86.30 -138.55
N ALA ZB 46 -65.55 87.48 -138.00
CA ALA ZB 46 -65.00 87.90 -136.70
C ALA ZB 46 -65.99 88.89 -136.10
N ALA ZB 47 -66.63 88.50 -135.01
CA ALA ZB 47 -67.70 89.31 -134.43
C ALA ZB 47 -67.33 89.88 -133.08
N ALA ZB 48 -66.91 89.03 -132.13
CA ALA ZB 48 -66.37 89.29 -130.79
C ALA ZB 48 -67.37 89.87 -129.79
N ALA ZB 49 -68.61 90.18 -130.18
CA ALA ZB 49 -69.64 90.55 -129.22
C ALA ZB 49 -71.01 90.02 -129.63
N ALA ZB 50 -71.05 88.87 -130.31
CA ALA ZB 50 -72.26 88.40 -130.97
C ALA ZB 50 -73.22 87.80 -129.96
N ALA ZB 51 -74.41 88.37 -129.85
CA ALA ZB 51 -75.53 87.77 -129.13
C ALA ZB 51 -76.44 87.15 -130.18
N ALA ZB 52 -76.02 86.03 -130.72
CA ALA ZB 52 -76.72 85.42 -131.85
C ALA ZB 52 -77.94 84.65 -131.38
N ALA ZB 53 -79.01 84.76 -132.17
CA ALA ZB 53 -80.22 83.96 -131.99
C ALA ZB 53 -80.53 83.31 -133.32
N ALA ZB 54 -80.99 82.06 -133.27
CA ALA ZB 54 -81.26 81.33 -134.50
C ALA ZB 54 -82.53 80.50 -134.34
N ALA ZB 55 -83.47 80.72 -135.24
CA ALA ZB 55 -84.69 79.92 -135.35
C ALA ZB 55 -84.47 78.80 -136.38
N ALA ZB 56 -85.57 78.24 -136.89
CA ALA ZB 56 -85.58 76.95 -137.60
C ALA ZB 56 -84.81 76.96 -138.91
N ALA ZB 57 -84.22 75.80 -139.21
CA ALA ZB 57 -83.39 75.49 -140.39
C ALA ZB 57 -82.20 76.43 -140.51
N ALA ZB 58 -81.42 76.51 -139.43
CA ALA ZB 58 -80.24 77.36 -139.37
C ALA ZB 58 -79.01 76.47 -139.30
N ALA ZB 59 -78.41 76.20 -140.45
CA ALA ZB 59 -77.13 75.51 -140.54
C ALA ZB 59 -76.04 76.55 -140.75
N ALA ZB 60 -75.03 76.53 -139.89
CA ALA ZB 60 -74.03 77.58 -139.89
C ALA ZB 60 -72.64 77.01 -139.70
N ALA ZB 61 -71.65 77.70 -140.25
CA ALA ZB 61 -70.25 77.31 -140.10
C ALA ZB 61 -69.42 78.58 -140.05
N ALA ZB 62 -69.04 79.00 -138.85
CA ALA ZB 62 -68.44 80.31 -138.65
C ALA ZB 62 -67.23 80.24 -137.74
N ALA ZB 63 -66.26 81.13 -137.97
CA ALA ZB 63 -65.05 81.22 -137.17
C ALA ZB 63 -64.98 82.52 -136.39
N ALA ZB 64 -66.11 82.93 -135.82
CA ALA ZB 64 -66.24 84.21 -135.15
C ALA ZB 64 -66.56 84.01 -133.68
N ALA ZB 65 -66.06 84.93 -132.85
CA ALA ZB 65 -66.32 84.88 -131.43
C ALA ZB 65 -67.70 85.42 -131.12
N ALA ZB 66 -68.42 84.75 -130.22
CA ALA ZB 66 -69.76 85.15 -129.81
C ALA ZB 66 -69.77 85.50 -128.34
N ALA ZB 67 -70.91 85.98 -127.86
CA ALA ZB 67 -71.08 86.30 -126.46
C ALA ZB 67 -72.31 85.60 -125.90
N ALA ZB 68 -73.35 85.48 -126.71
CA ALA ZB 68 -74.56 84.80 -126.29
C ALA ZB 68 -75.13 84.02 -127.45
N ALA ZB 69 -75.81 82.92 -127.13
CA ALA ZB 69 -76.39 82.06 -128.14
C ALA ZB 69 -77.80 81.68 -127.71
N ALA ZB 70 -78.75 81.78 -128.64
CA ALA ZB 70 -80.12 81.40 -128.38
C ALA ZB 70 -80.63 80.55 -129.52
N ALA ZB 71 -81.32 79.45 -129.18
CA ALA ZB 71 -81.91 78.57 -130.17
C ALA ZB 71 -83.41 78.48 -129.95
N ALA ZB 72 -84.17 78.36 -131.04
CA ALA ZB 72 -85.61 78.45 -130.97
C ALA ZB 72 -86.33 77.16 -131.39
N ALA ZB 73 -86.08 76.65 -132.59
CA ALA ZB 73 -86.79 75.44 -133.03
C ALA ZB 73 -85.86 74.28 -133.34
N ALA ZB 74 -84.93 74.44 -134.30
CA ALA ZB 74 -84.08 73.37 -134.79
C ALA ZB 74 -82.93 74.01 -135.56
N ALA ZB 75 -81.71 73.53 -135.33
CA ALA ZB 75 -80.54 74.16 -135.93
C ALA ZB 75 -79.44 73.11 -136.09
N ALA ZB 76 -78.34 73.55 -136.72
CA ALA ZB 76 -77.10 72.80 -136.80
C ALA ZB 76 -75.98 73.82 -136.97
N ALA ZB 77 -75.30 74.16 -135.89
CA ALA ZB 77 -74.24 75.14 -135.93
C ALA ZB 77 -72.88 74.47 -135.90
N ALA ZB 78 -71.88 75.21 -136.37
CA ALA ZB 78 -70.47 74.84 -136.18
C ALA ZB 78 -69.72 76.15 -136.06
N ALA ZB 79 -69.56 76.63 -134.83
CA ALA ZB 79 -69.00 77.94 -134.58
C ALA ZB 79 -67.71 77.83 -133.79
N ALA ZB 80 -66.83 78.81 -133.99
CA ALA ZB 80 -65.54 78.87 -133.30
C ALA ZB 80 -65.52 80.14 -132.44
N ALA ZB 81 -66.08 80.05 -131.23
CA ALA ZB 81 -66.16 81.19 -130.33
C ALA ZB 81 -64.91 81.27 -129.47
N ALA ZB 82 -64.74 82.40 -128.75
CA ALA ZB 82 -63.48 82.57 -128.05
C ALA ZB 82 -63.58 82.95 -126.57
N ALA ZB 83 -64.50 83.84 -126.20
CA ALA ZB 83 -64.34 84.60 -124.97
C ALA ZB 83 -65.30 84.20 -123.86
N ALA ZB 84 -66.61 84.32 -124.11
CA ALA ZB 84 -67.61 83.99 -123.11
C ALA ZB 84 -68.87 83.59 -123.85
N ALA ZB 85 -69.73 82.85 -123.16
CA ALA ZB 85 -70.95 82.36 -123.78
C ALA ZB 85 -72.06 82.26 -122.76
N ALA ZB 86 -73.16 82.95 -123.03
CA ALA ZB 86 -74.42 82.75 -122.33
C ALA ZB 86 -75.35 82.07 -123.33
N ALA ZB 87 -75.58 80.77 -123.14
CA ALA ZB 87 -76.26 79.96 -124.15
C ALA ZB 87 -77.56 79.41 -123.58
N ALA ZB 88 -78.59 79.43 -124.43
CA ALA ZB 88 -79.88 78.85 -124.09
C ALA ZB 88 -80.51 78.31 -125.36
N ALA ZB 89 -81.20 77.18 -125.24
CA ALA ZB 89 -81.73 76.47 -126.40
C ALA ZB 89 -83.19 76.12 -126.19
N ALA ZB 90 -83.83 75.68 -127.28
CA ALA ZB 90 -85.20 75.19 -127.24
C ALA ZB 90 -85.36 74.17 -128.35
N ALA ZB 91 -85.30 72.88 -127.98
CA ALA ZB 91 -85.61 71.70 -128.82
C ALA ZB 91 -84.71 71.57 -130.06
N ALA ZB 92 -83.51 72.12 -130.00
CA ALA ZB 92 -82.66 72.24 -131.16
C ALA ZB 92 -81.40 71.39 -131.00
N ALA ZB 93 -80.51 71.51 -131.96
CA ALA ZB 93 -79.20 70.87 -131.93
C ALA ZB 93 -78.14 71.91 -132.26
N ALA ZB 94 -76.98 71.80 -131.62
CA ALA ZB 94 -75.94 72.80 -131.78
C ALA ZB 94 -74.58 72.17 -131.54
N ALA ZB 95 -73.60 72.63 -132.29
CA ALA ZB 95 -72.21 72.22 -132.07
C ALA ZB 95 -71.31 73.44 -132.16
N ALA ZB 96 -70.29 73.46 -131.31
CA ALA ZB 96 -69.30 74.54 -131.32
C ALA ZB 96 -67.92 73.92 -131.25
N ALA ZB 97 -66.93 74.65 -131.75
CA ALA ZB 97 -65.63 74.04 -132.06
C ALA ZB 97 -64.49 74.54 -131.19
N ALA ZB 98 -64.23 75.84 -131.14
CA ALA ZB 98 -62.99 76.34 -130.57
C ALA ZB 98 -63.09 76.48 -129.05
N ALA ZB 99 -62.07 77.08 -128.45
CA ALA ZB 99 -61.96 77.19 -127.01
C ALA ZB 99 -62.91 78.29 -126.52
N ALA ZB 100 -63.93 77.89 -125.79
CA ALA ZB 100 -64.92 78.80 -125.24
C ALA ZB 100 -64.88 78.74 -123.71
N ALA ZB 101 -65.54 79.72 -123.09
CA ALA ZB 101 -65.69 79.76 -121.64
C ALA ZB 101 -67.17 79.97 -121.35
N ALA ZB 102 -67.91 78.88 -121.32
CA ALA ZB 102 -69.35 78.93 -121.07
C ALA ZB 102 -69.57 79.00 -119.57
N ALA ZB 103 -70.03 80.16 -119.10
CA ALA ZB 103 -70.25 80.34 -117.66
C ALA ZB 103 -71.54 79.67 -117.21
N ALA ZB 104 -72.63 79.89 -117.93
CA ALA ZB 104 -73.92 79.32 -117.56
C ALA ZB 104 -74.59 78.73 -118.79
N ALA ZB 105 -75.24 77.58 -118.60
CA ALA ZB 105 -76.02 76.96 -119.66
C ALA ZB 105 -77.29 76.40 -119.05
N ALA ZB 106 -78.43 76.90 -119.49
CA ALA ZB 106 -79.73 76.46 -119.02
C ALA ZB 106 -80.49 75.86 -120.19
N ALA ZB 107 -80.74 74.57 -120.15
CA ALA ZB 107 -81.44 73.88 -121.22
C ALA ZB 107 -82.72 73.30 -120.64
N ALA ZB 108 -83.85 73.87 -121.02
CA ALA ZB 108 -85.15 73.45 -120.52
C ALA ZB 108 -85.97 72.71 -121.57
N ALA ZB 109 -85.33 72.17 -122.59
CA ALA ZB 109 -86.03 71.52 -123.70
C ALA ZB 109 -85.14 70.41 -124.24
N ALA ZB 110 -85.43 69.97 -125.47
CA ALA ZB 110 -84.65 68.92 -126.12
C ALA ZB 110 -83.49 69.56 -126.88
N ALA ZB 111 -82.34 69.63 -126.23
CA ALA ZB 111 -81.18 70.34 -126.76
C ALA ZB 111 -80.03 69.38 -126.91
N ALA ZB 112 -79.62 69.13 -128.15
CA ALA ZB 112 -78.42 68.35 -128.41
C ALA ZB 112 -77.24 69.33 -128.57
N ALA ZB 113 -76.73 69.78 -127.44
CA ALA ZB 113 -75.69 70.79 -127.41
C ALA ZB 113 -74.33 70.11 -127.27
N ALA ZB 114 -73.39 70.51 -128.12
CA ALA ZB 114 -72.04 69.96 -128.08
C ALA ZB 114 -71.03 71.09 -128.20
N ALA ZB 115 -69.95 70.99 -127.43
CA ALA ZB 115 -68.85 71.95 -127.52
C ALA ZB 115 -67.56 71.17 -127.45
N ALA ZB 116 -66.74 71.27 -128.50
CA ALA ZB 116 -65.51 70.50 -128.58
C ALA ZB 116 -64.39 71.02 -127.69
N ALA ZB 117 -64.51 72.25 -127.20
CA ALA ZB 117 -63.55 72.78 -126.25
C ALA ZB 117 -64.26 73.80 -125.37
N ALA ZB 118 -64.31 73.54 -124.07
CA ALA ZB 118 -64.84 74.47 -123.10
C ALA ZB 118 -63.79 74.63 -122.01
N ALA ZB 119 -63.11 75.78 -122.01
CA ALA ZB 119 -62.10 76.09 -121.00
C ALA ZB 119 -62.64 77.24 -120.16
N ALA ZB 120 -63.41 76.90 -119.15
CA ALA ZB 120 -64.09 77.88 -118.33
C ALA ZB 120 -63.56 77.84 -116.91
N ALA ZB 121 -64.18 78.62 -116.03
CA ALA ZB 121 -63.81 78.67 -114.63
C ALA ZB 121 -64.89 78.17 -113.71
N ALA ZB 122 -66.16 78.43 -114.03
CA ALA ZB 122 -67.27 77.92 -113.23
C ALA ZB 122 -68.45 77.72 -114.18
N ALA ZB 123 -68.64 76.49 -114.64
CA ALA ZB 123 -69.70 76.17 -115.59
C ALA ZB 123 -70.89 75.64 -114.81
N ALA ZB 124 -71.96 76.41 -114.77
CA ALA ZB 124 -73.20 76.00 -114.13
C ALA ZB 124 -74.17 75.56 -115.22
N ALA ZB 125 -74.48 74.27 -115.26
CA ALA ZB 125 -75.36 73.70 -116.26
C ALA ZB 125 -76.62 73.21 -115.56
N ALA ZB 126 -77.74 73.85 -115.85
CA ALA ZB 126 -79.03 73.43 -115.34
C ALA ZB 126 -79.84 72.81 -116.48
N ALA ZB 127 -80.40 71.64 -116.22
CA ALA ZB 127 -81.08 70.88 -117.27
C ALA ZB 127 -82.47 70.48 -116.82
N ALA ZB 128 -83.41 70.51 -117.76
CA ALA ZB 128 -84.82 70.25 -117.44
C ALA ZB 128 -85.45 69.40 -118.54
N ALA ZB 129 -85.56 68.12 -118.25
CA ALA ZB 129 -86.47 67.08 -118.74
C ALA ZB 129 -86.28 66.53 -120.14
N ALA ZB 130 -85.45 67.13 -121.00
CA ALA ZB 130 -85.32 66.53 -122.32
C ALA ZB 130 -83.94 66.58 -122.99
N ALA ZB 131 -83.06 67.46 -122.53
CA ALA ZB 131 -81.86 67.83 -123.27
C ALA ZB 131 -80.78 66.75 -123.26
N ALA ZB 132 -79.70 67.02 -123.99
CA ALA ZB 132 -78.54 66.13 -124.08
C ALA ZB 132 -77.32 67.00 -124.34
N ALA ZB 133 -76.62 67.37 -123.28
CA ALA ZB 133 -75.43 68.20 -123.40
C ALA ZB 133 -74.18 67.34 -123.37
N ALA ZB 134 -73.26 67.60 -124.30
CA ALA ZB 134 -72.00 66.86 -124.37
C ALA ZB 134 -70.88 67.87 -124.57
N ALA ZB 135 -70.37 68.41 -123.46
CA ALA ZB 135 -69.37 69.46 -123.49
C ALA ZB 135 -68.14 68.97 -122.75
N ALA ZB 136 -66.98 68.97 -123.42
CA ALA ZB 136 -65.83 68.32 -122.81
C ALA ZB 136 -64.52 68.95 -123.28
N ALA ZB 137 -64.01 69.93 -122.50
CA ALA ZB 137 -62.55 69.99 -122.40
C ALA ZB 137 -62.02 70.02 -120.97
N ALA ZB 138 -62.23 71.13 -120.27
CA ALA ZB 138 -61.58 71.37 -118.97
C ALA ZB 138 -62.30 72.51 -118.25
N ALA ZB 139 -63.03 72.19 -117.20
CA ALA ZB 139 -63.60 73.24 -116.37
C ALA ZB 139 -62.78 73.36 -115.09
N ALA ZB 140 -63.15 74.30 -114.24
CA ALA ZB 140 -62.53 74.41 -112.92
C ALA ZB 140 -63.52 74.30 -111.78
N ALA ZB 141 -64.80 74.57 -112.01
CA ALA ZB 141 -65.85 74.31 -111.03
C ALA ZB 141 -67.12 74.05 -111.81
N ALA ZB 142 -67.51 72.79 -111.93
CA ALA ZB 142 -68.72 72.43 -112.64
C ALA ZB 142 -69.85 72.24 -111.65
N ALA ZB 143 -71.01 72.78 -111.98
CA ALA ZB 143 -72.21 72.63 -111.16
C ALA ZB 143 -73.32 72.14 -112.07
N ALA ZB 144 -73.49 70.83 -112.12
CA ALA ZB 144 -74.48 70.22 -113.02
C ALA ZB 144 -75.72 69.90 -112.21
N ALA ZB 145 -76.69 70.80 -112.28
CA ALA ZB 145 -77.99 70.56 -111.67
C ALA ZB 145 -78.91 70.02 -112.75
N ALA ZB 146 -79.01 68.70 -112.83
CA ALA ZB 146 -79.95 68.07 -113.73
C ALA ZB 146 -81.22 67.81 -112.94
N ALA ZB 147 -82.21 68.70 -113.10
CA ALA ZB 147 -83.50 68.60 -112.45
C ALA ZB 147 -84.50 67.88 -113.33
N ALA ZB 148 -84.04 66.84 -114.00
CA ALA ZB 148 -84.36 66.51 -115.37
C ALA ZB 148 -84.65 65.03 -115.51
N ALA ZB 149 -85.35 64.66 -116.57
CA ALA ZB 149 -85.39 63.29 -117.09
C ALA ZB 149 -84.45 63.15 -118.26
N ALA ZB 150 -83.29 63.80 -118.18
CA ALA ZB 150 -82.44 64.06 -119.34
C ALA ZB 150 -81.02 63.62 -119.03
N ALA ZB 151 -80.13 63.85 -120.00
CA ALA ZB 151 -78.78 63.32 -119.97
C ALA ZB 151 -77.77 64.44 -120.07
N ALA ZB 152 -76.69 64.33 -119.30
CA ALA ZB 152 -75.58 65.28 -119.34
C ALA ZB 152 -74.30 64.45 -119.40
N ALA ZB 153 -73.89 64.10 -120.60
CA ALA ZB 153 -72.70 63.30 -120.79
C ALA ZB 153 -71.48 64.21 -120.83
N ALA ZB 154 -70.37 63.75 -120.25
CA ALA ZB 154 -69.18 64.57 -120.20
C ALA ZB 154 -67.94 63.72 -120.11
N ALA ZB 155 -66.92 64.14 -120.85
CA ALA ZB 155 -65.53 63.79 -120.60
C ALA ZB 155 -64.77 65.05 -120.23
N ALA ZB 156 -65.48 66.01 -119.64
CA ALA ZB 156 -64.90 67.28 -119.24
C ALA ZB 156 -64.10 67.09 -117.97
N ALA ZB 157 -62.79 67.24 -118.06
CA ALA ZB 157 -61.92 67.03 -116.90
C ALA ZB 157 -62.00 68.26 -116.02
N ALA ZB 158 -63.00 68.30 -115.15
CA ALA ZB 158 -63.19 69.40 -114.23
C ALA ZB 158 -62.37 69.20 -112.97
N ALA ZB 159 -61.83 70.30 -112.44
CA ALA ZB 159 -61.06 70.24 -111.21
C ALA ZB 159 -61.95 70.03 -110.00
N ALA ZB 160 -63.11 70.65 -109.97
CA ALA ZB 160 -64.10 70.40 -108.93
C ALA ZB 160 -65.46 70.22 -109.61
N ALA ZB 161 -66.23 69.26 -109.13
CA ALA ZB 161 -67.51 68.93 -109.72
C ALA ZB 161 -68.56 68.81 -108.66
N ALA ZB 162 -69.76 69.30 -108.96
CA ALA ZB 162 -70.90 69.23 -108.06
C ALA ZB 162 -72.11 68.91 -108.92
N ALA ZB 163 -72.48 67.63 -108.98
CA ALA ZB 163 -73.53 67.16 -109.86
C ALA ZB 163 -74.67 66.60 -109.02
N ALA ZB 164 -75.86 67.16 -109.19
CA ALA ZB 164 -77.05 66.69 -108.50
C ALA ZB 164 -78.10 66.33 -109.56
N ALA ZB 165 -78.52 65.08 -109.55
CA ALA ZB 165 -79.52 64.57 -110.49
C ALA ZB 165 -80.79 64.28 -109.72
N ALA ZB 166 -81.93 64.76 -110.23
CA ALA ZB 166 -83.13 64.84 -109.41
C ALA ZB 166 -84.19 63.78 -109.70
N ALA ZB 167 -84.51 63.46 -110.97
CA ALA ZB 167 -85.58 62.49 -111.23
C ALA ZB 167 -85.31 61.75 -112.55
N ALA ZB 168 -84.62 60.61 -112.45
CA ALA ZB 168 -84.22 59.73 -113.58
C ALA ZB 168 -83.45 60.48 -114.67
N ALA ZB 169 -82.51 61.30 -114.23
CA ALA ZB 169 -81.51 61.88 -115.12
C ALA ZB 169 -80.34 60.90 -115.28
N ALA ZB 170 -79.40 61.25 -116.13
CA ALA ZB 170 -78.20 60.43 -116.33
C ALA ZB 170 -77.04 61.35 -116.64
N ALA ZB 171 -76.08 61.44 -115.73
CA ALA ZB 171 -74.97 62.36 -115.86
C ALA ZB 171 -73.65 61.60 -115.82
N ALA ZB 172 -72.80 61.86 -116.80
CA ALA ZB 172 -71.48 61.22 -116.87
C ALA ZB 172 -70.44 62.30 -116.59
N ALA ZB 173 -69.80 62.20 -115.44
CA ALA ZB 173 -68.87 63.21 -114.97
C ALA ZB 173 -67.44 62.67 -114.94
N ALA ZB 174 -66.49 63.59 -114.79
CA ALA ZB 174 -65.08 63.24 -114.66
C ALA ZB 174 -64.42 64.34 -113.84
N ALA ZB 175 -64.04 64.03 -112.62
CA ALA ZB 175 -63.52 65.02 -111.69
C ALA ZB 175 -62.04 64.80 -111.45
N ALA ZB 176 -61.26 65.88 -111.51
CA ALA ZB 176 -59.83 65.77 -111.28
C ALA ZB 176 -59.52 65.75 -109.79
N ALA ZB 177 -59.87 66.81 -109.08
CA ALA ZB 177 -59.51 66.92 -107.67
C ALA ZB 177 -60.67 66.74 -106.72
N ALA ZB 178 -61.86 67.18 -107.08
CA ALA ZB 178 -62.99 67.20 -106.17
C ALA ZB 178 -64.21 66.65 -106.85
N ALA ZB 179 -64.79 65.58 -106.32
CA ALA ZB 179 -66.02 65.02 -106.84
C ALA ZB 179 -67.12 65.16 -105.81
N ALA ZB 180 -68.23 65.74 -106.22
CA ALA ZB 180 -69.37 65.98 -105.36
C ALA ZB 180 -70.61 65.50 -106.08
N ALA ZB 181 -71.29 64.50 -105.53
CA ALA ZB 181 -72.38 63.90 -106.26
C ALA ZB 181 -73.58 63.68 -105.34
N ALA ZB 182 -74.75 64.07 -105.81
CA ALA ZB 182 -76.01 63.67 -105.18
C ALA ZB 182 -76.94 63.16 -106.25
N ALA ZB 183 -77.52 62.00 -106.00
CA ALA ZB 183 -78.42 61.41 -106.97
C ALA ZB 183 -79.76 61.13 -106.32
N ALA ZB 184 -80.82 61.21 -107.11
CA ALA ZB 184 -82.17 60.88 -106.65
C ALA ZB 184 -82.91 60.20 -107.79
N ALA ZB 185 -83.17 58.89 -107.64
CA ALA ZB 185 -83.85 58.00 -108.59
C ALA ZB 185 -83.19 57.96 -109.98
N ALA ZB 186 -81.88 58.20 -110.03
CA ALA ZB 186 -81.20 58.56 -111.27
C ALA ZB 186 -79.85 57.88 -111.31
N ALA ZB 187 -79.00 58.31 -112.25
CA ALA ZB 187 -77.70 57.70 -112.44
C ALA ZB 187 -76.63 58.76 -112.59
N ALA ZB 188 -75.53 58.61 -111.85
CA ALA ZB 188 -74.36 59.47 -111.97
C ALA ZB 188 -73.14 58.57 -112.16
N ALA ZB 189 -72.53 58.64 -113.34
CA ALA ZB 189 -71.43 57.75 -113.70
C ALA ZB 189 -70.12 58.53 -113.61
N ALA ZB 190 -69.22 58.09 -112.72
CA ALA ZB 190 -67.94 58.75 -112.50
C ALA ZB 190 -66.90 58.06 -113.38
N ALA ZB 191 -66.46 58.74 -114.42
CA ALA ZB 191 -65.52 58.16 -115.37
C ALA ZB 191 -64.06 58.39 -115.00
N ALA ZB 192 -63.79 59.10 -113.91
CA ALA ZB 192 -62.42 59.25 -113.42
C ALA ZB 192 -62.45 59.38 -111.91
N ALA ZB 193 -61.54 58.69 -111.24
CA ALA ZB 193 -61.48 58.73 -109.79
C ALA ZB 193 -60.80 60.02 -109.36
N ALA ZB 194 -61.51 60.82 -108.55
CA ALA ZB 194 -61.01 62.12 -108.15
C ALA ZB 194 -59.99 61.97 -107.05
N ALA ZB 195 -59.33 63.09 -106.71
CA ALA ZB 195 -58.42 63.11 -105.59
C ALA ZB 195 -59.17 63.02 -104.27
N ALA ZB 196 -60.36 63.61 -104.20
CA ALA ZB 196 -61.27 63.38 -103.08
C ALA ZB 196 -62.67 63.31 -103.63
N ALA ZB 197 -63.37 62.22 -103.34
CA ALA ZB 197 -64.69 61.97 -103.89
C ALA ZB 197 -65.70 61.83 -102.77
N ALA ZB 198 -66.91 62.33 -103.01
CA ALA ZB 198 -68.01 62.12 -102.09
C ALA ZB 198 -69.31 62.07 -102.86
N ALA ZB 199 -70.07 61.00 -102.64
CA ALA ZB 199 -71.30 60.76 -103.39
C ALA ZB 199 -72.37 60.30 -102.42
N ALA ZB 200 -73.56 60.87 -102.56
CA ALA ZB 200 -74.69 60.52 -101.74
C ALA ZB 200 -75.85 60.14 -102.66
N ALA ZB 201 -76.45 59.00 -102.37
CA ALA ZB 201 -77.54 58.47 -103.16
C ALA ZB 201 -78.82 58.53 -102.35
N ALA ZB 202 -79.90 58.96 -103.00
CA ALA ZB 202 -81.23 59.01 -102.44
C ALA ZB 202 -81.96 57.72 -102.77
N ALA ZB 203 -83.29 57.75 -102.71
CA ALA ZB 203 -84.13 56.59 -103.02
C ALA ZB 203 -83.99 56.18 -104.48
N ALA ZB 204 -83.59 54.90 -104.66
CA ALA ZB 204 -83.42 54.21 -105.94
C ALA ZB 204 -82.41 54.91 -106.86
N ALA ZB 205 -81.35 55.44 -106.26
CA ALA ZB 205 -80.42 56.33 -106.93
C ALA ZB 205 -79.04 55.69 -107.02
N ALA ZB 206 -78.36 55.89 -108.15
CA ALA ZB 206 -77.13 55.15 -108.43
C ALA ZB 206 -75.98 56.09 -108.76
N ALA ZB 207 -75.07 56.28 -107.81
CA ALA ZB 207 -73.82 56.97 -108.09
C ALA ZB 207 -72.75 55.91 -108.27
N ALA ZB 208 -72.79 55.22 -109.40
CA ALA ZB 208 -71.86 54.13 -109.67
C ALA ZB 208 -70.66 54.67 -110.42
N ALA ZB 209 -69.47 54.47 -109.85
CA ALA ZB 209 -68.23 54.98 -110.46
C ALA ZB 209 -67.85 54.02 -111.58
N ALA ZB 210 -68.42 54.25 -112.75
CA ALA ZB 210 -68.29 53.33 -113.88
C ALA ZB 210 -67.09 53.68 -114.74
N ALA ZB 211 -65.91 53.54 -114.15
CA ALA ZB 211 -64.68 53.63 -114.91
C ALA ZB 211 -64.43 52.33 -115.64
N ALA ZB 212 -63.60 52.39 -116.68
CA ALA ZB 212 -63.28 51.21 -117.46
C ALA ZB 212 -62.25 50.37 -116.70
N ALA ZB 213 -62.68 49.21 -116.23
CA ALA ZB 213 -61.74 48.22 -115.70
C ALA ZB 213 -60.88 47.69 -116.83
N ALA ZB 214 -59.67 47.25 -116.47
CA ALA ZB 214 -58.50 47.11 -117.35
C ALA ZB 214 -58.25 48.40 -118.12
N ALA ZB 215 -57.84 49.41 -117.37
CA ALA ZB 215 -57.11 50.50 -117.98
C ALA ZB 215 -55.63 50.12 -118.14
N ALA ZB 216 -54.83 51.06 -118.64
CA ALA ZB 216 -53.40 50.83 -118.67
C ALA ZB 216 -52.81 50.88 -117.28
N ALA ZB 217 -53.17 51.90 -116.52
CA ALA ZB 217 -52.88 51.95 -115.08
C ALA ZB 217 -54.07 52.65 -114.43
N ALA ZB 218 -55.06 51.86 -114.01
CA ALA ZB 218 -56.19 52.39 -113.27
C ALA ZB 218 -55.74 52.60 -111.84
N ALA ZB 219 -55.78 53.84 -111.37
CA ALA ZB 219 -55.37 54.15 -110.01
C ALA ZB 219 -56.45 53.68 -109.05
N ALA ZB 220 -56.03 52.99 -107.99
CA ALA ZB 220 -56.98 52.46 -107.04
C ALA ZB 220 -57.49 53.53 -106.10
N ALA ZB 221 -58.58 53.23 -105.41
CA ALA ZB 221 -59.14 54.14 -104.43
C ALA ZB 221 -58.27 54.14 -103.19
N ALA ZB 222 -57.64 55.27 -102.89
CA ALA ZB 222 -56.70 55.38 -101.79
C ALA ZB 222 -57.46 55.58 -100.48
N ALA ZB 223 -56.72 55.87 -99.40
CA ALA ZB 223 -57.32 56.03 -98.09
C ALA ZB 223 -58.13 57.32 -97.95
N ALA ZB 224 -57.84 58.31 -98.79
CA ALA ZB 224 -58.61 59.54 -98.79
C ALA ZB 224 -59.76 59.52 -99.78
N ALA ZB 225 -59.88 58.48 -100.60
CA ALA ZB 225 -60.92 58.45 -101.62
C ALA ZB 225 -61.81 57.23 -101.57
N ALA ZB 226 -61.58 56.32 -100.62
CA ALA ZB 226 -62.37 55.09 -100.56
C ALA ZB 226 -63.69 55.40 -99.88
N ALA ZB 227 -64.70 55.75 -100.67
CA ALA ZB 227 -66.05 55.82 -100.18
C ALA ZB 227 -66.80 54.56 -100.59
N ALA ZB 228 -67.91 54.33 -99.90
CA ALA ZB 228 -68.71 53.13 -100.13
C ALA ZB 228 -69.54 53.25 -101.40
N ALA AC 1 -54.01 64.07 -134.85
CA ALA AC 1 -55.14 64.99 -134.99
C ALA AC 1 -55.40 65.71 -133.67
N ALA AC 2 -54.35 66.27 -133.08
CA ALA AC 2 -54.44 66.93 -131.80
C ALA AC 2 -54.60 68.44 -131.98
N ALA AC 3 -54.49 69.18 -130.89
CA ALA AC 3 -54.48 70.65 -130.91
C ALA AC 3 -53.66 71.09 -129.70
N ALA AC 4 -52.40 71.41 -129.93
CA ALA AC 4 -51.52 71.79 -128.84
C ALA AC 4 -51.79 73.22 -128.41
N ALA AC 5 -51.34 73.55 -127.21
CA ALA AC 5 -51.40 74.91 -126.69
C ALA AC 5 -49.97 75.44 -126.57
N ALA AC 6 -49.88 76.77 -126.49
CA ALA AC 6 -48.60 77.46 -126.53
C ALA AC 6 -47.91 77.53 -125.17
N ALA AC 7 -48.51 77.00 -124.13
CA ALA AC 7 -47.96 77.10 -122.78
C ALA AC 7 -46.97 75.95 -122.55
N ALA AC 8 -46.60 75.74 -121.29
CA ALA AC 8 -45.74 74.61 -120.96
C ALA AC 8 -46.53 73.31 -121.01
N ALA AC 9 -46.58 72.74 -122.22
CA ALA AC 9 -46.88 71.31 -122.49
C ALA AC 9 -48.31 70.90 -122.15
N ALA AC 10 -49.29 71.62 -122.69
CA ALA AC 10 -50.68 71.19 -122.66
C ALA AC 10 -51.19 71.02 -124.08
N ALA AC 11 -52.09 70.05 -124.27
CA ALA AC 11 -52.60 69.77 -125.61
C ALA AC 11 -54.00 69.18 -125.48
N ALA AC 12 -54.97 69.82 -126.13
CA ALA AC 12 -56.25 69.14 -126.28
C ALA AC 12 -56.16 68.16 -127.45
N ALA AC 13 -57.11 67.24 -127.50
CA ALA AC 13 -57.14 66.26 -128.57
C ALA AC 13 -58.58 65.90 -128.88
N ALA AC 14 -58.89 65.80 -130.17
CA ALA AC 14 -60.27 65.65 -130.62
C ALA AC 14 -60.48 64.36 -131.37
N ALA AC 15 -59.96 63.25 -130.85
CA ALA AC 15 -60.37 61.94 -131.36
C ALA AC 15 -61.80 61.64 -130.93
N ALA AC 16 -62.03 61.56 -129.62
CA ALA AC 16 -63.35 61.75 -129.06
C ALA AC 16 -63.37 62.98 -128.16
N ALA AC 17 -62.58 62.97 -127.10
CA ALA AC 17 -62.42 64.07 -126.15
C ALA AC 17 -61.18 63.85 -125.29
N ALA AC 18 -60.23 64.79 -125.32
CA ALA AC 18 -59.09 64.75 -124.41
C ALA AC 18 -58.56 66.15 -124.18
N ALA AC 19 -58.05 66.38 -122.95
CA ALA AC 19 -57.24 67.56 -122.66
C ALA AC 19 -56.05 67.09 -121.82
N ALA AC 20 -54.99 66.65 -122.49
CA ALA AC 20 -53.88 66.00 -121.83
C ALA AC 20 -52.68 66.94 -121.75
N ALA AC 21 -51.59 66.43 -121.19
CA ALA AC 21 -50.39 67.22 -121.02
C ALA AC 21 -49.18 66.46 -121.55
N ALA AC 22 -48.32 67.18 -122.26
CA ALA AC 22 -47.08 66.66 -122.81
C ALA AC 22 -45.96 66.89 -121.80
N ALA AC 23 -44.72 66.78 -122.24
CA ALA AC 23 -43.58 67.23 -121.45
C ALA AC 23 -42.88 68.44 -122.05
N ALA AC 24 -42.83 68.52 -123.40
CA ALA AC 24 -42.19 69.58 -124.20
C ALA AC 24 -40.72 69.78 -123.87
N ALA AC 25 -40.03 68.69 -123.59
CA ALA AC 25 -38.58 68.68 -123.45
C ALA AC 25 -37.89 67.70 -124.38
N ALA AC 26 -38.54 66.59 -124.73
CA ALA AC 26 -38.05 65.70 -125.77
C ALA AC 26 -38.56 66.08 -127.15
N ALA AC 27 -39.60 66.93 -127.21
CA ALA AC 27 -40.15 67.56 -128.43
C ALA AC 27 -40.66 66.54 -129.45
N ALA AC 28 -41.62 65.72 -129.02
CA ALA AC 28 -42.25 64.74 -129.91
C ALA AC 28 -43.45 65.41 -130.58
N ALA AC 29 -43.14 66.33 -131.49
CA ALA AC 29 -44.16 67.05 -132.25
C ALA AC 29 -44.38 66.37 -133.60
N ALA AC 30 -44.77 65.10 -133.53
CA ALA AC 30 -44.98 64.30 -134.72
C ALA AC 30 -46.28 64.66 -135.42
N ALA AC 31 -47.27 65.17 -134.65
CA ALA AC 31 -48.65 65.50 -135.08
C ALA AC 31 -49.36 64.31 -135.73
N ALA AC 32 -49.07 63.11 -135.24
CA ALA AC 32 -49.60 61.88 -135.83
C ALA AC 32 -49.57 60.83 -134.73
N ALA AC 33 -50.74 60.34 -134.35
CA ALA AC 33 -50.86 59.51 -133.16
C ALA AC 33 -52.12 58.66 -133.28
N ALA AC 34 -52.32 57.79 -132.29
CA ALA AC 34 -53.56 57.06 -132.11
C ALA AC 34 -54.12 57.52 -130.77
N ALA AC 35 -54.89 58.60 -130.81
CA ALA AC 35 -55.48 59.18 -129.61
C ALA AC 35 -56.74 58.42 -129.24
N ALA AC 36 -56.87 58.06 -127.96
CA ALA AC 36 -57.98 57.26 -127.49
C ALA AC 36 -58.62 57.91 -126.28
N ALA AC 37 -59.83 57.47 -125.96
CA ALA AC 37 -60.54 57.92 -124.76
C ALA AC 37 -60.28 56.98 -123.58
N ALA AC 38 -59.00 56.73 -123.33
CA ALA AC 38 -58.51 56.06 -122.14
C ALA AC 38 -57.23 56.72 -121.65
N ALA AC 39 -57.11 58.02 -121.99
CA ALA AC 39 -55.98 58.91 -121.68
C ALA AC 39 -54.67 58.37 -122.24
N ALA AC 40 -54.61 58.27 -123.56
CA ALA AC 40 -53.43 57.73 -124.23
C ALA AC 40 -53.27 58.40 -125.58
N ALA AC 41 -52.36 59.38 -125.65
CA ALA AC 41 -51.95 59.95 -126.93
C ALA AC 41 -50.67 59.24 -127.34
N ALA AC 42 -50.84 58.11 -128.03
CA ALA AC 42 -49.72 57.25 -128.41
C ALA AC 42 -49.12 57.79 -129.71
N ALA AC 43 -48.07 58.61 -129.57
CA ALA AC 43 -47.47 59.28 -130.71
C ALA AC 43 -46.44 58.37 -131.38
N ALA AC 44 -45.67 58.94 -132.31
CA ALA AC 44 -44.65 58.17 -133.01
C ALA AC 44 -43.45 57.91 -132.11
N ALA AC 45 -43.08 58.87 -131.27
CA ALA AC 45 -41.95 58.67 -130.37
C ALA AC 45 -42.36 57.90 -129.12
N ALA AC 46 -43.28 58.46 -128.33
CA ALA AC 46 -43.67 57.88 -127.06
C ALA AC 46 -45.19 58.05 -126.90
N ALA AC 47 -45.67 57.84 -125.68
CA ALA AC 47 -47.09 57.97 -125.36
C ALA AC 47 -47.28 59.08 -124.33
N ALA AC 48 -48.39 59.81 -124.49
CA ALA AC 48 -48.72 60.92 -123.61
C ALA AC 48 -50.09 60.72 -123.01
N ALA AC 49 -50.26 61.20 -121.78
CA ALA AC 49 -51.49 61.03 -121.04
C ALA AC 49 -51.85 62.34 -120.37
N ALA AC 50 -53.02 62.36 -119.72
CA ALA AC 50 -53.40 63.48 -118.88
C ALA AC 50 -52.56 63.44 -117.61
N ALA AC 51 -51.58 64.32 -117.52
CA ALA AC 51 -50.58 64.25 -116.46
C ALA AC 51 -51.14 64.75 -115.14
N ALA AC 52 -50.63 64.17 -114.06
CA ALA AC 52 -51.04 64.55 -112.71
C ALA AC 52 -49.89 64.40 -111.74
N ALA BC 1 -72.85 20.00 -76.07
CA ALA BC 1 -71.91 19.48 -77.05
C ALA BC 1 -72.48 19.66 -78.46
N ALA BC 2 -72.43 18.62 -79.28
CA ALA BC 2 -73.06 18.66 -80.58
C ALA BC 2 -74.57 18.56 -80.42
N ALA BC 3 -75.22 19.70 -80.28
CA ALA BC 3 -76.62 19.75 -79.87
C ALA BC 3 -77.50 20.06 -81.06
N ALA BC 4 -78.59 19.31 -81.16
CA ALA BC 4 -79.80 19.52 -81.95
C ALA BC 4 -79.62 19.27 -83.45
N ALA BC 5 -78.40 19.10 -83.96
CA ALA BC 5 -78.28 18.55 -85.31
C ALA BC 5 -78.59 17.07 -85.26
N ALA BC 6 -77.76 16.33 -84.53
CA ALA BC 6 -78.03 15.00 -84.01
C ALA BC 6 -77.10 14.82 -82.83
N ALA BC 7 -76.92 13.58 -82.38
CA ALA BC 7 -75.87 13.34 -81.41
C ALA BC 7 -74.51 13.27 -82.12
N ALA BC 8 -73.46 13.27 -81.31
CA ALA BC 8 -72.10 13.24 -81.83
C ALA BC 8 -71.78 11.85 -82.38
N ALA BC 9 -71.48 11.77 -83.66
CA ALA BC 9 -71.26 10.45 -84.28
C ALA BC 9 -69.86 9.94 -83.99
N ALA BC 10 -68.85 10.61 -84.50
CA ALA BC 10 -67.46 10.22 -84.28
C ALA BC 10 -66.76 11.34 -83.54
N ALA BC 11 -65.44 11.19 -83.39
CA ALA BC 11 -64.60 12.26 -82.88
C ALA BC 11 -63.38 12.26 -83.78
N ALA BC 12 -63.41 13.07 -84.83
CA ALA BC 12 -62.38 13.06 -85.85
C ALA BC 12 -61.12 13.71 -85.30
N ALA BC 13 -60.05 12.92 -85.22
CA ALA BC 13 -58.77 13.46 -84.82
C ALA BC 13 -58.21 14.33 -85.93
N ALA BC 14 -57.35 15.27 -85.52
CA ALA BC 14 -56.93 16.47 -86.24
C ALA BC 14 -58.11 17.33 -86.69
N ALA BC 15 -59.16 17.36 -85.87
CA ALA BC 15 -60.37 18.11 -86.15
C ALA BC 15 -61.15 18.30 -84.85
N ALA BC 16 -62.37 18.80 -84.98
CA ALA BC 16 -63.34 18.92 -83.92
C ALA BC 16 -64.18 17.65 -83.87
N ALA BC 17 -65.22 17.62 -83.03
CA ALA BC 17 -66.10 16.47 -82.98
C ALA BC 17 -67.01 16.45 -84.20
N ALA BC 18 -67.44 15.26 -84.58
CA ALA BC 18 -68.23 15.06 -85.78
C ALA BC 18 -69.63 14.66 -85.38
N ALA BC 19 -70.58 15.60 -85.51
CA ALA BC 19 -71.96 15.32 -85.24
C ALA BC 19 -72.54 14.46 -86.36
N ALA BC 20 -73.69 13.84 -86.09
CA ALA BC 20 -74.31 12.95 -87.07
C ALA BC 20 -75.22 13.68 -88.05
N ALA BC 21 -75.05 14.99 -88.20
CA ALA BC 21 -75.39 15.69 -89.43
C ALA BC 21 -74.14 16.25 -90.09
N ALA BC 22 -73.38 17.10 -89.38
CA ALA BC 22 -72.25 17.84 -89.94
C ALA BC 22 -71.08 17.87 -88.96
N ALA BC 23 -70.10 18.74 -89.19
CA ALA BC 23 -68.96 18.86 -88.27
C ALA BC 23 -69.29 19.89 -87.20
N ALA BC 24 -69.08 19.50 -85.94
CA ALA BC 24 -69.53 20.34 -84.84
C ALA BC 24 -68.55 21.46 -84.55
N ALA BC 25 -68.90 22.30 -83.60
CA ALA BC 25 -68.04 23.39 -83.16
C ALA BC 25 -67.34 23.08 -81.85
N ALA BC 26 -67.50 21.87 -81.32
CA ALA BC 26 -66.86 21.49 -80.08
C ALA BC 26 -65.61 20.69 -80.38
N ALA BC 27 -64.50 21.07 -79.76
CA ALA BC 27 -63.20 20.51 -80.09
C ALA BC 27 -63.04 19.11 -79.53
N ALA BC 28 -62.58 18.17 -80.37
CA ALA BC 28 -62.49 16.77 -79.96
C ALA BC 28 -61.23 16.52 -79.16
N ALA BC 29 -60.07 16.75 -79.75
CA ALA BC 29 -58.80 16.44 -79.13
C ALA BC 29 -58.18 17.69 -78.52
N ALA BC 30 -57.02 17.52 -77.91
CA ALA BC 30 -56.27 18.66 -77.42
C ALA BC 30 -55.58 19.40 -78.56
N ALA BC 31 -55.31 18.69 -79.66
CA ALA BC 31 -54.46 19.20 -80.72
C ALA BC 31 -55.24 19.73 -81.91
N ALA BC 32 -56.44 20.24 -81.68
CA ALA BC 32 -57.19 20.89 -82.74
C ALA BC 32 -56.82 22.38 -82.78
N ALA BC 33 -57.41 23.13 -83.69
CA ALA BC 33 -57.03 24.53 -83.87
C ALA BC 33 -57.89 25.46 -83.02
N ALA BC 34 -57.83 25.25 -81.71
CA ALA BC 34 -58.57 26.06 -80.75
C ALA BC 34 -57.88 27.41 -80.61
N ALA BC 35 -58.65 28.50 -80.66
CA ALA BC 35 -58.09 29.85 -80.74
C ALA BC 35 -57.59 30.31 -79.38
N ALA BC 36 -56.44 29.80 -79.00
CA ALA BC 36 -55.73 30.35 -77.87
C ALA BC 36 -55.11 31.66 -78.32
N ALA BC 37 -55.36 32.72 -77.56
CA ALA BC 37 -54.65 33.97 -77.78
C ALA BC 37 -54.25 34.62 -76.47
N ALA BC 38 -54.72 34.11 -75.33
CA ALA BC 38 -54.32 34.62 -74.03
C ALA BC 38 -53.81 33.44 -73.21
N ALA BC 39 -52.50 33.35 -73.06
CA ALA BC 39 -51.92 32.31 -72.23
C ALA BC 39 -52.00 32.72 -70.76
N ALA BC 40 -51.69 31.77 -69.88
CA ALA BC 40 -51.65 32.03 -68.44
C ALA BC 40 -50.47 31.24 -67.89
N ALA BC 41 -49.31 31.88 -67.82
CA ALA BC 41 -48.11 31.20 -67.35
C ALA BC 41 -47.12 32.23 -66.82
N ALA BC 42 -46.30 31.79 -65.87
CA ALA BC 42 -45.17 32.59 -65.45
C ALA BC 42 -44.08 32.48 -66.50
N ALA BC 43 -43.57 33.65 -66.91
CA ALA BC 43 -42.49 33.84 -67.88
C ALA BC 43 -42.80 33.23 -69.24
N ALA BC 44 -44.07 33.27 -69.64
CA ALA BC 44 -44.43 32.95 -71.01
C ALA BC 44 -43.95 34.07 -71.93
N ALA BC 45 -43.47 33.66 -73.11
CA ALA BC 45 -42.97 34.41 -74.28
C ALA BC 45 -41.57 35.00 -74.04
N ALA BC 46 -41.05 34.88 -72.83
CA ALA BC 46 -39.65 34.59 -72.59
C ALA BC 46 -39.60 33.08 -72.39
N ALA BC 47 -38.45 32.55 -71.99
CA ALA BC 47 -38.40 31.12 -71.71
C ALA BC 47 -39.02 30.83 -70.35
N ALA BC 48 -39.27 29.55 -70.06
CA ALA BC 48 -40.10 29.12 -68.95
C ALA BC 48 -39.42 29.34 -67.59
N ALA BC 49 -40.14 29.00 -66.53
CA ALA BC 49 -39.65 29.21 -65.17
C ALA BC 49 -38.59 28.17 -64.84
N ALA BC 50 -37.37 28.65 -64.55
CA ALA BC 50 -36.26 27.77 -64.20
C ALA BC 50 -36.51 27.21 -62.81
N ALA BC 51 -36.90 25.94 -62.76
CA ALA BC 51 -37.57 25.36 -61.59
C ALA BC 51 -36.64 25.08 -60.43
N ALA BC 52 -35.33 25.15 -60.62
CA ALA BC 52 -34.38 24.78 -59.57
C ALA BC 52 -34.23 25.83 -58.49
N ALA BC 53 -34.72 27.05 -58.71
CA ALA BC 53 -34.56 28.11 -57.73
C ALA BC 53 -35.51 27.94 -56.55
N ALA BC 54 -35.03 28.32 -55.37
CA ALA BC 54 -35.86 28.40 -54.17
C ALA BC 54 -35.43 29.68 -53.44
N ALA BC 55 -36.06 30.79 -53.82
CA ALA BC 55 -35.74 32.10 -53.28
C ALA BC 55 -37.02 32.95 -53.35
N ALA BC 56 -36.87 34.26 -53.24
CA ALA BC 56 -38.03 35.13 -53.36
C ALA BC 56 -38.45 35.31 -54.81
N ALA BC 57 -37.52 35.68 -55.67
CA ALA BC 57 -37.84 36.00 -57.06
C ALA BC 57 -38.07 34.74 -57.88
N ALA BC 58 -38.68 34.92 -59.05
CA ALA BC 58 -38.91 33.85 -60.01
C ALA BC 58 -38.08 34.15 -61.24
N ALA BC 59 -37.09 33.30 -61.51
CA ALA BC 59 -36.21 33.51 -62.64
C ALA BC 59 -36.63 32.67 -63.82
N ALA BC 60 -36.63 33.29 -65.00
CA ALA BC 60 -36.95 32.56 -66.22
C ALA BC 60 -35.75 31.73 -66.66
N ALA BC 61 -36.00 30.80 -67.59
CA ALA BC 61 -34.90 30.01 -68.16
C ALA BC 61 -34.06 30.81 -69.15
N ALA BC 62 -34.54 31.96 -69.61
CA ALA BC 62 -33.74 32.91 -70.35
C ALA BC 62 -33.11 33.96 -69.45
N ALA BC 63 -33.04 33.68 -68.14
CA ALA BC 63 -32.39 34.47 -67.09
C ALA BC 63 -32.97 35.87 -66.96
N ALA BC 64 -34.26 36.00 -67.18
CA ALA BC 64 -34.99 37.19 -66.79
C ALA BC 64 -35.71 36.92 -65.49
N ALA BC 65 -35.85 37.95 -64.66
CA ALA BC 65 -36.58 37.82 -63.41
C ALA BC 65 -38.03 38.20 -63.68
N ALA BC 66 -38.93 37.26 -63.47
CA ALA BC 66 -40.36 37.51 -63.67
C ALA BC 66 -40.86 38.33 -62.51
N ALA BC 67 -40.74 39.66 -62.64
CA ALA BC 67 -41.12 40.55 -61.56
C ALA BC 67 -42.62 40.71 -61.44
N ALA BC 68 -43.36 40.34 -62.48
CA ALA BC 68 -44.82 40.28 -62.41
C ALA BC 68 -45.34 39.01 -61.77
N ALA BC 69 -44.47 38.07 -61.41
CA ALA BC 69 -44.92 36.87 -60.72
C ALA BC 69 -44.07 36.53 -59.51
N ALA BC 70 -43.28 37.47 -58.99
CA ALA BC 70 -42.45 37.21 -57.83
C ALA BC 70 -43.11 37.72 -56.55
N LYS CC 24 -75.41 74.12 -69.23
CA LYS CC 24 -74.67 72.87 -69.38
C LYS CC 24 -73.51 73.13 -70.34
N PHE CC 25 -72.33 72.71 -69.92
CA PHE CC 25 -71.09 72.87 -70.67
C PHE CC 25 -70.50 71.50 -70.99
N LYS CC 26 -70.15 71.31 -72.26
CA LYS CC 26 -69.61 70.05 -72.74
C LYS CC 26 -68.60 70.32 -73.85
N LYS CC 27 -67.42 69.73 -73.73
CA LYS CC 27 -66.47 69.59 -74.82
C LYS CC 27 -66.99 68.52 -75.79
N PRO CC 28 -66.66 68.59 -77.08
CA PRO CC 28 -67.30 67.68 -78.07
C PRO CC 28 -66.93 66.21 -77.93
N PRO CC 29 -65.63 65.75 -77.96
CA PRO CC 29 -65.46 64.29 -78.00
C PRO CC 29 -65.54 63.64 -76.64
N ILE CC 30 -66.69 63.07 -76.32
CA ILE CC 30 -66.85 62.27 -75.12
C ILE CC 30 -66.83 60.84 -75.63
N ASN CC 31 -65.63 60.25 -75.60
CA ASN CC 31 -65.41 58.93 -76.15
C ASN CC 31 -65.62 57.90 -75.05
N ASN CC 32 -65.15 56.68 -75.28
CA ASN CC 32 -65.21 55.64 -74.28
C ASN CC 32 -64.20 55.90 -73.17
N PRO CC 33 -64.35 55.25 -72.01
CA PRO CC 33 -63.27 55.29 -71.03
C PRO CC 33 -62.08 54.47 -71.51
N SER CC 34 -60.95 55.13 -71.69
CA SER CC 34 -59.74 54.40 -72.01
C SER CC 34 -59.01 53.99 -70.74
N ASP CC 35 -57.97 53.19 -70.89
CA ASP CC 35 -57.16 52.82 -69.75
C ASP CC 35 -55.69 53.06 -70.03
N ASP CC 36 -54.92 52.96 -68.94
CA ASP CC 36 -53.53 53.36 -68.82
C ASP CC 36 -52.62 52.63 -69.78
N ALA CC 37 -52.98 51.38 -70.11
CA ALA CC 37 -52.27 50.55 -71.07
C ALA CC 37 -52.25 51.16 -72.46
N THR CC 38 -53.41 51.47 -73.02
CA THR CC 38 -53.40 52.05 -74.33
C THR CC 38 -53.14 53.54 -74.32
N ILE CC 39 -53.20 54.21 -73.16
CA ILE CC 39 -52.63 55.55 -73.05
C ILE CC 39 -51.13 55.52 -73.33
N LYS CC 40 -50.40 54.67 -72.62
CA LYS CC 40 -48.97 54.70 -72.82
C LYS CC 40 -48.52 53.93 -74.06
N LEU CC 41 -49.37 53.02 -74.55
CA LEU CC 41 -49.15 52.43 -75.86
C LEU CC 41 -49.34 53.45 -76.98
N ALA CC 42 -50.31 54.35 -76.84
CA ALA CC 42 -50.51 55.37 -77.86
C ALA CC 42 -49.41 56.40 -77.86
N GLU CC 43 -48.94 56.81 -76.67
CA GLU CC 43 -47.86 57.80 -76.70
C GLU CC 43 -46.50 57.18 -76.96
N ALA CC 44 -46.38 55.84 -76.93
CA ALA CC 44 -45.22 55.24 -77.59
C ALA CC 44 -45.40 55.14 -79.08
N ALA CC 45 -46.64 54.88 -79.51
CA ALA CC 45 -46.92 54.62 -80.91
C ALA CC 45 -46.76 55.87 -81.75
N VAL CC 46 -47.01 57.04 -81.16
CA VAL CC 46 -46.74 58.26 -81.90
C VAL CC 46 -45.25 58.57 -81.95
N SER CC 47 -44.47 58.13 -80.95
CA SER CC 47 -43.03 58.31 -80.95
C SER CC 47 -42.39 57.46 -82.02
N VAL CC 48 -42.85 56.23 -82.12
CA VAL CC 48 -42.30 55.34 -83.13
C VAL CC 48 -42.86 55.68 -84.51
N SER CC 49 -44.05 56.31 -84.56
CA SER CC 49 -44.61 56.78 -85.81
C SER CC 49 -43.82 57.93 -86.40
N ASP CC 50 -43.42 58.86 -85.54
CA ASP CC 50 -42.66 59.99 -86.03
C ASP CC 50 -41.20 59.65 -86.31
N SER CC 51 -40.61 58.70 -85.56
CA SER CC 51 -39.26 58.26 -85.92
C SER CC 51 -39.26 57.43 -87.19
N MET CC 52 -40.36 56.72 -87.42
CA MET CC 52 -40.57 55.99 -88.66
C MET CC 52 -40.68 56.89 -89.87
N LEU CC 53 -41.50 57.94 -89.77
CA LEU CC 53 -41.67 58.81 -90.93
C LEU CC 53 -40.46 59.70 -91.17
N GLU CC 54 -39.69 60.04 -90.11
CA GLU CC 54 -38.49 60.82 -90.37
C GLU CC 54 -37.44 59.96 -91.05
N MET CC 55 -37.38 58.65 -90.72
CA MET CC 55 -36.47 57.72 -91.42
C MET CC 55 -36.85 57.52 -92.87
N ALA CC 56 -38.14 57.37 -93.14
CA ALA CC 56 -38.59 57.16 -94.51
C ALA CC 56 -38.43 58.41 -95.35
N LYS CC 57 -38.52 59.58 -94.71
CA LYS CC 57 -38.22 60.85 -95.37
C LYS CC 57 -36.75 60.94 -95.78
N VAL CC 58 -35.85 60.55 -94.86
CA VAL CC 58 -34.39 60.49 -95.11
C VAL CC 58 -34.08 59.56 -96.26
N GLU CC 59 -34.76 58.42 -96.30
CA GLU CC 59 -34.42 57.41 -97.28
C GLU CC 59 -34.97 57.75 -98.66
N LYS CC 60 -36.14 58.37 -98.71
CA LYS CC 60 -36.72 58.72 -99.99
C LYS CC 60 -36.04 59.92 -100.60
N VAL CC 61 -35.42 60.77 -99.79
CA VAL CC 61 -34.64 61.81 -100.45
C VAL CC 61 -33.21 61.33 -100.73
N ILE CC 62 -32.72 60.29 -100.06
CA ILE CC 62 -31.31 60.01 -100.28
C ILE CC 62 -31.13 59.07 -101.47
N THR CC 63 -32.10 58.21 -101.76
CA THR CC 63 -32.10 57.69 -103.12
C THR CC 63 -33.51 57.89 -103.66
N PRO CC 64 -33.64 58.46 -104.83
CA PRO CC 64 -34.96 58.62 -105.42
C PRO CC 64 -35.44 57.28 -105.93
N PRO CC 65 -36.69 56.91 -105.64
CA PRO CC 65 -37.27 55.73 -106.27
C PRO CC 65 -37.55 56.05 -107.73
N SER CC 66 -36.81 55.44 -108.63
CA SER CC 66 -36.96 55.77 -110.04
C SER CC 66 -38.23 55.15 -110.63
N LYS CC 67 -38.75 54.10 -110.01
CA LYS CC 67 -39.71 53.21 -110.63
C LYS CC 67 -40.59 52.52 -109.60
N ASP CC 68 -41.72 52.06 -110.09
CA ASP CC 68 -42.80 51.41 -109.35
C ASP CC 68 -42.57 49.90 -109.36
N ASN CC 69 -43.60 49.09 -109.08
CA ASN CC 69 -43.65 47.85 -109.84
C ASN CC 69 -44.91 47.70 -110.68
N THR CC 70 -45.55 48.77 -111.11
CA THR CC 70 -46.64 48.55 -112.05
C THR CC 70 -46.14 48.28 -113.47
N LEU CC 71 -44.83 48.42 -113.72
CA LEU CC 71 -44.16 47.69 -114.80
C LEU CC 71 -44.42 46.20 -114.71
N THR CC 72 -44.13 45.57 -113.56
CA THR CC 72 -44.07 44.12 -113.53
C THR CC 72 -45.24 43.44 -112.86
N ILE CC 73 -46.13 44.19 -112.22
CA ILE CC 73 -47.46 43.69 -111.94
C ILE CC 73 -48.34 44.69 -112.68
N PRO CC 74 -48.78 44.41 -113.87
CA PRO CC 74 -49.76 45.31 -114.49
C PRO CC 74 -51.16 44.80 -114.25
N ASN CC 75 -52.13 45.68 -114.29
CA ASN CC 75 -53.47 45.27 -113.90
C ASN CC 75 -54.19 44.52 -115.02
N ALA CC 76 -55.30 43.90 -114.67
CA ALA CC 76 -56.08 43.21 -115.66
C ALA CC 76 -57.55 43.23 -115.28
N TYR CC 77 -58.38 43.21 -116.31
CA TYR CC 77 -59.75 42.80 -116.13
C TYR CC 77 -59.75 41.35 -115.76
N ASN CC 78 -60.33 41.08 -114.58
CA ASN CC 78 -60.50 39.99 -113.61
C ASN CC 78 -59.31 39.93 -112.67
N LEU CC 79 -58.34 40.84 -112.79
CA LEU CC 79 -57.53 41.23 -111.65
C LEU CC 79 -58.10 42.45 -110.93
N GLN CC 80 -59.12 43.09 -111.51
CA GLN CC 80 -59.77 44.25 -110.87
C GLN CC 80 -60.83 43.85 -109.86
N ALA CC 81 -60.98 42.57 -109.55
CA ALA CC 81 -61.73 42.16 -108.38
C ALA CC 81 -61.04 42.67 -107.13
N ARG CC 82 -61.83 43.00 -106.13
CA ARG CC 82 -61.24 43.62 -104.96
C ARG CC 82 -61.16 42.59 -103.86
N ALA CC 83 -60.31 42.85 -102.90
CA ALA CC 83 -60.25 41.99 -101.74
C ALA CC 83 -59.85 42.81 -100.54
N SER CC 84 -59.87 42.16 -99.41
CA SER CC 84 -59.73 42.86 -98.15
C SER CC 84 -59.09 41.83 -97.26
N VAL CC 85 -57.95 42.15 -96.64
CA VAL CC 85 -57.00 41.13 -96.17
C VAL CC 85 -56.47 41.52 -94.80
N ASP CC 86 -56.58 40.62 -93.81
CA ASP CC 86 -55.58 40.60 -92.76
C ASP CC 86 -54.88 39.24 -92.76
N TRP CC 87 -53.58 39.27 -92.50
CA TRP CC 87 -52.72 38.16 -92.85
C TRP CC 87 -51.40 38.32 -92.13
N SER CC 88 -50.85 37.20 -91.69
CA SER CC 88 -49.57 37.26 -91.02
C SER CC 88 -48.66 36.09 -91.37
N GLY CC 89 -49.07 35.22 -92.27
CA GLY CC 89 -48.31 34.01 -92.50
C GLY CC 89 -47.27 34.15 -93.58
N PRO CC 90 -46.85 33.04 -94.16
CA PRO CC 90 -45.93 33.09 -95.29
C PRO CC 90 -46.68 33.50 -96.56
N ILE CC 91 -45.90 33.82 -97.58
CA ILE CC 91 -46.41 34.59 -98.69
C ILE CC 91 -47.18 33.71 -99.68
N GLU CC 92 -46.83 32.42 -99.75
CA GLU CC 92 -47.26 31.50 -100.80
C GLU CC 92 -48.73 31.22 -100.75
N GLU CC 93 -49.22 30.97 -99.54
CA GLU CC 93 -50.58 30.56 -99.38
C GLU CC 93 -51.52 31.74 -99.57
N LEU CC 94 -51.01 32.94 -99.24
CA LEU CC 94 -51.76 34.16 -99.51
C LEU CC 94 -51.88 34.43 -100.99
N THR CC 95 -50.75 34.53 -101.71
CA THR CC 95 -50.83 34.81 -103.14
C THR CC 95 -51.35 33.67 -103.99
N ALA CC 96 -51.31 32.43 -103.47
CA ALA CC 96 -52.03 31.35 -104.11
C ALA CC 96 -53.53 31.53 -103.97
N ARG CC 97 -53.99 32.04 -102.83
CA ARG CC 97 -55.41 32.35 -102.69
C ARG CC 97 -55.82 33.55 -103.54
N ILE CC 98 -54.91 34.53 -103.67
CA ILE CC 98 -55.13 35.71 -104.51
C ILE CC 98 -55.26 35.31 -105.97
N ALA CC 99 -54.36 34.45 -106.46
CA ALA CC 99 -54.40 34.05 -107.85
C ALA CC 99 -55.52 33.06 -108.14
N LYS CC 100 -55.89 32.24 -107.13
CA LYS CC 100 -57.06 31.36 -107.25
C LYS CC 100 -58.33 32.17 -107.43
N ALA CC 101 -58.50 33.22 -106.66
CA ALA CC 101 -59.70 34.02 -106.83
C ALA CC 101 -59.55 35.07 -107.90
N ALA CC 102 -58.36 35.26 -108.45
CA ALA CC 102 -58.18 36.07 -109.63
C ALA CC 102 -58.29 35.27 -110.91
N HIS CC 103 -58.44 33.94 -110.78
CA HIS CC 103 -58.41 32.95 -111.87
C HIS CC 103 -57.12 33.03 -112.66
N PHE CC 104 -56.03 33.20 -111.94
CA PHE CC 104 -54.70 33.21 -112.51
C PHE CC 104 -53.99 31.96 -112.04
N ARG CC 105 -53.26 31.32 -112.94
CA ARG CC 105 -52.47 30.19 -112.53
C ARG CC 105 -51.26 30.70 -111.76
N PHE CC 106 -51.12 30.23 -110.54
CA PHE CC 106 -50.06 30.65 -109.66
C PHE CC 106 -48.91 29.67 -109.76
N ARG CC 107 -47.70 30.19 -109.82
CA ARG CC 107 -46.55 29.32 -109.77
C ARG CC 107 -45.40 29.94 -108.98
N VAL CC 108 -44.46 29.09 -108.67
CA VAL CC 108 -43.36 29.35 -107.78
C VAL CC 108 -42.12 29.27 -108.62
N LEU CC 109 -41.20 30.19 -108.41
CA LEU CC 109 -40.04 30.28 -109.26
C LEU CC 109 -38.85 30.52 -108.34
N GLY CC 110 -38.01 29.50 -108.23
CA GLY CC 110 -37.02 29.49 -107.18
C GLY CC 110 -37.58 28.75 -105.99
N LYS CC 111 -36.74 28.29 -105.10
CA LYS CC 111 -37.30 27.64 -103.93
C LYS CC 111 -37.27 28.63 -102.79
N SER CC 112 -38.22 28.59 -102.05
CA SER CC 112 -38.46 29.26 -100.81
C SER CC 112 -37.41 28.85 -99.80
N PRO CC 113 -36.86 29.79 -99.05
CA PRO CC 113 -35.82 29.45 -98.07
C PRO CC 113 -36.39 28.77 -96.85
N SER CC 114 -35.46 28.32 -95.99
CA SER CC 114 -35.81 27.59 -94.78
C SER CC 114 -36.38 28.47 -93.72
N VAL CC 115 -35.82 29.64 -93.53
CA VAL CC 115 -36.61 30.66 -92.88
C VAL CC 115 -37.78 31.03 -93.79
N PRO CC 116 -38.97 31.11 -93.28
CA PRO CC 116 -40.07 31.55 -94.12
C PRO CC 116 -39.93 33.05 -94.33
N VAL CC 117 -40.22 33.45 -95.55
CA VAL CC 117 -40.48 34.84 -95.87
C VAL CC 117 -41.92 35.17 -95.50
N LEU CC 118 -42.06 36.10 -94.56
CA LEU CC 118 -43.34 36.34 -93.93
C LEU CC 118 -43.78 37.74 -94.25
N ILE CC 119 -45.01 37.84 -94.70
CA ILE CC 119 -45.67 39.11 -94.85
C ILE CC 119 -46.79 39.15 -93.84
N SER CC 120 -47.36 40.33 -93.68
CA SER CC 120 -48.47 40.53 -92.77
C SER CC 120 -49.27 41.70 -93.36
N ILE CC 121 -50.24 41.36 -94.20
CA ILE CC 121 -51.04 42.37 -94.87
C ILE CC 121 -52.23 42.68 -94.00
N SER CC 122 -52.44 43.94 -93.67
CA SER CC 122 -53.66 44.33 -92.97
C SER CC 122 -54.20 45.54 -93.70
N THR CC 123 -55.02 45.30 -94.71
CA THR CC 123 -55.62 46.39 -95.43
C THR CC 123 -57.07 46.11 -95.75
N LYS CC 124 -57.71 47.18 -96.21
CA LYS CC 124 -59.14 47.30 -96.45
C LYS CC 124 -59.49 47.76 -97.82
N ASP CC 125 -60.21 46.89 -98.55
CA ASP CC 125 -60.84 47.14 -99.84
C ASP CC 125 -59.77 47.65 -100.82
N GLU CC 126 -58.84 46.78 -101.12
CA GLU CC 126 -57.91 47.11 -102.17
C GLU CC 126 -58.22 46.23 -103.35
N SER CC 127 -57.76 46.67 -104.51
CA SER CC 127 -57.78 45.82 -105.68
C SER CC 127 -56.76 44.69 -105.51
N LEU CC 128 -56.99 43.59 -106.23
CA LEU CC 128 -56.12 42.43 -106.15
C LEU CC 128 -54.75 42.72 -106.71
N ALA CC 129 -54.69 43.60 -107.71
CA ALA CC 129 -53.44 44.07 -108.27
C ALA CC 129 -52.62 44.84 -107.25
N GLU CC 130 -53.23 45.84 -106.57
CA GLU CC 130 -52.52 46.61 -105.55
C GLU CC 130 -52.25 45.84 -104.29
N ILE CC 131 -53.05 44.81 -104.00
CA ILE CC 131 -52.73 43.87 -102.93
C ILE CC 131 -51.45 43.13 -103.26
N LEU CC 132 -51.36 42.59 -104.48
CA LEU CC 132 -50.17 41.87 -104.94
C LEU CC 132 -48.93 42.75 -105.03
N ARG CC 133 -49.14 44.01 -105.37
CA ARG CC 133 -48.06 44.97 -105.35
C ARG CC 133 -47.55 45.21 -103.94
N ASP CC 134 -48.45 45.37 -102.96
CA ASP CC 134 -48.04 45.55 -101.57
C ASP CC 134 -47.44 44.30 -100.93
N ILE CC 135 -47.87 43.12 -101.38
CA ILE CC 135 -47.22 41.85 -101.02
C ILE CC 135 -45.79 41.81 -101.53
N ASP CC 136 -45.56 42.29 -102.76
CA ASP CC 136 -44.22 42.35 -103.35
C ASP CC 136 -43.35 43.35 -102.60
N TYR CC 137 -43.92 44.46 -102.15
CA TYR CC 137 -43.16 45.44 -101.38
C TYR CC 137 -42.82 44.96 -99.99
N GLN CC 138 -43.75 44.24 -99.34
CA GLN CC 138 -43.45 43.77 -97.99
C GLN CC 138 -42.48 42.61 -98.01
N ALA CC 139 -42.51 41.82 -99.07
CA ALA CC 139 -41.40 40.89 -99.34
C ALA CC 139 -40.37 41.57 -100.23
N GLY CC 140 -39.81 42.66 -99.73
CA GLY CC 140 -38.75 43.34 -100.42
C GLY CC 140 -37.53 42.49 -100.31
N LYS CC 141 -36.83 42.29 -101.44
CA LYS CC 141 -35.53 41.61 -101.67
C LYS CC 141 -35.42 40.21 -101.06
N LYS CC 142 -36.55 39.55 -100.86
CA LYS CC 142 -36.66 38.17 -100.44
C LYS CC 142 -37.55 37.47 -101.45
N ALA CC 143 -38.48 38.20 -102.03
CA ALA CC 143 -39.37 37.63 -103.03
C ALA CC 143 -39.77 38.71 -104.02
N SER CC 144 -40.48 38.28 -105.05
CA SER CC 144 -41.02 39.18 -106.05
C SER CC 144 -42.32 38.61 -106.55
N ILE CC 145 -43.31 39.46 -106.74
CA ILE CC 145 -44.56 39.08 -107.40
C ILE CC 145 -44.47 39.59 -108.83
N HIS CC 146 -44.67 38.72 -109.80
CA HIS CC 146 -44.79 39.17 -111.17
C HIS CC 146 -46.09 38.60 -111.74
N VAL CC 147 -46.76 39.40 -112.55
CA VAL CC 147 -48.04 39.02 -113.14
C VAL CC 147 -47.86 39.14 -114.65
N TYR CC 148 -48.24 38.10 -115.39
CA TYR CC 148 -48.14 38.21 -116.84
C TYR CC 148 -49.54 38.16 -117.42
N PRO CC 149 -50.13 39.30 -117.80
CA PRO CC 149 -51.57 39.35 -118.04
C PRO CC 149 -52.04 39.13 -119.47
N ASN CC 150 -51.18 38.89 -120.45
CA ASN CC 150 -51.71 38.34 -121.69
C ASN CC 150 -51.85 36.83 -121.62
N SER CC 151 -51.10 36.19 -120.73
CA SER CC 151 -51.45 34.89 -120.19
C SER CC 151 -52.26 35.14 -118.92
N GLN CC 152 -52.47 34.15 -118.09
CA GLN CC 152 -53.05 34.43 -116.79
C GLN CC 152 -52.18 33.72 -115.80
N VAL CC 153 -51.03 34.30 -115.46
CA VAL CC 153 -50.18 33.72 -114.42
C VAL CC 153 -49.80 34.80 -113.41
N VAL CC 154 -49.78 34.39 -112.16
CA VAL CC 154 -49.12 35.10 -111.08
C VAL CC 154 -47.99 34.22 -110.65
N GLU CC 155 -46.79 34.75 -110.69
CA GLU CC 155 -45.63 33.99 -110.30
C GLU CC 155 -44.91 34.68 -109.16
N LEU CC 156 -44.25 33.87 -108.35
CA LEU CC 156 -43.61 34.33 -107.14
C LEU CC 156 -42.16 33.89 -107.20
N ARG CC 157 -41.27 34.85 -107.33
CA ARG CC 157 -39.85 34.61 -107.42
C ARG CC 157 -39.25 34.67 -106.02
N TYR CC 158 -38.35 33.74 -105.72
CA TYR CC 158 -37.62 33.88 -104.47
C TYR CC 158 -36.29 34.56 -104.69
N ALA CC 159 -35.61 34.85 -103.59
CA ALA CC 159 -34.29 35.43 -103.75
C ALA CC 159 -33.28 34.33 -104.06
N LYS CC 160 -32.12 34.74 -104.54
CA LYS CC 160 -31.07 33.82 -104.95
C LYS CC 160 -30.06 33.55 -103.84
N ILE CC 161 -30.44 33.75 -102.59
CA ILE CC 161 -29.46 33.71 -101.53
C ILE CC 161 -29.90 32.68 -100.50
N LEU DC 41 -48.35 64.26 -48.06
CA LEU DC 41 -49.00 63.64 -49.21
C LEU DC 41 -49.09 64.62 -50.37
N PRO DC 42 -49.08 64.10 -51.60
CA PRO DC 42 -49.43 64.95 -52.75
C PRO DC 42 -50.89 65.36 -52.72
N CYS DC 43 -51.17 66.50 -53.33
CA CYS DC 43 -52.48 67.12 -53.28
C CYS DC 43 -53.38 66.58 -54.37
N ARG DC 44 -54.64 66.34 -54.04
CA ARG DC 44 -55.61 65.90 -55.04
C ARG DC 44 -56.11 67.08 -55.86
N VAL DC 45 -56.75 68.04 -55.21
CA VAL DC 45 -57.17 69.25 -55.89
C VAL DC 45 -56.08 70.29 -55.77
N ASP DC 46 -55.92 71.11 -56.80
CA ASP DC 46 -54.93 72.18 -56.78
C ASP DC 46 -55.53 73.53 -56.39
N GLY DC 47 -56.24 73.58 -55.27
CA GLY DC 47 -56.91 74.80 -54.86
C GLY DC 47 -58.11 75.17 -55.70
N ALA DC 48 -58.75 74.19 -56.33
CA ALA DC 48 -59.81 74.44 -57.28
C ALA DC 48 -60.70 73.22 -57.35
N CYS DC 49 -61.96 73.39 -57.72
CA CYS DC 49 -62.85 72.27 -57.96
C CYS DC 49 -63.66 72.52 -59.23
N ASP DC 50 -64.01 71.43 -59.91
CA ASP DC 50 -64.67 71.51 -61.21
C ASP DC 50 -66.12 71.98 -61.09
N ALA DC 51 -66.74 71.69 -59.95
CA ALA DC 51 -68.06 72.22 -59.63
C ALA DC 51 -68.03 73.74 -59.50
N THR DC 52 -66.96 74.27 -58.89
CA THR DC 52 -66.83 75.71 -58.81
C THR DC 52 -66.47 76.34 -60.13
N ILE DC 53 -65.73 75.62 -60.99
CA ILE DC 53 -65.44 76.10 -62.35
C ILE DC 53 -66.71 76.27 -63.16
N ILE DC 54 -67.57 75.26 -63.13
CA ILE DC 54 -68.80 75.42 -63.92
C ILE DC 54 -69.82 76.31 -63.20
N LYS DC 55 -69.69 76.48 -61.88
CA LYS DC 55 -70.56 77.42 -61.17
C LYS DC 55 -70.23 78.86 -61.53
N MET DC 56 -68.93 79.21 -61.55
CA MET DC 56 -68.52 80.52 -62.07
C MET DC 56 -68.80 80.66 -63.55
N MET DC 57 -68.77 79.57 -64.30
CA MET DC 57 -68.94 79.66 -65.73
C MET DC 57 -70.41 79.93 -66.12
N THR DC 58 -71.35 79.26 -65.43
CA THR DC 58 -72.76 79.64 -65.50
C THR DC 58 -73.05 81.04 -64.98
N ASP DC 59 -72.40 81.46 -63.88
CA ASP DC 59 -72.70 82.78 -63.34
C ASP DC 59 -72.15 83.89 -64.21
N LEU DC 60 -71.01 83.68 -64.86
CA LEU DC 60 -70.48 84.67 -65.78
C LEU DC 60 -71.29 84.75 -67.06
N ASN DC 61 -71.80 83.60 -67.53
CA ASN DC 61 -72.69 83.64 -68.68
C ASN DC 61 -74.07 84.21 -68.33
N LYS DC 62 -74.50 84.11 -67.08
CA LYS DC 62 -75.74 84.77 -66.68
C LYS DC 62 -75.56 86.27 -66.58
N LYS DC 63 -74.42 86.73 -66.06
CA LYS DC 63 -74.16 88.17 -66.11
C LYS DC 63 -73.62 88.67 -67.44
N GLY DC 64 -73.56 87.84 -68.46
CA GLY DC 64 -73.36 88.34 -69.80
C GLY DC 64 -71.93 88.38 -70.22
N ILE DC 65 -71.04 87.89 -69.39
CA ILE DC 65 -69.64 87.75 -69.74
C ILE DC 65 -69.48 86.38 -70.36
N LYS DC 66 -69.26 86.32 -71.66
CA LYS DC 66 -69.55 85.06 -72.31
C LYS DC 66 -68.28 84.21 -72.27
N VAL DC 67 -68.37 83.02 -71.70
CA VAL DC 67 -67.25 82.11 -71.59
C VAL DC 67 -67.35 81.07 -72.69
N ALA DC 68 -66.46 81.16 -73.67
CA ALA DC 68 -66.28 80.13 -74.67
C ALA DC 68 -65.20 79.16 -74.21
N SER DC 69 -65.42 77.89 -74.52
CA SER DC 69 -64.61 76.81 -73.97
C SER DC 69 -64.32 75.82 -75.07
N VAL DC 70 -63.24 76.06 -75.82
CA VAL DC 70 -62.94 75.30 -77.03
C VAL DC 70 -61.63 74.56 -76.79
N GLY DC 71 -61.70 73.25 -76.63
CA GLY DC 71 -60.50 72.44 -76.45
C GLY DC 71 -59.89 72.61 -75.07
N GLN DC 72 -58.76 73.28 -74.99
CA GLN DC 72 -58.41 73.95 -73.77
C GLN DC 72 -58.22 75.44 -73.95
N ASN DC 73 -58.49 75.98 -75.11
CA ASN DC 73 -58.54 77.42 -75.26
C ASN DC 73 -59.79 77.95 -74.60
N TYR DC 74 -59.58 78.76 -73.59
CA TYR DC 74 -60.65 79.43 -72.89
C TYR DC 74 -60.68 80.89 -73.29
N LEU DC 75 -61.88 81.35 -73.52
CA LEU DC 75 -62.15 82.74 -73.88
C LEU DC 75 -63.19 83.24 -72.89
N ILE DC 76 -62.91 84.34 -72.22
CA ILE DC 76 -63.97 85.09 -71.59
C ILE DC 76 -64.02 86.45 -72.28
N SER DC 77 -65.22 86.81 -72.72
CA SER DC 77 -65.42 88.01 -73.52
C SER DC 77 -66.24 88.95 -72.67
N ILE DC 78 -65.73 90.16 -72.50
CA ILE DC 78 -66.30 91.16 -71.60
C ILE DC 78 -66.68 92.37 -72.43
N PRO DC 79 -67.94 92.79 -72.45
CA PRO DC 79 -68.28 94.07 -73.07
C PRO DC 79 -67.70 95.24 -72.29
N ALA DC 80 -67.26 96.24 -73.04
CA ALA DC 80 -66.61 97.40 -72.43
C ALA DC 80 -67.57 98.32 -71.71
N SER DC 81 -68.88 98.19 -71.98
CA SER DC 81 -69.88 98.78 -71.11
C SER DC 81 -69.83 98.20 -69.71
N ALA DC 82 -69.60 96.89 -69.62
CA ALA DC 82 -69.65 96.23 -68.33
C ALA DC 82 -68.41 96.49 -67.49
N LEU DC 83 -67.34 97.04 -68.07
CA LEU DC 83 -66.26 97.48 -67.21
C LEU DC 83 -66.11 99.00 -67.19
N PHE DC 84 -65.86 99.64 -68.33
CA PHE DC 84 -65.28 100.97 -68.19
C PHE DC 84 -66.37 102.02 -68.35
N ALA DC 85 -65.92 103.28 -68.36
CA ALA DC 85 -66.72 104.37 -68.88
C ALA DC 85 -66.46 104.48 -70.38
N ASP DC 86 -67.26 105.28 -71.07
CA ASP DC 86 -67.25 105.28 -72.53
C ASP DC 86 -66.07 106.07 -73.08
N GLN DC 87 -65.33 105.43 -74.00
CA GLN DC 87 -64.14 105.95 -74.69
C GLN DC 87 -63.04 106.41 -73.74
N SER DC 88 -62.92 105.72 -72.63
CA SER DC 88 -62.03 106.09 -71.55
C SER DC 88 -61.18 104.89 -71.23
N PRO DC 89 -59.95 105.09 -70.81
CA PRO DC 89 -59.18 104.02 -70.18
C PRO DC 89 -59.30 103.99 -68.66
N ARG DC 90 -60.52 104.03 -68.14
CA ARG DC 90 -60.71 104.15 -66.70
C ARG DC 90 -61.79 103.20 -66.23
N LEU DC 91 -61.47 102.37 -65.22
CA LEU DC 91 -62.47 101.52 -64.60
C LEU DC 91 -63.51 102.29 -63.81
N ASN DC 92 -64.71 101.77 -63.82
CA ASN DC 92 -65.70 102.10 -62.82
C ASN DC 92 -65.40 101.29 -61.56
N TRP DC 93 -65.85 101.82 -60.43
CA TRP DC 93 -65.57 101.20 -59.15
C TRP DC 93 -66.34 99.92 -58.93
N ALA DC 94 -67.54 99.81 -59.49
CA ALA DC 94 -68.33 98.60 -59.29
C ALA DC 94 -67.84 97.44 -60.14
N SER DC 95 -67.11 97.74 -61.22
CA SER DC 95 -66.68 96.72 -62.16
C SER DC 95 -65.49 95.90 -61.68
N TYR DC 96 -64.88 96.27 -60.55
CA TYR DC 96 -63.89 95.39 -59.97
C TYR DC 96 -64.52 94.17 -59.32
N SER DC 97 -65.81 94.20 -59.00
CA SER DC 97 -66.50 92.97 -58.62
C SER DC 97 -66.64 92.04 -59.80
N LEU DC 98 -66.83 92.58 -61.00
CA LEU DC 98 -66.87 91.74 -62.20
C LEU DC 98 -65.50 91.15 -62.46
N LEU DC 99 -64.47 91.96 -62.24
CA LEU DC 99 -63.09 91.47 -62.23
C LEU DC 99 -62.79 90.52 -61.08
N ASN DC 100 -63.59 90.52 -60.00
CA ASN DC 100 -63.37 89.58 -58.92
C ASN DC 100 -63.74 88.17 -59.30
N GLU DC 101 -64.94 87.94 -59.87
CA GLU DC 101 -65.06 86.54 -60.34
C GLU DC 101 -64.37 86.28 -61.68
N ILE DC 102 -63.91 87.30 -62.42
CA ILE DC 102 -62.94 87.01 -63.49
C ILE DC 102 -61.62 86.47 -62.94
N ALA DC 103 -61.09 87.09 -61.89
CA ALA DC 103 -59.85 86.64 -61.30
C ALA DC 103 -60.01 85.36 -60.49
N ALA DC 104 -61.14 85.19 -59.83
CA ALA DC 104 -61.37 83.94 -59.12
C ALA DC 104 -61.72 82.80 -60.04
N PHE DC 105 -62.20 83.09 -61.25
CA PHE DC 105 -62.28 82.07 -62.28
C PHE DC 105 -60.90 81.74 -62.81
N LEU DC 106 -60.02 82.73 -62.91
CA LEU DC 106 -58.67 82.49 -63.37
C LEU DC 106 -57.76 81.90 -62.31
N LYS DC 107 -58.19 81.82 -61.06
CA LYS DC 107 -57.55 80.96 -60.06
C LYS DC 107 -57.54 79.51 -60.47
N GLN DC 108 -58.61 79.05 -61.11
CA GLN DC 108 -58.96 77.65 -61.12
C GLN DC 108 -58.15 76.83 -62.12
N PHE DC 109 -57.45 77.46 -63.03
CA PHE DC 109 -56.76 76.73 -64.09
C PHE DC 109 -55.27 76.88 -63.98
N ARG DC 110 -54.55 75.87 -64.44
CA ARG DC 110 -53.12 75.94 -64.61
C ARG DC 110 -52.88 76.52 -65.98
N LYS DC 111 -52.17 77.63 -66.04
CA LYS DC 111 -52.08 78.40 -67.25
C LYS DC 111 -50.68 78.98 -67.36
N ILE DC 112 -50.27 79.23 -68.59
CA ILE DC 112 -48.90 79.65 -68.88
C ILE DC 112 -48.88 81.09 -69.32
N ALA DC 113 -49.69 81.44 -70.31
CA ALA DC 113 -49.79 82.79 -70.78
C ALA DC 113 -51.24 83.12 -71.01
N ILE DC 114 -51.73 84.07 -70.25
CA ILE DC 114 -52.99 84.74 -70.56
C ILE DC 114 -52.66 85.84 -71.54
N THR DC 115 -53.39 85.96 -72.63
CA THR DC 115 -53.34 87.20 -73.36
C THR DC 115 -54.68 87.92 -73.27
N VAL DC 116 -54.59 89.21 -72.98
CA VAL DC 116 -55.74 90.08 -72.82
C VAL DC 116 -55.64 91.12 -73.91
N THR DC 117 -56.66 91.18 -74.74
CA THR DC 117 -56.65 92.15 -75.80
C THR DC 117 -58.00 92.83 -75.92
N SER DC 118 -57.93 94.13 -76.17
CA SER DC 118 -59.11 94.97 -76.10
C SER DC 118 -59.27 95.68 -77.43
N TYR DC 119 -60.52 95.89 -77.85
CA TYR DC 119 -60.80 96.71 -79.02
C TYR DC 119 -62.20 97.28 -78.91
N SER DC 120 -62.37 98.52 -79.36
CA SER DC 120 -63.67 99.14 -79.33
C SER DC 120 -64.05 99.65 -80.71
N SER DC 121 -65.17 100.38 -80.76
CA SER DC 121 -65.61 100.96 -82.01
C SER DC 121 -64.87 102.28 -82.26
N LYS DC 122 -65.09 102.85 -83.44
CA LYS DC 122 -64.35 104.03 -83.87
C LYS DC 122 -64.83 105.27 -83.14
N TYR DC 123 -63.90 106.07 -82.62
CA TYR DC 123 -64.29 107.32 -81.97
C TYR DC 123 -63.69 108.56 -82.61
N VAL DC 124 -62.37 108.67 -82.70
CA VAL DC 124 -61.78 109.79 -83.43
C VAL DC 124 -61.01 109.23 -84.60
N SER DC 125 -59.96 108.48 -84.30
CA SER DC 125 -59.09 107.92 -85.32
C SER DC 125 -58.66 106.55 -84.83
N VAL DC 126 -58.03 105.81 -85.73
CA VAL DC 126 -57.47 104.53 -85.35
C VAL DC 126 -56.26 104.67 -84.45
N LYS DC 127 -55.53 105.79 -84.53
CA LYS DC 127 -54.36 106.00 -83.69
C LYS DC 127 -54.75 106.30 -82.25
N ARG DC 128 -55.74 107.18 -82.07
CA ARG DC 128 -56.35 107.44 -80.76
C ARG DC 128 -57.05 106.20 -80.23
N GLU DC 129 -57.66 105.44 -81.13
CA GLU DC 129 -58.33 104.21 -80.77
C GLU DC 129 -57.37 103.13 -80.28
N ARG DC 130 -56.23 103.00 -80.93
CA ARG DC 130 -55.28 101.96 -80.53
C ARG DC 130 -54.54 102.34 -79.26
N ALA DC 131 -54.33 103.64 -79.05
CA ALA DC 131 -53.83 104.12 -77.76
C ALA DC 131 -54.81 103.85 -76.63
N LEU DC 132 -56.11 104.06 -76.90
CA LEU DC 132 -57.18 103.74 -75.95
C LEU DC 132 -57.23 102.27 -75.60
N THR DC 133 -57.13 101.41 -76.60
CA THR DC 133 -57.32 100.00 -76.32
C THR DC 133 -56.07 99.35 -75.73
N LEU DC 134 -54.90 99.93 -76.02
CA LEU DC 134 -53.67 99.50 -75.38
C LEU DC 134 -53.65 99.88 -73.91
N ALA DC 135 -54.08 101.10 -73.59
CA ALA DC 135 -54.20 101.54 -72.19
C ALA DC 135 -55.29 100.76 -71.47
N ARG DC 136 -56.35 100.41 -72.19
CA ARG DC 136 -57.48 99.65 -71.68
C ARG DC 136 -57.10 98.25 -71.24
N SER DC 137 -56.41 97.54 -72.12
CA SER DC 137 -55.95 96.20 -71.81
C SER DC 137 -54.83 96.20 -70.79
N ARG DC 138 -53.95 97.22 -70.81
CA ARG DC 138 -52.87 97.20 -69.83
C ARG DC 138 -53.35 97.56 -68.44
N VAL DC 139 -54.45 98.31 -68.34
CA VAL DC 139 -55.06 98.59 -67.05
C VAL DC 139 -55.74 97.35 -66.50
N VAL DC 140 -56.43 96.59 -67.35
CA VAL DC 140 -57.11 95.41 -66.81
C VAL DC 140 -56.13 94.26 -66.53
N SER DC 141 -55.00 94.19 -67.22
CA SER DC 141 -54.00 93.21 -66.84
C SER DC 141 -53.18 93.64 -65.63
N GLU DC 142 -53.01 94.95 -65.40
CA GLU DC 142 -52.44 95.43 -64.14
C GLU DC 142 -53.30 95.06 -62.96
N TYR DC 143 -54.63 95.14 -63.12
CA TYR DC 143 -55.48 94.66 -62.03
C TYR DC 143 -55.49 93.14 -61.93
N LEU DC 144 -55.31 92.43 -63.04
CA LEU DC 144 -55.38 90.97 -62.97
C LEU DC 144 -54.12 90.34 -62.38
N TRP DC 145 -52.97 90.99 -62.50
CA TRP DC 145 -51.80 90.53 -61.75
C TRP DC 145 -51.63 91.30 -60.44
N SER DC 146 -52.44 92.33 -60.20
CA SER DC 146 -52.67 92.67 -58.79
C SER DC 146 -53.46 91.55 -58.13
N GLN DC 147 -54.47 91.05 -58.82
CA GLN DC 147 -55.18 89.91 -58.29
C GLN DC 147 -54.45 88.62 -58.66
N GLY DC 148 -55.13 87.51 -58.41
CA GLY DC 148 -54.48 86.24 -58.46
C GLY DC 148 -54.64 85.60 -59.81
N VAL DC 149 -53.56 85.58 -60.56
CA VAL DC 149 -53.44 84.62 -61.63
C VAL DC 149 -52.19 83.82 -61.33
N ASP DC 150 -52.19 82.57 -61.77
CA ASP DC 150 -50.99 81.75 -61.67
C ASP DC 150 -50.35 81.66 -63.04
N SER DC 151 -50.66 82.61 -63.90
CA SER DC 151 -50.06 82.70 -65.20
C SER DC 151 -48.63 83.17 -65.07
N ARG DC 152 -47.81 82.77 -66.03
CA ARG DC 152 -46.44 83.20 -66.07
C ARG DC 152 -46.26 84.43 -66.94
N ILE DC 153 -47.04 84.53 -68.00
CA ILE DC 153 -47.07 85.74 -68.80
C ILE DC 153 -48.52 86.17 -68.88
N ILE DC 154 -48.77 87.46 -68.74
CA ILE DC 154 -49.93 88.05 -69.37
C ILE DC 154 -49.42 88.94 -70.49
N PHE DC 155 -49.71 88.56 -71.71
CA PHE DC 155 -49.53 89.46 -72.83
C PHE DC 155 -50.77 90.30 -72.86
N THR DC 156 -50.62 91.55 -73.26
CA THR DC 156 -51.71 92.50 -73.25
C THR DC 156 -51.55 93.51 -74.39
N GLN DC 157 -52.63 93.69 -75.15
CA GLN DC 157 -52.57 94.52 -76.34
C GLN DC 157 -53.96 95.01 -76.71
N GLY DC 158 -53.99 96.02 -77.57
CA GLY DC 158 -55.24 96.56 -78.03
C GLY DC 158 -55.24 96.81 -79.51
N LEU DC 159 -56.40 96.70 -80.14
CA LEU DC 159 -56.51 96.87 -81.58
C LEU DC 159 -57.58 97.91 -81.93
N GLY DC 160 -57.49 98.42 -83.14
CA GLY DC 160 -58.37 99.47 -83.59
C GLY DC 160 -59.58 99.08 -84.40
N SER DC 161 -60.46 98.28 -83.79
CA SER DC 161 -61.63 97.63 -84.41
C SER DC 161 -61.23 96.81 -85.62
N ASP DC 162 -60.05 96.23 -85.53
CA ASP DC 162 -59.51 95.51 -86.62
C ASP DC 162 -60.06 94.11 -86.67
N LYS DC 163 -60.78 93.69 -85.64
CA LYS DC 163 -61.31 92.34 -85.65
C LYS DC 163 -62.78 92.34 -85.16
N PRO DC 164 -63.74 92.97 -85.86
CA PRO DC 164 -65.01 93.20 -85.13
C PRO DC 164 -66.01 92.06 -85.30
N ILE DC 165 -66.62 91.62 -84.20
CA ILE DC 165 -67.42 90.40 -84.23
C ILE DC 165 -68.83 90.58 -84.78
N THR DC 166 -69.27 91.81 -85.04
CA THR DC 166 -70.51 92.02 -85.77
C THR DC 166 -70.31 93.21 -86.68
N SER DC 167 -71.14 93.27 -87.72
CA SER DC 167 -71.11 94.39 -88.64
C SER DC 167 -71.99 95.54 -88.19
N TYR DC 168 -72.71 95.37 -87.08
CA TYR DC 168 -73.62 96.38 -86.61
C TYR DC 168 -72.90 97.27 -85.61
N THR DC 169 -72.82 98.56 -85.93
CA THR DC 169 -71.86 99.51 -85.38
C THR DC 169 -72.56 100.66 -84.67
N LEU DC 170 -73.37 100.34 -83.65
CA LEU DC 170 -74.39 101.23 -83.07
C LEU DC 170 -73.81 102.51 -82.49
N GLY DC 171 -72.66 102.43 -81.84
CA GLY DC 171 -72.21 103.52 -81.01
C GLY DC 171 -70.82 103.32 -80.46
N GLY DC 172 -70.64 103.69 -79.20
CA GLY DC 172 -69.31 103.71 -78.65
C GLY DC 172 -69.02 102.46 -77.85
N ASP DC 173 -69.01 102.55 -76.52
CA ASP DC 173 -68.81 101.35 -75.72
C ASP DC 173 -70.08 100.54 -75.51
N ARG DC 174 -71.23 100.96 -76.02
CA ARG DC 174 -72.40 100.11 -75.92
C ARG DC 174 -72.48 99.14 -77.09
N SER DC 175 -71.56 99.25 -78.05
CA SER DC 175 -71.48 98.29 -79.13
C SER DC 175 -71.04 96.94 -78.58
N PRO DC 176 -71.57 95.83 -79.09
CA PRO DC 176 -71.02 94.53 -78.70
C PRO DC 176 -69.68 94.22 -79.34
N ASN DC 177 -69.29 94.98 -80.37
CA ASN DC 177 -67.91 94.98 -80.82
C ASN DC 177 -66.97 95.55 -79.77
N ALA DC 178 -67.40 96.50 -78.95
CA ALA DC 178 -66.53 97.15 -78.00
C ALA DC 178 -66.34 96.26 -76.80
N ARG DC 179 -65.20 95.59 -76.73
CA ARG DC 179 -65.05 94.51 -75.80
C ARG DC 179 -63.58 94.28 -75.51
N VAL DC 180 -63.32 93.64 -74.38
CA VAL DC 180 -62.02 93.08 -74.09
C VAL DC 180 -62.21 91.58 -74.09
N GLU DC 181 -61.19 90.85 -74.47
CA GLU DC 181 -61.24 89.40 -74.42
C GLU DC 181 -59.98 88.88 -73.77
N ILE DC 182 -60.19 87.90 -72.91
CA ILE DC 182 -59.14 87.29 -72.11
C ILE DC 182 -59.10 85.84 -72.56
N THR DC 183 -58.06 85.49 -73.31
CA THR DC 183 -57.95 84.14 -73.84
C THR DC 183 -56.68 83.50 -73.33
N PHE DC 184 -56.77 82.23 -73.02
CA PHE DC 184 -55.61 81.47 -72.59
C PHE DC 184 -55.81 80.02 -72.98
N ARG DC 185 -54.79 79.22 -72.72
CA ARG DC 185 -54.91 77.78 -72.88
C ARG DC 185 -54.62 77.13 -71.55
N ARG DC 186 -55.51 76.27 -71.10
CA ARG DC 186 -55.34 75.59 -69.83
C ARG DC 186 -54.27 74.52 -69.98
N ALA DC 187 -53.20 74.66 -69.21
CA ALA DC 187 -52.09 73.73 -69.31
C ALA DC 187 -52.43 72.46 -68.55
N VAL DC 188 -52.17 71.32 -69.21
CA VAL DC 188 -52.46 69.91 -68.86
C VAL DC 188 -53.75 69.65 -68.09
N ARG EC 429 -69.21 116.84 -35.97
CA ARG EC 429 -69.18 115.57 -36.70
C ARG EC 429 -68.78 115.81 -38.15
N ASP EC 430 -68.72 117.07 -38.55
CA ASP EC 430 -68.21 117.46 -39.85
C ASP EC 430 -66.99 118.35 -39.75
N SER EC 431 -66.36 118.41 -38.58
CA SER EC 431 -65.41 119.45 -38.24
C SER EC 431 -64.00 118.91 -38.13
N LYS EC 432 -63.11 119.79 -37.66
CA LYS EC 432 -61.68 119.54 -37.50
C LYS EC 432 -61.38 118.38 -36.58
N ARG EC 433 -61.98 118.35 -35.39
CA ARG EC 433 -61.64 117.34 -34.39
C ARG EC 433 -62.13 115.96 -34.80
N LYS EC 434 -63.26 115.92 -35.50
CA LYS EC 434 -63.77 114.70 -36.11
C LYS EC 434 -62.84 114.18 -37.22
N ILE EC 435 -62.38 115.06 -38.12
CA ILE EC 435 -61.58 114.54 -39.22
C ILE EC 435 -60.15 114.20 -38.82
N ILE EC 436 -59.58 114.87 -37.82
CA ILE EC 436 -58.28 114.48 -37.31
C ILE EC 436 -58.36 113.22 -36.47
N ARG EC 437 -59.49 113.02 -35.76
CA ARG EC 437 -59.69 111.78 -35.01
C ARG EC 437 -59.86 110.58 -35.93
N ASP EC 438 -60.51 110.75 -37.09
CA ASP EC 438 -60.50 109.56 -37.93
C ASP EC 438 -59.27 109.49 -38.83
N LEU EC 439 -58.46 110.55 -39.00
CA LEU EC 439 -57.17 110.31 -39.64
C LEU EC 439 -56.19 109.61 -38.70
N GLN EC 440 -56.38 109.78 -37.40
CA GLN EC 440 -55.76 108.89 -36.43
C GLN EC 440 -56.27 107.46 -36.61
N LYS EC 441 -57.57 107.31 -36.91
CA LYS EC 441 -58.13 105.96 -37.12
C LYS EC 441 -57.63 105.29 -38.40
N GLN EC 442 -57.55 106.00 -39.54
CA GLN EC 442 -56.86 105.47 -40.71
C GLN EC 442 -55.42 105.98 -40.80
N ASP EC 443 -54.73 106.08 -39.65
CA ASP EC 443 -53.27 106.01 -39.40
C ASP EC 443 -52.43 106.96 -40.27
N ILE EC 444 -52.85 108.20 -40.35
CA ILE EC 444 -52.06 109.28 -40.90
C ILE EC 444 -51.76 110.26 -39.76
N GLN EC 445 -50.49 110.60 -39.56
CA GLN EC 445 -50.22 111.60 -38.54
C GLN EC 445 -50.52 113.01 -38.98
N TYR EC 446 -50.90 113.81 -38.00
CA TYR EC 446 -51.06 115.25 -38.15
C TYR EC 446 -50.24 115.88 -37.05
N VAL EC 447 -49.53 116.96 -37.34
CA VAL EC 447 -49.03 117.83 -36.27
C VAL EC 447 -49.48 119.28 -36.51
N GLU EC 448 -50.16 119.82 -35.48
CA GLU EC 448 -50.25 121.24 -35.14
C GLU EC 448 -48.92 121.76 -34.65
N TYR EC 449 -48.40 122.78 -35.32
CA TYR EC 449 -47.14 123.37 -34.85
C TYR EC 449 -47.06 124.86 -35.23
N GLY EC 450 -47.58 125.70 -34.34
CA GLY EC 450 -47.64 127.12 -34.54
C GLY EC 450 -48.50 127.54 -35.71
N ASP EC 451 -47.85 127.95 -36.79
CA ASP EC 451 -48.52 128.06 -38.08
C ASP EC 451 -48.28 126.86 -38.98
N THR EC 452 -47.18 126.15 -38.79
CA THR EC 452 -46.82 125.02 -39.64
C THR EC 452 -47.67 123.81 -39.30
N ARG EC 453 -48.33 123.27 -40.30
CA ARG EC 453 -49.17 122.10 -40.08
C ARG EC 453 -48.74 121.03 -41.06
N THR EC 454 -48.52 119.82 -40.55
CA THR EC 454 -47.87 118.79 -41.35
C THR EC 454 -48.56 117.46 -41.20
N LEU EC 455 -48.99 116.90 -42.32
CA LEU EC 455 -49.50 115.55 -42.39
C LEU EC 455 -48.37 114.61 -42.75
N ILE EC 456 -48.25 113.51 -42.02
CA ILE EC 456 -47.30 112.46 -42.36
C ILE EC 456 -48.11 111.28 -42.85
N ILE EC 457 -47.97 110.98 -44.13
CA ILE EC 457 -48.75 109.97 -44.82
C ILE EC 457 -47.83 108.80 -45.14
N PRO EC 458 -48.12 107.58 -44.70
CA PRO EC 458 -47.27 106.45 -45.04
C PRO EC 458 -47.45 106.04 -46.49
N THR EC 459 -46.33 106.00 -47.22
CA THR EC 459 -46.36 105.55 -48.61
C THR EC 459 -46.63 104.08 -48.74
N ASP EC 460 -46.37 103.31 -47.68
CA ASP EC 460 -46.50 101.88 -47.70
C ASP EC 460 -47.96 101.43 -47.72
N LYS EC 461 -48.86 102.22 -47.14
CA LYS EC 461 -50.28 101.92 -47.25
C LYS EC 461 -51.05 102.90 -48.11
N TYR EC 462 -50.45 104.03 -48.50
CA TYR EC 462 -51.12 104.95 -49.40
C TYR EC 462 -50.45 105.02 -50.76
N PHE EC 463 -49.63 104.03 -51.10
CA PHE EC 463 -49.17 103.86 -52.46
C PHE EC 463 -49.05 102.39 -52.75
N MET EC 464 -49.39 102.01 -53.97
CA MET EC 464 -49.03 100.67 -54.41
C MET EC 464 -47.55 100.62 -54.71
N PHE EC 465 -47.02 99.42 -54.62
CA PHE EC 465 -45.68 99.18 -54.08
C PHE EC 465 -44.58 99.66 -55.00
N SER EC 466 -43.72 100.52 -54.46
CA SER EC 466 -42.53 101.11 -55.10
C SER EC 466 -42.88 101.80 -56.41
N SER EC 467 -44.00 102.49 -56.39
CA SER EC 467 -44.60 103.05 -57.58
C SER EC 467 -45.22 104.40 -57.23
N PRO EC 468 -45.39 105.26 -58.20
CA PRO EC 468 -46.22 106.45 -57.97
C PRO EC 468 -47.69 106.24 -58.25
N ARG EC 469 -48.15 105.00 -58.32
CA ARG EC 469 -49.57 104.74 -58.39
C ARG EC 469 -50.14 104.79 -56.98
N LEU EC 470 -51.15 105.62 -56.79
CA LEU EC 470 -51.77 105.78 -55.48
C LEU EC 470 -52.55 104.53 -55.13
N ASN EC 471 -52.51 104.14 -53.86
CA ASN EC 471 -53.23 102.98 -53.37
C ASN EC 471 -54.71 103.32 -53.36
N GLU EC 472 -55.37 102.94 -54.45
CA GLU EC 472 -56.71 103.35 -54.80
C GLU EC 472 -57.76 102.81 -53.86
N ILE EC 473 -57.50 101.65 -53.23
CA ILE EC 473 -58.36 101.13 -52.17
C ILE EC 473 -58.36 102.04 -50.95
N CYS EC 474 -57.25 102.69 -50.63
CA CYS EC 474 -57.25 103.65 -49.55
C CYS EC 474 -57.62 105.06 -50.01
N TYR EC 475 -58.74 105.18 -50.72
CA TYR EC 475 -59.34 106.48 -50.96
C TYR EC 475 -59.87 107.27 -49.75
N PRO EC 476 -60.43 106.72 -48.63
CA PRO EC 476 -60.99 107.64 -47.62
C PRO EC 476 -59.96 108.39 -46.81
N GLY EC 477 -58.71 107.91 -46.75
CA GLY EC 477 -57.62 108.74 -46.29
C GLY EC 477 -57.34 109.90 -47.23
N LEU EC 478 -57.45 109.68 -48.53
CA LEU EC 478 -57.16 110.73 -49.50
C LEU EC 478 -58.25 111.78 -49.57
N ASN EC 479 -59.52 111.34 -49.54
CA ASN EC 479 -60.63 112.27 -49.38
C ASN EC 479 -60.61 112.99 -48.04
N ASN EC 480 -60.15 112.33 -46.98
CA ASN EC 480 -60.16 113.00 -45.70
C ASN EC 480 -59.01 113.98 -45.56
N VAL EC 481 -57.87 113.72 -46.21
CA VAL EC 481 -56.80 114.71 -46.17
C VAL EC 481 -57.17 115.90 -47.03
N ILE EC 482 -57.83 115.70 -48.18
CA ILE EC 482 -58.22 116.87 -48.98
C ILE EC 482 -59.41 117.60 -48.35
N ARG EC 483 -60.29 116.89 -47.61
CA ARG EC 483 -61.33 117.51 -46.80
C ARG EC 483 -60.74 118.28 -45.64
N LEU EC 484 -59.57 117.89 -45.16
CA LEU EC 484 -58.92 118.67 -44.13
C LEU EC 484 -58.31 119.94 -44.72
N LEU EC 485 -57.67 119.85 -45.89
CA LEU EC 485 -57.05 121.07 -46.37
C LEU EC 485 -57.93 121.87 -47.33
N ASN EC 486 -59.26 121.65 -47.35
CA ASN EC 486 -60.11 122.79 -47.73
C ASN EC 486 -60.16 123.86 -46.65
N PHE EC 487 -59.81 123.56 -45.40
CA PHE EC 487 -59.94 124.51 -44.30
C PHE EC 487 -58.90 125.63 -44.36
N TYR EC 488 -57.85 125.50 -45.16
CA TYR EC 488 -56.77 126.47 -45.20
C TYR EC 488 -56.57 126.95 -46.63
N PRO EC 489 -57.46 127.80 -47.14
CA PRO EC 489 -57.46 128.10 -48.57
C PRO EC 489 -56.55 129.24 -49.01
N GLN EC 490 -55.62 129.70 -48.18
CA GLN EC 490 -54.67 130.69 -48.65
C GLN EC 490 -53.22 130.30 -48.39
N SER EC 491 -52.98 129.16 -47.77
CA SER EC 491 -51.62 128.77 -47.43
C SER EC 491 -50.92 128.12 -48.62
N THR EC 492 -49.63 128.44 -48.76
CA THR EC 492 -48.79 127.73 -49.71
C THR EC 492 -48.50 126.34 -49.18
N ILE EC 493 -48.35 125.38 -50.09
CA ILE EC 493 -48.34 123.99 -49.72
C ILE EC 493 -46.97 123.43 -50.11
N TYR EC 494 -46.21 122.96 -49.14
CA TYR EC 494 -45.02 122.19 -49.39
C TYR EC 494 -45.40 120.73 -49.30
N VAL EC 495 -45.05 119.95 -50.31
CA VAL EC 495 -45.22 118.50 -50.29
C VAL EC 495 -43.88 117.87 -50.61
N ALA EC 496 -43.51 116.87 -49.82
CA ALA EC 496 -42.19 116.28 -49.98
C ALA EC 496 -42.25 114.79 -49.75
N GLY EC 497 -41.41 114.08 -50.48
CA GLY EC 497 -41.45 112.63 -50.52
C GLY EC 497 -40.20 112.03 -49.92
N PHE EC 498 -40.36 110.87 -49.28
CA PHE EC 498 -39.28 110.26 -48.53
C PHE EC 498 -39.22 108.77 -48.79
N THR EC 499 -37.99 108.24 -48.79
CA THR EC 499 -37.71 106.82 -48.93
C THR EC 499 -36.91 106.33 -47.73
N ASP EC 500 -36.29 105.16 -47.88
CA ASP EC 500 -35.31 104.68 -46.91
C ASP EC 500 -34.05 104.27 -47.68
N ASN EC 501 -33.16 103.57 -46.99
CA ASN EC 501 -31.78 103.32 -47.38
C ASN EC 501 -31.58 102.42 -48.60
N VAL EC 502 -32.61 101.77 -49.12
CA VAL EC 502 -32.43 100.81 -50.20
C VAL EC 502 -32.20 101.52 -51.52
N GLY EC 503 -31.65 100.82 -52.50
CA GLY EC 503 -31.54 101.34 -53.84
C GLY EC 503 -30.42 102.36 -54.01
N SER EC 504 -30.21 102.73 -55.26
CA SER EC 504 -29.29 103.80 -55.59
C SER EC 504 -29.90 105.13 -55.17
N ARG EC 505 -29.02 106.12 -54.99
CA ARG EC 505 -29.41 107.46 -54.58
C ARG EC 505 -30.28 108.14 -55.63
N SER EC 506 -30.01 107.83 -56.90
CA SER EC 506 -30.89 108.20 -57.99
C SER EC 506 -32.26 107.56 -57.88
N HIS EC 507 -32.32 106.29 -57.45
CA HIS EC 507 -33.61 105.62 -57.32
C HIS EC 507 -34.41 106.16 -56.15
N LYS EC 508 -33.72 106.44 -55.03
CA LYS EC 508 -34.26 107.13 -53.87
C LYS EC 508 -34.87 108.47 -54.24
N ARG EC 509 -34.10 109.28 -54.98
CA ARG EC 509 -34.50 110.63 -55.36
C ARG EC 509 -35.66 110.62 -56.34
N LYS EC 510 -35.59 109.79 -57.38
CA LYS EC 510 -36.66 109.76 -58.37
C LYS EC 510 -37.92 109.09 -57.87
N LEU EC 511 -37.80 108.10 -56.97
CA LEU EC 511 -39.00 107.48 -56.42
C LEU EC 511 -39.71 108.40 -55.43
N SER EC 512 -38.93 109.07 -54.55
CA SER EC 512 -39.51 110.04 -53.64
C SER EC 512 -40.07 111.25 -54.36
N GLN EC 513 -39.39 111.68 -55.42
CA GLN EC 513 -39.85 112.79 -56.25
C GLN EC 513 -41.12 112.43 -57.01
N ALA EC 514 -41.21 111.19 -57.49
CA ALA EC 514 -42.39 110.75 -58.22
C ALA EC 514 -43.59 110.61 -57.31
N GLN EC 515 -43.40 110.10 -56.10
CA GLN EC 515 -44.52 109.94 -55.17
C GLN EC 515 -45.00 111.27 -54.61
N ALA EC 516 -44.06 112.19 -54.30
CA ALA EC 516 -44.45 113.53 -53.88
C ALA EC 516 -45.10 114.30 -55.01
N GLU EC 517 -44.65 114.06 -56.23
CA GLU EC 517 -45.17 114.77 -57.37
C GLU EC 517 -46.57 114.30 -57.72
N THR EC 518 -46.84 113.00 -57.57
CA THR EC 518 -48.18 112.55 -57.84
C THR EC 518 -49.13 112.81 -56.68
N MET EC 519 -48.63 113.01 -55.45
CA MET EC 519 -49.54 113.47 -54.41
C MET EC 519 -49.87 114.94 -54.59
N MET EC 520 -48.91 115.69 -55.15
CA MET EC 520 -49.12 117.08 -55.52
C MET EC 520 -50.15 117.21 -56.64
N THR EC 521 -50.10 116.32 -57.63
CA THR EC 521 -51.14 116.30 -58.66
C THR EC 521 -52.47 115.83 -58.14
N PHE EC 522 -52.47 114.98 -57.12
CA PHE EC 522 -53.73 114.60 -56.50
C PHE EC 522 -54.40 115.77 -55.81
N LEU EC 523 -53.61 116.59 -55.11
CA LEU EC 523 -54.21 117.77 -54.47
C LEU EC 523 -54.59 118.83 -55.49
N TRP EC 524 -53.82 118.96 -56.57
CA TRP EC 524 -54.16 119.88 -57.64
C TRP EC 524 -55.40 119.43 -58.40
N ALA EC 525 -55.55 118.14 -58.60
CA ALA EC 525 -56.70 117.59 -59.29
C ALA EC 525 -57.90 117.43 -58.38
N ASN EC 526 -57.71 117.55 -57.07
CA ASN EC 526 -58.86 117.58 -56.18
C ASN EC 526 -59.12 119.03 -55.78
N GLY EC 527 -58.36 119.94 -56.35
CA GLY EC 527 -58.80 121.31 -56.45
C GLY EC 527 -58.06 122.34 -55.65
N ILE EC 528 -56.74 122.26 -55.57
CA ILE EC 528 -55.94 123.33 -54.99
C ILE EC 528 -55.18 123.98 -56.14
N ALA EC 529 -55.15 125.30 -56.16
CA ALA EC 529 -54.56 126.05 -57.26
C ALA EC 529 -53.05 125.91 -57.28
N ALA EC 530 -52.51 125.65 -58.48
CA ALA EC 530 -51.22 125.01 -58.71
C ALA EC 530 -50.02 125.82 -58.24
N LYS EC 531 -50.16 127.13 -58.06
CA LYS EC 531 -49.07 127.90 -57.52
C LYS EC 531 -49.12 128.00 -56.00
N ARG EC 532 -50.07 127.34 -55.35
CA ARG EC 532 -49.92 127.11 -53.93
C ARG EC 532 -49.03 125.92 -53.62
N LEU EC 533 -48.78 125.05 -54.59
CA LEU EC 533 -48.22 123.74 -54.28
C LEU EC 533 -46.75 123.66 -54.64
N LYS EC 534 -46.04 122.75 -53.99
CA LYS EC 534 -44.62 122.59 -54.18
C LYS EC 534 -44.28 121.13 -53.92
N ALA EC 535 -43.91 120.40 -54.95
CA ALA EC 535 -43.53 119.01 -54.81
C ALA EC 535 -42.02 118.88 -54.83
N GLU EC 536 -41.48 118.14 -53.86
CA GLU EC 536 -40.03 117.99 -53.83
C GLU EC 536 -39.70 116.65 -53.20
N GLY EC 537 -38.70 115.98 -53.76
CA GLY EC 537 -38.35 114.66 -53.30
C GLY EC 537 -37.00 114.57 -52.63
N TYR EC 538 -36.99 114.05 -51.41
CA TYR EC 538 -35.77 113.78 -50.67
C TYR EC 538 -35.52 112.29 -50.61
N GLY EC 539 -34.33 111.88 -51.02
CA GLY EC 539 -33.97 110.48 -50.86
C GLY EC 539 -33.47 110.20 -49.46
N ASP EC 540 -34.41 110.11 -48.51
CA ASP EC 540 -34.29 110.07 -47.04
C ASP EC 540 -33.27 111.04 -46.46
N LYS EC 541 -33.13 112.23 -47.01
CA LYS EC 541 -32.13 113.14 -46.49
C LYS EC 541 -32.60 113.91 -45.27
N ASN EC 542 -33.85 113.77 -44.85
CA ASN EC 542 -34.25 114.33 -43.58
C ASN EC 542 -34.32 113.28 -42.49
N ALA EC 543 -34.90 112.11 -42.81
CA ALA EC 543 -34.72 110.83 -42.10
C ALA EC 543 -35.19 110.89 -40.64
N ILE EC 544 -36.52 110.91 -40.46
CA ILE EC 544 -37.11 111.01 -39.12
C ILE EC 544 -36.93 109.79 -38.24
N SER EC 545 -36.37 108.70 -38.74
CA SER EC 545 -35.92 107.61 -37.91
C SER EC 545 -34.65 107.03 -38.51
N ASP EC 546 -34.10 106.03 -37.84
CA ASP EC 546 -32.98 105.32 -38.42
C ASP EC 546 -33.47 104.24 -39.38
N ASN EC 547 -32.69 104.00 -40.42
CA ASN EC 547 -33.02 102.99 -41.42
C ASN EC 547 -32.45 101.64 -41.06
N ALA EC 548 -31.76 101.54 -39.94
CA ALA EC 548 -31.16 100.29 -39.53
C ALA EC 548 -32.15 99.33 -38.93
N ILE EC 549 -33.37 99.77 -38.62
CA ILE EC 549 -34.32 98.87 -38.01
C ILE EC 549 -35.59 98.94 -38.87
N ILE EC 550 -36.38 97.86 -38.78
CA ILE EC 550 -37.47 97.60 -39.71
C ILE EC 550 -38.61 98.59 -39.53
N HIS EC 551 -39.05 98.76 -38.29
CA HIS EC 551 -40.20 99.61 -37.98
C HIS EC 551 -39.81 101.07 -38.11
N GLY EC 552 -38.54 101.36 -37.82
CA GLY EC 552 -38.03 102.70 -38.02
C GLY EC 552 -37.92 103.10 -39.47
N SER EC 553 -37.54 102.18 -40.34
CA SER EC 553 -37.52 102.48 -41.76
C SER EC 553 -38.90 102.55 -42.35
N ALA EC 554 -39.85 101.79 -41.77
CA ALA EC 554 -41.25 101.92 -42.13
C ALA EC 554 -41.79 103.29 -41.79
N GLN EC 555 -41.36 103.84 -40.65
CA GLN EC 555 -41.67 105.23 -40.34
C GLN EC 555 -40.92 106.22 -41.24
N ASN EC 556 -39.75 105.86 -41.76
CA ASN EC 556 -39.05 106.75 -42.67
C ASN EC 556 -39.71 106.86 -44.04
N ARG EC 557 -40.35 105.79 -44.50
CA ARG EC 557 -41.07 105.84 -45.79
C ARG EC 557 -42.37 106.64 -45.64
N ARG EC 558 -42.38 107.89 -46.13
CA ARG EC 558 -43.52 108.76 -45.87
C ARG EC 558 -43.62 109.88 -46.90
N ILE EC 559 -44.71 110.63 -46.82
CA ILE EC 559 -44.90 111.93 -47.46
C ILE EC 559 -45.15 112.94 -46.35
N GLU EC 560 -44.40 114.03 -46.33
CA GLU EC 560 -44.77 115.13 -45.46
C GLU EC 560 -45.56 116.14 -46.28
N ILE EC 561 -46.59 116.70 -45.65
CA ILE EC 561 -47.38 117.78 -46.19
C ILE EC 561 -47.29 118.92 -45.19
N GLN EC 562 -46.57 119.97 -45.54
CA GLN EC 562 -46.49 121.16 -44.69
C GLN EC 562 -47.29 122.27 -45.34
N TRP EC 563 -47.92 123.08 -44.48
CA TRP EC 563 -48.37 124.40 -44.92
C TRP EC 563 -48.34 125.36 -43.75
N PHE EC 564 -48.67 126.60 -44.04
CA PHE EC 564 -48.63 127.68 -43.06
C PHE EC 564 -50.05 128.12 -42.71
N ARG FC 429 -40.29 133.12 19.53
CA ARG FC 429 -40.52 132.29 18.35
C ARG FC 429 -40.05 132.99 17.09
N ASP FC 430 -39.70 134.27 17.23
CA ASP FC 430 -39.09 135.04 16.17
C ASP FC 430 -37.71 135.54 16.54
N SER FC 431 -37.10 134.97 17.58
CA SER FC 431 -35.96 135.56 18.24
C SER FC 431 -34.70 134.73 18.02
N LYS FC 432 -33.65 135.14 18.76
CA LYS FC 432 -32.31 134.55 18.71
C LYS FC 432 -32.31 133.08 19.05
N ARG FC 433 -32.93 132.69 20.16
CA ARG FC 433 -32.84 131.31 20.66
C ARG FC 433 -33.60 130.36 19.76
N LYS FC 434 -34.71 130.85 19.17
CA LYS FC 434 -35.45 130.13 18.16
C LYS FC 434 -34.63 129.92 16.89
N ILE FC 435 -33.97 130.97 16.38
CA ILE FC 435 -33.29 130.78 15.11
C ILE FC 435 -31.98 130.02 15.24
N ILE FC 436 -31.29 130.10 16.38
CA ILE FC 436 -30.11 129.27 16.60
C ILE FC 436 -30.50 127.82 16.86
N ARG FC 437 -31.66 127.59 17.50
CA ARG FC 437 -32.15 126.22 17.71
C ARG FC 437 -32.54 125.57 16.40
N ASP FC 438 -33.12 126.32 15.45
CA ASP FC 438 -33.35 125.61 14.20
C ASP FC 438 -32.16 125.66 13.27
N LEU FC 439 -31.14 126.50 13.47
CA LEU FC 439 -29.90 126.27 12.72
C LEU FC 439 -29.12 125.07 13.22
N GLN FC 440 -29.30 124.73 14.50
CA GLN FC 440 -28.92 123.41 14.97
C GLN FC 440 -29.72 122.32 14.27
N LYS FC 441 -31.02 122.57 14.02
CA LYS FC 441 -31.85 121.59 13.33
C LYS FC 441 -31.49 121.41 11.85
N GLN FC 442 -31.23 122.48 11.10
CA GLN FC 442 -30.63 122.35 9.76
C GLN FC 442 -29.12 122.54 9.79
N ASP FC 443 -28.46 122.01 10.83
CA ASP FC 443 -27.05 121.54 10.93
C ASP FC 443 -25.99 122.55 10.46
N ILE FC 444 -26.15 123.78 10.91
CA ILE FC 444 -25.11 124.80 10.80
C ILE FC 444 -24.64 125.14 12.20
N GLN FC 445 -23.33 125.09 12.44
CA GLN FC 445 -22.87 125.51 13.75
C GLN FC 445 -22.84 127.00 13.94
N TYR FC 446 -23.06 127.39 15.19
CA TYR FC 446 -22.89 128.76 15.64
C TYR FC 446 -21.98 128.70 16.84
N VAL FC 447 -21.04 129.63 16.97
CA VAL FC 447 -20.39 129.87 18.26
C VAL FC 447 -20.51 131.34 18.66
N GLU FC 448 -21.07 131.55 19.86
CA GLU FC 448 -20.85 132.69 20.75
C GLU FC 448 -19.45 132.67 21.31
N TYR FC 449 -18.70 133.74 21.08
CA TYR FC 449 -17.36 133.80 21.66
C TYR FC 449 -16.95 135.27 21.90
N GLY FC 450 -17.29 135.75 23.09
CA GLY FC 450 -17.02 137.11 23.49
C GLY FC 450 -17.74 138.14 22.65
N ASP FC 451 -16.99 138.81 21.79
CA ASP FC 451 -17.59 139.58 20.71
C ASP FC 451 -17.60 138.82 19.38
N THR FC 452 -16.68 137.89 19.20
CA THR FC 452 -16.56 137.16 17.94
C THR FC 452 -17.66 136.13 17.82
N ARG FC 453 -18.41 136.19 16.73
CA ARG FC 453 -19.48 135.24 16.52
C ARG FC 453 -19.28 134.60 15.16
N THR FC 454 -19.36 133.27 15.12
CA THR FC 454 -18.92 132.56 13.94
C THR FC 454 -19.91 131.46 13.58
N LEU FC 455 -20.41 131.50 12.36
CA LEU FC 455 -21.21 130.44 11.79
C LEU FC 455 -20.29 129.51 11.00
N ILE FC 456 -20.44 128.21 11.21
CA ILE FC 456 -19.74 127.23 10.42
C ILE FC 456 -20.77 126.54 9.55
N ILE FC 457 -20.68 126.78 8.25
CA ILE FC 457 -21.64 126.31 7.26
C ILE FC 457 -20.99 125.22 6.43
N PRO FC 458 -21.56 124.02 6.38
CA PRO FC 458 -20.97 122.97 5.54
C PRO FC 458 -21.21 123.23 4.07
N THR FC 459 -20.11 123.27 3.31
CA THR FC 459 -20.20 123.44 1.87
C THR FC 459 -20.79 122.24 1.18
N ASP FC 460 -20.73 121.08 1.81
CA ASP FC 460 -21.18 119.83 1.22
C ASP FC 460 -22.69 119.76 1.12
N LYS FC 461 -23.41 120.41 2.03
CA LYS FC 461 -24.86 120.48 1.91
C LYS FC 461 -25.37 121.88 1.57
N TYR FC 462 -24.52 122.90 1.64
CA TYR FC 462 -24.95 124.23 1.23
C TYR FC 462 -24.26 124.71 -0.04
N PHE FC 463 -23.67 123.79 -0.80
CA PHE FC 463 -23.22 124.11 -2.14
C PHE FC 463 -23.42 122.89 -3.01
N MET FC 464 -23.81 123.12 -4.25
CA MET FC 464 -23.74 122.04 -5.21
C MET FC 464 -22.30 121.81 -5.61
N PHE FC 465 -22.05 120.59 -6.05
CA PHE FC 465 -20.82 119.87 -5.74
C PHE FC 465 -19.61 120.44 -6.47
N SER FC 466 -18.59 120.80 -5.68
CA SER FC 466 -17.29 121.35 -6.11
C SER FC 466 -17.45 122.57 -7.01
N SER FC 467 -18.39 123.41 -6.63
CA SER FC 467 -18.83 124.52 -7.45
C SER FC 467 -19.14 125.69 -6.55
N PRO FC 468 -19.09 126.91 -7.07
CA PRO FC 468 -19.64 128.03 -6.32
C PRO FC 468 -21.12 128.27 -6.56
N ARG FC 469 -21.84 127.29 -7.10
CA ARG FC 469 -23.28 127.39 -7.17
C ARG FC 469 -23.85 126.99 -5.82
N LEU FC 470 -24.67 127.87 -5.24
CA LEU FC 470 -25.26 127.59 -3.94
C LEU FC 470 -26.31 126.49 -4.07
N ASN FC 471 -26.39 125.63 -3.07
CA ASN FC 471 -27.36 124.55 -3.05
C ASN FC 471 -28.72 125.16 -2.80
N GLU FC 472 -29.42 125.40 -3.90
CA GLU FC 472 -30.64 126.20 -3.96
C GLU FC 472 -31.80 125.55 -3.24
N ILE FC 473 -31.81 124.21 -3.16
CA ILE FC 473 -32.80 123.50 -2.34
C ILE FC 473 -32.62 123.81 -0.86
N CYS FC 474 -31.40 124.02 -0.39
CA CYS FC 474 -31.21 124.44 1.00
C CYS FC 474 -31.26 125.95 1.17
N TYR FC 475 -32.31 126.58 0.64
CA TYR FC 475 -32.60 127.97 0.99
C TYR FC 475 -32.97 128.28 2.45
N PRO FC 476 -33.66 127.45 3.28
CA PRO FC 476 -34.03 127.98 4.62
C PRO FC 476 -32.87 128.09 5.59
N GLY FC 477 -31.77 127.38 5.36
CA GLY FC 477 -30.54 127.70 6.05
C GLY FC 477 -29.97 129.05 5.64
N LEU FC 478 -30.11 129.41 4.36
CA LEU FC 478 -29.57 130.67 3.89
C LEU FC 478 -30.41 131.87 4.32
N ASN FC 479 -31.74 131.73 4.27
CA ASN FC 479 -32.61 132.73 4.86
C ASN FC 479 -32.47 132.81 6.37
N ASN FC 480 -32.19 131.70 7.03
CA ASN FC 480 -32.08 131.77 8.48
C ASN FC 480 -30.74 132.34 8.92
N VAL FC 481 -29.68 132.14 8.14
CA VAL FC 481 -28.42 132.77 8.50
C VAL FC 481 -28.49 134.27 8.23
N ILE FC 482 -29.15 134.70 7.14
CA ILE FC 482 -29.27 136.15 6.91
C ILE FC 482 -30.28 136.79 7.86
N ARG FC 483 -31.30 136.04 8.30
CA ARG FC 483 -32.20 136.48 9.37
C ARG FC 483 -31.49 136.56 10.70
N LEU FC 484 -30.45 135.77 10.90
CA LEU FC 484 -29.66 135.91 12.10
C LEU FC 484 -28.78 137.14 12.04
N LEU FC 485 -28.14 137.41 10.90
CA LEU FC 485 -27.25 138.57 10.90
C LEU FC 485 -27.91 139.85 10.42
N ASN FC 486 -29.25 139.94 10.40
CA ASN FC 486 -29.83 141.28 10.58
C ASN FC 486 -29.66 141.81 12.00
N PHE FC 487 -29.41 140.95 12.98
CA PHE FC 487 -29.36 141.38 14.38
C PHE FC 487 -28.10 142.17 14.72
N TYR FC 488 -27.09 142.17 13.85
CA TYR FC 488 -25.82 142.82 14.14
C TYR FC 488 -25.48 143.79 13.01
N PRO FC 489 -26.15 144.94 12.95
CA PRO FC 489 -26.05 145.79 11.76
C PRO FC 489 -24.90 146.78 11.76
N GLN FC 490 -23.91 146.65 12.63
CA GLN FC 490 -22.75 147.54 12.55
C GLN FC 490 -21.43 146.78 12.52
N SER FC 491 -21.46 145.46 12.61
CA SER FC 491 -20.24 144.69 12.66
C SER FC 491 -19.67 144.45 11.28
N THR FC 492 -18.34 144.52 11.18
CA THR FC 492 -17.66 144.10 9.97
C THR FC 492 -17.69 142.59 9.87
N ILE FC 493 -17.73 142.07 8.65
CA ILE FC 493 -18.03 140.67 8.42
C ILE FC 493 -16.82 140.05 7.74
N TYR FC 494 -16.21 139.09 8.40
CA TYR FC 494 -15.20 138.25 7.77
C TYR FC 494 -15.90 136.99 7.29
N VAL FC 495 -15.70 136.64 6.02
CA VAL FC 495 -16.20 135.38 5.48
C VAL FC 495 -15.02 134.68 4.83
N ALA FC 496 -14.90 133.38 5.12
CA ALA FC 496 -13.74 132.65 4.66
C ALA FC 496 -14.13 131.24 4.27
N GLY FC 497 -13.45 130.74 3.25
CA GLY FC 497 -13.81 129.47 2.63
C GLY FC 497 -12.73 128.43 2.85
N PHE FC 498 -13.16 127.18 2.98
CA PHE FC 498 -12.26 126.10 3.34
C PHE FC 498 -12.52 124.87 2.50
N THR FC 499 -11.44 124.14 2.20
CA THR FC 499 -11.49 122.88 1.49
C THR FC 499 -10.83 121.78 2.31
N ASP FC 500 -10.48 120.67 1.67
CA ASP FC 500 -9.66 119.65 2.29
C ASP FC 500 -8.51 119.33 1.34
N ASN FC 501 -7.81 118.24 1.62
CA ASN FC 501 -6.51 117.89 1.07
C ASN FC 501 -6.49 117.54 -0.41
N VAL FC 502 -7.62 117.39 -1.09
CA VAL FC 502 -7.62 116.94 -2.47
C VAL FC 502 -7.22 118.07 -3.40
N GLY FC 503 -6.81 117.73 -4.62
CA GLY FC 503 -6.55 118.71 -5.64
C GLY FC 503 -5.24 119.45 -5.46
N SER FC 504 -4.92 120.25 -6.47
CA SER FC 504 -3.78 121.14 -6.39
C SER FC 504 -4.08 122.27 -5.43
N ARG FC 505 -3.01 122.90 -4.93
CA ARG FC 505 -3.11 124.01 -3.99
C ARG FC 505 -3.79 125.22 -4.61
N SER FC 506 -3.56 125.41 -5.92
CA SER FC 506 -4.30 126.37 -6.70
C SER FC 506 -5.79 126.04 -6.76
N HIS FC 507 -6.14 124.76 -6.87
CA HIS FC 507 -7.55 124.37 -6.95
C HIS FC 507 -8.24 124.54 -5.60
N LYS FC 508 -7.54 124.19 -4.52
CA LYS FC 508 -7.93 124.45 -3.13
C LYS FC 508 -8.21 125.92 -2.89
N ARG FC 509 -7.27 126.77 -3.30
CA ARG FC 509 -7.36 128.21 -3.06
C ARG FC 509 -8.47 128.84 -3.89
N LYS FC 510 -8.55 128.51 -5.18
CA LYS FC 510 -9.59 129.12 -6.01
C LYS FC 510 -10.97 128.58 -5.74
N LEU FC 511 -11.11 127.32 -5.33
CA LEU FC 511 -12.42 126.80 -4.99
C LEU FC 511 -12.93 127.35 -3.68
N SER FC 512 -12.04 127.43 -2.66
CA SER FC 512 -12.42 128.04 -1.38
C SER FC 512 -12.68 129.53 -1.52
N GLN FC 513 -11.90 130.20 -2.36
CA GLN FC 513 -12.08 131.62 -2.63
C GLN FC 513 -13.38 131.87 -3.38
N ALA FC 514 -13.72 130.99 -4.32
CA ALA FC 514 -14.95 131.15 -5.09
C ALA FC 514 -16.18 130.91 -4.23
N GLN FC 515 -16.13 129.92 -3.34
CA GLN FC 515 -17.28 129.63 -2.48
C GLN FC 515 -17.47 130.69 -1.39
N ALA FC 516 -16.36 131.18 -0.81
CA ALA FC 516 -16.45 132.27 0.14
C ALA FC 516 -16.89 133.56 -0.52
N GLU FC 517 -16.48 133.75 -1.77
CA GLU FC 517 -16.80 134.96 -2.49
C GLU FC 517 -18.26 134.97 -2.90
N THR FC 518 -18.81 133.82 -3.27
CA THR FC 518 -20.21 133.80 -3.61
C THR FC 518 -21.11 133.77 -2.38
N MET FC 519 -20.61 133.34 -1.21
CA MET FC 519 -21.42 133.51 -0.01
C MET FC 519 -21.41 134.96 0.43
N MET FC 520 -20.30 135.65 0.16
CA MET FC 520 -20.19 137.09 0.40
C MET FC 520 -21.13 137.87 -0.50
N THR FC 521 -21.26 137.48 -1.77
CA THR FC 521 -22.25 138.11 -2.64
C THR FC 521 -23.66 137.75 -2.26
N PHE FC 522 -23.88 136.57 -1.67
CA PHE FC 522 -25.21 136.26 -1.17
C PHE FC 522 -25.61 137.16 -0.02
N LEU FC 523 -24.69 137.44 0.88
CA LEU FC 523 -25.02 138.33 1.99
C LEU FC 523 -25.13 139.79 1.52
N TRP FC 524 -24.33 140.17 0.54
CA TRP FC 524 -24.43 141.50 -0.06
C TRP FC 524 -25.73 141.67 -0.83
N ALA FC 525 -26.15 140.64 -1.54
CA ALA FC 525 -27.37 140.68 -2.31
C ALA FC 525 -28.60 140.42 -1.46
N ASN FC 526 -28.43 139.94 -0.23
CA ASN FC 526 -29.56 139.84 0.67
C ASN FC 526 -29.51 141.03 1.63
N GLY FC 527 -28.54 141.91 1.44
CA GLY FC 527 -28.66 143.26 1.93
C GLY FC 527 -27.73 143.69 3.03
N ILE FC 528 -26.47 143.31 2.98
CA ILE FC 528 -25.46 143.85 3.87
C ILE FC 528 -24.56 144.74 3.03
N ALA FC 529 -24.23 145.91 3.56
CA ALA FC 529 -23.47 146.91 2.80
C ALA FC 529 -22.03 146.47 2.63
N ALA FC 530 -21.54 146.61 1.40
CA ALA FC 530 -20.42 145.87 0.84
C ALA FC 530 -19.07 146.15 1.50
N LYS FC 531 -18.92 147.27 2.21
CA LYS FC 531 -17.70 147.50 2.95
C LYS FC 531 -17.77 146.98 4.37
N ARG FC 532 -18.85 146.32 4.76
CA ARG FC 532 -18.80 145.51 5.96
C ARG FC 532 -18.19 144.14 5.69
N LEU FC 533 -18.12 143.70 4.44
CA LEU FC 533 -17.87 142.30 4.16
C LEU FC 533 -16.45 142.07 3.69
N LYS FC 534 -15.97 140.84 3.88
CA LYS FC 534 -14.60 140.47 3.53
C LYS FC 534 -14.61 139.00 3.17
N ALA FC 535 -14.39 138.69 1.90
CA ALA FC 535 -14.32 137.33 1.44
C ALA FC 535 -12.88 136.91 1.27
N GLU FC 536 -12.54 135.74 1.81
CA GLU FC 536 -11.17 135.28 1.69
C GLU FC 536 -11.15 133.77 1.69
N GLY FC 537 -10.31 133.20 0.84
CA GLY FC 537 -10.27 131.75 0.70
C GLY FC 537 -8.99 131.11 1.19
N TYR FC 538 -9.12 130.15 2.09
CA TYR FC 538 -8.00 129.36 2.57
C TYR FC 538 -8.10 127.96 2.01
N GLY FC 539 -7.03 127.50 1.38
CA GLY FC 539 -6.98 126.13 0.94
C GLY FC 539 -6.59 125.20 2.07
N ASP FC 540 -7.55 124.93 2.98
CA ASP FC 540 -7.47 124.28 4.28
C ASP FC 540 -6.28 124.67 5.13
N LYS FC 541 -5.86 125.92 5.10
CA LYS FC 541 -4.70 126.32 5.87
C LYS FC 541 -5.02 126.60 7.34
N ASN FC 542 -6.28 126.57 7.74
CA ASN FC 542 -6.58 126.62 9.16
C ASN FC 542 -6.91 125.26 9.73
N ALA FC 543 -7.72 124.47 9.01
CA ALA FC 543 -7.85 123.01 9.13
C ALA FC 543 -8.32 122.57 10.51
N ILE FC 544 -9.61 122.80 10.77
CA ILE FC 544 -10.21 122.46 12.08
C ILE FC 544 -10.32 120.97 12.38
N SER FC 545 -10.00 120.10 11.44
CA SER FC 545 -9.82 118.69 11.73
C SER FC 545 -8.70 118.15 10.86
N ASP FC 546 -8.39 116.87 11.04
CA ASP FC 546 -7.45 116.25 10.14
C ASP FC 546 -8.14 115.79 8.87
N ASN FC 547 -7.41 115.84 7.76
CA ASN FC 547 -7.92 115.42 6.47
C ASN FC 547 -7.68 113.96 6.21
N ALA FC 548 -7.05 113.26 7.15
CA ALA FC 548 -6.75 111.86 6.97
C ALA FC 548 -7.94 110.96 7.20
N ILE FC 549 -9.04 111.49 7.74
CA ILE FC 549 -10.19 110.63 8.01
C ILE FC 549 -11.39 111.31 7.33
N ILE FC 550 -12.39 110.49 7.03
CA ILE FC 550 -13.50 110.87 6.16
C ILE FC 550 -14.39 111.91 6.81
N HIS FC 551 -14.82 111.65 8.04
CA HIS FC 551 -15.76 112.52 8.73
C HIS FC 551 -15.05 113.79 9.18
N GLY FC 552 -13.76 113.66 9.48
CA GLY FC 552 -12.95 114.83 9.80
C GLY FC 552 -12.73 115.76 8.63
N SER FC 553 -12.53 115.20 7.44
CA SER FC 553 -12.41 116.04 6.26
C SER FC 553 -13.75 116.64 5.84
N ALA FC 554 -14.84 115.93 6.14
CA ALA FC 554 -16.18 116.48 5.96
C ALA FC 554 -16.40 117.69 6.86
N GLN FC 555 -15.90 117.61 8.09
CA GLN FC 555 -15.88 118.79 8.95
C GLN FC 555 -14.92 119.87 8.48
N ASN FC 556 -13.86 119.52 7.78
CA ASN FC 556 -12.95 120.53 7.26
C ASN FC 556 -13.55 121.33 6.10
N ARG FC 557 -14.39 120.71 5.29
CA ARG FC 557 -15.04 121.43 4.20
C ARG FC 557 -16.14 122.35 4.74
N ARG FC 558 -15.88 123.66 4.79
CA ARG FC 558 -16.80 124.57 5.46
C ARG FC 558 -16.61 126.02 4.98
N ILE FC 559 -17.52 126.87 5.43
CA ILE FC 559 -17.40 128.32 5.38
C ILE FC 559 -17.44 128.82 6.82
N GLU FC 560 -16.46 129.63 7.22
CA GLU FC 560 -16.60 130.33 8.49
C GLU FC 560 -17.14 131.72 8.21
N ILE FC 561 -18.04 132.17 9.08
CA ILE FC 561 -18.56 133.53 9.08
C ILE FC 561 -18.24 134.11 10.45
N GLN FC 562 -17.30 135.03 10.50
CA GLN FC 562 -16.98 135.72 11.74
C GLN FC 562 -17.50 137.14 11.66
N TRP FC 563 -17.95 137.65 12.81
CA TRP FC 563 -18.09 139.10 12.97
C TRP FC 563 -17.87 139.46 14.43
N PHE FC 564 -17.92 140.76 14.69
CA PHE FC 564 -17.66 141.30 16.01
C PHE FC 564 -18.95 141.85 16.61
N ARG GC 429 -10.07 118.56 74.72
CA ARG GC 429 -10.43 118.36 73.32
C ARG GC 429 -9.79 119.41 72.44
N ASP GC 430 -9.16 120.40 73.06
CA ASP GC 430 -8.36 121.39 72.37
C ASP GC 430 -6.91 121.37 72.82
N SER GC 431 -6.48 120.31 73.49
CA SER GC 431 -5.25 120.31 74.26
C SER GC 431 -4.21 119.39 73.64
N LYS GC 432 -3.12 119.22 74.40
CA LYS GC 432 -1.95 118.43 74.02
C LYS GC 432 -2.29 116.98 73.73
N ARG GC 433 -3.01 116.31 74.64
CA ARG GC 433 -3.25 114.88 74.52
C ARG GC 433 -4.19 114.57 73.35
N LYS GC 434 -5.12 115.49 73.09
CA LYS GC 434 -5.98 115.42 71.92
C LYS GC 434 -5.21 115.59 70.63
N ILE GC 435 -4.31 116.59 70.56
CA ILE GC 435 -3.65 116.80 69.27
C ILE GC 435 -2.54 115.78 68.99
N ILE GC 436 -1.90 115.23 70.01
CA ILE GC 436 -0.94 114.15 69.79
C ILE GC 436 -1.65 112.85 69.47
N ARG GC 437 -2.86 112.62 70.04
CA ARG GC 437 -3.65 111.45 69.70
C ARG GC 437 -4.14 111.50 68.26
N ASP GC 438 -4.51 112.68 67.76
CA ASP GC 438 -4.85 112.61 66.33
C ASP GC 438 -3.65 112.79 65.43
N LEU GC 439 -2.47 113.21 65.89
CA LEU GC 439 -1.29 113.07 65.02
C LEU GC 439 -0.84 111.62 64.93
N GLN GC 440 -1.12 110.83 65.97
CA GLN GC 440 -1.06 109.38 65.83
C GLN GC 440 -2.07 108.89 64.80
N LYS GC 441 -3.27 109.49 64.77
CA LYS GC 441 -4.28 109.09 63.80
C LYS GC 441 -3.93 109.46 62.35
N GLN GC 442 -3.40 110.67 62.09
CA GLN GC 442 -2.82 110.98 60.78
C GLN GC 442 -1.31 110.80 60.78
N ASP GC 443 -0.81 109.75 61.46
CA ASP GC 443 0.45 109.00 61.26
C ASP GC 443 1.72 109.85 61.18
N ILE GC 444 1.84 110.78 62.10
CA ILE GC 444 3.08 111.50 62.34
C ILE GC 444 3.58 111.13 63.73
N GLN GC 445 4.85 110.69 63.84
CA GLN GC 445 5.34 110.42 65.18
C GLN GC 445 5.70 111.66 65.96
N TYR GC 446 5.55 111.54 67.26
CA TYR GC 446 6.01 112.52 68.22
C TYR GC 446 6.85 111.77 69.23
N VAL GC 447 7.97 112.33 69.66
CA VAL GC 447 8.62 111.86 70.89
C VAL GC 447 8.82 113.03 71.87
N GLU GC 448 8.28 112.84 73.08
CA GLU GC 448 8.73 113.44 74.33
C GLU GC 448 10.07 112.87 74.75
N TYR GC 449 11.05 113.75 74.92
CA TYR GC 449 12.35 113.28 75.38
C TYR GC 449 13.08 114.38 76.18
N GLY GC 450 12.82 114.39 77.49
CA GLY GC 450 13.39 115.38 78.38
C GLY GC 450 12.94 116.78 78.09
N ASP GC 451 13.84 117.58 77.52
CA ASP GC 451 13.47 118.83 76.89
C ASP GC 451 13.32 118.72 75.38
N THR GC 452 14.01 117.76 74.77
CA THR GC 452 14.01 117.61 73.31
C THR GC 452 12.69 116.99 72.86
N ARG GC 453 12.02 117.66 71.95
CA ARG GC 453 10.76 117.15 71.44
C ARG GC 453 10.85 117.10 69.93
N THR GC 454 10.49 115.95 69.36
CA THR GC 454 10.78 115.71 67.96
C THR GC 454 9.58 115.10 67.24
N LEU GC 455 9.13 115.76 66.19
CA LEU GC 455 8.13 115.23 65.29
C LEU GC 455 8.84 114.54 64.13
N ILE GC 456 8.39 113.33 63.80
CA ILE GC 456 8.88 112.63 62.63
C ILE GC 456 7.74 112.61 61.63
N ILE GC 457 7.92 113.34 60.53
CA ILE GC 457 6.91 113.55 59.51
C ILE GC 457 7.32 112.78 58.27
N PRO GC 458 6.49 111.87 57.76
CA PRO GC 458 6.85 111.16 56.54
C PRO GC 458 6.72 112.06 55.32
N THR GC 459 7.82 112.16 54.57
CA THR GC 459 7.82 112.93 53.33
C THR GC 459 6.99 112.28 52.25
N ASP GC 460 6.77 110.98 52.34
CA ASP GC 460 6.07 110.22 51.33
C ASP GC 460 4.58 110.52 51.31
N LYS GC 461 4.00 110.88 52.45
CA LYS GC 461 2.61 111.32 52.47
C LYS GC 461 2.44 112.79 52.78
N TYR GC 462 3.49 113.49 53.20
CA TYR GC 462 3.39 114.93 53.39
C TYR GC 462 4.22 115.72 52.39
N PHE GC 463 4.59 115.10 51.28
CA PHE GC 463 5.15 115.83 50.16
C PHE GC 463 4.71 115.16 48.89
N MET GC 464 4.41 115.96 47.88
CA MET GC 464 4.25 115.39 46.56
C MET GC 464 5.61 115.04 46.01
N PHE GC 465 5.60 114.08 45.09
CA PHE GC 465 6.63 113.05 44.99
C PHE GC 465 7.95 113.59 44.47
N SER GC 466 9.01 113.37 45.27
CA SER GC 466 10.41 113.74 45.02
C SER GC 466 10.55 115.22 44.71
N SER GC 467 9.82 116.02 45.46
CA SER GC 467 9.68 117.44 45.19
C SER GC 467 9.60 118.16 46.52
N PRO GC 468 9.94 119.44 46.54
CA PRO GC 468 9.64 120.25 47.72
C PRO GC 468 8.26 120.88 47.70
N ARG GC 469 7.36 120.40 46.86
CA ARG GC 469 5.98 120.83 46.93
C ARG GC 469 5.29 120.04 48.03
N LEU GC 470 4.68 120.75 48.97
CA LEU GC 470 4.00 120.10 50.08
C LEU GC 470 2.74 119.42 49.59
N ASN GC 471 2.44 118.26 50.16
CA ASN GC 471 1.24 117.51 49.80
C ASN GC 471 0.05 118.23 50.37
N GLU GC 472 -0.55 119.06 49.51
CA GLU GC 472 -1.55 120.05 49.87
C GLU GC 472 -2.85 119.43 50.33
N ILE GC 473 -3.17 118.22 49.86
CA ILE GC 473 -4.31 117.48 50.38
C ILE GC 473 -4.12 117.09 51.85
N CYS GC 474 -2.89 116.81 52.27
CA CYS GC 474 -2.65 116.57 53.69
C CYS GC 474 -2.36 117.85 54.47
N TYR GC 475 -3.22 118.85 54.31
CA TYR GC 475 -3.20 119.99 55.22
C TYR GC 475 -3.53 119.75 56.71
N PRO GC 476 -4.42 118.83 57.18
CA PRO GC 476 -4.69 118.82 58.63
C PRO GC 476 -3.57 118.26 59.48
N GLY GC 477 -2.66 117.49 58.90
CA GLY GC 477 -1.40 117.22 59.57
C GLY GC 477 -0.54 118.46 59.72
N LEU GC 478 -0.55 119.33 58.72
CA LEU GC 478 0.28 120.53 58.76
C LEU GC 478 -0.28 121.58 59.71
N ASN GC 479 -1.61 121.79 59.69
CA ASN GC 479 -2.25 122.61 60.70
C ASN GC 479 -2.13 122.03 62.08
N ASN GC 480 -2.14 120.71 62.22
CA ASN GC 480 -2.05 120.15 63.56
C ASN GC 480 -0.64 120.17 64.11
N VAL GC 481 0.38 120.09 63.24
CA VAL GC 481 1.74 120.23 63.74
C VAL GC 481 2.01 121.68 64.10
N ILE GC 482 1.50 122.66 63.34
CA ILE GC 482 1.73 124.05 63.73
C ILE GC 482 0.85 124.45 64.93
N ARG GC 483 -0.32 123.82 65.10
CA ARG GC 483 -1.13 123.96 66.30
C ARG GC 483 -0.45 123.34 67.51
N LEU GC 484 0.37 122.33 67.29
CA LEU GC 484 1.14 121.78 68.39
C LEU GC 484 2.28 122.71 68.77
N LEU GC 485 2.99 123.28 67.80
CA LEU GC 485 4.11 124.10 68.22
C LEU GC 485 3.78 125.58 68.34
N ASN GC 486 2.49 125.95 68.46
CA ASN GC 486 2.24 127.19 69.20
C ASN GC 486 2.47 127.04 70.71
N PHE GC 487 2.49 125.81 71.24
CA PHE GC 487 2.61 125.60 72.67
C PHE GC 487 4.00 125.89 73.21
N TYR GC 488 5.01 126.03 72.37
CA TYR GC 488 6.38 126.21 72.80
C TYR GC 488 6.96 127.46 72.15
N PRO GC 489 6.57 128.64 72.61
CA PRO GC 489 6.90 129.87 71.87
C PRO GC 489 8.25 130.50 72.20
N GLN GC 490 9.16 129.81 72.87
CA GLN GC 490 10.49 130.36 73.07
C GLN GC 490 11.59 129.42 72.65
N SER GC 491 11.27 128.22 72.19
CA SER GC 491 12.28 127.25 71.84
C SER GC 491 12.83 127.49 70.45
N THR GC 492 14.13 127.30 70.30
CA THR GC 492 14.74 127.28 68.98
C THR GC 492 14.37 125.99 68.27
N ILE GC 493 14.24 126.05 66.96
CA ILE GC 493 13.65 124.97 66.19
C ILE GC 493 14.70 124.44 65.24
N TYR GC 494 15.06 123.18 65.40
CA TYR GC 494 15.87 122.49 64.42
C TYR GC 494 14.92 121.72 63.51
N VAL GC 495 15.06 121.89 62.21
CA VAL GC 495 14.32 121.12 61.23
C VAL GC 495 15.32 120.50 60.27
N ALA GC 496 15.13 119.21 59.99
CA ALA GC 496 16.11 118.50 59.19
C ALA GC 496 15.43 117.51 58.29
N GLY GC 497 16.00 117.33 57.11
CA GLY GC 497 15.39 116.54 56.06
C GLY GC 497 16.19 115.30 55.77
N PHE GC 498 15.48 114.23 55.39
CA PHE GC 498 16.12 112.93 55.22
C PHE GC 498 15.60 112.25 53.97
N THR GC 499 16.49 111.50 53.33
CA THR GC 499 16.19 110.68 52.16
C THR GC 499 16.54 109.23 52.42
N ASP GC 500 16.65 108.44 51.36
CA ASP GC 500 17.20 107.09 51.45
C ASP GC 500 18.29 106.96 50.39
N ASN GC 501 18.70 105.73 50.13
CA ASN GC 501 19.91 105.36 49.41
C ASN GC 501 19.90 105.66 47.90
N VAL GC 502 18.78 106.06 47.32
CA VAL GC 502 18.71 106.23 45.87
C VAL GC 502 19.39 107.53 45.45
N GLY GC 503 19.74 107.63 44.18
CA GLY GC 503 20.25 108.87 43.64
C GLY GC 503 21.69 109.16 44.01
N SER GC 504 22.21 110.22 43.40
CA SER GC 504 23.52 110.72 43.76
C SER GC 504 23.45 111.40 45.11
N ARG GC 505 24.62 111.51 45.75
CA ARG GC 505 24.75 112.11 47.07
C ARG GC 505 24.39 113.59 47.05
N SER GC 506 24.69 114.25 45.92
CA SER GC 506 24.20 115.59 45.65
C SER GC 506 22.69 115.64 45.56
N HIS GC 507 22.06 114.64 44.96
CA HIS GC 507 20.60 114.64 44.83
C HIS GC 507 19.93 114.38 46.16
N LYS GC 508 20.50 113.46 46.96
CA LYS GC 508 20.14 113.21 48.35
C LYS GC 508 20.19 114.47 49.20
N ARG GC 509 21.31 115.18 49.11
CA ARG GC 509 21.54 116.38 49.91
C ARG GC 509 20.63 117.53 49.50
N LYS GC 510 20.51 117.78 48.20
CA LYS GC 510 19.67 118.89 47.75
C LYS GC 510 18.18 118.60 47.88
N LEU GC 511 17.76 117.35 47.76
CA LEU GC 511 16.35 117.03 47.93
C LEU GC 511 15.95 117.08 49.39
N SER GC 512 16.79 116.54 50.28
CA SER GC 512 16.53 116.63 51.72
C SER GC 512 16.62 118.06 52.23
N GLN GC 513 17.55 118.83 51.69
CA GLN GC 513 17.70 120.25 52.03
C GLN GC 513 16.52 121.07 51.54
N ALA GC 514 16.02 120.74 50.34
CA ALA GC 514 14.88 121.46 49.80
C ALA GC 514 13.60 121.18 50.57
N GLN GC 515 13.39 119.92 50.96
CA GLN GC 515 12.19 119.56 51.71
C GLN GC 515 12.22 120.08 53.14
N ALA GC 516 13.38 120.03 53.80
CA ALA GC 516 13.52 120.63 55.11
C ALA GC 516 13.40 122.13 55.06
N GLU GC 517 13.88 122.74 53.99
CA GLU GC 517 13.86 124.18 53.85
C GLU GC 517 12.46 124.67 53.57
N THR GC 518 11.68 123.93 52.80
CA THR GC 518 10.31 124.35 52.59
C THR GC 518 9.39 124.01 53.76
N MET GC 519 9.76 123.04 54.61
CA MET GC 519 8.97 122.87 55.82
C MET GC 519 9.30 123.97 56.82
N MET GC 520 10.54 124.45 56.78
CA MET GC 520 10.97 125.60 57.57
C MET GC 520 10.25 126.87 57.15
N THR GC 521 10.08 127.07 55.84
CA THR GC 521 9.28 128.19 55.37
C THR GC 521 7.82 128.04 55.66
N PHE GC 522 7.32 126.80 55.74
CA PHE GC 522 5.93 126.60 56.14
C PHE GC 522 5.71 127.01 57.58
N LEU GC 523 6.65 126.68 58.47
CA LEU GC 523 6.50 127.10 59.86
C LEU GC 523 6.72 128.59 60.03
N TRP GC 524 7.63 129.17 59.23
CA TRP GC 524 7.85 130.61 59.25
C TRP GC 524 6.66 131.37 58.70
N ALA GC 525 6.03 130.84 57.66
CA ALA GC 525 4.86 131.45 57.06
C ALA GC 525 3.58 131.14 57.81
N ASN GC 526 3.61 130.18 58.73
CA ASN GC 526 2.45 129.96 59.59
C ASN GC 526 2.75 130.60 60.94
N GLY GC 527 3.89 131.25 61.06
CA GLY GC 527 4.07 132.26 62.07
C GLY GC 527 5.04 131.99 63.19
N ILE GC 528 6.18 131.40 62.89
CA ILE GC 528 7.27 131.29 63.87
C ILE GC 528 8.37 132.23 63.40
N ALA GC 529 8.94 132.98 64.33
CA ALA GC 529 9.93 134.00 64.00
C ALA GC 529 11.24 133.37 63.56
N ALA GC 530 11.78 133.90 62.47
CA ALA GC 530 12.73 133.22 61.59
C ALA GC 530 14.08 132.91 62.21
N LYS GC 531 14.45 133.57 63.29
CA LYS GC 531 15.68 133.20 63.98
C LYS GC 531 15.45 132.16 65.07
N ARG GC 532 14.23 131.67 65.22
CA ARG GC 532 14.07 130.43 65.98
C ARG GC 532 14.35 129.21 65.14
N LEU GC 533 14.37 129.32 63.82
CA LEU GC 533 14.30 128.14 62.96
C LEU GC 533 15.64 127.82 62.35
N LYS GC 534 15.83 126.55 61.99
CA LYS GC 534 17.08 126.08 61.42
C LYS GC 534 16.75 124.92 60.49
N ALA GC 535 16.94 125.13 59.20
CA ALA GC 535 16.70 124.10 58.21
C ALA GC 535 18.02 123.47 57.80
N GLU GC 536 18.06 122.15 57.78
CA GLU GC 536 19.30 121.50 57.39
C GLU GC 536 18.98 120.16 56.78
N GLY GC 537 19.69 119.82 55.70
CA GLY GC 537 19.41 118.59 54.99
C GLY GC 537 20.49 117.54 55.09
N TYR GC 538 20.12 116.35 55.53
CA TYR GC 538 21.01 115.20 55.56
C TYR GC 538 20.62 114.22 54.48
N GLY GC 539 21.58 113.84 53.65
CA GLY GC 539 21.33 112.79 52.68
C GLY GC 539 21.46 111.43 53.31
N ASP GC 540 20.44 111.03 54.08
CA ASP GC 540 20.33 109.88 55.00
C ASP GC 540 21.56 109.62 55.85
N LYS GC 541 22.25 110.66 56.31
CA LYS GC 541 23.44 110.43 57.10
C LYS GC 541 23.15 110.15 58.56
N ASN GC 542 21.91 110.23 59.00
CA ASN GC 542 21.59 109.76 60.34
C ASN GC 542 20.95 108.38 60.33
N ALA GC 543 19.99 108.16 59.40
CA ALA GC 543 19.54 106.85 58.92
C ALA GC 543 18.94 105.99 60.04
N ILE GC 544 17.72 106.36 60.45
CA ILE GC 544 17.03 105.65 61.54
C ILE GC 544 16.58 104.24 61.22
N SER GC 545 16.71 103.78 59.99
CA SER GC 545 16.56 102.39 59.66
C SER GC 545 17.55 102.03 58.57
N ASP GC 546 17.56 100.75 58.19
CA ASP GC 546 18.36 100.37 57.05
C ASP GC 546 17.62 100.64 55.75
N ASN GC 547 18.38 100.98 54.71
CA ASN GC 547 17.82 101.26 53.40
C ASN GC 547 17.73 100.01 52.55
N ALA GC 548 18.15 98.88 53.08
CA ALA GC 548 18.13 97.64 52.32
C ALA GC 548 16.77 97.02 52.25
N ILE GC 549 15.79 97.50 53.02
CA ILE GC 549 14.48 96.88 53.00
C ILE GC 549 13.49 98.02 52.75
N ILE GC 550 12.33 97.64 52.21
CA ILE GC 550 11.36 98.57 51.64
C ILE GC 550 10.71 99.43 52.72
N HIS GC 551 10.20 98.77 53.76
CA HIS GC 551 9.46 99.47 54.80
C HIS GC 551 10.43 100.24 55.69
N GLY GC 552 11.65 99.73 55.82
CA GLY GC 552 12.69 100.45 56.53
C GLY GC 552 13.15 101.71 55.83
N SER GC 553 13.25 101.66 54.51
CA SER GC 553 13.59 102.87 53.77
C SER GC 553 12.44 103.86 53.73
N ALA GC 554 11.21 103.36 53.78
CA ALA GC 554 10.04 104.21 53.93
C ALA GC 554 10.07 104.95 55.26
N GLN GC 555 10.50 104.27 56.32
CA GLN GC 555 10.76 104.94 57.58
C GLN GC 555 11.95 105.88 57.52
N ASN GC 556 12.93 105.62 56.67
CA ASN GC 556 14.06 106.55 56.55
C ASN GC 556 13.69 107.85 55.87
N ARG GC 557 12.75 107.83 54.94
CA ARG GC 557 12.31 109.07 54.27
C ARG GC 557 11.45 109.90 55.21
N ARG GC 558 12.00 110.97 55.79
CA ARG GC 558 11.28 111.70 56.83
C ARG GC 558 11.81 113.13 56.97
N ILE GC 559 11.10 113.90 57.79
CA ILE GC 559 11.54 115.17 58.34
C ILE GC 559 11.57 115.04 59.84
N GLU GC 560 12.70 115.37 60.48
CA GLU GC 560 12.69 115.49 61.93
C GLU GC 560 12.50 116.96 62.28
N ILE GC 561 11.70 117.19 63.31
CA ILE GC 561 11.49 118.51 63.90
C ILE GC 561 11.89 118.38 65.36
N GLN GC 562 13.02 118.97 65.73
CA GLN GC 562 13.45 118.99 67.11
C GLN GC 562 13.27 120.39 67.67
N TRP GC 563 12.91 120.47 68.94
CA TRP GC 563 13.10 121.70 69.70
C TRP GC 563 13.35 121.39 71.15
N PHE GC 564 13.59 122.43 71.92
CA PHE GC 564 13.92 122.31 73.33
C PHE GC 564 12.78 122.83 74.19
N ARG HC 429 14.64 76.35 116.97
CA ARG HC 429 14.26 76.83 115.64
C ARG HC 429 15.16 77.99 115.21
N ASP HC 430 15.96 78.48 116.15
CA ASP HC 430 16.98 79.47 115.86
C ASP HC 430 18.39 78.97 116.16
N SER HC 431 18.54 77.67 116.32
CA SER HC 431 19.72 77.08 116.94
C SER HC 431 20.56 76.31 115.93
N LYS HC 432 21.56 75.61 116.48
CA LYS HC 432 22.54 74.82 115.74
C LYS HC 432 21.91 73.73 114.91
N ARG HC 433 21.03 72.91 115.51
CA ARG HC 433 20.47 71.74 114.83
C ARG HC 433 19.53 72.14 113.72
N LYS HC 434 18.82 73.26 113.92
CA LYS HC 434 17.99 73.87 112.87
C LYS HC 434 18.83 74.38 111.71
N ILE HC 435 19.93 75.10 111.99
CA ILE HC 435 20.66 75.68 110.85
C ILE HC 435 21.52 74.66 110.11
N ILE HC 436 22.00 73.61 110.79
CA ILE HC 436 22.69 72.54 110.08
C ILE HC 436 21.72 71.67 109.30
N ARG HC 437 20.49 71.50 109.81
CA ARG HC 437 19.46 70.75 109.08
C ARG HC 437 19.03 71.49 107.82
N ASP HC 438 18.95 72.82 107.86
CA ASP HC 438 18.64 73.42 106.57
C ASP HC 438 19.87 73.69 105.72
N LEU HC 439 21.10 73.63 106.25
CA LEU HC 439 22.24 73.61 105.32
C LEU HC 439 22.37 72.27 104.62
N GLN HC 440 21.89 71.20 105.26
CA GLN HC 440 21.63 69.96 104.55
C GLN HC 440 20.57 70.16 103.47
N LYS HC 441 19.53 70.95 103.77
CA LYS HC 441 18.48 71.22 102.78
C LYS HC 441 18.95 72.07 101.60
N GLN HC 442 19.73 73.14 101.81
CA GLN HC 442 20.41 73.81 100.70
C GLN HC 442 21.84 73.34 100.52
N ASP HC 443 22.08 72.04 100.70
CA ASP HC 443 23.15 71.17 100.13
C ASP HC 443 24.58 71.70 100.31
N ILE HC 444 24.88 72.12 101.52
CA ILE HC 444 26.23 72.39 101.95
C ILE HC 444 26.61 71.38 103.03
N GLN HC 445 27.73 70.70 102.88
CA GLN HC 445 28.13 69.79 103.95
C GLN HC 445 28.73 70.51 105.13
N TYR HC 446 28.52 69.89 106.28
CA TYR HC 446 29.15 70.28 107.53
C TYR HC 446 29.78 69.01 108.09
N VAL HC 447 30.99 69.11 108.64
CA VAL HC 447 31.48 68.05 109.53
C VAL HC 447 31.91 68.64 110.87
N GLU HC 448 31.32 68.08 111.94
CA GLU HC 448 31.85 68.01 113.30
C GLU HC 448 33.02 67.06 113.35
N TYR HC 449 34.17 67.56 113.80
CA TYR HC 449 35.33 66.68 113.95
C TYR HC 449 36.25 67.17 115.07
N GLY HC 450 35.97 66.71 116.28
CA GLY HC 450 36.71 67.08 117.47
C GLY HC 450 36.59 68.56 117.79
N ASP HC 451 37.66 69.29 117.54
CA ASP HC 451 37.59 70.74 117.50
C ASP HC 451 37.47 71.29 116.08
N THR HC 452 37.93 70.56 115.09
CA THR HC 452 37.93 71.02 113.71
C THR HC 452 36.54 70.93 113.12
N ARG HC 453 36.05 72.03 112.61
CA ARG HC 453 34.72 72.06 112.02
C ARG HC 453 34.84 72.62 110.62
N THR HC 454 34.25 71.91 109.65
CA THR HC 454 34.52 72.21 108.26
C THR HC 454 33.23 72.21 107.45
N LEU HC 455 32.97 73.32 106.78
CA LEU HC 455 31.90 73.43 105.81
C LEU HC 455 32.47 73.15 104.43
N ILE HC 456 31.77 72.31 103.67
CA ILE HC 456 32.12 72.06 102.29
C ILE HC 456 31.04 72.70 101.44
N ILE HC 457 31.41 73.75 100.72
CA ILE HC 457 30.49 74.57 99.95
C ILE HC 457 30.75 74.31 98.47
N PRO HC 458 29.76 73.87 97.69
CA PRO HC 458 29.99 73.67 96.26
C PRO HC 458 30.10 74.99 95.52
N THR HC 459 31.21 75.16 94.81
CA THR HC 459 31.40 76.35 94.00
C THR HC 459 30.49 76.40 92.80
N ASP HC 460 29.99 75.25 92.37
CA ASP HC 460 29.16 75.14 91.20
C ASP HC 460 27.77 75.73 91.39
N LYS HC 461 27.26 75.70 92.61
CA LYS HC 461 25.99 76.37 92.90
C LYS HC 461 26.15 77.60 93.79
N TYR HC 462 27.31 77.83 94.38
CA TYR HC 462 27.53 79.05 95.15
C TYR HC 462 28.53 79.98 94.51
N PHE HC 463 28.80 79.80 93.22
CA PHE HC 463 29.52 80.80 92.46
C PHE HC 463 28.97 80.81 91.06
N MET HC 464 28.89 82.00 90.48
CA MET HC 464 28.65 82.07 89.06
C MET HC 464 29.92 81.69 88.32
N PHE HC 465 29.72 81.23 87.09
CA PHE HC 465 30.50 80.14 86.52
C PHE HC 465 31.92 80.55 86.17
N SER HC 466 32.87 79.80 86.75
CA SER HC 466 34.33 79.94 86.56
C SER HC 466 34.81 81.34 86.88
N SER HC 467 34.25 81.91 87.94
CA SER HC 467 34.43 83.30 88.28
C SER HC 467 34.48 83.42 89.79
N PRO HC 468 35.09 84.47 90.30
CA PRO HC 468 34.94 84.76 91.73
C PRO HC 468 33.73 85.63 92.05
N ARG HC 469 32.77 85.74 91.15
CA ARG HC 469 31.52 86.38 91.48
C ARG HC 469 30.65 85.37 92.21
N LEU HC 470 30.18 85.74 93.40
CA LEU HC 470 29.34 84.85 94.20
C LEU HC 470 27.98 84.72 93.55
N ASN HC 471 27.42 83.52 93.62
CA ASN HC 471 26.09 83.25 93.07
C ASN HC 471 25.08 83.92 93.97
N GLU HC 472 24.70 85.13 93.56
CA GLU HC 472 23.93 86.07 94.34
C GLU HC 472 22.52 85.61 94.60
N ILE HC 473 21.95 84.79 93.71
CA ILE HC 473 20.66 84.16 93.95
C ILE HC 473 20.73 83.18 95.12
N CYS HC 474 21.84 82.50 95.32
CA CYS HC 474 21.99 81.65 96.50
C CYS HC 474 22.53 82.40 97.70
N TYR HC 475 21.92 83.54 98.03
CA TYR HC 475 22.16 84.17 99.32
C TYR HC 475 21.75 83.43 100.60
N PRO HC 476 20.67 82.60 100.71
CA PRO HC 476 20.35 82.05 102.04
C PRO HC 476 21.31 80.98 102.52
N GLY HC 477 22.04 80.33 101.62
CA GLY HC 477 23.20 79.56 102.04
C GLY HC 477 24.30 80.40 102.61
N LEU HC 478 24.52 81.60 102.06
CA LEU HC 478 25.57 82.47 102.53
C LEU HC 478 25.24 83.14 103.85
N ASN HC 479 23.99 83.60 104.00
CA ASN HC 479 23.52 84.06 105.30
C ASN HC 479 23.47 82.94 106.32
N ASN HC 480 23.17 81.71 105.92
CA ASN HC 480 23.10 80.65 106.90
C ASN HC 480 24.47 80.16 107.32
N VAL HC 481 25.46 80.22 106.42
CA VAL HC 481 26.80 79.85 106.85
C VAL HC 481 27.39 80.93 107.75
N ILE HC 482 27.11 82.22 107.49
CA ILE HC 482 27.63 83.25 108.39
C ILE HC 482 26.84 83.29 109.71
N ARG HC 483 25.55 82.92 109.68
CA ARG HC 483 24.77 82.72 110.89
C ARG HC 483 25.24 81.54 111.69
N LEU HC 484 25.85 80.55 111.03
CA LEU HC 484 26.43 79.45 111.75
C LEU HC 484 27.74 79.88 112.41
N LEU HC 485 28.58 80.63 111.70
CA LEU HC 485 29.85 80.95 112.34
C LEU HC 485 29.84 82.28 113.08
N ASN HC 486 28.67 82.85 113.42
CA ASN HC 486 28.68 83.68 114.62
C ASN HC 486 28.83 82.89 115.91
N PHE HC 487 28.57 81.58 115.89
CA PHE HC 487 28.59 80.78 117.12
C PHE HC 487 30.00 80.52 117.63
N TYR HC 488 31.04 80.78 116.85
CA TYR HC 488 32.41 80.46 117.22
C TYR HC 488 33.27 81.72 117.10
N PRO HC 489 33.13 82.66 118.02
CA PRO HC 489 33.74 83.99 117.83
C PRO HC 489 35.18 84.12 118.29
N GLN HC 490 35.90 83.05 118.57
CA GLN HC 490 37.31 83.17 118.89
C GLN HC 490 38.20 82.28 118.04
N SER HC 491 37.63 81.47 117.17
CA SER HC 491 38.42 80.53 116.38
C SER HC 491 39.03 81.21 115.17
N THR HC 492 40.27 80.83 114.87
CA THR HC 492 40.89 81.22 113.62
C THR HC 492 40.27 80.44 112.49
N ILE HC 493 40.19 81.06 111.31
CA ILE HC 493 39.40 80.55 110.21
C ILE HC 493 40.33 80.24 109.07
N TYR HC 494 40.40 78.98 108.67
CA TYR HC 494 41.06 78.60 107.45
C TYR HC 494 40.00 78.49 106.37
N VAL HC 495 40.21 79.15 105.25
CA VAL HC 495 39.34 79.01 104.08
C VAL HC 495 40.20 78.64 102.89
N ALA HC 496 39.75 77.66 102.13
CA ALA HC 496 40.57 77.15 101.05
C ALA HC 496 39.70 76.78 99.87
N GLY HC 497 40.25 76.98 98.69
CA GLY HC 497 39.50 76.86 97.45
C GLY HC 497 40.03 75.70 96.62
N PHE HC 498 39.11 75.04 95.89
CA PHE HC 498 39.44 73.84 95.17
C PHE HC 498 38.83 73.84 93.79
N THR HC 499 39.55 73.25 92.84
CA THR HC 499 39.11 73.08 91.46
C THR HC 499 39.13 71.60 91.09
N ASP HC 500 39.09 71.32 89.80
CA ASP HC 500 39.33 69.97 89.29
C ASP HC 500 40.38 70.05 88.19
N ASN HC 501 40.52 68.97 87.44
CA ASN HC 501 41.64 68.70 86.55
C ASN HC 501 41.74 69.58 85.30
N VAL HC 502 40.75 70.41 85.00
CA VAL HC 502 40.76 71.17 83.76
C VAL HC 502 41.71 72.35 83.86
N GLY HC 503 42.12 72.88 82.72
CA GLY HC 503 42.91 74.11 82.69
C GLY HC 503 44.35 73.91 83.05
N SER HC 504 45.11 74.98 82.89
CA SER HC 504 46.49 75.01 83.33
C SER HC 504 46.54 75.07 84.85
N ARG HC 505 47.68 74.65 85.39
CA ARG HC 505 47.91 74.63 86.84
C ARG HC 505 47.89 76.02 87.43
N SER HC 506 48.35 77.00 86.65
CA SER HC 506 48.17 78.41 86.98
C SER HC 506 46.71 78.82 87.02
N HIS HC 507 45.89 78.30 86.11
CA HIS HC 507 44.47 78.65 86.09
C HIS HC 507 43.73 78.01 87.25
N LYS HC 508 44.06 76.76 87.56
CA LYS HC 508 43.61 76.04 88.75
C LYS HC 508 43.92 76.81 90.03
N ARG HC 509 45.17 77.24 90.17
CA ARG HC 509 45.63 77.93 91.37
C ARG HC 509 45.01 79.30 91.52
N LYS HC 510 44.98 80.09 90.44
CA LYS HC 510 44.43 81.43 90.54
C LYS HC 510 42.91 81.44 90.63
N LEU HC 511 42.23 80.46 90.04
CA LEU HC 511 40.78 80.41 90.17
C LEU HC 511 40.35 79.94 91.55
N SER HC 512 41.03 78.91 92.09
CA SER HC 512 40.77 78.46 93.45
C SER HC 512 41.14 79.51 94.48
N GLN HC 513 42.24 80.23 94.25
CA GLN HC 513 42.69 81.30 95.11
C GLN HC 513 41.74 82.48 95.08
N ALA HC 514 41.20 82.79 93.91
CA ALA HC 514 40.26 83.89 93.76
C ALA HC 514 38.93 83.59 94.44
N GLN HC 515 38.45 82.35 94.30
CA GLN HC 515 37.17 81.99 94.91
C GLN HC 515 37.27 81.85 96.43
N ALA HC 516 38.38 81.30 96.93
CA ALA HC 516 38.62 81.25 98.37
C ALA HC 516 38.82 82.65 98.93
N GLU HC 517 39.45 83.52 98.16
CA GLU HC 517 39.76 84.85 98.62
C GLU HC 517 38.50 85.70 98.66
N THR HC 518 37.60 85.51 97.71
CA THR HC 518 36.37 86.27 97.78
C THR HC 518 35.36 85.68 98.76
N MET HC 519 35.49 84.40 99.13
CA MET HC 519 34.65 83.92 100.22
C MET HC 519 35.17 84.41 101.55
N MET HC 520 36.50 84.59 101.63
CA MET HC 520 37.14 85.19 102.78
C MET HC 520 36.73 86.65 102.96
N THR HC 521 36.65 87.41 101.85
CA THR HC 521 36.13 88.76 101.94
C THR HC 521 34.65 88.81 102.24
N PHE HC 522 33.90 87.78 101.84
CA PHE HC 522 32.50 87.74 102.23
C PHE HC 522 32.33 87.56 103.72
N LEU HC 523 33.15 86.71 104.33
CA LEU HC 523 33.06 86.53 105.77
C LEU HC 523 33.60 87.74 106.52
N TRP HC 524 34.63 88.39 105.97
CA TRP HC 524 35.16 89.61 106.56
C TRP HC 524 34.18 90.76 106.43
N ALA HC 525 33.48 90.85 105.33
CA ALA HC 525 32.49 91.89 105.11
C ALA HC 525 31.16 91.58 105.74
N ASN HC 526 30.95 90.34 106.19
CA ASN HC 526 29.76 90.05 106.96
C ASN HC 526 30.14 89.98 108.44
N GLY HC 527 31.40 90.27 108.73
CA GLY HC 527 31.76 90.73 110.05
C GLY HC 527 32.62 89.82 110.89
N ILE HC 528 33.62 89.18 110.31
CA ILE HC 528 34.62 88.45 111.08
C ILE HC 528 35.91 89.24 110.95
N ALA HC 529 36.60 89.40 112.07
CA ALA HC 529 37.80 90.24 112.12
C ALA HC 529 38.96 89.58 111.38
N ALA HC 530 39.64 90.38 110.56
CA ALA HC 530 40.43 89.96 109.42
C ALA HC 530 41.66 89.13 109.77
N LYS HC 531 42.15 89.19 111.00
CA LYS HC 531 43.23 88.32 111.40
C LYS HC 531 42.76 87.01 111.98
N ARG HC 532 41.46 86.76 112.01
CA ARG HC 532 41.01 85.39 112.21
C ARG HC 532 41.04 84.59 110.92
N LEU HC 533 41.11 85.22 109.76
CA LEU HC 533 40.80 84.54 108.52
C LEU HC 533 42.07 84.22 107.74
N LYS HC 534 41.98 83.21 106.88
CA LYS HC 534 43.11 82.75 106.09
C LYS HC 534 42.57 82.18 104.79
N ALA HC 535 42.81 82.86 103.68
CA ALA HC 535 42.39 82.39 102.38
C ALA HC 535 43.55 81.73 101.66
N GLU HC 536 43.30 80.55 101.11
CA GLU HC 536 44.38 79.88 100.41
C GLU HC 536 43.78 79.01 99.32
N GLY HC 537 44.43 78.98 98.17
CA GLY HC 537 43.91 78.25 97.03
C GLY HC 537 44.73 77.05 96.63
N TYR HC 538 44.10 75.89 96.57
CA TYR HC 538 44.71 74.68 96.08
C TYR HC 538 44.15 74.33 94.71
N GLY HC 539 45.01 74.12 93.75
CA GLY HC 539 44.56 73.66 92.45
C GLY HC 539 44.38 72.15 92.47
N ASP HC 540 43.28 71.70 93.08
CA ASP HC 540 42.89 70.33 93.45
C ASP HC 540 44.01 69.49 94.05
N LYS HC 541 44.90 70.07 94.84
CA LYS HC 541 45.99 69.29 95.38
C LYS HC 541 45.61 68.51 96.62
N ASN HC 542 44.40 68.66 97.14
CA ASN HC 542 43.95 67.77 98.18
C ASN HC 542 43.03 66.68 97.66
N ALA HC 543 42.08 67.07 96.79
CA ALA HC 543 41.36 66.20 95.85
C ALA HC 543 40.54 65.11 96.56
N ILE HC 544 39.43 65.52 97.17
CA ILE HC 544 38.57 64.59 97.92
C ILE HC 544 37.83 63.56 97.09
N SER HC 545 37.89 63.63 95.76
CA SER HC 545 37.45 62.56 94.92
C SER HC 545 38.36 62.48 93.71
N ASP HC 546 38.10 61.51 92.85
CA ASP HC 546 38.84 61.46 91.60
C ASP HC 546 38.20 62.39 90.58
N ASN HC 547 39.04 62.95 89.71
CA ASN HC 547 38.59 63.86 88.66
C ASN HC 547 38.26 63.12 87.39
N ALA HC 548 38.40 61.80 87.38
CA ALA HC 548 38.14 61.02 86.19
C ALA HC 548 36.66 60.79 85.96
N ILE HC 549 35.80 61.10 86.93
CA ILE HC 549 34.39 60.85 86.75
C ILE HC 549 33.68 62.16 87.05
N ILE HC 550 32.48 62.30 86.48
CA ILE HC 550 31.75 63.56 86.40
C ILE HC 550 31.28 64.01 87.77
N HIS HC 551 30.61 63.12 88.49
CA HIS HC 551 30.02 63.46 89.77
C HIS HC 551 31.11 63.59 90.82
N GLY HC 552 32.19 62.81 90.66
CA GLY HC 552 33.33 62.94 91.53
C GLY HC 552 34.07 64.25 91.38
N SER HC 553 34.20 64.73 90.15
CA SER HC 553 34.82 66.03 89.94
C SER HC 553 33.92 67.17 90.38
N ALA HC 554 32.60 66.96 90.29
CA ALA HC 554 31.64 67.90 90.87
C ALA HC 554 31.80 68.01 92.37
N GLN HC 555 32.05 66.87 93.03
CA GLN HC 555 32.40 66.91 94.44
C GLN HC 555 33.78 67.51 94.69
N ASN HC 556 34.70 67.43 93.74
CA ASN HC 556 36.00 68.06 93.94
C ASN HC 556 35.96 69.58 93.87
N ARG HC 557 35.06 70.13 93.07
CA ARG HC 557 34.92 71.59 92.99
C ARG HC 557 34.23 72.12 94.24
N ARG HC 558 34.99 72.73 95.16
CA ARG HC 558 34.43 73.10 96.46
C ARG HC 558 35.24 74.20 97.13
N ILE HC 559 34.70 74.70 98.24
CA ILE HC 559 35.40 75.52 99.22
C ILE HC 559 35.36 74.77 100.54
N GLU HC 560 36.52 74.56 101.18
CA GLU HC 560 36.49 74.07 102.55
C GLU HC 560 36.61 75.28 103.48
N ILE HC 561 35.86 75.23 104.57
CA ILE HC 561 35.93 76.19 105.65
C ILE HC 561 36.26 75.40 106.90
N GLN HC 562 37.48 75.53 107.40
CA GLN HC 562 37.86 74.90 108.65
C GLN HC 562 37.98 75.96 109.73
N TRP HC 563 37.62 75.59 110.95
CA TRP HC 563 38.05 76.32 112.12
C TRP HC 563 38.18 75.38 113.30
N PHE HC 564 38.63 75.95 114.42
CA PHE HC 564 38.89 75.20 115.63
C PHE HC 564 37.86 75.56 116.69
N ARG IC 429 28.13 16.33 136.68
CA ARG IC 429 27.90 17.39 135.69
C ARG IC 429 29.04 18.39 135.71
N ASP IC 430 29.91 18.27 136.70
CA ASP IC 430 31.14 19.05 136.77
C ASP IC 430 32.38 18.18 136.74
N SER IC 431 32.24 16.92 136.34
CA SER IC 431 33.24 15.90 136.59
C SER IC 431 33.91 15.45 135.30
N LYS IC 432 34.71 14.39 135.45
CA LYS IC 432 35.51 13.79 134.37
C LYS IC 432 34.66 13.29 133.22
N ARG IC 433 33.61 12.51 133.51
CA ARG IC 433 32.82 11.87 132.45
C ARG IC 433 32.02 12.89 131.66
N LYS IC 434 31.58 13.95 132.34
CA LYS IC 434 30.94 15.09 131.70
C LYS IC 434 31.89 15.85 130.79
N ILE IC 435 33.12 16.14 131.25
CA ILE IC 435 33.98 16.95 130.41
C ILE IC 435 34.61 16.17 129.26
N ILE IC 436 34.82 14.87 129.41
CA ILE IC 436 35.28 14.06 128.29
C ILE IC 436 34.16 13.81 127.29
N ARG IC 437 32.91 13.72 127.77
CA ARG IC 437 31.77 13.58 126.88
C ARG IC 437 31.53 14.85 126.06
N ASP IC 438 31.75 16.03 126.65
CA ASP IC 438 31.62 17.15 125.74
C ASP IC 438 32.90 17.48 124.98
N LEU IC 439 34.08 16.95 125.35
CA LEU IC 439 35.19 17.07 124.41
C LEU IC 439 35.04 16.13 123.22
N GLN IC 440 34.32 15.03 123.41
CA GLN IC 440 33.81 14.27 122.27
C GLN IC 440 32.84 15.13 121.45
N LYS IC 441 32.01 15.93 122.12
CA LYS IC 441 31.06 16.80 121.40
C LYS IC 441 31.74 17.94 120.63
N GLN IC 442 32.74 18.62 121.20
CA GLN IC 442 33.57 19.54 120.42
C GLN IC 442 34.87 18.88 119.97
N ASP IC 443 34.80 17.60 119.57
CA ASP IC 443 35.66 16.84 118.63
C ASP IC 443 37.17 16.93 118.91
N ILE IC 444 37.52 16.74 120.17
CA ILE IC 444 38.90 16.52 120.58
C ILE IC 444 39.01 15.10 121.11
N GLN IC 445 39.95 14.31 120.61
CA GLN IC 445 40.11 12.98 121.20
C GLN IC 445 40.83 13.00 122.52
N TYR IC 446 40.45 12.02 123.34
CA TYR IC 446 41.13 11.72 124.59
C TYR IC 446 41.44 10.24 124.53
N VAL IC 447 42.62 9.83 124.99
CA VAL IC 447 42.85 8.42 125.33
C VAL IC 447 43.37 8.29 126.77
N GLU IC 448 42.64 7.50 127.56
CA GLU IC 448 43.10 6.76 128.72
C GLU IC 448 44.03 5.64 128.31
N TYR IC 449 45.26 5.65 128.85
CA TYR IC 449 46.18 4.56 128.54
C TYR IC 449 47.16 4.34 129.69
N GLY IC 450 46.75 3.49 130.63
CA GLY IC 450 47.53 3.18 131.81
C GLY IC 450 47.74 4.38 132.71
N ASP IC 451 48.95 4.90 132.71
CA ASP IC 451 49.21 6.22 133.26
C ASP IC 451 49.25 7.32 132.21
N THR IC 452 49.56 6.97 130.96
CA THR IC 452 49.70 7.94 129.89
C THR IC 452 48.33 8.41 129.44
N ARG IC 453 48.12 9.71 129.44
CA ARG IC 453 46.85 10.25 129.01
C ARG IC 453 47.11 11.30 127.95
N THR IC 454 46.40 11.20 126.83
CA THR IC 454 46.77 11.97 125.66
C THR IC 454 45.54 12.59 125.01
N LEU IC 455 45.55 13.90 124.87
CA LEU IC 455 44.56 14.63 124.10
C LEU IC 455 45.08 14.82 122.69
N ILE IC 456 44.24 14.54 121.72
CA ILE IC 456 44.56 14.82 120.32
C ILE IC 456 43.67 15.96 119.88
N ILE IC 457 44.28 17.11 119.63
CA ILE IC 457 43.58 18.35 119.32
C ILE IC 457 43.82 18.67 117.86
N PRO IC 458 42.78 18.82 117.05
CA PRO IC 458 42.99 19.18 115.64
C PRO IC 458 43.40 20.64 115.50
N THR IC 459 44.54 20.84 114.84
CA THR IC 459 45.02 22.18 114.57
C THR IC 459 44.16 22.92 113.56
N ASP IC 460 43.43 22.18 112.74
CA ASP IC 460 42.63 22.75 111.68
C ASP IC 460 41.42 23.48 112.19
N LYS IC 461 40.87 23.07 113.34
CA LYS IC 461 39.79 23.81 113.96
C LYS IC 461 40.19 24.50 115.25
N TYR IC 462 41.36 24.21 115.80
CA TYR IC 462 41.82 24.92 116.98
C TYR IC 462 43.03 25.80 116.71
N PHE IC 463 43.27 26.12 115.44
CA PHE IC 463 44.22 27.15 115.10
C PHE IC 463 43.73 27.87 113.86
N MET IC 464 43.93 29.18 113.83
CA MET IC 464 43.75 29.87 112.58
C MET IC 464 44.91 29.57 111.67
N PHE IC 465 44.64 29.71 110.37
CA PHE IC 465 45.17 28.81 109.35
C PHE IC 465 46.66 29.01 109.11
N SER IC 466 47.41 27.91 109.25
CA SER IC 466 48.86 27.79 109.04
C SER IC 466 49.64 28.80 109.87
N SER IC 467 49.18 28.99 111.10
CA SER IC 467 49.66 30.05 111.96
C SER IC 467 49.71 29.51 113.38
N PRO IC 468 50.52 30.10 114.23
CA PRO IC 468 50.41 29.82 115.67
C PRO IC 468 49.42 30.70 116.40
N ARG IC 469 48.52 31.37 115.68
CA ARG IC 469 47.44 32.07 116.34
C ARG IC 469 46.35 31.07 116.65
N LEU IC 470 45.95 31.01 117.92
CA LEU IC 470 44.91 30.08 118.34
C LEU IC 470 43.57 30.51 117.79
N ASN IC 471 42.76 29.54 117.41
CA ASN IC 471 41.42 29.82 116.90
C ASN IC 471 40.56 30.26 118.05
N GLU IC 472 40.47 31.58 118.20
CA GLU IC 472 39.91 32.25 119.36
C GLU IC 472 38.42 32.04 119.51
N ILE IC 473 37.72 31.80 118.40
CA ILE IC 473 36.31 31.42 118.45
C ILE IC 473 36.12 30.06 119.12
N CYS IC 474 37.06 29.13 118.93
CA CYS IC 474 36.97 27.87 119.66
C CYS IC 474 37.64 27.92 121.02
N TYR IC 475 37.30 28.92 121.83
CA TYR IC 475 37.65 28.91 123.24
C TYR IC 475 37.04 27.81 124.13
N PRO IC 476 35.79 27.26 123.97
CA PRO IC 476 35.34 26.29 124.99
C PRO IC 476 36.02 24.94 124.92
N GLY IC 477 36.61 24.58 123.78
CA GLY IC 477 37.55 23.47 123.78
C GLY IC 477 38.80 23.75 124.56
N LEU IC 478 39.29 24.99 124.52
CA LEU IC 478 40.51 25.35 125.23
C LEU IC 478 40.30 25.46 126.73
N ASN IC 479 39.18 26.08 127.15
CA ASN IC 479 38.79 26.05 128.55
C ASN IC 479 38.47 24.65 129.03
N ASN IC 480 37.91 23.79 128.18
CA ASN IC 480 37.57 22.47 128.66
C ASN IC 480 38.79 21.56 128.73
N VAL IC 481 39.80 21.78 127.87
CA VAL IC 481 41.01 20.98 128.02
C VAL IC 481 41.79 21.44 129.24
N ILE IC 482 41.83 22.76 129.53
CA ILE IC 482 42.54 23.18 130.75
C ILE IC 482 41.75 22.85 132.02
N ARG IC 483 40.41 22.80 131.93
CA ARG IC 483 39.56 22.30 133.00
C ARG IC 483 39.75 20.81 133.22
N LEU IC 484 40.13 20.09 132.17
CA LEU IC 484 40.44 18.69 132.36
C LEU IC 484 41.79 18.51 133.03
N LEU IC 485 42.79 19.29 132.63
CA LEU IC 485 44.09 19.04 133.25
C LEU IC 485 44.36 19.92 134.47
N ASN IC 486 43.34 20.53 135.08
CA ASN IC 486 43.50 20.78 136.53
C ASN IC 486 43.44 19.51 137.36
N PHE IC 487 42.90 18.41 136.84
CA PHE IC 487 42.71 17.20 137.63
C PHE IC 487 44.01 16.45 137.89
N TYR IC 488 45.09 16.78 137.20
CA TYR IC 488 46.35 16.06 137.32
C TYR IC 488 47.47 17.03 137.66
N PRO IC 489 47.53 17.52 138.90
CA PRO IC 489 48.42 18.64 139.21
C PRO IC 489 49.85 18.27 139.59
N GLN IC 490 50.30 17.03 139.35
CA GLN IC 490 51.70 16.72 139.60
C GLN IC 490 52.37 16.08 138.40
N SER IC 491 51.66 15.85 137.31
CA SER IC 491 52.24 15.17 136.17
C SER IC 491 53.02 16.14 135.29
N THR IC 492 54.15 15.65 134.78
CA THR IC 492 54.88 16.39 133.75
C THR IC 492 54.11 16.30 132.44
N ILE IC 493 54.22 17.35 131.63
CA ILE IC 493 53.35 17.52 130.48
C ILE IC 493 54.21 17.51 129.24
N TYR IC 494 54.01 16.54 128.37
CA TYR IC 494 54.61 16.57 127.05
C TYR IC 494 53.56 17.15 126.10
N VAL IC 495 53.95 18.14 125.32
CA VAL IC 495 53.09 18.70 124.28
C VAL IC 495 53.88 18.67 122.98
N ALA IC 496 53.25 18.21 121.92
CA ALA IC 496 53.95 18.02 120.66
C ALA IC 496 53.06 18.37 119.50
N GLY IC 497 53.67 18.92 118.47
CA GLY IC 497 52.94 19.47 117.33
C GLY IC 497 53.21 18.68 116.07
N PHE IC 498 52.20 18.60 115.22
CA PHE IC 498 52.26 17.75 114.04
C PHE IC 498 51.70 18.46 112.83
N THR IC 499 52.29 18.17 111.66
CA THR IC 499 51.85 18.67 110.38
C THR IC 499 51.55 17.51 109.44
N ASP IC 500 51.48 17.80 108.15
CA ASP IC 500 51.42 16.76 107.13
C ASP IC 500 52.50 17.07 106.08
N ASN IC 501 52.41 16.38 104.95
CA ASN IC 501 53.46 16.28 103.94
C ASN IC 501 53.78 17.55 103.17
N VAL IC 502 53.01 18.62 103.30
CA VAL IC 502 53.22 19.80 102.47
C VAL IC 502 54.41 20.60 102.97
N GLY IC 503 54.95 21.46 102.12
CA GLY IC 503 55.99 22.38 102.54
C GLY IC 503 57.36 21.74 102.69
N SER IC 504 58.34 22.60 102.92
CA SER IC 504 59.68 22.14 103.24
C SER IC 504 59.69 21.57 104.63
N ARG IC 505 60.71 20.72 104.89
CA ARG IC 505 60.88 20.06 106.17
C ARG IC 505 61.16 21.05 107.29
N SER IC 506 61.86 22.15 106.95
CA SER IC 506 61.99 23.29 107.82
C SER IC 506 60.65 23.95 108.13
N HIS IC 507 59.76 24.04 107.14
CA HIS IC 507 58.46 24.67 107.38
C HIS IC 507 57.57 23.79 108.22
N LYS IC 508 57.61 22.48 107.97
CA LYS IC 508 56.97 21.44 108.80
C LYS IC 508 57.41 21.54 110.25
N ARG IC 509 58.73 21.59 110.47
CA ARG IC 509 59.31 21.60 111.81
C ARG IC 509 59.00 22.89 112.54
N LYS IC 510 59.18 24.04 111.88
CA LYS IC 510 58.93 25.31 112.56
C LYS IC 510 57.46 25.59 112.75
N LEU IC 511 56.58 25.13 111.86
CA LEU IC 511 55.16 25.34 112.06
C LEU IC 511 54.60 24.45 113.16
N SER IC 512 55.02 23.18 113.19
CA SER IC 512 54.63 22.28 114.26
C SER IC 512 55.21 22.69 115.59
N GLN IC 513 56.44 23.19 115.60
CA GLN IC 513 57.10 23.69 116.79
C GLN IC 513 56.43 24.95 117.30
N ALA IC 514 56.00 25.83 116.40
CA ALA IC 514 55.35 27.06 116.79
C ALA IC 514 53.96 26.79 117.36
N GLN IC 515 53.22 25.86 116.78
CA GLN IC 515 51.88 25.57 117.28
C GLN IC 515 51.92 24.80 118.60
N ALA IC 516 52.85 23.86 118.76
CA ALA IC 516 53.04 23.18 120.03
C ALA IC 516 53.53 24.13 121.09
N GLU IC 517 54.37 25.09 120.69
CA GLU IC 517 54.95 26.02 121.64
C GLU IC 517 53.93 27.02 122.11
N THR IC 518 53.02 27.45 121.23
CA THR IC 518 51.99 28.35 121.70
C THR IC 518 50.86 27.64 122.42
N MET IC 519 50.68 26.33 122.21
CA MET IC 519 49.73 25.63 123.07
C MET IC 519 50.32 25.41 124.46
N MET IC 520 51.65 25.25 124.50
CA MET IC 520 52.38 25.17 125.75
C MET IC 520 52.31 26.47 126.53
N THR IC 521 52.42 27.62 125.85
CA THR IC 521 52.21 28.89 126.51
C THR IC 521 50.79 29.13 126.91
N PHE IC 522 49.83 28.55 126.18
CA PHE IC 522 48.44 28.65 126.61
C PHE IC 522 48.20 27.90 127.91
N LEU IC 523 48.80 26.72 128.05
CA LEU IC 523 48.62 26.00 129.32
C LEU IC 523 49.41 26.65 130.45
N TRP IC 524 50.58 27.23 130.13
CA TRP IC 524 51.35 27.95 131.13
C TRP IC 524 50.65 29.23 131.56
N ALA IC 525 50.02 29.93 130.63
CA ALA IC 525 49.30 31.14 130.92
C ALA IC 525 47.91 30.89 131.47
N ASN IC 526 47.42 29.66 131.39
CA ASN IC 526 46.17 29.33 132.05
C ASN IC 526 46.50 28.60 133.34
N GLY IC 527 47.79 28.46 133.64
CA GLY IC 527 48.21 28.24 135.00
C GLY IC 527 48.81 26.90 135.34
N ILE IC 528 49.65 26.35 134.48
CA ILE IC 528 50.45 25.18 134.81
C ILE IC 528 51.89 25.65 134.94
N ALA IC 529 52.57 25.18 135.97
CA ALA IC 529 53.93 25.65 136.27
C ALA IC 529 54.92 25.13 135.24
N ALA IC 530 55.79 26.03 134.77
CA ALA IC 530 56.50 25.95 133.50
C ALA IC 530 57.50 24.81 133.40
N LYS IC 531 57.95 24.25 134.52
CA LYS IC 531 58.81 23.10 134.44
C LYS IC 531 58.03 21.79 134.48
N ARG IC 532 56.71 21.83 134.49
CA ARG IC 532 55.96 20.63 134.15
C ARG IC 532 55.85 20.44 132.65
N LEU IC 533 56.08 21.47 131.84
CA LEU IC 533 55.66 21.45 130.46
C LEU IC 533 56.84 21.22 129.52
N LYS IC 534 56.54 20.70 128.34
CA LYS IC 534 57.56 20.37 127.36
C LYS IC 534 56.93 20.51 125.98
N ALA IC 535 57.36 21.51 125.23
CA ALA IC 535 56.87 21.72 123.88
C ALA IC 535 57.88 21.19 122.88
N GLU IC 536 57.38 20.43 121.91
CA GLU IC 536 58.30 19.88 120.92
C GLU IC 536 57.54 19.69 119.62
N GLY IC 537 58.21 20.01 118.52
CA GLY IC 537 57.55 19.93 117.23
C GLY IC 537 58.10 18.86 116.30
N TYR IC 538 57.22 18.00 115.82
CA TYR IC 538 57.56 16.98 114.84
C TYR IC 538 56.96 17.36 113.50
N GLY IC 539 57.79 17.40 112.47
CA GLY IC 539 57.27 17.60 111.14
C GLY IC 539 56.76 16.31 110.54
N ASP IC 540 55.56 15.89 110.99
CA ASP IC 540 54.87 14.61 110.81
C ASP IC 540 55.76 13.38 110.94
N LYS IC 541 56.74 13.38 111.82
CA LYS IC 541 57.62 12.23 111.93
C LYS IC 541 57.03 11.10 112.76
N ASN IC 542 55.87 11.29 113.39
CA ASN IC 542 55.20 10.16 114.01
C ASN IC 542 54.08 9.62 113.15
N ALA IC 543 53.26 10.51 112.59
CA ALA IC 543 52.39 10.29 111.43
C ALA IC 543 51.33 9.21 111.69
N ILE IC 544 50.32 9.56 112.49
CA ILE IC 544 49.26 8.62 112.86
C ILE IC 544 48.33 8.21 111.73
N SER IC 545 48.44 8.80 110.56
CA SER IC 545 47.79 8.30 109.37
C SER IC 545 48.69 8.52 108.18
N ASP IC 546 48.24 8.07 107.02
CA ASP IC 546 48.97 8.38 105.81
C ASP IC 546 48.59 9.77 105.29
N ASN IC 547 49.56 10.44 104.69
CA ASN IC 547 49.35 11.77 104.13
C ASN IC 547 48.89 11.71 102.69
N ALA IC 548 48.74 10.51 102.14
CA ALA IC 548 48.33 10.37 100.75
C ALA IC 548 46.84 10.57 100.56
N ILE IC 549 46.06 10.64 101.62
CA ILE IC 549 44.63 10.79 101.45
C ILE IC 549 44.22 11.99 102.31
N ILE IC 550 43.10 12.61 101.93
CA ILE IC 550 42.68 13.90 102.42
C ILE IC 550 42.28 13.85 103.88
N HIS IC 551 41.42 12.89 104.24
CA HIS IC 551 40.88 12.80 105.58
C HIS IC 551 41.94 12.24 106.51
N GLY IC 552 42.82 11.40 105.97
CA GLY IC 552 43.94 10.91 106.74
C GLY IC 552 44.97 11.97 107.07
N SER IC 553 45.23 12.88 106.14
CA SER IC 553 46.13 13.98 106.44
C SER IC 553 45.49 15.01 107.36
N ALA IC 554 44.17 15.13 107.29
CA ALA IC 554 43.43 15.93 108.26
C ALA IC 554 43.57 15.38 109.66
N GLN IC 555 43.54 14.05 109.80
CA GLN IC 555 43.86 13.42 111.06
C GLN IC 555 45.33 13.56 111.45
N ASN IC 556 46.24 13.67 110.48
CA ASN IC 556 47.65 13.87 110.81
C ASN IC 556 47.94 15.26 111.37
N ARG IC 557 47.20 16.28 110.93
CA ARG IC 557 47.40 17.62 111.47
C ARG IC 557 46.81 17.73 112.88
N ARG IC 558 47.67 17.72 113.90
CA ARG IC 558 47.17 17.64 115.28
C ARG IC 558 48.20 18.16 116.27
N ILE IC 559 47.75 18.26 117.53
CA ILE IC 559 48.60 18.44 118.70
C ILE IC 559 48.36 17.23 119.60
N GLU IC 560 49.42 16.55 120.01
CA GLU IC 560 49.25 15.56 121.07
C GLU IC 560 49.62 16.22 122.40
N ILE IC 561 48.85 15.88 123.43
CA ILE IC 561 49.12 16.28 124.80
C ILE IC 561 49.22 15.00 125.60
N GLN IC 562 50.42 14.64 126.02
CA GLN IC 562 50.62 13.49 126.87
C GLN IC 562 50.95 13.95 128.27
N TRP IC 563 50.49 13.19 129.26
CA TRP IC 563 51.04 13.28 130.60
C TRP IC 563 50.93 11.93 131.29
N PHE IC 564 51.47 11.88 132.50
CA PHE IC 564 51.52 10.65 133.28
C PHE IC 564 50.58 10.75 134.46
N ARG JC 429 27.33 -47.83 129.21
CA ARG JC 429 27.38 -46.45 128.74
C ARG JC 429 28.71 -45.80 129.10
N ASP JC 430 29.51 -46.51 129.89
CA ASP JC 430 30.87 -46.11 130.20
C ASP JC 430 31.88 -47.13 129.73
N SER JC 431 31.48 -48.06 128.87
CA SER JC 431 32.22 -49.28 128.61
C SER JC 431 32.81 -49.29 127.20
N LYS JC 432 33.35 -50.46 126.86
CA LYS JC 432 34.02 -50.73 125.58
C LYS JC 432 33.12 -50.51 124.39
N ARG JC 433 31.92 -51.09 124.40
CA ARG JC 433 31.05 -51.06 123.22
C ARG JC 433 30.51 -49.65 122.98
N LYS JC 434 30.29 -48.90 124.06
CA LYS JC 434 29.95 -47.49 123.98
C LYS JC 434 31.07 -46.64 123.39
N ILE JC 435 32.31 -46.85 123.85
CA ILE JC 435 33.37 -45.96 123.36
C ILE JC 435 33.83 -46.32 121.95
N ILE JC 436 33.75 -47.58 121.55
CA ILE JC 436 34.05 -47.93 120.17
C ILE JC 436 32.93 -47.50 119.24
N ARG JC 437 31.67 -47.52 119.71
CA ARG JC 437 30.55 -47.02 118.92
C ARG JC 437 30.64 -45.52 118.70
N ASP JC 438 31.10 -44.75 119.70
CA ASP JC 438 31.24 -43.35 119.34
C ASP JC 438 32.59 -43.03 118.70
N LEU JC 439 33.60 -43.90 118.75
CA LEU JC 439 34.75 -43.66 117.86
C LEU JC 439 34.43 -43.96 116.41
N GLN JC 440 33.47 -44.86 116.17
CA GLN JC 440 32.84 -44.95 114.87
C GLN JC 440 32.11 -43.66 114.53
N LYS JC 441 31.46 -43.03 115.53
CA LYS JC 441 30.76 -41.77 115.28
C LYS JC 441 31.69 -40.59 115.00
N GLN JC 442 32.79 -40.43 115.73
CA GLN JC 442 33.84 -39.48 115.35
C GLN JC 442 34.98 -40.15 114.58
N ASP JC 443 34.64 -41.11 113.70
CA ASP JC 443 35.33 -41.58 112.47
C ASP JC 443 36.81 -41.94 112.66
N ILE JC 444 37.08 -42.71 113.72
CA ILE JC 444 38.35 -43.36 113.90
C ILE JC 444 38.13 -44.86 113.81
N GLN JC 445 38.89 -45.57 112.97
CA GLN JC 445 38.73 -47.02 112.96
C GLN JC 445 39.39 -47.70 114.13
N TYR JC 446 38.79 -48.81 114.49
CA TYR JC 446 39.33 -49.74 115.46
C TYR JC 446 39.31 -51.11 114.80
N VAL JC 447 40.36 -51.91 114.96
CA VAL JC 447 40.25 -53.34 114.69
C VAL JC 447 40.69 -54.16 115.91
N GLU JC 448 39.77 -55.03 116.35
CA GLU JC 448 40.02 -56.27 117.09
C GLU JC 448 40.69 -57.29 116.19
N TYR JC 449 41.86 -57.76 116.60
CA TYR JC 449 42.53 -58.80 115.81
C TYR JC 449 43.41 -59.68 116.72
N GLY JC 450 42.79 -60.73 117.24
CA GLY JC 450 43.45 -61.66 118.14
C GLY JC 450 43.89 -61.02 119.44
N ASP JC 451 45.19 -60.81 119.57
CA ASP JC 451 45.71 -59.93 120.59
C ASP JC 451 46.03 -58.53 120.09
N THR JC 452 46.29 -58.40 118.79
CA THR JC 452 46.68 -57.13 118.19
C THR JC 452 45.47 -56.23 118.06
N ARG JC 453 45.54 -55.03 118.61
CA ARG JC 453 44.44 -54.10 118.52
C ARG JC 453 44.97 -52.80 117.96
N THR JC 454 44.29 -52.27 116.94
CA THR JC 454 44.85 -51.17 116.17
C THR JC 454 43.82 -50.10 115.91
N LEU JC 455 44.13 -48.88 116.32
CA LEU JC 455 43.33 -47.72 115.98
C LEU JC 455 43.93 -47.07 114.74
N ILE JC 456 43.08 -46.73 113.79
CA ILE JC 456 43.49 -45.99 112.61
C ILE JC 456 42.89 -44.61 112.74
N ILE JC 457 43.75 -43.62 112.93
CA ILE JC 457 43.36 -42.24 113.20
C ILE JC 457 43.71 -41.40 111.99
N PRO JC 458 42.76 -40.70 111.38
CA PRO JC 458 43.08 -39.86 110.23
C PRO JC 458 43.82 -38.61 110.66
N THR JC 459 44.99 -38.39 110.07
CA THR JC 459 45.77 -37.20 110.34
C THR JC 459 45.12 -35.95 109.77
N ASP JC 460 44.27 -36.11 108.78
CA ASP JC 460 43.65 -35.00 108.09
C ASP JC 460 42.62 -34.30 108.94
N LYS JC 461 41.95 -35.01 109.84
CA LYS JC 461 41.05 -34.38 110.79
C LYS JC 461 41.55 -34.39 112.22
N TYR JC 462 42.61 -35.13 112.53
CA TYR JC 462 43.19 -35.08 113.86
C TYR JC 462 44.57 -34.45 113.89
N PHE JC 463 44.91 -33.70 112.85
CA PHE JC 463 46.08 -32.84 112.91
C PHE JC 463 45.80 -31.59 112.10
N MET JC 464 46.29 -30.47 112.58
CA MET JC 464 46.30 -29.30 111.74
C MET JC 464 47.39 -29.44 110.71
N PHE JC 465 47.20 -28.73 109.61
CA PHE JC 465 47.55 -29.22 108.28
C PHE JC 465 49.05 -29.27 108.04
N SER JC 466 49.53 -30.46 107.67
CA SER JC 466 50.92 -30.79 107.33
C SER JC 466 51.88 -30.40 108.45
N SER JC 467 51.45 -30.65 109.68
CA SER JC 467 52.12 -30.17 110.86
C SER JC 467 52.00 -31.23 111.94
N PRO JC 468 52.90 -31.24 112.90
CA PRO JC 468 52.69 -32.05 114.10
C PRO JC 468 51.90 -31.37 115.19
N ARG JC 469 51.20 -30.28 114.87
CA ARG JC 469 50.28 -29.69 115.82
C ARG JC 469 48.98 -30.48 115.77
N LEU JC 470 48.54 -30.96 116.93
CA LEU JC 470 47.31 -31.74 117.00
C LEU JC 470 46.12 -30.84 116.77
N ASN JC 471 45.12 -31.36 116.08
CA ASN JC 471 43.89 -30.62 115.80
C ASN JC 471 43.11 -30.52 117.10
N GLU JC 472 43.33 -29.39 117.77
CA GLU JC 472 42.90 -29.15 119.14
C GLU JC 472 41.39 -29.07 119.28
N ILE JC 473 40.68 -28.68 118.22
CA ILE JC 473 39.22 -28.74 118.21
C ILE JC 473 38.72 -30.17 118.28
N CYS JC 474 39.43 -31.12 117.67
CA CYS JC 474 39.05 -32.52 117.82
C CYS JC 474 39.66 -33.18 119.04
N TYR JC 475 39.53 -32.54 120.20
CA TYR JC 475 39.82 -33.22 121.46
C TYR JC 475 38.95 -34.43 121.86
N PRO JC 476 37.63 -34.58 121.57
CA PRO JC 476 36.94 -35.76 122.14
C PRO JC 476 37.29 -37.08 121.48
N GLY JC 477 37.83 -37.05 120.25
CA GLY JC 477 38.49 -38.23 119.74
C GLY JC 477 39.75 -38.58 120.49
N LEU JC 478 40.50 -37.57 120.93
CA LEU JC 478 41.76 -37.81 121.63
C LEU JC 478 41.52 -38.28 123.07
N ASN JC 479 40.57 -37.66 123.76
CA ASN JC 479 40.13 -38.18 125.06
C ASN JC 479 39.50 -39.55 124.95
N ASN JC 480 38.78 -39.84 123.86
CA ASN JC 480 38.15 -41.14 123.77
C ASN JC 480 39.13 -42.23 123.40
N VAL JC 481 40.18 -41.91 122.64
CA VAL JC 481 41.18 -42.93 122.37
C VAL JC 481 42.01 -43.19 123.61
N ILE JC 482 42.33 -42.16 124.42
CA ILE JC 482 43.07 -42.44 125.64
C ILE JC 482 42.20 -43.08 126.72
N ARG JC 483 40.89 -42.80 126.72
CA ARG JC 483 39.92 -43.51 127.54
C ARG JC 483 39.76 -44.94 127.12
N LEU JC 484 40.00 -45.24 125.85
CA LEU JC 484 39.98 -46.63 125.42
C LEU JC 484 41.24 -47.34 125.88
N LEU JC 485 42.41 -46.71 125.76
CA LEU JC 485 43.59 -47.47 126.14
C LEU JC 485 44.02 -47.25 127.59
N ASN JC 486 43.13 -46.74 128.47
CA ASN JC 486 43.31 -47.15 129.87
C ASN JC 486 42.94 -48.61 130.12
N PHE JC 487 42.18 -49.24 129.24
CA PHE JC 487 41.70 -50.60 129.47
C PHE JC 487 42.80 -51.65 129.32
N TYR JC 488 43.95 -51.31 128.76
CA TYR JC 488 45.00 -52.28 128.49
C TYR JC 488 46.30 -51.79 129.11
N PRO JC 489 46.43 -51.87 130.44
CA PRO JC 489 47.54 -51.21 131.12
C PRO JC 489 48.84 -52.01 131.22
N GLN JC 490 49.01 -53.09 130.47
CA GLN JC 490 50.30 -53.77 130.48
C GLN JC 490 50.85 -54.00 129.09
N SER JC 491 50.14 -53.59 128.05
CA SER JC 491 50.58 -53.85 126.69
C SER JC 491 51.59 -52.80 126.23
N THR JC 492 52.59 -53.26 125.50
CA THR JC 492 53.50 -52.35 124.81
C THR JC 492 52.78 -51.73 123.64
N ILE JC 493 53.13 -50.49 123.32
CA ILE JC 493 52.35 -49.68 122.39
C ILE JC 493 53.24 -49.36 121.21
N TYR JC 494 52.85 -49.81 120.04
CA TYR JC 494 53.46 -49.37 118.79
C TYR JC 494 52.62 -48.25 118.24
N VAL JC 495 53.24 -47.12 117.91
CA VAL JC 495 52.56 -46.02 117.24
C VAL JC 495 53.36 -45.68 115.99
N ALA JC 496 52.67 -45.52 114.88
CA ALA JC 496 53.36 -45.32 113.62
C ALA JC 496 52.59 -44.35 112.76
N GLY JC 497 53.35 -43.56 112.00
CA GLY JC 497 52.79 -42.45 111.24
C GLY JC 497 52.91 -42.69 109.75
N PHE JC 498 51.93 -42.19 109.00
CA PHE JC 498 51.84 -42.47 107.59
C PHE JC 498 51.48 -41.23 106.80
N THR JC 499 52.04 -41.14 105.60
CA THR JC 499 51.76 -40.06 104.65
C THR JC 499 51.24 -40.64 103.34
N ASP JC 500 51.27 -39.83 102.29
CA ASP JC 500 51.02 -40.32 100.94
C ASP JC 500 52.16 -39.85 100.04
N ASN JC 501 51.95 -39.97 98.73
CA ASN JC 501 52.99 -39.89 97.71
C ASN JC 501 53.61 -38.51 97.48
N VAL JC 502 53.09 -37.45 98.10
CA VAL JC 502 53.59 -36.10 97.81
C VAL JC 502 54.91 -35.86 98.52
N GLY JC 503 55.66 -34.87 98.07
CA GLY JC 503 56.86 -34.45 98.75
C GLY JC 503 58.04 -35.36 98.53
N SER JC 504 59.18 -34.92 99.03
CA SER JC 504 60.38 -35.74 99.04
C SER JC 504 60.23 -36.84 100.08
N ARG JC 505 61.01 -37.89 99.90
CA ARG JC 505 61.00 -39.06 100.79
C ARG JC 505 61.46 -38.68 102.19
N SER JC 506 62.39 -37.73 102.28
CA SER JC 506 62.75 -37.10 103.54
C SER JC 506 61.59 -36.36 104.17
N HIS JC 507 60.77 -35.68 103.37
CA HIS JC 507 59.63 -34.94 103.92
C HIS JC 507 58.54 -35.88 104.40
N LYS JC 508 58.28 -36.94 103.63
CA LYS JC 508 57.41 -38.06 104.01
C LYS JC 508 57.82 -38.67 105.34
N ARG JC 509 59.11 -39.00 105.47
CA ARG JC 509 59.64 -39.66 106.65
C ARG JC 509 59.61 -38.76 107.87
N LYS JC 510 60.05 -37.51 107.73
CA LYS JC 510 60.07 -36.61 108.88
C LYS JC 510 58.69 -36.11 109.27
N LEU JC 511 57.77 -35.97 108.32
CA LEU JC 511 56.42 -35.56 108.68
C LEU JC 511 55.65 -36.69 109.36
N SER JC 512 55.77 -37.91 108.84
CA SER JC 512 55.15 -39.06 109.47
C SER JC 512 55.77 -39.38 110.82
N GLN JC 513 57.09 -39.21 110.93
CA GLN JC 513 57.80 -39.40 112.19
C GLN JC 513 57.42 -38.35 113.21
N ALA JC 514 57.22 -37.10 112.77
CA ALA JC 514 56.84 -36.02 113.67
C ALA JC 514 55.42 -36.20 114.18
N GLN JC 515 54.50 -36.62 113.32
CA GLN JC 515 53.12 -36.80 113.74
C GLN JC 515 52.94 -38.03 114.63
N ALA JC 516 53.65 -39.13 114.33
CA ALA JC 516 53.64 -40.30 115.20
C ALA JC 516 54.31 -40.00 116.52
N GLU JC 517 55.34 -39.17 116.49
CA GLU JC 517 56.08 -38.86 117.70
C GLU JC 517 55.30 -37.94 118.60
N THR JC 518 54.53 -37.01 118.03
CA THR JC 518 53.71 -36.17 118.88
C THR JC 518 52.43 -36.86 119.34
N MET JC 519 51.97 -37.89 118.63
CA MET JC 519 50.86 -38.66 119.18
C MET JC 519 51.35 -39.55 120.31
N MET JC 520 52.60 -40.01 120.21
CA MET JC 520 53.26 -40.75 121.27
C MET JC 520 53.47 -39.89 122.52
N THR JC 521 53.85 -38.63 122.34
CA THR JC 521 53.91 -37.72 123.48
C THR JC 521 52.56 -37.37 124.03
N PHE JC 522 51.52 -37.37 123.20
CA PHE JC 522 50.18 -37.17 123.72
C PHE JC 522 49.74 -38.31 124.61
N LEU JC 523 50.05 -39.54 124.23
CA LEU JC 523 49.69 -40.66 125.09
C LEU JC 523 50.56 -40.73 126.34
N TRP JC 524 51.84 -40.34 126.21
CA TRP JC 524 52.72 -40.26 127.36
C TRP JC 524 52.32 -39.16 128.33
N ALA JC 525 51.88 -38.03 127.80
CA ALA JC 525 51.44 -36.92 128.61
C ALA JC 525 50.01 -37.07 129.09
N ASN JC 526 49.26 -38.02 128.55
CA ASN JC 526 47.96 -38.31 129.10
C ASN JC 526 48.07 -39.57 129.96
N GLY JC 527 49.29 -40.09 130.09
CA GLY JC 527 49.60 -40.93 131.21
C GLY JC 527 49.89 -42.39 130.94
N ILE JC 528 50.62 -42.70 129.87
CA ILE JC 528 51.11 -44.04 129.65
C ILE JC 528 52.61 -43.99 129.85
N ALA JC 529 53.15 -44.98 130.56
CA ALA JC 529 54.56 -44.97 130.94
C ALA JC 529 55.44 -45.23 129.73
N ALA JC 530 56.50 -44.43 129.62
CA ALA JC 530 57.21 -44.13 128.37
C ALA JC 530 57.93 -45.31 127.75
N LYS JC 531 58.22 -46.36 128.51
CA LYS JC 531 58.80 -47.55 127.92
C LYS JC 531 57.75 -48.55 127.47
N ARG JC 532 56.47 -48.23 127.59
CA ARG JC 532 55.49 -48.99 126.83
C ARG JC 532 55.37 -48.52 125.40
N LEU JC 533 55.86 -47.33 125.07
CA LEU JC 533 55.49 -46.68 123.81
C LEU JC 533 56.60 -46.76 122.80
N LYS JC 534 56.24 -46.67 121.53
CA LYS JC 534 57.19 -46.78 120.43
C LYS JC 534 56.66 -45.95 119.28
N ALA JC 535 57.32 -44.85 118.97
CA ALA JC 535 56.93 -44.00 117.87
C ALA JC 535 57.82 -44.27 116.66
N GLU JC 536 57.19 -44.44 115.50
CA GLU JC 536 57.99 -44.72 114.33
C GLU JC 536 57.25 -44.19 113.11
N GLY JC 537 58.00 -43.60 112.19
CA GLY JC 537 57.40 -42.99 111.03
C GLY JC 537 57.72 -43.68 109.72
N TYR JC 538 56.67 -44.05 108.98
CA TYR JC 538 56.81 -44.62 107.66
C TYR JC 538 56.35 -43.60 106.62
N GLY JC 539 57.19 -43.33 105.65
CA GLY JC 539 56.78 -42.49 104.55
C GLY JC 539 56.01 -43.28 103.53
N ASP JC 540 54.74 -43.58 103.84
CA ASP JC 540 53.78 -44.49 103.19
C ASP JC 540 54.37 -45.82 102.74
N LYS JC 541 55.30 -46.40 103.50
CA LYS JC 541 55.89 -47.65 103.06
C LYS JC 541 55.05 -48.86 103.40
N ASN JC 542 53.94 -48.70 104.12
CA ASN JC 542 53.02 -49.82 104.26
C ASN JC 542 51.82 -49.70 103.34
N ALA JC 543 51.25 -48.49 103.25
CA ALA JC 543 50.38 -48.04 102.15
C ALA JC 543 49.10 -48.88 102.02
N ILE JC 544 48.18 -48.67 102.96
CA ILE JC 544 46.92 -49.43 102.98
C ILE JC 544 45.96 -49.12 101.85
N SER JC 545 46.23 -48.14 101.01
CA SER JC 545 45.51 -47.96 99.77
C SER JC 545 46.48 -47.47 98.72
N ASP JC 546 45.97 -47.29 97.50
CA ASP JC 546 46.79 -46.66 96.48
C ASP JC 546 46.74 -45.15 96.60
N ASN JC 547 47.86 -44.52 96.26
CA ASN JC 547 47.97 -43.06 96.30
C ASN JC 547 47.56 -42.43 95.00
N ALA JC 548 47.15 -43.22 94.02
CA ALA JC 548 46.76 -42.69 92.73
C ALA JC 548 45.37 -42.11 92.73
N ILE JC 549 44.58 -42.32 93.78
CA ILE JC 549 43.23 -41.81 93.78
C ILE JC 549 43.08 -41.01 95.08
N ILE JC 550 42.13 -40.08 95.05
CA ILE JC 550 41.99 -39.03 96.05
C ILE JC 550 41.56 -39.60 97.39
N HIS JC 551 40.49 -40.39 97.38
CA HIS JC 551 39.90 -40.92 98.60
C HIS JC 551 40.78 -42.02 99.16
N GLY JC 552 41.47 -42.74 98.26
CA GLY JC 552 42.43 -43.73 98.69
C GLY JC 552 43.66 -43.15 99.36
N SER JC 553 44.14 -42.02 98.86
CA SER JC 553 45.26 -41.35 99.52
C SER JC 553 44.84 -40.69 100.83
N ALA JC 554 43.58 -40.26 100.90
CA ALA JC 554 43.01 -39.79 102.15
C ALA JC 554 42.98 -40.90 103.20
N GLN JC 555 42.65 -42.11 102.77
CA GLN JC 555 42.78 -43.27 103.65
C GLN JC 555 44.23 -43.62 103.96
N ASN JC 556 45.18 -43.31 103.07
CA ASN JC 556 46.57 -43.58 103.37
C ASN JC 556 47.16 -42.65 104.42
N ARG JC 557 46.68 -41.41 104.47
CA ARG JC 557 47.16 -40.48 105.51
C ARG JC 557 46.57 -40.83 106.86
N ARG JC 558 47.37 -41.44 107.74
CA ARG JC 558 46.82 -41.97 108.99
C ARG JC 558 47.91 -42.14 110.06
N ILE JC 559 47.46 -42.47 111.27
CA ILE JC 559 48.28 -42.99 112.35
C ILE JC 559 47.75 -44.37 112.70
N GLU JC 560 48.63 -45.38 112.73
CA GLU JC 560 48.21 -46.66 113.29
C GLU JC 560 48.67 -46.70 114.75
N ILE JC 561 47.81 -47.25 115.60
CA ILE JC 561 48.12 -47.52 116.99
C ILE JC 561 47.92 -49.01 117.19
N GLN JC 562 49.00 -49.76 117.34
CA GLN JC 562 48.92 -51.17 117.64
C GLN JC 562 49.28 -51.40 119.09
N TRP JC 563 48.63 -52.39 119.71
CA TRP JC 563 49.16 -52.97 120.93
C TRP JC 563 48.73 -54.43 121.01
N PHE JC 564 49.20 -55.09 122.06
CA PHE JC 564 48.96 -56.51 122.26
C PHE JC 564 48.02 -56.70 123.44
N ARG KC 429 12.41 -101.42 96.38
CA ARG KC 429 12.78 -100.02 96.51
C ARG KC 429 14.22 -99.88 97.01
N ASP KC 430 14.81 -101.01 97.39
CA ASP KC 430 16.22 -101.07 97.73
C ASP KC 430 16.99 -102.01 96.82
N SER KC 431 16.42 -102.38 95.69
CA SER KC 431 16.88 -103.51 94.91
C SER KC 431 17.48 -103.07 93.58
N LYS KC 432 17.76 -104.09 92.76
CA LYS KC 432 18.38 -103.94 91.44
C LYS KC 432 17.59 -103.06 90.50
N ARG KC 433 16.29 -103.31 90.36
CA ARG KC 433 15.47 -102.61 89.36
C ARG KC 433 15.27 -101.16 89.74
N LYS KC 434 15.20 -100.89 91.05
CA LYS KC 434 15.18 -99.54 91.58
C LYS KC 434 16.48 -98.79 91.31
N ILE KC 435 17.64 -99.43 91.57
CA ILE KC 435 18.88 -98.66 91.40
C ILE KC 435 19.29 -98.50 89.94
N ILE KC 436 18.94 -99.43 89.07
CA ILE KC 436 19.19 -99.24 87.65
C ILE KC 436 18.22 -98.23 87.04
N ARG KC 437 16.98 -98.16 87.56
CA ARG KC 437 16.02 -97.16 87.11
C ARG KC 437 16.44 -95.76 87.52
N ASP KC 438 17.04 -95.60 88.71
CA ASP KC 438 17.50 -94.24 88.94
C ASP KC 438 18.90 -93.98 88.40
N LEU KC 439 19.69 -95.00 88.02
CA LEU KC 439 20.89 -94.65 87.23
C LEU KC 439 20.55 -94.26 85.81
N GLN KC 440 19.42 -94.75 85.30
CA GLN KC 440 18.82 -94.15 84.11
C GLN KC 440 18.41 -92.71 84.38
N LYS KC 441 17.88 -92.43 85.58
CA LYS KC 441 17.49 -91.05 85.92
C LYS KC 441 18.67 -90.09 86.08
N GLN KC 442 19.76 -90.50 86.74
CA GLN KC 442 21.01 -89.72 86.70
C GLN KC 442 21.98 -90.25 85.66
N ASP KC 443 21.46 -90.66 84.49
CA ASP KC 443 22.06 -90.72 83.13
C ASP KC 443 23.42 -91.44 83.06
N ILE KC 444 23.49 -92.59 83.69
CA ILE KC 444 24.57 -93.54 83.50
C ILE KC 444 24.02 -94.78 82.83
N GLN KC 445 24.62 -95.22 81.73
CA GLN KC 445 24.15 -96.45 81.13
C GLN KC 445 24.61 -97.69 81.87
N TYR KC 446 23.75 -98.70 81.80
CA TYR KC 446 24.06 -100.04 82.26
C TYR KC 446 23.75 -100.97 81.10
N VAL KC 447 24.58 -101.97 80.85
CA VAL KC 447 24.17 -103.10 80.03
C VAL KC 447 24.38 -104.42 80.78
N GLU KC 448 23.28 -105.18 80.89
CA GLU KC 448 23.22 -106.63 81.03
C GLU KC 448 23.68 -107.31 79.76
N TYR KC 449 24.71 -108.15 79.86
CA TYR KC 449 25.14 -108.89 78.68
C TYR KC 449 25.77 -110.22 79.08
N GLY KC 450 24.93 -111.25 79.18
CA GLY KC 450 25.33 -112.57 79.58
C GLY KC 450 25.86 -112.64 81.00
N ASP KC 451 27.18 -112.79 81.10
CA ASP KC 451 27.85 -112.54 82.36
C ASP KC 451 28.49 -111.15 82.44
N THR KC 452 28.82 -110.56 81.30
CA THR KC 452 29.49 -109.27 81.26
C THR KC 452 28.51 -108.16 81.57
N ARG KC 453 28.84 -107.35 82.56
CA ARG KC 453 27.98 -106.25 82.93
C ARG KC 453 28.80 -104.98 82.91
N THR KC 454 28.28 -103.95 82.24
CA THR KC 454 29.10 -102.78 81.95
C THR KC 454 28.33 -101.50 82.22
N LEU KC 455 28.89 -100.66 83.07
CA LEU KC 455 28.40 -99.31 83.29
C LEU KC 455 29.16 -98.36 82.38
N ILE KC 456 28.42 -97.49 81.71
CA ILE KC 456 29.03 -96.43 80.92
C ILE KC 456 28.75 -95.13 81.64
N ILE KC 457 29.80 -94.51 82.16
CA ILE KC 457 29.72 -93.33 82.99
C ILE KC 457 30.28 -92.16 82.20
N PRO KC 458 29.52 -91.09 81.99
CA PRO KC 458 30.06 -89.94 81.27
C PRO KC 458 31.04 -89.16 82.12
N THR KC 459 32.26 -88.98 81.59
CA THR KC 459 33.27 -88.19 82.27
C THR KC 459 32.94 -86.72 82.30
N ASP KC 460 32.10 -86.27 81.39
CA ASP KC 460 31.76 -84.87 81.26
C ASP KC 460 30.88 -84.38 82.39
N LYS KC 461 30.06 -85.24 82.97
CA LYS KC 461 29.29 -84.87 84.15
C LYS KC 461 29.74 -85.58 85.42
N TYR KC 462 30.60 -86.59 85.32
CA TYR KC 462 31.14 -87.22 86.52
C TYR KC 462 32.61 -86.97 86.70
N PHE KC 463 33.16 -85.95 86.04
CA PHE KC 463 34.48 -85.47 86.35
C PHE KC 463 34.50 -83.97 86.15
N MET KC 464 35.22 -83.28 87.02
CA MET KC 464 35.51 -81.89 86.73
C MET KC 464 36.58 -81.82 85.65
N PHE KC 465 36.58 -80.71 84.95
CA PHE KC 465 36.84 -80.67 83.51
C PHE KC 465 38.30 -80.93 83.18
N SER KC 466 38.51 -81.94 82.33
CA SER KC 466 39.80 -82.40 81.80
C SER KC 466 40.80 -82.71 82.91
N SER KC 467 40.28 -83.34 83.95
CA SER KC 467 41.02 -83.55 85.18
C SER KC 467 40.64 -84.91 85.73
N PRO KC 468 41.49 -85.51 86.55
CA PRO KC 468 41.06 -86.68 87.31
C PRO KC 468 40.42 -86.34 88.65
N ARG KC 469 39.99 -85.11 88.85
CA ARG KC 469 39.20 -84.78 90.01
C ARG KC 469 37.76 -85.17 89.74
N LEU KC 470 37.19 -85.98 90.63
CA LEU KC 470 35.81 -86.44 90.45
C LEU KC 470 34.86 -85.29 90.68
N ASN KC 471 33.79 -85.25 89.92
CA ASN KC 471 32.76 -84.22 90.05
C ASN KC 471 31.99 -84.50 91.32
N GLU KC 472 32.43 -83.82 92.39
CA GLU KC 472 32.04 -84.07 93.75
C GLU KC 472 30.58 -83.75 94.01
N ILE KC 473 30.00 -82.81 93.27
CA ILE KC 473 28.57 -82.54 93.32
C ILE KC 473 27.76 -83.73 92.83
N CYS KC 474 28.25 -84.48 91.85
CA CYS KC 474 27.56 -85.69 91.43
C CYS KC 474 27.99 -86.92 92.24
N TYR KC 475 27.95 -86.80 93.57
CA TYR KC 475 28.06 -87.98 94.42
C TYR KC 475 26.94 -89.03 94.35
N PRO KC 476 25.62 -88.76 94.12
CA PRO KC 476 24.67 -89.89 94.21
C PRO KC 476 24.74 -90.86 93.04
N GLY KC 477 25.29 -90.45 91.90
CA GLY KC 477 25.70 -91.42 90.90
C GLY KC 477 26.83 -92.32 91.36
N LEU KC 478 27.77 -91.76 92.12
CA LEU KC 478 28.91 -92.53 92.58
C LEU KC 478 28.55 -93.49 93.71
N ASN KC 479 27.73 -93.03 94.66
CA ASN KC 479 27.16 -93.92 95.65
C ASN KC 479 26.24 -94.95 95.04
N ASN KC 480 25.51 -94.61 93.99
CA ASN KC 480 24.60 -95.59 93.42
C ASN KC 480 25.32 -96.61 92.56
N VAL KC 481 26.44 -96.24 91.93
CA VAL KC 481 27.19 -97.25 91.20
C VAL KC 481 27.90 -98.17 92.17
N ILE KC 482 28.43 -97.66 93.31
CA ILE KC 482 29.06 -98.56 94.25
C ILE KC 482 28.03 -99.38 95.04
N ARG KC 483 26.82 -98.85 95.24
CA ARG KC 483 25.70 -99.62 95.77
C ARG KC 483 25.23 -100.69 94.81
N LEU KC 484 25.42 -100.47 93.52
CA LEU KC 484 25.12 -101.51 92.56
C LEU KC 484 26.17 -102.61 92.60
N LEU KC 485 27.45 -102.25 92.67
CA LEU KC 485 28.42 -103.34 92.63
C LEU KC 485 28.85 -103.83 94.01
N ASN KC 486 28.08 -103.55 95.07
CA ASN KC 486 28.12 -104.52 96.17
C ASN KC 486 27.43 -105.84 95.84
N PHE KC 487 26.57 -105.88 94.82
CA PHE KC 487 25.79 -107.07 94.51
C PHE KC 487 26.62 -108.17 93.87
N TYR KC 488 27.84 -107.89 93.43
CA TYR KC 488 28.67 -108.87 92.72
C TYR KC 488 30.01 -108.97 93.40
N PRO KC 489 30.09 -109.62 94.56
CA PRO KC 489 31.30 -109.55 95.37
C PRO KC 489 32.38 -110.57 95.05
N GLN KC 490 32.33 -111.26 93.93
CA GLN KC 490 33.42 -112.14 93.56
C GLN KC 490 33.96 -111.89 92.16
N SER KC 491 33.38 -110.95 91.42
CA SER KC 491 33.79 -110.71 90.05
C SER KC 491 35.01 -109.81 90.00
N THR KC 492 35.92 -110.13 89.07
CA THR KC 492 37.01 -109.24 88.76
C THR KC 492 36.48 -108.05 87.99
N ILE KC 493 37.12 -106.89 88.18
CA ILE KC 493 36.56 -105.63 87.72
C ILE KC 493 37.54 -105.05 86.71
N TYR KC 494 37.09 -104.88 85.48
CA TYR KC 494 37.82 -104.11 84.49
C TYR KC 494 37.25 -102.71 84.50
N VAL KC 495 38.12 -101.71 84.61
CA VAL KC 495 37.72 -100.32 84.50
C VAL KC 495 38.63 -99.67 83.45
N ALA KC 496 38.01 -98.92 82.55
CA ALA KC 496 38.75 -98.38 81.43
C ALA KC 496 38.26 -96.99 81.10
N GLY KC 497 39.18 -96.15 80.68
CA GLY KC 497 38.91 -94.73 80.48
C GLY KC 497 39.02 -94.35 79.01
N PHE KC 498 38.19 -93.40 78.60
CA PHE KC 498 38.09 -93.05 77.20
C PHE KC 498 38.04 -91.54 77.02
N THR KC 499 38.63 -91.08 75.92
CA THR KC 499 38.62 -89.68 75.51
C THR KC 499 38.03 -89.54 74.12
N ASP KC 500 38.26 -88.40 73.49
CA ASP KC 500 37.95 -88.22 72.08
C ASP KC 500 39.19 -87.68 71.37
N ASN KC 501 39.00 -87.21 70.15
CA ASN KC 501 40.04 -86.92 69.18
C ASN KC 501 40.97 -85.75 69.50
N VAL KC 502 40.69 -84.95 70.52
CA VAL KC 502 41.48 -83.75 70.78
C VAL KC 502 42.80 -84.11 71.43
N GLY KC 503 43.76 -83.20 71.36
CA GLY KC 503 45.02 -83.37 72.08
C GLY KC 503 45.97 -84.35 71.43
N SER KC 504 47.17 -84.40 71.99
CA SER KC 504 48.14 -85.39 71.58
C SER KC 504 47.72 -86.76 72.09
N ARG KC 505 48.25 -87.79 71.44
CA ARG KC 505 47.96 -89.18 71.78
C ARG KC 505 48.45 -89.53 73.18
N SER KC 506 49.56 -88.92 73.59
CA SER KC 506 50.03 -88.96 74.96
C SER KC 506 49.04 -88.31 75.92
N HIS KC 507 48.41 -87.21 75.52
CA HIS KC 507 47.46 -86.53 76.40
C HIS KC 507 46.18 -87.32 76.53
N LYS KC 508 45.71 -87.90 75.42
CA LYS KC 508 44.60 -88.85 75.36
C LYS KC 508 44.82 -90.03 76.29
N ARG KC 509 46.00 -90.65 76.19
CA ARG KC 509 46.33 -91.84 76.98
C ARG KC 509 46.47 -91.53 78.45
N LYS KC 510 47.19 -90.47 78.80
CA LYS KC 510 47.38 -90.15 80.21
C LYS KC 510 46.14 -89.57 80.86
N LEU KC 511 45.30 -88.86 80.12
CA LEU KC 511 44.06 -88.35 80.70
C LEU KC 511 43.04 -89.46 80.91
N SER KC 512 42.90 -90.36 79.93
CA SER KC 512 42.02 -91.51 80.08
C SER KC 512 42.52 -92.47 81.14
N GLN KC 513 43.83 -92.65 81.22
CA GLN KC 513 44.45 -93.49 82.25
C GLN KC 513 44.29 -92.90 83.63
N ALA KC 514 44.39 -91.58 83.75
CA ALA KC 514 44.24 -90.91 85.03
C ALA KC 514 42.80 -90.97 85.53
N GLN KC 515 41.83 -90.78 84.62
CA GLN KC 515 40.43 -90.84 85.03
C GLN KC 515 39.96 -92.24 85.35
N ALA KC 516 40.41 -93.24 84.58
CA ALA KC 516 40.11 -94.63 84.91
C ALA KC 516 40.79 -95.06 86.19
N GLU KC 517 41.99 -94.53 86.43
CA GLU KC 517 42.75 -94.90 87.59
C GLU KC 517 42.16 -94.30 88.85
N THR KC 518 41.64 -93.09 88.76
CA THR KC 518 41.01 -92.52 89.93
C THR KC 518 39.60 -93.04 90.15
N MET KC 519 38.93 -93.57 89.11
CA MET KC 519 37.66 -94.23 89.39
C MET KC 519 37.91 -95.59 90.02
N MET KC 520 39.04 -96.21 89.65
CA MET KC 520 39.48 -97.45 90.27
C MET KC 520 39.83 -97.26 91.74
N THR KC 521 40.49 -96.14 92.07
CA THR KC 521 40.73 -95.83 93.47
C THR KC 521 39.48 -95.45 94.22
N PHE KC 522 38.48 -94.89 93.51
CA PHE KC 522 37.21 -94.62 94.17
C PHE KC 522 36.50 -95.92 94.56
N LEU KC 523 36.54 -96.91 93.68
CA LEU KC 523 35.91 -98.18 94.03
C LEU KC 523 36.72 -98.95 95.08
N TRP KC 524 38.04 -98.81 95.04
CA TRP KC 524 38.90 -99.42 96.06
C TRP KC 524 38.72 -98.75 97.41
N ALA KC 525 38.56 -97.43 97.41
CA ALA KC 525 38.36 -96.69 98.64
C ALA KC 525 36.93 -96.72 99.11
N ASN KC 526 36.00 -97.17 98.29
CA ASN KC 526 34.63 -97.38 98.76
C ASN KC 526 34.45 -98.87 99.02
N GLY KC 527 35.51 -99.64 98.85
CA GLY KC 527 35.61 -100.92 99.50
C GLY KC 527 35.57 -102.15 98.64
N ILE KC 528 36.23 -102.15 97.49
CA ILE KC 528 36.42 -103.36 96.71
C ILE KC 528 37.89 -103.72 96.82
N ALA KC 529 38.17 -105.00 97.03
CA ALA KC 529 39.54 -105.45 97.27
C ALA KC 529 40.37 -105.37 96.00
N ALA KC 530 41.59 -104.84 96.16
CA ALA KC 530 42.38 -104.22 95.10
C ALA KC 530 42.84 -105.16 94.00
N LYS KC 531 42.86 -106.47 94.24
CA LYS KC 531 43.17 -107.41 93.19
C LYS KC 531 41.94 -107.88 92.44
N ARG KC 532 40.77 -107.37 92.77
CA ARG KC 532 39.65 -107.52 91.84
C ARG KC 532 39.69 -106.48 90.73
N LEU KC 533 40.44 -105.40 90.88
CA LEU KC 533 40.25 -104.24 90.03
C LEU KC 533 41.36 -104.12 88.99
N LYS KC 534 41.06 -103.45 87.90
CA LYS KC 534 41.99 -103.30 86.79
C LYS KC 534 41.68 -101.97 86.11
N ALA KC 535 42.58 -101.01 86.24
CA ALA KC 535 42.42 -99.72 85.59
C ALA KC 535 43.25 -99.65 84.34
N GLU KC 536 42.64 -99.20 83.25
CA GLU KC 536 43.39 -99.13 82.01
C GLU KC 536 42.82 -98.00 81.16
N GLY KC 537 43.70 -97.25 80.52
CA GLY KC 537 43.29 -96.10 79.75
C GLY KC 537 43.48 -96.24 78.26
N TYR KC 538 42.41 -96.06 77.50
CA TYR KC 538 42.44 -96.04 76.05
C TYR KC 538 42.25 -94.61 75.56
N GLY KC 539 43.16 -94.15 74.73
CA GLY KC 539 42.98 -92.86 74.10
C GLY KC 539 42.07 -92.98 72.88
N ASP KC 540 40.77 -93.10 73.14
CA ASP KC 540 39.65 -93.43 72.25
C ASP KC 540 39.93 -94.56 71.26
N LYS KC 541 40.69 -95.57 71.65
CA LYS KC 541 41.00 -96.63 70.71
C LYS KC 541 39.89 -97.66 70.58
N ASN KC 542 38.83 -97.58 71.36
CA ASN KC 542 37.68 -98.43 71.11
C ASN KC 542 36.57 -97.69 70.40
N ALA KC 543 36.27 -96.46 70.84
CA ALA KC 543 35.57 -95.42 70.09
C ALA KC 543 34.14 -95.82 69.72
N ILE KC 544 33.26 -95.83 70.71
CA ILE KC 544 31.86 -96.25 70.51
C ILE KC 544 31.01 -95.31 69.66
N SER KC 545 31.53 -94.14 69.28
CA SER KC 545 30.91 -93.32 68.28
C SER KC 545 31.99 -92.66 67.45
N ASP KC 546 31.57 -91.89 66.46
CA ASP KC 546 32.53 -91.10 65.72
C ASP KC 546 32.82 -89.79 66.45
N ASN KC 547 34.06 -89.33 66.32
CA ASN KC 547 34.49 -88.08 66.94
C ASN KC 547 34.26 -86.89 66.05
N ALA KC 548 33.72 -87.11 64.86
CA ALA KC 548 33.50 -86.03 63.92
C ALA KC 548 32.27 -85.21 64.25
N ILE KC 549 31.42 -85.66 65.18
CA ILE KC 549 30.22 -84.92 65.48
C ILE KC 549 30.22 -84.71 67.00
N ILE KC 550 29.50 -83.66 67.41
CA ILE KC 550 29.58 -83.13 68.77
C ILE KC 550 28.99 -84.09 69.78
N HIS KC 551 27.77 -84.56 69.52
CA HIS KC 551 27.04 -85.40 70.46
C HIS KC 551 27.64 -86.80 70.45
N GLY KC 552 28.17 -87.22 69.31
CA GLY KC 552 28.88 -88.47 69.22
C GLY KC 552 30.19 -88.50 69.98
N SER KC 553 30.93 -87.39 69.96
CA SER KC 553 32.14 -87.32 70.75
C SER KC 553 31.85 -87.17 72.24
N ALA KC 554 30.70 -86.56 72.57
CA ALA KC 554 30.23 -86.54 73.95
C ALA KC 554 29.92 -87.93 74.44
N GLN KC 555 29.35 -88.77 73.59
CA GLN KC 555 29.19 -90.18 73.91
C GLN KC 555 30.52 -90.93 73.95
N ASN KC 556 31.52 -90.49 73.20
CA ASN KC 556 32.82 -91.15 73.27
C ASN KC 556 33.56 -90.89 74.56
N ARG KC 557 33.39 -89.71 75.15
CA ARG KC 557 34.03 -89.41 76.44
C ARG KC 557 33.33 -90.16 77.58
N ARG KC 558 33.94 -91.23 78.07
CA ARG KC 558 33.27 -92.10 79.03
C ARG KC 558 34.26 -92.92 79.84
N ILE KC 559 33.72 -93.62 80.85
CA ILE KC 559 34.37 -94.69 81.57
C ILE KC 559 33.54 -95.95 81.36
N GLU KC 560 34.16 -97.04 80.91
CA GLU KC 560 33.46 -98.32 80.95
C GLU KC 560 33.86 -99.05 82.21
N ILE KC 561 32.88 -99.71 82.83
CA ILE KC 561 33.08 -100.59 83.96
C ILE KC 561 32.54 -101.94 83.55
N GLN KC 562 33.42 -102.90 83.32
CA GLN KC 562 33.01 -104.25 83.02
C GLN KC 562 33.28 -105.14 84.21
N TRP KC 563 32.41 -106.12 84.42
CA TRP KC 563 32.76 -107.26 85.26
C TRP KC 563 32.01 -108.49 84.76
N PHE KC 564 32.30 -109.60 85.43
CA PHE KC 564 31.74 -110.89 85.05
C PHE KC 564 30.75 -111.36 86.11
N ARG LC 429 -13.18 -132.19 45.64
CA ARG LC 429 -12.52 -131.08 46.31
C ARG LC 429 -11.10 -131.47 46.73
N ASP LC 430 -10.78 -132.75 46.58
CA ASP LC 430 -9.43 -133.24 46.77
C ASP LC 430 -8.86 -133.87 45.50
N SER LC 431 -9.47 -133.61 44.36
CA SER LC 431 -9.26 -134.39 43.16
C SER LC 431 -8.54 -133.59 42.08
N LYS LC 432 -8.47 -134.20 40.90
CA LYS LC 432 -7.79 -133.66 39.73
C LYS LC 432 -8.34 -132.33 39.28
N ARG LC 433 -9.66 -132.22 39.13
CA ARG LC 433 -10.28 -131.01 38.56
C ARG LC 433 -10.15 -129.84 39.52
N LYS LC 434 -10.20 -130.12 40.82
CA LYS LC 434 -9.93 -129.13 41.86
C LYS LC 434 -8.49 -128.63 41.82
N ILE LC 435 -7.51 -129.55 41.72
CA ILE LC 435 -6.14 -129.08 41.80
C ILE LC 435 -5.66 -128.42 40.52
N ILE LC 436 -6.18 -128.81 39.35
CA ILE LC 436 -5.86 -128.11 38.12
C ILE LC 436 -6.56 -126.76 38.05
N ARG LC 437 -7.77 -126.65 38.63
CA ARG LC 437 -8.46 -125.37 38.69
C ARG LC 437 -7.75 -124.39 39.61
N ASP LC 438 -7.16 -124.87 40.72
CA ASP LC 438 -6.42 -123.85 41.45
C ASP LC 438 -4.99 -123.71 40.97
N LEU LC 439 -4.43 -124.61 40.15
CA LEU LC 439 -3.16 -124.24 39.50
C LEU LC 439 -3.36 -123.23 38.39
N GLN LC 440 -4.56 -123.21 37.80
CA GLN LC 440 -4.98 -122.07 37.00
C GLN LC 440 -5.06 -120.82 37.85
N LYS LC 441 -5.55 -120.95 39.10
CA LYS LC 441 -5.63 -119.79 40.00
C LYS LC 441 -4.27 -119.26 40.46
N GLN LC 442 -3.32 -120.12 40.82
CA GLN LC 442 -1.93 -119.69 41.01
C GLN LC 442 -1.07 -119.93 39.79
N ASP LC 443 -1.65 -119.69 38.60
CA ASP LC 443 -1.02 -119.32 37.29
C ASP LC 443 0.13 -120.23 36.84
N ILE LC 444 -0.08 -121.52 36.93
CA ILE LC 444 0.78 -122.52 36.31
C ILE LC 444 -0.03 -123.21 35.23
N GLN LC 445 0.50 -123.27 34.00
CA GLN LC 445 -0.22 -124.02 32.98
C GLN LC 445 -0.07 -125.52 33.13
N TYR LC 446 -1.13 -126.20 32.70
CA TYR LC 446 -1.14 -127.64 32.56
C TYR LC 446 -1.61 -127.92 31.15
N VAL LC 447 -1.02 -128.89 30.46
CA VAL LC 447 -1.65 -129.46 29.27
C VAL LC 447 -1.77 -130.99 29.41
N GLU LC 448 -3.01 -131.47 29.27
CA GLU LC 448 -3.39 -132.79 28.81
C GLU LC 448 -3.07 -132.97 27.35
N TYR LC 449 -2.25 -133.98 27.03
CA TYR LC 449 -1.96 -134.24 25.62
C TYR LC 449 -1.65 -135.72 25.41
N GLY LC 450 -2.72 -136.49 25.13
CA GLY LC 450 -2.62 -137.92 24.92
C GLY LC 450 -2.15 -138.67 26.15
N ASP LC 451 -0.92 -139.13 26.11
CA ASP LC 451 -0.23 -139.56 27.30
C ASP LC 451 0.69 -138.51 27.90
N THR LC 452 1.17 -137.59 27.08
CA THR LC 452 2.12 -136.58 27.52
C THR LC 452 1.41 -135.51 28.33
N ARG LC 453 1.88 -135.27 29.53
CA ARG LC 453 1.27 -134.26 30.37
C ARG LC 453 2.36 -133.31 30.82
N THR LC 454 2.09 -132.01 30.68
CA THR LC 454 3.17 -131.03 30.82
C THR LC 454 2.70 -129.84 31.64
N LEU LC 455 3.41 -129.56 32.72
CA LEU LC 455 3.22 -128.36 33.50
C LEU LC 455 4.20 -127.30 33.01
N ILE LC 456 3.70 -126.09 32.80
CA ILE LC 456 4.54 -124.95 32.47
C ILE LC 456 4.54 -124.04 33.67
N ILE LC 457 5.69 -123.95 34.33
CA ILE LC 457 5.86 -123.21 35.57
C ILE LC 457 6.69 -121.97 35.29
N PRO LC 458 6.19 -120.77 35.59
CA PRO LC 458 6.99 -119.57 35.36
C PRO LC 458 8.10 -119.45 36.40
N THR LC 459 9.33 -119.33 35.90
CA THR LC 459 10.48 -119.14 36.77
C THR LC 459 10.48 -117.77 37.42
N ASP LC 460 9.79 -116.81 36.83
CA ASP LC 460 9.78 -115.45 37.31
C ASP LC 460 9.00 -115.30 38.60
N LYS LC 461 7.98 -116.12 38.83
CA LYS LC 461 7.29 -116.11 40.10
C LYS LC 461 7.53 -117.35 40.94
N TYR LC 462 8.15 -118.39 40.39
CA TYR LC 462 8.50 -119.56 41.19
C TYR LC 462 10.00 -119.73 41.36
N PHE LC 463 10.76 -118.68 41.13
CA PHE LC 463 12.16 -118.66 41.52
C PHE LC 463 12.51 -117.25 41.95
N MET LC 464 13.35 -117.15 42.97
CA MET LC 464 13.96 -115.87 43.24
C MET LC 464 15.03 -115.61 42.22
N PHE LC 465 15.30 -114.31 42.04
CA PHE LC 465 15.61 -113.75 40.74
C PHE LC 465 16.98 -114.15 40.22
N SER LC 466 16.99 -114.75 39.02
CA SER LC 466 18.16 -115.21 38.26
C SER LC 466 19.02 -116.15 39.07
N SER LC 467 18.36 -117.04 39.80
CA SER LC 467 18.98 -117.89 40.78
C SER LC 467 18.29 -119.23 40.77
N PRO LC 468 18.97 -120.28 41.20
CA PRO LC 468 18.28 -121.54 41.46
C PRO LC 468 17.68 -121.66 42.86
N ARG LC 469 17.54 -120.55 43.57
CA ARG LC 469 16.80 -120.56 44.82
C ARG LC 469 15.32 -120.50 44.50
N LEU LC 470 14.56 -121.45 45.02
CA LEU LC 470 13.13 -121.49 44.77
C LEU LC 470 12.44 -120.37 45.52
N ASN LC 471 11.43 -119.79 44.90
CA ASN LC 471 10.66 -118.71 45.52
C ASN LC 471 9.82 -119.32 46.61
N GLU LC 472 10.36 -119.25 47.82
CA GLU LC 472 9.88 -119.95 49.00
C GLU LC 472 8.53 -119.46 49.47
N ILE LC 473 8.20 -118.19 49.20
CA ILE LC 473 6.86 -117.67 49.46
C ILE LC 473 5.81 -118.35 48.58
N CYS LC 474 6.16 -118.71 47.35
CA CYS LC 474 5.22 -119.47 46.53
C CYS LC 474 5.35 -120.98 46.73
N TYR LC 475 5.30 -121.41 47.99
CA TYR LC 475 5.12 -122.83 48.28
C TYR LC 475 3.79 -123.50 47.86
N PRO LC 476 2.58 -122.88 47.85
CA PRO LC 476 1.39 -123.71 47.53
C PRO LC 476 1.28 -124.10 46.08
N GLY LC 477 1.94 -123.39 45.16
CA GLY LC 477 2.14 -123.93 43.84
C GLY LC 477 3.03 -125.14 43.81
N LEU LC 478 4.05 -125.17 44.66
CA LEU LC 478 4.98 -126.28 44.69
C LEU LC 478 4.39 -127.52 45.36
N ASN LC 479 3.67 -127.33 46.47
CA ASN LC 479 2.89 -128.41 47.05
C ASN LC 479 1.76 -128.87 46.13
N ASN LC 480 1.16 -127.97 45.35
CA ASN LC 480 0.07 -128.42 44.50
C ASN LC 480 0.58 -129.12 43.26
N VAL LC 481 1.76 -128.76 42.76
CA VAL LC 481 2.29 -129.52 41.63
C VAL LC 481 2.76 -130.89 42.10
N ILE LC 482 3.34 -131.02 43.29
CA ILE LC 482 3.74 -132.35 43.75
C ILE LC 482 2.53 -133.17 44.20
N ARG LC 483 1.46 -132.53 44.67
CA ARG LC 483 0.18 -133.18 44.92
C ARG LC 483 -0.49 -133.64 43.65
N LEU LC 484 -0.22 -132.95 42.55
CA LEU LC 484 -0.72 -133.42 41.26
C LEU LC 484 0.06 -134.62 40.78
N LEU LC 485 1.39 -134.62 40.92
CA LEU LC 485 2.10 -135.77 40.37
C LEU LC 485 2.36 -136.87 41.40
N ASN LC 486 1.64 -136.89 42.52
CA ASN LC 486 1.44 -138.22 43.14
C ASN LC 486 0.48 -139.09 42.34
N PHE LC 487 -0.34 -138.52 41.46
CA PHE LC 487 -1.36 -139.29 40.74
C PHE LC 487 -0.78 -140.18 39.65
N TYR LC 488 0.48 -140.01 39.27
CA TYR LC 488 1.09 -140.75 38.17
C TYR LC 488 2.37 -141.41 38.66
N PRO LC 489 2.26 -142.49 39.46
CA PRO LC 489 3.44 -143.02 40.15
C PRO LC 489 4.27 -144.03 39.36
N GLN LC 490 4.09 -144.15 38.05
CA GLN LC 490 4.98 -145.02 37.28
C GLN LC 490 5.59 -144.34 36.08
N SER LC 491 5.25 -143.09 35.83
CA SER LC 491 5.75 -142.40 34.66
C SER LC 491 7.15 -141.84 34.88
N THR LC 492 7.97 -141.93 33.85
CA THR LC 492 9.26 -141.25 33.86
C THR LC 492 9.02 -139.76 33.68
N ILE LC 493 9.90 -138.96 34.28
CA ILE LC 493 9.66 -137.53 34.41
C ILE LC 493 10.75 -136.80 33.66
N TYR LC 494 10.39 -136.05 32.65
CA TYR LC 494 11.30 -135.12 32.01
C TYR LC 494 11.06 -133.76 32.61
N VAL LC 495 12.13 -133.11 33.07
CA VAL LC 495 12.05 -131.74 33.57
C VAL LC 495 13.10 -130.93 32.81
N ALA LC 496 12.69 -129.77 32.33
CA ALA LC 496 13.57 -128.98 31.49
C ALA LC 496 13.41 -127.50 31.79
N GLY LC 497 14.51 -126.78 31.68
CA GLY LC 497 14.57 -125.40 32.09
C GLY LC 497 14.80 -124.48 30.91
N PHE LC 498 14.22 -123.29 30.97
CA PHE LC 498 14.23 -122.37 29.85
C PHE LC 498 14.53 -120.95 30.31
N THR LC 499 15.23 -120.22 29.44
CA THR LC 499 15.55 -118.81 29.65
C THR LC 499 15.03 -117.98 28.49
N ASP LC 500 15.55 -116.77 28.35
CA ASP LC 500 15.31 -115.96 27.16
C ASP LC 500 16.67 -115.46 26.66
N ASN LC 501 16.62 -114.49 25.75
CA ASN LC 501 17.72 -114.07 24.91
C ASN LC 501 18.87 -113.36 25.61
N VAL LC 502 18.76 -113.01 26.89
CA VAL LC 502 19.78 -112.22 27.56
C VAL LC 502 20.98 -113.09 27.92
N GLY LC 503 22.12 -112.47 28.16
CA GLY LC 503 23.28 -113.18 28.66
C GLY LC 503 24.01 -113.98 27.60
N SER LC 504 25.14 -114.52 28.02
CA SER LC 504 25.89 -115.44 27.18
C SER LC 504 25.16 -116.76 27.11
N ARG LC 505 25.47 -117.53 26.06
CA ARG LC 505 24.85 -118.84 25.82
C ARG LC 505 25.22 -119.83 26.93
N SER LC 506 26.43 -119.70 27.47
CA SER LC 506 26.84 -120.40 28.67
C SER LC 506 25.99 -120.01 29.87
N HIS LC 507 25.64 -118.72 30.00
CA HIS LC 507 24.84 -118.28 31.14
C HIS LC 507 23.40 -118.76 31.02
N LYS LC 508 22.85 -118.71 29.80
CA LYS LC 508 21.56 -119.30 29.44
C LYS LC 508 21.49 -120.77 29.79
N ARG LC 509 22.51 -121.54 29.38
CA ARG LC 509 22.54 -122.98 29.58
C ARG LC 509 22.70 -123.34 31.04
N LYS LC 510 23.63 -122.70 31.74
CA LYS LC 510 23.85 -123.04 33.14
C LYS LC 510 22.75 -122.53 34.06
N LEU LC 511 22.10 -121.42 33.73
CA LEU LC 511 21.00 -120.94 34.55
C LEU LC 511 19.76 -121.80 34.36
N SER LC 512 19.45 -122.15 33.11
CA SER LC 512 18.32 -123.04 32.83
C SER LC 512 18.56 -124.44 33.38
N GLN LC 513 19.81 -124.91 33.29
CA GLN LC 513 20.20 -126.21 33.84
C GLN LC 513 20.12 -126.23 35.35
N ALA LC 514 20.52 -125.12 35.99
CA ALA LC 514 20.48 -125.02 37.44
C ALA LC 514 19.06 -124.98 37.96
N GLN LC 515 18.18 -124.24 37.28
CA GLN LC 515 16.79 -124.14 37.72
C GLN LC 515 16.01 -125.42 37.48
N ALA LC 516 16.25 -126.08 36.33
CA ALA LC 516 15.64 -127.39 36.09
C ALA LC 516 16.17 -128.43 37.03
N GLU LC 517 17.45 -128.33 37.39
CA GLU LC 517 18.08 -129.31 38.24
C GLU LC 517 17.60 -129.16 39.68
N THR LC 518 17.37 -127.93 40.13
CA THR LC 518 16.85 -127.78 41.47
C THR LC 518 15.35 -128.02 41.55
N MET LC 519 14.61 -127.92 40.44
CA MET LC 519 13.22 -128.36 40.49
C MET LC 519 13.13 -129.87 40.50
N MET LC 520 14.11 -130.51 39.84
CA MET LC 520 14.25 -131.97 39.86
C MET LC 520 14.59 -132.47 41.26
N THR LC 521 15.47 -131.75 41.97
CA THR LC 521 15.74 -132.11 43.36
C THR LC 521 14.58 -131.81 44.28
N PHE LC 522 13.76 -130.81 43.93
CA PHE LC 522 12.56 -130.58 44.73
C PHE LC 522 11.57 -131.72 44.60
N LEU LC 523 11.41 -132.26 43.39
CA LEU LC 523 10.50 -133.40 43.23
C LEU LC 523 11.09 -134.67 43.82
N TRP LC 524 12.41 -134.82 43.75
CA TRP LC 524 13.08 -135.96 44.37
C TRP LC 524 13.02 -135.88 45.89
N ALA LC 525 13.15 -134.70 46.45
CA ALA LC 525 13.10 -134.49 47.88
C ALA LC 525 11.68 -134.41 48.39
N ASN LC 526 10.69 -134.27 47.51
CA ASN LC 526 9.31 -134.35 47.96
C ASN LC 526 8.79 -135.74 47.59
N GLY LC 527 9.65 -136.58 47.06
CA GLY LC 527 9.44 -138.01 47.12
C GLY LC 527 9.15 -138.74 45.83
N ILE LC 528 9.83 -138.40 44.76
CA ILE LC 528 9.77 -139.19 43.53
C ILE LC 528 11.12 -139.86 43.38
N ALA LC 529 11.10 -141.16 43.04
CA ALA LC 529 12.32 -141.94 42.98
C ALA LC 529 13.19 -141.53 41.80
N ALA LC 530 14.49 -141.38 42.07
CA ALA LC 530 15.43 -140.57 41.31
C ALA LC 530 15.69 -141.05 39.89
N LYS LC 531 15.42 -142.31 39.58
CA LYS LC 531 15.54 -142.76 38.22
C LYS LC 531 14.26 -142.61 37.43
N ARG LC 532 13.21 -142.05 38.01
CA ARG LC 532 12.13 -141.56 37.18
C ARG LC 532 12.42 -140.19 36.59
N LEU LC 533 13.39 -139.46 37.12
CA LEU LC 533 13.48 -138.03 36.83
C LEU LC 533 14.62 -137.75 35.86
N LYS LC 534 14.50 -136.63 35.15
CA LYS LC 534 15.48 -136.23 34.15
C LYS LC 534 15.49 -134.72 34.10
N ALA LC 535 16.58 -134.11 34.54
CA ALA LC 535 16.73 -132.67 34.49
C ALA LC 535 17.59 -132.28 33.31
N GLU LC 536 17.13 -131.29 32.55
CA GLU LC 536 17.91 -130.88 31.40
C GLU LC 536 17.63 -129.41 31.12
N GLY LC 537 18.67 -128.67 30.79
CA GLY LC 537 18.53 -127.25 30.57
C GLY LC 537 18.74 -126.79 29.14
N TYR LC 538 17.76 -126.09 28.61
CA TYR LC 538 17.84 -125.49 27.29
C TYR LC 538 17.98 -123.98 27.44
N GLY LC 539 19.00 -123.43 26.80
CA GLY LC 539 19.12 -121.98 26.76
C GLY LC 539 18.25 -121.39 25.68
N ASP LC 540 16.94 -121.32 25.95
CA ASP LC 540 15.80 -121.01 25.08
C ASP LC 540 15.85 -121.66 23.70
N LYS LC 541 16.35 -122.88 23.59
CA LYS LC 541 16.44 -123.49 22.28
C LYS LC 541 15.14 -124.12 21.81
N ASN LC 542 14.10 -124.15 22.64
CA ASN LC 542 12.80 -124.55 22.14
C ASN LC 542 11.90 -123.36 21.87
N ALA LC 543 11.88 -122.39 22.80
CA ALA LC 543 11.43 -121.00 22.58
C ALA LC 543 9.97 -120.91 22.16
N ILE LC 544 9.08 -121.13 23.13
CA ILE LC 544 7.63 -121.12 22.87
C ILE LC 544 7.04 -119.76 22.55
N SER LC 545 7.81 -118.68 22.63
CA SER LC 545 7.42 -117.40 22.10
C SER LC 545 8.64 -116.71 21.54
N ASP LC 546 8.43 -115.53 20.98
CA ASP LC 546 9.57 -114.73 20.57
C ASP LC 546 10.12 -113.94 21.74
N ASN LC 547 11.43 -113.73 21.73
CA ASN LC 547 12.11 -112.99 22.78
C ASN LC 547 12.18 -111.51 22.46
N ALA LC 548 11.64 -111.10 21.33
CA ALA LC 548 11.69 -109.70 20.93
C ALA LC 548 10.66 -108.86 21.64
N ILE LC 549 9.72 -109.46 22.36
CA ILE LC 549 8.70 -108.66 23.02
C ILE LC 549 8.70 -109.10 24.48
N ILE LC 550 8.22 -108.20 25.34
CA ILE LC 550 8.38 -108.29 26.79
C ILE LC 550 7.56 -109.44 27.36
N HIS LC 551 6.28 -109.48 27.02
CA HIS LC 551 5.36 -110.46 27.58
C HIS LC 551 5.63 -111.82 26.96
N GLY LC 552 6.09 -111.83 25.70
CA GLY LC 552 6.50 -113.06 25.06
C GLY LC 552 7.75 -113.67 25.66
N SER LC 553 8.71 -112.84 26.05
CA SER LC 553 9.88 -113.37 26.72
C SER LC 553 9.59 -113.79 28.15
N ALA LC 554 8.61 -113.14 28.78
CA ALA LC 554 8.11 -113.58 30.07
C ALA LC 554 7.48 -114.96 29.98
N GLN LC 555 6.76 -115.23 28.90
CA GLN LC 555 6.29 -116.57 28.62
C GLN LC 555 7.41 -117.54 28.27
N ASN LC 556 8.51 -117.06 27.69
CA ASN LC 556 9.63 -117.95 27.40
C ASN LC 556 10.38 -118.40 28.64
N ARG LC 557 10.45 -117.57 29.66
CA ARG LC 557 11.11 -117.97 30.91
C ARG LC 557 10.23 -118.95 31.69
N ARG LC 558 10.58 -120.24 31.67
CA ARG LC 558 9.69 -121.26 32.22
C ARG LC 558 10.46 -122.53 32.56
N ILE LC 559 9.75 -123.45 33.23
CA ILE LC 559 10.13 -124.85 33.41
C ILE LC 559 9.04 -125.68 32.77
N GLU LC 560 9.42 -126.60 31.88
CA GLU LC 560 8.44 -127.59 31.43
C GLU LC 560 8.63 -128.85 32.26
N ILE LC 561 7.51 -129.47 32.62
CA ILE LC 561 7.48 -130.76 33.28
C ILE LC 561 6.66 -131.68 32.39
N GLN LC 562 7.31 -132.62 31.73
CA GLN LC 562 6.62 -133.61 30.93
C GLN LC 562 6.66 -134.94 31.64
N TRP LC 563 5.58 -135.72 31.49
CA TRP LC 563 5.64 -137.14 31.76
C TRP LC 563 4.66 -137.87 30.87
N PHE LC 564 4.66 -139.18 30.99
CA PHE LC 564 3.84 -140.06 30.16
C PHE LC 564 2.74 -140.69 31.00
N ARG MC 429 -43.66 -133.02 -11.32
CA ARG MC 429 -42.79 -132.46 -10.31
C ARG MC 429 -41.50 -133.28 -10.19
N ASP MC 430 -41.48 -134.42 -10.87
CA ASP MC 430 -40.28 -135.23 -10.99
C ASP MC 430 -39.84 -135.39 -12.43
N SER MC 431 -40.33 -134.55 -13.32
CA SER MC 431 -40.27 -134.79 -14.75
C SER MC 431 -39.36 -133.79 -15.45
N LYS MC 432 -39.39 -133.86 -16.78
CA LYS MC 432 -38.57 -133.05 -17.68
C LYS MC 432 -38.81 -131.57 -17.50
N ARG MC 433 -40.07 -131.12 -17.51
CA ARG MC 433 -40.37 -129.69 -17.49
C ARG MC 433 -40.02 -129.06 -16.15
N LYS MC 434 -40.16 -129.84 -15.08
CA LYS MC 434 -39.71 -129.45 -13.75
C LYS MC 434 -38.19 -129.32 -13.67
N ILE MC 435 -37.44 -130.30 -14.21
CA ILE MC 435 -35.99 -130.20 -14.04
C ILE MC 435 -35.34 -129.19 -14.98
N ILE MC 436 -35.91 -128.94 -16.15
CA ILE MC 436 -35.41 -127.88 -17.02
C ILE MC 436 -35.79 -126.51 -16.48
N ARG MC 437 -36.96 -126.40 -15.83
CA ARG MC 437 -37.35 -125.14 -15.20
C ARG MC 437 -36.46 -124.80 -14.01
N ASP MC 438 -36.03 -125.80 -13.23
CA ASP MC 438 -35.09 -125.37 -12.21
C ASP MC 438 -33.65 -125.35 -12.68
N LEU MC 439 -33.29 -125.94 -13.84
CA LEU MC 439 -31.96 -125.62 -14.37
C LEU MC 439 -31.90 -124.21 -14.96
N GLN MC 440 -33.04 -123.70 -15.41
CA GLN MC 440 -33.18 -122.27 -15.64
C GLN MC 440 -33.00 -121.49 -14.34
N LYS MC 441 -33.53 -122.02 -13.22
CA LYS MC 441 -33.38 -121.34 -11.93
C LYS MC 441 -31.95 -121.35 -11.39
N GLN MC 442 -31.22 -122.47 -11.48
CA GLN MC 442 -29.78 -122.46 -11.21
C GLN MC 442 -28.96 -122.35 -12.49
N ASP MC 443 -29.43 -121.54 -13.45
CA ASP MC 443 -28.71 -120.81 -14.53
C ASP MC 443 -27.77 -121.66 -15.38
N ILE MC 444 -28.27 -122.80 -15.81
CA ILE MC 444 -27.64 -123.61 -16.84
C ILE MC 444 -28.55 -123.61 -18.06
N GLN MC 445 -28.02 -123.28 -19.23
CA GLN MC 445 -28.87 -123.37 -20.42
C GLN MC 445 -29.06 -124.77 -20.90
N TYR MC 446 -30.22 -124.98 -21.50
CA TYR MC 446 -30.56 -126.20 -22.21
C TYR MC 446 -31.04 -125.76 -23.58
N VAL MC 447 -30.67 -126.47 -24.64
CA VAL MC 447 -31.38 -126.35 -25.91
C VAL MC 447 -31.83 -127.72 -26.40
N GLU MC 448 -33.14 -127.83 -26.64
CA GLU MC 448 -33.80 -128.74 -27.57
C GLU MC 448 -33.49 -128.35 -29.00
N TYR MC 449 -32.91 -129.30 -29.75
CA TYR MC 449 -32.65 -129.01 -31.16
C TYR MC 449 -32.67 -130.30 -31.99
N GLY MC 450 -33.87 -130.63 -32.47
CA GLY MC 450 -34.10 -131.83 -33.25
C GLY MC 450 -33.85 -133.10 -32.47
N ASP MC 451 -32.73 -133.77 -32.78
CA ASP MC 451 -32.21 -134.79 -31.92
C ASP MC 451 -31.09 -134.30 -31.01
N THR MC 452 -30.38 -133.25 -31.41
CA THR MC 452 -29.24 -132.74 -30.67
C THR MC 452 -29.72 -131.97 -29.45
N ARG MC 453 -29.24 -132.35 -28.28
CA ARG MC 453 -29.63 -131.68 -27.06
C ARG MC 453 -28.38 -131.25 -26.34
N THR MC 454 -28.33 -129.99 -25.93
CA THR MC 454 -27.07 -129.41 -25.47
C THR MC 454 -27.29 -128.59 -24.20
N LEU MC 455 -26.56 -128.95 -23.16
CA LEU MC 455 -26.50 -128.15 -21.94
C LEU MC 455 -25.29 -127.23 -22.03
N ILE MC 456 -25.51 -125.97 -21.69
CA ILE MC 456 -24.42 -125.01 -21.59
C ILE MC 456 -24.25 -124.69 -20.12
N ILE MC 457 -23.13 -125.12 -19.56
CA ILE MC 457 -22.83 -125.02 -18.14
C ILE MC 457 -21.74 -123.99 -17.95
N PRO MC 458 -21.97 -122.94 -17.16
CA PRO MC 458 -20.90 -121.95 -16.92
C PRO MC 458 -19.82 -122.51 -16.02
N THR MC 459 -18.59 -122.47 -16.50
CA THR MC 459 -17.45 -122.90 -15.71
C THR MC 459 -17.16 -121.96 -14.56
N ASP MC 460 -17.60 -120.72 -14.66
CA ASP MC 460 -17.32 -119.70 -13.67
C ASP MC 460 -18.08 -119.93 -12.38
N LYS MC 461 -19.25 -120.54 -12.43
CA LYS MC 461 -19.96 -120.90 -11.22
C LYS MC 461 -20.03 -122.40 -10.98
N TYR MC 462 -19.65 -123.23 -11.96
CA TYR MC 462 -19.59 -124.66 -11.73
C TYR MC 462 -18.19 -125.21 -11.74
N PHE MC 463 -17.18 -124.35 -11.57
CA PHE MC 463 -15.84 -124.79 -11.30
C PHE MC 463 -15.18 -123.80 -10.37
N MET MC 464 -14.37 -124.31 -9.45
CA MET MC 464 -13.52 -123.42 -8.72
C MET MC 464 -12.37 -122.99 -9.61
N PHE MC 465 -11.81 -121.83 -9.28
CA PHE MC 465 -11.35 -120.86 -10.26
C PHE MC 465 -10.09 -121.30 -10.98
N SER MC 466 -10.19 -121.33 -12.32
CA SER MC 466 -9.12 -121.68 -13.27
C SER MC 466 -8.53 -123.04 -12.98
N SER MC 467 -9.39 -123.97 -12.63
CA SER MC 467 -8.99 -125.28 -12.12
C SER MC 467 -9.96 -126.30 -12.64
N PRO MC 468 -9.55 -127.56 -12.71
CA PRO MC 468 -10.53 -128.63 -12.95
C PRO MC 468 -11.16 -129.18 -11.68
N ARG MC 469 -11.08 -128.46 -10.57
CA ARG MC 469 -11.82 -128.84 -9.39
C ARG MC 469 -13.24 -128.32 -9.56
N LEU MC 470 -14.21 -129.22 -9.42
CA LEU MC 470 -15.61 -128.85 -9.56
C LEU MC 470 -16.04 -128.01 -8.38
N ASN MC 471 -16.89 -127.03 -8.63
CA ASN MC 471 -17.41 -126.16 -7.58
C ASN MC 471 -18.41 -126.96 -6.77
N GLU MC 472 -17.89 -127.52 -5.69
CA GLU MC 472 -18.55 -128.52 -4.87
C GLU MC 472 -19.77 -127.99 -4.13
N ILE MC 473 -19.80 -126.69 -3.85
CA ILE MC 473 -20.99 -126.05 -3.31
C ILE MC 473 -22.14 -126.06 -4.31
N CYS MC 474 -21.86 -125.95 -5.60
CA CYS MC 474 -22.91 -126.07 -6.60
C CYS MC 474 -23.13 -127.52 -7.03
N TYR MC 475 -23.30 -128.42 -6.06
CA TYR MC 475 -23.81 -129.76 -6.36
C TYR MC 475 -25.24 -129.89 -6.92
N PRO MC 476 -26.29 -129.07 -6.60
CA PRO MC 476 -27.62 -129.42 -7.14
C PRO MC 476 -27.78 -129.14 -8.62
N GLY MC 477 -26.95 -128.28 -9.21
CA GLY MC 477 -26.83 -128.25 -10.66
C GLY MC 477 -26.24 -129.52 -11.23
N LEU MC 478 -25.27 -130.11 -10.54
CA LEU MC 478 -24.62 -131.30 -11.03
C LEU MC 478 -25.50 -132.55 -10.89
N ASN MC 479 -26.18 -132.68 -9.74
CA ASN MC 479 -27.20 -133.71 -9.60
C ASN MC 479 -28.37 -133.49 -10.56
N ASN MC 480 -28.74 -132.25 -10.85
CA ASN MC 480 -29.87 -132.06 -11.73
C ASN MC 480 -29.52 -132.28 -13.19
N VAL MC 481 -28.26 -132.02 -13.57
CA VAL MC 481 -27.88 -132.33 -14.95
C VAL MC 481 -27.75 -133.84 -15.12
N ILE MC 482 -27.23 -134.57 -14.11
CA ILE MC 482 -27.17 -136.02 -14.27
C ILE MC 482 -28.54 -136.68 -14.12
N ARG MC 483 -29.45 -136.07 -13.34
CA ARG MC 483 -30.85 -136.48 -13.29
C ARG MC 483 -31.56 -136.21 -14.59
N LEU MC 484 -31.12 -135.21 -15.34
CA LEU MC 484 -31.68 -134.99 -16.66
C LEU MC 484 -31.17 -136.03 -17.64
N LEU MC 485 -29.89 -136.36 -17.61
CA LEU MC 485 -29.43 -137.31 -18.63
C LEU MC 485 -29.45 -138.76 -18.16
N ASN MC 486 -30.19 -139.09 -17.09
CA ASN MC 486 -30.71 -140.47 -17.06
C ASN MC 486 -31.81 -140.72 -18.08
N PHE MC 487 -32.46 -139.67 -18.59
CA PHE MC 487 -33.59 -139.83 -19.49
C PHE MC 487 -33.21 -140.30 -20.88
N TYR MC 488 -31.92 -140.26 -21.24
CA TYR MC 488 -31.48 -140.60 -22.58
C TYR MC 488 -30.39 -141.67 -22.49
N PRO MC 489 -30.77 -142.91 -22.21
CA PRO MC 489 -29.76 -143.92 -21.88
C PRO MC 489 -29.14 -144.68 -23.05
N GLN MC 490 -29.31 -144.21 -24.29
CA GLN MC 490 -28.62 -144.85 -25.40
C GLN MC 490 -27.84 -143.88 -26.25
N SER MC 491 -27.88 -142.60 -25.95
CA SER MC 491 -27.21 -141.60 -26.78
C SER MC 491 -25.73 -141.51 -26.44
N THR MC 492 -24.92 -141.34 -27.47
CA THR MC 492 -23.51 -141.02 -27.28
C THR MC 492 -23.39 -139.57 -26.81
N ILE MC 493 -22.39 -139.30 -25.99
CA ILE MC 493 -22.31 -138.04 -25.28
C ILE MC 493 -21.05 -137.32 -25.74
N TYR MC 494 -21.21 -136.16 -26.34
CA TYR MC 494 -20.10 -135.28 -26.62
C TYR MC 494 -20.05 -134.26 -25.48
N VAL MC 495 -18.87 -134.10 -24.88
CA VAL MC 495 -18.65 -133.08 -23.86
C VAL MC 495 -17.43 -132.28 -24.30
N ALA MC 496 -17.55 -130.95 -24.22
CA ALA MC 496 -16.49 -130.11 -24.73
C ALA MC 496 -16.33 -128.88 -23.85
N GLY MC 497 -15.10 -128.44 -23.73
CA GLY MC 497 -14.74 -127.39 -22.79
C GLY MC 497 -14.28 -126.15 -23.52
N PHE MC 498 -14.58 -124.99 -22.93
CA PHE MC 498 -14.33 -123.72 -23.58
C PHE MC 498 -13.74 -122.71 -22.61
N THR MC 499 -12.86 -121.87 -23.14
CA THR MC 499 -12.24 -120.77 -22.41
C THR MC 499 -12.52 -119.45 -23.09
N ASP MC 500 -11.76 -118.42 -22.75
CA ASP MC 500 -11.77 -117.17 -23.50
C ASP MC 500 -10.33 -116.81 -23.84
N ASN MC 501 -10.14 -115.57 -24.28
CA ASN MC 501 -8.93 -115.08 -24.95
C ASN MC 501 -7.67 -114.99 -24.09
N VAL MC 502 -7.75 -115.19 -22.78
CA VAL MC 502 -6.59 -114.98 -21.92
C VAL MC 502 -5.62 -116.16 -22.03
N GLY MC 503 -4.39 -115.95 -21.63
CA GLY MC 503 -3.43 -117.04 -21.55
C GLY MC 503 -2.87 -117.46 -22.88
N SER MC 504 -1.89 -118.36 -22.81
CA SER MC 504 -1.35 -118.99 -24.00
C SER MC 504 -2.35 -119.97 -24.54
N ARG MC 505 -2.19 -120.29 -25.82
CA ARG MC 505 -3.07 -121.22 -26.54
C ARG MC 505 -2.97 -122.63 -25.97
N SER MC 506 -1.78 -122.99 -25.50
CA SER MC 506 -1.58 -124.20 -24.71
C SER MC 506 -2.34 -124.17 -23.40
N HIS MC 507 -2.39 -123.01 -22.74
CA HIS MC 507 -3.12 -122.92 -21.47
C HIS MC 507 -4.61 -122.98 -21.66
N LYS MC 508 -5.11 -122.32 -22.72
CA LYS MC 508 -6.49 -122.41 -23.20
C LYS MC 508 -6.90 -123.84 -23.47
N ARG MC 509 -6.07 -124.56 -24.24
CA ARG MC 509 -6.37 -125.93 -24.64
C ARG MC 509 -6.33 -126.89 -23.48
N LYS MC 510 -5.30 -126.81 -22.63
CA LYS MC 510 -5.19 -127.73 -21.50
C LYS MC 510 -6.18 -127.43 -20.39
N LEU MC 511 -6.55 -126.16 -20.20
CA LEU MC 511 -7.54 -125.85 -19.18
C LEU MC 511 -8.94 -126.26 -19.61
N SER MC 512 -9.29 -125.98 -20.88
CA SER MC 512 -10.58 -126.42 -21.41
C SER MC 512 -10.67 -127.93 -21.51
N GLN MC 513 -9.56 -128.60 -21.86
CA GLN MC 513 -9.49 -130.05 -21.92
C GLN MC 513 -9.60 -130.66 -20.54
N ALA MC 514 -8.98 -130.04 -19.54
CA ALA MC 514 -9.04 -130.54 -18.18
C ALA MC 514 -10.43 -130.41 -17.58
N GLN MC 515 -11.10 -129.27 -17.85
CA GLN MC 515 -12.44 -129.08 -17.30
C GLN MC 515 -13.49 -129.94 -17.99
N ALA MC 516 -13.37 -130.11 -19.32
CA ALA MC 516 -14.25 -131.03 -20.03
C ALA MC 516 -13.99 -132.46 -19.64
N GLU MC 517 -12.74 -132.79 -19.36
CA GLU MC 517 -12.37 -134.14 -19.02
C GLU MC 517 -12.84 -134.50 -17.63
N THR MC 518 -12.80 -133.55 -16.70
CA THR MC 518 -13.31 -133.85 -15.38
C THR MC 518 -14.82 -133.78 -15.30
N MET MC 519 -15.49 -133.07 -16.22
CA MET MC 519 -16.95 -133.19 -16.25
C MET MC 519 -17.37 -134.51 -16.86
N MET MC 520 -16.54 -135.02 -17.79
CA MET MC 520 -16.73 -136.34 -18.36
C MET MC 520 -16.55 -137.44 -17.32
N THR MC 521 -15.55 -137.29 -16.44
CA THR MC 521 -15.40 -138.23 -15.34
C THR MC 521 -16.49 -138.09 -14.31
N PHE MC 522 -17.06 -136.89 -14.15
CA PHE MC 522 -18.20 -136.75 -13.26
C PHE MC 522 -19.42 -137.50 -13.77
N LEU MC 523 -19.66 -137.44 -15.08
CA LEU MC 523 -20.80 -138.19 -15.62
C LEU MC 523 -20.52 -139.69 -15.64
N TRP MC 524 -19.27 -140.08 -15.86
CA TRP MC 524 -18.89 -141.49 -15.80
C TRP MC 524 -18.97 -142.03 -14.38
N ALA MC 525 -18.59 -141.23 -13.40
CA ALA MC 525 -18.65 -141.63 -12.02
C ALA MC 525 -20.02 -141.46 -11.41
N ASN MC 526 -20.92 -140.76 -12.09
CA ASN MC 526 -22.30 -140.73 -11.63
C ASN MC 526 -23.11 -141.69 -12.49
N GLY MC 527 -22.44 -142.40 -13.38
CA GLY MC 527 -22.97 -143.64 -13.88
C GLY MC 527 -23.37 -143.70 -15.34
N ILE MC 528 -22.61 -143.11 -16.23
CA ILE MC 528 -22.82 -143.28 -17.65
C ILE MC 528 -21.65 -144.11 -18.16
N ALA MC 529 -21.94 -145.11 -19.00
CA ALA MC 529 -20.92 -146.04 -19.46
C ALA MC 529 -19.96 -145.38 -20.42
N ALA MC 530 -18.67 -145.64 -20.20
CA ALA MC 530 -17.55 -144.80 -20.63
C ALA MC 530 -17.36 -144.71 -22.13
N LYS MC 531 -17.91 -145.64 -22.91
CA LYS MC 531 -17.84 -145.50 -24.35
C LYS MC 531 -19.04 -144.77 -24.92
N ARG MC 532 -19.95 -144.28 -24.09
CA ARG MC 532 -20.87 -143.28 -24.57
C ARG MC 532 -20.26 -141.88 -24.57
N LEU MC 533 -19.18 -141.66 -23.86
CA LEU MC 533 -18.75 -140.30 -23.55
C LEU MC 533 -17.55 -139.89 -24.39
N LYS MC 534 -17.40 -138.58 -24.57
CA LYS MC 534 -16.33 -138.04 -25.40
C LYS MC 534 -15.98 -136.67 -24.83
N ALA MC 535 -14.79 -136.55 -24.25
CA ALA MC 535 -14.32 -135.28 -23.72
C ALA MC 535 -13.36 -134.64 -24.69
N GLU MC 536 -13.58 -133.36 -24.95
CA GLU MC 536 -12.69 -132.68 -25.88
C GLU MC 536 -12.63 -131.21 -25.52
N GLY MC 537 -11.44 -130.64 -25.60
CA GLY MC 537 -11.25 -129.26 -25.20
C GLY MC 537 -10.91 -128.31 -26.33
N TYR MC 538 -11.69 -127.26 -26.46
CA TYR MC 538 -11.44 -126.20 -27.43
C TYR MC 538 -10.97 -124.96 -26.69
N GLY MC 539 -9.84 -124.42 -27.12
CA GLY MC 539 -9.40 -123.16 -26.57
C GLY MC 539 -10.08 -122.00 -27.25
N ASP MC 540 -11.35 -121.77 -26.89
CA ASP MC 540 -12.37 -120.89 -27.48
C ASP MC 540 -12.42 -120.91 -29.01
N LYS MC 541 -12.21 -122.04 -29.64
CA LYS MC 541 -12.22 -122.08 -31.08
C LYS MC 541 -13.61 -122.16 -31.68
N ASN MC 542 -14.65 -122.29 -30.86
CA ASN MC 542 -16.00 -122.17 -31.39
C ASN MC 542 -16.61 -120.81 -31.09
N ALA MC 543 -16.43 -120.33 -29.86
CA ALA MC 543 -16.55 -118.91 -29.46
C ALA MC 543 -17.95 -118.34 -29.69
N ILE MC 544 -18.89 -118.75 -28.84
CA ILE MC 544 -20.29 -118.32 -28.97
C ILE MC 544 -20.55 -116.85 -28.68
N SER MC 545 -19.56 -116.10 -28.21
CA SER MC 545 -19.65 -114.67 -28.16
C SER MC 545 -18.28 -114.09 -28.46
N ASP MC 546 -18.21 -112.75 -28.48
CA ASP MC 546 -16.91 -112.13 -28.61
C ASP MC 546 -16.22 -112.03 -27.26
N ASN MC 547 -14.91 -112.13 -27.27
CA ASN MC 547 -14.10 -112.04 -26.06
C ASN MC 547 -13.69 -110.61 -25.76
N ALA MC 548 -14.09 -109.67 -26.59
CA ALA MC 548 -13.72 -108.29 -26.38
C ALA MC 548 -14.56 -107.61 -25.31
N ILE MC 549 -15.64 -108.22 -24.84
CA ILE MC 549 -16.47 -107.58 -23.85
C ILE MC 549 -16.60 -108.57 -22.70
N ILE MC 550 -16.88 -108.02 -21.51
CA ILE MC 550 -16.80 -108.74 -20.24
C ILE MC 550 -17.86 -109.81 -20.13
N HIS MC 551 -19.12 -109.43 -20.38
CA HIS MC 551 -20.24 -110.33 -20.21
C HIS MC 551 -20.26 -111.34 -21.34
N GLY MC 552 -19.79 -110.93 -22.52
CA GLY MC 552 -19.65 -111.85 -23.62
C GLY MC 552 -18.59 -112.90 -23.41
N SER MC 553 -17.47 -112.54 -22.79
CA SER MC 553 -16.46 -113.53 -22.48
C SER MC 553 -16.88 -114.42 -21.33
N ALA MC 554 -17.70 -113.89 -20.42
CA ALA MC 554 -18.32 -114.71 -19.39
C ALA MC 554 -19.24 -115.76 -19.99
N GLN MC 555 -19.98 -115.39 -21.04
CA GLN MC 555 -20.73 -116.37 -21.80
C GLN MC 555 -19.85 -117.32 -22.60
N ASN MC 556 -18.65 -116.89 -23.00
CA ASN MC 556 -17.75 -117.80 -23.70
C ASN MC 556 -17.16 -118.88 -22.82
N ARG MC 557 -16.94 -118.58 -21.54
CA ARG MC 557 -16.42 -119.58 -20.61
C ARG MC 557 -17.51 -120.59 -20.25
N ARG MC 558 -17.46 -121.79 -20.82
CA ARG MC 558 -18.56 -122.74 -20.66
C ARG MC 558 -18.12 -124.17 -20.92
N ILE MC 559 -19.03 -125.10 -20.63
CA ILE MC 559 -18.98 -126.49 -21.07
C ILE MC 559 -20.21 -126.73 -21.92
N GLU MC 560 -20.03 -127.26 -23.13
CA GLU MC 560 -21.18 -127.74 -23.88
C GLU MC 560 -21.30 -129.25 -23.64
N ILE MC 561 -22.54 -129.70 -23.50
CA ILE MC 561 -22.88 -131.12 -23.42
C ILE MC 561 -23.86 -131.38 -24.54
N GLN MC 562 -23.42 -132.09 -25.57
CA GLN MC 562 -24.29 -132.48 -26.66
C GLN MC 562 -24.57 -133.96 -26.56
N TRP MC 563 -25.78 -134.35 -26.93
CA TRP MC 563 -26.05 -135.73 -27.27
C TRP MC 563 -27.15 -135.80 -28.31
N PHE MC 564 -27.45 -137.02 -28.74
CA PHE MC 564 -28.42 -137.27 -29.79
C PHE MC 564 -29.65 -137.95 -29.20
N ARG NC 429 -71.93 -103.79 -61.51
CA ARG NC 429 -70.98 -103.91 -60.41
C ARG NC 429 -69.91 -104.95 -60.72
N ASP NC 430 -70.12 -105.70 -61.80
CA ASP NC 430 -69.13 -106.62 -62.32
C ASP NC 430 -68.70 -106.25 -63.73
N SER NC 431 -68.98 -105.04 -64.18
CA SER NC 431 -68.92 -104.68 -65.57
C SER NC 431 -67.79 -103.70 -65.87
N LYS NC 432 -67.81 -103.21 -67.11
CA LYS NC 432 -66.80 -102.29 -67.65
C LYS NC 432 -66.70 -101.01 -66.87
N ARG NC 433 -67.83 -100.33 -66.61
CA ARG NC 433 -67.81 -99.02 -65.99
C ARG NC 433 -67.36 -99.09 -64.54
N LYS NC 434 -67.71 -100.20 -63.87
CA LYS NC 434 -67.22 -100.48 -62.53
C LYS NC 434 -65.71 -100.71 -62.51
N ILE NC 435 -65.18 -101.53 -63.44
CA ILE NC 435 -63.76 -101.83 -63.34
C ILE NC 435 -62.88 -100.68 -63.83
N ILE NC 436 -63.34 -99.86 -64.77
CA ILE NC 436 -62.58 -98.68 -65.16
C ILE NC 436 -62.66 -97.60 -64.08
N ARG NC 437 -63.79 -97.51 -63.37
CA ARG NC 437 -63.92 -96.57 -62.25
C ARG NC 437 -63.00 -96.96 -61.09
N ASP NC 438 -62.84 -98.25 -60.82
CA ASP NC 438 -61.85 -98.49 -59.76
C ASP NC 438 -60.43 -98.59 -60.29
N LEU NC 439 -60.17 -98.71 -61.61
CA LEU NC 439 -58.79 -98.49 -62.05
C LEU NC 439 -58.40 -97.02 -62.02
N GLN NC 440 -59.38 -96.13 -62.14
CA GLN NC 440 -59.19 -94.74 -61.76
C GLN NC 440 -58.88 -94.63 -60.27
N LYS NC 441 -59.55 -95.44 -59.45
CA LYS NC 441 -59.29 -95.41 -57.99
C LYS NC 441 -57.91 -95.94 -57.61
N GLN NC 442 -57.45 -97.06 -58.18
CA GLN NC 442 -56.04 -97.47 -58.04
C GLN NC 442 -55.19 -97.02 -59.23
N ASP NC 443 -55.44 -95.81 -59.73
CA ASP NC 443 -54.55 -94.86 -60.46
C ASP NC 443 -53.79 -95.48 -61.65
N ILE NC 444 -54.54 -96.20 -62.47
CA ILE NC 444 -54.07 -96.63 -63.78
C ILE NC 444 -54.93 -95.93 -64.83
N GLN NC 445 -54.30 -95.27 -65.80
CA GLN NC 445 -55.11 -94.68 -66.86
C GLN NC 445 -55.59 -95.69 -67.86
N TYR NC 446 -56.77 -95.38 -68.41
CA TYR NC 446 -57.34 -96.09 -69.53
C TYR NC 446 -57.68 -95.03 -70.56
N VAL NC 447 -57.44 -95.29 -71.84
CA VAL NC 447 -58.07 -94.52 -72.91
C VAL NC 447 -58.81 -95.44 -73.88
N GLU NC 448 -60.10 -95.15 -74.05
CA GLU NC 448 -60.92 -95.43 -75.23
C GLU NC 448 -60.49 -94.58 -76.40
N TYR NC 449 -60.12 -95.21 -77.50
CA TYR NC 449 -59.76 -94.44 -78.69
C TYR NC 449 -60.06 -95.24 -79.95
N GLY NC 450 -61.27 -95.08 -80.45
CA GLY NC 450 -61.74 -95.78 -81.63
C GLY NC 450 -61.80 -97.27 -81.46
N ASP NC 451 -60.86 -97.96 -82.09
CA ASP NC 451 -60.60 -99.35 -81.75
C ASP NC 451 -59.42 -99.53 -80.81
N THR NC 452 -58.49 -98.57 -80.79
CA THR NC 452 -57.29 -98.67 -79.98
C THR NC 452 -57.62 -98.39 -78.53
N ARG NC 453 -57.26 -99.32 -77.66
CA ARG NC 453 -57.53 -99.13 -76.24
C ARG NC 453 -56.23 -99.33 -75.49
N THR NC 454 -55.91 -98.39 -74.60
CA THR NC 454 -54.58 -98.34 -74.03
C THR NC 454 -54.63 -98.08 -72.54
N LEU NC 455 -54.03 -98.99 -71.78
CA LEU NC 455 -53.82 -98.79 -70.35
C LEU NC 455 -52.45 -98.20 -70.13
N ILE NC 456 -52.38 -97.17 -69.31
CA ILE NC 456 -51.11 -96.61 -68.89
C ILE NC 456 -50.91 -96.97 -67.44
N ILE NC 457 -49.93 -97.82 -67.18
CA ILE NC 457 -49.66 -98.37 -65.86
C ILE NC 457 -48.36 -97.77 -65.34
N PRO NC 458 -48.38 -97.13 -64.18
CA PRO NC 458 -47.13 -96.58 -63.64
C PRO NC 458 -46.24 -97.67 -63.11
N THR NC 459 -45.00 -97.70 -63.62
CA THR NC 459 -44.01 -98.65 -63.15
C THR NC 459 -43.55 -98.35 -61.74
N ASP NC 460 -43.70 -97.12 -61.29
CA ASP NC 460 -43.23 -96.68 -60.00
C ASP NC 460 -44.05 -97.25 -58.86
N LYS NC 461 -45.34 -97.51 -59.08
CA LYS NC 461 -46.14 -98.19 -58.08
C LYS NC 461 -46.54 -99.61 -58.47
N TYR NC 462 -46.33 -100.02 -59.71
CA TYR NC 462 -46.61 -101.39 -60.09
C TYR NC 462 -45.34 -102.17 -60.42
N PHE NC 463 -44.19 -101.69 -59.99
CA PHE NC 463 -42.98 -102.48 -60.01
C PHE NC 463 -42.15 -102.13 -58.81
N MET NC 464 -41.51 -103.13 -58.23
CA MET NC 464 -40.48 -102.83 -57.26
C MET NC 464 -39.24 -102.33 -57.98
N PHE NC 465 -38.45 -101.57 -57.24
CA PHE NC 465 -37.76 -100.39 -57.76
C PHE NC 465 -36.61 -100.76 -58.69
N SER NC 466 -36.68 -100.21 -59.91
CA SER NC 466 -35.70 -100.35 -60.99
C SER NC 466 -35.42 -101.82 -61.33
N SER NC 467 -36.48 -102.60 -61.33
CA SER NC 467 -36.40 -104.04 -61.42
C SER NC 467 -37.56 -104.53 -62.25
N PRO NC 468 -37.43 -105.71 -62.85
CA PRO NC 468 -38.61 -106.35 -63.44
C PRO NC 468 -39.39 -107.22 -62.46
N ARG NC 469 -39.18 -107.06 -61.17
CA ARG NC 469 -40.02 -107.72 -60.20
C ARG NC 469 -41.29 -106.90 -60.03
N LEU NC 470 -42.44 -107.54 -60.22
CA LEU NC 470 -43.71 -106.84 -60.09
C LEU NC 470 -43.98 -106.50 -58.65
N ASN NC 471 -44.58 -105.34 -58.43
CA ASN NC 471 -44.92 -104.89 -57.08
C ASN NC 471 -46.09 -105.72 -56.61
N GLU NC 472 -45.75 -106.77 -55.87
CA GLU NC 472 -46.64 -107.86 -55.49
C GLU NC 472 -47.72 -107.42 -54.52
N ILE NC 473 -47.47 -106.38 -53.72
CA ILE NC 473 -48.50 -105.78 -52.89
C ILE NC 473 -49.59 -105.14 -53.74
N CYS NC 474 -49.26 -104.57 -54.88
CA CYS NC 474 -50.29 -104.05 -55.77
C CYS NC 474 -50.82 -105.10 -56.74
N TYR NC 475 -51.22 -106.26 -56.22
CA TYR NC 475 -51.99 -107.21 -57.00
C TYR NC 475 -53.40 -106.78 -57.46
N PRO NC 476 -54.25 -105.98 -56.76
CA PRO NC 476 -55.61 -105.77 -57.31
C PRO NC 476 -55.66 -104.88 -58.55
N GLY NC 477 -54.65 -104.06 -58.78
CA GLY NC 477 -54.49 -103.46 -60.09
C GLY NC 477 -54.17 -104.47 -61.17
N LEU NC 478 -53.39 -105.48 -60.84
CA LEU NC 478 -53.00 -106.48 -61.83
C LEU NC 478 -54.13 -107.45 -62.14
N ASN NC 479 -54.87 -107.89 -61.11
CA ASN NC 479 -56.09 -108.64 -61.33
C ASN NC 479 -57.16 -107.82 -62.02
N ASN NC 480 -57.23 -106.51 -61.77
CA ASN NC 480 -58.27 -105.74 -62.42
C ASN NC 480 -57.93 -105.42 -63.85
N VAL NC 481 -56.64 -105.28 -64.19
CA VAL NC 481 -56.30 -105.08 -65.60
C VAL NC 481 -56.51 -106.38 -66.37
N ILE NC 482 -56.19 -107.55 -65.79
CA ILE NC 482 -56.45 -108.78 -66.53
C ILE NC 482 -57.93 -109.13 -66.56
N ARG NC 483 -58.71 -108.72 -65.55
CA ARG NC 483 -60.17 -108.80 -65.57
C ARG NC 483 -60.77 -107.87 -66.60
N LEU NC 484 -60.08 -106.77 -66.90
CA LEU NC 484 -60.54 -105.92 -67.98
C LEU NC 484 -60.26 -106.54 -69.33
N LEU NC 485 -59.07 -107.12 -69.52
CA LEU NC 485 -58.82 -107.64 -70.86
C LEU NC 485 -59.18 -109.11 -71.03
N ASN NC 486 -60.00 -109.69 -70.14
CA ASN NC 486 -60.82 -110.81 -70.64
C ASN NC 486 -61.92 -110.37 -71.59
N PHE NC 487 -62.30 -109.09 -71.59
CA PHE NC 487 -63.42 -108.63 -72.40
C PHE NC 487 -63.11 -108.55 -73.88
N TYR NC 488 -61.83 -108.65 -74.27
CA TYR NC 488 -61.43 -108.49 -75.67
C TYR NC 488 -60.62 -109.70 -76.09
N PRO NC 489 -61.26 -110.85 -76.32
CA PRO NC 489 -60.52 -112.10 -76.50
C PRO NC 489 -60.07 -112.40 -77.91
N GLN NC 490 -60.09 -111.45 -78.84
CA GLN NC 490 -59.53 -111.71 -80.16
C GLN NC 490 -58.52 -110.67 -80.59
N SER NC 491 -58.28 -109.64 -79.79
CA SER NC 491 -57.40 -108.57 -80.18
C SER NC 491 -55.94 -108.94 -79.93
N THR NC 492 -55.09 -108.54 -80.87
CA THR NC 492 -53.64 -108.63 -80.65
C THR NC 492 -53.22 -107.57 -79.65
N ILE NC 493 -52.20 -107.88 -78.87
CA ILE NC 493 -51.86 -107.06 -77.70
C ILE NC 493 -50.46 -106.52 -77.92
N TYR NC 494 -50.34 -105.21 -77.98
CA TYR NC 494 -49.05 -104.55 -77.94
C TYR NC 494 -48.81 -104.14 -76.50
N VAL NC 495 -47.65 -104.50 -75.96
CA VAL NC 495 -47.23 -104.05 -74.64
C VAL NC 495 -45.84 -103.43 -74.79
N ALA NC 496 -45.67 -102.26 -74.17
CA ALA NC 496 -44.44 -101.52 -74.36
C ALA NC 496 -44.03 -100.84 -73.08
N GLY NC 497 -42.73 -100.76 -72.87
CA GLY NC 497 -42.18 -100.29 -71.62
C GLY NC 497 -41.43 -98.99 -71.80
N PHE NC 498 -41.48 -98.14 -70.76
CA PHE NC 498 -40.93 -96.80 -70.86
C PHE NC 498 -40.16 -96.44 -69.62
N THR NC 499 -39.10 -95.66 -69.81
CA THR NC 499 -38.28 -95.12 -68.73
C THR NC 499 -38.24 -93.61 -68.80
N ASP NC 500 -37.27 -93.01 -68.14
CA ASP NC 500 -36.98 -91.58 -68.29
C ASP NC 500 -35.49 -91.43 -68.56
N ASN NC 501 -35.01 -90.20 -68.46
CA ASN NC 501 -33.71 -89.75 -68.96
C ASN NC 501 -32.49 -90.29 -68.23
N VAL NC 502 -32.64 -90.99 -67.11
CA VAL NC 502 -31.49 -91.41 -66.32
C VAL NC 502 -30.82 -92.60 -66.96
N GLY NC 503 -29.56 -92.86 -66.60
CA GLY NC 503 -28.88 -94.06 -67.02
C GLY NC 503 -28.39 -94.01 -68.46
N SER NC 504 -27.63 -95.05 -68.82
CA SER NC 504 -27.22 -95.22 -70.19
C SER NC 504 -28.41 -95.66 -71.02
N ARG NC 505 -28.28 -95.44 -72.34
CA ARG NC 505 -29.34 -95.78 -73.30
C ARG NC 505 -29.57 -97.29 -73.36
N SER NC 506 -28.50 -98.06 -73.17
CA SER NC 506 -28.58 -99.50 -72.95
C SER NC 506 -29.37 -99.84 -71.69
N HIS NC 507 -29.18 -99.08 -70.61
CA HIS NC 507 -29.89 -99.37 -69.37
C HIS NC 507 -31.37 -99.02 -69.48
N LYS NC 508 -31.66 -97.89 -70.14
CA LYS NC 508 -33.01 -97.47 -70.52
C LYS NC 508 -33.73 -98.55 -71.32
N ARG NC 509 -33.06 -99.06 -72.36
CA ARG NC 509 -33.64 -100.03 -73.28
C ARG NC 509 -33.85 -101.38 -72.60
N LYS NC 510 -32.85 -101.87 -71.88
CA LYS NC 510 -32.99 -103.17 -71.23
C LYS NC 510 -33.91 -103.14 -70.03
N LEU NC 511 -34.00 -102.03 -69.30
CA LEU NC 511 -34.92 -101.95 -68.18
C LEU NC 511 -36.36 -101.84 -68.65
N SER NC 512 -36.61 -101.00 -69.67
CA SER NC 512 -37.94 -100.90 -70.25
C SER NC 512 -38.36 -102.18 -70.94
N GLN NC 513 -37.42 -102.85 -71.61
CA GLN NC 513 -37.67 -104.13 -72.25
C GLN NC 513 -37.96 -105.22 -71.24
N ALA NC 514 -37.25 -105.21 -70.11
CA ALA NC 514 -37.45 -106.20 -69.08
C ALA NC 514 -38.79 -106.03 -68.39
N GLN NC 515 -39.19 -104.78 -68.12
CA GLN NC 515 -40.47 -104.54 -67.46
C GLN NC 515 -41.66 -104.79 -68.37
N ALA NC 516 -41.54 -104.43 -69.65
CA ALA NC 516 -42.59 -104.75 -70.62
C ALA NC 516 -42.67 -106.25 -70.86
N GLU NC 517 -41.52 -106.92 -70.82
CA GLU NC 517 -41.47 -108.33 -71.09
C GLU NC 517 -42.06 -109.12 -69.94
N THR NC 518 -41.83 -108.66 -68.70
CA THR NC 518 -42.43 -109.38 -67.60
C THR NC 518 -43.89 -109.01 -67.39
N MET NC 519 -44.36 -107.87 -67.89
CA MET NC 519 -45.80 -107.64 -67.87
C MET NC 519 -46.49 -108.48 -68.93
N MET NC 520 -45.78 -108.72 -70.04
CA MET NC 520 -46.24 -109.61 -71.09
C MET NC 520 -46.33 -111.05 -70.59
N THR NC 521 -45.35 -111.50 -69.81
CA THR NC 521 -45.45 -112.82 -69.19
C THR NC 521 -46.51 -112.88 -68.12
N PHE NC 522 -46.80 -111.77 -67.46
CA PHE NC 522 -47.90 -111.76 -66.51
C PHE NC 522 -49.24 -111.96 -67.20
N LEU NC 523 -49.43 -111.31 -68.35
CA LEU NC 523 -50.68 -111.51 -69.07
C LEU NC 523 -50.75 -112.89 -69.72
N TRP NC 524 -49.61 -113.41 -70.16
CA TRP NC 524 -49.55 -114.76 -70.70
C TRP NC 524 -49.80 -115.82 -69.63
N ALA NC 525 -49.28 -115.59 -68.44
CA ALA NC 525 -49.46 -116.51 -67.33
C ALA NC 525 -50.77 -116.31 -66.62
N ASN NC 526 -51.48 -115.22 -66.89
CA ASN NC 526 -52.83 -115.08 -66.37
C ASN NC 526 -53.80 -115.41 -67.48
N GLY NC 527 -53.29 -115.82 -68.64
CA GLY NC 527 -54.07 -116.59 -69.56
C GLY NC 527 -54.43 -115.95 -70.88
N ILE NC 528 -53.54 -115.22 -71.50
CA ILE NC 528 -53.73 -114.75 -72.86
C ILE NC 528 -52.76 -115.53 -73.74
N ALA NC 529 -53.25 -116.00 -74.88
CA ALA NC 529 -52.46 -116.86 -75.75
C ALA NC 529 -51.35 -116.08 -76.43
N ALA NC 530 -50.14 -116.68 -76.42
CA ALA NC 530 -48.87 -116.01 -76.54
C ALA NC 530 -48.62 -115.34 -77.88
N LYS NC 531 -49.33 -115.72 -78.93
CA LYS NC 531 -49.20 -115.04 -80.19
C LYS NC 531 -50.19 -113.89 -80.34
N ARG NC 532 -50.99 -113.60 -79.31
CA ARG NC 532 -51.65 -112.31 -79.28
C ARG NC 532 -50.75 -111.21 -78.76
N LEU NC 533 -49.66 -111.54 -78.09
CA LEU NC 533 -48.95 -110.56 -77.29
C LEU NC 533 -47.67 -110.11 -77.97
N LYS NC 534 -47.22 -108.91 -77.61
CA LYS NC 534 -46.03 -108.31 -78.21
C LYS NC 534 -45.40 -107.41 -77.16
N ALA NC 535 -44.24 -107.79 -76.67
CA ALA NC 535 -43.51 -106.99 -75.70
C ALA NC 535 -42.40 -106.22 -76.38
N GLU NC 536 -42.32 -104.93 -76.09
CA GLU NC 536 -41.28 -104.15 -76.72
C GLU NC 536 -40.90 -103.00 -75.80
N GLY NC 537 -39.61 -102.72 -75.72
CA GLY NC 537 -39.13 -101.71 -74.81
C GLY NC 537 -38.56 -100.48 -75.47
N TYR NC 538 -39.08 -99.32 -75.11
CA TYR NC 538 -38.57 -98.04 -75.57
C TYR NC 538 -37.86 -97.34 -74.43
N GLY NC 539 -36.62 -96.93 -74.67
CA GLY NC 539 -35.92 -96.13 -73.69
C GLY NC 539 -36.31 -94.68 -73.80
N ASP NC 540 -37.51 -94.35 -73.29
CA ASP NC 540 -38.29 -93.11 -73.40
C ASP NC 540 -38.30 -92.48 -74.79
N LYS NC 541 -38.33 -93.28 -75.85
CA LYS NC 541 -38.31 -92.71 -77.18
C LYS NC 541 -39.67 -92.24 -77.65
N ASN NC 542 -40.74 -92.48 -76.90
CA ASN NC 542 -42.00 -91.85 -77.24
C ASN NC 542 -42.30 -90.65 -76.37
N ALA NC 543 -42.06 -90.76 -75.06
CA ALA NC 543 -41.87 -89.65 -74.11
C ALA NC 543 -43.09 -88.75 -74.00
N ILE NC 544 -44.13 -89.26 -73.33
CA ILE NC 544 -45.39 -88.52 -73.19
C ILE NC 544 -45.33 -87.29 -72.29
N SER NC 545 -44.21 -87.03 -71.63
CA SER NC 545 -43.97 -85.76 -70.99
C SER NC 545 -42.50 -85.41 -71.12
N ASP NC 546 -42.14 -84.25 -70.61
CA ASP NC 546 -40.73 -83.91 -70.55
C ASP NC 546 -40.07 -84.53 -69.33
N ASN NC 547 -38.80 -84.90 -69.47
CA ASN NC 547 -38.04 -85.48 -68.39
C ASN NC 547 -37.34 -84.44 -67.56
N ALA NC 548 -37.49 -83.17 -67.90
CA ALA NC 548 -36.83 -82.11 -67.17
C ALA NC 548 -37.51 -81.77 -65.87
N ILE NC 549 -38.71 -82.28 -65.62
CA ILE NC 549 -39.40 -81.94 -64.40
C ILE NC 549 -39.79 -83.26 -63.74
N ILE NC 550 -39.98 -83.20 -62.42
CA ILE NC 550 -40.08 -84.37 -61.56
C ILE NC 550 -41.36 -85.15 -61.82
N HIS NC 551 -42.50 -84.44 -61.81
CA HIS NC 551 -43.80 -85.06 -61.94
C HIS NC 551 -44.02 -85.49 -63.38
N GLY NC 552 -43.43 -84.74 -64.31
CA GLY NC 552 -43.47 -85.13 -65.71
C GLY NC 552 -42.67 -86.38 -66.02
N SER NC 553 -41.52 -86.54 -65.38
CA SER NC 553 -40.77 -87.77 -65.57
C SER NC 553 -41.41 -88.95 -64.86
N ALA NC 554 -42.12 -88.67 -63.76
CA ALA NC 554 -42.94 -89.69 -63.11
C ALA NC 554 -44.04 -90.18 -64.02
N GLN NC 555 -44.65 -89.26 -64.76
CA GLN NC 555 -45.58 -89.65 -65.82
C GLN NC 555 -44.92 -90.35 -66.99
N ASN NC 556 -43.64 -90.07 -67.26
CA ASN NC 556 -42.95 -90.77 -68.34
C ASN NC 556 -42.64 -92.22 -68.00
N ARG NC 557 -42.38 -92.53 -66.74
CA ARG NC 557 -42.13 -93.92 -66.33
C ARG NC 557 -43.43 -94.72 -66.33
N ARG NC 558 -43.63 -95.56 -67.35
CA ARG NC 558 -44.93 -96.23 -67.51
C ARG NC 558 -44.80 -97.49 -68.36
N ILE NC 559 -45.91 -98.23 -68.42
CA ILE NC 559 -46.15 -99.29 -69.39
C ILE NC 559 -47.39 -98.90 -70.18
N GLU NC 560 -47.29 -98.91 -71.52
CA GLU NC 560 -48.50 -98.78 -72.31
C GLU NC 560 -48.96 -100.17 -72.70
N ILE NC 561 -50.27 -100.38 -72.66
CA ILE NC 561 -50.92 -101.59 -73.14
C ILE NC 561 -51.90 -101.15 -74.21
N GLN NC 562 -51.61 -101.44 -75.47
CA GLN NC 562 -52.51 -101.16 -76.56
C GLN NC 562 -53.12 -102.45 -77.06
N TRP NC 563 -54.37 -102.38 -77.46
CA TRP NC 563 -54.94 -103.41 -78.32
C TRP NC 563 -56.00 -102.81 -79.22
N PHE NC 564 -56.54 -103.65 -80.09
CA PHE NC 564 -57.52 -103.24 -81.09
C PHE NC 564 -58.89 -103.80 -80.74
N ARG OC 429 -91.59 -51.16 -93.43
CA ARG OC 429 -90.71 -51.92 -92.54
C ARG OC 429 -89.91 -52.94 -93.32
N ASP OC 430 -90.24 -53.10 -94.59
CA ASP OC 430 -89.47 -53.92 -95.51
C ASP OC 430 -88.92 -53.11 -96.68
N SER OC 431 -88.91 -51.79 -96.56
CA SER OC 431 -88.74 -50.91 -97.69
C SER OC 431 -87.42 -50.17 -97.63
N LYS OC 432 -87.28 -49.21 -98.56
CA LYS OC 432 -86.08 -48.39 -98.75
C LYS OC 432 -85.73 -47.60 -97.52
N ARG OC 433 -86.68 -46.87 -96.92
CA ARG OC 433 -86.38 -45.95 -95.83
C ARG OC 433 -86.00 -46.72 -94.56
N LYS OC 434 -86.60 -47.90 -94.39
CA LYS OC 434 -86.23 -48.82 -93.31
C LYS OC 434 -84.82 -49.36 -93.50
N ILE OC 435 -84.45 -49.80 -94.71
CA ILE OC 435 -83.13 -50.41 -94.84
C ILE OC 435 -82.01 -49.40 -94.87
N ILE OC 436 -82.25 -48.17 -95.36
CA ILE OC 436 -81.24 -47.14 -95.28
C ILE OC 436 -81.10 -46.60 -93.86
N ARG OC 437 -82.21 -46.58 -93.09
CA ARG OC 437 -82.15 -46.18 -91.69
C ARG OC 437 -81.38 -47.19 -90.85
N ASP OC 438 -81.51 -48.49 -91.14
CA ASP OC 438 -80.63 -49.34 -90.35
C ASP OC 438 -79.26 -49.52 -90.96
N LEU OC 439 -79.00 -49.15 -92.22
CA LEU OC 439 -77.59 -49.06 -92.63
C LEU OC 439 -76.88 -47.86 -92.03
N GLN OC 440 -77.64 -46.80 -91.71
CA GLN OC 440 -77.15 -45.78 -90.81
C GLN OC 440 -76.87 -46.36 -89.43
N LYS OC 441 -77.72 -47.28 -88.96
CA LYS OC 441 -77.51 -47.89 -87.64
C LYS OC 441 -76.29 -48.84 -87.60
N GLN OC 442 -76.07 -49.68 -88.62
CA GLN OC 442 -74.81 -50.41 -88.74
C GLN OC 442 -73.84 -49.70 -89.69
N ASP OC 443 -73.80 -48.37 -89.63
CA ASP OC 443 -72.70 -47.42 -89.97
C ASP OC 443 -72.07 -47.63 -91.36
N ILE OC 444 -72.92 -47.78 -92.35
CA ILE OC 444 -72.53 -47.71 -93.76
C ILE OC 444 -73.17 -46.48 -94.37
N GLN OC 445 -72.38 -45.63 -95.01
CA GLN OC 445 -73.01 -44.50 -95.68
C GLN OC 445 -73.69 -44.87 -96.98
N TYR OC 446 -74.74 -44.12 -97.28
CA TYR OC 446 -75.42 -44.16 -98.55
C TYR OC 446 -75.48 -42.72 -99.04
N VAL OC 447 -75.27 -42.48 -100.33
CA VAL OC 447 -75.69 -41.22 -100.93
C VAL OC 447 -76.58 -41.47 -102.15
N GLU OC 448 -77.78 -40.87 -102.10
CA GLU OC 448 -78.60 -40.46 -103.23
C GLU OC 448 -77.95 -39.31 -103.97
N TYR OC 449 -77.70 -39.50 -105.26
CA TYR OC 449 -77.15 -38.41 -106.05
C TYR OC 449 -77.57 -38.51 -107.52
N GLY OC 450 -78.71 -37.92 -107.82
CA GLY OC 450 -79.29 -37.93 -109.15
C GLY OC 450 -79.68 -39.33 -109.61
N ASP OC 451 -78.91 -39.88 -110.52
CA ASP OC 451 -78.96 -41.29 -110.79
C ASP OC 451 -77.88 -42.10 -110.09
N THR OC 452 -76.77 -41.47 -109.74
CA THR OC 452 -75.64 -42.15 -109.12
C THR OC 452 -75.94 -42.43 -107.66
N ARG OC 453 -75.83 -43.68 -107.27
CA ARG OC 453 -76.09 -44.06 -105.89
C ARG OC 453 -74.88 -44.81 -105.38
N THR OC 454 -74.40 -44.41 -104.20
CA THR OC 454 -73.10 -44.88 -103.75
C THR OC 454 -73.14 -45.27 -102.29
N LEU OC 455 -72.77 -46.51 -102.00
CA LEU OC 455 -72.58 -46.98 -100.64
C LEU OC 455 -71.11 -46.84 -100.28
N ILE OC 456 -70.83 -46.28 -99.12
CA ILE OC 456 -69.49 -46.22 -98.59
C ILE OC 456 -69.42 -47.18 -97.43
N ILE OC 457 -68.66 -48.25 -97.61
CA ILE OC 457 -68.56 -49.35 -96.65
C ILE OC 457 -67.18 -49.31 -96.02
N PRO OC 458 -67.07 -49.21 -94.69
CA PRO OC 458 -65.76 -49.22 -94.06
C PRO OC 458 -65.14 -50.60 -94.09
N THR OC 459 -63.93 -50.68 -94.64
CA THR OC 459 -63.19 -51.93 -94.67
C THR OC 459 -62.71 -52.35 -93.30
N ASP OC 460 -62.60 -51.40 -92.37
CA ASP OC 460 -62.09 -51.65 -91.05
C ASP OC 460 -63.04 -52.46 -90.19
N LYS OC 461 -64.35 -52.32 -90.42
CA LYS OC 461 -65.31 -53.16 -89.73
C LYS OC 461 -66.01 -54.16 -90.62
N TYR OC 462 -65.85 -54.05 -91.95
CA TYR OC 462 -66.41 -55.06 -92.84
C TYR OC 462 -65.36 -55.88 -93.53
N PHE OC 463 -64.13 -55.89 -93.02
CA PHE OC 463 -63.13 -56.84 -93.45
C PHE OC 463 -62.28 -57.20 -92.26
N MET OC 464 -61.89 -58.46 -92.19
CA MET OC 464 -60.85 -58.83 -91.25
C MET OC 464 -59.52 -58.35 -91.78
N PHE OC 465 -58.60 -58.14 -90.84
CA PHE OC 465 -57.65 -57.05 -90.89
C PHE OC 465 -56.59 -57.23 -91.96
N SER OC 466 -56.49 -56.23 -92.85
CA SER OC 466 -55.53 -56.11 -93.96
C SER OC 466 -55.58 -57.33 -94.87
N SER OC 467 -56.78 -57.79 -95.12
CA SER OC 467 -57.03 -59.05 -95.80
C SER OC 467 -58.25 -58.90 -96.68
N PRO OC 468 -58.37 -59.71 -97.71
CA PRO OC 468 -59.64 -59.79 -98.44
C PRO OC 468 -60.63 -60.78 -97.85
N ARG OC 469 -60.42 -61.23 -96.62
CA ARG OC 469 -61.42 -62.03 -95.94
C ARG OC 469 -62.47 -61.09 -95.38
N LEU OC 470 -63.74 -61.35 -95.73
CA LEU OC 470 -64.83 -60.50 -95.26
C LEU OC 470 -65.05 -60.74 -93.78
N ASN OC 471 -65.37 -59.68 -93.06
CA ASN OC 471 -65.65 -59.76 -91.64
C ASN OC 471 -66.99 -60.45 -91.46
N GLU OC 472 -66.91 -61.75 -91.24
CA GLU OC 472 -68.02 -62.68 -91.29
C GLU OC 472 -69.02 -62.45 -90.16
N ILE OC 473 -68.56 -61.93 -89.02
CA ILE OC 473 -69.46 -61.51 -87.95
C ILE OC 473 -70.35 -60.36 -88.38
N CYS OC 474 -69.87 -59.45 -89.22
CA CYS OC 474 -70.73 -58.40 -89.75
C CYS OC 474 -71.45 -58.82 -91.02
N TYR OC 475 -72.10 -59.98 -90.98
CA TYR OC 475 -73.06 -60.32 -92.03
C TYR OC 475 -74.32 -59.46 -92.19
N PRO OC 476 -75.00 -58.84 -91.17
CA PRO OC 476 -76.25 -58.14 -91.50
C PRO OC 476 -76.07 -56.84 -92.25
N GLY OC 477 -74.89 -56.23 -92.19
CA GLY OC 477 -74.56 -55.19 -93.16
C GLY OC 477 -74.45 -55.72 -94.57
N LEU OC 478 -73.92 -56.91 -94.74
CA LEU OC 478 -73.74 -57.48 -96.08
C LEU OC 478 -75.05 -57.96 -96.68
N ASN OC 479 -75.89 -58.62 -95.87
CA ASN OC 479 -77.25 -58.93 -96.30
C ASN OC 479 -78.09 -57.68 -96.52
N ASN OC 480 -77.86 -56.62 -95.75
CA ASN OC 480 -78.69 -55.44 -95.95
C ASN OC 480 -78.24 -54.64 -97.16
N VAL OC 481 -76.95 -54.66 -97.49
CA VAL OC 481 -76.53 -53.97 -98.71
C VAL OC 481 -76.99 -54.75 -99.93
N ILE OC 482 -76.97 -56.09 -99.90
CA ILE OC 482 -77.47 -56.83 -101.06
C ILE OC 482 -79.00 -56.81 -101.13
N ARG OC 483 -79.70 -56.68 -99.99
CA ARG OC 483 -81.13 -56.44 -99.94
C ARG OC 483 -81.47 -55.06 -100.46
N LEU OC 484 -80.56 -54.11 -100.35
CA LEU OC 484 -80.78 -52.81 -100.94
C LEU OC 484 -80.61 -52.87 -102.44
N LEU OC 485 -79.58 -53.55 -102.94
CA LEU OC 485 -79.41 -53.51 -104.38
C LEU OC 485 -80.07 -54.68 -105.11
N ASN OC 486 -81.03 -55.38 -104.49
CA ASN OC 486 -82.06 -55.99 -105.34
C ASN OC 486 -83.01 -54.97 -105.96
N PHE OC 487 -83.10 -53.76 -105.41
CA PHE OC 487 -84.06 -52.77 -105.87
C PHE OC 487 -83.70 -52.16 -107.22
N TYR OC 488 -82.47 -52.35 -107.70
CA TYR OC 488 -82.00 -51.72 -108.93
C TYR OC 488 -81.46 -52.80 -109.87
N PRO OC 489 -82.35 -53.58 -110.49
CA PRO OC 489 -81.89 -54.77 -111.21
C PRO OC 489 -81.47 -54.55 -112.66
N GLN OC 490 -81.25 -53.33 -113.12
CA GLN OC 490 -80.73 -53.13 -114.46
C GLN OC 490 -79.50 -52.23 -114.50
N SER OC 491 -79.06 -51.72 -113.37
CA SER OC 491 -77.95 -50.80 -113.34
C SER OC 491 -76.62 -51.55 -113.37
N THR OC 492 -75.67 -51.00 -114.10
CA THR OC 492 -74.29 -51.47 -114.04
C THR OC 492 -73.68 -51.03 -112.73
N ILE OC 493 -72.77 -51.85 -112.20
CA ILE OC 493 -72.29 -51.69 -110.84
C ILE OC 493 -70.80 -51.41 -110.91
N TYR OC 494 -70.39 -50.24 -110.43
CA TYR OC 494 -68.99 -49.96 -110.21
C TYR OC 494 -68.69 -50.25 -108.75
N VAL OC 495 -67.66 -51.03 -108.48
CA VAL OC 495 -67.20 -51.27 -107.13
C VAL OC 495 -65.71 -50.96 -107.10
N ALA OC 496 -65.29 -50.21 -106.08
CA ALA OC 496 -63.91 -49.75 -106.03
C ALA OC 496 -63.41 -49.76 -104.60
N GLY OC 497 -62.13 -50.06 -104.47
CA GLY OC 497 -61.52 -50.28 -103.18
C GLY OC 497 -60.51 -49.21 -102.86
N PHE OC 498 -60.39 -48.88 -101.57
CA PHE OC 498 -59.56 -47.77 -101.14
C PHE OC 498 -58.76 -48.13 -99.91
N THR OC 499 -57.55 -47.58 -99.84
CA THR OC 499 -56.65 -47.74 -98.69
C THR OC 499 -56.28 -46.37 -98.15
N ASP OC 500 -55.22 -46.32 -97.35
CA ASP OC 500 -54.62 -45.06 -96.93
C ASP OC 500 -53.11 -45.14 -97.21
N ASN OC 501 -52.37 -44.19 -96.65
CA ASN OC 501 -51.00 -43.87 -97.01
C ASN OC 501 -49.95 -44.92 -96.64
N VAL OC 502 -50.29 -45.96 -95.89
CA VAL OC 502 -49.28 -46.90 -95.43
C VAL OC 502 -48.87 -47.84 -96.55
N GLY OC 503 -47.73 -48.49 -96.40
CA GLY OC 503 -47.31 -49.52 -97.33
C GLY OC 503 -46.79 -49.00 -98.64
N SER OC 504 -46.27 -49.92 -99.43
CA SER OC 504 -45.87 -49.61 -100.79
C SER OC 504 -47.08 -49.40 -101.65
N ARG OC 505 -46.89 -48.68 -102.77
CA ARG OC 505 -47.95 -48.37 -103.71
C ARG OC 505 -48.51 -49.62 -104.37
N SER OC 506 -47.64 -50.61 -104.57
CA SER OC 506 -48.06 -51.94 -104.96
C SER OC 506 -48.94 -52.61 -103.91
N HIS OC 507 -48.61 -52.42 -102.62
CA HIS OC 507 -49.41 -53.04 -101.56
C HIS OC 507 -50.76 -52.36 -101.42
N LYS OC 508 -50.79 -51.03 -101.54
CA LYS OC 508 -52.00 -50.22 -101.63
C LYS OC 508 -52.91 -50.68 -102.75
N ARG OC 509 -52.34 -50.84 -103.95
CA ARG OC 509 -53.11 -51.20 -105.14
C ARG OC 509 -53.63 -52.62 -105.06
N LYS OC 510 -52.78 -53.58 -104.66
CA LYS OC 510 -53.22 -54.96 -104.60
C LYS OC 510 -54.15 -55.24 -103.43
N LEU OC 511 -54.01 -54.53 -102.31
CA LEU OC 511 -54.92 -54.73 -101.20
C LEU OC 511 -56.28 -54.12 -101.48
N SER OC 512 -56.31 -52.91 -102.06
CA SER OC 512 -57.58 -52.29 -102.46
C SER OC 512 -58.25 -53.06 -103.58
N GLN OC 513 -57.46 -53.57 -104.52
CA GLN OC 513 -57.98 -54.39 -105.61
C GLN OC 513 -58.53 -55.71 -105.12
N ALA OC 514 -57.87 -56.31 -104.14
CA ALA OC 514 -58.32 -57.58 -103.59
C ALA OC 514 -59.61 -57.42 -102.80
N GLN OC 515 -59.72 -56.34 -102.02
CA GLN OC 515 -60.93 -56.13 -101.23
C GLN OC 515 -62.12 -55.72 -102.08
N ALA OC 516 -61.89 -54.88 -103.11
CA ALA OC 516 -62.95 -54.56 -104.06
C ALA OC 516 -63.36 -55.75 -104.88
N GLU OC 517 -62.39 -56.61 -105.19
CA GLU OC 517 -62.65 -57.77 -106.02
C GLU OC 517 -63.42 -58.82 -105.24
N THR OC 518 -63.14 -58.97 -103.96
CA THR OC 518 -63.92 -59.94 -103.20
C THR OC 518 -65.26 -59.38 -102.77
N MET OC 519 -65.45 -58.05 -102.73
CA MET OC 519 -66.80 -57.56 -102.51
C MET OC 519 -67.63 -57.72 -103.78
N MET OC 520 -66.96 -57.62 -104.93
CA MET OC 520 -67.58 -57.89 -106.23
C MET OC 520 -68.00 -59.33 -106.37
N THR OC 521 -67.17 -60.27 -105.89
CA THR OC 521 -67.58 -61.67 -105.86
C THR OC 521 -68.65 -61.94 -104.85
N PHE OC 522 -68.71 -61.16 -103.77
CA PHE OC 522 -69.81 -61.31 -102.82
C PHE OC 522 -71.13 -60.92 -103.44
N LEU OC 523 -71.14 -59.83 -104.22
CA LEU OC 523 -72.39 -59.44 -104.87
C LEU OC 523 -72.75 -60.37 -106.01
N TRP OC 524 -71.74 -60.89 -106.71
CA TRP OC 524 -71.97 -61.88 -107.76
C TRP OC 524 -72.47 -63.20 -107.20
N ALA OC 525 -71.95 -63.61 -106.06
CA ALA OC 525 -72.35 -64.84 -105.41
C ALA OC 525 -73.62 -64.67 -104.60
N ASN OC 526 -74.05 -63.44 -104.35
CA ASN OC 526 -75.36 -63.25 -103.73
C ASN OC 526 -76.35 -62.86 -104.82
N GLY OC 527 -75.91 -62.87 -106.06
CA GLY OC 527 -76.81 -63.00 -107.17
C GLY OC 527 -76.98 -61.82 -108.08
N ILE OC 528 -75.92 -61.10 -108.41
CA ILE OC 528 -75.97 -60.09 -109.45
C ILE OC 528 -75.18 -60.62 -110.62
N ALA OC 529 -75.72 -60.46 -111.83
CA ALA OC 529 -75.12 -61.03 -113.02
C ALA OC 529 -73.84 -60.30 -113.39
N ALA OC 530 -72.81 -61.09 -113.71
CA ALA OC 530 -71.40 -60.72 -113.63
C ALA OC 530 -70.97 -59.62 -114.60
N LYS OC 531 -71.72 -59.38 -115.66
CA LYS OC 531 -71.41 -58.28 -116.54
C LYS OC 531 -72.11 -56.99 -116.13
N ARG OC 532 -72.86 -56.99 -115.03
CA ARG OC 532 -73.21 -55.72 -114.44
C ARG OC 532 -72.11 -55.16 -113.57
N LEU OC 533 -71.13 -55.96 -113.16
CA LEU OC 533 -70.25 -55.58 -112.08
C LEU OC 533 -68.88 -55.16 -112.61
N LYS OC 534 -68.19 -54.35 -111.81
CA LYS OC 534 -66.87 -53.82 -112.19
C LYS OC 534 -66.09 -53.60 -110.91
N ALA OC 535 -65.06 -54.40 -110.70
CA ALA OC 535 -64.20 -54.24 -109.54
C ALA OC 535 -62.93 -53.52 -109.92
N GLU OC 536 -62.56 -52.52 -109.13
CA GLU OC 536 -61.36 -51.78 -109.46
C GLU OC 536 -60.76 -51.23 -108.17
N GLY OC 537 -59.44 -51.29 -108.06
CA GLY OC 537 -58.78 -50.88 -106.86
C GLY OC 537 -57.92 -49.63 -106.99
N TYR OC 538 -58.19 -48.65 -106.17
CA TYR OC 538 -57.40 -47.43 -106.09
C TYR OC 538 -56.57 -47.44 -104.81
N GLY OC 539 -55.28 -47.24 -104.95
CA GLY OC 539 -54.44 -47.10 -103.77
C GLY OC 539 -54.49 -45.67 -103.26
N ASP OC 540 -55.60 -45.33 -102.57
CA ASP OC 540 -56.08 -44.03 -102.11
C ASP OC 540 -55.91 -42.90 -103.13
N LYS OC 541 -56.09 -43.16 -104.41
CA LYS OC 541 -55.89 -42.11 -105.39
C LYS OC 541 -57.11 -41.20 -105.54
N ASN OC 542 -58.23 -41.49 -104.88
CA ASN OC 542 -59.31 -40.53 -104.85
C ASN OC 542 -59.35 -39.75 -103.56
N ALA OC 543 -59.18 -40.45 -102.42
CA ALA OC 543 -58.78 -39.91 -101.12
C ALA OC 543 -59.77 -38.88 -100.56
N ILE OC 544 -60.91 -39.39 -100.09
CA ILE OC 544 -61.98 -38.53 -99.58
C ILE OC 544 -61.67 -37.82 -98.26
N SER OC 545 -60.54 -38.10 -97.63
CA SER OC 545 -60.05 -37.30 -96.54
C SER OC 545 -58.54 -37.24 -96.62
N ASP OC 546 -57.93 -36.50 -95.70
CA ASP OC 546 -56.49 -36.53 -95.61
C ASP OC 546 -56.02 -37.73 -94.78
N ASN OC 547 -54.87 -38.26 -95.14
CA ASN OC 547 -54.29 -39.40 -94.45
C ASN OC 547 -53.38 -38.97 -93.32
N ALA OC 548 -53.25 -37.67 -93.10
CA ALA OC 548 -52.39 -37.17 -92.06
C ALA OC 548 -53.02 -37.26 -90.68
N ILE OC 549 -54.31 -37.56 -90.59
CA ILE OC 549 -54.94 -37.62 -89.28
C ILE OC 549 -55.63 -38.98 -89.20
N ILE OC 550 -55.84 -39.42 -87.96
CA ILE OC 550 -56.23 -40.80 -87.65
C ILE OC 550 -57.64 -41.09 -88.12
N HIS OC 551 -58.58 -40.23 -87.75
CA HIS OC 551 -59.99 -40.45 -88.03
C HIS OC 551 -60.26 -40.19 -89.50
N GLY OC 552 -59.49 -39.27 -90.09
CA GLY OC 552 -59.57 -39.02 -91.51
C GLY OC 552 -59.07 -40.17 -92.36
N SER OC 553 -58.00 -40.83 -91.92
CA SER OC 553 -57.54 -42.00 -92.64
C SER OC 553 -58.44 -43.20 -92.43
N ALA OC 554 -59.10 -43.26 -91.28
CA ALA OC 554 -60.15 -44.26 -91.05
C ALA OC 554 -61.30 -44.06 -92.00
N GLN OC 555 -61.68 -42.81 -92.27
CA GLN OC 555 -62.64 -42.53 -93.32
C GLN OC 555 -62.11 -42.81 -94.72
N ASN OC 556 -60.80 -42.72 -94.93
CA ASN OC 556 -60.25 -43.04 -96.24
C ASN OC 556 -60.28 -44.53 -96.56
N ARG OC 557 -60.14 -45.38 -95.55
CA ARG OC 557 -60.21 -46.83 -95.76
C ARG OC 557 -61.65 -47.26 -96.01
N ARG OC 558 -62.02 -47.54 -97.27
CA ARG OC 558 -63.42 -47.79 -97.59
C ARG OC 558 -63.55 -48.58 -98.90
N ILE OC 559 -64.79 -48.98 -99.17
CA ILE OC 559 -65.24 -49.46 -100.47
C ILE OC 559 -66.33 -48.52 -100.95
N GLU OC 560 -66.20 -48.00 -102.17
CA GLU OC 560 -67.33 -47.30 -102.76
C GLU OC 560 -68.08 -48.27 -103.67
N ILE OC 561 -69.41 -48.19 -103.63
CA ILE OC 561 -70.29 -48.91 -104.52
C ILE OC 561 -71.11 -47.88 -105.24
N GLN OC 562 -70.85 -47.69 -106.52
CA GLN OC 562 -71.64 -46.79 -107.34
C GLN OC 562 -72.51 -47.60 -108.27
N TRP OC 563 -73.71 -47.09 -108.54
CA TRP OC 563 -74.46 -47.53 -109.70
C TRP OC 563 -75.33 -46.40 -110.21
N PHE OC 564 -76.03 -46.67 -111.30
CA PHE OC 564 -76.85 -45.68 -111.97
C PHE OC 564 -78.32 -46.04 -111.80
N ARG PC 429 -98.13 12.82 -99.66
CA ARG PC 429 -97.47 11.60 -99.22
C ARG PC 429 -96.89 10.84 -100.41
N ASP PC 430 -97.22 11.29 -101.61
CA ASP PC 430 -96.62 10.77 -102.84
C ASP PC 430 -95.88 11.85 -103.61
N SER PC 431 -95.58 12.96 -102.97
CA SER PC 431 -95.19 14.19 -103.65
C SER PC 431 -93.72 14.53 -103.39
N LYS PC 432 -93.35 15.73 -103.86
CA LYS PC 432 -92.00 16.27 -103.77
C LYS PC 432 -91.50 16.40 -102.35
N ARG PC 433 -92.29 17.00 -101.46
CA ARG PC 433 -91.82 17.29 -100.10
C ARG PC 433 -91.66 16.02 -99.28
N LYS PC 434 -92.51 15.03 -99.56
CA LYS PC 434 -92.38 13.69 -98.99
C LYS PC 434 -91.12 12.99 -99.47
N ILE PC 435 -90.83 13.02 -100.78
CA ILE PC 435 -89.69 12.24 -101.24
C ILE PC 435 -88.35 12.91 -100.93
N ILE PC 436 -88.30 14.25 -100.86
CA ILE PC 436 -87.09 14.92 -100.43
C ILE PC 436 -86.88 14.78 -98.93
N ARG PC 437 -87.96 14.72 -98.15
CA ARG PC 437 -87.86 14.49 -96.71
C ARG PC 437 -87.35 13.08 -96.41
N ASP PC 438 -87.77 12.08 -97.20
CA ASP PC 438 -87.13 10.80 -96.88
C ASP PC 438 -85.80 10.60 -97.60
N LEU PC 439 -85.44 11.39 -98.62
CA LEU PC 439 -84.04 11.34 -99.05
C LEU PC 439 -83.10 12.00 -98.07
N GLN PC 440 -83.61 12.97 -97.30
CA GLN PC 440 -82.92 13.40 -96.10
C GLN PC 440 -82.82 12.26 -95.09
N LYS PC 441 -83.87 11.44 -94.98
CA LYS PC 441 -83.83 10.31 -94.04
C LYS PC 441 -82.85 9.19 -94.48
N GLN PC 442 -82.80 8.82 -95.75
CA GLN PC 442 -81.72 7.95 -96.25
C GLN PC 442 -80.60 8.75 -96.89
N ASP PC 443 -80.26 9.91 -96.31
CA ASP PC 443 -78.97 10.64 -96.31
C ASP PC 443 -78.37 10.89 -97.70
N ILE PC 444 -79.20 11.36 -98.61
CA ILE PC 444 -78.77 11.90 -99.88
C ILE PC 444 -79.10 13.39 -99.89
N GLN PC 445 -78.13 14.24 -100.20
CA GLN PC 445 -78.47 15.66 -100.31
C GLN PC 445 -79.18 16.00 -101.59
N TYR PC 446 -80.02 17.01 -101.48
CA TYR PC 446 -80.67 17.64 -102.61
C TYR PC 446 -80.39 19.14 -102.46
N VAL PC 447 -80.10 19.83 -103.56
CA VAL PC 447 -80.20 21.29 -103.56
C VAL PC 447 -81.10 21.75 -104.72
N GLU PC 448 -82.13 22.53 -104.35
CA GLU PC 448 -82.81 23.53 -105.15
C GLU PC 448 -81.90 24.72 -105.41
N TYR PC 449 -81.67 25.02 -106.69
CA TYR PC 449 -80.85 26.20 -106.99
C TYR PC 449 -81.26 26.80 -108.34
N GLY PC 450 -82.23 27.71 -108.30
CA GLY PC 450 -82.76 28.35 -109.48
C GLY PC 450 -83.45 27.39 -110.43
N ASP PC 451 -82.79 27.11 -111.54
CA ASP PC 451 -83.15 25.98 -112.37
C ASP PC 451 -82.30 24.74 -112.12
N THR PC 452 -81.08 24.92 -111.62
CA THR PC 452 -80.15 23.82 -111.41
C THR PC 452 -80.54 23.04 -110.18
N ARG PC 453 -80.73 21.74 -110.33
CA ARG PC 453 -81.10 20.91 -109.21
C ARG PC 453 -80.10 19.76 -109.13
N THR PC 454 -79.58 19.53 -107.93
CA THR PC 454 -78.43 18.65 -107.80
C THR PC 454 -78.59 17.71 -106.62
N LEU PC 455 -78.52 16.42 -106.89
CA LEU PC 455 -78.47 15.40 -105.85
C LEU PC 455 -77.02 15.06 -105.57
N ILE PC 456 -76.66 15.01 -104.30
CA ILE PC 456 -75.34 14.57 -103.89
C ILE PC 456 -75.52 13.22 -103.23
N ILE PC 457 -75.02 12.18 -103.87
CA ILE PC 457 -75.20 10.79 -103.46
C ILE PC 457 -73.86 10.27 -102.96
N PRO PC 458 -73.77 9.79 -101.72
CA PRO PC 458 -72.50 9.24 -101.24
C PRO PC 458 -72.21 7.90 -101.86
N THR PC 459 -71.04 7.80 -102.48
CA THR PC 459 -70.60 6.54 -103.07
C THR PC 459 -70.26 5.50 -102.02
N ASP PC 460 -69.97 5.94 -100.80
CA ASP PC 460 -69.55 5.06 -99.74
C ASP PC 460 -70.69 4.20 -99.21
N LYS PC 461 -71.93 4.69 -99.28
CA LYS PC 461 -73.07 3.87 -98.92
C LYS PC 461 -73.95 3.51 -100.10
N TYR PC 462 -73.74 4.11 -101.27
CA TYR PC 462 -74.50 3.71 -102.45
C TYR PC 462 -73.63 3.03 -103.49
N PHE PC 463 -72.45 2.56 -103.11
CA PHE PC 463 -71.67 1.68 -103.95
C PHE PC 463 -70.96 0.68 -103.08
N MET PC 464 -70.86 -0.56 -103.56
CA MET PC 464 -69.96 -1.47 -102.91
C MET PC 464 -68.54 -1.12 -103.30
N PHE PC 465 -67.62 -1.52 -102.42
CA PHE PC 465 -66.45 -0.74 -102.09
C PHE PC 465 -65.42 -0.69 -103.21
N SER PC 466 -65.09 0.54 -103.61
CA SER PC 466 -64.10 0.90 -104.65
C SER PC 466 -64.39 0.20 -105.97
N SER PC 467 -65.67 0.15 -106.30
CA SER PC 467 -66.16 -0.64 -107.42
C SER PC 467 -67.30 0.13 -108.07
N PRO PC 468 -67.57 -0.14 -109.33
CA PRO PC 468 -68.81 0.36 -109.93
C PRO PC 468 -70.00 -0.56 -109.74
N ARG PC 469 -69.93 -1.50 -108.81
CA ARG PC 469 -71.10 -2.26 -108.45
C ARG PC 469 -71.93 -1.45 -107.48
N LEU PC 470 -73.21 -1.25 -107.82
CA LEU PC 470 -74.10 -0.46 -106.97
C LEU PC 470 -74.41 -1.23 -105.71
N ASN PC 471 -74.51 -0.52 -104.60
CA ASN PC 471 -74.83 -1.11 -103.30
C ASN PC 471 -76.30 -1.51 -103.34
N GLU PC 472 -76.51 -2.77 -103.67
CA GLU PC 472 -77.81 -3.34 -104.02
C GLU PC 472 -78.76 -3.39 -102.83
N ILE PC 473 -78.22 -3.48 -101.61
CA ILE PC 473 -79.04 -3.36 -100.40
C ILE PC 473 -79.63 -1.97 -100.26
N CYS PC 474 -78.94 -0.93 -100.69
CA CYS PC 474 -79.52 0.40 -100.69
C CYS PC 474 -80.29 0.71 -101.97
N TYR PC 475 -81.18 -0.18 -102.36
CA TYR PC 475 -82.16 0.14 -103.40
C TYR PC 475 -83.19 1.24 -103.10
N PRO PC 476 -83.73 1.51 -101.88
CA PRO PC 476 -84.80 2.53 -101.81
C PRO PC 476 -84.31 3.96 -101.97
N GLY PC 477 -83.02 4.23 -101.76
CA GLY PC 477 -82.45 5.47 -102.23
C GLY PC 477 -82.42 5.57 -103.74
N LEU PC 478 -82.16 4.46 -104.42
CA LEU PC 478 -82.08 4.47 -105.88
C LEU PC 478 -83.46 4.57 -106.53
N ASN PC 479 -84.43 3.83 -106.01
CA ASN PC 479 -85.82 4.04 -106.42
C ASN PC 479 -86.35 5.41 -106.06
N ASN PC 480 -85.92 5.98 -104.95
CA ASN PC 480 -86.45 7.29 -104.59
C ASN PC 480 -85.80 8.40 -105.39
N VAL PC 481 -84.53 8.23 -105.80
CA VAL PC 481 -83.95 9.26 -106.66
C VAL PC 481 -84.54 9.17 -108.06
N ILE PC 482 -84.82 7.96 -108.58
CA ILE PC 482 -85.44 7.89 -109.89
C ILE PC 482 -86.93 8.28 -109.85
N ARG PC 483 -87.60 8.05 -108.71
CA ARG PC 483 -88.94 8.57 -108.48
C ARG PC 483 -88.96 10.07 -108.37
N LEU PC 484 -87.86 10.67 -107.93
CA LEU PC 484 -87.76 12.12 -107.92
C LEU PC 484 -87.57 12.65 -109.33
N LEU PC 485 -86.70 12.02 -110.13
CA LEU PC 485 -86.50 12.61 -111.45
C LEU PC 485 -87.39 12.03 -112.54
N ASN PC 486 -88.49 11.35 -112.18
CA ASN PC 486 -89.60 11.38 -113.15
C ASN PC 486 -90.29 12.74 -113.23
N PHE PC 487 -90.12 13.62 -112.23
CA PHE PC 487 -90.82 14.89 -112.19
C PHE PC 487 -90.29 15.90 -113.19
N TYR PC 488 -89.12 15.66 -113.79
CA TYR PC 488 -88.50 16.63 -114.69
C TYR PC 488 -88.20 15.95 -116.01
N PRO PC 489 -89.20 15.70 -116.84
CA PRO PC 489 -89.01 14.84 -118.01
C PRO PC 489 -88.51 15.53 -119.28
N GLN PC 490 -88.02 16.76 -119.21
CA GLN PC 490 -87.42 17.38 -120.38
C GLN PC 490 -86.04 17.92 -120.14
N SER PC 491 -85.52 17.82 -118.93
CA SER PC 491 -84.22 18.39 -118.61
C SER PC 491 -83.09 17.45 -119.03
N THR PC 492 -82.02 18.04 -119.54
CA THR PC 492 -80.81 17.30 -119.77
C THR PC 492 -80.14 17.01 -118.44
N ILE PC 493 -79.44 15.88 -118.35
CA ILE PC 493 -78.98 15.36 -117.08
C ILE PC 493 -77.47 15.31 -117.13
N TYR PC 494 -76.82 16.05 -116.26
CA TYR PC 494 -75.40 15.91 -116.03
C TYR PC 494 -75.21 15.00 -114.84
N VAL PC 495 -74.39 13.98 -114.99
CA VAL PC 495 -74.02 13.10 -113.87
C VAL PC 495 -72.50 13.05 -113.83
N ALA PC 496 -71.96 13.19 -112.62
CA ALA PC 496 -70.52 13.29 -112.48
C ALA PC 496 -70.06 12.59 -111.23
N GLY PC 497 -68.89 12.00 -111.32
CA GLY PC 497 -68.38 11.13 -110.26
C GLY PC 497 -67.16 11.73 -109.60
N PHE PC 498 -67.01 11.47 -108.31
CA PHE PC 498 -65.96 12.10 -107.53
C PHE PC 498 -65.29 11.10 -106.61
N THR PC 499 -63.99 11.29 -106.40
CA THR PC 499 -63.18 10.50 -105.48
C THR PC 499 -62.53 11.41 -104.45
N ASP PC 500 -61.50 10.89 -103.78
CA ASP PC 500 -60.65 11.71 -102.94
C ASP PC 500 -59.19 11.43 -103.32
N ASN PC 501 -58.28 11.88 -102.48
CA ASN PC 501 -56.86 12.02 -102.76
C ASN PC 501 -56.08 10.72 -102.93
N VAL PC 502 -56.66 9.55 -102.65
CA VAL PC 502 -55.90 8.31 -102.67
C VAL PC 502 -55.69 7.85 -104.10
N GLY PC 503 -54.71 6.97 -104.31
CA GLY PC 503 -54.52 6.35 -105.60
C GLY PC 503 -53.85 7.24 -106.63
N SER PC 504 -53.54 6.64 -107.77
CA SER PC 504 -53.03 7.40 -108.90
C SER PC 504 -54.16 8.19 -109.51
N ARG PC 505 -53.77 9.24 -110.24
CA ARG PC 505 -54.72 10.14 -110.91
C ARG PC 505 -55.53 9.41 -111.98
N SER PC 506 -54.89 8.43 -112.62
CA SER PC 506 -55.59 7.50 -113.49
C SER PC 506 -56.62 6.66 -112.74
N HIS PC 507 -56.30 6.24 -111.52
CA HIS PC 507 -57.24 5.42 -110.75
C HIS PC 507 -58.41 6.26 -110.25
N LYS PC 508 -58.13 7.50 -109.82
CA LYS PC 508 -59.13 8.51 -109.48
C LYS PC 508 -60.09 8.76 -110.63
N ARG PC 509 -59.54 8.98 -111.83
CA ARG PC 509 -60.33 9.31 -113.01
C ARG PC 509 -61.16 8.13 -113.48
N LYS PC 510 -60.57 6.95 -113.56
CA LYS PC 510 -61.31 5.78 -114.04
C LYS PC 510 -62.30 5.26 -113.02
N LEU PC 511 -62.03 5.40 -111.73
CA LEU PC 511 -63.00 4.96 -110.73
C LEU PC 511 -64.19 5.91 -110.64
N SER PC 512 -63.93 7.23 -110.67
CA SER PC 512 -65.00 8.20 -110.70
C SER PC 512 -65.80 8.14 -111.98
N GLN PC 513 -65.13 7.89 -113.11
CA GLN PC 513 -65.78 7.74 -114.40
C GLN PC 513 -66.63 6.49 -114.45
N ALA PC 514 -66.15 5.41 -113.84
CA ALA PC 514 -66.88 4.15 -113.82
C ALA PC 514 -68.12 4.24 -112.95
N GLN PC 515 -68.01 4.90 -111.80
CA GLN PC 515 -69.17 5.04 -110.91
C GLN PC 515 -70.21 6.01 -111.44
N ALA PC 516 -69.77 7.11 -112.05
CA ALA PC 516 -70.71 8.02 -112.71
C ALA PC 516 -71.35 7.38 -113.91
N GLU PC 517 -70.59 6.54 -114.62
CA GLU PC 517 -71.08 5.92 -115.82
C GLU PC 517 -72.09 4.83 -115.50
N THR PC 518 -71.88 4.10 -114.40
CA THR PC 518 -72.87 3.11 -114.05
C THR PC 518 -74.08 3.71 -113.33
N MET PC 519 -73.96 4.91 -112.75
CA MET PC 519 -75.17 5.56 -112.26
C MET PC 519 -75.98 6.11 -113.42
N MET PC 520 -75.27 6.53 -114.47
CA MET PC 520 -75.90 6.96 -115.72
C MET PC 520 -76.64 5.82 -116.40
N THR PC 521 -76.05 4.62 -116.41
CA THR PC 521 -76.76 3.46 -116.91
C THR PC 521 -77.89 3.02 -116.03
N PHE PC 522 -77.81 3.28 -114.73
CA PHE PC 522 -78.93 3.00 -113.85
C PHE PC 522 -80.12 3.90 -114.17
N LEU PC 523 -79.87 5.17 -114.42
CA LEU PC 523 -80.97 6.06 -114.78
C LEU PC 523 -81.50 5.78 -116.18
N TRP PC 524 -80.62 5.38 -117.10
CA TRP PC 524 -81.04 4.99 -118.44
C TRP PC 524 -81.84 3.70 -118.42
N ALA PC 525 -81.45 2.75 -117.58
CA ALA PC 525 -82.14 1.49 -117.47
C ALA PC 525 -83.36 1.57 -116.57
N ASN PC 526 -83.51 2.65 -115.81
CA ASN PC 526 -84.75 2.85 -115.09
C ASN PC 526 -85.60 3.85 -115.85
N GLY PC 527 -85.13 4.27 -117.01
CA GLY PC 527 -86.02 4.80 -118.02
C GLY PC 527 -85.90 6.26 -118.35
N ILE PC 528 -84.70 6.80 -118.44
CA ILE PC 528 -84.49 8.13 -118.96
C ILE PC 528 -83.81 7.98 -120.31
N ALA PC 529 -84.26 8.73 -121.30
CA ALA PC 529 -83.77 8.58 -122.67
C ALA PC 529 -82.36 9.11 -122.79
N ALA PC 530 -81.53 8.31 -123.48
CA ALA PC 530 -80.07 8.31 -123.35
C ALA PC 530 -79.39 9.58 -123.82
N LYS PC 531 -80.02 10.39 -124.64
CA LYS PC 531 -79.45 11.68 -125.01
C LYS PC 531 -79.85 12.79 -124.08
N ARG PC 532 -80.61 12.50 -123.01
CA ARG PC 532 -80.69 13.46 -121.93
C ARG PC 532 -79.50 13.37 -120.99
N LEU PC 533 -78.74 12.28 -121.01
CA LEU PC 533 -77.82 11.99 -119.92
C LEU PC 533 -76.39 12.26 -120.32
N LYS PC 534 -75.55 12.52 -119.33
CA LYS PC 534 -74.16 12.86 -119.55
C LYS PC 534 -73.36 12.36 -118.35
N ALA PC 535 -72.55 11.34 -118.55
CA ALA PC 535 -71.70 10.82 -117.49
C ALA PC 535 -70.30 11.35 -117.63
N GLU PC 536 -69.74 11.83 -116.52
CA GLU PC 536 -68.39 12.36 -116.61
C GLU PC 536 -67.72 12.18 -115.25
N GLY PC 537 -66.45 11.80 -115.28
CA GLY PC 537 -65.73 11.53 -114.05
C GLY PC 537 -64.63 12.51 -113.74
N TYR PC 538 -64.68 13.09 -112.55
CA TYR PC 538 -63.64 13.97 -112.04
C TYR PC 538 -62.87 13.26 -110.94
N GLY PC 539 -61.56 13.21 -111.08
CA GLY PC 539 -60.75 12.68 -110.00
C GLY PC 539 -60.50 13.73 -108.94
N ASP PC 540 -61.52 13.99 -108.11
CA ASP PC 540 -61.71 15.07 -107.13
C ASP PC 540 -61.26 16.45 -107.61
N LYS PC 541 -61.45 16.78 -108.87
CA LYS PC 541 -61.01 18.08 -109.35
C LYS PC 541 -61.98 19.20 -109.04
N ASN PC 542 -63.15 18.91 -108.48
CA ASN PC 542 -63.99 19.99 -107.98
C ASN PC 542 -63.89 20.15 -106.48
N ALA PC 543 -63.91 19.03 -105.75
CA ALA PC 543 -63.43 18.89 -104.37
C ALA PC 543 -64.19 19.78 -103.38
N ILE PC 544 -65.43 19.39 -103.08
CA ILE PC 544 -66.29 20.17 -102.18
C ILE PC 544 -65.85 20.19 -100.72
N SER PC 545 -64.84 19.44 -100.33
CA SER PC 545 -64.20 19.60 -99.05
C SER PC 545 -62.72 19.36 -99.20
N ASP PC 546 -61.99 19.50 -98.11
CA ASP PC 546 -60.59 19.13 -98.13
C ASP PC 546 -60.43 17.62 -97.91
N ASN PC 547 -59.41 17.05 -98.53
CA ASN PC 547 -59.12 15.64 -98.40
C ASN PC 547 -58.17 15.36 -97.25
N ALA PC 548 -57.76 16.39 -96.53
CA ALA PC 548 -56.83 16.21 -95.43
C ALA PC 548 -57.50 15.71 -94.18
N ILE PC 549 -58.83 15.68 -94.12
CA ILE PC 549 -59.49 15.23 -92.92
C ILE PC 549 -60.47 14.14 -93.34
N ILE PC 550 -60.80 13.28 -92.39
CA ILE PC 550 -61.51 12.02 -92.63
C ILE PC 550 -62.94 12.26 -93.08
N HIS PC 551 -63.66 13.07 -92.32
CA HIS PC 551 -65.08 13.30 -92.58
C HIS PC 551 -65.24 14.19 -93.79
N GLY PC 552 -64.28 15.08 -94.01
CA GLY PC 552 -64.26 15.89 -95.20
C GLY PC 552 -64.01 15.12 -96.47
N SER PC 553 -63.12 14.13 -96.41
CA SER PC 553 -62.92 13.29 -97.58
C SER PC 553 -64.08 12.34 -97.81
N ALA PC 554 -64.77 11.95 -96.74
CA ALA PC 554 -66.01 11.19 -96.86
C ALA PC 554 -67.07 12.01 -97.57
N GLN PC 555 -67.14 13.31 -97.28
CA GLN PC 555 -67.99 14.20 -98.07
C GLN PC 555 -67.49 14.41 -99.48
N ASN PC 556 -66.19 14.30 -99.74
CA ASN PC 556 -65.69 14.42 -101.11
C ASN PC 556 -66.05 13.24 -101.98
N ARG PC 557 -66.13 12.04 -101.42
CA ARG PC 557 -66.52 10.86 -102.19
C ARG PC 557 -68.02 10.89 -102.49
N ARG PC 558 -68.39 11.24 -103.73
CA ARG PC 558 -69.81 11.46 -104.04
C ARG PC 558 -70.09 11.32 -105.53
N ILE PC 559 -71.38 11.35 -105.86
CA ILE PC 559 -71.89 11.55 -107.21
C ILE PC 559 -72.73 12.82 -107.19
N GLU PC 560 -72.46 13.75 -108.10
CA GLU PC 560 -73.38 14.85 -108.28
C GLU PC 560 -74.30 14.52 -109.44
N ILE PC 561 -75.58 14.88 -109.29
CA ILE PC 561 -76.58 14.77 -110.32
C ILE PC 561 -77.12 16.18 -110.51
N GLN PC 562 -76.80 16.82 -111.62
CA GLN PC 562 -77.34 18.12 -111.95
C GLN PC 562 -78.34 17.97 -113.07
N TRP PC 563 -79.39 18.78 -113.03
CA TRP PC 563 -80.20 19.04 -114.21
C TRP PC 563 -80.78 20.44 -114.15
N PHE PC 564 -81.48 20.80 -115.21
CA PHE PC 564 -82.05 22.13 -115.36
C PHE PC 564 -83.56 22.06 -115.25
N ARG QC 429 -90.02 73.41 -78.94
CA ARG QC 429 -89.67 72.00 -79.08
C ARG QC 429 -89.24 71.69 -80.50
N ASP QC 430 -89.43 72.66 -81.39
CA ASP QC 430 -88.94 72.58 -82.75
C ASP QC 430 -87.95 73.69 -83.07
N SER QC 431 -87.42 74.36 -82.05
CA SER QC 431 -86.75 75.63 -82.21
C SER QC 431 -85.26 75.52 -81.92
N LYS QC 432 -84.62 76.69 -81.88
CA LYS QC 432 -83.18 76.85 -81.68
C LYS QC 432 -82.70 76.27 -80.37
N ARG QC 433 -83.36 76.61 -79.26
CA ARG QC 433 -82.87 76.21 -77.94
C ARG QC 433 -83.03 74.71 -77.72
N LYS QC 434 -84.07 74.13 -78.31
CA LYS QC 434 -84.25 72.68 -78.35
C LYS QC 434 -83.17 71.98 -79.15
N ILE QC 435 -82.85 72.49 -80.35
CA ILE QC 435 -81.88 71.75 -81.16
C ILE QC 435 -80.44 71.94 -80.70
N ILE QC 436 -80.11 73.08 -80.10
CA ILE QC 436 -78.78 73.24 -79.51
C ILE QC 436 -78.65 72.45 -78.22
N ARG QC 437 -79.75 72.31 -77.46
CA ARG QC 437 -79.73 71.48 -76.26
C ARG QC 437 -79.56 70.00 -76.58
N ASP QC 438 -80.16 69.52 -77.68
CA ASP QC 438 -79.83 68.14 -77.96
C ASP QC 438 -78.56 67.97 -78.79
N LEU QC 439 -78.01 69.01 -79.41
CA LEU QC 439 -76.64 68.84 -79.93
C LEU QC 439 -75.60 68.83 -78.82
N GLN QC 440 -75.91 69.48 -77.70
CA GLN QC 440 -75.18 69.22 -76.46
C GLN QC 440 -75.35 67.77 -76.02
N LYS QC 441 -76.56 67.22 -76.18
CA LYS QC 441 -76.80 65.82 -75.80
C LYS QC 441 -76.09 64.81 -76.70
N GLN QC 442 -76.08 64.99 -78.03
CA GLN QC 442 -75.20 64.20 -78.90
C GLN QC 442 -73.92 64.94 -79.24
N ASP QC 443 -73.35 65.64 -78.26
CA ASP QC 443 -71.92 66.03 -78.05
C ASP QC 443 -71.25 66.69 -79.26
N ILE QC 444 -71.93 67.65 -79.84
CA ILE QC 444 -71.35 68.56 -80.80
C ILE QC 444 -71.35 69.96 -80.20
N GLN QC 445 -70.20 70.63 -80.18
CA GLN QC 445 -70.22 72.00 -79.68
C GLN QC 445 -70.80 72.99 -80.66
N TYR QC 446 -71.40 74.02 -80.10
CA TYR QC 446 -71.86 75.19 -80.82
C TYR QC 446 -71.27 76.38 -80.10
N VAL QC 447 -70.79 77.39 -80.84
CA VAL QC 447 -70.57 78.70 -80.24
C VAL QC 447 -71.32 79.78 -81.04
N GLU QC 448 -72.16 80.53 -80.32
CA GLU QC 448 -72.58 81.90 -80.60
C GLU QC 448 -71.43 82.86 -80.41
N TYR QC 449 -71.09 83.61 -81.46
CA TYR QC 449 -70.03 84.60 -81.32
C TYR QC 449 -70.26 85.77 -82.28
N GLY QC 450 -71.00 86.77 -81.80
CA GLY QC 450 -71.35 87.94 -82.58
C GLY QC 450 -72.20 87.63 -83.78
N ASP QC 451 -71.59 87.70 -84.96
CA ASP QC 451 -72.18 87.12 -86.15
C ASP QC 451 -71.62 85.73 -86.48
N THR QC 452 -70.41 85.43 -86.05
CA THR QC 452 -69.76 84.18 -86.36
C THR QC 452 -70.35 83.05 -85.53
N ARG QC 453 -70.81 82.01 -86.19
CA ARG QC 453 -71.38 80.88 -85.48
C ARG QC 453 -70.67 79.63 -85.93
N THR QC 454 -70.23 78.82 -84.98
CA THR QC 454 -69.31 77.73 -85.30
C THR QC 454 -69.72 76.45 -84.59
N LEU QC 455 -69.93 75.41 -85.37
CA LEU QC 455 -70.14 74.06 -84.84
C LEU QC 455 -68.80 73.34 -84.82
N ILE QC 456 -68.50 72.70 -83.70
CA ILE QC 456 -67.32 71.85 -83.61
C ILE QC 456 -67.81 70.42 -83.53
N ILE QC 457 -67.53 69.66 -84.58
CA ILE QC 457 -68.02 68.30 -84.75
C ILE QC 457 -66.85 67.34 -84.60
N PRO QC 458 -66.90 66.39 -83.67
CA PRO QC 458 -65.80 65.44 -83.54
C PRO QC 458 -65.80 64.44 -84.69
N THR QC 459 -64.66 64.35 -85.37
CA THR QC 459 -64.48 63.39 -86.45
C THR QC 459 -64.42 61.97 -85.93
N ASP QC 460 -64.07 61.78 -84.67
CA ASP QC 460 -63.88 60.48 -84.08
C ASP QC 460 -65.20 59.75 -83.88
N LYS QC 461 -66.29 60.48 -83.64
CA LYS QC 461 -67.60 59.85 -83.58
C LYS QC 461 -68.51 60.20 -84.74
N TYR QC 462 -68.15 61.17 -85.58
CA TYR QC 462 -68.93 61.45 -86.77
C TYR QC 462 -68.21 61.10 -88.06
N PHE QC 463 -67.18 60.27 -87.97
CA PHE QC 463 -66.59 59.68 -89.16
C PHE QC 463 -66.13 58.28 -88.81
N MET QC 464 -66.31 57.37 -89.75
CA MET QC 464 -65.64 56.09 -89.61
C MET QC 464 -64.18 56.26 -89.90
N PHE QC 465 -63.39 55.35 -89.34
CA PHE QC 465 -62.09 55.66 -88.79
C PHE QC 465 -61.04 55.95 -89.86
N SER QC 466 -60.43 57.13 -89.75
CA SER QC 466 -59.36 57.66 -90.61
C SER QC 466 -59.77 57.65 -92.08
N SER QC 467 -61.00 58.02 -92.32
CA SER QC 467 -61.64 57.88 -93.62
C SER QC 467 -62.55 59.06 -93.83
N PRO QC 468 -62.84 59.41 -95.07
CA PRO QC 468 -63.92 60.36 -95.33
C PRO QC 468 -65.30 59.73 -95.45
N ARG QC 469 -65.46 58.50 -94.98
CA ARG QC 469 -66.78 57.91 -94.90
C ARG QC 469 -67.44 58.42 -93.63
N LEU QC 470 -68.63 59.00 -93.77
CA LEU QC 470 -69.35 59.54 -92.62
C LEU QC 470 -69.86 58.40 -91.75
N ASN QC 471 -69.83 58.60 -90.45
CA ASN QC 471 -70.30 57.61 -89.49
C ASN QC 471 -71.81 57.58 -89.58
N GLU QC 472 -72.30 56.64 -90.39
CA GLU QC 472 -73.68 56.57 -90.84
C GLU QC 472 -74.64 56.23 -89.72
N ILE QC 473 -74.18 55.53 -88.68
CA ILE QC 473 -74.98 55.31 -87.47
C ILE QC 473 -75.25 56.62 -86.75
N CYS QC 474 -74.33 57.57 -86.76
CA CYS QC 474 -74.62 58.87 -86.18
C CYS QC 474 -75.25 59.84 -87.17
N TYR QC 475 -76.32 59.39 -87.83
CA TYR QC 475 -77.17 60.31 -88.57
C TYR QC 475 -77.94 61.39 -87.79
N PRO QC 476 -78.45 61.24 -86.51
CA PRO QC 476 -79.25 62.34 -85.97
C PRO QC 476 -78.46 63.57 -85.57
N GLY QC 477 -77.15 63.44 -85.35
CA GLY QC 477 -76.30 64.62 -85.32
C GLY QC 477 -76.21 65.32 -86.65
N LEU QC 478 -76.19 64.56 -87.74
CA LEU QC 478 -76.07 65.15 -89.07
C LEU QC 478 -77.36 65.80 -89.54
N ASN QC 479 -78.50 65.15 -89.29
CA ASN QC 479 -79.79 65.79 -89.50
C ASN QC 479 -80.01 66.97 -88.58
N ASN QC 480 -79.49 66.93 -87.35
CA ASN QC 480 -79.73 68.06 -86.47
C ASN QC 480 -78.83 69.23 -86.78
N VAL QC 481 -77.63 68.98 -87.30
CA VAL QC 481 -76.81 70.12 -87.71
C VAL QC 481 -77.36 70.75 -88.98
N ILE QC 482 -77.90 69.94 -89.92
CA ILE QC 482 -78.47 70.56 -91.12
C ILE QC 482 -79.84 71.19 -90.81
N ARG QC 483 -80.58 70.67 -89.82
CA ARG QC 483 -81.78 71.32 -89.31
C ARG QC 483 -81.46 72.61 -88.59
N LEU QC 484 -80.26 72.72 -88.02
CA LEU QC 484 -79.86 73.98 -87.43
C LEU QC 484 -79.52 74.99 -88.51
N LEU QC 485 -78.79 74.59 -89.56
CA LEU QC 485 -78.42 75.61 -90.53
C LEU QC 485 -79.39 75.72 -91.70
N ASN QC 486 -80.63 75.21 -91.58
CA ASN QC 486 -81.68 75.88 -92.36
C ASN QC 486 -82.04 77.26 -91.84
N PHE QC 487 -81.71 77.58 -90.59
CA PHE QC 487 -82.12 78.85 -89.99
C PHE QC 487 -81.34 80.04 -90.52
N TYR QC 488 -80.25 79.83 -91.24
CA TYR QC 488 -79.40 80.92 -91.71
C TYR QC 488 -79.21 80.80 -93.22
N PRO QC 489 -80.24 81.14 -94.00
CA PRO QC 489 -80.20 80.82 -95.44
C PRO QC 489 -79.53 81.84 -96.33
N GLN QC 490 -78.77 82.80 -95.80
CA GLN QC 490 -78.04 83.71 -96.66
C GLN QC 490 -76.56 83.79 -96.31
N SER QC 491 -76.12 83.09 -95.29
CA SER QC 491 -74.73 83.19 -94.86
C SER QC 491 -73.83 82.29 -95.69
N THR QC 492 -72.64 82.80 -96.00
CA THR QC 492 -71.61 81.98 -96.58
C THR QC 492 -71.06 81.03 -95.54
N ILE QC 493 -70.64 79.84 -95.97
CA ILE QC 493 -70.34 78.76 -95.05
C ILE QC 493 -68.87 78.41 -95.21
N TYR QC 494 -68.10 78.58 -94.16
CA TYR QC 494 -66.74 78.06 -94.11
C TYR QC 494 -66.80 76.72 -93.40
N VAL QC 495 -66.23 75.70 -94.01
CA VAL QC 495 -66.08 74.38 -93.38
C VAL QC 495 -64.62 74.00 -93.46
N ALA QC 496 -64.09 73.51 -92.34
CA ALA QC 496 -62.67 73.24 -92.28
C ALA QC 496 -62.41 72.00 -91.45
N GLY QC 497 -61.40 71.26 -91.85
CA GLY QC 497 -61.12 69.95 -91.28
C GLY QC 497 -59.81 69.95 -90.51
N PHE QC 498 -59.76 69.16 -89.45
CA PHE QC 498 -58.62 69.18 -88.55
C PHE QC 498 -58.22 67.76 -88.16
N THR QC 499 -56.91 67.57 -87.98
CA THR QC 499 -56.32 66.32 -87.53
C THR QC 499 -55.51 66.56 -86.27
N ASP QC 500 -54.65 65.61 -85.93
CA ASP QC 500 -53.64 65.80 -84.89
C ASP QC 500 -52.29 65.41 -85.45
N ASN QC 501 -51.32 65.27 -84.55
CA ASN QC 501 -49.89 65.20 -84.86
C ASN QC 501 -49.41 63.95 -85.59
N VAL QC 502 -50.25 62.93 -85.76
CA VAL QC 502 -49.78 61.67 -86.35
C VAL QC 502 -49.63 61.81 -87.86
N GLY QC 503 -48.87 60.91 -88.47
CA GLY QC 503 -48.79 60.85 -89.91
C GLY QC 503 -47.92 61.93 -90.52
N SER QC 504 -47.71 61.79 -91.82
CA SER QC 504 -47.03 62.81 -92.59
C SER QC 504 -47.93 64.02 -92.74
N ARG QC 505 -47.30 65.16 -93.02
CA ARG QC 505 -48.00 66.43 -93.19
C ARG QC 505 -48.92 66.41 -94.40
N SER QC 506 -48.51 65.67 -95.44
CA SER QC 506 -49.38 65.35 -96.56
C SER QC 506 -50.58 64.52 -96.14
N HIS QC 507 -50.39 63.57 -95.22
CA HIS QC 507 -51.50 62.73 -94.79
C HIS QC 507 -52.48 63.50 -93.92
N LYS QC 508 -51.95 64.37 -93.05
CA LYS QC 508 -52.71 65.34 -92.26
C LYS QC 508 -53.56 66.24 -93.13
N ARG QC 509 -52.93 66.82 -94.17
CA ARG QC 509 -53.60 67.76 -95.05
C ARG QC 509 -54.65 67.08 -95.91
N LYS QC 510 -54.33 65.95 -96.51
CA LYS QC 510 -55.31 65.27 -97.36
C LYS QC 510 -56.42 64.60 -96.59
N LEU QC 511 -56.16 64.12 -95.37
CA LEU QC 511 -57.23 63.53 -94.58
C LEU QC 511 -58.17 64.59 -94.04
N SER QC 512 -57.63 65.71 -93.53
CA SER QC 512 -58.46 66.82 -93.09
C SER QC 512 -59.22 67.46 -94.23
N GLN QC 513 -58.59 67.57 -95.40
CA GLN QC 513 -59.23 68.10 -96.60
C GLN QC 513 -60.32 67.18 -97.10
N ALA QC 514 -60.11 65.88 -97.02
CA ALA QC 514 -61.11 64.91 -97.46
C ALA QC 514 -62.32 64.90 -96.55
N GLN QC 515 -62.10 64.99 -95.23
CA GLN QC 515 -63.21 64.98 -94.29
C GLN QC 515 -64.00 66.28 -94.32
N ALA QC 516 -63.32 67.42 -94.44
CA ALA QC 516 -64.01 68.70 -94.61
C ALA QC 516 -64.74 68.76 -95.93
N GLU QC 517 -64.17 68.15 -96.96
CA GLU QC 517 -64.76 68.19 -98.28
C GLU QC 517 -65.99 67.31 -98.35
N THR QC 518 -65.98 66.18 -97.67
CA THR QC 518 -67.17 65.36 -97.67
C THR QC 518 -68.24 65.85 -96.71
N MET QC 519 -67.87 66.65 -95.69
CA MET QC 519 -68.92 67.27 -94.90
C MET QC 519 -69.55 68.43 -95.68
N MET QC 520 -68.75 69.08 -96.52
CA MET QC 520 -69.23 70.10 -97.43
C MET QC 520 -70.18 69.53 -98.48
N THR QC 521 -69.87 68.34 -99.00
CA THR QC 521 -70.82 67.68 -99.90
C THR QC 521 -72.03 67.17 -99.19
N PHE QC 522 -71.93 66.84 -97.90
CA PHE QC 522 -73.11 66.47 -97.15
C PHE QC 522 -74.06 67.65 -96.98
N LEU QC 523 -73.52 68.83 -96.72
CA LEU QC 523 -74.40 69.99 -96.60
C LEU QC 523 -74.94 70.44 -97.96
N TRP QC 524 -74.14 70.27 -99.02
CA TRP QC 524 -74.60 70.57 -100.37
C TRP QC 524 -75.66 69.59 -100.83
N ALA QC 525 -75.52 68.32 -100.48
CA ALA QC 525 -76.47 67.29 -100.83
C ALA QC 525 -77.66 67.26 -99.90
N ASN QC 526 -77.60 67.94 -98.76
CA ASN QC 526 -78.78 68.07 -97.94
C ASN QC 526 -79.37 69.46 -98.17
N GLY QC 527 -78.78 70.21 -99.08
CA GLY QC 527 -79.51 71.28 -99.73
C GLY QC 527 -79.06 72.69 -99.45
N ILE QC 528 -77.76 72.95 -99.39
CA ILE QC 528 -77.25 74.31 -99.33
C ILE QC 528 -76.59 74.58 -100.67
N ALA QC 529 -76.83 75.75 -101.24
CA ALA QC 529 -76.36 76.08 -102.57
C ALA QC 529 -74.85 76.29 -102.57
N ALA QC 530 -74.20 75.69 -103.58
CA ALA QC 530 -72.78 75.32 -103.55
C ALA QC 530 -71.82 76.50 -103.51
N LYS QC 531 -72.25 77.70 -103.88
CA LYS QC 531 -71.39 78.85 -103.74
C LYS QC 531 -71.57 79.55 -102.40
N ARG QC 532 -72.40 79.02 -101.51
CA ARG QC 532 -72.29 79.44 -100.12
C ARG QC 532 -71.18 78.71 -99.39
N LEU QC 533 -70.68 77.60 -99.90
CA LEU QC 533 -69.88 76.70 -99.09
C LEU QC 533 -68.41 76.81 -99.44
N LYS QC 534 -67.57 76.44 -98.49
CA LYS QC 534 -66.12 76.52 -98.64
C LYS QC 534 -65.49 75.43 -97.80
N ALA QC 535 -64.91 74.44 -98.45
CA ALA QC 535 -64.23 73.36 -97.76
C ALA QC 535 -62.74 73.58 -97.77
N GLU QC 536 -62.12 73.43 -96.61
CA GLU QC 536 -60.68 73.66 -96.55
C GLU QC 536 -60.11 72.79 -95.44
N GLY QC 537 -58.95 72.20 -95.71
CA GLY QC 537 -58.35 71.30 -94.74
C GLY QC 537 -57.06 71.81 -94.13
N TYR QC 538 -57.02 71.85 -92.80
CA TYR QC 538 -55.82 72.20 -92.06
C TYR QC 538 -55.26 70.95 -91.40
N GLY QC 539 -53.99 70.68 -91.63
CA GLY QC 539 -53.35 69.60 -90.92
C GLY QC 539 -52.90 70.04 -89.55
N ASP QC 540 -53.86 70.15 -88.62
CA ASP QC 540 -53.82 70.74 -87.26
C ASP QC 540 -53.07 72.06 -87.17
N LYS QC 541 -53.16 72.91 -88.18
CA LYS QC 541 -52.42 74.16 -88.11
C LYS QC 541 -53.12 75.24 -87.31
N ASN QC 542 -54.34 75.00 -86.83
CA ASN QC 542 -54.94 75.93 -85.89
C ASN QC 542 -54.85 75.43 -84.46
N ALA QC 543 -55.13 74.14 -84.25
CA ALA QC 543 -54.73 73.35 -83.08
C ALA QC 543 -55.30 73.90 -81.76
N ILE QC 544 -56.61 73.68 -81.57
CA ILE QC 544 -57.30 74.19 -80.37
C ILE QC 544 -56.91 73.51 -79.07
N SER QC 545 -56.10 72.47 -79.09
CA SER QC 545 -55.48 71.95 -77.89
C SER QC 545 -54.08 71.48 -78.24
N ASP QC 546 -53.37 71.00 -77.23
CA ASP QC 546 -52.08 70.39 -77.50
C ASP QC 546 -52.27 68.93 -77.91
N ASN QC 547 -51.38 68.46 -78.78
CA ASN QC 547 -51.41 67.09 -79.26
C ASN QC 547 -50.58 66.17 -78.39
N ALA QC 548 -49.97 66.70 -77.34
CA ALA QC 548 -49.14 65.89 -76.48
C ALA QC 548 -49.94 65.07 -75.50
N ILE QC 549 -51.24 65.30 -75.37
CA ILE QC 549 -52.02 64.56 -74.41
C ILE QC 549 -53.19 63.97 -75.17
N ILE QC 550 -53.74 62.88 -74.62
CA ILE QC 550 -54.69 62.02 -75.31
C ILE QC 550 -56.02 62.72 -75.53
N HIS QC 551 -56.58 63.28 -74.46
CA HIS QC 551 -57.90 63.88 -74.51
C HIS QC 551 -57.82 65.21 -75.24
N GLY QC 552 -56.67 65.88 -75.14
CA GLY QC 552 -56.46 67.10 -75.89
C GLY QC 552 -56.35 66.88 -77.38
N SER QC 553 -55.70 65.79 -77.79
CA SER QC 553 -55.66 65.47 -79.21
C SER QC 553 -56.99 64.97 -79.73
N ALA QC 554 -57.78 64.34 -78.87
CA ALA QC 554 -59.15 63.99 -79.19
C ALA QC 554 -59.99 65.22 -79.45
N GLN QC 555 -59.78 66.27 -78.65
CA GLN QC 555 -60.39 67.56 -78.95
C GLN QC 555 -59.82 68.23 -80.19
N ASN QC 556 -58.57 67.95 -80.54
CA ASN QC 556 -58.02 68.53 -81.77
C ASN QC 556 -58.60 67.91 -83.03
N ARG QC 557 -58.96 66.63 -83.00
CA ARG QC 557 -59.59 66.00 -84.16
C ARG QC 557 -61.03 66.46 -84.33
N ARG QC 558 -61.29 67.36 -85.29
CA ARG QC 558 -62.60 67.98 -85.37
C ARG QC 558 -62.87 68.53 -86.77
N ILE QC 559 -64.12 68.98 -86.98
CA ILE QC 559 -64.54 69.81 -88.09
C ILE QC 559 -65.07 71.10 -87.50
N GLU QC 560 -64.57 72.25 -87.97
CA GLU QC 560 -65.22 73.50 -87.61
C GLU QC 560 -66.16 73.88 -88.75
N ILE QC 561 -67.33 74.40 -88.37
CA ILE QC 561 -68.30 74.96 -89.30
C ILE QC 561 -68.52 76.39 -88.86
N GLN QC 562 -68.03 77.34 -89.63
CA GLN QC 562 -68.27 78.74 -89.36
C GLN QC 562 -69.25 79.28 -90.38
N TRP QC 563 -70.09 80.22 -89.93
CA TRP QC 563 -70.79 81.10 -90.86
C TRP QC 563 -71.04 82.43 -90.19
N PHE QC 564 -71.62 83.34 -90.96
CA PHE QC 564 -71.88 84.70 -90.52
C PHE QC 564 -73.37 84.92 -90.34
N ALA RC 1 -59.69 156.09 -95.21
CA ALA RC 1 -58.83 156.73 -94.23
C ALA RC 1 -57.48 156.02 -94.15
N ALA RC 2 -56.84 155.86 -95.30
CA ALA RC 2 -55.60 155.12 -95.41
C ALA RC 2 -54.41 155.91 -94.86
N ALA RC 3 -53.38 155.18 -94.44
CA ALA RC 3 -52.12 155.77 -93.99
C ALA RC 3 -51.02 154.75 -94.29
N ALA RC 4 -50.34 154.94 -95.42
CA ALA RC 4 -49.32 153.99 -95.90
C ALA RC 4 -48.05 154.77 -96.23
N ALA RC 5 -47.13 154.84 -95.28
CA ALA RC 5 -45.88 155.56 -95.47
C ALA RC 5 -44.79 154.97 -94.60
N ALA RC 6 -43.54 155.19 -95.01
CA ALA RC 6 -42.35 154.74 -94.29
C ALA RC 6 -41.58 155.97 -93.85
N ALA RC 7 -41.78 156.37 -92.60
CA ALA RC 7 -41.25 157.60 -92.04
C ALA RC 7 -40.96 157.36 -90.56
N ALA RC 8 -40.86 158.42 -89.79
CA ALA RC 8 -40.74 158.33 -88.33
C ALA RC 8 -41.91 159.09 -87.73
N ALA RC 9 -43.06 158.41 -87.61
CA ALA RC 9 -44.18 158.99 -86.89
C ALA RC 9 -43.94 158.91 -85.39
N ALA RC 10 -43.68 157.70 -84.89
CA ALA RC 10 -42.97 157.38 -83.65
C ALA RC 10 -43.64 157.73 -82.33
N ALA RC 11 -44.80 158.40 -82.35
CA ALA RC 11 -45.55 158.71 -81.14
C ALA RC 11 -47.03 158.75 -81.52
N ALA RC 12 -47.70 157.61 -81.36
CA ALA RC 12 -49.09 157.49 -81.78
C ALA RC 12 -49.75 156.42 -80.93
N ALA RC 13 -50.58 156.84 -79.99
CA ALA RC 13 -51.53 155.95 -79.33
C ALA RC 13 -52.86 156.04 -80.08
N ALA RC 14 -52.82 155.55 -81.32
CA ALA RC 14 -53.82 155.85 -82.34
C ALA RC 14 -54.97 154.87 -82.21
N ALA RC 15 -56.06 155.32 -81.59
CA ALA RC 15 -57.30 154.55 -81.54
C ALA RC 15 -58.15 155.00 -82.72
N ALA RC 16 -57.87 154.42 -83.88
CA ALA RC 16 -58.49 154.82 -85.14
C ALA RC 16 -59.93 154.33 -85.21
N ALA RC 17 -60.72 155.00 -86.06
CA ALA RC 17 -62.11 154.67 -86.27
C ALA RC 17 -62.22 153.67 -87.43
N ALA RC 18 -63.45 153.46 -87.91
CA ALA RC 18 -63.72 152.49 -88.95
C ALA RC 18 -63.20 152.97 -90.31
N ALA RC 19 -62.94 151.99 -91.18
CA ALA RC 19 -62.37 152.12 -92.53
C ALA RC 19 -61.03 152.85 -92.54
N ALA RC 20 -60.22 152.65 -91.50
CA ALA RC 20 -58.89 153.24 -91.42
C ALA RC 20 -57.90 152.22 -91.95
N ALA RC 21 -57.82 152.14 -93.28
CA ALA RC 21 -57.03 151.10 -93.96
C ALA RC 21 -55.56 151.52 -94.04
N ALA RC 22 -54.91 151.51 -92.89
CA ALA RC 22 -53.56 152.04 -92.74
C ALA RC 22 -52.55 150.92 -92.95
N ALA RC 23 -51.98 150.84 -94.14
CA ALA RC 23 -50.85 149.96 -94.42
C ALA RC 23 -49.53 150.68 -94.27
N ALA RC 24 -49.33 151.34 -93.14
CA ALA RC 24 -48.10 152.08 -92.86
C ALA RC 24 -46.92 151.13 -92.60
N ALA RC 25 -45.73 151.64 -92.91
CA ALA RC 25 -44.47 150.97 -92.62
C ALA RC 25 -43.51 151.91 -91.89
N ALA RC 26 -44.04 152.96 -91.27
CA ALA RC 26 -43.24 153.97 -90.60
C ALA RC 26 -42.63 153.46 -89.31
N ALA RC 27 -41.56 154.15 -88.88
CA ALA RC 27 -40.88 153.82 -87.63
C ALA RC 27 -41.71 154.31 -86.45
N ALA RC 28 -42.71 153.51 -86.06
CA ALA RC 28 -43.63 153.87 -84.99
C ALA RC 28 -43.12 153.29 -83.69
N ALA RC 29 -42.33 154.07 -82.95
CA ALA RC 29 -41.71 153.59 -81.72
C ALA RC 29 -42.72 153.51 -80.59
N ALA RC 30 -43.27 154.66 -80.19
CA ALA RC 30 -44.28 154.69 -79.13
C ALA RC 30 -45.64 154.50 -79.78
N ALA RC 31 -45.93 153.24 -80.13
CA ALA RC 31 -47.06 152.90 -80.96
C ALA RC 31 -48.10 152.12 -80.17
N ALA RC 32 -49.37 152.42 -80.44
CA ALA RC 32 -50.50 151.58 -80.02
C ALA RC 32 -51.60 151.78 -81.07
N ALA RC 33 -51.64 150.90 -82.06
CA ALA RC 33 -52.52 151.06 -83.21
C ALA RC 33 -53.79 150.24 -82.98
N ALA RC 34 -54.78 150.87 -82.35
CA ALA RC 34 -56.06 150.20 -82.06
C ALA RC 34 -57.06 150.52 -83.17
N ALA RC 35 -56.80 149.94 -84.35
CA ALA RC 35 -57.63 150.15 -85.52
C ALA RC 35 -58.97 149.44 -85.37
N ALA RC 36 -59.99 149.94 -86.10
CA ALA RC 36 -61.34 149.44 -85.93
C ALA RC 36 -61.91 148.73 -87.15
N ALA RC 37 -61.30 148.90 -88.33
CA ALA RC 37 -61.65 148.14 -89.52
C ALA RC 37 -60.48 148.18 -90.50
N ALA RC 38 -60.46 147.17 -91.38
CA ALA RC 38 -59.87 147.22 -92.72
C ALA RC 38 -58.35 147.39 -92.73
N ALA RC 39 -57.67 147.01 -91.64
CA ALA RC 39 -56.22 147.16 -91.58
C ALA RC 39 -55.54 146.09 -92.42
N ALA RC 40 -54.63 146.52 -93.30
CA ALA RC 40 -53.97 145.65 -94.26
C ALA RC 40 -52.47 145.91 -94.26
N ALA RC 41 -51.88 145.90 -93.06
CA ALA RC 41 -50.53 146.42 -92.87
C ALA RC 41 -49.48 145.35 -93.11
N ALA RC 42 -48.44 145.71 -93.88
CA ALA RC 42 -47.29 144.82 -94.11
C ALA RC 42 -46.04 145.68 -93.91
N ALA RC 43 -45.57 145.74 -92.67
CA ALA RC 43 -44.52 146.66 -92.29
C ALA RC 43 -43.24 145.91 -91.95
N ALA RC 44 -42.21 146.68 -91.61
CA ALA RC 44 -40.99 146.17 -90.97
C ALA RC 44 -40.63 147.20 -89.92
N ALA RC 45 -41.17 147.01 -88.71
CA ALA RC 45 -41.17 148.05 -87.69
C ALA RC 45 -40.46 147.56 -86.43
N ALA RC 46 -40.48 148.43 -85.42
CA ALA RC 46 -39.90 148.14 -84.11
C ALA RC 46 -40.66 148.97 -83.09
N ALA RC 47 -41.41 148.31 -82.22
CA ALA RC 47 -42.29 149.00 -81.29
C ALA RC 47 -41.85 148.87 -79.84
N ALA RC 48 -41.66 147.63 -79.36
CA ALA RC 48 -41.11 147.19 -78.07
C ALA RC 48 -41.99 147.50 -76.85
N ALA RC 49 -43.12 148.19 -77.00
CA ALA RC 49 -44.07 148.34 -75.91
C ALA RC 49 -45.50 148.33 -76.43
N ALA RC 50 -45.78 147.61 -77.51
CA ALA RC 50 -47.04 147.73 -78.22
C ALA RC 50 -48.14 146.96 -77.50
N ALA RC 51 -49.18 147.69 -77.08
CA ALA RC 51 -50.42 147.08 -76.61
C ALA RC 51 -51.43 147.17 -77.76
N ALA RC 52 -51.23 146.32 -78.75
CA ALA RC 52 -52.01 146.39 -79.97
C ALA RC 52 -53.40 145.78 -79.79
N ALA RC 53 -54.39 146.43 -80.39
CA ALA RC 53 -55.74 145.91 -80.48
C ALA RC 53 -56.15 145.95 -81.94
N ALA RC 54 -56.87 144.92 -82.39
CA ALA RC 54 -57.26 144.85 -83.79
C ALA RC 54 -58.68 144.31 -83.90
N ALA RC 55 -59.53 145.07 -84.57
CA ALA RC 55 -60.88 144.68 -84.92
C ALA RC 55 -60.87 144.07 -86.32
N ALA RC 56 -62.06 144.02 -86.97
CA ALA RC 56 -62.34 143.18 -88.13
C ALA RC 56 -61.54 143.58 -89.37
N ALA RC 57 -61.21 142.55 -90.17
CA ALA RC 57 -60.43 142.59 -91.40
C ALA RC 57 -59.05 143.23 -91.21
N ALA RC 58 -58.32 142.68 -90.24
CA ALA RC 58 -56.97 143.15 -89.91
C ALA RC 58 -55.96 142.07 -90.30
N ALA RC 59 -55.41 142.20 -91.50
CA ALA RC 59 -54.31 141.35 -91.94
C ALA RC 59 -53.01 142.13 -91.78
N ALA RC 60 -52.07 141.54 -91.06
CA ALA RC 60 -50.85 142.27 -90.70
C ALA RC 60 -49.63 141.37 -90.85
N ALA RC 61 -48.50 142.01 -91.11
CA ALA RC 61 -47.22 141.30 -91.23
C ALA RC 61 -46.13 142.24 -90.73
N ALA RC 62 -45.72 142.03 -89.48
CA ALA RC 62 -44.84 142.98 -88.79
C ALA RC 62 -43.71 142.27 -88.08
N ALA RC 63 -42.56 142.96 -87.97
CA ALA RC 63 -41.38 142.44 -87.29
C ALA RC 63 -41.06 143.26 -86.05
N ALA RC 64 -42.09 143.62 -85.29
CA ALA RC 64 -41.95 144.50 -84.14
C ALA RC 64 -42.36 143.78 -82.87
N ALA RC 65 -41.70 144.13 -81.77
CA ALA RC 65 -42.00 143.54 -80.48
C ALA RC 65 -43.25 144.20 -79.88
N ALA RC 66 -44.11 143.38 -79.31
CA ALA RC 66 -45.34 143.84 -78.68
C ALA RC 66 -45.33 143.53 -77.20
N ALA RC 67 -46.35 144.00 -76.50
CA ALA RC 67 -46.48 143.73 -75.07
C ALA RC 67 -47.86 143.15 -74.77
N ALA RC 68 -48.87 143.59 -75.50
CA ALA RC 68 -50.21 143.07 -75.32
C ALA RC 68 -50.90 142.99 -76.67
N ALA RC 69 -51.82 142.03 -76.78
CA ALA RC 69 -52.55 141.81 -78.02
C ALA RC 69 -54.02 141.58 -77.70
N ALA RC 70 -54.89 142.26 -78.44
CA ALA RC 70 -56.32 142.11 -78.27
C ALA RC 70 -56.97 141.94 -79.63
N ALA RC 71 -57.88 140.98 -79.73
CA ALA RC 71 -58.62 140.73 -80.96
C ALA RC 71 -60.11 140.88 -80.69
N ALA RC 72 -60.84 141.39 -81.69
CA ALA RC 72 -62.24 141.75 -81.50
C ALA RC 72 -63.20 140.93 -82.35
N ALA RC 73 -63.04 140.93 -83.68
CA ALA RC 73 -63.98 140.19 -84.53
C ALA RC 73 -63.31 139.10 -85.35
N ALA RC 74 -62.34 139.45 -86.21
CA ALA RC 74 -61.73 138.53 -87.17
C ALA RC 74 -60.45 139.17 -87.66
N ALA RC 75 -59.37 138.40 -87.74
CA ALA RC 75 -58.08 138.95 -88.10
C ALA RC 75 -57.22 137.87 -88.74
N ALA RC 76 -56.04 138.28 -89.21
CA ALA RC 76 -54.98 137.39 -89.67
C ALA RC 76 -53.66 138.13 -89.48
N ALA RC 77 -52.96 137.83 -88.39
CA ALA RC 77 -51.71 138.50 -88.09
C ALA RC 77 -50.54 137.60 -88.42
N ALA RC 78 -49.38 138.24 -88.61
CA ALA RC 78 -48.10 137.53 -88.68
C ALA RC 78 -47.07 138.49 -88.08
N ALA RC 79 -46.86 138.36 -86.78
CA ALA RC 79 -46.03 139.30 -86.04
C ALA RC 79 -44.82 138.60 -85.45
N ALA RC 80 -43.74 139.36 -85.29
CA ALA RC 80 -42.51 138.85 -84.71
C ALA RC 80 -42.24 139.62 -83.41
N ALA RC 81 -42.83 139.15 -82.32
CA ALA RC 81 -42.69 139.79 -81.02
C ALA RC 81 -41.47 139.24 -80.28
N ALA RC 82 -41.09 139.90 -79.18
CA ALA RC 82 -39.84 139.49 -78.55
C ALA RC 82 -39.90 139.24 -77.05
N ALA RC 83 -40.62 140.06 -76.27
CA ALA RC 83 -40.33 140.19 -74.86
C ALA RC 83 -41.40 139.58 -73.96
N ALA RC 84 -42.63 140.06 -74.04
CA ALA RC 84 -43.72 139.57 -73.21
C ALA RC 84 -45.01 139.78 -73.96
N ALA RC 85 -46.03 139.01 -73.59
CA ALA RC 85 -47.30 139.11 -74.29
C ALA RC 85 -48.44 138.83 -73.32
N ALA RC 86 -49.35 139.78 -73.21
CA ALA RC 86 -50.65 139.58 -72.59
C ALA RC 86 -51.68 139.59 -73.71
N ALA RC 87 -52.19 138.41 -74.07
CA ALA RC 87 -53.00 138.26 -75.26
C ALA RC 87 -54.41 137.82 -74.90
N ALA RC 88 -55.37 138.40 -75.59
CA ALA RC 88 -56.78 138.02 -75.45
C ALA RC 88 -57.48 138.20 -76.79
N ALA RC 89 -58.39 137.30 -77.10
CA ALA RC 89 -59.01 137.27 -78.41
C ALA RC 89 -60.53 137.18 -78.27
N ALA RC 90 -61.21 137.38 -79.40
CA ALA RC 90 -62.66 137.21 -79.48
C ALA RC 90 -63.01 136.82 -80.91
N ALA RC 91 -63.24 135.51 -81.10
CA ALA RC 91 -63.78 134.89 -82.34
C ALA RC 91 -62.89 135.10 -83.56
N ALA RC 92 -61.60 135.30 -83.36
CA ALA RC 92 -60.70 135.71 -84.42
C ALA RC 92 -59.67 134.63 -84.70
N ALA RC 93 -58.74 134.95 -85.59
CA ALA RC 93 -57.61 134.10 -85.91
C ALA RC 93 -56.35 134.93 -85.84
N ALA RC 94 -55.25 134.32 -85.39
CA ALA RC 94 -54.01 135.05 -85.18
C ALA RC 94 -52.84 134.10 -85.31
N ALA RC 95 -51.74 134.62 -85.87
CA ALA RC 95 -50.50 133.87 -85.93
C ALA RC 95 -49.35 134.80 -85.56
N ALA RC 96 -48.37 134.25 -84.84
CA ALA RC 96 -47.17 135.00 -84.47
C ALA RC 96 -45.95 134.12 -84.75
N ALA RC 97 -44.81 134.77 -84.96
CA ALA RC 97 -43.68 134.10 -85.58
C ALA RC 97 -42.48 133.93 -84.66
N ALA RC 98 -41.94 135.00 -84.09
CA ALA RC 98 -40.63 134.94 -83.45
C ALA RC 98 -40.76 134.45 -82.01
N ALA RC 99 -39.65 134.52 -81.27
CA ALA RC 99 -39.56 134.00 -79.92
C ALA RC 99 -40.27 134.95 -78.97
N ALA RC 100 -41.38 134.51 -78.41
CA ALA RC 100 -42.16 135.30 -77.46
C ALA RC 100 -42.18 134.60 -76.11
N ALA RC 101 -42.63 135.35 -75.10
CA ALA RC 101 -42.80 134.81 -73.75
C ALA RC 101 -44.21 135.18 -73.30
N ALA RC 102 -45.17 134.36 -73.68
CA ALA RC 102 -46.57 134.60 -73.35
C ALA RC 102 -46.82 134.09 -71.93
N ALA RC 103 -47.04 135.01 -71.00
CA ALA RC 103 -47.26 134.62 -69.62
C ALA RC 103 -48.67 134.11 -69.40
N ALA RC 104 -49.67 134.84 -69.88
CA ALA RC 104 -51.05 134.45 -69.71
C ALA RC 104 -51.80 134.58 -71.02
N ALA RC 105 -52.68 133.62 -71.28
CA ALA RC 105 -53.56 133.68 -72.44
C ALA RC 105 -54.93 133.19 -72.04
N ALA RC 106 -55.93 134.07 -72.17
CA ALA RC 106 -57.30 133.75 -71.84
C ALA RC 106 -58.13 133.88 -73.10
N ALA RC 107 -58.67 132.77 -73.57
CA ALA RC 107 -59.47 132.75 -74.80
C ALA RC 107 -60.87 132.26 -74.44
N ALA RC 108 -61.83 133.17 -74.46
CA ALA RC 108 -63.20 132.87 -74.10
C ALA RC 108 -64.14 132.83 -75.30
N ALA RC 109 -63.59 132.64 -76.51
CA ALA RC 109 -64.38 132.67 -77.73
C ALA RC 109 -63.75 131.72 -78.74
N ALA RC 110 -64.07 131.91 -80.02
CA ALA RC 110 -63.52 131.09 -81.10
C ALA RC 110 -62.24 131.73 -81.59
N ALA RC 111 -61.11 131.28 -81.04
CA ALA RC 111 -59.82 131.89 -81.30
C ALA RC 111 -58.89 130.85 -81.91
N ALA RC 112 -58.51 131.06 -83.17
CA ALA RC 112 -57.50 130.23 -83.81
C ALA RC 112 -56.15 130.91 -83.63
N ALA RC 113 -55.58 130.73 -82.44
CA ALA RC 113 -54.33 131.39 -82.06
C ALA RC 113 -53.17 130.45 -82.30
N ALA RC 114 -52.13 130.95 -82.98
CA ALA RC 114 -50.94 130.17 -83.24
C ALA RC 114 -49.71 131.01 -82.96
N ALA RC 115 -48.70 130.37 -82.36
CA ALA RC 115 -47.42 131.02 -82.11
C ALA RC 115 -46.32 130.02 -82.46
N ALA RC 116 -45.46 130.39 -83.42
CA ALA RC 116 -44.44 129.47 -83.90
C ALA RC 116 -43.27 129.33 -82.95
N ALA RC 117 -43.12 130.24 -81.98
CA ALA RC 117 -42.09 130.11 -80.96
C ALA RC 117 -42.60 130.80 -79.70
N ALA RC 118 -42.74 130.03 -78.62
CA ALA RC 118 -43.09 130.55 -77.31
C ALA RC 118 -42.06 130.03 -76.33
N ALA RC 119 -41.16 130.89 -75.90
CA ALA RC 119 -40.12 130.54 -74.92
C ALA RC 119 -40.42 131.31 -73.65
N ALA RC 120 -41.28 130.75 -72.81
CA ALA RC 120 -41.77 131.42 -71.62
C ALA RC 120 -41.29 130.68 -70.37
N ALA RC 121 -41.75 131.14 -69.22
CA ALA RC 121 -41.43 130.52 -67.95
C ALA RC 121 -42.63 129.91 -67.25
N ALA RC 122 -43.79 130.54 -67.36
CA ALA RC 122 -45.02 129.99 -66.77
C ALA RC 122 -46.17 130.46 -67.64
N ALA RC 123 -46.61 129.61 -68.55
CA ALA RC 123 -47.69 129.96 -69.48
C ALA RC 123 -48.99 129.41 -68.93
N ALA RC 124 -49.87 130.29 -68.50
CA ALA RC 124 -51.18 129.93 -68.01
C ALA RC 124 -52.19 130.20 -69.12
N ALA RC 125 -52.77 129.14 -69.67
CA ALA RC 125 -53.73 129.25 -70.75
C ALA RC 125 -55.08 128.78 -70.24
N ALA RC 126 -56.03 129.71 -70.17
CA ALA RC 126 -57.40 129.40 -69.80
C ALA RC 126 -58.28 129.50 -71.03
N ALA RC 127 -59.09 128.47 -71.25
CA ALA RC 127 -59.88 128.38 -72.47
C ALA RC 127 -61.35 128.13 -72.13
N ALA RC 128 -62.24 128.74 -72.92
CA ALA RC 128 -63.67 128.69 -72.64
C ALA RC 128 -64.44 128.53 -73.96
N ALA RC 129 -64.83 127.29 -74.23
CA ALA RC 129 -65.94 126.78 -75.03
C ALA RC 129 -65.82 126.83 -76.55
N ALA RC 130 -64.86 127.55 -77.13
CA ALA RC 130 -64.82 127.53 -78.59
C ALA RC 130 -63.45 127.56 -79.26
N ALA RC 131 -62.40 127.96 -78.54
CA ALA RC 131 -61.13 128.36 -79.13
C ALA RC 131 -60.32 127.16 -79.64
N ALA RC 132 -59.19 127.49 -80.27
CA ALA RC 132 -58.25 126.48 -80.78
C ALA RC 132 -56.85 127.10 -80.74
N ALA RC 133 -56.13 126.84 -79.66
CA ALA RC 133 -54.78 127.37 -79.51
C ALA RC 133 -53.75 126.34 -79.91
N ALA RC 134 -52.77 126.76 -80.71
CA ALA RC 134 -51.70 125.87 -81.17
C ALA RC 134 -50.37 126.62 -81.00
N ALA RC 135 -49.80 126.52 -79.80
CA ALA RC 135 -48.59 127.25 -79.45
C ALA RC 135 -47.52 126.24 -79.07
N ALA RC 136 -46.37 126.29 -79.75
CA ALA RC 136 -45.40 125.21 -79.53
C ALA RC 136 -43.97 125.69 -79.78
N ALA RC 137 -43.29 126.12 -78.71
CA ALA RC 137 -41.85 125.83 -78.68
C ALA RC 137 -41.38 125.14 -77.41
N ALA RC 138 -41.36 125.88 -76.29
CA ALA RC 138 -40.72 125.40 -75.05
C ALA RC 138 -41.20 126.27 -73.89
N ALA RC 139 -41.99 125.70 -73.01
CA ALA RC 139 -42.35 126.40 -71.79
C ALA RC 139 -41.57 125.80 -70.64
N ALA RC 140 -41.75 126.35 -69.44
CA ALA RC 140 -41.16 125.77 -68.25
C ALA RC 140 -42.19 125.40 -67.19
N ALA RC 141 -43.36 126.01 -67.20
CA ALA RC 141 -44.48 125.59 -66.36
C ALA RC 141 -45.75 125.96 -67.09
N ALA RC 142 -46.40 124.98 -67.70
CA ALA RC 142 -47.64 125.20 -68.42
C ALA RC 142 -48.81 124.86 -67.52
N ALA RC 143 -49.83 125.73 -67.52
CA ALA RC 143 -51.04 125.50 -66.76
C ALA RC 143 -52.20 125.69 -67.73
N ALA RC 144 -52.67 124.59 -68.31
CA ALA RC 144 -53.73 124.62 -69.31
C ALA RC 144 -55.03 124.27 -68.63
N ALA RC 145 -55.78 125.29 -68.25
CA ALA RC 145 -57.12 125.10 -67.72
C ALA RC 145 -58.09 125.27 -68.86
N ALA RC 146 -58.49 124.16 -69.47
CA ALA RC 146 -59.51 124.18 -70.49
C ALA RC 146 -60.84 123.89 -69.81
N ALA RC 147 -61.60 124.96 -69.52
CA ALA RC 147 -62.90 124.87 -68.89
C ALA RC 147 -64.01 124.81 -69.92
N ALA RC 148 -63.77 124.07 -70.99
CA ALA RC 148 -64.11 124.41 -72.35
C ALA RC 148 -64.71 123.23 -73.06
N ALA RC 149 -65.44 123.50 -74.15
CA ALA RC 149 -65.75 122.50 -75.17
C ALA RC 149 -64.83 122.67 -76.37
N ALA RC 150 -63.56 122.98 -76.09
CA ALA RC 150 -62.65 123.51 -77.09
C ALA RC 150 -61.36 122.69 -77.08
N ALA RC 151 -60.42 123.10 -77.93
CA ALA RC 151 -59.22 122.33 -78.20
C ALA RC 151 -57.98 123.15 -77.89
N ALA RC 152 -56.98 122.51 -77.30
CA ALA RC 152 -55.68 123.13 -77.03
C ALA RC 152 -54.61 122.15 -77.50
N ALA RC 153 -54.25 122.25 -78.76
CA ALA RC 153 -53.26 121.38 -79.34
C ALA RC 153 -51.88 121.94 -79.08
N ALA RC 154 -50.91 121.06 -78.81
CA ALA RC 154 -49.57 121.52 -78.50
C ALA RC 154 -48.54 120.46 -78.86
N ALA RC 155 -47.44 120.93 -79.42
CA ALA RC 155 -46.17 120.22 -79.43
C ALA RC 155 -45.16 121.02 -78.61
N ALA RC 156 -45.66 121.77 -77.63
CA ALA RC 156 -44.83 122.61 -76.79
C ALA RC 156 -44.14 121.74 -75.76
N ALA RC 157 -42.81 121.64 -75.86
CA ALA RC 157 -42.05 120.78 -74.96
C ALA RC 157 -41.88 121.52 -73.63
N ALA RC 158 -42.88 121.39 -72.77
CA ALA RC 158 -42.86 122.03 -71.47
C ALA RC 158 -42.14 121.16 -70.46
N ALA RC 159 -41.39 121.79 -69.56
CA ALA RC 159 -40.69 121.05 -68.51
C ALA RC 159 -41.64 120.55 -67.45
N ALA RC 160 -42.64 121.34 -67.07
CA ALA RC 160 -43.69 120.90 -66.19
C ALA RC 160 -45.03 121.30 -66.79
N ALA RC 161 -46.01 120.41 -66.71
CA ALA RC 161 -47.31 120.65 -67.30
C ALA RC 161 -48.40 120.32 -66.31
N ALA RC 162 -49.45 121.12 -66.30
CA ALA RC 162 -50.61 120.94 -65.43
C ALA RC 162 -51.84 121.26 -66.28
N ALA RC 163 -52.47 120.23 -66.83
CA ALA RC 163 -53.58 120.40 -67.76
C ALA RC 163 -54.83 119.80 -67.16
N ALA RC 164 -55.86 120.62 -67.00
CA ALA RC 164 -57.15 120.16 -66.50
C ALA RC 164 -58.22 120.51 -67.54
N ALA RC 165 -58.90 119.48 -68.03
CA ALA RC 165 -59.95 119.64 -69.02
C ALA RC 165 -61.29 119.34 -68.36
N ALA RC 166 -62.27 120.21 -68.56
CA ALA RC 166 -63.45 120.19 -67.70
C ALA RC 166 -64.71 119.59 -68.34
N ALA RC 167 -65.04 119.91 -69.60
CA ALA RC 167 -66.29 119.38 -70.17
C ALA RC 167 -66.16 119.24 -71.68
N ALA RC 168 -65.74 118.04 -72.12
CA ALA RC 168 -65.50 117.65 -73.52
C ALA RC 168 -64.55 118.59 -74.25
N ALA RC 169 -63.46 118.95 -73.59
CA ALA RC 169 -62.34 119.61 -74.22
C ALA RC 169 -61.42 118.57 -74.84
N ALA RC 170 -60.39 119.03 -75.53
CA ALA RC 170 -59.40 118.15 -76.13
C ALA RC 170 -58.05 118.84 -76.10
N ALA RC 171 -57.13 118.33 -75.30
CA ALA RC 171 -55.83 118.97 -75.10
C ALA RC 171 -54.72 118.00 -75.47
N ALA RC 172 -53.79 118.46 -76.31
CA ALA RC 172 -52.66 117.66 -76.71
C ALA RC 172 -51.41 118.26 -76.09
N ALA RC 173 -50.84 117.56 -75.12
CA ALA RC 173 -49.72 118.07 -74.34
C ALA RC 173 -48.46 117.27 -74.61
N ALA RC 174 -47.33 117.84 -74.17
CA ALA RC 174 -46.03 117.16 -74.28
C ALA RC 174 -45.17 117.66 -73.13
N ALA RC 175 -44.91 116.79 -72.16
CA ALA RC 175 -44.21 117.17 -70.95
C ALA RC 175 -42.83 116.56 -70.92
N ALA RC 176 -41.83 117.38 -70.58
CA ALA RC 176 -40.46 116.87 -70.50
C ALA RC 176 -40.21 116.17 -69.18
N ALA RC 177 -40.34 116.89 -68.06
CA ALA RC 177 -40.00 116.32 -66.77
C ALA RC 177 -41.22 116.01 -65.90
N ALA RC 178 -42.27 116.81 -65.98
CA ALA RC 178 -43.39 116.67 -65.06
C ALA RC 178 -44.69 116.73 -65.84
N ALA RC 179 -45.49 115.69 -65.76
CA ALA RC 179 -46.81 115.66 -66.39
C ALA RC 179 -47.87 115.59 -65.32
N ALA RC 180 -48.82 116.52 -65.39
CA ALA RC 180 -49.91 116.60 -64.43
C ALA RC 180 -51.20 116.74 -65.21
N ALA RC 181 -52.10 115.77 -65.07
CA ALA RC 181 -53.28 115.78 -65.92
C ALA RC 181 -54.51 115.46 -65.11
N ALA RC 182 -55.57 116.24 -65.29
CA ALA RC 182 -56.88 115.90 -64.79
C ALA RC 182 -57.88 116.08 -65.92
N ALA RC 183 -58.71 115.08 -66.14
CA ALA RC 183 -59.68 115.15 -67.21
C ALA RC 183 -61.07 114.91 -66.65
N ALA RC 184 -62.07 115.54 -67.27
CA ALA RC 184 -63.46 115.33 -66.89
C ALA RC 184 -64.30 115.37 -68.16
N ALA RC 185 -64.84 114.20 -68.55
CA ALA RC 185 -65.67 113.95 -69.75
C ALA RC 185 -65.00 114.35 -71.06
N ALA RC 186 -63.66 114.31 -71.10
CA ALA RC 186 -62.89 115.01 -72.11
C ALA RC 186 -61.71 114.13 -72.52
N ALA RC 187 -60.77 114.74 -73.24
CA ALA RC 187 -59.62 114.00 -73.75
C ALA RC 187 -58.34 114.78 -73.52
N ALA RC 188 -57.33 114.09 -72.98
CA ALA RC 188 -55.99 114.65 -72.81
C ALA RC 188 -54.99 113.69 -73.42
N ALA RC 189 -54.34 114.11 -74.51
CA ALA RC 189 -53.46 113.25 -75.27
C ALA RC 189 -52.01 113.61 -74.96
N ALA RC 190 -51.26 112.67 -74.40
CA ALA RC 190 -49.87 112.89 -74.01
C ALA RC 190 -48.98 112.43 -75.14
N ALA RC 191 -48.36 113.38 -75.84
CA ALA RC 191 -47.55 113.06 -77.00
C ALA RC 191 -46.09 112.81 -76.66
N ALA RC 192 -45.70 112.91 -75.39
CA ALA RC 192 -44.35 112.56 -74.98
C ALA RC 192 -44.40 112.04 -73.55
N ALA RC 193 -43.67 110.96 -73.29
CA ALA RC 193 -43.64 110.38 -71.95
C ALA RC 193 -42.73 111.21 -71.08
N ALA RC 194 -43.26 111.72 -69.97
CA ALA RC 194 -42.51 112.59 -69.10
C ALA RC 194 -41.58 111.78 -68.22
N ALA RC 195 -40.70 112.50 -67.50
CA ALA RC 195 -39.84 111.84 -66.52
C ALA RC 195 -40.64 111.38 -65.32
N ALA RC 196 -41.67 112.12 -64.92
CA ALA RC 196 -42.64 111.64 -63.95
C ALA RC 196 -44.02 112.11 -64.39
N ALA RC 197 -44.94 111.18 -64.53
CA ALA RC 197 -46.26 111.46 -65.06
C ALA RC 197 -47.31 111.08 -64.03
N ALA RC 198 -48.38 111.88 -63.97
CA ALA RC 198 -49.52 111.54 -63.15
C ALA RC 198 -50.79 112.09 -63.78
N ALA RC 199 -51.76 111.21 -63.99
CA ALA RC 199 -52.99 111.57 -64.67
C ALA RC 199 -54.17 110.99 -63.92
N ALA RC 200 -55.18 111.80 -63.73
CA ALA RC 200 -56.40 111.39 -63.06
C ALA RC 200 -57.58 111.68 -63.98
N ALA RC 201 -58.42 110.68 -64.14
CA ALA RC 201 -59.58 110.76 -65.02
C ALA RC 201 -60.85 110.76 -64.17
N ALA RC 202 -61.78 111.63 -64.52
CA ALA RC 202 -63.09 111.73 -63.89
C ALA RC 202 -64.07 110.87 -64.70
N ALA RC 203 -65.37 111.15 -64.53
CA ALA RC 203 -66.43 110.45 -65.25
C ALA RC 203 -66.33 110.65 -66.75
N ALA RC 204 -66.22 109.52 -67.47
CA ALA RC 204 -66.16 109.41 -68.94
C ALA RC 204 -65.00 110.19 -69.54
N ALA RC 205 -63.87 110.19 -68.84
CA ALA RC 205 -62.74 111.05 -69.15
C ALA RC 205 -61.53 110.24 -69.57
N ALA RC 206 -60.79 110.74 -70.56
CA ALA RC 206 -59.75 109.95 -71.21
C ALA RC 206 -58.41 110.68 -71.19
N ALA RC 207 -57.51 110.26 -70.31
CA ALA RC 207 -56.13 110.72 -70.37
C ALA RC 207 -55.31 109.63 -71.02
N ALA RC 208 -55.46 109.50 -72.34
CA ALA RC 208 -54.79 108.45 -73.09
C ALA RC 208 -53.47 108.99 -73.63
N ALA RC 209 -52.37 108.34 -73.27
CA ALA RC 209 -51.04 108.77 -73.69
C ALA RC 209 -50.84 108.30 -75.12
N ALA RC 210 -51.31 109.12 -76.06
CA ALA RC 210 -51.36 108.74 -77.47
C ALA RC 210 -50.07 109.17 -78.19
N ALA RC 211 -48.97 108.55 -77.78
CA ALA RC 211 -47.72 108.69 -78.51
C ALA RC 211 -47.76 107.79 -79.73
N ALA RC 212 -46.89 108.10 -80.70
CA ALA RC 212 -46.81 107.31 -81.93
C ALA RC 212 -46.02 106.04 -81.65
N ALA RC 213 -46.71 104.90 -81.67
CA ALA RC 213 -46.02 103.62 -81.65
C ALA RC 213 -45.27 103.44 -82.96
N ALA RC 214 -44.20 102.65 -82.89
CA ALA RC 214 -43.06 102.64 -83.82
C ALA RC 214 -42.50 104.05 -84.01
N ALA RC 215 -41.90 104.55 -82.93
CA ALA RC 215 -40.93 105.61 -83.08
C ALA RC 215 -39.57 105.02 -83.48
N ALA RC 216 -38.58 105.89 -83.60
CA ALA RC 216 -37.22 105.41 -83.82
C ALA RC 216 -36.69 104.74 -82.56
N ALA RC 217 -36.83 105.40 -81.42
CA ALA RC 217 -36.58 104.79 -80.12
C ALA RC 217 -37.62 105.37 -79.15
N ALA RC 218 -38.77 104.72 -79.04
CA ALA RC 218 -39.77 105.11 -78.08
C ALA RC 218 -39.33 104.61 -76.72
N ALA RC 219 -39.11 105.53 -75.79
CA ALA RC 219 -38.70 105.13 -74.45
C ALA RC 219 -39.86 104.54 -73.69
N ALA RC 220 -39.65 103.41 -73.04
CA ALA RC 220 -40.72 102.73 -72.34
C ALA RC 220 -41.00 103.41 -71.02
N ALA RC 221 -42.16 103.08 -70.45
CA ALA RC 221 -42.54 103.60 -69.14
C ALA RC 221 -41.73 102.89 -68.06
N ALA RC 222 -40.88 103.64 -67.38
CA ALA RC 222 -39.98 103.08 -66.37
C ALA RC 222 -40.71 102.86 -65.06
N ALA RC 223 -39.95 102.51 -64.01
CA ALA RC 223 -40.55 102.23 -62.70
C ALA RC 223 -41.06 103.48 -62.01
N ALA RC 224 -40.53 104.65 -62.37
CA ALA RC 224 -41.01 105.90 -61.82
C ALA RC 224 -42.12 106.53 -62.66
N ALA RC 225 -42.43 105.98 -63.82
CA ALA RC 225 -43.42 106.61 -64.69
C ALA RC 225 -44.55 105.69 -65.09
N ALA RC 226 -44.57 104.44 -64.62
CA ALA RC 226 -45.61 103.51 -65.02
C ALA RC 226 -46.84 103.77 -64.19
N ALA RC 227 -47.72 104.61 -64.71
CA ALA RC 227 -49.05 104.77 -64.14
C ALA RC 227 -50.04 103.98 -64.98
N ALA RC 228 -51.20 103.72 -64.39
CA ALA RC 228 -52.23 102.92 -65.04
C ALA RC 228 -52.98 103.74 -66.09
N ALA SC 1 -34.51 124.04 -93.07
CA ALA SC 1 -35.40 125.14 -92.72
C ALA SC 1 -35.54 125.27 -91.21
N ALA SC 2 -34.41 125.29 -90.52
CA ALA SC 2 -34.39 125.35 -89.07
C ALA SC 2 -34.20 126.79 -88.59
N ALA SC 3 -33.97 126.95 -87.29
CA ALA SC 3 -33.64 128.25 -86.70
C ALA SC 3 -32.78 127.95 -85.48
N ALA SC 4 -31.46 128.05 -85.64
CA ALA SC 4 -30.55 127.73 -84.55
C ALA SC 4 -30.51 128.86 -83.53
N ALA SC 5 -30.04 128.54 -82.33
CA ALA SC 5 -29.80 129.53 -81.30
C ALA SC 5 -28.31 129.65 -81.07
N ALA SC 6 -27.92 130.75 -80.43
CA ALA SC 6 -26.52 131.11 -80.27
C ALA SC 6 -25.88 130.45 -79.06
N ALA SC 7 -26.61 129.66 -78.29
CA ALA SC 7 -26.10 129.06 -77.07
C ALA SC 7 -25.40 127.74 -77.40
N ALA SC 8 -25.11 126.94 -76.38
CA ALA SC 8 -24.54 125.62 -76.61
C ALA SC 8 -25.61 124.67 -77.16
N ALA SC 9 -25.75 124.69 -78.49
CA ALA SC 9 -26.34 123.61 -79.31
C ALA SC 9 -27.85 123.42 -79.08
N ALA SC 10 -28.62 124.49 -79.21
CA ALA SC 10 -30.07 124.40 -79.26
C ALA SC 10 -30.57 124.96 -80.58
N ALA SC 11 -31.66 124.39 -81.10
CA ALA SC 11 -32.18 124.82 -82.39
C ALA SC 11 -33.67 124.55 -82.45
N ALA SC 12 -34.45 125.59 -82.69
CA ALA SC 12 -35.84 125.34 -83.03
C ALA SC 12 -35.94 124.96 -84.51
N ALA SC 13 -37.07 124.37 -84.88
CA ALA SC 13 -37.29 123.96 -86.26
C ALA SC 13 -38.75 124.11 -86.59
N ALA SC 14 -39.03 124.62 -87.78
CA ALA SC 14 -40.39 124.98 -88.16
C ALA SC 14 -40.87 124.21 -89.37
N ALA SC 15 -40.63 122.90 -89.40
CA ALA SC 15 -41.30 122.06 -90.38
C ALA SC 15 -42.77 121.92 -90.02
N ALA SC 16 -43.06 121.34 -88.86
CA ALA SC 16 -44.33 121.56 -88.18
C ALA SC 16 -44.10 122.26 -86.85
N ALA SC 17 -43.36 121.62 -85.94
CA ALA SC 17 -42.98 122.16 -84.63
C ALA SC 17 -41.86 121.34 -84.03
N ALA SC 18 -40.72 121.97 -83.72
CA ALA SC 18 -39.66 121.29 -83.00
C ALA SC 18 -38.83 122.31 -82.23
N ALA SC 19 -38.33 121.89 -81.05
CA ALA SC 19 -37.28 122.63 -80.35
C ALA SC 19 -36.25 121.60 -79.87
N ALA SC 20 -35.30 121.26 -80.73
CA ALA SC 20 -34.38 120.18 -80.47
C ALA SC 20 -33.00 120.71 -80.10
N ALA SC 21 -32.07 119.79 -79.88
CA ALA SC 21 -30.72 120.16 -79.47
C ALA SC 21 -29.70 119.45 -80.35
N ALA SC 22 -28.69 120.20 -80.75
CA ALA SC 22 -27.58 119.70 -81.54
C ALA SC 22 -26.47 119.24 -80.61
N ALA SC 23 -25.27 119.05 -81.13
CA ALA SC 23 -24.08 118.87 -80.31
C ALA SC 23 -23.11 120.04 -80.38
N ALA SC 24 -23.00 120.67 -81.57
CA ALA SC 24 -22.12 121.82 -81.90
C ALA SC 24 -20.65 121.53 -81.62
N ALA SC 25 -20.23 120.30 -81.87
CA ALA SC 25 -18.83 119.91 -81.83
C ALA SC 25 -18.34 119.31 -83.14
N ALA SC 26 -19.21 118.62 -83.88
CA ALA SC 26 -18.90 118.17 -85.23
C ALA SC 26 -19.27 119.19 -86.28
N ALA SC 27 -20.08 120.20 -85.91
CA ALA SC 27 -20.44 121.39 -86.71
C ALA SC 27 -21.13 121.03 -88.03
N ALA SC 28 -22.27 120.33 -87.93
CA ALA SC 28 -23.07 119.99 -89.10
C ALA SC 28 -24.06 121.12 -89.34
N ALA SC 29 -23.53 122.25 -89.80
CA ALA SC 29 -24.34 123.43 -90.11
C ALA SC 29 -24.67 123.44 -91.61
N ALA SC 30 -25.33 122.38 -92.05
CA ALA SC 30 -25.68 122.23 -93.45
C ALA SC 30 -26.84 123.13 -93.85
N ALA SC 31 -27.71 123.46 -92.88
CA ALA SC 31 -28.97 124.23 -93.02
C ALA SC 31 -29.91 123.62 -94.07
N ALA SC 32 -29.92 122.29 -94.15
CA ALA SC 32 -30.68 121.57 -95.17
C ALA SC 32 -30.93 120.17 -94.62
N ALA SC 33 -32.19 119.83 -94.40
CA ALA SC 33 -32.52 118.62 -93.68
C ALA SC 33 -33.93 118.20 -94.05
N ALA SC 34 -34.35 117.06 -93.51
CA ALA SC 34 -35.74 116.60 -93.57
C ALA SC 34 -36.22 116.57 -92.12
N ALA SC 35 -36.73 117.70 -91.65
CA ALA SC 35 -37.21 117.82 -90.28
C ALA SC 35 -38.63 117.27 -90.18
N ALA SC 36 -38.86 116.44 -89.17
CA ALA SC 36 -40.15 115.77 -89.01
C ALA SC 36 -40.66 115.98 -87.60
N ALA SC 37 -41.95 115.71 -87.41
CA ALA SC 37 -42.58 115.74 -86.09
C ALA SC 37 -42.57 114.37 -85.43
N ALA SC 38 -41.39 113.76 -85.39
CA ALA SC 38 -41.11 112.55 -84.64
C ALA SC 38 -39.73 112.67 -84.01
N ALA SC 39 -39.30 113.92 -83.76
CA ALA SC 39 -38.01 114.34 -83.19
C ALA SC 39 -36.83 113.81 -84.01
N ALA SC 40 -36.76 114.28 -85.26
CA ALA SC 40 -35.70 113.81 -86.16
C ALA SC 40 -35.37 114.95 -87.11
N ALA SC 41 -34.25 115.64 -86.83
CA ALA SC 41 -33.69 116.61 -87.77
C ALA SC 41 -32.59 115.89 -88.53
N ALA SC 42 -32.98 115.21 -89.61
CA ALA SC 42 -32.07 114.38 -90.39
C ALA SC 42 -31.32 115.27 -91.38
N ALA SC 43 -30.12 115.71 -90.99
CA ALA SC 43 -29.34 116.65 -91.77
C ALA SC 43 -28.53 115.92 -92.83
N ALA SC 44 -27.62 116.65 -93.48
CA ALA SC 44 -26.77 116.05 -94.50
C ALA SC 44 -25.70 115.18 -93.88
N ALA SC 45 -25.15 115.58 -92.73
CA ALA SC 45 -24.13 114.79 -92.08
C ALA SC 45 -24.74 113.67 -91.25
N ALA SC 46 -25.53 114.02 -90.24
CA ALA SC 46 -26.09 113.06 -89.31
C ALA SC 46 -27.52 113.46 -88.99
N ALA SC 47 -28.08 112.86 -87.95
CA ALA SC 47 -29.44 113.15 -87.51
C ALA SC 47 -29.42 113.73 -86.10
N ALA SC 48 -30.32 114.67 -85.86
CA ALA SC 48 -30.42 115.36 -84.58
C ALA SC 48 -31.83 115.21 -84.02
N ALA SC 49 -31.92 115.15 -82.71
CA ALA SC 49 -33.19 114.95 -82.02
C ALA SC 49 -33.27 115.90 -80.83
N ALA SC 50 -34.42 115.88 -80.16
CA ALA SC 50 -34.58 116.60 -78.90
C ALA SC 50 -33.81 115.84 -77.83
N ALA SC 51 -32.65 116.38 -77.44
CA ALA SC 51 -31.72 115.64 -76.58
C ALA SC 51 -32.20 115.65 -75.14
N ALA SC 52 -31.87 114.56 -74.44
CA ALA SC 52 -32.23 114.42 -73.04
C ALA SC 52 -31.18 113.62 -72.29
N ALA TC 1 -64.43 64.54 -56.17
CA ALA TC 1 -63.61 64.31 -57.35
C ALA TC 1 -64.10 65.18 -58.50
N ALA TC 2 -64.26 64.59 -59.68
CA ALA TC 2 -64.83 65.32 -60.81
C ALA TC 2 -66.33 65.47 -60.59
N ALA TC 3 -66.73 66.55 -59.93
CA ALA TC 3 -68.08 66.70 -59.45
C ALA TC 3 -68.84 67.66 -60.33
N ALA TC 4 -70.07 67.26 -60.65
CA ALA TC 4 -71.20 68.03 -61.21
C ALA TC 4 -71.05 68.40 -62.68
N ALA TC 5 -69.87 68.22 -63.30
CA ALA TC 5 -69.84 68.28 -64.76
C ALA TC 5 -70.47 67.01 -65.31
N ALA TC 6 -69.83 65.88 -65.02
CA ALA TC 6 -70.39 64.55 -65.09
C ALA TC 6 -69.55 63.70 -64.16
N ALA TC 7 -69.66 62.39 -64.27
CA ALA TC 7 -68.70 61.55 -63.58
C ALA TC 7 -67.38 61.50 -64.35
N ALA TC 8 -66.37 60.95 -63.68
CA ALA TC 8 -65.04 60.85 -64.26
C ALA TC 8 -65.01 59.80 -65.36
N ALA TC 9 -64.70 60.20 -66.58
CA ALA TC 9 -64.77 59.26 -67.70
C ALA TC 9 -63.52 58.40 -67.76
N ALA TC 10 -62.37 59.00 -68.00
CA ALA TC 10 -61.11 58.28 -68.08
C ALA TC 10 -60.19 58.80 -66.98
N ALA TC 11 -58.96 58.34 -67.01
CA ALA TC 11 -57.90 58.89 -66.16
C ALA TC 11 -56.69 59.02 -67.06
N ALA TC 12 -56.53 60.19 -67.67
CA ALA TC 12 -55.49 60.40 -68.67
C ALA TC 12 -54.14 60.48 -68.00
N ALA TC 13 -53.26 59.53 -68.33
CA ALA TC 13 -51.91 59.57 -67.83
C ALA TC 13 -51.15 60.69 -68.51
N ALA TC 14 -50.11 61.17 -67.81
CA ALA TC 14 -49.43 62.46 -68.00
C ALA TC 14 -50.39 63.65 -67.94
N ALA TC 15 -51.42 63.54 -67.13
CA ALA TC 15 -52.44 64.58 -66.98
C ALA TC 15 -53.19 64.34 -65.66
N ALA TC 16 -54.27 65.10 -65.49
CA ALA TC 16 -55.21 64.95 -64.41
C ALA TC 16 -56.31 63.98 -64.84
N ALA TC 17 -57.34 63.81 -64.02
CA ALA TC 17 -58.46 62.96 -64.38
C ALA TC 17 -59.32 63.65 -65.44
N ALA TC 18 -59.98 62.85 -66.24
CA ALA TC 18 -60.78 63.35 -67.36
C ALA TC 18 -62.24 63.12 -67.06
N ALA TC 19 -62.95 64.19 -66.72
CA ALA TC 19 -64.38 64.11 -66.50
C ALA TC 19 -65.11 63.94 -67.83
N ALA TC 20 -66.37 63.52 -67.76
CA ALA TC 20 -67.13 63.28 -68.97
C ALA TC 20 -67.85 64.52 -69.50
N ALA TC 21 -67.40 65.71 -69.09
CA ALA TC 21 -67.55 66.91 -69.89
C ALA TC 21 -66.18 67.43 -70.34
N ALA TC 22 -65.28 67.71 -69.41
CA ALA TC 22 -64.00 68.37 -69.69
C ALA TC 22 -62.88 67.75 -68.86
N ALA TC 23 -61.73 68.41 -68.77
CA ALA TC 23 -60.61 67.90 -67.99
C ALA TC 23 -60.72 68.42 -66.56
N ALA TC 24 -60.64 67.51 -65.59
CA ALA TC 24 -60.93 67.87 -64.21
C ALA TC 24 -59.73 68.53 -63.56
N ALA TC 25 -59.91 68.94 -62.31
CA ALA TC 25 -58.85 69.54 -61.53
C ALA TC 25 -58.26 68.57 -60.52
N ALA TC 26 -58.70 67.32 -60.53
CA ALA TC 26 -58.19 66.32 -59.61
C ALA TC 26 -57.12 65.49 -60.31
N ALA TC 27 -55.97 65.33 -59.66
CA ALA TC 27 -54.82 64.71 -60.30
C ALA TC 27 -54.99 63.20 -60.37
N ALA TC 28 -54.72 62.64 -61.56
CA ALA TC 28 -54.94 61.22 -61.78
C ALA TC 28 -53.79 60.39 -61.25
N ALA TC 29 -52.58 60.61 -61.78
CA ALA TC 29 -51.42 59.81 -61.44
C ALA TC 29 -50.57 60.53 -60.40
N ALA TC 30 -49.48 59.88 -59.99
CA ALA TC 30 -48.51 60.53 -59.13
C ALA TC 30 -47.65 61.51 -59.91
N ALA TC 31 -47.51 61.30 -61.22
CA ALA TC 31 -46.55 62.02 -62.03
C ALA TC 31 -47.18 63.15 -62.83
N ALA TC 32 -48.24 63.75 -62.32
CA ALA TC 32 -48.80 64.94 -62.95
C ALA TC 32 -48.12 66.17 -62.40
N ALA TC 33 -48.51 67.36 -62.87
CA ALA TC 33 -47.84 68.59 -62.48
C ALA TC 33 -48.50 69.22 -61.25
N ALA TC 34 -48.52 68.47 -60.16
CA ALA TC 34 -49.08 68.94 -58.90
C ALA TC 34 -48.12 69.92 -58.26
N ALA TC 35 -48.63 71.07 -57.80
CA ALA TC 35 -47.80 72.18 -57.34
C ALA TC 35 -47.25 71.91 -55.96
N ALA TC 36 -46.23 71.05 -55.91
CA ALA TC 36 -45.44 70.92 -54.70
C ALA TC 36 -44.55 72.14 -54.61
N ALA TC 37 -44.58 72.80 -53.46
CA ALA TC 37 -43.61 73.85 -53.19
C ALA TC 37 -43.12 73.79 -51.76
N ALA TC 38 -43.71 72.96 -50.90
CA ALA TC 38 -43.24 72.77 -49.53
C ALA TC 38 -43.02 71.28 -49.33
N ALA TC 39 -41.76 70.87 -49.31
CA ALA TC 39 -41.44 69.48 -49.04
C ALA TC 39 -41.46 69.23 -47.53
N ALA TC 40 -41.38 67.96 -47.16
CA ALA TC 40 -41.32 67.58 -45.75
C ALA TC 40 -40.35 66.40 -45.66
N ALA TC 41 -39.08 66.69 -45.42
CA ALA TC 41 -38.06 65.65 -45.36
C ALA TC 41 -36.89 66.14 -44.53
N ALA TC 42 -36.21 65.18 -43.90
CA ALA TC 42 -34.94 65.47 -43.26
C ALA TC 42 -33.87 65.59 -44.34
N ALA TC 43 -33.11 66.70 -44.26
CA ALA TC 43 -32.00 67.06 -45.13
C ALA TC 43 -32.41 67.15 -46.61
N ALA TC 44 -33.63 67.62 -46.85
CA ALA TC 44 -34.01 67.98 -48.21
C ALA TC 44 -33.28 69.25 -48.60
N ALA TC 45 -32.88 69.31 -49.89
CA ALA TC 45 -32.20 70.35 -50.66
C ALA TC 45 -30.71 70.49 -50.30
N ALA TC 46 -30.26 69.77 -49.29
CA ALA TC 46 -28.96 69.12 -49.30
C ALA TC 46 -29.23 67.70 -49.75
N ALA TC 47 -28.24 66.81 -49.68
CA ALA TC 47 -28.51 65.43 -50.03
C ALA TC 47 -29.20 64.73 -48.87
N ALA TC 48 -29.73 63.54 -49.14
CA ALA TC 48 -30.66 62.84 -48.25
C ALA TC 48 -29.98 62.33 -46.99
N ALA TC 49 -30.79 61.73 -46.10
CA ALA TC 49 -30.29 61.24 -44.82
C ALA TC 49 -29.49 59.96 -45.02
N ALA TC 50 -28.20 60.01 -44.65
CA ALA TC 50 -27.31 58.86 -44.78
C ALA TC 50 -27.72 57.83 -43.74
N ALA TC 51 -28.38 56.77 -44.20
CA ALA TC 51 -29.17 55.90 -43.33
C ALA TC 51 -28.36 54.96 -42.46
N ALA TC 52 -27.05 54.84 -42.70
CA ALA TC 52 -26.24 53.88 -41.97
C ALA TC 52 -25.89 54.31 -40.56
N ALA TC 53 -26.10 55.58 -40.21
CA ALA TC 53 -25.73 56.08 -38.90
C ALA TC 53 -26.72 55.63 -37.84
N ALA TC 54 -26.21 55.35 -36.64
CA ALA TC 54 -27.01 55.09 -35.45
C ALA TC 54 -26.35 55.83 -34.30
N ALA TC 55 -26.71 57.09 -34.14
CA ALA TC 55 -26.13 57.96 -33.12
C ALA TC 55 -27.18 58.99 -32.74
N ALA TC 56 -26.76 60.07 -32.11
CA ALA TC 56 -27.69 61.14 -31.76
C ALA TC 56 -28.04 61.99 -32.97
N ALA TC 57 -27.04 62.50 -33.67
CA ALA TC 57 -27.24 63.43 -34.76
C ALA TC 57 -27.71 62.71 -36.02
N ALA TC 58 -28.25 63.49 -36.95
CA ALA TC 58 -28.68 63.00 -38.25
C ALA TC 58 -27.78 63.61 -39.31
N ALA TC 59 -27.00 62.78 -39.98
CA ALA TC 59 -26.05 63.25 -40.97
C ALA TC 59 -26.62 63.10 -42.37
N ALA TC 60 -26.47 64.13 -43.17
CA ALA TC 60 -26.91 64.07 -44.56
C ALA TC 60 -25.91 63.29 -45.39
N ALA TC 61 -26.32 62.91 -46.60
CA ALA TC 61 -25.41 62.23 -47.53
C ALA TC 61 -24.41 63.18 -48.16
N ALA TC 62 -24.61 64.50 -48.05
CA ALA TC 62 -23.60 65.48 -48.39
C ALA TC 62 -22.78 65.90 -47.18
N ALA TC 63 -22.81 65.07 -46.11
CA ALA TC 63 -22.03 65.20 -44.88
C ALA TC 63 -22.29 66.50 -44.13
N ALA TC 64 -23.52 66.97 -44.18
CA ALA TC 64 -23.97 68.01 -43.28
C ALA TC 64 -24.77 67.36 -42.16
N ALA TC 65 -24.70 67.94 -40.98
CA ALA TC 65 -25.48 67.46 -39.85
C ALA TC 65 -26.80 68.21 -39.83
N ALA TC 66 -27.90 67.48 -39.96
CA ALA TC 66 -29.23 68.07 -39.94
C ALA TC 66 -29.56 68.41 -38.50
N ALA TC 67 -29.16 69.60 -38.08
CA ALA TC 67 -29.35 70.02 -36.70
C ALA TC 67 -30.79 70.42 -36.43
N ALA TC 68 -31.57 70.69 -37.47
CA ALA TC 68 -33.00 70.91 -37.34
C ALA TC 68 -33.80 69.62 -37.23
N ALA TC 69 -33.17 68.45 -37.36
CA ALA TC 69 -33.87 67.20 -37.21
C ALA TC 69 -33.14 66.21 -36.32
N ALA TC 70 -32.19 66.66 -35.51
CA ALA TC 70 -31.46 65.77 -34.62
C ALA TC 70 -32.03 65.82 -33.21
N LYS UC 24 -55.03 110.33 -27.72
CA LYS UC 24 -54.61 109.15 -28.47
C LYS UC 24 -53.41 109.46 -29.33
N PHE UC 25 -52.36 108.65 -29.20
CA PHE UC 25 -51.12 108.86 -29.92
C PHE UC 25 -50.83 107.68 -30.81
N LYS UC 26 -50.45 107.97 -32.05
CA LYS UC 26 -50.19 106.94 -33.05
C LYS UC 26 -49.12 107.44 -34.00
N LYS UC 27 -48.13 106.60 -34.24
CA LYS UC 27 -47.22 106.74 -35.37
C LYS UC 27 -47.92 106.30 -36.64
N PRO UC 28 -47.52 106.79 -37.82
CA PRO UC 28 -48.31 106.52 -39.05
C PRO UC 28 -48.30 105.07 -39.51
N PRO UC 29 -47.14 104.37 -39.79
CA PRO UC 29 -47.30 103.07 -40.44
C PRO UC 29 -47.57 101.95 -39.45
N ILE UC 30 -48.84 101.56 -39.35
CA ILE UC 30 -49.21 100.42 -38.55
C ILE UC 30 -49.48 99.34 -39.59
N ASN UC 31 -48.45 98.57 -39.87
CA ASN UC 31 -48.49 97.57 -40.92
C ASN UC 31 -48.94 96.24 -40.32
N ASN UC 32 -48.73 95.16 -41.05
CA ASN UC 32 -49.04 93.84 -40.56
C ASN UC 32 -48.02 93.39 -39.52
N PRO UC 33 -48.33 92.35 -38.76
CA PRO UC 33 -47.27 91.73 -37.96
C PRO UC 33 -46.27 90.98 -38.82
N SER UC 34 -45.03 91.44 -38.84
CA SER UC 34 -43.94 90.69 -39.44
C SER UC 34 -43.43 89.63 -38.47
N ASP UC 35 -42.63 88.71 -38.99
CA ASP UC 35 -41.90 87.79 -38.14
C ASP UC 35 -40.41 87.90 -38.36
N ASP UC 36 -39.72 87.19 -37.46
CA ASP UC 36 -38.26 87.17 -37.31
C ASP UC 36 -37.54 86.72 -38.57
N ALA UC 37 -38.17 85.84 -39.36
CA ALA UC 37 -37.56 85.33 -40.59
C ALA UC 37 -37.43 86.41 -41.64
N THR UC 38 -38.50 87.13 -41.92
CA THR UC 38 -38.38 88.20 -42.88
C THR UC 38 -37.75 89.46 -42.31
N ILE UC 39 -37.70 89.61 -40.97
CA ILE UC 39 -36.85 90.66 -40.38
C ILE UC 39 -35.39 90.44 -40.73
N LYS UC 40 -34.88 89.24 -40.47
CA LYS UC 40 -33.46 89.03 -40.72
C LYS UC 40 -33.15 88.77 -42.18
N LEU UC 41 -34.15 88.30 -42.94
CA LEU UC 41 -34.02 88.24 -44.39
C LEU UC 41 -33.93 89.62 -45.01
N ALA UC 42 -34.71 90.58 -44.49
CA ALA UC 42 -34.66 91.93 -45.01
C ALA UC 42 -33.35 92.62 -44.65
N GLU UC 43 -32.88 92.44 -43.41
CA GLU UC 43 -31.64 93.13 -43.08
C GLU UC 43 -30.40 92.41 -43.61
N ALA UC 44 -30.53 91.19 -44.11
CA ALA UC 44 -29.50 90.68 -45.00
C ALA UC 44 -29.64 91.24 -46.40
N ALA UC 45 -30.88 91.37 -46.86
CA ALA UC 45 -31.16 91.70 -48.25
C ALA UC 45 -30.76 93.13 -48.57
N VAL UC 46 -30.77 94.02 -47.59
CA VAL UC 46 -30.30 95.35 -47.87
C VAL UC 46 -28.78 95.47 -47.89
N SER UC 47 -28.08 94.60 -47.14
CA SER UC 47 -26.63 94.63 -47.21
C SER UC 47 -26.13 93.99 -48.48
N VAL UC 48 -26.87 92.99 -48.97
CA VAL UC 48 -26.47 92.45 -50.26
C VAL UC 48 -26.91 93.39 -51.38
N SER UC 49 -27.94 94.22 -51.11
CA SER UC 49 -28.39 95.22 -52.08
C SER UC 49 -27.40 96.36 -52.25
N ASP UC 50 -26.75 96.77 -51.16
CA ASP UC 50 -25.83 97.90 -51.36
C ASP UC 50 -24.37 97.50 -51.56
N SER UC 51 -23.97 96.27 -51.16
CA SER UC 51 -22.73 95.68 -51.71
C SER UC 51 -22.86 95.49 -53.21
N MET UC 52 -24.05 95.19 -53.61
CA MET UC 52 -24.36 95.04 -54.98
C MET UC 52 -24.34 96.30 -55.79
N LEU UC 53 -24.98 97.31 -55.22
CA LEU UC 53 -25.02 98.62 -55.79
C LEU UC 53 -23.62 99.22 -55.90
N GLU UC 54 -22.76 98.96 -54.89
CA GLU UC 54 -21.41 99.50 -54.83
C GLU UC 54 -20.57 98.95 -55.96
N MET UC 55 -20.72 97.68 -56.30
CA MET UC 55 -19.85 97.23 -57.37
C MET UC 55 -20.44 97.37 -58.76
N ALA UC 56 -21.77 97.49 -58.89
CA ALA UC 56 -22.33 97.88 -60.18
C ALA UC 56 -21.89 99.29 -60.56
N LYS UC 57 -21.79 100.17 -59.55
CA LYS UC 57 -21.13 101.46 -59.69
C LYS UC 57 -19.66 101.32 -60.12
N VAL UC 58 -18.93 100.38 -59.49
CA VAL UC 58 -17.51 100.14 -59.79
C VAL UC 58 -17.29 99.69 -61.23
N GLU UC 59 -18.11 98.75 -61.70
CA GLU UC 59 -17.89 98.19 -63.03
C GLU UC 59 -18.33 99.16 -64.11
N LYS UC 60 -19.42 99.88 -63.87
CA LYS UC 60 -19.86 100.84 -64.86
C LYS UC 60 -19.00 102.09 -64.90
N VAL UC 61 -18.17 102.33 -63.89
CA VAL UC 61 -17.18 103.39 -64.07
C VAL UC 61 -15.83 102.88 -64.56
N ILE UC 62 -15.49 101.60 -64.34
CA ILE UC 62 -14.19 101.12 -64.78
C ILE UC 62 -14.20 100.64 -66.23
N THR UC 63 -15.35 100.22 -66.76
CA THR UC 63 -15.49 100.32 -68.18
C THR UC 63 -16.83 101.01 -68.46
N PRO UC 64 -16.82 102.11 -69.20
CA PRO UC 64 -18.07 102.72 -69.60
C PRO UC 64 -18.79 101.86 -70.62
N PRO UC 65 -20.08 101.63 -70.45
CA PRO UC 65 -20.87 101.00 -71.51
C PRO UC 65 -21.06 101.99 -72.66
N SER UC 66 -20.44 101.72 -73.80
CA SER UC 66 -20.53 102.64 -74.91
C SER UC 66 -21.86 102.56 -75.64
N LYS UC 67 -22.48 101.39 -75.65
CA LYS UC 67 -23.60 101.12 -76.54
C LYS UC 67 -24.72 100.44 -75.77
N ASP UC 68 -25.93 100.63 -76.25
CA ASP UC 68 -27.11 99.96 -75.72
C ASP UC 68 -27.33 98.65 -76.48
N ASN UC 69 -28.53 98.08 -76.39
CA ASN UC 69 -28.90 97.03 -77.32
C ASN UC 69 -30.18 97.38 -78.09
N THR UC 70 -30.59 98.65 -78.07
CA THR UC 70 -31.74 99.04 -78.87
C THR UC 70 -31.40 99.16 -80.34
N LEU UC 71 -30.11 99.24 -80.67
CA LEU UC 71 -29.71 99.22 -82.06
C LEU UC 71 -29.78 97.82 -82.63
N THR UC 72 -29.68 96.79 -81.79
CA THR UC 72 -29.81 95.41 -82.28
C THR UC 72 -31.15 94.78 -81.98
N ILE UC 73 -31.92 95.34 -81.06
CA ILE UC 73 -33.33 95.01 -80.91
C ILE UC 73 -34.04 96.34 -81.11
N PRO UC 74 -34.48 96.69 -82.30
CA PRO UC 74 -35.25 97.93 -82.42
C PRO UC 74 -36.74 97.65 -82.30
N ASN UC 75 -37.47 98.67 -81.87
CA ASN UC 75 -38.89 98.46 -81.62
C ASN UC 75 -39.69 98.40 -82.91
N ALA UC 76 -40.92 97.94 -82.79
CA ALA UC 76 -41.81 97.95 -83.93
C ALA UC 76 -43.22 98.19 -83.46
N TYR UC 77 -44.00 98.81 -84.32
CA TYR UC 77 -45.42 98.66 -84.24
C TYR UC 77 -45.77 97.23 -84.55
N ASN UC 78 -46.43 96.60 -83.58
CA ASN UC 78 -46.87 95.24 -83.20
C ASN UC 78 -45.76 94.54 -82.42
N LEU UC 79 -44.63 95.20 -82.18
CA LEU UC 79 -43.79 94.86 -81.04
C LEU UC 79 -44.09 95.74 -79.85
N GLN UC 80 -44.91 96.77 -80.01
CA GLN UC 80 -45.26 97.68 -78.93
C GLN UC 80 -46.44 97.21 -78.10
N ALA UC 81 -46.82 95.93 -78.21
CA ALA UC 81 -47.68 95.32 -77.23
C ALA UC 81 -46.95 95.18 -75.91
N ARG UC 82 -47.71 95.09 -74.84
CA ARG UC 82 -47.09 95.02 -73.52
C ARG UC 82 -47.22 93.60 -73.01
N ALA UC 83 -46.37 93.25 -72.06
CA ALA UC 83 -46.58 92.03 -71.32
C ALA UC 83 -46.08 92.20 -69.90
N SER UC 84 -46.48 91.26 -69.07
CA SER UC 84 -46.05 91.17 -67.69
C SER UC 84 -45.67 89.72 -67.54
N VAL UC 85 -44.53 89.43 -66.91
CA VAL UC 85 -43.97 88.08 -66.91
C VAL UC 85 -43.14 87.80 -65.64
N ASP UC 86 -43.51 86.73 -64.93
CA ASP UC 86 -42.55 86.08 -64.07
C ASP UC 86 -42.17 84.72 -64.64
N TRP UC 87 -40.90 84.37 -64.47
CA TRP UC 87 -40.30 83.30 -65.24
C TRP UC 87 -38.94 82.94 -64.68
N SER UC 88 -38.64 81.65 -64.71
CA SER UC 88 -37.32 81.21 -64.29
C SER UC 88 -36.76 80.09 -65.15
N GLY UC 89 -37.41 79.74 -66.25
CA GLY UC 89 -36.97 78.63 -67.05
C GLY UC 89 -35.92 78.99 -68.07
N PRO UC 90 -35.71 78.13 -69.05
CA PRO UC 90 -34.76 78.43 -70.12
C PRO UC 90 -35.33 79.44 -71.09
N ILE UC 91 -34.45 79.93 -71.95
CA ILE UC 91 -34.72 81.14 -72.68
C ILE UC 91 -35.62 80.95 -73.90
N GLU UC 92 -35.58 79.79 -74.55
CA GLU UC 92 -36.11 79.69 -75.90
C GLU UC 92 -37.60 79.51 -75.91
N GLU UC 93 -38.14 78.87 -74.87
CA GLU UC 93 -39.57 78.70 -74.77
C GLU UC 93 -40.24 80.02 -74.46
N LEU UC 94 -39.56 80.87 -73.69
CA LEU UC 94 -40.08 82.19 -73.38
C LEU UC 94 -40.07 83.06 -74.62
N THR UC 95 -38.93 83.11 -75.33
CA THR UC 95 -38.83 84.00 -76.47
C THR UC 95 -39.63 83.52 -77.66
N ALA UC 96 -39.89 82.22 -77.74
CA ALA UC 96 -40.89 81.70 -78.67
C ALA UC 96 -42.28 82.20 -78.31
N ARG UC 97 -42.60 82.27 -77.01
CA ARG UC 97 -43.90 82.82 -76.61
C ARG UC 97 -44.01 84.32 -76.87
N ILE UC 98 -42.89 85.07 -76.70
CA ILE UC 98 -42.87 86.51 -77.00
C ILE UC 98 -43.04 86.76 -78.47
N ALA UC 99 -42.34 86.01 -79.32
CA ALA UC 99 -42.44 86.22 -80.75
C ALA UC 99 -43.75 85.72 -81.32
N LYS UC 100 -44.33 84.68 -80.71
CA LYS UC 100 -45.67 84.21 -81.08
C LYS UC 100 -46.71 85.26 -80.78
N ALA UC 101 -46.63 85.93 -79.64
CA ALA UC 101 -47.60 86.97 -79.39
C ALA UC 101 -47.16 88.32 -79.94
N ALA UC 102 -45.98 88.42 -80.52
CA ALA UC 102 -45.59 89.57 -81.29
C ALA UC 102 -45.91 89.41 -82.77
N HIS UC 103 -46.37 88.21 -83.16
CA HIS UC 103 -46.53 87.76 -84.55
C HIS UC 103 -45.23 87.88 -85.32
N PHE UC 104 -44.14 87.47 -84.66
CA PHE UC 104 -42.84 87.42 -85.28
C PHE UC 104 -42.43 85.96 -85.40
N ARG UC 105 -41.86 85.60 -86.53
CA ARG UC 105 -41.32 84.26 -86.66
C ARG UC 105 -40.04 84.15 -85.84
N PHE UC 106 -39.94 83.10 -85.05
CA PHE UC 106 -38.85 82.96 -84.11
C PHE UC 106 -37.87 81.92 -84.63
N ARG UC 107 -36.59 82.28 -84.59
CA ARG UC 107 -35.52 81.47 -85.15
C ARG UC 107 -34.37 81.42 -84.16
N VAL UC 108 -33.83 80.22 -83.93
CA VAL UC 108 -32.58 80.11 -83.21
C VAL UC 108 -31.44 80.00 -84.21
N LEU UC 109 -30.27 80.44 -83.74
CA LEU UC 109 -29.00 80.34 -84.46
C LEU UC 109 -27.99 79.82 -83.47
N GLY UC 110 -27.35 78.72 -83.78
CA GLY UC 110 -26.42 78.21 -82.82
C GLY UC 110 -27.10 77.11 -82.05
N LYS UC 111 -26.37 76.05 -81.73
CA LYS UC 111 -26.97 74.99 -80.97
C LYS UC 111 -26.95 75.37 -79.50
N SER UC 112 -28.01 75.02 -78.81
CA SER UC 112 -28.14 75.28 -77.39
C SER UC 112 -27.13 74.44 -76.63
N PRO UC 113 -26.52 74.99 -75.58
CA PRO UC 113 -25.58 74.20 -74.78
C PRO UC 113 -26.30 73.19 -73.92
N SER UC 114 -25.54 72.23 -73.43
CA SER UC 114 -26.10 71.13 -72.66
C SER UC 114 -26.53 71.56 -71.28
N VAL UC 115 -25.74 72.42 -70.66
CA VAL UC 115 -26.29 73.21 -69.56
C VAL UC 115 -27.31 74.18 -70.15
N PRO UC 116 -28.46 74.35 -69.52
CA PRO UC 116 -29.40 75.34 -70.03
C PRO UC 116 -28.90 76.71 -69.69
N VAL UC 117 -29.12 77.63 -70.61
CA VAL UC 117 -29.02 79.04 -70.25
C VAL UC 117 -30.37 79.48 -69.69
N LEU UC 118 -30.34 79.83 -68.43
CA LEU UC 118 -31.56 80.05 -67.66
C LEU UC 118 -31.65 81.54 -67.40
N ILE UC 119 -32.76 82.13 -67.79
CA ILE UC 119 -33.08 83.47 -67.41
C ILE UC 119 -34.15 83.40 -66.34
N SER UC 120 -34.41 84.54 -65.70
CA SER UC 120 -35.49 84.61 -64.72
C SER UC 120 -36.03 86.03 -64.77
N ILE UC 121 -37.04 86.25 -65.58
CA ILE UC 121 -37.62 87.58 -65.73
C ILE UC 121 -38.73 87.68 -64.72
N SER UC 122 -38.65 88.64 -63.80
CA SER UC 122 -39.79 88.95 -62.96
C SER UC 122 -40.05 90.44 -63.11
N THR UC 123 -40.90 90.79 -64.07
CA THR UC 123 -41.29 92.18 -64.23
C THR UC 123 -42.77 92.25 -64.54
N LYS UC 124 -43.29 93.47 -64.44
CA LYS UC 124 -44.70 93.74 -64.63
C LYS UC 124 -44.85 94.98 -65.48
N ASP UC 125 -45.60 94.83 -66.59
CA ASP UC 125 -45.94 95.86 -67.58
C ASP UC 125 -44.66 96.46 -68.18
N GLU UC 126 -43.97 95.66 -68.97
CA GLU UC 126 -43.04 96.25 -69.91
C GLU UC 126 -43.51 95.95 -71.32
N SER UC 127 -43.04 96.75 -72.27
CA SER UC 127 -43.30 96.46 -73.66
C SER UC 127 -42.43 95.29 -74.07
N LEU UC 128 -42.88 94.59 -75.13
CA LEU UC 128 -42.25 93.37 -75.61
C LEU UC 128 -40.82 93.58 -76.07
N ALA UC 129 -40.52 94.75 -76.61
CA ALA UC 129 -39.17 95.10 -77.02
C ALA UC 129 -38.23 95.26 -75.82
N GLU UC 130 -38.70 95.92 -74.75
CA GLU UC 130 -37.85 96.02 -73.57
C GLU UC 130 -37.81 94.74 -72.75
N ILE UC 131 -38.83 93.88 -72.88
CA ILE UC 131 -38.72 92.54 -72.31
C ILE UC 131 -37.62 91.75 -73.01
N LEU UC 132 -37.60 91.76 -74.35
CA LEU UC 132 -36.55 91.08 -75.12
C LEU UC 132 -35.17 91.68 -74.91
N ARG UC 133 -35.10 92.98 -74.63
CA ARG UC 133 -33.84 93.55 -74.22
C ARG UC 133 -33.40 93.10 -72.83
N ASP UC 134 -34.35 92.93 -71.90
CA ASP UC 134 -34.02 92.40 -70.56
C ASP UC 134 -33.56 90.95 -70.62
N ILE UC 135 -34.17 90.16 -71.50
CA ILE UC 135 -33.76 88.80 -71.80
C ILE UC 135 -32.35 88.75 -72.35
N ASP UC 136 -32.08 89.63 -73.32
CA ASP UC 136 -30.76 89.73 -73.96
C ASP UC 136 -29.69 90.14 -72.98
N TYR UC 137 -30.06 90.99 -72.02
CA TYR UC 137 -29.10 91.37 -71.00
C TYR UC 137 -28.87 90.27 -69.99
N GLN UC 138 -29.94 89.61 -69.53
CA GLN UC 138 -29.82 88.58 -68.51
C GLN UC 138 -29.14 87.33 -69.05
N ALA UC 139 -29.27 87.06 -70.33
CA ALA UC 139 -28.44 86.05 -70.97
C ALA UC 139 -27.19 86.70 -71.58
N GLY UC 140 -26.37 87.30 -70.71
CA GLY UC 140 -25.18 87.96 -71.17
C GLY UC 140 -24.09 86.95 -71.49
N LYS UC 141 -23.58 87.02 -72.73
CA LYS UC 141 -22.47 86.25 -73.31
C LYS UC 141 -22.83 84.74 -73.45
N LYS UC 142 -24.09 84.37 -73.23
CA LYS UC 142 -24.49 82.98 -73.39
C LYS UC 142 -25.43 82.94 -74.57
N ALA UC 143 -26.16 84.03 -74.76
CA ALA UC 143 -27.07 84.13 -75.88
C ALA UC 143 -27.19 85.59 -76.27
N SER UC 144 -27.95 85.83 -77.33
CA SER UC 144 -28.23 87.19 -77.77
C SER UC 144 -29.56 87.17 -78.49
N ILE UC 145 -30.36 88.20 -78.27
CA ILE UC 145 -31.61 88.36 -78.96
C ILE UC 145 -31.41 89.41 -80.04
N HIS UC 146 -31.79 89.08 -81.27
CA HIS UC 146 -31.78 90.05 -82.35
C HIS UC 146 -33.18 90.11 -82.94
N VAL UC 147 -33.62 91.31 -83.30
CA VAL UC 147 -34.94 91.49 -83.90
C VAL UC 147 -34.71 92.18 -85.22
N TYR UC 148 -35.33 91.68 -86.28
CA TYR UC 148 -35.19 92.29 -87.60
C TYR UC 148 -36.57 92.80 -88.01
N PRO UC 149 -36.87 94.09 -87.81
CA PRO UC 149 -38.26 94.55 -87.96
C PRO UC 149 -38.71 94.94 -89.35
N ASN UC 150 -37.85 95.01 -90.36
CA ASN UC 150 -38.41 95.13 -91.70
C ASN UC 150 -38.92 93.79 -92.21
N SER UC 151 -38.35 92.70 -91.71
CA SER UC 151 -38.98 91.40 -91.76
C SER UC 151 -39.80 91.23 -90.49
N GLN UC 152 -40.29 90.04 -90.19
CA GLN UC 152 -40.90 89.82 -88.88
C GLN UC 152 -40.16 88.64 -88.27
N VAL UC 153 -38.96 88.89 -87.76
CA VAL UC 153 -38.07 87.82 -87.28
C VAL UC 153 -37.55 88.21 -85.91
N VAL UC 154 -37.81 87.37 -84.91
CA VAL UC 154 -37.09 87.41 -83.64
C VAL UC 154 -36.13 86.24 -83.65
N GLU UC 155 -34.86 86.52 -83.41
CA GLU UC 155 -33.87 85.48 -83.34
C GLU UC 155 -33.29 85.41 -81.95
N LEU UC 156 -32.89 84.21 -81.60
CA LEU UC 156 -32.03 84.01 -80.46
C LEU UC 156 -30.81 83.31 -81.03
N ARG UC 157 -29.63 83.82 -80.75
CA ARG UC 157 -28.41 83.14 -81.12
C ARG UC 157 -27.70 82.70 -79.85
N TYR UC 158 -27.30 81.44 -79.82
CA TYR UC 158 -26.54 80.96 -78.69
C TYR UC 158 -25.06 81.29 -78.89
N ALA UC 159 -24.28 81.08 -77.84
CA ALA UC 159 -22.89 81.49 -77.88
C ALA UC 159 -22.03 80.47 -78.59
N LYS UC 160 -20.75 80.79 -78.69
CA LYS UC 160 -19.81 80.10 -79.56
C LYS UC 160 -18.96 79.08 -78.85
N ILE UC 161 -19.36 78.68 -77.66
CA ILE UC 161 -18.44 77.98 -76.79
C ILE UC 161 -19.12 76.73 -76.25
N ALA VC 58 -20.49 72.24 18.26
CA ALA VC 58 -20.29 71.66 16.94
C ALA VC 58 -21.40 72.09 16.01
N LEU VC 59 -22.64 71.98 16.50
CA LEU VC 59 -23.79 72.57 15.80
C LEU VC 59 -23.70 74.09 15.79
N LYS VC 60 -23.13 74.64 16.85
CA LYS VC 60 -22.83 76.06 16.93
C LYS VC 60 -21.75 76.47 15.91
N GLU VC 61 -20.80 75.57 15.64
CA GLU VC 61 -19.73 75.80 14.69
C GLU VC 61 -20.25 75.74 13.27
N THR VC 62 -21.12 74.77 12.96
CA THR VC 62 -21.67 74.76 11.63
C THR VC 62 -22.76 75.81 11.44
N ALA VC 63 -23.34 76.35 12.52
CA ALA VC 63 -24.16 77.54 12.41
C ALA VC 63 -23.36 78.76 12.00
N LEU VC 64 -22.15 78.90 12.57
CA LEU VC 64 -21.22 79.95 12.16
C LEU VC 64 -20.77 79.80 10.70
N SER VC 65 -20.54 78.56 10.28
CA SER VC 65 -20.16 78.30 8.89
C SER VC 65 -21.30 78.49 7.90
N VAL VC 66 -22.56 78.31 8.33
CA VAL VC 66 -23.68 78.71 7.50
C VAL VC 66 -23.72 80.23 7.35
N GLY VC 67 -23.54 80.96 8.46
CA GLY VC 67 -23.62 82.41 8.43
C GLY VC 67 -22.50 83.12 7.67
N ALA VC 68 -21.34 82.47 7.56
CA ALA VC 68 -20.16 83.09 6.96
C ALA VC 68 -20.31 83.34 5.47
N GLN VC 69 -20.71 82.33 4.71
CA GLN VC 69 -20.75 82.48 3.26
C GLN VC 69 -21.94 83.31 2.81
N ALA VC 70 -23.01 83.30 3.58
CA ALA VC 70 -24.15 84.16 3.31
C ALA VC 70 -23.80 85.61 3.56
N GLY VC 71 -23.05 85.89 4.63
CA GLY VC 71 -22.59 87.26 4.87
C GLY VC 71 -21.59 87.75 3.86
N LEU VC 72 -20.71 86.86 3.38
CA LEU VC 72 -19.78 87.17 2.31
C LEU VC 72 -20.48 87.49 1.00
N ALA VC 73 -21.49 86.70 0.63
CA ALA VC 73 -22.18 86.95 -0.63
C ALA VC 73 -23.08 88.18 -0.56
N TRP VC 74 -23.66 88.45 0.61
CA TRP VC 74 -24.46 89.65 0.78
C TRP VC 74 -23.60 90.91 0.73
N ARG VC 75 -22.44 90.89 1.39
CA ARG VC 75 -21.53 92.04 1.37
C ARG VC 75 -20.93 92.24 -0.01
N ALA VC 76 -20.72 91.14 -0.74
CA ALA VC 76 -20.27 91.19 -2.12
C ALA VC 76 -21.29 91.86 -3.01
N LYS VC 77 -22.59 91.55 -2.81
CA LYS VC 77 -23.69 92.19 -3.54
C LYS VC 77 -23.76 93.69 -3.29
N ILE VC 78 -23.74 94.09 -2.00
CA ILE VC 78 -23.86 95.49 -1.60
C ILE VC 78 -22.70 96.32 -2.14
N ILE VC 79 -21.49 95.80 -2.10
CA ILE VC 79 -20.42 96.57 -2.68
C ILE VC 79 -20.34 96.44 -4.19
N ASP VC 80 -21.02 95.46 -4.81
CA ASP VC 80 -21.06 95.49 -6.28
C ASP VC 80 -21.93 96.60 -6.82
N GLU VC 81 -23.15 96.83 -6.26
CA GLU VC 81 -23.84 97.98 -6.87
C GLU VC 81 -23.42 99.26 -6.19
N GLN VC 82 -22.67 99.18 -5.09
CA GLN VC 82 -22.05 100.39 -4.58
C GLN VC 82 -20.87 100.80 -5.45
N LEU VC 83 -20.17 99.83 -6.05
CA LEU VC 83 -19.22 100.12 -7.13
C LEU VC 83 -19.91 100.67 -8.37
N ASN VC 84 -21.03 100.07 -8.76
CA ASN VC 84 -21.72 100.49 -9.97
C ASN VC 84 -22.43 101.82 -9.84
N LYS VC 85 -22.68 102.27 -8.62
CA LYS VC 85 -23.17 103.63 -8.44
C LYS VC 85 -22.08 104.64 -8.72
N GLN VC 86 -20.83 104.28 -8.49
CA GLN VC 86 -19.70 105.17 -8.72
C GLN VC 86 -18.92 104.76 -9.95
N ALA VC 87 -19.62 104.31 -11.00
CA ALA VC 87 -18.98 103.72 -12.15
C ALA VC 87 -18.22 104.74 -12.99
N ARG VC 88 -18.81 105.90 -13.27
CA ARG VC 88 -18.10 106.92 -14.03
C ARG VC 88 -17.00 107.60 -13.23
N ASN VC 89 -17.18 107.65 -11.92
CA ASN VC 89 -16.16 108.19 -11.03
C ASN VC 89 -14.93 107.28 -11.00
N LEU VC 90 -15.13 105.98 -11.05
CA LEU VC 90 -14.01 105.06 -11.07
C LEU VC 90 -13.33 104.99 -12.41
N ASP VC 91 -14.05 105.24 -13.51
CA ASP VC 91 -13.40 105.49 -14.79
C ASP VC 91 -12.59 106.78 -14.80
N ALA VC 92 -12.99 107.77 -14.01
CA ALA VC 92 -12.14 108.95 -13.88
C ALA VC 92 -10.90 108.65 -13.05
N ILE VC 93 -11.05 107.93 -11.93
CA ILE VC 93 -9.92 107.59 -11.04
C ILE VC 93 -8.92 106.68 -11.75
N TYR VC 94 -9.36 105.50 -12.12
CA TYR VC 94 -8.51 104.47 -12.69
C TYR VC 94 -8.57 104.51 -14.20
N ASP VC 95 -8.20 105.66 -14.74
CA ASP VC 95 -8.21 105.89 -16.17
C ASP VC 95 -6.92 105.33 -16.75
N PHE VC 96 -6.95 104.04 -17.06
CA PHE VC 96 -5.78 103.42 -17.69
C PHE VC 96 -5.67 103.79 -19.16
N ASN VC 97 -6.79 104.23 -19.74
CA ASN VC 97 -6.96 104.43 -21.18
C ASN VC 97 -6.06 105.52 -21.69
N SER VC 98 -5.95 106.62 -20.97
CA SER VC 98 -5.04 107.67 -21.35
C SER VC 98 -3.77 107.63 -20.55
N LEU VC 99 -3.38 106.46 -20.06
CA LEU VC 99 -2.04 106.24 -19.57
C LEU VC 99 -1.20 105.38 -20.49
N VAL VC 100 -1.77 104.84 -21.55
CA VAL VC 100 -1.02 103.95 -22.41
C VAL VC 100 -0.08 104.76 -23.30
N LEU VC 101 0.87 104.07 -23.88
CA LEU VC 101 1.96 104.72 -24.57
C LEU VC 101 1.58 104.96 -26.02
N GLU VC 102 2.56 105.33 -26.83
CA GLU VC 102 2.30 105.75 -28.20
C GLU VC 102 1.92 104.62 -29.14
N HIS VC 103 2.36 103.39 -28.89
CA HIS VC 103 1.98 102.33 -29.80
C HIS VC 103 1.03 101.38 -29.11
N ASN VC 104 0.07 101.94 -28.36
CA ASN VC 104 -0.89 101.26 -27.45
C ASN VC 104 -0.23 100.23 -26.55
N ILE VC 105 0.89 100.63 -25.98
CA ILE VC 105 1.66 99.78 -25.09
C ILE VC 105 1.23 100.12 -23.68
N LEU VC 106 0.83 99.10 -22.95
CA LEU VC 106 0.54 99.25 -21.55
C LEU VC 106 1.85 99.49 -20.81
N PRO VC 107 1.92 100.57 -20.03
CA PRO VC 107 3.15 100.89 -19.32
C PRO VC 107 3.42 99.93 -18.19
N PRO VC 108 4.68 99.75 -17.77
CA PRO VC 108 4.97 98.79 -16.72
C PRO VC 108 4.74 99.38 -15.34
N VAL VC 109 4.71 98.50 -14.35
CA VAL VC 109 4.38 98.90 -13.00
C VAL VC 109 5.67 99.04 -12.22
N LEU VC 110 6.03 100.25 -11.87
CA LEU VC 110 7.25 100.47 -11.11
C LEU VC 110 6.90 100.57 -9.64
N LEU VC 111 7.75 100.02 -8.80
CA LEU VC 111 7.50 100.08 -7.38
C LEU VC 111 8.62 100.85 -6.72
N GLU VC 112 8.22 101.81 -5.89
CA GLU VC 112 9.14 102.67 -5.16
C GLU VC 112 9.19 102.19 -3.73
N GLY VC 113 10.38 102.01 -3.22
CA GLY VC 113 10.50 101.78 -1.80
C GLY VC 113 11.59 102.66 -1.29
N ARG VC 114 11.25 103.65 -0.50
CA ARG VC 114 12.31 104.49 0.03
C ARG VC 114 12.80 103.92 1.34
N ASN VC 115 14.09 104.20 1.60
CA ASN VC 115 14.71 104.29 2.92
C ASN VC 115 14.77 102.90 3.57
N THR VC 116 15.46 102.00 2.88
CA THR VC 116 15.31 100.57 3.05
C THR VC 116 16.44 100.04 3.92
N LEU VC 117 16.10 99.20 4.89
CA LEU VC 117 17.12 98.44 5.61
C LEU VC 117 16.85 96.96 5.42
N ASN VC 118 17.93 96.19 5.31
CA ASN VC 118 17.89 94.76 5.57
C ASN VC 118 18.95 94.40 6.60
N LEU VC 119 18.51 93.82 7.70
CA LEU VC 119 19.38 93.21 8.69
C LEU VC 119 19.69 91.81 8.18
N ALA VC 120 20.88 91.62 7.61
CA ALA VC 120 21.15 90.32 7.02
C ALA VC 120 21.51 89.30 8.08
N ASP VC 121 22.41 89.67 8.97
CA ASP VC 121 22.77 88.84 10.09
C ASP VC 121 23.18 89.79 11.22
N ALA VC 122 23.87 89.25 12.22
CA ALA VC 122 24.37 90.08 13.30
C ALA VC 122 25.51 90.98 12.84
N GLN VC 123 26.22 90.58 11.81
CA GLN VC 123 27.44 91.25 11.43
C GLN VC 123 27.20 92.37 10.43
N SER VC 124 26.08 92.38 9.73
CA SER VC 124 25.96 93.23 8.54
C SER VC 124 24.52 93.61 8.25
N ILE VC 125 24.34 94.88 7.92
CA ILE VC 125 23.11 95.38 7.35
C ILE VC 125 23.41 95.96 5.99
N ARG VC 126 22.38 96.10 5.19
CA ARG VC 126 22.45 96.91 3.99
C ARG VC 126 21.33 97.91 4.01
N ILE VC 127 21.66 99.18 3.96
CA ILE VC 127 20.64 100.17 3.70
C ILE VC 127 20.78 100.61 2.26
N SER VC 128 19.66 101.00 1.68
CA SER VC 128 19.67 101.71 0.43
C SER VC 128 18.65 102.83 0.56
N ASP VC 129 18.83 103.88 -0.20
CA ASP VC 129 17.91 104.99 0.02
C ASP VC 129 16.62 104.84 -0.76
N ARG VC 130 16.69 104.49 -2.03
CA ARG VC 130 15.49 104.20 -2.80
C ARG VC 130 15.69 102.94 -3.59
N THR VC 131 14.59 102.27 -3.85
CA THR VC 131 14.56 101.05 -4.64
C THR VC 131 13.45 101.18 -5.66
N TYR VC 132 13.79 101.06 -6.92
CA TYR VC 132 12.79 101.01 -7.96
C TYR VC 132 12.80 99.63 -8.60
N LYS VC 133 11.63 99.03 -8.67
CA LYS VC 133 11.49 97.71 -9.24
C LYS VC 133 10.55 97.77 -10.43
N VAL VC 134 10.94 97.14 -11.53
CA VAL VC 134 10.05 96.95 -12.65
C VAL VC 134 9.27 95.67 -12.40
N ALA VC 135 7.97 95.79 -12.22
CA ALA VC 135 7.11 94.63 -12.07
C ALA VC 135 6.08 94.65 -13.19
N LYS VC 136 5.92 93.46 -13.79
CA LYS VC 136 5.04 93.11 -14.92
C LYS VC 136 5.16 94.13 -16.05
N GLN VC 137 6.29 93.98 -16.73
CA GLN VC 137 6.92 94.82 -17.75
C GLN VC 137 5.96 95.20 -18.88
N ALA VC 138 6.26 96.34 -19.54
CA ALA VC 138 5.44 96.96 -20.57
C ALA VC 138 5.19 96.07 -21.77
N HIS VC 139 3.96 96.12 -22.25
CA HIS VC 139 3.59 95.16 -23.29
C HIS VC 139 2.42 95.70 -24.08
N PHE VC 140 2.25 95.13 -25.27
CA PHE VC 140 1.25 95.58 -26.24
C PHE VC 140 -0.15 95.28 -25.74
N ILE VC 141 -0.89 96.29 -25.35
CA ILE VC 141 -2.25 96.01 -24.92
C ILE VC 141 -3.17 96.37 -26.09
N THR VC 142 -4.24 95.61 -26.27
CA THR VC 142 -5.19 95.96 -27.31
C THR VC 142 -6.21 96.96 -26.80
N THR VC 143 -6.97 96.56 -25.81
CA THR VC 143 -7.87 97.46 -25.13
C THR VC 143 -7.46 97.63 -23.69
N PRO VC 144 -7.46 98.86 -23.15
CA PRO VC 144 -6.83 99.12 -21.85
C PRO VC 144 -7.64 98.55 -20.70
N PRO VC 145 -7.00 98.27 -19.56
CA PRO VC 145 -7.74 97.67 -18.46
C PRO VC 145 -8.70 98.65 -17.83
N THR VC 146 -9.83 98.12 -17.40
CA THR VC 146 -10.76 98.93 -16.65
C THR VC 146 -10.50 98.71 -15.17
N TRP VC 147 -11.35 99.30 -14.35
CA TRP VC 147 -11.29 98.97 -12.94
C TRP VC 147 -12.04 97.70 -12.65
N ARG VC 148 -12.86 97.23 -13.58
CA ARG VC 148 -13.75 96.13 -13.27
C ARG VC 148 -13.06 94.78 -13.27
N GLN VC 149 -11.88 94.65 -13.87
CA GLN VC 149 -11.15 93.41 -13.70
C GLN VC 149 -10.48 93.35 -12.35
N TYR VC 150 -10.28 94.49 -11.73
CA TYR VC 150 -9.46 94.55 -10.54
C TYR VC 150 -10.32 94.64 -9.30
N LEU VC 151 -11.51 95.24 -9.41
CA LEU VC 151 -12.32 95.58 -8.24
C LEU VC 151 -13.59 94.78 -8.05
N TRP VC 152 -14.12 94.16 -9.09
CA TRP VC 152 -15.43 93.53 -9.03
C TRP VC 152 -15.36 92.24 -8.25
N MET VC 153 -16.02 92.18 -7.08
CA MET VC 153 -16.08 90.89 -6.41
C MET VC 153 -17.21 90.05 -6.96
N ASP VC 154 -17.07 88.75 -6.74
CA ASP VC 154 -17.85 87.77 -7.46
C ASP VC 154 -19.17 87.52 -6.75
N TYR VC 155 -20.25 87.64 -7.48
CA TYR VC 155 -21.57 87.36 -6.94
C TYR VC 155 -22.09 86.01 -7.42
N VAL VC 156 -22.15 85.07 -6.50
CA VAL VC 156 -23.00 83.93 -6.63
C VAL VC 156 -24.07 84.05 -5.55
N LYS VC 157 -25.23 83.46 -5.80
CA LYS VC 157 -26.34 83.55 -4.86
C LYS VC 157 -26.39 82.21 -4.15
N PRO VC 158 -25.99 82.12 -2.88
CA PRO VC 158 -25.89 80.82 -2.22
C PRO VC 158 -27.25 80.30 -1.80
N GLU VC 159 -27.62 79.13 -2.32
CA GLU VC 159 -28.92 78.54 -2.09
C GLU VC 159 -28.85 77.39 -1.11
N ALA VC 160 -27.83 77.34 -0.27
CA ALA VC 160 -27.64 76.21 0.64
C ALA VC 160 -27.88 76.65 2.08
N PRO VC 161 -29.02 76.30 2.70
CA PRO VC 161 -29.19 76.59 4.12
C PRO VC 161 -28.44 75.58 4.98
N LYS VC 173 -30.80 76.68 17.79
CA LYS VC 173 -31.86 77.67 17.61
C LYS VC 173 -31.39 79.04 18.04
N GLU VC 174 -31.29 79.25 19.36
CA GLU VC 174 -30.83 80.51 19.91
C GLU VC 174 -29.33 80.68 19.73
N ILE VC 175 -28.57 79.59 19.91
CA ILE VC 175 -27.14 79.58 19.72
C ILE VC 175 -26.83 79.64 18.23
N TRP VC 176 -27.71 79.02 17.43
CA TRP VC 176 -27.69 79.17 15.97
C TRP VC 176 -27.88 80.60 15.53
N CYS VC 177 -28.77 81.34 16.20
CA CYS VC 177 -29.05 82.71 15.81
C CYS VC 177 -27.91 83.65 16.20
N ILE VC 178 -27.34 83.48 17.39
CA ILE VC 178 -26.24 84.36 17.78
C ILE VC 178 -24.95 84.02 17.02
N TYR VC 179 -24.72 82.75 16.67
CA TYR VC 179 -23.52 82.53 15.90
C TYR VC 179 -23.76 82.69 14.41
N THR VC 180 -25.00 82.77 13.93
CA THR VC 180 -25.13 83.16 12.54
C THR VC 180 -25.03 84.67 12.41
N GLU VC 181 -25.26 85.43 13.48
CA GLU VC 181 -24.88 86.84 13.42
C GLU VC 181 -23.37 87.03 13.52
N ARG VC 182 -22.67 86.23 14.32
CA ARG VC 182 -21.22 86.38 14.34
C ARG VC 182 -20.57 85.77 13.10
N GLY VC 183 -21.19 84.76 12.50
CA GLY VC 183 -20.80 84.34 11.17
C GLY VC 183 -21.10 85.38 10.10
N TRP VC 184 -22.19 86.13 10.27
CA TRP VC 184 -22.58 87.14 9.30
C TRP VC 184 -21.62 88.32 9.29
N LYS VC 185 -21.18 88.78 10.47
CA LYS VC 185 -20.15 89.81 10.45
C LYS VC 185 -18.77 89.27 10.09
N ASN VC 186 -18.52 87.97 10.32
CA ASN VC 186 -17.27 87.39 9.83
C ASN VC 186 -17.22 87.31 8.32
N GLY VC 187 -18.35 86.99 7.70
CA GLY VC 187 -18.44 87.05 6.26
C GLY VC 187 -18.37 88.46 5.71
N ILE VC 188 -18.93 89.43 6.44
CA ILE VC 188 -18.92 90.82 6.02
C ILE VC 188 -17.50 91.38 6.05
N ASP VC 189 -16.75 91.19 7.15
CA ASP VC 189 -15.43 91.80 7.15
C ASP VC 189 -14.41 90.97 6.40
N GLN VC 190 -14.71 89.70 6.13
CA GLN VC 190 -13.82 88.95 5.26
C GLN VC 190 -14.01 89.36 3.79
N ALA VC 191 -15.24 89.72 3.39
CA ALA VC 191 -15.46 90.33 2.09
C ALA VC 191 -14.85 91.73 1.98
N ASN VC 192 -14.85 92.46 3.09
CA ASN VC 192 -14.15 93.73 3.18
C ASN VC 192 -12.64 93.60 3.01
N THR VC 193 -12.04 92.52 3.51
CA THR VC 193 -10.60 92.37 3.29
C THR VC 193 -10.29 91.96 1.85
N ILE VC 194 -11.20 91.22 1.21
CA ILE VC 194 -11.05 90.91 -0.22
C ILE VC 194 -11.12 92.17 -1.07
N LEU VC 195 -12.07 93.04 -0.75
CA LEU VC 195 -12.20 94.33 -1.43
C LEU VC 195 -11.02 95.26 -1.16
N GLU VC 196 -10.48 95.21 0.07
CA GLU VC 196 -9.32 96.00 0.45
C GLU VC 196 -8.08 95.58 -0.34
N GLU VC 197 -7.91 94.28 -0.56
CA GLU VC 197 -6.82 93.84 -1.42
C GLU VC 197 -7.07 94.12 -2.90
N ASN VC 198 -8.34 94.20 -3.31
CA ASN VC 198 -8.64 94.55 -4.70
C ASN VC 198 -8.30 96.00 -5.02
N ILE VC 199 -8.71 96.91 -4.13
CA ILE VC 199 -8.28 98.30 -4.15
C ILE VC 199 -6.78 98.46 -4.02
N ALA VC 200 -6.14 97.60 -3.23
CA ALA VC 200 -4.70 97.60 -3.10
C ALA VC 200 -3.99 97.20 -4.38
N ARG VC 201 -4.55 96.24 -5.10
CA ARG VC 201 -3.96 95.77 -6.34
C ARG VC 201 -4.11 96.80 -7.46
N ILE VC 202 -5.26 97.45 -7.52
CA ILE VC 202 -5.43 98.50 -8.54
C ILE VC 202 -4.61 99.74 -8.20
N LYS VC 203 -4.36 99.99 -6.91
CA LYS VC 203 -3.54 101.13 -6.55
C LYS VC 203 -2.07 100.88 -6.81
N GLU VC 204 -1.61 99.64 -6.57
CA GLU VC 204 -0.30 99.17 -7.04
C GLU VC 204 -0.11 99.32 -8.54
N ASP VC 205 -1.04 98.80 -9.33
CA ASP VC 205 -0.86 98.72 -10.77
C ASP VC 205 -0.94 100.09 -11.44
N PHE VC 206 -1.91 100.89 -10.99
CA PHE VC 206 -2.11 102.20 -11.58
C PHE VC 206 -1.01 103.16 -11.14
N GLY VC 207 -0.68 103.19 -9.85
CA GLY VC 207 0.38 104.07 -9.38
C GLY VC 207 1.76 103.63 -9.80
N GLY VC 208 1.93 102.37 -10.17
CA GLY VC 208 3.14 101.97 -10.86
C GLY VC 208 3.27 102.55 -12.24
N MET VC 209 2.16 102.65 -12.96
CA MET VC 209 2.21 103.30 -14.28
C MET VC 209 2.44 104.81 -14.15
N ILE VC 210 1.93 105.37 -13.06
CA ILE VC 210 2.14 106.79 -12.76
C ILE VC 210 3.59 107.03 -12.38
N LEU VC 211 4.18 106.06 -11.68
CA LEU VC 211 5.56 106.12 -11.29
C LEU VC 211 6.48 105.93 -12.48
N TYR VC 212 6.00 105.25 -13.53
CA TYR VC 212 6.75 105.22 -14.79
C TYR VC 212 6.78 106.63 -15.33
N ARG VC 213 5.62 107.29 -15.43
CA ARG VC 213 5.53 108.56 -16.14
C ARG VC 213 6.29 109.68 -15.43
N LYS VC 214 6.39 109.56 -14.10
CA LYS VC 214 7.43 110.24 -13.32
C LYS VC 214 8.83 109.88 -13.79
N LEU VC 215 9.18 108.61 -13.86
CA LEU VC 215 10.58 108.31 -14.18
C LEU VC 215 10.91 108.41 -15.66
N LEU VC 216 9.91 108.48 -16.51
CA LEU VC 216 10.13 108.69 -17.94
C LEU VC 216 10.36 110.16 -18.19
N ALA VC 217 9.63 111.02 -17.47
CA ALA VC 217 10.04 112.40 -17.36
C ALA VC 217 11.41 112.52 -16.72
N MET VC 218 11.63 111.79 -15.65
CA MET VC 218 12.78 112.00 -14.80
C MET VC 218 13.97 111.17 -15.21
N ASN VC 219 13.91 110.54 -16.40
CA ASN VC 219 14.99 109.91 -17.14
C ASN VC 219 15.64 108.74 -16.41
N MET VC 220 14.88 108.11 -15.52
CA MET VC 220 15.41 106.93 -14.85
C MET VC 220 15.05 105.64 -15.55
N VAL VC 221 14.17 105.69 -16.54
CA VAL VC 221 13.83 104.55 -17.38
C VAL VC 221 13.94 104.91 -18.85
N SER VC 222 14.04 103.91 -19.66
CA SER VC 222 13.95 104.07 -21.10
C SER VC 222 12.48 104.05 -21.51
N PRO VC 223 12.10 104.74 -22.57
CA PRO VC 223 10.83 104.47 -23.22
C PRO VC 223 10.96 103.20 -24.05
N PRO VC 224 9.86 102.54 -24.44
CA PRO VC 224 10.03 101.36 -25.29
C PRO VC 224 10.35 101.76 -26.70
N TYR VC 225 11.21 100.99 -27.32
CA TYR VC 225 11.59 101.31 -28.69
C TYR VC 225 10.88 100.28 -29.55
N VAL VC 226 9.90 100.75 -30.27
CA VAL VC 226 9.20 99.94 -31.23
C VAL VC 226 9.97 99.89 -32.54
N SER VC 227 9.61 98.93 -33.36
CA SER VC 227 10.10 98.80 -34.72
C SER VC 227 8.92 98.39 -35.56
N HIS VC 228 8.61 99.18 -36.58
CA HIS VC 228 7.59 98.80 -37.53
C HIS VC 228 8.23 98.38 -38.85
N THR VC 229 8.35 97.08 -39.05
CA THR VC 229 8.75 96.55 -40.34
C THR VC 229 7.51 96.57 -41.22
N ASP VC 230 7.46 97.55 -42.11
CA ASP VC 230 6.38 97.64 -43.07
C ASP VC 230 6.62 96.58 -44.12
N LEU VC 231 5.54 95.95 -44.54
CA LEU VC 231 5.55 94.99 -45.63
C LEU VC 231 4.47 95.39 -46.60
N GLY VC 232 4.70 95.13 -47.88
CA GLY VC 232 3.68 95.43 -48.85
C GLY VC 232 2.61 94.36 -48.94
N VAL VC 233 2.21 94.03 -50.13
CA VAL VC 233 1.19 93.00 -50.29
C VAL VC 233 1.82 91.64 -50.07
N THR VC 234 1.13 90.82 -49.32
CA THR VC 234 1.78 89.72 -48.63
C THR VC 234 0.93 88.47 -48.78
N GLY VC 235 1.55 87.43 -49.27
CA GLY VC 235 0.95 86.11 -49.25
C GLY VC 235 1.02 85.46 -50.61
N ASP VC 236 0.35 84.34 -50.70
CA ASP VC 236 0.17 83.64 -51.96
C ASP VC 236 -1.05 84.19 -52.69
N GLY VC 237 -1.52 83.48 -53.69
CA GLY VC 237 -2.70 83.92 -54.36
C GLY VC 237 -4.00 83.49 -53.73
N SER VC 238 -3.96 82.69 -52.69
CA SER VC 238 -5.20 82.35 -52.02
C SER VC 238 -5.53 83.30 -50.89
N GLU VC 239 -4.61 84.19 -50.55
CA GLU VC 239 -4.71 85.01 -49.35
C GLU VC 239 -3.78 86.20 -49.52
N ILE VC 240 -4.32 87.40 -49.55
CA ILE VC 240 -3.45 88.57 -49.54
C ILE VC 240 -3.81 89.43 -48.34
N HIS VC 241 -2.78 90.07 -47.83
CA HIS VC 241 -2.91 91.15 -46.86
C HIS VC 241 -2.18 92.33 -47.46
N ILE VC 242 -2.86 93.46 -47.50
CA ILE VC 242 -2.43 94.50 -48.42
C ILE VC 242 -1.36 95.38 -47.80
N ASP VC 243 -1.65 96.02 -46.69
CA ASP VC 243 -0.66 96.83 -45.99
C ASP VC 243 -0.28 96.10 -44.72
N ASP VC 244 0.86 95.43 -44.75
CA ASP VC 244 1.19 94.41 -43.77
C ASP VC 244 2.30 94.91 -42.86
N ARG VC 245 1.92 95.58 -41.78
CA ARG VC 245 2.90 96.16 -40.88
C ARG VC 245 3.08 95.26 -39.67
N VAL VC 246 4.31 94.80 -39.45
CA VAL VC 246 4.64 94.03 -38.26
C VAL VC 246 5.30 94.97 -37.26
N LEU VC 247 4.71 95.07 -36.07
CA LEU VC 247 5.19 95.98 -35.05
C LEU VC 247 5.75 95.15 -33.91
N ARG VC 248 7.00 95.40 -33.56
CA ARG VC 248 7.64 94.74 -32.44
C ARG VC 248 8.10 95.75 -31.43
N ILE VC 249 8.25 95.31 -30.20
CA ILE VC 249 8.99 96.03 -29.20
C ILE VC 249 10.38 95.43 -29.16
N THR VC 250 11.38 96.25 -29.46
CA THR VC 250 12.76 95.78 -29.39
C THR VC 250 13.34 96.03 -28.02
N ALA VC 251 13.28 97.27 -27.56
CA ALA VC 251 13.85 97.67 -26.29
C ALA VC 251 12.72 97.81 -25.29
N LEU VC 252 12.83 97.14 -24.18
CA LEU VC 252 11.78 97.26 -23.19
C LEU VC 252 12.06 98.49 -22.35
N PRO VC 253 11.04 99.05 -21.69
CA PRO VC 253 11.31 100.10 -20.71
C PRO VC 253 12.03 99.53 -19.51
N GLU VC 254 13.04 100.26 -19.06
CA GLU VC 254 14.13 99.59 -18.39
C GLU VC 254 14.92 100.69 -17.68
N LEU VC 255 15.22 100.48 -16.39
CA LEU VC 255 15.84 101.52 -15.57
C LEU VC 255 17.32 101.69 -15.93
N ASN VC 256 17.75 102.92 -16.20
CA ASN VC 256 19.17 103.06 -16.51
C ASN VC 256 19.96 103.23 -15.22
N VAL VC 257 21.12 102.61 -15.19
CA VAL VC 257 22.02 102.74 -14.07
C VAL VC 257 23.12 103.74 -14.34
N ASN VC 258 23.24 104.19 -15.58
CA ASN VC 258 24.24 105.19 -15.90
C ASN VC 258 23.47 106.42 -15.44
N SER VC 259 23.86 106.97 -14.30
CA SER VC 259 22.92 107.77 -13.53
C SER VC 259 23.15 109.26 -13.69
N ALA VC 260 24.13 109.67 -14.47
CA ALA VC 260 24.44 111.09 -14.61
C ALA VC 260 23.42 111.85 -15.44
N GLU VC 261 22.63 111.17 -16.27
CA GLU VC 261 21.61 111.83 -17.08
C GLU VC 261 20.26 111.81 -16.41
N TRP VC 262 20.22 111.62 -15.10
CA TRP VC 262 18.96 111.61 -14.40
C TRP VC 262 18.43 113.02 -14.24
N ARG VC 263 17.22 113.12 -13.77
CA ARG VC 263 16.59 114.42 -13.59
C ARG VC 263 16.20 114.49 -12.11
N ALA VC 264 15.51 115.54 -11.73
CA ALA VC 264 15.18 115.87 -10.36
C ALA VC 264 13.94 116.76 -10.39
N ALA VC 265 13.01 116.51 -9.50
CA ALA VC 265 11.68 117.08 -9.63
C ALA VC 265 11.50 118.49 -9.08
N VAL VC 266 12.32 119.47 -9.46
CA VAL VC 266 12.18 120.77 -8.82
C VAL VC 266 11.14 121.62 -9.53
N ALA VC 267 10.19 122.13 -8.76
CA ALA VC 267 9.08 122.91 -9.28
C ALA VC 267 9.03 124.22 -8.53
N LYS VC 268 7.94 124.98 -8.70
CA LYS VC 268 7.77 126.23 -7.98
C LYS VC 268 6.40 126.30 -7.32
N PHE WC 25 -41.21 123.33 -6.39
CA PHE WC 25 -40.14 122.69 -5.63
C PHE WC 25 -39.23 121.87 -6.54
N LYS WC 26 -37.94 121.87 -6.23
CA LYS WC 26 -36.98 121.13 -7.01
C LYS WC 26 -36.34 120.07 -6.13
N LYS WC 27 -35.45 119.29 -6.73
CA LYS WC 27 -34.89 118.10 -6.12
C LYS WC 27 -33.37 118.18 -6.09
N PRO WC 28 -32.70 117.39 -5.24
CA PRO WC 28 -31.24 117.26 -5.38
C PRO WC 28 -30.92 116.39 -6.60
N PRO WC 29 -29.67 116.41 -7.06
CA PRO WC 29 -29.27 115.46 -8.11
C PRO WC 29 -29.32 114.01 -7.67
N ILE WC 30 -29.54 113.14 -8.64
CA ILE WC 30 -29.92 111.78 -8.33
C ILE WC 30 -28.71 110.94 -7.98
N ASN WC 31 -27.68 110.98 -8.81
CA ASN WC 31 -26.40 110.38 -8.44
C ASN WC 31 -25.47 111.45 -7.87
N ASN WC 32 -25.94 112.04 -6.77
CA ASN WC 32 -25.17 113.14 -6.23
C ASN WC 32 -24.21 112.64 -5.18
N PRO WC 33 -23.02 113.22 -5.13
CA PRO WC 33 -22.18 113.05 -3.94
C PRO WC 33 -22.73 113.89 -2.81
N SER WC 34 -23.64 113.34 -2.02
CA SER WC 34 -24.10 113.99 -0.81
C SER WC 34 -23.76 113.14 0.39
N ASP WC 35 -22.82 112.23 0.20
CA ASP WC 35 -22.38 111.29 1.20
C ASP WC 35 -20.91 111.53 1.46
N ASP WC 36 -20.50 111.44 2.73
CA ASP WC 36 -19.22 112.01 3.15
C ASP WC 36 -18.01 111.24 2.66
N ALA WC 37 -18.17 110.00 2.24
CA ALA WC 37 -17.09 109.30 1.56
C ALA WC 37 -17.14 109.51 0.06
N THR WC 38 -18.34 109.56 -0.51
CA THR WC 38 -18.49 109.72 -1.94
C THR WC 38 -18.16 111.11 -2.41
N ILE WC 39 -18.25 112.09 -1.52
CA ILE WC 39 -17.71 113.40 -1.83
C ILE WC 39 -16.21 113.31 -2.01
N LYS WC 40 -15.47 112.60 -1.14
CA LYS WC 40 -14.01 112.52 -1.22
C LYS WC 40 -13.56 111.71 -2.42
N LEU WC 41 -14.35 110.71 -2.77
CA LEU WC 41 -14.17 109.96 -4.01
C LEU WC 41 -14.40 110.83 -5.24
N ALA WC 42 -15.39 111.73 -5.22
CA ALA WC 42 -15.65 112.50 -6.43
C ALA WC 42 -14.84 113.80 -6.55
N GLU WC 43 -14.43 114.44 -5.45
CA GLU WC 43 -13.42 115.49 -5.54
C GLU WC 43 -12.07 114.93 -5.93
N ALA WC 44 -11.79 113.68 -5.56
CA ALA WC 44 -10.62 113.02 -6.09
C ALA WC 44 -10.77 112.72 -7.57
N ALA WC 45 -11.99 112.41 -8.02
CA ALA WC 45 -12.26 112.19 -9.45
C ALA WC 45 -12.07 113.45 -10.28
N VAL WC 46 -12.50 114.58 -9.75
CA VAL WC 46 -12.30 115.87 -10.40
C VAL WC 46 -10.82 116.23 -10.44
N SER WC 47 -10.09 115.95 -9.35
CA SER WC 47 -8.66 116.23 -9.33
C SER WC 47 -7.83 115.28 -10.19
N VAL WC 48 -8.25 114.03 -10.34
CA VAL WC 48 -7.47 113.16 -11.22
C VAL WC 48 -7.85 113.42 -12.68
N SER WC 49 -9.07 113.88 -12.96
CA SER WC 49 -9.45 114.13 -14.34
C SER WC 49 -8.84 115.41 -14.86
N ASP WC 50 -8.76 116.46 -14.04
CA ASP WC 50 -8.10 117.64 -14.57
C ASP WC 50 -6.59 117.45 -14.52
N SER WC 51 -6.08 116.57 -13.63
CA SER WC 51 -4.64 116.33 -13.61
C SER WC 51 -4.19 115.48 -14.82
N MET WC 52 -5.02 114.51 -15.24
CA MET WC 52 -4.96 113.93 -16.59
C MET WC 52 -4.98 114.96 -17.69
N LEU WC 53 -5.76 116.01 -17.55
CA LEU WC 53 -5.86 116.94 -18.66
C LEU WC 53 -4.61 117.82 -18.78
N GLU WC 54 -3.93 118.21 -17.66
CA GLU WC 54 -2.71 118.98 -17.97
C GLU WC 54 -1.51 118.07 -18.18
N MET WC 55 -1.62 116.79 -17.81
CA MET WC 55 -0.75 115.78 -18.39
C MET WC 55 -0.86 115.79 -19.91
N ALA WC 56 -2.09 115.69 -20.42
CA ALA WC 56 -2.36 115.74 -21.85
C ALA WC 56 -1.99 117.08 -22.50
N LYS WC 57 -2.05 118.17 -21.74
CA LYS WC 57 -1.59 119.46 -22.22
C LYS WC 57 -0.08 119.52 -22.39
N VAL WC 58 0.67 118.81 -21.54
CA VAL WC 58 2.11 118.95 -21.72
C VAL WC 58 2.65 117.91 -22.71
N GLU WC 59 2.16 116.64 -22.74
CA GLU WC 59 2.70 115.79 -23.81
C GLU WC 59 2.00 115.91 -25.15
N LYS WC 60 0.91 116.67 -25.27
CA LYS WC 60 0.28 116.80 -26.58
C LYS WC 60 1.11 117.73 -27.45
N VAL WC 61 1.88 117.15 -28.35
CA VAL WC 61 2.58 117.94 -29.35
C VAL WC 61 1.71 118.00 -30.60
N ILE WC 62 1.43 119.20 -31.04
CA ILE WC 62 0.71 119.42 -32.28
C ILE WC 62 1.67 120.21 -33.14
N THR WC 63 1.23 120.55 -34.34
CA THR WC 63 1.99 121.57 -35.03
C THR WC 63 1.03 122.72 -35.35
N PRO WC 64 1.52 123.96 -35.43
CA PRO WC 64 0.64 125.07 -35.77
C PRO WC 64 0.15 124.96 -37.20
N PRO WC 65 -1.03 125.53 -37.50
CA PRO WC 65 -1.53 125.48 -38.89
C PRO WC 65 -0.80 126.39 -39.85
N SER WC 66 0.07 127.26 -39.35
CA SER WC 66 1.11 127.90 -40.16
C SER WC 66 2.04 126.87 -40.80
N LYS WC 67 2.34 125.78 -40.09
CA LYS WC 67 3.40 124.87 -40.50
C LYS WC 67 2.87 123.43 -40.42
N ASP WC 68 1.74 123.17 -41.06
CA ASP WC 68 1.15 121.84 -40.96
C ASP WC 68 1.63 120.84 -42.00
N ASN WC 69 2.20 121.34 -43.12
CA ASN WC 69 2.84 120.68 -44.27
C ASN WC 69 1.82 119.99 -45.20
N THR WC 70 0.58 119.83 -44.78
CA THR WC 70 -0.39 119.07 -45.55
C THR WC 70 -1.03 119.95 -46.62
N LEU WC 71 -1.72 119.31 -47.56
CA LEU WC 71 -2.28 120.02 -48.69
C LEU WC 71 -3.53 120.77 -48.26
N THR WC 72 -3.78 121.88 -48.94
CA THR WC 72 -4.89 122.78 -48.69
C THR WC 72 -6.17 122.22 -49.31
N ILE WC 73 -7.12 123.10 -49.60
CA ILE WC 73 -8.14 122.81 -50.59
C ILE WC 73 -7.81 123.63 -51.83
N PRO WC 74 -7.50 123.01 -52.96
CA PRO WC 74 -7.06 123.76 -54.15
C PRO WC 74 -8.17 124.41 -54.96
N ASN WC 75 -9.40 124.42 -54.43
CA ASN WC 75 -10.62 125.19 -54.72
C ASN WC 75 -10.94 125.41 -56.20
N ALA WC 76 -10.56 124.52 -57.10
CA ALA WC 76 -11.06 124.63 -58.46
C ALA WC 76 -12.32 123.77 -58.61
N TYR WC 77 -13.16 124.19 -59.57
CA TYR WC 77 -14.53 123.68 -59.71
C TYR WC 77 -14.55 122.22 -60.11
N ASN WC 78 -13.55 121.78 -60.86
CA ASN WC 78 -13.43 120.37 -61.16
C ASN WC 78 -13.01 119.58 -59.93
N LEU WC 79 -12.28 120.19 -58.98
CA LEU WC 79 -11.94 119.41 -57.80
C LEU WC 79 -13.04 119.39 -56.78
N GLN WC 80 -14.00 120.30 -56.88
CA GLN WC 80 -15.11 120.24 -55.95
C GLN WC 80 -16.25 119.40 -56.47
N ALA WC 81 -16.00 118.41 -57.31
CA ALA WC 81 -17.01 117.45 -57.68
C ALA WC 81 -17.09 116.40 -56.59
N ARG WC 82 -18.25 115.77 -56.49
CA ARG WC 82 -18.56 114.83 -55.42
C ARG WC 82 -18.32 113.41 -55.94
N ALA WC 83 -17.46 112.66 -55.27
CA ALA WC 83 -17.07 111.35 -55.76
C ALA WC 83 -17.14 110.31 -54.67
N SER WC 84 -16.82 109.08 -55.03
CA SER WC 84 -16.97 107.96 -54.12
C SER WC 84 -15.90 106.94 -54.49
N VAL WC 85 -15.05 106.58 -53.51
CA VAL WC 85 -13.91 105.69 -53.65
C VAL WC 85 -13.95 104.66 -52.53
N ASP WC 86 -13.83 103.38 -52.88
CA ASP WC 86 -13.36 102.38 -51.93
C ASP WC 86 -12.07 101.79 -52.45
N TRP WC 87 -10.95 102.07 -51.78
CA TRP WC 87 -9.68 101.50 -52.22
C TRP WC 87 -8.70 101.48 -51.06
N SER WC 88 -7.79 100.50 -51.11
CA SER WC 88 -6.50 100.67 -50.45
C SER WC 88 -5.42 100.01 -51.31
N GLY WC 89 -4.42 100.80 -51.70
CA GLY WC 89 -3.27 100.28 -52.41
C GLY WC 89 -2.25 101.33 -52.79
N PRO WC 90 -1.57 101.16 -53.91
CA PRO WC 90 -0.45 102.06 -54.22
C PRO WC 90 -0.83 103.37 -54.86
N ILE WC 91 -0.35 104.43 -54.22
CA ILE WC 91 -0.83 105.82 -54.26
C ILE WC 91 -0.96 106.41 -55.67
N GLU WC 92 -0.08 106.03 -56.60
CA GLU WC 92 0.02 106.66 -57.90
C GLU WC 92 -1.14 106.29 -58.78
N GLU WC 93 -1.79 105.18 -58.45
CA GLU WC 93 -2.90 104.70 -59.22
C GLU WC 93 -4.14 105.52 -58.87
N LEU WC 94 -4.46 105.73 -57.57
CA LEU WC 94 -5.54 106.66 -57.17
C LEU WC 94 -5.32 108.07 -57.67
N THR WC 95 -4.13 108.60 -57.55
CA THR WC 95 -3.93 109.98 -57.96
C THR WC 95 -3.89 110.18 -59.47
N ALA WC 96 -3.51 109.14 -60.23
CA ALA WC 96 -3.70 109.11 -61.68
C ALA WC 96 -5.16 109.20 -62.08
N ARG WC 97 -6.02 108.46 -61.41
CA ARG WC 97 -7.38 108.41 -61.94
C ARG WC 97 -8.31 109.38 -61.24
N ILE WC 98 -7.88 109.98 -60.14
CA ILE WC 98 -8.56 111.19 -59.67
C ILE WC 98 -8.15 112.37 -60.54
N ALA WC 99 -6.95 112.34 -61.12
CA ALA WC 99 -6.64 113.31 -62.15
C ALA WC 99 -7.47 113.13 -63.42
N LYS WC 100 -7.64 111.89 -63.89
CA LYS WC 100 -8.51 111.82 -65.07
C LYS WC 100 -9.99 111.76 -64.73
N ALA WC 101 -10.35 111.65 -63.46
CA ALA WC 101 -11.70 111.91 -63.04
C ALA WC 101 -11.96 113.40 -62.90
N ALA WC 102 -10.93 114.16 -62.53
CA ALA WC 102 -11.03 115.59 -62.36
C ALA WC 102 -10.69 116.34 -63.63
N HIS WC 103 -10.47 115.60 -64.74
CA HIS WC 103 -10.01 116.10 -66.04
C HIS WC 103 -8.70 116.86 -65.92
N PHE WC 104 -7.80 116.33 -65.14
CA PHE WC 104 -6.51 116.96 -64.92
C PHE WC 104 -5.40 116.05 -65.39
N ARG WC 105 -4.28 116.68 -65.65
CA ARG WC 105 -3.13 115.88 -65.98
C ARG WC 105 -2.51 115.35 -64.70
N PHE WC 106 -1.81 114.25 -64.82
CA PHE WC 106 -1.15 113.61 -63.69
C PHE WC 106 0.33 113.50 -64.00
N ARG WC 107 1.14 114.21 -63.24
CA ARG WC 107 2.58 114.05 -63.34
C ARG WC 107 3.10 113.32 -62.12
N VAL WC 108 4.19 112.59 -62.31
CA VAL WC 108 4.92 112.02 -61.20
C VAL WC 108 6.37 112.48 -61.29
N LEU WC 109 6.90 112.96 -60.18
CA LEU WC 109 8.31 113.32 -60.07
C LEU WC 109 8.90 112.57 -58.89
N GLY WC 110 10.01 111.92 -59.12
CA GLY WC 110 10.59 111.02 -58.14
C GLY WC 110 10.39 109.58 -58.52
N LYS WC 111 10.88 108.70 -57.65
CA LYS WC 111 10.96 107.28 -57.93
C LYS WC 111 10.12 106.54 -56.89
N SER WC 112 9.17 105.74 -57.35
CA SER WC 112 8.41 104.95 -56.41
C SER WC 112 9.24 103.75 -55.99
N PRO WC 113 9.36 103.47 -54.69
CA PRO WC 113 10.28 102.42 -54.24
C PRO WC 113 9.74 101.01 -54.42
N SER WC 114 10.52 100.04 -53.96
CA SER WC 114 10.19 98.63 -54.14
C SER WC 114 9.02 98.22 -53.26
N VAL WC 115 9.01 98.68 -52.02
CA VAL WC 115 7.78 98.71 -51.22
C VAL WC 115 6.93 99.87 -51.71
N PRO WC 116 5.70 99.65 -52.15
CA PRO WC 116 4.89 100.77 -52.61
C PRO WC 116 4.32 101.53 -51.43
N VAL WC 117 4.01 102.79 -51.68
CA VAL WC 117 3.37 103.59 -50.65
C VAL WC 117 1.90 103.23 -50.66
N LEU WC 118 1.43 102.62 -49.58
CA LEU WC 118 0.10 102.04 -49.51
C LEU WC 118 -0.81 102.92 -48.67
N ILE WC 119 -1.97 103.25 -49.23
CA ILE WC 119 -2.94 104.23 -48.71
C ILE WC 119 -4.20 103.50 -48.29
N SER WC 120 -5.21 104.20 -47.76
CA SER WC 120 -6.58 103.66 -47.65
C SER WC 120 -7.58 104.81 -47.70
N ILE WC 121 -8.44 104.84 -48.70
CA ILE WC 121 -9.56 105.78 -48.67
C ILE WC 121 -10.83 105.02 -48.99
N SER WC 122 -11.80 105.05 -48.07
CA SER WC 122 -13.08 104.38 -48.26
C SER WC 122 -14.21 105.32 -47.86
N THR WC 123 -14.66 106.17 -48.79
CA THR WC 123 -15.80 107.05 -48.60
C THR WC 123 -16.76 106.88 -49.76
N LYS WC 124 -18.06 106.81 -49.48
CA LYS WC 124 -19.00 106.54 -50.53
C LYS WC 124 -19.81 107.74 -51.00
N ASP WC 125 -19.63 108.92 -50.39
CA ASP WC 125 -19.56 110.18 -51.13
C ASP WC 125 -18.92 111.24 -50.28
N GLU WC 126 -17.88 111.88 -50.83
CA GLU WC 126 -17.46 113.24 -50.47
C GLU WC 126 -16.72 113.86 -51.67
N SER WC 127 -16.04 114.98 -51.44
CA SER WC 127 -15.46 115.78 -52.53
C SER WC 127 -14.02 115.39 -52.89
N LEU WC 128 -13.67 115.61 -54.17
CA LEU WC 128 -12.42 115.16 -54.79
C LEU WC 128 -11.15 115.78 -54.25
N ALA WC 129 -11.17 117.08 -53.92
CA ALA WC 129 -9.98 117.75 -53.36
C ALA WC 129 -9.67 117.27 -51.97
N GLU WC 130 -10.66 116.73 -51.30
CA GLU WC 130 -10.54 116.19 -49.98
C GLU WC 130 -10.14 114.73 -49.97
N ILE WC 131 -10.46 113.97 -51.04
CA ILE WC 131 -9.66 112.77 -51.33
C ILE WC 131 -8.19 113.14 -51.46
N LEU WC 132 -7.90 114.23 -52.19
CA LEU WC 132 -6.50 114.63 -52.39
C LEU WC 132 -5.82 115.13 -51.11
N ARG WC 133 -6.59 115.73 -50.20
CA ARG WC 133 -6.09 116.06 -48.88
C ARG WC 133 -5.80 114.81 -48.07
N ASP WC 134 -6.70 113.82 -48.16
CA ASP WC 134 -6.52 112.53 -47.49
C ASP WC 134 -5.36 111.76 -48.07
N ILE WC 135 -5.08 111.96 -49.36
CA ILE WC 135 -4.05 111.17 -49.97
C ILE WC 135 -2.69 111.76 -49.68
N ASP WC 136 -2.61 113.10 -49.49
CA ASP WC 136 -1.36 113.73 -49.03
C ASP WC 136 -1.11 113.34 -47.59
N TYR WC 137 -2.20 113.23 -46.80
CA TYR WC 137 -2.07 112.85 -45.41
C TYR WC 137 -1.62 111.40 -45.26
N GLN WC 138 -2.24 110.48 -45.97
CA GLN WC 138 -1.88 109.08 -45.77
C GLN WC 138 -0.59 108.71 -46.47
N ALA WC 139 -0.15 109.51 -47.43
CA ALA WC 139 1.26 109.47 -47.83
C ALA WC 139 2.14 109.89 -46.67
N GLY WC 140 1.85 111.05 -46.09
CA GLY WC 140 2.69 111.59 -45.05
C GLY WC 140 4.01 112.10 -45.60
N LYS WC 141 5.10 111.46 -45.21
CA LYS WC 141 6.43 111.87 -45.64
C LYS WC 141 7.04 110.92 -46.64
N LYS WC 142 6.35 109.83 -46.99
CA LYS WC 142 6.87 108.96 -48.03
C LYS WC 142 6.67 109.56 -49.40
N ALA WC 143 5.66 110.41 -49.56
CA ALA WC 143 5.35 111.03 -50.83
C ALA WC 143 4.65 112.35 -50.55
N SER WC 144 4.23 113.03 -51.62
CA SER WC 144 3.57 114.32 -51.49
C SER WC 144 2.73 114.56 -52.73
N ILE WC 145 1.70 115.40 -52.58
CA ILE WC 145 0.79 115.79 -53.64
C ILE WC 145 0.84 117.29 -53.76
N HIS WC 146 1.02 117.82 -54.96
CA HIS WC 146 0.65 119.22 -55.20
C HIS WC 146 -0.40 119.28 -56.28
N VAL WC 147 -1.17 120.36 -56.27
CA VAL WC 147 -2.13 120.66 -57.31
C VAL WC 147 -1.77 122.02 -57.89
N TYR WC 148 -1.57 122.07 -59.21
CA TYR WC 148 -1.50 123.34 -59.89
C TYR WC 148 -2.82 123.53 -60.63
N PRO WC 149 -3.71 124.40 -60.14
CA PRO WC 149 -5.06 124.47 -60.74
C PRO WC 149 -5.14 125.35 -61.96
N ASN WC 150 -4.21 126.30 -62.15
CA ASN WC 150 -4.20 127.05 -63.41
C ASN WC 150 -3.73 126.21 -64.58
N SER WC 151 -2.73 125.38 -64.34
CA SER WC 151 -2.19 124.46 -65.33
C SER WC 151 -3.00 123.19 -65.42
N GLN WC 152 -3.88 122.96 -64.44
CA GLN WC 152 -4.82 121.83 -64.32
C GLN WC 152 -4.07 120.50 -64.28
N VAL WC 153 -3.11 120.42 -63.38
CA VAL WC 153 -2.31 119.21 -63.24
C VAL WC 153 -2.08 118.92 -61.75
N VAL WC 154 -2.26 117.67 -61.37
CA VAL WC 154 -1.82 117.24 -60.06
C VAL WC 154 -0.49 116.54 -60.23
N GLU WC 155 0.32 116.56 -59.19
CA GLU WC 155 1.60 115.87 -59.27
C GLU WC 155 1.73 115.05 -58.01
N LEU WC 156 2.35 113.90 -58.16
CA LEU WC 156 2.79 113.09 -57.05
C LEU WC 156 4.31 113.11 -57.04
N ARG WC 157 4.88 113.45 -55.89
CA ARG WC 157 6.33 113.57 -55.75
C ARG WC 157 6.80 112.59 -54.68
N TYR WC 158 7.87 111.89 -54.98
CA TYR WC 158 8.47 111.01 -53.99
C TYR WC 158 9.57 111.75 -53.24
N ALA WC 159 10.40 111.00 -52.51
CA ALA WC 159 11.52 111.59 -51.80
C ALA WC 159 12.73 110.67 -51.80
N ILE XC 272 8.70 85.86 -36.87
CA ILE XC 272 7.58 86.40 -37.63
C ILE XC 272 6.25 85.95 -37.04
N PRO XC 273 5.39 86.91 -36.71
CA PRO XC 273 4.10 86.57 -36.15
C PRO XC 273 3.15 86.05 -37.20
N PRO XC 274 2.09 85.36 -36.80
CA PRO XC 274 0.99 85.10 -37.73
C PRO XC 274 0.23 86.38 -38.03
N SER XC 275 -0.48 86.34 -39.16
CA SER XC 275 -1.05 87.55 -39.76
C SER XC 275 -2.28 88.03 -38.99
N ALA XC 276 -3.30 87.21 -38.96
CA ALA XC 276 -4.45 87.28 -38.09
C ALA XC 276 -4.85 85.83 -37.93
N ASN XC 277 -6.09 85.57 -37.58
CA ASN XC 277 -6.61 84.28 -37.93
C ASN XC 277 -7.45 84.57 -39.16
N ASP XC 278 -7.38 83.68 -40.14
CA ASP XC 278 -8.22 83.77 -41.32
C ASP XC 278 -9.66 83.33 -41.08
N LEU XC 279 -9.96 82.80 -39.91
CA LEU XC 279 -11.32 82.42 -39.56
C LEU XC 279 -12.09 83.63 -39.05
N LEU XC 280 -11.38 84.71 -38.78
CA LEU XC 280 -12.00 86.00 -38.54
C LEU XC 280 -12.70 86.56 -39.76
N LEU XC 281 -12.30 86.15 -40.96
CA LEU XC 281 -13.05 86.43 -42.17
C LEU XC 281 -14.42 85.77 -42.16
N HIS XC 282 -14.50 84.55 -41.62
CA HIS XC 282 -15.78 83.89 -41.51
C HIS XC 282 -16.64 84.51 -40.42
N VAL XC 283 -16.04 84.87 -39.29
CA VAL XC 283 -16.88 85.45 -38.25
C VAL XC 283 -16.99 86.96 -38.41
N LEU XC 284 -16.41 87.51 -39.46
CA LEU XC 284 -16.78 88.84 -39.90
C LEU XC 284 -18.05 88.80 -40.72
N GLU XC 285 -18.32 87.67 -41.34
CA GLU XC 285 -19.67 87.37 -41.79
C GLU XC 285 -20.41 86.78 -40.59
N GLY XC 286 -21.66 86.42 -40.77
CA GLY XC 286 -22.31 85.84 -39.62
C GLY XC 286 -22.04 84.38 -39.37
N VAL XC 287 -21.31 83.73 -40.27
CA VAL XC 287 -21.22 82.27 -40.29
C VAL XC 287 -20.28 81.81 -39.18
N PRO XC 288 -20.63 80.78 -38.43
CA PRO XC 288 -19.76 80.26 -37.40
C PRO XC 288 -18.54 79.57 -37.98
N PRO XC 289 -17.49 79.37 -37.20
CA PRO XC 289 -16.37 78.56 -37.65
C PRO XC 289 -16.78 77.10 -37.76
N PRO XC 290 -16.11 76.33 -38.61
CA PRO XC 290 -16.44 74.90 -38.74
C PRO XC 290 -16.00 74.13 -37.50
N GLY XC 291 -16.94 73.35 -36.95
CA GLY XC 291 -16.71 72.62 -35.72
C GLY XC 291 -16.67 73.53 -34.52
N SER XC 292 -17.79 74.16 -34.20
CA SER XC 292 -17.84 75.15 -33.13
C SER XC 292 -18.84 74.76 -32.06
N ARG XC 293 -18.98 75.65 -31.09
CA ARG XC 293 -20.10 75.59 -30.17
C ARG XC 293 -20.67 76.99 -30.09
N ARG XC 294 -21.99 77.08 -30.15
CA ARG XC 294 -22.67 78.36 -30.10
C ARG XC 294 -22.60 78.89 -28.69
N LEU XC 295 -22.43 80.19 -28.54
CA LEU XC 295 -22.59 80.81 -27.24
C LEU XC 295 -23.70 81.83 -27.34
N VAL XC 296 -24.64 81.76 -26.42
CA VAL XC 296 -25.71 82.73 -26.38
C VAL XC 296 -25.18 83.99 -25.73
N VAL XC 297 -25.59 85.13 -26.26
CA VAL XC 297 -25.11 86.44 -25.83
C VAL XC 297 -26.33 87.21 -25.37
N SER XC 298 -26.28 87.73 -24.15
CA SER XC 298 -27.38 88.50 -23.64
C SER XC 298 -26.99 89.96 -23.53
N GLY XC 299 -27.96 90.84 -23.63
CA GLY XC 299 -27.76 92.25 -23.36
C GLY XC 299 -26.99 93.03 -24.40
N GLY XC 300 -26.95 92.57 -25.64
CA GLY XC 300 -26.32 93.36 -26.67
C GLY XC 300 -26.35 92.61 -27.98
N ASP XC 301 -26.19 93.35 -29.07
CA ASP XC 301 -26.17 92.76 -30.40
C ASP XC 301 -24.78 92.20 -30.68
N ALA XC 302 -24.57 90.95 -30.29
CA ALA XC 302 -23.36 90.26 -30.66
C ALA XC 302 -23.67 88.78 -30.78
N ARG XC 303 -22.86 88.10 -31.57
CA ARG XC 303 -22.93 86.66 -31.70
C ARG XC 303 -21.56 86.10 -31.36
N ALA XC 304 -21.54 85.00 -30.63
CA ALA XC 304 -20.27 84.45 -30.17
C ALA XC 304 -20.24 82.96 -30.40
N TRP XC 305 -19.12 82.47 -30.90
CA TRP XC 305 -18.90 81.06 -31.09
C TRP XC 305 -17.60 80.66 -30.42
N LEU XC 306 -17.49 79.40 -30.05
CA LEU XC 306 -16.27 78.93 -29.38
C LEU XC 306 -15.71 77.79 -30.22
N SER XC 307 -14.53 78.00 -30.81
CA SER XC 307 -13.99 77.01 -31.70
C SER XC 307 -13.14 76.01 -30.95
N ASN XC 308 -12.04 76.48 -30.38
CA ASN XC 308 -11.13 75.63 -29.60
C ASN XC 308 -10.46 76.48 -28.51
N GLU XC 309 -11.14 76.52 -27.35
CA GLU XC 309 -10.81 77.33 -26.16
C GLU XC 309 -10.61 78.82 -26.45
N LYS XC 310 -11.26 79.34 -27.47
CA LYS XC 310 -11.19 80.73 -27.90
C LYS XC 310 -12.57 81.07 -28.40
N MET XC 311 -13.11 82.20 -28.01
CA MET XC 311 -14.37 82.60 -28.59
C MET XC 311 -14.15 83.70 -29.61
N TYR XC 312 -15.09 83.79 -30.51
CA TYR XC 312 -15.07 84.72 -31.61
C TYR XC 312 -16.40 85.44 -31.57
N VAL XC 313 -16.34 86.77 -31.64
CA VAL XC 313 -17.51 87.60 -31.46
C VAL XC 313 -17.68 88.45 -32.69
N ARG XC 314 -18.83 88.30 -33.35
CA ARG XC 314 -19.32 89.23 -34.34
C ARG XC 314 -20.14 90.28 -33.62
N THR XC 315 -19.71 91.53 -33.72
CA THR XC 315 -20.49 92.61 -33.14
C THR XC 315 -20.28 93.84 -33.99
N ASN XC 316 -20.97 94.91 -33.64
CA ASN XC 316 -20.58 96.23 -34.08
C ASN XC 316 -20.38 97.15 -32.88
N LEU XC 317 -20.40 96.59 -31.68
CA LEU XC 317 -20.10 97.33 -30.47
C LEU XC 317 -18.59 97.34 -30.28
N THR XC 318 -18.12 98.03 -29.26
CA THR XC 318 -16.68 98.05 -29.04
C THR XC 318 -16.32 97.39 -27.73
N ILE XC 319 -15.69 96.22 -27.80
CA ILE XC 319 -15.33 95.49 -26.59
C ILE XC 319 -14.14 96.16 -25.91
N LEU XC 320 -14.29 96.43 -24.61
CA LEU XC 320 -13.41 97.27 -23.81
C LEU XC 320 -12.62 96.50 -22.76
N SER XC 321 -13.28 95.74 -21.88
CA SER XC 321 -12.49 95.24 -20.76
C SER XC 321 -11.61 94.00 -21.02
N PRO XC 322 -12.10 92.83 -21.46
CA PRO XC 322 -11.29 91.63 -21.23
C PRO XC 322 -10.19 91.38 -22.26
N GLY XC 323 -10.11 92.18 -23.32
CA GLY XC 323 -8.96 92.13 -24.20
C GLY XC 323 -9.05 91.03 -25.23
N TRP XC 324 -8.75 91.36 -26.47
CA TRP XC 324 -8.90 90.38 -27.52
C TRP XC 324 -7.57 90.13 -28.19
N LEU XC 325 -7.47 88.98 -28.83
CA LEU XC 325 -6.22 88.61 -29.46
C LEU XC 325 -6.17 89.02 -30.91
N ALA XC 326 -7.31 89.05 -31.60
CA ALA XC 326 -7.27 89.43 -33.00
C ALA XC 326 -8.56 90.13 -33.35
N SER XC 327 -8.51 90.99 -34.37
CA SER XC 327 -9.69 91.74 -34.78
C SER XC 327 -9.65 92.02 -36.26
N MET XC 328 -10.84 91.96 -36.86
CA MET XC 328 -11.08 92.49 -38.19
C MET XC 328 -12.34 93.34 -38.16
N THR XC 329 -12.57 94.04 -39.26
CA THR XC 329 -13.75 94.89 -39.38
C THR XC 329 -14.15 94.87 -40.85
N SER XC 330 -15.45 94.69 -41.12
CA SER XC 330 -15.97 94.68 -42.46
C SER XC 330 -16.17 96.08 -43.01
N ALA XC 331 -16.90 96.16 -44.12
CA ALA XC 331 -17.13 97.43 -44.78
C ALA XC 331 -18.10 98.31 -43.99
N ASP XC 332 -19.04 97.69 -43.30
CA ASP XC 332 -20.11 98.40 -42.61
C ASP XC 332 -19.86 98.57 -41.11
N GLY XC 333 -18.62 98.44 -40.66
CA GLY XC 333 -18.31 98.65 -39.27
C GLY XC 333 -18.61 97.49 -38.37
N THR XC 334 -18.97 96.35 -38.91
CA THR XC 334 -19.06 95.14 -38.12
C THR XC 334 -17.64 94.68 -37.81
N HIS XC 335 -17.37 94.38 -36.56
CA HIS XC 335 -16.08 93.83 -36.16
C HIS XC 335 -16.20 92.36 -35.80
N ALA XC 336 -15.07 91.67 -35.90
CA ALA XC 336 -14.94 90.28 -35.53
C ALA XC 336 -13.70 90.11 -34.67
N TYR XC 337 -13.90 89.59 -33.47
CA TYR XC 337 -12.86 89.48 -32.46
C TYR XC 337 -12.58 88.04 -32.05
N GLU XC 338 -11.31 87.70 -32.03
CA GLU XC 338 -10.77 86.49 -31.41
C GLU XC 338 -10.28 86.85 -30.03
N MET XC 339 -10.76 86.11 -29.02
CA MET XC 339 -10.36 86.37 -27.65
C MET XC 339 -10.49 85.09 -26.86
N GLN XC 340 -9.92 85.08 -25.65
CA GLN XC 340 -10.10 83.93 -24.78
C GLN XC 340 -11.49 83.96 -24.17
N LYS XC 341 -11.90 82.83 -23.62
CA LYS XC 341 -13.26 82.72 -23.10
C LYS XC 341 -13.36 83.42 -21.75
N SER XC 342 -14.10 84.49 -21.73
CA SER XC 342 -14.49 85.28 -20.60
C SER XC 342 -16.01 85.35 -20.55
N PRO XC 343 -16.62 85.13 -19.39
CA PRO XC 343 -18.08 84.99 -19.34
C PRO XC 343 -18.82 86.30 -19.43
N VAL XC 344 -18.13 87.42 -19.35
CA VAL XC 344 -18.74 88.72 -19.49
C VAL XC 344 -17.88 89.49 -20.49
N LEU XC 345 -18.55 90.27 -21.31
CA LEU XC 345 -17.92 91.18 -22.24
C LEU XC 345 -18.36 92.56 -21.81
N LEU XC 346 -17.46 93.52 -21.86
CA LEU XC 346 -17.81 94.89 -21.58
C LEU XC 346 -17.69 95.63 -22.90
N VAL XC 347 -18.72 96.35 -23.32
CA VAL XC 347 -18.58 97.08 -24.56
C VAL XC 347 -18.90 98.54 -24.28
N SER XC 348 -18.56 99.37 -25.24
CA SER XC 348 -19.19 100.65 -25.43
C SER XC 348 -20.22 100.50 -26.52
N TRP XC 349 -21.41 101.03 -26.27
CA TRP XC 349 -22.48 101.02 -27.27
C TRP XC 349 -22.47 102.32 -28.05
N HIS XC 350 -22.77 103.42 -27.38
CA HIS XC 350 -22.65 104.75 -27.98
C HIS XC 350 -22.10 105.69 -26.94
N GLY XC 351 -20.99 105.32 -26.34
CA GLY XC 351 -20.45 106.02 -25.21
C GLY XC 351 -20.90 105.48 -23.88
N LYS XC 352 -22.00 104.72 -23.87
CA LYS XC 352 -22.41 104.01 -22.68
C LYS XC 352 -21.59 102.74 -22.50
N VAL XC 353 -21.04 102.58 -21.30
CA VAL XC 353 -20.42 101.33 -20.89
C VAL XC 353 -21.54 100.34 -20.61
N MET XC 354 -21.42 99.16 -21.19
CA MET XC 354 -22.48 98.19 -21.38
C MET XC 354 -21.91 96.82 -21.08
N GLN XC 355 -22.75 95.90 -20.62
CA GLN XC 355 -22.29 94.56 -20.32
C GLN XC 355 -23.06 93.55 -21.14
N LEU XC 356 -22.33 92.54 -21.58
CA LEU XC 356 -22.84 91.44 -22.37
C LEU XC 356 -22.41 90.17 -21.68
N LYS XC 357 -23.25 89.17 -21.71
CA LYS XC 357 -23.08 88.02 -20.85
C LYS XC 357 -23.17 86.75 -21.69
N VAL XC 358 -22.17 85.88 -21.59
CA VAL XC 358 -22.11 84.73 -22.46
C VAL XC 358 -22.07 83.45 -21.63
N GLU XC 359 -22.81 82.45 -22.10
CA GLU XC 359 -22.94 81.17 -21.40
C GLU XC 359 -22.21 80.10 -22.22
N GLY XC 360 -21.21 79.48 -21.63
CA GLY XC 360 -20.36 78.52 -22.30
C GLY XC 360 -18.88 78.80 -22.12
N LEU YC 41 -31.42 87.08 -14.37
CA LEU YC 41 -32.17 87.15 -15.62
C LEU YC 41 -31.99 88.52 -16.28
N PRO YC 42 -32.07 88.57 -17.61
CA PRO YC 42 -32.18 89.86 -18.29
C PRO YC 42 -33.52 90.52 -18.00
N CYS YC 43 -33.51 91.85 -18.07
CA CYS YC 43 -34.66 92.66 -17.68
C CYS YC 43 -35.62 92.82 -18.84
N ARG YC 44 -36.92 92.74 -18.55
CA ARG YC 44 -37.93 92.96 -19.58
C ARG YC 44 -38.13 94.46 -19.82
N VAL YC 45 -38.57 95.18 -18.79
CA VAL YC 45 -38.69 96.62 -18.89
C VAL YC 45 -37.40 97.26 -18.42
N ASP YC 46 -37.04 98.38 -19.04
CA ASP YC 46 -35.83 99.11 -18.65
C ASP YC 46 -36.13 100.27 -17.70
N GLY YC 47 -36.84 100.00 -16.62
CA GLY YC 47 -37.23 101.06 -15.70
C GLY YC 47 -38.30 101.98 -16.23
N ALA YC 48 -39.12 101.51 -17.17
CA ALA YC 48 -40.09 102.35 -17.86
C ALA YC 48 -41.21 101.49 -18.37
N CYS YC 49 -42.39 102.06 -18.55
CA CYS YC 49 -43.50 101.36 -19.18
C CYS YC 49 -44.19 102.28 -20.17
N ASP YC 50 -44.75 101.67 -21.22
CA ASP YC 50 -45.34 102.42 -22.32
C ASP YC 50 -46.65 103.09 -21.93
N ALA YC 51 -47.35 102.50 -20.97
CA ALA YC 51 -48.53 103.12 -20.38
C ALA YC 51 -48.16 104.39 -19.64
N THR YC 52 -47.03 104.39 -18.94
CA THR YC 52 -46.59 105.60 -18.27
C THR YC 52 -46.06 106.64 -19.25
N ILE YC 53 -45.47 106.19 -20.38
CA ILE YC 53 -45.04 107.11 -21.44
C ILE YC 53 -46.22 107.86 -22.03
N ILE YC 54 -47.29 107.15 -22.35
CA ILE YC 54 -48.43 107.87 -22.93
C ILE YC 54 -49.23 108.58 -21.84
N LYS YC 55 -49.12 108.17 -20.57
CA LYS YC 55 -49.78 108.89 -19.50
C LYS YC 55 -49.13 110.25 -19.25
N MET YC 56 -47.79 110.29 -19.22
CA MET YC 56 -47.09 111.57 -19.17
C MET YC 56 -47.28 112.37 -20.45
N MET YC 57 -47.47 111.70 -21.58
CA MET YC 57 -47.57 112.42 -22.84
C MET YC 57 -48.93 113.12 -22.98
N THR YC 58 -50.02 112.44 -22.57
CA THR YC 58 -51.31 113.11 -22.39
C THR YC 58 -51.29 114.19 -21.32
N ASP YC 59 -50.60 113.97 -20.19
CA ASP YC 59 -50.62 114.99 -19.14
C ASP YC 59 -49.80 116.22 -19.51
N LEU YC 60 -48.72 116.06 -20.26
CA LEU YC 60 -47.96 117.20 -20.73
C LEU YC 60 -48.71 117.96 -21.82
N ASN YC 61 -49.43 117.25 -22.68
CA ASN YC 61 -50.26 117.96 -23.66
C ASN YC 61 -51.48 118.60 -23.02
N LYS YC 62 -51.96 118.08 -21.88
CA LYS YC 62 -53.04 118.78 -21.17
C LYS YC 62 -52.54 120.02 -20.48
N LYS YC 63 -51.34 119.98 -19.89
CA LYS YC 63 -50.77 121.22 -19.36
C LYS YC 63 -50.10 122.09 -20.40
N GLY YC 64 -50.18 121.76 -21.68
CA GLY YC 64 -49.84 122.72 -22.71
C GLY YC 64 -48.42 122.62 -23.17
N ILE YC 65 -47.69 121.65 -22.66
CA ILE YC 65 -46.34 121.38 -23.14
C ILE YC 65 -46.47 120.39 -24.27
N LYS YC 66 -46.23 120.82 -25.49
CA LYS YC 66 -46.77 120.03 -26.57
C LYS YC 66 -45.72 119.00 -26.96
N VAL YC 67 -46.10 117.73 -26.93
CA VAL YC 67 -45.20 116.64 -27.26
C VAL YC 67 -45.49 116.19 -28.70
N ALA YC 68 -44.58 116.49 -29.60
CA ALA YC 68 -44.60 115.94 -30.95
C ALA YC 68 -43.77 114.66 -31.00
N SER YC 69 -44.26 113.71 -31.79
CA SER YC 69 -43.73 112.36 -31.78
C SER YC 69 -43.62 111.87 -33.20
N VAL YC 70 -42.51 112.16 -33.86
CA VAL YC 70 -42.34 111.93 -35.28
C VAL YC 70 -41.24 110.89 -35.45
N GLY YC 71 -41.60 109.68 -35.84
CA GLY YC 71 -40.62 108.64 -36.08
C GLY YC 71 -40.03 108.09 -34.81
N GLN YC 72 -38.77 108.41 -34.53
CA GLN YC 72 -38.32 108.42 -33.16
C GLN YC 72 -37.80 109.77 -32.72
N ASN YC 73 -37.91 110.80 -33.56
CA ASN YC 73 -37.63 112.13 -33.10
C ASN YC 73 -38.76 112.59 -32.20
N TYR YC 74 -38.40 112.86 -30.95
CA TYR YC 74 -39.33 113.39 -29.98
C TYR YC 74 -39.01 114.85 -29.75
N LEU YC 75 -40.07 115.62 -29.68
CA LEU YC 75 -40.03 117.04 -29.42
C LEU YC 75 -40.95 117.31 -28.27
N ILE YC 76 -40.46 117.94 -27.21
CA ILE YC 76 -41.35 118.58 -26.27
C ILE YC 76 -41.08 120.07 -26.33
N SER YC 77 -42.15 120.83 -26.52
CA SER YC 77 -42.06 122.27 -26.74
C SER YC 77 -42.68 122.93 -25.53
N ILE YC 78 -41.91 123.81 -24.92
CA ILE YC 78 -42.28 124.45 -23.65
C ILE YC 78 -42.35 125.94 -23.89
N PRO YC 79 -43.49 126.58 -23.65
CA PRO YC 79 -43.52 128.05 -23.67
C PRO YC 79 -42.72 128.64 -22.52
N ALA YC 80 -42.05 129.75 -22.82
CA ALA YC 80 -41.18 130.38 -21.85
C ALA YC 80 -41.94 131.11 -20.74
N SER YC 81 -43.23 131.39 -20.95
CA SER YC 81 -44.11 131.76 -19.86
C SER YC 81 -44.22 130.65 -18.83
N ALA YC 82 -44.30 129.41 -19.29
CA ALA YC 82 -44.52 128.31 -18.39
C ALA YC 82 -43.29 127.93 -17.59
N LEU YC 83 -42.11 128.41 -17.96
CA LEU YC 83 -40.98 128.23 -17.07
C LEU YC 83 -40.49 129.53 -16.44
N PHE YC 84 -40.08 130.52 -17.23
CA PHE YC 84 -39.22 131.51 -16.61
C PHE YC 84 -40.04 132.74 -16.25
N ALA YC 85 -39.33 133.76 -15.78
CA ALA YC 85 -39.85 135.11 -15.75
C ALA YC 85 -39.53 135.78 -17.08
N ASP YC 86 -40.11 136.94 -17.34
CA ASP YC 86 -40.06 137.53 -18.67
C ASP YC 86 -38.72 138.21 -18.91
N GLN YC 87 -38.11 137.87 -20.06
CA GLN YC 87 -36.82 138.38 -20.56
C GLN YC 87 -35.67 138.14 -19.58
N SER YC 88 -35.74 137.04 -18.85
CA SER YC 88 -34.82 136.75 -17.78
C SER YC 88 -34.26 135.37 -18.03
N PRO YC 89 -33.03 135.11 -17.65
CA PRO YC 89 -32.54 133.73 -17.56
C PRO YC 89 -32.70 133.11 -16.18
N ARG YC 90 -33.91 133.19 -15.61
CA ARG YC 90 -34.12 132.74 -14.24
C ARG YC 90 -35.39 131.93 -14.13
N LEU YC 91 -35.29 130.72 -13.57
CA LEU YC 91 -36.47 129.92 -13.30
C LEU YC 91 -37.33 130.50 -12.18
N ASN YC 92 -38.63 130.31 -12.33
CA ASN YC 92 -39.54 130.38 -11.22
C ASN YC 92 -39.46 129.09 -10.42
N TRP YC 93 -39.83 129.19 -9.14
CA TRP YC 93 -39.72 128.05 -8.26
C TRP YC 93 -40.77 126.99 -8.54
N ALA YC 94 -41.95 127.37 -9.01
CA ALA YC 94 -42.99 126.39 -9.27
C ALA YC 94 -42.74 125.62 -10.55
N SER YC 95 -41.92 126.16 -11.45
CA SER YC 95 -41.69 125.56 -12.76
C SER YC 95 -40.75 124.38 -12.73
N TYR YC 96 -40.10 124.11 -11.59
CA TYR YC 96 -39.34 122.88 -11.49
C TYR YC 96 -40.24 121.67 -11.36
N SER YC 97 -41.51 121.84 -10.97
CA SER YC 97 -42.46 120.74 -11.08
C SER YC 97 -42.77 120.42 -12.53
N LEU YC 98 -42.81 121.45 -13.38
CA LEU YC 98 -42.98 121.21 -14.81
C LEU YC 98 -41.78 120.51 -15.38
N LEU YC 99 -40.60 120.90 -14.92
CA LEU YC 99 -39.37 120.18 -15.20
C LEU YC 99 -39.31 118.79 -14.55
N ASN YC 100 -40.12 118.52 -13.53
CA ASN YC 100 -40.16 117.19 -12.95
C ASN YC 100 -40.82 116.18 -13.83
N GLU YC 101 -42.03 116.47 -14.37
CA GLU YC 101 -42.43 115.45 -15.37
C GLU YC 101 -41.77 115.62 -16.73
N ILE YC 102 -41.08 116.72 -17.03
CA ILE YC 102 -40.16 116.72 -18.18
C ILE YC 102 -39.02 115.72 -17.98
N ALA YC 103 -38.39 115.73 -16.81
CA ALA YC 103 -37.29 114.82 -16.54
C ALA YC 103 -37.76 113.39 -16.31
N ALA YC 104 -38.93 113.21 -15.71
CA ALA YC 104 -39.45 111.85 -15.55
C ALA YC 104 -40.01 111.30 -16.85
N PHE YC 105 -40.37 112.16 -17.78
CA PHE YC 105 -40.65 111.71 -19.13
C PHE YC 105 -39.36 111.32 -19.84
N LEU YC 106 -38.29 112.06 -19.58
CA LEU YC 106 -37.01 111.75 -20.19
C LEU YC 106 -36.28 110.59 -19.53
N LYS YC 107 -36.76 110.10 -18.39
CA LYS YC 107 -36.35 108.79 -17.87
C LYS YC 107 -36.65 107.67 -18.84
N GLN YC 108 -37.76 107.75 -19.54
CA GLN YC 108 -38.42 106.59 -20.10
C GLN YC 108 -37.78 106.10 -21.40
N PHE YC 109 -36.93 106.89 -22.02
CA PHE YC 109 -36.39 106.53 -23.32
C PHE YC 109 -34.90 106.30 -23.25
N ARG YC 110 -34.42 105.44 -24.13
CA ARG YC 110 -33.00 105.28 -24.35
C ARG YC 110 -32.61 106.30 -25.39
N LYS YC 111 -31.67 107.16 -25.03
CA LYS YC 111 -31.36 108.33 -25.83
C LYS YC 111 -29.87 108.58 -25.77
N ILE YC 112 -29.37 109.23 -26.82
CA ILE YC 112 -27.94 109.42 -26.99
C ILE YC 112 -27.59 110.87 -26.81
N ALA YC 113 -28.27 111.76 -27.52
CA ALA YC 113 -28.05 113.18 -27.38
C ALA YC 113 -29.40 113.86 -27.36
N ILE YC 114 -29.68 114.51 -26.25
CA ILE YC 114 -30.74 115.50 -26.17
C ILE YC 114 -30.16 116.81 -26.64
N THR YC 115 -30.82 117.51 -27.55
CA THR YC 115 -30.46 118.91 -27.71
C THR YC 115 -31.61 119.80 -27.25
N VAL YC 116 -31.25 120.79 -26.46
CA VAL YC 116 -32.18 121.75 -25.89
C VAL YC 116 -31.83 123.10 -26.46
N THR YC 117 -32.78 123.71 -27.12
CA THR YC 117 -32.53 125.01 -27.70
C THR YC 117 -33.68 125.95 -27.43
N SER YC 118 -33.33 127.19 -27.13
CA SER YC 118 -34.29 128.16 -26.65
C SER YC 118 -34.25 129.36 -27.56
N TYR YC 119 -35.41 129.98 -27.78
CA TYR YC 119 -35.46 131.25 -28.49
C TYR YC 119 -36.71 132.02 -28.07
N SER YC 120 -36.59 133.33 -27.97
CA SER YC 120 -37.73 134.14 -27.60
C SER YC 120 -37.94 135.26 -28.61
N SER YC 121 -38.87 136.15 -28.30
CA SER YC 121 -39.12 137.28 -29.17
C SER YC 121 -38.11 138.39 -28.90
N LYS YC 122 -38.17 139.43 -29.73
CA LYS YC 122 -37.16 140.50 -29.69
C LYS YC 122 -37.38 141.40 -28.48
N TYR YC 123 -36.32 141.69 -27.74
CA TYR YC 123 -36.44 142.61 -26.61
C TYR YC 123 -35.56 143.85 -26.74
N VAL YC 124 -34.25 143.69 -26.85
CA VAL YC 124 -33.41 144.86 -27.10
C VAL YC 124 -32.74 144.69 -28.44
N SER YC 125 -31.90 143.68 -28.55
CA SER YC 125 -31.14 143.41 -29.75
C SER YC 125 -31.04 141.91 -29.90
N VAL YC 126 -30.56 141.49 -31.06
CA VAL YC 126 -30.32 140.07 -31.27
C VAL YC 126 -29.12 139.58 -30.48
N LYS YC 127 -28.17 140.44 -30.13
CA LYS YC 127 -27.00 140.03 -29.36
C LYS YC 127 -27.36 139.79 -27.89
N ARG YC 128 -28.14 140.71 -27.32
CA ARG YC 128 -28.71 140.52 -25.99
C ARG YC 128 -29.69 139.36 -25.96
N GLU YC 129 -30.42 139.19 -27.05
CA GLU YC 129 -31.36 138.09 -27.19
C GLU YC 129 -30.67 136.73 -27.24
N ARG YC 130 -29.56 136.63 -27.95
CA ARG YC 130 -28.89 135.36 -28.07
C ARG YC 130 -28.11 135.01 -26.82
N ALA YC 131 -27.62 136.02 -26.10
CA ALA YC 131 -27.08 135.80 -24.76
C ALA YC 131 -28.13 135.31 -23.79
N LEU YC 132 -29.34 135.89 -23.86
CA LEU YC 132 -30.48 135.45 -23.06
C LEU YC 132 -30.87 134.01 -23.34
N THR YC 133 -30.92 133.63 -24.60
CA THR YC 133 -31.43 132.31 -24.91
C THR YC 133 -30.37 131.23 -24.72
N LEU YC 134 -29.10 131.62 -24.82
CA LEU YC 134 -28.01 130.70 -24.50
C LEU YC 134 -27.96 130.42 -23.00
N ALA YC 135 -28.11 131.48 -22.18
CA ALA YC 135 -28.18 131.30 -20.73
C ALA YC 135 -29.43 130.55 -20.31
N ARG YC 136 -30.52 130.76 -21.04
CA ARG YC 136 -31.81 130.13 -20.82
C ARG YC 136 -31.76 128.63 -21.01
N SER YC 137 -31.21 128.20 -22.15
CA SER YC 137 -31.07 126.79 -22.45
C SER YC 137 -30.00 126.13 -21.60
N ARG YC 138 -28.92 126.85 -21.25
CA ARG YC 138 -27.90 126.21 -20.43
C ARG YC 138 -28.34 126.05 -18.99
N VAL YC 139 -29.25 126.91 -18.52
CA VAL YC 139 -29.81 126.77 -17.20
C VAL YC 139 -30.77 125.58 -17.15
N VAL YC 140 -31.59 125.40 -18.20
CA VAL YC 140 -32.52 124.28 -18.14
C VAL YC 140 -31.84 122.94 -18.42
N SER YC 141 -30.72 122.92 -19.15
CA SER YC 141 -29.98 121.68 -19.27
C SER YC 141 -29.13 121.38 -18.04
N GLU YC 142 -28.67 122.42 -17.32
CA GLU YC 142 -28.04 122.20 -16.01
C GLU YC 142 -29.01 121.57 -15.02
N TYR YC 143 -30.28 121.98 -15.05
CA TYR YC 143 -31.24 121.29 -14.20
C TYR YC 143 -31.59 119.91 -14.74
N LEU YC 144 -31.54 119.70 -16.05
CA LEU YC 144 -31.94 118.39 -16.57
C LEU YC 144 -30.87 117.32 -16.37
N TRP YC 145 -29.60 117.70 -16.29
CA TRP YC 145 -28.57 116.74 -15.87
C TRP YC 145 -28.29 116.84 -14.37
N SER YC 146 -28.85 117.83 -13.68
CA SER YC 146 -29.04 117.60 -12.25
C SER YC 146 -30.08 116.50 -12.05
N GLN YC 147 -31.16 116.56 -12.82
CA GLN YC 147 -32.11 115.47 -12.77
C GLN YC 147 -31.68 114.33 -13.66
N GLY YC 148 -32.60 113.40 -13.85
CA GLY YC 148 -32.24 112.15 -14.46
C GLY YC 148 -32.49 112.18 -15.93
N VAL YC 149 -31.43 112.24 -16.69
CA VAL YC 149 -31.48 111.80 -18.07
C VAL YC 149 -30.45 110.70 -18.20
N ASP YC 150 -30.71 109.78 -19.11
CA ASP YC 150 -29.73 108.76 -19.44
C ASP YC 150 -29.08 109.10 -20.76
N SER YC 151 -29.16 110.36 -21.14
CA SER YC 151 -28.50 110.87 -22.33
C SER YC 151 -27.00 110.91 -22.11
N ARG YC 152 -26.27 110.79 -23.20
CA ARG YC 152 -24.84 110.88 -23.15
C ARG YC 152 -24.37 112.30 -23.45
N ILE YC 153 -25.07 113.00 -24.33
CA ILE YC 153 -24.81 114.40 -24.56
C ILE YC 153 -26.13 115.12 -24.35
N ILE YC 154 -26.09 116.26 -23.69
CA ILE YC 154 -27.07 117.29 -23.94
C ILE YC 154 -26.35 118.42 -24.63
N PHE YC 155 -26.68 118.66 -25.88
CA PHE YC 155 -26.27 119.88 -26.55
C PHE YC 155 -27.30 120.91 -26.15
N THR YC 156 -26.86 122.14 -26.01
CA THR YC 156 -27.70 123.20 -25.54
C THR YC 156 -27.30 124.53 -26.17
N GLN YC 157 -28.28 125.24 -26.72
CA GLN YC 157 -28.01 126.46 -27.47
C GLN YC 157 -29.24 127.34 -27.51
N GLY YC 158 -29.02 128.59 -27.90
CA GLY YC 158 -30.12 129.53 -28.00
C GLY YC 158 -30.02 130.36 -29.25
N LEU YC 159 -31.16 130.78 -29.80
CA LEU YC 159 -31.18 131.54 -31.02
C LEU YC 159 -31.97 132.83 -30.86
N GLY YC 160 -31.74 133.76 -31.76
CA GLY YC 160 -32.36 135.06 -31.68
C GLY YC 160 -33.59 135.31 -32.49
N SER YC 161 -34.65 134.53 -32.20
CA SER YC 161 -35.92 134.47 -32.97
C SER YC 161 -35.68 134.16 -34.43
N ASP YC 162 -34.65 133.35 -34.66
CA ASP YC 162 -34.25 133.05 -35.99
C ASP YC 162 -35.10 131.96 -36.56
N LYS YC 163 -35.91 131.30 -35.75
CA LYS YC 163 -36.74 130.23 -36.28
C LYS YC 163 -38.17 130.35 -35.74
N PRO YC 164 -38.96 131.39 -36.06
CA PRO YC 164 -40.17 131.56 -35.21
C PRO YC 164 -41.38 130.84 -35.78
N ILE YC 165 -42.11 130.12 -34.91
CA ILE YC 165 -43.16 129.24 -35.39
C ILE YC 165 -44.48 129.92 -35.72
N THR YC 166 -44.63 131.21 -35.42
CA THR YC 166 -45.77 131.96 -35.92
C THR YC 166 -45.28 133.34 -36.29
N SER YC 167 -46.04 134.00 -37.14
CA SER YC 167 -45.74 135.37 -37.53
C SER YC 167 -46.36 136.39 -36.59
N TYR YC 168 -47.13 135.93 -35.61
CA TYR YC 168 -47.82 136.84 -34.71
C TYR YC 168 -46.94 137.05 -33.48
N THR YC 169 -46.57 138.30 -33.26
CA THR YC 169 -45.44 138.72 -32.44
C THR YC 169 -45.89 139.58 -31.26
N LEU YC 170 -46.79 139.06 -30.42
CA LEU YC 170 -47.60 139.82 -29.46
C LEU YC 170 -46.77 140.59 -28.43
N GLY YC 171 -45.68 140.00 -27.96
CA GLY YC 171 -45.03 140.55 -26.79
C GLY YC 171 -43.73 139.85 -26.45
N GLY YC 172 -43.51 139.60 -25.17
CA GLY YC 172 -42.23 139.12 -24.73
C GLY YC 172 -42.25 137.62 -24.54
N ASP YC 173 -42.26 137.14 -23.30
CA ASP YC 173 -42.35 135.71 -23.08
C ASP YC 173 -43.78 135.17 -23.12
N ARG YC 174 -44.79 136.00 -23.35
CA ARG YC 174 -46.12 135.46 -23.54
C ARG YC 174 -46.38 135.09 -24.98
N SER YC 175 -45.43 135.39 -25.88
CA SER YC 175 -45.54 134.97 -27.27
C SER YC 175 -45.41 133.45 -27.33
N PRO YC 176 -46.16 132.80 -28.22
CA PRO YC 176 -45.93 131.37 -28.43
C PRO YC 176 -44.67 131.08 -29.22
N ASN YC 177 -44.09 132.09 -29.88
CA ASN YC 177 -42.73 131.99 -30.37
C ASN YC 177 -41.72 131.85 -29.26
N ALA YC 178 -41.96 132.44 -28.09
CA ALA YC 178 -40.99 132.45 -27.01
C ALA YC 178 -41.04 131.11 -26.30
N ARG YC 179 -40.06 130.25 -26.59
CA ARG YC 179 -40.20 128.88 -26.18
C ARG YC 179 -38.82 128.25 -26.11
N VAL YC 180 -38.75 127.16 -25.35
CA VAL YC 180 -37.61 126.27 -25.40
C VAL YC 180 -38.13 124.98 -26.01
N GLU YC 181 -37.27 124.27 -26.72
CA GLU YC 181 -37.64 122.99 -27.26
C GLU YC 181 -36.55 121.98 -26.97
N ILE YC 182 -37.01 120.80 -26.57
CA ILE YC 182 -36.15 119.71 -26.16
C ILE YC 182 -36.41 118.60 -27.16
N THR YC 183 -35.45 118.37 -28.06
CA THR YC 183 -35.62 117.38 -29.10
C THR YC 183 -34.54 116.33 -28.97
N PHE YC 184 -34.92 115.10 -29.21
CA PHE YC 184 -33.97 114.00 -29.20
C PHE YC 184 -34.47 112.92 -30.13
N ARG YC 185 -33.66 111.88 -30.29
CA ARG YC 185 -34.09 110.70 -31.02
C ARG YC 185 -33.99 109.51 -30.09
N ARG YC 186 -35.07 108.77 -29.97
CA ARG YC 186 -35.08 107.60 -29.11
C ARG YC 186 -34.27 106.48 -29.74
N ALA YC 187 -33.22 106.06 -29.06
CA ALA YC 187 -32.34 105.04 -29.60
C ALA YC 187 -32.98 103.67 -29.40
N VAL YC 188 -32.95 102.87 -30.49
CA VAL YC 188 -33.57 101.54 -30.72
C VAL YC 188 -34.89 101.27 -30.05
N ALA ZC 1 -20.70 190.26 -19.14
CA ALA ZC 1 -19.74 190.24 -18.03
C ALA ZC 1 -18.59 189.29 -18.34
N ALA ZC 2 -17.97 189.48 -19.50
CA ALA ZC 2 -16.92 188.60 -19.99
C ALA ZC 2 -15.62 188.83 -19.25
N ALA ZC 3 -14.78 187.78 -19.23
CA ALA ZC 3 -13.44 187.86 -18.67
C ALA ZC 3 -12.58 186.84 -19.43
N ALA ZC 4 -11.84 187.32 -20.44
CA ALA ZC 4 -11.04 186.47 -21.32
C ALA ZC 4 -9.62 187.02 -21.39
N ALA ZC 5 -8.73 186.48 -20.56
CA ALA ZC 5 -7.36 186.94 -20.52
C ALA ZC 5 -6.45 185.82 -20.05
N ALA ZC 6 -5.16 185.93 -20.42
CA ALA ZC 6 -4.12 184.97 -20.02
C ALA ZC 6 -3.11 185.72 -19.16
N ALA ZC 7 -3.26 185.59 -17.86
CA ALA ZC 7 -2.49 186.35 -16.88
C ALA ZC 7 -2.30 185.45 -15.66
N ALA ZC 8 -1.97 186.06 -14.52
CA ALA ZC 8 -1.93 185.35 -13.25
C ALA ZC 8 -2.91 186.01 -12.30
N ALA ZC 9 -4.18 185.62 -12.39
CA ALA ZC 9 -5.17 186.07 -11.42
C ALA ZC 9 -5.00 185.34 -10.10
N ALA ZC 10 -5.03 184.00 -10.15
CA ALA ZC 10 -4.43 183.06 -9.21
C ALA ZC 10 -5.05 182.97 -7.81
N ALA ZC 11 -6.03 183.82 -7.50
CA ALA ZC 11 -6.72 183.75 -6.21
C ALA ZC 11 -8.14 184.26 -6.43
N ALA ZC 12 -9.05 183.33 -6.71
CA ALA ZC 12 -10.41 183.69 -7.05
C ALA ZC 12 -11.33 182.54 -6.67
N ALA ZC 13 -12.07 182.70 -5.58
CA ALA ZC 13 -13.22 181.85 -5.28
C ALA ZC 13 -14.47 182.52 -5.85
N ALA ZC 14 -14.50 182.58 -7.18
CA ALA ZC 14 -15.38 183.49 -7.90
C ALA ZC 14 -16.73 182.82 -8.12
N ALA ZC 15 -17.71 183.19 -7.28
CA ALA ZC 15 -19.09 182.76 -7.48
C ALA ZC 15 -19.78 183.83 -8.31
N ALA ZC 16 -19.61 183.72 -9.63
CA ALA ZC 16 -20.09 184.72 -10.55
C ALA ZC 16 -21.61 184.63 -10.72
N ALA ZC 17 -22.19 185.74 -11.17
CA ALA ZC 17 -23.62 185.84 -11.41
C ALA ZC 17 -23.92 185.45 -12.86
N ALA ZC 18 -25.14 185.74 -13.30
CA ALA ZC 18 -25.60 185.35 -14.63
C ALA ZC 18 -24.95 186.24 -15.70
N ALA ZC 19 -24.89 185.66 -16.92
CA ALA ZC 19 -24.28 186.22 -18.13
C ALA ZC 19 -22.80 186.58 -17.93
N ALA ZC 20 -22.09 185.80 -17.12
CA ALA ZC 20 -20.67 186.01 -16.90
C ALA ZC 20 -19.90 185.10 -17.86
N ALA ZC 21 -19.82 185.56 -19.11
CA ALA ZC 21 -19.26 184.76 -20.20
C ALA ZC 21 -17.74 184.84 -20.21
N ALA ZC 22 -17.13 184.22 -19.20
CA ALA ZC 22 -15.70 184.34 -18.95
C ALA ZC 22 -14.97 183.21 -19.67
N ALA ZC 23 -14.39 183.53 -20.82
CA ALA ZC 23 -13.49 182.61 -21.51
C ALA ZC 23 -12.02 182.91 -21.17
N ALA ZC 24 -11.72 182.98 -19.88
CA ALA ZC 24 -10.37 183.25 -19.42
C ALA ZC 24 -9.43 182.07 -19.65
N ALA ZC 25 -8.15 182.39 -19.80
CA ALA ZC 25 -7.08 181.40 -19.88
C ALA ZC 25 -5.96 181.72 -18.90
N ALA ZC 26 -6.25 182.51 -17.88
CA ALA ZC 26 -5.28 182.97 -16.91
C ALA ZC 26 -4.82 181.84 -15.99
N ALA ZC 27 -3.63 182.05 -15.39
CA ALA ZC 27 -3.09 181.09 -14.43
C ALA ZC 27 -3.82 181.22 -13.10
N ALA ZC 28 -4.97 180.56 -13.00
CA ALA ZC 28 -5.83 180.65 -11.81
C ALA ZC 28 -5.49 179.47 -10.91
N ALA ZC 29 -4.57 179.70 -9.97
CA ALA ZC 29 -4.10 178.64 -9.09
C ALA ZC 29 -5.13 178.32 -8.01
N ALA ZC 30 -5.43 179.29 -7.15
CA ALA ZC 30 -6.44 179.10 -6.10
C ALA ZC 30 -7.79 179.48 -6.68
N ALA ZC 31 -8.33 178.58 -7.49
CA ALA ZC 31 -9.50 178.86 -8.31
C ALA ZC 31 -10.70 178.06 -7.84
N ALA ZC 32 -11.87 178.70 -7.88
CA ALA ZC 32 -13.17 178.03 -7.76
C ALA ZC 32 -14.16 178.88 -8.56
N ALA ZC 33 -14.37 178.52 -9.82
CA ALA ZC 33 -15.17 179.32 -10.74
C ALA ZC 33 -16.59 178.78 -10.77
N ALA ZC 34 -17.44 179.29 -9.88
CA ALA ZC 34 -18.84 178.86 -9.80
C ALA ZC 34 -19.71 179.81 -10.62
N ALA ZC 35 -19.56 179.72 -11.93
CA ALA ZC 35 -20.29 180.57 -12.87
C ALA ZC 35 -21.75 180.17 -12.94
N ALA ZC 36 -22.61 181.12 -13.32
CA ALA ZC 36 -24.05 180.91 -13.27
C ALA ZC 36 -24.72 180.90 -14.64
N ALA ZC 37 -24.06 181.40 -15.68
CA ALA ZC 37 -24.54 181.30 -17.06
C ALA ZC 37 -23.36 181.49 -18.01
N ALA ZC 38 -23.54 180.94 -19.22
CA ALA ZC 38 -22.92 181.42 -20.47
C ALA ZC 38 -21.41 181.25 -20.51
N ALA ZC 39 -20.85 180.32 -19.72
CA ALA ZC 39 -19.41 180.12 -19.70
C ALA ZC 39 -18.96 179.37 -20.95
N ALA ZC 40 -17.96 179.91 -21.63
CA ALA ZC 40 -17.48 179.40 -22.91
C ALA ZC 40 -15.96 179.30 -22.90
N ALA ZC 41 -15.42 178.68 -21.86
CA ALA ZC 41 -14.00 178.77 -21.57
C ALA ZC 41 -13.21 177.69 -22.29
N ALA ZC 42 -12.10 178.10 -22.91
CA ALA ZC 42 -11.17 177.17 -23.56
C ALA ZC 42 -9.76 177.58 -23.12
N ALA ZC 43 -9.32 177.02 -22.00
CA ALA ZC 43 -8.10 177.46 -21.34
C ALA ZC 43 -7.03 176.38 -21.43
N ALA ZC 44 -5.86 176.70 -20.87
CA ALA ZC 44 -4.81 175.73 -20.59
C ALA ZC 44 -4.26 176.12 -19.22
N ALA ZC 45 -4.86 175.57 -18.17
CA ALA ZC 45 -4.66 176.07 -16.82
C ALA ZC 45 -4.11 174.97 -15.91
N ALA ZC 46 -3.97 175.33 -14.64
CA ALA ZC 46 -3.49 174.39 -13.60
C ALA ZC 46 -4.07 174.88 -12.29
N ALA ZC 47 -4.98 174.10 -11.71
CA ALA ZC 47 -5.71 174.53 -10.52
C ALA ZC 47 -5.35 173.71 -9.29
N ALA ZC 48 -5.45 172.38 -9.36
CA ALA ZC 48 -5.05 171.33 -8.40
C ALA ZC 48 -5.87 171.28 -7.11
N ALA ZC 49 -6.81 172.22 -6.89
CA ALA ZC 49 -7.74 172.09 -5.78
C ALA ZC 49 -9.13 172.60 -6.15
N ALA ZC 50 -9.52 172.47 -7.42
CA ALA ZC 50 -10.71 173.15 -7.93
C ALA ZC 50 -11.97 172.41 -7.50
N ALA ZC 51 -12.83 173.10 -6.76
CA ALA ZC 51 -14.19 172.63 -6.50
C ALA ZC 51 -15.11 173.40 -7.43
N ALA ZC 52 -15.09 173.01 -8.70
CA ALA ZC 52 -15.80 173.75 -9.73
C ALA ZC 52 -17.29 173.43 -9.71
N ALA ZC 53 -18.09 174.46 -9.93
CA ALA ZC 53 -19.52 174.32 -10.13
C ALA ZC 53 -19.87 175.05 -11.42
N ALA ZC 54 -20.79 174.48 -12.19
CA ALA ZC 54 -21.15 175.08 -13.47
C ALA ZC 54 -22.65 174.96 -13.70
N ALA ZC 55 -23.29 176.09 -13.94
CA ALA ZC 55 -24.69 176.17 -14.33
C ALA ZC 55 -24.78 176.22 -15.86
N ALA ZC 56 -25.93 176.68 -16.38
CA ALA ZC 56 -26.35 176.48 -17.76
C ALA ZC 56 -25.45 177.17 -18.79
N ALA ZC 57 -25.35 176.51 -19.95
CA ALA ZC 57 -24.54 176.90 -21.12
C ALA ZC 57 -23.07 177.08 -20.77
N ALA ZC 58 -22.49 176.05 -20.17
CA ALA ZC 58 -21.08 176.04 -19.77
C ALA ZC 58 -20.34 175.03 -20.62
N ALA ZC 59 -19.73 175.51 -21.71
CA ALA ZC 59 -18.84 174.71 -22.53
C ALA ZC 59 -17.41 175.05 -22.14
N ALA ZC 60 -16.63 174.03 -21.80
CA ALA ZC 60 -15.30 174.26 -21.25
C ALA ZC 60 -14.31 173.27 -21.83
N ALA ZC 61 -13.05 173.71 -21.90
CA ALA ZC 61 -11.96 172.85 -22.39
C ALA ZC 61 -10.70 173.24 -21.61
N ALA ZC 62 -10.38 172.45 -20.58
CA ALA ZC 62 -9.34 172.82 -19.64
C ALA ZC 62 -8.41 171.65 -19.35
N ALA ZC 63 -7.14 171.98 -19.06
CA ALA ZC 63 -6.12 170.99 -18.73
C ALA ZC 63 -5.66 171.12 -17.28
N ALA ZC 64 -6.61 171.35 -16.38
CA ALA ZC 64 -6.31 171.62 -14.98
C ALA ZC 64 -6.89 170.55 -14.08
N ALA ZC 65 -6.20 170.27 -12.99
CA ALA ZC 65 -6.66 169.28 -12.03
C ALA ZC 65 -7.75 169.89 -11.13
N ALA ZC 66 -8.79 169.11 -10.89
CA ALA ZC 66 -9.91 169.53 -10.05
C ALA ZC 66 -10.00 168.64 -8.82
N ALA ZC 67 -10.91 168.99 -7.93
CA ALA ZC 67 -11.14 168.19 -6.73
C ALA ZC 67 -12.61 167.84 -6.60
N ALA ZC 68 -13.49 168.75 -7.00
CA ALA ZC 68 -14.92 168.50 -6.96
C ALA ZC 68 -15.57 169.13 -8.18
N ALA ZC 69 -16.67 168.53 -8.61
CA ALA ZC 69 -17.40 169.00 -9.78
C ALA ZC 69 -18.89 168.98 -9.47
N ALA ZC 70 -19.56 170.07 -9.82
CA ALA ZC 70 -21.00 170.18 -9.63
C ALA ZC 70 -21.63 170.72 -10.89
N ALA ZC 71 -22.74 170.11 -11.31
CA ALA ZC 71 -23.48 170.55 -12.48
C ALA ZC 71 -24.90 170.90 -12.09
N ALA ZC 72 -25.46 171.92 -12.72
CA ALA ZC 72 -26.76 172.46 -12.31
C ALA ZC 72 -27.86 172.29 -13.36
N ALA ZC 73 -27.67 172.80 -14.58
CA ALA ZC 73 -28.72 172.70 -15.59
C ALA ZC 73 -28.29 171.94 -16.83
N ALA ZC 74 -27.25 172.39 -17.54
CA ALA ZC 74 -26.83 171.83 -18.82
C ALA ZC 74 -25.42 172.33 -19.10
N ALA ZC 75 -24.55 171.45 -19.56
CA ALA ZC 75 -23.15 171.81 -19.75
C ALA ZC 75 -22.54 170.94 -20.84
N ALA ZC 76 -21.28 171.24 -21.17
CA ALA ZC 76 -20.44 170.41 -22.03
C ALA ZC 76 -18.99 170.71 -21.64
N ALA ZC 77 -18.42 169.84 -20.82
CA ALA ZC 77 -17.06 170.04 -20.35
C ALA ZC 77 -16.10 169.14 -21.10
N ALA ZC 78 -14.82 169.53 -21.10
CA ALA ZC 78 -13.73 168.65 -21.52
C ALA ZC 78 -12.53 169.03 -20.66
N ALA ZC 79 -12.39 168.33 -19.55
CA ALA ZC 79 -11.39 168.69 -18.55
C ALA ZC 79 -10.39 167.56 -18.39
N ALA ZC 80 -9.18 167.94 -18.00
CA ALA ZC 80 -8.08 166.98 -17.76
C ALA ZC 80 -7.70 167.07 -16.28
N ALA ZC 81 -8.41 166.32 -15.43
CA ALA ZC 81 -8.16 166.34 -14.00
C ALA ZC 81 -7.11 165.28 -13.64
N ALA ZC 82 -6.63 165.33 -12.39
CA ALA ZC 82 -5.52 164.44 -12.07
C ALA ZC 82 -5.68 163.62 -10.80
N ALA ZC 83 -6.21 164.18 -9.72
CA ALA ZC 83 -5.94 163.64 -8.39
C ALA ZC 83 -7.14 162.96 -7.75
N ALA ZC 84 -8.23 163.68 -7.54
CA ALA ZC 84 -9.42 163.14 -6.91
C ALA ZC 84 -10.62 163.92 -7.42
N ALA ZC 85 -11.79 163.30 -7.33
CA ALA ZC 85 -12.99 163.95 -7.83
C ALA ZC 85 -14.19 163.54 -7.00
N ALA ZC 86 -14.86 164.54 -6.44
CA ALA ZC 86 -16.19 164.38 -5.87
C ALA ZC 86 -17.16 165.06 -6.81
N ALA ZC 87 -17.91 164.28 -7.58
CA ALA ZC 87 -18.70 164.82 -8.69
C ALA ZC 87 -20.18 164.58 -8.44
N ALA ZC 88 -20.98 165.59 -8.77
CA ALA ZC 88 -22.44 165.49 -8.70
C ALA ZC 88 -23.04 166.35 -9.79
N ALA ZC 89 -24.12 165.87 -10.39
CA ALA ZC 89 -24.70 166.53 -11.54
C ALA ZC 89 -26.20 166.71 -11.36
N ALA ZC 90 -26.79 167.50 -12.25
CA ALA ZC 90 -28.24 167.71 -12.29
C ALA ZC 90 -28.63 168.01 -13.73
N ALA ZC 91 -29.15 166.99 -14.44
CA ALA ZC 91 -29.77 167.06 -15.77
C ALA ZC 91 -28.83 167.56 -16.86
N ALA ZC 92 -27.53 167.38 -16.69
CA ALA ZC 92 -26.53 167.99 -17.54
C ALA ZC 92 -25.77 166.92 -18.31
N ALA ZC 93 -24.76 167.37 -19.05
CA ALA ZC 93 -23.84 166.51 -19.77
C ALA ZC 93 -22.41 166.95 -19.45
N ALA ZC 94 -21.50 165.98 -19.36
CA ALA ZC 94 -20.14 166.28 -18.96
C ALA ZC 94 -19.20 165.25 -19.54
N ALA ZC 95 -18.00 165.69 -19.90
CA ALA ZC 95 -16.96 164.79 -20.36
C ALA ZC 95 -15.64 165.21 -19.72
N ALA ZC 96 -14.83 164.23 -19.36
CA ALA ZC 96 -13.51 164.46 -18.80
C ALA ZC 96 -12.51 163.56 -19.49
N ALA ZC 97 -11.25 163.97 -19.50
CA ALA ZC 97 -10.28 163.38 -20.41
C ALA ZC 97 -9.17 162.59 -19.72
N ALA ZC 98 -8.42 163.21 -18.80
CA ALA ZC 98 -7.18 162.60 -18.33
C ALA ZC 98 -7.45 161.59 -17.21
N ALA ZC 99 -6.36 161.13 -16.59
CA ALA ZC 99 -6.44 160.07 -15.58
C ALA ZC 99 -6.94 160.69 -14.27
N ALA ZC 100 -8.13 160.30 -13.86
CA ALA ZC 100 -8.74 160.77 -12.63
C ALA ZC 100 -8.96 159.61 -11.68
N ALA ZC 101 -9.25 159.94 -10.43
CA ALA ZC 101 -9.58 158.95 -9.40
C ALA ZC 101 -10.88 159.40 -8.75
N ALA ZC 102 -12.00 159.03 -9.37
CA ALA ZC 102 -13.32 159.41 -8.87
C ALA ZC 102 -13.71 158.43 -7.76
N ALA ZC 103 -13.74 158.91 -6.53
CA ALA ZC 103 -14.08 158.03 -5.42
C ALA ZC 103 -15.58 157.79 -5.33
N ALA ZC 104 -16.37 158.85 -5.40
CA ALA ZC 104 -17.81 158.74 -5.30
C ALA ZC 104 -18.48 159.55 -6.40
N ALA ZC 105 -19.55 159.01 -6.97
CA ALA ZC 105 -20.35 159.72 -7.94
C ALA ZC 105 -21.81 159.42 -7.69
N ALA ZC 106 -22.58 160.46 -7.37
CA ALA ZC 106 -24.00 160.34 -7.11
C ALA ZC 106 -24.75 161.15 -8.15
N ALA ZC 107 -25.51 160.48 -9.00
CA ALA ZC 107 -26.25 161.13 -10.06
C ALA ZC 107 -27.72 160.85 -9.84
N ALA ZC 108 -28.47 161.88 -9.43
CA ALA ZC 108 -29.89 161.75 -9.13
C ALA ZC 108 -30.77 162.41 -10.19
N ALA ZC 109 -30.25 162.61 -11.39
CA ALA ZC 109 -30.98 163.32 -12.43
C ALA ZC 109 -30.54 162.77 -13.78
N ALA ZC 110 -30.79 163.53 -14.85
CA ALA ZC 110 -30.40 163.13 -16.20
C ALA ZC 110 -29.00 163.62 -16.48
N ALA ZC 111 -28.02 162.76 -16.24
CA ALA ZC 111 -26.60 163.12 -16.32
C ALA ZC 111 -25.92 162.26 -17.36
N ALA ZC 112 -25.47 162.89 -18.44
CA ALA ZC 112 -24.65 162.20 -19.43
C ALA ZC 112 -23.19 162.43 -19.08
N ALA ZC 113 -22.71 161.66 -18.11
CA ALA ZC 113 -21.36 161.82 -17.59
C ALA ZC 113 -20.42 160.84 -18.26
N ALA ZC 114 -19.28 161.34 -18.74
CA ALA ZC 114 -18.29 160.50 -19.39
C ALA ZC 114 -16.90 160.86 -18.88
N ALA ZC 115 -16.08 159.84 -18.65
CA ALA ZC 115 -14.70 160.03 -18.25
C ALA ZC 115 -13.84 159.07 -19.05
N ALA ZC 116 -12.90 159.59 -19.84
CA ALA ZC 116 -12.09 158.76 -20.71
C ALA ZC 116 -11.01 157.99 -19.98
N ALA ZC 117 -10.69 158.36 -18.74
CA ALA ZC 117 -9.75 157.61 -17.93
C ALA ZC 117 -10.12 157.80 -16.47
N ALA ZC 118 -10.46 156.71 -15.80
CA ALA ZC 118 -10.72 156.72 -14.36
C ALA ZC 118 -9.86 155.62 -13.75
N ALA ZC 119 -8.79 156.01 -13.07
CA ALA ZC 119 -7.89 155.08 -12.39
C ALA ZC 119 -8.05 155.30 -10.91
N ALA ZC 120 -9.04 154.65 -10.30
CA ALA ZC 120 -9.39 154.85 -8.91
C ALA ZC 120 -9.13 153.58 -8.12
N ALA ZC 121 -9.51 153.61 -6.85
CA ALA ZC 121 -9.36 152.46 -5.97
C ALA ZC 121 -10.68 151.90 -5.50
N ALA ZC 122 -11.68 152.75 -5.25
CA ALA ZC 122 -13.00 152.29 -4.86
C ALA ZC 122 -14.01 153.31 -5.38
N ALA ZC 123 -14.59 153.03 -6.54
CA ALA ZC 123 -15.54 153.94 -7.16
C ALA ZC 123 -16.96 153.51 -6.79
N ALA ZC 124 -17.62 154.30 -5.98
CA ALA ZC 124 -19.00 154.06 -5.60
C ALA ZC 124 -19.88 154.97 -6.42
N ALA ZC 125 -20.67 154.38 -7.31
CA ALA ZC 125 -21.56 155.13 -8.20
C ALA ZC 125 -22.99 154.80 -7.83
N ALA ZC 126 -23.71 155.80 -7.33
CA ALA ZC 126 -25.12 155.66 -7.01
C ALA ZC 126 -25.92 156.44 -8.04
N ALA ZC 127 -26.94 155.80 -8.61
CA ALA ZC 127 -27.70 156.40 -9.70
C ALA ZC 127 -29.19 156.34 -9.40
N ALA ZC 128 -29.90 157.40 -9.81
CA ALA ZC 128 -31.32 157.55 -9.47
C ALA ZC 128 -32.06 158.12 -10.69
N ALA ZC 129 -32.72 157.21 -11.41
CA ALA ZC 129 -33.88 157.33 -12.28
C ALA ZC 129 -33.72 157.98 -13.65
N ALA ZC 130 -32.60 158.64 -13.95
CA ALA ZC 130 -32.53 159.23 -15.29
C ALA ZC 130 -31.17 159.24 -15.98
N ALA ZC 131 -30.08 159.06 -15.22
CA ALA ZC 131 -28.74 159.38 -15.70
C ALA ZC 131 -28.19 158.36 -16.70
N ALA ZC 132 -27.01 158.66 -17.22
CA ALA ZC 132 -26.30 157.79 -18.15
C ALA ZC 132 -24.81 158.02 -17.96
N ALA ZC 133 -24.18 157.19 -17.13
CA ALA ZC 133 -22.76 157.31 -16.87
C ALA ZC 133 -21.97 156.34 -17.73
N ALA ZC 134 -20.91 156.83 -18.35
CA ALA ZC 134 -20.05 156.00 -19.19
C ALA ZC 134 -18.59 156.31 -18.82
N ALA ZC 135 -18.09 155.61 -17.82
CA ALA ZC 135 -16.75 155.85 -17.28
C ALA ZC 135 -15.95 154.57 -17.42
N ALA ZC 136 -14.80 154.64 -18.10
CA ALA ZC 136 -14.10 153.39 -18.41
C ALA ZC 136 -12.59 153.61 -18.53
N ALA ZC 137 -11.86 153.41 -17.43
CA ALA ZC 137 -10.53 152.83 -17.62
C ALA ZC 137 -10.25 151.59 -16.77
N ALA ZC 138 -10.11 151.78 -15.45
CA ALA ZC 138 -9.61 150.72 -14.57
C ALA ZC 138 -9.92 151.10 -13.13
N ALA ZC 139 -10.85 150.41 -12.49
CA ALA ZC 139 -11.08 150.60 -11.08
C ALA ZC 139 -10.47 149.42 -10.33
N ALA ZC 140 -10.56 149.46 -9.01
CA ALA ZC 140 -10.16 148.33 -8.19
C ALA ZC 140 -11.26 147.79 -7.30
N ALA ZC 141 -12.28 148.58 -6.99
CA ALA ZC 141 -13.47 148.10 -6.31
C ALA ZC 141 -14.61 149.00 -6.75
N ALA ZC 142 -15.45 148.52 -7.66
CA ALA ZC 142 -16.58 149.28 -8.14
C ALA ZC 142 -17.83 148.86 -7.37
N ALA ZC 143 -18.62 149.85 -6.96
CA ALA ZC 143 -19.89 149.59 -6.27
C ALA ZC 143 -20.94 150.40 -7.00
N ALA ZC 144 -21.63 149.78 -7.94
CA ALA ZC 144 -22.62 150.44 -8.77
C ALA ZC 144 -23.99 150.13 -8.21
N ALA ZC 145 -24.51 151.05 -7.39
CA ALA ZC 145 -25.87 150.94 -6.89
C ALA ZC 145 -26.75 151.77 -7.80
N ALA ZC 146 -27.36 151.12 -8.79
CA ALA ZC 146 -28.32 151.78 -9.64
C ALA ZC 146 -29.69 151.53 -9.03
N ALA ZC 147 -30.21 152.52 -8.29
CA ALA ZC 147 -31.52 152.46 -7.66
C ALA ZC 147 -32.58 153.06 -8.55
N ALA ZC 148 -32.48 152.79 -9.84
CA ALA ZC 148 -32.69 153.74 -10.92
C ALA ZC 148 -33.53 153.11 -12.02
N ALA ZC 149 -34.15 153.95 -12.84
CA ALA ZC 149 -34.65 153.56 -14.15
C ALA ZC 149 -33.68 154.00 -15.23
N ALA ZC 150 -32.40 153.88 -14.95
CA ALA ZC 150 -31.35 154.57 -15.70
C ALA ZC 150 -30.28 153.57 -16.12
N ALA ZC 151 -29.25 154.08 -16.78
CA ALA ZC 151 -28.24 153.26 -17.43
C ALA ZC 151 -26.86 153.60 -16.89
N ALA ZC 152 -26.05 152.57 -16.69
CA ALA ZC 152 -24.65 152.72 -16.27
C ALA ZC 152 -23.82 151.82 -17.17
N ALA ZC 153 -23.41 152.36 -18.31
CA ALA ZC 153 -22.62 151.60 -19.27
C ALA ZC 153 -21.15 151.70 -18.89
N ALA ZC 154 -20.42 150.60 -19.07
CA ALA ZC 154 -19.02 150.60 -18.68
C ALA ZC 154 -18.24 149.59 -19.51
N ALA ZC 155 -17.04 149.99 -19.91
CA ALA ZC 155 -15.97 149.09 -20.28
C ALA ZC 155 -14.83 149.25 -19.29
N ALA ZC 156 -15.18 149.62 -18.06
CA ALA ZC 156 -14.20 149.84 -17.01
C ALA ZC 156 -13.75 148.49 -16.47
N ALA ZC 157 -12.48 148.15 -16.69
CA ALA ZC 157 -11.96 146.86 -16.27
C ALA ZC 157 -11.66 146.94 -14.78
N ALA ZC 158 -12.68 146.68 -13.97
CA ALA ZC 158 -12.56 146.71 -12.53
C ALA ZC 158 -12.07 145.35 -12.02
N ALA ZC 159 -11.22 145.40 -10.98
CA ALA ZC 159 -10.74 144.17 -10.39
C ALA ZC 159 -11.80 143.47 -9.55
N ALA ZC 160 -12.61 144.24 -8.83
CA ALA ZC 160 -13.77 143.70 -8.12
C ALA ZC 160 -14.95 144.59 -8.41
N ALA ZC 161 -16.12 143.98 -8.64
CA ALA ZC 161 -17.31 144.71 -8.99
C ALA ZC 161 -18.47 144.25 -8.15
N ALA ZC 162 -19.32 145.19 -7.74
CA ALA ZC 162 -20.51 144.91 -6.96
C ALA ZC 162 -21.62 145.81 -7.51
N ALA ZC 163 -22.44 145.27 -8.39
CA ALA ZC 163 -23.46 146.04 -9.09
C ALA ZC 163 -24.83 145.51 -8.70
N ALA ZC 164 -25.66 146.40 -8.16
CA ALA ZC 164 -27.03 146.07 -7.80
C ALA ZC 164 -27.96 147.03 -8.53
N ALA ZC 165 -28.85 146.48 -9.34
CA ALA ZC 165 -29.81 147.24 -10.11
C ALA ZC 165 -31.20 147.00 -9.55
N ALA ZC 166 -31.96 148.06 -9.30
CA ALA ZC 166 -33.13 147.94 -8.46
C ALA ZC 166 -34.47 147.95 -9.19
N ALA ZC 167 -34.69 148.82 -10.19
CA ALA ZC 167 -36.02 148.86 -10.84
C ALA ZC 167 -35.88 149.32 -12.29
N ALA ZC 168 -35.71 148.35 -13.20
CA ALA ZC 168 -35.54 148.53 -14.66
C ALA ZC 168 -34.38 149.47 -15.00
N ALA ZC 169 -33.26 149.27 -14.32
CA ALA ZC 169 -32.00 149.87 -14.69
C ALA ZC 169 -31.31 149.01 -15.76
N ALA ZC 170 -30.19 149.49 -16.26
CA ALA ZC 170 -29.41 148.73 -17.23
C ALA ZC 170 -27.94 149.05 -17.02
N ALA ZC 171 -27.17 148.07 -16.55
CA ALA ZC 171 -25.78 148.28 -16.21
C ALA ZC 171 -24.90 147.33 -17.01
N ALA ZC 172 -23.88 147.88 -17.65
CA ALA ZC 172 -22.93 147.10 -18.43
C ALA ZC 172 -21.60 147.11 -17.69
N ALA ZC 173 -21.23 145.96 -17.13
CA ALA ZC 173 -20.04 145.85 -16.29
C ALA ZC 173 -18.99 144.99 -16.96
N ALA ZC 174 -17.77 145.06 -16.40
CA ALA ZC 174 -16.66 144.24 -16.86
C ALA ZC 174 -15.74 144.02 -15.66
N ALA ZC 175 -15.70 142.79 -15.16
CA ALA ZC 175 -14.97 142.48 -13.95
C ALA ZC 175 -13.76 141.63 -14.26
N ALA ZC 176 -12.61 142.00 -13.68
CA ALA ZC 176 -11.39 141.22 -13.91
C ALA ZC 176 -11.34 140.00 -13.01
N ALA ZC 177 -11.34 140.21 -11.70
CA ALA ZC 177 -11.17 139.10 -10.77
C ALA ZC 177 -12.45 138.73 -10.03
N ALA ZC 178 -13.30 139.68 -9.70
CA ALA ZC 178 -14.44 139.44 -8.84
C ALA ZC 178 -15.67 140.09 -9.43
N ALA ZC 179 -16.69 139.29 -9.73
CA ALA ZC 179 -17.96 139.82 -10.23
C ALA ZC 179 -19.04 139.54 -9.21
N ALA ZC 180 -19.76 140.60 -8.83
CA ALA ZC 180 -20.83 140.52 -7.85
C ALA ZC 180 -22.03 141.23 -8.42
N ALA ZC 181 -23.13 140.52 -8.63
CA ALA ZC 181 -24.25 141.12 -9.32
C ALA ZC 181 -25.56 140.76 -8.62
N ALA ZC 182 -26.39 141.75 -8.39
CA ALA ZC 182 -27.77 141.53 -8.00
C ALA ZC 182 -28.67 142.37 -8.88
N ALA ZC 183 -29.69 141.75 -9.43
CA ALA ZC 183 -30.60 142.46 -10.31
C ALA ZC 183 -32.02 142.32 -9.80
N ALA ZC 184 -32.83 143.35 -10.04
CA ALA ZC 184 -34.25 143.31 -9.69
C ALA ZC 184 -35.02 144.04 -10.78
N ALA ZC 185 -35.79 143.28 -11.57
CA ALA ZC 185 -36.63 143.74 -12.71
C ALA ZC 185 -35.84 144.48 -13.78
N ALA ZC 186 -34.56 144.18 -13.93
CA ALA ZC 186 -33.62 145.05 -14.61
C ALA ZC 186 -32.66 144.19 -15.42
N ALA ZC 187 -31.58 144.82 -15.90
CA ALA ZC 187 -30.62 144.12 -16.75
C ALA ZC 187 -29.20 144.44 -16.30
N ALA ZC 188 -28.38 143.41 -16.16
CA ALA ZC 188 -26.96 143.54 -15.86
C ALA ZC 188 -26.18 142.73 -16.89
N ALA ZC 189 -25.43 143.41 -17.74
CA ALA ZC 189 -24.73 142.77 -18.84
C ALA ZC 189 -23.25 142.66 -18.52
N ALA ZC 190 -22.75 141.42 -18.44
CA ALA ZC 190 -21.35 141.16 -18.09
C ALA ZC 190 -20.56 141.03 -19.37
N ALA ZC 191 -19.73 142.03 -19.66
CA ALA ZC 191 -18.98 142.05 -20.90
C ALA ZC 191 -17.62 141.37 -20.81
N ALA ZC 192 -17.25 140.85 -19.63
CA ALA ZC 192 -16.02 140.08 -19.49
C ALA ZC 192 -16.22 139.05 -18.39
N ALA ZC 193 -15.77 137.83 -18.64
CA ALA ZC 193 -15.91 136.76 -17.67
C ALA ZC 193 -14.85 136.93 -16.59
N ALA ZC 194 -15.29 137.05 -15.34
CA ALA ZC 194 -14.38 137.30 -14.24
C ALA ZC 194 -13.68 136.01 -13.83
N ALA ZC 195 -12.69 136.17 -12.94
CA ALA ZC 195 -12.02 135.01 -12.38
C ALA ZC 195 -12.93 134.26 -11.41
N ALA ZC 196 -13.79 134.99 -10.69
CA ALA ZC 196 -14.86 134.37 -9.93
C ALA ZC 196 -16.09 135.25 -10.04
N ALA ZC 197 -17.19 134.69 -10.50
CA ALA ZC 197 -18.40 135.43 -10.77
C ALA ZC 197 -19.54 134.91 -9.91
N ALA ZC 198 -20.40 135.81 -9.46
CA ALA ZC 198 -21.61 135.42 -8.77
C ALA ZC 198 -22.71 136.44 -9.05
N ALA ZC 199 -23.85 135.96 -9.52
CA ALA ZC 199 -24.94 136.82 -9.92
C ALA ZC 199 -26.23 136.24 -9.39
N ALA ZC 200 -27.05 137.11 -8.81
CA ALA ZC 200 -28.36 136.72 -8.29
C ALA ZC 200 -29.41 137.60 -8.93
N ALA ZC 201 -30.46 136.97 -9.43
CA ALA ZC 201 -31.54 137.67 -10.11
C ALA ZC 201 -32.80 137.58 -9.26
N ALA ZC 202 -33.50 138.69 -9.15
CA ALA ZC 202 -34.77 138.80 -8.46
C ALA ZC 202 -35.90 138.59 -9.47
N ALA ZC 203 -37.10 139.04 -9.12
CA ALA ZC 203 -38.27 138.94 -9.98
C ALA ZC 203 -38.10 139.73 -11.28
N ALA ZC 204 -38.22 138.99 -12.40
CA ALA ZC 204 -38.14 139.48 -13.79
C ALA ZC 204 -36.82 140.17 -14.09
N ALA ZC 205 -35.74 139.64 -13.54
CA ALA ZC 205 -34.44 140.29 -13.53
C ALA ZC 205 -33.43 139.49 -14.34
N ALA ZC 206 -32.57 140.18 -15.08
CA ALA ZC 206 -31.71 139.52 -16.07
C ALA ZC 206 -30.25 139.87 -15.85
N ALA ZC 207 -29.49 138.95 -15.27
CA ALA ZC 207 -28.03 139.08 -15.23
C ALA ZC 207 -27.46 138.21 -16.33
N ALA ZC 208 -27.60 138.67 -17.57
CA ALA ZC 208 -27.16 137.91 -18.73
C ALA ZC 208 -25.74 138.32 -19.09
N ALA ZC 209 -24.83 137.35 -19.10
CA ALA ZC 209 -23.43 137.64 -19.40
C ALA ZC 209 -23.30 137.77 -20.91
N ALA ZC 210 -23.55 138.97 -21.39
CA ALA ZC 210 -23.63 139.24 -22.82
C ALA ZC 210 -22.27 139.63 -23.40
N ALA ZC 211 -21.35 138.68 -23.35
CA ALA ZC 211 -20.08 138.84 -24.05
C ALA ZC 211 -20.28 138.56 -25.53
N ALA ZC 212 -19.34 139.04 -26.34
CA ALA ZC 212 -19.41 138.83 -27.78
C ALA ZC 212 -18.93 137.43 -28.09
N ALA ZC 213 -19.85 136.57 -28.53
CA ALA ZC 213 -19.47 135.29 -29.09
C ALA ZC 213 -18.74 135.49 -30.40
N ALA ZC 214 -17.87 134.53 -30.74
CA ALA ZC 214 -16.73 134.67 -31.67
C ALA ZC 214 -15.87 135.88 -31.30
N ALA ZC 215 -15.21 135.74 -30.16
CA ALA ZC 215 -14.02 136.53 -29.92
C ALA ZC 215 -12.83 135.89 -30.62
N ALA ZC 216 -11.66 136.50 -30.44
CA ALA ZC 216 -10.44 135.87 -30.93
C ALA ZC 216 -10.09 134.65 -30.09
N ALA ZC 217 -10.12 134.79 -28.77
CA ALA ZC 217 -10.06 133.66 -27.86
C ALA ZC 217 -10.96 134.01 -26.67
N ALA ZC 218 -12.22 133.62 -26.76
CA ALA ZC 218 -13.14 133.79 -25.65
C ALA ZC 218 -12.87 132.68 -24.65
N ALA ZC 219 -12.46 133.07 -23.44
CA ALA ZC 219 -12.18 132.08 -22.41
C ALA ZC 219 -13.48 131.50 -21.88
N ALA ZC 220 -13.54 130.17 -21.77
CA ALA ZC 220 -14.75 129.52 -21.34
C ALA ZC 220 -14.92 129.63 -19.83
N ALA ZC 221 -16.13 129.35 -19.36
CA ALA ZC 221 -16.43 129.36 -17.95
C ALA ZC 221 -15.82 128.11 -17.31
N ALA ZC 222 -14.85 128.31 -16.43
CA ALA ZC 222 -14.11 127.21 -15.81
C ALA ZC 222 -14.91 126.62 -14.65
N ALA ZC 223 -14.28 125.73 -13.89
CA ALA ZC 223 -14.96 125.07 -12.78
C ALA ZC 223 -15.19 126.00 -11.60
N ALA ZC 224 -14.42 127.06 -11.48
CA ALA ZC 224 -14.62 128.05 -10.44
C ALA ZC 224 -15.53 129.19 -10.87
N ALA ZC 225 -15.93 129.25 -12.13
CA ALA ZC 225 -16.72 130.38 -12.61
C ALA ZC 225 -18.03 129.97 -13.26
N ALA ZC 226 -18.34 128.68 -13.34
CA ALA ZC 226 -19.53 128.23 -14.02
C ALA ZC 226 -20.72 128.40 -13.07
N ALA ZC 227 -21.37 129.54 -13.14
CA ALA ZC 227 -22.64 129.73 -12.47
C ALA ZC 227 -23.76 129.59 -13.49
N ALA ZC 228 -24.96 129.36 -12.98
CA ALA ZC 228 -26.12 129.15 -13.83
C ALA ZC 228 -26.64 130.47 -14.40
N ALA AD 1 -3.41 155.53 -32.07
CA ALA AD 1 -4.04 156.56 -31.25
C ALA AD 1 -4.19 156.09 -29.81
N ALA AD 2 -3.10 155.58 -29.24
CA ALA AD 2 -3.10 155.03 -27.90
C ALA AD 2 -2.62 156.07 -26.90
N ALA AD 3 -2.39 155.63 -25.65
CA ALA AD 3 -1.80 156.46 -24.61
C ALA AD 3 -1.06 155.51 -23.68
N ALA AD 4 0.25 155.38 -23.87
CA ALA AD 4 1.04 154.46 -23.07
C ALA AD 4 1.30 155.05 -21.69
N ALA AD 5 1.65 154.17 -20.75
CA ALA AD 5 2.08 154.57 -19.43
C ALA AD 5 3.56 154.25 -19.27
N ALA AD 6 4.16 154.89 -18.27
CA ALA AD 6 5.61 154.83 -18.07
C ALA AD 6 6.05 153.63 -17.27
N ALA AD 7 5.14 152.76 -16.85
CA ALA AD 7 5.47 151.62 -16.02
C ALA AD 7 5.87 150.44 -16.90
N ALA AD 8 5.94 149.24 -16.32
CA ALA AD 8 6.21 148.05 -17.10
C ALA AD 8 4.98 147.66 -17.91
N ALA AD 9 4.88 148.25 -19.11
CA ALA AD 9 4.08 147.77 -20.25
C ALA AD 9 2.57 147.81 -20.02
N ALA AD 10 2.06 148.99 -19.64
CA ALA AD 10 0.62 149.24 -19.63
C ALA AD 10 0.30 150.38 -20.57
N ALA AD 11 -0.87 150.31 -21.21
CA ALA AD 11 -1.24 151.34 -22.18
C ALA AD 11 -2.76 151.44 -22.24
N ALA AD 12 -3.29 152.63 -21.99
CA ALA AD 12 -4.68 152.84 -22.30
C ALA AD 12 -4.83 153.13 -23.80
N ALA AD 13 -6.05 153.01 -24.29
CA ALA AD 13 -6.31 153.26 -25.71
C ALA AD 13 -7.71 153.83 -25.85
N ALA AD 14 -7.83 154.84 -26.71
CA ALA AD 14 -9.06 155.61 -26.81
C ALA AD 14 -9.67 155.53 -28.20
N ALA AD 15 -9.73 154.32 -28.77
CA ALA AD 15 -10.54 154.12 -29.96
C ALA AD 15 -12.02 154.17 -29.59
N ALA AD 16 -12.46 153.23 -28.75
CA ALA AD 16 -13.66 153.42 -27.96
C ALA AD 16 -13.33 153.44 -26.48
N ALA AD 17 -12.77 152.36 -25.95
CA ALA AD 17 -12.32 152.21 -24.57
C ALA AD 17 -11.41 151.00 -24.43
N ALA AD 18 -10.18 151.19 -23.98
CA ALA AD 18 -9.30 150.06 -23.66
C ALA AD 18 -8.30 150.47 -22.60
N ALA AD 19 -7.93 149.51 -21.74
CA ALA AD 19 -6.76 149.64 -20.86
C ALA AD 19 -6.01 148.31 -20.91
N ALA AD 20 -5.13 148.17 -21.89
CA ALA AD 20 -4.48 146.91 -22.17
C ALA AD 20 -3.03 146.94 -21.70
N ALA AD 21 -2.33 145.83 -21.94
CA ALA AD 21 -0.95 145.69 -21.51
C ALA AD 21 -0.08 145.22 -22.66
N ALA AD 22 1.08 145.83 -22.79
CA ALA AD 22 2.07 145.48 -23.80
C ALA AD 22 3.02 144.44 -23.21
N ALA AD 23 4.17 144.24 -23.83
CA ALA AD 23 5.27 143.48 -23.23
C ALA AD 23 6.47 144.35 -22.91
N ALA AD 24 6.75 145.37 -23.74
CA ALA AD 24 7.87 146.33 -23.63
C ALA AD 24 9.23 145.65 -23.58
N ALA AD 25 9.38 144.57 -24.35
CA ALA AD 25 10.66 143.92 -24.56
C ALA AD 25 11.04 143.82 -26.03
N ALA AD 26 10.05 143.69 -26.92
CA ALA AD 26 10.29 143.78 -28.35
C ALA AD 26 10.19 145.20 -28.88
N ALA AD 27 9.61 146.12 -28.08
CA ALA AD 27 9.54 147.57 -28.29
C ALA AD 27 8.82 147.95 -29.59
N ALA AD 28 7.56 147.52 -29.71
CA ALA AD 28 6.73 147.87 -30.86
C ALA AD 28 6.03 149.19 -30.56
N ALA AD 29 6.81 150.27 -30.55
CA ALA AD 29 6.28 151.61 -30.31
C ALA AD 29 6.01 152.31 -31.64
N ALA AD 30 5.14 151.68 -32.44
CA ALA AD 30 4.81 152.21 -33.75
C ALA AD 30 3.89 153.42 -33.67
N ALA AD 31 3.09 153.50 -32.58
CA ALA AD 31 2.03 154.51 -32.32
C ALA AD 31 1.01 154.59 -33.46
N ALA AD 32 0.71 153.45 -34.08
CA ALA AD 32 -0.17 153.39 -35.24
C ALA AD 32 -0.73 151.98 -35.30
N ALA AD 33 -2.04 151.86 -35.14
CA ALA AD 33 -2.66 150.56 -34.94
C ALA AD 33 -4.12 150.64 -35.37
N ALA AD 34 -4.79 149.50 -35.31
CA ALA AD 34 -6.24 149.41 -35.46
C ALA AD 34 -6.76 148.89 -34.13
N ALA AD 35 -7.02 149.81 -33.20
CA ALA AD 35 -7.49 149.46 -31.87
C ALA AD 35 -9.00 149.23 -31.92
N ALA AD 36 -9.45 148.13 -31.31
CA ALA AD 36 -10.85 147.74 -31.34
C ALA AD 36 -11.34 147.45 -29.94
N ALA AD 37 -12.66 147.42 -29.79
CA ALA AD 37 -13.30 147.04 -28.53
C ALA AD 37 -13.62 145.55 -28.50
N ALA AD 38 -12.61 144.74 -28.78
CA ALA AD 38 -12.61 143.30 -28.60
C ALA AD 38 -11.27 142.85 -28.08
N ALA AD 39 -10.58 143.77 -27.38
CA ALA AD 39 -9.24 143.62 -26.78
C ALA AD 39 -8.19 143.24 -27.81
N ALA AD 40 -7.98 144.15 -28.75
CA ALA AD 40 -7.04 143.89 -29.84
C ALA AD 40 -6.42 145.22 -30.27
N ALA AD 41 -5.19 145.48 -29.81
CA ALA AD 41 -4.40 146.60 -30.31
C ALA AD 41 -3.48 146.04 -31.37
N ALA AD 42 -3.98 145.96 -32.61
CA ALA AD 42 -3.25 145.36 -33.72
C ALA AD 42 -2.29 146.39 -34.30
N ALA AD 43 -1.05 146.36 -33.85
CA ALA AD 43 -0.06 147.35 -34.23
C ALA AD 43 0.61 146.96 -35.55
N ALA AD 44 1.68 147.69 -35.91
CA ALA AD 44 2.40 147.39 -37.14
C ALA AD 44 3.23 146.13 -37.00
N ALA AD 45 3.83 145.91 -35.83
CA ALA AD 45 4.63 144.72 -35.62
C ALA AD 45 3.76 143.51 -35.28
N ALA AD 46 3.05 143.58 -34.16
CA ALA AD 46 2.26 142.45 -33.66
C ALA AD 46 0.95 142.99 -33.12
N ALA AD 47 0.23 142.15 -32.37
CA ALA AD 47 -1.04 142.52 -31.76
C ALA AD 47 -0.93 142.45 -30.25
N ALA AD 48 -1.61 143.38 -29.59
CA ALA AD 48 -1.58 143.48 -28.13
C ALA AD 48 -3.00 143.43 -27.60
N ALA AD 49 -3.14 142.84 -26.40
CA ALA AD 49 -4.44 142.65 -25.77
C ALA AD 49 -4.34 143.02 -24.30
N ALA AD 50 -5.48 142.99 -23.62
CA ALA AD 50 -5.51 143.13 -22.17
C ALA AD 50 -4.96 141.86 -21.55
N ALA AD 51 -3.72 141.93 -21.07
CA ALA AD 51 -3.01 140.73 -20.65
C ALA AD 51 -3.50 140.23 -19.29
N ALA AD 52 -3.45 138.92 -19.11
CA ALA AD 52 -3.86 138.30 -17.87
C ALA AD 52 -3.04 137.06 -17.59
N ALA BD 1 -46.80 94.21 -20.56
CA ALA BD 1 -46.02 94.29 -21.78
C ALA BD 1 -46.27 95.63 -22.46
N ALA BD 2 -46.53 95.63 -23.76
CA ALA BD 2 -46.89 96.85 -24.46
C ALA BD 2 -48.31 97.21 -24.10
N ALA BD 3 -48.47 98.00 -23.05
CA ALA BD 3 -49.77 98.25 -22.44
C ALA BD 3 -50.27 99.63 -22.82
N ALA BD 4 -51.56 99.67 -23.19
CA ALA BD 4 -52.44 100.82 -23.32
C ALA BD 4 -52.18 101.71 -24.52
N ALA BD 5 -51.07 101.55 -25.24
CA ALA BD 5 -50.97 102.17 -26.55
C ALA BD 5 -51.86 101.41 -27.52
N ALA BD 6 -51.51 100.16 -27.76
CA ALA BD 6 -52.37 99.12 -28.31
C ALA BD 6 -51.76 97.81 -27.85
N ALA BD 7 -52.16 96.71 -28.47
CA ALA BD 7 -51.45 95.47 -28.23
C ALA BD 7 -50.15 95.45 -29.03
N ALA BD 8 -49.31 94.46 -28.74
CA ALA BD 8 -48.01 94.33 -29.39
C ALA BD 8 -48.20 93.82 -30.81
N ALA BD 9 -47.77 94.61 -31.80
CA ALA BD 9 -48.02 94.24 -33.19
C ALA BD 9 -47.00 93.21 -33.67
N ALA BD 10 -45.74 93.60 -33.72
CA ALA BD 10 -44.68 92.71 -34.17
C ALA BD 10 -43.70 92.53 -33.03
N ALA BD 11 -42.59 91.86 -33.31
CA ALA BD 11 -41.47 91.78 -32.39
C ALA BD 11 -40.23 91.99 -33.25
N ALA BD 12 -39.79 93.24 -33.35
CA ALA BD 12 -38.71 93.60 -34.25
C ALA BD 12 -37.39 93.10 -33.69
N ALA BD 13 -36.76 92.20 -34.43
CA ALA BD 13 -35.43 91.75 -34.06
C ALA BD 13 -34.42 92.85 -34.30
N ALA BD 14 -33.32 92.76 -33.52
CA ALA BD 14 -32.35 93.83 -33.22
C ALA BD 14 -33.01 95.08 -32.64
N ALA BD 15 -34.08 94.87 -31.86
CA ALA BD 15 -34.83 95.96 -31.25
C ALA BD 15 -35.65 95.38 -30.09
N ALA BD 16 -36.53 96.23 -29.56
CA ALA BD 16 -37.51 95.87 -28.55
C ALA BD 16 -38.79 95.41 -29.26
N ALA BD 17 -39.86 95.18 -28.51
CA ALA BD 17 -41.13 94.80 -29.11
C ALA BD 17 -41.79 96.02 -29.73
N ALA BD 18 -42.59 95.78 -30.75
CA ALA BD 18 -43.21 96.85 -31.51
C ALA BD 18 -44.70 96.85 -31.24
N ALA BD 19 -45.15 97.82 -30.45
CA ALA BD 19 -46.57 97.98 -30.18
C ALA BD 19 -47.28 98.52 -31.41
N ALA BD 20 -48.60 98.40 -31.43
CA ALA BD 20 -49.37 98.83 -32.59
C ALA BD 20 -49.77 100.31 -32.52
N ALA BD 21 -49.07 101.11 -31.72
CA ALA BD 21 -48.91 102.53 -31.95
C ALA BD 21 -47.47 102.88 -32.25
N ALA BD 22 -46.53 102.55 -31.34
CA ALA BD 22 -45.15 102.96 -31.42
C ALA BD 22 -44.21 101.83 -30.99
N ALA BD 23 -42.94 102.13 -30.73
CA ALA BD 23 -42.00 101.11 -30.29
C ALA BD 23 -42.03 101.01 -28.77
N ALA BD 24 -42.18 99.80 -28.24
CA ALA BD 24 -42.42 99.63 -26.82
C ALA BD 24 -41.11 99.69 -26.04
N ALA BD 25 -41.23 99.59 -24.72
CA ALA BD 25 -40.08 99.57 -23.84
C ALA BD 25 -39.76 98.18 -23.34
N ALA BD 26 -40.46 97.17 -23.83
CA ALA BD 26 -40.22 95.80 -23.42
C ALA BD 26 -39.36 95.11 -24.46
N ALA BD 27 -38.30 94.45 -24.01
CA ALA BD 27 -37.29 93.91 -24.92
C ALA BD 27 -37.80 92.63 -25.58
N ALA BD 28 -37.64 92.56 -26.90
CA ALA BD 28 -38.17 91.43 -27.66
C ALA BD 28 -37.25 90.22 -27.58
N ALA BD 29 -36.02 90.37 -28.06
CA ALA BD 29 -35.08 89.26 -28.15
C ALA BD 29 -34.11 89.30 -26.97
N ALA BD 30 -33.21 88.32 -26.93
CA ALA BD 30 -32.14 88.33 -25.95
C ALA BD 30 -31.07 89.34 -26.33
N ALA BD 31 -30.94 89.65 -27.62
CA ALA BD 31 -29.82 90.39 -28.14
C ALA BD 31 -30.15 91.85 -28.38
N ALA BD 32 -31.06 92.43 -27.59
CA ALA BD 32 -31.32 93.85 -27.67
C ALA BD 32 -30.39 94.58 -26.71
N ALA BD 33 -30.49 95.91 -26.64
CA ALA BD 33 -29.56 96.69 -25.84
C ALA BD 33 -30.09 96.91 -24.43
N ALA BD 34 -30.31 95.80 -23.72
CA ALA BD 34 -30.78 95.83 -22.35
C ALA BD 34 -29.64 96.24 -21.44
N ALA BD 35 -29.89 97.19 -20.52
CA ALA BD 35 -28.83 97.81 -19.72
C ALA BD 35 -28.39 96.88 -18.60
N ALA BD 36 -27.62 95.87 -18.96
CA ALA BD 36 -26.91 95.10 -17.97
C ALA BD 36 -25.76 95.95 -17.45
N ALA BD 37 -25.67 96.08 -16.14
CA ALA BD 37 -24.49 96.70 -15.54
C ALA BD 37 -24.06 95.96 -14.28
N ALA BD 38 -24.85 95.00 -13.80
CA ALA BD 38 -24.48 94.17 -12.66
C ALA BD 38 -24.60 92.72 -13.07
N ALA BD 39 -23.48 92.07 -13.31
CA ALA BD 39 -23.48 90.66 -13.63
C ALA BD 39 -23.60 89.84 -12.36
N ALA BD 40 -23.84 88.55 -12.53
CA ALA BD 40 -23.90 87.62 -11.39
C ALA BD 40 -23.23 86.32 -11.84
N ALA BD 41 -21.93 86.21 -11.60
CA ALA BD 41 -21.18 85.03 -12.03
C ALA BD 41 -19.96 84.87 -11.15
N ALA BD 42 -19.52 83.63 -11.01
CA ALA BD 42 -18.23 83.34 -10.39
C ALA BD 42 -17.14 83.65 -11.39
N ALA BD 43 -16.15 84.42 -10.94
CA ALA BD 43 -14.97 84.85 -11.68
C ALA BD 43 -15.29 85.63 -12.96
N ALA BD 44 -16.37 86.41 -12.91
CA ALA BD 44 -16.62 87.37 -13.98
C ALA BD 44 -15.61 88.49 -13.88
N ALA BD 45 -15.18 88.97 -15.06
CA ALA BD 45 -14.25 90.06 -15.40
C ALA BD 45 -12.78 89.71 -15.12
N ALA BD 46 -12.53 88.56 -14.50
CA ALA BD 46 -11.42 87.70 -14.86
C ALA BD 46 -12.00 86.67 -15.83
N ALA BD 47 -11.24 85.65 -16.18
CA ALA BD 47 -11.80 84.61 -17.03
C ALA BD 47 -12.67 83.69 -16.21
N ALA BD 48 -13.45 82.84 -16.89
CA ALA BD 48 -14.54 82.08 -16.29
C ALA BD 48 -14.03 80.95 -15.38
N ALA BD 49 -14.97 80.24 -14.76
CA ALA BD 49 -14.64 79.19 -13.82
C ALA BD 49 -14.15 77.96 -14.56
N ALA BD 50 -12.90 77.57 -14.30
CA ALA BD 50 -12.29 76.40 -14.93
C ALA BD 50 -12.94 75.16 -14.37
N ALA BD 51 -13.82 74.54 -15.16
CA ALA BD 51 -14.82 73.61 -14.66
C ALA BD 51 -14.25 72.24 -14.28
N ALA BD 52 -13.01 71.93 -14.65
CA ALA BD 52 -12.45 70.61 -14.42
C ALA BD 52 -12.05 70.35 -12.98
N ALA BD 53 -11.99 71.39 -12.14
CA ALA BD 53 -11.55 71.21 -10.76
C ALA BD 53 -12.64 70.59 -9.91
N ALA BD 54 -12.23 69.76 -8.97
CA ALA BD 54 -13.11 69.22 -7.93
C ALA BD 54 -12.32 69.27 -6.62
N ALA BD 55 -12.39 70.41 -5.94
CA ALA BD 55 -11.66 70.64 -4.71
C ALA BD 55 -12.46 71.64 -3.88
N ALA BD 56 -11.81 72.25 -2.89
CA ALA BD 56 -12.49 73.26 -2.09
C ALA BD 56 -12.60 74.58 -2.83
N ALA BD 57 -11.49 75.09 -3.34
CA ALA BD 57 -11.44 76.40 -3.95
C ALA BD 57 -12.03 76.38 -5.36
N ALA BD 58 -12.35 77.57 -5.87
CA ALA BD 58 -12.86 77.75 -7.22
C ALA BD 58 -11.80 78.52 -8.00
N ALA BD 59 -11.22 77.88 -9.00
CA ALA BD 59 -10.16 78.49 -9.79
C ALA BD 59 -10.71 79.05 -11.09
N ALA BD 60 -10.30 80.26 -11.42
CA ALA BD 60 -10.71 80.86 -12.68
C ALA BD 60 -9.89 80.27 -13.83
N ALA BD 61 -10.35 80.52 -15.06
CA ALA BD 61 -9.59 80.09 -16.22
C ALA BD 61 -8.38 80.97 -16.50
N ALA BD 62 -8.28 82.13 -15.86
CA ALA BD 62 -7.07 82.93 -15.84
C ALA BD 62 -6.20 82.62 -14.64
N ALA BD 63 -6.44 81.47 -13.99
CA ALA BD 63 -5.69 80.91 -12.86
C ALA BD 63 -5.67 81.82 -11.64
N ALA BD 64 -6.76 82.54 -11.41
CA ALA BD 64 -6.98 83.19 -10.14
C ALA BD 64 -7.94 82.34 -9.33
N ALA BD 65 -7.77 82.37 -8.02
CA ALA BD 65 -8.67 81.65 -7.13
C ALA BD 65 -9.78 82.60 -6.71
N ALA BD 66 -11.01 82.24 -7.05
CA ALA BD 66 -12.17 83.06 -6.71
C ALA BD 66 -12.46 82.85 -5.24
N ALA BD 67 -11.80 83.65 -4.40
CA ALA BD 67 -11.94 83.50 -2.96
C ALA BD 67 -13.25 84.07 -2.45
N ALA BD 68 -13.93 84.90 -3.24
CA ALA BD 68 -15.27 85.35 -2.93
C ALA BD 68 -16.34 84.34 -3.30
N ALA BD 69 -15.98 83.22 -3.92
CA ALA BD 69 -16.98 82.20 -4.24
C ALA BD 69 -16.52 80.80 -3.87
N ALA BD 70 -15.50 80.67 -3.02
CA ALA BD 70 -15.02 79.36 -2.60
C ALA BD 70 -15.60 78.96 -1.26
N LYS CD 24 -28.19 120.92 23.38
CA LYS CD 24 -28.02 120.09 22.19
C LYS CD 24 -26.75 120.47 21.45
N PHE CD 25 -25.93 119.48 21.16
CA PHE CD 25 -24.65 119.69 20.52
C PHE CD 25 -24.60 118.96 19.19
N LYS CD 26 -24.11 119.65 18.16
CA LYS CD 26 -24.08 119.09 16.81
C LYS CD 26 -22.92 119.69 16.04
N LYS CD 27 -22.09 118.84 15.45
CA LYS CD 27 -21.15 119.23 14.42
C LYS CD 27 -21.92 119.51 13.13
N PRO CD 28 -21.40 120.35 12.22
CA PRO CD 28 -22.19 120.78 11.06
C PRO CD 28 -22.48 119.69 10.03
N PRO CD 29 -21.48 118.95 9.41
CA PRO CD 29 -21.91 118.09 8.31
C PRO CD 29 -22.46 116.75 8.78
N ILE CD 30 -23.78 116.65 8.81
CA ILE CD 30 -24.44 115.38 9.09
C ILE CD 30 -24.92 114.90 7.74
N ASN CD 31 -24.08 114.13 7.08
CA ASN CD 31 -24.34 113.70 5.71
C ASN CD 31 -25.12 112.39 5.73
N ASN CD 32 -25.17 111.70 4.60
CA ASN CD 32 -25.76 110.37 4.56
C ASN CD 32 -24.86 109.34 5.26
N PRO CD 33 -25.40 108.17 5.60
CA PRO CD 33 -24.51 107.08 6.01
C PRO CD 33 -23.69 106.58 4.83
N SER CD 34 -22.38 106.67 4.97
CA SER CD 34 -21.46 106.04 4.03
C SER CD 34 -21.28 104.57 4.37
N ASP CD 35 -20.48 103.88 3.57
CA ASP CD 35 -20.08 102.53 3.93
C ASP CD 35 -18.58 102.33 3.72
N ASP CD 36 -18.20 101.08 4.03
CA ASP CD 36 -16.81 100.66 4.04
C ASP CD 36 -16.18 100.71 2.67
N ALA CD 37 -16.97 100.40 1.65
CA ALA CD 37 -16.49 100.34 0.27
C ALA CD 37 -16.11 101.72 -0.24
N THR CD 38 -17.00 102.70 -0.09
CA THR CD 38 -16.69 104.05 -0.53
C THR CD 38 -15.68 104.74 0.36
N ILE CD 39 -15.57 104.33 1.63
CA ILE CD 39 -14.55 104.90 2.50
C ILE CD 39 -13.16 104.49 2.03
N LYS CD 40 -12.95 103.21 1.76
CA LYS CD 40 -11.62 102.83 1.32
C LYS CD 40 -11.37 103.11 -0.15
N LEU CD 41 -12.43 103.24 -0.96
CA LEU CD 41 -12.26 103.74 -2.33
C LEU CD 41 -11.86 105.20 -2.33
N ALA CD 42 -12.40 105.99 -1.40
CA ALA CD 42 -12.06 107.40 -1.33
C ALA CD 42 -10.66 107.61 -0.79
N GLU CD 43 -10.25 106.81 0.19
CA GLU CD 43 -8.89 107.03 0.69
C GLU CD 43 -7.85 106.30 -0.13
N ALA CD 44 -8.24 105.47 -1.08
CA ALA CD 44 -7.33 105.16 -2.18
C ALA CD 44 -7.30 106.24 -3.22
N ALA CD 45 -8.47 106.86 -3.44
CA ALA CD 45 -8.65 107.82 -4.51
C ALA CD 45 -7.90 109.11 -4.24
N VAL CD 46 -7.74 109.46 -2.96
CA VAL CD 46 -6.98 110.65 -2.63
C VAL CD 46 -5.48 110.40 -2.82
N SER CD 47 -4.98 109.19 -2.58
CA SER CD 47 -3.56 108.93 -2.75
C SER CD 47 -3.18 108.81 -4.21
N VAL CD 48 -4.08 108.25 -5.03
CA VAL CD 48 -3.79 108.25 -6.45
C VAL CD 48 -3.97 109.64 -7.06
N SER CD 49 -4.85 110.48 -6.47
CA SER CD 49 -4.98 111.87 -6.90
C SER CD 49 -3.75 112.70 -6.56
N ASP CD 50 -3.13 112.43 -5.42
CA ASP CD 50 -1.95 113.20 -5.05
C ASP CD 50 -0.70 112.76 -5.81
N SER CD 51 -0.51 111.45 -6.00
CA SER CD 51 0.59 110.94 -6.81
C SER CD 51 0.47 111.36 -8.27
N MET CD 52 -0.77 111.32 -8.76
CA MET CD 52 -1.18 111.92 -10.02
C MET CD 52 -0.82 113.38 -10.17
N LEU CD 53 -1.17 114.18 -9.17
CA LEU CD 53 -0.96 115.62 -9.17
C LEU CD 53 0.51 115.97 -9.20
N GLU CD 54 1.31 115.23 -8.45
CA GLU CD 54 2.74 115.48 -8.43
C GLU CD 54 3.40 115.01 -9.71
N MET CD 55 2.86 113.96 -10.37
CA MET CD 55 3.43 113.56 -11.66
C MET CD 55 3.14 114.60 -12.74
N ALA CD 56 1.97 115.22 -12.67
CA ALA CD 56 1.65 116.31 -13.59
C ALA CD 56 2.50 117.54 -13.33
N LYS CD 57 2.85 117.75 -12.06
CA LYS CD 57 3.76 118.83 -11.66
C LYS CD 57 5.17 118.64 -12.23
N VAL CD 58 5.73 117.43 -12.09
CA VAL CD 58 7.10 117.20 -12.57
C VAL CD 58 7.17 117.17 -14.10
N GLU CD 59 6.10 116.74 -14.78
CA GLU CD 59 6.14 116.75 -16.25
C GLU CD 59 5.95 118.14 -16.82
N LYS CD 60 5.09 118.96 -16.21
CA LYS CD 60 4.98 120.32 -16.71
C LYS CD 60 6.13 121.21 -16.28
N VAL CD 61 6.99 120.79 -15.35
CA VAL CD 61 8.20 121.58 -15.18
C VAL CD 61 9.37 121.01 -15.99
N ILE CD 62 9.38 119.72 -16.33
CA ILE CD 62 10.52 119.16 -17.06
C ILE CD 62 10.40 119.36 -18.56
N THR CD 63 9.19 119.52 -19.11
CA THR CD 63 9.14 120.27 -20.35
C THR CD 63 8.04 121.32 -20.18
N PRO CD 64 8.32 122.56 -20.52
CA PRO CD 64 7.27 123.57 -20.45
C PRO CD 64 6.36 123.43 -21.65
N PRO CD 65 5.05 123.39 -21.44
CA PRO CD 65 4.13 123.44 -22.59
C PRO CD 65 4.11 124.82 -23.22
N SER CD 66 4.71 124.92 -24.40
CA SER CD 66 4.93 126.22 -25.03
C SER CD 66 3.65 126.76 -25.66
N LYS CD 67 2.79 125.88 -26.12
CA LYS CD 67 1.66 126.24 -26.94
C LYS CD 67 0.38 125.56 -26.46
N ASP CD 68 -0.73 126.17 -26.82
CA ASP CD 68 -2.06 125.66 -26.56
C ASP CD 68 -2.50 124.76 -27.70
N ASN CD 69 -3.79 124.48 -27.77
CA ASN CD 69 -4.37 123.99 -29.01
C ASN CD 69 -5.51 124.89 -29.45
N THR CD 70 -5.59 126.10 -28.93
CA THR CD 70 -6.61 127.03 -29.41
C THR CD 70 -6.20 127.70 -30.71
N LEU CD 71 -4.92 127.62 -31.06
CA LEU CD 71 -4.50 128.06 -32.38
C LEU CD 71 -4.93 127.07 -33.46
N THR CD 72 -5.10 125.79 -33.11
CA THR CD 72 -5.54 124.82 -34.11
C THR CD 72 -6.99 124.43 -34.00
N ILE CD 73 -7.64 124.71 -32.87
CA ILE CD 73 -9.09 124.63 -32.78
C ILE CD 73 -9.46 126.04 -32.37
N PRO CD 74 -9.76 126.93 -33.28
CA PRO CD 74 -10.20 128.25 -32.83
C PRO CD 74 -11.70 128.30 -32.74
N ASN CD 75 -12.21 129.28 -32.03
CA ASN CD 75 -13.61 129.21 -31.71
C ASN CD 75 -14.44 129.84 -32.83
N ALA CD 76 -15.76 129.65 -32.75
CA ALA CD 76 -16.62 130.28 -33.75
C ALA CD 76 -17.97 130.61 -33.15
N TYR CD 77 -18.56 131.67 -33.67
CA TYR CD 77 -19.99 131.83 -33.54
C TYR CD 77 -20.65 130.78 -34.41
N ASN CD 78 -21.43 129.92 -33.74
CA ASN CD 78 -22.04 128.58 -33.92
C ASN CD 78 -21.12 127.46 -33.47
N LEU CD 79 -19.91 127.75 -33.00
CA LEU CD 79 -19.21 126.80 -32.15
C LEU CD 79 -19.36 127.14 -30.68
N GLN CD 80 -19.98 128.26 -30.36
CA GLN CD 80 -20.23 128.66 -28.99
C GLN CD 80 -21.48 128.09 -28.39
N ALA CD 81 -22.14 127.16 -29.07
CA ALA CD 81 -23.14 126.35 -28.41
C ALA CD 81 -22.48 125.48 -27.37
N ARG CD 82 -23.21 125.17 -26.33
CA ARG CD 82 -22.64 124.46 -25.20
C ARG CD 82 -23.13 123.03 -25.23
N ALA CD 83 -22.43 122.16 -24.52
CA ALA CD 83 -22.90 120.80 -24.34
C ALA CD 83 -22.40 120.30 -23.01
N SER CD 84 -23.03 119.23 -22.55
CA SER CD 84 -22.62 118.51 -21.36
C SER CD 84 -22.54 117.07 -21.83
N VAL CD 85 -21.42 116.40 -21.55
CA VAL CD 85 -21.11 115.11 -22.18
C VAL CD 85 -20.63 114.14 -21.10
N ASP CD 86 -21.24 112.96 -21.02
CA ASP CD 86 -20.53 111.76 -20.59
C ASP CD 86 -20.45 110.79 -21.77
N TRP CD 87 -19.32 110.11 -21.88
CA TRP CD 87 -18.99 109.33 -23.07
C TRP CD 87 -17.80 108.45 -22.79
N SER CD 88 -17.86 107.22 -23.26
CA SER CD 88 -16.73 106.31 -23.08
C SER CD 88 -16.41 105.54 -24.36
N GLY CD 89 -16.97 105.94 -25.47
CA GLY CD 89 -16.77 105.22 -26.71
C GLY CD 89 -15.54 105.61 -27.46
N PRO CD 90 -15.49 105.26 -28.72
CA PRO CD 90 -14.40 105.75 -29.55
C PRO CD 90 -14.70 107.15 -30.04
N ILE CD 91 -13.72 107.77 -30.65
CA ILE CD 91 -13.71 109.22 -30.77
C ILE CD 91 -14.57 109.72 -31.92
N GLU CD 92 -14.79 108.86 -32.93
CA GLU CD 92 -15.33 109.32 -34.20
C GLU CD 92 -16.83 109.61 -34.12
N GLU CD 93 -17.55 108.85 -33.30
CA GLU CD 93 -18.99 109.02 -33.12
C GLU CD 93 -19.30 110.27 -32.32
N LEU CD 94 -18.51 110.49 -31.27
CA LEU CD 94 -18.53 111.74 -30.51
C LEU CD 94 -18.25 112.98 -31.32
N THR CD 95 -17.16 113.02 -32.08
CA THR CD 95 -16.88 114.27 -32.79
C THR CD 95 -17.76 114.46 -34.02
N ALA CD 96 -18.32 113.37 -34.56
CA ALA CD 96 -19.36 113.49 -35.56
C ALA CD 96 -20.63 114.11 -34.98
N ARG CD 97 -20.98 113.74 -33.74
CA ARG CD 97 -22.15 114.34 -33.10
C ARG CD 97 -21.92 115.79 -32.71
N ILE CD 98 -20.68 116.13 -32.30
CA ILE CD 98 -20.30 117.50 -31.99
C ILE CD 98 -20.40 118.38 -33.22
N ALA CD 99 -19.86 117.91 -34.34
CA ALA CD 99 -19.87 118.70 -35.56
C ALA CD 99 -21.25 118.79 -36.20
N LYS CD 100 -22.07 117.73 -36.06
CA LYS CD 100 -23.45 117.74 -36.50
C LYS CD 100 -24.27 118.77 -35.73
N ALA CD 101 -24.06 118.86 -34.43
CA ALA CD 101 -24.80 119.87 -33.69
C ALA CD 101 -24.13 121.23 -33.71
N ALA CD 102 -22.92 121.31 -34.22
CA ALA CD 102 -22.29 122.60 -34.45
C ALA CD 102 -22.53 123.12 -35.85
N HIS CD 103 -23.23 122.33 -36.68
CA HIS CD 103 -23.44 122.54 -38.13
C HIS CD 103 -22.12 122.67 -38.86
N PHE CD 104 -21.17 121.83 -38.48
CA PHE CD 104 -19.89 121.75 -39.14
C PHE CD 104 -19.83 120.42 -39.87
N ARG CD 105 -19.36 120.44 -41.09
CA ARG CD 105 -19.13 119.19 -41.78
C ARG CD 105 -17.90 118.51 -41.21
N PHE CD 106 -18.05 117.23 -40.90
CA PHE CD 106 -17.02 116.47 -40.21
C PHE CD 106 -16.32 115.58 -41.21
N ARG CD 107 -14.99 115.58 -41.18
CA ARG CD 107 -14.22 114.76 -42.08
C ARG CD 107 -13.07 114.10 -41.32
N VAL CD 108 -12.63 112.99 -41.86
CA VAL CD 108 -11.64 112.13 -41.24
C VAL CD 108 -10.41 112.10 -42.12
N LEU CD 109 -9.24 112.40 -41.58
CA LEU CD 109 -8.06 112.12 -42.37
C LEU CD 109 -7.22 111.10 -41.67
N GLY CD 110 -6.70 110.18 -42.43
CA GLY CD 110 -6.00 109.05 -41.87
C GLY CD 110 -6.97 107.94 -41.56
N LYS CD 111 -6.52 106.72 -41.77
CA LYS CD 111 -7.36 105.58 -41.50
C LYS CD 111 -7.25 105.24 -40.03
N SER CD 112 -8.40 104.94 -39.43
CA SER CD 112 -8.50 104.64 -38.00
C SER CD 112 -7.75 103.36 -37.68
N PRO CD 113 -7.05 103.29 -36.55
CA PRO CD 113 -6.37 102.06 -36.17
C PRO CD 113 -7.35 101.00 -35.74
N SER CD 114 -6.86 99.77 -35.78
CA SER CD 114 -7.66 98.60 -35.45
C SER CD 114 -7.98 98.51 -33.97
N VAL CD 115 -7.01 98.84 -33.13
CA VAL CD 115 -7.40 99.18 -31.76
C VAL CD 115 -8.14 100.50 -31.78
N PRO CD 116 -9.21 100.67 -31.02
CA PRO CD 116 -9.95 101.92 -31.08
C PRO CD 116 -9.22 103.01 -30.30
N VAL CD 117 -9.24 104.21 -30.86
CA VAL CD 117 -8.85 105.38 -30.10
C VAL CD 117 -10.02 105.68 -29.17
N LEU CD 118 -9.91 105.27 -27.92
CA LEU CD 118 -11.00 105.42 -26.97
C LEU CD 118 -10.76 106.66 -26.15
N ILE CD 119 -11.71 107.58 -26.17
CA ILE CD 119 -11.75 108.66 -25.23
C ILE CD 119 -12.89 108.38 -24.27
N SER CD 120 -12.88 109.07 -23.13
CA SER CD 120 -14.00 108.93 -22.20
C SER CD 120 -14.12 110.29 -21.51
N ILE CD 121 -14.95 111.15 -22.06
CA ILE CD 121 -15.08 112.49 -21.54
C ILE CD 121 -16.33 112.55 -20.66
N SER CD 122 -16.20 113.19 -19.51
CA SER CD 122 -17.35 113.35 -18.62
C SER CD 122 -17.22 114.74 -18.02
N THR CD 123 -17.80 115.71 -18.69
CA THR CD 123 -17.86 117.06 -18.19
C THR CD 123 -19.28 117.57 -18.33
N LYS CD 124 -19.54 118.70 -17.66
CA LYS CD 124 -20.86 119.29 -17.65
C LYS CD 124 -20.72 120.77 -17.96
N ASP CD 125 -21.49 121.22 -18.97
CA ASP CD 125 -21.58 122.61 -19.44
C ASP CD 125 -20.22 123.13 -19.91
N GLU CD 126 -19.79 122.65 -21.05
CA GLU CD 126 -18.63 123.27 -21.65
C GLU CD 126 -19.04 123.67 -23.06
N SER CD 127 -18.41 124.73 -23.57
CA SER CD 127 -18.55 125.12 -24.96
C SER CD 127 -18.00 124.02 -25.87
N LEU CD 128 -18.56 123.95 -27.08
CA LEU CD 128 -18.28 122.87 -28.03
C LEU CD 128 -16.84 122.90 -28.51
N ALA CD 129 -16.28 124.11 -28.64
CA ALA CD 129 -14.90 124.30 -29.06
C ALA CD 129 -13.94 123.75 -28.01
N GLU CD 130 -14.17 124.06 -26.74
CA GLU CD 130 -13.33 123.51 -25.69
C GLU CD 130 -13.60 122.02 -25.44
N ILE CD 131 -14.80 121.50 -25.80
CA ILE CD 131 -15.04 120.05 -25.78
C ILE CD 131 -14.17 119.34 -26.81
N LEU CD 132 -14.08 119.93 -28.01
CA LEU CD 132 -13.16 119.43 -29.03
C LEU CD 132 -11.71 119.56 -28.62
N ARG CD 133 -11.36 120.59 -27.86
CA ARG CD 133 -10.01 120.71 -27.34
C ARG CD 133 -9.69 119.67 -26.27
N ASP CD 134 -10.65 119.33 -25.42
CA ASP CD 134 -10.41 118.26 -24.46
C ASP CD 134 -10.41 116.89 -25.12
N ILE CD 135 -11.16 116.73 -26.21
CA ILE CD 135 -11.13 115.50 -26.99
C ILE CD 135 -9.77 115.35 -27.67
N ASP CD 136 -9.23 116.47 -28.19
CA ASP CD 136 -7.88 116.56 -28.75
C ASP CD 136 -6.83 116.21 -27.73
N TYR CD 137 -6.95 116.73 -26.51
CA TYR CD 137 -5.95 116.44 -25.49
C TYR CD 137 -6.05 115.01 -25.01
N GLN CD 138 -7.28 114.54 -24.78
CA GLN CD 138 -7.57 113.22 -24.26
C GLN CD 138 -7.17 112.12 -25.22
N ALA CD 139 -7.22 112.39 -26.52
CA ALA CD 139 -6.59 111.51 -27.50
C ALA CD 139 -5.23 112.07 -27.91
N GLY CD 140 -4.29 112.02 -26.97
CA GLY CD 140 -2.96 112.54 -27.24
C GLY CD 140 -2.15 111.55 -28.04
N LYS CD 141 -1.51 112.06 -29.11
CA LYS CD 141 -0.57 111.36 -30.01
C LYS CD 141 -1.18 110.18 -30.73
N LYS CD 142 -2.50 110.13 -30.85
CA LYS CD 142 -3.18 109.05 -31.54
C LYS CD 142 -4.09 109.70 -32.55
N ALA CD 143 -4.59 110.87 -32.19
CA ALA CD 143 -5.47 111.64 -33.04
C ALA CD 143 -5.29 113.11 -32.72
N SER CD 144 -5.92 113.95 -33.53
CA SER CD 144 -5.97 115.38 -33.28
C SER CD 144 -7.21 115.94 -33.93
N ILE CD 145 -7.83 116.90 -33.27
CA ILE CD 145 -8.98 117.63 -33.78
C ILE CD 145 -8.46 118.93 -34.37
N HIS CD 146 -8.85 119.25 -35.59
CA HIS CD 146 -8.61 120.54 -36.21
C HIS CD 146 -9.93 121.13 -36.66
N VAL CD 147 -10.09 122.42 -36.50
CA VAL CD 147 -11.31 123.11 -36.87
C VAL CD 147 -10.93 124.25 -37.80
N TYR CD 148 -11.50 124.27 -39.00
CA TYR CD 148 -11.28 125.42 -39.86
C TYR CD 148 -12.53 126.25 -39.81
N PRO CD 149 -12.48 127.46 -39.26
CA PRO CD 149 -13.71 128.20 -39.01
C PRO CD 149 -14.09 129.22 -40.07
N ASN CD 150 -13.28 129.46 -41.11
CA ASN CD 150 -13.79 130.27 -42.20
C ASN CD 150 -14.56 129.43 -43.22
N SER CD 151 -14.23 128.15 -43.33
CA SER CD 151 -15.15 127.15 -43.84
C SER CD 151 -15.90 126.58 -42.63
N GLN CD 152 -16.68 125.54 -42.80
CA GLN CD 152 -17.32 124.93 -41.62
C GLN CD 152 -16.89 123.48 -41.59
N VAL CD 153 -15.67 123.23 -41.11
CA VAL CD 153 -15.07 121.90 -41.16
C VAL CD 153 -14.54 121.58 -39.77
N VAL CD 154 -15.02 120.48 -39.20
CA VAL CD 154 -14.38 119.80 -38.09
C VAL CD 154 -13.73 118.54 -38.65
N GLU CD 155 -12.47 118.36 -38.34
CA GLU CD 155 -11.68 117.26 -38.84
C GLU CD 155 -10.93 116.53 -37.76
N LEU CD 156 -11.01 115.22 -37.89
CA LEU CD 156 -10.32 114.29 -37.02
C LEU CD 156 -9.20 113.64 -37.78
N ARG CD 157 -8.00 113.76 -37.26
CA ARG CD 157 -6.81 113.22 -37.90
C ARG CD 157 -6.26 112.09 -37.06
N TYR CD 158 -6.18 110.91 -37.64
CA TYR CD 158 -5.54 109.82 -36.94
C TYR CD 158 -4.03 109.90 -37.15
N ALA CD 159 -3.29 109.11 -36.37
CA ALA CD 159 -1.85 109.20 -36.40
C ALA CD 159 -1.27 108.35 -37.54
N LYS CD 160 0.05 108.47 -37.72
CA LYS CD 160 0.77 107.81 -38.81
C LYS CD 160 1.31 106.45 -38.43
N ILE CD 161 0.84 105.83 -37.35
CA ILE CD 161 1.51 104.64 -36.87
C ILE CD 161 0.55 103.47 -36.81
N ALA DD 58 -4.33 60.89 47.46
CA ALA DD 58 -4.21 60.88 46.01
C ALA DD 58 -5.17 61.87 45.40
N LEU DD 59 -6.43 61.84 45.87
CA LEU DD 59 -7.39 62.89 45.54
C LEU DD 59 -6.97 64.22 46.15
N LYS DD 60 -6.33 64.15 47.32
CA LYS DD 60 -5.73 65.32 47.95
C LYS DD 60 -4.56 65.88 47.10
N GLU DD 61 -3.82 64.99 46.43
CA GLU DD 61 -2.69 65.35 45.59
C GLU DD 61 -3.17 65.99 44.32
N THR DD 62 -4.22 65.43 43.70
CA THR DD 62 -4.73 66.09 42.50
C THR DD 62 -5.55 67.33 42.82
N ALA DD 63 -6.03 67.48 44.07
CA ALA DD 63 -6.57 68.77 44.51
C ALA DD 63 -5.49 69.84 44.56
N LEU DD 64 -4.31 69.47 45.06
CA LEU DD 64 -3.15 70.37 45.06
C LEU DD 64 -2.71 70.74 43.64
N SER DD 65 -2.75 69.77 42.74
CA SER DD 65 -2.39 70.03 41.36
C SER DD 65 -3.43 70.84 40.59
N VAL DD 66 -4.71 70.77 40.98
CA VAL DD 66 -5.70 71.71 40.47
C VAL DD 66 -5.39 73.13 40.95
N GLY DD 67 -5.09 73.28 42.25
CA GLY DD 67 -4.85 74.60 42.81
C GLY DD 67 -3.59 75.30 42.34
N ALA DD 68 -2.58 74.53 41.91
CA ALA DD 68 -1.27 75.07 41.53
C ALA DD 68 -1.33 75.93 40.28
N GLN DD 69 -1.92 75.43 39.21
CA GLN DD 69 -1.88 76.16 37.94
C GLN DD 69 -2.84 77.34 37.94
N ALA DD 70 -3.91 77.24 38.71
CA ALA DD 70 -4.83 78.36 38.88
C ALA DD 70 -4.19 79.47 39.68
N GLY DD 71 -3.42 79.13 40.73
CA GLY DD 71 -2.68 80.14 41.47
C GLY DD 71 -1.56 80.78 40.68
N LEU DD 72 -0.90 80.00 39.83
CA LEU DD 72 0.12 80.51 38.92
C LEU DD 72 -0.45 81.49 37.90
N ALA DD 73 -1.59 81.15 37.30
CA ALA DD 73 -2.18 82.03 36.30
C ALA DD 73 -2.79 83.28 36.92
N TRP DD 74 -3.33 83.17 38.15
CA TRP DD 74 -3.85 84.33 38.83
C TRP DD 74 -2.75 85.29 39.24
N ARG DD 75 -1.63 84.76 39.77
CA ARG DD 75 -0.49 85.58 40.15
C ARG DD 75 0.18 86.20 38.94
N ALA DD 76 0.17 85.48 37.80
CA ALA DD 76 0.66 86.00 36.54
C ALA DD 76 -0.17 87.18 36.06
N LYS DD 77 -1.50 87.09 36.20
CA LYS DD 77 -2.42 88.19 35.88
C LYS DD 77 -2.16 89.43 36.70
N ILE DD 78 -2.08 89.26 38.05
CA ILE DD 78 -1.91 90.36 38.99
C ILE DD 78 -0.60 91.08 38.76
N ILE DD 79 0.47 90.33 38.51
CA ILE DD 79 1.71 91.04 38.23
C ILE DD 79 1.80 91.52 36.80
N ASP DD 80 0.94 91.06 35.87
CA ASP DD 80 0.96 91.68 34.55
C ASP DD 80 0.36 93.08 34.57
N GLU DD 81 -0.79 93.31 35.24
CA GLU DD 81 -1.19 94.73 35.19
C GLU DD 81 -0.52 95.50 36.31
N GLN DD 82 0.17 94.81 37.23
CA GLN DD 82 1.00 95.54 38.15
C GLN DD 82 2.28 96.02 37.44
N LEU DD 83 2.77 95.26 36.46
CA LEU DD 83 3.79 95.76 35.54
C LEU DD 83 3.28 96.89 34.67
N ASN DD 84 2.06 96.76 34.14
CA ASN DD 84 1.52 97.77 33.25
C ASN DD 84 1.12 99.05 33.96
N LYS DD 85 0.93 99.00 35.26
CA LYS DD 85 0.75 100.23 36.01
C LYS DD 85 2.04 101.02 36.10
N GLN DD 86 3.18 100.34 36.09
CA GLN DD 86 4.48 100.99 36.16
C GLN DD 86 5.18 100.97 34.82
N ALA DD 87 4.43 101.14 33.74
CA ALA DD 87 4.96 100.95 32.40
C ALA DD 87 5.95 102.04 32.00
N ARG DD 88 5.64 103.32 32.26
CA ARG DD 88 6.57 104.38 31.93
C ARG DD 88 7.77 104.42 32.86
N ASN DD 89 7.58 103.97 34.10
CA ASN DD 89 8.66 103.87 35.06
C ASN DD 89 9.66 102.79 34.63
N LEU DD 90 9.18 101.69 34.08
CA LEU DD 90 10.08 100.64 33.63
C LEU DD 90 10.76 100.98 32.31
N ASP DD 91 10.15 101.81 31.47
CA ASP DD 91 10.88 102.42 30.36
C ASP DD 91 11.95 103.39 30.82
N ALA DD 92 11.75 104.03 31.98
CA ALA DD 92 12.83 104.85 32.52
C ALA DD 92 13.95 103.98 33.08
N ILE DD 93 13.62 102.92 33.81
CA ILE DD 93 14.62 102.01 34.41
C ILE DD 93 15.41 101.28 33.34
N TYR DD 94 14.73 100.47 32.55
CA TYR DD 94 15.35 99.62 31.56
C TYR DD 94 15.35 100.29 30.19
N ASP DD 95 15.99 101.45 30.15
CA ASP DD 95 16.07 102.25 28.94
C ASP DD 95 17.22 101.70 28.11
N PHE DD 96 16.92 100.69 27.29
CA PHE DD 96 17.94 100.16 26.40
C PHE DD 96 18.16 101.06 25.20
N ASN DD 97 17.19 101.93 24.92
CA ASN DD 97 17.12 102.73 23.70
C ASN DD 97 18.25 103.72 23.62
N SER DD 98 18.57 104.37 24.72
CA SER DD 98 19.70 105.27 24.74
C SER DD 98 20.92 104.64 25.38
N LEU DD 99 21.02 103.32 25.32
CA LEU DD 99 22.27 102.63 25.60
C LEU DD 99 22.93 102.08 24.36
N VAL DD 100 22.27 102.15 23.21
CA VAL DD 100 22.84 101.55 22.01
C VAL DD 100 23.96 102.44 21.48
N LEU DD 101 24.75 101.85 20.60
CA LEU DD 101 25.98 102.49 20.17
C LEU DD 101 25.70 103.38 18.96
N GLU DD 102 26.77 103.82 18.31
CA GLU DD 102 26.65 104.81 17.25
C GLU DD 102 26.06 104.27 15.97
N HIS DD 103 26.20 102.99 15.67
CA HIS DD 103 25.64 102.51 14.42
C HIS DD 103 24.48 101.58 14.73
N ASN DD 104 23.63 101.98 15.70
CA ASN DD 104 22.53 101.20 16.32
C ASN DD 104 22.92 99.78 16.68
N ILE DD 105 24.09 99.66 17.29
CA ILE DD 105 24.63 98.39 17.71
C ILE DD 105 24.24 98.19 19.16
N LEU DD 106 23.60 97.07 19.43
CA LEU DD 106 23.30 96.69 20.79
C LEU DD 106 24.61 96.33 21.48
N PRO DD 107 24.90 96.94 22.62
CA PRO DD 107 26.15 96.69 23.33
C PRO DD 107 26.16 95.30 23.96
N PRO DD 108 27.34 94.72 24.18
CA PRO DD 108 27.38 93.37 24.74
C PRO DD 108 27.25 93.38 26.24
N VAL DD 109 26.98 92.20 26.79
CA VAL DD 109 26.71 92.07 28.20
C VAL DD 109 27.98 91.60 28.89
N LEU DD 110 28.60 92.46 29.68
CA LEU DD 110 29.81 92.08 30.38
C LEU DD 110 29.44 91.64 31.78
N LEU DD 111 30.12 90.63 32.27
CA LEU DD 111 29.85 90.15 33.61
C LEU DD 111 31.09 90.34 34.46
N GLU DD 112 30.89 90.94 35.62
CA GLU DD 112 31.95 91.20 36.59
C GLU DD 112 31.84 90.18 37.69
N GLY DD 113 32.95 89.54 38.00
CA GLY DD 113 32.97 88.74 39.19
C GLY DD 113 34.23 89.08 39.95
N ARG DD 114 34.08 89.71 41.10
CA ARG DD 114 35.28 90.02 41.86
C ARG DD 114 35.59 88.87 42.79
N ASN DD 115 36.90 88.73 43.05
CA ASN DD 115 37.48 88.15 44.25
C ASN DD 115 37.22 86.64 44.28
N THR DD 116 37.72 85.98 43.25
CA THR DD 116 37.25 84.66 42.83
C THR DD 116 38.21 83.60 43.32
N LEU DD 117 37.67 82.53 43.90
CA LEU DD 117 38.47 81.35 44.18
C LEU DD 117 37.90 80.17 43.43
N ASN DD 118 38.78 79.29 42.95
CA ASN DD 118 38.43 77.92 42.61
C ASN DD 118 39.34 76.97 43.34
N LEU DD 119 38.75 76.10 44.14
CA LEU DD 119 39.44 74.95 44.72
C LEU DD 119 39.46 73.86 43.67
N ALA DD 120 40.60 73.68 43.01
CA ALA DD 120 40.59 72.70 41.92
C ALA DD 120 40.69 71.28 42.45
N ASP DD 121 41.62 71.06 43.36
CA ASP DD 121 41.74 69.79 44.03
C ASP DD 121 42.32 70.08 45.41
N ALA DD 122 42.84 69.06 46.06
CA ALA DD 122 43.49 69.24 47.34
C ALA DD 122 44.80 69.98 47.22
N GLN DD 123 45.44 69.90 46.07
CA GLN DD 123 46.79 70.39 45.92
C GLN DD 123 46.84 71.84 45.48
N SER DD 124 45.76 72.38 44.92
CA SER DD 124 45.86 73.63 44.19
C SER DD 124 44.56 74.41 44.16
N ILE DD 125 44.67 75.71 44.40
CA ILE DD 125 43.58 76.64 44.15
C ILE DD 125 44.06 77.66 43.13
N ARG DD 126 43.10 78.32 42.51
CA ARG DD 126 43.40 79.52 41.75
C ARG DD 126 42.51 80.64 42.25
N ILE DD 127 43.11 81.72 42.69
CA ILE DD 127 42.35 82.92 42.92
C ILE DD 127 42.63 83.87 41.78
N SER DD 128 41.63 84.68 41.49
CA SER DD 128 41.83 85.83 40.63
C SER DD 128 41.08 86.97 41.27
N ASP DD 129 41.51 88.19 40.99
CA ASP DD 129 40.85 89.28 41.70
C ASP DD 129 39.58 89.74 41.00
N ARG DD 130 39.62 89.93 39.69
CA ARG DD 130 38.41 90.24 38.97
C ARG DD 130 38.35 89.41 37.70
N THR DD 131 37.14 89.14 37.27
CA THR DD 131 36.86 88.40 36.06
C THR DD 131 35.83 89.16 35.26
N TYR DD 132 36.18 89.49 34.03
CA TYR DD 132 35.22 90.10 33.12
C TYR DD 132 34.95 89.13 31.99
N LYS DD 133 33.67 88.88 31.74
CA LYS DD 133 33.27 87.97 30.70
C LYS DD 133 32.40 88.70 29.70
N VAL DD 134 32.68 88.51 28.42
CA VAL DD 134 31.80 89.00 27.38
C VAL DD 134 30.76 87.92 27.13
N ALA DD 135 29.51 88.22 27.42
CA ALA DD 135 28.42 87.32 27.15
C ALA DD 135 27.45 88.02 26.21
N LYS DD 136 27.05 87.24 25.18
CA LYS DD 136 26.15 87.58 24.06
C LYS DD 136 26.52 88.93 23.43
N GLN DD 137 27.62 88.83 22.68
CA GLN DD 137 28.44 89.86 22.06
C GLN DD 137 27.61 90.86 21.24
N ALA DD 138 28.18 92.08 21.08
CA ALA DD 138 27.55 93.23 20.45
C ALA DD 138 27.16 92.98 19.01
N HIS DD 139 25.98 93.48 18.66
CA HIS DD 139 25.45 93.14 17.36
C HIS DD 139 24.44 94.18 16.93
N PHE DD 140 24.18 94.20 15.62
CA PHE DD 140 23.33 95.22 14.98
C PHE DD 140 21.90 95.03 15.40
N ILE DD 141 21.37 95.92 16.21
CA ILE DD 141 19.98 95.80 16.57
C ILE DD 141 19.20 96.78 15.71
N THR DD 142 17.99 96.41 15.32
CA THR DD 142 17.17 97.34 14.57
C THR DD 142 16.38 98.24 15.50
N THR DD 143 15.52 97.64 16.30
CA THR DD 143 14.82 98.37 17.33
C THR DD 143 15.21 97.82 18.69
N PRO DD 144 15.47 98.70 19.67
CA PRO DD 144 16.10 98.27 20.93
C PRO DD 144 15.15 97.46 21.79
N PRO DD 145 15.67 96.61 22.68
CA PRO DD 145 14.79 95.78 23.49
C PRO DD 145 14.05 96.59 24.53
N THR DD 146 12.82 96.19 24.77
CA THR DD 146 12.07 96.80 25.84
C THR DD 146 12.23 95.95 27.08
N TRP DD 147 11.50 96.32 28.13
CA TRP DD 147 11.44 95.43 29.27
C TRP DD 147 10.42 94.34 29.07
N ARG DD 148 9.55 94.48 28.08
CA ARG DD 148 8.44 93.57 27.98
C ARG DD 148 8.81 92.22 27.38
N GLN DD 149 9.95 92.11 26.70
CA GLN DD 149 10.39 90.77 26.32
C GLN DD 149 10.99 90.03 27.48
N TYR DD 150 11.42 90.75 28.49
CA TYR DD 150 12.19 90.14 29.55
C TYR DD 150 11.33 89.90 30.78
N LEU DD 151 10.30 90.72 30.99
CA LEU DD 151 9.57 90.72 32.25
C LEU DD 151 8.13 90.20 32.17
N TRP DD 152 7.51 90.19 31.01
CA TRP DD 152 6.09 89.88 30.89
C TRP DD 152 5.86 88.39 31.08
N MET DD 153 5.18 88.01 32.15
CA MET DD 153 4.81 86.61 32.24
C MET DD 153 3.54 86.32 31.48
N ASP DD 154 3.38 85.05 31.14
CA ASP DD 154 2.43 84.64 30.13
C ASP DD 154 1.07 84.41 30.76
N TYR DD 155 0.05 85.04 30.21
CA TYR DD 155 -1.31 84.85 30.68
C TYR DD 155 -2.09 83.97 29.73
N VAL DD 156 -2.38 82.76 30.19
CA VAL DD 156 -3.47 81.99 29.65
C VAL DD 156 -4.50 81.87 30.76
N LYS DD 157 -5.76 81.70 30.37
CA LYS DD 157 -6.85 81.63 31.34
C LYS DD 157 -7.22 80.16 31.43
N PRO DD 158 -6.89 79.48 32.53
CA PRO DD 158 -7.09 78.02 32.59
C PRO DD 158 -8.54 77.68 32.86
N GLU DD 159 -9.14 76.95 31.93
CA GLU DD 159 -10.56 76.60 31.99
C GLU DD 159 -10.77 75.16 32.41
N ALA DD 160 -9.80 74.55 33.08
CA ALA DD 160 -9.90 73.15 33.45
C ALA DD 160 -10.08 72.99 34.95
N PRO DD 161 -11.27 72.68 35.44
CA PRO DD 161 -11.42 72.38 36.87
C PRO DD 161 -10.94 70.98 37.20
N LYS DD 173 -13.39 67.21 49.47
CA LYS DD 173 -14.21 68.39 49.78
C LYS DD 173 -13.45 69.32 50.70
N GLU DD 174 -13.36 68.94 51.97
CA GLU DD 174 -12.65 69.74 52.97
C GLU DD 174 -11.14 69.65 52.77
N ILE DD 175 -10.65 68.44 52.44
CA ILE DD 175 -9.24 68.21 52.17
C ILE DD 175 -8.89 68.81 50.83
N TRP DD 176 -9.84 68.78 49.89
CA TRP DD 176 -9.76 69.49 48.63
C TRP DD 176 -9.61 70.99 48.83
N CYS DD 177 -10.35 71.56 49.78
CA CYS DD 177 -10.30 73.00 50.01
C CYS DD 177 -9.00 73.44 50.67
N ILE DD 178 -8.52 72.66 51.66
CA ILE DD 178 -7.26 73.05 52.29
C ILE DD 178 -6.05 72.80 51.39
N TYR DD 179 -6.09 71.76 50.53
CA TYR DD 179 -4.95 71.62 49.66
C TYR DD 179 -5.10 72.43 48.38
N THR DD 180 -6.28 72.95 48.06
CA THR DD 180 -6.28 73.89 46.96
C THR DD 180 -5.85 75.27 47.45
N GLU DD 181 -5.95 75.55 48.75
CA GLU DD 181 -5.26 76.75 49.24
C GLU DD 181 -3.75 76.57 49.31
N ARG DD 182 -3.27 75.38 49.67
CA ARG DD 182 -1.83 75.20 49.66
C ARG DD 182 -1.27 75.01 48.25
N GLY DD 183 -2.09 74.50 47.33
CA GLY DD 183 -1.77 74.59 45.92
C GLY DD 183 -1.80 76.01 45.38
N TRP DD 184 -2.70 76.84 45.91
CA TRP DD 184 -2.83 78.22 45.46
C TRP DD 184 -1.63 79.07 45.87
N LYS DD 185 -1.14 78.90 47.10
CA LYS DD 185 0.10 79.60 47.44
C LYS DD 185 1.33 78.97 46.81
N ASN DD 186 1.28 77.67 46.47
CA ASN DD 186 2.40 77.10 45.72
C ASN DD 186 2.46 77.64 44.30
N GLY DD 187 1.31 77.85 43.67
CA GLY DD 187 1.28 78.51 42.39
C GLY DD 187 1.67 79.97 42.45
N ILE DD 188 1.31 80.65 43.55
CA ILE DD 188 1.66 82.05 43.73
C ILE DD 188 3.15 82.23 43.90
N ASP DD 189 3.81 81.46 44.77
CA ASP DD 189 5.24 81.73 44.94
C ASP DD 189 6.07 81.07 43.86
N GLN DD 190 5.50 80.12 43.11
CA GLN DD 190 6.24 79.63 41.95
C GLN DD 190 6.18 80.63 40.80
N ALA DD 191 5.07 81.37 40.66
CA ALA DD 191 5.03 82.49 39.73
C ALA DD 191 5.93 83.64 40.16
N ASN DD 192 6.06 83.84 41.46
CA ASN DD 192 7.03 84.79 42.02
C ASN DD 192 8.46 84.42 41.72
N THR DD 193 8.82 83.13 41.71
CA THR DD 193 10.18 82.79 41.34
C THR DD 193 10.44 82.95 39.86
N ILE DD 194 9.40 82.74 39.02
CA ILE DD 194 9.53 83.01 37.58
C ILE DD 194 9.76 84.50 37.32
N LEU DD 195 9.01 85.35 38.03
CA LEU DD 195 9.19 86.80 37.95
C LEU DD 195 10.54 87.26 38.50
N GLU DD 196 11.01 86.59 39.55
CA GLU DD 196 12.32 86.89 40.15
C GLU DD 196 13.45 86.59 39.19
N GLU DD 197 13.35 85.48 38.45
CA GLU DD 197 14.34 85.22 37.41
C GLU DD 197 14.19 86.13 36.20
N ASN DD 198 12.99 86.63 35.93
CA ASN DD 198 12.82 87.57 34.83
C ASN DD 198 13.46 88.92 35.10
N ILE DD 199 13.25 89.45 36.31
CA ILE DD 199 13.97 90.61 36.83
C ILE DD 199 15.47 90.37 36.92
N ALA DD 200 15.87 89.15 37.24
CA ALA DD 200 17.28 88.79 37.28
C ALA DD 200 17.92 88.81 35.91
N ARG DD 201 17.18 88.36 34.89
CA ARG DD 201 17.70 88.34 33.53
C ARG DD 201 17.81 89.73 32.95
N ILE DD 202 16.83 90.59 33.22
CA ILE DD 202 16.93 91.96 32.73
C ILE DD 202 17.98 92.75 33.49
N LYS DD 203 18.25 92.40 34.75
CA LYS DD 203 19.28 93.09 35.49
C LYS DD 203 20.67 92.67 35.06
N GLU DD 204 20.85 91.37 34.74
CA GLU DD 204 22.03 90.86 34.05
C GLU DD 204 22.29 91.57 32.73
N ASP DD 205 21.30 91.62 31.85
CA ASP DD 205 21.51 92.11 30.48
C ASP DD 205 21.73 93.61 30.45
N PHE DD 206 20.96 94.35 31.23
CA PHE DD 206 21.07 95.79 31.23
C PHE DD 206 22.32 96.23 31.96
N GLY DD 207 22.62 95.66 33.14
CA GLY DD 207 23.83 96.02 33.86
C GLY DD 207 25.10 95.52 33.21
N GLY DD 208 25.01 94.51 32.34
CA GLY DD 208 26.11 94.18 31.48
C GLY DD 208 26.41 95.23 30.45
N MET DD 209 25.37 95.86 29.90
CA MET DD 209 25.59 96.96 28.96
C MET DD 209 26.15 98.19 29.68
N ILE DD 210 25.74 98.36 30.93
CA ILE DD 210 26.26 99.44 31.76
C ILE DD 210 27.72 99.19 32.12
N LEU DD 211 28.04 97.92 32.33
CA LEU DD 211 29.40 97.52 32.63
C LEU DD 211 30.30 97.66 31.40
N TYR DD 212 29.71 97.58 30.19
CA TYR DD 212 30.47 97.91 28.99
C TYR DD 212 30.83 99.38 29.07
N ARG DD 213 29.83 100.25 29.31
CA ARG DD 213 30.06 101.69 29.19
C ARG DD 213 31.02 102.22 30.24
N LYS DD 214 31.04 101.55 31.41
CA LYS DD 214 32.19 101.62 32.31
C LYS DD 214 33.49 101.21 31.66
N LEU DD 215 33.56 100.02 31.05
CA LEU DD 215 34.87 99.59 30.56
C LEU DD 215 35.25 100.21 29.23
N LEU DD 216 34.31 100.84 28.53
CA LEU DD 216 34.63 101.56 27.32
C LEU DD 216 35.17 102.92 27.66
N ALA DD 217 34.63 103.54 28.71
CA ALA DD 217 35.33 104.64 29.34
C ALA DD 217 36.66 104.19 29.90
N MET DD 218 36.70 103.06 30.56
CA MET DD 218 37.83 102.65 31.35
C MET DD 218 38.83 101.82 30.56
N ASN DD 219 38.66 101.78 29.23
CA ASN DD 219 39.60 101.29 28.23
C ASN DD 219 39.95 99.81 28.39
N MET DD 220 39.05 99.04 28.98
CA MET DD 220 39.29 97.62 29.09
C MET DD 220 38.68 96.84 27.94
N VAL DD 221 37.85 97.47 27.12
CA VAL DD 221 37.30 96.88 25.91
C VAL DD 221 37.54 97.77 24.71
N SER DD 222 37.44 97.19 23.55
CA SER DD 222 37.42 97.95 22.32
C SER DD 222 36.00 98.41 22.02
N PRO DD 223 35.82 99.54 21.36
CA PRO DD 223 34.53 99.83 20.74
C PRO DD 223 34.41 99.02 19.46
N PRO DD 224 33.20 98.82 18.90
CA PRO DD 224 33.13 98.08 17.64
C PRO DD 224 33.57 98.95 16.49
N TYR DD 225 34.28 98.35 15.57
CA TYR DD 225 34.75 99.11 14.42
C TYR DD 225 33.87 98.69 13.27
N VAL DD 226 33.02 99.62 12.87
CA VAL DD 226 32.19 99.43 11.71
C VAL DD 226 32.98 99.77 10.45
N SER DD 227 32.43 99.32 9.32
CA SER DD 227 32.93 99.65 8.01
C SER DD 227 31.71 99.90 7.13
N HIS DD 228 31.62 101.08 6.55
CA HIS DD 228 30.57 101.35 5.60
C HIS DD 228 31.14 101.38 4.18
N THR DD 229 30.97 100.28 3.47
CA THR DD 229 31.29 100.27 2.05
C THR DD 229 30.12 100.90 1.33
N ASP DD 230 30.30 102.14 0.93
CA ASP DD 230 29.30 102.84 0.15
C ASP DD 230 29.33 102.28 -1.26
N LEU DD 231 28.15 102.11 -1.84
CA LEU DD 231 27.99 101.71 -3.21
C LEU DD 231 27.05 102.70 -3.86
N GLY DD 232 27.25 102.93 -5.14
CA GLY DD 232 26.35 103.83 -5.85
C GLY DD 232 25.08 103.13 -6.29
N VAL DD 233 24.66 103.42 -7.49
CA VAL DD 233 23.45 102.79 -8.00
C VAL DD 233 23.75 101.36 -8.39
N THR DD 234 22.88 100.46 -7.99
CA THR DD 234 23.25 99.07 -7.85
C THR DD 234 22.15 98.19 -8.43
N GLY DD 235 22.54 97.34 -9.35
CA GLY DD 235 21.67 96.30 -9.82
C GLY DD 235 21.64 96.26 -11.33
N ASP DD 236 20.73 95.44 -11.83
CA ASP DD 236 20.45 95.38 -13.25
C ASP DD 236 19.40 96.42 -13.60
N GLY DD 237 18.81 96.30 -14.78
CA GLY DD 237 17.78 97.22 -15.15
C GLY DD 237 16.40 96.85 -14.66
N SER DD 238 16.23 95.70 -14.04
CA SER DD 238 14.93 95.38 -13.49
C SER DD 238 14.78 95.85 -12.06
N GLU DD 239 15.87 96.29 -11.44
CA GLU DD 239 15.91 96.56 -10.00
C GLU DD 239 17.08 97.48 -9.74
N ILE DD 240 16.81 98.68 -9.24
CA ILE DD 240 17.92 99.52 -8.81
C ILE DD 240 17.73 99.87 -7.36
N HIS DD 241 18.85 100.02 -6.68
CA HIS DD 241 18.93 100.60 -5.36
C HIS DD 241 19.92 101.74 -5.47
N ILE DD 242 19.51 102.91 -5.01
CA ILE DD 242 20.18 104.11 -5.45
C ILE DD 242 21.40 104.42 -4.59
N ASP DD 243 21.23 104.60 -3.30
CA ASP DD 243 22.35 104.81 -2.41
C ASP DD 243 22.52 103.57 -1.56
N ASP DD 244 23.48 102.73 -1.94
CA ASP DD 244 23.55 101.36 -1.47
C ASP DD 244 24.71 101.20 -0.50
N ARG DD 245 24.46 101.43 0.77
CA ARG DD 245 25.52 101.37 1.76
C ARG DD 245 25.46 100.04 2.50
N VAL DD 246 26.55 99.28 2.43
CA VAL DD 246 26.67 98.03 3.18
C VAL DD 246 27.48 98.32 4.43
N LEU DD 247 26.90 98.05 5.59
CA LEU DD 247 27.54 98.34 6.86
C LEU DD 247 27.86 97.01 7.53
N ARG DD 248 29.13 96.83 7.88
CA ARG DD 248 29.57 95.65 8.58
C ARG DD 248 30.22 96.04 9.89
N ILE DD 249 30.22 95.10 10.82
CA ILE DD 249 31.08 95.18 11.99
C ILE DD 249 32.29 94.34 11.67
N THR DD 250 33.46 94.97 11.68
CA THR DD 250 34.69 94.24 11.47
C THR DD 250 35.28 93.78 12.78
N ALA DD 251 35.48 94.70 13.70
CA ALA DD 251 36.09 94.41 15.00
C ALA DD 251 34.98 94.37 16.03
N LEU DD 252 34.91 93.30 16.76
CA LEU DD 252 33.88 93.22 17.78
C LEU DD 252 34.40 93.91 19.03
N PRO DD 253 33.51 94.35 19.93
CA PRO DD 253 33.97 94.82 21.22
C PRO DD 253 34.51 93.69 22.05
N GLU DD 254 35.65 93.93 22.67
CA GLU DD 254 36.54 92.82 22.96
C GLU DD 254 37.52 93.33 23.99
N LEU DD 255 37.74 92.56 25.07
CA LEU DD 255 38.55 93.01 26.20
C LEU DD 255 40.03 93.00 25.85
N ASN DD 256 40.73 94.11 26.07
CA ASN DD 256 42.16 94.07 25.77
C ASN DD 256 42.92 93.53 26.96
N VAL DD 257 43.92 92.70 26.66
CA VAL DD 257 44.79 92.17 27.69
C VAL DD 257 46.09 92.93 27.77
N ASN DD 258 46.35 93.83 26.82
CA ASN DD 258 47.56 94.63 26.87
C ASN DD 258 47.05 95.70 27.84
N SER DD 259 47.51 95.63 29.07
CA SER DD 259 46.75 96.22 30.16
C SER DD 259 47.31 97.56 30.61
N ALA DD 260 48.38 98.04 29.99
CA ALA DD 260 49.00 99.29 30.42
C ALA DD 260 48.20 100.53 30.03
N GLU DD 261 47.30 100.44 29.05
CA GLU DD 261 46.47 101.56 28.65
C GLU DD 261 45.14 101.55 29.34
N TRP DD 262 45.01 100.86 30.46
CA TRP DD 262 43.76 100.84 31.17
C TRP DD 262 43.55 102.14 31.92
N ARG DD 263 42.37 102.29 32.47
CA ARG DD 263 42.04 103.49 33.21
C ARG DD 263 41.64 103.03 34.59
N ALA DD 264 41.18 103.95 35.41
CA ALA DD 264 40.88 103.76 36.82
C ALA DD 264 39.87 104.82 37.23
N ALA DD 265 38.89 104.43 38.01
CA ALA DD 265 37.72 105.27 38.20
C ALA DD 265 37.83 106.34 39.28
N VAL DD 266 38.85 107.19 39.28
CA VAL DD 266 38.99 108.11 40.40
C VAL DD 266 38.18 109.38 40.16
N ALA DD 267 37.33 109.71 41.13
CA ALA DD 267 36.44 110.86 41.05
C ALA DD 267 36.66 111.73 42.27
N LYS DD 268 35.77 112.69 42.48
CA LYS DD 268 35.85 113.54 43.67
C LYS DD 268 34.52 113.64 44.38
N PHE ED 25 -12.40 120.69 47.17
CA PHE ED 25 -11.52 119.59 47.52
C PHE ED 25 -10.81 119.03 46.30
N LYS ED 26 -9.55 118.65 46.48
CA LYS ED 26 -8.76 118.10 45.40
C LYS ED 26 -8.41 116.65 45.72
N LYS ED 27 -7.67 116.03 44.83
CA LYS ED 27 -7.39 114.60 44.87
C LYS ED 27 -5.89 114.35 44.84
N PRO ED 28 -5.43 113.17 45.27
CA PRO ED 28 -4.06 112.78 44.96
C PRO ED 28 -3.95 112.37 43.50
N PRO ED 29 -2.75 112.30 42.94
CA PRO ED 29 -2.62 111.82 41.57
C PRO ED 29 -2.93 110.34 41.40
N ILE ED 30 -3.25 109.94 40.17
CA ILE ED 30 -3.87 108.63 39.93
C ILE ED 30 -2.83 107.54 39.87
N ASN ED 31 -1.76 107.76 39.11
CA ASN ED 31 -0.66 106.80 39.10
C ASN ED 31 0.41 107.15 40.12
N ASN ED 32 0.02 107.77 41.23
CA ASN ED 32 0.97 108.37 42.14
C ASN ED 32 1.70 107.31 42.92
N PRO ED 33 2.99 107.45 43.14
CA PRO ED 33 3.70 106.56 44.04
C PRO ED 33 3.29 106.87 45.47
N SER ED 34 2.22 106.21 45.91
CA SER ED 34 1.68 106.34 47.25
C SER ED 34 1.93 105.09 48.06
N ASP ED 35 2.79 104.24 47.54
CA ASP ED 35 2.98 102.88 48.00
C ASP ED 35 4.46 102.65 48.20
N ASP ED 36 4.82 101.93 49.27
CA ASP ED 36 6.17 101.97 49.83
C ASP ED 36 7.22 101.30 48.96
N ALA ED 37 6.83 100.44 48.04
CA ALA ED 37 7.79 99.93 47.06
C ALA ED 37 7.77 100.70 45.77
N THR ED 38 6.60 101.21 45.37
CA THR ED 38 6.51 101.97 44.14
C THR ED 38 7.15 103.33 44.24
N ILE ED 39 7.27 103.88 45.45
CA ILE ED 39 8.09 105.06 45.63
C ILE ED 39 9.55 104.76 45.39
N LYS ED 40 10.04 103.60 45.85
CA LYS ED 40 11.45 103.26 45.67
C LYS ED 40 11.77 102.94 44.22
N LEU ED 41 10.80 102.32 43.55
CA LEU ED 41 10.87 102.10 42.11
C LEU ED 41 10.87 103.41 41.33
N ALA ED 42 10.04 104.37 41.72
CA ALA ED 42 10.02 105.62 40.97
C ALA ED 42 11.13 106.59 41.37
N GLU ED 43 11.64 106.52 42.59
CA GLU ED 43 12.86 107.27 42.94
C GLU ED 43 14.06 106.72 42.22
N ALA ED 44 14.10 105.40 42.03
CA ALA ED 44 15.11 104.83 41.17
C ALA ED 44 14.89 105.22 39.72
N ALA ED 45 13.64 105.45 39.29
CA ALA ED 45 13.35 105.89 37.92
C ALA ED 45 13.84 107.29 37.65
N VAL ED 46 13.62 108.21 38.59
CA VAL ED 46 14.13 109.56 38.39
C VAL ED 46 15.65 109.59 38.54
N SER ED 47 16.22 108.68 39.36
CA SER ED 47 17.67 108.60 39.49
C SER ED 47 18.34 108.05 38.23
N VAL ED 48 17.71 107.06 37.61
CA VAL ED 48 18.31 106.44 36.44
C VAL ED 48 18.10 107.35 35.22
N SER ED 49 17.03 108.15 35.21
CA SER ED 49 16.81 109.03 34.07
C SER ED 49 17.67 110.29 34.17
N ASP ED 50 17.96 110.72 35.41
CA ASP ED 50 18.99 111.73 35.61
C ASP ED 50 20.35 111.23 35.13
N SER ED 51 20.77 110.05 35.58
CA SER ED 51 22.11 109.56 35.23
C SER ED 51 22.27 109.14 33.75
N MET ED 52 21.20 108.65 33.09
CA MET ED 52 20.98 108.83 31.64
C MET ED 52 21.27 110.22 31.10
N LEU ED 53 20.71 111.27 31.73
CA LEU ED 53 20.85 112.60 31.12
C LEU ED 53 22.28 113.13 31.21
N GLU ED 54 22.95 113.00 32.37
CA GLU ED 54 24.36 113.41 32.32
C GLU ED 54 25.30 112.39 31.68
N MET ED 55 24.84 111.17 31.40
CA MET ED 55 25.55 110.37 30.42
C MET ED 55 25.50 111.04 29.05
N ALA ED 56 24.32 111.50 28.66
CA ALA ED 56 24.14 112.15 27.36
C ALA ED 56 24.82 113.52 27.26
N LYS ED 57 24.96 114.24 28.38
CA LYS ED 57 25.83 115.43 28.39
C LYS ED 57 27.30 115.07 28.26
N VAL ED 58 27.77 113.93 28.79
CA VAL ED 58 29.20 113.74 28.66
C VAL ED 58 29.57 113.17 27.27
N GLU ED 59 28.72 112.35 26.65
CA GLU ED 59 29.14 111.94 25.30
C GLU ED 59 28.47 112.70 24.16
N LYS ED 60 27.68 113.73 24.44
CA LYS ED 60 27.06 114.45 23.34
C LYS ED 60 28.09 115.38 22.70
N VAL ED 61 28.63 114.93 21.57
CA VAL ED 61 29.40 115.84 20.73
C VAL ED 61 28.42 116.69 19.92
N ILE ED 62 28.57 118.00 20.01
CA ILE ED 62 27.90 118.90 19.09
C ILE ED 62 28.98 119.81 18.54
N THR ED 63 28.67 120.61 17.55
CA THR ED 63 29.63 121.62 17.17
C THR ED 63 29.05 122.99 17.54
N PRO ED 64 29.92 123.94 17.92
CA PRO ED 64 29.46 125.31 18.10
C PRO ED 64 29.02 125.93 16.78
N PRO ED 65 28.06 126.86 16.81
CA PRO ED 65 27.62 127.51 15.58
C PRO ED 65 28.58 128.56 15.05
N SER ED 66 29.57 128.94 15.86
CA SER ED 66 30.73 129.66 15.36
C SER ED 66 31.51 128.83 14.34
N LYS ED 67 31.56 127.52 14.54
CA LYS ED 67 32.37 126.63 13.72
C LYS ED 67 31.52 125.46 13.21
N ASP ED 68 30.32 125.76 12.71
CA ASP ED 68 29.40 124.68 12.33
C ASP ED 68 29.66 124.11 10.95
N ASN ED 69 30.44 124.83 10.14
CA ASN ED 69 30.97 124.70 8.77
C ASN ED 69 29.96 124.29 7.69
N THR ED 70 28.67 124.42 7.96
CA THR ED 70 27.64 124.25 6.95
C THR ED 70 27.21 125.61 6.41
N LEU ED 71 26.36 125.59 5.39
CA LEU ED 71 25.96 126.79 4.69
C LEU ED 71 24.95 127.57 5.52
N THR ED 72 24.95 128.89 5.38
CA THR ED 72 23.95 129.75 5.97
C THR ED 72 22.85 130.03 4.95
N ILE ED 73 21.88 130.86 5.31
CA ILE ED 73 20.89 131.35 4.35
C ILE ED 73 21.51 132.51 3.59
N PRO ED 74 21.61 132.43 2.26
CA PRO ED 74 22.28 133.50 1.51
C PRO ED 74 21.38 134.68 1.15
N ASN ED 75 20.20 134.79 1.78
CA ASN ED 75 19.21 135.87 1.90
C ASN ED 75 18.96 136.69 0.62
N ALA ED 76 19.04 136.07 -0.55
CA ALA ED 76 18.71 136.73 -1.79
C ALA ED 76 17.26 136.42 -2.17
N TYR ED 77 16.61 137.41 -2.80
CA TYR ED 77 15.17 137.37 -3.04
C TYR ED 77 14.78 136.32 -4.05
N ASN ED 78 15.68 135.98 -4.97
CA ASN ED 78 15.46 134.81 -5.82
C ASN ED 78 15.63 133.53 -5.02
N LEU ED 79 16.44 133.54 -3.98
CA LEU ED 79 16.65 132.33 -3.21
C LEU ED 79 15.59 132.15 -2.13
N GLN ED 80 14.74 133.14 -1.89
CA GLN ED 80 13.59 132.96 -0.99
C GLN ED 80 12.30 132.62 -1.73
N ALA ED 81 12.40 132.02 -2.90
CA ALA ED 81 11.20 131.48 -3.52
C ALA ED 81 10.87 130.14 -2.88
N ARG ED 82 9.64 129.67 -3.14
CA ARG ED 82 9.13 128.47 -2.49
C ARG ED 82 9.00 127.38 -3.53
N ALA ED 83 9.76 126.31 -3.36
CA ALA ED 83 9.94 125.28 -4.37
C ALA ED 83 9.52 123.94 -3.80
N SER ED 84 9.64 122.89 -4.59
CA SER ED 84 9.21 121.57 -4.16
C SER ED 84 9.93 120.52 -4.98
N VAL ED 85 10.62 119.60 -4.32
CA VAL ED 85 11.41 118.61 -5.03
C VAL ED 85 11.28 117.25 -4.35
N ASP ED 86 11.14 116.21 -5.15
CA ASP ED 86 11.17 114.82 -4.71
C ASP ED 86 12.30 114.13 -5.47
N TRP ED 87 13.39 113.80 -4.80
CA TRP ED 87 14.54 113.30 -5.53
C TRP ED 87 15.54 112.54 -4.68
N SER ED 88 16.04 111.43 -5.23
CA SER ED 88 17.30 110.86 -4.78
C SER ED 88 18.24 110.68 -5.96
N GLY ED 89 19.45 111.25 -5.89
CA GLY ED 89 20.48 110.98 -6.87
C GLY ED 89 21.74 111.81 -6.73
N PRO ED 90 22.44 112.07 -7.83
CA PRO ED 90 23.72 112.79 -7.75
C PRO ED 90 23.65 114.30 -7.85
N ILE ED 91 24.43 114.92 -6.95
CA ILE ED 91 24.25 116.26 -6.38
C ILE ED 91 24.22 117.40 -7.40
N GLU ED 92 24.93 117.24 -8.52
CA GLU ED 92 25.32 118.29 -9.43
C GLU ED 92 24.14 118.68 -10.24
N GLU ED 93 23.33 117.69 -10.47
CA GLU ED 93 22.15 117.79 -11.23
C GLU ED 93 21.12 118.64 -10.49
N LEU ED 94 20.90 118.43 -9.18
CA LEU ED 94 19.88 119.21 -8.49
C LEU ED 94 20.39 120.63 -8.30
N THR ED 95 21.68 120.77 -8.01
CA THR ED 95 22.22 122.11 -7.79
C THR ED 95 22.35 122.93 -9.07
N ALA ED 96 22.55 122.28 -10.21
CA ALA ED 96 22.36 122.90 -11.51
C ALA ED 96 20.92 123.33 -11.68
N ARG ED 97 19.97 122.54 -11.14
CA ARG ED 97 18.66 122.92 -11.59
C ARG ED 97 18.01 123.87 -10.63
N ILE ED 98 18.52 123.92 -9.42
CA ILE ED 98 18.06 124.93 -8.50
C ILE ED 98 18.78 126.22 -8.77
N ALA ED 99 19.94 126.17 -9.44
CA ALA ED 99 20.51 127.39 -9.99
C ALA ED 99 19.69 127.92 -11.14
N LYS ED 100 19.24 127.05 -12.06
CA LYS ED 100 18.42 127.65 -13.12
C LYS ED 100 16.96 127.81 -12.71
N ALA ED 101 16.56 127.26 -11.57
CA ALA ED 101 15.28 127.63 -10.99
C ALA ED 101 15.37 128.94 -10.24
N ALA ED 102 16.53 129.24 -9.67
CA ALA ED 102 16.73 130.48 -8.95
C ALA ED 102 17.27 131.59 -9.84
N HIS ED 103 17.42 131.31 -11.15
CA HIS ED 103 18.06 132.17 -12.16
C HIS ED 103 19.47 132.55 -11.74
N PHE ED 104 20.20 131.54 -11.28
CA PHE ED 104 21.58 131.71 -10.85
C PHE ED 104 22.47 130.92 -11.79
N ARG ED 105 23.69 131.40 -11.96
CA ARG ED 105 24.66 130.59 -12.67
C ARG ED 105 25.15 129.46 -11.78
N PHE ED 106 25.65 128.42 -12.42
CA PHE ED 106 26.07 127.22 -11.71
C PHE ED 106 27.48 126.86 -12.11
N ARG ED 107 28.41 127.00 -11.19
CA ARG ED 107 29.79 126.60 -11.43
C ARG ED 107 30.10 125.33 -10.65
N VAL ED 108 31.00 124.53 -11.19
CA VAL ED 108 31.54 123.40 -10.46
C VAL ED 108 33.05 123.57 -10.36
N LEU ED 109 33.57 123.46 -9.14
CA LEU ED 109 34.99 123.38 -8.89
C LEU ED 109 35.26 121.98 -8.37
N GLY ED 110 36.32 121.36 -8.88
CA GLY ED 110 36.69 120.04 -8.44
C GLY ED 110 36.24 118.98 -9.43
N LYS ED 111 36.47 117.74 -9.03
CA LYS ED 111 36.25 116.58 -9.88
C LYS ED 111 35.21 115.69 -9.20
N SER ED 112 34.17 115.31 -9.93
CA SER ED 112 33.24 114.37 -9.32
C SER ED 112 33.79 112.97 -9.41
N PRO ED 113 33.75 112.18 -8.34
CA PRO ED 113 34.39 110.86 -8.39
C PRO ED 113 33.57 109.81 -9.12
N SER ED 114 34.10 108.59 -9.12
CA SER ED 114 33.48 107.48 -9.84
C SER ED 114 32.20 107.03 -9.18
N VAL ED 115 32.23 106.85 -7.86
CA VAL ED 115 30.98 106.80 -7.14
C VAL ED 115 30.50 108.25 -7.07
N PRO ED 116 29.27 108.52 -7.50
CA PRO ED 116 28.71 109.85 -7.29
C PRO ED 116 28.29 109.98 -5.84
N VAL ED 117 28.32 111.18 -5.37
CA VAL ED 117 27.82 111.43 -4.03
C VAL ED 117 26.32 111.67 -4.11
N LEU ED 118 25.60 110.99 -3.23
CA LEU ED 118 24.19 110.75 -3.40
C LEU ED 118 23.43 111.38 -2.25
N ILE ED 119 22.32 112.02 -2.58
CA ILE ED 119 21.47 112.75 -1.65
C ILE ED 119 20.05 112.24 -1.83
N SER ED 120 19.14 112.84 -1.06
CA SER ED 120 17.71 112.80 -1.35
C SER ED 120 17.10 114.01 -0.65
N ILE ED 121 16.27 114.76 -1.37
CA ILE ED 121 15.42 115.77 -0.76
C ILE ED 121 14.02 115.54 -1.30
N SER ED 122 13.07 115.30 -0.41
CA SER ED 122 11.68 115.10 -0.79
C SER ED 122 10.83 116.02 0.09
N THR ED 123 10.70 117.27 -0.32
CA THR ED 123 9.85 118.24 0.35
C THR ED 123 8.84 118.79 -0.64
N LYS ED 124 7.61 118.97 -0.17
CA LYS ED 124 6.46 119.23 -1.05
C LYS ED 124 6.09 120.69 -1.17
N ASP ED 125 6.50 121.53 -0.22
CA ASP ED 125 6.80 122.93 -0.53
C ASP ED 125 7.83 123.46 0.44
N GLU ED 126 8.92 123.98 -0.13
CA GLU ED 126 9.99 124.38 0.77
C GLU ED 126 10.87 125.42 0.08
N SER ED 127 11.44 126.33 0.88
CA SER ED 127 12.26 127.42 0.36
C SER ED 127 13.60 126.92 -0.16
N LEU ED 128 14.02 127.48 -1.29
CA LEU ED 128 14.98 126.75 -2.09
C LEU ED 128 16.42 127.00 -1.67
N ALA ED 129 16.67 128.07 -0.91
CA ALA ED 129 17.97 128.27 -0.26
C ALA ED 129 18.21 127.26 0.85
N GLU ED 130 17.15 126.67 1.35
CA GLU ED 130 17.22 125.70 2.40
C GLU ED 130 17.17 124.28 1.87
N ILE ED 131 16.62 124.10 0.65
CA ILE ED 131 17.10 122.97 -0.15
C ILE ED 131 18.61 123.01 -0.26
N LEU ED 132 19.19 124.17 -0.59
CA LEU ED 132 20.65 124.28 -0.71
C LEU ED 132 21.42 124.07 0.61
N ARG ED 133 20.84 124.47 1.76
CA ARG ED 133 21.41 124.05 3.06
C ARG ED 133 21.33 122.55 3.26
N ASP ED 134 20.22 121.93 2.85
CA ASP ED 134 20.07 120.49 2.96
C ASP ED 134 21.04 119.76 2.04
N ILE ED 135 21.32 120.30 0.86
CA ILE ED 135 22.27 119.72 -0.09
C ILE ED 135 23.69 119.80 0.44
N ASP ED 136 24.07 120.93 1.06
CA ASP ED 136 25.39 121.04 1.69
C ASP ED 136 25.49 120.07 2.87
N TYR ED 137 24.38 119.87 3.58
CA TYR ED 137 24.43 118.98 4.74
C TYR ED 137 24.51 117.50 4.33
N GLN ED 138 23.73 117.06 3.35
CA GLN ED 138 23.86 115.66 2.92
C GLN ED 138 25.05 115.42 2.01
N ALA ED 139 25.65 116.47 1.46
CA ALA ED 139 27.00 116.34 0.93
C ALA ED 139 27.97 116.05 2.04
N GLY ED 140 27.92 116.86 3.08
CA GLY ED 140 28.81 116.73 4.20
C GLY ED 140 30.22 117.12 3.85
N LYS ED 141 31.12 116.16 3.90
CA LYS ED 141 32.52 116.37 3.62
C LYS ED 141 32.90 116.04 2.20
N LYS ED 142 32.07 115.27 1.50
CA LYS ED 142 32.41 114.82 0.16
C LYS ED 142 32.29 115.94 -0.86
N ALA ED 143 31.49 116.96 -0.57
CA ALA ED 143 31.36 118.15 -1.39
C ALA ED 143 30.85 119.27 -0.50
N SER ED 144 30.81 120.47 -1.08
CA SER ED 144 30.18 121.60 -0.40
C SER ED 144 29.62 122.57 -1.41
N ILE ED 145 28.77 123.47 -0.91
CA ILE ED 145 28.06 124.45 -1.71
C ILE ED 145 28.47 125.83 -1.24
N HIS ED 146 28.85 126.70 -2.17
CA HIS ED 146 28.91 128.13 -1.86
C HIS ED 146 27.90 128.87 -2.71
N VAL ED 147 27.34 129.94 -2.15
CA VAL ED 147 26.48 130.85 -2.89
C VAL ED 147 27.13 132.23 -2.82
N TYR ED 148 27.42 132.81 -3.97
CA TYR ED 148 27.75 134.22 -4.00
C TYR ED 148 26.57 134.96 -4.60
N PRO ED 149 25.85 135.77 -3.80
CA PRO ED 149 24.57 136.31 -4.27
C PRO ED 149 24.66 137.61 -5.05
N ASN ED 150 25.75 138.37 -4.88
CA ASN ED 150 25.96 139.53 -5.72
C ASN ED 150 26.32 139.14 -7.15
N SER ED 151 27.04 138.03 -7.28
CA SER ED 151 27.31 137.47 -8.60
C SER ED 151 26.12 136.73 -9.16
N GLN ED 152 25.18 136.33 -8.28
CA GLN ED 152 24.11 135.36 -8.53
C GLN ED 152 24.65 134.06 -9.10
N VAL ED 153 25.66 133.50 -8.43
CA VAL ED 153 26.27 132.23 -8.82
C VAL ED 153 26.20 131.31 -7.60
N VAL ED 154 25.78 130.06 -7.81
CA VAL ED 154 26.08 129.02 -6.85
C VAL ED 154 27.20 128.17 -7.43
N GLU ED 155 28.01 127.61 -6.54
CA GLU ED 155 29.08 126.76 -6.98
C GLU ED 155 29.11 125.52 -6.11
N LEU ED 156 29.48 124.42 -6.73
CA LEU ED 156 29.62 123.15 -6.06
C LEU ED 156 31.10 122.84 -6.06
N ARG ED 157 31.67 122.61 -4.88
CA ARG ED 157 33.09 122.32 -4.75
C ARG ED 157 33.28 120.89 -4.25
N TYR ED 158 34.23 120.18 -4.83
CA TYR ED 158 34.62 118.89 -4.31
C TYR ED 158 35.80 118.99 -3.36
N ALA ED 159 36.40 117.84 -3.07
CA ALA ED 159 37.65 117.77 -2.33
C ALA ED 159 38.56 116.71 -2.92
N ILE FD 272 28.63 89.32 0.75
CA ILE FD 272 27.69 90.35 0.35
C ILE FD 272 26.27 89.99 0.78
N PRO FD 273 25.63 90.89 1.53
CA PRO FD 273 24.29 90.64 2.00
C PRO FD 273 23.28 90.81 0.89
N PRO FD 274 22.08 90.26 1.05
CA PRO FD 274 20.98 90.65 0.18
C PRO FD 274 20.52 92.07 0.46
N SER FD 275 19.86 92.65 -0.53
CA SER FD 275 19.59 94.08 -0.55
C SER FD 275 18.48 94.46 0.43
N ALA FD 276 17.30 93.93 0.19
CA ALA FD 276 16.17 93.89 1.08
C ALA FD 276 15.46 92.63 0.68
N ASN FD 277 14.18 92.52 0.98
CA ASN FD 277 13.39 91.63 0.17
C ASN FD 277 12.68 92.57 -0.77
N ASP FD 278 12.57 92.16 -2.03
CA ASP FD 278 11.81 92.90 -3.03
C ASP FD 278 10.30 92.73 -2.89
N LEU FD 279 9.85 91.84 -2.01
CA LEU FD 279 8.44 91.65 -1.75
C LEU FD 279 7.94 92.68 -0.75
N LEU FD 280 8.86 93.38 -0.10
CA LEU FD 280 8.54 94.57 0.67
C LEU FD 280 8.02 95.72 -0.17
N LEU FD 281 8.35 95.75 -1.45
CA LEU FD 281 7.71 96.65 -2.40
C LEU FD 281 6.24 96.35 -2.55
N HIS FD 282 5.87 95.08 -2.55
CA HIS FD 282 4.46 94.71 -2.64
C HIS FD 282 3.74 95.00 -1.34
N VAL FD 283 4.37 94.73 -0.20
CA VAL FD 283 3.65 95.01 1.04
C VAL FD 283 3.89 96.43 1.52
N LEU FD 284 4.61 97.23 0.75
CA LEU FD 284 4.56 98.66 0.89
C LEU FD 284 3.32 99.23 0.23
N GLU FD 285 2.83 98.55 -0.78
CA GLU FD 285 1.47 98.74 -1.23
C GLU FD 285 0.58 97.89 -0.32
N GLY FD 286 -0.72 97.91 -0.54
CA GLY FD 286 -1.51 97.07 0.32
C GLY FD 286 -1.58 95.62 -0.07
N VAL FD 287 -1.00 95.25 -1.20
CA VAL FD 287 -1.24 93.94 -1.81
C VAL FD 287 -0.44 92.88 -1.04
N PRO FD 288 -1.04 91.73 -0.75
CA PRO FD 288 -0.33 90.66 -0.07
C PRO FD 288 0.72 90.04 -0.97
N PRO FD 289 1.68 89.32 -0.41
CA PRO FD 289 2.60 88.53 -1.22
C PRO FD 289 1.88 87.37 -1.89
N PRO FD 290 2.38 86.89 -3.02
CA PRO FD 290 1.74 85.74 -3.69
C PRO FD 290 1.95 84.46 -2.89
N GLY FD 291 0.86 83.75 -2.65
CA GLY FD 291 0.89 82.55 -1.84
C GLY FD 291 1.10 82.86 -0.37
N SER FD 292 0.14 83.53 0.25
CA SER FD 292 0.29 83.98 1.63
C SER FD 292 -0.80 83.41 2.51
N ARG FD 293 -0.77 83.83 3.77
CA ARG FD 293 -1.90 83.64 4.66
C ARG FD 293 -2.15 84.98 5.34
N ARG FD 294 -3.41 85.36 5.41
CA ARG FD 294 -3.78 86.64 6.00
C ARG FD 294 -3.64 86.51 7.51
N LEU FD 295 -3.18 87.56 8.15
CA LEU FD 295 -3.23 87.62 9.60
C LEU FD 295 -4.08 88.80 10.01
N VAL FD 296 -5.05 88.55 10.88
CA VAL FD 296 -5.88 89.64 11.37
C VAL FD 296 -5.09 90.37 12.44
N VAL FD 297 -5.22 91.70 12.44
CA VAL FD 297 -4.47 92.57 13.33
C VAL FD 297 -5.50 93.32 14.14
N SER FD 298 -5.37 93.28 15.45
CA SER FD 298 -6.29 94.00 16.31
C SER FD 298 -5.58 95.16 16.97
N GLY FD 299 -6.33 96.19 17.31
CA GLY FD 299 -5.82 97.28 18.11
C GLY FD 299 -4.88 98.24 17.42
N GLY FD 300 -4.91 98.34 16.10
CA GLY FD 300 -4.09 99.32 15.43
C GLY FD 300 -4.25 99.19 13.94
N ASP FD 301 -3.90 100.26 13.24
CA ASP FD 301 -3.98 100.27 11.78
C ASP FD 301 -2.75 99.60 11.21
N ALA FD 302 -2.82 98.29 11.06
CA ALA FD 302 -1.78 97.56 10.35
C ALA FD 302 -2.42 96.36 9.67
N ARG FD 303 -1.76 95.91 8.61
CA ARG FD 303 -2.15 94.70 7.91
C ARG FD 303 -0.94 93.77 7.91
N ALA FD 304 -1.18 92.49 8.13
CA ALA FD 304 -0.09 91.55 8.24
C ALA FD 304 -0.38 90.31 7.42
N TRP FD 305 0.62 89.84 6.70
CA TRP FD 305 0.52 88.61 5.95
C TRP FD 305 1.68 87.70 6.31
N LEU FD 306 1.49 86.41 6.13
CA LEU FD 306 2.56 85.47 6.45
C LEU FD 306 2.87 84.69 5.19
N SER FD 307 4.07 84.86 4.67
CA SER FD 307 4.41 84.22 3.41
C SER FD 307 5.00 82.83 3.64
N ASN FD 308 6.16 82.79 4.28
CA ASN FD 308 6.84 81.53 4.59
C ASN FD 308 7.64 81.69 5.88
N GLU FD 309 6.97 81.40 7.00
CA GLU FD 309 7.43 81.56 8.39
C GLU FD 309 7.97 82.95 8.72
N LYS FD 310 7.47 83.98 8.04
CA LYS FD 310 7.87 85.36 8.21
C LYS FD 310 6.61 86.18 7.97
N MET FD 311 6.33 87.14 8.83
CA MET FD 311 5.20 87.99 8.54
C MET FD 311 5.70 89.33 8.04
N TYR FD 312 4.81 89.98 7.31
CA TYR FD 312 5.08 91.26 6.68
C TYR FD 312 3.94 92.16 7.10
N VAL FD 313 4.29 93.35 7.57
CA VAL FD 313 3.33 94.27 8.15
C VAL FD 313 3.39 95.57 7.38
N ARG FD 314 2.27 95.95 6.80
CA ARG FD 314 2.02 97.29 6.31
C ARG FD 314 1.44 98.10 7.44
N THR FD 315 2.13 99.15 7.83
CA THR FD 315 1.60 100.04 8.84
C THR FD 315 2.10 101.43 8.55
N ASN FD 316 1.66 102.39 9.34
CA ASN FD 316 2.35 103.65 9.45
C ASN FD 316 2.71 103.95 10.90
N LEU FD 317 2.54 102.97 11.77
CA LEU FD 317 2.96 103.05 13.15
C LEU FD 317 4.43 102.66 13.22
N THR FD 318 5.01 102.76 14.40
CA THR FD 318 6.42 102.38 14.51
C THR FD 318 6.59 101.18 15.42
N ILE FD 319 6.94 100.03 14.85
CA ILE FD 319 7.09 98.82 15.64
C ILE FD 319 8.38 98.88 16.44
N LEU FD 320 8.26 98.63 17.74
CA LEU FD 320 9.29 98.85 18.74
C LEU FD 320 9.85 97.58 19.35
N SER FD 321 9.02 96.69 19.88
CA SER FD 321 9.66 95.61 20.65
C SER FD 321 10.24 94.44 19.86
N PRO FD 322 9.51 93.68 19.02
CA PRO FD 322 10.03 92.34 18.69
C PRO FD 322 11.06 92.30 17.58
N GLY FD 323 11.35 93.43 16.93
CA GLY FD 323 12.48 93.49 16.03
C GLY FD 323 12.19 92.97 14.65
N TRP FD 324 12.58 93.69 13.63
CA TRP FD 324 12.25 93.28 12.28
C TRP FD 324 13.50 93.05 11.49
N LEU FD 325 13.36 92.27 10.43
CA LEU FD 325 14.51 91.93 9.62
C LEU FD 325 14.69 92.88 8.46
N ALA FD 326 13.60 93.43 7.92
CA ALA FD 326 13.76 94.34 6.79
C ALA FD 326 12.67 95.38 6.84
N SER FD 327 12.95 96.54 6.26
CA SER FD 327 11.98 97.62 6.26
C SER FD 327 12.11 98.47 5.02
N MET FD 328 10.96 98.92 4.53
CA MET FD 328 10.86 99.97 3.55
C MET FD 328 9.84 100.99 3.99
N THR FD 329 9.80 102.12 3.30
CA THR FD 329 8.85 103.17 3.60
C THR FD 329 8.48 103.84 2.29
N SER FD 330 7.19 104.06 2.06
CA SER FD 330 6.72 104.72 0.86
C SER FD 330 6.85 106.23 0.93
N ALA FD 331 6.19 106.90 0.01
CA ALA FD 331 6.26 108.36 -0.06
C ALA FD 331 5.49 109.01 1.07
N ASP FD 332 4.42 108.38 1.53
CA ASP FD 332 3.52 108.96 2.51
C ASP FD 332 3.75 108.45 3.92
N GLY FD 333 4.93 107.89 4.19
CA GLY FD 333 5.24 107.44 5.54
C GLY FD 333 4.66 106.11 5.91
N THR FD 334 4.07 105.39 4.98
CA THR FD 334 3.70 104.01 5.22
C THR FD 334 4.96 103.18 5.22
N HIS FD 335 5.13 102.34 6.22
CA HIS FD 335 6.25 101.42 6.27
C HIS FD 335 5.80 99.98 6.02
N ALA FD 336 6.75 99.17 5.58
CA ALA FD 336 6.55 97.75 5.33
C ALA FD 336 7.69 96.99 5.97
N TYR FD 337 7.36 96.08 6.87
CA TYR FD 337 8.32 95.35 7.68
C TYR FD 337 8.25 93.85 7.46
N GLU FD 338 9.43 93.27 7.24
CA GLU FD 338 9.66 91.83 7.29
C GLU FD 338 10.17 91.46 8.67
N MET FD 339 9.52 90.51 9.31
CA MET FD 339 9.93 90.10 10.65
C MET FD 339 9.50 88.66 10.87
N GLN FD 340 10.02 88.04 11.92
CA GLN FD 340 9.57 86.70 12.26
C GLN FD 340 8.20 86.78 12.93
N LYS FD 341 7.53 85.64 13.00
CA LYS FD 341 6.16 85.62 13.52
C LYS FD 341 6.19 85.70 15.05
N SER FD 342 5.71 86.81 15.53
CA SER FD 342 5.47 87.14 16.92
C SER FD 342 4.01 87.50 17.09
N PRO FD 343 3.33 86.96 18.10
CA PRO FD 343 1.88 87.13 18.18
C PRO FD 343 1.45 88.49 18.69
N VAL FD 344 2.37 89.30 19.18
CA VAL FD 344 2.07 90.64 19.61
C VAL FD 344 3.10 91.55 18.94
N LEU FD 345 2.65 92.73 18.56
CA LEU FD 345 3.49 93.78 18.03
C LEU FD 345 3.36 94.91 19.02
N LEU FD 346 4.46 95.59 19.30
CA LEU FD 346 4.40 96.78 20.12
C LEU FD 346 4.74 97.94 19.21
N VAL FD 347 3.89 98.97 19.19
CA VAL FD 347 4.23 100.10 18.35
C VAL FD 347 4.23 101.35 19.21
N SER FD 348 4.77 102.40 18.64
CA SER FD 348 4.45 103.75 19.03
C SER FD 348 3.44 104.28 18.04
N TRP FD 349 2.40 104.91 18.56
CA TRP FD 349 1.37 105.54 17.73
C TRP FD 349 1.71 107.01 17.53
N HIS FD 350 1.64 107.78 18.61
CA HIS FD 350 2.05 109.17 18.59
C HIS FD 350 2.79 109.47 19.88
N GLY FD 351 3.77 108.65 20.21
CA GLY FD 351 4.42 108.70 21.49
C GLY FD 351 3.81 107.76 22.51
N LYS FD 352 2.58 107.32 22.30
CA LYS FD 352 2.00 106.29 23.12
C LYS FD 352 2.50 104.93 22.71
N VAL FD 353 2.98 104.17 23.70
CA VAL FD 353 3.30 102.77 23.53
C VAL FD 353 1.97 102.02 23.46
N MET FD 354 1.83 101.19 22.45
CA MET FD 354 0.60 100.62 21.96
C MET FD 354 0.84 99.16 21.64
N GLN FD 355 -0.21 98.35 21.75
CA GLN FD 355 -0.07 96.93 21.45
C GLN FD 355 -1.02 96.52 20.34
N LEU FD 356 -0.51 95.66 19.48
CA LEU FD 356 -1.24 95.11 18.35
C LEU FD 356 -1.13 93.61 18.45
N LYS FD 357 -2.17 92.91 18.06
CA LYS FD 357 -2.28 91.51 18.38
C LYS FD 357 -2.63 90.74 17.11
N VAL FD 358 -1.84 89.72 16.79
CA VAL FD 358 -2.03 89.03 15.51
C VAL FD 358 -2.30 87.56 15.76
N GLU FD 359 -3.22 87.01 14.97
CA GLU FD 359 -3.66 85.62 15.10
C GLU FD 359 -3.17 84.86 13.87
N GLY FD 360 -2.34 83.85 14.11
CA GLY FD 360 -1.71 83.09 13.03
C GLY FD 360 -0.21 82.95 13.21
N LEU GD 41 -10.63 89.81 24.39
CA LEU GD 41 -11.31 90.54 23.32
C LEU GD 41 -10.83 91.99 23.27
N PRO GD 42 -10.86 92.60 22.08
CA PRO GD 42 -10.67 94.05 22.01
C PRO GD 42 -11.84 94.80 22.63
N CYS GD 43 -11.54 95.99 23.11
CA CYS GD 43 -12.49 96.79 23.88
C CYS GD 43 -13.36 97.63 22.95
N ARG GD 44 -14.65 97.70 23.28
CA ARG GD 44 -15.56 98.54 22.50
C ARG GD 44 -15.42 99.99 22.92
N VAL GD 45 -15.71 100.30 24.18
CA VAL GD 45 -15.52 101.65 24.69
C VAL GD 45 -14.13 101.75 25.28
N ASP GD 46 -13.50 102.91 25.15
CA ASP GD 46 -12.19 103.15 25.73
C ASP GD 46 -12.23 103.85 27.08
N GLY GD 47 -13.03 103.31 28.01
CA GLY GD 47 -13.20 103.94 29.30
C GLY GD 47 -14.02 105.21 29.28
N ALA GD 48 -14.90 105.35 28.28
CA ALA GD 48 -15.63 106.58 28.07
C ALA GD 48 -16.92 106.27 27.33
N CYS GD 49 -17.94 107.10 27.48
CA CYS GD 49 -19.16 106.97 26.71
C CYS GD 49 -19.61 108.34 26.23
N ASP GD 50 -20.26 108.35 25.07
CA ASP GD 50 -20.65 109.59 24.41
C ASP GD 50 -21.78 110.30 25.14
N ALA GD 51 -22.63 109.52 25.81
CA ALA GD 51 -23.66 110.08 26.68
C ALA GD 51 -23.04 110.82 27.86
N THR GD 52 -21.95 110.30 28.41
CA THR GD 52 -21.26 111.00 29.48
C THR GD 52 -20.48 112.21 28.99
N ILE GD 53 -19.99 112.15 27.74
CA ILE GD 53 -19.34 113.31 27.11
C ILE GD 53 -20.31 114.48 26.97
N ILE GD 54 -21.51 114.21 26.46
CA ILE GD 54 -22.44 115.32 26.31
C ILE GD 54 -23.10 115.67 27.64
N LYS GD 55 -23.11 114.75 28.63
CA LYS GD 55 -23.62 115.08 29.95
C LYS GD 55 -22.70 116.04 30.67
N MET GD 56 -21.37 115.78 30.63
CA MET GD 56 -20.42 116.76 31.14
C MET GD 56 -20.39 118.03 30.32
N MET GD 57 -20.70 117.95 29.04
CA MET GD 57 -20.61 119.14 28.19
C MET GD 57 -21.77 120.09 28.45
N THR GD 58 -22.99 119.55 28.63
CA THR GD 58 -24.11 120.34 29.15
C THR GD 58 -23.88 120.86 30.56
N ASP GD 59 -23.29 120.05 31.45
CA ASP GD 59 -23.10 120.51 32.82
C ASP GD 59 -22.04 121.59 32.94
N LEU GD 60 -21.00 121.52 32.11
CA LEU GD 60 -19.99 122.56 32.10
C LEU GD 60 -20.52 123.84 31.48
N ASN GD 61 -21.37 123.74 30.45
CA ASN GD 61 -21.99 124.94 29.91
C ASN GD 61 -23.07 125.50 30.84
N LYS GD 62 -23.67 124.67 31.69
CA LYS GD 62 -24.59 125.21 32.69
C LYS GD 62 -23.84 125.92 33.81
N LYS GD 63 -22.70 125.39 34.23
CA LYS GD 63 -21.89 126.14 35.19
C LYS GD 63 -21.01 127.20 34.55
N GLY GD 64 -21.13 127.47 33.26
CA GLY GD 64 -20.57 128.67 32.69
C GLY GD 64 -19.19 128.48 32.14
N ILE GD 65 -18.70 127.25 32.14
CA ILE GD 65 -17.43 126.94 31.51
C ILE GD 65 -17.76 126.55 30.09
N LYS GD 66 -17.39 127.40 29.14
CA LYS GD 66 -18.06 127.26 27.86
C LYS GD 66 -17.27 126.28 27.01
N VAL GD 67 -17.91 125.22 26.55
CA VAL GD 67 -17.27 124.21 25.73
C VAL GD 67 -17.62 124.47 24.27
N ALA GD 68 -16.65 124.92 23.50
CA ALA GD 68 -16.75 124.99 22.06
C ALA GD 68 -16.22 123.72 21.43
N SER GD 69 -16.88 123.30 20.36
CA SER GD 69 -16.67 121.98 19.77
C SER GD 69 -16.64 122.13 18.27
N VAL GD 70 -15.47 122.42 17.71
CA VAL GD 70 -15.32 122.77 16.31
C VAL GD 70 -14.47 121.70 15.66
N GLY GD 71 -15.08 120.86 14.82
CA GLY GD 71 -14.34 119.83 14.12
C GLY GD 71 -13.92 118.70 15.01
N GLN GD 72 -12.63 118.60 15.30
CA GLN GD 72 -12.22 117.94 16.52
C GLN GD 72 -11.43 118.84 17.43
N ASN GD 73 -11.29 120.12 17.10
CA ASN GD 73 -10.73 121.06 18.05
C ASN GD 73 -11.75 121.32 19.14
N TYR GD 74 -11.38 120.97 20.35
CA TYR GD 74 -12.19 121.23 21.52
C TYR GD 74 -11.56 122.36 22.31
N LEU GD 75 -12.43 123.25 22.75
CA LEU GD 75 -12.07 124.38 23.58
C LEU GD 75 -12.95 124.33 24.80
N ILE GD 76 -12.35 124.35 25.98
CA ILE GD 76 -13.11 124.71 27.16
C ILE GD 76 -12.51 126.00 27.70
N SER GD 77 -13.38 126.97 27.92
CA SER GD 77 -12.98 128.31 28.29
C SER GD 77 -13.47 128.52 29.71
N ILE GD 78 -12.54 128.90 30.59
CA ILE GD 78 -12.78 129.01 32.01
C ILE GD 78 -12.52 130.45 32.42
N PRO GD 79 -13.49 131.16 32.98
CA PRO GD 79 -13.20 132.47 33.56
C PRO GD 79 -12.32 132.35 34.80
N ALA GD 80 -11.42 133.31 34.93
CA ALA GD 80 -10.44 133.28 36.02
C ALA GD 80 -11.05 133.62 37.37
N SER GD 81 -12.25 134.22 37.38
CA SER GD 81 -13.05 134.28 38.60
C SER GD 81 -13.43 132.91 39.08
N ALA GD 82 -13.76 132.01 38.16
CA ALA GD 82 -14.25 130.71 38.55
C ALA GD 82 -13.15 129.79 39.02
N LEU GD 83 -11.88 130.12 38.81
CA LEU GD 83 -10.84 129.35 39.46
C LEU GD 83 -10.10 130.14 40.53
N PHE GD 84 -9.45 131.26 40.18
CA PHE GD 84 -8.42 131.70 41.11
C PHE GD 84 -8.95 132.81 41.99
N ALA GD 85 -8.05 133.37 42.79
CA ALA GD 85 -8.26 134.66 43.41
C ALA GD 85 -7.77 135.74 42.45
N ASP GD 86 -8.08 136.99 42.73
CA ASP GD 86 -7.87 138.06 41.76
C ASP GD 86 -6.40 138.48 41.72
N GLN GD 87 -5.85 138.53 40.50
CA GLN GD 87 -4.48 138.90 40.16
C GLN GD 87 -3.43 138.05 40.87
N SER GD 88 -3.76 136.79 41.09
CA SER GD 88 -2.94 135.89 41.88
C SER GD 88 -2.71 134.66 41.04
N PRO GD 89 -1.57 134.02 41.20
CA PRO GD 89 -1.39 132.65 40.68
C PRO GD 89 -1.72 131.57 41.70
N ARG GD 90 -2.88 131.65 42.32
CA ARG GD 90 -3.22 130.73 43.40
C ARG GD 90 -4.65 130.23 43.26
N LEU GD 91 -4.83 128.92 43.27
CA LEU GD 91 -6.16 128.34 43.27
C LEU GD 91 -6.90 128.57 44.57
N ASN GD 92 -8.20 128.72 44.45
CA ASN GD 92 -9.11 128.53 45.56
C ASN GD 92 -9.33 127.03 45.76
N TRP GD 93 -9.70 126.67 46.98
CA TRP GD 93 -9.86 125.26 47.31
C TRP GD 93 -11.11 124.66 46.70
N ALA GD 94 -12.16 125.46 46.51
CA ALA GD 94 -13.39 124.91 45.94
C ALA GD 94 -13.29 124.70 44.44
N SER GD 95 -12.36 125.39 43.79
CA SER GD 95 -12.23 125.35 42.34
C SER GD 95 -11.57 124.10 41.81
N TYR GD 96 -11.02 123.25 42.69
CA TYR GD 96 -10.56 121.96 42.23
C TYR GD 96 -11.71 121.02 41.92
N SER GD 97 -12.91 121.28 42.43
CA SER GD 97 -14.08 120.55 41.95
C SER GD 97 -14.42 120.94 40.52
N LEU GD 98 -14.20 122.20 40.16
CA LEU GD 98 -14.39 122.62 38.79
C LEU GD 98 -13.36 121.98 37.88
N LEU GD 99 -12.13 121.89 38.39
CA LEU GD 99 -11.09 121.11 37.74
C LEU GD 99 -11.35 119.60 37.77
N ASN GD 100 -12.23 119.11 38.64
CA ASN GD 100 -12.57 117.69 38.63
C ASN GD 100 -13.41 117.31 37.45
N GLU GD 101 -14.51 118.04 37.16
CA GLU GD 101 -15.10 117.63 35.88
C GLU GD 101 -14.39 118.21 34.65
N ILE GD 102 -13.47 119.17 34.79
CA ILE GD 102 -12.55 119.45 33.68
C ILE GD 102 -11.66 118.25 33.37
N ALA GD 103 -11.07 117.64 34.40
CA ALA GD 103 -10.21 116.49 34.18
C ALA GD 103 -10.98 115.23 33.85
N ALA GD 104 -12.18 115.05 34.39
CA ALA GD 104 -12.98 113.90 34.02
C ALA GD 104 -13.63 114.07 32.66
N PHE GD 105 -13.76 115.30 32.18
CA PHE GD 105 -14.10 115.51 30.78
C PHE GD 105 -12.91 115.20 29.90
N LEU GD 106 -11.72 115.51 30.36
CA LEU GD 106 -10.51 115.23 29.59
C LEU GD 106 -10.08 113.78 29.66
N LYS GD 107 -10.68 112.96 30.53
CA LYS GD 107 -10.58 111.51 30.43
C LYS GD 107 -11.10 110.98 29.11
N GLN GD 108 -12.16 111.58 28.60
CA GLN GD 108 -13.03 110.92 27.65
C GLN GD 108 -12.49 110.90 26.23
N PHE GD 109 -11.47 111.67 25.92
CA PHE GD 109 -10.99 111.78 24.56
C PHE GD 109 -9.58 111.24 24.43
N ARG GD 110 -9.29 110.74 23.23
CA ARG GD 110 -7.94 110.39 22.86
C ARG GD 110 -7.29 111.65 22.32
N LYS GD 111 -6.20 112.05 22.93
CA LYS GD 111 -5.64 113.35 22.66
C LYS GD 111 -4.12 113.24 22.71
N ILE GD 112 -3.47 114.15 21.99
CA ILE GD 112 -2.03 114.09 21.80
C ILE GD 112 -1.36 115.23 22.55
N ALA GD 113 -1.82 116.45 22.32
CA ALA GD 113 -1.30 117.60 23.00
C ALA GD 113 -2.46 118.49 23.40
N ILE GD 114 -2.63 118.65 24.69
CA ILE GD 114 -3.45 119.72 25.24
C ILE GD 114 -2.57 120.94 25.32
N THR GD 115 -3.04 122.08 24.83
CA THR GD 115 -2.39 123.32 25.22
C THR GD 115 -3.32 124.14 26.09
N VAL GD 116 -2.76 124.63 27.18
CA VAL GD 116 -3.48 125.43 28.18
C VAL GD 116 -2.83 126.79 28.18
N THR GD 117 -3.61 127.80 27.90
CA THR GD 117 -3.06 129.14 27.88
C THR GD 117 -3.98 130.11 28.60
N SER GD 118 -3.38 131.00 29.35
CA SER GD 118 -4.11 131.86 30.25
C SER GD 118 -3.79 133.30 29.91
N TYR GD 119 -4.77 134.18 30.05
CA TYR GD 119 -4.53 135.61 29.93
C TYR GD 119 -5.59 136.37 30.71
N SER GD 120 -5.18 137.47 31.33
CA SER GD 120 -6.13 138.28 32.09
C SER GD 120 -6.06 139.73 31.64
N SER GD 121 -6.77 140.58 32.35
CA SER GD 121 -6.76 142.01 32.05
C SER GD 121 -5.53 142.66 32.67
N LYS GD 122 -5.33 143.93 32.34
CA LYS GD 122 -4.12 144.65 32.75
C LYS GD 122 -4.17 144.99 34.23
N TYR GD 123 -3.09 144.73 34.95
CA TYR GD 123 -3.02 145.09 36.36
C TYR GD 123 -1.90 146.06 36.70
N VAL GD 124 -0.65 145.70 36.43
CA VAL GD 124 0.42 146.65 36.62
C VAL GD 124 1.08 146.92 35.28
N SER GD 125 1.68 145.88 34.72
CA SER GD 125 2.39 146.00 33.47
C SER GD 125 2.17 144.71 32.70
N VAL GD 126 2.57 144.72 31.44
CA VAL GD 126 2.49 143.50 30.66
C VAL GD 126 3.54 142.48 31.09
N LYS GD 127 4.65 142.90 31.69
CA LYS GD 127 5.68 141.97 32.14
C LYS GD 127 5.24 141.23 33.39
N ARG GD 128 4.66 141.96 34.35
CA ARG GD 128 4.03 141.37 35.54
C ARG GD 128 2.83 140.53 35.14
N GLU GD 129 2.10 140.98 34.14
CA GLU GD 129 0.94 140.26 33.63
C GLU GD 129 1.32 138.94 32.98
N ARG GD 130 2.39 138.92 32.20
CA ARG GD 130 2.77 137.70 31.53
C ARG GD 130 3.42 136.70 32.47
N ALA GD 131 4.11 137.20 33.51
CA ALA GD 131 4.57 136.34 34.59
C ALA GD 131 3.40 135.72 35.35
N LEU GD 132 2.35 136.52 35.61
CA LEU GD 132 1.12 136.02 36.24
C LEU GD 132 0.43 134.95 35.43
N THR GD 133 0.33 135.14 34.12
CA THR GD 133 -0.45 134.22 33.33
C THR GD 133 0.34 132.96 32.99
N LEU GD 134 1.67 133.08 32.96
CA LEU GD 134 2.52 131.90 32.81
C LEU GD 134 2.49 131.02 34.05
N ALA GD 135 2.55 131.65 35.24
CA ALA GD 135 2.41 130.91 36.50
C ALA GD 135 1.01 130.33 36.65
N ARG GD 136 0.01 131.05 36.15
CA ARG GD 136 -1.39 130.67 36.18
C ARG GD 136 -1.67 129.40 35.38
N SER GD 137 -1.20 129.39 34.14
CA SER GD 137 -1.37 128.24 33.29
C SER GD 137 -0.49 127.07 33.71
N ARG GD 138 0.71 127.34 34.25
CA ARG GD 138 1.55 126.22 34.65
C ARG GD 138 1.06 125.57 35.94
N VAL GD 139 0.34 126.32 36.78
CA VAL GD 139 -0.28 125.76 37.97
C VAL GD 139 -1.47 124.89 37.59
N VAL GD 140 -2.28 125.34 36.62
CA VAL GD 140 -3.44 124.53 36.27
C VAL GD 140 -3.06 123.31 35.42
N SER GD 141 -1.96 123.37 34.67
CA SER GD 141 -1.50 122.16 34.01
C SER GD 141 -0.76 121.20 34.93
N GLU GD 142 -0.11 121.73 35.99
CA GLU GD 142 0.43 120.86 37.05
C GLU GD 142 -0.68 120.10 37.74
N TYR GD 143 -1.82 120.75 37.98
CA TYR GD 143 -2.94 119.97 38.54
C TYR GD 143 -3.57 119.04 37.51
N LEU GD 144 -3.54 119.40 36.24
CA LEU GD 144 -4.19 118.54 35.25
C LEU GD 144 -3.40 117.29 34.91
N TRP GD 145 -2.07 117.32 35.06
CA TRP GD 145 -1.30 116.08 34.96
C TRP GD 145 -1.03 115.49 36.35
N SER GD 146 -1.39 116.20 37.42
CA SER GD 146 -1.65 115.45 38.64
C SER GD 146 -2.90 114.61 38.45
N GLN GD 147 -3.93 115.19 37.85
CA GLN GD 147 -5.10 114.42 37.52
C GLN GD 147 -4.91 113.68 36.21
N GLY GD 148 -6.00 113.13 35.73
CA GLY GD 148 -5.91 112.20 34.63
C GLY GD 148 -6.11 112.89 33.32
N VAL GD 149 -5.05 113.03 32.57
CA VAL GD 149 -5.17 113.23 31.15
C VAL GD 149 -4.41 112.10 30.51
N ASP GD 150 -4.85 111.72 29.32
CA ASP GD 150 -4.09 110.75 28.53
C ASP GD 150 -3.36 111.45 27.42
N SER GD 151 -3.14 112.75 27.60
CA SER GD 151 -2.37 113.54 26.68
C SER GD 151 -0.91 113.19 26.80
N ARG GD 152 -0.20 113.37 25.70
CA ARG GD 152 1.23 113.14 25.69
C ARG GD 152 2.00 114.41 25.96
N ILE GD 153 1.49 115.54 25.49
CA ILE GD 153 2.06 116.83 25.85
C ILE GD 153 0.93 117.66 26.42
N ILE GD 154 1.20 118.38 27.49
CA ILE GD 154 0.47 119.61 27.74
C ILE GD 154 1.44 120.74 27.54
N PHE GD 155 1.21 121.54 26.52
CA PHE GD 155 1.89 122.81 26.38
C PHE GD 155 1.11 123.77 27.24
N THR GD 156 1.81 124.71 27.84
CA THR GD 156 1.20 125.64 28.76
C THR GD 156 1.90 126.99 28.70
N GLN GD 157 1.11 128.05 28.57
CA GLN GD 157 1.66 129.38 28.36
C GLN GD 157 0.65 130.45 28.77
N GLY GD 158 1.16 131.66 28.93
CA GLY GD 158 0.30 132.77 29.29
C GLY GD 158 0.61 134.00 28.48
N LEU GD 159 -0.40 134.83 28.24
CA LEU GD 159 -0.22 136.03 27.43
C LEU GD 159 -0.73 137.26 28.17
N GLY GD 160 -0.27 138.41 27.71
CA GLY GD 160 -0.59 139.66 28.38
C GLY GD 160 -1.71 140.48 27.81
N SER GD 161 -2.94 139.89 27.83
CA SER GD 161 -4.16 140.42 27.21
C SER GD 161 -3.95 140.70 25.74
N ASP GD 162 -3.12 139.87 25.12
CA ASP GD 162 -2.77 140.07 23.76
C ASP GD 162 -3.82 139.51 22.85
N LYS GD 163 -4.79 138.77 23.38
CA LYS GD 163 -5.81 138.21 22.52
C LYS GD 163 -7.20 138.38 23.15
N PRO GD 164 -7.72 139.61 23.35
CA PRO GD 164 -8.88 139.67 24.27
C PRO GD 164 -10.23 139.51 23.55
N ILE GD 165 -11.11 138.68 24.10
CA ILE GD 165 -12.32 138.31 23.37
C ILE GD 165 -13.45 139.33 23.43
N THR GD 166 -13.32 140.37 24.26
CA THR GD 166 -14.25 141.49 24.19
C THR GD 166 -13.46 142.76 24.38
N SER GD 167 -14.04 143.86 23.93
CA SER GD 167 -13.44 145.17 24.12
C SER GD 167 -13.84 145.80 25.43
N TYR GD 168 -14.71 145.16 26.19
CA TYR GD 168 -15.20 145.73 27.43
C TYR GD 168 -14.33 145.22 28.58
N THR GD 169 -13.70 146.17 29.27
CA THR GD 169 -12.53 145.94 30.11
C THR GD 169 -12.79 146.34 31.56
N LEU GD 170 -13.81 145.70 32.17
CA LEU GD 170 -14.46 146.14 33.42
C LEU GD 170 -13.51 146.23 34.60
N GLY GD 171 -12.58 145.29 34.72
CA GLY GD 171 -11.85 145.14 35.96
C GLY GD 171 -10.76 144.11 35.88
N GLY GD 172 -10.62 143.32 36.94
CA GLY GD 172 -9.49 142.44 37.05
C GLY GD 172 -9.84 141.03 36.61
N ASP GD 173 -9.99 140.10 37.54
CA ASP GD 173 -10.40 138.76 37.17
C ASP GD 173 -11.90 138.60 36.99
N ARG GD 174 -12.70 139.64 37.21
CA ARG GD 174 -14.13 139.51 36.90
C ARG GD 174 -14.42 139.84 35.46
N SER GD 175 -13.40 140.28 34.70
CA SER GD 175 -13.56 140.51 33.28
C SER GD 175 -13.77 139.18 32.59
N PRO GD 176 -14.63 139.11 31.56
CA PRO GD 176 -14.71 137.89 30.76
C PRO GD 176 -13.52 137.70 29.84
N ASN GD 177 -12.72 138.74 29.61
CA ASN GD 177 -11.41 138.56 29.03
C ASN GD 177 -10.48 137.77 29.92
N ALA GD 178 -10.61 137.86 31.24
CA ALA GD 178 -9.68 137.21 32.15
C ALA GD 178 -10.04 135.74 32.26
N ARG GD 179 -9.28 134.91 31.58
CA ARG GD 179 -9.72 133.55 31.38
C ARG GD 179 -8.51 132.67 31.10
N VAL GD 180 -8.70 131.38 31.33
CA VAL GD 180 -7.79 130.36 30.85
C VAL GD 180 -8.57 129.60 29.80
N GLU GD 181 -7.87 129.07 28.80
CA GLU GD 181 -8.50 128.24 27.81
C GLU GD 181 -7.66 126.99 27.59
N ILE GD 182 -8.37 125.89 27.50
CA ILE GD 182 -7.78 124.57 27.37
C ILE GD 182 -8.25 124.05 26.02
N THR GD 183 -7.35 124.02 25.04
CA THR GD 183 -7.71 123.62 23.70
C THR GD 183 -6.89 122.41 23.31
N PHE GD 184 -7.53 121.49 22.61
CA PHE GD 184 -6.85 120.32 22.10
C PHE GD 184 -7.55 119.87 20.85
N ARG GD 185 -6.99 118.83 20.22
CA ARG GD 185 -7.64 118.18 19.11
C ARG GD 185 -7.82 116.72 19.46
N ARG GD 186 -9.05 116.24 19.33
CA ARG GD 186 -9.35 114.85 19.64
C ARG GD 186 -8.79 113.96 18.55
N ALA GD 187 -7.87 113.08 18.93
CA ALA GD 187 -7.22 112.22 17.96
C ALA GD 187 -8.15 111.06 17.61
N VAL GD 188 -8.27 110.80 16.30
CA VAL GD 188 -9.15 109.84 15.58
C VAL GD 188 -10.53 109.61 16.18
N ALA HD 1 22.81 180.89 61.31
CA ALA HD 1 23.72 180.21 62.23
C ALA HD 1 24.64 179.25 61.48
N ALA HD 2 25.31 179.77 60.46
CA ALA HD 2 26.15 178.96 59.58
C ALA HD 2 27.46 178.58 60.26
N ALA HD 3 28.03 177.47 59.78
CA ALA HD 3 29.35 177.01 60.23
C ALA HD 3 29.97 176.24 59.07
N ALA HD 4 30.82 176.93 58.30
CA ALA HD 4 31.42 176.37 57.09
C ALA HD 4 32.93 176.58 57.14
N ALA HD 5 33.66 175.57 57.61
CA ALA HD 5 35.11 175.68 57.74
C ALA HD 5 35.73 174.29 57.65
N ALA HD 6 37.01 174.26 57.27
CA ALA HD 6 37.81 173.04 57.17
C ALA HD 6 38.94 173.13 58.17
N ALA HD 7 38.74 172.51 59.33
CA ALA HD 7 39.65 172.62 60.46
C ALA HD 7 39.60 171.29 61.21
N ALA HD 8 40.03 171.29 62.47
CA ALA HD 8 39.88 170.13 63.34
C ALA HD 8 39.05 170.55 64.55
N ALA HD 9 37.73 170.50 64.38
CA ALA HD 9 36.85 170.72 65.54
C ALA HD 9 36.83 169.49 66.43
N ALA HD 10 36.50 168.33 65.84
CA ALA HD 10 36.84 166.98 66.28
C ALA HD 10 36.19 166.46 67.57
N ALA HD 11 35.43 167.30 68.27
CA ALA HD 11 34.71 166.85 69.47
C ALA HD 11 33.44 167.70 69.56
N ALA HD 12 32.35 167.19 69.00
CA ALA HD 12 31.11 167.93 68.94
C ALA HD 12 29.95 166.95 68.88
N ALA HD 13 29.25 166.80 70.00
CA ALA HD 13 27.93 166.16 70.02
C ALA HD 13 26.88 167.27 69.86
N ALA HD 14 26.88 167.87 68.67
CA ALA HD 14 26.24 169.16 68.44
C ALA HD 14 24.79 168.93 68.08
N ALA HD 15 23.90 169.12 69.04
CA ALA HD 15 22.46 169.11 68.80
C ALA HD 15 22.04 170.55 68.52
N ALA HD 16 22.21 170.96 67.27
CA ALA HD 16 21.99 172.34 66.86
C ALA HD 16 20.50 172.65 66.77
N ALA HD 17 20.19 173.94 66.86
CA ALA HD 17 18.82 174.43 66.79
C ALA HD 17 18.47 174.74 65.34
N ALA HD 18 17.35 175.43 65.13
CA ALA HD 18 16.86 175.73 63.79
C ALA HD 18 17.70 176.80 63.12
N ALA HD 19 17.66 176.79 61.78
CA ALA HD 19 18.41 177.65 60.85
C ALA HD 19 19.92 177.58 61.08
N ALA HD 20 20.43 176.39 61.44
CA ALA HD 20 21.85 176.19 61.63
C ALA HD 20 22.41 175.62 60.33
N ALA HD 21 22.63 176.52 59.38
CA ALA HD 21 23.02 176.13 58.01
C ALA HD 21 24.52 175.90 57.93
N ALA HD 22 24.95 174.79 58.55
CA ALA HD 22 26.36 174.50 58.72
C ALA HD 22 26.84 173.63 57.56
N ALA HD 23 27.50 174.25 56.60
CA ALA HD 23 28.19 173.53 55.53
C ALA HD 23 29.67 173.35 55.86
N ALA HD 24 29.96 172.81 57.05
CA ALA HD 24 31.32 172.58 57.48
C ALA HD 24 31.97 171.42 56.73
N ALA HD 25 33.30 171.50 56.62
CA ALA HD 25 34.12 170.43 56.06
C ALA HD 25 35.27 170.08 57.01
N ALA HD 26 35.14 170.42 58.28
CA ALA HD 26 36.17 170.22 59.28
C ALA HD 26 36.35 168.75 59.64
N ALA HD 27 37.52 168.44 60.18
CA ALA HD 27 37.83 167.09 60.63
C ALA HD 27 37.12 166.80 61.94
N ALA HD 28 35.85 166.43 61.87
CA ALA HD 28 35.01 166.20 63.04
C ALA HD 28 35.04 164.72 63.37
N ALA HD 29 35.98 164.34 64.25
CA ALA HD 29 36.17 162.93 64.59
C ALA HD 29 35.08 162.43 65.51
N ALA HD 30 34.99 163.00 66.72
CA ALA HD 30 33.94 162.62 67.67
C ALA HD 30 32.72 163.48 67.39
N ALA HD 31 32.00 163.13 66.32
CA ALA HD 31 30.95 163.96 65.77
C ALA HD 31 29.59 163.32 65.97
N ALA HD 32 28.60 164.16 66.29
CA ALA HD 32 27.18 163.79 66.22
C ALA HD 32 26.42 165.08 65.90
N ALA HD 33 26.16 165.31 64.62
CA ALA HD 33 25.58 166.57 64.16
C ALA HD 33 24.08 166.41 64.01
N ALA HD 34 23.35 166.68 65.09
CA ALA HD 34 21.88 166.56 65.08
C ALA HD 34 21.25 167.92 64.80
N ALA HD 35 21.42 168.34 63.55
CA ALA HD 35 20.92 169.64 63.09
C ALA HD 35 19.40 169.61 62.97
N ALA HD 36 18.79 170.80 63.06
CA ALA HD 36 17.34 170.90 63.12
C ALA HD 36 16.70 171.60 61.94
N ALA HD 37 17.48 172.32 61.13
CA ALA HD 37 17.03 172.90 59.86
C ALA HD 37 18.23 173.20 58.98
N ALA HD 38 17.97 173.26 57.68
CA ALA HD 38 18.70 174.06 56.69
C ALA HD 38 20.14 173.59 56.47
N ALA HD 39 20.46 172.34 56.77
CA ALA HD 39 21.82 171.84 56.61
C ALA HD 39 22.11 171.60 55.13
N ALA HD 40 23.23 172.14 54.66
CA ALA HD 40 23.60 172.10 53.25
C ALA HD 40 25.07 171.69 53.11
N ALA HD 41 25.43 170.60 53.77
CA ALA HD 41 26.83 170.26 53.98
C ALA HD 41 27.37 169.42 52.82
N ALA HD 42 28.56 169.81 52.33
CA ALA HD 42 29.28 169.06 51.30
C ALA HD 42 30.72 168.94 51.78
N ALA HD 43 31.01 167.89 52.53
CA ALA HD 43 32.28 167.74 53.23
C ALA HD 43 33.09 166.59 52.63
N ALA HD 44 34.28 166.40 53.18
CA ALA HD 44 35.09 165.20 52.97
C ALA HD 44 35.68 164.87 54.34
N ALA HD 45 34.95 164.09 55.12
CA ALA HD 45 35.23 163.93 56.54
C ALA HD 45 35.50 162.47 56.89
N ALA HD 46 35.69 162.23 58.18
CA ALA HD 46 35.92 160.89 58.71
C ALA HD 46 35.43 160.91 60.15
N ALA HD 47 34.36 160.16 60.43
CA ALA HD 47 33.73 160.21 61.74
C ALA HD 47 33.86 158.91 62.52
N ALA HD 48 33.47 157.79 61.91
CA ALA HD 48 33.61 156.38 62.33
C ALA HD 48 32.77 155.98 63.56
N ALA HD 49 32.06 156.91 64.20
CA ALA HD 49 31.10 156.55 65.24
C ALA HD 49 29.87 157.45 65.21
N ALA HD 50 29.49 157.94 64.03
CA ALA HD 50 28.49 158.99 63.91
C ALA HD 50 27.08 158.43 64.09
N ALA HD 51 26.39 158.92 65.11
CA ALA HD 51 24.95 158.69 65.27
C ALA HD 51 24.24 159.95 64.79
N ALA HD 52 24.20 160.12 63.48
CA ALA HD 52 23.70 161.34 62.88
C ALA HD 52 22.18 161.38 62.87
N ALA HD 53 21.63 162.55 63.15
CA ALA HD 53 20.21 162.81 63.01
C ALA HD 53 20.06 164.05 62.16
N ALA HD 54 19.04 164.07 61.29
CA ALA HD 54 18.86 165.20 60.39
C ALA HD 54 17.38 165.49 60.23
N ALA HD 55 17.01 166.74 60.52
CA ALA HD 55 15.68 167.27 60.30
C ALA HD 55 15.63 167.95 58.93
N ALA HD 56 14.63 168.82 58.73
CA ALA HD 56 14.19 169.30 57.41
C ALA HD 56 15.25 170.13 56.69
N ALA HD 57 15.24 170.00 55.36
CA ALA HD 57 16.13 170.65 54.39
C ALA HD 57 17.60 170.36 54.67
N ALA HD 58 17.92 169.07 54.76
CA ALA HD 58 19.28 168.60 55.03
C ALA HD 58 19.79 167.90 53.79
N ALA HD 59 20.51 168.63 52.95
CA ALA HD 59 21.22 168.08 51.81
C ALA HD 59 22.69 167.92 52.19
N ALA HD 60 23.21 166.71 52.05
CA ALA HD 60 24.55 166.40 52.54
C ALA HD 60 25.31 165.55 51.53
N ALA HD 61 26.64 165.70 51.57
CA ALA HD 61 27.51 164.91 50.69
C ALA HD 61 28.80 164.67 51.47
N ALA HD 62 28.93 163.48 52.06
CA ALA HD 62 30.00 163.20 53.00
C ALA HD 62 30.65 161.85 52.73
N ALA HD 63 31.94 161.74 53.03
CA ALA HD 63 32.70 160.51 52.86
C ALA HD 63 33.15 159.94 54.20
N ALA HD 64 32.27 159.98 55.18
CA ALA HD 64 32.59 159.59 56.55
C ALA HD 64 31.76 158.40 56.98
N ALA HD 65 32.35 157.56 57.82
CA ALA HD 65 31.64 156.38 58.32
C ALA HD 65 30.71 156.78 59.46
N ALA HD 66 29.51 156.21 59.45
CA ALA HD 66 28.51 156.48 60.47
C ALA HD 66 28.19 155.21 61.23
N ALA HD 67 27.35 155.34 62.26
CA ALA HD 67 26.93 154.20 63.05
C ALA HD 67 25.41 154.15 63.12
N ALA HD 68 24.78 155.30 63.19
CA ALA HD 68 23.33 155.37 63.23
C ALA HD 68 22.86 156.57 62.42
N ALA HD 69 21.66 156.44 61.86
CA ALA HD 69 21.08 157.49 61.04
C ALA HD 69 19.61 157.67 61.42
N ALA HD 70 19.21 158.92 61.60
CA ALA HD 70 17.83 159.24 61.92
C ALA HD 70 17.36 160.37 61.03
N ALA HD 71 16.16 160.24 60.47
CA ALA HD 71 15.56 161.27 59.64
C ALA HD 71 14.23 161.71 60.24
N ALA HD 72 13.93 163.00 60.11
CA ALA HD 72 12.79 163.58 60.79
C ALA HD 72 11.70 164.10 59.85
N ALA HD 73 12.03 165.01 58.94
CA ALA HD 73 11.00 165.56 58.04
C ALA HD 73 11.27 165.29 56.57
N ALA HD 74 12.41 165.76 56.04
CA ALA HD 74 12.71 165.70 54.61
C ALA HD 74 14.21 165.97 54.46
N ALA HD 75 14.88 165.18 53.62
CA ALA HD 75 16.32 165.28 53.48
C ALA HD 75 16.74 164.82 52.10
N ALA HD 76 18.05 164.96 51.83
CA ALA HD 76 18.70 164.40 50.65
C ALA HD 76 20.16 164.19 51.01
N ALA HD 77 20.51 162.96 51.37
CA ALA HD 77 21.87 162.67 51.78
C ALA HD 77 22.63 161.96 50.66
N ALA HD 78 23.96 162.03 50.74
CA ALA HD 78 24.83 161.20 49.91
C ALA HD 78 26.07 160.93 50.77
N ALA HD 79 26.03 159.82 51.50
CA ALA HD 79 27.05 159.51 52.47
C ALA HD 79 27.78 158.24 52.10
N ALA HD 80 29.04 158.16 52.51
CA ALA HD 80 29.88 156.98 52.27
C ALA HD 80 30.24 156.37 53.63
N ALA HD 81 29.37 155.52 54.15
CA ALA HD 81 29.58 154.89 55.45
C ALA HD 81 30.36 153.59 55.28
N ALA HD 82 30.81 153.01 56.39
CA ALA HD 82 31.69 151.85 56.25
C ALA HD 82 31.33 150.64 57.10
N ALA HD 83 30.91 150.81 58.34
CA ALA HD 83 31.02 149.73 59.32
C ALA HD 83 29.69 149.12 59.72
N ALA HD 84 28.77 149.92 60.28
CA ALA HD 84 27.49 149.42 60.71
C ALA HD 84 26.50 150.57 60.65
N ALA HD 85 25.22 150.24 60.57
CA ALA HD 85 24.21 151.27 60.46
C ALA HD 85 22.93 150.83 61.15
N ALA HD 86 22.48 151.63 62.10
CA ALA HD 86 21.14 151.54 62.66
C ALA HD 86 20.37 152.74 62.14
N ALA HD 87 19.49 152.52 61.18
CA ALA HD 87 18.85 153.61 60.44
C ALA HD 87 17.35 153.61 60.68
N ALA HD 88 16.80 154.81 60.84
CA ALA HD 88 15.37 155.00 60.98
C ALA HD 88 15.00 156.35 60.37
N ALA HD 89 13.84 156.39 59.71
CA ALA HD 89 13.44 157.57 58.96
C ALA HD 89 12.02 157.98 59.31
N ALA HD 90 11.65 159.17 58.85
CA ALA HD 90 10.29 159.68 59.00
C ALA HD 90 10.00 160.62 57.84
N ALA HD 91 9.28 160.11 56.83
CA ALA HD 91 8.72 160.85 55.68
C ALA HD 91 9.77 161.54 54.82
N ALA HD 92 11.00 161.02 54.81
CA ALA HD 92 12.12 161.70 54.20
C ALA HD 92 12.65 160.91 53.02
N ALA HD 93 13.75 161.40 52.45
CA ALA HD 93 14.46 160.72 51.39
C ALA HD 93 15.94 160.68 51.75
N ALA HD 94 16.61 159.60 51.38
CA ALA HD 94 18.00 159.40 51.77
C ALA HD 94 18.70 158.53 50.75
N ALA HD 95 19.96 158.82 50.51
CA ALA HD 95 20.80 157.98 49.66
C ALA HD 95 22.16 157.82 50.31
N ALA HD 96 22.73 156.62 50.19
CA ALA HD 96 24.05 156.33 50.71
C ALA HD 96 24.84 155.59 49.63
N ALA HD 97 26.17 155.69 49.70
CA ALA HD 97 27.00 155.34 48.56
C ALA HD 97 27.88 154.12 48.79
N ALA HD 98 28.73 154.13 49.83
CA ALA HD 98 29.80 153.13 49.92
C ALA HD 98 29.29 151.84 50.55
N ALA HD 99 30.22 150.94 50.85
CA ALA HD 99 29.89 149.61 51.36
C ALA HD 99 29.51 149.73 52.83
N ALA HD 100 28.25 149.47 53.14
CA ALA HD 100 27.75 149.52 54.50
C ALA HD 100 27.25 148.14 54.92
N ALA HD 101 27.01 147.99 56.21
CA ALA HD 101 26.44 146.75 56.77
C ALA HD 101 25.26 147.16 57.64
N ALA HD 102 24.11 147.33 57.00
CA ALA HD 102 22.90 147.73 57.71
C ALA HD 102 22.27 146.51 58.35
N ALA HD 103 22.32 146.42 59.67
CA ALA HD 103 21.77 145.26 60.36
C ALA HD 103 20.25 145.34 60.46
N ALA HD 104 19.73 146.48 60.87
CA ALA HD 104 18.29 146.63 61.02
C ALA HD 104 17.85 147.95 60.39
N ALA HD 105 16.70 147.93 59.73
CA ALA HD 105 16.09 149.14 59.18
C ALA HD 105 14.59 149.07 59.41
N ALA HD 106 14.08 150.03 60.16
CA ALA HD 106 12.66 150.11 60.47
C ALA HD 106 12.13 151.42 59.89
N ALA HD 107 11.26 151.33 58.90
CA ALA HD 107 10.70 152.51 58.25
C ALA HD 107 9.20 152.48 58.45
N ALA HD 108 8.70 153.38 59.29
CA ALA HD 108 7.28 153.45 59.61
C ALA HD 108 6.59 154.65 58.98
N ALA HD 109 7.16 155.21 57.93
CA ALA HD 109 6.64 156.43 57.31
C ALA HD 109 6.96 156.39 55.82
N ALA HD 110 6.93 157.55 55.18
CA ALA HD 110 7.23 157.67 53.75
C ALA HD 110 8.73 157.92 53.60
N ALA HD 111 9.49 156.85 53.40
CA ALA HD 111 10.93 156.91 53.37
C ALA HD 111 11.44 156.42 52.03
N ALA HD 112 12.04 157.32 51.25
CA ALA HD 112 12.70 156.94 50.01
C ALA HD 112 14.17 156.69 50.32
N ALA HD 113 14.45 155.51 50.86
CA ALA HD 113 15.80 155.15 51.31
C ALA HD 113 16.49 154.35 50.23
N ALA HD 114 17.72 154.76 49.91
CA ALA HD 114 18.53 154.07 48.91
C ALA HD 114 19.94 153.87 49.43
N ALA HD 115 20.51 152.71 49.16
CA ALA HD 115 21.90 152.42 49.50
C ALA HD 115 22.53 151.71 48.32
N ALA HD 116 23.58 152.29 47.75
CA ALA HD 116 24.20 151.74 46.55
C ALA HD 116 25.06 150.53 46.84
N ALA HD 117 25.44 150.29 48.09
CA ALA HD 117 26.17 149.09 48.46
C ALA HD 117 25.82 148.74 49.90
N ALA HD 118 25.23 147.56 50.10
CA ALA HD 118 24.94 147.04 51.43
C ALA HD 118 25.52 145.64 51.48
N ALA HD 119 26.64 145.47 52.18
CA ALA HD 119 27.29 144.18 52.36
C ALA HD 119 27.16 143.80 53.82
N ALA HD 120 26.03 143.19 54.17
CA ALA HD 120 25.71 142.88 55.55
C ALA HD 120 25.66 141.36 55.74
N ALA HD 121 25.26 140.96 56.94
CA ALA HD 121 25.14 139.55 57.28
C ALA HD 121 23.72 139.13 57.58
N ALA HD 122 22.93 140.00 58.22
CA ALA HD 122 21.53 139.71 58.47
C ALA HD 122 20.79 141.05 58.49
N ALA HD 123 20.18 141.38 57.36
CA ALA HD 123 19.47 142.66 57.22
C ALA HD 123 17.99 142.43 57.49
N ALA HD 124 17.50 142.94 58.60
CA ALA HD 124 16.10 142.85 58.95
C ALA HD 124 15.45 144.19 58.63
N ALA HD 125 14.58 144.20 57.63
CA ALA HD 125 13.90 145.41 57.20
C ALA HD 125 12.42 145.28 57.50
N ALA HD 126 11.93 146.10 58.42
CA ALA HD 126 10.51 146.16 58.75
C ALA HD 126 9.93 147.45 58.18
N ALA HD 127 8.81 147.33 57.48
CA ALA HD 127 8.22 148.46 56.78
C ALA HD 127 6.76 148.61 57.13
N ALA HD 128 6.32 149.86 57.25
CA ALA HD 128 4.96 150.17 57.71
C ALA HD 128 4.38 151.32 56.89
N ALA HD 129 3.56 150.95 55.91
CA ALA HD 129 2.46 151.65 55.25
C ALA HD 129 2.80 152.75 54.25
N ALA HD 130 4.04 153.23 54.16
CA ALA HD 130 4.28 154.29 53.17
C ALA HD 130 5.62 154.28 52.45
N ALA HD 131 6.62 153.59 52.99
CA ALA HD 131 8.01 153.78 52.59
C ALA HD 131 8.33 153.17 51.22
N ALA HD 132 9.57 153.40 50.78
CA ALA HD 132 10.08 152.86 49.53
C ALA HD 132 11.59 152.66 49.69
N ALA HD 133 11.99 151.46 50.06
CA ALA HD 133 13.40 151.15 50.26
C ALA HD 133 13.97 150.47 49.01
N ALA HD 134 15.13 150.93 48.57
CA ALA HD 134 15.80 150.36 47.40
C ALA HD 134 17.27 150.17 47.75
N ALA HD 135 17.60 149.04 48.36
CA ALA HD 135 18.94 148.74 48.85
C ALA HD 135 19.44 147.50 48.15
N ALA HD 136 20.59 147.59 47.47
CA ALA HD 136 21.00 146.47 46.63
C ALA HD 136 22.52 146.38 46.50
N ALA HD 137 23.16 145.60 47.38
CA ALA HD 137 24.33 144.88 46.87
C ALA HD 137 24.31 143.38 47.13
N ALA HD 138 24.46 142.98 48.39
CA ALA HD 138 24.68 141.56 48.74
C ALA HD 138 24.44 141.38 50.24
N ALA HD 139 23.37 140.70 50.59
CA ALA HD 139 23.15 140.34 51.98
C ALA HD 139 23.47 138.87 52.15
N ALA HD 140 23.36 138.38 53.38
CA ALA HD 140 23.49 136.95 53.64
C ALA HD 140 22.27 136.35 54.31
N ALA HD 141 21.46 137.14 54.98
CA ALA HD 141 20.16 136.69 55.50
C ALA HD 141 19.27 137.91 55.55
N ALA HD 142 18.36 138.03 54.58
CA ALA HD 142 17.43 139.16 54.54
C ALA HD 142 16.11 138.73 55.16
N ALA HD 143 15.55 139.59 55.99
CA ALA HD 143 14.24 139.36 56.61
C ALA HD 143 13.41 140.61 56.34
N ALA HD 144 12.62 140.57 55.28
CA ALA HD 144 11.83 141.71 54.86
C ALA HD 144 10.40 141.50 55.35
N ALA HD 145 10.09 142.09 56.50
CA ALA HD 145 8.73 142.07 57.01
C ALA HD 145 8.07 143.38 56.58
N ALA HD 146 7.36 143.33 55.46
CA ALA HD 146 6.58 144.47 55.02
C ALA HD 146 5.18 144.28 55.56
N ALA HD 147 4.88 144.97 56.68
CA ALA HD 147 3.57 144.94 57.33
C ALA HD 147 2.69 146.07 56.83
N ALA HD 148 2.76 146.34 55.54
CA ALA HD 148 2.79 147.66 54.96
C ALA HD 148 1.85 147.73 53.76
N ALA HD 149 1.46 148.94 53.40
CA ALA HD 149 0.91 149.24 52.08
C ALA HD 149 1.98 149.87 51.20
N ALA HD 150 3.21 149.38 51.31
CA ALA HD 150 4.38 150.08 50.83
C ALA HD 150 5.21 149.13 49.97
N ALA HD 151 6.35 149.63 49.50
CA ALA HD 151 7.16 148.95 48.50
C ALA HD 151 8.57 148.74 49.02
N ALA HD 152 9.13 147.56 48.74
CA ALA HD 152 10.51 147.23 49.08
C ALA HD 152 11.15 146.63 47.84
N ALA HD 153 11.69 147.48 46.98
CA ALA HD 153 12.32 147.03 45.75
C ALA HD 153 13.76 146.66 46.03
N ALA HD 154 14.23 145.59 45.37
CA ALA HD 154 15.58 145.13 45.62
C ALA HD 154 16.13 144.41 44.39
N ALA HD 155 17.39 144.69 44.12
CA ALA HD 155 18.25 143.82 43.33
C ALA HD 155 19.37 143.30 44.21
N ALA HD 156 19.10 143.21 45.51
CA ALA HD 156 20.07 142.75 46.50
C ALA HD 156 20.20 141.24 46.41
N ALA HD 157 21.36 140.77 45.98
CA ALA HD 157 21.58 139.34 45.81
C ALA HD 157 21.85 138.72 47.17
N ALA HD 158 20.78 138.40 47.88
CA ALA HD 158 20.88 137.80 49.20
C ALA HD 158 21.03 136.29 49.09
N ALA HD 159 21.85 135.72 49.98
CA ALA HD 159 22.03 134.27 50.00
C ALA HD 159 20.82 133.55 50.56
N ALA HD 160 20.20 134.11 51.59
CA ALA HD 160 18.94 133.59 52.09
C ALA HD 160 17.98 134.75 52.27
N ALA HD 161 16.72 134.54 51.91
CA ALA HD 161 15.72 135.59 51.97
C ALA HD 161 14.46 135.09 52.63
N ALA HD 162 13.85 135.94 53.45
CA ALA HD 162 12.61 135.63 54.14
C ALA HD 162 11.74 136.87 54.08
N ALA HD 163 10.84 136.93 53.11
CA ALA HD 163 10.03 138.12 52.85
C ALA HD 163 8.57 137.79 53.10
N ALA HD 164 7.95 138.53 54.01
CA ALA HD 164 6.53 138.39 54.30
C ALA HD 164 5.86 139.73 54.10
N ALA HD 165 4.88 139.76 53.19
CA ALA HD 165 4.13 140.95 52.87
C ALA HD 165 2.71 140.80 53.38
N ALA HD 166 2.21 141.81 54.09
CA ALA HD 166 1.02 141.60 54.90
C ALA HD 166 -0.27 142.20 54.33
N ALA HD 167 -0.28 143.42 53.79
CA ALA HD 167 -1.54 144.00 53.31
C ALA HD 167 -1.26 144.98 52.16
N ALA HD 168 -1.31 144.45 50.92
CA ALA HD 168 -1.07 145.17 49.66
C ALA HD 168 0.28 145.89 49.64
N ALA HD 169 1.32 145.20 50.10
CA ALA HD 169 2.69 145.63 49.90
C ALA HD 169 3.18 145.15 48.54
N ALA HD 170 4.39 145.55 48.19
CA ALA HD 170 5.01 145.10 46.94
C ALA HD 170 6.50 144.98 47.15
N ALA HD 171 7.03 143.76 47.13
CA ALA HD 171 8.42 143.50 47.42
C ALA HD 171 9.09 142.81 46.25
N ALA HD 172 10.22 143.34 45.83
CA ALA HD 172 10.98 142.76 44.71
C ALA HD 172 12.27 142.19 45.30
N ALA HD 173 12.36 140.87 45.33
CA ALA HD 173 13.47 140.18 45.96
C ALA HD 173 14.33 139.45 44.94
N ALA HD 174 15.51 139.03 45.38
CA ALA HD 174 16.42 138.25 44.54
C ALA HD 174 17.25 137.38 45.48
N ALA HD 175 17.00 136.07 45.45
CA ALA HD 175 17.61 135.14 46.38
C ALA HD 175 18.62 134.26 45.66
N ALA HD 176 19.79 134.10 46.25
CA ALA HD 176 20.80 133.25 45.64
C ALA HD 176 20.58 131.79 45.97
N ALA HD 177 20.59 131.43 47.25
CA ALA HD 177 20.48 130.03 47.64
C ALA HD 177 19.14 129.67 48.25
N ALA HD 178 18.53 130.57 49.01
CA ALA HD 178 17.34 130.24 49.77
C ALA HD 178 16.30 131.32 49.58
N ALA HD 179 15.13 130.96 49.07
CA ALA HD 179 14.03 131.89 48.91
C ALA HD 179 12.88 131.47 49.81
N ALA HD 180 12.41 132.39 50.63
CA ALA HD 180 11.34 132.15 51.57
C ALA HD 180 10.33 133.28 51.42
N ALA HD 181 9.11 132.95 51.03
CA ALA HD 181 8.16 134.01 50.72
C ALA HD 181 6.80 133.69 51.31
N ALA HD 182 6.20 134.66 51.97
CA ALA HD 182 4.80 134.59 52.35
C ALA HD 182 4.14 135.89 51.95
N ALA HD 183 3.01 135.78 51.27
CA ALA HD 183 2.30 136.96 50.82
C ALA HD 183 0.87 136.93 51.33
N ALA HD 184 0.31 138.11 51.59
CA ALA HD 184 -1.09 138.24 51.99
C ALA HD 184 -1.64 139.50 51.34
N ALA HD 185 -2.56 139.30 50.38
CA ALA HD 185 -3.24 140.35 49.59
C ALA HD 185 -2.29 141.29 48.84
N ALA HD 186 -1.10 140.80 48.50
CA ALA HD 186 0.03 141.66 48.16
C ALA HD 186 0.79 141.03 47.00
N ALA HD 187 1.99 141.54 46.73
CA ALA HD 187 2.80 141.07 45.61
C ALA HD 187 4.24 140.87 46.04
N ALA HD 188 4.80 139.72 45.71
CA ALA HD 188 6.21 139.42 45.92
C ALA HD 188 6.80 138.95 44.61
N ALA HD 189 7.71 139.74 44.04
CA ALA HD 189 8.27 139.47 42.73
C ALA HD 189 9.68 138.92 42.87
N ALA HD 190 9.89 137.69 42.41
CA ALA HD 190 11.18 137.02 42.53
C ALA HD 190 11.96 137.27 41.25
N ALA HD 191 13.00 138.08 41.33
CA ALA HD 191 13.76 138.45 40.15
C ALA HD 191 14.93 137.52 39.87
N ALA HD 192 15.15 136.51 40.70
CA ALA HD 192 16.17 135.50 40.43
C ALA HD 192 15.72 134.18 41.04
N ALA HD 193 15.90 133.10 40.28
CA ALA HD 193 15.50 131.78 40.75
C ALA HD 193 16.55 131.27 41.72
N ALA HD 194 16.11 130.95 42.94
CA ALA HD 194 17.03 130.54 43.98
C ALA HD 194 17.43 129.08 43.79
N ALA HD 195 18.40 128.65 44.59
CA ALA HD 195 18.78 127.24 44.59
C ALA HD 195 17.70 126.38 45.23
N ALA HD 196 17.02 126.90 46.25
CA ALA HD 196 15.82 126.28 46.77
C ALA HD 196 14.83 127.37 47.11
N ALA HD 197 13.63 127.28 46.55
CA ALA HD 197 12.62 128.32 46.69
C ALA HD 197 11.38 127.74 47.34
N ALA HD 198 10.73 128.55 48.17
CA ALA HD 198 9.44 128.16 48.74
C ALA HD 198 8.62 129.42 48.98
N ALA HD 199 7.41 129.42 48.43
CA ALA HD 199 6.55 130.59 48.49
C ALA HD 199 5.14 130.13 48.84
N ALA HD 200 4.52 130.84 49.78
CA ALA HD 200 3.16 130.57 50.19
C ALA HD 200 2.35 131.83 50.03
N ALA HD 201 1.19 131.70 49.40
CA ALA HD 201 0.31 132.82 49.14
C ALA HD 201 -0.95 132.66 49.96
N ALA HD 202 -1.39 133.76 50.57
CA ALA HD 202 -2.62 133.83 51.33
C ALA HD 202 -3.75 134.31 50.41
N ALA HD 203 -4.82 134.82 50.99
CA ALA HD 203 -5.97 135.33 50.25
C ALA HD 203 -5.59 136.52 49.37
N ALA HD 204 -5.86 136.36 48.06
CA ALA HD 204 -5.64 137.34 46.99
C ALA HD 204 -4.19 137.80 46.90
N ALA HD 205 -3.27 136.87 47.11
CA ALA HD 205 -1.85 137.17 47.28
C ALA HD 205 -1.04 136.57 46.14
N ALA HD 206 -0.03 137.30 45.69
CA ALA HD 206 0.68 136.94 44.46
C ALA HD 206 2.18 136.84 44.70
N ALA HD 207 2.71 135.63 44.80
CA ALA HD 207 4.15 135.43 44.80
C ALA HD 207 4.54 134.98 43.38
N ALA HD 208 4.52 135.92 42.45
CA ALA HD 208 4.81 135.63 41.06
C ALA HD 208 6.29 135.84 40.80
N ALA HD 209 6.97 134.79 40.33
CA ALA HD 209 8.41 134.87 40.06
C ALA HD 209 8.60 135.57 38.74
N ALA HD 210 8.64 136.89 38.79
CA ALA HD 210 8.64 137.73 37.60
C ALA HD 210 10.07 138.02 37.14
N ALA HD 211 10.75 136.96 36.72
CA ALA HD 211 12.03 137.13 36.06
C ALA HD 211 11.81 137.51 34.61
N ALA HD 212 12.85 138.08 34.00
CA ALA HD 212 12.77 138.50 32.61
C ALA HD 212 12.93 137.28 31.72
N ALA HD 213 11.86 136.89 31.03
CA ALA HD 213 11.94 135.90 29.98
C ALA HD 213 12.73 136.47 28.81
N ALA HD 214 13.37 135.57 28.06
CA ALA HD 214 14.53 135.83 27.19
C ALA HD 214 15.63 136.56 27.95
N ALA HD 215 16.22 135.84 28.89
CA ALA HD 215 17.55 136.19 29.33
C ALA HD 215 18.59 135.65 28.35
N ALA HD 216 19.86 135.86 28.68
CA ALA HD 216 20.92 135.24 27.90
C ALA HD 216 20.96 133.74 28.14
N ALA HD 217 20.93 133.34 29.40
CA ALA HD 217 20.73 131.95 29.78
C ALA HD 217 19.90 131.96 31.06
N ALA HD 218 18.59 131.93 30.92
CA ALA HD 218 17.71 131.82 32.07
C ALA HD 218 17.71 130.37 32.52
N ALA HD 219 18.15 130.13 33.74
CA ALA HD 219 18.19 128.77 34.26
C ALA HD 219 16.78 128.32 34.60
N ALA HD 220 16.43 127.11 34.18
CA ALA HD 220 15.08 126.61 34.40
C ALA HD 220 14.92 126.13 35.83
N ALA HD 221 13.67 125.95 36.23
CA ALA HD 221 13.35 125.44 37.55
C ALA HD 221 13.64 123.95 37.59
N ALA HD 222 14.62 123.55 38.40
CA ALA HD 222 15.07 122.16 38.46
C ALA HD 222 14.14 121.34 39.35
N ALA HD 223 14.54 120.09 39.63
CA ALA HD 223 13.71 119.21 40.44
C ALA HD 223 13.66 119.60 41.90
N ALA HD 224 14.66 120.34 42.38
CA ALA HD 224 14.66 120.83 43.74
C ALA HD 224 14.03 122.21 43.88
N ALA HD 225 13.68 122.86 42.78
CA ALA HD 225 13.17 124.23 42.86
C ALA HD 225 11.82 124.40 42.18
N ALA HD 226 11.24 123.36 41.61
CA ALA HD 226 9.98 123.49 40.90
C ALA HD 226 8.85 123.50 41.92
N ALA HD 227 8.46 124.68 42.37
CA ALA HD 227 7.26 124.84 43.14
C ALA HD 227 6.16 125.38 42.24
N ALA HD 228 4.93 125.22 42.70
CA ALA HD 228 3.77 125.62 41.93
C ALA HD 228 3.56 127.14 41.97
N ALA ID 1 32.30 151.78 34.34
CA ALA ID 1 31.90 152.49 35.55
C ALA ID 1 31.61 151.52 36.68
N ALA ID 2 32.55 150.60 36.92
CA ALA ID 2 32.40 149.56 37.92
C ALA ID 2 33.07 149.98 39.22
N ALA ID 3 33.17 149.04 40.17
CA ALA ID 3 33.91 149.22 41.41
C ALA ID 3 34.39 147.84 41.83
N ALA ID 4 35.65 147.52 41.52
CA ALA ID 4 36.18 146.21 41.82
C ALA ID 4 36.53 146.11 43.30
N ALA ID 5 36.67 144.88 43.77
CA ALA ID 5 37.14 144.61 45.12
C ALA ID 5 38.51 143.94 45.05
N ALA ID 6 39.22 143.98 46.17
CA ALA ID 6 40.59 143.54 46.22
C ALA ID 6 40.75 142.04 46.43
N ALA ID 7 39.65 141.30 46.54
CA ALA ID 7 39.70 139.87 46.82
C ALA ID 7 39.84 139.10 45.51
N ALA ID 8 39.63 137.78 45.55
CA ALA ID 8 39.64 136.98 44.34
C ALA ID 8 38.38 137.23 43.53
N ALA ID 9 38.44 138.27 42.68
CA ALA ID 9 37.58 138.47 41.50
C ALA ID 9 36.11 138.73 41.83
N ALA ID 10 35.87 139.73 42.68
CA ALA ID 10 34.54 140.26 42.89
C ALA ID 10 34.50 141.73 42.50
N ALA ID 11 33.36 142.19 41.99
CA ALA ID 11 33.24 143.57 41.54
C ALA ID 11 31.79 144.00 41.63
N ALA ID 12 31.53 145.07 42.38
CA ALA ID 12 30.22 145.69 42.27
C ALA ID 12 30.19 146.58 41.03
N ALA ID 13 28.98 146.94 40.62
CA ALA ID 13 28.82 147.79 39.45
C ALA ID 13 27.59 148.65 39.64
N ALA ID 14 27.72 149.93 39.27
CA ALA ID 14 26.69 150.91 39.58
C ALA ID 14 26.11 151.53 38.30
N ALA ID 15 25.80 150.71 37.31
CA ALA ID 15 24.99 151.19 36.20
C ALA ID 15 23.55 151.40 36.65
N ALA ID 16 22.90 150.32 37.07
CA ALA ID 16 21.75 150.42 37.96
C ALA ID 16 22.05 149.77 39.30
N ALA ID 17 22.33 148.46 39.30
CA ALA ID 17 22.70 147.68 40.47
C ALA ID 17 23.32 146.35 40.05
N ALA ID 18 24.55 146.07 40.46
CA ALA ID 18 25.14 144.76 40.23
C ALA ID 18 26.19 144.47 41.30
N ALA ID 19 26.31 143.19 41.68
CA ALA ID 19 27.46 142.70 42.45
C ALA ID 19 27.89 141.38 41.81
N ALA ID 20 28.75 141.47 40.79
CA ALA ID 20 29.10 140.31 39.99
C ALA ID 20 30.51 139.84 40.33
N ALA ID 21 30.95 138.81 39.63
CA ALA ID 21 32.25 138.21 39.87
C ALA ID 21 33.01 138.07 38.56
N ALA ID 22 34.29 138.42 38.61
CA ALA ID 22 35.20 138.30 37.48
C ALA ID 22 35.89 136.94 37.53
N ALA ID 23 36.98 136.78 36.80
CA ALA ID 23 37.86 135.63 36.96
C ALA ID 23 39.22 136.00 37.54
N ALA ID 24 39.73 137.19 37.17
CA ALA ID 24 41.04 137.75 37.57
C ALA ID 24 42.22 136.84 37.24
N ALA ID 25 42.13 136.17 36.10
CA ALA ID 25 43.24 135.40 35.56
C ALA ID 25 43.62 135.82 34.15
N ALA ID 26 42.66 136.29 33.35
CA ALA ID 26 42.95 136.90 32.07
C ALA ID 26 43.19 138.40 32.17
N ALA ID 27 42.80 139.01 33.30
CA ALA ID 27 43.06 140.40 33.70
C ALA ID 27 42.47 141.42 32.71
N ALA ID 28 41.15 141.35 32.52
CA ALA ID 28 40.45 142.31 31.67
C ALA ID 28 40.04 143.52 32.52
N ALA ID 29 41.05 144.29 32.91
CA ALA ID 29 40.84 145.50 33.70
C ALA ID 29 40.76 146.72 32.79
N ALA ID 30 39.79 146.68 31.87
CA ALA ID 30 39.61 147.75 30.91
C ALA ID 30 38.98 148.98 31.53
N ALA ID 31 38.20 148.79 32.61
CA ALA ID 31 37.39 149.80 33.32
C ALA ID 31 36.44 150.56 32.39
N ALA ID 32 35.91 149.86 31.39
CA ALA ID 32 35.07 150.47 30.37
C ALA ID 32 34.20 149.36 29.78
N ALA ID 33 32.90 149.47 29.97
CA ALA ID 33 32.00 148.37 29.66
C ALA ID 33 30.61 148.92 29.41
N ALA ID 34 29.69 148.04 29.05
CA ALA ID 34 28.27 148.32 28.98
C ALA ID 34 27.60 147.43 30.04
N ALA ID 35 27.54 147.92 31.26
CA ALA ID 35 26.97 147.17 32.37
C ALA ID 35 25.45 147.30 32.34
N ALA ID 36 24.75 146.18 32.49
CA ALA ID 36 23.30 146.15 32.39
C ALA ID 36 22.72 145.43 33.59
N ALA ID 37 21.42 145.61 33.80
CA ALA ID 37 20.68 144.91 34.85
C ALA ID 37 20.04 143.64 34.31
N ALA ID 38 20.86 142.82 33.64
CA ALA ID 38 20.52 141.47 33.24
C ALA ID 38 21.72 140.56 33.44
N ALA ID 39 22.58 140.94 34.40
CA ALA ID 39 23.83 140.29 34.80
C ALA ID 39 24.80 140.15 33.63
N ALA ID 40 25.24 141.29 33.11
CA ALA ID 40 26.13 141.30 31.96
C ALA ID 40 27.03 142.53 32.05
N ALA ID 41 28.27 142.31 32.49
CA ALA ID 41 29.30 143.33 32.43
C ALA ID 41 30.10 143.08 31.17
N ALA ID 42 29.64 143.62 30.05
CA ALA ID 42 30.24 143.37 28.74
C ALA ID 42 31.41 144.32 28.55
N ALA ID 43 32.60 143.84 28.87
CA ALA ID 43 33.80 144.67 28.85
C ALA ID 43 34.40 144.72 27.44
N ALA ID 44 35.60 145.28 27.33
CA ALA ID 44 36.27 145.37 26.04
C ALA ID 44 36.81 144.01 25.60
N ALA ID 45 37.30 143.21 26.54
CA ALA ID 45 37.82 141.89 26.19
C ALA ID 45 36.68 140.87 26.08
N ALA ID 46 35.98 140.63 27.18
CA ALA ID 46 34.95 139.60 27.24
C ALA ID 46 33.78 140.14 28.05
N ALA ID 47 32.88 139.24 28.45
CA ALA ID 47 31.71 139.58 29.24
C ALA ID 47 31.77 138.88 30.58
N ALA ID 48 31.28 139.58 31.61
CA ALA ID 48 31.30 139.08 32.97
C ALA ID 48 29.90 139.12 33.54
N ALA ID 49 29.60 138.14 34.40
CA ALA ID 49 28.28 137.99 34.99
C ALA ID 49 28.42 137.71 36.48
N ALA ID 50 27.29 137.65 37.16
CA ALA ID 50 27.26 137.19 38.54
C ALA ID 50 27.50 135.68 38.56
N ALA ID 51 28.70 135.28 38.95
CA ALA ID 51 29.12 133.90 38.81
C ALA ID 51 28.49 133.01 39.87
N ALA ID 52 28.26 131.75 39.51
CA ALA ID 52 27.67 130.79 40.42
C ALA ID 52 28.20 129.40 40.11
N ALA JD 1 -24.01 101.95 22.80
CA ALA JD 1 -23.19 102.37 21.69
C ALA JD 1 -23.11 103.89 21.66
N ALA JD 2 -23.33 104.49 20.48
CA ALA JD 2 -23.38 105.94 20.38
C ALA JD 2 -24.70 106.42 20.95
N ALA JD 3 -24.71 106.71 22.25
CA ALA JD 3 -25.94 106.94 22.97
C ALA JD 3 -26.12 108.42 23.24
N ALA JD 4 -27.34 108.89 23.01
CA ALA JD 4 -27.95 110.16 23.44
C ALA JD 4 -27.44 111.38 22.69
N ALA JD 5 -26.38 111.31 21.89
CA ALA JD 5 -26.11 112.39 20.97
C ALA JD 5 -27.11 112.32 19.82
N ALA JD 6 -27.04 111.23 19.08
CA ALA JD 6 -28.08 110.73 18.19
C ALA JD 6 -27.80 109.24 18.02
N ALA JD 7 -28.41 108.63 17.02
CA ALA JD 7 -27.99 107.29 16.68
C ALA JD 7 -26.71 107.32 15.85
N ALA JD 8 -26.12 106.16 15.66
CA ALA JD 8 -24.87 106.03 14.93
C ALA JD 8 -25.12 106.22 13.44
N ALA JD 9 -24.50 107.24 12.86
CA ALA JD 9 -24.77 107.55 11.46
C ALA JD 9 -23.99 106.63 10.52
N ALA JD 10 -22.68 106.73 10.55
CA ALA JD 10 -21.82 105.90 9.71
C ALA JD 10 -20.95 105.05 10.61
N ALA JD 11 -20.02 104.34 10.00
CA ALA JD 11 -18.96 103.63 10.73
C ALA JD 11 -17.69 103.92 9.96
N ALA JD 12 -16.97 104.97 10.36
CA ALA JD 12 -15.81 105.44 9.62
C ALA JD 12 -14.65 104.48 9.83
N ALA JD 13 -14.21 103.86 8.75
CA ALA JD 13 -13.04 103.02 8.81
C ALA JD 13 -11.80 103.87 9.00
N ALA JD 14 -10.77 103.23 9.58
CA ALA JD 14 -9.60 103.84 10.24
C ALA JD 14 -9.99 104.83 11.33
N ALA JD 15 -11.09 104.56 12.02
CA ALA JD 15 -11.61 105.41 13.07
C ALA JD 15 -12.56 104.60 13.94
N ALA JD 16 -13.25 105.31 14.83
CA ALA JD 16 -14.33 104.78 15.66
C ALA JD 16 -15.65 104.96 14.91
N ALA JD 17 -16.76 104.65 15.56
CA ALA JD 17 -18.07 104.86 14.94
C ALA JD 17 -18.42 106.33 14.93
N ALA JD 18 -19.22 106.73 13.95
CA ALA JD 18 -19.56 108.13 13.74
C ALA JD 18 -21.03 108.32 14.09
N ALA JD 19 -21.27 108.93 15.24
CA ALA JD 19 -22.63 109.27 15.65
C ALA JD 19 -23.16 110.42 14.80
N ALA JD 20 -24.48 110.60 14.82
CA ALA JD 20 -25.09 111.64 14.00
C ALA JD 20 -25.15 113.00 14.70
N ALA JD 21 -24.33 113.21 15.71
CA ALA JD 21 -23.85 114.53 16.09
C ALA JD 21 -22.35 114.65 15.86
N ALA JD 22 -21.55 113.78 16.50
CA ALA JD 22 -20.09 113.88 16.51
C ALA JD 22 -19.45 112.50 16.36
N ALA JD 23 -18.15 112.38 16.64
CA ALA JD 23 -17.47 111.09 16.56
C ALA JD 23 -17.57 110.38 17.90
N ALA JD 24 -18.01 109.12 17.87
CA ALA JD 24 -18.33 108.42 19.11
C ALA JD 24 -17.07 107.87 19.76
N ALA JD 25 -17.24 107.25 20.92
CA ALA JD 25 -16.16 106.62 21.64
C ALA JD 25 -16.17 105.11 21.49
N ALA JD 26 -17.07 104.58 20.67
CA ALA JD 26 -17.14 103.14 20.46
C ALA JD 26 -16.43 102.79 19.16
N ALA JD 27 -15.55 101.80 19.23
CA ALA JD 27 -14.67 101.47 18.12
C ALA JD 27 -15.42 100.74 17.02
N ALA JD 28 -15.23 101.19 15.78
CA ALA JD 28 -15.98 100.63 14.66
C ALA JD 28 -15.35 99.34 14.16
N ALA JD 29 -14.10 99.40 13.71
CA ALA JD 29 -13.44 98.26 13.12
C ALA JD 29 -12.52 97.60 14.13
N ALA JD 30 -11.87 96.52 13.69
CA ALA JD 30 -10.85 95.89 14.53
C ALA JD 30 -9.57 96.70 14.53
N ALA JD 31 -9.34 97.49 13.49
CA ALA JD 31 -8.05 98.13 13.26
C ALA JD 31 -8.05 99.59 13.66
N ALA JD 32 -8.83 99.96 14.67
CA ALA JD 32 -8.77 101.30 15.22
C ALA JD 32 -7.73 101.35 16.33
N ALA JD 33 -7.54 102.51 16.94
CA ALA JD 33 -6.48 102.66 17.94
C ALA JD 33 -7.00 102.37 19.35
N ALA JD 34 -7.48 101.14 19.54
CA ALA JD 34 -7.98 100.68 20.83
C ALA JD 34 -6.81 100.42 21.76
N ALA JD 35 -6.87 100.92 23.00
CA ALA JD 35 -5.73 100.91 23.91
C ALA JD 35 -5.54 99.52 24.52
N ALA JD 36 -4.99 98.63 23.71
CA ALA JD 36 -4.51 97.37 24.24
C ALA JD 36 -3.22 97.66 24.99
N ALA JD 37 -3.14 97.20 26.23
CA ALA JD 37 -1.88 97.23 26.96
C ALA JD 37 -1.67 95.96 27.75
N ALA JD 38 -2.66 95.09 27.85
CA ALA JD 38 -2.51 93.79 28.52
C ALA JD 38 -2.95 92.71 27.55
N ALA JD 39 -1.99 92.01 26.98
CA ALA JD 39 -2.31 90.89 26.11
C ALA JD 39 -2.64 89.66 26.93
N ALA JD 40 -3.14 88.64 26.25
CA ALA JD 40 -3.45 87.36 26.89
C ALA JD 40 -3.08 86.27 25.90
N ALA JD 41 -1.83 85.78 26.00
CA ALA JD 41 -1.36 84.77 25.07
C ALA JD 41 -0.23 83.99 25.71
N ALA JD 42 -0.09 82.74 25.29
CA ALA JD 42 1.08 81.96 25.66
C ALA JD 42 2.25 82.42 24.80
N ALA JD 43 3.37 82.70 25.48
CA ALA JD 43 4.66 83.13 24.91
C ALA JD 43 4.54 84.42 24.09
N ALA JD 44 3.66 85.32 24.53
CA ALA JD 44 3.66 86.67 23.97
C ALA JD 44 4.90 87.40 24.47
N ALA JD 45 5.47 88.23 23.57
CA ALA JD 45 6.63 89.13 23.66
C ALA JD 45 7.97 88.39 23.67
N ALA JD 46 7.94 87.06 23.73
CA ALA JD 46 8.84 86.22 22.98
C ALA JD 46 8.08 85.84 21.71
N ALA JD 47 8.61 84.93 20.92
CA ALA JD 47 7.85 84.49 19.75
C ALA JD 47 6.77 83.51 20.16
N ALA JD 48 5.85 83.22 19.24
CA ALA JD 48 4.59 82.53 19.54
C ALA JD 48 4.81 81.05 19.86
N ALA JD 49 3.72 80.36 20.19
CA ALA JD 49 3.78 78.96 20.59
C ALA JD 49 4.02 78.09 19.36
N ALA JD 50 5.14 77.37 19.35
CA ALA JD 50 5.49 76.47 18.26
C ALA JD 50 4.56 75.28 18.30
N ALA JD 51 3.59 75.26 17.38
CA ALA JD 51 2.40 74.43 17.50
C ALA JD 51 2.63 72.96 17.23
N ALA JD 52 3.78 72.57 16.70
CA ALA JD 52 4.03 71.19 16.31
C ALA JD 52 4.31 70.26 17.49
N ALA JD 53 4.59 70.81 18.68
CA ALA JD 53 4.93 69.99 19.82
C ALA JD 53 3.70 69.32 20.42
N ALA JD 54 3.89 68.10 20.90
CA ALA JD 54 2.86 67.38 21.67
C ALA JD 54 3.60 66.70 22.82
N ALA JD 55 3.76 67.43 23.91
CA ALA JD 55 4.49 66.95 25.08
C ALA JD 55 3.90 67.65 26.30
N ALA JD 56 4.64 67.64 27.41
CA ALA JD 56 4.17 68.33 28.60
C ALA JD 56 4.38 69.85 28.49
N ALA JD 57 5.60 70.27 28.16
CA ALA JD 57 5.95 71.67 28.16
C ALA JD 57 5.42 72.37 26.91
N ALA JD 58 5.40 73.70 26.97
CA ALA JD 58 4.98 74.53 25.85
C ALA JD 58 6.20 75.32 25.38
N ALA JD 59 6.67 75.04 24.18
CA ALA JD 59 7.86 75.69 23.66
C ALA JD 59 7.49 76.85 22.75
N ALA JD 60 8.17 77.96 22.92
CA ALA JD 60 7.95 79.10 22.06
C ALA JD 60 8.65 78.90 20.72
N ALA JD 61 8.30 79.73 19.74
CA ALA JD 61 8.98 79.69 18.45
C ALA JD 61 10.36 80.32 18.49
N ALA JD 62 10.70 81.05 19.54
CA ALA JD 62 12.06 81.49 19.82
C ALA JD 62 12.79 80.52 20.73
N ALA JD 63 12.28 79.28 20.85
CA ALA JD 63 12.85 78.15 21.59
C ALA JD 63 13.03 78.44 23.08
N ALA JD 64 12.12 79.21 23.65
CA ALA JD 64 12.01 79.30 25.09
C ALA JD 64 10.86 78.41 25.53
N ALA JD 65 10.99 77.85 26.73
CA ALA JD 65 9.93 77.04 27.29
C ALA JD 65 9.04 77.93 28.12
N ALA JD 66 7.77 78.02 27.75
CA ALA JD 66 6.81 78.85 28.48
C ALA JD 66 6.44 78.12 29.75
N ALA JD 67 7.23 78.33 30.80
CA ALA JD 67 7.01 77.61 32.05
C ALA JD 67 5.85 78.18 32.83
N ALA JD 68 5.39 79.40 32.50
CA ALA JD 68 4.18 79.95 33.06
C ALA JD 68 2.92 79.44 32.37
N ALA JD 69 3.04 78.64 31.32
CA ALA JD 69 1.86 78.09 30.67
C ALA JD 69 1.99 76.60 30.40
N ALA JD 70 2.91 75.91 31.04
CA ALA JD 70 3.08 74.48 30.84
C ALA JD 70 2.39 73.68 31.94
N LYS KD 24 -1.11 103.54 72.45
CA LYS KD 24 -1.10 103.26 71.02
C LYS KD 24 0.23 103.63 70.40
N PHE KD 25 0.85 102.69 69.71
CA PHE KD 25 2.16 102.89 69.11
C PHE KD 25 2.07 102.75 67.60
N LYS KD 26 2.73 103.67 66.90
CA LYS KD 26 2.66 103.72 65.45
C LYS KD 26 3.93 104.35 64.93
N LYS KD 27 4.58 103.69 63.99
CA LYS KD 27 5.62 104.27 63.15
C LYS KD 27 4.98 105.20 62.14
N PRO KD 28 5.70 106.20 61.61
CA PRO KD 28 5.04 107.23 60.76
C PRO KD 28 4.53 106.75 59.41
N PRO KD 29 5.35 106.12 58.48
CA PRO KD 29 4.77 105.93 57.15
C PRO KD 29 3.90 104.69 57.03
N ILE KD 30 2.60 104.87 57.02
CA ILE KD 30 1.69 103.76 56.76
C ILE KD 30 1.18 104.03 55.36
N ASN KD 31 1.80 103.38 54.40
CA ASN KD 31 1.50 103.58 53.00
C ASN KD 31 0.44 102.56 52.59
N ASN KD 32 0.27 102.36 51.30
CA ASN KD 32 -0.60 101.33 50.81
C ASN KD 32 0.02 99.94 51.00
N PRO KD 33 -0.78 98.88 50.91
CA PRO KD 33 -0.19 97.55 50.73
C PRO KD 33 0.52 97.43 49.40
N SER KD 34 1.83 97.19 49.46
CA SER KD 34 2.53 96.85 48.24
C SER KD 34 2.47 95.35 47.99
N ASP KD 35 2.95 94.93 46.83
CA ASP KD 35 3.09 93.51 46.56
C ASP KD 35 4.46 93.17 46.02
N ASP KD 36 4.70 91.84 46.03
CA ASP KD 36 6.00 91.20 45.85
C ASP KD 36 6.66 91.55 44.52
N ALA KD 37 5.83 91.83 43.50
CA ALA KD 37 6.29 92.25 42.18
C ALA KD 37 7.03 93.58 42.22
N THR KD 38 6.40 94.61 42.74
CA THR KD 38 7.08 95.89 42.78
C THR KD 38 8.06 96.00 43.93
N ILE KD 39 7.98 95.13 44.94
CA ILE KD 39 9.06 95.01 45.91
C ILE KD 39 10.36 94.55 45.26
N LYS KD 40 10.31 93.45 44.50
CA LYS KD 40 11.56 93.00 43.90
C LYS KD 40 11.93 93.80 42.66
N LEU KD 41 10.97 94.48 42.04
CA LEU KD 41 11.29 95.46 41.01
C LEU KD 41 12.01 96.66 41.58
N ALA KD 42 11.63 97.09 42.78
CA ALA KD 42 12.29 98.23 43.41
C ALA KD 42 13.69 97.87 43.87
N GLU KD 43 13.87 96.68 44.43
CA GLU KD 43 15.21 96.35 44.87
C GLU KD 43 16.10 95.82 43.76
N ALA KD 44 15.56 95.58 42.56
CA ALA KD 44 16.41 95.57 41.39
C ALA KD 44 16.73 96.96 40.88
N ALA KD 45 15.75 97.86 41.01
CA ALA KD 45 15.84 99.17 40.39
C ALA KD 45 16.84 100.06 41.10
N VAL KD 46 17.05 99.85 42.41
CA VAL KD 46 18.09 100.62 43.09
C VAL KD 46 19.50 100.12 42.76
N SER KD 47 19.68 98.82 42.49
CA SER KD 47 20.97 98.30 42.10
C SER KD 47 21.33 98.72 40.69
N VAL KD 48 20.31 98.82 39.82
CA VAL KD 48 20.60 99.32 38.50
C VAL KD 48 20.78 100.83 38.54
N SER KD 49 20.17 101.50 39.53
CA SER KD 49 20.33 102.95 39.73
C SER KD 49 21.74 103.31 40.17
N ASP KD 50 22.34 102.53 41.06
CA ASP KD 50 23.67 102.93 41.47
C ASP KD 50 24.79 102.31 40.63
N SER KD 51 24.51 101.26 39.85
CA SER KD 51 25.48 100.90 38.81
C SER KD 51 25.47 101.93 37.68
N MET KD 52 24.32 102.54 37.44
CA MET KD 52 24.25 103.71 36.57
C MET KD 52 24.99 104.89 37.12
N LEU KD 53 24.86 105.13 38.42
CA LEU KD 53 25.50 106.25 39.09
C LEU KD 53 27.01 106.13 39.05
N GLU KD 54 27.52 104.90 39.25
CA GLU KD 54 28.96 104.66 39.12
C GLU KD 54 29.43 104.77 37.67
N MET KD 55 28.57 104.44 36.69
CA MET KD 55 29.00 104.57 35.30
C MET KD 55 29.01 106.03 34.86
N ALA KD 56 28.01 106.83 35.28
CA ALA KD 56 27.98 108.24 34.91
C ALA KD 56 29.06 109.03 35.62
N LYS KD 57 29.43 108.58 36.83
CA LYS KD 57 30.55 109.16 37.56
C LYS KD 57 31.88 108.92 36.85
N VAL KD 58 32.15 107.67 36.42
CA VAL KD 58 33.45 107.42 35.79
C VAL KD 58 33.53 108.04 34.39
N GLU KD 59 32.40 108.17 33.66
CA GLU KD 59 32.49 108.75 32.32
C GLU KD 59 32.62 110.26 32.37
N LYS KD 60 31.94 110.89 33.33
CA LYS KD 60 32.13 112.32 33.45
C LYS KD 60 33.43 112.69 34.12
N VAL KD 61 34.14 111.76 34.75
CA VAL KD 61 35.48 112.15 35.16
C VAL KD 61 36.52 111.79 34.10
N ILE KD 62 36.26 110.82 33.23
CA ILE KD 62 37.35 110.41 32.35
C ILE KD 62 37.33 111.19 31.05
N THR KD 63 36.18 111.73 30.66
CA THR KD 63 36.28 112.89 29.82
C THR KD 63 35.44 113.97 30.50
N PRO KD 64 36.01 115.15 30.72
CA PRO KD 64 35.23 116.22 31.27
C PRO KD 64 34.31 116.77 30.21
N PRO KD 65 33.06 117.05 30.54
CA PRO KD 65 32.17 117.69 29.57
C PRO KD 65 32.58 119.12 29.31
N SER KD 66 33.07 119.33 28.08
CA SER KD 66 33.68 120.57 27.66
C SER KD 66 32.68 121.71 27.58
N LYS KD 67 31.46 121.39 27.17
CA LYS KD 67 30.54 122.39 26.68
C LYS KD 67 29.11 121.91 26.83
N ASP KD 68 28.21 122.85 26.69
CA ASP KD 68 26.80 122.67 26.96
C ASP KD 68 26.10 122.26 25.67
N ASN KD 69 24.78 122.41 25.61
CA ASN KD 69 24.13 122.62 24.33
C ASN KD 69 23.25 123.85 24.35
N THR KD 70 23.45 124.72 25.34
CA THR KD 70 22.73 125.99 25.37
C THR KD 70 23.31 127.00 24.41
N LEU KD 71 24.51 126.75 23.89
CA LEU KD 71 25.03 127.58 22.83
C LEU KD 71 24.26 127.34 21.53
N THR KD 72 23.85 126.09 21.27
CA THR KD 72 23.22 125.78 20.01
C THR KD 72 21.70 125.67 20.10
N ILE KD 73 21.16 125.58 21.30
CA ILE KD 73 19.75 125.83 21.51
C ILE KD 73 19.78 126.98 22.48
N PRO KD 74 19.70 128.23 22.08
CA PRO KD 74 19.52 129.29 23.07
C PRO KD 74 18.04 129.54 23.29
N ASN KD 75 17.75 130.07 24.48
CA ASN KD 75 16.34 130.31 24.79
C ASN KD 75 15.82 131.52 24.04
N ALA KD 76 14.50 131.61 23.96
CA ALA KD 76 13.91 132.79 23.36
C ALA KD 76 12.65 133.14 24.09
N TYR KD 77 12.28 134.39 23.95
CA TYR KD 77 10.91 134.76 24.24
C TYR KD 77 10.05 134.10 23.18
N ASN KD 78 9.00 133.42 23.65
CA ASN KD 78 8.03 132.47 23.09
C ASN KD 78 8.62 131.07 22.97
N LEU KD 79 9.90 130.90 23.25
CA LEU KD 79 10.42 129.60 23.58
C LEU KD 79 10.35 129.36 25.08
N GLN KD 80 10.11 130.41 25.86
CA GLN KD 80 10.04 130.32 27.31
C GLN KD 80 8.68 129.93 27.84
N ALA KD 81 7.79 129.43 26.98
CA ALA KD 81 6.61 128.71 27.43
C ALA KD 81 6.99 127.39 28.09
N ARG KD 82 6.05 126.80 28.81
CA ARG KD 82 6.39 125.53 29.44
C ARG KD 82 5.64 124.41 28.76
N ALA KD 83 6.09 123.19 28.97
CA ALA KD 83 5.34 122.01 28.58
C ALA KD 83 5.68 120.89 29.55
N SER KD 84 4.81 119.89 29.55
CA SER KD 84 5.03 118.66 30.28
C SER KD 84 4.79 117.59 29.26
N VAL KD 85 5.61 116.54 29.23
CA VAL KD 85 5.54 115.58 28.12
C VAL KD 85 5.93 114.18 28.60
N ASP KD 86 5.09 113.19 28.29
CA ASP KD 86 5.58 111.83 28.22
C ASP KD 86 5.49 111.36 26.78
N TRP KD 87 6.49 110.59 26.37
CA TRP KD 87 6.74 110.41 24.96
C TRP KD 87 7.64 109.22 24.78
N SER KD 88 7.36 108.44 23.75
CA SER KD 88 8.21 107.30 23.45
C SER KD 88 8.44 107.10 21.97
N GLY KD 89 7.91 107.97 21.11
CA GLY KD 89 7.97 107.72 19.71
C GLY KD 89 9.24 108.20 19.05
N PRO KD 90 9.22 108.36 17.74
CA PRO KD 90 10.35 108.95 17.05
C PRO KD 90 10.39 110.45 17.28
N ILE KD 91 11.54 111.03 16.96
CA ILE KD 91 11.90 112.36 17.42
C ILE KD 91 11.22 113.47 16.62
N GLU KD 92 10.91 113.21 15.35
CA GLU KD 92 10.58 114.29 14.42
C GLU KD 92 9.17 114.81 14.66
N GLU KD 93 8.27 113.97 15.14
CA GLU KD 93 6.90 114.43 15.31
C GLU KD 93 6.77 115.15 16.63
N LEU KD 94 7.59 114.76 17.61
CA LEU KD 94 7.65 115.47 18.89
C LEU KD 94 8.24 116.86 18.71
N THR KD 95 9.35 116.97 17.97
CA THR KD 95 9.99 118.26 17.77
C THR KD 95 9.18 119.16 16.85
N ALA KD 96 8.42 118.57 15.92
CA ALA KD 96 7.44 119.32 15.13
C ALA KD 96 6.31 119.86 15.98
N ARG KD 97 5.87 119.11 16.98
CA ARG KD 97 4.84 119.62 17.90
C ARG KD 97 5.37 120.71 18.81
N ILE KD 98 6.63 120.60 19.25
CA ILE KD 98 7.24 121.61 20.11
C ILE KD 98 7.39 122.92 19.34
N ALA KD 99 7.88 122.83 18.10
CA ALA KD 99 8.10 124.03 17.29
C ALA KD 99 6.81 124.67 16.82
N LYS KD 100 5.77 123.85 16.57
CA LYS KD 100 4.44 124.34 16.27
C LYS KD 100 3.86 125.11 17.44
N ALA KD 101 4.04 124.63 18.67
CA ALA KD 101 3.54 125.41 19.77
C ALA KD 101 4.52 126.47 20.26
N ALA KD 102 5.74 126.46 19.74
CA ALA KD 102 6.69 127.54 19.98
C ALA KD 102 6.56 128.65 18.97
N HIS KD 103 5.73 128.43 17.95
CA HIS KD 103 5.61 129.26 16.74
C HIS KD 103 6.94 129.41 16.04
N PHE KD 104 7.66 128.31 15.95
CA PHE KD 104 8.91 128.22 15.22
C PHE KD 104 8.68 127.34 14.01
N ARG KD 105 9.22 127.76 12.88
CA ARG KD 105 9.18 126.90 11.71
C ARG KD 105 10.17 125.76 11.91
N PHE KD 106 9.71 124.54 11.70
CA PHE KD 106 10.50 123.37 11.96
C PHE KD 106 11.05 122.83 10.64
N ARG KD 107 12.34 122.50 10.65
CA ARG KD 107 13.04 122.11 9.45
C ARG KD 107 13.90 120.90 9.74
N VAL KD 108 13.88 119.93 8.83
CA VAL KD 108 14.72 118.75 8.90
C VAL KD 108 15.92 118.96 8.00
N LEU KD 109 17.11 118.67 8.51
CA LEU KD 109 18.34 118.62 7.72
C LEU KD 109 18.91 117.23 7.77
N GLY KD 110 19.10 116.62 6.62
CA GLY KD 110 19.54 115.25 6.58
C GLY KD 110 18.36 114.32 6.66
N LYS KD 111 18.40 113.25 5.90
CA LYS KD 111 17.29 112.32 5.91
C LYS KD 111 17.38 111.41 7.12
N SER KD 112 16.31 111.01 7.56
CA SER KD 112 16.17 110.13 8.69
C SER KD 112 16.58 108.72 8.32
N PRO KD 113 17.22 107.98 9.22
CA PRO KD 113 17.62 106.62 8.90
C PRO KD 113 16.44 105.66 8.94
N SER KD 114 16.71 104.45 8.46
CA SER KD 114 15.66 103.46 8.32
C SER KD 114 15.25 102.87 9.64
N VAL KD 115 16.22 102.64 10.51
CA VAL KD 115 15.86 102.48 11.93
C VAL KD 115 15.41 103.84 12.47
N PRO KD 116 14.42 103.89 13.33
CA PRO KD 116 13.99 105.18 13.84
C PRO KD 116 14.93 105.67 14.91
N VAL KD 117 15.08 106.98 14.96
CA VAL KD 117 15.71 107.64 16.10
C VAL KD 117 14.61 107.78 17.14
N LEU KD 118 14.63 106.91 18.13
CA LEU KD 118 13.58 106.85 19.12
C LEU KD 118 14.04 107.54 20.38
N ILE KD 119 13.29 108.54 20.81
CA ILE KD 119 13.51 109.16 22.10
C ILE KD 119 12.32 108.83 22.97
N SER KD 120 12.47 109.04 24.26
CA SER KD 120 11.37 108.77 25.18
C SER KD 120 11.49 109.77 26.34
N ILE KD 121 10.82 110.89 26.20
CA ILE KD 121 10.92 111.96 27.18
C ILE KD 121 9.74 111.86 28.12
N SER KD 122 10.01 111.70 29.41
CA SER KD 122 8.94 111.75 30.39
C SER KD 122 9.36 112.74 31.46
N THR KD 123 9.01 114.00 31.25
CA THR KD 123 9.22 115.02 32.25
C THR KD 123 7.94 115.80 32.46
N LYS KD 124 7.95 116.60 33.52
CA LYS KD 124 6.79 117.40 33.89
C LYS KD 124 7.25 118.81 34.23
N ASP KD 125 6.64 119.80 33.56
CA ASP KD 125 6.89 121.24 33.69
C ASP KD 125 8.35 121.57 33.38
N GLU KD 126 8.68 121.51 32.12
CA GLU KD 126 9.96 122.04 31.70
C GLU KD 126 9.70 123.07 30.62
N SER KD 127 10.56 124.07 30.51
CA SER KD 127 10.44 125.04 29.43
C SER KD 127 10.81 124.36 28.12
N LEU KD 128 10.21 124.85 27.02
CA LEU KD 128 10.40 124.28 25.68
C LEU KD 128 11.83 124.24 25.21
N ALA KD 129 12.64 125.26 25.52
CA ALA KD 129 14.06 125.29 25.19
C ALA KD 129 14.84 124.18 25.88
N GLU KD 130 14.55 123.93 27.15
CA GLU KD 130 15.19 122.84 27.86
C GLU KD 130 14.62 121.47 27.48
N ILE KD 131 13.38 121.39 26.98
CA ILE KD 131 12.87 120.14 26.43
C ILE KD 131 13.61 119.76 25.15
N LEU KD 132 13.85 120.75 24.27
CA LEU KD 132 14.72 120.52 23.11
C LEU KD 132 16.16 120.21 23.46
N ARG KD 133 16.66 120.75 24.57
CA ARG KD 133 17.99 120.34 25.01
C ARG KD 133 18.01 118.90 25.52
N ASP KD 134 16.95 118.46 26.20
CA ASP KD 134 16.83 117.08 26.61
C ASP KD 134 16.64 116.13 25.43
N ILE KD 135 15.90 116.56 24.42
CA ILE KD 135 15.68 115.77 23.21
C ILE KD 135 16.99 115.64 22.42
N ASP KD 136 17.76 116.74 22.36
CA ASP KD 136 19.09 116.79 21.78
C ASP KD 136 20.03 115.84 22.51
N TYR KD 137 19.93 115.79 23.82
CA TYR KD 137 20.80 114.91 24.58
C TYR KD 137 20.41 113.45 24.41
N GLN KD 138 19.11 113.15 24.48
CA GLN KD 138 18.62 111.77 24.40
C GLN KD 138 18.81 111.19 23.00
N ALA KD 139 18.82 112.02 21.98
CA ALA KD 139 19.32 111.59 20.68
C ALA KD 139 20.78 111.95 20.55
N GLY KD 140 21.61 111.27 21.33
CA GLY KD 140 23.05 111.50 21.25
C GLY KD 140 23.62 110.78 20.05
N LYS KD 141 24.37 111.53 19.23
CA LYS KD 141 25.13 111.10 18.05
C LYS KD 141 24.26 110.50 16.94
N LYS KD 142 22.97 110.75 16.94
CA LYS KD 142 22.09 110.24 15.90
C LYS KD 142 21.39 111.44 15.29
N ALA KD 143 21.15 112.44 16.11
CA ALA KD 143 20.54 113.68 15.66
C ALA KD 143 21.00 114.82 16.55
N SER KD 144 20.58 116.02 16.20
CA SER KD 144 20.85 117.20 17.00
C SER KD 144 19.78 118.25 16.73
N ILE KD 145 19.32 118.89 17.80
CA ILE KD 145 18.43 120.04 17.72
C ILE KD 145 19.29 121.28 17.59
N HIS KD 146 19.00 122.13 16.62
CA HIS KD 146 19.53 123.48 16.64
C HIS KD 146 18.37 124.45 16.58
N VAL KD 147 18.52 125.59 17.25
CA VAL KD 147 17.48 126.62 17.28
C VAL KD 147 18.15 127.91 16.86
N TYR KD 148 17.61 128.55 15.83
CA TYR KD 148 18.10 129.85 15.46
C TYR KD 148 17.08 130.87 15.92
N PRO KD 149 17.37 131.68 16.95
CA PRO KD 149 16.32 132.49 17.57
C PRO KD 149 16.24 133.94 17.10
N ASN KD 150 17.16 134.43 16.27
CA ASN KD 150 16.87 135.69 15.59
C ASN KD 150 16.05 135.49 14.34
N SER KD 151 16.12 134.30 13.74
CA SER KD 151 15.04 133.80 12.89
C SER KD 151 14.09 133.01 13.78
N GLN KD 152 13.13 132.32 13.23
CA GLN KD 152 12.31 131.48 14.11
C GLN KD 152 12.32 130.10 13.50
N VAL KD 153 13.41 129.37 13.74
CA VAL KD 153 13.65 128.07 13.15
C VAL KD 153 14.06 127.12 14.28
N VAL KD 154 13.30 126.05 14.46
CA VAL KD 154 13.82 124.86 15.10
C VAL KD 154 14.18 123.89 14.00
N GLU KD 155 15.45 123.53 13.93
CA GLU KD 155 15.89 122.55 12.99
C GLU KD 155 16.37 121.30 13.73
N LEU KD 156 16.13 120.17 13.07
CA LEU KD 156 16.55 118.85 13.48
C LEU KD 156 17.45 118.27 12.43
N ARG KD 157 18.69 118.01 12.79
CA ARG KD 157 19.66 117.50 11.87
C ARG KD 157 19.96 116.05 12.21
N TYR KD 158 19.71 115.17 11.26
CA TYR KD 158 20.06 113.77 11.45
C TYR KD 158 21.54 113.57 11.15
N ALA KD 159 22.06 112.42 11.54
CA ALA KD 159 23.49 112.19 11.44
C ALA KD 159 23.91 111.87 10.01
N LYS KD 160 25.22 111.84 9.80
CA LYS KD 160 25.88 111.56 8.52
C LYS KD 160 25.80 110.11 8.12
N ILE KD 161 25.33 109.25 8.99
CA ILE KD 161 25.57 107.86 8.78
C ILE KD 161 24.25 107.09 8.63
N ALA LD 58 8.22 35.28 68.31
CA ALA LD 58 8.36 35.83 66.97
C ALA LD 58 7.66 37.18 66.88
N LEU LD 59 6.42 37.21 67.40
CA LEU LD 59 5.73 38.49 67.58
C LEU LD 59 6.40 39.33 68.65
N LYS LD 60 6.99 38.66 69.63
CA LYS LD 60 7.82 39.31 70.63
C LYS LD 60 9.11 39.89 70.02
N GLU LD 61 9.65 39.22 69.00
CA GLU LD 61 10.86 39.64 68.30
C GLU LD 61 10.56 40.84 67.42
N THR LD 62 9.42 40.82 66.71
CA THR LD 62 9.12 42.01 65.92
C THR LD 62 8.58 43.15 66.77
N ALA LD 63 8.12 42.88 68.00
CA ALA LD 63 7.86 43.95 68.96
C ALA LD 63 9.15 44.66 69.37
N LEU LD 64 10.21 43.87 69.60
CA LEU LD 64 11.53 44.42 69.88
C LEU LD 64 12.08 45.23 68.71
N SER LD 65 11.86 44.75 67.50
CA SER LD 65 12.30 45.47 66.31
C SER LD 65 11.49 46.72 66.02
N VAL LD 66 10.22 46.77 66.43
CA VAL LD 66 9.48 48.03 66.42
C VAL LD 66 10.07 49.02 67.40
N GLY LD 67 10.37 48.56 68.62
CA GLY LD 67 10.88 49.46 69.66
C GLY LD 67 12.28 50.00 69.43
N ALA LD 68 13.10 49.27 68.65
CA ALA LD 68 14.50 49.62 68.44
C ALA LD 68 14.68 50.92 67.65
N GLN LD 69 14.02 51.05 66.51
CA GLN LD 69 14.26 52.20 65.66
C GLN LD 69 13.59 53.44 66.19
N ALA LD 70 12.49 53.27 66.93
CA ALA LD 70 11.85 54.38 67.59
C ALA LD 70 12.70 54.91 68.74
N GLY LD 71 13.34 54.01 69.49
CA GLY LD 71 14.26 54.45 70.53
C GLY LD 71 15.52 55.10 69.99
N LEU LD 72 16.02 54.61 68.86
CA LEU LD 72 17.14 55.23 68.17
C LEU LD 72 16.84 56.63 67.68
N ALA LD 73 15.66 56.82 67.07
CA ALA LD 73 15.31 58.13 66.56
C ALA LD 73 14.98 59.12 67.67
N TRP LD 74 14.41 58.63 68.77
CA TRP LD 74 14.13 59.50 69.90
C TRP LD 74 15.41 59.94 70.59
N ARG LD 75 16.36 59.02 70.78
CA ARG LD 75 17.64 59.35 71.39
C ARG LD 75 18.47 60.24 70.49
N ALA LD 76 18.33 60.07 69.17
CA ALA LD 76 18.95 60.95 68.19
C ALA LD 76 18.43 62.36 68.29
N LYS LD 77 17.10 62.52 68.47
CA LYS LD 77 16.47 63.82 68.68
C LYS LD 77 16.97 64.53 69.92
N ILE LD 78 16.97 63.80 71.07
CA ILE LD 78 17.36 64.36 72.37
C ILE LD 78 18.81 64.81 72.36
N ILE LD 79 19.69 64.02 71.75
CA ILE LD 79 21.06 64.49 71.70
C ILE LD 79 21.30 65.49 70.58
N ASP LD 80 20.38 65.65 69.60
CA ASP LD 80 20.57 66.74 68.65
C ASP LD 80 20.30 68.10 69.27
N GLU LD 81 19.21 68.28 70.06
CA GLU LD 81 19.14 69.64 70.61
C GLU LD 81 19.94 69.72 71.91
N GLN LD 82 20.43 68.59 72.42
CA GLN LD 82 21.37 68.67 73.50
C GLN LD 82 22.75 69.12 72.96
N LEU LD 83 23.08 68.74 71.73
CA LEU LD 83 24.21 69.34 71.02
C LEU LD 83 23.99 70.82 70.72
N ASN LD 84 22.79 71.17 70.27
CA ASN LD 84 22.51 72.55 69.90
C ASN LD 84 22.38 73.48 71.08
N LYS LD 85 22.15 72.95 72.27
CA LYS LD 85 22.23 73.77 73.46
C LYS LD 85 23.66 74.15 73.78
N GLN LD 86 24.62 73.32 73.41
CA GLN LD 86 26.03 73.58 73.66
C GLN LD 86 26.75 73.96 72.38
N ALA LD 87 26.09 74.72 71.51
CA ALA LD 87 26.60 74.98 70.18
C ALA LD 87 27.81 75.91 70.19
N ARG LD 88 27.78 77.00 70.96
CA ARG LD 88 28.94 77.88 71.03
C ARG LD 88 30.09 77.26 71.81
N ASN LD 89 29.77 76.41 72.78
CA ASN LD 89 30.78 75.68 73.54
C ASN LD 89 31.52 74.69 72.65
N LEU LD 90 30.82 74.05 71.73
CA LEU LD 90 31.47 73.11 70.82
C LEU LD 90 32.26 73.81 69.73
N ASP LD 91 31.87 75.02 69.34
CA ASP LD 91 32.74 75.85 68.52
C ASP LD 91 33.99 76.30 69.27
N ALA LD 92 33.91 76.44 70.58
CA ALA LD 92 35.12 76.70 71.33
C ALA LD 92 36.01 75.47 71.42
N ILE LD 93 35.43 74.29 71.69
CA ILE LD 93 36.18 73.03 71.80
C ILE LD 93 36.82 72.65 70.47
N TYR LD 94 36.00 72.41 69.46
CA TYR LD 94 36.44 71.92 68.17
C TYR LD 94 36.63 73.08 67.20
N ASP LD 95 37.51 73.99 67.58
CA ASP LD 95 37.80 75.17 66.80
C ASP LD 95 38.82 74.79 65.76
N PHE LD 96 38.33 74.29 64.61
CA PHE LD 96 39.22 73.96 63.51
C PHE LD 96 39.68 75.20 62.78
N ASN LD 97 38.93 76.30 62.93
CA ASN LD 97 39.07 77.52 62.15
C ASN LD 97 40.40 78.18 62.41
N SER LD 98 40.82 78.25 63.65
CA SER LD 98 42.13 78.80 63.96
C SER LD 98 43.15 77.71 64.20
N LEU LD 99 42.96 76.55 63.60
CA LEU LD 99 44.02 75.56 63.49
C LEU LD 99 44.57 75.43 62.09
N VAL LD 100 43.98 76.11 61.12
CA VAL LD 100 44.44 75.95 59.75
C VAL LD 100 45.73 76.71 59.54
N LEU LD 101 46.40 76.39 58.46
CA LEU LD 101 47.75 76.86 58.24
C LEU LD 101 47.70 78.19 57.51
N GLU LD 102 48.87 78.64 57.04
CA GLU LD 102 49.00 79.98 56.48
C GLU LD 102 48.34 80.15 55.13
N HIS LD 103 48.21 79.10 54.32
CA HIS LD 103 47.57 79.31 53.03
C HIS LD 103 46.24 78.60 53.01
N ASN LD 104 45.48 78.74 54.12
CA ASN LD 104 44.20 78.04 54.44
C ASN LD 104 44.26 76.53 54.17
N ILE LD 105 45.35 75.94 54.59
CA ILE LD 105 45.58 74.52 54.43
C ILE LD 105 45.12 73.84 55.70
N LEU LD 106 44.24 72.87 55.54
CA LEU LD 106 43.84 72.04 56.64
C LEU LD 106 45.01 71.15 57.03
N PRO LD 107 45.40 71.17 58.31
CA PRO LD 107 46.54 70.39 58.75
C PRO LD 107 46.22 68.90 58.77
N PRO LD 108 47.24 68.04 58.66
CA PRO LD 108 46.97 66.60 58.61
C PRO LD 108 46.78 66.02 59.99
N VAL LD 109 46.26 64.81 60.03
CA VAL LD 109 45.92 64.17 61.30
C VAL LD 109 47.04 63.20 61.64
N LEU LD 110 47.80 63.51 62.66
CA LEU LD 110 48.88 62.63 63.08
C LEU LD 110 48.39 61.74 64.20
N LEU LD 111 48.81 60.50 64.19
CA LEU LD 111 48.41 59.58 65.24
C LEU LD 111 49.63 59.13 66.00
N GLU LD 112 49.54 59.22 67.32
CA GLU LD 112 50.60 58.85 68.23
C GLU LD 112 50.24 57.51 68.84
N GLY LD 113 51.18 56.58 68.79
CA GLY LD 113 50.99 55.38 69.55
C GLY LD 113 52.26 55.10 70.29
N ARG LD 114 52.23 55.22 71.60
CA ARG LD 114 53.44 54.92 72.34
C ARG LD 114 53.48 53.46 72.70
N ASN LD 115 54.71 52.96 72.79
CA ASN LD 115 55.12 51.82 73.62
C ASN LD 115 54.53 50.52 73.05
N THR LD 116 54.89 50.25 71.80
CA THR LD 116 54.16 49.36 70.92
C THR LD 116 54.84 48.00 70.88
N LEU LD 117 54.06 46.94 71.00
CA LEU LD 117 54.57 45.60 70.73
C LEU LD 117 53.77 44.99 69.60
N ASN LD 118 54.44 44.21 68.75
CA ASN LD 118 53.80 43.22 67.92
C ASN LD 118 54.46 41.87 68.13
N LEU LD 119 53.68 40.90 68.54
CA LEU LD 119 54.07 39.51 68.57
C LEU LD 119 53.87 38.97 67.17
N ALA LD 120 54.96 38.82 66.40
CA ALA LD 120 54.77 38.41 65.02
C ALA LD 120 54.53 36.92 64.92
N ASP LD 121 55.36 36.14 65.60
CA ASP LD 121 55.19 34.72 65.68
C ASP LD 121 55.77 34.29 67.02
N ALA LD 122 56.04 33.00 67.16
CA ALA LD 122 56.67 32.49 68.37
C ALA LD 122 58.12 32.93 68.47
N GLN LD 123 58.76 33.19 67.35
CA GLN LD 123 60.19 33.39 67.32
C GLN LD 123 60.57 34.85 67.51
N SER LD 124 59.65 35.78 67.27
CA SER LD 124 60.06 37.18 67.12
C SER LD 124 58.95 38.16 67.50
N ILE LD 125 59.35 39.19 68.22
CA ILE LD 125 58.50 40.35 68.45
C ILE LD 125 59.22 41.56 67.90
N ARG LD 126 58.45 42.62 67.68
CA ARG LD 126 59.02 43.92 67.44
C ARG LD 126 58.40 44.90 68.40
N ILE LD 127 59.21 45.55 69.21
CA ILE LD 127 58.73 46.68 69.95
C ILE LD 127 59.24 47.94 69.28
N SER LD 128 58.46 48.99 69.41
CA SER LD 128 58.94 50.32 69.08
C SER LD 128 58.44 51.22 70.18
N ASP LD 129 59.14 52.33 70.38
CA ASP LD 129 58.72 53.15 71.52
C ASP LD 129 57.60 54.10 71.16
N ARG LD 130 57.72 54.81 70.05
CA ARG LD 130 56.62 55.64 69.57
C ARG LD 130 56.42 55.43 68.10
N THR LD 131 55.18 55.63 67.67
CA THR LD 131 54.79 55.52 66.29
C THR LD 131 53.98 56.75 65.94
N TYR LD 132 54.42 57.48 64.93
CA TYR LD 132 53.65 58.58 64.41
C TYR LD 132 53.19 58.26 63.00
N LYS LD 133 51.91 58.40 62.76
CA LYS LD 133 51.33 58.11 61.47
C LYS LD 133 50.69 59.36 60.91
N VAL LD 134 50.95 59.65 59.65
CA VAL LD 134 50.22 60.70 58.96
C VAL LD 134 48.98 60.06 58.37
N ALA LD 135 47.82 60.48 58.84
CA ALA LD 135 46.56 60.03 58.30
C ALA LD 135 45.79 61.24 57.78
N LYS LD 136 45.26 61.06 56.57
CA LYS LD 136 44.49 62.00 55.74
C LYS LD 136 45.17 63.38 55.68
N GLN LD 137 46.24 63.36 54.89
CA GLN LD 137 47.29 64.35 54.68
C GLN LD 137 46.73 65.77 54.40
N ALA LD 138 47.56 66.77 54.70
CA ALA LD 138 47.21 68.20 54.63
C ALA LD 138 46.80 68.65 53.25
N HIS LD 139 45.79 69.49 53.22
CA HIS LD 139 45.22 69.83 51.92
C HIS LD 139 44.49 71.15 52.02
N PHE LD 140 44.27 71.76 50.85
CA PHE LD 140 43.69 73.10 50.74
C PHE LD 140 42.24 73.08 51.14
N ILE LD 141 41.90 73.64 52.28
CA ILE LD 141 40.50 73.68 52.66
C ILE LD 141 39.99 75.07 52.32
N THR LD 142 38.75 75.17 51.89
CA THR LD 142 38.17 76.48 51.64
C THR LD 142 37.57 77.06 52.90
N THR LD 143 36.58 76.39 53.44
CA THR LD 143 36.03 76.76 54.73
C THR LD 143 36.26 75.63 55.72
N PRO LD 144 36.68 75.95 56.96
CA PRO LD 144 37.16 74.92 57.88
C PRO LD 144 36.03 74.05 58.41
N PRO LD 145 36.33 72.83 58.84
CA PRO LD 145 35.27 71.94 59.30
C PRO LD 145 34.69 72.40 60.62
N THR LD 146 33.40 72.21 60.77
CA THR LD 146 32.77 72.46 62.04
C THR LD 146 32.70 71.18 62.82
N TRP LD 147 32.06 71.22 63.97
CA TRP LD 147 31.77 69.98 64.65
C TRP LD 147 30.53 69.31 64.09
N ARG LD 148 29.74 70.03 63.31
CA ARG LD 148 28.45 69.51 62.92
C ARG LD 148 28.54 68.48 61.81
N GLN LD 149 29.64 68.41 61.06
CA GLN LD 149 29.78 67.29 60.15
C GLN LD 149 30.16 66.03 60.86
N TYR LD 150 30.72 66.16 62.05
CA TYR LD 150 31.32 65.02 62.72
C TYR LD 150 30.39 64.49 63.79
N LEU LD 151 29.56 65.34 64.39
CA LEU LD 151 28.80 64.99 65.59
C LEU LD 151 27.30 64.86 65.41
N TRP LD 152 26.72 65.46 64.38
CA TRP LD 152 25.28 65.54 64.25
C TRP LD 152 24.71 64.20 63.82
N MET LD 153 23.92 63.57 64.70
CA MET LD 153 23.25 62.36 64.24
C MET LD 153 21.97 62.69 63.51
N ASP LD 154 21.55 61.74 62.69
CA ASP LD 154 20.55 61.99 61.68
C ASP LD 154 19.16 61.81 62.25
N TYR LD 155 18.33 62.82 62.07
CA TYR LD 155 16.94 62.75 62.51
C TYR LD 155 16.01 62.53 61.34
N VAL LD 156 15.44 61.33 61.29
CA VAL LD 156 14.23 61.09 60.57
C VAL LD 156 13.16 60.77 61.60
N LYS LD 157 11.92 61.04 61.24
CA LYS LD 157 10.81 60.82 62.18
C LYS LD 157 10.12 59.55 61.69
N PRO LD 158 10.27 58.43 62.40
CA PRO LD 158 9.75 57.16 61.88
C PRO LD 158 8.24 57.06 62.08
N GLU LD 159 7.51 56.91 60.97
CA GLU LD 159 6.07 56.88 60.98
C GLU LD 159 5.52 55.48 60.80
N ALA LD 160 6.31 54.45 61.11
CA ALA LD 160 5.90 53.08 60.87
C ALA LD 160 5.64 52.37 62.19
N PRO LD 161 4.39 52.14 62.59
CA PRO LD 161 4.14 51.32 63.78
C PRO LD 161 4.29 49.84 63.48
N LYS LD 173 0.73 42.00 73.31
CA LYS LD 173 0.19 43.09 74.12
C LYS LD 173 1.11 43.39 75.29
N GLU LD 174 1.09 42.50 76.29
CA GLU LD 174 1.92 42.65 77.47
C GLU LD 174 3.39 42.32 77.16
N ILE LD 175 3.60 41.29 76.34
CA ILE LD 175 4.92 40.88 75.91
C ILE LD 175 5.44 41.90 74.90
N TRP LD 176 4.52 42.46 74.10
CA TRP LD 176 4.80 43.59 73.21
C TRP LD 176 5.27 44.81 74.00
N CYS LD 177 4.66 45.08 75.15
CA CYS LD 177 5.01 46.25 75.94
C CYS LD 177 6.37 46.08 76.63
N ILE LD 178 6.63 44.89 77.18
CA ILE LD 178 7.93 44.71 77.84
C ILE LD 178 9.08 44.60 76.82
N TYR LD 179 8.83 44.04 75.64
CA TYR LD 179 9.94 44.03 74.71
C TYR LD 179 10.00 45.29 73.87
N THR LD 180 8.97 46.15 73.87
CA THR LD 180 9.22 47.44 73.25
C THR LD 180 9.93 48.36 74.22
N GLU LD 181 9.86 48.10 75.53
CA GLU LD 181 10.78 48.81 76.41
C GLU LD 181 12.21 48.30 76.30
N ARG LD 182 12.41 46.99 76.12
CA ARG LD 182 13.78 46.53 75.95
C ARG LD 182 14.31 46.83 74.55
N GLY LD 183 13.43 46.92 73.55
CA GLY LD 183 13.80 47.51 72.28
C GLY LD 183 14.10 48.99 72.37
N TRP LD 184 13.39 49.71 73.25
CA TRP LD 184 13.59 51.14 73.40
C TRP LD 184 14.93 51.47 74.04
N LYS LD 185 15.34 50.70 75.06
CA LYS LD 185 16.69 50.93 75.58
C LYS LD 185 17.77 50.37 74.66
N ASN LD 186 17.44 49.37 73.83
CA ASN LD 186 18.42 48.92 72.84
C ASN LD 186 18.64 49.97 71.76
N GLY LD 187 17.59 50.66 71.35
CA GLY LD 187 17.74 51.78 70.45
C GLY LD 187 18.44 52.96 71.06
N ILE LD 188 18.21 53.19 72.37
CA ILE LD 188 18.86 54.29 73.08
C ILE LD 188 20.35 54.07 73.21
N ASP LD 189 20.79 52.88 73.64
CA ASP LD 189 22.24 52.74 73.81
C ASP LD 189 22.94 52.43 72.50
N GLN LD 190 22.20 52.00 71.48
CA GLN LD 190 22.83 51.89 70.17
C GLN LD 190 23.04 53.26 69.53
N ALA LD 191 22.12 54.21 69.77
CA ALA LD 191 22.36 55.60 69.38
C ALA LD 191 23.48 56.25 70.18
N ASN LD 192 23.61 55.87 71.44
CA ASN LD 192 24.75 56.27 72.27
C ASN LD 192 26.08 55.76 71.74
N THR LD 193 26.13 54.55 71.19
CA THR LD 193 27.39 54.09 70.62
C THR LD 193 27.72 54.79 69.31
N ILE LD 194 26.69 55.17 68.54
CA ILE LD 194 26.91 55.97 67.33
C ILE LD 194 27.47 57.35 67.68
N LEU LD 195 26.92 57.97 68.72
CA LEU LD 195 27.42 59.25 69.22
C LEU LD 195 28.82 59.15 69.81
N GLU LD 196 29.10 58.03 70.48
CA GLU LD 196 30.42 57.76 71.05
C GLU LD 196 31.49 57.64 69.97
N GLU LD 197 31.16 57.00 68.87
CA GLU LD 197 32.09 56.97 67.74
C GLU LD 197 32.19 58.30 67.01
N ASN LD 198 31.13 59.12 67.06
CA ASN LD 198 31.20 60.45 66.43
C ASN LD 198 32.13 61.39 67.19
N ILE LD 199 31.99 61.41 68.53
CA ILE LD 199 32.95 62.06 69.42
C ILE LD 199 34.36 61.50 69.30
N ALA LD 200 34.47 60.20 69.08
CA ALA LD 200 35.75 59.56 68.87
C ALA LD 200 36.43 60.01 67.59
N ARG LD 201 35.64 60.19 66.53
CA ARG LD 201 36.17 60.61 65.25
C ARG LD 201 36.60 62.06 65.26
N ILE LD 202 35.83 62.92 65.93
CA ILE LD 202 36.24 64.32 66.03
C ILE LD 202 37.43 64.48 66.98
N LYS LD 203 37.57 63.60 67.96
CA LYS LD 203 38.72 63.69 68.85
C LYS LD 203 39.99 63.18 68.19
N GLU LD 204 39.87 62.12 67.36
CA GLU LD 204 40.93 61.71 66.45
C GLU LD 204 41.39 62.83 65.51
N ASP LD 205 40.44 63.45 64.80
CA ASP LD 205 40.80 64.39 63.74
C ASP LD 205 41.36 65.69 64.30
N PHE LD 206 40.75 66.19 65.37
CA PHE LD 206 41.18 67.43 65.94
C PHE LD 206 42.48 67.26 66.70
N GLY LD 207 42.60 66.22 67.52
CA GLY LD 207 43.84 65.97 68.24
C GLY LD 207 44.99 65.52 67.36
N GLY LD 208 44.69 65.01 66.18
CA GLY LD 208 45.72 64.83 65.18
C GLY LD 208 46.28 66.13 64.64
N MET LD 209 45.41 67.12 64.46
CA MET LD 209 45.91 68.44 64.03
C MET LD 209 46.70 69.12 65.16
N ILE LD 210 46.31 68.84 66.40
CA ILE LD 210 47.03 69.35 67.56
C ILE LD 210 48.38 68.67 67.68
N LEU LD 211 48.42 67.39 67.34
CA LEU LD 211 49.64 66.62 67.35
C LEU LD 211 50.57 67.04 66.24
N TYR LD 212 50.02 67.61 65.13
CA TYR LD 212 50.87 68.23 64.12
C TYR LD 212 51.54 69.42 64.77
N ARG LD 213 50.76 70.30 65.40
CA ARG LD 213 51.31 71.58 65.87
C ARG LD 213 52.32 71.42 66.98
N LYS LD 214 52.17 70.34 67.77
CA LYS LD 214 53.27 69.78 68.54
C LYS LD 214 54.47 69.41 67.69
N LEU LD 215 54.28 68.58 66.65
CA LEU LD 215 55.48 68.13 65.94
C LEU LD 215 56.03 69.14 64.95
N LEU LD 216 55.27 70.18 64.63
CA LEU LD 216 55.77 71.25 63.79
C LEU LD 216 56.60 72.20 64.62
N ALA LD 217 56.18 72.44 65.86
CA ALA LD 217 57.08 73.00 66.85
C ALA LD 217 58.28 72.09 67.08
N MET LD 218 58.04 70.81 67.22
CA MET LD 218 59.03 69.88 67.70
C MET LD 218 59.85 69.27 66.57
N ASN LD 219 59.69 69.80 65.36
CA ASN LD 219 60.54 69.57 64.19
C ASN LD 219 60.54 68.14 63.71
N MET LD 220 59.48 67.40 64.00
CA MET LD 220 59.39 66.04 63.50
C MET LD 220 58.66 65.95 62.18
N VAL LD 221 58.02 67.03 61.74
CA VAL LD 221 57.38 67.11 60.44
C VAL LD 221 57.85 68.35 59.69
N SER LD 222 57.65 68.32 58.41
CA SER LD 222 57.84 69.50 57.60
C SER LD 222 56.55 70.34 57.60
N PRO LD 223 56.65 71.66 57.47
CA PRO LD 223 55.47 72.43 57.10
C PRO LD 223 55.20 72.27 55.62
N PRO LD 224 54.01 72.58 55.11
CA PRO LD 224 53.81 72.46 53.67
C PRO LD 224 54.46 73.61 52.95
N TYR LD 225 55.03 73.30 51.80
CA TYR LD 225 55.70 74.34 51.04
C TYR LD 225 54.78 74.64 49.88
N VAL LD 226 54.17 75.79 49.95
CA VAL LD 226 53.35 76.29 48.86
C VAL LD 226 54.22 76.94 47.79
N SER LD 227 53.63 77.11 46.64
CA SER LD 227 54.23 77.85 45.53
C SER LD 227 53.11 78.67 44.92
N HIS LD 228 53.30 79.98 44.87
CA HIS LD 228 52.36 80.84 44.18
C HIS LD 228 52.97 81.32 42.86
N THR LD 229 52.57 80.67 41.77
CA THR LD 229 52.92 81.17 40.45
C THR LD 229 51.94 82.28 40.13
N ASP LD 230 52.40 83.52 40.25
CA ASP LD 230 51.61 84.66 39.90
C ASP LD 230 51.55 84.73 38.39
N LEU LD 231 50.39 85.08 37.87
CA LEU LD 231 50.17 85.32 36.47
C LEU LD 231 49.49 86.67 36.34
N GLY LD 232 49.78 87.36 35.25
CA GLY LD 232 49.12 88.62 35.03
C GLY LD 232 47.73 88.46 34.44
N VAL LD 233 47.41 89.30 33.49
CA VAL LD 233 46.11 89.21 32.85
C VAL LD 233 46.10 88.04 31.89
N THR LD 234 45.03 87.26 31.95
CA THR LD 234 45.08 85.89 31.48
C THR LD 234 43.84 85.60 30.67
N GLY LD 235 44.05 85.13 29.47
CA GLY LD 235 42.99 84.58 28.67
C GLY LD 235 42.98 85.18 27.28
N ASP LD 236 41.93 84.83 26.57
CA ASP LD 236 41.68 85.42 25.26
C ASP LD 236 40.90 86.73 25.43
N GLY LD 237 40.34 87.22 24.34
CA GLY LD 237 39.53 88.41 24.45
C GLY LD 237 38.09 88.19 24.84
N SER LD 238 37.67 86.94 24.95
CA SER LD 238 36.31 86.72 25.42
C SER LD 238 36.23 86.57 26.92
N GLU LD 239 37.38 86.48 27.58
CA GLU LD 239 37.43 86.12 29.00
C GLU LD 239 38.77 86.58 29.54
N ILE LD 240 38.77 87.49 30.49
CA ILE LD 240 40.02 87.83 31.15
C ILE LD 240 39.87 87.58 32.64
N HIS LD 241 40.98 87.19 33.24
CA HIS LD 241 41.15 87.15 34.67
C HIS LD 241 42.37 88.00 34.97
N ILE LD 242 42.22 88.93 35.89
CA ILE LD 242 43.15 90.04 35.93
C ILE LD 242 44.38 89.70 36.75
N ASP LD 243 44.22 89.36 38.01
CA ASP LD 243 45.34 88.95 38.84
C ASP LD 243 45.20 87.46 39.09
N ASP LD 244 45.96 86.66 38.35
CA ASP LD 244 45.71 85.24 38.21
C ASP LD 244 46.79 84.46 38.95
N ARG LD 245 46.55 84.20 40.22
CA ARG LD 245 47.54 83.51 41.03
C ARG LD 245 47.18 82.04 41.17
N VAL LD 246 48.07 81.16 40.73
CA VAL LD 246 47.89 79.73 40.90
C VAL LD 246 48.71 79.29 42.10
N LEU LD 247 48.05 78.70 43.08
CA LEU LD 247 48.71 78.29 44.31
C LEU LD 247 48.71 76.78 44.37
N ARG LD 248 49.89 76.20 44.53
CA ARG LD 248 50.04 74.77 44.66
C ARG LD 248 50.73 74.44 45.97
N ILE LD 249 50.49 73.24 46.43
CA ILE LD 249 51.31 72.64 47.47
C ILE LD 249 52.32 71.76 46.77
N THR LD 250 53.59 72.07 46.95
CA THR LD 250 54.64 71.25 46.38
C THR LD 250 55.08 70.17 47.35
N ALA LD 251 55.44 70.56 48.55
CA ALA LD 251 55.94 69.65 49.56
C ALA LD 251 54.83 69.42 50.57
N LEU LD 252 54.50 68.19 50.81
CA LEU LD 252 53.46 67.94 51.77
C LEU LD 252 54.08 67.92 53.16
N PRO LD 253 53.29 68.14 54.21
CA PRO LD 253 53.81 67.92 55.56
C PRO LD 253 54.05 66.45 55.81
N GLU LD 254 55.20 66.17 56.41
CA GLU LD 254 55.81 64.89 56.16
C GLU LD 254 56.86 64.70 57.24
N LEU LD 255 56.86 63.54 57.90
CA LEU LD 255 57.72 63.29 59.06
C LEU LD 255 59.17 63.11 58.63
N ASN LD 256 60.10 63.86 59.23
CA ASN LD 256 61.48 63.64 58.84
C ASN LD 256 62.08 62.50 59.66
N VAL LD 257 62.88 61.68 58.99
CA VAL LD 257 63.58 60.61 59.64
C VAL LD 257 65.01 60.97 59.95
N ASN LD 258 65.49 62.10 59.42
CA ASN LD 258 66.84 62.53 59.72
C ASN LD 258 66.56 63.19 61.06
N SER LD 259 66.97 62.52 62.13
CA SER LD 259 66.33 62.76 63.41
C SER LD 259 67.16 63.66 64.33
N ALA LD 260 68.32 64.10 63.88
CA ALA LD 260 69.19 64.90 64.73
C ALA LD 260 68.69 66.32 64.94
N GLU LD 261 67.82 66.84 64.07
CA GLU LD 261 67.28 68.18 64.21
C GLU LD 261 65.96 68.18 64.94
N TRP LD 262 65.66 67.13 65.67
CA TRP LD 262 64.40 67.08 66.40
C TRP LD 262 64.48 67.97 67.63
N ARG LD 263 63.34 68.15 68.27
CA ARG LD 263 63.27 68.98 69.45
C ARG LD 263 62.73 68.08 70.56
N ALA LD 264 62.47 68.67 71.71
CA ALA LD 264 62.11 67.98 72.94
C ALA LD 264 61.34 68.97 73.80
N ALA LD 265 60.28 68.51 74.42
CA ALA LD 265 59.32 69.43 75.01
C ALA LD 265 59.63 69.91 76.42
N VAL LD 266 60.82 70.45 76.70
CA VAL LD 266 61.13 70.78 78.09
C VAL LD 266 60.63 72.17 78.44
N ALA LD 267 59.86 72.25 79.51
CA ALA LD 267 59.24 73.49 79.96
C ALA LD 267 59.62 73.71 81.41
N LYS LD 268 58.96 74.67 82.05
CA LYS LD 268 59.19 74.92 83.47
C LYS LD 268 57.90 75.00 84.26
N PHE MD 25 13.58 90.18 92.88
CA PHE MD 25 14.16 88.84 92.69
C PHE MD 25 14.76 88.67 91.29
N LYS MD 26 15.89 87.98 91.24
CA LYS MD 26 16.64 87.75 90.02
C LYS MD 26 16.60 86.26 89.69
N LYS MD 27 17.09 85.92 88.50
CA LYS MD 27 17.07 84.58 87.95
C LYS MD 27 18.49 84.06 87.74
N PRO MD 28 18.69 82.74 87.63
CA PRO MD 28 19.96 82.25 87.11
C PRO MD 28 20.03 82.46 85.62
N PRO MD 29 21.21 82.37 85.00
CA PRO MD 29 21.27 82.49 83.54
C PRO MD 29 20.66 81.30 82.81
N ILE MD 30 20.29 81.53 81.55
CA ILE MD 30 19.41 80.58 80.84
C ILE MD 30 20.20 79.42 80.28
N ASN MD 31 21.30 79.72 79.59
CA ASN MD 31 22.17 78.66 79.10
C ASN MD 31 23.26 78.30 80.10
N ASN MD 32 23.02 78.52 81.38
CA ASN MD 32 24.03 78.45 82.41
C ASN MD 32 24.44 77.00 82.63
N PRO MD 33 25.71 76.72 82.81
CA PRO MD 33 26.12 75.38 83.20
C PRO MD 33 25.74 75.12 84.65
N SER MD 34 24.50 74.65 84.83
CA SER MD 34 23.93 74.35 86.12
C SER MD 34 23.81 72.86 86.28
N ASP MD 35 24.75 72.14 85.70
CA ASP MD 35 24.63 70.72 85.44
C ASP MD 35 26.03 70.14 85.44
N ASP MD 36 26.19 68.96 86.03
CA ASP MD 36 27.51 68.46 86.39
C ASP MD 36 28.35 67.99 85.22
N ALA MD 37 27.72 67.71 84.08
CA ALA MD 37 28.48 67.45 82.87
C ALA MD 37 28.79 68.71 82.09
N THR MD 38 27.80 69.61 82.03
CA THR MD 38 27.94 70.80 81.24
C THR MD 38 28.89 71.81 81.87
N ILE MD 39 29.11 71.73 83.19
CA ILE MD 39 30.18 72.51 83.80
C ILE MD 39 31.54 72.00 83.34
N LYS MD 40 31.67 70.70 83.11
CA LYS MD 40 32.96 70.14 82.76
C LYS MD 40 33.27 70.43 81.30
N LEU MD 41 32.22 70.37 80.48
CA LEU MD 41 32.33 70.76 79.08
C LEU MD 41 32.62 72.24 78.94
N ALA MD 42 32.04 73.08 79.80
CA ALA MD 42 32.29 74.51 79.63
C ALA MD 42 33.57 75.00 80.31
N GLU MD 43 34.07 74.33 81.36
CA GLU MD 43 35.40 74.63 81.85
C GLU MD 43 36.47 74.13 80.91
N ALA MD 44 36.17 73.05 80.19
CA ALA MD 44 37.02 72.66 79.10
C ALA MD 44 36.98 73.66 77.97
N ALA MD 45 35.83 74.31 77.74
CA ALA MD 45 35.71 75.34 76.71
C ALA MD 45 36.51 76.59 77.05
N VAL MD 46 36.48 76.98 78.33
CA VAL MD 46 37.30 78.09 78.82
C VAL MD 46 38.78 77.77 78.70
N SER MD 47 39.17 76.56 79.08
CA SER MD 47 40.56 76.15 78.97
C SER MD 47 41.04 75.94 77.53
N VAL MD 48 40.16 75.54 76.63
CA VAL MD 48 40.63 75.38 75.26
C VAL MD 48 40.64 76.73 74.54
N SER MD 49 39.77 77.67 74.92
CA SER MD 49 39.74 78.93 74.21
C SER MD 49 40.85 79.83 74.68
N ASP MD 50 41.21 79.77 75.96
CA ASP MD 50 42.38 80.56 76.31
C ASP MD 50 43.65 79.84 75.86
N SER MD 51 43.65 78.51 75.73
CA SER MD 51 44.87 77.85 75.24
C SER MD 51 45.11 78.08 73.74
N MET MD 52 44.05 78.13 72.91
CA MET MD 52 44.04 78.88 71.63
C MET MD 52 44.54 80.30 71.72
N LEU MD 53 44.26 81.03 72.80
CA LEU MD 53 44.78 82.40 72.81
C LEU MD 53 46.28 82.46 73.05
N GLU MD 54 46.88 81.64 73.95
CA GLU MD 54 48.34 81.81 74.11
C GLU MD 54 49.09 81.10 73.00
N MET MD 55 48.39 80.19 72.33
CA MET MD 55 48.75 79.82 70.98
C MET MD 55 48.93 81.00 70.04
N ALA MD 56 47.85 81.75 69.83
CA ALA MD 56 47.83 82.84 68.89
C ALA MD 56 48.78 83.97 69.30
N LYS MD 57 49.02 84.10 70.60
CA LYS MD 57 50.06 84.94 71.14
C LYS MD 57 51.45 84.49 70.75
N VAL MD 58 51.74 83.19 70.75
CA VAL MD 58 53.12 82.84 70.42
C VAL MD 58 53.35 82.76 68.90
N GLU MD 59 52.36 82.36 68.07
CA GLU MD 59 52.67 82.42 66.64
C GLU MD 59 52.26 83.69 65.95
N LYS MD 60 51.69 84.65 66.65
CA LYS MD 60 51.33 85.90 65.98
C LYS MD 60 52.58 86.69 65.68
N VAL MD 61 53.05 86.60 64.44
CA VAL MD 61 54.04 87.53 63.95
C VAL MD 61 53.39 88.90 63.84
N ILE MD 62 54.11 89.93 64.26
CA ILE MD 62 53.63 91.29 64.13
C ILE MD 62 54.71 92.10 63.43
N THR MD 63 54.38 93.36 63.18
CA THR MD 63 55.37 94.38 62.95
C THR MD 63 55.21 95.45 64.02
N PRO MD 64 56.29 95.88 64.69
CA PRO MD 64 56.19 97.04 65.56
C PRO MD 64 55.98 98.30 64.73
N PRO MD 65 55.27 99.30 65.27
CA PRO MD 65 54.95 100.50 64.48
C PRO MD 65 56.12 101.44 64.27
N SER MD 66 57.21 101.24 65.01
CA SER MD 66 58.48 101.88 64.70
C SER MD 66 59.04 101.40 63.37
N LYS MD 67 58.76 100.16 62.98
CA LYS MD 67 59.42 99.52 61.86
C LYS MD 67 58.38 98.83 60.96
N ASP MD 68 57.35 99.59 60.56
CA ASP MD 68 56.26 98.97 59.82
C ASP MD 68 56.43 98.97 58.31
N ASN MD 69 57.30 99.86 57.78
CA ASN MD 69 57.77 100.06 56.40
C ASN MD 69 56.71 100.72 55.50
N THR MD 70 55.46 100.80 55.93
CA THR MD 70 54.42 101.35 55.08
C THR MD 70 54.43 102.87 55.13
N LEU MD 71 53.64 103.48 54.25
CA LEU MD 71 53.54 104.93 54.20
C LEU MD 71 52.74 105.44 55.39
N THR MD 72 52.94 106.71 55.70
CA THR MD 72 52.15 107.36 56.73
C THR MD 72 51.02 108.10 56.05
N ILE MD 73 50.38 109.04 56.71
CA ILE MD 73 49.48 109.97 56.03
C ILE MD 73 50.25 111.27 55.80
N PRO MD 74 50.47 111.68 54.55
CA PRO MD 74 51.38 112.79 54.27
C PRO MD 74 50.77 114.17 54.44
N ASN MD 75 49.57 114.27 55.03
CA ASN MD 75 48.84 115.38 55.65
C ASN MD 75 48.82 116.69 54.85
N ALA MD 76 49.01 116.63 53.54
CA ALA MD 76 48.85 117.80 52.69
C ALA MD 76 47.38 117.96 52.33
N TYR MD 77 46.95 119.23 52.22
CA TYR MD 77 45.54 119.59 52.09
C TYR MD 77 44.96 119.13 50.74
N ASN MD 78 45.80 119.06 49.71
CA ASN MD 78 45.37 118.43 48.47
C ASN MD 78 45.22 116.93 48.62
N LEU MD 79 46.02 116.31 49.48
CA LEU MD 79 45.89 114.89 49.71
C LEU MD 79 44.80 114.53 50.70
N GLN MD 80 44.22 115.51 51.39
CA GLN MD 80 43.08 115.22 52.25
C GLN MD 80 41.75 115.54 51.56
N ALA MD 81 41.70 115.51 50.24
CA ALA MD 81 40.44 115.70 49.54
C ALA MD 81 39.68 114.38 49.47
N ARG MD 82 38.60 114.40 48.70
CA ARG MD 82 37.47 113.56 49.04
C ARG MD 82 37.04 112.74 47.81
N ALA MD 83 37.56 111.51 47.67
CA ALA MD 83 37.61 110.79 46.39
C ALA MD 83 36.90 109.43 46.45
N SER MD 84 36.99 108.69 45.33
CA SER MD 84 36.20 107.47 45.09
C SER MD 84 36.76 106.73 43.89
N VAL MD 85 37.13 105.44 44.01
CA VAL MD 85 37.65 104.69 42.86
C VAL MD 85 37.21 103.22 42.89
N ASP MD 86 36.89 102.65 41.72
CA ASP MD 86 36.62 101.23 41.53
C ASP MD 86 37.60 100.72 40.48
N TRP MD 87 38.40 99.70 40.84
CA TRP MD 87 39.54 99.32 40.01
C TRP MD 87 40.19 98.01 40.40
N SER MD 88 40.62 97.26 39.38
CA SER MD 88 41.76 96.35 39.46
C SER MD 88 42.65 96.62 38.26
N GLY MD 89 43.97 96.50 38.44
CA GLY MD 89 44.91 96.64 37.34
C GLY MD 89 46.31 97.08 37.75
N PRO MD 90 47.06 97.71 36.84
CA PRO MD 90 48.47 98.03 37.12
C PRO MD 90 48.72 99.40 37.70
N ILE MD 91 49.60 99.41 38.70
CA ILE MD 91 49.65 100.38 39.79
C ILE MD 91 50.03 101.79 39.34
N GLU MD 92 50.80 101.92 38.26
CA GLU MD 92 51.38 103.19 37.84
C GLU MD 92 50.35 104.08 37.22
N GLU MD 93 49.28 103.49 36.73
CA GLU MD 93 48.23 104.22 36.11
C GLU MD 93 47.36 104.90 37.15
N LEU MD 94 47.02 104.19 38.25
CA LEU MD 94 46.23 104.82 39.29
C LEU MD 94 47.05 105.92 39.93
N THR MD 95 48.32 105.66 40.18
CA THR MD 95 49.04 106.69 40.92
C THR MD 95 49.47 107.87 40.05
N ALA MD 96 49.52 107.67 38.73
CA ALA MD 96 49.44 108.80 37.80
C ALA MD 96 48.13 109.54 37.95
N ARG MD 97 47.05 108.81 38.11
CA ARG MD 97 45.78 109.50 38.16
C ARG MD 97 45.45 110.14 39.47
N ILE MD 98 46.03 109.65 40.53
CA ILE MD 98 45.77 110.29 41.78
C ILE MD 98 46.80 111.37 42.04
N ALA MD 99 47.92 111.34 41.32
CA ALA MD 99 48.76 112.53 41.29
C ALA MD 99 48.08 113.66 40.56
N LYS MD 100 47.44 113.37 39.41
CA LYS MD 100 46.83 114.51 38.75
C LYS MD 100 45.42 114.79 39.26
N ALA MD 101 44.89 113.93 40.12
CA ALA MD 101 43.71 114.28 40.89
C ALA MD 101 44.07 115.08 42.13
N ALA MD 102 45.25 114.88 42.66
CA ALA MD 102 45.72 115.64 43.82
C ALA MD 102 46.52 116.86 43.43
N HIS MD 103 46.62 117.13 42.11
CA HIS MD 103 47.45 118.18 41.51
C HIS MD 103 48.91 118.04 41.92
N PHE MD 104 49.38 116.80 41.88
CA PHE MD 104 50.75 116.47 42.24
C PHE MD 104 51.45 115.97 40.99
N ARG MD 105 52.76 116.16 40.95
CA ARG MD 105 53.53 115.53 39.90
C ARG MD 105 53.69 114.05 40.21
N PHE MD 106 53.91 113.26 39.18
CA PHE MD 106 54.12 111.83 39.32
C PHE MD 106 55.47 111.45 38.74
N ARG MD 107 56.36 110.96 39.58
CA ARG MD 107 57.62 110.41 39.12
C ARG MD 107 57.62 108.91 39.31
N VAL MD 108 58.26 108.20 38.40
CA VAL MD 108 58.51 106.78 38.54
C VAL MD 108 60.01 106.56 38.59
N LEU MD 109 60.46 105.79 39.57
CA LEU MD 109 61.85 105.38 39.66
C LEU MD 109 61.87 103.86 39.69
N GLY MD 110 62.67 103.27 38.81
CA GLY MD 110 62.67 101.83 38.65
C GLY MD 110 62.07 101.43 37.32
N LYS MD 111 62.03 100.12 37.11
CA LYS MD 111 61.77 99.52 35.80
C LYS MD 111 60.58 98.58 35.92
N SER MD 112 59.62 98.68 34.99
CA SER MD 112 58.44 97.88 35.21
C SER MD 112 58.63 96.47 34.68
N PRO MD 113 58.34 95.45 35.49
CA PRO MD 113 58.49 94.07 35.04
C PRO MD 113 57.37 93.69 34.08
N SER MD 114 57.60 92.58 33.37
CA SER MD 114 56.68 92.10 32.34
C SER MD 114 55.36 91.65 32.93
N VAL MD 115 55.41 90.92 34.04
CA VAL MD 115 54.22 90.82 34.88
C VAL MD 115 54.05 92.14 35.63
N PRO MD 116 52.88 92.76 35.58
CA PRO MD 116 52.70 94.04 36.23
C PRO MD 116 52.33 93.87 37.69
N VAL MD 117 52.62 94.91 38.46
CA VAL MD 117 52.23 94.92 39.86
C VAL MD 117 50.75 95.25 39.92
N LEU MD 118 49.95 94.27 40.32
CA LEU MD 118 48.52 94.25 40.09
C LEU MD 118 47.86 94.43 41.44
N ILE MD 119 47.21 95.57 41.66
CA ILE MD 119 46.51 95.85 42.89
C ILE MD 119 45.08 96.21 42.53
N SER MD 120 44.24 96.39 43.55
CA SER MD 120 42.83 96.63 43.28
C SER MD 120 42.20 97.42 44.41
N ILE MD 121 41.61 98.56 44.09
CA ILE MD 121 40.91 99.37 45.07
C ILE MD 121 39.49 99.56 44.58
N SER MD 122 38.52 99.20 45.41
CA SER MD 122 37.14 99.58 45.10
C SER MD 122 36.54 100.14 46.39
N THR MD 123 36.72 101.43 46.58
CA THR MD 123 36.05 102.17 47.63
C THR MD 123 35.27 103.29 47.00
N LYS MD 124 34.03 103.44 47.40
CA LYS MD 124 33.28 104.53 46.85
C LYS MD 124 33.38 105.79 47.68
N ASP MD 125 34.00 105.78 48.88
CA ASP MD 125 34.16 107.06 49.56
C ASP MD 125 35.27 106.85 50.60
N GLU MD 126 36.55 107.24 50.37
CA GLU MD 126 37.56 107.32 51.46
C GLU MD 126 38.58 108.40 51.04
N SER MD 127 39.57 108.71 51.89
CA SER MD 127 40.47 109.85 51.64
C SER MD 127 41.64 109.44 50.74
N LEU MD 128 42.07 110.33 49.85
CA LEU MD 128 42.94 109.85 48.79
C LEU MD 128 44.41 109.71 49.22
N ALA MD 129 44.82 110.30 50.34
CA ALA MD 129 46.09 109.91 50.94
C ALA MD 129 46.04 108.49 51.49
N GLU MD 130 44.88 108.04 51.89
CA GLU MD 130 44.69 106.68 52.33
C GLU MD 130 44.44 105.72 51.18
N ILE MD 131 44.06 106.22 49.99
CA ILE MD 131 44.35 105.46 48.76
C ILE MD 131 45.82 105.15 48.70
N LEU MD 132 46.70 106.17 48.80
CA LEU MD 132 48.14 105.95 48.60
C LEU MD 132 48.77 105.06 49.68
N ARG MD 133 48.17 105.07 50.87
CA ARG MD 133 48.37 104.03 51.87
C ARG MD 133 47.96 102.63 51.39
N ASP MD 134 46.74 102.47 50.83
CA ASP MD 134 46.30 101.18 50.28
C ASP MD 134 47.15 100.72 49.07
N ILE MD 135 47.65 101.69 48.30
CA ILE MD 135 48.49 101.43 47.13
C ILE MD 135 49.81 100.83 47.57
N ASP MD 136 50.47 101.48 48.55
CA ASP MD 136 51.76 101.05 49.07
C ASP MD 136 51.63 99.68 49.71
N TYR MD 137 50.53 99.47 50.39
CA TYR MD 137 50.29 98.23 51.11
C TYR MD 137 50.06 97.06 50.17
N GLN MD 138 49.18 97.23 49.17
CA GLN MD 138 48.94 96.12 48.26
C GLN MD 138 50.04 95.95 47.23
N ALA MD 139 50.87 96.97 47.05
CA ALA MD 139 52.14 96.79 46.38
C ALA MD 139 53.03 95.88 47.20
N GLY MD 140 53.17 96.19 48.48
CA GLY MD 140 54.03 95.43 49.35
C GLY MD 140 55.49 95.66 49.07
N LYS MD 141 56.14 94.64 48.52
CA LYS MD 141 57.56 94.71 48.26
C LYS MD 141 57.89 94.67 46.78
N LYS MD 142 56.89 94.57 45.90
CA LYS MD 142 57.16 94.70 44.48
C LYS MD 142 57.44 96.15 44.10
N ALA MD 143 56.84 97.09 44.84
CA ALA MD 143 57.03 98.52 44.63
C ALA MD 143 56.63 99.21 45.93
N SER MD 144 56.90 100.51 46.00
CA SER MD 144 56.44 101.32 47.13
C SER MD 144 56.28 102.76 46.69
N ILE MD 145 55.57 103.53 47.53
CA ILE MD 145 55.18 104.90 47.24
C ILE MD 145 55.95 105.82 48.16
N HIS MD 146 56.49 106.91 47.62
CA HIS MD 146 56.95 108.03 48.43
C HIS MD 146 56.15 109.26 48.07
N VAL MD 147 55.87 110.10 49.06
CA VAL MD 147 55.23 111.38 48.84
C VAL MD 147 56.15 112.47 49.36
N TYR MD 148 56.48 113.43 48.50
CA TYR MD 148 57.14 114.64 48.95
C TYR MD 148 56.15 115.78 48.84
N PRO MD 149 55.61 116.28 49.97
CA PRO MD 149 54.50 117.23 49.90
C PRO MD 149 54.92 118.68 49.73
N ASN MD 150 56.15 119.02 50.12
CA ASN MD 150 56.66 120.35 49.81
C ASN MD 150 56.94 120.51 48.33
N SER MD 151 57.45 119.45 47.71
CA SER MD 151 57.71 119.45 46.28
C SER MD 151 56.46 119.12 45.48
N GLN MD 152 55.41 118.65 46.17
CA GLN MD 152 54.09 118.27 45.62
C GLN MD 152 54.23 117.20 44.54
N VAL MD 153 54.92 116.12 44.89
CA VAL MD 153 55.15 115.04 43.94
C VAL MD 153 54.97 113.72 44.68
N VAL MD 154 54.32 112.78 44.03
CA VAL MD 154 54.36 111.41 44.49
C VAL MD 154 55.27 110.65 43.54
N GLU MD 155 55.80 109.56 44.05
CA GLU MD 155 56.91 108.91 43.36
C GLU MD 155 56.71 107.44 43.62
N LEU MD 156 56.90 106.64 42.60
CA LEU MD 156 56.61 105.22 42.72
C LEU MD 156 57.89 104.47 42.39
N ARG MD 157 58.43 103.76 43.37
CA ARG MD 157 59.75 103.15 43.29
C ARG MD 157 59.63 101.66 43.17
N TYR MD 158 60.41 101.07 42.28
CA TYR MD 158 60.30 99.65 42.07
C TYR MD 158 61.52 99.02 42.72
N ALA MD 159 61.77 97.74 42.47
CA ALA MD 159 62.94 97.10 43.04
C ALA MD 159 63.67 96.20 42.05
#